data_9KZ9
#
_entry.id   9KZ9
#
_cell.length_a   1.00
_cell.length_b   1.00
_cell.length_c   1.00
_cell.angle_alpha   90.00
_cell.angle_beta   90.00
_cell.angle_gamma   90.00
#
_symmetry.space_group_name_H-M   'P 1'
#
loop_
_entity.id
_entity.type
_entity.pdbx_description
1 polymer 'Photosystem I P700 chlorophyll a apoprotein A1'
2 polymer 'Photosystem I P700 chlorophyll a apoprotein A2'
3 polymer 'Photosystem I iron-sulfur center'
4 polymer 'Photosystem I reaction center subunit II'
5 polymer 'Photosystem I reaction center subunit IV'
6 polymer 'Photosystem I reaction center subunit III'
7 polymer 'Photosystem I reaction center subunit VIII'
8 polymer 'Photosystem I reaction center subunit IX'
9 polymer 'Photosystem I reaction center subunit XI'
10 polymer 'Photosystem I reaction center subunit XII'
11 polymer PsaO
12 polymer 'Photosystem I reaction center subunit PsaK'
13 polymer ACPI-s
14 polymer ACPI-c
15 polymer ACPI-a
16 polymer ACPI-b
17 polymer ACPI-h
18 polymer ACPI-m,f,j
19 polymer ACPI-e
20 polymer ACPI-l
21 polymer ACPI-k
22 polymer ACPI-i
23 polymer ACPI-d
24 polymer ACPI-g
25 polymer PsaR
26 polymer ACPI-n
27 polymer PsaQ
28 non-polymer 'CHLOROPHYLL A ISOMER'
29 non-polymer 'CHLOROPHYLL A'
30 non-polymer PHYLLOQUINONE
31 non-polymer 1,2-DIPALMITOYL-PHOSPHATIDYL-GLYCEROLE
32 non-polymer 1,3,3-trimethyl-2-[(1E,3E,5E,7E,9E,11E,13E,15E,17E)-3,7,12,16-tetramethyl-18-[(1R)-2,6,6-trimethylcyclohex-2-en-1-yl]octadeca-1,3,5,7,9,11,13,15,17-nonaenyl]cyclohexene
33 non-polymer DODECYL-ALPHA-D-MALTOSIDE
34 non-polymer 'IRON/SULFUR CLUSTER'
35 non-polymer 1,2-DI-O-ACYL-3-O-[6-DEOXY-6-SULFO-ALPHA-D-GLUCOPYRANOSYL]-SN-GLYCEROL
36 non-polymer 'DIGALACTOSYL DIACYL GLYCEROL (DGDG)'
37 non-polymer 1,2-DISTEAROYL-MONOGALACTOSYL-DIGLYCERIDE
38 non-polymer (1~{R})-3,5,5-trimethyl-4-[(3~{E},5~{E},7~{E},9~{E},11~{E},13~{E},15~{E})-3,7,12,16-tetramethyl-18-[(4~{R})-2,6,6-trimethyl-4-oxidanyl-cyclohexen-1-yl]octadeca-3,5,7,9,11,13,15-heptaen-1,17-diynyl]cyclohex-3-en-1-ol
39 non-polymer (1~{R})-3,5,5-trimethyl-4-[(3~{E},5~{E},7~{E},9~{E},11~{E},13~{E},15~{E},17~{E})-3,7,12,16-tetramethyl-18-(2,6,6-trimethylcyclohexen-1-yl)octadeca-3,5,7,9,11,13,15,17-octaen-1-ynyl]cyclohex-3-en-1-ol
40 non-polymer 'Chlorophyll c2'
41 water water
#
loop_
_entity_poly.entity_id
_entity_poly.type
_entity_poly.pdbx_seq_one_letter_code
_entity_poly.pdbx_strand_id
1 'polypeptide(L)'
;MTISSKEQEAKKVSITVDRDPVATSFEKWAQPGHFSRTLAKGPKTTTWIWNLHADVHDFDSHTNSLEDISRKIFSAHFGQ
LSIIFLWLSGMYFHGARFSNYSAWLSNPTAVKPSAQVVWPIVGQEILNGDVGGGFQGVQVTSGFFQIWRASGITSEVELY
WCALAGLLMSGLMIFAGWFHYHKAAPKLEWFQNAESMLNHHLSGLLGLGCLSWAGHQIHISLPVNKLLDAGVAPQEIPLP
HEFLVNRDLMAQLYPSFSKGLVPFFTLNWSEYSDFLTFKGGLNPVTGGLWLSDTAHHHLALAVLFIVAGHMYRTNWGIGH
SMKEILEAHKGPFTGEGHKGLYEILTTSWHAQLAINLAMMGSVSIIVAHHMYAMPPYPYIATDYPTQLSIFTHHMWIGGF
CVVGGAAHAGIFMVRDYNPAQNYNNLLDRVIRHRDAIISHLNWICIFLGFHSFGLYIHNDTMRALGRTQDMFSDTAIQLK
PVFAQWVQSIHTLAPGNTTPNALATASYAFGGDVVAVGNKVAMMPISLGTADFMVHHIHAFTIHVTVLILLKGVLFSRNS
RLIPDKANLGFRFPCDGPGRGGTCQSSAWDSVFLGLFWMYNCISVVIFHFSWKMQSDVWGTVQADGTVTHITGGNFAQSA
ITINGWLRDFLWAQASQVIQSYGSALSAYGLIFLGAHFIWAFSLMFLFSGRGYWQELIESIVWAHNKLNVAPAIQPRALS
ITQGRAVGLAHYLLGGIGTTWAFFLARIISVG
;
A
2 'polypeptide(L)'
;MATKFPKFSQALAQDPATRRIWYGLATAHDLESHDGMTEENLYQKIFASHFGHLAVIFLWTSGNLFHLAWQGNFEQWVLN
PLKVKPIAHAIWDPHFGQPAVKAFTKGGVSYPVNIATSGVYHWWYTIGMRSNTDLYAGSLFLLFLAGVFLFAGWLHLQPK
FRPGLSWFKNNESRLNHHLSGLFGFSSLAWSAHLIHVAIPEARGQHVGWDNFTKVAPHPAGLQPFFSGNWGVYAAAPDTT
NHIFGTSEGAGTAILTFLGGFHPQTQALWLTDIAHHHLAIGVVFIFAGHMYRTNWGIGHSLKEILDAHRPPGGRLGAGHK
GIFETLTNSLHFQLGLALASLGVITSLVAQHMYALPSYAFIAKDYVTQSALYTHHQYIAGFLMVGAFAHGAIFFVRDYDP
EQNKNNVLARILDHKEAIISHLSWVSLFLGFHTLGIYVHNDVVVAFGTPEKQILVEPVFAQWIQASSGKALYGFDVFLSS
SNSVATNASSNIWLPGWLEAINSGKNSLFLPIGPGDFLIHHAIALALHTTTLILVKGALDARGSKLMPDKKDFGYSFPCD
GPGRGGTCDISAWDAFYLSMFWMLNTIGWVTFYWHWKHVTIWQGNAGQFNESSTYIMGWLRDYLWLNSSPLINGYNPFGM
NSLSVWSWMFLFGHLIWATGFMFLISWRGYWQELIETLVWAHERTPLANLVRWKDKPVALSIVQARLVGLIHFTAGYIFT
YAAFVIASTTGKFG
;
B
3 'polypeptide(L)'
;MSHSVKVYDTCIGCTQCVRACPCDVLEMVSWDGCKAGQIASAPRTEDCIGCKRCETACPTDFLSVRVYLGGETTRSMGLA
Y
;
C
4 'polypeptide(L)'
;MAETLNLQIPSPTFEGSTGGWLRAAEVEEKYAITWTSPKEQVFEMPTGGAAIMRQGENLLYLARKEQCLALATQVKNSFK
ITDYKVYRIFPSGEVQYLHPKDGVFPEKVNAGRVGVGNVSHSIGKNLNPAQIKFTSKSFNG
;
D
5 'polypeptide(L)' MVKRGSKVRILRKESYWYQDIGTVATIDTSGIRYPVVVRFEKVSYSGVNTNNFSLDEVVEVVAK E
6 'polypeptide(L)'
;MEIFFVKNWVSMLLVCSFLAFPSLAKADVAGLTPCGESKEFARRLDGSVKKLQTRLKKYEAGTPPALALQKQIDKTKNRF
DRYGKAGLLCGTDGLPHLIADGRWSHSGEFVIPGLFFLYVAGWIGWVGRSYVLFARTADKPTEKEIIIDVPVALSFVSTG
FIWPFSAFKEFTSGNLIVPADEITVSPR
;
F
7 'polypeptide(L)' MTAAYLPSILVPIIGLIFPGLVMAFAFIYIEQD I
8 'polypeptide(L)' MDSNFLKYLSTAPVLFTVWLSFTASFIIEANRFFPDMLYFPM J
9 'polypeptide(L)'
;MSQFIKPYNDDPFVGNLATPVSTSSFTKSLLSNLPAYRAGLSPLLRGVEIGLTHGYFLVGPFYKLGPLRNSDVALLSGFF
SALGLIIILVACLTIYGVVSFEETEAKDQLQTAKGWRQFTSGWLVGSVGGASFAYILISNIPFLQTAGMSMLK
;
L
10 'polypeptide(L)' MISDTQIFIALILALVSLVLAIRLGRALYQ M
11 'polypeptide(L)'
;SSADMRTAVIFLAVLASASAFAPAAMPTQLGKPAAFTPSLRSARVAPSPLSVVAQSKFEVSDGTPYDLNVPLVGAASFIG
WVVPTLLPSQIPLYGGKGLSTAFFASIGTNLAKFPAPPGMTDPFWLLCFIWHSGLFATMILGSIGYNGYAAKK
;
O
12 'polypeptide(L)'
;MNADLLIALVPQTVAWSAKTGAVMVLSNILCIVAGRYVIQVKGTGPSLPISGSFAGFGLPELLASTSLGHIVGSGAILGL
SYVGVL
;
K
13 'polypeptide(L)'
;LTIAFSLTMRTSVLILAGVAVAQAFSPAVVSTGGLTSVRMAQAPPPASGKPLPKAKINCLEVNKKQWGIEGGAAAPGSAA
PPAPKKAAVKKAAAAAGGAAVGFSGVPSQFGRPESGVYPAEPSEQTFLGMRGPRAPGHRENFGGKHTATMLAIAALLWQP
VSEAGMYRMQGDGSLTKTSFNEFEVPGFGNAKKVPTIESLFPFSSKGFDASPVLFGKNSMIVVEDPRDGCGAYANSGSCH
TFLDEIGDALKASPETLPRSEGKATYSFPWMYEHVRGRSRLAVSQLGATQSLSLWVSPVRVW
;
s
14 'polypeptide(L)'
;MLRTALIAACVASASAFAPGFAPMAMKSRSSAVSSMRMQEGDFSAAVPFLKRPTNLDGQYIGDVGFDPLGFSDVFDLRVL
REAELKHGRFAMLATLGFIVQELYTFPFFPKMAPVDAHDYFVKQGGGSQIIFWISFVELFGVVALFETLQGKREPGDFAF
DPLGLAKDEATLERYRLAEVKHARLAMIAIGGFIHQYWVTKQTVLEQLGNFKSLA
;
c
15 'polypeptide(L)'
;MMRAVLVLATGVASASAFAPAANFAGLSTSSRAAIARGPRMQEMSEAIPFLPKPANIDASMPGYSGFDPLGFSDYYNVKW
MQEAEIKHGRICMLAALGMMFPEFGTLPQFSSFSTNPLEAFYQVGPAGWGQILLFIGVLESFSYEKVFYGDSAPGDLGFD
PLRMSSNAASAKHYARAEVMNGRLAMIGFSGMLHHAILTKQGPITQIVEQNFVPGAR
;
a
16 'polypeptide(L)'
;MLRNVLIAACVAGTAAFTASPALFRAGAVTRATSGISGMQMQAKSKAVPFLSQPEALDGSMAGDVGFDPFGFSSNFDLKW
LREAELKHGRICMLAATGCLVQEVVHLPGEAFSQKMALNAWAAAPRGGMISILVAIGLIELISNRFALTATDMFANPNRV
PGDLGFDPLSLGGNGANRARMELAEITHGRAAMMGFSGMVHQMLVSKQAPIEQLMHFKAVDSSMMKLGGAAGNLGY
;
b
17 'polypeptide(L)'
;SMLRSAVALALVAGATAFAPGAMGPGLQLRAQGAAQRAPARAGLSSLSMAQNPMSKAVADFAESSPEFGGRGLGVTVNAE
RWNGRHAMFGIFAMVMTSYMKGHGLIPDADKILDVAQWGSLASVWDGAGNGISNERAIILIAHVHVLVVSVIAAVAPFGF
QDTLVKEKGYTPEAPAGLIPPFKTGLTPEAELINGRLAMLGIISIVTASVFTGTPVVDTINLGMGKILY
;
h
18 'polypeptide(L)'
;TVAAVACVASAAAFAPSAPMGVKASTRAVSKIGPRMQAMSDSVPFLKQPEALDGSMAGDVGFDPLGFSSIGDINFLREAE
LKHGRIAMLAAAGSIAQDIFTFPGVSKVVGTAKMTGVHDILVKQGAMGQLLLWLSFLEVFGTIALLETLDGKRAPGDFKF
DPLNFSKNPETFKRYQLAEIKNGRLAMMGVGGMVHGYFITGKGPLELLGNFK
;
m,f,j
19 'polypeptide(L)'
;TMFRLTLLACVASASAFAPSALLPSSGVRVAKTGMRMQENLAIPFLKAPANLDSSMPGYAGFDPLGFSDNYDIKWLQESE
LKHGRVAMLGVVGLLVPEFVHLPMYDAASTPYDAYTTVPAFALTQILMGCGIHEFRTHKGKMSPDNMFDDGRAPGDFGWG
KGKADAVMATKEIKNGRLAMLAFGGILHQQLLTKMGTIAHLTGGFKPLEF
;
e
20 'polypeptide(L)'
;DNAMPFLEGPPKLDGSLAGDVGFDPVGFSNYFDIRWLREAELKHGRVCMLGVTGLLVQEAICLPQFANGKTPVDDFFVVP
AAGLWQVFFTIGAVEFFSNGFKLTPGDMFSEGREAGDLGFDPLGCGKNPDALARRRLVEVKNGRLAMIAFGGMLHQQLLT
GQGTLEQLANFKAIN
;
l
21 'polypeptide(L)'
;AASAFAPAALPSMARTTARSGVTMQLYKDGVMQGKGLVAVPFALAPDSLPADIPGYVGFDPLGLSTLCNLDFLREAEIKH
GRVAMLAVTGSLVQDVFQFPGVDKVIGNAKMIGAHDKFIAGAHAGDTRSFAMHQIIFWVGLLEVLTMPALFETMNGGPRQ
PGDFKFDPLGLGKGDKLARKQLTEIKNGRLAMIGVGGMVHHYLLTGKGPLQFLAGIPNYKSCIDPHMGPLCQ
;
k
22 'polypeptide(L)'
;LLQGSGRTAAVSGLSGMKMQDMSASVPFLPRPAALDGSMVGDVGFDPLGFTTKYDIKWLREAELKHGRVCMLASLGCIVQ
EFVHLPSEATSNPVASEAFFQVPAGGLWQIFAAIGIIEHFSNNFKMSGSTMFSDGRAPGDLSFDPLNFGKNPSARARYEL
AEIKNGRLAMMGFSGMIHGCFITGKGPLGALGSLDWHQSF
;
i
23 'polypeptide(L)'
;LPPAMFRLSLCAAIVASASAFAPSSVLPTATRRAGAVSAMKMQMPVAIPPLGRPETDMFDGSVPGDAGFDPLVISGWLDS
RWLREAEVKHGRVAMLAAAGCIAQDLFTFPGVTQVFSPGTKMSALHDAAVKAGSMQQMLWPIAILETISIAATIQMLQGS
GRAPGDFGFDPLGLGKGAKAERMALCEIKNGRLAMIGFSGMMHHYFITGKGPIELLTSR
;
d
24 'polypeptide(L)'
;AKSKAIPFLDAPPALSESMPGYVGFDPLWVSSMLPDAGYVKFLQEAEIKHGRVAMLAAAGAIVQDIFTFPGVTSVIGNVK
MTSVHDTFLSMEGPGKGNQAAMHQLLLWLGILEIATSVAIIQSFKGETNRAPGDFGFDPLGFSKKAGAETMALKEIKNGR
LAMIGIGGMVHHYLLTGKGPLQFLGGIPNYKSCVSHPDSLLPWLIKPVGAVLPKIC
;
g
25 'polypeptide(L)'
;SFAMAALRCTVLLLAVASASAFVSGPATLALRSNPRAAISRGPQMYSPVPSPEGTKEVYWETKAPSSDVLGIGAGVSSGN
FAASSVVALMIGGFCTGQVIPLTSDPNPLFLIGSFLLPYSWALHVAAWIQKNNGK
;
R
26 'polypeptide(L)'
;LRSVAVCACLASAAAFAPSAVLPRAATRAAALRGPSMQLYKDGKMQGKGVNIIPVFARPDSLDGTIPGDQGFDPFGFSSW
VNMKFVSEAEIKHGRLAMLAFAGIMVESIGISFPGATSILGDSKDIFEIHNKAVESGAMGQILLWVGFIEACVGVPAMNE
MLSGETSRMPGDFGFDPLGLGKGDKLARKQLVEVTNGRLAMLAVSGIVHHTIITGKGPLQ
;
n
27 'polypeptide(L)'
;YVALAAASAEAFSSPALSGLKMSAEPTQISRKDLLSTAAAGIIAVPAIAGAASLDPKTGFPVQSGGRDTLCGGSASAGCQ
PMTQAASITDKQKTVLAGKITVAANKVPVLTAAVEKMKSGKKPKMDRDYVLRFSALYLTTLVDAMDQYCLRDANGAKAAG
GAGIPKVGGFKSTLAPSSASALYGNVDSIKEDMQTIRDAAFKGDFDGVIKAAGDIQTSATAFLGQANPPIVFN
;
Q
#
loop_
_chem_comp.id
_chem_comp.type
_chem_comp.name
_chem_comp.formula
CL0 non-polymer 'CHLOROPHYLL A ISOMER' 'C55 H72 Mg N4 O5 2'
CLA non-polymer 'CHLOROPHYLL A' 'C55 H72 Mg N4 O5'
DGD saccharide 'DIGALACTOSYL DIACYL GLYCEROL (DGDG)' 'C51 H96 O15'
IHT non-polymer (1~{R})-3,5,5-trimethyl-4-[(3~{E},5~{E},7~{E},9~{E},11~{E},13~{E},15~{E},17~{E})-3,7,12,16-tetramethyl-18-(2,6,6-trimethylcyclohexen-1-yl)octadeca-3,5,7,9,11,13,15,17-octaen-1-ynyl]cyclohex-3-en-1-ol 'C40 H54 O'
II0 non-polymer (1~{R})-3,5,5-trimethyl-4-[(3~{E},5~{E},7~{E},9~{E},11~{E},13~{E},15~{E})-3,7,12,16-tetramethyl-18-[(4~{R})-2,6,6-trimethyl-4-oxidanyl-cyclohexen-1-yl]octadeca-3,5,7,9,11,13,15-heptaen-1,17-diynyl]cyclohex-3-en-1-ol 'C40 H52 O2'
KC2 non-polymer 'Chlorophyll c2' 'C35 H28 Mg N4 O5'
LHG non-polymer 1,2-DIPALMITOYL-PHOSPHATIDYL-GLYCEROLE 'C38 H75 O10 P'
LMG non-polymer 1,2-DISTEAROYL-MONOGALACTOSYL-DIGLYCERIDE 'C45 H86 O10'
LMU D-saccharide DODECYL-ALPHA-D-MALTOSIDE 'C24 H46 O11'
PQN non-polymer PHYLLOQUINONE 'C31 H46 O2'
SF4 non-polymer 'IRON/SULFUR CLUSTER' 'Fe4 S4'
SQD non-polymer 1,2-DI-O-ACYL-3-O-[6-DEOXY-6-SULFO-ALPHA-D-GLUCOPYRANOSYL]-SN-GLYCEROL 'C41 H78 O12 S'
WVN non-polymer 1,3,3-trimethyl-2-[(1E,3E,5E,7E,9E,11E,13E,15E,17E)-3,7,12,16-tetramethyl-18-[(1R)-2,6,6-trimethylcyclohex-2-en-1-yl]octadeca-1,3,5,7,9,11,13,15,17-nonaenyl]cyclohexene 'C40 H56'
#
# COMPACT_ATOMS: atom_id res chain seq x y z
N LYS A 11 -6.17 51.24 35.58
CA LYS A 11 -5.16 51.77 34.69
C LYS A 11 -5.29 51.15 33.30
N LYS A 12 -4.39 51.52 32.38
CA LYS A 12 -4.47 51.02 31.01
C LYS A 12 -4.23 49.51 30.95
N VAL A 13 -3.25 49.00 31.68
CA VAL A 13 -3.04 47.57 31.82
C VAL A 13 -3.73 47.14 33.12
N SER A 14 -4.81 46.38 32.99
CA SER A 14 -5.60 45.99 34.15
C SER A 14 -6.14 44.59 33.93
N ILE A 15 -6.81 44.07 34.96
CA ILE A 15 -7.39 42.74 34.93
C ILE A 15 -8.89 42.88 34.77
N THR A 16 -9.43 42.42 33.64
CA THR A 16 -10.85 42.43 33.36
C THR A 16 -11.30 41.00 33.07
N VAL A 17 -12.35 40.56 33.76
CA VAL A 17 -12.77 39.16 33.78
C VAL A 17 -14.30 39.11 33.76
N ASP A 18 -14.85 38.16 33.00
CA ASP A 18 -16.25 37.80 33.07
C ASP A 18 -16.40 36.56 33.95
N ARG A 19 -17.38 36.59 34.84
CA ARG A 19 -17.60 35.51 35.80
C ARG A 19 -18.70 34.59 35.31
N ASP A 20 -18.42 33.28 35.37
CA ASP A 20 -19.32 32.23 34.90
C ASP A 20 -19.87 32.43 33.48
N PRO A 21 -19.01 32.54 32.46
CA PRO A 21 -19.54 32.79 31.11
C PRO A 21 -20.12 31.55 30.47
N VAL A 22 -19.55 30.39 30.76
CA VAL A 22 -19.98 29.12 30.19
C VAL A 22 -20.30 28.18 31.33
N ALA A 23 -21.52 27.67 31.36
CA ALA A 23 -21.92 26.71 32.39
C ALA A 23 -21.23 25.38 32.19
N THR A 24 -20.78 24.78 33.29
CA THR A 24 -20.17 23.46 33.25
C THR A 24 -21.27 22.42 33.14
N SER A 25 -21.39 21.79 31.98
CA SER A 25 -22.47 20.84 31.74
C SER A 25 -22.01 19.76 30.78
N PHE A 26 -22.67 18.62 30.84
CA PHE A 26 -22.38 17.48 29.99
C PHE A 26 -23.26 17.42 28.75
N GLU A 27 -24.09 18.43 28.51
CA GLU A 27 -25.06 18.39 27.42
C GLU A 27 -24.37 18.39 26.06
N LYS A 28 -23.46 19.35 25.84
CA LYS A 28 -22.74 19.43 24.57
C LYS A 28 -21.76 18.28 24.38
N TRP A 29 -21.40 17.56 25.46
CA TRP A 29 -20.63 16.32 25.31
C TRP A 29 -21.43 15.28 24.54
N ALA A 30 -22.76 15.33 24.65
CA ALA A 30 -23.64 14.40 23.96
C ALA A 30 -24.07 14.89 22.59
N GLN A 31 -23.57 16.05 22.15
CA GLN A 31 -23.93 16.65 20.88
C GLN A 31 -22.63 16.90 20.10
N PRO A 32 -22.11 15.89 19.41
CA PRO A 32 -20.89 16.09 18.61
C PRO A 32 -21.15 17.06 17.46
N GLY A 33 -20.22 18.00 17.28
CA GLY A 33 -20.36 19.03 16.29
C GLY A 33 -21.11 20.26 16.74
N HIS A 34 -21.31 20.43 18.05
CA HIS A 34 -22.05 21.57 18.59
C HIS A 34 -21.37 22.90 18.28
N PHE A 35 -20.04 22.90 18.15
CA PHE A 35 -19.28 24.13 17.97
C PHE A 35 -19.48 24.74 16.60
N SER A 36 -19.91 23.97 15.62
CA SER A 36 -20.06 24.42 14.24
C SER A 36 -21.53 24.33 13.85
N ARG A 37 -22.06 25.43 13.31
CA ARG A 37 -23.45 25.46 12.85
C ARG A 37 -23.67 24.50 11.69
N THR A 38 -22.66 24.33 10.82
CA THR A 38 -22.75 23.36 9.75
C THR A 38 -22.77 21.93 10.28
N LEU A 39 -21.96 21.65 11.31
CA LEU A 39 -21.84 20.29 11.83
C LEU A 39 -22.92 19.94 12.85
N ALA A 40 -23.57 20.93 13.47
CA ALA A 40 -24.52 20.66 14.54
C ALA A 40 -25.80 20.01 14.06
N LYS A 41 -26.08 20.06 12.75
CA LYS A 41 -27.26 19.40 12.20
C LYS A 41 -27.19 17.89 12.27
N GLY A 42 -25.99 17.33 12.38
CA GLY A 42 -25.81 15.90 12.47
C GLY A 42 -25.33 15.32 11.15
N PRO A 43 -24.81 14.09 11.21
CA PRO A 43 -24.28 13.46 9.99
C PRO A 43 -25.38 13.08 9.02
N LYS A 44 -25.04 13.12 7.74
CA LYS A 44 -25.85 12.49 6.71
C LYS A 44 -24.94 11.60 5.87
N THR A 45 -23.66 11.96 5.79
CA THR A 45 -22.62 11.18 5.14
C THR A 45 -21.47 11.01 6.11
N THR A 46 -20.59 10.06 5.80
CA THR A 46 -19.42 9.83 6.64
C THR A 46 -18.43 10.99 6.63
N THR A 47 -18.48 11.83 5.58
CA THR A 47 -17.62 13.01 5.47
C THR A 47 -17.74 13.91 6.69
N TRP A 48 -18.99 14.05 7.19
CA TRP A 48 -19.29 14.79 8.41
C TRP A 48 -18.39 14.37 9.56
N ILE A 49 -18.22 13.06 9.75
CA ILE A 49 -17.39 12.52 10.82
C ILE A 49 -15.97 13.04 10.71
N TRP A 50 -15.39 12.97 9.51
CA TRP A 50 -14.05 13.50 9.31
C TRP A 50 -14.02 14.99 9.55
N ASN A 51 -15.06 15.69 9.07
CA ASN A 51 -15.16 17.14 9.27
C ASN A 51 -15.22 17.47 10.75
N LEU A 52 -15.88 16.61 11.53
CA LEU A 52 -16.00 16.84 12.97
C LEU A 52 -14.63 16.80 13.64
N HIS A 53 -13.76 15.89 13.20
CA HIS A 53 -12.44 15.89 13.80
C HIS A 53 -11.50 16.88 13.12
N ALA A 54 -11.89 17.44 11.97
CA ALA A 54 -10.94 18.25 11.20
C ALA A 54 -10.95 19.73 11.53
N ASP A 55 -12.09 20.29 11.95
CA ASP A 55 -12.19 21.72 12.21
C ASP A 55 -12.40 22.06 13.68
N VAL A 56 -12.21 21.09 14.57
CA VAL A 56 -12.71 21.21 15.93
C VAL A 56 -11.93 22.25 16.74
N HIS A 57 -10.62 22.30 16.58
CA HIS A 57 -9.82 23.25 17.35
C HIS A 57 -9.49 24.47 16.51
N ASP A 58 -10.08 24.56 15.30
CA ASP A 58 -10.08 25.73 14.44
C ASP A 58 -11.12 26.73 14.96
N PHE A 59 -10.75 27.43 16.03
CA PHE A 59 -11.74 28.23 16.77
C PHE A 59 -12.26 29.43 15.97
N ASP A 60 -11.42 30.07 15.15
CA ASP A 60 -11.86 31.27 14.44
C ASP A 60 -12.90 30.97 13.36
N SER A 61 -13.01 29.72 12.91
CA SER A 61 -14.03 29.36 11.93
C SER A 61 -15.37 29.01 12.55
N HIS A 62 -15.44 28.91 13.88
CA HIS A 62 -16.71 28.68 14.55
C HIS A 62 -17.42 29.95 14.98
N THR A 63 -16.66 31.02 15.23
CA THR A 63 -17.24 32.26 15.70
C THR A 63 -16.36 33.42 15.27
N ASN A 64 -16.95 34.61 15.24
CA ASN A 64 -16.23 35.82 14.87
C ASN A 64 -15.77 36.64 16.06
N SER A 65 -16.13 36.26 17.28
CA SER A 65 -15.74 37.02 18.46
C SER A 65 -14.32 36.65 18.85
N LEU A 66 -13.43 37.65 18.83
CA LEU A 66 -12.03 37.42 19.19
C LEU A 66 -11.87 37.07 20.67
N GLU A 67 -12.78 37.56 21.52
CA GLU A 67 -12.71 37.30 22.95
C GLU A 67 -12.93 35.82 23.25
N ASP A 68 -13.97 35.22 22.65
CA ASP A 68 -14.25 33.80 22.86
C ASP A 68 -13.14 32.91 22.33
N ILE A 69 -12.58 33.28 21.17
CA ILE A 69 -11.45 32.57 20.59
C ILE A 69 -10.25 32.62 21.54
N SER A 70 -9.96 33.80 22.10
CA SER A 70 -8.84 33.96 23.02
C SER A 70 -9.04 33.15 24.30
N ARG A 71 -10.27 33.11 24.82
CA ARG A 71 -10.55 32.33 26.02
C ARG A 71 -10.36 30.83 25.76
N LYS A 72 -10.84 30.35 24.61
CA LYS A 72 -10.64 28.96 24.22
C LYS A 72 -9.16 28.63 24.09
N ILE A 73 -8.39 29.56 23.50
CA ILE A 73 -6.96 29.34 23.30
C ILE A 73 -6.23 29.26 24.64
N PHE A 74 -6.56 30.15 25.58
CA PHE A 74 -5.94 30.18 26.90
C PHE A 74 -6.20 28.88 27.66
N SER A 75 -7.45 28.40 27.63
CA SER A 75 -7.77 27.19 28.36
C SER A 75 -7.23 25.94 27.68
N ALA A 76 -7.16 25.92 26.35
CA ALA A 76 -6.55 24.80 25.65
C ALA A 76 -5.05 24.72 25.93
N HIS A 77 -4.41 25.88 26.07
CA HIS A 77 -3.01 25.92 26.46
C HIS A 77 -2.81 25.37 27.87
N PHE A 78 -3.74 25.69 28.78
CA PHE A 78 -3.71 25.07 30.11
C PHE A 78 -3.86 23.55 30.04
N GLY A 79 -4.74 23.07 29.16
CA GLY A 79 -4.90 21.63 28.98
C GLY A 79 -3.64 20.96 28.45
N GLN A 80 -2.97 21.59 27.48
CA GLN A 80 -1.70 21.07 26.98
C GLN A 80 -0.64 21.04 28.08
N LEU A 81 -0.59 22.09 28.92
CA LEU A 81 0.35 22.10 30.04
C LEU A 81 0.05 20.98 31.03
N SER A 82 -1.23 20.70 31.26
CA SER A 82 -1.61 19.57 32.12
C SER A 82 -1.14 18.24 31.54
N ILE A 83 -1.30 18.05 30.23
CA ILE A 83 -0.85 16.81 29.59
C ILE A 83 0.67 16.68 29.66
N ILE A 84 1.40 17.78 29.45
CA ILE A 84 2.86 17.75 29.54
C ILE A 84 3.31 17.43 30.96
N PHE A 85 2.63 17.98 31.96
CA PHE A 85 2.99 17.69 33.35
C PHE A 85 2.69 16.25 33.71
N LEU A 86 1.57 15.70 33.21
CA LEU A 86 1.29 14.28 33.42
C LEU A 86 2.35 13.39 32.77
N TRP A 87 2.78 13.76 31.56
CA TRP A 87 3.84 13.02 30.87
C TRP A 87 5.16 13.06 31.65
N LEU A 88 5.53 14.24 32.17
CA LEU A 88 6.74 14.37 32.97
C LEU A 88 6.65 13.56 34.26
N SER A 89 5.50 13.62 34.94
CA SER A 89 5.27 12.83 36.14
C SER A 89 5.37 11.35 35.84
N GLY A 90 4.89 10.93 34.67
CA GLY A 90 5.05 9.55 34.25
C GLY A 90 6.48 9.15 34.06
N MET A 91 7.29 10.03 33.46
CA MET A 91 8.70 9.70 33.27
C MET A 91 9.42 9.60 34.60
N TYR A 92 9.11 10.50 35.53
CA TYR A 92 9.71 10.42 36.87
C TYR A 92 9.26 9.17 37.62
N PHE A 93 7.98 8.80 37.52
CA PHE A 93 7.50 7.60 38.22
C PHE A 93 8.09 6.33 37.63
N HIS A 94 8.13 6.24 36.30
CA HIS A 94 8.67 5.05 35.66
C HIS A 94 10.18 4.95 35.88
N GLY A 95 10.86 6.10 36.02
CA GLY A 95 12.23 6.10 36.52
C GLY A 95 12.36 5.65 37.96
N ALA A 96 11.38 5.98 38.79
CA ALA A 96 11.45 5.65 40.21
C ALA A 96 11.21 4.16 40.44
N ARG A 97 10.23 3.58 39.76
CA ARG A 97 9.74 2.25 40.07
C ARG A 97 10.21 1.19 39.08
N PHE A 98 10.35 1.52 37.80
CA PHE A 98 10.66 0.53 36.77
C PHE A 98 12.00 0.79 36.09
N SER A 99 13.03 1.17 36.84
CA SER A 99 14.29 1.52 36.22
C SER A 99 15.46 0.98 37.02
N ASN A 100 16.63 1.02 36.37
CA ASN A 100 17.91 0.63 36.95
C ASN A 100 18.77 1.85 37.29
N TYR A 101 18.12 2.93 37.74
CA TYR A 101 18.78 4.23 37.85
C TYR A 101 19.84 4.25 38.94
N SER A 102 19.62 3.53 40.05
CA SER A 102 20.63 3.48 41.11
C SER A 102 21.87 2.73 40.66
N ALA A 103 21.68 1.60 39.97
CA ALA A 103 22.80 0.85 39.42
C ALA A 103 23.54 1.65 38.36
N TRP A 104 22.81 2.42 37.56
CA TRP A 104 23.43 3.33 36.62
C TRP A 104 24.22 4.43 37.33
N LEU A 105 23.72 4.92 38.46
CA LEU A 105 24.46 5.89 39.24
C LEU A 105 25.75 5.32 39.80
N SER A 106 25.75 4.03 40.13
CA SER A 106 26.99 3.43 40.61
C SER A 106 27.98 3.18 39.47
N ASN A 107 27.50 2.75 38.31
CA ASN A 107 28.38 2.44 37.17
C ASN A 107 27.78 3.02 35.89
N PRO A 108 28.03 4.31 35.62
CA PRO A 108 27.43 4.93 34.43
C PRO A 108 28.01 4.44 33.11
N THR A 109 29.27 4.01 33.09
CA THR A 109 29.91 3.62 31.84
C THR A 109 29.60 2.20 31.40
N ALA A 110 28.92 1.41 32.22
CA ALA A 110 28.70 0.00 31.94
C ALA A 110 27.26 -0.45 32.08
N VAL A 111 26.36 0.43 32.53
CA VAL A 111 24.95 0.10 32.71
C VAL A 111 24.16 0.87 31.66
N LYS A 112 23.45 0.16 30.80
CA LYS A 112 22.59 0.81 29.83
C LYS A 112 21.33 1.32 30.53
N PRO A 113 20.97 2.59 30.35
CA PRO A 113 19.73 3.10 30.95
C PRO A 113 18.50 2.40 30.42
N SER A 114 17.58 2.07 31.33
CA SER A 114 16.36 1.36 30.98
C SER A 114 15.29 1.70 31.99
N ALA A 115 14.16 2.23 31.52
CA ALA A 115 13.06 2.61 32.40
C ALA A 115 11.72 2.10 31.89
N GLN A 116 11.72 1.04 31.06
CA GLN A 116 10.49 0.42 30.61
C GLN A 116 10.65 -1.09 30.71
N VAL A 117 9.70 -1.73 31.40
CA VAL A 117 9.66 -3.19 31.57
C VAL A 117 8.35 -3.68 30.99
N VAL A 118 8.40 -4.74 30.18
CA VAL A 118 7.21 -5.26 29.53
C VAL A 118 6.67 -6.43 30.34
N TRP A 119 5.37 -6.68 30.21
CA TRP A 119 4.79 -7.87 30.81
C TRP A 119 4.99 -9.07 29.89
N PRO A 120 5.13 -10.27 30.45
CA PRO A 120 5.19 -11.47 29.60
C PRO A 120 3.81 -11.91 29.13
N ILE A 121 3.55 -11.75 27.84
CA ILE A 121 2.29 -12.27 27.31
C ILE A 121 2.46 -13.29 26.17
N VAL A 122 3.09 -12.90 25.07
CA VAL A 122 3.11 -13.72 23.86
C VAL A 122 4.55 -13.97 23.42
N GLY A 123 5.47 -13.95 24.37
CA GLY A 123 6.88 -13.96 24.06
C GLY A 123 7.51 -12.60 23.94
N GLN A 124 6.76 -11.52 24.21
CA GLN A 124 7.30 -10.17 24.18
C GLN A 124 8.22 -9.87 25.35
N GLU A 125 8.30 -10.77 26.34
CA GLU A 125 9.26 -10.66 27.44
C GLU A 125 10.71 -10.73 26.97
N ILE A 126 10.96 -11.17 25.74
CA ILE A 126 12.27 -11.07 25.11
C ILE A 126 12.73 -9.62 24.98
N LEU A 127 11.80 -8.66 24.96
CA LEU A 127 12.17 -7.25 24.89
C LEU A 127 12.75 -6.72 26.19
N ASN A 128 12.63 -7.47 27.30
CA ASN A 128 13.30 -7.12 28.54
C ASN A 128 14.74 -7.59 28.45
N GLY A 129 15.56 -6.79 27.77
CA GLY A 129 16.94 -7.18 27.55
C GLY A 129 17.79 -6.98 28.78
N ASP A 130 18.95 -7.65 28.75
CA ASP A 130 19.93 -7.56 29.83
C ASP A 130 20.64 -6.22 29.77
N VAL A 131 20.17 -5.23 30.54
CA VAL A 131 20.67 -3.87 30.37
C VAL A 131 21.77 -3.54 31.36
N GLY A 132 22.19 -4.49 32.18
CA GLY A 132 23.20 -4.26 33.18
C GLY A 132 22.60 -3.78 34.49
N GLY A 133 23.44 -3.81 35.52
CA GLY A 133 22.96 -3.49 36.84
C GLY A 133 22.04 -4.52 37.45
N GLY A 134 22.14 -5.77 36.99
CA GLY A 134 21.21 -6.80 37.42
C GLY A 134 19.79 -6.56 37.00
N PHE A 135 19.58 -5.96 35.83
CA PHE A 135 18.28 -5.48 35.42
C PHE A 135 17.95 -5.91 34.00
N GLN A 136 16.67 -6.16 33.77
CA GLN A 136 16.14 -6.53 32.47
C GLN A 136 15.03 -5.55 32.10
N GLY A 137 15.15 -4.96 30.93
CA GLY A 137 14.14 -4.02 30.49
C GLY A 137 14.43 -3.52 29.09
N VAL A 138 13.59 -2.60 28.65
CA VAL A 138 13.77 -1.93 27.37
C VAL A 138 14.70 -0.75 27.60
N GLN A 139 15.76 -0.68 26.79
CA GLN A 139 16.71 0.41 26.91
C GLN A 139 16.09 1.72 26.45
N VAL A 140 16.26 2.77 27.24
CA VAL A 140 15.65 4.08 26.96
C VAL A 140 16.74 5.04 26.54
N THR A 141 16.41 5.94 25.60
CA THR A 141 17.38 6.86 25.02
C THR A 141 16.95 8.31 25.15
N SER A 142 15.99 8.61 26.02
CA SER A 142 15.53 9.99 26.17
C SER A 142 16.49 10.85 26.97
N GLY A 143 17.44 10.25 27.68
CA GLY A 143 18.43 11.01 28.40
C GLY A 143 18.01 11.47 29.78
N PHE A 144 16.96 10.87 30.34
CA PHE A 144 16.46 11.29 31.64
C PHE A 144 17.43 10.95 32.77
N PHE A 145 18.15 9.84 32.65
CA PHE A 145 19.12 9.43 33.68
C PHE A 145 20.21 10.48 33.85
N GLN A 146 20.70 11.00 32.74
CA GLN A 146 21.74 12.03 32.77
C GLN A 146 21.20 13.35 33.30
N ILE A 147 19.95 13.69 32.98
CA ILE A 147 19.32 14.88 33.53
C ILE A 147 19.20 14.78 35.05
N TRP A 148 18.76 13.61 35.54
CA TRP A 148 18.59 13.43 36.97
C TRP A 148 19.92 13.41 37.71
N ARG A 149 20.96 12.85 37.08
CA ARG A 149 22.29 12.92 37.66
C ARG A 149 22.81 14.36 37.71
N ALA A 150 22.53 15.15 36.67
CA ALA A 150 22.93 16.54 36.65
C ALA A 150 22.18 17.36 37.69
N SER A 151 20.93 17.00 37.98
CA SER A 151 20.13 17.72 38.96
C SER A 151 20.47 17.32 40.40
N GLY A 152 21.28 16.28 40.59
CA GLY A 152 21.65 15.84 41.91
C GLY A 152 20.73 14.81 42.52
N ILE A 153 19.86 14.18 41.73
CA ILE A 153 18.97 13.13 42.23
C ILE A 153 19.79 11.86 42.41
N THR A 154 19.92 11.41 43.65
CA THR A 154 20.73 10.24 43.96
C THR A 154 19.92 9.02 44.36
N SER A 155 18.62 9.16 44.62
CA SER A 155 17.79 8.06 45.06
C SER A 155 16.50 8.01 44.25
N GLU A 156 15.81 6.88 44.35
CA GLU A 156 14.51 6.74 43.69
C GLU A 156 13.38 7.37 44.50
N VAL A 157 13.62 7.63 45.79
CA VAL A 157 12.65 8.35 46.61
C VAL A 157 12.45 9.77 46.08
N GLU A 158 13.56 10.44 45.71
CA GLU A 158 13.46 11.76 45.12
C GLU A 158 12.72 11.73 43.80
N LEU A 159 12.89 10.65 43.02
CA LEU A 159 12.14 10.50 41.78
C LEU A 159 10.66 10.31 42.03
N TYR A 160 10.30 9.57 43.10
CA TYR A 160 8.90 9.45 43.50
C TYR A 160 8.31 10.81 43.86
N TRP A 161 9.06 11.62 44.60
CA TRP A 161 8.58 12.95 44.98
C TRP A 161 8.46 13.86 43.76
N CYS A 162 9.39 13.74 42.81
CA CYS A 162 9.28 14.48 41.54
C CYS A 162 8.04 14.08 40.76
N ALA A 163 7.74 12.77 40.73
CA ALA A 163 6.53 12.29 40.06
C ALA A 163 5.28 12.83 40.72
N LEU A 164 5.26 12.88 42.05
CA LEU A 164 4.13 13.47 42.77
C LEU A 164 3.98 14.95 42.46
N ALA A 165 5.11 15.67 42.38
CA ALA A 165 5.05 17.09 42.03
C ALA A 165 4.52 17.31 40.62
N GLY A 166 4.94 16.46 39.67
CA GLY A 166 4.40 16.54 38.32
C GLY A 166 2.91 16.26 38.25
N LEU A 167 2.45 15.25 39.02
CA LEU A 167 1.02 14.95 39.04
C LEU A 167 0.20 16.09 39.66
N LEU A 168 0.72 16.69 40.73
CA LEU A 168 0.05 17.82 41.36
C LEU A 168 -0.01 19.02 40.42
N MET A 169 1.06 19.26 39.67
CA MET A 169 1.05 20.36 38.72
C MET A 169 0.12 20.09 37.54
N SER A 170 0.00 18.82 37.14
CA SER A 170 -0.97 18.45 36.10
C SER A 170 -2.40 18.73 36.56
N GLY A 171 -2.71 18.35 37.80
CA GLY A 171 -4.03 18.66 38.35
C GLY A 171 -4.28 20.16 38.47
N LEU A 172 -3.25 20.91 38.89
CA LEU A 172 -3.37 22.36 38.98
C LEU A 172 -3.61 23.00 37.61
N MET A 173 -2.93 22.51 36.57
CA MET A 173 -3.12 23.06 35.23
C MET A 173 -4.50 22.75 34.68
N ILE A 174 -4.99 21.51 34.88
CA ILE A 174 -6.32 21.19 34.35
C ILE A 174 -7.41 21.93 35.12
N PHE A 175 -7.23 22.13 36.43
CA PHE A 175 -8.16 22.97 37.19
C PHE A 175 -8.12 24.41 36.71
N ALA A 176 -6.93 24.92 36.43
CA ALA A 176 -6.79 26.29 35.95
C ALA A 176 -7.45 26.48 34.59
N GLY A 177 -7.36 25.47 33.73
CA GLY A 177 -8.07 25.54 32.46
C GLY A 177 -9.57 25.60 32.64
N TRP A 178 -10.11 24.73 33.50
CA TRP A 178 -11.55 24.77 33.78
C TRP A 178 -11.96 26.09 34.43
N PHE A 179 -11.15 26.60 35.36
CA PHE A 179 -11.48 27.84 36.04
C PHE A 179 -11.42 29.04 35.11
N HIS A 180 -10.39 29.12 34.29
CA HIS A 180 -10.17 30.29 33.44
C HIS A 180 -10.95 30.20 32.14
N TYR A 181 -11.65 29.09 31.85
CA TYR A 181 -12.69 29.12 30.81
C TYR A 181 -14.10 29.20 31.35
N HIS A 182 -14.44 28.35 32.31
CA HIS A 182 -15.81 28.10 32.68
C HIS A 182 -16.26 28.95 33.86
N LYS A 183 -15.33 29.48 34.65
CA LYS A 183 -15.67 30.26 35.85
C LYS A 183 -15.24 31.71 35.77
N ALA A 184 -14.00 31.98 35.39
CA ALA A 184 -13.50 33.36 35.32
C ALA A 184 -12.68 33.51 34.03
N ALA A 185 -13.36 33.94 32.97
CA ALA A 185 -12.72 34.07 31.67
C ALA A 185 -12.24 35.49 31.45
N PRO A 186 -10.95 35.70 31.15
CA PRO A 186 -10.47 37.06 30.92
C PRO A 186 -11.08 37.67 29.66
N LYS A 187 -11.24 38.99 29.70
CA LYS A 187 -11.78 39.73 28.57
C LYS A 187 -10.73 39.91 27.49
N LEU A 188 -11.17 40.42 26.33
CA LEU A 188 -10.26 40.64 25.21
C LEU A 188 -9.22 41.70 25.51
N GLU A 189 -9.58 42.70 26.32
CA GLU A 189 -8.63 43.74 26.72
C GLU A 189 -7.49 43.18 27.56
N TRP A 190 -7.75 42.14 28.34
CA TRP A 190 -6.70 41.48 29.09
C TRP A 190 -5.71 40.78 28.17
N PHE A 191 -6.20 40.08 27.14
CA PHE A 191 -5.33 39.38 26.22
C PHE A 191 -4.51 40.34 25.36
N GLN A 192 -5.08 41.49 25.01
CA GLN A 192 -4.38 42.47 24.18
C GLN A 192 -3.48 43.39 25.00
N ASN A 193 -2.58 42.80 25.79
CA ASN A 193 -1.49 43.54 26.43
C ASN A 193 -0.21 42.83 26.02
N ALA A 194 0.35 43.23 24.87
CA ALA A 194 1.58 42.59 24.42
C ALA A 194 2.77 43.03 25.23
N GLU A 195 2.80 44.31 25.62
CA GLU A 195 3.92 44.86 26.38
C GLU A 195 4.01 44.25 27.77
N SER A 196 2.87 44.16 28.46
CA SER A 196 2.85 43.57 29.80
C SER A 196 3.17 42.08 29.76
N MET A 197 2.63 41.36 28.76
CA MET A 197 2.92 39.95 28.61
C MET A 197 4.40 39.72 28.34
N LEU A 198 5.01 40.54 27.48
CA LEU A 198 6.43 40.40 27.20
C LEU A 198 7.28 40.73 28.42
N ASN A 199 6.91 41.78 29.16
CA ASN A 199 7.64 42.12 30.38
C ASN A 199 7.59 40.98 31.40
N HIS A 200 6.39 40.44 31.65
CA HIS A 200 6.25 39.39 32.64
C HIS A 200 6.89 38.09 32.18
N HIS A 201 6.76 37.74 30.90
CA HIS A 201 7.32 36.49 30.41
C HIS A 201 8.83 36.56 30.20
N LEU A 202 9.39 37.75 29.99
CA LEU A 202 10.85 37.88 29.89
C LEU A 202 11.49 37.93 31.27
N SER A 203 10.92 38.72 32.18
CA SER A 203 11.55 38.89 33.49
C SER A 203 11.12 37.82 34.49
N GLY A 204 9.86 37.39 34.44
CA GLY A 204 9.35 36.44 35.41
C GLY A 204 9.44 35.00 34.97
N LEU A 205 9.07 34.71 33.73
CA LEU A 205 9.13 33.32 33.27
C LEU A 205 10.56 32.91 32.95
N LEU A 206 11.23 33.65 32.06
CA LEU A 206 12.59 33.27 31.68
C LEU A 206 13.61 33.76 32.71
N GLY A 207 13.47 34.99 33.20
CA GLY A 207 14.45 35.54 34.10
C GLY A 207 14.47 34.88 35.47
N LEU A 208 13.31 34.85 36.14
CA LEU A 208 13.24 34.22 37.44
C LEU A 208 13.40 32.71 37.35
N GLY A 209 12.99 32.12 36.23
CA GLY A 209 13.23 30.70 36.02
C GLY A 209 14.71 30.38 35.92
N CYS A 210 15.45 31.16 35.13
CA CYS A 210 16.90 31.00 35.06
C CYS A 210 17.56 31.26 36.40
N LEU A 211 17.08 32.27 37.14
CA LEU A 211 17.66 32.59 38.44
C LEU A 211 17.43 31.48 39.46
N SER A 212 16.21 30.95 39.52
CA SER A 212 15.92 29.86 40.45
C SER A 212 16.61 28.57 40.03
N TRP A 213 16.75 28.29 38.74
CA TRP A 213 17.51 27.11 38.35
C TRP A 213 19.01 27.29 38.61
N ALA A 214 19.53 28.52 38.46
CA ALA A 214 20.90 28.79 38.88
C ALA A 214 21.06 28.59 40.38
N GLY A 215 20.04 28.97 41.15
CA GLY A 215 20.03 28.70 42.58
C GLY A 215 20.10 27.22 42.89
N HIS A 216 19.27 26.43 42.20
CA HIS A 216 19.31 24.98 42.38
C HIS A 216 20.66 24.40 41.97
N GLN A 217 21.22 24.88 40.85
CA GLN A 217 22.50 24.37 40.39
C GLN A 217 23.63 24.68 41.36
N ILE A 218 23.69 25.92 41.85
CA ILE A 218 24.74 26.32 42.77
C ILE A 218 24.57 25.64 44.12
N HIS A 219 23.35 25.57 44.63
CA HIS A 219 23.16 25.09 45.99
C HIS A 219 23.01 23.57 46.07
N ILE A 220 22.54 22.90 45.00
CA ILE A 220 22.28 21.47 45.03
C ILE A 220 23.13 20.70 44.03
N SER A 221 23.09 21.11 42.75
CA SER A 221 23.68 20.29 41.69
C SER A 221 25.20 20.24 41.76
N LEU A 222 25.84 21.40 41.98
CA LEU A 222 27.30 21.46 42.07
C LEU A 222 27.90 20.63 43.21
N PRO A 223 27.43 20.69 44.47
CA PRO A 223 28.09 19.85 45.49
C PRO A 223 27.86 18.37 45.30
N VAL A 224 26.65 17.96 44.94
CA VAL A 224 26.34 16.55 44.73
C VAL A 224 27.15 16.00 43.55
N ASN A 225 27.23 16.76 42.47
CA ASN A 225 28.00 16.29 41.32
C ASN A 225 29.51 16.33 41.57
N LYS A 226 29.98 17.29 42.38
CA LYS A 226 31.39 17.30 42.76
C LYS A 226 31.74 16.08 43.61
N LEU A 227 30.84 15.69 44.51
CA LEU A 227 31.07 14.47 45.29
C LEU A 227 30.97 13.22 44.42
N LEU A 228 30.05 13.22 43.44
CA LEU A 228 29.93 12.07 42.55
C LEU A 228 31.15 11.90 41.66
N ASP A 229 31.71 13.00 41.15
CA ASP A 229 32.88 12.91 40.30
C ASP A 229 34.15 12.58 41.07
N ALA A 230 34.17 12.87 42.38
CA ALA A 230 35.30 12.49 43.21
C ALA A 230 35.29 11.01 43.58
N GLY A 231 34.22 10.29 43.29
CA GLY A 231 34.14 8.87 43.55
C GLY A 231 33.33 8.47 44.76
N VAL A 232 32.64 9.40 45.40
CA VAL A 232 31.79 9.06 46.54
C VAL A 232 30.57 8.30 46.06
N ALA A 233 30.21 7.25 46.79
CA ALA A 233 29.01 6.48 46.49
C ALA A 233 27.77 7.35 46.69
N PRO A 234 26.71 7.14 45.89
CA PRO A 234 25.52 7.98 46.01
C PRO A 234 24.81 7.88 47.35
N GLN A 235 24.94 6.75 48.05
CA GLN A 235 24.28 6.59 49.33
C GLN A 235 25.00 7.33 50.45
N GLU A 236 26.30 7.61 50.30
CA GLU A 236 27.05 8.34 51.32
C GLU A 236 27.09 9.83 51.06
N ILE A 237 26.51 10.31 49.95
CA ILE A 237 26.44 11.74 49.70
C ILE A 237 25.39 12.37 50.61
N PRO A 238 25.65 13.53 51.22
CA PRO A 238 24.64 14.18 52.05
C PRO A 238 23.42 14.59 51.25
N LEU A 239 22.28 14.63 51.93
CA LEU A 239 21.03 15.08 51.34
C LEU A 239 21.12 16.57 50.99
N PRO A 240 20.35 17.02 49.97
CA PRO A 240 20.48 18.43 49.52
C PRO A 240 20.19 19.49 50.58
N HIS A 241 19.24 19.25 51.48
CA HIS A 241 18.96 20.23 52.52
C HIS A 241 20.13 20.38 53.49
N GLU A 242 20.93 19.32 53.65
CA GLU A 242 22.14 19.41 54.44
C GLU A 242 23.18 20.30 53.76
N PHE A 243 23.21 20.31 52.43
CA PHE A 243 24.01 21.29 51.72
C PHE A 243 23.44 22.69 51.88
N LEU A 244 22.12 22.81 52.06
CA LEU A 244 21.53 24.13 52.26
C LEU A 244 21.90 24.72 53.62
N VAL A 245 21.76 23.94 54.70
CA VAL A 245 21.91 24.52 56.03
C VAL A 245 23.33 24.48 56.59
N ASN A 246 24.17 23.56 56.13
CA ASN A 246 25.52 23.43 56.66
C ASN A 246 26.46 24.14 55.70
N ARG A 247 26.72 25.42 56.01
CA ARG A 247 27.61 26.23 55.18
C ARG A 247 29.04 25.73 55.23
N ASP A 248 29.46 25.11 56.35
CA ASP A 248 30.79 24.52 56.43
C ASP A 248 30.95 23.36 55.45
N LEU A 249 29.92 22.52 55.34
CA LEU A 249 29.94 21.41 54.38
C LEU A 249 30.02 21.93 52.96
N MET A 250 29.33 23.04 52.68
CA MET A 250 29.38 23.66 51.36
C MET A 250 30.73 24.29 51.08
N ALA A 251 31.34 24.91 52.11
CA ALA A 251 32.61 25.58 51.97
C ALA A 251 33.79 24.62 51.92
N GLN A 252 33.58 23.38 52.34
CA GLN A 252 34.61 22.36 52.15
C GLN A 252 34.87 22.11 50.66
N LEU A 253 33.82 22.16 49.85
CA LEU A 253 33.96 21.96 48.41
C LEU A 253 34.27 23.27 47.68
N TYR A 254 33.58 24.36 48.04
CA TYR A 254 33.80 25.67 47.43
C TYR A 254 34.04 26.69 48.55
N PRO A 255 35.31 27.02 48.82
CA PRO A 255 35.63 27.86 50.00
C PRO A 255 35.04 29.26 49.97
N SER A 256 34.67 29.78 48.80
CA SER A 256 34.05 31.11 48.69
C SER A 256 32.72 31.21 49.43
N PHE A 257 32.04 30.08 49.62
CA PHE A 257 30.83 30.05 50.44
C PHE A 257 31.07 30.41 51.89
N SER A 258 32.33 30.34 52.36
CA SER A 258 32.65 30.88 53.68
C SER A 258 32.48 32.39 53.74
N LYS A 259 32.53 33.09 52.61
CA LYS A 259 32.38 34.54 52.58
C LYS A 259 30.93 35.00 52.48
N GLY A 260 30.00 34.09 52.21
CA GLY A 260 28.59 34.45 52.21
C GLY A 260 28.18 35.29 51.02
N LEU A 261 27.15 36.11 51.24
CA LEU A 261 26.57 36.95 50.20
C LEU A 261 27.16 38.35 50.15
N VAL A 262 28.14 38.64 51.02
CA VAL A 262 28.82 39.94 50.97
C VAL A 262 29.54 40.21 49.64
N PRO A 263 30.30 39.27 49.04
CA PRO A 263 30.88 39.57 47.72
C PRO A 263 29.87 39.86 46.61
N PHE A 264 28.65 39.32 46.69
CA PHE A 264 27.66 39.62 45.66
C PHE A 264 27.20 41.07 45.74
N PHE A 265 26.84 41.53 46.94
CA PHE A 265 26.27 42.86 47.08
C PHE A 265 27.30 43.97 47.01
N THR A 266 28.58 43.68 47.24
CA THR A 266 29.64 44.67 47.18
C THR A 266 30.36 44.65 45.83
N LEU A 267 29.85 43.90 44.86
CA LEU A 267 30.42 43.75 43.52
C LEU A 267 31.84 43.18 43.53
N ASN A 268 32.20 42.45 44.59
CA ASN A 268 33.45 41.71 44.64
C ASN A 268 33.24 40.29 44.10
N TRP A 269 32.87 40.23 42.82
CA TRP A 269 32.31 39.01 42.26
C TRP A 269 33.36 37.94 42.00
N SER A 270 34.62 38.34 41.82
CA SER A 270 35.68 37.38 41.51
C SER A 270 35.93 36.40 42.65
N GLU A 271 35.53 36.77 43.88
CA GLU A 271 35.55 35.86 45.00
C GLU A 271 34.75 34.59 44.74
N TYR A 272 33.68 34.69 43.96
CA TYR A 272 32.85 33.55 43.59
C TYR A 272 33.41 32.75 42.42
N SER A 273 34.69 32.95 42.06
CA SER A 273 35.26 32.34 40.86
C SER A 273 35.44 30.83 40.97
N ASP A 274 35.26 30.23 42.14
CA ASP A 274 35.45 28.78 42.25
C ASP A 274 34.21 27.98 41.92
N PHE A 275 33.01 28.54 42.09
CA PHE A 275 31.80 27.87 41.66
C PHE A 275 31.08 28.58 40.51
N LEU A 276 31.50 29.79 40.16
CA LEU A 276 31.06 30.45 38.93
C LEU A 276 32.29 30.59 38.05
N THR A 277 32.45 29.69 37.09
CA THR A 277 33.67 29.62 36.30
C THR A 277 33.37 29.95 34.84
N PHE A 278 34.44 30.06 34.06
CA PHE A 278 34.36 30.22 32.62
C PHE A 278 35.33 29.23 31.99
N LYS A 279 35.30 27.99 32.46
CA LYS A 279 36.32 27.01 32.08
C LYS A 279 36.20 26.62 30.61
N GLY A 280 35.00 26.32 30.16
CA GLY A 280 34.82 25.81 28.82
C GLY A 280 35.27 24.38 28.72
N GLY A 281 35.23 23.86 27.49
CA GLY A 281 35.60 22.47 27.29
C GLY A 281 34.60 21.53 27.93
N LEU A 282 35.11 20.41 28.45
CA LEU A 282 34.29 19.39 29.07
C LEU A 282 34.95 18.91 30.36
N ASN A 283 34.12 18.40 31.26
CA ASN A 283 34.60 17.74 32.47
C ASN A 283 35.24 16.42 32.07
N PRO A 284 36.52 16.20 32.39
CA PRO A 284 37.18 14.95 31.96
C PRO A 284 36.60 13.69 32.60
N VAL A 285 36.08 13.79 33.82
CA VAL A 285 35.53 12.61 34.49
C VAL A 285 34.22 12.18 33.83
N THR A 286 33.35 13.14 33.51
CA THR A 286 32.01 12.81 33.03
C THR A 286 31.83 13.00 31.53
N GLY A 287 32.68 13.78 30.87
CA GLY A 287 32.48 14.09 29.47
C GLY A 287 31.42 15.13 29.19
N GLY A 288 30.83 15.73 30.24
CA GLY A 288 29.86 16.77 30.07
C GLY A 288 30.45 18.14 30.35
N LEU A 289 29.61 19.16 30.15
CA LEU A 289 29.99 20.52 30.47
C LEU A 289 30.21 20.68 31.98
N TRP A 290 31.14 21.55 32.34
CA TRP A 290 31.32 21.92 33.74
C TRP A 290 30.05 22.56 34.28
N LEU A 291 29.58 22.07 35.42
CA LEU A 291 28.34 22.58 35.99
C LEU A 291 28.50 23.99 36.54
N SER A 292 29.72 24.38 36.92
CA SER A 292 29.98 25.76 37.32
C SER A 292 29.80 26.71 36.15
N ASP A 293 30.23 26.30 34.96
CA ASP A 293 30.01 27.08 33.74
C ASP A 293 28.53 27.24 33.45
N THR A 294 27.75 26.17 33.65
CA THR A 294 26.32 26.24 33.44
C THR A 294 25.65 27.12 34.49
N ALA A 295 26.15 27.12 35.72
CA ALA A 295 25.58 27.96 36.76
C ALA A 295 25.82 29.46 36.47
N HIS A 296 27.05 29.84 36.09
CA HIS A 296 27.29 31.22 35.65
C HIS A 296 26.45 31.54 34.41
N HIS A 297 26.31 30.58 33.50
CA HIS A 297 25.52 30.77 32.28
C HIS A 297 24.06 31.09 32.58
N HIS A 298 23.42 30.26 33.41
CA HIS A 298 22.02 30.49 33.74
C HIS A 298 21.83 31.73 34.60
N LEU A 299 22.81 32.05 35.47
CA LEU A 299 22.74 33.29 36.25
C LEU A 299 22.85 34.53 35.36
N ALA A 300 23.80 34.52 34.42
CA ALA A 300 23.97 35.63 33.49
C ALA A 300 22.75 35.78 32.59
N LEU A 301 22.17 34.65 32.17
CA LEU A 301 20.94 34.68 31.39
C LEU A 301 19.78 35.22 32.22
N ALA A 302 19.74 34.91 33.51
CA ALA A 302 18.71 35.46 34.39
C ALA A 302 18.82 36.97 34.49
N VAL A 303 20.03 37.48 34.67
CA VAL A 303 20.23 38.92 34.75
C VAL A 303 19.83 39.61 33.44
N LEU A 304 20.26 39.02 32.32
CA LEU A 304 19.94 39.60 31.01
C LEU A 304 18.44 39.57 30.72
N PHE A 305 17.76 38.48 31.09
CA PHE A 305 16.33 38.36 30.85
C PHE A 305 15.52 39.31 31.75
N ILE A 306 15.92 39.46 33.01
CA ILE A 306 15.21 40.37 33.90
C ILE A 306 15.42 41.81 33.45
N VAL A 307 16.62 42.14 32.96
CA VAL A 307 16.86 43.46 32.38
C VAL A 307 15.99 43.67 31.14
N ALA A 308 15.93 42.67 30.26
CA ALA A 308 15.10 42.77 29.06
C ALA A 308 13.61 42.87 29.37
N GLY A 309 13.18 42.36 30.52
CA GLY A 309 11.79 42.43 30.90
C GLY A 309 11.32 43.75 31.47
N HIS A 310 12.15 44.78 31.47
CA HIS A 310 11.74 46.12 31.90
C HIS A 310 11.74 47.12 30.74
N MET A 311 11.69 46.62 29.50
CA MET A 311 11.81 47.48 28.32
C MET A 311 10.50 48.13 27.93
N TYR A 312 9.38 47.43 28.09
CA TYR A 312 8.13 47.76 27.43
C TYR A 312 7.20 48.54 28.36
N ARG A 313 6.47 49.49 27.79
CA ARG A 313 5.65 50.40 28.58
C ARG A 313 4.42 49.70 29.14
N THR A 314 4.08 50.06 30.36
CA THR A 314 3.04 49.50 31.22
C THR A 314 2.41 50.70 31.92
N ASN A 315 1.62 50.44 32.98
CA ASN A 315 0.84 51.47 33.67
C ASN A 315 1.66 52.72 34.02
N TRP A 316 2.89 52.54 34.48
CA TRP A 316 3.73 53.68 34.78
C TRP A 316 4.39 54.17 33.50
N GLY A 317 4.84 55.42 33.52
CA GLY A 317 5.19 56.12 32.28
C GLY A 317 6.42 55.60 31.58
N ILE A 318 7.33 54.97 32.32
CA ILE A 318 8.55 54.42 31.76
C ILE A 318 8.24 53.26 30.81
N GLY A 319 9.10 53.08 29.82
CA GLY A 319 8.97 51.97 28.91
C GLY A 319 8.83 52.33 27.46
N HIS A 320 9.14 51.36 26.60
CA HIS A 320 9.01 51.53 25.17
C HIS A 320 7.60 51.15 24.73
N SER A 321 7.11 51.83 23.71
CA SER A 321 5.86 51.47 23.06
C SER A 321 6.21 50.78 21.75
N MET A 322 5.75 49.53 21.59
CA MET A 322 6.16 48.73 20.45
C MET A 322 5.58 49.25 19.14
N LYS A 323 4.39 49.87 19.20
CA LYS A 323 3.82 50.51 18.03
C LYS A 323 4.69 51.67 17.55
N GLU A 324 5.19 52.49 18.49
CA GLU A 324 6.09 53.58 18.14
C GLU A 324 7.42 53.07 17.57
N ILE A 325 7.96 52.00 18.17
CA ILE A 325 9.21 51.41 17.69
C ILE A 325 9.04 50.91 16.25
N LEU A 326 7.93 50.21 15.99
CA LEU A 326 7.67 49.68 14.66
C LEU A 326 7.48 50.81 13.65
N GLU A 327 6.66 51.81 13.99
CA GLU A 327 6.36 52.87 13.05
C GLU A 327 7.54 53.81 12.80
N ALA A 328 8.51 53.88 13.73
CA ALA A 328 9.67 54.72 13.48
C ALA A 328 10.65 54.11 12.48
N HIS A 329 10.68 52.79 12.34
CA HIS A 329 11.65 52.12 11.47
C HIS A 329 11.05 52.00 10.07
N LYS A 330 11.34 52.99 9.21
CA LYS A 330 10.85 52.99 7.84
C LYS A 330 11.82 53.79 6.98
N GLY A 331 12.07 53.32 5.76
CA GLY A 331 13.09 53.90 4.93
C GLY A 331 12.65 54.16 3.51
N PRO A 332 13.61 54.57 2.65
CA PRO A 332 13.27 54.92 1.28
C PRO A 332 12.94 53.73 0.40
N PHE A 333 13.40 52.54 0.74
CA PHE A 333 13.07 51.35 -0.05
C PHE A 333 11.75 50.73 0.34
N THR A 334 11.15 51.15 1.46
CA THR A 334 10.14 50.31 2.09
C THR A 334 8.83 51.02 2.41
N GLY A 335 8.61 52.23 1.89
CA GLY A 335 7.33 52.90 2.04
C GLY A 335 6.98 53.27 3.47
N GLU A 336 5.81 52.82 3.93
CA GLU A 336 5.39 53.05 5.31
C GLU A 336 6.11 52.17 6.32
N GLY A 337 6.89 51.18 5.86
CA GLY A 337 7.74 50.43 6.75
C GLY A 337 6.94 49.47 7.62
N HIS A 338 7.34 49.39 8.89
CA HIS A 338 6.77 48.41 9.82
C HIS A 338 5.43 48.86 10.43
N LYS A 339 4.81 49.89 9.85
CA LYS A 339 3.51 50.38 10.28
C LYS A 339 2.41 49.35 10.01
N GLY A 340 1.53 49.15 10.99
CA GLY A 340 0.43 48.21 10.87
C GLY A 340 0.70 46.82 11.38
N LEU A 341 1.95 46.51 11.72
CA LEU A 341 2.29 45.17 12.19
C LEU A 341 1.85 44.93 13.63
N TYR A 342 1.84 45.98 14.46
CA TYR A 342 1.37 45.84 15.83
C TYR A 342 -0.11 45.46 15.88
N GLU A 343 -0.92 46.07 15.02
CA GLU A 343 -2.34 45.73 14.95
C GLU A 343 -2.54 44.29 14.48
N ILE A 344 -1.76 43.86 13.49
CA ILE A 344 -1.81 42.49 13.01
C ILE A 344 -1.45 41.51 14.12
N LEU A 345 -0.38 41.80 14.85
CA LEU A 345 0.11 40.87 15.86
C LEU A 345 -0.65 40.95 17.17
N THR A 346 -1.47 41.98 17.37
CA THR A 346 -2.36 42.04 18.52
C THR A 346 -3.81 41.70 18.17
N THR A 347 -4.10 41.45 16.90
CA THR A 347 -5.45 41.07 16.48
C THR A 347 -5.52 39.65 15.93
N SER A 348 -4.52 39.20 15.19
CA SER A 348 -4.53 37.88 14.59
C SER A 348 -3.73 36.90 15.44
N TRP A 349 -4.41 35.88 15.97
CA TRP A 349 -3.71 34.80 16.67
C TRP A 349 -2.85 33.97 15.71
N HIS A 350 -3.26 33.88 14.44
CA HIS A 350 -2.54 33.05 13.48
C HIS A 350 -1.17 33.63 13.14
N ALA A 351 -1.06 34.97 13.09
CA ALA A 351 0.24 35.60 12.84
C ALA A 351 1.21 35.32 13.98
N GLN A 352 0.73 35.43 15.22
CA GLN A 352 1.54 35.10 16.39
C GLN A 352 1.94 33.63 16.38
N LEU A 353 1.01 32.74 16.02
CA LEU A 353 1.33 31.32 15.95
C LEU A 353 2.36 31.03 14.87
N ALA A 354 2.27 31.74 13.74
CA ALA A 354 3.26 31.61 12.67
C ALA A 354 4.65 31.98 13.14
N ILE A 355 4.77 33.16 13.77
CA ILE A 355 6.07 33.63 14.25
C ILE A 355 6.62 32.69 15.32
N ASN A 356 5.77 32.31 16.28
CA ASN A 356 6.26 31.52 17.41
C ASN A 356 6.57 30.08 17.01
N LEU A 357 5.81 29.50 16.08
CA LEU A 357 6.14 28.17 15.58
C LEU A 357 7.45 28.17 14.80
N ALA A 358 7.65 29.19 13.94
CA ALA A 358 8.92 29.32 13.24
C ALA A 358 10.09 29.46 14.21
N MET A 359 9.92 30.29 15.24
CA MET A 359 10.99 30.52 16.20
C MET A 359 11.26 29.28 17.04
N MET A 360 10.22 28.58 17.47
CA MET A 360 10.38 27.38 18.27
C MET A 360 11.04 26.26 17.46
N GLY A 361 10.70 26.15 16.18
CA GLY A 361 11.36 25.19 15.34
C GLY A 361 12.84 25.47 15.14
N SER A 362 13.17 26.74 14.87
CA SER A 362 14.57 27.12 14.71
C SER A 362 15.34 26.91 16.01
N VAL A 363 14.70 27.17 17.16
CA VAL A 363 15.35 26.95 18.44
C VAL A 363 15.58 25.46 18.70
N SER A 364 14.62 24.60 18.31
CA SER A 364 14.80 23.16 18.46
C SER A 364 15.97 22.64 17.61
N ILE A 365 16.11 23.18 16.40
CA ILE A 365 17.24 22.81 15.54
C ILE A 365 18.57 23.26 16.15
N ILE A 366 18.59 24.48 16.69
CA ILE A 366 19.77 25.00 17.40
C ILE A 366 20.09 24.14 18.61
N VAL A 367 19.05 23.68 19.32
CA VAL A 367 19.22 22.78 20.47
C VAL A 367 19.89 21.49 20.04
N ALA A 368 19.46 20.90 18.92
CA ALA A 368 20.07 19.66 18.45
C ALA A 368 21.56 19.82 18.15
N HIS A 369 21.91 20.85 17.38
CA HIS A 369 23.32 21.12 17.07
C HIS A 369 24.14 21.40 18.33
N HIS A 370 23.66 22.29 19.17
CA HIS A 370 24.47 22.72 20.30
C HIS A 370 24.53 21.65 21.39
N MET A 371 23.53 20.76 21.45
CA MET A 371 23.55 19.67 22.42
C MET A 371 24.39 18.48 21.98
N TYR A 372 24.52 18.19 20.67
CA TYR A 372 25.50 17.16 20.32
C TYR A 372 26.90 17.71 20.53
N ALA A 373 27.13 18.97 20.14
CA ALA A 373 28.50 19.47 20.06
C ALA A 373 29.09 19.81 21.42
N MET A 374 28.27 20.29 22.36
CA MET A 374 28.72 20.61 23.71
C MET A 374 27.81 19.82 24.65
N PRO A 375 28.17 18.59 24.98
CA PRO A 375 27.29 17.74 25.80
C PRO A 375 27.14 18.32 27.20
N PRO A 376 25.90 18.66 27.58
CA PRO A 376 25.68 19.38 28.83
C PRO A 376 25.46 18.52 30.06
N TYR A 377 25.23 17.23 29.90
CA TYR A 377 24.92 16.37 31.02
C TYR A 377 26.05 15.40 31.28
N PRO A 378 26.27 15.00 32.53
CA PRO A 378 27.31 14.00 32.81
C PRO A 378 26.97 12.65 32.20
N TYR A 379 27.99 12.06 31.57
CA TYR A 379 27.93 10.72 30.96
C TYR A 379 26.89 10.62 29.85
N ILE A 380 26.56 11.75 29.22
CA ILE A 380 25.66 11.72 28.07
C ILE A 380 26.42 11.68 26.74
N ALA A 381 27.68 12.13 26.73
CA ALA A 381 28.45 12.14 25.48
C ALA A 381 28.79 10.74 25.01
N THR A 382 29.20 9.87 25.94
CA THR A 382 29.52 8.50 25.60
C THR A 382 28.29 7.60 25.53
N ASP A 383 27.12 8.12 25.91
CA ASP A 383 25.85 7.44 25.67
C ASP A 383 25.41 7.80 24.26
N TYR A 384 26.02 7.13 23.30
CA TYR A 384 25.74 7.38 21.88
C TYR A 384 24.27 7.18 21.47
N PRO A 385 23.53 6.16 21.94
CA PRO A 385 22.10 6.12 21.61
C PRO A 385 21.31 7.33 22.07
N THR A 386 21.62 7.85 23.26
CA THR A 386 20.95 9.05 23.73
C THR A 386 21.28 10.26 22.86
N GLN A 387 22.55 10.40 22.47
CA GLN A 387 22.97 11.54 21.64
C GLN A 387 22.28 11.52 20.28
N LEU A 388 22.31 10.36 19.61
CA LEU A 388 21.67 10.23 18.31
C LEU A 388 20.16 10.44 18.41
N SER A 389 19.54 9.89 19.46
CA SER A 389 18.10 10.00 19.64
C SER A 389 17.67 11.45 19.86
N ILE A 390 18.36 12.18 20.75
CA ILE A 390 17.93 13.54 21.05
C ILE A 390 18.23 14.49 19.89
N PHE A 391 19.35 14.27 19.17
CA PHE A 391 19.63 15.09 17.99
C PHE A 391 18.55 14.90 16.93
N THR A 392 18.24 13.63 16.60
CA THR A 392 17.25 13.34 15.58
C THR A 392 15.87 13.85 15.99
N HIS A 393 15.51 13.64 17.26
CA HIS A 393 14.19 14.03 17.75
C HIS A 393 13.99 15.53 17.69
N HIS A 394 14.96 16.30 18.18
CA HIS A 394 14.76 17.74 18.20
C HIS A 394 14.89 18.34 16.80
N MET A 395 15.67 17.69 15.91
CA MET A 395 15.67 18.08 14.50
C MET A 395 14.28 17.92 13.87
N TRP A 396 13.63 16.78 14.14
CA TRP A 396 12.30 16.54 13.56
C TRP A 396 11.27 17.51 14.11
N ILE A 397 11.29 17.74 15.43
CA ILE A 397 10.37 18.70 16.04
C ILE A 397 10.59 20.09 15.46
N GLY A 398 11.85 20.48 15.25
CA GLY A 398 12.15 21.77 14.66
C GLY A 398 11.62 21.92 13.25
N GLY A 399 11.83 20.90 12.41
CA GLY A 399 11.33 20.96 11.04
C GLY A 399 9.82 21.04 10.96
N PHE A 400 9.13 20.23 11.78
CA PHE A 400 7.67 20.26 11.83
C PHE A 400 7.16 21.62 12.27
N CYS A 401 7.78 22.22 13.30
CA CYS A 401 7.31 23.50 13.81
C CYS A 401 7.58 24.64 12.83
N VAL A 402 8.69 24.59 12.09
CA VAL A 402 8.97 25.61 11.09
C VAL A 402 7.94 25.57 9.96
N VAL A 403 7.63 24.36 9.48
CA VAL A 403 6.59 24.24 8.44
C VAL A 403 5.22 24.67 8.98
N GLY A 404 4.96 24.41 10.25
CA GLY A 404 3.72 24.90 10.85
C GLY A 404 3.65 26.41 10.95
N GLY A 405 4.79 27.05 11.19
CA GLY A 405 4.82 28.50 11.14
C GLY A 405 4.47 29.03 9.76
N ALA A 406 4.98 28.37 8.71
CA ALA A 406 4.59 28.75 7.36
C ALA A 406 3.09 28.52 7.11
N ALA A 407 2.55 27.39 7.61
CA ALA A 407 1.14 27.08 7.43
C ALA A 407 0.24 28.11 8.08
N HIS A 408 0.56 28.51 9.30
CA HIS A 408 -0.30 29.44 10.00
C HIS A 408 -0.08 30.87 9.52
N ALA A 409 1.08 31.17 8.92
CA ALA A 409 1.25 32.40 8.14
C ALA A 409 0.30 32.44 6.95
N GLY A 410 0.19 31.33 6.22
CA GLY A 410 -0.76 31.27 5.12
C GLY A 410 -2.20 31.41 5.57
N ILE A 411 -2.53 30.85 6.74
CA ILE A 411 -3.86 30.98 7.30
C ILE A 411 -4.17 32.43 7.64
N PHE A 412 -3.20 33.15 8.24
CA PHE A 412 -3.36 34.57 8.48
C PHE A 412 -3.59 35.33 7.19
N MET A 413 -2.80 35.02 6.16
CA MET A 413 -2.89 35.75 4.89
C MET A 413 -4.26 35.56 4.24
N VAL A 414 -4.80 34.35 4.28
CA VAL A 414 -6.12 34.12 3.71
C VAL A 414 -7.20 34.78 4.56
N ARG A 415 -7.16 34.58 5.87
CA ARG A 415 -8.30 34.93 6.72
C ARG A 415 -8.21 36.34 7.31
N ASP A 416 -7.14 36.62 8.05
CA ASP A 416 -7.08 37.82 8.87
C ASP A 416 -6.46 39.03 8.18
N TYR A 417 -5.89 38.86 6.98
CA TYR A 417 -5.26 39.98 6.31
C TYR A 417 -6.30 40.95 5.78
N ASN A 418 -6.11 42.24 6.07
CA ASN A 418 -7.00 43.29 5.58
C ASN A 418 -6.18 44.27 4.76
N PRO A 419 -6.42 44.40 3.45
CA PRO A 419 -5.65 45.36 2.64
C PRO A 419 -5.88 46.81 3.00
N ALA A 420 -7.02 47.16 3.60
CA ALA A 420 -7.27 48.55 3.99
C ALA A 420 -6.34 49.00 5.10
N GLN A 421 -6.03 48.12 6.04
CA GLN A 421 -5.12 48.41 7.13
C GLN A 421 -3.67 48.12 6.78
N ASN A 422 -3.39 47.74 5.54
CA ASN A 422 -2.08 47.29 5.10
C ASN A 422 -1.68 47.97 3.80
N TYR A 423 -1.88 49.28 3.72
CA TYR A 423 -1.59 50.02 2.50
C TYR A 423 -0.14 50.48 2.51
N ASN A 424 0.65 49.95 1.58
CA ASN A 424 2.05 50.35 1.32
C ASN A 424 2.96 50.12 2.52
N ASN A 425 2.65 49.14 3.35
CA ASN A 425 3.59 48.70 4.38
C ASN A 425 4.38 47.53 3.83
N LEU A 426 5.21 46.90 4.68
CA LEU A 426 6.11 45.84 4.22
C LEU A 426 5.37 44.64 3.67
N LEU A 427 4.26 44.27 4.31
CA LEU A 427 3.46 43.14 3.85
C LEU A 427 2.92 43.39 2.44
N ASP A 428 2.39 44.60 2.21
CA ASP A 428 1.86 44.96 0.90
C ASP A 428 2.94 44.96 -0.18
N ARG A 429 4.12 45.46 0.15
CA ARG A 429 5.20 45.51 -0.84
C ARG A 429 5.79 44.13 -1.12
N VAL A 430 5.82 43.26 -0.12
CA VAL A 430 6.20 41.87 -0.33
C VAL A 430 5.21 41.18 -1.27
N ILE A 431 3.91 41.39 -1.04
CA ILE A 431 2.90 40.87 -1.95
C ILE A 431 3.06 41.45 -3.35
N ARG A 432 3.45 42.73 -3.44
CA ARG A 432 3.57 43.39 -4.72
C ARG A 432 4.86 43.05 -5.48
N HIS A 433 5.86 42.42 -4.85
CA HIS A 433 6.98 41.88 -5.62
C HIS A 433 7.20 40.38 -5.34
N ARG A 434 6.11 39.68 -5.01
CA ARG A 434 6.12 38.22 -4.90
C ARG A 434 6.64 37.51 -6.15
N ASP A 435 6.38 38.03 -7.35
CA ASP A 435 6.87 37.37 -8.56
C ASP A 435 8.39 37.43 -8.64
N ALA A 436 8.98 38.59 -8.33
CA ALA A 436 10.42 38.71 -8.30
C ALA A 436 11.03 37.82 -7.22
N ILE A 437 10.41 37.79 -6.03
CA ILE A 437 10.91 36.95 -4.94
C ILE A 437 10.91 35.48 -5.33
N ILE A 438 9.76 34.99 -5.83
CA ILE A 438 9.62 33.57 -6.11
C ILE A 438 10.46 33.17 -7.33
N SER A 439 10.58 34.06 -8.32
CA SER A 439 11.41 33.75 -9.48
C SER A 439 12.89 33.67 -9.12
N HIS A 440 13.40 34.62 -8.31
CA HIS A 440 14.80 34.56 -7.91
C HIS A 440 15.06 33.35 -7.00
N LEU A 441 14.11 33.03 -6.11
CA LEU A 441 14.24 31.85 -5.27
C LEU A 441 14.21 30.56 -6.09
N ASN A 442 13.36 30.50 -7.12
CA ASN A 442 13.31 29.37 -8.03
C ASN A 442 14.64 29.18 -8.74
N TRP A 443 15.22 30.27 -9.25
CA TRP A 443 16.51 30.18 -9.91
C TRP A 443 17.61 29.71 -8.96
N ILE A 444 17.65 30.26 -7.74
CA ILE A 444 18.71 29.84 -6.82
C ILE A 444 18.50 28.41 -6.36
N CYS A 445 17.25 27.93 -6.31
CA CYS A 445 17.00 26.52 -5.98
C CYS A 445 17.48 25.60 -7.09
N ILE A 446 17.26 25.97 -8.35
CA ILE A 446 17.74 25.15 -9.46
C ILE A 446 19.27 25.16 -9.51
N PHE A 447 19.88 26.33 -9.28
CA PHE A 447 21.33 26.42 -9.25
C PHE A 447 21.92 25.57 -8.13
N LEU A 448 21.32 25.62 -6.94
CA LEU A 448 21.80 24.83 -5.81
C LEU A 448 21.63 23.34 -6.08
N GLY A 449 20.50 22.95 -6.67
CA GLY A 449 20.29 21.55 -7.01
C GLY A 449 21.30 21.02 -8.01
N PHE A 450 21.52 21.77 -9.08
CA PHE A 450 22.52 21.38 -10.07
C PHE A 450 23.91 21.31 -9.46
N HIS A 451 24.40 22.41 -8.91
CA HIS A 451 25.79 22.44 -8.45
C HIS A 451 25.98 21.81 -7.07
N SER A 452 24.97 21.15 -6.49
CA SER A 452 25.19 20.30 -5.32
C SER A 452 24.94 18.82 -5.63
N PHE A 453 23.77 18.46 -6.17
CA PHE A 453 23.46 17.07 -6.43
C PHE A 453 24.15 16.55 -7.68
N GLY A 454 24.35 17.40 -8.69
CA GLY A 454 25.09 16.97 -9.85
C GLY A 454 26.55 16.69 -9.56
N LEU A 455 27.09 17.24 -8.48
CA LEU A 455 28.42 16.81 -8.03
C LEU A 455 28.41 15.36 -7.60
N TYR A 456 27.38 14.94 -6.85
CA TYR A 456 27.23 13.52 -6.49
C TYR A 456 27.02 12.65 -7.72
N ILE A 457 26.20 13.11 -8.67
CA ILE A 457 25.95 12.35 -9.90
C ILE A 457 27.22 12.23 -10.73
N HIS A 458 27.97 13.33 -10.82
CA HIS A 458 29.24 13.38 -11.51
C HIS A 458 30.24 12.42 -10.87
N ASN A 459 30.28 12.38 -9.53
CA ASN A 459 31.16 11.47 -8.83
C ASN A 459 30.75 10.01 -9.00
N ASP A 460 29.44 9.74 -9.04
CA ASP A 460 28.96 8.38 -9.31
C ASP A 460 29.40 7.91 -10.67
N THR A 461 29.26 8.79 -11.68
CA THR A 461 29.65 8.44 -13.03
C THR A 461 31.15 8.27 -13.15
N MET A 462 31.94 9.18 -12.55
CA MET A 462 33.40 9.10 -12.64
C MET A 462 33.95 7.86 -11.95
N ARG A 463 33.42 7.52 -10.77
CA ARG A 463 33.86 6.30 -10.09
C ARG A 463 33.38 5.06 -10.83
N ALA A 464 32.19 5.11 -11.44
CA ALA A 464 31.72 3.98 -12.24
C ALA A 464 32.51 3.84 -13.54
N LEU A 465 32.96 4.96 -14.13
CA LEU A 465 33.71 4.89 -15.38
C LEU A 465 35.19 4.60 -15.16
N GLY A 466 35.61 4.36 -13.92
CA GLY A 466 37.00 4.09 -13.64
C GLY A 466 37.91 5.29 -13.71
N ARG A 467 37.36 6.50 -13.58
CA ARG A 467 38.17 7.72 -13.58
C ARG A 467 38.10 8.31 -12.16
N THR A 468 39.01 7.87 -11.30
CA THR A 468 39.05 8.37 -9.94
C THR A 468 39.67 9.75 -9.85
N GLN A 469 40.56 10.10 -10.79
CA GLN A 469 41.20 11.40 -10.79
C GLN A 469 40.27 12.51 -11.29
N ASP A 470 39.13 12.17 -11.86
CA ASP A 470 38.16 13.14 -12.33
C ASP A 470 37.04 13.42 -11.34
N MET A 471 37.08 12.81 -10.16
CA MET A 471 36.02 12.98 -9.17
C MET A 471 36.23 14.26 -8.37
N PHE A 472 35.19 14.64 -7.63
CA PHE A 472 35.31 15.66 -6.60
C PHE A 472 35.59 14.95 -5.28
N SER A 473 36.86 14.94 -4.86
CA SER A 473 37.25 14.28 -3.63
C SER A 473 38.53 14.94 -3.13
N ASP A 474 38.97 14.50 -1.94
CA ASP A 474 40.19 15.01 -1.34
C ASP A 474 41.46 14.46 -2.00
N THR A 475 41.36 13.34 -2.72
CA THR A 475 42.47 12.77 -3.47
C THR A 475 42.38 13.06 -4.97
N ALA A 476 41.54 14.03 -5.33
CA ALA A 476 41.10 14.35 -6.68
C ALA A 476 40.86 15.85 -6.69
N ILE A 477 40.16 16.34 -7.71
CA ILE A 477 39.75 17.75 -7.76
C ILE A 477 38.99 18.09 -6.48
N GLN A 478 39.51 19.06 -5.74
CA GLN A 478 39.12 19.28 -4.36
C GLN A 478 38.10 20.40 -4.25
N LEU A 479 37.12 20.23 -3.38
CA LEU A 479 36.22 21.30 -2.98
C LEU A 479 36.42 21.47 -1.49
N LYS A 480 37.38 22.32 -1.13
CA LYS A 480 37.72 22.51 0.27
C LYS A 480 36.74 23.47 0.93
N PRO A 481 36.16 23.11 2.05
CA PRO A 481 35.34 24.06 2.81
C PRO A 481 36.19 25.02 3.63
N VAL A 482 36.80 25.97 2.92
CA VAL A 482 37.82 26.83 3.50
C VAL A 482 37.25 27.78 4.54
N PHE A 483 36.03 28.27 4.34
CA PHE A 483 35.43 29.21 5.28
C PHE A 483 35.11 28.54 6.61
N ALA A 484 34.51 27.34 6.55
CA ALA A 484 34.19 26.62 7.78
C ALA A 484 35.45 26.14 8.49
N GLN A 485 36.46 25.72 7.73
CA GLN A 485 37.75 25.37 8.32
C GLN A 485 38.41 26.57 8.99
N TRP A 486 38.29 27.75 8.37
CA TRP A 486 38.83 28.97 8.96
C TRP A 486 38.10 29.33 10.25
N VAL A 487 36.78 29.18 10.26
CA VAL A 487 35.98 29.42 11.47
C VAL A 487 36.39 28.45 12.57
N GLN A 488 36.64 27.19 12.21
CA GLN A 488 37.11 26.19 13.16
C GLN A 488 38.47 26.57 13.74
N SER A 489 39.37 27.08 12.89
CA SER A 489 40.67 27.54 13.36
C SER A 489 40.54 28.72 14.32
N ILE A 490 39.64 29.65 14.01
CA ILE A 490 39.40 30.79 14.90
C ILE A 490 38.90 30.32 16.25
N HIS A 491 37.94 29.40 16.25
CA HIS A 491 37.35 28.95 17.50
C HIS A 491 38.32 28.09 18.30
N THR A 492 39.23 27.38 17.63
CA THR A 492 40.31 26.68 18.33
C THR A 492 41.32 27.64 18.93
N LEU A 493 41.62 28.73 18.21
CA LEU A 493 42.58 29.71 18.69
C LEU A 493 41.99 30.69 19.70
N ALA A 494 40.67 30.69 19.86
CA ALA A 494 39.99 31.63 20.75
C ALA A 494 40.40 31.60 22.22
N PRO A 495 40.60 30.45 22.91
CA PRO A 495 40.96 30.52 24.34
C PRO A 495 42.32 31.16 24.55
N GLY A 496 42.31 32.26 25.30
CA GLY A 496 43.49 33.06 25.53
C GLY A 496 43.73 34.15 24.51
N ASN A 497 43.03 34.13 23.37
CA ASN A 497 43.22 35.19 22.39
C ASN A 497 41.99 36.08 22.19
N THR A 498 40.83 35.52 21.87
CA THR A 498 39.65 36.37 21.74
C THR A 498 38.65 36.13 22.86
N THR A 499 38.85 35.08 23.64
CA THR A 499 38.19 34.87 24.91
C THR A 499 39.31 34.61 25.92
N PRO A 500 40.02 35.66 26.35
CA PRO A 500 41.23 35.46 27.16
C PRO A 500 41.01 34.82 28.52
N ASN A 501 39.79 34.88 29.07
CA ASN A 501 39.51 34.32 30.37
C ASN A 501 38.86 32.93 30.31
N ALA A 502 38.79 32.33 29.13
CA ALA A 502 38.33 30.96 28.98
C ALA A 502 39.52 30.02 28.96
N LEU A 503 39.46 28.96 29.77
CA LEU A 503 40.56 28.00 29.83
C LEU A 503 40.59 27.11 28.60
N ALA A 504 39.42 26.73 28.09
CA ALA A 504 39.34 25.80 26.98
C ALA A 504 38.34 26.31 25.96
N THR A 505 38.31 25.63 24.82
CA THR A 505 37.42 25.97 23.71
C THR A 505 35.96 25.72 24.09
N ALA A 506 35.07 26.39 23.36
CA ALA A 506 33.64 26.20 23.58
C ALA A 506 33.21 24.77 23.26
N SER A 507 33.83 24.15 22.26
CA SER A 507 33.64 22.73 21.98
C SER A 507 34.88 22.20 21.31
N TYR A 508 35.17 20.93 21.59
CA TYR A 508 36.30 20.26 20.97
C TYR A 508 36.03 19.88 19.52
N ALA A 509 34.79 20.03 19.05
CA ALA A 509 34.48 19.77 17.65
C ALA A 509 35.18 20.73 16.70
N PHE A 510 35.54 21.93 17.19
CA PHE A 510 36.30 22.87 16.39
C PHE A 510 37.77 22.53 16.29
N GLY A 511 38.28 21.70 17.20
CA GLY A 511 39.70 21.39 17.26
C GLY A 511 40.13 21.26 18.71
N GLY A 512 41.23 20.55 18.91
CA GLY A 512 41.76 20.35 20.25
C GLY A 512 42.03 18.89 20.58
N ASP A 513 41.89 18.53 21.85
CA ASP A 513 42.22 17.19 22.30
C ASP A 513 41.02 16.26 22.14
N VAL A 514 41.28 14.97 22.36
CA VAL A 514 40.25 13.95 22.33
C VAL A 514 39.80 13.72 23.77
N VAL A 515 38.64 14.27 24.11
CA VAL A 515 38.03 14.00 25.41
C VAL A 515 37.36 12.65 25.35
N ALA A 516 37.85 11.71 26.17
CA ALA A 516 37.37 10.33 26.21
C ALA A 516 37.00 9.95 27.63
N VAL A 517 35.86 9.27 27.78
CA VAL A 517 35.36 8.84 29.08
C VAL A 517 35.05 7.36 29.01
N GLY A 518 35.74 6.56 29.84
CA GLY A 518 35.55 5.12 29.86
C GLY A 518 35.92 4.44 28.56
N ASN A 519 37.07 4.81 27.99
CA ASN A 519 37.61 4.30 26.72
C ASN A 519 36.68 4.58 25.53
N LYS A 520 35.76 5.52 25.67
CA LYS A 520 34.88 5.93 24.57
C LYS A 520 35.00 7.42 24.37
N VAL A 521 35.04 7.85 23.11
CA VAL A 521 35.23 9.26 22.79
C VAL A 521 34.01 10.05 23.20
N ALA A 522 34.20 10.98 24.14
CA ALA A 522 33.14 11.93 24.45
C ALA A 522 33.04 12.99 23.36
N MET A 523 34.15 13.61 23.00
CA MET A 523 34.17 14.59 21.93
C MET A 523 35.59 14.72 21.40
N MET A 524 35.70 14.85 20.08
CA MET A 524 36.98 14.99 19.39
C MET A 524 36.77 15.97 18.23
N PRO A 525 37.84 16.48 17.59
CA PRO A 525 37.64 17.37 16.44
C PRO A 525 36.90 16.73 15.29
N ILE A 526 36.00 17.51 14.68
CA ILE A 526 35.22 17.06 13.54
C ILE A 526 35.73 17.78 12.30
N SER A 527 36.64 17.13 11.58
CA SER A 527 37.25 17.75 10.40
C SER A 527 36.24 17.86 9.26
N LEU A 528 36.48 18.82 8.38
CA LEU A 528 35.58 19.11 7.26
C LEU A 528 36.37 19.01 5.96
N GLY A 529 35.92 18.13 5.07
CA GLY A 529 36.56 17.97 3.78
C GLY A 529 35.62 18.18 2.61
N THR A 530 35.93 17.54 1.48
CA THR A 530 35.10 17.68 0.27
C THR A 530 33.70 17.13 0.49
N ALA A 531 33.58 15.98 1.16
CA ALA A 531 32.27 15.40 1.43
C ALA A 531 31.43 16.29 2.33
N ASP A 532 32.07 16.94 3.30
CA ASP A 532 31.35 17.88 4.17
C ASP A 532 30.88 19.11 3.40
N PHE A 533 31.70 19.59 2.46
CA PHE A 533 31.30 20.67 1.55
C PHE A 533 30.05 20.29 0.78
N MET A 534 30.08 19.11 0.16
CA MET A 534 28.95 18.68 -0.67
C MET A 534 27.69 18.48 0.15
N VAL A 535 27.80 17.90 1.35
CA VAL A 535 26.59 17.66 2.13
C VAL A 535 26.05 18.93 2.76
N HIS A 536 26.90 19.90 3.14
CA HIS A 536 26.38 21.18 3.62
C HIS A 536 25.70 21.97 2.51
N HIS A 537 26.22 21.89 1.28
CA HIS A 537 25.51 22.56 0.19
C HIS A 537 24.25 21.81 -0.24
N ILE A 538 24.20 20.49 -0.02
CA ILE A 538 22.95 19.74 -0.17
C ILE A 538 21.91 20.22 0.85
N HIS A 539 22.35 20.46 2.09
CA HIS A 539 21.47 21.01 3.12
C HIS A 539 20.94 22.38 2.73
N ALA A 540 21.82 23.24 2.23
CA ALA A 540 21.41 24.57 1.77
C ALA A 540 20.39 24.48 0.64
N PHE A 541 20.60 23.55 -0.29
CA PHE A 541 19.66 23.32 -1.39
C PHE A 541 18.29 22.90 -0.87
N THR A 542 18.24 21.93 0.04
CA THR A 542 16.96 21.42 0.52
C THR A 542 16.21 22.48 1.34
N ILE A 543 16.93 23.23 2.17
CA ILE A 543 16.29 24.30 2.93
C ILE A 543 15.76 25.41 2.02
N HIS A 544 16.52 25.81 0.99
CA HIS A 544 16.03 26.84 0.08
C HIS A 544 14.81 26.35 -0.71
N VAL A 545 14.75 25.06 -1.06
CA VAL A 545 13.58 24.55 -1.79
C VAL A 545 12.35 24.49 -0.88
N THR A 546 12.53 24.08 0.37
CA THR A 546 11.42 24.10 1.33
C THR A 546 10.90 25.52 1.54
N VAL A 547 11.81 26.49 1.62
CA VAL A 547 11.43 27.89 1.71
C VAL A 547 10.68 28.34 0.45
N LEU A 548 11.12 27.85 -0.72
CA LEU A 548 10.45 28.19 -1.97
C LEU A 548 9.00 27.73 -1.97
N ILE A 549 8.76 26.48 -1.57
CA ILE A 549 7.41 25.93 -1.58
C ILE A 549 6.52 26.67 -0.59
N LEU A 550 7.00 26.82 0.65
CA LEU A 550 6.19 27.44 1.70
C LEU A 550 5.95 28.92 1.42
N LEU A 551 6.97 29.64 0.96
CA LEU A 551 6.85 31.07 0.69
C LEU A 551 5.98 31.33 -0.53
N LYS A 552 6.07 30.49 -1.56
CA LYS A 552 5.20 30.63 -2.72
C LYS A 552 3.76 30.38 -2.33
N GLY A 553 3.52 29.40 -1.46
CA GLY A 553 2.17 29.17 -0.97
C GLY A 553 1.63 30.32 -0.14
N VAL A 554 2.47 30.94 0.69
CA VAL A 554 2.03 32.05 1.52
C VAL A 554 1.74 33.28 0.68
N LEU A 555 2.65 33.61 -0.26
CA LEU A 555 2.53 34.85 -1.02
C LEU A 555 1.43 34.77 -2.08
N PHE A 556 1.13 33.57 -2.58
CA PHE A 556 0.06 33.39 -3.55
C PHE A 556 -1.20 32.79 -2.94
N SER A 557 -1.37 32.94 -1.63
CA SER A 557 -2.51 32.34 -0.95
C SER A 557 -3.82 33.07 -1.27
N ARG A 558 -3.75 34.37 -1.51
CA ARG A 558 -4.95 35.17 -1.69
C ARG A 558 -5.38 35.28 -3.14
N ASN A 559 -4.42 35.37 -4.07
CA ASN A 559 -4.70 35.45 -5.49
C ASN A 559 -3.44 35.12 -6.26
N SER A 560 -3.61 34.93 -7.56
CA SER A 560 -2.50 34.72 -8.48
C SER A 560 -2.97 35.12 -9.86
N ARG A 561 -2.07 35.02 -10.84
CA ARG A 561 -2.49 35.19 -12.23
C ARG A 561 -3.43 34.09 -12.67
N LEU A 562 -3.31 32.89 -12.09
CA LEU A 562 -4.22 31.80 -12.41
C LEU A 562 -5.60 32.03 -11.80
N ILE A 563 -5.65 32.14 -10.48
CA ILE A 563 -6.92 32.28 -9.76
C ILE A 563 -6.96 33.65 -9.09
N PRO A 564 -7.66 34.64 -9.66
CA PRO A 564 -7.66 35.98 -9.07
C PRO A 564 -8.47 36.12 -7.79
N ASP A 565 -9.33 35.15 -7.47
CA ASP A 565 -10.16 35.21 -6.28
C ASP A 565 -9.90 34.04 -5.36
N LYS A 566 -8.62 33.71 -5.17
CA LYS A 566 -8.24 32.54 -4.38
C LYS A 566 -8.58 32.70 -2.90
N ALA A 567 -8.63 33.93 -2.39
CA ALA A 567 -8.96 34.15 -0.98
C ALA A 567 -10.41 33.82 -0.69
N ASN A 568 -11.30 33.97 -1.67
CA ASN A 568 -12.69 33.58 -1.47
C ASN A 568 -12.84 32.07 -1.36
N LEU A 569 -11.96 31.31 -1.99
CA LEU A 569 -12.01 29.86 -1.90
C LEU A 569 -11.51 29.36 -0.54
N GLY A 570 -10.64 30.11 0.11
CA GLY A 570 -10.19 29.80 1.45
C GLY A 570 -8.75 29.37 1.50
N PHE A 571 -8.30 29.08 2.73
CA PHE A 571 -6.94 28.57 2.92
C PHE A 571 -6.82 27.14 2.42
N ARG A 572 -7.86 26.34 2.61
CA ARG A 572 -7.82 24.91 2.36
C ARG A 572 -8.97 24.55 1.42
N PHE A 573 -8.67 24.41 0.14
CA PHE A 573 -9.61 23.92 -0.86
C PHE A 573 -8.84 23.00 -1.80
N PRO A 574 -9.51 21.99 -2.39
CA PRO A 574 -8.77 21.06 -3.26
C PRO A 574 -8.27 21.68 -4.55
N CYS A 575 -9.10 22.46 -5.23
CA CYS A 575 -8.79 22.99 -6.55
C CYS A 575 -9.83 24.05 -6.90
N ASP A 576 -9.72 24.59 -8.11
CA ASP A 576 -10.78 25.37 -8.74
C ASP A 576 -11.24 24.72 -10.04
N GLY A 577 -11.17 23.39 -10.11
CA GLY A 577 -11.68 22.68 -11.26
C GLY A 577 -10.61 22.37 -12.29
N PRO A 578 -10.96 21.55 -13.28
CA PRO A 578 -10.00 21.18 -14.34
C PRO A 578 -9.70 22.30 -15.32
N GLY A 579 -10.35 23.45 -15.20
CA GLY A 579 -10.15 24.54 -16.11
C GLY A 579 -8.85 25.26 -15.88
N ARG A 580 -8.60 26.24 -16.77
CA ARG A 580 -7.33 26.96 -16.87
C ARG A 580 -6.16 26.01 -17.07
N GLY A 581 -6.40 24.87 -17.74
CA GLY A 581 -5.43 23.81 -17.85
C GLY A 581 -5.45 22.82 -16.71
N GLY A 582 -6.01 23.21 -15.56
CA GLY A 582 -5.95 22.39 -14.36
C GLY A 582 -5.41 23.21 -13.20
N THR A 583 -6.16 23.27 -12.12
CA THR A 583 -5.85 24.12 -10.98
C THR A 583 -5.66 23.30 -9.71
N CYS A 584 -5.17 22.08 -9.88
CA CYS A 584 -5.06 21.13 -8.78
C CYS A 584 -4.01 21.61 -7.80
N GLN A 585 -4.29 21.44 -6.49
CA GLN A 585 -3.34 21.74 -5.40
C GLN A 585 -2.90 23.20 -5.43
N SER A 586 -3.87 24.10 -5.58
CA SER A 586 -3.57 25.51 -5.76
C SER A 586 -3.61 26.30 -4.46
N SER A 587 -4.14 25.72 -3.38
CA SER A 587 -4.30 26.42 -2.12
C SER A 587 -2.96 26.51 -1.39
N ALA A 588 -2.93 27.38 -0.37
CA ALA A 588 -1.77 27.47 0.50
C ALA A 588 -1.60 26.21 1.32
N TRP A 589 -2.72 25.54 1.65
CA TRP A 589 -2.67 24.27 2.38
C TRP A 589 -1.91 23.22 1.57
N ASP A 590 -2.13 23.17 0.26
CA ASP A 590 -1.43 22.19 -0.56
C ASP A 590 0.06 22.51 -0.66
N SER A 591 0.43 23.79 -0.57
CA SER A 591 1.83 24.15 -0.48
C SER A 591 2.44 23.67 0.83
N VAL A 592 1.69 23.78 1.93
CA VAL A 592 2.15 23.19 3.19
C VAL A 592 2.28 21.67 3.07
N PHE A 593 1.35 21.06 2.32
CA PHE A 593 1.35 19.62 2.09
C PHE A 593 2.60 19.16 1.34
N LEU A 594 3.03 19.94 0.34
CA LEU A 594 4.26 19.62 -0.39
C LEU A 594 5.51 19.99 0.40
N GLY A 595 5.46 21.10 1.13
CA GLY A 595 6.59 21.51 1.96
C GLY A 595 6.87 20.57 3.11
N LEU A 596 5.85 19.85 3.58
CA LEU A 596 6.10 18.82 4.59
C LEU A 596 6.93 17.68 4.03
N PHE A 597 6.66 17.28 2.78
CA PHE A 597 7.50 16.29 2.10
C PHE A 597 8.93 16.77 1.96
N TRP A 598 9.10 18.03 1.54
CA TRP A 598 10.45 18.54 1.36
C TRP A 598 11.18 18.76 2.68
N MET A 599 10.44 19.11 3.74
CA MET A 599 11.02 19.14 5.09
C MET A 599 11.47 17.75 5.51
N TYR A 600 10.67 16.73 5.20
CA TYR A 600 11.05 15.36 5.51
C TYR A 600 12.35 14.99 4.82
N ASN A 601 12.47 15.35 3.54
CA ASN A 601 13.69 15.08 2.77
C ASN A 601 14.89 15.79 3.38
N CYS A 602 14.72 17.06 3.75
CA CYS A 602 15.81 17.85 4.32
C CYS A 602 16.29 17.28 5.65
N ILE A 603 15.36 17.03 6.58
CA ILE A 603 15.73 16.53 7.90
C ILE A 603 16.29 15.11 7.81
N SER A 604 15.80 14.30 6.86
CA SER A 604 16.33 12.96 6.66
C SER A 604 17.80 13.02 6.24
N VAL A 605 18.13 13.91 5.29
CA VAL A 605 19.52 14.04 4.87
C VAL A 605 20.38 14.60 6.01
N VAL A 606 19.83 15.53 6.81
CA VAL A 606 20.57 16.11 7.92
C VAL A 606 20.92 15.04 8.97
N ILE A 607 19.94 14.22 9.34
CA ILE A 607 20.21 13.21 10.37
C ILE A 607 21.07 12.08 9.83
N PHE A 608 20.99 11.78 8.52
CA PHE A 608 21.88 10.80 7.93
C PHE A 608 23.33 11.28 7.93
N HIS A 609 23.54 12.56 7.58
CA HIS A 609 24.85 13.20 7.68
C HIS A 609 25.38 13.12 9.10
N PHE A 610 24.54 13.45 10.08
CA PHE A 610 24.95 13.39 11.49
C PHE A 610 25.36 11.99 11.89
N SER A 611 24.51 11.00 11.61
CA SER A 611 24.74 9.63 12.02
C SER A 611 26.03 9.08 11.41
N TRP A 612 26.20 9.25 10.09
CA TRP A 612 27.40 8.74 9.44
C TRP A 612 28.66 9.49 9.90
N LYS A 613 28.58 10.82 10.01
CA LYS A 613 29.79 11.58 10.37
C LYS A 613 30.23 11.30 11.80
N MET A 614 29.27 11.18 12.74
CA MET A 614 29.64 10.85 14.11
C MET A 614 30.14 9.42 14.22
N GLN A 615 29.53 8.47 13.49
CA GLN A 615 30.01 7.09 13.58
C GLN A 615 31.35 6.90 12.89
N SER A 616 31.67 7.73 11.90
CA SER A 616 32.87 7.53 11.12
C SER A 616 34.06 8.33 11.60
N ASP A 617 33.84 9.52 12.15
CA ASP A 617 34.94 10.42 12.45
C ASP A 617 35.02 10.85 13.91
N VAL A 618 33.99 10.61 14.71
CA VAL A 618 34.01 11.10 16.09
C VAL A 618 33.88 9.95 17.09
N TRP A 619 32.78 9.21 17.00
CA TRP A 619 32.50 8.16 17.98
C TRP A 619 33.40 6.95 17.75
N GLY A 620 33.82 6.34 18.84
CA GLY A 620 34.65 5.15 18.75
C GLY A 620 35.27 4.82 20.10
N THR A 621 36.18 3.87 20.07
CA THR A 621 36.87 3.40 21.26
C THR A 621 38.32 3.86 21.26
N VAL A 622 38.78 4.31 22.42
CA VAL A 622 40.17 4.70 22.60
C VAL A 622 40.94 3.51 23.18
N GLN A 623 42.09 3.21 22.58
CA GLN A 623 42.94 2.10 23.00
C GLN A 623 44.36 2.64 23.21
N ALA A 624 45.29 1.72 23.44
CA ALA A 624 46.67 2.06 23.76
C ALA A 624 47.33 2.84 22.62
N ASP A 625 48.30 3.69 23.02
CA ASP A 625 48.96 4.72 22.20
C ASP A 625 48.00 5.82 21.76
N GLY A 626 46.82 5.92 22.38
CA GLY A 626 45.93 7.04 22.16
C GLY A 626 45.18 7.04 20.85
N THR A 627 45.25 5.95 20.08
CA THR A 627 44.55 5.89 18.82
C THR A 627 43.05 5.65 19.04
N VAL A 628 42.24 6.25 18.18
CA VAL A 628 40.79 6.13 18.25
C VAL A 628 40.33 5.25 17.10
N THR A 629 39.70 4.13 17.44
CA THR A 629 39.10 3.24 16.46
C THR A 629 37.63 3.61 16.34
N HIS A 630 37.26 4.22 15.22
CA HIS A 630 35.90 4.68 15.02
C HIS A 630 34.99 3.53 14.65
N ILE A 631 33.68 3.78 14.75
CA ILE A 631 32.68 2.73 14.60
C ILE A 631 32.68 2.18 13.17
N THR A 632 32.72 3.05 12.17
CA THR A 632 32.82 2.60 10.78
C THR A 632 34.20 2.84 10.18
N GLY A 633 35.18 3.18 10.99
CA GLY A 633 36.57 3.24 10.55
C GLY A 633 36.91 4.31 9.54
N GLY A 634 36.33 5.50 9.65
CA GLY A 634 36.69 6.62 8.81
C GLY A 634 36.35 6.48 7.34
N ASN A 635 35.22 5.86 7.02
CA ASN A 635 34.85 5.65 5.63
C ASN A 635 34.12 6.85 5.02
N PHE A 636 33.79 7.87 5.82
CA PHE A 636 32.98 8.99 5.34
C PHE A 636 33.70 9.80 4.27
N ALA A 637 35.02 9.96 4.41
CA ALA A 637 35.76 10.86 3.51
C ALA A 637 35.76 10.37 2.08
N GLN A 638 35.84 9.06 1.86
CA GLN A 638 35.90 8.53 0.50
C GLN A 638 34.57 7.97 0.00
N SER A 639 33.61 7.71 0.88
CA SER A 639 32.34 7.13 0.46
C SER A 639 31.18 8.09 0.41
N ALA A 640 31.16 9.14 1.24
CA ALA A 640 30.04 10.08 1.25
C ALA A 640 30.10 11.09 0.11
N ILE A 641 30.98 10.88 -0.87
CA ILE A 641 31.03 11.74 -2.05
C ILE A 641 30.23 11.16 -3.21
N THR A 642 29.71 9.95 -3.06
CA THR A 642 28.90 9.33 -4.10
C THR A 642 27.58 8.87 -3.49
N ILE A 643 26.56 8.74 -4.34
CA ILE A 643 25.29 8.17 -3.91
C ILE A 643 25.45 6.67 -3.64
N ASN A 644 26.32 6.00 -4.41
CA ASN A 644 26.61 4.59 -4.18
C ASN A 644 27.23 4.36 -2.81
N GLY A 645 28.10 5.28 -2.38
CA GLY A 645 28.68 5.17 -1.06
C GLY A 645 27.67 5.34 0.05
N TRP A 646 26.73 6.27 -0.12
CA TRP A 646 25.64 6.41 0.84
C TRP A 646 24.75 5.17 0.85
N LEU A 647 24.50 4.58 -0.32
CA LEU A 647 23.64 3.41 -0.40
C LEU A 647 24.30 2.19 0.23
N ARG A 648 25.60 1.99 -0.01
CA ARG A 648 26.28 0.78 0.43
C ARG A 648 26.86 0.92 1.84
N ASP A 649 27.68 1.95 2.06
CA ASP A 649 28.41 2.06 3.30
C ASP A 649 27.60 2.69 4.43
N PHE A 650 26.49 3.33 4.13
CA PHE A 650 25.63 3.85 5.19
C PHE A 650 24.30 3.10 5.28
N LEU A 651 23.56 2.97 4.18
CA LEU A 651 22.25 2.34 4.27
C LEU A 651 22.38 0.82 4.35
N TRP A 652 23.12 0.21 3.43
CA TRP A 652 23.25 -1.24 3.41
C TRP A 652 24.08 -1.74 4.60
N ALA A 653 25.15 -1.04 4.94
CA ALA A 653 26.06 -1.51 5.98
C ALA A 653 25.44 -1.40 7.37
N GLN A 654 24.80 -0.28 7.67
CA GLN A 654 24.32 -0.04 9.03
C GLN A 654 22.91 -0.57 9.27
N ALA A 655 22.24 -1.09 8.25
CA ALA A 655 20.95 -1.75 8.45
C ALA A 655 21.10 -3.21 8.84
N SER A 656 22.33 -3.72 8.94
CA SER A 656 22.54 -5.11 9.31
C SER A 656 22.04 -5.39 10.72
N GLN A 657 22.09 -4.39 11.60
CA GLN A 657 21.70 -4.58 12.98
C GLN A 657 20.18 -4.66 13.15
N VAL A 658 19.42 -3.91 12.35
CA VAL A 658 17.97 -3.93 12.52
C VAL A 658 17.36 -5.14 11.82
N ILE A 659 18.00 -5.67 10.77
CA ILE A 659 17.45 -6.82 10.08
C ILE A 659 17.91 -8.15 10.67
N GLN A 660 18.95 -8.15 11.50
CA GLN A 660 19.37 -9.33 12.23
C GLN A 660 18.98 -9.27 13.70
N SER A 661 18.02 -8.40 14.04
CA SER A 661 17.60 -8.21 15.41
C SER A 661 16.59 -9.24 15.89
N TYR A 662 16.07 -10.07 14.99
CA TYR A 662 15.07 -11.07 15.35
C TYR A 662 15.64 -12.10 16.31
N GLY A 663 14.88 -12.40 17.36
CA GLY A 663 15.34 -13.31 18.39
C GLY A 663 16.16 -12.66 19.47
N SER A 664 16.28 -11.34 19.48
CA SER A 664 17.03 -10.61 20.49
C SER A 664 16.11 -9.56 21.12
N ALA A 665 16.68 -8.76 22.02
CA ALA A 665 15.92 -7.69 22.66
C ALA A 665 15.61 -6.55 21.70
N LEU A 666 16.35 -6.41 20.62
CA LEU A 666 16.14 -5.36 19.64
C LEU A 666 15.19 -5.75 18.53
N SER A 667 14.50 -6.89 18.67
CA SER A 667 13.59 -7.38 17.63
C SER A 667 12.38 -6.48 17.45
N ALA A 668 11.99 -5.72 18.47
CA ALA A 668 10.93 -4.74 18.32
C ALA A 668 11.30 -3.68 17.29
N TYR A 669 12.58 -3.33 17.21
CA TYR A 669 13.04 -2.40 16.17
C TYR A 669 12.92 -3.01 14.79
N GLY A 670 13.19 -4.32 14.64
CA GLY A 670 12.96 -4.96 13.35
C GLY A 670 11.50 -5.00 12.95
N LEU A 671 10.62 -5.28 13.93
CA LEU A 671 9.18 -5.28 13.67
C LEU A 671 8.69 -3.88 13.28
N ILE A 672 9.16 -2.85 13.99
CA ILE A 672 8.77 -1.48 13.69
C ILE A 672 9.34 -1.03 12.36
N PHE A 673 10.56 -1.50 12.02
CA PHE A 673 11.17 -1.27 10.72
C PHE A 673 10.28 -1.78 9.59
N LEU A 674 9.83 -3.04 9.70
CA LEU A 674 8.95 -3.61 8.68
C LEU A 674 7.60 -2.90 8.64
N GLY A 675 7.03 -2.61 9.82
CA GLY A 675 5.74 -1.95 9.88
C GLY A 675 5.76 -0.53 9.34
N ALA A 676 6.89 0.14 9.50
CA ALA A 676 7.01 1.50 9.00
C ALA A 676 7.22 1.52 7.50
N HIS A 677 7.99 0.57 6.95
CA HIS A 677 8.00 0.36 5.50
C HIS A 677 6.59 0.09 4.97
N PHE A 678 5.79 -0.64 5.73
CA PHE A 678 4.43 -0.98 5.31
C PHE A 678 3.55 0.27 5.29
N ILE A 679 3.58 1.06 6.36
CA ILE A 679 2.75 2.26 6.44
C ILE A 679 3.17 3.28 5.39
N TRP A 680 4.48 3.39 5.13
CA TRP A 680 4.96 4.27 4.08
C TRP A 680 4.45 3.85 2.71
N ALA A 681 4.47 2.55 2.41
CA ALA A 681 3.96 2.08 1.13
C ALA A 681 2.44 2.24 1.04
N PHE A 682 1.76 2.01 2.17
CA PHE A 682 0.32 2.18 2.27
C PHE A 682 -0.10 3.62 1.99
N SER A 683 0.77 4.58 2.34
CA SER A 683 0.49 5.99 2.09
C SER A 683 0.41 6.32 0.60
N LEU A 684 1.16 5.59 -0.24
CA LEU A 684 1.18 5.87 -1.66
C LEU A 684 -0.14 5.55 -2.35
N MET A 685 -0.97 4.71 -1.75
CA MET A 685 -2.31 4.50 -2.27
C MET A 685 -3.14 5.76 -2.17
N PHE A 686 -3.01 6.49 -1.06
CA PHE A 686 -3.73 7.75 -0.92
C PHE A 686 -3.09 8.85 -1.74
N LEU A 687 -1.76 8.86 -1.82
CA LEU A 687 -1.07 9.94 -2.50
C LEU A 687 -1.21 9.85 -4.02
N PHE A 688 -1.14 8.65 -4.58
CA PHE A 688 -1.11 8.52 -6.03
C PHE A 688 -2.49 8.47 -6.67
N SER A 689 -3.53 8.17 -5.90
CA SER A 689 -4.86 7.94 -6.45
C SER A 689 -5.74 9.16 -6.29
N GLY A 690 -6.99 9.04 -6.75
CA GLY A 690 -7.94 10.12 -6.66
C GLY A 690 -9.30 9.63 -6.18
N ARG A 691 -10.14 10.60 -5.82
CA ARG A 691 -11.35 10.33 -5.06
C ARG A 691 -12.43 9.61 -5.88
N GLY A 692 -12.54 9.92 -7.18
CA GLY A 692 -13.65 9.40 -7.98
C GLY A 692 -13.64 7.89 -8.12
N TYR A 693 -12.44 7.31 -8.29
CA TYR A 693 -12.30 5.86 -8.32
C TYR A 693 -12.85 5.23 -7.05
N TRP A 694 -12.44 5.76 -5.90
CA TRP A 694 -12.86 5.17 -4.63
C TRP A 694 -14.35 5.38 -4.38
N GLN A 695 -14.91 6.51 -4.86
CA GLN A 695 -16.34 6.70 -4.71
C GLN A 695 -17.14 5.71 -5.56
N GLU A 696 -16.68 5.40 -6.77
CA GLU A 696 -17.39 4.42 -7.59
C GLU A 696 -17.23 3.00 -7.04
N LEU A 697 -16.05 2.66 -6.52
CA LEU A 697 -15.87 1.38 -5.86
C LEU A 697 -16.76 1.27 -4.62
N ILE A 698 -16.89 2.36 -3.88
CA ILE A 698 -17.80 2.42 -2.75
C ILE A 698 -19.24 2.29 -3.20
N GLU A 699 -19.57 2.78 -4.40
CA GLU A 699 -20.91 2.57 -4.97
C GLU A 699 -21.20 1.08 -5.17
N SER A 700 -20.22 0.34 -5.70
CA SER A 700 -20.41 -1.11 -5.85
C SER A 700 -20.54 -1.81 -4.51
N ILE A 701 -19.71 -1.44 -3.53
CA ILE A 701 -19.81 -2.02 -2.19
C ILE A 701 -21.14 -1.66 -1.52
N VAL A 702 -21.64 -0.46 -1.77
CA VAL A 702 -22.95 -0.04 -1.28
C VAL A 702 -24.06 -0.88 -1.92
N TRP A 703 -23.90 -1.23 -3.20
CA TRP A 703 -24.83 -2.17 -3.82
C TRP A 703 -24.81 -3.51 -3.10
N ALA A 704 -23.62 -4.01 -2.77
CA ALA A 704 -23.52 -5.27 -2.05
C ALA A 704 -24.20 -5.22 -0.69
N HIS A 705 -24.00 -4.13 0.06
CA HIS A 705 -24.67 -4.01 1.36
C HIS A 705 -26.17 -3.77 1.20
N ASN A 706 -26.57 -3.10 0.12
CA ASN A 706 -27.99 -2.87 -0.16
C ASN A 706 -28.71 -4.15 -0.53
N LYS A 707 -28.01 -5.10 -1.16
CA LYS A 707 -28.61 -6.37 -1.54
C LYS A 707 -29.02 -7.18 -0.32
N LEU A 708 -28.27 -7.05 0.78
CA LEU A 708 -28.56 -7.74 2.03
C LEU A 708 -29.28 -6.84 3.03
N ASN A 709 -29.75 -5.67 2.58
CA ASN A 709 -30.49 -4.70 3.40
C ASN A 709 -29.69 -4.25 4.62
N VAL A 710 -28.39 -4.03 4.44
CA VAL A 710 -27.50 -3.65 5.53
C VAL A 710 -26.75 -2.38 5.15
N ALA A 711 -27.32 -1.60 4.23
CA ALA A 711 -26.72 -0.31 3.91
C ALA A 711 -26.88 0.64 5.08
N PRO A 712 -25.82 1.35 5.48
CA PRO A 712 -25.92 2.22 6.66
C PRO A 712 -26.72 3.48 6.38
N ALA A 713 -27.30 4.04 7.46
CA ALA A 713 -28.02 5.30 7.35
C ALA A 713 -27.07 6.46 7.05
N ILE A 714 -25.90 6.45 7.66
CA ILE A 714 -24.86 7.43 7.35
C ILE A 714 -24.19 6.97 6.06
N GLN A 715 -24.44 7.69 4.98
CA GLN A 715 -24.01 7.26 3.65
C GLN A 715 -22.50 7.26 3.54
N PRO A 716 -21.88 6.14 3.20
CA PRO A 716 -20.42 6.11 3.07
C PRO A 716 -19.95 6.87 1.84
N ARG A 717 -18.95 7.70 2.04
CA ARG A 717 -18.34 8.47 0.96
C ARG A 717 -16.85 8.23 0.99
N ALA A 718 -16.22 8.37 -0.18
CA ALA A 718 -14.77 8.42 -0.22
C ALA A 718 -14.28 9.66 0.51
N LEU A 719 -13.04 9.59 1.00
CA LEU A 719 -12.42 10.74 1.66
C LEU A 719 -12.32 11.90 0.69
N SER A 720 -12.44 13.11 1.22
CA SER A 720 -12.29 14.30 0.39
C SER A 720 -10.87 14.39 -0.18
N ILE A 721 -10.74 15.18 -1.24
CA ILE A 721 -9.46 15.33 -1.93
C ILE A 721 -8.38 15.85 -0.98
N THR A 722 -8.72 16.87 -0.19
CA THR A 722 -7.82 17.37 0.83
C THR A 722 -7.55 16.30 1.89
N GLN A 723 -8.57 15.56 2.30
CA GLN A 723 -8.34 14.50 3.27
C GLN A 723 -7.53 13.34 2.69
N GLY A 724 -7.70 13.06 1.39
CA GLY A 724 -6.84 12.08 0.75
C GLY A 724 -5.38 12.48 0.79
N ARG A 725 -5.12 13.76 0.47
CA ARG A 725 -3.75 14.27 0.56
C ARG A 725 -3.21 14.24 1.98
N ALA A 726 -4.05 14.62 2.96
CA ALA A 726 -3.61 14.68 4.34
C ALA A 726 -3.34 13.30 4.92
N VAL A 727 -4.20 12.32 4.60
CA VAL A 727 -4.00 10.95 5.07
C VAL A 727 -2.76 10.34 4.44
N GLY A 728 -2.57 10.54 3.12
CA GLY A 728 -1.36 10.07 2.48
C GLY A 728 -0.09 10.68 3.05
N LEU A 729 -0.13 11.99 3.33
CA LEU A 729 1.02 12.66 3.93
C LEU A 729 1.29 12.17 5.34
N ALA A 730 0.23 11.98 6.14
CA ALA A 730 0.41 11.53 7.52
C ALA A 730 0.99 10.12 7.59
N HIS A 731 0.46 9.20 6.78
CA HIS A 731 1.01 7.84 6.79
C HIS A 731 2.40 7.81 6.16
N TYR A 732 2.68 8.70 5.19
CA TYR A 732 4.03 8.79 4.59
C TYR A 732 5.05 9.25 5.61
N LEU A 733 4.74 10.32 6.35
CA LEU A 733 5.65 10.84 7.35
C LEU A 733 5.85 9.83 8.48
N LEU A 734 4.76 9.21 8.93
CA LEU A 734 4.86 8.20 9.98
C LEU A 734 5.73 7.02 9.53
N GLY A 735 5.52 6.53 8.30
CA GLY A 735 6.30 5.42 7.82
C GLY A 735 7.78 5.74 7.65
N GLY A 736 8.10 6.88 7.02
CA GLY A 736 9.49 7.23 6.83
C GLY A 736 10.23 7.54 8.11
N ILE A 737 9.60 8.32 8.99
CA ILE A 737 10.22 8.67 10.26
C ILE A 737 10.35 7.44 11.15
N GLY A 738 9.36 6.55 11.13
CA GLY A 738 9.46 5.31 11.90
C GLY A 738 10.53 4.37 11.37
N THR A 739 10.73 4.34 10.05
CA THR A 739 11.80 3.53 9.49
C THR A 739 13.16 4.02 9.92
N THR A 740 13.39 5.34 9.82
CA THR A 740 14.64 5.92 10.30
C THR A 740 14.79 5.75 11.81
N TRP A 741 13.68 5.83 12.54
CA TRP A 741 13.67 5.67 13.99
C TRP A 741 14.17 4.27 14.39
N ALA A 742 13.56 3.24 13.81
CA ALA A 742 13.95 1.86 14.11
C ALA A 742 15.38 1.58 13.65
N PHE A 743 15.75 2.06 12.46
CA PHE A 743 17.09 1.82 11.93
C PHE A 743 18.16 2.47 12.79
N PHE A 744 18.00 3.77 13.11
CA PHE A 744 18.92 4.46 13.99
C PHE A 744 19.03 3.79 15.35
N LEU A 745 17.89 3.49 15.97
CA LEU A 745 17.93 3.00 17.35
C LEU A 745 18.54 1.62 17.45
N ALA A 746 18.17 0.71 16.53
CA ALA A 746 18.78 -0.62 16.55
C ALA A 746 20.27 -0.55 16.28
N ARG A 747 20.68 0.25 15.28
CA ARG A 747 22.09 0.36 14.93
C ARG A 747 22.92 0.92 16.09
N ILE A 748 22.47 2.04 16.67
CA ILE A 748 23.29 2.71 17.66
C ILE A 748 23.24 1.98 19.01
N ILE A 749 22.15 1.26 19.31
CA ILE A 749 22.16 0.46 20.53
C ILE A 749 23.11 -0.73 20.39
N SER A 750 23.14 -1.34 19.20
CA SER A 750 24.05 -2.46 19.00
C SER A 750 25.52 -2.04 18.99
N VAL A 751 25.87 -1.01 18.23
CA VAL A 751 27.30 -0.70 18.04
C VAL A 751 27.81 0.38 18.97
N GLY A 752 26.93 1.09 19.67
CA GLY A 752 27.36 2.15 20.58
C GLY A 752 26.87 1.96 22.00
N THR B 3 0.83 27.05 -36.59
CA THR B 3 1.42 25.79 -36.12
C THR B 3 0.65 24.61 -36.69
N LYS B 4 1.34 23.75 -37.43
CA LYS B 4 0.70 22.63 -38.10
C LYS B 4 1.40 21.31 -37.82
N PHE B 5 2.04 21.15 -36.65
CA PHE B 5 2.57 19.84 -36.28
C PHE B 5 1.45 18.82 -36.11
N PRO B 6 0.48 18.99 -35.15
CA PRO B 6 -0.57 17.94 -35.18
C PRO B 6 -1.54 18.19 -36.33
N LYS B 7 -1.14 17.76 -37.53
CA LYS B 7 -1.96 17.92 -38.72
C LYS B 7 -3.22 17.07 -38.67
N PHE B 8 -3.26 16.07 -37.78
CA PHE B 8 -4.44 15.24 -37.61
C PHE B 8 -5.43 15.81 -36.63
N SER B 9 -5.13 16.92 -35.97
CA SER B 9 -6.01 17.52 -34.98
C SER B 9 -5.99 19.03 -35.12
N GLN B 10 -7.08 19.61 -35.62
CA GLN B 10 -7.19 21.05 -35.73
C GLN B 10 -7.25 21.71 -34.36
N ALA B 11 -7.92 21.06 -33.39
CA ALA B 11 -8.03 21.60 -32.04
C ALA B 11 -6.65 21.66 -31.37
N LEU B 12 -5.82 20.66 -31.59
CA LEU B 12 -4.48 20.67 -31.01
C LEU B 12 -3.58 21.68 -31.72
N ALA B 13 -3.73 21.83 -33.04
CA ALA B 13 -2.86 22.72 -33.80
C ALA B 13 -3.09 24.20 -33.47
N GLN B 14 -4.26 24.55 -32.96
CA GLN B 14 -4.55 25.93 -32.55
C GLN B 14 -4.21 26.20 -31.10
N ASP B 15 -3.65 25.22 -30.39
CA ASP B 15 -3.25 25.44 -29.00
C ASP B 15 -2.04 26.36 -28.97
N PRO B 16 -2.08 27.45 -28.21
CA PRO B 16 -0.96 28.40 -28.21
C PRO B 16 0.16 28.06 -27.25
N ALA B 17 0.09 26.93 -26.56
CA ALA B 17 1.02 26.63 -25.48
C ALA B 17 1.89 25.43 -25.83
N THR B 18 2.73 25.02 -24.88
CA THR B 18 3.56 23.83 -25.03
C THR B 18 2.77 22.54 -24.93
N ARG B 19 1.49 22.62 -24.52
CA ARG B 19 0.63 21.45 -24.48
C ARG B 19 0.40 20.85 -25.86
N ARG B 20 0.50 21.68 -26.91
CA ARG B 20 0.27 21.23 -28.28
C ARG B 20 1.26 20.14 -28.70
N ILE B 21 2.55 20.34 -28.39
CA ILE B 21 3.58 19.38 -28.79
C ILE B 21 3.39 18.06 -28.06
N TRP B 22 3.15 18.13 -26.75
CA TRP B 22 2.97 16.93 -25.94
C TRP B 22 1.75 16.13 -26.40
N TYR B 23 0.63 16.81 -26.62
CA TYR B 23 -0.59 16.10 -26.98
C TYR B 23 -0.56 15.62 -28.42
N GLY B 24 0.15 16.32 -29.31
CA GLY B 24 0.37 15.78 -30.63
C GLY B 24 1.26 14.56 -30.63
N LEU B 25 2.25 14.52 -29.72
CA LEU B 25 3.06 13.33 -29.56
C LEU B 25 2.25 12.16 -28.99
N ALA B 26 1.33 12.45 -28.06
CA ALA B 26 0.65 11.40 -27.32
C ALA B 26 -0.59 10.85 -28.00
N THR B 27 -1.10 11.52 -29.03
CA THR B 27 -2.31 11.08 -29.73
C THR B 27 -2.02 10.73 -31.18
N ALA B 28 -0.74 10.57 -31.53
CA ALA B 28 -0.35 10.43 -32.93
C ALA B 28 -0.82 9.11 -33.53
N HIS B 29 -0.81 8.06 -32.73
CA HIS B 29 -1.20 6.74 -33.22
C HIS B 29 -2.62 6.37 -32.83
N ASP B 30 -3.37 7.31 -32.24
CA ASP B 30 -4.81 7.16 -31.97
C ASP B 30 -5.60 7.63 -33.18
N LEU B 31 -5.60 6.77 -34.21
CA LEU B 31 -6.10 7.17 -35.53
C LEU B 31 -7.62 7.37 -35.54
N GLU B 32 -8.35 6.70 -34.65
CA GLU B 32 -9.81 6.81 -34.65
C GLU B 32 -10.28 8.20 -34.24
N SER B 33 -9.48 8.94 -33.48
CA SER B 33 -9.86 10.25 -33.00
C SER B 33 -9.39 11.38 -33.90
N HIS B 34 -8.73 11.06 -35.01
CA HIS B 34 -8.16 12.09 -35.86
C HIS B 34 -9.25 12.80 -36.67
N ASP B 35 -8.88 13.97 -37.20
CA ASP B 35 -9.82 14.80 -37.95
C ASP B 35 -10.20 14.12 -39.26
N GLY B 36 -11.50 13.92 -39.45
CA GLY B 36 -12.03 13.37 -40.69
C GLY B 36 -11.62 11.94 -40.98
N MET B 37 -11.48 11.11 -39.95
CA MET B 37 -11.07 9.73 -40.13
C MET B 37 -12.26 8.88 -40.55
N THR B 38 -12.12 8.19 -41.67
CA THR B 38 -13.10 7.21 -42.11
C THR B 38 -12.64 5.82 -41.73
N GLU B 39 -13.58 4.86 -41.75
CA GLU B 39 -13.26 3.48 -41.38
C GLU B 39 -12.28 2.85 -42.35
N GLU B 40 -12.47 3.09 -43.66
CA GLU B 40 -11.61 2.49 -44.67
C GLU B 40 -10.18 2.99 -44.57
N ASN B 41 -10.01 4.32 -44.43
CA ASN B 41 -8.70 4.90 -44.25
C ASN B 41 -8.04 4.42 -42.96
N LEU B 42 -8.83 4.29 -41.89
CA LEU B 42 -8.34 3.79 -40.62
C LEU B 42 -7.76 2.39 -40.76
N TYR B 43 -8.52 1.48 -41.40
CA TYR B 43 -8.06 0.10 -41.57
C TYR B 43 -6.82 0.02 -42.46
N GLN B 44 -6.78 0.83 -43.52
CA GLN B 44 -5.62 0.81 -44.42
C GLN B 44 -4.35 1.33 -43.73
N LYS B 45 -4.48 2.41 -42.94
CA LYS B 45 -3.35 2.91 -42.17
C LYS B 45 -2.88 1.89 -41.14
N ILE B 46 -3.82 1.18 -40.51
CA ILE B 46 -3.46 0.14 -39.54
C ILE B 46 -2.71 -0.99 -40.21
N PHE B 47 -3.15 -1.39 -41.40
CA PHE B 47 -2.49 -2.45 -42.16
C PHE B 47 -1.04 -2.07 -42.49
N ALA B 48 -0.83 -0.85 -42.98
CA ALA B 48 0.53 -0.41 -43.28
C ALA B 48 1.39 -0.25 -42.04
N SER B 49 0.80 0.20 -40.93
CA SER B 49 1.53 0.32 -39.67
C SER B 49 1.96 -1.05 -39.15
N HIS B 50 1.10 -2.05 -39.33
CA HIS B 50 1.43 -3.41 -38.93
C HIS B 50 2.58 -3.96 -39.77
N PHE B 51 2.59 -3.62 -41.07
CA PHE B 51 3.75 -3.94 -41.92
C PHE B 51 5.03 -3.29 -41.38
N GLY B 52 4.94 -2.01 -40.99
CA GLY B 52 6.09 -1.33 -40.43
C GLY B 52 6.61 -1.93 -39.13
N HIS B 53 5.70 -2.35 -38.25
CA HIS B 53 6.12 -2.99 -36.99
C HIS B 53 6.80 -4.33 -37.26
N LEU B 54 6.27 -5.09 -38.24
CA LEU B 54 6.92 -6.33 -38.67
C LEU B 54 8.34 -6.09 -39.17
N ALA B 55 8.51 -5.03 -39.97
CA ALA B 55 9.84 -4.66 -40.46
C ALA B 55 10.77 -4.27 -39.31
N VAL B 56 10.25 -3.58 -38.29
CA VAL B 56 11.05 -3.22 -37.14
C VAL B 56 11.54 -4.46 -36.40
N ILE B 57 10.65 -5.44 -36.23
CA ILE B 57 11.02 -6.69 -35.57
C ILE B 57 12.12 -7.42 -36.34
N PHE B 58 11.98 -7.49 -37.67
CA PHE B 58 12.99 -8.16 -38.49
C PHE B 58 14.33 -7.43 -38.45
N LEU B 59 14.30 -6.10 -38.46
CA LEU B 59 15.54 -5.33 -38.37
C LEU B 59 16.23 -5.51 -37.03
N TRP B 60 15.46 -5.58 -35.94
CA TRP B 60 16.02 -5.80 -34.62
C TRP B 60 16.69 -7.18 -34.52
N THR B 61 16.03 -8.20 -35.07
CA THR B 61 16.61 -9.54 -35.05
C THR B 61 17.86 -9.63 -35.93
N SER B 62 17.83 -8.96 -37.09
CA SER B 62 19.01 -8.92 -37.95
C SER B 62 20.15 -8.18 -37.28
N GLY B 63 19.84 -7.15 -36.50
CA GLY B 63 20.87 -6.45 -35.75
C GLY B 63 21.51 -7.30 -34.68
N ASN B 64 20.71 -8.09 -33.96
CA ASN B 64 21.26 -9.03 -33.00
C ASN B 64 22.18 -10.03 -33.67
N LEU B 65 21.73 -10.60 -34.81
CA LEU B 65 22.54 -11.57 -35.54
C LEU B 65 23.83 -10.95 -36.07
N PHE B 66 23.76 -9.73 -36.61
CA PHE B 66 24.93 -9.09 -37.19
C PHE B 66 25.94 -8.71 -36.12
N HIS B 67 25.48 -8.06 -35.05
CA HIS B 67 26.36 -7.64 -33.98
C HIS B 67 27.01 -8.85 -33.31
N LEU B 68 26.33 -10.01 -33.29
CA LEU B 68 27.00 -11.21 -32.81
C LEU B 68 28.00 -11.74 -33.82
N ALA B 69 27.65 -11.78 -35.11
CA ALA B 69 28.57 -12.35 -36.09
C ALA B 69 29.83 -11.51 -36.24
N TRP B 70 29.73 -10.21 -35.97
CA TRP B 70 30.85 -9.31 -36.08
C TRP B 70 31.68 -9.21 -34.80
N GLN B 71 31.04 -8.95 -33.66
CA GLN B 71 31.80 -8.66 -32.45
C GLN B 71 31.68 -9.71 -31.37
N GLY B 72 30.97 -10.82 -31.61
CA GLY B 72 30.76 -11.84 -30.61
C GLY B 72 31.86 -12.89 -30.63
N ASN B 73 31.64 -13.93 -29.83
CA ASN B 73 32.54 -15.08 -29.74
C ASN B 73 31.75 -16.37 -29.91
N PHE B 74 30.86 -16.38 -30.91
CA PHE B 74 29.98 -17.53 -31.13
C PHE B 74 30.77 -18.78 -31.52
N GLU B 75 31.79 -18.62 -32.38
CA GLU B 75 32.58 -19.77 -32.80
C GLU B 75 33.42 -20.33 -31.66
N GLN B 76 33.83 -19.48 -30.72
CA GLN B 76 34.52 -19.97 -29.53
C GLN B 76 33.53 -20.59 -28.55
N TRP B 77 32.33 -20.02 -28.45
CA TRP B 77 31.34 -20.51 -27.51
C TRP B 77 30.77 -21.85 -27.93
N VAL B 78 30.69 -22.12 -29.23
CA VAL B 78 30.18 -23.39 -29.73
C VAL B 78 31.08 -24.54 -29.28
N LEU B 79 32.40 -24.30 -29.25
CA LEU B 79 33.33 -25.36 -28.85
C LEU B 79 33.23 -25.67 -27.36
N ASN B 80 33.08 -24.64 -26.52
CA ASN B 80 33.04 -24.82 -25.06
C ASN B 80 31.85 -24.07 -24.50
N PRO B 81 30.64 -24.64 -24.62
CA PRO B 81 29.42 -23.88 -24.25
C PRO B 81 29.24 -23.60 -22.76
N LEU B 82 29.83 -24.38 -21.87
CA LEU B 82 29.59 -24.21 -20.44
C LEU B 82 30.65 -23.38 -19.74
N LYS B 83 31.66 -22.90 -20.47
CA LYS B 83 32.77 -22.17 -19.88
C LYS B 83 33.01 -20.79 -20.48
N VAL B 84 32.54 -20.55 -21.70
CA VAL B 84 32.81 -19.31 -22.43
C VAL B 84 31.61 -18.37 -22.23
N LYS B 85 31.90 -17.13 -21.88
CA LYS B 85 30.85 -16.15 -21.63
C LYS B 85 30.36 -15.54 -22.95
N PRO B 86 29.07 -15.60 -23.25
CA PRO B 86 28.58 -15.15 -24.56
C PRO B 86 28.55 -13.62 -24.66
N ILE B 87 29.04 -13.11 -25.80
CA ILE B 87 29.18 -11.67 -26.02
C ILE B 87 27.99 -11.15 -26.81
N ALA B 88 27.32 -10.11 -26.28
CA ALA B 88 26.22 -9.47 -26.99
C ALA B 88 26.71 -8.50 -28.06
N HIS B 89 27.49 -7.49 -27.66
CA HIS B 89 28.04 -6.52 -28.59
C HIS B 89 29.27 -5.90 -27.97
N ALA B 90 30.02 -5.17 -28.80
CA ALA B 90 31.20 -4.48 -28.34
C ALA B 90 30.83 -3.16 -27.69
N ILE B 91 31.73 -2.65 -26.85
CA ILE B 91 31.56 -1.35 -26.22
C ILE B 91 32.56 -0.38 -26.84
N TRP B 92 32.06 0.76 -27.31
CA TRP B 92 32.90 1.90 -27.67
C TRP B 92 32.24 3.10 -27.02
N ASP B 93 32.72 3.45 -25.84
CA ASP B 93 32.20 4.60 -25.09
C ASP B 93 33.39 5.49 -24.80
N PRO B 94 33.46 6.69 -25.40
CA PRO B 94 34.58 7.59 -25.12
C PRO B 94 34.57 8.17 -23.72
N HIS B 95 33.51 8.01 -22.95
CA HIS B 95 33.53 8.47 -21.58
C HIS B 95 34.24 7.49 -20.64
N PHE B 96 34.58 6.26 -21.10
CA PHE B 96 35.37 5.35 -20.27
C PHE B 96 36.77 5.84 -19.98
N GLY B 97 37.20 5.62 -18.74
CA GLY B 97 38.61 5.54 -18.41
C GLY B 97 39.20 4.18 -18.72
N GLN B 98 40.53 4.10 -18.59
CA GLN B 98 41.27 2.87 -18.84
C GLN B 98 40.89 1.70 -17.94
N PRO B 99 40.72 1.83 -16.60
CA PRO B 99 40.27 0.67 -15.82
C PRO B 99 38.91 0.12 -16.22
N ALA B 100 38.00 0.97 -16.71
CA ALA B 100 36.73 0.46 -17.23
C ALA B 100 36.92 -0.29 -18.54
N VAL B 101 37.89 0.12 -19.34
CA VAL B 101 38.23 -0.61 -20.56
C VAL B 101 38.78 -1.99 -20.20
N LYS B 102 39.66 -2.06 -19.19
CA LYS B 102 40.19 -3.33 -18.75
C LYS B 102 39.10 -4.23 -18.15
N ALA B 103 38.21 -3.67 -17.34
CA ALA B 103 37.26 -4.50 -16.61
C ALA B 103 36.14 -5.05 -17.49
N PHE B 104 35.88 -4.42 -18.63
CA PHE B 104 34.85 -4.91 -19.54
C PHE B 104 35.42 -5.76 -20.67
N THR B 105 36.72 -6.05 -20.63
CA THR B 105 37.38 -6.86 -21.65
C THR B 105 37.28 -8.31 -21.20
N LYS B 106 36.20 -8.98 -21.61
CA LYS B 106 35.89 -10.32 -21.18
C LYS B 106 35.58 -11.18 -22.40
N GLY B 107 35.22 -12.43 -22.16
CA GLY B 107 34.79 -13.32 -23.23
C GLY B 107 35.89 -13.84 -24.11
N GLY B 108 37.16 -13.64 -23.74
CA GLY B 108 38.28 -14.09 -24.55
C GLY B 108 38.64 -13.18 -25.71
N VAL B 109 38.14 -11.96 -25.74
CA VAL B 109 38.46 -11.01 -26.80
C VAL B 109 39.29 -9.88 -26.21
N SER B 110 39.77 -8.99 -27.08
CA SER B 110 40.74 -7.97 -26.70
C SER B 110 40.12 -6.57 -26.63
N TYR B 111 38.81 -6.46 -26.63
CA TYR B 111 38.11 -5.19 -26.61
C TYR B 111 36.98 -5.26 -25.59
N PRO B 112 36.53 -4.12 -25.06
CA PRO B 112 35.41 -4.13 -24.11
C PRO B 112 34.12 -4.66 -24.74
N VAL B 113 33.44 -5.56 -24.02
CA VAL B 113 32.23 -6.20 -24.51
C VAL B 113 31.21 -6.25 -23.39
N ASN B 114 29.95 -6.39 -23.80
CA ASN B 114 28.87 -6.74 -22.89
C ASN B 114 28.59 -8.23 -23.01
N ILE B 115 28.36 -8.88 -21.87
CA ILE B 115 28.08 -10.31 -21.85
C ILE B 115 26.58 -10.50 -22.06
N ALA B 116 26.21 -11.26 -23.08
CA ALA B 116 24.82 -11.43 -23.46
C ALA B 116 24.03 -12.20 -22.39
N THR B 117 22.84 -11.69 -22.08
CA THR B 117 21.92 -12.35 -21.18
C THR B 117 20.64 -12.80 -21.87
N SER B 118 20.50 -12.52 -23.17
CA SER B 118 19.27 -12.85 -23.88
C SER B 118 19.18 -14.32 -24.27
N GLY B 119 20.28 -15.06 -24.22
CA GLY B 119 20.24 -16.46 -24.57
C GLY B 119 20.18 -16.76 -26.05
N VAL B 120 20.52 -15.79 -26.90
CA VAL B 120 20.47 -16.00 -28.34
C VAL B 120 21.53 -17.01 -28.79
N TYR B 121 22.64 -17.12 -28.04
CA TYR B 121 23.66 -18.12 -28.33
C TYR B 121 23.10 -19.53 -28.25
N HIS B 122 22.41 -19.84 -27.14
CA HIS B 122 21.88 -21.18 -26.90
C HIS B 122 20.81 -21.52 -27.93
N TRP B 123 19.96 -20.55 -28.24
CA TRP B 123 18.90 -20.75 -29.23
C TRP B 123 19.48 -20.99 -30.61
N TRP B 124 20.42 -20.15 -31.04
CA TRP B 124 21.00 -20.27 -32.37
C TRP B 124 21.86 -21.52 -32.50
N TYR B 125 22.56 -21.91 -31.43
CA TYR B 125 23.34 -23.14 -31.45
C TYR B 125 22.45 -24.37 -31.50
N THR B 126 21.32 -24.33 -30.79
CA THR B 126 20.42 -25.49 -30.76
C THR B 126 19.75 -25.71 -32.12
N ILE B 127 19.41 -24.62 -32.83
CA ILE B 127 18.73 -24.74 -34.11
C ILE B 127 19.69 -24.96 -35.27
N GLY B 128 20.99 -25.10 -35.00
CA GLY B 128 21.93 -25.60 -35.98
C GLY B 128 22.97 -24.63 -36.49
N MET B 129 22.97 -23.38 -36.04
CA MET B 129 24.01 -22.45 -36.45
C MET B 129 25.32 -22.75 -35.74
N ARG B 130 26.40 -22.74 -36.50
CA ARG B 130 27.71 -23.13 -35.97
C ARG B 130 28.79 -22.09 -36.15
N SER B 131 28.77 -21.33 -37.24
CA SER B 131 29.82 -20.37 -37.55
C SER B 131 29.29 -18.95 -37.38
N ASN B 132 30.15 -17.98 -37.69
CA ASN B 132 29.70 -16.60 -37.82
C ASN B 132 29.14 -16.31 -39.21
N THR B 133 29.45 -17.17 -40.18
CA THR B 133 29.05 -16.94 -41.56
C THR B 133 27.54 -17.12 -41.72
N ASP B 134 26.98 -18.21 -41.18
CA ASP B 134 25.55 -18.41 -41.26
C ASP B 134 24.77 -17.43 -40.37
N LEU B 135 25.39 -16.95 -39.28
CA LEU B 135 24.79 -15.85 -38.52
C LEU B 135 24.70 -14.59 -39.36
N TYR B 136 25.76 -14.27 -40.08
CA TYR B 136 25.78 -13.10 -40.96
C TYR B 136 24.78 -13.26 -42.11
N ALA B 137 24.68 -14.47 -42.66
CA ALA B 137 23.73 -14.74 -43.73
C ALA B 137 22.29 -14.60 -43.24
N GLY B 138 22.01 -15.05 -42.01
CA GLY B 138 20.70 -14.84 -41.44
C GLY B 138 20.39 -13.38 -41.21
N SER B 139 21.39 -12.60 -40.78
CA SER B 139 21.19 -11.15 -40.63
C SER B 139 20.89 -10.48 -41.97
N LEU B 140 21.60 -10.88 -43.03
CA LEU B 140 21.30 -10.35 -44.37
C LEU B 140 19.90 -10.73 -44.83
N PHE B 141 19.50 -11.99 -44.60
CA PHE B 141 18.17 -12.42 -45.01
C PHE B 141 17.09 -11.66 -44.27
N LEU B 142 17.30 -11.38 -42.98
CA LEU B 142 16.30 -10.62 -42.24
C LEU B 142 16.28 -9.15 -42.63
N LEU B 143 17.42 -8.57 -43.03
CA LEU B 143 17.41 -7.24 -43.64
C LEU B 143 16.59 -7.21 -44.92
N PHE B 144 16.78 -8.22 -45.78
CA PHE B 144 16.01 -8.31 -47.01
C PHE B 144 14.53 -8.49 -46.73
N LEU B 145 14.19 -9.32 -45.74
CA LEU B 145 12.80 -9.56 -45.36
C LEU B 145 12.14 -8.29 -44.81
N ALA B 146 12.88 -7.53 -44.00
CA ALA B 146 12.38 -6.26 -43.50
C ALA B 146 12.15 -5.27 -44.63
N GLY B 147 13.06 -5.22 -45.60
CA GLY B 147 12.85 -4.38 -46.77
C GLY B 147 11.63 -4.79 -47.58
N VAL B 148 11.42 -6.10 -47.71
CA VAL B 148 10.25 -6.62 -48.42
C VAL B 148 8.96 -6.20 -47.71
N PHE B 149 8.94 -6.29 -46.38
CA PHE B 149 7.73 -5.91 -45.66
C PHE B 149 7.51 -4.39 -45.65
N LEU B 150 8.59 -3.60 -45.65
CA LEU B 150 8.43 -2.15 -45.84
C LEU B 150 7.85 -1.82 -47.21
N PHE B 151 8.33 -2.50 -48.25
CA PHE B 151 7.79 -2.28 -49.59
C PHE B 151 6.34 -2.73 -49.67
N ALA B 152 5.99 -3.81 -48.99
CA ALA B 152 4.60 -4.27 -48.98
C ALA B 152 3.70 -3.29 -48.26
N GLY B 153 4.17 -2.71 -47.16
CA GLY B 153 3.41 -1.66 -46.49
C GLY B 153 3.20 -0.45 -47.35
N TRP B 154 4.23 -0.06 -48.12
CA TRP B 154 4.06 1.03 -49.07
C TRP B 154 3.10 0.66 -50.20
N LEU B 155 3.22 -0.57 -50.73
CA LEU B 155 2.44 -1.00 -51.87
C LEU B 155 0.96 -1.13 -51.53
N HIS B 156 0.65 -1.70 -50.38
CA HIS B 156 -0.74 -1.93 -50.00
C HIS B 156 -1.42 -0.64 -49.49
N LEU B 157 -0.73 0.51 -49.56
CA LEU B 157 -1.33 1.84 -49.46
C LEU B 157 -1.48 2.55 -50.81
N GLN B 158 -0.82 2.06 -51.85
CA GLN B 158 -0.94 2.67 -53.16
C GLN B 158 -2.34 2.43 -53.71
N PRO B 159 -2.86 3.33 -54.56
CA PRO B 159 -4.15 3.09 -55.20
C PRO B 159 -4.11 1.84 -56.06
N LYS B 160 -5.29 1.25 -56.23
CA LYS B 160 -5.61 -0.07 -56.79
C LYS B 160 -4.93 -1.21 -56.05
N PHE B 161 -4.40 -0.96 -54.84
CA PHE B 161 -3.92 -1.98 -53.93
C PHE B 161 -4.46 -1.81 -52.52
N ARG B 162 -5.04 -0.67 -52.19
CA ARG B 162 -5.69 -0.44 -50.90
C ARG B 162 -6.89 -1.38 -50.74
N PRO B 163 -6.90 -2.24 -49.74
CA PRO B 163 -7.99 -3.21 -49.61
C PRO B 163 -9.24 -2.54 -49.06
N GLY B 164 -10.38 -3.11 -49.42
CA GLY B 164 -11.65 -2.59 -48.96
C GLY B 164 -12.00 -3.09 -47.57
N LEU B 165 -13.05 -2.50 -47.01
CA LEU B 165 -13.51 -2.89 -45.68
C LEU B 165 -14.07 -4.30 -45.66
N SER B 166 -14.63 -4.77 -46.78
CA SER B 166 -15.13 -6.14 -46.85
C SER B 166 -13.99 -7.15 -46.79
N TRP B 167 -12.82 -6.81 -47.33
CA TRP B 167 -11.65 -7.68 -47.20
C TRP B 167 -11.14 -7.70 -45.76
N PHE B 168 -11.12 -6.54 -45.10
CA PHE B 168 -10.59 -6.46 -43.74
C PHE B 168 -11.50 -7.18 -42.75
N LYS B 169 -12.81 -7.13 -42.96
CA LYS B 169 -13.77 -7.76 -42.08
C LYS B 169 -14.15 -9.16 -42.55
N ASN B 170 -13.31 -9.80 -43.36
CA ASN B 170 -13.53 -11.18 -43.79
C ASN B 170 -12.94 -12.06 -42.69
N ASN B 171 -13.81 -12.48 -41.76
CA ASN B 171 -13.35 -13.25 -40.61
C ASN B 171 -12.97 -14.67 -40.99
N GLU B 172 -13.77 -15.32 -41.83
CA GLU B 172 -13.61 -16.75 -42.11
C GLU B 172 -12.34 -17.02 -42.91
N SER B 173 -12.07 -16.21 -43.94
CA SER B 173 -10.88 -16.39 -44.76
C SER B 173 -9.61 -16.12 -43.96
N ARG B 174 -9.60 -15.07 -43.15
CA ARG B 174 -8.41 -14.74 -42.37
C ARG B 174 -8.17 -15.79 -41.30
N LEU B 175 -9.24 -16.29 -40.67
CA LEU B 175 -9.10 -17.34 -39.68
C LEU B 175 -8.56 -18.63 -40.30
N ASN B 176 -9.11 -19.03 -41.46
CA ASN B 176 -8.65 -20.24 -42.13
C ASN B 176 -7.19 -20.13 -42.57
N HIS B 177 -6.81 -18.99 -43.16
CA HIS B 177 -5.44 -18.84 -43.64
C HIS B 177 -4.45 -18.69 -42.50
N HIS B 178 -4.81 -17.96 -41.45
CA HIS B 178 -3.88 -17.74 -40.34
C HIS B 178 -3.76 -19.00 -39.47
N LEU B 179 -4.82 -19.80 -39.36
CA LEU B 179 -4.70 -21.06 -38.62
C LEU B 179 -3.97 -22.12 -39.43
N SER B 180 -4.36 -22.33 -40.68
CA SER B 180 -3.74 -23.39 -41.47
C SER B 180 -2.35 -23.00 -41.95
N GLY B 181 -2.15 -21.77 -42.43
CA GLY B 181 -0.87 -21.39 -42.98
C GLY B 181 0.09 -20.72 -42.01
N LEU B 182 -0.40 -19.69 -41.31
CA LEU B 182 0.48 -18.94 -40.41
C LEU B 182 0.83 -19.73 -39.16
N PHE B 183 -0.09 -20.54 -38.65
CA PHE B 183 0.21 -21.39 -37.52
C PHE B 183 0.65 -22.79 -37.96
N GLY B 184 -0.14 -23.44 -38.81
CA GLY B 184 0.09 -24.82 -39.18
C GLY B 184 1.28 -25.04 -40.08
N PHE B 185 1.30 -24.38 -41.24
CA PHE B 185 2.37 -24.62 -42.17
C PHE B 185 3.69 -24.05 -41.67
N SER B 186 3.65 -22.96 -40.88
CA SER B 186 4.88 -22.47 -40.26
C SER B 186 5.45 -23.49 -39.27
N SER B 187 4.58 -24.13 -38.48
CA SER B 187 5.04 -25.15 -37.54
C SER B 187 5.56 -26.38 -38.29
N LEU B 188 4.90 -26.76 -39.38
CA LEU B 188 5.35 -27.88 -40.20
C LEU B 188 6.70 -27.58 -40.85
N ALA B 189 6.88 -26.35 -41.34
CA ALA B 189 8.16 -25.94 -41.91
C ALA B 189 9.24 -25.87 -40.86
N TRP B 190 8.91 -25.46 -39.63
CA TRP B 190 9.91 -25.48 -38.57
C TRP B 190 10.29 -26.90 -38.18
N SER B 191 9.31 -27.82 -38.16
CA SER B 191 9.62 -29.23 -37.99
C SER B 191 10.53 -29.74 -39.10
N ALA B 192 10.31 -29.27 -40.32
CA ALA B 192 11.17 -29.60 -41.44
C ALA B 192 12.58 -29.07 -41.22
N HIS B 193 12.70 -27.85 -40.71
CA HIS B 193 14.03 -27.30 -40.44
C HIS B 193 14.74 -28.09 -39.34
N LEU B 194 14.02 -28.48 -38.29
CA LEU B 194 14.62 -29.28 -37.23
C LEU B 194 15.08 -30.64 -37.73
N ILE B 195 14.25 -31.31 -38.53
CA ILE B 195 14.59 -32.64 -39.04
C ILE B 195 15.71 -32.56 -40.07
N HIS B 196 15.64 -31.57 -40.95
CA HIS B 196 16.54 -31.48 -42.09
C HIS B 196 17.87 -30.84 -41.71
N VAL B 197 17.87 -29.86 -40.79
CA VAL B 197 19.08 -29.10 -40.48
C VAL B 197 19.54 -29.23 -39.03
N ALA B 198 18.64 -28.94 -38.08
CA ALA B 198 19.04 -28.75 -36.68
C ALA B 198 19.53 -30.05 -36.05
N ILE B 199 18.80 -31.14 -36.22
CA ILE B 199 19.18 -32.45 -35.70
C ILE B 199 20.47 -32.98 -36.33
N PRO B 200 20.68 -32.91 -37.67
CA PRO B 200 22.01 -33.30 -38.19
C PRO B 200 23.16 -32.46 -37.66
N GLU B 201 22.96 -31.15 -37.48
CA GLU B 201 24.04 -30.34 -36.91
C GLU B 201 24.25 -30.64 -35.43
N ALA B 202 23.19 -31.06 -34.74
CA ALA B 202 23.33 -31.59 -33.39
C ALA B 202 24.07 -32.92 -33.37
N ARG B 203 24.07 -33.64 -34.48
CA ARG B 203 24.77 -34.92 -34.58
C ARG B 203 26.08 -34.81 -35.34
N GLY B 204 26.67 -33.62 -35.40
CA GLY B 204 27.99 -33.45 -35.98
C GLY B 204 28.06 -33.45 -37.48
N GLN B 205 26.93 -33.36 -38.18
CA GLN B 205 26.89 -33.37 -39.63
C GLN B 205 26.44 -32.00 -40.11
N HIS B 206 27.26 -31.38 -40.98
CA HIS B 206 26.91 -30.07 -41.51
C HIS B 206 25.85 -30.21 -42.59
N VAL B 207 24.76 -29.46 -42.44
CA VAL B 207 23.74 -29.34 -43.48
C VAL B 207 23.54 -27.85 -43.74
N GLY B 208 23.73 -27.45 -44.99
CA GLY B 208 23.50 -26.08 -45.37
C GLY B 208 22.73 -26.02 -46.68
N TRP B 209 22.55 -24.83 -47.24
CA TRP B 209 21.91 -24.72 -48.55
C TRP B 209 22.70 -25.40 -49.65
N ASP B 210 24.02 -25.57 -49.47
CA ASP B 210 24.85 -26.19 -50.49
C ASP B 210 24.71 -27.70 -50.54
N ASN B 211 24.19 -28.34 -49.48
CA ASN B 211 24.11 -29.80 -49.51
C ASN B 211 22.81 -30.38 -48.98
N PHE B 212 21.77 -29.59 -48.71
CA PHE B 212 20.59 -30.15 -48.06
C PHE B 212 19.70 -30.94 -48.99
N THR B 213 19.90 -30.83 -50.31
CA THR B 213 19.14 -31.67 -51.23
C THR B 213 19.80 -33.02 -51.48
N LYS B 214 21.03 -33.22 -51.00
CA LYS B 214 21.70 -34.51 -51.13
C LYS B 214 22.01 -35.19 -49.81
N VAL B 215 21.79 -34.53 -48.68
CA VAL B 215 22.03 -35.13 -47.37
C VAL B 215 20.67 -35.48 -46.79
N ALA B 216 20.33 -36.77 -46.80
CA ALA B 216 19.05 -37.22 -46.29
C ALA B 216 18.98 -37.06 -44.77
N PRO B 217 17.86 -36.58 -44.26
CA PRO B 217 17.69 -36.49 -42.79
C PRO B 217 17.68 -37.83 -42.09
N HIS B 218 17.32 -38.91 -42.80
CA HIS B 218 17.22 -40.23 -42.25
C HIS B 218 17.75 -41.17 -43.30
N PRO B 219 18.46 -42.23 -42.91
CA PRO B 219 19.05 -43.16 -43.91
C PRO B 219 18.02 -43.84 -44.79
N ALA B 220 16.82 -44.09 -44.31
CA ALA B 220 15.79 -44.72 -45.11
C ALA B 220 15.06 -43.75 -46.02
N GLY B 221 15.30 -42.45 -45.88
CA GLY B 221 14.66 -41.47 -46.73
C GLY B 221 13.18 -41.29 -46.40
N LEU B 222 12.44 -40.77 -47.38
CA LEU B 222 11.01 -40.58 -47.22
C LEU B 222 10.21 -41.84 -47.50
N GLN B 223 10.89 -42.95 -47.80
CA GLN B 223 10.19 -44.20 -48.04
C GLN B 223 9.39 -44.71 -46.84
N PRO B 224 9.86 -44.67 -45.59
CA PRO B 224 8.93 -45.00 -44.48
C PRO B 224 7.75 -44.05 -44.33
N PHE B 225 7.90 -42.77 -44.71
CA PHE B 225 6.77 -41.86 -44.63
C PHE B 225 5.73 -42.19 -45.68
N PHE B 226 6.15 -42.41 -46.92
CA PHE B 226 5.22 -42.77 -47.97
C PHE B 226 4.73 -44.20 -47.87
N SER B 227 5.41 -45.05 -47.11
CA SER B 227 5.02 -46.44 -46.92
CA SER B 227 5.02 -46.44 -46.92
C SER B 227 4.03 -46.64 -45.78
N GLY B 228 3.86 -45.65 -44.91
CA GLY B 228 3.07 -45.79 -43.73
C GLY B 228 3.79 -46.47 -42.58
N ASN B 229 5.06 -46.80 -42.74
CA ASN B 229 5.88 -47.36 -41.66
C ASN B 229 6.59 -46.22 -40.92
N TRP B 230 5.78 -45.38 -40.26
CA TRP B 230 6.28 -44.14 -39.70
C TRP B 230 7.16 -44.38 -38.48
N GLY B 231 6.96 -45.49 -37.77
CA GLY B 231 7.71 -45.79 -36.56
C GLY B 231 9.19 -46.06 -36.79
N VAL B 232 9.58 -46.31 -38.04
CA VAL B 232 10.99 -46.40 -38.41
C VAL B 232 11.71 -45.08 -38.10
N TYR B 233 11.00 -43.96 -38.20
CA TYR B 233 11.60 -42.68 -37.84
C TYR B 233 11.83 -42.53 -36.33
N ALA B 234 11.25 -43.40 -35.51
CA ALA B 234 11.47 -43.36 -34.07
C ALA B 234 12.59 -44.29 -33.61
N ALA B 235 13.10 -45.14 -34.48
CA ALA B 235 14.09 -46.13 -34.07
C ALA B 235 15.48 -45.51 -34.00
N ALA B 236 16.31 -46.08 -33.11
CA ALA B 236 17.67 -45.66 -32.80
C ALA B 236 17.77 -44.20 -32.40
N PRO B 237 17.21 -43.79 -31.25
CA PRO B 237 17.32 -42.40 -30.82
C PRO B 237 18.72 -42.11 -30.29
N ASP B 238 18.95 -40.86 -29.92
CA ASP B 238 20.24 -40.45 -29.38
C ASP B 238 20.51 -41.15 -28.06
N THR B 239 21.71 -41.68 -27.94
CA THR B 239 22.14 -42.38 -26.73
C THR B 239 22.35 -41.36 -25.61
N THR B 240 22.20 -41.80 -24.36
CA THR B 240 22.53 -40.96 -23.20
C THR B 240 24.00 -40.57 -23.12
N ASN B 241 24.86 -41.13 -23.97
CA ASN B 241 26.26 -40.73 -24.06
C ASN B 241 26.50 -39.74 -25.19
N HIS B 242 25.45 -39.20 -25.81
CA HIS B 242 25.62 -38.30 -26.94
C HIS B 242 26.21 -36.98 -26.49
N ILE B 243 27.27 -36.57 -27.17
CA ILE B 243 27.87 -35.25 -26.99
C ILE B 243 27.31 -34.33 -28.06
N PHE B 244 26.62 -33.28 -27.63
CA PHE B 244 25.86 -32.42 -28.53
C PHE B 244 26.77 -31.70 -29.52
N GLY B 245 26.33 -31.66 -30.77
CA GLY B 245 27.12 -31.10 -31.86
C GLY B 245 28.16 -32.03 -32.43
N THR B 246 28.25 -33.26 -31.95
CA THR B 246 29.17 -34.27 -32.48
C THR B 246 28.41 -35.54 -32.79
N SER B 247 29.06 -36.42 -33.55
CA SER B 247 28.47 -37.71 -33.89
C SER B 247 28.67 -38.76 -32.82
N GLU B 248 29.45 -38.46 -31.78
CA GLU B 248 29.74 -39.42 -30.73
C GLU B 248 28.49 -39.68 -29.90
N GLY B 249 27.97 -40.91 -29.99
CA GLY B 249 26.75 -41.28 -29.31
C GLY B 249 25.48 -40.81 -30.00
N ALA B 250 25.58 -40.34 -31.23
CA ALA B 250 24.41 -39.83 -31.94
C ALA B 250 23.53 -40.97 -32.43
N GLY B 251 22.23 -40.69 -32.50
CA GLY B 251 21.27 -41.62 -33.06
C GLY B 251 20.95 -41.29 -34.51
N THR B 252 19.96 -42.01 -35.05
CA THR B 252 19.47 -41.76 -36.39
C THR B 252 18.00 -41.38 -36.44
N ALA B 253 17.30 -41.40 -35.31
CA ALA B 253 15.88 -41.07 -35.27
C ALA B 253 15.65 -39.59 -35.54
N ILE B 254 14.51 -39.28 -36.14
CA ILE B 254 14.13 -37.90 -36.39
C ILE B 254 12.84 -37.51 -35.68
N LEU B 255 12.02 -38.46 -35.24
CA LEU B 255 10.73 -38.18 -34.60
C LEU B 255 10.54 -39.16 -33.46
N THR B 256 10.67 -38.69 -32.22
CA THR B 256 10.54 -39.55 -31.04
C THR B 256 9.54 -38.93 -30.08
N PHE B 257 9.21 -39.67 -29.02
CA PHE B 257 8.37 -39.14 -27.96
C PHE B 257 9.06 -39.51 -26.65
N LEU B 258 10.38 -39.30 -26.58
CA LEU B 258 11.18 -39.84 -25.47
C LEU B 258 10.80 -39.22 -24.13
N GLY B 259 10.53 -37.93 -24.09
CA GLY B 259 10.22 -37.26 -22.85
C GLY B 259 11.47 -36.96 -22.04
N GLY B 260 11.34 -35.98 -21.16
CA GLY B 260 12.47 -35.64 -20.32
C GLY B 260 13.51 -34.81 -21.05
N PHE B 261 14.75 -34.90 -20.57
CA PHE B 261 15.83 -34.07 -21.06
C PHE B 261 16.96 -34.91 -21.63
N HIS B 262 17.67 -34.32 -22.58
CA HIS B 262 18.98 -34.80 -22.97
C HIS B 262 19.90 -34.75 -21.75
N PRO B 263 20.56 -35.85 -21.39
CA PRO B 263 21.31 -35.87 -20.12
C PRO B 263 22.53 -34.95 -20.09
N GLN B 264 23.05 -34.51 -21.23
CA GLN B 264 24.18 -33.60 -21.26
CA GLN B 264 24.18 -33.60 -21.27
C GLN B 264 23.76 -32.15 -21.41
N THR B 265 22.88 -31.85 -22.37
CA THR B 265 22.44 -30.48 -22.59
C THR B 265 21.46 -30.00 -21.54
N GLN B 266 20.84 -30.92 -20.79
CA GLN B 266 19.75 -30.65 -19.84
C GLN B 266 18.59 -29.93 -20.50
N ALA B 267 18.34 -30.22 -21.78
CA ALA B 267 17.26 -29.63 -22.55
C ALA B 267 16.47 -30.76 -23.20
N LEU B 268 15.30 -30.40 -23.71
CA LEU B 268 14.42 -31.36 -24.38
C LEU B 268 15.09 -31.92 -25.63
N TRP B 269 14.78 -33.19 -25.92
CA TRP B 269 15.30 -33.86 -27.11
C TRP B 269 14.80 -33.16 -28.36
N LEU B 270 15.72 -32.96 -29.32
CA LEU B 270 15.38 -32.25 -30.55
C LEU B 270 14.40 -33.06 -31.41
N THR B 271 14.48 -34.39 -31.34
CA THR B 271 13.52 -35.24 -32.05
C THR B 271 12.12 -35.10 -31.47
N ASP B 272 12.03 -34.96 -30.14
CA ASP B 272 10.74 -34.67 -29.50
C ASP B 272 10.19 -33.33 -29.96
N ILE B 273 11.06 -32.33 -30.12
CA ILE B 273 10.62 -31.01 -30.57
C ILE B 273 10.16 -31.08 -32.02
N ALA B 274 10.86 -31.87 -32.85
CA ALA B 274 10.46 -32.02 -34.24
C ALA B 274 9.10 -32.71 -34.39
N HIS B 275 8.87 -33.80 -33.65
CA HIS B 275 7.54 -34.45 -33.68
C HIS B 275 6.48 -33.52 -33.11
N HIS B 276 6.82 -32.75 -32.08
CA HIS B 276 5.88 -31.77 -31.52
C HIS B 276 5.44 -30.76 -32.56
N HIS B 277 6.40 -30.15 -33.27
CA HIS B 277 6.02 -29.11 -34.22
C HIS B 277 5.35 -29.71 -35.45
N LEU B 278 5.68 -30.95 -35.81
CA LEU B 278 4.97 -31.65 -36.88
C LEU B 278 3.51 -31.92 -36.49
N ALA B 279 3.29 -32.42 -35.27
CA ALA B 279 1.94 -32.68 -34.81
C ALA B 279 1.13 -31.40 -34.66
N ILE B 280 1.77 -30.33 -34.19
CA ILE B 280 1.11 -29.04 -34.06
C ILE B 280 0.73 -28.51 -35.42
N GLY B 281 1.60 -28.69 -36.42
CA GLY B 281 1.28 -28.28 -37.77
C GLY B 281 0.10 -29.02 -38.36
N VAL B 282 0.06 -30.35 -38.17
CA VAL B 282 -1.07 -31.15 -38.68
C VAL B 282 -2.38 -30.74 -38.02
N VAL B 283 -2.36 -30.57 -36.69
CA VAL B 283 -3.56 -30.19 -35.93
C VAL B 283 -4.04 -28.82 -36.36
N PHE B 284 -3.13 -27.88 -36.58
CA PHE B 284 -3.52 -26.54 -36.95
C PHE B 284 -4.00 -26.45 -38.39
N ILE B 285 -3.42 -27.23 -39.31
CA ILE B 285 -3.94 -27.26 -40.68
C ILE B 285 -5.35 -27.84 -40.70
N PHE B 286 -5.62 -28.86 -39.88
CA PHE B 286 -6.98 -29.37 -39.72
C PHE B 286 -7.93 -28.33 -39.12
N ALA B 287 -7.43 -27.53 -38.17
CA ALA B 287 -8.20 -26.41 -37.63
C ALA B 287 -8.46 -25.33 -38.68
N GLY B 288 -7.55 -25.14 -39.62
CA GLY B 288 -7.67 -24.11 -40.62
C GLY B 288 -8.51 -24.43 -41.83
N HIS B 289 -9.25 -25.54 -41.81
CA HIS B 289 -10.20 -25.88 -42.85
C HIS B 289 -11.63 -25.84 -42.33
N MET B 290 -11.85 -25.11 -41.25
CA MET B 290 -13.10 -25.15 -40.51
C MET B 290 -14.14 -24.16 -41.00
N TYR B 291 -13.73 -23.01 -41.48
CA TYR B 291 -14.66 -21.95 -41.85
C TYR B 291 -14.87 -21.90 -43.35
N ARG B 292 -16.08 -21.50 -43.74
CA ARG B 292 -16.45 -21.45 -45.15
C ARG B 292 -15.90 -20.20 -45.79
N THR B 293 -15.13 -20.35 -46.86
CA THR B 293 -14.65 -19.17 -47.57
C THR B 293 -15.22 -19.02 -48.97
N ASN B 294 -15.05 -20.04 -49.83
CA ASN B 294 -15.58 -19.94 -51.19
C ASN B 294 -16.28 -21.18 -51.71
N TRP B 295 -16.33 -22.28 -50.96
CA TRP B 295 -16.71 -23.54 -51.59
C TRP B 295 -17.78 -24.30 -50.82
N GLY B 296 -18.66 -23.59 -50.12
CA GLY B 296 -19.83 -24.23 -49.56
C GLY B 296 -19.61 -24.98 -48.27
N ILE B 297 -18.52 -25.75 -48.19
CA ILE B 297 -18.16 -26.44 -46.95
C ILE B 297 -17.55 -25.46 -45.98
N GLY B 298 -17.65 -25.78 -44.71
CA GLY B 298 -17.10 -24.96 -43.65
C GLY B 298 -18.18 -24.31 -42.81
N HIS B 299 -17.75 -23.77 -41.68
CA HIS B 299 -18.66 -23.21 -40.71
C HIS B 299 -18.79 -21.70 -40.91
N SER B 300 -19.96 -21.17 -40.57
CA SER B 300 -20.19 -19.74 -40.51
C SER B 300 -20.07 -19.27 -39.06
N LEU B 301 -19.24 -18.26 -38.82
CA LEU B 301 -18.99 -17.78 -37.46
C LEU B 301 -20.23 -17.13 -36.85
N LYS B 302 -21.00 -16.42 -37.66
CA LYS B 302 -22.22 -15.78 -37.19
C LYS B 302 -23.25 -16.82 -36.76
N GLU B 303 -23.39 -17.90 -37.53
CA GLU B 303 -24.34 -18.96 -37.18
C GLU B 303 -23.93 -19.68 -35.90
N ILE B 304 -22.63 -19.93 -35.72
CA ILE B 304 -22.14 -20.56 -34.49
C ILE B 304 -22.42 -19.67 -33.29
N LEU B 305 -22.17 -18.36 -33.43
CA LEU B 305 -22.41 -17.45 -32.31
C LEU B 305 -23.89 -17.34 -31.98
N ASP B 306 -24.73 -17.18 -33.01
CA ASP B 306 -26.16 -17.01 -32.76
C ASP B 306 -26.82 -18.29 -32.23
N ALA B 307 -26.32 -19.46 -32.64
CA ALA B 307 -26.95 -20.70 -32.20
C ALA B 307 -26.61 -21.11 -30.77
N HIS B 308 -25.50 -20.62 -30.20
CA HIS B 308 -25.10 -21.10 -28.88
C HIS B 308 -25.70 -20.19 -27.80
N ARG B 309 -27.03 -20.29 -27.69
CA ARG B 309 -27.79 -19.75 -26.58
C ARG B 309 -28.33 -20.89 -25.75
N PRO B 310 -27.94 -21.04 -24.49
CA PRO B 310 -28.47 -22.12 -23.64
C PRO B 310 -29.96 -21.98 -23.44
N PRO B 311 -30.73 -23.06 -23.64
CA PRO B 311 -32.19 -22.96 -23.65
C PRO B 311 -32.81 -22.71 -22.29
N GLY B 312 -32.05 -22.85 -21.20
CA GLY B 312 -32.55 -22.48 -19.89
C GLY B 312 -32.65 -20.98 -19.66
N GLY B 313 -32.08 -20.17 -20.56
CA GLY B 313 -32.22 -18.74 -20.50
C GLY B 313 -31.36 -18.05 -19.47
N ARG B 314 -30.38 -18.73 -18.89
CA ARG B 314 -29.54 -18.10 -17.88
C ARG B 314 -28.58 -17.09 -18.47
N LEU B 315 -28.20 -17.27 -19.74
CA LEU B 315 -27.36 -16.29 -20.43
C LEU B 315 -28.18 -15.30 -21.25
N GLY B 316 -29.51 -15.28 -21.09
CA GLY B 316 -30.33 -14.34 -21.81
C GLY B 316 -30.45 -14.68 -23.28
N ALA B 317 -30.07 -13.73 -24.14
CA ALA B 317 -30.04 -13.98 -25.58
C ALA B 317 -28.79 -14.72 -26.03
N GLY B 318 -27.90 -15.07 -25.12
CA GLY B 318 -26.72 -15.85 -25.47
C GLY B 318 -25.69 -14.97 -26.14
N HIS B 319 -25.17 -15.43 -27.28
CA HIS B 319 -24.10 -14.74 -27.98
C HIS B 319 -24.62 -14.06 -29.24
N LYS B 320 -25.85 -13.56 -29.19
CA LYS B 320 -26.51 -12.93 -30.33
C LYS B 320 -26.10 -11.46 -30.42
N GLY B 321 -25.54 -11.07 -31.56
CA GLY B 321 -25.02 -9.74 -31.74
C GLY B 321 -23.54 -9.61 -31.44
N ILE B 322 -22.93 -10.65 -30.86
CA ILE B 322 -21.50 -10.63 -30.56
C ILE B 322 -20.68 -10.62 -31.83
N PHE B 323 -21.20 -11.21 -32.92
CA PHE B 323 -20.48 -11.26 -34.20
C PHE B 323 -20.22 -9.86 -34.74
N GLU B 324 -21.28 -9.05 -34.86
CA GLU B 324 -21.12 -7.69 -35.36
C GLU B 324 -20.37 -6.81 -34.39
N THR B 325 -20.60 -6.99 -33.08
CA THR B 325 -19.92 -6.20 -32.06
C THR B 325 -18.41 -6.43 -32.08
N LEU B 326 -18.00 -7.68 -32.27
CA LEU B 326 -16.57 -7.99 -32.34
C LEU B 326 -15.96 -7.58 -33.68
N THR B 327 -16.66 -7.82 -34.79
CA THR B 327 -16.09 -7.46 -36.08
C THR B 327 -15.98 -5.95 -36.27
N ASN B 328 -16.96 -5.20 -35.74
CA ASN B 328 -16.96 -3.76 -35.93
C ASN B 328 -16.03 -3.03 -34.98
N SER B 329 -15.60 -3.67 -33.89
CA SER B 329 -14.77 -3.03 -32.89
C SER B 329 -13.36 -3.58 -32.97
N LEU B 330 -12.41 -2.72 -33.31
CA LEU B 330 -11.01 -3.11 -33.26
C LEU B 330 -10.49 -3.17 -31.84
N HIS B 331 -11.15 -2.48 -30.90
CA HIS B 331 -10.73 -2.53 -29.52
C HIS B 331 -11.13 -3.82 -28.83
N PHE B 332 -12.29 -4.38 -29.18
CA PHE B 332 -12.66 -5.73 -28.74
C PHE B 332 -11.63 -6.75 -29.22
N GLN B 333 -11.26 -6.66 -30.50
CA GLN B 333 -10.27 -7.56 -31.08
C GLN B 333 -8.92 -7.41 -30.42
N LEU B 334 -8.52 -6.17 -30.16
CA LEU B 334 -7.24 -5.89 -29.52
C LEU B 334 -7.23 -6.39 -28.09
N GLY B 335 -8.34 -6.24 -27.37
CA GLY B 335 -8.41 -6.77 -26.01
C GLY B 335 -8.32 -8.28 -25.96
N LEU B 336 -9.03 -8.97 -26.87
CA LEU B 336 -8.94 -10.43 -26.94
C LEU B 336 -7.53 -10.89 -27.30
N ALA B 337 -6.91 -10.23 -28.29
CA ALA B 337 -5.57 -10.60 -28.72
C ALA B 337 -4.53 -10.34 -27.63
N LEU B 338 -4.63 -9.21 -26.93
CA LEU B 338 -3.68 -8.90 -25.88
C LEU B 338 -3.85 -9.83 -24.68
N ALA B 339 -5.09 -10.19 -24.35
CA ALA B 339 -5.32 -11.13 -23.25
C ALA B 339 -4.74 -12.50 -23.56
N SER B 340 -5.01 -13.01 -24.75
CA SER B 340 -4.49 -14.32 -25.14
C SER B 340 -2.97 -14.31 -25.23
N LEU B 341 -2.38 -13.24 -25.79
CA LEU B 341 -0.93 -13.12 -25.84
C LEU B 341 -0.32 -13.04 -24.45
N GLY B 342 -0.95 -12.29 -23.53
CA GLY B 342 -0.40 -12.19 -22.19
C GLY B 342 -0.42 -13.51 -21.44
N VAL B 343 -1.51 -14.27 -21.59
CA VAL B 343 -1.59 -15.63 -21.02
C VAL B 343 -0.48 -16.50 -21.61
N ILE B 344 -0.28 -16.44 -22.91
CA ILE B 344 0.69 -17.32 -23.53
C ILE B 344 2.14 -16.89 -23.27
N THR B 345 2.44 -15.61 -23.09
CA THR B 345 3.81 -15.27 -22.70
C THR B 345 4.08 -15.56 -21.22
N SER B 346 3.05 -15.50 -20.36
CA SER B 346 3.21 -16.09 -19.03
C SER B 346 3.49 -17.59 -19.12
N LEU B 347 2.77 -18.28 -20.00
CA LEU B 347 2.98 -19.71 -20.20
C LEU B 347 4.38 -19.99 -20.72
N VAL B 348 4.87 -19.14 -21.61
CA VAL B 348 6.23 -19.24 -22.12
C VAL B 348 7.23 -19.11 -20.97
N ALA B 349 7.02 -18.11 -20.12
CA ALA B 349 7.93 -17.90 -18.99
C ALA B 349 7.95 -19.10 -18.03
N GLN B 350 6.79 -19.68 -17.71
CA GLN B 350 6.77 -20.82 -16.80
C GLN B 350 7.34 -22.09 -17.45
N HIS B 351 6.92 -22.37 -18.67
CA HIS B 351 7.27 -23.64 -19.28
C HIS B 351 8.71 -23.65 -19.77
N MET B 352 9.27 -22.48 -20.15
CA MET B 352 10.66 -22.45 -20.58
C MET B 352 11.66 -22.57 -19.44
N TYR B 353 11.39 -22.10 -18.23
CA TYR B 353 12.32 -22.43 -17.16
C TYR B 353 12.13 -23.87 -16.75
N ALA B 354 10.87 -24.33 -16.72
CA ALA B 354 10.61 -25.68 -16.24
C ALA B 354 11.06 -26.74 -17.23
N LEU B 355 10.87 -26.49 -18.53
CA LEU B 355 11.25 -27.43 -19.58
C LEU B 355 12.04 -26.67 -20.64
N PRO B 356 13.33 -26.42 -20.38
CA PRO B 356 14.15 -25.70 -21.36
C PRO B 356 14.38 -26.52 -22.63
N SER B 357 14.43 -25.82 -23.76
CA SER B 357 14.61 -26.47 -25.05
C SER B 357 15.96 -26.18 -25.69
N TYR B 358 16.72 -25.24 -25.15
CA TYR B 358 18.00 -24.85 -25.73
C TYR B 358 19.13 -25.50 -24.96
N ALA B 359 20.11 -26.01 -25.70
CA ALA B 359 21.22 -26.74 -25.09
C ALA B 359 22.03 -25.83 -24.18
N PHE B 360 22.30 -26.33 -22.97
CA PHE B 360 23.18 -25.73 -21.96
C PHE B 360 22.66 -24.42 -21.39
N ILE B 361 21.39 -24.08 -21.63
CA ILE B 361 20.87 -22.82 -21.12
C ILE B 361 20.38 -22.97 -19.68
N ALA B 362 20.12 -24.18 -19.22
CA ALA B 362 19.74 -24.40 -17.82
C ALA B 362 20.90 -24.14 -16.87
N LYS B 363 22.14 -24.18 -17.35
CA LYS B 363 23.30 -23.83 -16.54
C LYS B 363 23.67 -22.36 -16.64
N ASP B 364 23.02 -21.59 -17.51
CA ASP B 364 23.24 -20.15 -17.60
C ASP B 364 22.20 -19.50 -16.70
N TYR B 365 22.59 -19.25 -15.45
CA TYR B 365 21.65 -18.80 -14.44
C TYR B 365 21.19 -17.37 -14.68
N VAL B 366 22.13 -16.51 -15.12
CA VAL B 366 21.80 -15.12 -15.45
C VAL B 366 20.81 -15.06 -16.59
N THR B 367 21.03 -15.90 -17.62
CA THR B 367 20.15 -15.94 -18.78
C THR B 367 18.76 -16.42 -18.40
N GLN B 368 18.66 -17.47 -17.57
CA GLN B 368 17.35 -17.97 -17.15
C GLN B 368 16.59 -16.93 -16.34
N SER B 369 17.29 -16.25 -15.42
CA SER B 369 16.66 -15.20 -14.62
C SER B 369 16.16 -14.05 -15.49
N ALA B 370 17.00 -13.61 -16.43
CA ALA B 370 16.64 -12.51 -17.31
C ALA B 370 15.47 -12.87 -18.21
N LEU B 371 15.47 -14.08 -18.77
CA LEU B 371 14.39 -14.51 -19.66
C LEU B 371 13.06 -14.62 -18.94
N TYR B 372 13.06 -15.22 -17.74
CA TYR B 372 11.83 -15.34 -16.97
C TYR B 372 11.28 -13.96 -16.59
N THR B 373 12.14 -13.11 -16.05
CA THR B 373 11.73 -11.77 -15.65
C THR B 373 11.20 -10.96 -16.82
N HIS B 374 11.91 -11.04 -17.96
CA HIS B 374 11.53 -10.30 -19.15
C HIS B 374 10.15 -10.69 -19.65
N HIS B 375 9.93 -11.99 -19.87
CA HIS B 375 8.66 -12.38 -20.46
C HIS B 375 7.51 -12.24 -19.45
N GLN B 376 7.77 -12.35 -18.14
CA GLN B 376 6.69 -12.09 -17.18
C GLN B 376 6.30 -10.62 -17.11
N TYR B 377 7.28 -9.71 -17.21
CA TYR B 377 6.92 -8.28 -17.25
C TYR B 377 6.18 -7.93 -18.54
N ILE B 378 6.57 -8.55 -19.65
CA ILE B 378 5.83 -8.41 -20.91
C ILE B 378 4.40 -8.89 -20.72
N ALA B 379 4.22 -10.00 -20.01
CA ALA B 379 2.89 -10.55 -19.75
C ALA B 379 2.01 -9.60 -18.95
N GLY B 380 2.57 -9.02 -17.90
CA GLY B 380 1.81 -8.04 -17.12
C GLY B 380 1.38 -6.84 -17.94
N PHE B 381 2.30 -6.33 -18.78
CA PHE B 381 1.97 -5.22 -19.67
C PHE B 381 0.85 -5.59 -20.64
N LEU B 382 0.91 -6.79 -21.22
CA LEU B 382 -0.08 -7.23 -22.19
C LEU B 382 -1.45 -7.40 -21.56
N MET B 383 -1.52 -7.94 -20.34
CA MET B 383 -2.82 -8.13 -19.69
C MET B 383 -3.46 -6.80 -19.30
N VAL B 384 -2.64 -5.86 -18.79
CA VAL B 384 -3.14 -4.52 -18.51
C VAL B 384 -3.66 -3.86 -19.78
N GLY B 385 -2.94 -4.05 -20.89
CA GLY B 385 -3.40 -3.51 -22.16
C GLY B 385 -4.69 -4.12 -22.66
N ALA B 386 -4.87 -5.43 -22.43
CA ALA B 386 -6.11 -6.09 -22.82
C ALA B 386 -7.30 -5.48 -22.10
N PHE B 387 -7.19 -5.32 -20.78
CA PHE B 387 -8.30 -4.72 -20.04
C PHE B 387 -8.50 -3.24 -20.39
N ALA B 388 -7.39 -2.51 -20.65
CA ALA B 388 -7.51 -1.10 -21.01
C ALA B 388 -8.22 -0.92 -22.35
N HIS B 389 -7.88 -1.72 -23.34
CA HIS B 389 -8.53 -1.60 -24.64
C HIS B 389 -9.94 -2.18 -24.62
N GLY B 390 -10.24 -3.10 -23.70
CA GLY B 390 -11.63 -3.47 -23.45
C GLY B 390 -12.46 -2.33 -22.89
N ALA B 391 -11.88 -1.55 -21.97
CA ALA B 391 -12.54 -0.35 -21.46
C ALA B 391 -12.76 0.66 -22.59
N ILE B 392 -11.77 0.80 -23.46
CA ILE B 392 -11.91 1.68 -24.63
C ILE B 392 -13.03 1.18 -25.55
N PHE B 393 -13.18 -0.14 -25.67
CA PHE B 393 -14.30 -0.68 -26.45
C PHE B 393 -15.64 -0.31 -25.83
N PHE B 394 -15.74 -0.39 -24.49
CA PHE B 394 -17.00 -0.02 -23.84
C PHE B 394 -17.32 1.46 -24.02
N VAL B 395 -16.31 2.32 -24.00
CA VAL B 395 -16.56 3.75 -24.21
C VAL B 395 -16.94 4.03 -25.66
N ARG B 396 -16.14 3.54 -26.61
CA ARG B 396 -16.21 4.01 -27.98
C ARG B 396 -17.08 3.16 -28.89
N ASP B 397 -17.07 1.83 -28.72
CA ASP B 397 -17.64 0.93 -29.70
C ASP B 397 -18.85 0.14 -29.23
N TYR B 398 -19.16 0.14 -27.94
CA TYR B 398 -20.28 -0.65 -27.43
C TYR B 398 -21.60 0.04 -27.75
N ASP B 399 -22.41 -0.61 -28.59
CA ASP B 399 -23.76 -0.13 -28.87
C ASP B 399 -24.74 -0.99 -28.07
N PRO B 400 -25.40 -0.44 -27.05
CA PRO B 400 -26.36 -1.25 -26.26
C PRO B 400 -27.54 -1.77 -27.07
N GLU B 401 -28.07 -0.96 -27.98
CA GLU B 401 -29.24 -1.35 -28.77
C GLU B 401 -28.93 -2.51 -29.71
N GLN B 402 -27.68 -2.62 -30.15
CA GLN B 402 -27.24 -3.76 -30.95
C GLN B 402 -26.91 -4.98 -30.10
N ASN B 403 -26.92 -4.85 -28.78
CA ASN B 403 -26.51 -5.92 -27.88
C ASN B 403 -27.59 -6.20 -26.84
N LYS B 404 -28.85 -6.24 -27.25
CA LYS B 404 -29.96 -6.39 -26.31
C LYS B 404 -29.97 -7.77 -25.68
N ASN B 405 -29.93 -7.79 -24.33
CA ASN B 405 -29.94 -9.00 -23.50
C ASN B 405 -28.80 -9.96 -23.86
N ASN B 406 -27.70 -9.40 -24.35
CA ASN B 406 -26.54 -10.14 -24.81
C ASN B 406 -25.74 -10.60 -23.58
N VAL B 407 -24.67 -11.36 -23.80
CA VAL B 407 -23.75 -11.64 -22.70
C VAL B 407 -23.04 -10.37 -22.24
N LEU B 408 -22.68 -9.47 -23.17
CA LEU B 408 -22.06 -8.20 -22.81
C LEU B 408 -23.00 -7.33 -22.00
N ALA B 409 -24.28 -7.27 -22.41
CA ALA B 409 -25.28 -6.49 -21.71
C ALA B 409 -25.51 -7.02 -20.31
N ARG B 410 -25.49 -8.35 -20.15
CA ARG B 410 -25.67 -8.94 -18.83
C ARG B 410 -24.44 -8.81 -17.94
N ILE B 411 -23.23 -8.73 -18.51
CA ILE B 411 -22.07 -8.28 -17.74
C ILE B 411 -22.31 -6.88 -17.22
N LEU B 412 -22.79 -5.99 -18.08
CA LEU B 412 -23.06 -4.62 -17.64
C LEU B 412 -24.18 -4.58 -16.61
N ASP B 413 -25.14 -5.49 -16.71
CA ASP B 413 -26.26 -5.52 -15.78
C ASP B 413 -25.93 -6.16 -14.43
N HIS B 414 -24.86 -6.96 -14.32
CA HIS B 414 -24.45 -7.42 -12.98
C HIS B 414 -23.01 -7.04 -12.65
N LYS B 415 -22.54 -5.94 -13.26
CA LYS B 415 -21.26 -5.33 -12.90
C LYS B 415 -21.10 -5.01 -11.42
N GLU B 416 -22.18 -4.60 -10.73
CA GLU B 416 -22.05 -4.30 -9.31
C GLU B 416 -21.76 -5.56 -8.51
N ALA B 417 -22.42 -6.67 -8.85
CA ALA B 417 -22.12 -7.95 -8.22
C ALA B 417 -20.70 -8.40 -8.53
N ILE B 418 -20.26 -8.21 -9.78
CA ILE B 418 -18.91 -8.62 -10.18
C ILE B 418 -17.84 -7.84 -9.41
N ILE B 419 -18.02 -6.52 -9.35
CA ILE B 419 -17.03 -5.67 -8.69
C ILE B 419 -17.05 -5.88 -7.18
N SER B 420 -18.24 -6.06 -6.60
CA SER B 420 -18.32 -6.30 -5.15
C SER B 420 -17.73 -7.63 -4.76
N HIS B 421 -17.93 -8.69 -5.55
CA HIS B 421 -17.34 -9.98 -5.21
C HIS B 421 -15.83 -9.97 -5.45
N LEU B 422 -15.34 -9.25 -6.46
CA LEU B 422 -13.89 -9.06 -6.61
C LEU B 422 -13.30 -8.30 -5.44
N SER B 423 -14.00 -7.26 -4.96
CA SER B 423 -13.57 -6.52 -3.79
C SER B 423 -13.52 -7.42 -2.56
N TRP B 424 -14.54 -8.27 -2.39
CA TRP B 424 -14.56 -9.20 -1.26
C TRP B 424 -13.40 -10.18 -1.31
N VAL B 425 -13.15 -10.77 -2.50
CA VAL B 425 -12.10 -11.78 -2.56
C VAL B 425 -10.72 -11.15 -2.41
N SER B 426 -10.54 -9.91 -2.90
CA SER B 426 -9.29 -9.20 -2.68
C SER B 426 -9.08 -8.89 -1.19
N LEU B 427 -10.12 -8.40 -0.51
CA LEU B 427 -9.96 -8.09 0.90
C LEU B 427 -9.75 -9.36 1.74
N PHE B 428 -10.45 -10.44 1.39
CA PHE B 428 -10.27 -11.75 2.01
C PHE B 428 -8.83 -12.22 1.93
N LEU B 429 -8.29 -12.29 0.70
CA LEU B 429 -6.93 -12.73 0.47
C LEU B 429 -5.93 -11.83 1.16
N GLY B 430 -6.12 -10.51 1.08
CA GLY B 430 -5.13 -9.59 1.63
C GLY B 430 -5.10 -9.59 3.14
N PHE B 431 -6.27 -9.52 3.77
CA PHE B 431 -6.40 -9.62 5.22
C PHE B 431 -5.71 -10.87 5.74
N HIS B 432 -6.04 -12.03 5.19
CA HIS B 432 -5.50 -13.21 5.84
C HIS B 432 -4.06 -13.53 5.41
N THR B 433 -3.66 -13.22 4.16
CA THR B 433 -2.28 -13.45 3.75
C THR B 433 -1.32 -12.52 4.49
N LEU B 434 -1.65 -11.22 4.56
CA LEU B 434 -0.83 -10.30 5.31
C LEU B 434 -0.85 -10.63 6.80
N GLY B 435 -1.98 -11.12 7.31
CA GLY B 435 -2.04 -11.51 8.71
C GLY B 435 -1.15 -12.69 9.03
N ILE B 436 -1.11 -13.69 8.15
CA ILE B 436 -0.20 -14.83 8.36
C ILE B 436 1.26 -14.39 8.29
N TYR B 437 1.61 -13.54 7.31
CA TYR B 437 2.98 -13.05 7.22
C TYR B 437 3.40 -12.24 8.44
N VAL B 438 2.54 -11.33 8.90
CA VAL B 438 2.87 -10.50 10.06
C VAL B 438 2.90 -11.35 11.33
N HIS B 439 2.00 -12.33 11.43
CA HIS B 439 2.00 -13.29 12.54
C HIS B 439 3.32 -14.03 12.61
N ASN B 440 3.80 -14.53 11.46
CA ASN B 440 5.08 -15.23 11.41
C ASN B 440 6.24 -14.30 11.74
N ASP B 441 6.18 -13.04 11.27
CA ASP B 441 7.23 -12.06 11.56
C ASP B 441 7.34 -11.78 13.05
N VAL B 442 6.19 -11.55 13.70
CA VAL B 442 6.18 -11.24 15.12
C VAL B 442 6.63 -12.44 15.93
N VAL B 443 6.18 -13.64 15.56
CA VAL B 443 6.48 -14.78 16.41
C VAL B 443 7.93 -15.26 16.20
N VAL B 444 8.53 -14.98 15.03
CA VAL B 444 9.94 -15.30 14.84
C VAL B 444 10.81 -14.24 15.50
N ALA B 445 10.38 -12.97 15.47
CA ALA B 445 11.12 -11.92 16.16
C ALA B 445 11.16 -12.15 17.66
N PHE B 446 10.10 -12.69 18.24
CA PHE B 446 10.07 -13.00 19.66
C PHE B 446 10.74 -14.33 20.00
N GLY B 447 11.52 -14.91 19.08
CA GLY B 447 12.33 -16.06 19.37
C GLY B 447 11.63 -17.40 19.38
N THR B 448 10.43 -17.48 18.83
CA THR B 448 9.65 -18.72 18.82
C THR B 448 9.18 -19.04 17.40
N PRO B 449 10.06 -19.48 16.52
CA PRO B 449 9.64 -19.82 15.15
C PRO B 449 8.77 -21.06 15.06
N GLU B 450 8.75 -21.91 16.10
CA GLU B 450 7.92 -23.11 16.11
C GLU B 450 6.43 -22.80 16.22
N LYS B 451 6.07 -21.58 16.60
CA LYS B 451 4.68 -21.16 16.69
C LYS B 451 4.15 -20.59 15.38
N GLN B 452 4.93 -20.64 14.31
CA GLN B 452 4.53 -20.08 13.03
C GLN B 452 3.38 -20.88 12.42
N ILE B 453 2.58 -20.20 11.60
CA ILE B 453 1.49 -20.84 10.88
C ILE B 453 2.06 -21.19 9.51
N LEU B 454 2.34 -22.48 9.31
CA LEU B 454 3.03 -22.98 8.13
C LEU B 454 2.09 -24.00 7.48
N VAL B 455 1.41 -23.61 6.43
CA VAL B 455 0.47 -24.50 5.75
C VAL B 455 1.20 -25.21 4.62
N GLU B 456 1.17 -26.52 4.62
CA GLU B 456 1.77 -27.28 3.54
C GLU B 456 0.91 -27.17 2.30
N PRO B 457 1.49 -26.85 1.14
CA PRO B 457 0.70 -26.75 -0.10
C PRO B 457 0.41 -28.14 -0.70
N VAL B 458 -0.52 -28.85 -0.05
CA VAL B 458 -0.76 -30.25 -0.41
C VAL B 458 -1.50 -30.40 -1.73
N PHE B 459 -2.24 -29.39 -2.19
CA PHE B 459 -2.94 -29.50 -3.46
C PHE B 459 -1.96 -29.53 -4.63
N ALA B 460 -1.01 -28.58 -4.63
CA ALA B 460 -0.02 -28.54 -5.68
C ALA B 460 0.99 -29.69 -5.57
N GLN B 461 1.29 -30.12 -4.34
CA GLN B 461 2.12 -31.31 -4.16
C GLN B 461 1.42 -32.55 -4.69
N TRP B 462 0.10 -32.63 -4.50
CA TRP B 462 -0.70 -33.71 -5.07
C TRP B 462 -0.67 -33.68 -6.59
N ILE B 463 -0.69 -32.47 -7.17
CA ILE B 463 -0.56 -32.33 -8.62
C ILE B 463 0.81 -32.79 -9.11
N GLN B 464 1.87 -32.44 -8.37
CA GLN B 464 3.22 -32.90 -8.69
C GLN B 464 3.32 -34.41 -8.63
N ALA B 465 2.73 -35.02 -7.60
CA ALA B 465 2.69 -36.48 -7.50
C ALA B 465 1.88 -37.09 -8.63
N SER B 466 0.80 -36.42 -9.05
CA SER B 466 0.02 -36.90 -10.20
C SER B 466 0.85 -36.85 -11.48
N SER B 467 1.81 -35.94 -11.56
CA SER B 467 2.76 -35.94 -12.68
C SER B 467 3.92 -36.91 -12.48
N GLY B 468 4.02 -37.56 -11.32
CA GLY B 468 5.04 -38.55 -11.08
C GLY B 468 6.09 -38.21 -10.04
N LYS B 469 5.95 -37.12 -9.31
CA LYS B 469 6.92 -36.75 -8.29
C LYS B 469 6.72 -37.62 -7.06
N ALA B 470 7.76 -38.38 -6.70
CA ALA B 470 7.69 -39.34 -5.60
C ALA B 470 8.16 -38.75 -4.27
N LEU B 471 8.38 -37.43 -4.22
CA LEU B 471 8.92 -36.79 -3.02
C LEU B 471 7.94 -36.85 -1.86
N TYR B 472 6.66 -36.60 -2.12
CA TYR B 472 5.67 -36.41 -1.07
C TYR B 472 4.97 -37.70 -0.66
N GLY B 473 5.21 -38.81 -1.35
CA GLY B 473 4.61 -40.08 -0.98
C GLY B 473 3.12 -40.16 -1.15
N PHE B 474 2.56 -39.42 -2.11
CA PHE B 474 1.11 -39.41 -2.30
C PHE B 474 0.62 -40.66 -3.02
N ASP B 475 1.43 -41.23 -3.91
CA ASP B 475 1.18 -42.50 -4.59
C ASP B 475 -0.15 -42.49 -5.35
N VAL B 476 -0.21 -41.60 -6.33
CA VAL B 476 -1.41 -41.42 -7.13
C VAL B 476 -0.99 -41.06 -8.55
N PHE B 477 -1.71 -41.64 -9.52
CA PHE B 477 -1.52 -41.46 -10.96
C PHE B 477 -0.11 -41.88 -11.34
N LEU B 478 0.74 -40.98 -11.84
CA LEU B 478 2.04 -41.39 -12.37
C LEU B 478 3.06 -41.71 -11.28
N SER B 479 2.79 -41.37 -10.02
CA SER B 479 3.64 -41.81 -8.92
C SER B 479 3.18 -43.12 -8.32
N SER B 480 2.16 -43.74 -8.89
CA SER B 480 1.72 -45.08 -8.51
C SER B 480 2.08 -46.03 -9.63
N SER B 481 2.78 -47.11 -9.30
CA SER B 481 3.27 -48.03 -10.32
C SER B 481 2.21 -48.98 -10.85
N ASN B 482 1.01 -48.97 -10.28
CA ASN B 482 -0.07 -49.84 -10.73
C ASN B 482 -1.23 -49.08 -11.37
N SER B 483 -1.15 -47.75 -11.46
CA SER B 483 -2.24 -46.95 -12.00
C SER B 483 -2.41 -47.19 -13.50
N VAL B 484 -3.64 -46.99 -13.98
CA VAL B 484 -3.91 -47.11 -15.41
C VAL B 484 -3.26 -45.98 -16.18
N ALA B 485 -3.07 -44.82 -15.54
CA ALA B 485 -2.35 -43.72 -16.18
C ALA B 485 -0.88 -44.06 -16.32
N THR B 486 -0.31 -44.76 -15.33
CA THR B 486 1.06 -45.23 -15.42
C THR B 486 1.23 -46.28 -16.50
N ASN B 487 0.31 -47.25 -16.56
CA ASN B 487 0.42 -48.30 -17.57
C ASN B 487 0.14 -47.78 -18.98
N ALA B 488 -0.66 -46.72 -19.10
CA ALA B 488 -1.02 -46.21 -20.42
C ALA B 488 0.17 -45.57 -21.13
N SER B 489 0.99 -44.81 -20.41
CA SER B 489 2.09 -44.07 -20.99
C SER B 489 3.43 -44.75 -20.81
N SER B 490 3.45 -45.99 -20.32
CA SER B 490 4.71 -46.61 -19.91
C SER B 490 5.61 -46.93 -21.09
N ASN B 491 5.04 -47.20 -22.26
CA ASN B 491 5.86 -47.52 -23.41
C ASN B 491 6.31 -46.29 -24.20
N ILE B 492 5.77 -45.11 -23.93
CA ILE B 492 6.06 -44.00 -24.83
C ILE B 492 6.96 -42.94 -24.21
N TRP B 493 6.51 -42.32 -23.12
CA TRP B 493 7.25 -41.22 -22.53
C TRP B 493 7.50 -41.32 -21.04
N LEU B 494 6.89 -42.29 -20.36
CA LEU B 494 7.01 -42.37 -18.90
C LEU B 494 8.41 -42.57 -18.35
N PRO B 495 9.31 -43.41 -18.93
CA PRO B 495 10.68 -43.49 -18.35
C PRO B 495 11.45 -42.18 -18.37
N GLY B 496 11.49 -41.48 -19.52
CA GLY B 496 12.23 -40.23 -19.58
C GLY B 496 11.62 -39.13 -18.73
N TRP B 497 10.29 -39.04 -18.73
CA TRP B 497 9.61 -38.05 -17.90
C TRP B 497 9.82 -38.33 -16.41
N LEU B 498 9.72 -39.60 -16.00
CA LEU B 498 9.92 -39.94 -14.60
C LEU B 498 11.35 -39.72 -14.17
N GLU B 499 12.31 -39.97 -15.07
CA GLU B 499 13.71 -39.69 -14.77
C GLU B 499 13.95 -38.18 -14.62
N ALA B 500 13.28 -37.38 -15.44
CA ALA B 500 13.47 -35.94 -15.37
C ALA B 500 12.75 -35.31 -14.17
N ILE B 501 11.59 -35.84 -13.78
CA ILE B 501 10.83 -35.20 -12.72
C ILE B 501 11.36 -35.60 -11.33
N ASN B 502 11.99 -36.76 -11.22
CA ASN B 502 12.44 -37.26 -9.93
C ASN B 502 13.93 -37.04 -9.68
N SER B 503 14.61 -36.36 -10.59
CA SER B 503 15.98 -35.95 -10.39
C SER B 503 15.99 -34.49 -9.96
N GLY B 504 16.62 -34.20 -8.83
CA GLY B 504 16.63 -32.86 -8.30
C GLY B 504 17.73 -31.99 -8.89
N LYS B 505 17.97 -32.11 -10.19
CA LYS B 505 19.01 -31.38 -10.88
C LYS B 505 18.46 -30.35 -11.86
N ASN B 506 17.14 -30.17 -11.90
CA ASN B 506 16.50 -29.27 -12.85
C ASN B 506 15.42 -28.48 -12.12
N SER B 507 14.70 -27.65 -12.87
CA SER B 507 13.57 -26.90 -12.35
C SER B 507 12.23 -27.51 -12.75
N LEU B 508 12.22 -28.80 -13.00
CA LEU B 508 11.01 -29.53 -13.36
C LEU B 508 10.26 -29.89 -12.08
N PHE B 509 9.19 -29.13 -11.79
CA PHE B 509 8.31 -29.34 -10.63
C PHE B 509 9.09 -29.29 -9.31
N LEU B 510 9.66 -28.12 -9.07
CA LEU B 510 10.54 -27.90 -7.92
C LEU B 510 9.79 -28.16 -6.62
N PRO B 511 10.46 -28.70 -5.60
CA PRO B 511 9.80 -28.94 -4.31
C PRO B 511 9.30 -27.66 -3.66
N ILE B 512 8.14 -27.76 -3.02
CA ILE B 512 7.43 -26.61 -2.49
C ILE B 512 7.07 -26.85 -1.02
N GLY B 513 7.06 -25.76 -0.26
CA GLY B 513 6.71 -25.81 1.15
C GLY B 513 5.81 -24.66 1.53
N PRO B 514 5.73 -24.37 2.84
CA PRO B 514 4.83 -23.30 3.31
C PRO B 514 5.13 -21.92 2.77
N GLY B 515 6.41 -21.60 2.51
CA GLY B 515 6.74 -20.33 1.88
C GLY B 515 6.17 -20.22 0.48
N ASP B 516 6.20 -21.33 -0.27
CA ASP B 516 5.57 -21.39 -1.59
C ASP B 516 4.06 -21.20 -1.50
N PHE B 517 3.43 -21.80 -0.49
CA PHE B 517 2.00 -21.62 -0.24
C PHE B 517 1.68 -20.14 -0.03
N LEU B 518 2.43 -19.48 0.85
CA LEU B 518 2.16 -18.08 1.15
C LEU B 518 2.41 -17.18 -0.06
N ILE B 519 3.49 -17.41 -0.81
CA ILE B 519 3.75 -16.54 -1.95
C ILE B 519 2.77 -16.77 -3.11
N HIS B 520 2.28 -18.01 -3.35
CA HIS B 520 1.18 -18.14 -4.31
C HIS B 520 -0.11 -17.51 -3.82
N HIS B 521 -0.41 -17.52 -2.52
CA HIS B 521 -1.63 -16.83 -2.10
C HIS B 521 -1.48 -15.30 -2.16
N ALA B 522 -0.26 -14.78 -1.94
CA ALA B 522 0.02 -13.37 -2.22
C ALA B 522 -0.13 -13.04 -3.70
N ILE B 523 0.33 -13.94 -4.58
CA ILE B 523 0.15 -13.77 -6.02
C ILE B 523 -1.33 -13.78 -6.39
N ALA B 524 -2.12 -14.65 -5.75
CA ALA B 524 -3.56 -14.69 -5.96
C ALA B 524 -4.22 -13.38 -5.53
N LEU B 525 -3.79 -12.84 -4.40
CA LEU B 525 -4.20 -11.50 -3.98
C LEU B 525 -3.89 -10.44 -5.02
N ALA B 526 -2.68 -10.45 -5.55
CA ALA B 526 -2.28 -9.38 -6.44
C ALA B 526 -3.00 -9.49 -7.78
N LEU B 527 -3.17 -10.71 -8.29
CA LEU B 527 -3.92 -10.93 -9.53
C LEU B 527 -5.38 -10.52 -9.39
N HIS B 528 -6.03 -10.93 -8.28
CA HIS B 528 -7.43 -10.56 -8.07
C HIS B 528 -7.59 -9.06 -7.89
N THR B 529 -6.64 -8.39 -7.23
CA THR B 529 -6.77 -6.95 -7.01
C THR B 529 -6.55 -6.16 -8.30
N THR B 530 -5.55 -6.55 -9.09
CA THR B 530 -5.35 -5.90 -10.39
C THR B 530 -6.54 -6.12 -11.30
N THR B 531 -7.11 -7.34 -11.27
CA THR B 531 -8.33 -7.62 -12.01
C THR B 531 -9.49 -6.77 -11.50
N LEU B 532 -9.57 -6.54 -10.18
CA LEU B 532 -10.62 -5.70 -9.61
C LEU B 532 -10.54 -4.28 -10.16
N ILE B 533 -9.34 -3.69 -10.16
CA ILE B 533 -9.17 -2.33 -10.67
C ILE B 533 -9.51 -2.26 -12.15
N LEU B 534 -8.99 -3.22 -12.93
CA LEU B 534 -9.19 -3.19 -14.38
C LEU B 534 -10.65 -3.44 -14.77
N VAL B 535 -11.30 -4.42 -14.13
CA VAL B 535 -12.70 -4.74 -14.42
C VAL B 535 -13.61 -3.62 -13.96
N LYS B 536 -13.33 -3.02 -12.80
CA LYS B 536 -14.10 -1.89 -12.33
C LYS B 536 -13.93 -0.68 -13.24
N GLY B 537 -12.74 -0.50 -13.82
CA GLY B 537 -12.56 0.55 -14.80
C GLY B 537 -13.30 0.31 -16.09
N ALA B 538 -13.30 -0.94 -16.56
CA ALA B 538 -13.96 -1.26 -17.82
C ALA B 538 -15.48 -1.17 -17.70
N LEU B 539 -16.04 -1.65 -16.59
CA LEU B 539 -17.48 -1.73 -16.44
C LEU B 539 -18.10 -0.42 -15.99
N ASP B 540 -17.34 0.46 -15.32
CA ASP B 540 -17.81 1.79 -14.98
C ASP B 540 -17.35 2.84 -15.98
N ALA B 541 -16.77 2.41 -17.11
CA ALA B 541 -16.27 3.34 -18.11
C ALA B 541 -17.39 4.15 -18.76
N ARG B 542 -18.57 3.56 -18.91
CA ARG B 542 -19.69 4.27 -19.52
C ARG B 542 -20.43 5.15 -18.53
N GLY B 543 -20.34 4.86 -17.24
CA GLY B 543 -21.01 5.69 -16.26
C GLY B 543 -21.09 5.07 -14.87
N SER B 544 -21.24 5.92 -13.87
CA SER B 544 -21.41 5.49 -12.49
C SER B 544 -22.49 6.37 -11.85
N LYS B 545 -22.73 6.15 -10.55
CA LYS B 545 -23.64 7.05 -9.84
C LYS B 545 -23.05 8.45 -9.71
N LEU B 546 -21.74 8.55 -9.57
CA LEU B 546 -21.09 9.85 -9.47
C LEU B 546 -21.02 10.56 -10.81
N MET B 547 -21.04 9.82 -11.92
CA MET B 547 -20.95 10.40 -13.25
C MET B 547 -21.71 9.53 -14.24
N PRO B 548 -23.04 9.71 -14.33
CA PRO B 548 -23.85 8.85 -15.20
C PRO B 548 -23.68 9.11 -16.69
N ASP B 549 -23.00 10.17 -17.09
CA ASP B 549 -22.80 10.48 -18.51
C ASP B 549 -21.33 10.40 -18.90
N LYS B 550 -20.59 9.46 -18.29
CA LYS B 550 -19.15 9.37 -18.49
C LYS B 550 -18.77 9.05 -19.93
N LYS B 551 -19.62 8.30 -20.64
CA LYS B 551 -19.35 7.96 -22.03
C LYS B 551 -19.36 9.19 -22.94
N ASP B 552 -20.03 10.27 -22.54
CA ASP B 552 -19.97 11.52 -23.28
C ASP B 552 -18.62 12.21 -23.16
N PHE B 553 -17.81 11.83 -22.18
CA PHE B 553 -16.54 12.49 -21.92
C PHE B 553 -15.35 11.69 -22.43
N GLY B 554 -15.58 10.49 -22.96
CA GLY B 554 -14.51 9.72 -23.54
C GLY B 554 -13.84 8.79 -22.57
N TYR B 555 -12.81 8.11 -23.06
CA TYR B 555 -12.08 7.16 -22.24
C TYR B 555 -11.13 7.85 -21.28
N SER B 556 -10.54 8.97 -21.68
CA SER B 556 -9.57 9.69 -20.87
C SER B 556 -9.97 11.14 -20.73
N PHE B 557 -10.09 11.60 -19.49
CA PHE B 557 -10.28 13.01 -19.17
C PHE B 557 -9.80 13.20 -17.73
N PRO B 558 -9.37 14.42 -17.35
CA PRO B 558 -8.80 14.59 -16.00
C PRO B 558 -9.75 14.29 -14.85
N CYS B 559 -10.90 14.91 -14.82
CA CYS B 559 -11.85 14.82 -13.72
C CYS B 559 -13.18 15.37 -14.20
N ASP B 560 -14.12 15.51 -13.27
CA ASP B 560 -15.35 16.27 -13.50
C ASP B 560 -15.49 17.43 -12.52
N GLY B 561 -14.37 17.89 -11.95
CA GLY B 561 -14.37 19.03 -11.07
C GLY B 561 -14.55 18.67 -9.61
N PRO B 562 -14.37 19.66 -8.72
CA PRO B 562 -14.49 19.40 -7.28
C PRO B 562 -15.92 19.25 -6.80
N GLY B 563 -16.92 19.49 -7.64
CA GLY B 563 -18.30 19.33 -7.25
C GLY B 563 -18.68 17.87 -7.07
N ARG B 564 -19.84 17.67 -6.45
CA ARG B 564 -20.40 16.36 -6.11
C ARG B 564 -19.46 15.57 -5.20
N GLY B 565 -18.70 16.27 -4.36
CA GLY B 565 -17.76 15.67 -3.45
C GLY B 565 -16.33 15.65 -3.94
N GLY B 566 -16.12 15.80 -5.25
CA GLY B 566 -14.79 15.70 -5.82
C GLY B 566 -14.68 14.45 -6.69
N THR B 567 -14.09 14.59 -7.88
CA THR B 567 -14.12 13.54 -8.89
C THR B 567 -12.74 13.27 -9.45
N CYS B 568 -11.73 13.26 -8.60
CA CYS B 568 -10.37 12.96 -9.04
C CYS B 568 -10.28 11.51 -9.51
N ASP B 569 -9.60 11.30 -10.64
CA ASP B 569 -9.28 9.96 -11.17
C ASP B 569 -10.52 9.12 -11.43
N ILE B 570 -11.53 9.74 -12.04
CA ILE B 570 -12.81 9.06 -12.23
C ILE B 570 -12.92 8.33 -13.57
N SER B 571 -12.07 8.66 -14.54
CA SER B 571 -12.15 8.04 -15.86
C SER B 571 -11.58 6.62 -15.83
N ALA B 572 -11.85 5.88 -16.91
CA ALA B 572 -11.35 4.51 -17.03
C ALA B 572 -9.86 4.49 -17.31
N TRP B 573 -9.34 5.53 -17.97
CA TRP B 573 -7.89 5.70 -18.12
C TRP B 573 -7.21 5.77 -16.77
N ASP B 574 -7.84 6.45 -15.81
CA ASP B 574 -7.29 6.51 -14.46
C ASP B 574 -7.30 5.15 -13.78
N ALA B 575 -8.26 4.29 -14.11
CA ALA B 575 -8.23 2.93 -13.60
C ALA B 575 -7.09 2.12 -14.22
N PHE B 576 -6.80 2.35 -15.51
CA PHE B 576 -5.56 1.82 -16.10
C PHE B 576 -4.34 2.30 -15.33
N TYR B 577 -4.31 3.59 -15.01
CA TYR B 577 -3.19 4.21 -14.33
C TYR B 577 -3.00 3.64 -12.93
N LEU B 578 -4.09 3.40 -12.21
CA LEU B 578 -3.99 2.79 -10.89
C LEU B 578 -3.61 1.33 -10.97
N SER B 579 -4.11 0.60 -11.99
CA SER B 579 -3.79 -0.81 -12.10
C SER B 579 -2.36 -1.06 -12.57
N MET B 580 -1.71 -0.06 -13.17
CA MET B 580 -0.32 -0.23 -13.56
C MET B 580 0.59 -0.45 -12.35
N PHE B 581 0.34 0.27 -11.25
CA PHE B 581 1.11 0.06 -10.03
C PHE B 581 0.91 -1.35 -9.48
N TRP B 582 -0.33 -1.84 -9.51
CA TRP B 582 -0.60 -3.18 -9.03
C TRP B 582 -0.02 -4.25 -9.94
N MET B 583 0.04 -3.99 -11.25
CA MET B 583 0.71 -4.91 -12.16
C MET B 583 2.22 -4.95 -11.87
N LEU B 584 2.83 -3.79 -11.64
CA LEU B 584 4.23 -3.76 -11.27
C LEU B 584 4.47 -4.51 -9.98
N ASN B 585 3.55 -4.36 -9.02
CA ASN B 585 3.66 -5.05 -7.74
C ASN B 585 3.56 -6.57 -7.89
N THR B 586 2.63 -7.04 -8.73
CA THR B 586 2.47 -8.50 -8.87
C THR B 586 3.62 -9.13 -9.64
N ILE B 587 4.12 -8.48 -10.70
CA ILE B 587 5.27 -9.04 -11.40
C ILE B 587 6.50 -8.95 -10.51
N GLY B 588 6.58 -7.92 -9.66
CA GLY B 588 7.65 -7.86 -8.67
C GLY B 588 7.62 -9.03 -7.71
N TRP B 589 6.44 -9.35 -7.18
CA TRP B 589 6.31 -10.49 -6.26
C TRP B 589 6.65 -11.81 -6.95
N VAL B 590 6.16 -11.99 -8.19
CA VAL B 590 6.39 -13.23 -8.92
C VAL B 590 7.88 -13.41 -9.24
N THR B 591 8.52 -12.36 -9.73
CA THR B 591 9.93 -12.46 -10.09
C THR B 591 10.82 -12.55 -8.86
N PHE B 592 10.45 -11.88 -7.76
CA PHE B 592 11.15 -12.04 -6.49
C PHE B 592 11.13 -13.49 -6.04
N TYR B 593 9.94 -14.12 -6.08
CA TYR B 593 9.79 -15.52 -5.70
C TYR B 593 10.63 -16.43 -6.58
N TRP B 594 10.53 -16.26 -7.90
CA TRP B 594 11.29 -17.07 -8.85
C TRP B 594 12.78 -16.96 -8.61
N HIS B 595 13.27 -15.72 -8.49
CA HIS B 595 14.70 -15.50 -8.37
C HIS B 595 15.23 -15.99 -7.03
N TRP B 596 14.51 -15.76 -5.94
CA TRP B 596 15.01 -16.21 -4.64
C TRP B 596 15.01 -17.72 -4.53
N LYS B 597 13.93 -18.38 -4.99
CA LYS B 597 13.90 -19.84 -4.97
C LYS B 597 15.01 -20.43 -5.83
N HIS B 598 15.21 -19.89 -7.04
CA HIS B 598 16.23 -20.45 -7.91
C HIS B 598 17.64 -20.14 -7.42
N VAL B 599 17.87 -18.96 -6.83
CA VAL B 599 19.20 -18.64 -6.30
C VAL B 599 19.54 -19.52 -5.12
N THR B 600 18.58 -19.78 -4.23
CA THR B 600 18.85 -20.69 -3.12
C THR B 600 19.03 -22.13 -3.59
N ILE B 601 18.33 -22.55 -4.64
CA ILE B 601 18.49 -23.90 -5.15
C ILE B 601 19.85 -24.08 -5.84
N TRP B 602 20.23 -23.11 -6.69
CA TRP B 602 21.49 -23.17 -7.42
C TRP B 602 22.70 -23.15 -6.47
N GLN B 603 22.58 -22.44 -5.35
CA GLN B 603 23.62 -22.41 -4.34
C GLN B 603 23.71 -23.71 -3.54
N GLY B 604 22.74 -24.61 -3.68
CA GLY B 604 22.70 -25.77 -2.80
C GLY B 604 22.22 -25.46 -1.41
N ASN B 605 21.43 -24.40 -1.25
CA ASN B 605 20.99 -23.89 0.04
C ASN B 605 19.49 -23.62 0.00
N ALA B 606 18.73 -24.57 -0.55
CA ALA B 606 17.28 -24.42 -0.65
C ALA B 606 16.60 -24.34 0.72
N GLY B 607 17.23 -24.89 1.76
CA GLY B 607 16.67 -24.75 3.10
C GLY B 607 16.65 -23.32 3.61
N GLN B 608 17.55 -22.47 3.08
CA GLN B 608 17.50 -21.05 3.40
C GLN B 608 16.19 -20.43 2.93
N PHE B 609 15.78 -20.72 1.70
CA PHE B 609 14.47 -20.29 1.23
C PHE B 609 13.35 -20.94 2.03
N ASN B 610 13.50 -22.24 2.33
CA ASN B 610 12.44 -22.96 3.03
C ASN B 610 12.21 -22.43 4.44
N GLU B 611 13.25 -21.89 5.07
CA GLU B 611 13.13 -21.37 6.43
C GLU B 611 12.90 -19.86 6.49
N SER B 612 13.33 -19.11 5.48
CA SER B 612 13.25 -17.66 5.56
C SER B 612 12.08 -17.06 4.79
N SER B 613 11.44 -17.79 3.89
CA SER B 613 10.39 -17.20 3.07
C SER B 613 9.04 -17.12 3.78
N THR B 614 8.92 -17.66 4.99
CA THR B 614 7.64 -17.67 5.66
C THR B 614 7.34 -16.37 6.40
N TYR B 615 8.32 -15.46 6.47
CA TYR B 615 8.11 -14.15 7.07
C TYR B 615 8.85 -13.10 6.26
N ILE B 616 8.37 -11.86 6.33
CA ILE B 616 8.80 -10.81 5.41
C ILE B 616 10.25 -10.41 5.66
N MET B 617 10.69 -10.42 6.93
CA MET B 617 12.07 -10.08 7.26
C MET B 617 13.06 -11.05 6.61
N GLY B 618 12.67 -12.30 6.42
CA GLY B 618 13.50 -13.22 5.65
C GLY B 618 13.68 -12.80 4.21
N TRP B 619 12.61 -12.31 3.58
CA TRP B 619 12.70 -11.78 2.23
C TRP B 619 13.59 -10.54 2.17
N LEU B 620 13.43 -9.64 3.14
CA LEU B 620 14.21 -8.40 3.14
C LEU B 620 15.69 -8.66 3.39
N ARG B 621 16.00 -9.58 4.30
CA ARG B 621 17.37 -9.78 4.74
C ARG B 621 18.11 -10.82 3.89
N ASP B 622 17.53 -11.99 3.70
CA ASP B 622 18.22 -13.08 3.02
C ASP B 622 18.12 -13.03 1.50
N TYR B 623 17.23 -12.21 0.95
CA TYR B 623 17.15 -12.08 -0.50
C TYR B 623 17.56 -10.69 -0.99
N LEU B 624 16.97 -9.63 -0.45
CA LEU B 624 17.29 -8.29 -0.95
C LEU B 624 18.63 -7.81 -0.42
N TRP B 625 18.79 -7.80 0.90
CA TRP B 625 20.02 -7.28 1.51
C TRP B 625 21.21 -8.18 1.21
N LEU B 626 21.03 -9.50 1.28
CA LEU B 626 22.15 -10.43 1.14
C LEU B 626 22.69 -10.45 -0.28
N ASN B 627 21.82 -10.42 -1.28
CA ASN B 627 22.25 -10.52 -2.66
C ASN B 627 22.56 -9.17 -3.29
N SER B 628 22.43 -8.07 -2.55
CA SER B 628 22.79 -6.77 -3.08
C SER B 628 24.28 -6.49 -3.01
N SER B 629 25.04 -7.28 -2.27
CA SER B 629 26.45 -6.97 -2.00
C SER B 629 27.35 -6.93 -3.24
N PRO B 630 27.33 -7.89 -4.18
CA PRO B 630 28.18 -7.70 -5.37
C PRO B 630 27.68 -6.60 -6.29
N LEU B 631 26.37 -6.34 -6.30
CA LEU B 631 25.83 -5.28 -7.14
C LEU B 631 26.27 -3.90 -6.67
N ILE B 632 26.16 -3.63 -5.36
CA ILE B 632 26.56 -2.32 -4.83
C ILE B 632 28.06 -2.17 -4.71
N ASN B 633 28.84 -3.21 -4.97
CA ASN B 633 30.29 -3.13 -5.01
C ASN B 633 30.83 -3.21 -6.43
N GLY B 634 29.99 -2.92 -7.42
CA GLY B 634 30.46 -2.84 -8.79
C GLY B 634 31.49 -1.74 -8.99
N TYR B 635 31.31 -0.62 -8.29
CA TYR B 635 32.36 0.36 -8.09
C TYR B 635 32.31 0.81 -6.65
N ASN B 636 33.49 1.08 -6.08
CA ASN B 636 33.64 1.47 -4.69
C ASN B 636 34.89 2.35 -4.61
N PRO B 637 35.24 2.95 -3.47
CA PRO B 637 36.48 3.75 -3.41
C PRO B 637 37.77 2.97 -3.61
N PHE B 638 37.73 1.64 -3.72
CA PHE B 638 38.93 0.85 -3.96
C PHE B 638 39.10 0.43 -5.42
N GLY B 639 38.03 0.46 -6.21
CA GLY B 639 38.16 0.09 -7.61
C GLY B 639 36.81 -0.10 -8.26
N MET B 640 36.83 -0.81 -9.39
CA MET B 640 35.62 -1.10 -10.14
C MET B 640 35.83 -2.39 -10.92
N ASN B 641 34.72 -3.01 -11.31
CA ASN B 641 34.75 -4.21 -12.12
C ASN B 641 33.60 -4.14 -13.12
N SER B 642 33.34 -5.25 -13.80
CA SER B 642 32.37 -5.27 -14.90
C SER B 642 30.94 -5.08 -14.44
N LEU B 643 30.64 -5.32 -13.17
CA LEU B 643 29.29 -5.11 -12.65
C LEU B 643 28.94 -3.65 -12.45
N SER B 644 29.93 -2.75 -12.62
CA SER B 644 29.76 -1.33 -12.31
C SER B 644 28.61 -0.69 -13.08
N VAL B 645 28.42 -1.11 -14.35
CA VAL B 645 27.33 -0.58 -15.16
C VAL B 645 25.98 -0.91 -14.52
N TRP B 646 25.80 -2.15 -14.06
CA TRP B 646 24.61 -2.50 -13.32
C TRP B 646 24.55 -1.73 -12.01
N SER B 647 25.70 -1.56 -11.36
CA SER B 647 25.80 -0.74 -10.17
C SER B 647 25.37 0.70 -10.46
N TRP B 648 25.67 1.18 -11.65
CA TRP B 648 25.16 2.49 -12.04
C TRP B 648 23.66 2.41 -12.28
N MET B 649 23.22 1.41 -13.07
CA MET B 649 21.85 1.37 -13.56
C MET B 649 20.86 1.20 -12.42
N PHE B 650 21.21 0.36 -11.45
CA PHE B 650 20.53 0.22 -10.17
C PHE B 650 20.19 1.56 -9.55
N LEU B 651 21.24 2.36 -9.30
CA LEU B 651 21.04 3.69 -8.74
C LEU B 651 20.20 4.55 -9.66
N PHE B 652 20.49 4.45 -10.97
CA PHE B 652 19.70 5.11 -12.01
C PHE B 652 18.23 4.79 -11.84
N GLY B 653 17.89 3.51 -11.67
CA GLY B 653 16.51 3.13 -11.46
C GLY B 653 15.94 3.73 -10.19
N HIS B 654 16.69 3.64 -9.07
CA HIS B 654 16.27 4.23 -7.81
C HIS B 654 16.07 5.74 -7.94
N LEU B 655 16.77 6.38 -8.89
CA LEU B 655 16.54 7.80 -9.10
C LEU B 655 15.24 8.06 -9.84
N ILE B 656 15.05 7.40 -11.00
CA ILE B 656 13.98 7.86 -11.89
C ILE B 656 12.62 7.48 -11.35
N TRP B 657 12.55 6.32 -10.68
CA TRP B 657 11.38 5.91 -9.91
C TRP B 657 10.95 6.99 -8.93
N ALA B 658 11.91 7.52 -8.16
CA ALA B 658 11.61 8.59 -7.22
C ALA B 658 11.14 9.85 -7.94
N THR B 659 11.73 10.14 -9.11
CA THR B 659 11.30 11.28 -9.91
C THR B 659 9.85 11.13 -10.33
N GLY B 660 9.41 9.89 -10.58
CA GLY B 660 8.02 9.65 -10.90
C GLY B 660 7.08 10.11 -9.81
N PHE B 661 7.51 9.94 -8.55
CA PHE B 661 6.74 10.37 -7.39
C PHE B 661 6.38 11.84 -7.47
N MET B 662 7.28 12.67 -8.03
CA MET B 662 7.02 14.11 -8.11
C MET B 662 5.81 14.40 -8.98
N PHE B 663 5.63 13.66 -10.06
CA PHE B 663 4.46 13.89 -10.89
C PHE B 663 3.20 13.27 -10.32
N LEU B 664 3.33 12.33 -9.36
CA LEU B 664 2.15 11.67 -8.84
C LEU B 664 1.66 12.24 -7.51
N ILE B 665 2.49 13.02 -6.82
CA ILE B 665 2.10 13.60 -5.54
C ILE B 665 1.79 15.08 -5.67
N SER B 666 2.71 15.85 -6.25
CA SER B 666 2.44 17.25 -6.52
C SER B 666 1.59 17.37 -7.78
N TRP B 667 0.61 18.27 -7.74
CA TRP B 667 -0.36 18.43 -8.83
C TRP B 667 -0.26 19.85 -9.39
N ARG B 668 -1.17 20.18 -10.31
CA ARG B 668 -0.86 21.13 -11.39
C ARG B 668 -0.72 22.58 -10.94
N GLY B 669 -1.64 23.08 -10.10
CA GLY B 669 -1.77 24.52 -9.89
C GLY B 669 -0.54 25.17 -9.29
N TYR B 670 0.15 24.44 -8.41
CA TYR B 670 1.44 24.86 -7.88
C TYR B 670 2.44 25.12 -9.01
N TRP B 671 2.57 24.15 -9.92
CA TRP B 671 3.53 24.27 -11.01
C TRP B 671 3.15 25.35 -11.99
N GLN B 672 1.84 25.56 -12.19
CA GLN B 672 1.39 26.62 -13.08
C GLN B 672 1.72 28.00 -12.50
N GLU B 673 1.57 28.17 -11.19
CA GLU B 673 1.92 29.46 -10.59
C GLU B 673 3.44 29.70 -10.60
N LEU B 674 4.24 28.64 -10.40
CA LEU B 674 5.70 28.78 -10.57
C LEU B 674 6.07 29.18 -11.99
N ILE B 675 5.43 28.55 -12.98
CA ILE B 675 5.73 28.88 -14.37
C ILE B 675 5.30 30.30 -14.70
N GLU B 676 4.20 30.78 -14.12
CA GLU B 676 3.82 32.19 -14.27
C GLU B 676 4.89 33.13 -13.73
N THR B 677 5.45 32.82 -12.56
CA THR B 677 6.56 33.63 -12.04
C THR B 677 7.78 33.58 -12.96
N LEU B 678 8.07 32.41 -13.52
CA LEU B 678 9.21 32.28 -14.45
C LEU B 678 8.98 33.05 -15.73
N VAL B 679 7.73 33.07 -16.22
CA VAL B 679 7.38 33.85 -17.41
C VAL B 679 7.61 35.34 -17.15
N TRP B 680 7.20 35.81 -15.96
CA TRP B 680 7.48 37.20 -15.59
C TRP B 680 8.98 37.46 -15.54
N ALA B 681 9.75 36.53 -14.97
CA ALA B 681 11.19 36.71 -14.84
C ALA B 681 11.87 36.80 -16.19
N HIS B 682 11.48 35.94 -17.14
CA HIS B 682 12.10 36.01 -18.45
C HIS B 682 11.69 37.27 -19.20
N GLU B 683 10.42 37.68 -19.07
CA GLU B 683 9.98 38.89 -19.76
C GLU B 683 10.61 40.15 -19.19
N ARG B 684 11.01 40.14 -17.92
CA ARG B 684 11.57 41.33 -17.29
C ARG B 684 13.10 41.32 -17.19
N THR B 685 13.76 40.26 -17.66
CA THR B 685 15.22 40.19 -17.54
C THR B 685 15.86 40.78 -18.79
N PRO B 686 16.72 41.79 -18.67
CA PRO B 686 17.44 42.29 -19.85
C PRO B 686 18.41 41.25 -20.38
N LEU B 687 18.66 41.35 -21.70
CA LEU B 687 19.52 40.52 -22.54
C LEU B 687 18.96 39.12 -22.74
N ALA B 688 17.83 38.82 -22.12
CA ALA B 688 17.13 37.57 -22.34
C ALA B 688 15.72 37.75 -22.89
N ASN B 689 15.12 38.92 -22.70
CA ASN B 689 13.83 39.21 -23.32
C ASN B 689 13.95 39.54 -24.80
N LEU B 690 15.19 39.68 -25.31
CA LEU B 690 15.40 39.66 -26.75
C LEU B 690 15.02 38.32 -27.35
N VAL B 691 15.09 37.25 -26.55
CA VAL B 691 14.73 35.90 -26.98
C VAL B 691 13.31 35.63 -26.48
N ARG B 692 12.45 35.15 -27.37
CA ARG B 692 11.06 34.92 -27.06
C ARG B 692 10.67 33.50 -27.42
N TRP B 693 9.84 32.89 -26.59
CA TRP B 693 9.31 31.58 -26.93
C TRP B 693 8.25 31.72 -28.02
N LYS B 694 8.10 30.66 -28.81
CA LYS B 694 7.01 30.59 -29.76
C LYS B 694 5.76 29.98 -29.14
N ASP B 695 5.92 29.04 -28.22
CA ASP B 695 4.82 28.45 -27.48
C ASP B 695 4.86 28.95 -26.05
N LYS B 696 3.69 29.29 -25.52
CA LYS B 696 3.60 29.75 -24.15
C LYS B 696 3.92 28.62 -23.19
N PRO B 697 4.79 28.83 -22.20
CA PRO B 697 5.06 27.78 -21.23
C PRO B 697 3.88 27.58 -20.29
N VAL B 698 3.41 26.34 -20.19
CA VAL B 698 2.36 25.97 -19.26
C VAL B 698 2.81 24.73 -18.50
N ALA B 699 2.17 24.50 -17.36
CA ALA B 699 2.36 23.26 -16.64
C ALA B 699 1.78 22.10 -17.46
N LEU B 700 2.31 20.91 -17.20
CA LEU B 700 1.77 19.69 -17.80
C LEU B 700 0.32 19.51 -17.34
N SER B 701 -0.51 18.95 -18.21
CA SER B 701 -1.89 18.72 -17.85
C SER B 701 -1.99 17.59 -16.82
N ILE B 702 -3.20 17.42 -16.28
CA ILE B 702 -3.43 16.47 -15.20
C ILE B 702 -3.19 15.03 -15.67
N VAL B 703 -3.79 14.66 -16.80
CA VAL B 703 -3.63 13.31 -17.35
C VAL B 703 -2.19 13.10 -17.81
N GLN B 704 -1.60 14.12 -18.46
CA GLN B 704 -0.22 14.03 -18.92
C GLN B 704 0.74 13.81 -17.76
N ALA B 705 0.52 14.50 -16.65
CA ALA B 705 1.38 14.35 -15.49
C ALA B 705 1.21 12.99 -14.84
N ARG B 706 -0.01 12.48 -14.79
CA ARG B 706 -0.23 11.10 -14.34
C ARG B 706 0.54 10.12 -15.20
N LEU B 707 0.48 10.30 -16.53
CA LEU B 707 1.20 9.44 -17.45
C LEU B 707 2.72 9.56 -17.30
N VAL B 708 3.23 10.77 -17.11
CA VAL B 708 4.68 10.99 -17.03
C VAL B 708 5.23 10.43 -15.72
N GLY B 709 4.50 10.62 -14.63
CA GLY B 709 4.88 9.98 -13.38
C GLY B 709 4.83 8.47 -13.46
N LEU B 710 3.83 7.94 -14.16
CA LEU B 710 3.76 6.50 -14.40
C LEU B 710 4.96 6.02 -15.22
N ILE B 711 5.37 6.78 -16.24
CA ILE B 711 6.49 6.38 -17.09
C ILE B 711 7.80 6.38 -16.32
N HIS B 712 8.07 7.45 -15.56
CA HIS B 712 9.30 7.49 -14.75
C HIS B 712 9.28 6.39 -13.68
N PHE B 713 8.13 6.18 -13.02
CA PHE B 713 7.96 5.12 -12.02
C PHE B 713 8.23 3.74 -12.62
N THR B 714 7.62 3.44 -13.77
CA THR B 714 7.75 2.14 -14.40
C THR B 714 9.17 1.89 -14.88
N ALA B 715 9.79 2.90 -15.50
CA ALA B 715 11.17 2.76 -15.95
C ALA B 715 12.12 2.52 -14.78
N GLY B 716 11.90 3.23 -13.66
CA GLY B 716 12.71 2.97 -12.47
C GLY B 716 12.52 1.58 -11.92
N TYR B 717 11.27 1.10 -11.87
CA TYR B 717 10.96 -0.27 -11.46
C TYR B 717 11.71 -1.29 -12.29
N ILE B 718 11.60 -1.17 -13.62
CA ILE B 718 12.19 -2.16 -14.52
C ILE B 718 13.71 -2.12 -14.46
N PHE B 719 14.30 -0.93 -14.52
CA PHE B 719 15.75 -0.84 -14.56
C PHE B 719 16.38 -1.25 -13.23
N THR B 720 15.74 -0.89 -12.11
CA THR B 720 16.22 -1.31 -10.80
C THR B 720 16.23 -2.82 -10.67
N TYR B 721 15.11 -3.47 -11.02
CA TYR B 721 15.08 -4.92 -10.84
C TYR B 721 15.96 -5.64 -11.85
N ALA B 722 16.06 -5.13 -13.08
CA ALA B 722 16.91 -5.79 -14.08
C ALA B 722 18.37 -5.73 -13.68
N ALA B 723 18.83 -4.55 -13.22
CA ALA B 723 20.19 -4.42 -12.72
C ALA B 723 20.44 -5.33 -11.52
N PHE B 724 19.48 -5.39 -10.59
CA PHE B 724 19.63 -6.24 -9.41
C PHE B 724 19.73 -7.72 -9.80
N VAL B 725 18.80 -8.20 -10.64
CA VAL B 725 18.75 -9.63 -10.92
C VAL B 725 19.96 -10.07 -11.73
N ILE B 726 20.38 -9.27 -12.72
CA ILE B 726 21.52 -9.65 -13.54
C ILE B 726 22.82 -9.57 -12.74
N ALA B 727 23.03 -8.46 -12.02
CA ALA B 727 24.27 -8.30 -11.27
C ALA B 727 24.37 -9.26 -10.10
N SER B 728 23.24 -9.56 -9.43
CA SER B 728 23.28 -10.49 -8.31
C SER B 728 23.56 -11.92 -8.77
N THR B 729 22.88 -12.36 -9.84
CA THR B 729 23.15 -13.69 -10.35
C THR B 729 24.57 -13.81 -10.90
N THR B 730 25.06 -12.76 -11.57
CA THR B 730 26.43 -12.75 -12.07
C THR B 730 27.46 -12.77 -10.94
N GLY B 731 27.21 -11.99 -9.89
CA GLY B 731 28.16 -11.95 -8.78
C GLY B 731 28.19 -13.25 -7.99
N LYS B 732 27.03 -13.87 -7.77
CA LYS B 732 27.03 -15.12 -7.03
C LYS B 732 27.55 -16.29 -7.85
N PHE B 733 27.20 -16.37 -9.12
CA PHE B 733 27.50 -17.57 -9.89
C PHE B 733 28.46 -17.38 -11.05
N GLY B 734 28.51 -16.20 -11.66
CA GLY B 734 29.34 -16.00 -12.83
C GLY B 734 30.62 -15.22 -12.55
N SER C 2 -12.28 26.00 -27.94
CA SER C 2 -12.98 26.44 -26.74
C SER C 2 -13.73 25.29 -26.10
N HIS C 3 -14.09 25.45 -24.83
CA HIS C 3 -14.93 24.48 -24.16
C HIS C 3 -16.38 24.63 -24.62
N SER C 4 -17.14 23.56 -24.48
CA SER C 4 -18.55 23.53 -24.88
C SER C 4 -19.42 23.45 -23.63
N VAL C 5 -20.38 24.36 -23.52
CA VAL C 5 -21.29 24.38 -22.38
C VAL C 5 -22.70 24.19 -22.89
N LYS C 6 -23.39 23.18 -22.37
CA LYS C 6 -24.75 22.86 -22.74
C LYS C 6 -25.67 23.01 -21.54
N VAL C 7 -26.91 23.41 -21.79
CA VAL C 7 -27.93 23.51 -20.75
C VAL C 7 -29.10 22.63 -21.17
N TYR C 8 -29.43 21.66 -20.34
CA TYR C 8 -30.49 20.70 -20.63
C TYR C 8 -31.81 21.16 -20.01
N ASP C 9 -32.92 20.63 -20.51
CA ASP C 9 -34.23 21.15 -20.16
C ASP C 9 -34.70 20.75 -18.76
N THR C 10 -33.87 20.08 -17.97
CA THR C 10 -34.11 19.85 -16.55
C THR C 10 -33.83 21.09 -15.71
N CYS C 11 -33.37 22.18 -16.33
CA CYS C 11 -33.05 23.40 -15.62
C CYS C 11 -34.28 24.01 -14.98
N ILE C 12 -34.14 24.43 -13.72
CA ILE C 12 -35.24 25.01 -12.97
C ILE C 12 -35.14 26.53 -12.89
N GLY C 13 -34.16 27.13 -13.54
CA GLY C 13 -33.99 28.58 -13.55
C GLY C 13 -33.68 29.20 -12.21
N CYS C 14 -32.78 28.59 -11.44
CA CYS C 14 -32.42 29.12 -10.13
C CYS C 14 -31.32 30.17 -10.20
N THR C 15 -30.74 30.39 -11.38
CA THR C 15 -29.70 31.37 -11.71
C THR C 15 -28.41 31.17 -10.91
N GLN C 16 -28.21 30.02 -10.28
CA GLN C 16 -27.03 29.82 -9.46
C GLN C 16 -25.77 29.64 -10.31
N CYS C 17 -25.91 28.96 -11.46
CA CYS C 17 -24.76 28.75 -12.34
C CYS C 17 -24.27 30.06 -12.94
N VAL C 18 -25.20 30.96 -13.27
CA VAL C 18 -24.82 32.27 -13.79
C VAL C 18 -24.10 33.10 -12.72
N ARG C 19 -24.58 33.02 -11.48
CA ARG C 19 -23.92 33.74 -10.39
C ARG C 19 -22.57 33.13 -10.04
N ALA C 20 -22.39 31.84 -10.27
CA ALA C 20 -21.13 31.19 -9.96
C ALA C 20 -20.08 31.35 -11.04
N CYS C 21 -20.46 31.82 -12.23
CA CYS C 21 -19.52 31.88 -13.34
C CYS C 21 -18.53 33.02 -13.15
N PRO C 22 -17.22 32.75 -13.10
CA PRO C 22 -16.25 33.83 -12.96
C PRO C 22 -15.92 34.55 -14.25
N CYS C 23 -16.35 34.02 -15.39
CA CYS C 23 -15.93 34.51 -16.69
C CYS C 23 -17.05 35.09 -17.54
N ASP C 24 -18.27 35.20 -17.00
CA ASP C 24 -19.46 35.73 -17.68
C ASP C 24 -19.72 34.98 -18.99
N VAL C 25 -19.97 33.68 -18.83
CA VAL C 25 -20.27 32.80 -19.94
C VAL C 25 -21.77 32.54 -20.05
N LEU C 26 -22.44 32.42 -18.92
CA LEU C 26 -23.84 32.05 -18.87
C LEU C 26 -24.72 33.28 -18.65
N GLU C 27 -25.98 33.15 -19.05
CA GLU C 27 -26.98 34.19 -18.81
C GLU C 27 -28.36 33.55 -18.80
N MET C 28 -29.31 34.25 -18.20
CA MET C 28 -30.67 33.76 -18.08
C MET C 28 -31.53 34.30 -19.22
N VAL C 29 -32.25 33.42 -19.92
CA VAL C 29 -33.15 33.80 -20.98
C VAL C 29 -34.54 33.28 -20.65
N SER C 30 -35.54 33.84 -21.33
CA SER C 30 -36.92 33.50 -21.06
C SER C 30 -37.26 32.10 -21.58
N TRP C 31 -38.10 31.40 -20.82
CA TRP C 31 -38.45 30.01 -21.12
C TRP C 31 -39.79 29.72 -20.46
N ASP C 32 -40.45 28.66 -20.93
CA ASP C 32 -41.72 28.23 -20.37
C ASP C 32 -41.68 26.82 -19.79
N GLY C 33 -40.52 26.16 -19.80
CA GLY C 33 -40.44 24.78 -19.39
C GLY C 33 -40.36 24.55 -17.89
N CYS C 34 -40.11 25.58 -17.10
CA CYS C 34 -39.98 25.46 -15.66
C CYS C 34 -40.80 26.55 -14.98
N LYS C 35 -41.02 26.36 -13.68
CA LYS C 35 -41.88 27.27 -12.91
C LYS C 35 -41.27 28.66 -12.79
N ALA C 36 -39.94 28.76 -12.75
CA ALA C 36 -39.28 30.07 -12.69
C ALA C 36 -39.44 30.87 -13.99
N GLY C 37 -39.77 30.22 -15.10
CA GLY C 37 -39.94 30.92 -16.35
C GLY C 37 -38.65 31.37 -17.00
N GLN C 38 -37.53 30.71 -16.69
CA GLN C 38 -36.24 31.13 -17.20
C GLN C 38 -35.33 29.91 -17.32
N ILE C 39 -34.41 29.95 -18.27
CA ILE C 39 -33.44 28.89 -18.45
C ILE C 39 -32.06 29.51 -18.67
N ALA C 40 -31.03 28.79 -18.22
CA ALA C 40 -29.66 29.21 -18.46
C ALA C 40 -29.28 29.00 -19.93
N SER C 41 -28.35 29.81 -20.39
CA SER C 41 -27.82 29.71 -21.74
C SER C 41 -26.35 30.12 -21.71
N ALA C 42 -25.60 29.66 -22.71
CA ALA C 42 -24.16 29.87 -22.77
C ALA C 42 -23.77 30.49 -24.10
N PRO C 43 -23.98 31.81 -24.27
CA PRO C 43 -23.62 32.45 -25.54
C PRO C 43 -22.15 32.81 -25.67
N ARG C 44 -21.37 32.74 -24.60
CA ARG C 44 -20.02 33.30 -24.55
C ARG C 44 -19.01 32.25 -24.11
N THR C 45 -19.10 31.05 -24.69
CA THR C 45 -18.23 29.94 -24.32
C THR C 45 -16.79 30.11 -24.78
N GLU C 46 -16.50 31.14 -25.60
CA GLU C 46 -15.11 31.44 -25.93
C GLU C 46 -14.35 32.03 -24.75
N ASP C 47 -15.07 32.54 -23.75
CA ASP C 47 -14.47 33.01 -22.51
C ASP C 47 -14.48 31.95 -21.42
N CYS C 48 -14.99 30.76 -21.69
CA CYS C 48 -15.10 29.72 -20.68
C CYS C 48 -13.72 29.15 -20.36
N ILE C 49 -13.34 29.22 -19.09
CA ILE C 49 -12.08 28.63 -18.67
C ILE C 49 -12.21 27.14 -18.37
N GLY C 50 -13.43 26.67 -18.09
CA GLY C 50 -13.64 25.27 -17.78
C GLY C 50 -13.59 24.92 -16.32
N CYS C 51 -13.80 25.91 -15.43
CA CYS C 51 -13.63 25.70 -13.99
C CYS C 51 -14.72 24.82 -13.38
N LYS C 52 -15.85 24.66 -14.07
CA LYS C 52 -17.00 23.87 -13.62
C LYS C 52 -17.57 24.34 -12.28
N ARG C 53 -17.44 25.64 -12.00
CA ARG C 53 -18.14 26.23 -10.86
C ARG C 53 -19.65 26.23 -11.10
N CYS C 54 -20.07 26.36 -12.35
CA CYS C 54 -21.48 26.32 -12.70
C CYS C 54 -22.08 24.96 -12.41
N GLU C 55 -21.35 23.88 -12.70
CA GLU C 55 -21.82 22.54 -12.39
C GLU C 55 -21.88 22.32 -10.88
N THR C 56 -20.92 22.87 -10.14
CA THR C 56 -20.97 22.81 -8.68
C THR C 56 -22.19 23.56 -8.14
N ALA C 57 -22.58 24.65 -8.79
CA ALA C 57 -23.73 25.42 -8.32
C ALA C 57 -25.07 24.79 -8.69
N CYS C 58 -25.11 23.84 -9.62
CA CYS C 58 -26.39 23.35 -10.13
C CYS C 58 -27.06 22.42 -9.12
N PRO C 59 -28.31 22.68 -8.75
CA PRO C 59 -28.99 21.86 -7.75
C PRO C 59 -29.82 20.70 -8.27
N THR C 60 -29.98 20.54 -9.58
CA THR C 60 -30.84 19.49 -10.11
C THR C 60 -30.09 18.17 -10.12
N ASP C 61 -30.78 17.10 -9.72
CA ASP C 61 -30.16 15.78 -9.81
C ASP C 61 -29.92 15.43 -11.28
N PHE C 62 -28.83 14.71 -11.50
CA PHE C 62 -27.76 15.08 -12.42
C PHE C 62 -27.93 16.35 -13.27
N LEU C 63 -26.80 17.07 -13.37
CA LEU C 63 -26.71 18.49 -13.71
C LEU C 63 -27.51 18.88 -14.96
N SER C 64 -28.03 20.10 -14.93
CA SER C 64 -28.66 20.71 -16.09
C SER C 64 -27.66 21.45 -16.96
N VAL C 65 -26.65 22.07 -16.35
CA VAL C 65 -25.54 22.69 -17.07
C VAL C 65 -24.38 21.71 -17.10
N ARG C 66 -23.78 21.54 -18.27
CA ARG C 66 -22.70 20.59 -18.45
C ARG C 66 -21.58 21.23 -19.25
N VAL C 67 -20.36 21.08 -18.77
CA VAL C 67 -19.17 21.62 -19.43
C VAL C 67 -18.35 20.46 -19.97
N TYR C 68 -18.10 20.48 -21.26
CA TYR C 68 -17.26 19.51 -21.96
C TYR C 68 -15.99 20.23 -22.39
N LEU C 69 -14.87 19.85 -21.79
CA LEU C 69 -13.59 20.49 -22.11
C LEU C 69 -13.14 20.08 -23.51
N GLY C 70 -12.72 21.08 -24.30
CA GLY C 70 -12.36 20.85 -25.68
C GLY C 70 -11.01 21.47 -26.00
N GLY C 71 -10.96 22.13 -27.17
CA GLY C 71 -9.76 22.80 -27.63
C GLY C 71 -9.32 23.93 -26.74
N GLU C 72 -8.05 23.93 -26.35
CA GLU C 72 -7.53 24.93 -25.43
C GLU C 72 -7.03 26.14 -26.20
N THR C 73 -7.45 27.33 -25.76
CA THR C 73 -7.04 28.61 -26.29
C THR C 73 -6.36 29.39 -25.17
N THR C 74 -5.93 30.62 -25.49
CA THR C 74 -5.31 31.48 -24.48
C THR C 74 -6.31 31.85 -23.39
N ARG C 75 -7.56 32.14 -23.78
CA ARG C 75 -8.59 32.46 -22.80
C ARG C 75 -8.98 31.25 -21.97
N SER C 76 -9.17 30.10 -22.62
CA SER C 76 -9.62 28.91 -21.90
C SER C 76 -8.55 28.33 -20.99
N MET C 77 -7.28 28.60 -21.29
CA MET C 77 -6.20 28.15 -20.42
C MET C 77 -5.93 29.12 -19.28
N GLY C 78 -6.61 30.27 -19.25
CA GLY C 78 -6.44 31.24 -18.20
C GLY C 78 -5.06 31.87 -18.17
N LEU C 79 -4.47 32.09 -19.33
CA LEU C 79 -3.11 32.61 -19.43
C LEU C 79 -3.13 34.13 -19.43
N ALA C 80 -2.45 34.73 -18.46
CA ALA C 80 -2.22 36.16 -18.44
C ALA C 80 -0.94 36.54 -19.18
N TYR C 81 -0.44 35.66 -20.04
CA TYR C 81 0.77 35.89 -20.80
C TYR C 81 0.68 35.20 -22.15
N THR D 4 -19.00 52.53 -24.91
CA THR D 4 -17.88 53.40 -25.26
C THR D 4 -16.97 53.63 -24.07
N LEU D 5 -15.70 53.25 -24.22
CA LEU D 5 -14.72 53.39 -23.14
C LEU D 5 -13.99 54.72 -23.28
N ASN D 6 -14.18 55.59 -22.28
CA ASN D 6 -13.41 56.83 -22.19
C ASN D 6 -12.02 56.50 -21.67
N LEU D 7 -11.02 56.65 -22.53
CA LEU D 7 -9.64 56.38 -22.14
C LEU D 7 -9.09 57.39 -21.15
N GLN D 8 -9.74 58.54 -20.97
CA GLN D 8 -9.25 59.60 -20.11
C GLN D 8 -9.80 59.50 -18.69
N ILE D 9 -10.52 58.43 -18.37
CA ILE D 9 -10.99 58.20 -17.00
C ILE D 9 -9.78 57.96 -16.10
N PRO D 10 -9.68 58.66 -14.96
CA PRO D 10 -8.53 58.46 -14.09
C PRO D 10 -8.52 57.09 -13.42
N SER D 11 -7.36 56.65 -13.09
CA SER D 11 -7.09 55.34 -12.53
C SER D 11 -6.99 55.42 -11.01
N PRO D 12 -7.25 54.32 -10.29
CA PRO D 12 -6.98 54.31 -8.85
C PRO D 12 -5.49 54.47 -8.56
N THR D 13 -5.20 55.12 -7.45
CA THR D 13 -3.81 55.32 -7.05
C THR D 13 -3.22 54.00 -6.55
N PHE D 14 -2.29 53.47 -7.33
CA PHE D 14 -1.64 52.20 -7.07
C PHE D 14 -0.14 52.39 -7.20
N GLU D 15 0.61 51.77 -6.29
CA GLU D 15 2.06 51.90 -6.32
C GLU D 15 2.73 50.97 -7.31
N GLY D 16 1.97 50.11 -7.97
CA GLY D 16 2.53 49.21 -8.95
C GLY D 16 2.92 47.87 -8.33
N SER D 17 2.99 46.86 -9.19
CA SER D 17 3.33 45.52 -8.74
C SER D 17 3.87 44.73 -9.92
N THR D 18 4.48 43.60 -9.60
CA THR D 18 4.97 42.68 -10.62
C THR D 18 3.88 41.76 -11.14
N GLY D 19 2.67 41.82 -10.58
CA GLY D 19 1.56 41.01 -10.99
C GLY D 19 0.71 41.56 -12.12
N GLY D 20 1.07 42.73 -12.65
CA GLY D 20 0.28 43.36 -13.69
C GLY D 20 0.44 42.69 -15.03
N TRP D 21 -0.04 43.38 -16.07
CA TRP D 21 -0.14 42.74 -17.37
C TRP D 21 1.22 42.66 -18.06
N LEU D 22 1.41 41.57 -18.79
CA LEU D 22 2.61 41.21 -19.52
C LEU D 22 2.51 41.65 -20.98
N ARG D 23 3.49 41.22 -21.79
CA ARG D 23 3.59 41.60 -23.20
C ARG D 23 2.38 41.14 -24.02
N ALA D 24 1.73 40.05 -23.59
CA ALA D 24 0.55 39.56 -24.31
C ALA D 24 -0.63 40.53 -24.22
N ALA D 25 -0.64 41.42 -23.22
CA ALA D 25 -1.67 42.45 -23.17
C ALA D 25 -1.51 43.46 -24.29
N GLU D 26 -0.27 43.88 -24.57
CA GLU D 26 -0.04 44.81 -25.66
C GLU D 26 0.07 44.12 -27.01
N VAL D 27 0.14 42.79 -27.05
CA VAL D 27 0.30 42.06 -28.29
C VAL D 27 -0.97 41.30 -28.68
N GLU D 28 -1.63 40.62 -27.75
CA GLU D 28 -2.83 39.88 -28.12
C GLU D 28 -4.14 40.59 -27.80
N GLU D 29 -4.36 40.95 -26.53
CA GLU D 29 -5.58 41.62 -26.07
C GLU D 29 -5.39 42.05 -24.62
N LYS D 30 -6.17 43.05 -24.22
CA LYS D 30 -6.13 43.60 -22.87
C LYS D 30 -7.56 43.81 -22.42
N TYR D 31 -7.79 43.89 -21.11
CA TYR D 31 -9.13 44.11 -20.59
C TYR D 31 -9.15 45.37 -19.74
N ALA D 32 -10.28 46.04 -19.73
CA ALA D 32 -10.46 47.27 -18.97
C ALA D 32 -11.72 47.16 -18.12
N ILE D 33 -11.66 47.68 -16.90
CA ILE D 33 -12.82 47.76 -16.04
C ILE D 33 -12.96 49.19 -15.52
N THR D 34 -14.16 49.76 -15.67
CA THR D 34 -14.48 51.06 -15.14
C THR D 34 -15.60 50.92 -14.11
N TRP D 35 -15.56 51.78 -13.10
CA TRP D 35 -16.63 51.83 -12.11
C TRP D 35 -16.60 53.18 -11.42
N THR D 36 -17.70 53.51 -10.75
CA THR D 36 -17.80 54.78 -10.04
C THR D 36 -17.97 54.51 -8.56
N SER D 37 -17.16 55.19 -7.75
CA SER D 37 -17.18 55.09 -6.30
C SER D 37 -17.71 56.36 -5.66
N PRO D 38 -18.45 56.26 -4.56
CA PRO D 38 -18.89 57.46 -3.84
C PRO D 38 -17.80 58.11 -3.00
N LYS D 39 -16.67 57.45 -2.79
CA LYS D 39 -15.61 57.97 -1.94
C LYS D 39 -14.30 57.29 -2.30
N GLU D 40 -13.20 57.88 -1.84
CA GLU D 40 -11.88 57.25 -1.95
C GLU D 40 -11.75 56.16 -0.91
N GLN D 41 -11.48 54.94 -1.35
CA GLN D 41 -11.43 53.82 -0.41
C GLN D 41 -10.51 52.74 -0.94
N VAL D 42 -9.94 51.98 -0.01
CA VAL D 42 -8.93 50.97 -0.33
C VAL D 42 -9.62 49.66 -0.70
N PHE D 43 -9.25 49.11 -1.84
CA PHE D 43 -9.67 47.80 -2.31
C PHE D 43 -8.44 46.95 -2.61
N GLU D 44 -8.64 45.64 -2.66
CA GLU D 44 -7.57 44.72 -3.00
C GLU D 44 -7.49 44.52 -4.50
N MET D 45 -6.30 44.70 -5.05
CA MET D 45 -6.07 44.41 -6.45
C MET D 45 -6.20 42.92 -6.72
N PRO D 46 -6.80 42.53 -7.86
CA PRO D 46 -6.82 41.10 -8.21
C PRO D 46 -5.47 40.54 -8.58
N THR D 47 -4.48 41.39 -8.84
CA THR D 47 -3.12 40.98 -9.15
C THR D 47 -2.22 40.97 -7.92
N GLY D 48 -2.74 41.31 -6.76
CA GLY D 48 -1.94 41.37 -5.55
C GLY D 48 -1.57 42.78 -5.16
N GLY D 49 -1.97 43.18 -3.95
CA GLY D 49 -1.69 44.50 -3.44
C GLY D 49 -2.96 45.29 -3.20
N ALA D 50 -2.80 46.38 -2.44
CA ALA D 50 -3.89 47.27 -2.12
C ALA D 50 -3.79 48.54 -2.95
N ALA D 51 -4.93 48.97 -3.49
CA ALA D 51 -5.01 50.22 -4.22
C ALA D 51 -6.16 51.03 -3.63
N ILE D 52 -6.13 52.33 -3.85
CA ILE D 52 -7.18 53.22 -3.37
C ILE D 52 -7.94 53.74 -4.57
N MET D 53 -9.22 53.37 -4.67
CA MET D 53 -10.06 53.93 -5.72
C MET D 53 -10.50 55.33 -5.33
N ARG D 54 -10.50 56.21 -6.33
CA ARG D 54 -10.87 57.60 -6.15
C ARG D 54 -12.39 57.75 -6.10
N GLN D 55 -12.83 58.89 -5.56
CA GLN D 55 -14.23 59.27 -5.66
C GLN D 55 -14.52 59.68 -7.10
N GLY D 56 -15.58 59.10 -7.67
CA GLY D 56 -15.88 59.32 -9.07
C GLY D 56 -15.53 58.11 -9.91
N GLU D 57 -15.06 58.34 -11.14
CA GLU D 57 -14.85 57.25 -12.07
C GLU D 57 -13.43 56.68 -11.94
N ASN D 58 -13.32 55.37 -12.17
CA ASN D 58 -12.09 54.61 -12.07
C ASN D 58 -11.97 53.73 -13.30
N LEU D 59 -10.81 53.80 -13.97
CA LEU D 59 -10.45 52.94 -15.09
C LEU D 59 -9.23 52.14 -14.72
N LEU D 60 -9.26 50.84 -14.98
CA LEU D 60 -8.15 49.98 -14.61
C LEU D 60 -7.96 48.94 -15.70
N TYR D 61 -6.70 48.55 -15.92
CA TYR D 61 -6.33 47.65 -17.00
C TYR D 61 -5.83 46.32 -16.42
N LEU D 62 -6.31 45.22 -17.00
CA LEU D 62 -5.92 43.89 -16.56
C LEU D 62 -5.61 43.03 -17.78
N ALA D 63 -5.04 41.86 -17.51
CA ALA D 63 -4.64 40.93 -18.56
C ALA D 63 -5.75 39.95 -18.93
N ARG D 64 -6.63 39.63 -17.99
CA ARG D 64 -7.62 38.58 -18.18
C ARG D 64 -9.01 39.10 -17.83
N LYS D 65 -10.01 38.52 -18.49
CA LYS D 65 -11.41 38.84 -18.17
C LYS D 65 -11.77 38.40 -16.76
N GLU D 66 -11.21 37.28 -16.31
CA GLU D 66 -11.52 36.76 -14.99
C GLU D 66 -11.00 37.67 -13.89
N GLN D 67 -9.87 38.34 -14.12
CA GLN D 67 -9.37 39.33 -13.16
C GLN D 67 -10.32 40.52 -13.04
N CYS D 68 -10.83 41.00 -14.17
CA CYS D 68 -11.79 42.09 -14.17
C CYS D 68 -13.08 41.71 -13.46
N LEU D 69 -13.57 40.50 -13.71
CA LEU D 69 -14.82 40.09 -13.06
C LEU D 69 -14.62 39.76 -11.59
N ALA D 70 -13.42 39.32 -11.19
CA ALA D 70 -13.12 39.16 -9.77
C ALA D 70 -13.10 40.51 -9.07
N LEU D 71 -12.49 41.53 -9.69
CA LEU D 71 -12.52 42.88 -9.13
C LEU D 71 -13.94 43.42 -9.06
N ALA D 72 -14.75 43.13 -10.09
CA ALA D 72 -16.14 43.54 -10.10
C ALA D 72 -16.93 42.90 -8.96
N THR D 73 -16.70 41.60 -8.73
CA THR D 73 -17.38 40.91 -7.63
C THR D 73 -16.94 41.47 -6.28
N GLN D 74 -15.64 41.79 -6.14
CA GLN D 74 -15.14 42.37 -4.90
C GLN D 74 -15.76 43.73 -4.62
N VAL D 75 -15.81 44.61 -5.62
CA VAL D 75 -16.40 45.93 -5.40
C VAL D 75 -17.92 45.87 -5.30
N LYS D 76 -18.55 44.81 -5.82
CA LYS D 76 -19.99 44.64 -5.64
C LYS D 76 -20.32 44.18 -4.23
N ASN D 77 -19.56 43.22 -3.70
CA ASN D 77 -19.90 42.62 -2.42
C ASN D 77 -19.26 43.32 -1.22
N SER D 78 -18.29 44.21 -1.44
CA SER D 78 -17.66 44.92 -0.33
C SER D 78 -17.94 46.41 -0.32
N PHE D 79 -18.28 47.01 -1.46
CA PHE D 79 -18.51 48.45 -1.53
C PHE D 79 -19.85 48.82 -2.15
N LYS D 80 -20.69 47.84 -2.50
CA LYS D 80 -22.01 48.03 -3.10
C LYS D 80 -21.93 48.87 -4.38
N ILE D 81 -20.95 48.55 -5.22
CA ILE D 81 -20.76 49.22 -6.51
C ILE D 81 -21.19 48.26 -7.60
N THR D 82 -22.23 48.63 -8.35
CA THR D 82 -22.78 47.75 -9.38
C THR D 82 -22.73 48.32 -10.79
N ASP D 83 -22.26 49.55 -10.98
CA ASP D 83 -22.27 50.20 -12.28
C ASP D 83 -21.05 49.85 -13.14
N TYR D 84 -20.24 48.88 -12.74
CA TYR D 84 -18.99 48.57 -13.41
C TYR D 84 -19.23 48.08 -14.84
N LYS D 85 -18.29 48.40 -15.73
CA LYS D 85 -18.32 47.99 -17.12
C LYS D 85 -16.96 47.39 -17.48
N VAL D 86 -16.99 46.26 -18.19
CA VAL D 86 -15.79 45.54 -18.59
C VAL D 86 -15.73 45.52 -20.11
N TYR D 87 -14.57 45.92 -20.64
CA TYR D 87 -14.30 46.03 -22.07
C TYR D 87 -13.10 45.19 -22.44
N ARG D 88 -13.06 44.77 -23.70
CA ARG D 88 -11.88 44.14 -24.31
C ARG D 88 -11.26 45.11 -25.31
N ILE D 89 -9.96 45.30 -25.23
CA ILE D 89 -9.23 46.23 -26.09
C ILE D 89 -8.17 45.45 -26.85
N PHE D 90 -8.12 45.65 -28.15
CA PHE D 90 -7.17 45.02 -29.04
C PHE D 90 -6.00 45.97 -29.34
N PRO D 91 -4.86 45.45 -29.80
CA PRO D 91 -3.74 46.33 -30.18
C PRO D 91 -4.07 47.35 -31.26
N SER D 92 -5.01 47.04 -32.14
CA SER D 92 -5.44 47.98 -33.18
C SER D 92 -6.18 49.18 -32.63
N GLY D 93 -6.63 49.13 -31.38
CA GLY D 93 -7.44 50.18 -30.80
C GLY D 93 -8.92 49.88 -30.74
N GLU D 94 -9.35 48.73 -31.24
CA GLU D 94 -10.76 48.36 -31.17
C GLU D 94 -11.13 48.02 -29.73
N VAL D 95 -12.21 48.63 -29.25
CA VAL D 95 -12.75 48.37 -27.92
C VAL D 95 -14.04 47.59 -28.09
N GLN D 96 -14.10 46.43 -27.43
CA GLN D 96 -15.28 45.57 -27.46
C GLN D 96 -15.89 45.56 -26.07
N TYR D 97 -17.10 46.09 -25.95
CA TYR D 97 -17.81 46.07 -24.68
C TYR D 97 -18.21 44.64 -24.34
N LEU D 98 -17.93 44.21 -23.11
CA LEU D 98 -18.19 42.84 -22.72
C LEU D 98 -19.26 42.70 -21.64
N HIS D 99 -19.14 43.43 -20.54
CA HIS D 99 -19.96 43.12 -19.38
C HIS D 99 -20.47 44.37 -18.66
N PRO D 100 -21.76 44.45 -18.31
CA PRO D 100 -22.87 43.57 -18.68
C PRO D 100 -23.28 43.77 -20.14
N LYS D 101 -23.50 42.65 -20.86
CA LYS D 101 -23.48 42.65 -22.31
C LYS D 101 -24.61 43.50 -22.91
N ASP D 102 -25.83 43.36 -22.38
CA ASP D 102 -26.95 44.15 -22.85
C ASP D 102 -27.37 45.22 -21.85
N GLY D 103 -26.49 45.58 -20.92
CA GLY D 103 -26.81 46.53 -19.88
C GLY D 103 -27.45 45.92 -18.64
N VAL D 104 -28.11 44.78 -18.78
CA VAL D 104 -28.71 44.05 -17.68
C VAL D 104 -27.77 42.89 -17.34
N PHE D 105 -27.57 42.67 -16.03
CA PHE D 105 -26.68 41.61 -15.56
C PHE D 105 -27.19 40.24 -16.00
N PRO D 106 -26.29 39.29 -16.28
CA PRO D 106 -26.72 38.00 -16.84
C PRO D 106 -27.59 37.16 -15.93
N GLU D 107 -27.56 37.38 -14.62
CA GLU D 107 -28.43 36.63 -13.72
C GLU D 107 -29.87 37.11 -13.73
N LYS D 108 -30.16 38.22 -14.41
CA LYS D 108 -31.51 38.72 -14.58
C LYS D 108 -31.95 38.52 -16.03
N VAL D 109 -33.20 38.08 -16.21
CA VAL D 109 -33.72 37.87 -17.56
C VAL D 109 -33.97 39.21 -18.24
N ASN D 110 -33.52 39.32 -19.49
CA ASN D 110 -33.71 40.50 -20.30
C ASN D 110 -34.30 40.11 -21.64
N ALA D 111 -35.20 40.93 -22.16
CA ALA D 111 -35.82 40.67 -23.45
C ALA D 111 -34.80 40.79 -24.58
N GLY D 112 -34.99 39.98 -25.61
CA GLY D 112 -34.10 39.95 -26.75
C GLY D 112 -33.02 38.91 -26.68
N ARG D 113 -32.75 38.37 -25.49
CA ARG D 113 -31.76 37.31 -25.33
C ARG D 113 -32.27 36.01 -25.94
N VAL D 114 -31.41 35.34 -26.69
CA VAL D 114 -31.73 34.05 -27.31
C VAL D 114 -30.87 32.97 -26.67
N GLY D 115 -31.45 31.80 -26.49
CA GLY D 115 -30.76 30.71 -25.83
C GLY D 115 -29.73 30.03 -26.69
N VAL D 116 -28.50 29.96 -26.21
CA VAL D 116 -27.39 29.33 -26.91
C VAL D 116 -26.96 28.09 -26.13
N GLY D 117 -26.87 26.96 -26.81
CA GLY D 117 -26.45 25.72 -26.19
C GLY D 117 -27.54 24.99 -25.42
N ASN D 118 -28.80 25.35 -25.63
CA ASN D 118 -29.88 24.66 -24.95
C ASN D 118 -30.21 23.35 -25.66
N VAL D 119 -30.38 22.29 -24.89
CA VAL D 119 -30.72 20.98 -25.40
C VAL D 119 -32.13 20.64 -24.92
N SER D 120 -32.95 20.08 -25.82
CA SER D 120 -34.37 19.90 -25.58
C SER D 120 -34.70 18.56 -24.94
N HIS D 121 -33.74 17.95 -24.26
CA HIS D 121 -34.00 16.72 -23.51
C HIS D 121 -33.06 16.69 -22.31
N SER D 122 -33.30 15.73 -21.43
CA SER D 122 -32.45 15.56 -20.26
C SER D 122 -31.09 15.01 -20.69
N ILE D 123 -30.12 15.14 -19.77
CA ILE D 123 -28.75 14.73 -20.07
C ILE D 123 -28.62 13.22 -20.24
N GLY D 124 -29.53 12.44 -19.66
CA GLY D 124 -29.52 11.01 -19.85
C GLY D 124 -29.98 10.53 -21.21
N LYS D 125 -30.46 11.42 -22.07
CA LYS D 125 -30.95 11.05 -23.39
C LYS D 125 -29.92 11.27 -24.49
N ASN D 126 -28.66 11.48 -24.12
CA ASN D 126 -27.62 11.66 -25.13
C ASN D 126 -27.33 10.36 -25.86
N LEU D 127 -26.82 10.49 -27.07
CA LEU D 127 -26.53 9.33 -27.91
C LEU D 127 -25.24 8.64 -27.47
N ASN D 128 -25.15 7.34 -27.73
CA ASN D 128 -23.94 6.61 -27.46
C ASN D 128 -22.85 6.98 -28.46
N PRO D 129 -21.58 6.94 -28.04
CA PRO D 129 -20.48 7.21 -28.99
C PRO D 129 -20.42 6.24 -30.16
N ALA D 130 -20.86 5.00 -29.97
CA ALA D 130 -20.88 4.03 -31.07
C ALA D 130 -21.94 4.38 -32.10
N GLN D 131 -23.02 5.05 -31.67
CA GLN D 131 -24.06 5.48 -32.60
C GLN D 131 -23.56 6.54 -33.57
N ILE D 132 -22.67 7.43 -33.12
CA ILE D 132 -22.25 8.59 -33.90
C ILE D 132 -20.82 8.45 -34.40
N LYS D 133 -20.23 7.27 -34.29
CA LYS D 133 -18.88 7.07 -34.78
C LYS D 133 -18.87 7.03 -36.32
N PHE D 134 -17.80 7.61 -36.90
CA PHE D 134 -17.65 7.78 -38.35
C PHE D 134 -18.82 8.54 -38.95
N THR D 135 -19.30 9.55 -38.23
CA THR D 135 -20.53 10.27 -38.56
C THR D 135 -20.46 11.61 -37.83
N SER D 136 -20.94 12.67 -38.49
CA SER D 136 -20.85 14.02 -37.97
C SER D 136 -22.03 14.41 -37.10
N LYS D 137 -22.79 13.43 -36.59
CA LYS D 137 -23.88 13.71 -35.68
C LYS D 137 -23.34 14.07 -34.30
N SER D 138 -23.99 15.04 -33.67
CA SER D 138 -23.64 15.40 -32.30
C SER D 138 -24.21 14.37 -31.33
N PHE D 139 -23.55 14.24 -30.18
CA PHE D 139 -23.99 13.30 -29.15
C PHE D 139 -25.30 13.72 -28.50
N ASN D 140 -25.71 14.98 -28.64
CA ASN D 140 -26.97 15.44 -28.07
C ASN D 140 -28.17 14.99 -28.90
N GLY D 141 -27.97 14.65 -30.17
CA GLY D 141 -29.06 14.19 -31.00
C GLY D 141 -29.56 15.24 -31.98
N VAL E 2 -50.41 9.68 -9.39
CA VAL E 2 -49.71 10.07 -8.19
C VAL E 2 -50.24 11.40 -7.66
N LYS E 3 -50.02 11.65 -6.37
CA LYS E 3 -50.53 12.86 -5.72
C LYS E 3 -49.55 13.28 -4.65
N ARG E 4 -49.84 14.40 -4.00
CA ARG E 4 -49.01 14.93 -2.93
C ARG E 4 -49.00 13.99 -1.73
N GLY E 5 -47.80 13.68 -1.22
CA GLY E 5 -47.64 12.84 -0.08
C GLY E 5 -47.43 11.37 -0.38
N SER E 6 -47.63 10.94 -1.62
CA SER E 6 -47.47 9.55 -1.98
C SER E 6 -46.00 9.15 -2.04
N LYS E 7 -45.75 7.86 -1.80
CA LYS E 7 -44.40 7.31 -1.88
C LYS E 7 -44.18 6.74 -3.27
N VAL E 8 -43.12 7.19 -3.94
CA VAL E 8 -42.91 6.87 -5.35
C VAL E 8 -41.49 6.37 -5.56
N ARG E 9 -41.36 5.50 -6.55
CA ARG E 9 -40.07 5.03 -7.03
C ARG E 9 -39.69 5.76 -8.32
N ILE E 10 -38.40 6.05 -8.46
CA ILE E 10 -37.87 6.87 -9.54
C ILE E 10 -37.36 5.98 -10.66
N LEU E 11 -37.73 6.30 -11.89
CA LEU E 11 -37.30 5.54 -13.06
C LEU E 11 -36.36 6.31 -13.98
N ARG E 12 -35.89 7.50 -13.56
CA ARG E 12 -34.90 8.23 -14.35
C ARG E 12 -33.53 7.58 -14.14
N LYS E 13 -32.91 7.12 -15.24
CA LYS E 13 -31.70 6.32 -15.15
C LYS E 13 -30.52 7.11 -14.61
N GLU E 14 -30.36 8.36 -15.05
CA GLU E 14 -29.23 9.17 -14.61
C GLU E 14 -29.37 9.70 -13.19
N SER E 15 -30.53 9.51 -12.56
CA SER E 15 -30.78 10.08 -11.25
C SER E 15 -30.00 9.36 -10.16
N TYR E 16 -29.64 10.11 -9.12
CA TYR E 16 -29.00 9.51 -7.95
C TYR E 16 -29.95 8.56 -7.23
N TRP E 17 -31.25 8.84 -7.28
CA TRP E 17 -32.26 8.07 -6.56
C TRP E 17 -33.02 7.12 -7.47
N TYR E 18 -32.38 6.64 -8.54
CA TYR E 18 -33.02 5.70 -9.46
C TYR E 18 -33.36 4.41 -8.74
N GLN E 19 -34.60 3.95 -8.91
CA GLN E 19 -35.18 2.80 -8.22
C GLN E 19 -35.20 2.94 -6.70
N ASP E 20 -35.01 4.14 -6.17
CA ASP E 20 -35.17 4.44 -4.76
C ASP E 20 -36.49 5.17 -4.53
N ILE E 21 -36.87 5.29 -3.26
CA ILE E 21 -38.18 5.78 -2.88
C ILE E 21 -38.08 7.21 -2.36
N GLY E 22 -38.91 8.09 -2.91
CA GLY E 22 -39.08 9.43 -2.40
C GLY E 22 -40.55 9.71 -2.10
N THR E 23 -40.81 10.92 -1.60
CA THR E 23 -42.15 11.36 -1.28
C THR E 23 -42.50 12.55 -2.15
N VAL E 24 -43.68 12.51 -2.78
CA VAL E 24 -44.13 13.61 -3.61
C VAL E 24 -44.53 14.78 -2.73
N ALA E 25 -43.93 15.94 -2.98
CA ALA E 25 -44.21 17.15 -2.21
C ALA E 25 -45.19 18.08 -2.88
N THR E 26 -45.23 18.12 -4.21
CA THR E 26 -46.09 19.01 -4.98
C THR E 26 -46.11 18.55 -6.44
N ILE E 27 -47.28 18.52 -7.05
CA ILE E 27 -47.43 18.28 -8.48
C ILE E 27 -47.91 19.59 -9.12
N ASP E 28 -47.06 20.20 -9.93
CA ASP E 28 -47.42 21.45 -10.57
C ASP E 28 -48.41 21.21 -11.70
N THR E 29 -49.40 22.10 -11.83
CA THR E 29 -50.47 21.94 -12.81
C THR E 29 -50.22 22.64 -14.13
N SER E 30 -49.30 23.61 -14.14
CA SER E 30 -48.93 24.29 -15.37
C SER E 30 -48.09 23.37 -16.25
N GLY E 31 -47.88 23.81 -17.50
CA GLY E 31 -47.23 22.99 -18.51
C GLY E 31 -45.74 22.84 -18.34
N ILE E 32 -45.31 22.33 -17.20
CA ILE E 32 -43.90 22.19 -16.84
C ILE E 32 -43.43 20.82 -17.30
N ARG E 33 -42.21 20.78 -17.85
CA ARG E 33 -41.65 19.53 -18.37
C ARG E 33 -41.48 18.49 -17.26
N TYR E 34 -41.10 18.92 -16.06
CA TYR E 34 -40.91 18.02 -14.91
C TYR E 34 -41.68 18.60 -13.73
N PRO E 35 -42.97 18.30 -13.63
CA PRO E 35 -43.82 18.95 -12.62
C PRO E 35 -43.92 18.24 -11.27
N VAL E 36 -43.29 17.08 -11.10
CA VAL E 36 -43.42 16.31 -9.87
C VAL E 36 -42.22 16.60 -9.00
N VAL E 37 -42.40 17.36 -7.93
CA VAL E 37 -41.36 17.59 -6.94
C VAL E 37 -41.34 16.39 -6.00
N VAL E 38 -40.18 15.73 -5.89
CA VAL E 38 -40.01 14.57 -5.03
C VAL E 38 -38.87 14.86 -4.06
N ARG E 39 -39.13 14.66 -2.77
CA ARG E 39 -38.15 14.84 -1.71
C ARG E 39 -37.66 13.48 -1.21
N PHE E 40 -36.36 13.36 -1.03
CA PHE E 40 -35.72 12.10 -0.68
C PHE E 40 -35.05 12.21 0.69
N GLU E 41 -35.02 11.08 1.38
CA GLU E 41 -34.38 11.05 2.70
C GLU E 41 -32.87 10.93 2.60
N LYS E 42 -32.35 10.38 1.50
CA LYS E 42 -30.93 10.28 1.26
C LYS E 42 -30.49 11.48 0.41
N VAL E 43 -29.41 12.12 0.83
CA VAL E 43 -28.87 13.23 0.04
C VAL E 43 -28.02 12.68 -1.09
N SER E 44 -27.93 13.44 -2.17
CA SER E 44 -27.11 13.08 -3.32
C SER E 44 -25.66 13.45 -3.04
N TYR E 45 -24.81 13.31 -4.05
CA TYR E 45 -23.40 13.68 -3.90
C TYR E 45 -23.22 15.19 -3.76
N SER E 46 -24.12 15.97 -4.35
CA SER E 46 -24.09 17.42 -4.20
C SER E 46 -24.80 17.90 -2.95
N GLY E 47 -25.38 16.99 -2.16
CA GLY E 47 -26.01 17.35 -0.91
C GLY E 47 -27.46 17.75 -1.00
N VAL E 48 -28.08 17.67 -2.17
CA VAL E 48 -29.49 18.01 -2.31
C VAL E 48 -30.32 16.77 -2.00
N ASN E 49 -31.59 16.99 -1.66
CA ASN E 49 -32.47 15.89 -1.32
C ASN E 49 -33.86 16.04 -1.95
N THR E 50 -33.99 16.87 -2.99
CA THR E 50 -35.23 17.03 -3.72
C THR E 50 -34.92 17.23 -5.20
N ASN E 51 -35.84 16.79 -6.04
CA ASN E 51 -35.65 16.91 -7.48
C ASN E 51 -37.01 16.89 -8.17
N ASN E 52 -37.05 17.45 -9.38
CA ASN E 52 -38.26 17.46 -10.19
C ASN E 52 -38.18 16.38 -11.26
N PHE E 53 -39.30 15.67 -11.44
CA PHE E 53 -39.39 14.58 -12.40
C PHE E 53 -40.68 14.71 -13.19
N SER E 54 -40.68 14.11 -14.37
CA SER E 54 -41.91 13.98 -15.15
C SER E 54 -42.75 12.83 -14.60
N LEU E 55 -43.97 12.70 -15.13
CA LEU E 55 -44.88 11.66 -14.68
C LEU E 55 -44.38 10.27 -15.05
N ASP E 56 -43.77 10.12 -16.23
CA ASP E 56 -43.33 8.81 -16.69
C ASP E 56 -42.05 8.33 -16.01
N GLU E 57 -41.36 9.21 -15.28
CA GLU E 57 -40.18 8.83 -14.51
C GLU E 57 -40.51 8.46 -13.08
N VAL E 58 -41.79 8.32 -12.77
CA VAL E 58 -42.30 8.20 -11.40
C VAL E 58 -43.35 7.09 -11.39
N VAL E 59 -43.22 6.14 -10.46
CA VAL E 59 -44.21 5.08 -10.30
C VAL E 59 -44.61 4.99 -8.82
N GLU E 60 -45.92 4.97 -8.58
CA GLU E 60 -46.40 4.83 -7.20
C GLU E 60 -46.14 3.42 -6.67
N VAL E 61 -45.71 3.34 -5.41
CA VAL E 61 -45.47 2.04 -4.79
C VAL E 61 -46.53 1.76 -3.73
N ASP F 28 4.87 -39.07 6.87
CA ASP F 28 3.44 -39.24 7.02
C ASP F 28 2.78 -38.54 5.83
N VAL F 29 1.97 -37.51 6.10
CA VAL F 29 1.32 -36.76 5.03
C VAL F 29 2.36 -35.86 4.37
N ALA F 30 2.44 -35.92 3.04
CA ALA F 30 3.30 -35.07 2.20
C ALA F 30 4.78 -35.25 2.54
N GLY F 31 5.15 -36.44 3.00
CA GLY F 31 6.52 -36.73 3.38
C GLY F 31 6.97 -36.12 4.69
N LEU F 32 6.09 -35.48 5.44
CA LEU F 32 6.48 -34.90 6.71
C LEU F 32 6.50 -35.97 7.80
N THR F 33 7.28 -35.69 8.84
CA THR F 33 7.40 -36.56 10.00
C THR F 33 6.71 -35.94 11.21
N PRO F 34 6.18 -36.75 12.11
CA PRO F 34 5.61 -36.21 13.36
C PRO F 34 6.66 -35.48 14.18
N CYS F 35 6.24 -34.38 14.80
CA CYS F 35 7.16 -33.51 15.53
C CYS F 35 7.76 -34.16 16.77
N GLY F 36 7.08 -35.14 17.35
CA GLY F 36 7.61 -35.82 18.52
C GLY F 36 8.74 -36.80 18.25
N GLU F 37 9.05 -37.04 16.98
CA GLU F 37 10.18 -37.88 16.62
C GLU F 37 11.11 -37.23 15.60
N SER F 38 10.88 -35.96 15.25
CA SER F 38 11.77 -35.25 14.35
C SER F 38 12.97 -34.72 15.13
N LYS F 39 14.17 -35.04 14.65
CA LYS F 39 15.38 -34.61 15.35
C LYS F 39 15.60 -33.11 15.23
N GLU F 40 15.11 -32.49 14.15
CA GLU F 40 15.28 -31.06 14.01
C GLU F 40 14.36 -30.27 14.93
N PHE F 41 13.19 -30.82 15.26
CA PHE F 41 12.35 -30.25 16.30
C PHE F 41 13.07 -30.24 17.65
N ALA F 42 13.75 -31.35 17.97
CA ALA F 42 14.54 -31.43 19.18
C ALA F 42 15.71 -30.45 19.15
N ARG F 43 16.31 -30.27 17.98
CA ARG F 43 17.40 -29.32 17.84
C ARG F 43 16.93 -27.88 18.05
N ARG F 44 15.74 -27.54 17.53
CA ARG F 44 15.14 -26.23 17.79
C ARG F 44 14.89 -26.02 19.28
N LEU F 45 14.32 -27.03 19.95
CA LEU F 45 14.07 -26.94 21.39
C LEU F 45 15.37 -26.76 22.17
N ASP F 46 16.39 -27.55 21.82
CA ASP F 46 17.68 -27.47 22.50
C ASP F 46 18.34 -26.11 22.29
N GLY F 47 18.26 -25.59 21.06
CA GLY F 47 18.82 -24.28 20.79
C GLY F 47 18.13 -23.16 21.55
N SER F 48 16.79 -23.21 21.62
CA SER F 48 16.05 -22.20 22.38
C SER F 48 16.38 -22.27 23.87
N VAL F 49 16.44 -23.48 24.42
CA VAL F 49 16.75 -23.65 25.83
C VAL F 49 18.17 -23.19 26.14
N LYS F 50 19.13 -23.49 25.25
CA LYS F 50 20.50 -23.04 25.45
C LYS F 50 20.64 -21.53 25.33
N LYS F 51 19.90 -20.93 24.39
CA LYS F 51 19.92 -19.48 24.23
C LYS F 51 19.35 -18.78 25.46
N LEU F 52 18.32 -19.35 26.09
CA LEU F 52 17.85 -18.77 27.34
C LEU F 52 18.78 -19.08 28.51
N GLN F 53 19.46 -20.22 28.49
CA GLN F 53 20.32 -20.60 29.62
C GLN F 53 21.61 -19.80 29.65
N THR F 54 22.15 -19.43 28.49
CA THR F 54 23.33 -18.58 28.49
C THR F 54 23.01 -17.17 29.00
N ARG F 55 21.78 -16.70 28.81
CA ARG F 55 21.35 -15.48 29.47
C ARG F 55 21.16 -15.70 30.97
N LEU F 56 20.66 -16.88 31.35
CA LEU F 56 20.47 -17.21 32.76
C LEU F 56 21.79 -17.26 33.53
N LYS F 57 22.88 -17.64 32.83
CA LYS F 57 24.19 -17.81 33.48
C LYS F 57 24.74 -16.51 34.06
N LYS F 58 24.34 -15.35 33.54
CA LYS F 58 24.90 -14.08 33.97
C LYS F 58 24.17 -13.46 35.16
N TYR F 59 23.18 -14.14 35.72
CA TYR F 59 22.40 -13.62 36.84
C TYR F 59 22.50 -14.55 38.03
N GLU F 60 22.43 -13.97 39.22
CA GLU F 60 22.50 -14.73 40.46
C GLU F 60 21.18 -15.44 40.74
N ALA F 61 21.27 -16.60 41.35
CA ALA F 61 20.09 -17.39 41.68
C ALA F 61 19.28 -16.71 42.78
N GLY F 62 17.99 -16.55 42.54
CA GLY F 62 17.11 -15.83 43.44
C GLY F 62 16.79 -14.42 42.99
N THR F 63 17.60 -13.85 42.10
CA THR F 63 17.29 -12.55 41.52
C THR F 63 16.06 -12.66 40.61
N PRO F 64 15.25 -11.62 40.54
CA PRO F 64 14.05 -11.64 39.65
C PRO F 64 14.36 -11.89 38.18
N PRO F 65 15.47 -11.36 37.60
CA PRO F 65 15.80 -11.81 36.22
C PRO F 65 16.04 -13.31 36.10
N ALA F 66 16.61 -13.95 37.12
CA ALA F 66 16.82 -15.39 37.08
C ALA F 66 15.50 -16.15 37.11
N LEU F 67 14.58 -15.72 37.96
CA LEU F 67 13.26 -16.36 38.01
C LEU F 67 12.48 -16.14 36.72
N ALA F 68 12.56 -14.95 36.14
CA ALA F 68 11.89 -14.68 34.87
C ALA F 68 12.46 -15.53 33.74
N LEU F 69 13.80 -15.66 33.69
CA LEU F 69 14.42 -16.48 32.66
C LEU F 69 14.10 -17.95 32.83
N GLN F 70 14.06 -18.44 34.08
CA GLN F 70 13.69 -19.83 34.32
C GLN F 70 12.23 -20.10 33.97
N LYS F 71 11.35 -19.12 34.21
CA LYS F 71 9.96 -19.26 33.77
C LYS F 71 9.85 -19.29 32.26
N GLN F 72 10.66 -18.49 31.56
CA GLN F 72 10.69 -18.55 30.10
C GLN F 72 11.19 -19.91 29.60
N ILE F 73 12.20 -20.46 30.28
CA ILE F 73 12.69 -21.80 29.95
C ILE F 73 11.60 -22.84 30.14
N ASP F 74 10.86 -22.74 31.25
CA ASP F 74 9.77 -23.68 31.51
C ASP F 74 8.66 -23.57 30.47
N LYS F 75 8.32 -22.35 30.07
CA LYS F 75 7.31 -22.15 29.03
C LYS F 75 7.76 -22.71 27.69
N THR F 76 9.05 -22.54 27.35
CA THR F 76 9.58 -23.09 26.11
C THR F 76 9.52 -24.62 26.12
N LYS F 77 9.93 -25.23 27.23
CA LYS F 77 9.90 -26.68 27.35
C LYS F 77 8.48 -27.22 27.27
N ASN F 78 7.53 -26.56 27.95
CA ASN F 78 6.14 -27.00 27.93
C ASN F 78 5.53 -26.85 26.54
N ARG F 79 5.85 -25.76 25.84
CA ARG F 79 5.35 -25.55 24.49
C ARG F 79 5.88 -26.61 23.52
N PHE F 80 7.18 -26.90 23.58
CA PHE F 80 7.73 -27.91 22.70
C PHE F 80 7.21 -29.31 23.02
N ASP F 81 7.01 -29.62 24.30
CA ASP F 81 6.42 -30.91 24.69
C ASP F 81 4.99 -31.04 24.18
N ARG F 82 4.18 -29.99 24.37
CA ARG F 82 2.79 -30.00 23.91
C ARG F 82 2.70 -30.09 22.40
N TYR F 83 3.57 -29.39 21.68
CA TYR F 83 3.57 -29.49 20.22
C TYR F 83 4.05 -30.87 19.76
N GLY F 84 4.97 -31.49 20.48
CA GLY F 84 5.43 -32.82 20.14
C GLY F 84 4.42 -33.91 20.44
N LYS F 85 3.50 -33.68 21.37
CA LYS F 85 2.50 -34.68 21.72
C LYS F 85 1.15 -34.44 21.08
N ALA F 86 1.06 -33.50 20.13
CA ALA F 86 -0.21 -33.12 19.54
C ALA F 86 -0.47 -33.75 18.18
N GLY F 87 0.44 -34.57 17.65
CA GLY F 87 0.26 -35.10 16.32
C GLY F 87 0.54 -34.11 15.21
N LEU F 88 1.16 -32.97 15.50
CA LEU F 88 1.59 -32.04 14.47
C LEU F 88 2.71 -32.65 13.64
N LEU F 89 2.71 -32.32 12.36
CA LEU F 89 3.75 -32.79 11.45
C LEU F 89 4.79 -31.70 11.26
N CYS F 90 6.06 -32.07 11.33
CA CYS F 90 7.18 -31.18 11.10
C CYS F 90 7.92 -31.53 9.83
N GLY F 91 8.27 -30.50 9.07
CA GLY F 91 9.11 -30.63 7.89
C GLY F 91 10.57 -30.69 8.25
N THR F 92 11.40 -30.62 7.22
CA THR F 92 12.85 -30.70 7.39
C THR F 92 13.43 -29.43 8.02
N ASP F 93 12.67 -28.33 8.00
CA ASP F 93 13.08 -27.13 8.73
C ASP F 93 13.07 -27.36 10.24
N GLY F 94 12.12 -28.15 10.72
CA GLY F 94 11.99 -28.44 12.13
C GLY F 94 10.82 -27.76 12.80
N LEU F 95 9.89 -27.21 12.03
CA LEU F 95 8.74 -26.46 12.52
C LEU F 95 7.45 -27.18 12.14
N PRO F 96 6.39 -27.03 12.94
CA PRO F 96 5.12 -27.70 12.61
C PRO F 96 4.51 -27.18 11.32
N HIS F 97 4.05 -28.10 10.49
CA HIS F 97 3.40 -27.78 9.23
C HIS F 97 1.93 -28.20 9.31
N LEU F 98 1.04 -27.29 8.97
CA LEU F 98 -0.39 -27.56 9.06
C LEU F 98 -0.93 -28.17 7.78
N ILE F 99 -1.86 -29.11 7.94
CA ILE F 99 -2.54 -29.76 6.82
C ILE F 99 -3.96 -29.23 6.75
N ALA F 100 -4.35 -28.72 5.59
CA ALA F 100 -5.65 -28.06 5.43
C ALA F 100 -6.35 -28.51 4.15
N ASP F 101 -6.31 -29.81 3.86
CA ASP F 101 -6.99 -30.36 2.69
C ASP F 101 -8.35 -30.96 3.01
N GLY F 102 -8.73 -30.96 4.29
CA GLY F 102 -10.01 -31.48 4.73
C GLY F 102 -9.96 -32.80 5.46
N ARG F 103 -8.79 -33.44 5.55
CA ARG F 103 -8.69 -34.73 6.22
C ARG F 103 -8.96 -34.60 7.72
N TRP F 104 -9.63 -35.60 8.28
CA TRP F 104 -10.10 -35.53 9.65
C TRP F 104 -8.98 -35.70 10.67
N SER F 105 -7.86 -36.29 10.28
CA SER F 105 -6.71 -36.40 11.18
C SER F 105 -6.04 -35.05 11.43
N HIS F 106 -6.35 -34.03 10.65
CA HIS F 106 -5.84 -32.68 10.86
C HIS F 106 -6.96 -31.65 10.82
N SER F 107 -8.16 -32.03 11.28
CA SER F 107 -9.29 -31.12 11.25
C SER F 107 -9.15 -30.01 12.27
N GLY F 108 -8.39 -30.23 13.33
CA GLY F 108 -8.20 -29.21 14.33
C GLY F 108 -7.16 -28.17 13.97
N GLU F 109 -6.48 -28.31 12.85
CA GLU F 109 -5.48 -27.33 12.47
C GLU F 109 -6.07 -26.19 11.65
N PHE F 110 -7.02 -26.46 10.76
CA PHE F 110 -7.71 -25.34 10.12
C PHE F 110 -9.22 -25.38 10.24
N VAL F 111 -9.83 -26.57 10.17
CA VAL F 111 -11.27 -26.68 9.95
C VAL F 111 -12.05 -26.23 11.19
N ILE F 112 -11.67 -26.72 12.36
CA ILE F 112 -12.35 -26.37 13.61
C ILE F 112 -12.08 -24.94 14.04
N PRO F 113 -10.85 -24.38 13.96
CA PRO F 113 -10.71 -22.93 14.11
C PRO F 113 -11.51 -22.15 13.09
N GLY F 114 -11.66 -22.68 11.88
CA GLY F 114 -12.49 -22.04 10.89
C GLY F 114 -13.96 -21.99 11.28
N LEU F 115 -14.47 -23.09 11.85
CA LEU F 115 -15.85 -23.11 12.33
C LEU F 115 -16.06 -22.12 13.48
N PHE F 116 -15.07 -22.04 14.38
CA PHE F 116 -15.15 -21.07 15.48
C PHE F 116 -15.17 -19.63 14.96
N PHE F 117 -14.30 -19.31 14.00
CA PHE F 117 -14.33 -17.99 13.40
C PHE F 117 -15.65 -17.72 12.71
N LEU F 118 -16.17 -18.70 11.95
CA LEU F 118 -17.38 -18.47 11.17
C LEU F 118 -18.57 -18.23 12.08
N TYR F 119 -18.62 -18.93 13.21
CA TYR F 119 -19.65 -18.67 14.22
C TYR F 119 -19.56 -17.25 14.76
N VAL F 120 -18.35 -16.81 15.16
CA VAL F 120 -18.20 -15.47 15.73
C VAL F 120 -18.46 -14.39 14.69
N ALA F 121 -17.99 -14.58 13.46
CA ALA F 121 -18.15 -13.58 12.41
C ALA F 121 -19.60 -13.45 11.96
N GLY F 122 -20.30 -14.59 11.83
CA GLY F 122 -21.72 -14.52 11.53
C GLY F 122 -22.52 -13.89 12.65
N TRP F 123 -22.11 -14.12 13.90
CA TRP F 123 -22.69 -13.40 15.04
C TRP F 123 -22.53 -11.89 14.87
N ILE F 124 -21.31 -11.43 14.57
CA ILE F 124 -21.05 -9.99 14.47
C ILE F 124 -21.86 -9.38 13.32
N GLY F 125 -21.86 -10.06 12.16
CA GLY F 125 -22.62 -9.58 11.03
C GLY F 125 -24.12 -9.53 11.27
N TRP F 126 -24.65 -10.56 11.93
CA TRP F 126 -26.09 -10.62 12.20
C TRP F 126 -26.51 -9.53 13.18
N VAL F 127 -25.76 -9.33 14.26
CA VAL F 127 -26.15 -8.31 15.22
C VAL F 127 -25.96 -6.90 14.66
N GLY F 128 -24.95 -6.69 13.81
CA GLY F 128 -24.81 -5.39 13.17
C GLY F 128 -25.92 -5.10 12.18
N ARG F 129 -26.33 -6.09 11.40
CA ARG F 129 -27.45 -5.92 10.48
C ARG F 129 -28.75 -5.65 11.23
N SER F 130 -28.97 -6.36 12.34
CA SER F 130 -30.15 -6.13 13.16
C SER F 130 -30.17 -4.72 13.74
N TYR F 131 -29.02 -4.23 14.20
CA TYR F 131 -28.98 -2.87 14.72
C TYR F 131 -29.20 -1.83 13.62
N VAL F 132 -28.68 -2.07 12.41
CA VAL F 132 -28.92 -1.15 11.29
C VAL F 132 -30.41 -1.08 10.95
N LEU F 133 -31.06 -2.24 10.92
CA LEU F 133 -32.49 -2.26 10.61
C LEU F 133 -33.33 -1.65 11.73
N PHE F 134 -32.89 -1.77 12.98
CA PHE F 134 -33.57 -1.05 14.07
C PHE F 134 -33.39 0.45 13.93
N ALA F 135 -32.16 0.89 13.63
CA ALA F 135 -31.84 2.30 13.55
C ALA F 135 -32.59 2.98 12.42
N ARG F 136 -32.91 2.23 11.35
CA ARG F 136 -33.73 2.77 10.28
C ARG F 136 -35.12 3.18 10.76
N THR F 137 -35.63 2.56 11.82
CA THR F 137 -36.96 2.86 12.33
C THR F 137 -36.99 4.05 13.29
N ALA F 138 -35.83 4.57 13.70
CA ALA F 138 -35.77 5.62 14.70
C ALA F 138 -36.18 6.96 14.10
N ASP F 139 -36.29 7.97 14.99
CA ASP F 139 -36.64 9.32 14.56
C ASP F 139 -35.52 9.93 13.72
N LYS F 140 -34.29 9.88 14.21
CA LYS F 140 -33.12 10.27 13.42
C LYS F 140 -32.21 9.06 13.35
N PRO F 141 -32.19 8.34 12.23
CA PRO F 141 -31.35 7.14 12.12
C PRO F 141 -29.86 7.40 12.27
N THR F 142 -29.36 8.52 11.74
CA THR F 142 -27.93 8.81 11.80
C THR F 142 -27.46 9.07 13.22
N GLU F 143 -28.32 9.67 14.05
CA GLU F 143 -28.01 9.84 15.47
C GLU F 143 -27.88 8.49 16.15
N LYS F 144 -28.74 7.54 15.78
CA LYS F 144 -28.58 6.16 16.26
C LYS F 144 -27.28 5.54 15.76
N GLU F 145 -26.78 5.95 14.59
CA GLU F 145 -25.51 5.40 14.13
C GLU F 145 -24.34 5.96 14.93
N ILE F 146 -24.34 7.27 15.23
CA ILE F 146 -23.19 7.83 15.93
C ILE F 146 -23.33 7.75 17.45
N ILE F 147 -24.55 7.78 17.98
CA ILE F 147 -24.79 7.64 19.40
C ILE F 147 -25.61 6.36 19.57
N ILE F 148 -24.95 5.31 20.05
CA ILE F 148 -25.56 3.99 20.10
C ILE F 148 -26.57 3.91 21.23
N ASP F 149 -27.74 3.35 20.93
CA ASP F 149 -28.69 2.95 21.96
C ASP F 149 -28.13 1.69 22.61
N VAL F 150 -27.45 1.87 23.75
CA VAL F 150 -26.70 0.77 24.35
C VAL F 150 -27.57 -0.39 24.84
N PRO F 151 -28.70 -0.18 25.55
CA PRO F 151 -29.57 -1.35 25.85
C PRO F 151 -30.08 -2.11 24.64
N VAL F 152 -30.49 -1.41 23.58
CA VAL F 152 -30.97 -2.07 22.37
C VAL F 152 -29.83 -2.80 21.67
N ALA F 153 -28.64 -2.19 21.64
CA ALA F 153 -27.48 -2.84 21.04
C ALA F 153 -27.07 -4.08 21.83
N LEU F 154 -27.18 -4.02 23.16
CA LEU F 154 -26.86 -5.19 23.99
C LEU F 154 -27.89 -6.30 23.79
N SER F 155 -29.15 -5.93 23.60
CA SER F 155 -30.17 -6.91 23.23
C SER F 155 -29.81 -7.60 21.93
N PHE F 156 -29.38 -6.81 20.94
CA PHE F 156 -29.01 -7.36 19.64
C PHE F 156 -27.81 -8.29 19.75
N VAL F 157 -26.76 -7.87 20.46
CA VAL F 157 -25.58 -8.73 20.61
C VAL F 157 -25.89 -9.97 21.44
N SER F 158 -26.93 -9.93 22.27
CA SER F 158 -27.40 -11.16 22.90
C SER F 158 -28.08 -12.08 21.89
N THR F 159 -28.79 -11.50 20.90
CA THR F 159 -29.52 -12.33 19.93
C THR F 159 -28.64 -13.16 19.01
N GLY F 160 -27.33 -12.90 18.94
CA GLY F 160 -26.50 -13.49 17.91
C GLY F 160 -26.07 -14.92 18.09
N PHE F 161 -26.45 -15.58 19.18
CA PHE F 161 -26.02 -16.95 19.44
C PHE F 161 -26.70 -17.97 18.51
N ILE F 162 -27.84 -17.63 17.91
CA ILE F 162 -28.55 -18.53 17.00
C ILE F 162 -28.59 -17.94 15.61
N TRP F 163 -27.54 -17.17 15.27
CA TRP F 163 -27.50 -16.47 13.98
C TRP F 163 -27.66 -17.33 12.73
N PRO F 164 -27.15 -18.58 12.61
CA PRO F 164 -27.41 -19.30 11.33
C PRO F 164 -28.86 -19.61 11.07
N PHE F 165 -29.60 -20.09 12.08
CA PHE F 165 -31.01 -20.39 11.90
C PHE F 165 -31.83 -19.11 11.70
N SER F 166 -31.53 -18.06 12.48
CA SER F 166 -32.24 -16.79 12.34
C SER F 166 -31.98 -16.16 10.97
N ALA F 167 -30.73 -16.20 10.50
CA ALA F 167 -30.39 -15.64 9.20
C ALA F 167 -31.00 -16.46 8.07
N PHE F 168 -31.07 -17.78 8.22
CA PHE F 168 -31.68 -18.59 7.17
C PHE F 168 -33.18 -18.40 7.11
N LYS F 169 -33.84 -18.27 8.27
CA LYS F 169 -35.26 -17.98 8.28
C LYS F 169 -35.55 -16.58 7.76
N GLU F 170 -34.66 -15.62 8.03
CA GLU F 170 -34.75 -14.30 7.43
C GLU F 170 -34.60 -14.37 5.92
N PHE F 171 -33.73 -15.25 5.43
CA PHE F 171 -33.52 -15.41 3.99
C PHE F 171 -34.74 -16.03 3.32
N THR F 172 -35.27 -17.11 3.88
CA THR F 172 -36.36 -17.85 3.24
C THR F 172 -37.68 -17.11 3.30
N SER F 173 -37.85 -16.20 4.25
CA SER F 173 -39.07 -15.40 4.35
C SER F 173 -39.02 -14.14 3.50
N GLY F 174 -37.96 -13.97 2.70
CA GLY F 174 -37.84 -12.79 1.86
C GLY F 174 -37.41 -11.54 2.59
N ASN F 175 -36.83 -11.66 3.77
CA ASN F 175 -36.47 -10.51 4.58
C ASN F 175 -34.97 -10.22 4.58
N LEU F 176 -34.16 -11.05 3.93
CA LEU F 176 -32.73 -10.81 3.81
C LEU F 176 -32.35 -10.22 2.45
N ILE F 177 -32.80 -10.84 1.38
CA ILE F 177 -32.50 -10.40 0.02
C ILE F 177 -33.59 -9.45 -0.43
N VAL F 178 -33.21 -8.30 -0.97
CA VAL F 178 -34.18 -7.38 -1.54
C VAL F 178 -34.13 -7.52 -3.05
N PRO F 179 -35.25 -7.35 -3.76
CA PRO F 179 -35.26 -7.55 -5.20
C PRO F 179 -34.43 -6.50 -5.95
N ALA F 180 -34.08 -6.84 -7.18
CA ALA F 180 -33.20 -6.00 -7.99
C ALA F 180 -33.85 -4.69 -8.41
N ASP F 181 -35.18 -4.63 -8.47
CA ASP F 181 -35.86 -3.39 -8.85
C ASP F 181 -35.98 -2.38 -7.72
N GLU F 182 -35.45 -2.70 -6.53
CA GLU F 182 -35.50 -1.79 -5.39
C GLU F 182 -34.11 -1.36 -4.94
N ILE F 183 -33.09 -1.63 -5.74
CA ILE F 183 -31.72 -1.21 -5.44
C ILE F 183 -31.27 -0.24 -6.52
N THR F 184 -30.64 0.86 -6.11
CA THR F 184 -30.14 1.82 -7.08
C THR F 184 -28.95 1.27 -7.84
N VAL F 185 -28.93 1.53 -9.15
CA VAL F 185 -27.83 1.13 -10.02
C VAL F 185 -27.52 2.25 -10.99
N SER F 186 -26.27 2.29 -11.44
CA SER F 186 -25.82 3.29 -12.39
C SER F 186 -26.34 2.98 -13.78
N PRO F 187 -26.39 3.99 -14.67
CA PRO F 187 -26.73 3.72 -16.07
C PRO F 187 -25.70 2.83 -16.74
N ARG F 188 -26.19 1.79 -17.41
CA ARG F 188 -25.32 0.83 -18.09
C ARG F 188 -24.86 1.38 -19.44
N MET G 1 38.96 -6.95 -33.56
CA MET G 1 37.71 -6.74 -34.29
C MET G 1 37.96 -6.30 -35.73
N THR G 2 37.36 -7.02 -36.67
CA THR G 2 37.40 -6.63 -38.07
C THR G 2 36.63 -5.33 -38.28
N ALA G 3 37.24 -4.42 -39.06
CA ALA G 3 36.74 -3.07 -39.31
C ALA G 3 36.55 -2.31 -38.01
N ALA G 4 37.63 -2.25 -37.23
CA ALA G 4 37.62 -1.63 -35.92
C ALA G 4 37.44 -0.12 -35.99
N TYR G 5 37.68 0.49 -37.15
CA TYR G 5 37.46 1.92 -37.32
C TYR G 5 35.98 2.29 -37.28
N LEU G 6 35.10 1.34 -37.61
CA LEU G 6 33.67 1.63 -37.70
C LEU G 6 33.01 2.06 -36.40
N PRO G 7 33.29 1.47 -35.21
CA PRO G 7 32.73 2.08 -33.98
C PRO G 7 33.16 3.52 -33.74
N SER G 8 34.45 3.82 -33.87
CA SER G 8 34.92 5.19 -33.66
C SER G 8 34.42 6.15 -34.72
N ILE G 9 34.05 5.67 -35.91
CA ILE G 9 33.45 6.55 -36.91
C ILE G 9 31.96 6.76 -36.63
N LEU G 10 31.23 5.66 -36.38
CA LEU G 10 29.78 5.71 -36.37
C LEU G 10 29.17 6.11 -35.03
N VAL G 11 29.78 5.73 -33.91
CA VAL G 11 29.21 6.06 -32.60
C VAL G 11 29.12 7.56 -32.34
N PRO G 12 30.17 8.39 -32.58
CA PRO G 12 29.96 9.84 -32.48
C PRO G 12 28.92 10.39 -33.44
N ILE G 13 28.86 9.88 -34.67
CA ILE G 13 27.85 10.36 -35.62
C ILE G 13 26.45 10.02 -35.15
N ILE G 14 26.20 8.74 -34.84
CA ILE G 14 24.88 8.29 -34.42
C ILE G 14 24.47 8.91 -33.09
N GLY G 15 25.41 9.13 -32.18
CA GLY G 15 25.06 9.69 -30.89
C GLY G 15 25.07 11.20 -30.78
N LEU G 16 25.68 11.93 -31.72
CA LEU G 16 25.68 13.38 -31.59
C LEU G 16 25.14 14.11 -32.82
N ILE G 17 25.39 13.60 -34.02
CA ILE G 17 25.00 14.29 -35.24
C ILE G 17 23.56 13.97 -35.60
N PHE G 18 23.23 12.67 -35.57
CA PHE G 18 21.85 12.24 -35.78
C PHE G 18 20.86 12.88 -34.81
N PRO G 19 21.06 12.87 -33.47
CA PRO G 19 20.07 13.56 -32.62
C PRO G 19 20.07 15.07 -32.78
N GLY G 20 21.21 15.69 -33.05
CA GLY G 20 21.23 17.13 -33.27
C GLY G 20 20.43 17.55 -34.50
N LEU G 21 20.65 16.86 -35.63
CA LEU G 21 19.89 17.16 -36.84
C LEU G 21 18.41 16.80 -36.69
N VAL G 22 18.11 15.69 -36.02
CA VAL G 22 16.70 15.33 -35.78
C VAL G 22 16.02 16.37 -34.88
N MET G 23 16.69 16.81 -33.81
CA MET G 23 16.09 17.79 -32.92
C MET G 23 15.92 19.14 -33.60
N ALA G 24 16.90 19.55 -34.43
CA ALA G 24 16.79 20.81 -35.15
C ALA G 24 15.66 20.78 -36.16
N PHE G 25 15.58 19.72 -36.97
CA PHE G 25 14.55 19.65 -38.00
C PHE G 25 13.16 19.43 -37.40
N ALA G 26 13.08 18.66 -36.31
CA ALA G 26 11.81 18.48 -35.61
C ALA G 26 11.36 19.78 -34.96
N PHE G 27 12.31 20.56 -34.42
CA PHE G 27 11.99 21.88 -33.88
C PHE G 27 11.43 22.81 -34.95
N ILE G 28 12.08 22.84 -36.12
CA ILE G 28 11.61 23.64 -37.24
C ILE G 28 10.23 23.18 -37.69
N TYR G 29 10.00 21.88 -37.72
CA TYR G 29 8.73 21.33 -38.17
C TYR G 29 7.60 21.64 -37.18
N ILE G 30 7.84 21.46 -35.89
CA ILE G 30 6.77 21.67 -34.91
C ILE G 30 6.54 23.14 -34.60
N GLU G 31 7.48 24.03 -34.92
CA GLU G 31 7.25 25.44 -34.63
C GLU G 31 6.81 26.25 -35.84
N GLN G 32 6.95 25.75 -37.05
CA GLN G 32 6.54 26.50 -38.22
C GLN G 32 5.02 26.55 -38.34
N ASP G 33 4.52 27.66 -38.86
CA ASP G 33 3.09 27.86 -39.05
C ASP G 33 2.59 27.10 -40.27
N MET H 1 -26.93 8.83 37.80
CA MET H 1 -25.99 9.24 36.76
C MET H 1 -26.66 10.16 35.75
N ASP H 2 -25.94 11.22 35.37
CA ASP H 2 -26.44 12.19 34.40
C ASP H 2 -26.67 11.53 33.05
N SER H 3 -27.86 11.77 32.48
CA SER H 3 -28.21 11.16 31.19
C SER H 3 -27.35 11.69 30.06
N ASN H 4 -26.89 12.94 30.16
CA ASN H 4 -26.04 13.51 29.12
C ASN H 4 -24.65 12.88 29.14
N PHE H 5 -24.13 12.57 30.33
CA PHE H 5 -22.86 11.87 30.43
C PHE H 5 -22.96 10.45 29.89
N LEU H 6 -24.08 9.78 30.17
CA LEU H 6 -24.32 8.45 29.62
C LEU H 6 -24.43 8.49 28.10
N LYS H 7 -25.08 9.53 27.57
CA LYS H 7 -25.21 9.69 26.12
C LYS H 7 -23.85 9.97 25.49
N TYR H 8 -22.98 10.73 26.17
CA TYR H 8 -21.61 10.91 25.70
C TYR H 8 -20.85 9.58 25.74
N LEU H 9 -21.04 8.80 26.80
CA LEU H 9 -20.41 7.49 26.90
C LEU H 9 -20.90 6.52 25.83
N SER H 10 -22.08 6.76 25.28
CA SER H 10 -22.64 5.93 24.22
C SER H 10 -22.20 6.36 22.83
N THR H 11 -21.34 7.37 22.72
CA THR H 11 -20.86 7.78 21.40
C THR H 11 -19.96 6.73 20.77
N ALA H 12 -19.90 6.76 19.44
CA ALA H 12 -19.12 5.79 18.68
C ALA H 12 -17.64 5.69 19.05
N PRO H 13 -16.86 6.76 19.24
CA PRO H 13 -15.44 6.55 19.58
C PRO H 13 -15.23 5.96 20.96
N VAL H 14 -16.02 6.38 21.95
CA VAL H 14 -15.87 5.87 23.31
C VAL H 14 -16.24 4.39 23.37
N LEU H 15 -17.39 4.04 22.79
CA LEU H 15 -17.83 2.65 22.80
C LEU H 15 -16.92 1.78 21.95
N PHE H 16 -16.42 2.31 20.83
CA PHE H 16 -15.44 1.61 20.02
C PHE H 16 -14.17 1.29 20.80
N THR H 17 -13.63 2.29 21.51
CA THR H 17 -12.41 2.10 22.29
C THR H 17 -12.63 1.11 23.42
N VAL H 18 -13.76 1.22 24.12
CA VAL H 18 -14.07 0.34 25.24
C VAL H 18 -14.27 -1.10 24.76
N TRP H 19 -15.03 -1.28 23.68
CA TRP H 19 -15.29 -2.62 23.16
C TRP H 19 -14.03 -3.27 22.61
N LEU H 20 -13.19 -2.51 21.89
CA LEU H 20 -11.97 -3.10 21.37
C LEU H 20 -10.95 -3.39 22.48
N SER H 21 -10.91 -2.55 23.52
CA SER H 21 -10.05 -2.85 24.66
C SER H 21 -10.54 -4.08 25.42
N PHE H 22 -11.85 -4.23 25.55
CA PHE H 22 -12.46 -5.38 26.19
C PHE H 22 -12.16 -6.67 25.42
N THR H 23 -12.26 -6.60 24.08
CA THR H 23 -11.92 -7.73 23.23
C THR H 23 -10.43 -8.07 23.31
N ALA H 24 -9.57 -7.04 23.30
CA ALA H 24 -8.14 -7.23 23.42
C ALA H 24 -7.78 -7.86 24.75
N SER H 25 -8.45 -7.42 25.82
CA SER H 25 -8.23 -8.01 27.14
C SER H 25 -8.66 -9.47 27.19
N PHE H 26 -9.77 -9.84 26.52
CA PHE H 26 -10.09 -11.26 26.37
C PHE H 26 -9.00 -12.05 25.68
N ILE H 27 -8.49 -11.54 24.56
CA ILE H 27 -7.46 -12.26 23.82
C ILE H 27 -6.18 -12.38 24.66
N ILE H 28 -5.82 -11.29 25.35
CA ILE H 28 -4.62 -11.27 26.18
C ILE H 28 -4.75 -12.24 27.35
N GLU H 29 -5.89 -12.24 28.04
CA GLU H 29 -6.02 -13.16 29.18
C GLU H 29 -6.15 -14.61 28.74
N ALA H 30 -6.80 -14.87 27.60
CA ALA H 30 -6.86 -16.22 27.06
C ALA H 30 -5.46 -16.72 26.68
N ASN H 31 -4.64 -15.86 26.08
CA ASN H 31 -3.28 -16.26 25.74
C ASN H 31 -2.36 -16.27 26.95
N ARG H 32 -2.73 -15.59 28.03
CA ARG H 32 -1.96 -15.69 29.26
C ARG H 32 -2.20 -17.02 29.96
N PHE H 33 -3.46 -17.44 30.05
CA PHE H 33 -3.76 -18.69 30.75
C PHE H 33 -3.66 -19.92 29.85
N PHE H 34 -3.84 -19.75 28.54
CA PHE H 34 -3.71 -20.85 27.58
C PHE H 34 -2.82 -20.43 26.43
N PRO H 35 -1.51 -20.35 26.64
CA PRO H 35 -0.61 -19.86 25.60
C PRO H 35 -0.33 -20.89 24.53
N ASP H 36 0.21 -20.39 23.41
CA ASP H 36 0.80 -21.20 22.33
C ASP H 36 -0.21 -22.15 21.70
N MET H 37 -1.42 -21.66 21.44
CA MET H 37 -2.48 -22.48 20.84
C MET H 37 -2.45 -22.34 19.32
N LEU H 38 -1.48 -23.02 18.70
CA LEU H 38 -1.38 -23.06 17.25
C LEU H 38 -2.51 -23.84 16.60
N TYR H 39 -3.24 -24.66 17.37
CA TYR H 39 -4.15 -25.64 16.83
C TYR H 39 -5.29 -25.83 17.82
N PHE H 40 -6.39 -26.38 17.33
CA PHE H 40 -7.43 -26.86 18.22
C PHE H 40 -7.08 -28.28 18.67
N PRO H 41 -6.88 -28.52 19.96
CA PRO H 41 -6.57 -29.89 20.42
C PRO H 41 -7.75 -30.83 20.21
N MET H 42 -7.48 -31.95 19.55
CA MET H 42 -8.51 -32.92 19.23
C MET H 42 -8.07 -34.34 19.61
N SER I 2 10.72 60.47 0.29
CA SER I 2 11.78 59.99 -0.59
C SER I 2 11.60 58.50 -0.87
N GLN I 3 10.92 58.18 -1.97
CA GLN I 3 10.60 56.81 -2.33
C GLN I 3 11.50 56.34 -3.47
N PHE I 4 12.09 55.16 -3.31
CA PHE I 4 13.04 54.64 -4.29
C PHE I 4 12.41 53.67 -5.27
N ILE I 5 11.19 53.19 -5.01
CA ILE I 5 10.52 52.25 -5.89
C ILE I 5 9.22 52.89 -6.37
N LYS I 6 9.08 52.98 -7.68
CA LYS I 6 7.99 53.64 -8.37
C LYS I 6 7.42 52.67 -9.39
N PRO I 7 6.17 52.88 -9.82
CA PRO I 7 5.63 52.08 -10.93
C PRO I 7 6.45 52.24 -12.21
N TYR I 8 6.59 51.14 -12.94
CA TYR I 8 7.44 51.11 -14.13
C TYR I 8 6.80 51.91 -15.26
N ASN I 9 7.59 52.79 -15.87
CA ASN I 9 7.18 53.65 -16.99
C ASN I 9 5.98 54.52 -16.64
N ASP I 10 5.87 54.90 -15.36
CA ASP I 10 4.74 55.61 -14.77
C ASP I 10 3.41 54.89 -14.99
N ASP I 11 3.44 53.58 -15.18
CA ASP I 11 2.25 52.78 -15.40
C ASP I 11 2.07 51.85 -14.21
N PRO I 12 1.09 52.09 -13.33
CA PRO I 12 0.95 51.26 -12.13
C PRO I 12 0.38 49.88 -12.39
N PHE I 13 -0.15 49.61 -13.58
CA PHE I 13 -0.79 48.34 -13.85
C PHE I 13 0.03 47.43 -14.76
N VAL I 14 1.19 47.89 -15.25
CA VAL I 14 2.08 46.99 -15.96
C VAL I 14 2.75 46.06 -14.95
N GLY I 15 3.18 44.89 -15.41
CA GLY I 15 3.78 43.90 -14.53
C GLY I 15 5.24 44.12 -14.26
N ASN I 16 5.60 45.29 -13.75
CA ASN I 16 6.99 45.62 -13.46
C ASN I 16 7.04 46.78 -12.48
N LEU I 17 8.18 46.92 -11.81
CA LEU I 17 8.42 48.01 -10.89
C LEU I 17 9.72 48.70 -11.26
N ALA I 18 9.77 50.01 -11.09
CA ALA I 18 10.99 50.79 -11.27
C ALA I 18 11.77 50.78 -9.97
N THR I 19 12.89 50.08 -9.95
CA THR I 19 13.69 49.86 -8.76
C THR I 19 15.10 50.40 -9.01
N PRO I 20 15.89 50.62 -7.95
CA PRO I 20 17.30 50.99 -8.16
C PRO I 20 18.10 49.97 -8.94
N VAL I 21 17.79 48.68 -8.83
CA VAL I 21 18.50 47.70 -9.63
C VAL I 21 18.03 47.75 -11.07
N SER I 22 16.78 48.09 -11.31
CA SER I 22 16.21 48.03 -12.65
C SER I 22 16.31 49.34 -13.42
N THR I 23 16.21 50.50 -12.75
CA THR I 23 16.03 51.76 -13.47
C THR I 23 16.93 52.90 -12.98
N SER I 24 18.01 52.61 -12.27
CA SER I 24 18.90 53.69 -11.87
C SER I 24 19.73 54.16 -13.05
N SER I 25 20.44 55.28 -12.83
CA SER I 25 21.29 55.86 -13.88
C SER I 25 22.44 54.92 -14.24
N PHE I 26 23.03 54.26 -13.23
CA PHE I 26 24.09 53.31 -13.49
C PHE I 26 23.59 52.12 -14.31
N THR I 27 22.43 51.58 -13.92
CA THR I 27 21.82 50.46 -14.65
C THR I 27 21.45 50.87 -16.06
N LYS I 28 20.86 52.06 -16.22
CA LYS I 28 20.46 52.54 -17.54
C LYS I 28 21.66 52.76 -18.44
N SER I 29 22.74 53.32 -17.90
CA SER I 29 23.97 53.53 -18.68
C SER I 29 24.59 52.20 -19.09
N LEU I 30 24.67 51.25 -18.16
CA LEU I 30 25.27 49.95 -18.47
C LEU I 30 24.43 49.19 -19.49
N LEU I 31 23.10 49.19 -19.34
CA LEU I 31 22.23 48.48 -20.27
C LEU I 31 22.23 49.14 -21.65
N SER I 32 22.19 50.47 -21.70
CA SER I 32 22.19 51.16 -22.98
C SER I 32 23.55 51.12 -23.66
N ASN I 33 24.62 50.82 -22.93
CA ASN I 33 25.95 50.72 -23.53
C ASN I 33 26.37 49.30 -23.85
N LEU I 34 25.56 48.31 -23.51
CA LEU I 34 25.86 46.94 -23.90
C LEU I 34 25.64 46.78 -25.41
N PRO I 35 26.42 45.93 -26.07
CA PRO I 35 26.29 45.79 -27.53
C PRO I 35 24.94 45.30 -28.01
N ALA I 36 24.20 44.55 -27.18
CA ALA I 36 22.87 44.13 -27.57
C ALA I 36 21.87 45.29 -27.64
N TYR I 37 22.16 46.41 -26.95
CA TYR I 37 21.26 47.55 -26.92
C TYR I 37 21.88 48.85 -27.41
N ARG I 38 23.20 48.90 -27.64
CA ARG I 38 23.86 50.17 -27.97
C ARG I 38 23.44 50.66 -29.34
N ALA I 39 23.10 51.94 -29.42
CA ALA I 39 22.62 52.53 -30.65
C ALA I 39 23.75 52.70 -31.66
N GLY I 40 23.37 52.73 -32.94
CA GLY I 40 24.33 52.95 -34.01
C GLY I 40 25.08 51.72 -34.45
N LEU I 41 24.69 50.54 -33.98
CA LEU I 41 25.34 49.29 -34.34
C LEU I 41 24.46 48.52 -35.30
N SER I 42 25.07 47.99 -36.36
CA SER I 42 24.39 46.98 -37.15
C SER I 42 24.27 45.69 -36.33
N PRO I 43 23.28 44.83 -36.62
CA PRO I 43 23.18 43.56 -35.90
C PRO I 43 24.41 42.67 -36.03
N LEU I 44 25.09 42.75 -37.18
CA LEU I 44 26.33 42.02 -37.40
C LEU I 44 27.41 42.43 -36.40
N LEU I 45 27.56 43.73 -36.13
CA LEU I 45 28.58 44.16 -35.21
C LEU I 45 28.23 43.86 -33.75
N ARG I 46 26.94 43.93 -33.41
CA ARG I 46 26.47 43.44 -32.11
C ARG I 46 26.85 41.98 -31.92
N GLY I 47 26.60 41.17 -32.94
CA GLY I 47 27.02 39.79 -32.93
C GLY I 47 28.52 39.62 -32.76
N VAL I 48 29.30 40.46 -33.45
CA VAL I 48 30.76 40.37 -33.38
C VAL I 48 31.25 40.64 -31.97
N GLU I 49 30.75 41.71 -31.33
CA GLU I 49 31.19 42.04 -29.97
C GLU I 49 30.78 40.97 -28.96
N ILE I 50 29.51 40.54 -29.01
CA ILE I 50 28.99 39.54 -28.08
C ILE I 50 29.72 38.21 -28.27
N GLY I 51 29.93 37.82 -29.53
CA GLY I 51 30.65 36.59 -29.81
C GLY I 51 32.10 36.62 -29.36
N LEU I 52 32.78 37.76 -29.58
CA LEU I 52 34.16 37.90 -29.12
C LEU I 52 34.27 37.68 -27.62
N THR I 53 33.38 38.31 -26.86
CA THR I 53 33.40 38.17 -25.40
C THR I 53 33.13 36.73 -24.94
N HIS I 54 32.02 36.15 -25.44
CA HIS I 54 31.59 34.85 -24.95
C HIS I 54 32.52 33.73 -25.44
N GLY I 55 32.90 33.76 -26.72
CA GLY I 55 33.87 32.80 -27.23
C GLY I 55 35.24 32.93 -26.61
N TYR I 56 35.65 34.16 -26.24
CA TYR I 56 36.92 34.32 -25.53
C TYR I 56 36.87 33.67 -24.17
N PHE I 57 35.77 33.86 -23.42
N PHE I 57 35.79 33.85 -23.41
CA PHE I 57 35.68 33.28 -22.09
CA PHE I 57 35.83 33.24 -22.09
C PHE I 57 35.53 31.76 -22.15
C PHE I 57 35.49 31.74 -22.12
N LEU I 58 34.94 31.23 -23.22
CA LEU I 58 34.58 29.81 -23.29
C LEU I 58 35.76 28.85 -23.26
N VAL I 59 36.97 29.29 -23.61
CA VAL I 59 38.12 28.40 -23.68
C VAL I 59 38.53 27.91 -22.29
N GLY I 60 38.47 28.79 -21.30
CA GLY I 60 39.02 28.56 -19.98
C GLY I 60 38.55 27.34 -19.19
N PRO I 61 37.24 27.20 -18.97
CA PRO I 61 36.75 26.00 -18.26
C PRO I 61 37.06 24.69 -18.98
N PHE I 62 36.99 24.68 -20.30
CA PHE I 62 37.32 23.46 -21.05
C PHE I 62 38.79 23.12 -20.93
N TYR I 63 39.67 24.14 -20.95
CA TYR I 63 41.10 23.91 -20.81
C TYR I 63 41.46 23.44 -19.40
N LYS I 64 40.88 24.05 -18.38
CA LYS I 64 41.31 23.75 -17.02
C LYS I 64 40.64 22.53 -16.42
N LEU I 65 39.44 22.16 -16.88
CA LEU I 65 38.68 21.13 -16.21
C LEU I 65 38.30 19.95 -17.09
N GLY I 66 38.68 19.95 -18.36
CA GLY I 66 38.30 18.88 -19.27
C GLY I 66 39.02 17.58 -18.99
N PRO I 67 38.61 16.50 -19.65
CA PRO I 67 39.26 15.19 -19.43
C PRO I 67 40.71 15.14 -19.87
N LEU I 68 41.16 16.05 -20.73
CA LEU I 68 42.54 16.10 -21.18
C LEU I 68 43.34 17.18 -20.46
N ARG I 69 42.85 17.65 -19.30
CA ARG I 69 43.45 18.80 -18.63
C ARG I 69 44.84 18.50 -18.07
N ASN I 70 45.13 17.23 -17.79
CA ASN I 70 46.43 16.83 -17.24
C ASN I 70 47.38 16.35 -18.32
N SER I 71 47.01 16.51 -19.58
CA SER I 71 47.84 16.13 -20.70
C SER I 71 48.50 17.35 -21.31
N ASP I 72 49.49 17.10 -22.18
CA ASP I 72 50.22 18.17 -22.86
C ASP I 72 49.40 18.86 -23.94
N VAL I 73 48.24 18.31 -24.29
CA VAL I 73 47.41 18.84 -25.37
C VAL I 73 46.12 19.37 -24.76
N ALA I 74 46.22 19.80 -23.49
CA ALA I 74 45.07 20.28 -22.75
C ALA I 74 44.46 21.53 -23.38
N LEU I 75 45.30 22.47 -23.81
CA LEU I 75 44.80 23.71 -24.39
C LEU I 75 44.18 23.47 -25.76
N LEU I 76 44.80 22.61 -26.55
CA LEU I 76 44.28 22.28 -27.87
C LEU I 76 42.91 21.60 -27.76
N SER I 77 42.77 20.67 -26.81
CA SER I 77 41.51 20.02 -26.54
C SER I 77 40.46 21.01 -26.02
N GLY I 78 40.87 21.93 -25.13
CA GLY I 78 39.94 22.90 -24.62
C GLY I 78 39.44 23.87 -25.68
N PHE I 79 40.33 24.31 -26.57
CA PHE I 79 39.91 25.16 -27.68
C PHE I 79 38.99 24.42 -28.63
N PHE I 80 39.27 23.14 -28.89
CA PHE I 80 38.43 22.36 -29.80
C PHE I 80 37.04 22.14 -29.19
N SER I 81 36.99 21.90 -27.87
CA SER I 81 35.71 21.78 -27.18
C SER I 81 34.92 23.08 -27.22
N ALA I 82 35.61 24.21 -27.03
CA ALA I 82 34.98 25.52 -27.14
C ALA I 82 34.44 25.76 -28.54
N LEU I 83 35.19 25.33 -29.57
CA LEU I 83 34.74 25.49 -30.95
C LEU I 83 33.51 24.64 -31.24
N GLY I 84 33.47 23.43 -30.68
CA GLY I 84 32.29 22.59 -30.84
C GLY I 84 31.06 23.18 -30.17
N LEU I 85 31.24 23.74 -28.97
CA LEU I 85 30.15 24.44 -28.30
C LEU I 85 29.68 25.65 -29.09
N ILE I 86 30.63 26.38 -29.69
CA ILE I 86 30.31 27.54 -30.51
C ILE I 86 29.48 27.14 -31.72
N ILE I 87 29.86 26.04 -32.38
CA ILE I 87 29.12 25.57 -33.55
C ILE I 87 27.71 25.11 -33.17
N ILE I 88 27.57 24.42 -32.04
CA ILE I 88 26.25 24.01 -31.55
C ILE I 88 25.38 25.23 -31.25
N LEU I 89 25.94 26.24 -30.59
CA LEU I 89 25.18 27.46 -30.29
C LEU I 89 24.82 28.23 -31.54
N VAL I 90 25.68 28.21 -32.56
CA VAL I 90 25.36 28.85 -33.83
C VAL I 90 24.20 28.14 -34.52
N ALA I 91 24.18 26.81 -34.45
CA ALA I 91 23.02 26.06 -34.96
C ALA I 91 21.74 26.40 -34.21
N CYS I 92 21.85 26.58 -32.89
CA CYS I 92 20.72 27.01 -32.07
C CYS I 92 20.21 28.39 -32.50
N LEU I 93 21.14 29.32 -32.72
CA LEU I 93 20.79 30.66 -33.20
C LEU I 93 20.10 30.61 -34.56
N THR I 94 20.62 29.76 -35.46
CA THR I 94 20.06 29.64 -36.80
C THR I 94 18.63 29.10 -36.75
N ILE I 95 18.38 28.05 -35.99
CA ILE I 95 17.03 27.49 -35.96
C ILE I 95 16.07 28.41 -35.22
N TYR I 96 16.55 29.16 -34.22
CA TYR I 96 15.73 30.17 -33.58
C TYR I 96 15.29 31.23 -34.59
N GLY I 97 16.23 31.72 -35.39
CA GLY I 97 15.88 32.72 -36.39
C GLY I 97 14.99 32.18 -37.49
N VAL I 98 15.14 30.90 -37.84
CA VAL I 98 14.28 30.29 -38.86
C VAL I 98 12.84 30.23 -38.37
N VAL I 99 12.63 29.79 -37.12
CA VAL I 99 11.24 29.65 -36.67
C VAL I 99 10.64 30.92 -36.06
N SER I 100 11.46 31.93 -35.76
CA SER I 100 10.95 33.06 -34.99
C SER I 100 10.54 34.26 -35.82
N PHE I 101 11.06 34.40 -37.04
CA PHE I 101 10.92 35.65 -37.77
C PHE I 101 10.34 35.42 -39.15
N GLU I 102 9.48 36.32 -39.58
CA GLU I 102 8.97 36.34 -40.94
C GLU I 102 9.91 37.14 -41.82
N GLU I 103 9.95 36.77 -43.10
CA GLU I 103 10.85 37.41 -44.05
C GLU I 103 10.34 38.82 -44.38
N THR I 104 11.04 39.83 -43.89
CA THR I 104 10.62 41.22 -44.05
C THR I 104 11.78 41.98 -44.70
N GLU I 105 11.47 43.16 -45.25
CA GLU I 105 12.49 44.03 -45.83
C GLU I 105 13.41 44.61 -44.76
N ALA I 106 12.86 44.86 -43.56
CA ALA I 106 13.63 45.44 -42.47
C ALA I 106 14.78 44.55 -42.05
N LYS I 107 15.98 45.13 -42.00
CA LYS I 107 17.18 44.37 -41.70
C LYS I 107 18.13 45.08 -40.73
N ASP I 108 17.75 46.23 -40.19
CA ASP I 108 18.59 47.00 -39.28
C ASP I 108 18.30 46.70 -37.82
N GLN I 109 17.37 45.80 -37.53
CA GLN I 109 16.99 45.45 -36.17
C GLN I 109 17.35 44.00 -35.89
N LEU I 110 17.64 43.71 -34.62
CA LEU I 110 17.97 42.34 -34.23
C LEU I 110 16.77 41.40 -34.43
N GLN I 111 15.58 41.87 -34.09
CA GLN I 111 14.39 41.03 -34.15
C GLN I 111 13.70 41.11 -35.51
N THR I 112 14.50 40.85 -36.55
CA THR I 112 14.06 40.63 -37.91
C THR I 112 14.83 39.42 -38.44
N ALA I 113 14.33 38.85 -39.53
CA ALA I 113 14.95 37.63 -40.06
C ALA I 113 16.35 37.91 -40.60
N LYS I 114 16.48 38.93 -41.45
CA LYS I 114 17.79 39.31 -41.97
C LYS I 114 18.70 39.83 -40.86
N GLY I 115 18.13 40.59 -39.93
CA GLY I 115 18.93 41.08 -38.80
C GLY I 115 19.43 39.98 -37.91
N TRP I 116 18.61 38.96 -37.67
CA TRP I 116 19.06 37.82 -36.86
C TRP I 116 20.08 36.98 -37.61
N ARG I 117 19.96 36.85 -38.93
CA ARG I 117 20.99 36.16 -39.69
C ARG I 117 22.32 36.90 -39.64
N GLN I 118 22.28 38.24 -39.74
CA GLN I 118 23.50 39.04 -39.59
C GLN I 118 24.10 38.90 -38.20
N PHE I 119 23.24 38.91 -37.16
CA PHE I 119 23.71 38.74 -35.80
C PHE I 119 24.35 37.37 -35.61
N THR I 120 23.76 36.32 -36.18
CA THR I 120 24.32 34.98 -36.08
C THR I 120 25.68 34.88 -36.77
N SER I 121 25.80 35.50 -37.95
CA SER I 121 27.08 35.51 -38.66
C SER I 121 28.16 36.22 -37.86
N GLY I 122 27.81 37.39 -37.30
CA GLY I 122 28.74 38.11 -36.46
C GLY I 122 29.11 37.35 -35.20
N TRP I 123 28.14 36.67 -34.60
CA TRP I 123 28.41 35.90 -33.39
C TRP I 123 29.34 34.73 -33.67
N LEU I 124 29.15 34.05 -34.81
CA LEU I 124 30.05 32.96 -35.17
C LEU I 124 31.48 33.45 -35.38
N VAL I 125 31.63 34.52 -36.17
CA VAL I 125 32.98 35.01 -36.47
C VAL I 125 33.66 35.57 -35.22
N GLY I 126 32.91 36.30 -34.38
CA GLY I 126 33.45 36.80 -33.14
C GLY I 126 33.80 35.69 -32.16
N SER I 127 32.97 34.65 -32.07
CA SER I 127 33.24 33.56 -31.14
C SER I 127 34.48 32.79 -31.53
N VAL I 128 34.63 32.50 -32.83
CA VAL I 128 35.84 31.83 -33.31
C VAL I 128 37.06 32.70 -33.06
N GLY I 129 36.96 34.01 -33.35
CA GLY I 129 38.09 34.90 -33.12
C GLY I 129 38.48 35.05 -31.66
N GLY I 130 37.49 35.15 -30.77
CA GLY I 130 37.77 35.28 -29.35
C GLY I 130 38.36 34.02 -28.75
N ALA I 131 37.83 32.85 -29.15
CA ALA I 131 38.40 31.59 -28.71
C ALA I 131 39.83 31.42 -29.21
N SER I 132 40.10 31.82 -30.45
CA SER I 132 41.46 31.73 -30.98
C SER I 132 42.41 32.69 -30.29
N PHE I 133 41.93 33.88 -29.93
CA PHE I 133 42.75 34.84 -29.19
C PHE I 133 43.10 34.32 -27.81
N ALA I 134 42.11 33.73 -27.12
CA ALA I 134 42.37 33.13 -25.82
C ALA I 134 43.35 31.96 -25.95
N TYR I 135 43.22 31.17 -27.01
CA TYR I 135 44.17 30.08 -27.26
C TYR I 135 45.59 30.60 -27.45
N ILE I 136 45.74 31.67 -28.24
CA ILE I 136 47.05 32.26 -28.49
C ILE I 136 47.68 32.75 -27.18
N LEU I 137 46.89 33.48 -26.38
CA LEU I 137 47.41 34.05 -25.15
C LEU I 137 47.78 32.99 -24.12
N ILE I 138 46.95 31.96 -23.96
CA ILE I 138 47.29 30.91 -23.01
C ILE I 138 48.46 30.06 -23.53
N SER I 139 48.54 29.84 -24.85
CA SER I 139 49.66 29.10 -25.42
C SER I 139 50.99 29.81 -25.21
N ASN I 140 51.00 31.13 -25.24
CA ASN I 140 52.27 31.84 -25.22
C ASN I 140 52.63 32.47 -23.87
N ILE I 141 51.71 32.49 -22.90
CA ILE I 141 52.00 33.12 -21.62
C ILE I 141 51.90 32.09 -20.49
N PRO I 142 53.00 31.77 -19.81
CA PRO I 142 52.95 30.76 -18.73
C PRO I 142 52.12 31.17 -17.52
N PHE I 143 51.86 32.47 -17.32
CA PHE I 143 51.00 32.90 -16.22
C PHE I 143 49.59 32.35 -16.38
N LEU I 144 49.07 32.37 -17.60
CA LEU I 144 47.72 31.89 -17.87
C LEU I 144 47.62 30.37 -17.85
N GLN I 145 48.72 29.67 -18.10
CA GLN I 145 48.71 28.21 -18.07
C GLN I 145 48.50 27.67 -16.65
N THR I 146 49.08 28.35 -15.66
CA THR I 146 49.03 27.90 -14.27
C THR I 146 48.05 28.72 -13.45
N ALA I 147 47.35 29.67 -14.06
CA ALA I 147 46.39 30.58 -13.41
C ALA I 147 47.04 31.34 -12.26
N GLY I 148 48.29 31.76 -12.45
CA GLY I 148 49.00 32.55 -11.48
C GLY I 148 50.02 31.80 -10.66
N MET I 149 49.97 30.47 -10.64
CA MET I 149 50.89 29.68 -9.83
C MET I 149 52.33 29.73 -10.32
N SER I 150 52.57 30.23 -11.54
CA SER I 150 53.94 30.39 -12.02
C SER I 150 54.70 31.47 -11.26
N MET I 151 54.00 32.37 -10.57
CA MET I 151 54.68 33.38 -9.76
C MET I 151 55.24 32.80 -8.48
N LEU I 152 54.63 31.75 -7.95
CA LEU I 152 55.10 31.11 -6.72
C LEU I 152 56.34 30.26 -6.99
N MET J 1 36.04 -15.49 -40.05
CA MET J 1 35.24 -14.41 -39.49
C MET J 1 34.68 -13.50 -40.59
N ILE J 2 34.06 -12.41 -40.18
CA ILE J 2 33.42 -11.48 -41.10
C ILE J 2 34.47 -10.52 -41.62
N SER J 3 34.37 -10.15 -42.89
CA SER J 3 35.32 -9.23 -43.53
C SER J 3 34.71 -7.83 -43.62
N ASP J 4 35.51 -6.89 -44.14
CA ASP J 4 35.03 -5.53 -44.34
C ASP J 4 33.96 -5.48 -45.42
N THR J 5 34.13 -6.28 -46.49
CA THR J 5 33.20 -6.30 -47.61
C THR J 5 31.82 -6.79 -47.17
N GLN J 6 31.77 -7.78 -46.28
CA GLN J 6 30.51 -8.29 -45.79
C GLN J 6 29.75 -7.24 -44.97
N ILE J 7 30.48 -6.48 -44.15
CA ILE J 7 29.88 -5.40 -43.38
C ILE J 7 29.38 -4.30 -44.31
N PHE J 8 30.12 -4.02 -45.38
CA PHE J 8 29.68 -3.03 -46.36
C PHE J 8 28.42 -3.47 -47.09
N ILE J 9 28.32 -4.77 -47.42
CA ILE J 9 27.13 -5.33 -48.04
C ILE J 9 25.91 -5.20 -47.12
N ALA J 10 26.11 -5.50 -45.84
CA ALA J 10 25.05 -5.33 -44.86
C ALA J 10 24.63 -3.87 -44.72
N LEU J 11 25.59 -2.95 -44.78
CA LEU J 11 25.29 -1.53 -44.73
C LEU J 11 24.49 -1.07 -45.95
N ILE J 12 24.81 -1.61 -47.13
CA ILE J 12 24.06 -1.29 -48.35
C ILE J 12 22.62 -1.79 -48.24
N LEU J 13 22.44 -3.01 -47.73
CA LEU J 13 21.09 -3.54 -47.52
C LEU J 13 20.32 -2.72 -46.51
N ALA J 14 20.99 -2.25 -45.45
CA ALA J 14 20.35 -1.39 -44.48
C ALA J 14 19.98 -0.03 -45.07
N LEU J 15 20.80 0.49 -45.99
CA LEU J 15 20.46 1.74 -46.65
C LEU J 15 19.24 1.58 -47.54
N VAL J 16 19.14 0.44 -48.24
CA VAL J 16 17.94 0.14 -49.04
C VAL J 16 16.71 0.06 -48.14
N SER J 17 16.84 -0.60 -46.98
CA SER J 17 15.74 -0.63 -46.02
C SER J 17 15.42 0.75 -45.47
N LEU J 18 16.41 1.62 -45.33
CA LEU J 18 16.15 3.00 -44.91
C LEU J 18 15.34 3.76 -45.92
N VAL J 19 15.68 3.61 -47.21
CA VAL J 19 14.92 4.28 -48.27
C VAL J 19 13.48 3.78 -48.30
N LEU J 20 13.30 2.45 -48.17
CA LEU J 20 11.95 1.89 -48.15
C LEU J 20 11.16 2.34 -46.93
N ALA J 21 11.84 2.46 -45.78
CA ALA J 21 11.17 2.94 -44.57
C ALA J 21 10.76 4.39 -44.68
N ILE J 22 11.60 5.23 -45.31
CA ILE J 22 11.25 6.62 -45.54
C ILE J 22 10.04 6.72 -46.47
N ARG J 23 10.00 5.87 -47.50
CA ARG J 23 8.85 5.86 -48.41
C ARG J 23 7.57 5.42 -47.71
N LEU J 24 7.66 4.39 -46.85
CA LEU J 24 6.49 3.95 -46.09
C LEU J 24 6.03 5.03 -45.11
N GLY J 25 6.98 5.73 -44.47
CA GLY J 25 6.61 6.79 -43.56
C GLY J 25 5.95 7.96 -44.26
N ARG J 26 6.41 8.28 -45.47
CA ARG J 26 5.76 9.34 -46.25
C ARG J 26 4.39 8.92 -46.72
N ALA J 27 4.22 7.64 -47.08
CA ALA J 27 2.91 7.14 -47.50
C ALA J 27 1.91 7.13 -46.34
N LEU J 28 2.38 6.76 -45.14
CA LEU J 28 1.49 6.73 -43.98
C LEU J 28 1.13 8.14 -43.53
N TYR J 29 2.00 9.11 -43.76
CA TYR J 29 1.77 10.51 -43.42
C TYR J 29 0.83 11.20 -44.42
N GLN J 30 0.44 10.52 -45.50
CA GLN J 30 -0.36 11.05 -46.61
C GLN J 30 0.27 12.29 -47.22
N LYS K 57 23.56 64.63 -11.05
CA LYS K 57 22.17 64.31 -11.38
C LYS K 57 21.93 62.79 -11.41
N PHE K 58 22.55 62.09 -10.46
CA PHE K 58 22.38 60.64 -10.34
C PHE K 58 20.96 60.31 -9.92
N GLU K 59 20.22 59.64 -10.80
CA GLU K 59 18.89 59.13 -10.48
C GLU K 59 19.04 57.76 -9.83
N VAL K 60 18.53 57.62 -8.61
CA VAL K 60 18.57 56.33 -7.92
C VAL K 60 17.47 55.41 -8.42
N SER K 61 16.53 55.94 -9.20
CA SER K 61 15.41 55.18 -9.74
C SER K 61 15.06 55.81 -11.08
N ASP K 62 13.89 55.46 -11.63
CA ASP K 62 13.47 55.98 -12.92
C ASP K 62 13.33 57.50 -12.91
N GLY K 63 12.68 58.04 -11.89
CA GLY K 63 12.50 59.48 -11.81
C GLY K 63 12.82 60.06 -10.45
N THR K 64 13.76 59.44 -9.73
CA THR K 64 14.10 59.82 -8.36
C THR K 64 15.54 60.29 -8.31
N PRO K 65 15.80 61.60 -8.44
CA PRO K 65 17.16 62.10 -8.25
C PRO K 65 17.53 62.07 -6.77
N TYR K 66 18.69 61.49 -6.48
CA TYR K 66 19.13 61.29 -5.10
C TYR K 66 20.63 61.52 -5.02
N ASP K 67 21.05 62.22 -3.97
CA ASP K 67 22.46 62.48 -3.73
C ASP K 67 23.02 61.34 -2.88
N LEU K 68 23.98 60.60 -3.45
CA LEU K 68 24.54 59.45 -2.74
C LEU K 68 25.49 59.90 -1.64
N ASN K 69 26.12 61.07 -1.78
CA ASN K 69 27.09 61.62 -0.83
C ASN K 69 28.24 60.65 -0.58
N VAL K 70 28.74 60.03 -1.65
CA VAL K 70 29.81 59.03 -1.52
C VAL K 70 31.10 59.60 -0.90
N PRO K 71 31.62 60.79 -1.29
CA PRO K 71 32.79 61.33 -0.57
C PRO K 71 32.60 61.50 0.93
N LEU K 72 31.53 62.17 1.37
CA LEU K 72 31.34 62.41 2.79
C LEU K 72 31.10 61.12 3.56
N VAL K 73 30.20 60.27 3.04
CA VAL K 73 29.88 59.04 3.75
C VAL K 73 31.11 58.13 3.85
N GLY K 74 31.87 58.01 2.76
CA GLY K 74 33.08 57.21 2.80
C GLY K 74 34.14 57.74 3.75
N ALA K 75 34.42 59.05 3.67
CA ALA K 75 35.45 59.64 4.53
C ALA K 75 35.05 59.63 5.99
N ALA K 76 33.81 60.04 6.29
CA ALA K 76 33.34 60.09 7.67
C ALA K 76 33.21 58.71 8.28
N SER K 77 32.75 57.73 7.51
CA SER K 77 32.63 56.37 8.04
C SER K 77 34.00 55.73 8.24
N PHE K 78 34.94 56.00 7.34
CA PHE K 78 36.30 55.50 7.51
C PHE K 78 36.95 56.08 8.76
N ILE K 79 36.82 57.39 8.97
CA ILE K 79 37.44 58.01 10.14
C ILE K 79 36.72 57.60 11.42
N GLY K 80 35.39 57.55 11.40
CA GLY K 80 34.63 57.15 12.56
C GLY K 80 34.70 55.67 12.90
N TRP K 81 35.17 54.84 11.98
CA TRP K 81 35.45 53.45 12.32
C TRP K 81 36.91 53.21 12.69
N VAL K 82 37.85 53.88 12.02
CA VAL K 82 39.27 53.64 12.25
C VAL K 82 39.71 54.18 13.61
N VAL K 83 39.24 55.39 13.96
CA VAL K 83 39.72 56.05 15.19
C VAL K 83 39.32 55.31 16.46
N PRO K 84 38.06 54.86 16.67
CA PRO K 84 37.79 54.00 17.83
C PRO K 84 38.54 52.68 17.80
N THR K 85 38.81 52.12 16.63
CA THR K 85 39.54 50.87 16.52
C THR K 85 41.06 51.05 16.55
N LEU K 86 41.54 52.20 17.00
CA LEU K 86 42.93 52.38 17.37
C LEU K 86 43.18 52.00 18.83
N LEU K 87 42.15 51.62 19.56
CA LEU K 87 42.28 51.22 20.95
C LEU K 87 43.08 49.92 21.05
N PRO K 88 44.21 49.90 21.75
CA PRO K 88 45.07 48.72 21.74
C PRO K 88 44.50 47.57 22.57
N SER K 89 45.02 46.38 22.28
CA SER K 89 44.72 45.19 23.05
C SER K 89 45.95 44.30 23.05
N GLN K 90 46.18 43.61 24.15
CA GLN K 90 47.39 42.81 24.33
C GLN K 90 47.22 41.37 23.87
N ILE K 91 46.10 41.05 23.24
CA ILE K 91 45.81 39.71 22.76
C ILE K 91 46.71 39.39 21.56
N PRO K 92 47.07 38.13 21.32
CA PRO K 92 47.98 37.81 20.22
C PRO K 92 47.43 38.10 18.82
N LEU K 93 46.10 38.14 18.65
CA LEU K 93 45.54 38.52 17.34
C LEU K 93 45.87 39.97 17.00
N TYR K 94 45.82 40.85 17.98
CA TYR K 94 46.15 42.26 17.76
C TYR K 94 47.65 42.51 17.87
N GLY K 95 48.35 41.77 18.73
CA GLY K 95 49.78 41.92 18.88
C GLY K 95 50.22 43.18 19.59
N GLY K 96 49.37 43.77 20.41
CA GLY K 96 49.70 45.00 21.11
C GLY K 96 49.16 46.26 20.47
N LYS K 97 48.53 46.15 19.31
CA LYS K 97 48.04 47.30 18.55
C LYS K 97 46.52 47.34 18.61
N GLY K 98 45.94 48.36 17.98
CA GLY K 98 44.50 48.40 17.79
C GLY K 98 44.09 47.56 16.60
N LEU K 99 42.77 47.43 16.42
CA LEU K 99 42.26 46.61 15.32
C LEU K 99 42.65 47.15 13.95
N SER K 100 42.54 48.48 13.76
CA SER K 100 42.92 49.09 12.49
C SER K 100 44.42 49.00 12.24
N THR K 101 45.21 49.30 13.26
CA THR K 101 46.67 49.27 13.12
C THR K 101 47.19 47.84 12.97
N ALA K 102 46.61 46.87 13.70
CA ALA K 102 47.00 45.47 13.47
C ALA K 102 46.61 45.01 12.07
N PHE K 103 45.45 45.48 11.57
CA PHE K 103 45.06 45.16 10.20
C PHE K 103 46.04 45.74 9.19
N PHE K 104 46.45 47.00 9.38
CA PHE K 104 47.39 47.63 8.44
C PHE K 104 48.77 46.97 8.51
N ALA K 105 49.21 46.60 9.72
CA ALA K 105 50.48 45.89 9.88
C ALA K 105 50.43 44.52 9.22
N SER K 106 49.29 43.83 9.33
CA SER K 106 49.11 42.54 8.67
C SER K 106 49.10 42.70 7.15
N ILE K 107 48.51 43.78 6.66
CA ILE K 107 48.54 44.09 5.23
C ILE K 107 49.98 44.27 4.75
N GLY K 108 50.77 45.03 5.51
CA GLY K 108 52.17 45.21 5.16
C GLY K 108 52.97 43.92 5.20
N THR K 109 52.73 43.11 6.23
CA THR K 109 53.42 41.83 6.39
C THR K 109 53.11 40.88 5.24
N ASN K 110 51.84 40.78 4.85
CA ASN K 110 51.48 39.86 3.77
C ASN K 110 51.80 40.43 2.40
N LEU K 111 51.86 41.74 2.25
CA LEU K 111 52.32 42.33 0.99
C LEU K 111 53.83 42.20 0.83
N ALA K 112 54.57 42.07 1.93
CA ALA K 112 55.99 41.72 1.88
C ALA K 112 56.24 40.27 1.45
N LYS K 113 55.19 39.49 1.21
CA LYS K 113 55.26 38.08 0.88
C LYS K 113 54.38 37.77 -0.32
N PHE K 114 54.47 38.62 -1.34
CA PHE K 114 53.65 38.55 -2.54
C PHE K 114 53.94 37.24 -3.32
N PRO K 115 53.15 36.92 -4.39
CA PRO K 115 52.44 35.64 -4.51
C PRO K 115 51.86 35.00 -3.24
N ALA K 116 52.67 34.63 -2.25
CA ALA K 116 52.27 33.77 -1.14
C ALA K 116 51.11 34.34 -0.33
N PRO K 117 49.93 33.73 -0.40
CA PRO K 117 48.77 34.24 0.32
C PRO K 117 48.88 33.99 1.81
N PRO K 118 48.16 34.74 2.64
CA PRO K 118 48.13 34.45 4.08
C PRO K 118 47.54 33.08 4.37
N GLY K 119 48.11 32.38 5.34
CA GLY K 119 47.61 31.08 5.72
C GLY K 119 46.30 31.18 6.48
N MET K 120 45.69 30.01 6.69
CA MET K 120 44.42 29.95 7.40
C MET K 120 44.55 30.43 8.84
N THR K 121 45.62 30.02 9.53
CA THR K 121 45.84 30.43 10.92
C THR K 121 46.44 31.83 11.03
N ASP K 122 46.79 32.46 9.91
CA ASP K 122 47.30 33.82 9.95
C ASP K 122 46.21 34.79 10.41
N PRO K 123 46.53 35.77 11.26
CA PRO K 123 45.52 36.70 11.77
C PRO K 123 44.94 37.66 10.72
N PHE K 124 45.46 37.64 9.49
CA PHE K 124 45.01 38.59 8.47
C PHE K 124 43.54 38.44 8.16
N TRP K 125 43.06 37.20 8.05
CA TRP K 125 41.68 36.96 7.66
C TRP K 125 40.70 37.44 8.72
N LEU K 126 40.99 37.13 10.00
CA LEU K 126 40.12 37.57 11.08
C LEU K 126 40.14 39.09 11.24
N LEU K 127 41.34 39.69 11.13
CA LEU K 127 41.46 41.15 11.19
C LEU K 127 40.71 41.81 10.05
N CYS K 128 40.86 41.30 8.83
CA CYS K 128 40.17 41.83 7.66
C CYS K 128 38.66 41.69 7.79
N PHE K 129 38.19 40.54 8.27
CA PHE K 129 36.76 40.31 8.39
C PHE K 129 36.13 41.24 9.42
N ILE K 130 36.74 41.34 10.60
CA ILE K 130 36.18 42.20 11.64
C ILE K 130 36.26 43.68 11.24
N TRP K 131 37.40 44.10 10.67
CA TRP K 131 37.57 45.48 10.26
C TRP K 131 36.61 45.88 9.15
N HIS K 132 36.44 45.01 8.14
CA HIS K 132 35.53 45.36 7.06
C HIS K 132 34.07 45.22 7.49
N SER K 133 33.76 44.33 8.43
CA SER K 133 32.41 44.25 8.98
C SER K 133 32.03 45.53 9.71
N GLY K 134 32.91 46.00 10.59
CA GLY K 134 32.65 47.25 11.28
C GLY K 134 32.62 48.45 10.34
N LEU K 135 33.49 48.43 9.32
CA LEU K 135 33.50 49.51 8.33
C LEU K 135 32.20 49.54 7.53
N PHE K 136 31.70 48.38 7.09
CA PHE K 136 30.46 48.32 6.35
C PHE K 136 29.27 48.74 7.22
N ALA K 137 29.27 48.34 8.49
CA ALA K 137 28.21 48.78 9.41
C ALA K 137 28.24 50.30 9.59
N THR K 138 29.44 50.86 9.74
CA THR K 138 29.59 52.31 9.86
C THR K 138 29.16 53.02 8.59
N MET K 139 29.50 52.47 7.42
CA MET K 139 29.12 53.09 6.15
C MET K 139 27.61 53.06 5.95
N ILE K 140 26.97 51.94 6.29
CA ILE K 140 25.51 51.84 6.18
C ILE K 140 24.83 52.83 7.10
N LEU K 141 25.25 52.87 8.37
CA LEU K 141 24.63 53.77 9.34
C LEU K 141 24.91 55.23 9.01
N GLY K 142 26.11 55.53 8.50
CA GLY K 142 26.43 56.89 8.10
C GLY K 142 25.65 57.34 6.88
N SER K 143 25.46 56.45 5.92
CA SER K 143 24.62 56.76 4.77
C SER K 143 23.18 57.04 5.20
N ILE K 144 22.66 56.22 6.12
CA ILE K 144 21.31 56.42 6.64
C ILE K 144 21.20 57.78 7.33
N GLY K 145 22.13 58.06 8.25
CA GLY K 145 22.05 59.29 9.02
C GLY K 145 22.25 60.54 8.19
N TYR K 146 23.23 60.54 7.29
CA TYR K 146 23.50 61.76 6.54
C TYR K 146 22.52 61.95 5.40
N ASN K 147 22.15 60.90 4.66
CA ASN K 147 21.21 61.08 3.56
C ASN K 147 19.81 61.37 4.07
N GLY K 148 19.39 60.73 5.17
CA GLY K 148 18.06 60.99 5.65
C GLY K 148 17.89 62.29 6.42
N TYR K 149 18.60 62.42 7.53
CA TYR K 149 18.41 63.57 8.41
C TYR K 149 19.00 64.84 7.80
N ALA K 150 20.24 64.74 7.30
CA ALA K 150 21.01 65.84 6.69
C ALA K 150 21.23 67.01 7.65
N ALA K 151 21.09 66.80 8.95
CA ALA K 151 21.26 67.85 9.95
C ALA K 151 21.57 67.24 11.31
N VAL L 10 41.09 34.98 36.06
CA VAL L 10 39.91 35.67 36.57
C VAL L 10 40.18 37.17 36.64
N PRO L 11 39.30 37.97 36.03
CA PRO L 11 39.39 39.43 36.17
C PRO L 11 39.34 39.86 37.63
N GLN L 12 40.20 40.82 37.97
CA GLN L 12 40.31 41.28 39.35
C GLN L 12 39.13 42.17 39.69
N THR L 13 38.41 41.83 40.76
CA THR L 13 37.46 42.72 41.39
C THR L 13 38.01 43.12 42.77
N VAL L 14 37.50 44.24 43.27
CA VAL L 14 38.01 44.80 44.52
C VAL L 14 36.95 44.72 45.59
N ALA L 15 37.41 44.71 46.84
CA ALA L 15 36.50 44.81 47.98
C ALA L 15 35.89 46.20 48.03
N TRP L 16 34.76 46.30 48.73
CA TRP L 16 34.03 47.56 48.82
C TRP L 16 34.86 48.62 49.53
N SER L 17 34.82 49.83 48.97
CA SER L 17 35.58 50.96 49.48
C SER L 17 34.79 52.23 49.19
N ALA L 18 35.38 53.37 49.53
CA ALA L 18 34.72 54.65 49.24
C ALA L 18 34.75 54.99 47.76
N LYS L 19 35.73 54.45 47.02
CA LYS L 19 35.78 54.66 45.58
C LYS L 19 34.61 53.96 44.88
N THR L 20 34.31 52.73 45.30
CA THR L 20 33.15 52.01 44.78
C THR L 20 31.85 52.76 45.06
N GLY L 21 31.71 53.29 46.28
CA GLY L 21 30.55 54.11 46.61
C GLY L 21 30.46 55.38 45.78
N ALA L 22 31.61 56.02 45.53
CA ALA L 22 31.62 57.23 44.71
C ALA L 22 31.19 56.95 43.28
N VAL L 23 31.70 55.85 42.70
CA VAL L 23 31.32 55.49 41.33
C VAL L 23 29.84 55.14 41.26
N MET L 24 29.33 54.38 42.25
CA MET L 24 27.92 54.01 42.25
C MET L 24 27.01 55.24 42.41
N VAL L 25 27.37 56.16 43.31
CA VAL L 25 26.60 57.37 43.52
C VAL L 25 26.62 58.26 42.27
N LEU L 26 27.80 58.40 41.65
CA LEU L 26 27.91 59.20 40.43
C LEU L 26 27.09 58.61 39.29
N SER L 27 27.13 57.28 39.13
CA SER L 27 26.33 56.63 38.09
C SER L 27 24.84 56.79 38.36
N ASN L 28 24.43 56.71 39.63
CA ASN L 28 23.01 56.89 39.98
C ASN L 28 22.56 58.32 39.68
N ILE L 29 23.37 59.31 40.02
CA ILE L 29 22.98 60.70 39.80
C ILE L 29 22.97 61.04 38.31
N LEU L 30 23.96 60.52 37.56
CA LEU L 30 23.98 60.69 36.11
C LEU L 30 22.75 60.07 35.46
N CYS L 31 22.35 58.88 35.94
CA CYS L 31 21.17 58.24 35.37
C CYS L 31 19.88 58.93 35.80
N ILE L 32 19.86 59.56 36.98
CA ILE L 32 18.69 60.32 37.40
C ILE L 32 18.49 61.55 36.51
N VAL L 33 19.58 62.27 36.25
CA VAL L 33 19.51 63.44 35.36
C VAL L 33 19.16 63.02 33.94
N ALA L 34 19.78 61.93 33.45
CA ALA L 34 19.47 61.43 32.11
C ALA L 34 18.02 60.99 32.00
N GLY L 35 17.48 60.35 33.03
CA GLY L 35 16.08 59.99 33.04
C GLY L 35 15.15 61.18 33.10
N ARG L 36 15.57 62.24 33.78
CA ARG L 36 14.84 63.51 33.71
C ARG L 36 14.79 64.04 32.29
N TYR L 37 15.88 63.86 31.55
CA TYR L 37 15.95 64.47 30.22
C TYR L 37 15.34 63.64 29.09
N VAL L 38 15.42 62.30 29.15
CA VAL L 38 15.11 61.49 27.97
C VAL L 38 13.81 60.70 28.09
N ILE L 39 13.19 60.62 29.27
CA ILE L 39 11.99 59.81 29.43
C ILE L 39 10.81 60.57 28.84
N GLN L 40 10.12 59.96 27.89
CA GLN L 40 9.13 60.67 27.08
C GLN L 40 7.78 60.75 27.78
N VAL L 41 7.35 59.69 28.47
CA VAL L 41 6.06 59.64 29.13
C VAL L 41 6.31 59.56 30.63
N LYS L 42 5.75 60.51 31.37
CA LYS L 42 5.95 60.56 32.81
C LYS L 42 4.62 60.58 33.56
N GLY L 52 11.84 73.50 39.07
CA GLY L 52 10.96 73.37 37.92
C GLY L 52 11.31 72.18 37.04
N SER L 53 12.59 71.83 37.01
CA SER L 53 13.03 70.70 36.20
C SER L 53 12.62 69.37 36.83
N PHE L 54 12.46 69.34 38.15
CA PHE L 54 12.07 68.12 38.86
C PHE L 54 10.59 68.12 39.22
N ALA L 55 9.76 68.73 38.37
CA ALA L 55 8.31 68.69 38.52
C ALA L 55 7.75 67.55 37.68
N GLY L 56 6.82 66.81 38.26
CA GLY L 56 6.35 65.58 37.66
C GLY L 56 7.20 64.38 38.00
N PHE L 57 8.31 64.58 38.70
CA PHE L 57 9.23 63.52 39.10
C PHE L 57 8.54 62.60 40.12
N GLY L 58 8.26 61.36 39.71
CA GLY L 58 7.54 60.42 40.53
C GLY L 58 8.41 59.25 40.95
N LEU L 59 7.85 58.45 41.86
CA LEU L 59 8.51 57.25 42.35
C LEU L 59 8.88 56.21 41.29
N PRO L 60 8.03 55.87 40.29
CA PRO L 60 8.50 54.93 39.25
C PRO L 60 9.67 55.45 38.43
N GLU L 61 9.71 56.75 38.17
CA GLU L 61 10.84 57.32 37.44
C GLU L 61 12.12 57.28 38.28
N LEU L 62 12.00 57.55 39.58
CA LEU L 62 13.15 57.43 40.47
C LEU L 62 13.64 55.99 40.56
N LEU L 63 12.70 55.03 40.63
CA LEU L 63 13.07 53.63 40.66
C LEU L 63 13.77 53.20 39.38
N ALA L 64 13.27 53.64 38.23
CA ALA L 64 13.87 53.31 36.95
C ALA L 64 15.26 53.91 36.82
N SER L 65 15.40 55.19 37.20
CA SER L 65 16.69 55.86 37.13
C SER L 65 17.71 55.23 38.08
N THR L 66 17.29 54.87 39.30
CA THR L 66 18.23 54.26 40.24
C THR L 66 18.54 52.80 39.89
N SER L 67 17.62 52.10 39.23
CA SER L 67 17.90 50.76 38.73
C SER L 67 18.91 50.80 37.60
N LEU L 68 18.75 51.75 36.67
CA LEU L 68 19.78 51.98 35.67
C LEU L 68 21.08 52.47 36.32
N GLY L 69 20.98 53.24 37.40
CA GLY L 69 22.17 53.69 38.10
C GLY L 69 22.98 52.57 38.73
N HIS L 70 22.31 51.59 39.37
CA HIS L 70 23.03 50.38 39.77
C HIS L 70 23.51 49.56 38.57
N ILE L 71 22.76 49.50 37.46
CA ILE L 71 23.24 48.72 36.31
C ILE L 71 24.51 49.35 35.73
N VAL L 72 24.50 50.66 35.52
CA VAL L 72 25.63 51.38 34.96
C VAL L 72 26.80 51.41 35.95
N GLY L 73 26.50 51.58 37.25
CA GLY L 73 27.54 51.59 38.25
C GLY L 73 28.21 50.24 38.41
N SER L 74 27.43 49.16 38.37
CA SER L 74 28.00 47.82 38.43
C SER L 74 28.89 47.55 37.23
N GLY L 75 28.42 47.91 36.03
CA GLY L 75 29.24 47.73 34.83
C GLY L 75 30.52 48.55 34.87
N ALA L 76 30.42 49.81 35.31
CA ALA L 76 31.58 50.69 35.41
C ALA L 76 32.57 50.21 36.47
N ILE L 77 32.07 49.76 37.63
CA ILE L 77 32.94 49.28 38.69
C ILE L 77 33.68 48.03 38.25
N LEU L 78 32.97 47.08 37.63
CA LEU L 78 33.62 45.87 37.15
C LEU L 78 34.62 46.17 36.04
N GLY L 79 34.29 47.09 35.14
CA GLY L 79 35.22 47.44 34.07
C GLY L 79 36.46 48.16 34.55
N LEU L 80 36.29 49.10 35.49
CA LEU L 80 37.43 49.82 36.03
C LEU L 80 38.29 48.94 36.92
N SER L 81 37.69 47.93 37.57
CA SER L 81 38.49 46.95 38.28
C SER L 81 39.22 46.02 37.32
N TYR L 82 38.61 45.72 36.17
CA TYR L 82 39.27 44.93 35.14
C TYR L 82 40.49 45.66 34.60
N VAL L 83 40.35 46.95 34.27
CA VAL L 83 41.42 47.65 33.56
C VAL L 83 42.46 48.26 34.48
N GLY L 84 42.28 48.17 35.79
CA GLY L 84 43.30 48.62 36.73
C GLY L 84 43.04 49.96 37.39
N VAL L 85 42.02 50.71 36.95
CA VAL L 85 41.70 52.00 37.57
C VAL L 85 41.19 51.81 39.00
N LEU L 86 40.59 50.65 39.29
CA LEU L 86 39.99 50.29 40.58
C LEU L 86 38.90 51.29 40.98
N ALA M 99 -39.31 4.08 23.39
CA ALA M 99 -39.83 3.49 22.16
C ALA M 99 -39.44 2.02 22.05
N ALA M 100 -38.20 1.71 22.44
CA ALA M 100 -37.69 0.34 22.41
C ALA M 100 -36.87 0.12 23.68
N VAL M 101 -37.51 -0.44 24.71
CA VAL M 101 -36.80 -0.81 25.92
C VAL M 101 -35.88 -1.98 25.62
N GLY M 102 -34.68 -1.96 26.20
CA GLY M 102 -33.73 -3.04 26.08
C GLY M 102 -34.26 -4.36 26.59
N PHE M 103 -34.06 -5.43 25.80
CA PHE M 103 -34.42 -6.80 26.14
C PHE M 103 -35.93 -6.98 26.34
N SER M 104 -36.72 -6.12 25.67
CA SER M 104 -38.18 -6.23 25.79
C SER M 104 -38.71 -7.48 25.11
N GLY M 105 -38.07 -7.91 24.02
CA GLY M 105 -38.48 -9.11 23.35
C GLY M 105 -39.68 -8.97 22.45
N VAL M 106 -40.12 -7.76 22.18
CA VAL M 106 -41.17 -7.50 21.20
C VAL M 106 -40.48 -7.14 19.88
N PRO M 107 -40.67 -7.94 18.82
CA PRO M 107 -39.94 -7.68 17.56
C PRO M 107 -40.28 -6.35 16.91
N SER M 108 -41.52 -5.87 17.06
CA SER M 108 -41.90 -4.59 16.48
C SER M 108 -41.15 -3.43 17.11
N GLN M 109 -40.71 -3.57 18.35
CA GLN M 109 -39.89 -2.53 18.95
C GLN M 109 -38.48 -2.52 18.37
N PHE M 110 -38.02 -3.66 17.85
CA PHE M 110 -36.66 -3.76 17.32
C PHE M 110 -36.61 -3.73 15.80
N GLY M 111 -37.74 -3.50 15.14
CA GLY M 111 -37.78 -3.53 13.69
C GLY M 111 -37.58 -4.89 13.08
N ARG M 112 -37.76 -5.94 13.84
CA ARG M 112 -37.65 -7.34 13.44
C ARG M 112 -38.97 -7.81 12.82
N PRO M 113 -38.91 -8.69 11.82
CA PRO M 113 -40.14 -9.26 11.26
C PRO M 113 -40.90 -10.08 12.29
N GLU M 114 -42.11 -9.64 12.62
CA GLU M 114 -42.96 -10.33 13.57
C GLU M 114 -43.75 -11.42 12.86
N SER M 115 -44.68 -12.05 13.58
CA SER M 115 -45.57 -13.06 13.00
C SER M 115 -47.01 -12.60 12.92
N GLY M 116 -47.46 -11.73 13.83
CA GLY M 116 -48.85 -11.31 13.88
C GLY M 116 -49.77 -12.32 14.53
N VAL M 117 -49.80 -13.54 14.01
CA VAL M 117 -50.61 -14.61 14.58
C VAL M 117 -49.93 -15.12 15.86
N TYR M 118 -50.55 -14.82 17.00
CA TYR M 118 -50.04 -15.24 18.31
C TYR M 118 -51.13 -16.05 19.00
N PRO M 119 -50.97 -17.37 19.11
CA PRO M 119 -52.05 -18.20 19.65
C PRO M 119 -52.27 -17.97 21.14
N ALA M 120 -53.52 -18.14 21.55
CA ALA M 120 -53.86 -18.06 22.97
C ALA M 120 -53.27 -19.27 23.70
N GLU M 121 -53.05 -19.09 25.01
CA GLU M 121 -52.45 -20.12 25.82
C GLU M 121 -53.53 -20.88 26.58
N PRO M 122 -53.82 -22.12 26.24
CA PRO M 122 -54.81 -22.90 27.00
C PRO M 122 -54.22 -23.40 28.30
N SER M 123 -55.11 -23.76 29.23
CA SER M 123 -54.73 -24.15 30.57
C SER M 123 -54.59 -25.66 30.74
N GLU M 124 -54.78 -26.44 29.68
CA GLU M 124 -54.74 -27.89 29.80
C GLU M 124 -53.32 -28.38 29.95
N GLN M 125 -53.12 -29.35 30.84
CA GLN M 125 -51.80 -29.80 31.25
C GLN M 125 -51.65 -31.29 31.00
N THR M 126 -50.45 -31.68 30.60
CA THR M 126 -50.11 -33.08 30.35
C THR M 126 -49.02 -33.50 31.33
N PHE M 127 -49.07 -34.76 31.77
CA PHE M 127 -48.19 -35.26 32.83
C PHE M 127 -46.72 -35.16 32.45
N LEU M 128 -46.35 -35.67 31.28
CA LEU M 128 -44.96 -35.60 30.83
C LEU M 128 -44.78 -34.66 29.66
N GLY M 129 -45.79 -33.84 29.36
CA GLY M 129 -45.74 -32.90 28.27
C GLY M 129 -45.69 -31.47 28.76
N MET M 130 -46.09 -30.55 27.89
CA MET M 130 -45.98 -29.15 28.23
C MET M 130 -47.30 -28.45 27.94
N ARG M 131 -47.61 -27.43 28.74
CA ARG M 131 -48.70 -26.52 28.45
C ARG M 131 -48.41 -25.74 27.18
N GLY M 132 -49.42 -25.60 26.32
CA GLY M 132 -49.25 -24.87 25.09
C GLY M 132 -50.34 -25.15 24.08
N PRO M 133 -50.31 -24.44 22.95
CA PRO M 133 -51.33 -24.64 21.92
C PRO M 133 -51.18 -25.99 21.25
N ARG M 134 -52.30 -26.69 21.10
CA ARG M 134 -52.35 -28.01 20.48
C ARG M 134 -53.54 -28.03 19.52
N ALA M 135 -53.57 -29.08 18.71
CA ALA M 135 -54.71 -29.31 17.82
C ALA M 135 -55.93 -29.69 18.65
N PRO M 136 -57.13 -29.49 18.10
CA PRO M 136 -58.34 -30.03 18.76
C PRO M 136 -58.30 -31.56 18.81
N GLY M 137 -58.68 -32.11 19.96
CA GLY M 137 -58.60 -33.54 20.17
C GLY M 137 -57.30 -34.03 20.78
N HIS M 138 -56.31 -33.15 20.95
CA HIS M 138 -54.96 -33.58 21.30
C HIS M 138 -54.84 -33.92 22.78
N ARG M 139 -55.25 -33.00 23.65
CA ARG M 139 -55.18 -33.25 25.09
C ARG M 139 -56.20 -34.28 25.56
N GLU M 140 -57.18 -34.64 24.73
CA GLU M 140 -58.10 -35.71 25.07
C GLU M 140 -57.60 -37.07 24.61
N ASN M 141 -56.81 -37.13 23.54
CA ASN M 141 -56.23 -38.38 23.09
C ASN M 141 -54.86 -38.65 23.70
N PHE M 142 -54.06 -37.61 23.91
CA PHE M 142 -52.71 -37.77 24.44
C PHE M 142 -52.49 -36.83 25.63
N GLY M 143 -53.46 -36.77 26.53
CA GLY M 143 -53.30 -36.06 27.78
C GLY M 143 -52.67 -36.95 28.83
N GLY M 144 -52.89 -36.58 30.10
CA GLY M 144 -52.17 -37.22 31.20
C GLY M 144 -52.49 -38.69 31.37
N LYS M 145 -53.70 -39.09 31.03
CA LYS M 145 -54.11 -40.49 31.11
C LYS M 145 -53.30 -41.36 30.15
N HIS M 146 -53.21 -40.92 28.89
CA HIS M 146 -52.45 -41.66 27.88
C HIS M 146 -50.97 -41.76 28.25
N THR M 147 -50.37 -40.66 28.69
CA THR M 147 -48.96 -40.64 29.06
C THR M 147 -48.67 -41.55 30.24
N ALA M 148 -49.52 -41.49 31.27
CA ALA M 148 -49.31 -42.34 32.44
C ALA M 148 -49.52 -43.80 32.11
N THR M 149 -50.51 -44.11 31.26
CA THR M 149 -50.74 -45.49 30.84
C THR M 149 -49.56 -46.02 30.03
N MET M 150 -49.02 -45.21 29.11
CA MET M 150 -47.90 -45.65 28.31
C MET M 150 -46.63 -45.78 29.12
N LEU M 151 -46.42 -44.90 30.10
CA LEU M 151 -45.28 -45.06 31.01
C LEU M 151 -45.41 -46.32 31.86
N ALA M 152 -46.62 -46.63 32.32
CA ALA M 152 -46.85 -47.86 33.07
C ALA M 152 -46.58 -49.09 32.22
N ILE M 153 -47.06 -49.09 30.97
CA ILE M 153 -46.87 -50.23 30.09
C ILE M 153 -45.39 -50.39 29.73
N ALA M 154 -44.69 -49.27 29.51
CA ALA M 154 -43.26 -49.32 29.23
C ALA M 154 -42.46 -49.85 30.42
N ALA M 155 -42.82 -49.44 31.64
CA ALA M 155 -42.16 -49.96 32.83
C ALA M 155 -42.46 -51.44 33.04
N LEU M 156 -43.68 -51.88 32.70
CA LEU M 156 -43.99 -53.31 32.76
C LEU M 156 -43.18 -54.10 31.74
N LEU M 157 -43.11 -53.62 30.50
CA LEU M 157 -42.41 -54.35 29.46
C LEU M 157 -40.90 -54.26 29.59
N TRP M 158 -40.40 -53.29 30.37
CA TRP M 158 -38.96 -53.22 30.65
C TRP M 158 -38.46 -54.47 31.37
N GLN M 159 -39.29 -55.06 32.23
CA GLN M 159 -38.85 -56.16 33.09
C GLN M 159 -38.43 -57.42 32.33
N PRO M 160 -39.16 -57.92 31.32
CA PRO M 160 -38.54 -58.99 30.51
C PRO M 160 -37.41 -58.50 29.63
N VAL M 161 -37.42 -57.23 29.23
CA VAL M 161 -36.37 -56.69 28.38
C VAL M 161 -35.07 -56.52 29.15
N SER M 162 -35.16 -56.11 30.43
CA SER M 162 -33.96 -55.92 31.24
C SER M 162 -33.22 -57.23 31.47
N GLU M 163 -33.95 -58.29 31.81
CA GLU M 163 -33.36 -59.63 31.88
C GLU M 163 -33.58 -60.38 30.58
N ALA M 164 -33.00 -59.88 29.49
CA ALA M 164 -33.13 -60.49 28.18
C ALA M 164 -32.04 -61.53 27.98
N GLY M 165 -32.43 -62.73 27.59
CA GLY M 165 -31.46 -63.75 27.26
C GLY M 165 -32.13 -65.10 27.09
N MET M 166 -31.37 -66.03 26.53
CA MET M 166 -31.79 -67.41 26.39
C MET M 166 -31.46 -68.15 27.69
N TYR M 167 -32.50 -68.45 28.46
CA TYR M 167 -32.37 -69.25 29.68
C TYR M 167 -32.62 -70.71 29.32
N ARG M 168 -31.66 -71.57 29.62
CA ARG M 168 -31.76 -72.98 29.30
C ARG M 168 -31.60 -73.80 30.57
N MET M 169 -32.53 -74.71 30.81
CA MET M 169 -32.48 -75.58 31.97
C MET M 169 -31.42 -76.66 31.78
N GLN M 170 -30.65 -76.91 32.83
CA GLN M 170 -29.62 -77.93 32.82
C GLN M 170 -30.15 -79.20 33.50
N GLY M 171 -29.28 -80.21 33.61
CA GLY M 171 -29.67 -81.47 34.21
C GLY M 171 -30.00 -81.37 35.69
N ASP M 172 -29.29 -80.52 36.42
CA ASP M 172 -29.53 -80.31 37.84
C ASP M 172 -30.66 -79.34 38.13
N GLY M 173 -31.38 -78.88 37.10
CA GLY M 173 -32.45 -77.93 37.28
C GLY M 173 -32.03 -76.47 37.30
N SER M 174 -30.73 -76.19 37.27
CA SER M 174 -30.26 -74.83 37.25
C SER M 174 -30.46 -74.21 35.86
N LEU M 175 -30.35 -72.89 35.79
CA LEU M 175 -30.58 -72.14 34.57
C LEU M 175 -29.29 -71.53 34.08
N THR M 176 -29.03 -71.65 32.78
CA THR M 176 -27.89 -71.04 32.13
C THR M 176 -28.40 -69.94 31.22
N LYS M 177 -28.03 -68.70 31.49
CA LYS M 177 -28.39 -67.56 30.65
C LYS M 177 -27.27 -67.29 29.66
N THR M 178 -27.61 -67.32 28.38
CA THR M 178 -26.67 -66.98 27.33
C THR M 178 -27.31 -65.94 26.40
N SER M 179 -26.45 -65.09 25.83
CA SER M 179 -26.90 -63.92 25.11
C SER M 179 -27.61 -64.29 23.81
N PHE M 180 -28.59 -63.46 23.44
CA PHE M 180 -29.32 -63.60 22.17
C PHE M 180 -28.43 -63.40 20.96
N ASN M 181 -27.23 -62.84 21.10
CA ASN M 181 -26.28 -62.75 20.00
C ASN M 181 -25.84 -64.11 19.48
N GLU M 182 -25.96 -65.17 20.28
CA GLU M 182 -25.61 -66.50 19.83
C GLU M 182 -26.77 -67.25 19.19
N PHE M 183 -27.98 -66.70 19.25
CA PHE M 183 -29.13 -67.23 18.53
C PHE M 183 -28.93 -67.16 17.03
N GLU M 184 -28.81 -68.33 16.37
CA GLU M 184 -28.60 -68.41 14.94
C GLU M 184 -29.90 -68.80 14.24
N VAL M 185 -30.07 -68.29 13.02
CA VAL M 185 -31.29 -68.50 12.24
C VAL M 185 -30.92 -69.28 10.98
N PRO M 186 -31.82 -70.10 10.44
CA PRO M 186 -31.42 -71.03 9.36
C PRO M 186 -31.34 -70.43 7.97
N GLY M 187 -32.09 -69.37 7.69
CA GLY M 187 -32.38 -69.06 6.30
C GLY M 187 -32.08 -67.67 5.78
N PHE M 188 -31.02 -67.03 6.26
CA PHE M 188 -30.65 -65.70 5.77
C PHE M 188 -29.20 -65.69 5.32
N GLY M 189 -28.80 -66.71 4.56
CA GLY M 189 -27.51 -66.70 3.88
C GLY M 189 -26.34 -66.79 4.83
N ASN M 190 -25.38 -65.87 4.65
CA ASN M 190 -24.20 -65.80 5.50
C ASN M 190 -24.44 -65.06 6.81
N ALA M 191 -25.64 -64.53 7.02
CA ALA M 191 -25.97 -63.83 8.25
C ALA M 191 -26.67 -64.80 9.19
N LYS M 192 -25.86 -65.67 9.82
CA LYS M 192 -26.40 -66.59 10.81
C LYS M 192 -26.78 -65.83 12.08
N LYS M 193 -25.90 -64.96 12.56
CA LYS M 193 -26.23 -64.05 13.65
C LYS M 193 -27.04 -62.89 13.11
N VAL M 194 -28.11 -62.53 13.81
CA VAL M 194 -29.04 -61.49 13.38
C VAL M 194 -29.28 -60.54 14.56
N PRO M 195 -29.69 -59.29 14.28
CA PRO M 195 -30.05 -58.40 15.38
C PRO M 195 -31.28 -58.89 16.14
N THR M 196 -31.20 -58.75 17.47
CA THR M 196 -32.19 -59.26 18.40
C THR M 196 -32.63 -58.12 19.32
N ILE M 197 -33.42 -58.45 20.35
CA ILE M 197 -33.83 -57.44 21.32
C ILE M 197 -32.62 -56.91 22.10
N GLU M 198 -31.57 -57.71 22.26
CA GLU M 198 -30.38 -57.24 22.96
C GLU M 198 -29.55 -56.29 22.13
N SER M 199 -29.79 -56.22 20.81
CA SER M 199 -29.18 -55.18 20.00
C SER M 199 -29.74 -53.82 20.36
N LEU M 200 -31.04 -53.74 20.63
CA LEU M 200 -31.68 -52.49 20.98
C LEU M 200 -31.39 -52.08 22.42
N PHE M 201 -31.12 -53.05 23.29
CA PHE M 201 -30.86 -52.81 24.70
C PHE M 201 -29.59 -53.57 25.11
N PRO M 202 -28.42 -53.09 24.69
CA PRO M 202 -27.16 -53.81 24.99
C PRO M 202 -26.57 -53.47 26.36
N PHE M 203 -27.18 -54.04 27.40
CA PHE M 203 -26.71 -53.79 28.77
C PHE M 203 -25.33 -54.37 29.00
N SER M 204 -25.10 -55.60 28.56
CA SER M 204 -23.83 -56.29 28.83
C SER M 204 -22.67 -55.71 28.05
N SER M 205 -22.93 -55.04 26.92
CA SER M 205 -21.87 -54.38 26.16
C SER M 205 -21.24 -53.24 26.95
N LYS M 206 -22.03 -52.53 27.74
CA LYS M 206 -21.55 -51.44 28.57
C LYS M 206 -21.19 -51.89 29.98
N GLY M 207 -21.29 -53.19 30.26
CA GLY M 207 -21.05 -53.69 31.60
C GLY M 207 -22.08 -53.28 32.62
N PHE M 208 -23.31 -53.03 32.19
CA PHE M 208 -24.39 -52.60 33.06
C PHE M 208 -25.23 -53.80 33.46
N ASP M 209 -25.25 -54.11 34.74
CA ASP M 209 -26.09 -55.19 35.27
C ASP M 209 -27.50 -54.65 35.44
N ALA M 210 -28.30 -54.76 34.38
CA ALA M 210 -29.66 -54.26 34.44
C ALA M 210 -30.55 -55.18 35.26
N SER M 211 -31.62 -54.59 35.79
CA SER M 211 -32.61 -55.29 36.58
C SER M 211 -33.98 -54.79 36.14
N PRO M 212 -35.06 -55.50 36.50
CA PRO M 212 -36.41 -54.96 36.24
C PRO M 212 -36.74 -53.67 36.97
N VAL M 213 -35.93 -53.26 37.95
CA VAL M 213 -36.07 -51.99 38.66
C VAL M 213 -34.88 -51.10 38.29
N LEU M 214 -34.34 -51.33 37.09
CA LEU M 214 -33.22 -50.64 36.45
C LEU M 214 -31.88 -50.97 37.09
N PHE M 215 -31.69 -50.64 38.37
CA PHE M 215 -30.41 -50.84 39.02
C PHE M 215 -30.31 -52.25 39.59
N GLY M 216 -29.26 -52.97 39.19
CA GLY M 216 -29.11 -54.36 39.54
C GLY M 216 -28.09 -54.57 40.66
N LYS M 217 -27.89 -55.85 40.99
CA LYS M 217 -27.01 -56.20 42.10
C LYS M 217 -25.56 -55.78 41.84
N ASN M 218 -25.05 -56.05 40.64
CA ASN M 218 -23.70 -55.62 40.28
C ASN M 218 -23.69 -54.24 39.64
N SER M 219 -24.80 -53.50 39.71
CA SER M 219 -24.87 -52.10 39.30
C SER M 219 -25.63 -51.29 40.34
N MET M 220 -25.36 -51.54 41.61
CA MET M 220 -26.13 -50.94 42.69
C MET M 220 -25.73 -49.48 42.91
N ILE M 221 -26.72 -48.68 43.31
CA ILE M 221 -26.47 -47.30 43.70
C ILE M 221 -25.61 -47.27 44.95
N VAL M 222 -24.53 -46.50 44.90
CA VAL M 222 -23.54 -46.47 45.98
C VAL M 222 -23.92 -45.35 46.95
N VAL M 223 -24.14 -45.72 48.21
CA VAL M 223 -24.43 -44.77 49.29
C VAL M 223 -23.34 -44.91 50.34
N GLU M 224 -22.75 -43.79 50.73
CA GLU M 224 -21.77 -43.78 51.80
C GLU M 224 -21.96 -42.53 52.66
N ASP M 225 -21.81 -42.70 53.96
CA ASP M 225 -22.05 -41.62 54.90
C ASP M 225 -20.86 -40.67 54.91
N PRO M 226 -21.06 -39.38 54.60
CA PRO M 226 -19.94 -38.45 54.55
C PRO M 226 -19.47 -37.96 55.91
N ARG M 227 -20.21 -38.26 56.97
CA ARG M 227 -19.91 -37.71 58.29
C ARG M 227 -18.75 -38.43 58.98
N ASP M 228 -18.27 -39.53 58.41
CA ASP M 228 -17.04 -40.22 58.82
C ASP M 228 -17.09 -40.78 60.24
N GLY M 229 -18.30 -40.97 60.78
CA GLY M 229 -18.46 -41.58 62.08
C GLY M 229 -18.03 -40.74 63.26
N CYS M 230 -17.98 -39.43 63.10
CA CYS M 230 -17.70 -38.51 64.20
C CYS M 230 -18.90 -37.57 64.41
N GLY M 231 -18.74 -36.62 65.32
CA GLY M 231 -19.82 -35.74 65.72
C GLY M 231 -19.68 -34.32 65.18
N ALA M 232 -20.66 -33.50 65.56
CA ALA M 232 -20.67 -32.11 65.13
C ALA M 232 -19.61 -31.29 65.86
N TYR M 233 -19.39 -31.58 67.13
CA TYR M 233 -18.48 -30.79 67.95
C TYR M 233 -17.83 -31.71 68.97
N ALA M 234 -16.69 -31.26 69.51
CA ALA M 234 -15.94 -31.92 70.58
C ALA M 234 -15.46 -33.31 70.15
N ASN M 235 -14.74 -33.34 69.03
CA ASN M 235 -14.18 -34.56 68.48
C ASN M 235 -12.68 -34.56 68.71
N SER M 236 -12.15 -35.70 69.16
CA SER M 236 -10.71 -35.87 69.39
C SER M 236 -10.22 -37.02 68.52
N GLY M 237 -9.49 -36.68 67.46
CA GLY M 237 -9.00 -37.68 66.54
C GLY M 237 -8.69 -37.10 65.17
N SER M 238 -9.19 -37.74 64.12
CA SER M 238 -8.99 -37.29 62.75
C SER M 238 -10.20 -36.52 62.21
N CYS M 239 -11.04 -35.99 63.10
CA CYS M 239 -12.27 -35.30 62.73
C CYS M 239 -12.26 -33.91 63.35
N HIS M 240 -11.92 -32.89 62.55
CA HIS M 240 -11.87 -31.51 63.01
C HIS M 240 -12.90 -30.72 62.19
N THR M 241 -14.08 -30.53 62.76
CA THR M 241 -15.18 -29.90 62.05
C THR M 241 -15.04 -28.38 62.05
N PHE M 242 -15.97 -27.72 61.36
CA PHE M 242 -16.00 -26.27 61.34
C PHE M 242 -16.35 -25.68 62.70
N LEU M 243 -17.24 -26.35 63.43
CA LEU M 243 -17.56 -25.94 64.80
C LEU M 243 -16.35 -26.09 65.72
N ASP M 244 -15.59 -27.17 65.54
CA ASP M 244 -14.36 -27.35 66.31
C ASP M 244 -13.34 -26.28 65.95
N GLU M 245 -13.27 -25.89 64.67
CA GLU M 245 -12.39 -24.80 64.26
C GLU M 245 -12.79 -23.47 64.88
N ILE M 246 -14.10 -23.20 64.95
CA ILE M 246 -14.61 -22.00 65.61
C ILE M 246 -14.23 -22.02 67.09
N GLY M 247 -14.44 -23.15 67.75
CA GLY M 247 -14.13 -23.27 69.18
C GLY M 247 -12.65 -23.10 69.47
N ASP M 248 -11.79 -23.75 68.68
CA ASP M 248 -10.35 -23.59 68.87
C ASP M 248 -9.88 -22.18 68.54
N ALA M 249 -10.52 -21.52 67.55
CA ALA M 249 -10.21 -20.13 67.27
C ALA M 249 -10.58 -19.22 68.44
N LEU M 250 -11.71 -19.48 69.09
CA LEU M 250 -12.12 -18.69 70.25
C LEU M 250 -11.23 -18.96 71.46
N LYS M 251 -10.78 -20.21 71.63
CA LYS M 251 -9.98 -20.60 72.78
C LYS M 251 -8.52 -20.71 72.33
N ALA M 252 -7.80 -19.59 72.43
CA ALA M 252 -6.40 -19.55 72.02
C ALA M 252 -5.64 -18.46 72.79
N ASP N 42 -22.76 38.69 56.56
CA ASP N 42 -21.73 39.71 56.41
C ASP N 42 -20.35 39.08 56.58
N PHE N 43 -19.92 38.94 57.83
CA PHE N 43 -18.64 38.33 58.16
C PHE N 43 -18.88 36.93 58.71
N SER N 44 -17.79 36.16 58.75
CA SER N 44 -17.85 34.80 59.26
C SER N 44 -18.10 34.79 60.77
N ALA N 45 -18.90 33.82 61.22
CA ALA N 45 -19.16 33.68 62.65
C ALA N 45 -17.94 33.19 63.41
N ALA N 46 -17.13 32.34 62.78
CA ALA N 46 -15.95 31.79 63.45
C ALA N 46 -14.77 32.74 63.36
N VAL N 47 -14.46 33.19 62.15
CA VAL N 47 -13.33 34.08 61.92
C VAL N 47 -13.87 35.48 61.68
N PRO N 48 -13.89 36.34 62.71
CA PRO N 48 -14.62 37.61 62.59
C PRO N 48 -14.05 38.60 61.58
N PHE N 49 -12.79 38.45 61.19
CA PHE N 49 -12.21 39.36 60.21
C PHE N 49 -12.28 38.86 58.78
N LEU N 50 -12.81 37.66 58.57
CA LEU N 50 -13.07 37.13 57.23
C LEU N 50 -14.54 37.33 56.88
N LYS N 51 -14.81 37.61 55.61
CA LYS N 51 -16.19 37.67 55.15
C LYS N 51 -16.80 36.26 55.13
N ARG N 52 -18.10 36.21 55.32
CA ARG N 52 -18.82 34.94 55.22
C ARG N 52 -18.80 34.44 53.78
N PRO N 53 -18.37 33.20 53.55
CA PRO N 53 -18.52 32.61 52.21
C PRO N 53 -19.98 32.53 51.81
N THR N 54 -20.27 33.00 50.58
CA THR N 54 -21.65 33.20 50.13
C THR N 54 -22.43 31.89 50.06
N ASN N 55 -21.77 30.78 49.74
CA ASN N 55 -22.46 29.49 49.70
C ASN N 55 -22.54 28.82 51.07
N LEU N 56 -21.93 29.40 52.10
CA LEU N 56 -22.08 28.92 53.47
C LEU N 56 -23.13 29.78 54.16
N ASP N 57 -24.40 29.43 53.93
CA ASP N 57 -25.52 30.16 54.50
C ASP N 57 -26.09 29.50 55.75
N GLY N 58 -25.50 28.41 56.22
CA GLY N 58 -25.95 27.76 57.43
C GLY N 58 -26.97 26.64 57.24
N GLN N 59 -27.14 26.14 56.01
CA GLN N 59 -28.06 25.04 55.79
C GLN N 59 -27.51 23.72 56.28
N TYR N 60 -26.19 23.59 56.39
CA TYR N 60 -25.53 22.37 56.82
C TYR N 60 -25.09 22.52 58.28
N ILE N 61 -25.44 21.55 59.10
CA ILE N 61 -25.19 21.65 60.54
C ILE N 61 -23.70 21.59 60.81
N GLY N 62 -23.23 22.48 61.68
CA GLY N 62 -21.82 22.68 61.89
C GLY N 62 -21.22 23.82 61.11
N ASP N 63 -22.04 24.66 60.49
CA ASP N 63 -21.56 25.78 59.68
C ASP N 63 -21.20 26.94 60.59
N VAL N 64 -19.93 27.34 60.57
CA VAL N 64 -19.48 28.55 61.24
C VAL N 64 -18.81 29.50 60.26
N GLY N 65 -19.07 29.31 58.97
CA GLY N 65 -18.52 30.18 57.93
C GLY N 65 -17.02 30.09 57.76
N PHE N 66 -16.45 28.91 57.95
CA PHE N 66 -15.00 28.73 57.87
C PHE N 66 -14.67 28.10 56.52
N ASP N 67 -14.22 28.92 55.58
CA ASP N 67 -13.70 28.48 54.29
C ASP N 67 -12.82 29.58 53.69
N PRO N 68 -11.63 29.83 54.24
CA PRO N 68 -10.80 30.91 53.71
C PRO N 68 -10.24 30.64 52.31
N LEU N 69 -10.02 29.37 51.96
CA LEU N 69 -9.50 29.06 50.64
C LEU N 69 -10.57 29.10 49.55
N GLY N 70 -11.84 29.21 49.92
CA GLY N 70 -12.92 29.29 48.95
C GLY N 70 -13.17 28.01 48.18
N PHE N 71 -13.17 26.87 48.87
CA PHE N 71 -13.51 25.60 48.21
C PHE N 71 -14.97 25.55 47.81
N SER N 72 -15.84 26.13 48.63
CA SER N 72 -17.27 26.16 48.34
C SER N 72 -17.64 27.15 47.24
N ASP N 73 -16.72 28.02 46.83
CA ASP N 73 -17.00 28.95 45.74
C ASP N 73 -16.89 28.29 44.38
N VAL N 74 -16.13 27.20 44.26
CA VAL N 74 -15.94 26.50 42.99
C VAL N 74 -16.58 25.12 42.99
N PHE N 75 -16.51 24.40 44.11
CA PHE N 75 -16.94 23.01 44.16
C PHE N 75 -18.33 22.88 44.80
N ASP N 76 -19.01 21.79 44.43
CA ASP N 76 -20.34 21.52 44.97
C ASP N 76 -20.26 21.19 46.45
N LEU N 77 -21.10 21.85 47.24
CA LEU N 77 -21.03 21.70 48.69
C LEU N 77 -21.59 20.36 49.16
N ARG N 78 -22.50 19.76 48.38
CA ARG N 78 -23.02 18.44 48.70
C ARG N 78 -21.90 17.40 48.65
N VAL N 79 -21.07 17.44 47.61
CA VAL N 79 -19.93 16.54 47.47
C VAL N 79 -18.94 16.76 48.61
N LEU N 80 -18.68 18.02 48.95
CA LEU N 80 -17.74 18.34 50.02
C LEU N 80 -18.24 17.85 51.37
N ARG N 81 -19.56 17.95 51.63
CA ARG N 81 -20.10 17.48 52.90
C ARG N 81 -20.13 15.96 52.96
N GLU N 82 -20.41 15.29 51.83
CA GLU N 82 -20.33 13.84 51.79
C GLU N 82 -18.91 13.37 52.05
N ALA N 83 -17.92 14.06 51.46
CA ALA N 83 -16.51 13.74 51.69
C ALA N 83 -16.11 13.99 53.14
N GLU N 84 -16.58 15.11 53.73
CA GLU N 84 -16.27 15.44 55.11
C GLU N 84 -16.78 14.37 56.06
N LEU N 85 -18.04 13.95 55.87
CA LEU N 85 -18.62 12.96 56.76
C LEU N 85 -18.00 11.59 56.56
N LYS N 86 -17.66 11.22 55.31
CA LYS N 86 -17.02 9.93 55.09
C LYS N 86 -15.62 9.86 55.69
N HIS N 87 -14.80 10.92 55.44
CA HIS N 87 -13.46 11.01 56.03
C HIS N 87 -13.55 10.99 57.56
N GLY N 88 -14.51 11.73 58.12
CA GLY N 88 -14.65 11.80 59.57
C GLY N 88 -15.11 10.50 60.20
N ARG N 89 -16.05 9.81 59.58
CA ARG N 89 -16.52 8.53 60.11
C ARG N 89 -15.42 7.47 60.06
N PHE N 90 -14.64 7.47 58.96
CA PHE N 90 -13.46 6.61 58.89
C PHE N 90 -12.48 6.93 60.02
N ALA N 91 -12.27 8.21 60.30
CA ALA N 91 -11.34 8.61 61.34
C ALA N 91 -11.85 8.28 62.74
N MET N 92 -13.16 8.39 62.97
CA MET N 92 -13.73 8.02 64.27
C MET N 92 -13.55 6.53 64.53
N LEU N 93 -13.88 5.71 63.52
CA LEU N 93 -13.67 4.26 63.65
C LEU N 93 -12.19 3.93 63.81
N ALA N 94 -11.32 4.71 63.16
CA ALA N 94 -9.88 4.49 63.28
C ALA N 94 -9.36 4.79 64.69
N THR N 95 -9.82 5.88 65.30
CA THR N 95 -9.37 6.22 66.64
C THR N 95 -9.88 5.22 67.68
N LEU N 96 -11.16 4.83 67.56
CA LEU N 96 -11.70 3.80 68.44
C LEU N 96 -10.97 2.47 68.23
N GLY N 97 -10.60 2.17 66.98
CA GLY N 97 -9.81 0.98 66.72
C GLY N 97 -8.43 1.02 67.34
N PHE N 98 -7.75 2.17 67.30
CA PHE N 98 -6.48 2.28 68.02
C PHE N 98 -6.63 2.09 69.52
N ILE N 99 -7.74 2.52 70.10
CA ILE N 99 -7.86 2.33 71.54
C ILE N 99 -8.19 0.88 71.87
N VAL N 100 -9.24 0.33 71.27
CA VAL N 100 -9.68 -1.02 71.63
C VAL N 100 -8.71 -2.08 71.12
N GLN N 101 -8.27 -1.98 69.86
CA GLN N 101 -7.42 -2.95 69.21
C GLN N 101 -6.03 -3.06 69.83
N GLU N 102 -5.63 -2.09 70.64
CA GLU N 102 -4.44 -2.22 71.47
C GLU N 102 -4.76 -2.58 72.91
N LEU N 103 -5.95 -2.22 73.41
CA LEU N 103 -6.40 -2.78 74.68
C LEU N 103 -6.64 -4.28 74.58
N TYR N 104 -7.31 -4.72 73.52
CA TYR N 104 -7.66 -6.12 73.33
C TYR N 104 -7.30 -6.56 71.92
N THR N 105 -6.95 -7.83 71.78
CA THR N 105 -6.61 -8.44 70.49
C THR N 105 -7.28 -9.81 70.43
N PHE N 106 -7.87 -10.12 69.27
CA PHE N 106 -8.57 -11.39 69.09
C PHE N 106 -7.60 -12.56 69.24
N PRO N 107 -8.05 -13.66 69.87
CA PRO N 107 -7.13 -14.80 70.09
C PRO N 107 -6.64 -15.47 68.82
N PHE N 108 -7.40 -15.40 67.72
CA PHE N 108 -6.99 -16.05 66.48
C PHE N 108 -6.06 -15.19 65.63
N PHE N 109 -5.50 -14.12 66.19
CA PHE N 109 -4.56 -13.27 65.50
C PHE N 109 -3.32 -13.07 66.37
N PRO N 110 -2.15 -12.91 65.76
CA PRO N 110 -0.96 -12.53 66.54
C PRO N 110 -1.05 -11.10 67.03
N LYS N 111 -0.28 -10.81 68.07
CA LYS N 111 -0.24 -9.48 68.66
C LYS N 111 0.83 -8.63 67.98
N MET N 112 0.45 -7.42 67.59
CA MET N 112 1.37 -6.43 67.03
C MET N 112 0.71 -5.07 67.09
N ALA N 113 1.49 -4.04 66.74
CA ALA N 113 1.00 -2.68 66.73
C ALA N 113 0.09 -2.48 65.51
N PRO N 114 -0.88 -1.55 65.59
CA PRO N 114 -1.83 -1.38 64.46
C PRO N 114 -1.19 -0.90 63.17
N VAL N 115 -0.14 -0.07 63.25
CA VAL N 115 0.54 0.37 62.05
C VAL N 115 1.27 -0.80 61.41
N ASP N 116 1.92 -1.63 62.23
CA ASP N 116 2.46 -2.89 61.74
C ASP N 116 1.36 -3.89 61.37
N ALA N 117 0.16 -3.74 61.95
CA ALA N 117 -0.95 -4.61 61.56
C ALA N 117 -1.41 -4.35 60.13
N HIS N 118 -1.32 -3.10 59.65
CA HIS N 118 -1.61 -2.85 58.23
C HIS N 118 -0.67 -3.65 57.34
N ASP N 119 0.63 -3.59 57.60
CA ASP N 119 1.62 -4.31 56.80
C ASP N 119 1.50 -5.82 56.95
N TYR N 120 1.09 -6.29 58.13
CA TYR N 120 0.90 -7.73 58.32
C TYR N 120 -0.32 -8.23 57.54
N PHE N 121 -1.44 -7.52 57.66
CA PHE N 121 -2.67 -7.94 56.99
C PHE N 121 -2.67 -7.64 55.50
N VAL N 122 -1.70 -6.86 55.00
CA VAL N 122 -1.48 -6.81 53.56
C VAL N 122 -1.11 -8.20 53.03
N LYS N 123 -0.22 -8.89 53.74
CA LYS N 123 0.26 -10.20 53.30
C LYS N 123 -0.62 -11.34 53.77
N GLN N 124 -1.24 -11.23 54.94
CA GLN N 124 -2.05 -12.31 55.48
C GLN N 124 -3.33 -12.50 54.65
N GLY N 125 -3.95 -11.41 54.23
CA GLY N 125 -5.13 -11.44 53.38
C GLY N 125 -6.37 -10.85 54.00
N GLY N 126 -6.38 -10.54 55.30
CA GLY N 126 -7.50 -9.85 55.90
C GLY N 126 -7.71 -8.44 55.39
N GLY N 127 -6.61 -7.74 55.11
CA GLY N 127 -6.71 -6.39 54.58
C GLY N 127 -7.34 -6.34 53.20
N SER N 128 -7.07 -7.34 52.37
CA SER N 128 -7.73 -7.46 51.08
C SER N 128 -9.23 -7.68 51.26
N GLN N 129 -9.62 -8.47 52.26
CA GLN N 129 -11.03 -8.69 52.55
C GLN N 129 -11.72 -7.41 53.00
N ILE N 130 -11.06 -6.64 53.88
CA ILE N 130 -11.65 -5.39 54.35
C ILE N 130 -11.75 -4.37 53.22
N ILE N 131 -10.72 -4.28 52.37
CA ILE N 131 -10.75 -3.38 51.22
C ILE N 131 -11.84 -3.78 50.25
N PHE N 132 -12.01 -5.09 50.01
CA PHE N 132 -13.05 -5.58 49.12
C PHE N 132 -14.45 -5.23 49.63
N TRP N 133 -14.69 -5.43 50.93
CA TRP N 133 -16.04 -5.19 51.44
C TRP N 133 -16.33 -3.69 51.53
N ILE N 134 -15.31 -2.87 51.85
CA ILE N 134 -15.48 -1.42 51.81
C ILE N 134 -15.79 -0.96 50.39
N SER N 135 -15.09 -1.53 49.40
CA SER N 135 -15.35 -1.20 47.99
C SER N 135 -16.76 -1.60 47.57
N PHE N 136 -17.21 -2.77 48.03
CA PHE N 136 -18.55 -3.26 47.73
C PHE N 136 -19.62 -2.32 48.28
N VAL N 137 -19.45 -1.86 49.52
CA VAL N 137 -20.38 -0.86 50.07
C VAL N 137 -20.23 0.47 49.34
N GLU N 138 -19.02 0.82 48.93
CA GLU N 138 -18.76 2.10 48.26
C GLU N 138 -19.38 2.17 46.87
N LEU N 139 -19.68 1.04 46.24
CA LEU N 139 -20.46 1.08 45.00
C LEU N 139 -21.86 1.65 45.23
N PHE N 140 -22.52 1.19 46.29
CA PHE N 140 -23.80 1.78 46.65
C PHE N 140 -23.61 3.17 47.25
N GLY N 141 -22.42 3.47 47.76
CA GLY N 141 -22.08 4.85 48.08
C GLY N 141 -22.02 5.75 46.86
N VAL N 142 -21.52 5.22 45.74
CA VAL N 142 -21.54 5.93 44.46
C VAL N 142 -22.97 6.22 44.06
N VAL N 143 -23.84 5.22 44.19
CA VAL N 143 -25.27 5.41 43.87
C VAL N 143 -25.90 6.45 44.80
N ALA N 144 -25.54 6.42 46.09
CA ALA N 144 -26.06 7.40 47.05
C ALA N 144 -25.55 8.81 46.74
N LEU N 145 -24.31 8.93 46.29
CA LEU N 145 -23.78 10.24 45.90
C LEU N 145 -24.50 10.78 44.66
N PHE N 146 -24.80 9.90 43.71
CA PHE N 146 -25.61 10.31 42.55
C PHE N 146 -27.01 10.73 42.98
N GLU N 147 -27.57 10.08 44.00
CA GLU N 147 -28.86 10.50 44.53
C GLU N 147 -28.76 11.85 45.23
N THR N 148 -27.65 12.11 45.91
CA THR N 148 -27.43 13.40 46.54
C THR N 148 -27.31 14.52 45.51
N LEU N 149 -26.58 14.27 44.42
CA LEU N 149 -26.43 15.27 43.36
C LEU N 149 -27.75 15.57 42.65
N GLN N 150 -28.72 14.65 42.68
CA GLN N 150 -30.05 14.91 42.16
C GLN N 150 -30.96 15.59 43.16
N GLY N 151 -30.48 15.81 44.38
CA GLY N 151 -31.27 16.48 45.41
C GLY N 151 -32.27 15.61 46.12
N LYS N 152 -32.21 14.29 45.94
CA LYS N 152 -33.13 13.37 46.59
C LYS N 152 -32.57 12.78 47.87
N ARG N 153 -31.38 13.18 48.29
CA ARG N 153 -30.76 12.62 49.48
C ARG N 153 -29.85 13.65 50.12
N GLU N 154 -29.91 13.75 51.45
CA GLU N 154 -29.01 14.62 52.18
C GLU N 154 -27.58 14.10 52.08
N PRO N 155 -26.58 14.98 52.11
CA PRO N 155 -25.19 14.56 51.87
C PRO N 155 -24.57 13.66 52.95
N GLY N 156 -25.29 13.29 54.00
CA GLY N 156 -24.74 12.32 54.92
C GLY N 156 -25.74 11.25 55.30
N ASP N 157 -26.95 11.35 54.76
CA ASP N 157 -28.05 10.49 55.18
C ASP N 157 -27.94 9.15 54.46
N PHE N 158 -27.56 8.12 55.21
CA PHE N 158 -27.61 6.75 54.72
C PHE N 158 -28.81 6.00 55.29
N ALA N 159 -29.71 6.71 55.98
CA ALA N 159 -30.93 6.15 56.59
C ALA N 159 -30.61 4.99 57.54
N PHE N 160 -29.50 5.11 58.26
CA PHE N 160 -28.99 4.06 59.11
C PHE N 160 -29.19 4.51 60.56
N ASP N 161 -30.32 4.10 61.14
CA ASP N 161 -30.61 4.34 62.56
C ASP N 161 -31.39 3.16 63.11
N PRO N 162 -30.75 1.98 63.24
CA PRO N 162 -31.51 0.80 63.64
C PRO N 162 -31.90 0.78 65.09
N LEU N 163 -31.19 1.51 65.95
CA LEU N 163 -31.53 1.59 67.36
C LEU N 163 -32.45 2.76 67.68
N GLY N 164 -32.89 3.50 66.66
CA GLY N 164 -33.88 4.56 66.83
C GLY N 164 -33.47 5.68 67.76
N LEU N 165 -32.19 6.07 67.71
CA LEU N 165 -31.65 6.97 68.72
C LEU N 165 -32.11 8.41 68.54
N ALA N 166 -32.41 8.83 67.32
CA ALA N 166 -32.98 10.15 67.07
C ALA N 166 -34.48 9.99 66.90
N LYS N 167 -35.23 10.43 67.91
CA LYS N 167 -36.69 10.29 67.87
C LYS N 167 -37.32 11.41 67.06
N ASP N 168 -37.10 12.65 67.47
CA ASP N 168 -37.71 13.83 66.87
C ASP N 168 -36.64 14.65 66.14
N GLU N 169 -37.06 15.79 65.60
CA GLU N 169 -36.18 16.64 64.81
C GLU N 169 -35.02 17.18 65.64
N ALA N 170 -35.34 17.92 66.72
CA ALA N 170 -34.34 18.63 67.53
C ALA N 170 -33.21 17.72 68.00
N THR N 171 -33.56 16.48 68.37
CA THR N 171 -32.54 15.46 68.65
C THR N 171 -31.69 15.19 67.42
N LEU N 172 -32.29 15.17 66.23
CA LEU N 172 -31.51 14.89 65.03
C LEU N 172 -30.53 16.02 64.69
N GLU N 173 -30.98 17.29 64.76
CA GLU N 173 -30.02 18.40 64.63
C GLU N 173 -28.91 18.34 65.68
N ARG N 174 -29.26 18.07 66.95
CA ARG N 174 -28.25 18.03 68.00
C ARG N 174 -27.23 16.91 67.75
N TYR N 175 -27.71 15.73 67.37
CA TYR N 175 -26.80 14.64 67.06
C TYR N 175 -26.02 14.89 65.76
N ARG N 176 -26.58 15.66 64.84
CA ARG N 176 -25.84 16.03 63.64
C ARG N 176 -24.68 16.94 63.98
N LEU N 177 -24.90 17.93 64.83
CA LEU N 177 -23.81 18.80 65.28
C LEU N 177 -22.75 18.01 66.04
N ALA N 178 -23.20 17.09 66.90
CA ALA N 178 -22.26 16.23 67.63
C ALA N 178 -21.45 15.34 66.69
N GLU N 179 -22.10 14.79 65.66
CA GLU N 179 -21.42 13.93 64.71
C GLU N 179 -20.39 14.70 63.89
N VAL N 180 -20.76 15.91 63.44
CA VAL N 180 -19.83 16.72 62.65
C VAL N 180 -18.62 17.13 63.48
N LYS N 181 -18.86 17.53 64.74
CA LYS N 181 -17.76 17.93 65.61
C LYS N 181 -16.83 16.76 65.91
N HIS N 182 -17.40 15.59 66.24
CA HIS N 182 -16.58 14.40 66.45
C HIS N 182 -15.86 13.95 65.20
N ALA N 183 -16.46 14.15 64.02
CA ALA N 183 -15.81 13.80 62.77
C ALA N 183 -14.55 14.62 62.56
N ARG N 184 -14.66 15.94 62.70
CA ARG N 184 -13.50 16.82 62.56
C ARG N 184 -12.44 16.54 63.63
N LEU N 185 -12.89 16.36 64.89
CA LEU N 185 -11.99 16.08 66.00
C LEU N 185 -11.22 14.78 65.79
N ALA N 186 -11.92 13.72 65.38
CA ALA N 186 -11.27 12.44 65.15
C ALA N 186 -10.37 12.48 63.91
N MET N 187 -10.72 13.32 62.92
CA MET N 187 -9.84 13.49 61.78
C MET N 187 -8.50 14.07 62.19
N ILE N 188 -8.51 15.02 63.13
CA ILE N 188 -7.24 15.50 63.67
C ILE N 188 -6.57 14.44 64.54
N ALA N 189 -7.36 13.74 65.36
CA ALA N 189 -6.80 12.83 66.36
C ALA N 189 -6.17 11.59 65.75
N ILE N 190 -6.71 11.08 64.63
CA ILE N 190 -6.13 9.88 64.01
C ILE N 190 -4.76 10.20 63.42
N GLY N 191 -4.61 11.38 62.82
CA GLY N 191 -3.31 11.79 62.32
C GLY N 191 -2.34 12.01 63.44
N GLY N 192 -2.83 12.55 64.56
CA GLY N 192 -2.01 12.62 65.75
C GLY N 192 -1.53 11.26 66.21
N PHE N 193 -2.43 10.29 66.27
CA PHE N 193 -2.07 8.95 66.73
C PHE N 193 -1.01 8.33 65.85
N ILE N 194 -1.21 8.39 64.53
CA ILE N 194 -0.34 7.68 63.61
C ILE N 194 1.03 8.35 63.52
N HIS N 195 1.08 9.69 63.45
CA HIS N 195 2.36 10.38 63.36
C HIS N 195 3.15 10.27 64.68
N GLN N 196 2.47 10.36 65.84
CA GLN N 196 3.17 10.22 67.12
C GLN N 196 3.67 8.81 67.34
N TYR N 197 2.94 7.79 66.87
CA TYR N 197 3.52 6.45 66.86
C TYR N 197 4.75 6.36 65.95
N TRP N 198 4.70 7.00 64.78
CA TRP N 198 5.88 7.03 63.90
C TRP N 198 7.09 7.70 64.52
N VAL N 199 6.90 8.67 65.39
CA VAL N 199 8.09 9.29 65.96
C VAL N 199 8.53 8.58 67.25
N THR N 200 7.62 8.22 68.15
CA THR N 200 8.04 7.67 69.43
C THR N 200 8.10 6.15 69.48
N LYS N 201 7.50 5.46 68.50
CA LYS N 201 7.35 3.99 68.48
C LYS N 201 6.66 3.50 69.75
N GLN N 202 5.66 4.24 70.18
CA GLN N 202 4.84 3.89 71.33
C GLN N 202 3.38 4.17 70.98
N THR N 203 2.49 3.39 71.57
CA THR N 203 1.06 3.54 71.34
C THR N 203 0.58 4.69 72.23
N VAL N 204 -0.68 5.13 72.02
CA VAL N 204 -1.27 6.27 72.74
C VAL N 204 -1.25 6.05 74.25
N LEU N 205 -1.72 4.88 74.69
CA LEU N 205 -1.95 4.67 76.12
C LEU N 205 -0.66 4.51 76.91
N GLU N 206 0.39 3.97 76.28
CA GLU N 206 1.70 3.99 76.92
C GLU N 206 2.34 5.37 76.87
N GLN N 207 2.08 6.15 75.82
CA GLN N 207 2.58 7.51 75.75
C GLN N 207 1.92 8.41 76.80
N LEU N 208 0.71 8.07 77.23
CA LEU N 208 0.07 8.83 78.29
C LEU N 208 0.76 8.58 79.63
N GLY N 209 1.17 7.34 79.88
CA GLY N 209 1.75 7.00 81.19
C GLY N 209 3.07 7.67 81.45
N ASN N 210 3.98 7.67 80.47
CA ASN N 210 5.21 8.44 80.57
C ASN N 210 5.35 9.37 79.38
N PHE N 211 5.69 10.64 79.65
CA PHE N 211 5.78 11.76 78.69
C PHE N 211 4.74 11.76 77.56
N GLU O 43 -54.54 -20.70 11.92
CA GLU O 43 -54.18 -22.02 11.41
C GLU O 43 -52.73 -22.35 11.73
N MET O 44 -52.52 -23.44 12.46
CA MET O 44 -51.20 -23.79 12.97
C MET O 44 -50.67 -25.04 12.26
N SER O 45 -49.34 -25.15 12.23
CA SER O 45 -48.69 -26.34 11.71
C SER O 45 -48.98 -27.54 12.61
N GLU O 46 -49.13 -28.70 12.01
CA GLU O 46 -49.51 -29.89 12.76
C GLU O 46 -48.32 -30.70 13.24
N ALA O 47 -47.13 -30.47 12.69
CA ALA O 47 -45.94 -31.10 13.24
C ALA O 47 -45.40 -30.31 14.41
N ILE O 48 -45.48 -28.98 14.34
CA ILE O 48 -45.01 -28.08 15.38
C ILE O 48 -46.19 -27.21 15.80
N PRO O 49 -46.92 -27.57 16.85
CA PRO O 49 -48.22 -26.93 17.11
C PRO O 49 -48.17 -25.48 17.58
N PHE O 50 -47.00 -24.95 17.95
CA PHE O 50 -46.93 -23.56 18.37
C PHE O 50 -46.50 -22.62 17.25
N LEU O 51 -46.26 -23.14 16.06
CA LEU O 51 -45.91 -22.31 14.91
C LEU O 51 -47.10 -22.17 13.97
N PRO O 52 -47.18 -21.08 13.21
CA PRO O 52 -48.20 -20.99 12.16
C PRO O 52 -47.94 -22.00 11.05
N LYS O 53 -49.02 -22.40 10.40
CA LYS O 53 -48.93 -23.37 9.31
C LYS O 53 -48.18 -22.76 8.12
N PRO O 54 -47.20 -23.47 7.55
CA PRO O 54 -46.52 -22.94 6.36
C PRO O 54 -47.46 -22.80 5.18
N ALA O 55 -47.29 -21.69 4.45
CA ALA O 55 -48.31 -21.28 3.48
C ALA O 55 -48.28 -22.09 2.20
N ASN O 56 -47.12 -22.54 1.76
CA ASN O 56 -46.97 -23.11 0.42
C ASN O 56 -46.90 -24.63 0.40
N ILE O 57 -47.18 -25.30 1.52
CA ILE O 57 -47.34 -26.75 1.54
C ILE O 57 -48.76 -27.07 1.99
N ASP O 58 -49.42 -27.98 1.28
CA ASP O 58 -50.81 -28.30 1.54
C ASP O 58 -50.94 -29.78 1.86
N ALA O 59 -52.12 -30.16 2.35
CA ALA O 59 -52.42 -31.57 2.64
C ALA O 59 -52.56 -32.42 1.39
N SER O 60 -52.69 -31.81 0.21
CA SER O 60 -52.74 -32.56 -1.04
C SER O 60 -51.41 -33.21 -1.38
N MET O 61 -50.30 -32.69 -0.86
CA MET O 61 -49.01 -33.32 -1.07
C MET O 61 -48.91 -34.59 -0.23
N PRO O 62 -48.42 -35.69 -0.82
CA PRO O 62 -48.56 -37.02 -0.18
C PRO O 62 -47.89 -37.17 1.18
N GLY O 63 -46.73 -36.57 1.41
CA GLY O 63 -46.05 -36.74 2.67
C GLY O 63 -46.22 -35.59 3.63
N TYR O 64 -47.30 -34.84 3.49
CA TYR O 64 -47.48 -33.61 4.25
C TYR O 64 -47.67 -33.89 5.73
N SER O 65 -46.96 -33.11 6.56
CA SER O 65 -47.20 -33.11 7.99
C SER O 65 -47.18 -31.70 8.57
N GLY O 66 -47.14 -30.67 7.73
CA GLY O 66 -47.01 -29.31 8.22
C GLY O 66 -45.64 -28.96 8.75
N PHE O 67 -44.61 -29.68 8.33
CA PHE O 67 -43.26 -29.50 8.88
C PHE O 67 -42.42 -28.69 7.90
N ASP O 68 -42.30 -27.39 8.16
CA ASP O 68 -41.33 -26.54 7.46
C ASP O 68 -40.92 -25.40 8.39
N PRO O 69 -40.18 -25.70 9.46
CA PRO O 69 -39.83 -24.63 10.41
C PRO O 69 -38.85 -23.61 9.84
N LEU O 70 -37.97 -24.02 8.94
CA LEU O 70 -37.04 -23.09 8.30
C LEU O 70 -37.66 -22.39 7.09
N GLY O 71 -38.88 -22.76 6.71
CA GLY O 71 -39.59 -22.10 5.63
C GLY O 71 -39.01 -22.25 4.24
N PHE O 72 -38.54 -23.45 3.90
CA PHE O 72 -37.99 -23.70 2.57
C PHE O 72 -39.04 -23.50 1.49
N SER O 73 -40.28 -23.92 1.75
CA SER O 73 -41.37 -23.80 0.79
C SER O 73 -41.76 -22.36 0.52
N ASP O 74 -41.37 -21.42 1.38
CA ASP O 74 -41.67 -20.01 1.16
C ASP O 74 -40.74 -19.36 0.13
N TYR O 75 -39.58 -19.95 -0.11
CA TYR O 75 -38.60 -19.39 -1.03
C TYR O 75 -38.47 -20.19 -2.32
N TYR O 76 -38.26 -21.49 -2.22
CA TYR O 76 -37.96 -22.32 -3.37
C TYR O 76 -39.24 -22.84 -4.01
N ASN O 77 -39.09 -23.41 -5.21
CA ASN O 77 -40.21 -23.99 -5.94
C ASN O 77 -40.64 -25.29 -5.27
N VAL O 78 -41.87 -25.32 -4.78
CA VAL O 78 -42.35 -26.41 -3.93
C VAL O 78 -42.39 -27.73 -4.69
N LYS O 79 -42.81 -27.68 -5.96
CA LYS O 79 -42.88 -28.89 -6.77
C LYS O 79 -41.50 -29.45 -7.07
N TRP O 80 -40.51 -28.57 -7.25
CA TRP O 80 -39.12 -29.01 -7.38
C TRP O 80 -38.65 -29.71 -6.12
N MET O 81 -38.99 -29.16 -4.94
CA MET O 81 -38.61 -29.81 -3.69
C MET O 81 -39.34 -31.13 -3.50
N GLN O 82 -40.56 -31.25 -4.02
CA GLN O 82 -41.30 -32.51 -3.93
C GLN O 82 -40.64 -33.59 -4.77
N GLU O 83 -40.29 -33.24 -6.02
CA GLU O 83 -39.60 -34.17 -6.91
C GLU O 83 -38.24 -34.56 -6.33
N ALA O 84 -37.53 -33.60 -5.75
CA ALA O 84 -36.20 -33.87 -5.19
C ALA O 84 -36.31 -34.75 -3.94
N GLU O 85 -37.30 -34.50 -3.08
CA GLU O 85 -37.50 -35.34 -1.91
C GLU O 85 -37.83 -36.76 -2.29
N ILE O 86 -38.70 -36.93 -3.29
CA ILE O 86 -39.05 -38.26 -3.77
C ILE O 86 -37.84 -38.97 -4.34
N LYS O 87 -37.02 -38.28 -5.14
CA LYS O 87 -35.86 -38.93 -5.74
C LYS O 87 -34.79 -39.28 -4.70
N HIS O 88 -34.49 -38.35 -3.77
CA HIS O 88 -33.54 -38.64 -2.68
C HIS O 88 -34.02 -39.83 -1.86
N GLY O 89 -35.33 -39.87 -1.57
CA GLY O 89 -35.89 -40.98 -0.80
C GLY O 89 -35.87 -42.32 -1.53
N ARG O 90 -36.14 -42.32 -2.83
CA ARG O 90 -36.10 -43.56 -3.62
C ARG O 90 -34.67 -44.11 -3.69
N ILE O 91 -33.71 -43.22 -3.95
CA ILE O 91 -32.30 -43.60 -3.97
C ILE O 91 -31.88 -44.14 -2.61
N CYS O 92 -32.35 -43.51 -1.53
CA CYS O 92 -32.00 -44.00 -0.21
C CYS O 92 -32.70 -45.29 0.16
N MET O 93 -33.88 -45.55 -0.41
CA MET O 93 -34.52 -46.84 -0.20
C MET O 93 -33.69 -47.97 -0.79
N LEU O 94 -33.27 -47.78 -2.06
CA LEU O 94 -32.36 -48.74 -2.68
C LEU O 94 -31.03 -48.83 -1.93
N ALA O 95 -30.52 -47.69 -1.45
CA ALA O 95 -29.22 -47.67 -0.78
C ALA O 95 -29.28 -48.33 0.60
N ALA O 96 -30.36 -48.12 1.34
CA ALA O 96 -30.51 -48.74 2.65
C ALA O 96 -30.71 -50.24 2.51
N LEU O 97 -31.38 -50.69 1.44
CA LEU O 97 -31.43 -52.13 1.20
C LEU O 97 -30.06 -52.67 0.81
N GLY O 98 -29.31 -51.93 -0.01
CA GLY O 98 -28.03 -52.40 -0.51
C GLY O 98 -26.85 -52.27 0.43
N MET O 99 -26.98 -51.51 1.51
CA MET O 99 -25.94 -51.55 2.54
C MET O 99 -26.04 -52.83 3.36
N MET O 100 -27.23 -53.44 3.43
CA MET O 100 -27.49 -54.62 4.22
C MET O 100 -27.42 -55.91 3.43
N PHE O 101 -27.86 -55.90 2.16
CA PHE O 101 -28.04 -57.14 1.41
C PHE O 101 -26.76 -57.97 1.17
N PRO O 102 -25.58 -57.39 0.85
CA PRO O 102 -24.40 -58.25 0.70
C PRO O 102 -23.97 -58.99 1.96
N GLU O 103 -24.44 -58.57 3.14
CA GLU O 103 -24.20 -59.38 4.33
C GLU O 103 -25.02 -60.66 4.33
N PHE O 104 -26.21 -60.65 3.72
CA PHE O 104 -26.97 -61.87 3.55
C PHE O 104 -26.35 -62.76 2.48
N GLY O 105 -26.02 -62.17 1.34
CA GLY O 105 -25.47 -62.93 0.24
C GLY O 105 -25.03 -62.01 -0.87
N THR O 106 -24.08 -62.49 -1.66
CA THR O 106 -23.54 -61.75 -2.78
C THR O 106 -23.84 -62.51 -4.07
N LEU O 107 -23.76 -61.77 -5.18
CA LEU O 107 -23.76 -62.41 -6.48
C LEU O 107 -22.50 -63.26 -6.64
N PRO O 108 -22.61 -64.40 -7.32
CA PRO O 108 -21.47 -65.35 -7.37
C PRO O 108 -20.20 -64.79 -7.98
N GLN O 109 -20.32 -63.84 -8.90
CA GLN O 109 -19.15 -63.18 -9.46
C GLN O 109 -18.53 -62.18 -8.50
N PHE O 110 -19.28 -61.70 -7.52
CA PHE O 110 -18.79 -60.74 -6.53
C PHE O 110 -18.63 -61.37 -5.15
N SER O 111 -18.40 -62.69 -5.10
CA SER O 111 -18.32 -63.37 -3.80
C SER O 111 -17.02 -63.04 -3.09
N SER O 112 -15.97 -62.68 -3.82
CA SER O 112 -14.72 -62.29 -3.20
C SER O 112 -14.70 -60.83 -2.75
N PHE O 113 -15.78 -60.09 -2.99
CA PHE O 113 -15.81 -58.68 -2.65
C PHE O 113 -16.16 -58.51 -1.17
N SER O 114 -15.62 -57.44 -0.57
CA SER O 114 -15.76 -57.22 0.86
C SER O 114 -17.19 -56.93 1.25
N THR O 115 -17.55 -57.33 2.47
CA THR O 115 -18.86 -57.06 3.00
C THR O 115 -18.97 -55.66 3.60
N ASN O 116 -17.85 -54.98 3.81
CA ASN O 116 -17.86 -53.56 4.11
C ASN O 116 -18.27 -52.82 2.84
N PRO O 117 -19.33 -52.01 2.87
CA PRO O 117 -19.74 -51.29 1.66
C PRO O 117 -18.71 -50.30 1.15
N LEU O 118 -17.96 -49.67 2.04
CA LEU O 118 -16.97 -48.68 1.62
C LEU O 118 -15.72 -49.30 1.03
N GLU O 119 -15.50 -50.61 1.25
CA GLU O 119 -14.46 -51.33 0.52
C GLU O 119 -14.98 -51.90 -0.78
N ALA O 120 -16.19 -52.45 -0.76
CA ALA O 120 -16.81 -52.97 -1.97
C ALA O 120 -17.14 -51.88 -2.98
N PHE O 121 -17.21 -50.62 -2.55
CA PHE O 121 -17.34 -49.52 -3.49
C PHE O 121 -16.11 -49.42 -4.38
N TYR O 122 -14.91 -49.54 -3.79
CA TYR O 122 -13.69 -49.47 -4.55
C TYR O 122 -13.39 -50.76 -5.31
N GLN O 123 -13.75 -51.91 -4.72
CA GLN O 123 -13.42 -53.20 -5.32
C GLN O 123 -14.09 -53.41 -6.67
N VAL O 124 -15.23 -52.76 -6.91
CA VAL O 124 -15.81 -52.75 -8.25
C VAL O 124 -14.93 -51.91 -9.17
N GLY O 125 -14.63 -52.45 -10.35
CA GLY O 125 -13.79 -51.77 -11.30
C GLY O 125 -14.47 -50.57 -11.92
N PRO O 126 -13.71 -49.74 -12.64
CA PRO O 126 -14.30 -48.61 -13.35
C PRO O 126 -15.29 -49.02 -14.45
N ALA O 127 -15.15 -50.22 -15.01
CA ALA O 127 -16.08 -50.67 -16.05
C ALA O 127 -17.47 -50.92 -15.47
N GLY O 128 -17.55 -51.61 -14.32
CA GLY O 128 -18.84 -51.86 -13.71
C GLY O 128 -19.52 -50.59 -13.22
N TRP O 129 -18.74 -49.70 -12.61
CA TRP O 129 -19.30 -48.41 -12.19
C TRP O 129 -19.69 -47.56 -13.38
N GLY O 130 -18.97 -47.65 -14.50
CA GLY O 130 -19.37 -46.95 -15.71
C GLY O 130 -20.66 -47.47 -16.29
N GLN O 131 -20.86 -48.80 -16.26
CA GLN O 131 -22.13 -49.38 -16.69
C GLN O 131 -23.26 -48.96 -15.77
N ILE O 132 -23.02 -48.92 -14.46
CA ILE O 132 -24.02 -48.46 -13.50
C ILE O 132 -24.37 -47.00 -13.75
N LEU O 133 -23.36 -46.16 -14.00
CA LEU O 133 -23.58 -44.75 -14.29
C LEU O 133 -24.34 -44.55 -15.59
N LEU O 134 -24.04 -45.35 -16.61
CA LEU O 134 -24.76 -45.27 -17.88
C LEU O 134 -26.23 -45.67 -17.71
N PHE O 135 -26.49 -46.72 -16.92
CA PHE O 135 -27.86 -47.13 -16.64
C PHE O 135 -28.62 -46.05 -15.87
N ILE O 136 -27.98 -45.45 -14.87
CA ILE O 136 -28.58 -44.35 -14.11
C ILE O 136 -28.84 -43.16 -15.03
N GLY O 137 -27.94 -42.90 -15.97
CA GLY O 137 -28.15 -41.81 -16.91
C GLY O 137 -29.31 -42.05 -17.86
N VAL O 138 -29.46 -43.29 -18.31
CA VAL O 138 -30.62 -43.67 -19.13
C VAL O 138 -31.91 -43.46 -18.33
N LEU O 139 -31.91 -43.87 -17.06
CA LEU O 139 -33.08 -43.65 -16.21
C LEU O 139 -33.34 -42.17 -15.97
N GLU O 140 -32.29 -41.38 -15.78
CA GLU O 140 -32.43 -39.97 -15.48
C GLU O 140 -32.72 -39.12 -16.72
N SER O 141 -32.58 -39.68 -17.93
CA SER O 141 -33.03 -38.97 -19.12
C SER O 141 -34.54 -38.73 -19.09
N PHE O 142 -35.30 -39.75 -18.66
CA PHE O 142 -36.74 -39.59 -18.49
C PHE O 142 -37.07 -38.55 -17.43
N SER O 143 -36.33 -38.55 -16.32
CA SER O 143 -36.54 -37.56 -15.28
C SER O 143 -36.21 -36.16 -15.77
N TYR O 144 -35.16 -36.04 -16.59
CA TYR O 144 -34.81 -34.76 -17.21
C TYR O 144 -35.95 -34.24 -18.07
N GLU O 145 -36.50 -35.10 -18.94
CA GLU O 145 -37.59 -34.68 -19.81
C GLU O 145 -38.83 -34.28 -19.03
N LYS O 146 -39.21 -35.09 -18.02
CA LYS O 146 -40.41 -34.81 -17.24
C LYS O 146 -40.26 -33.55 -16.40
N VAL O 147 -39.08 -33.34 -15.81
CA VAL O 147 -38.91 -32.25 -14.86
C VAL O 147 -38.68 -30.93 -15.58
N PHE O 148 -37.89 -30.92 -16.65
CA PHE O 148 -37.60 -29.66 -17.32
C PHE O 148 -38.55 -29.34 -18.45
N TYR O 149 -39.36 -30.30 -18.93
CA TYR O 149 -40.23 -30.03 -20.07
C TYR O 149 -41.67 -30.50 -19.89
N GLY O 150 -42.02 -31.11 -18.76
CA GLY O 150 -43.34 -31.66 -18.57
C GLY O 150 -44.06 -31.06 -17.37
N ASP O 151 -45.32 -31.45 -17.22
CA ASP O 151 -46.17 -30.96 -16.13
C ASP O 151 -46.90 -32.13 -15.46
N SER O 152 -46.17 -33.21 -15.20
CA SER O 152 -46.73 -34.35 -14.49
C SER O 152 -46.70 -34.10 -12.99
N ALA O 153 -47.24 -35.06 -12.24
CA ALA O 153 -47.16 -35.00 -10.78
C ALA O 153 -45.71 -35.22 -10.34
N PRO O 154 -45.33 -34.73 -9.16
CA PRO O 154 -43.96 -34.97 -8.67
C PRO O 154 -43.70 -36.45 -8.44
N GLY O 155 -42.56 -36.93 -8.98
CA GLY O 155 -42.20 -38.32 -8.89
C GLY O 155 -42.73 -39.18 -10.01
N ASP O 156 -43.67 -38.69 -10.80
CA ASP O 156 -44.35 -39.49 -11.83
C ASP O 156 -43.44 -39.62 -13.04
N LEU O 157 -42.75 -40.75 -13.14
CA LEU O 157 -42.02 -41.11 -14.35
C LEU O 157 -42.80 -42.10 -15.21
N GLY O 158 -44.06 -42.36 -14.87
CA GLY O 158 -44.85 -43.33 -15.60
C GLY O 158 -44.52 -44.77 -15.29
N PHE O 159 -43.94 -45.05 -14.14
CA PHE O 159 -43.58 -46.42 -13.76
C PHE O 159 -44.63 -46.95 -12.80
N ASP O 160 -45.71 -47.48 -13.36
CA ASP O 160 -46.71 -48.23 -12.58
C ASP O 160 -47.16 -49.43 -13.39
N PRO O 161 -46.29 -50.44 -13.55
CA PRO O 161 -46.69 -51.61 -14.36
C PRO O 161 -47.78 -52.46 -13.72
N LEU O 162 -47.76 -52.62 -12.40
CA LEU O 162 -48.77 -53.43 -11.72
C LEU O 162 -50.07 -52.67 -11.46
N ARG O 163 -50.11 -51.36 -11.74
CA ARG O 163 -51.29 -50.51 -11.55
C ARG O 163 -51.80 -50.54 -10.11
N MET O 164 -50.88 -50.43 -9.16
CA MET O 164 -51.29 -50.50 -7.76
C MET O 164 -51.94 -49.21 -7.27
N SER O 165 -51.93 -48.15 -8.07
CA SER O 165 -52.64 -46.91 -7.74
C SER O 165 -54.00 -46.83 -8.41
N SER O 166 -54.53 -47.95 -8.91
CA SER O 166 -55.86 -47.93 -9.52
C SER O 166 -56.94 -47.72 -8.48
N ASN O 167 -56.82 -48.35 -7.32
CA ASN O 167 -57.73 -48.12 -6.20
C ASN O 167 -57.35 -46.81 -5.52
N ALA O 168 -58.36 -45.97 -5.25
CA ALA O 168 -58.12 -44.61 -4.78
C ALA O 168 -57.54 -44.59 -3.37
N ALA O 169 -58.13 -45.34 -2.44
CA ALA O 169 -57.62 -45.41 -1.08
C ALA O 169 -56.25 -46.06 -1.04
N SER O 170 -56.05 -47.12 -1.84
CA SER O 170 -54.74 -47.73 -1.97
C SER O 170 -53.73 -46.74 -2.56
N ALA O 171 -54.15 -45.94 -3.54
CA ALA O 171 -53.27 -44.95 -4.14
C ALA O 171 -52.84 -43.88 -3.13
N LYS O 172 -53.78 -43.44 -2.30
CA LYS O 172 -53.45 -42.46 -1.26
C LYS O 172 -52.49 -43.04 -0.23
N HIS O 173 -52.74 -44.29 0.20
CA HIS O 173 -51.84 -44.94 1.15
C HIS O 173 -50.45 -45.13 0.56
N TYR O 174 -50.37 -45.57 -0.70
CA TYR O 174 -49.07 -45.78 -1.34
C TYR O 174 -48.34 -44.46 -1.56
N ALA O 175 -49.08 -43.40 -1.91
CA ALA O 175 -48.47 -42.09 -2.10
C ALA O 175 -47.86 -41.56 -0.82
N ARG O 176 -48.55 -41.71 0.31
CA ARG O 176 -47.96 -41.29 1.57
C ARG O 176 -46.82 -42.21 1.99
N ALA O 177 -46.98 -43.53 1.77
CA ALA O 177 -46.02 -44.50 2.29
C ALA O 177 -44.70 -44.45 1.54
N GLU O 178 -44.73 -44.12 0.24
CA GLU O 178 -43.48 -43.95 -0.51
C GLU O 178 -42.63 -42.85 0.08
N VAL O 179 -43.24 -41.70 0.35
CA VAL O 179 -42.51 -40.57 0.92
C VAL O 179 -42.06 -40.88 2.35
N MET O 180 -42.91 -41.59 3.11
CA MET O 180 -42.56 -41.96 4.48
C MET O 180 -41.36 -42.89 4.55
N ASN O 181 -41.39 -43.98 3.77
CA ASN O 181 -40.27 -44.90 3.74
C ASN O 181 -39.04 -44.28 3.08
N GLY O 182 -39.24 -43.31 2.17
CA GLY O 182 -38.12 -42.58 1.62
C GLY O 182 -37.39 -41.73 2.63
N ARG O 183 -38.15 -41.00 3.47
CA ARG O 183 -37.52 -40.22 4.53
C ARG O 183 -36.85 -41.13 5.56
N LEU O 184 -37.50 -42.24 5.89
CA LEU O 184 -36.91 -43.21 6.82
C LEU O 184 -35.63 -43.80 6.27
N ALA O 185 -35.60 -44.09 4.98
CA ALA O 185 -34.40 -44.64 4.36
C ALA O 185 -33.32 -43.59 4.22
N MET O 186 -33.69 -42.31 4.07
CA MET O 186 -32.71 -41.24 4.08
C MET O 186 -31.98 -41.19 5.41
N ILE O 187 -32.74 -41.20 6.51
CA ILE O 187 -32.15 -41.23 7.85
C ILE O 187 -31.32 -42.51 8.05
N GLY O 188 -31.86 -43.65 7.64
CA GLY O 188 -31.18 -44.91 7.85
C GLY O 188 -29.89 -45.07 7.08
N PHE O 189 -29.88 -44.63 5.82
CA PHE O 189 -28.65 -44.69 5.04
C PHE O 189 -27.62 -43.72 5.57
N SER O 190 -28.04 -42.54 6.04
CA SER O 190 -27.11 -41.60 6.67
C SER O 190 -26.43 -42.26 7.87
N GLY O 191 -27.24 -42.92 8.71
CA GLY O 191 -26.69 -43.67 9.82
C GLY O 191 -25.74 -44.76 9.39
N MET O 192 -26.16 -45.58 8.40
CA MET O 192 -25.35 -46.71 7.96
C MET O 192 -24.02 -46.26 7.37
N LEU O 193 -24.03 -45.14 6.63
CA LEU O 193 -22.80 -44.64 6.04
C LEU O 193 -21.83 -44.15 7.10
N HIS O 194 -22.29 -43.36 8.07
CA HIS O 194 -21.34 -42.84 9.04
C HIS O 194 -20.89 -43.94 10.01
N HIS O 195 -21.76 -44.92 10.32
CA HIS O 195 -21.36 -46.06 11.12
C HIS O 195 -20.34 -46.93 10.38
N ALA O 196 -20.50 -47.09 9.06
CA ALA O 196 -19.54 -47.87 8.28
C ALA O 196 -18.21 -47.14 8.15
N ILE O 197 -18.24 -45.80 8.15
CA ILE O 197 -17.01 -45.01 8.25
C ILE O 197 -16.30 -45.32 9.57
N LEU O 198 -17.07 -45.38 10.66
CA LEU O 198 -16.45 -45.58 11.98
C LEU O 198 -15.93 -47.00 12.18
N THR O 199 -16.67 -48.00 11.70
CA THR O 199 -16.38 -49.39 12.06
C THR O 199 -15.74 -50.21 10.96
N LYS O 200 -15.81 -49.76 9.70
CA LYS O 200 -15.30 -50.46 8.52
C LYS O 200 -15.91 -51.85 8.36
N GLN O 201 -17.18 -51.99 8.77
CA GLN O 201 -17.92 -53.23 8.60
C GLN O 201 -19.38 -52.87 8.32
N GLY O 202 -20.14 -53.85 7.85
CA GLY O 202 -21.52 -53.64 7.51
C GLY O 202 -22.40 -53.50 8.74
N PRO O 203 -23.67 -53.11 8.53
CA PRO O 203 -24.58 -52.84 9.66
C PRO O 203 -24.89 -54.06 10.53
N ILE O 204 -25.23 -55.18 9.88
CA ILE O 204 -25.53 -56.40 10.62
C ILE O 204 -24.30 -56.88 11.38
N THR O 205 -23.13 -56.84 10.73
CA THR O 205 -21.89 -57.27 11.36
C THR O 205 -21.53 -56.40 12.57
N GLN O 206 -21.66 -55.07 12.45
CA GLN O 206 -21.42 -54.20 13.59
C GLN O 206 -22.42 -54.46 14.72
N ILE O 207 -23.68 -54.76 14.37
CA ILE O 207 -24.68 -55.01 15.40
C ILE O 207 -24.37 -56.30 16.16
N VAL O 208 -24.08 -57.38 15.44
CA VAL O 208 -23.88 -58.67 16.10
C VAL O 208 -22.53 -58.72 16.81
N GLU O 209 -21.53 -57.99 16.31
CA GLU O 209 -20.30 -57.80 17.06
C GLU O 209 -20.44 -56.78 18.18
N GLN O 210 -21.55 -56.02 18.20
CA GLN O 210 -21.85 -55.00 19.19
C GLN O 210 -20.76 -53.92 19.25
N ASN O 211 -20.21 -53.59 18.08
CA ASN O 211 -19.20 -52.54 17.97
C ASN O 211 -19.92 -51.20 17.91
N PHE O 212 -20.28 -50.70 19.08
CA PHE O 212 -21.11 -49.50 19.20
C PHE O 212 -20.33 -48.26 19.62
N VAL O 213 -19.08 -48.39 20.02
CA VAL O 213 -18.28 -47.27 20.51
C VAL O 213 -17.16 -47.03 19.50
N PRO O 214 -16.87 -45.76 19.14
CA PRO O 214 -15.73 -45.43 18.28
C PRO O 214 -14.38 -45.84 18.87
N ALA P 43 -41.42 6.74 48.54
CA ALA P 43 -40.63 7.11 47.39
C ALA P 43 -39.22 6.55 47.49
N LYS P 44 -38.90 5.97 48.63
CA LYS P 44 -37.60 5.36 48.86
C LYS P 44 -37.72 3.84 48.80
N SER P 45 -36.63 3.20 48.37
CA SER P 45 -36.57 1.75 48.30
C SER P 45 -36.65 1.14 49.68
N LYS P 46 -37.41 0.05 49.81
CA LYS P 46 -37.58 -0.56 51.12
C LYS P 46 -36.32 -1.33 51.54
N ALA P 47 -35.71 -2.06 50.61
CA ALA P 47 -34.49 -2.79 50.90
C ALA P 47 -33.33 -1.85 51.18
N VAL P 48 -33.18 -0.81 50.38
CA VAL P 48 -32.11 0.17 50.53
C VAL P 48 -32.73 1.52 50.84
N PRO P 49 -32.90 1.89 52.12
CA PRO P 49 -33.72 3.06 52.46
C PRO P 49 -33.10 4.41 52.09
N PHE P 50 -31.80 4.49 51.79
CA PHE P 50 -31.23 5.78 51.41
C PHE P 50 -31.30 6.03 49.91
N LEU P 51 -31.83 5.10 49.13
CA LEU P 51 -32.00 5.27 47.70
C LEU P 51 -33.47 5.38 47.36
N SER P 52 -33.75 6.14 46.30
CA SER P 52 -35.12 6.28 45.82
C SER P 52 -35.63 4.96 45.27
N GLN P 53 -36.95 4.80 45.29
CA GLN P 53 -37.57 3.59 44.77
C GLN P 53 -37.33 3.49 43.27
N PRO P 54 -36.84 2.34 42.78
CA PRO P 54 -36.62 2.18 41.34
C PRO P 54 -37.95 2.18 40.59
N GLU P 55 -38.00 2.91 39.49
CA GLU P 55 -39.16 2.84 38.61
C GLU P 55 -39.21 1.49 37.93
N ALA P 56 -40.42 1.08 37.56
CA ALA P 56 -40.86 -0.21 37.02
C ALA P 56 -40.79 -1.32 38.06
N LEU P 57 -40.40 -1.03 39.30
CA LEU P 57 -40.57 -1.93 40.43
C LEU P 57 -41.70 -1.38 41.28
N ASP P 58 -42.81 -2.10 41.33
CA ASP P 58 -43.99 -1.61 42.04
C ASP P 58 -44.63 -2.68 42.91
N GLY P 59 -43.86 -3.68 43.35
CA GLY P 59 -44.36 -4.70 44.24
C GLY P 59 -45.23 -5.76 43.58
N SER P 60 -45.38 -5.73 42.26
CA SER P 60 -46.24 -6.68 41.58
C SER P 60 -45.59 -8.06 41.50
N MET P 61 -44.31 -8.13 41.15
CA MET P 61 -43.63 -9.39 41.03
C MET P 61 -43.31 -9.98 42.40
N ALA P 62 -43.13 -11.30 42.44
CA ALA P 62 -42.73 -11.98 43.66
C ALA P 62 -41.29 -11.65 44.01
N GLY P 63 -41.02 -11.47 45.30
CA GLY P 63 -39.69 -11.10 45.74
C GLY P 63 -39.32 -9.66 45.51
N ASP P 64 -40.28 -8.81 45.15
CA ASP P 64 -40.01 -7.40 44.90
C ASP P 64 -39.97 -6.68 46.25
N VAL P 65 -38.77 -6.27 46.66
CA VAL P 65 -38.57 -5.43 47.82
C VAL P 65 -37.97 -4.08 47.43
N GLY P 66 -38.06 -3.74 46.14
CA GLY P 66 -37.49 -2.50 45.65
C GLY P 66 -35.99 -2.47 45.60
N PHE P 67 -35.36 -3.62 45.38
CA PHE P 67 -33.90 -3.72 45.40
C PHE P 67 -33.37 -3.73 43.97
N ASP P 68 -33.04 -2.53 43.47
CA ASP P 68 -32.30 -2.40 42.20
C ASP P 68 -31.48 -1.12 42.26
N PRO P 69 -30.39 -1.11 43.05
CA PRO P 69 -29.60 0.12 43.18
C PRO P 69 -28.87 0.52 41.90
N PHE P 70 -28.51 -0.43 41.05
CA PHE P 70 -27.72 -0.11 39.87
C PHE P 70 -28.60 0.29 38.68
N GLY P 71 -29.92 0.28 38.84
CA GLY P 71 -30.83 0.67 37.78
C GLY P 71 -30.85 -0.25 36.57
N PHE P 72 -30.81 -1.56 36.79
CA PHE P 72 -30.92 -2.50 35.67
C PHE P 72 -32.32 -2.47 35.08
N SER P 73 -33.34 -2.32 35.92
CA SER P 73 -34.71 -2.30 35.43
C SER P 73 -35.09 -0.98 34.75
N SER P 74 -34.28 0.07 34.94
CA SER P 74 -34.51 1.31 34.22
C SER P 74 -33.91 1.29 32.83
N ASN P 75 -33.01 0.35 32.55
CA ASN P 75 -32.37 0.23 31.26
C ASN P 75 -32.77 -1.02 30.50
N PHE P 76 -33.15 -2.08 31.19
CA PHE P 76 -33.57 -3.31 30.55
C PHE P 76 -34.95 -3.69 31.05
N ASP P 77 -35.67 -4.44 30.22
CA ASP P 77 -37.04 -4.82 30.52
C ASP P 77 -37.09 -5.80 31.68
N LEU P 78 -38.11 -5.66 32.52
CA LEU P 78 -38.24 -6.49 33.70
C LEU P 78 -38.61 -7.93 33.38
N LYS P 79 -39.25 -8.17 32.23
CA LYS P 79 -39.65 -9.54 31.86
C LYS P 79 -38.43 -10.41 31.60
N TRP P 80 -37.48 -9.89 30.81
CA TRP P 80 -36.24 -10.62 30.54
C TRP P 80 -35.42 -10.82 31.79
N LEU P 81 -35.36 -9.80 32.65
CA LEU P 81 -34.60 -9.90 33.89
C LEU P 81 -35.22 -10.93 34.82
N ARG P 82 -36.55 -10.97 34.92
CA ARG P 82 -37.20 -11.98 35.75
C ARG P 82 -37.02 -13.39 35.19
N GLU P 83 -37.13 -13.54 33.87
CA GLU P 83 -36.90 -14.85 33.24
C GLU P 83 -35.47 -15.33 33.47
N ALA P 84 -34.51 -14.43 33.35
CA ALA P 84 -33.11 -14.76 33.61
C ALA P 84 -32.87 -15.08 35.07
N GLU P 85 -33.49 -14.33 35.99
CA GLU P 85 -33.32 -14.58 37.41
C GLU P 85 -33.88 -15.93 37.80
N LEU P 86 -35.06 -16.26 37.27
CA LEU P 86 -35.65 -17.56 37.54
C LEU P 86 -34.81 -18.69 36.94
N LYS P 87 -34.26 -18.49 35.74
CA LYS P 87 -33.42 -19.53 35.15
C LYS P 87 -32.12 -19.75 35.91
N HIS P 88 -31.41 -18.66 36.25
CA HIS P 88 -30.19 -18.77 37.06
C HIS P 88 -30.50 -19.42 38.42
N GLY P 89 -31.60 -19.02 39.05
CA GLY P 89 -31.99 -19.60 40.32
C GLY P 89 -32.38 -21.06 40.27
N ARG P 90 -33.08 -21.49 39.22
CA ARG P 90 -33.49 -22.88 39.10
C ARG P 90 -32.29 -23.79 38.82
N ILE P 91 -31.41 -23.34 37.91
CA ILE P 91 -30.16 -24.05 37.67
C ILE P 91 -29.34 -24.14 38.95
N CYS P 92 -29.33 -23.07 39.76
CA CYS P 92 -28.58 -23.14 41.01
C CYS P 92 -29.26 -23.98 42.07
N MET P 93 -30.59 -24.11 42.03
CA MET P 93 -31.27 -25.03 42.93
C MET P 93 -30.84 -26.46 42.65
N LEU P 94 -30.92 -26.85 41.37
CA LEU P 94 -30.43 -28.16 40.96
C LEU P 94 -28.94 -28.32 41.22
N ALA P 95 -28.17 -27.25 41.07
CA ALA P 95 -26.71 -27.33 41.21
C ALA P 95 -26.27 -27.45 42.66
N ALA P 96 -26.88 -26.69 43.56
CA ALA P 96 -26.60 -26.83 44.99
C ALA P 96 -27.04 -28.19 45.51
N THR P 97 -28.23 -28.64 45.09
CA THR P 97 -28.70 -29.96 45.49
C THR P 97 -27.78 -31.05 44.96
N GLY P 98 -27.25 -30.87 43.75
CA GLY P 98 -26.27 -31.82 43.24
C GLY P 98 -24.97 -31.78 44.02
N CYS P 99 -24.47 -30.57 44.31
CA CYS P 99 -23.20 -30.44 45.00
C CYS P 99 -23.24 -31.05 46.40
N LEU P 100 -24.41 -31.08 47.02
CA LEU P 100 -24.52 -31.82 48.27
C LEU P 100 -24.79 -33.32 48.06
N VAL P 101 -25.68 -33.69 47.14
CA VAL P 101 -26.15 -35.07 47.05
C VAL P 101 -25.11 -36.01 46.41
N GLN P 102 -24.40 -35.55 45.37
CA GLN P 102 -23.46 -36.40 44.63
C GLN P 102 -22.30 -36.87 45.50
N GLU P 103 -21.96 -36.12 46.53
CA GLU P 103 -21.00 -36.59 47.52
C GLU P 103 -21.52 -37.80 48.28
N VAL P 104 -22.80 -37.78 48.68
CA VAL P 104 -23.35 -38.87 49.48
C VAL P 104 -23.78 -40.04 48.62
N VAL P 105 -24.37 -39.79 47.45
CA VAL P 105 -24.98 -40.82 46.61
C VAL P 105 -24.33 -40.78 45.24
N HIS P 106 -23.91 -41.95 44.74
CA HIS P 106 -23.31 -42.06 43.42
C HIS P 106 -24.02 -43.11 42.59
N LEU P 107 -23.94 -42.95 41.28
CA LEU P 107 -24.17 -44.04 40.36
C LEU P 107 -23.02 -45.06 40.48
N PRO P 108 -23.27 -46.33 40.17
CA PRO P 108 -22.18 -47.31 40.16
C PRO P 108 -21.16 -47.04 39.06
N GLY P 109 -19.92 -47.42 39.32
CA GLY P 109 -18.87 -47.23 38.36
C GLY P 109 -17.75 -46.35 38.86
N GLU P 110 -16.56 -46.49 38.27
CA GLU P 110 -15.42 -45.68 38.68
C GLU P 110 -15.59 -44.23 38.25
N ALA P 111 -16.17 -44.00 37.08
CA ALA P 111 -16.32 -42.67 36.53
C ALA P 111 -17.29 -41.79 37.33
N PHE P 112 -18.10 -42.38 38.21
CA PHE P 112 -19.06 -41.63 39.00
C PHE P 112 -18.73 -41.63 40.48
N SER P 113 -17.48 -41.90 40.84
CA SER P 113 -17.09 -42.12 42.23
C SER P 113 -16.43 -40.91 42.88
N GLN P 114 -16.49 -39.73 42.26
CA GLN P 114 -15.83 -38.55 42.78
C GLN P 114 -16.75 -37.81 43.75
N LYS P 115 -16.36 -37.76 45.02
CA LYS P 115 -17.16 -37.05 46.02
C LYS P 115 -17.12 -35.54 45.79
N MET P 116 -15.98 -35.02 45.33
CA MET P 116 -15.88 -33.60 45.00
C MET P 116 -16.42 -33.35 43.61
N ALA P 117 -17.31 -32.37 43.49
CA ALA P 117 -18.08 -32.16 42.27
C ALA P 117 -17.21 -31.69 41.11
N LEU P 118 -16.19 -30.87 41.39
CA LEU P 118 -15.28 -30.43 40.35
C LEU P 118 -14.42 -31.57 39.81
N ASN P 119 -14.20 -32.61 40.62
CA ASN P 119 -13.57 -33.83 40.11
C ASN P 119 -14.55 -34.67 39.31
N ALA P 120 -15.82 -34.65 39.70
CA ALA P 120 -16.84 -35.39 38.97
C ALA P 120 -17.14 -34.78 37.61
N TRP P 121 -16.85 -33.48 37.44
CA TRP P 121 -16.97 -32.86 36.13
C TRP P 121 -16.01 -33.49 35.12
N ALA P 122 -14.79 -33.78 35.55
CA ALA P 122 -13.79 -34.34 34.65
C ALA P 122 -13.84 -35.86 34.57
N ALA P 123 -14.18 -36.54 35.67
CA ALA P 123 -14.14 -38.00 35.67
C ALA P 123 -15.34 -38.64 34.99
N ALA P 124 -16.46 -37.94 34.89
CA ALA P 124 -17.66 -38.48 34.26
C ALA P 124 -17.39 -38.67 32.76
N PRO P 125 -18.03 -39.67 32.14
CA PRO P 125 -17.79 -39.93 30.71
C PRO P 125 -18.17 -38.74 29.84
N ARG P 126 -17.29 -38.44 28.87
CA ARG P 126 -17.39 -37.19 28.13
C ARG P 126 -18.58 -37.19 27.18
N GLY P 127 -18.87 -38.33 26.55
CA GLY P 127 -20.03 -38.42 25.67
C GLY P 127 -21.33 -38.22 26.42
N GLY P 128 -21.39 -38.65 27.68
CA GLY P 128 -22.56 -38.38 28.50
C GLY P 128 -22.75 -36.90 28.80
N MET P 129 -21.66 -36.20 29.11
CA MET P 129 -21.78 -34.77 29.40
C MET P 129 -22.08 -33.97 28.13
N ILE P 130 -21.57 -34.40 26.98
CA ILE P 130 -21.93 -33.76 25.72
C ILE P 130 -23.40 -34.03 25.39
N SER P 131 -23.89 -35.23 25.74
CA SER P 131 -25.32 -35.52 25.62
C SER P 131 -26.14 -34.62 26.52
N ILE P 132 -25.64 -34.33 27.72
CA ILE P 132 -26.31 -33.41 28.64
C ILE P 132 -26.37 -32.01 28.04
N LEU P 133 -25.27 -31.56 27.44
CA LEU P 133 -25.24 -30.25 26.77
C LEU P 133 -26.26 -30.17 25.63
N VAL P 134 -26.30 -31.20 24.78
CA VAL P 134 -27.20 -31.21 23.64
C VAL P 134 -28.66 -31.28 24.10
N ALA P 135 -28.95 -32.09 25.12
CA ALA P 135 -30.31 -32.19 25.63
C ALA P 135 -30.77 -30.88 26.28
N ILE P 136 -29.88 -30.20 27.00
CA ILE P 136 -30.20 -28.89 27.56
C ILE P 136 -30.50 -27.90 26.43
N GLY P 137 -29.73 -27.99 25.34
CA GLY P 137 -30.00 -27.12 24.19
C GLY P 137 -31.36 -27.39 23.57
N LEU P 138 -31.72 -28.66 23.43
CA LEU P 138 -33.05 -29.00 22.89
C LEU P 138 -34.16 -28.58 23.83
N ILE P 139 -33.94 -28.70 25.15
CA ILE P 139 -34.94 -28.29 26.13
C ILE P 139 -35.14 -26.78 26.09
N GLU P 140 -34.04 -26.03 25.98
CA GLU P 140 -34.11 -24.57 25.86
C GLU P 140 -34.78 -24.16 24.55
N LEU P 141 -34.57 -24.93 23.48
CA LEU P 141 -35.17 -24.60 22.19
C LEU P 141 -36.67 -24.84 22.19
N ILE P 142 -37.11 -26.00 22.68
CA ILE P 142 -38.53 -26.36 22.57
C ILE P 142 -39.36 -25.71 23.68
N SER P 143 -38.79 -25.57 24.88
CA SER P 143 -39.54 -25.02 26.01
C SER P 143 -39.85 -23.54 25.81
N ASN P 144 -39.01 -22.82 25.09
CA ASN P 144 -39.29 -21.42 24.78
C ASN P 144 -40.02 -21.24 23.45
N ARG P 145 -40.36 -22.36 22.79
CA ARG P 145 -41.19 -22.40 21.58
C ARG P 145 -40.59 -21.56 20.45
N PHE P 146 -39.29 -21.80 20.20
CA PHE P 146 -38.47 -21.21 19.14
C PHE P 146 -38.28 -19.70 19.29
N ALA P 147 -38.71 -19.12 20.42
CA ALA P 147 -38.53 -17.71 20.72
C ALA P 147 -37.54 -17.62 21.87
N LEU P 148 -36.26 -17.47 21.52
CA LEU P 148 -35.17 -17.66 22.47
C LEU P 148 -34.42 -16.39 22.81
N THR P 149 -34.64 -15.30 22.08
CA THR P 149 -33.75 -14.15 22.10
C THR P 149 -34.44 -12.94 22.72
N ALA P 150 -33.66 -11.87 22.82
CA ALA P 150 -34.08 -10.62 23.44
C ALA P 150 -34.96 -9.78 22.55
N THR P 151 -35.28 -10.27 21.35
CA THR P 151 -36.20 -9.59 20.45
C THR P 151 -37.44 -10.39 20.11
N ASP P 152 -37.50 -11.69 20.43
CA ASP P 152 -38.66 -12.50 20.07
C ASP P 152 -39.27 -13.30 21.22
N MET P 153 -38.53 -13.60 22.29
CA MET P 153 -39.16 -14.14 23.49
C MET P 153 -40.01 -13.03 24.11
N PHE P 154 -41.23 -13.38 24.52
CA PHE P 154 -42.31 -12.48 24.98
C PHE P 154 -42.96 -11.71 23.84
N ALA P 155 -42.77 -12.15 22.59
CA ALA P 155 -43.56 -11.60 21.49
C ALA P 155 -45.04 -11.93 21.64
N ASN P 156 -45.34 -13.14 22.06
CA ASN P 156 -46.70 -13.49 22.44
C ASN P 156 -47.06 -12.75 23.72
N PRO P 157 -48.14 -11.98 23.75
CA PRO P 157 -48.53 -11.28 24.99
C PRO P 157 -48.93 -12.20 26.13
N ASN P 158 -49.26 -13.47 25.85
CA ASN P 158 -49.63 -14.41 26.89
C ASN P 158 -48.42 -15.03 27.58
N ARG P 159 -47.22 -14.83 27.06
CA ARG P 159 -46.02 -15.41 27.65
C ARG P 159 -45.62 -14.61 28.88
N VAL P 160 -45.53 -15.30 30.02
CA VAL P 160 -45.27 -14.68 31.32
C VAL P 160 -43.83 -15.00 31.71
N PRO P 161 -43.08 -14.07 32.30
CA PRO P 161 -41.70 -14.34 32.74
C PRO P 161 -41.57 -15.53 33.67
N GLY P 162 -40.75 -16.49 33.26
CA GLY P 162 -40.52 -17.72 34.00
C GLY P 162 -41.63 -18.75 33.87
N ASP P 163 -42.71 -18.42 33.17
CA ASP P 163 -43.83 -19.34 32.97
C ASP P 163 -43.61 -20.04 31.64
N LEU P 164 -42.90 -21.15 31.68
CA LEU P 164 -42.66 -21.97 30.50
C LEU P 164 -43.82 -22.91 30.24
N GLY P 165 -44.83 -22.92 31.11
CA GLY P 165 -45.90 -23.89 31.02
C GLY P 165 -45.61 -25.19 31.71
N PHE P 166 -44.63 -25.22 32.61
CA PHE P 166 -44.13 -26.44 33.21
C PHE P 166 -44.87 -26.65 34.52
N ASP P 167 -45.76 -27.65 34.54
CA ASP P 167 -46.43 -28.09 35.77
C ASP P 167 -46.82 -29.55 35.62
N PRO P 168 -45.83 -30.46 35.59
CA PRO P 168 -46.12 -31.88 35.26
C PRO P 168 -47.14 -32.57 36.14
N LEU P 169 -47.14 -32.29 37.44
CA LEU P 169 -48.10 -32.87 38.36
C LEU P 169 -49.23 -31.91 38.71
N SER P 170 -49.28 -30.75 38.04
CA SER P 170 -50.32 -29.73 38.23
C SER P 170 -50.42 -29.27 39.69
N LEU P 171 -49.26 -29.07 40.32
CA LEU P 171 -49.23 -28.65 41.72
C LEU P 171 -49.64 -27.20 41.91
N GLY P 172 -49.80 -26.43 40.84
CA GLY P 172 -50.22 -25.05 40.92
C GLY P 172 -51.71 -24.82 40.88
N GLY P 173 -52.52 -25.87 41.05
CA GLY P 173 -53.96 -25.72 41.02
C GLY P 173 -54.57 -25.15 42.29
N ASN P 174 -54.18 -23.92 42.64
CA ASN P 174 -54.70 -23.24 43.82
C ASN P 174 -54.42 -21.75 43.64
N GLY P 175 -55.47 -20.93 43.70
CA GLY P 175 -55.33 -19.52 43.36
C GLY P 175 -54.64 -18.65 44.40
N ALA P 176 -55.04 -18.75 45.66
CA ALA P 176 -54.39 -17.97 46.70
C ALA P 176 -53.02 -18.51 47.08
N ASN P 177 -52.71 -19.75 46.70
CA ASN P 177 -51.39 -20.33 46.94
C ASN P 177 -50.33 -19.73 46.01
N ARG P 178 -50.76 -19.18 44.87
CA ARG P 178 -49.86 -18.88 43.75
C ARG P 178 -48.77 -17.87 44.13
N ALA P 179 -49.15 -16.73 44.71
CA ALA P 179 -48.17 -15.70 45.04
C ALA P 179 -47.17 -16.19 46.07
N ARG P 180 -47.64 -16.92 47.09
CA ARG P 180 -46.73 -17.52 48.06
C ARG P 180 -45.81 -18.55 47.41
N MET P 181 -46.32 -19.29 46.42
CA MET P 181 -45.51 -20.28 45.71
C MET P 181 -44.41 -19.60 44.91
N GLU P 182 -44.76 -18.53 44.19
CA GLU P 182 -43.76 -17.78 43.42
C GLU P 182 -42.73 -17.13 44.34
N LEU P 183 -43.16 -16.64 45.50
CA LEU P 183 -42.21 -16.10 46.48
C LEU P 183 -41.27 -17.18 47.00
N ALA P 184 -41.80 -18.36 47.29
CA ALA P 184 -40.96 -19.46 47.77
C ALA P 184 -39.98 -19.92 46.70
N GLU P 185 -40.43 -19.97 45.44
CA GLU P 185 -39.55 -20.36 44.35
C GLU P 185 -38.42 -19.37 44.14
N ILE P 186 -38.74 -18.07 44.15
CA ILE P 186 -37.68 -17.09 43.93
C ILE P 186 -36.74 -16.99 45.14
N THR P 187 -37.25 -17.21 46.36
CA THR P 187 -36.37 -17.21 47.52
C THR P 187 -35.44 -18.41 47.52
N HIS P 188 -35.97 -19.60 47.17
CA HIS P 188 -35.13 -20.78 47.03
C HIS P 188 -34.07 -20.57 45.94
N GLY P 189 -34.47 -19.94 44.82
CA GLY P 189 -33.51 -19.68 43.76
C GLY P 189 -32.40 -18.71 44.14
N ARG P 190 -32.74 -17.62 44.83
CA ARG P 190 -31.72 -16.66 45.29
C ARG P 190 -30.77 -17.29 46.31
N ALA P 191 -31.33 -18.03 47.27
CA ALA P 191 -30.52 -18.73 48.27
C ALA P 191 -29.62 -19.77 47.60
N ALA P 192 -30.14 -20.42 46.57
CA ALA P 192 -29.37 -21.44 45.86
C ALA P 192 -28.25 -20.82 45.05
N MET P 193 -28.48 -19.64 44.46
CA MET P 193 -27.42 -18.94 43.74
C MET P 193 -26.27 -18.61 44.67
N MET P 194 -26.59 -18.02 45.85
CA MET P 194 -25.53 -17.68 46.80
C MET P 194 -24.82 -18.92 47.33
N GLY P 195 -25.58 -19.99 47.61
CA GLY P 195 -24.98 -21.18 48.15
C GLY P 195 -24.11 -21.92 47.16
N PHE P 196 -24.56 -22.06 45.92
CA PHE P 196 -23.76 -22.77 44.92
C PHE P 196 -22.51 -21.99 44.53
N SER P 197 -22.61 -20.65 44.44
CA SER P 197 -21.44 -19.83 44.16
C SER P 197 -20.40 -20.03 45.25
N GLY P 198 -20.85 -19.98 46.50
CA GLY P 198 -19.93 -20.21 47.60
C GLY P 198 -19.36 -21.60 47.60
N MET P 199 -20.19 -22.62 47.31
CA MET P 199 -19.73 -24.00 47.34
C MET P 199 -18.65 -24.28 46.30
N VAL P 200 -18.83 -23.74 45.09
CA VAL P 200 -17.81 -23.91 44.04
C VAL P 200 -16.50 -23.26 44.44
N HIS P 201 -16.55 -22.01 44.93
CA HIS P 201 -15.27 -21.36 45.18
C HIS P 201 -14.61 -21.91 46.46
N GLN P 202 -15.38 -22.43 47.41
CA GLN P 202 -14.80 -23.05 48.60
C GLN P 202 -14.21 -24.41 48.25
N MET P 203 -14.82 -25.10 47.28
CA MET P 203 -14.21 -26.32 46.73
C MET P 203 -12.90 -26.02 46.04
N LEU P 204 -12.81 -24.87 45.38
CA LEU P 204 -11.55 -24.46 44.77
C LEU P 204 -10.50 -24.17 45.85
N VAL P 205 -10.90 -23.52 46.93
CA VAL P 205 -9.95 -23.18 48.01
C VAL P 205 -9.48 -24.43 48.73
N SER P 206 -10.40 -25.32 49.10
CA SER P 206 -10.11 -26.38 50.04
C SER P 206 -9.79 -27.73 49.39
N LYS P 207 -10.12 -27.90 48.10
CA LYS P 207 -10.03 -29.19 47.39
C LYS P 207 -10.81 -30.30 48.09
N GLN P 208 -11.92 -29.93 48.73
CA GLN P 208 -12.73 -30.86 49.49
C GLN P 208 -14.19 -30.71 49.10
N ALA P 209 -14.91 -31.83 49.10
CA ALA P 209 -16.34 -31.79 48.89
C ALA P 209 -17.01 -31.09 50.08
N PRO P 210 -18.15 -30.42 49.87
CA PRO P 210 -18.69 -29.49 50.90
C PRO P 210 -18.95 -30.09 52.28
N ILE P 211 -19.66 -31.23 52.37
CA ILE P 211 -19.96 -31.81 53.66
C ILE P 211 -18.70 -32.30 54.37
N GLU P 212 -17.83 -33.00 53.62
CA GLU P 212 -16.59 -33.46 54.22
C GLU P 212 -15.59 -32.32 54.43
N GLN P 213 -15.77 -31.18 53.75
CA GLN P 213 -15.04 -29.98 54.15
C GLN P 213 -15.54 -29.45 55.47
N LEU P 214 -16.85 -29.50 55.69
CA LEU P 214 -17.40 -29.08 56.98
C LEU P 214 -17.03 -30.03 58.12
N MET P 215 -16.75 -31.30 57.80
CA MET P 215 -16.35 -32.28 58.81
C MET P 215 -14.85 -32.36 59.03
N HIS P 216 -14.05 -31.88 58.07
CA HIS P 216 -12.59 -31.97 58.10
C HIS P 216 -11.97 -30.61 57.82
N PHE P 217 -12.50 -29.59 58.47
CA PHE P 217 -12.21 -28.20 58.11
C PHE P 217 -10.77 -27.82 58.41
N LYS P 218 -10.15 -27.15 57.45
CA LYS P 218 -8.79 -26.65 57.58
C LYS P 218 -8.80 -25.17 57.20
N ALA P 219 -8.35 -24.31 58.10
CA ALA P 219 -8.31 -22.89 57.81
C ALA P 219 -7.21 -22.58 56.80
N VAL P 220 -7.38 -21.45 56.12
CA VAL P 220 -6.42 -21.02 55.11
C VAL P 220 -5.12 -20.56 55.78
N PHE Q 68 12.74 23.40 -47.49
CA PHE Q 68 13.68 22.39 -47.96
C PHE Q 68 14.01 22.60 -49.44
N GLY Q 69 13.13 22.11 -50.32
CA GLY Q 69 13.32 22.31 -51.75
C GLY Q 69 13.22 23.77 -52.17
N GLY Q 70 12.51 24.58 -51.40
CA GLY Q 70 12.45 26.01 -51.64
C GLY Q 70 13.67 26.78 -51.18
N ARG Q 71 14.65 26.10 -50.59
CA ARG Q 71 15.87 26.72 -50.13
C ARG Q 71 17.11 26.22 -50.86
N GLY Q 72 16.95 25.34 -51.85
CA GLY Q 72 18.07 24.86 -52.62
C GLY Q 72 18.65 23.54 -52.15
N LEU Q 73 17.89 22.76 -51.40
CA LEU Q 73 18.36 21.48 -50.88
C LEU Q 73 17.55 20.34 -51.50
N GLY Q 74 18.22 19.20 -51.68
CA GLY Q 74 17.61 18.07 -52.33
C GLY Q 74 18.12 17.90 -53.74
N VAL Q 75 17.26 17.49 -54.68
CA VAL Q 75 17.66 17.38 -56.09
C VAL Q 75 17.41 18.75 -56.72
N THR Q 76 18.41 19.62 -56.60
CA THR Q 76 18.41 20.95 -57.18
C THR Q 76 19.70 21.14 -57.96
N VAL Q 77 19.75 22.22 -58.74
CA VAL Q 77 20.98 22.55 -59.44
C VAL Q 77 21.99 23.14 -58.46
N ASN Q 78 21.51 23.80 -57.41
CA ASN Q 78 22.38 24.33 -56.36
C ASN Q 78 23.12 23.21 -55.64
N ALA Q 79 22.40 22.14 -55.29
CA ALA Q 79 23.02 21.01 -54.61
C ALA Q 79 23.98 20.27 -55.54
N GLU Q 80 23.62 20.18 -56.83
CA GLU Q 80 24.51 19.57 -57.81
C GLU Q 80 25.81 20.35 -57.93
N ARG Q 81 25.72 21.69 -57.98
CA ARG Q 81 26.92 22.52 -58.06
C ARG Q 81 27.77 22.40 -56.80
N TRP Q 82 27.14 22.40 -55.61
CA TRP Q 82 27.90 22.33 -54.37
C TRP Q 82 28.58 20.97 -54.20
N ASN Q 83 27.87 19.88 -54.51
CA ASN Q 83 28.48 18.55 -54.43
C ASN Q 83 29.54 18.37 -55.50
N GLY Q 84 29.39 19.01 -56.66
CA GLY Q 84 30.44 18.96 -57.66
C GLY Q 84 31.71 19.69 -57.24
N ARG Q 85 31.56 20.86 -56.60
CA ARG Q 85 32.71 21.57 -56.06
C ARG Q 85 33.43 20.74 -55.00
N HIS Q 86 32.66 20.16 -54.08
CA HIS Q 86 33.24 19.34 -53.03
C HIS Q 86 33.86 18.07 -53.59
N ALA Q 87 33.32 17.54 -54.69
CA ALA Q 87 33.88 16.35 -55.31
C ALA Q 87 35.15 16.63 -56.10
N MET Q 88 35.24 17.79 -56.74
CA MET Q 88 36.48 18.19 -57.39
C MET Q 88 37.60 18.36 -56.36
N PHE Q 89 37.27 19.02 -55.24
CA PHE Q 89 38.23 19.12 -54.14
C PHE Q 89 38.55 17.75 -53.56
N GLY Q 90 37.57 16.84 -53.53
CA GLY Q 90 37.82 15.51 -53.00
C GLY Q 90 38.75 14.68 -53.86
N ILE Q 91 38.61 14.80 -55.19
CA ILE Q 91 39.54 14.14 -56.11
C ILE Q 91 40.95 14.70 -55.91
N PHE Q 92 41.06 16.03 -55.77
CA PHE Q 92 42.35 16.64 -55.50
C PHE Q 92 42.93 16.16 -54.18
N ALA Q 93 42.11 16.07 -53.14
CA ALA Q 93 42.59 15.65 -51.82
C ALA Q 93 42.99 14.18 -51.81
N MET Q 94 42.29 13.33 -52.57
CA MET Q 94 42.67 11.93 -52.66
C MET Q 94 43.99 11.76 -53.41
N VAL Q 95 44.18 12.53 -54.50
CA VAL Q 95 45.42 12.48 -55.26
C VAL Q 95 46.59 12.97 -54.40
N MET Q 96 46.37 14.05 -53.64
CA MET Q 96 47.43 14.58 -52.79
C MET Q 96 47.70 13.67 -51.60
N THR Q 97 46.68 12.99 -51.08
CA THR Q 97 46.89 12.00 -50.02
C THR Q 97 47.72 10.83 -50.53
N SER Q 98 47.42 10.35 -51.74
CA SER Q 98 48.21 9.27 -52.34
C SER Q 98 49.64 9.70 -52.57
N TYR Q 99 49.84 10.93 -53.03
CA TYR Q 99 51.20 11.45 -53.26
C TYR Q 99 51.98 11.58 -51.96
N MET Q 100 51.38 12.18 -50.93
CA MET Q 100 52.09 12.41 -49.67
C MET Q 100 52.34 11.09 -48.94
N LYS Q 101 51.41 10.13 -49.03
CA LYS Q 101 51.63 8.85 -48.37
C LYS Q 101 52.64 7.99 -49.13
N GLY Q 102 52.66 8.08 -50.46
CA GLY Q 102 53.62 7.30 -51.23
C GLY Q 102 55.06 7.73 -51.01
N HIS Q 103 55.28 9.03 -50.82
CA HIS Q 103 56.62 9.55 -50.60
C HIS Q 103 57.01 9.62 -49.13
N GLY Q 104 56.14 9.17 -48.23
CA GLY Q 104 56.44 9.18 -46.81
C GLY Q 104 56.52 10.57 -46.22
N LEU Q 105 55.70 11.50 -46.72
CA LEU Q 105 55.76 12.89 -46.29
C LEU Q 105 54.83 13.19 -45.12
N ILE Q 106 54.14 12.18 -44.59
CA ILE Q 106 53.33 12.33 -43.38
C ILE Q 106 54.19 11.86 -42.21
N PRO Q 107 54.55 12.75 -41.27
CA PRO Q 107 55.53 12.39 -40.24
C PRO Q 107 54.97 11.40 -39.23
N ASP Q 108 55.76 10.36 -38.94
CA ASP Q 108 55.42 9.28 -38.01
C ASP Q 108 54.08 8.65 -38.33
N ALA Q 109 53.92 8.27 -39.61
CA ALA Q 109 52.61 7.83 -40.11
C ALA Q 109 52.13 6.54 -39.46
N ASP Q 110 53.04 5.67 -39.02
CA ASP Q 110 52.66 4.42 -38.39
C ASP Q 110 52.72 4.49 -36.86
N LYS Q 111 52.96 5.66 -36.30
CA LYS Q 111 52.91 5.83 -34.86
C LYS Q 111 51.47 5.71 -34.36
N ILE Q 112 51.25 4.84 -33.39
CA ILE Q 112 49.93 4.62 -32.82
C ILE Q 112 49.72 5.63 -31.69
N LEU Q 113 48.66 6.43 -31.80
CA LEU Q 113 48.37 7.42 -30.77
C LEU Q 113 47.94 6.73 -29.48
N ASP Q 114 48.44 7.25 -28.36
CA ASP Q 114 48.23 6.66 -27.04
C ASP Q 114 47.09 7.33 -26.29
N VAL Q 115 46.32 6.51 -25.57
CA VAL Q 115 45.17 6.98 -24.80
C VAL Q 115 45.60 7.88 -23.64
N ALA Q 116 46.83 7.70 -23.13
CA ALA Q 116 47.30 8.48 -22.00
C ALA Q 116 47.55 9.94 -22.35
N GLN Q 117 47.66 10.27 -23.64
CA GLN Q 117 47.84 11.63 -24.10
C GLN Q 117 46.59 12.19 -24.76
N TRP Q 118 45.94 11.42 -25.62
CA TRP Q 118 44.83 11.91 -26.43
C TRP Q 118 43.47 11.44 -25.94
N GLY Q 119 43.41 10.65 -24.88
CA GLY Q 119 42.13 10.26 -24.31
C GLY Q 119 41.50 9.08 -25.02
N SER Q 120 40.28 8.76 -24.58
CA SER Q 120 39.56 7.60 -25.06
C SER Q 120 39.07 7.74 -26.49
N LEU Q 121 39.10 8.94 -27.07
CA LEU Q 121 38.69 9.12 -28.46
C LEU Q 121 39.68 8.48 -29.43
N ALA Q 122 40.91 8.21 -28.99
CA ALA Q 122 41.91 7.56 -29.84
C ALA Q 122 41.76 6.05 -29.92
N SER Q 123 40.84 5.44 -29.15
CA SER Q 123 40.73 3.99 -29.11
C SER Q 123 39.98 3.48 -30.33
N VAL Q 124 40.50 2.41 -30.96
CA VAL Q 124 39.89 1.85 -32.15
C VAL Q 124 39.47 0.39 -31.92
N TRP Q 125 40.15 -0.27 -31.00
CA TRP Q 125 39.95 -1.70 -30.66
C TRP Q 125 40.26 -2.61 -31.85
N ASP Q 126 41.43 -2.42 -32.44
CA ASP Q 126 41.93 -3.35 -33.44
C ASP Q 126 42.64 -4.51 -32.72
N GLY Q 127 43.32 -5.36 -33.48
CA GLY Q 127 43.97 -6.50 -32.86
C GLY Q 127 45.32 -6.21 -32.25
N ALA Q 128 45.87 -5.01 -32.48
CA ALA Q 128 47.22 -4.70 -32.01
C ALA Q 128 47.37 -3.19 -31.88
N GLY Q 129 47.52 -2.71 -30.66
CA GLY Q 129 47.75 -1.29 -30.43
C GLY Q 129 46.57 -0.54 -29.84
N ASN Q 130 45.36 -0.86 -30.32
CA ASN Q 130 44.10 -0.28 -29.84
C ASN Q 130 44.06 1.24 -29.97
N GLY Q 131 44.72 1.77 -30.98
CA GLY Q 131 44.80 3.21 -31.15
C GLY Q 131 44.79 3.61 -32.61
N ILE Q 132 44.35 4.84 -32.85
CA ILE Q 132 44.36 5.39 -34.20
C ILE Q 132 45.79 5.71 -34.60
N SER Q 133 46.14 5.42 -35.85
CA SER Q 133 47.44 5.79 -36.38
C SER Q 133 47.54 7.31 -36.49
N ASN Q 134 48.78 7.80 -36.41
CA ASN Q 134 49.03 9.24 -36.49
C ASN Q 134 48.67 9.81 -37.86
N GLU Q 135 48.85 9.02 -38.94
CA GLU Q 135 48.51 9.50 -40.27
C GLU Q 135 47.00 9.72 -40.41
N ARG Q 136 46.19 8.81 -39.87
CA ARG Q 136 44.74 8.96 -39.96
C ARG Q 136 44.27 10.17 -39.17
N ALA Q 137 44.87 10.41 -38.00
CA ALA Q 137 44.55 11.60 -37.23
C ALA Q 137 44.95 12.88 -37.96
N ILE Q 138 46.10 12.86 -38.64
CA ILE Q 138 46.55 14.03 -39.40
C ILE Q 138 45.62 14.31 -40.58
N ILE Q 139 45.19 13.26 -41.28
CA ILE Q 139 44.23 13.41 -42.38
C ILE Q 139 42.91 13.97 -41.87
N LEU Q 140 42.46 13.49 -40.71
CA LEU Q 140 41.21 13.97 -40.13
C LEU Q 140 41.32 15.43 -39.72
N ILE Q 141 42.47 15.85 -39.20
CA ILE Q 141 42.64 17.24 -38.80
C ILE Q 141 42.71 18.15 -40.04
N ALA Q 142 43.32 17.67 -41.11
CA ALA Q 142 43.28 18.39 -42.39
C ALA Q 142 41.85 18.57 -42.88
N HIS Q 143 41.02 17.56 -42.68
CA HIS Q 143 39.60 17.70 -43.02
C HIS Q 143 38.87 18.62 -42.06
N VAL Q 144 39.29 18.65 -40.79
CA VAL Q 144 38.65 19.48 -39.78
C VAL Q 144 38.83 20.96 -40.12
N HIS Q 145 40.01 21.32 -40.63
CA HIS Q 145 40.28 22.69 -41.07
C HIS Q 145 39.25 23.17 -42.09
N VAL Q 146 39.07 22.40 -43.17
CA VAL Q 146 38.13 22.82 -44.20
C VAL Q 146 36.69 22.62 -43.75
N LEU Q 147 36.43 21.79 -42.73
CA LEU Q 147 35.09 21.73 -42.15
C LEU Q 147 34.74 22.98 -41.37
N VAL Q 148 35.71 23.55 -40.64
CA VAL Q 148 35.47 24.82 -39.96
C VAL Q 148 35.27 25.94 -40.98
N VAL Q 149 36.08 25.91 -42.06
CA VAL Q 149 35.89 26.84 -43.17
C VAL Q 149 34.49 26.69 -43.77
N SER Q 150 34.03 25.44 -43.89
CA SER Q 150 32.71 25.14 -44.41
C SER Q 150 31.61 25.72 -43.55
N VAL Q 151 31.72 25.57 -42.23
CA VAL Q 151 30.71 26.07 -41.31
C VAL Q 151 30.65 27.59 -41.37
N ILE Q 152 31.80 28.25 -41.38
CA ILE Q 152 31.81 29.71 -41.43
C ILE Q 152 31.30 30.21 -42.79
N ALA Q 153 31.64 29.53 -43.87
CA ALA Q 153 31.14 29.94 -45.18
C ALA Q 153 29.65 29.68 -45.33
N ALA Q 154 29.12 28.66 -44.66
CA ALA Q 154 27.68 28.40 -44.72
C ALA Q 154 26.90 29.39 -43.86
N VAL Q 155 27.44 29.82 -42.73
CA VAL Q 155 26.71 30.74 -41.86
C VAL Q 155 27.02 32.19 -42.20
N ALA Q 156 28.28 32.51 -42.47
CA ALA Q 156 28.72 33.87 -42.77
C ALA Q 156 29.45 33.88 -44.11
N PRO Q 157 28.72 33.78 -45.22
CA PRO Q 157 29.39 33.75 -46.52
C PRO Q 157 29.94 35.12 -46.92
N PHE Q 158 30.84 35.10 -47.89
CA PHE Q 158 31.27 36.32 -48.54
C PHE Q 158 30.09 36.98 -49.26
N GLY Q 159 30.16 38.31 -49.38
CA GLY Q 159 29.10 39.06 -50.03
C GLY Q 159 28.91 38.70 -51.49
N PHE Q 160 30.00 38.36 -52.19
CA PHE Q 160 29.94 37.96 -53.58
C PHE Q 160 29.67 36.48 -53.77
N GLN Q 161 29.87 35.67 -52.74
CA GLN Q 161 29.94 34.23 -52.86
C GLN Q 161 28.55 33.64 -53.11
N ASP Q 162 28.52 32.52 -53.83
CA ASP Q 162 27.32 31.70 -53.93
C ASP Q 162 26.99 31.09 -52.57
N THR Q 163 25.72 31.16 -52.20
CA THR Q 163 25.34 30.68 -50.89
C THR Q 163 24.90 29.21 -50.95
N LEU Q 164 25.04 28.53 -49.81
CA LEU Q 164 24.61 27.14 -49.72
C LEU Q 164 23.10 27.04 -49.67
N VAL Q 165 22.50 27.64 -48.66
CA VAL Q 165 21.05 27.73 -48.53
C VAL Q 165 20.58 29.03 -49.17
N LYS Q 166 19.46 28.96 -49.88
CA LYS Q 166 18.91 30.08 -50.61
C LYS Q 166 17.68 30.61 -49.88
N GLU Q 167 17.38 31.88 -50.11
CA GLU Q 167 16.17 32.48 -49.55
C GLU Q 167 14.94 31.84 -50.16
N LYS Q 168 13.82 31.95 -49.44
CA LYS Q 168 12.58 31.29 -49.85
C LYS Q 168 12.09 31.79 -51.21
N GLY Q 169 12.13 33.10 -51.43
CA GLY Q 169 11.78 33.63 -52.73
C GLY Q 169 12.97 33.78 -53.68
N TYR Q 170 13.68 32.69 -53.93
CA TYR Q 170 14.83 32.73 -54.82
C TYR Q 170 14.46 32.17 -56.20
N THR Q 171 15.29 32.52 -57.19
CA THR Q 171 15.09 32.08 -58.56
C THR Q 171 15.99 30.89 -58.83
N PRO Q 172 15.47 29.68 -59.00
CA PRO Q 172 16.33 28.52 -59.25
C PRO Q 172 17.04 28.60 -60.58
N GLU Q 173 18.33 28.25 -60.56
CA GLU Q 173 19.11 28.11 -61.78
C GLU Q 173 18.52 27.01 -62.65
N ALA Q 174 18.44 27.27 -63.95
CA ALA Q 174 17.86 26.31 -64.88
C ALA Q 174 18.74 25.06 -64.95
N PRO Q 175 18.14 23.87 -64.96
CA PRO Q 175 18.91 22.64 -65.14
C PRO Q 175 19.62 22.61 -66.49
N ALA Q 176 20.89 22.17 -66.46
CA ALA Q 176 21.74 22.21 -67.64
C ALA Q 176 21.52 21.04 -68.58
N GLY Q 177 20.64 20.10 -68.24
CA GLY Q 177 20.36 18.98 -69.12
C GLY Q 177 21.50 17.99 -69.18
N LEU Q 178 21.67 17.41 -70.36
CA LEU Q 178 22.77 16.47 -70.60
C LEU Q 178 24.12 17.17 -70.49
N ILE Q 179 24.24 18.36 -71.04
CA ILE Q 179 25.49 19.11 -71.03
C ILE Q 179 25.16 20.60 -71.20
N PRO Q 180 25.71 21.47 -70.37
CA PRO Q 180 25.49 22.91 -70.53
C PRO Q 180 26.21 23.43 -71.77
N PRO Q 181 25.91 24.65 -72.20
CA PRO Q 181 26.67 25.25 -73.33
C PRO Q 181 28.15 25.35 -73.04
N PHE Q 182 28.95 25.06 -74.08
CA PHE Q 182 30.37 24.78 -73.94
C PHE Q 182 31.15 26.08 -73.77
N LYS Q 183 31.04 26.65 -72.57
CA LYS Q 183 31.75 27.87 -72.20
C LYS Q 183 33.02 27.50 -71.46
N THR Q 184 34.16 27.58 -72.14
CA THR Q 184 35.43 27.27 -71.52
C THR Q 184 35.90 28.41 -70.63
N GLY Q 185 36.70 28.07 -69.62
CA GLY Q 185 37.21 29.04 -68.69
C GLY Q 185 36.53 28.96 -67.34
N LEU Q 186 36.59 30.07 -66.61
CA LEU Q 186 36.03 30.16 -65.26
C LEU Q 186 34.54 30.54 -65.31
N THR Q 187 33.80 29.72 -66.01
CA THR Q 187 32.37 29.81 -66.27
C THR Q 187 31.62 28.79 -65.43
N PRO Q 188 30.36 29.07 -65.06
CA PRO Q 188 29.59 28.06 -64.30
C PRO Q 188 29.33 26.78 -65.06
N GLU Q 189 29.33 26.84 -66.39
CA GLU Q 189 29.15 25.64 -67.20
C GLU Q 189 30.34 24.68 -67.06
N ALA Q 190 31.56 25.22 -67.12
CA ALA Q 190 32.75 24.38 -66.92
C ALA Q 190 32.80 23.84 -65.50
N GLU Q 191 32.39 24.65 -64.52
CA GLU Q 191 32.33 24.19 -63.13
C GLU Q 191 31.37 23.02 -62.98
N LEU Q 192 30.18 23.12 -63.60
CA LEU Q 192 29.20 22.04 -63.49
C LEU Q 192 29.66 20.79 -64.22
N ILE Q 193 30.28 20.95 -65.39
CA ILE Q 193 30.79 19.80 -66.16
C ILE Q 193 31.85 19.05 -65.37
N ASN Q 194 32.86 19.79 -64.88
CA ASN Q 194 33.95 19.15 -64.14
C ASN Q 194 33.45 18.63 -62.79
N GLY Q 195 32.41 19.24 -62.21
CA GLY Q 195 31.85 18.72 -60.98
C GLY Q 195 31.14 17.39 -61.14
N ARG Q 196 30.29 17.28 -62.18
CA ARG Q 196 29.65 16.00 -62.48
C ARG Q 196 30.68 14.95 -62.82
N LEU Q 197 31.72 15.34 -63.55
CA LEU Q 197 32.80 14.43 -63.90
C LEU Q 197 33.55 13.94 -62.66
N ALA Q 198 33.78 14.83 -61.70
CA ALA Q 198 34.48 14.45 -60.48
C ALA Q 198 33.63 13.55 -59.59
N MET Q 199 32.33 13.82 -59.50
CA MET Q 199 31.44 12.94 -58.75
C MET Q 199 31.41 11.54 -59.36
N LEU Q 200 31.35 11.46 -60.69
CA LEU Q 200 31.39 10.17 -61.37
C LEU Q 200 32.75 9.49 -61.17
N GLY Q 201 33.82 10.27 -61.13
CA GLY Q 201 35.14 9.71 -60.88
C GLY Q 201 35.29 9.15 -59.48
N ILE Q 202 34.69 9.81 -58.50
CA ILE Q 202 34.71 9.29 -57.14
C ILE Q 202 33.94 7.97 -57.07
N ILE Q 203 32.78 7.92 -57.74
CA ILE Q 203 32.00 6.67 -57.81
C ILE Q 203 32.84 5.56 -58.43
N SER Q 204 33.50 5.86 -59.55
CA SER Q 204 34.28 4.84 -60.26
C SER Q 204 35.49 4.38 -59.46
N ILE Q 205 36.16 5.31 -58.77
CA ILE Q 205 37.33 4.96 -57.97
C ILE Q 205 36.93 4.10 -56.78
N VAL Q 206 35.82 4.43 -56.12
CA VAL Q 206 35.34 3.62 -55.00
C VAL Q 206 34.96 2.22 -55.46
N THR Q 207 34.23 2.12 -56.58
CA THR Q 207 33.83 0.81 -57.09
C THR Q 207 35.04 -0.02 -57.52
N ALA Q 208 36.01 0.59 -58.19
CA ALA Q 208 37.22 -0.13 -58.56
C ALA Q 208 38.06 -0.52 -57.34
N SER Q 209 37.93 0.22 -56.25
CA SER Q 209 38.66 -0.16 -55.03
C SER Q 209 38.00 -1.33 -54.32
N VAL Q 210 36.66 -1.34 -54.26
CA VAL Q 210 35.98 -2.37 -53.47
C VAL Q 210 35.68 -3.64 -54.26
N PHE Q 211 35.79 -3.62 -55.59
CA PHE Q 211 35.62 -4.81 -56.40
C PHE Q 211 36.94 -5.52 -56.69
N THR Q 212 38.07 -4.99 -56.22
CA THR Q 212 39.37 -5.54 -56.52
C THR Q 212 40.24 -5.72 -55.27
N GLY Q 213 39.93 -5.04 -54.17
CA GLY Q 213 40.74 -5.07 -52.98
C GLY Q 213 41.95 -4.16 -53.00
N THR Q 214 42.19 -3.46 -54.10
CA THR Q 214 43.25 -2.47 -54.16
C THR Q 214 42.89 -1.28 -53.28
N PRO Q 215 43.82 -0.80 -52.45
CA PRO Q 215 43.55 0.43 -51.67
C PRO Q 215 43.34 1.63 -52.59
N VAL Q 216 42.58 2.60 -52.09
CA VAL Q 216 42.11 3.72 -52.90
C VAL Q 216 43.28 4.58 -53.38
N VAL Q 217 44.26 4.80 -52.51
CA VAL Q 217 45.49 5.48 -52.92
C VAL Q 217 46.22 4.67 -53.98
N ASP Q 218 46.26 3.34 -53.82
CA ASP Q 218 46.90 2.51 -54.82
C ASP Q 218 46.07 2.44 -56.10
N THR Q 219 44.74 2.46 -55.99
CA THR Q 219 43.89 2.47 -57.17
C THR Q 219 44.09 3.75 -57.98
N ILE Q 220 44.22 4.88 -57.29
CA ILE Q 220 44.56 6.13 -57.96
C ILE Q 220 45.95 6.06 -58.58
N ASN Q 221 46.93 5.47 -57.87
CA ASN Q 221 48.29 5.41 -58.40
C ASN Q 221 48.41 4.53 -59.65
N LEU Q 222 47.67 3.43 -59.70
CA LEU Q 222 47.60 2.63 -60.92
C LEU Q 222 46.79 3.33 -62.01
N GLY Q 223 45.66 3.95 -61.66
CA GLY Q 223 44.88 4.64 -62.67
C GLY Q 223 45.57 5.87 -63.25
N MET Q 224 46.50 6.46 -62.52
CA MET Q 224 47.37 7.49 -63.07
C MET Q 224 48.71 6.94 -63.55
N GLY Q 225 48.85 5.61 -63.61
CA GLY Q 225 50.07 4.99 -64.12
C GLY Q 225 51.33 5.18 -63.31
N LYS Q 226 51.25 5.06 -61.99
CA LYS Q 226 52.38 5.13 -61.05
C LYS Q 226 53.16 6.44 -61.15
N ILE Q 227 52.47 7.53 -61.51
CA ILE Q 227 53.15 8.82 -61.60
C ILE Q 227 53.46 9.36 -60.20
N LEU Q 228 52.50 9.22 -59.28
CA LEU Q 228 52.66 9.76 -57.93
C LEU Q 228 53.78 9.05 -57.16
N TYR Q 229 53.85 7.73 -57.26
CA TYR Q 229 54.90 6.94 -56.61
C TYR Q 229 55.00 5.56 -57.25
N ALA R 38 -63.94 -22.67 61.98
CA ALA R 38 -63.16 -23.06 60.82
C ALA R 38 -61.76 -23.48 61.23
N MET R 39 -61.66 -24.15 62.39
CA MET R 39 -60.39 -24.63 62.90
C MET R 39 -60.34 -26.15 62.80
N SER R 40 -59.12 -26.68 62.79
CA SER R 40 -58.90 -28.12 62.76
C SER R 40 -59.36 -28.77 64.06
N ASP R 41 -60.08 -29.89 63.93
CA ASP R 41 -60.52 -30.62 65.10
C ASP R 41 -59.35 -31.32 65.79
N SER R 42 -58.45 -31.91 65.02
CA SER R 42 -57.32 -32.63 65.61
C SER R 42 -56.31 -31.67 66.24
N VAL R 43 -56.01 -30.57 65.56
CA VAL R 43 -55.05 -29.57 66.02
C VAL R 43 -55.83 -28.26 66.23
N PRO R 44 -56.35 -28.01 67.44
CA PRO R 44 -57.34 -26.94 67.61
C PRO R 44 -56.83 -25.53 67.38
N PHE R 45 -55.52 -25.29 67.43
CA PHE R 45 -54.98 -23.95 67.19
C PHE R 45 -54.63 -23.71 65.74
N LEU R 46 -55.00 -24.61 64.83
CA LEU R 46 -54.73 -24.46 63.41
C LEU R 46 -56.03 -24.48 62.63
N LYS R 47 -56.02 -23.78 61.49
CA LYS R 47 -57.22 -23.67 60.67
C LYS R 47 -57.55 -25.00 60.00
N GLN R 48 -58.82 -25.16 59.68
CA GLN R 48 -59.25 -26.32 58.92
C GLN R 48 -58.78 -26.20 57.49
N PRO R 49 -58.05 -27.19 56.96
CA PRO R 49 -57.63 -27.13 55.56
C PRO R 49 -58.81 -27.18 54.60
N GLU R 50 -58.74 -26.37 53.56
CA GLU R 50 -59.89 -26.19 52.68
C GLU R 50 -60.13 -27.41 51.79
N ALA R 51 -59.07 -28.15 51.43
CA ALA R 51 -59.27 -29.37 50.67
C ALA R 51 -59.85 -30.49 51.51
N LEU R 52 -59.65 -30.44 52.83
CA LEU R 52 -60.32 -31.36 53.74
C LEU R 52 -61.74 -30.89 54.00
N ASP R 53 -62.69 -31.83 54.00
CA ASP R 53 -64.08 -31.51 54.26
C ASP R 53 -64.76 -32.41 55.28
N GLY R 54 -64.24 -33.61 55.55
CA GLY R 54 -64.87 -34.54 56.46
C GLY R 54 -65.59 -35.69 55.79
N SER R 55 -65.69 -35.68 54.45
CA SER R 55 -66.40 -36.75 53.76
C SER R 55 -65.62 -38.06 53.79
N MET R 56 -64.31 -38.00 53.58
CA MET R 56 -63.48 -39.19 53.53
C MET R 56 -63.33 -39.82 54.92
N ALA R 57 -63.20 -41.14 54.94
CA ALA R 57 -63.05 -41.86 56.20
C ALA R 57 -61.70 -41.59 56.83
N GLY R 58 -61.70 -41.20 58.09
CA GLY R 58 -60.49 -40.84 58.79
C GLY R 58 -60.18 -39.36 58.79
N ASP R 59 -61.05 -38.54 58.22
CA ASP R 59 -60.87 -37.09 58.18
C ASP R 59 -61.12 -36.51 59.57
N VAL R 60 -60.06 -36.02 60.20
CA VAL R 60 -60.17 -35.29 61.46
C VAL R 60 -59.59 -33.89 61.33
N GLY R 61 -59.52 -33.39 60.10
CA GLY R 61 -58.94 -32.08 59.83
C GLY R 61 -57.45 -32.02 60.10
N PHE R 62 -56.72 -33.11 59.81
CA PHE R 62 -55.30 -33.18 60.13
C PHE R 62 -54.49 -33.00 58.85
N ASP R 63 -54.13 -31.76 58.56
CA ASP R 63 -53.13 -31.45 57.55
C ASP R 63 -52.44 -30.14 57.93
N PRO R 64 -51.62 -30.15 58.98
CA PRO R 64 -51.03 -28.89 59.46
C PRO R 64 -50.09 -28.23 58.46
N LEU R 65 -49.31 -29.02 57.72
CA LEU R 65 -48.37 -28.46 56.77
C LEU R 65 -49.00 -28.14 55.41
N GLY R 66 -50.30 -28.37 55.26
CA GLY R 66 -51.01 -28.04 54.04
C GLY R 66 -50.59 -28.79 52.80
N PHE R 67 -50.34 -30.09 52.93
CA PHE R 67 -50.01 -30.90 51.76
C PHE R 67 -51.18 -31.02 50.81
N SER R 68 -52.42 -31.01 51.32
CA SER R 68 -53.59 -31.09 50.46
C SER R 68 -53.81 -29.83 49.64
N SER R 69 -53.17 -28.72 50.01
CA SER R 69 -53.23 -27.51 49.20
C SER R 69 -52.35 -27.59 47.96
N ILE R 70 -51.35 -28.46 47.94
CA ILE R 70 -50.43 -28.57 46.82
C ILE R 70 -50.91 -29.67 45.89
N GLY R 71 -51.01 -30.89 46.40
CA GLY R 71 -51.45 -32.01 45.61
C GLY R 71 -52.97 -32.15 45.59
N ASP R 72 -53.45 -32.98 44.67
CA ASP R 72 -54.86 -33.33 44.63
C ASP R 72 -55.19 -34.22 45.82
N ILE R 73 -56.37 -34.00 46.41
CA ILE R 73 -56.78 -34.82 47.54
C ILE R 73 -57.15 -36.23 47.09
N ASN R 74 -57.53 -36.40 45.82
CA ASN R 74 -57.82 -37.74 45.30
C ASN R 74 -56.54 -38.55 45.11
N PHE R 75 -55.51 -37.92 44.54
CA PHE R 75 -54.19 -38.55 44.45
C PHE R 75 -53.64 -38.88 45.83
N LEU R 76 -53.78 -37.95 46.77
CA LEU R 76 -53.28 -38.16 48.13
C LEU R 76 -54.02 -39.30 48.83
N ARG R 77 -55.34 -39.40 48.66
CA ARG R 77 -56.09 -40.48 49.29
C ARG R 77 -55.79 -41.82 48.64
N GLU R 78 -55.61 -41.85 47.31
CA GLU R 78 -55.19 -43.07 46.63
C GLU R 78 -53.81 -43.52 47.10
N ALA R 79 -52.88 -42.57 47.27
CA ALA R 79 -51.55 -42.88 47.78
C ALA R 79 -51.60 -43.37 49.21
N GLU R 80 -52.44 -42.75 50.05
CA GLU R 80 -52.56 -43.16 51.45
C GLU R 80 -53.13 -44.57 51.56
N LEU R 81 -54.15 -44.87 50.77
CA LEU R 81 -54.73 -46.22 50.80
C LEU R 81 -53.75 -47.26 50.26
N LYS R 82 -53.00 -46.93 49.21
CA LYS R 82 -52.02 -47.89 48.68
C LYS R 82 -50.88 -48.14 49.67
N HIS R 83 -50.32 -47.07 50.26
CA HIS R 83 -49.29 -47.21 51.29
C HIS R 83 -49.82 -48.01 52.48
N GLY R 84 -51.07 -47.73 52.90
CA GLY R 84 -51.66 -48.43 54.03
C GLY R 84 -51.93 -49.90 53.79
N ARG R 85 -52.47 -50.25 52.61
CA ARG R 85 -52.76 -51.65 52.29
C ARG R 85 -51.47 -52.45 52.12
N ILE R 86 -50.48 -51.86 51.46
CA ILE R 86 -49.19 -52.50 51.29
C ILE R 86 -48.50 -52.67 52.64
N ALA R 87 -48.68 -51.71 53.54
CA ALA R 87 -48.08 -51.82 54.87
C ALA R 87 -48.82 -52.82 55.75
N MET R 88 -50.14 -52.94 55.58
CA MET R 88 -50.87 -53.99 56.30
C MET R 88 -50.40 -55.37 55.88
N LEU R 89 -50.24 -55.57 54.57
CA LEU R 89 -49.73 -56.84 54.06
C LEU R 89 -48.30 -57.09 54.53
N ALA R 90 -47.47 -56.04 54.58
CA ALA R 90 -46.09 -56.21 55.01
C ALA R 90 -45.98 -56.49 56.50
N ALA R 91 -46.83 -55.87 57.32
CA ALA R 91 -46.85 -56.12 58.75
C ALA R 91 -47.27 -57.56 59.03
N ALA R 92 -48.37 -58.00 58.41
CA ALA R 92 -48.82 -59.38 58.58
C ALA R 92 -47.78 -60.36 58.04
N GLY R 93 -47.09 -59.98 56.96
CA GLY R 93 -46.04 -60.82 56.43
C GLY R 93 -44.85 -60.96 57.35
N SER R 94 -44.42 -59.85 57.97
CA SER R 94 -43.32 -59.92 58.92
C SER R 94 -43.68 -60.78 60.13
N ILE R 95 -44.92 -60.65 60.61
CA ILE R 95 -45.39 -61.46 61.74
C ILE R 95 -45.40 -62.95 61.37
N ALA R 96 -45.98 -63.28 60.21
CA ALA R 96 -46.11 -64.69 59.83
C ALA R 96 -44.78 -65.31 59.43
N GLN R 97 -43.90 -64.53 58.79
CA GLN R 97 -42.58 -65.01 58.45
C GLN R 97 -41.71 -65.21 59.70
N ASP R 98 -41.96 -64.45 60.76
CA ASP R 98 -41.44 -64.87 62.06
C ASP R 98 -42.07 -66.17 62.52
N ILE R 99 -43.39 -66.31 62.36
CA ILE R 99 -44.09 -67.47 62.90
C ILE R 99 -43.69 -68.76 62.18
N PHE R 100 -43.70 -68.75 60.84
CA PHE R 100 -43.43 -69.95 60.09
C PHE R 100 -42.91 -69.58 58.71
N THR R 101 -42.53 -70.60 57.95
CA THR R 101 -42.11 -70.45 56.57
C THR R 101 -42.78 -71.53 55.71
N PHE R 102 -42.88 -71.25 54.43
CA PHE R 102 -43.46 -72.20 53.48
C PHE R 102 -42.47 -73.35 53.24
N PRO R 103 -42.95 -74.50 52.76
CA PRO R 103 -42.04 -75.64 52.53
C PRO R 103 -40.98 -75.34 51.48
N GLY R 104 -39.72 -75.56 51.85
CA GLY R 104 -38.58 -75.41 50.97
C GLY R 104 -37.90 -74.06 51.05
N VAL R 105 -38.55 -73.06 51.65
CA VAL R 105 -37.95 -71.73 51.72
C VAL R 105 -36.76 -71.71 52.65
N SER R 106 -36.74 -72.58 53.67
CA SER R 106 -35.62 -72.61 54.60
C SER R 106 -34.34 -73.10 53.94
N LYS R 107 -34.45 -73.97 52.95
CA LYS R 107 -33.27 -74.44 52.22
C LYS R 107 -32.63 -73.32 51.41
N VAL R 108 -33.44 -72.57 50.66
CA VAL R 108 -32.92 -71.49 49.82
C VAL R 108 -32.46 -70.32 50.67
N VAL R 109 -33.19 -70.00 51.74
CA VAL R 109 -32.95 -68.80 52.51
C VAL R 109 -31.94 -69.03 53.63
N GLY R 110 -32.05 -70.13 54.35
CA GLY R 110 -31.24 -70.32 55.54
C GLY R 110 -31.81 -69.55 56.72
N THR R 111 -30.90 -69.08 57.58
CA THR R 111 -31.29 -68.30 58.76
C THR R 111 -31.25 -66.80 58.45
N ALA R 112 -32.05 -66.41 57.46
CA ALA R 112 -32.21 -65.01 57.08
C ALA R 112 -33.66 -64.61 57.25
N LYS R 113 -33.89 -63.46 57.87
CA LYS R 113 -35.23 -62.94 58.11
C LYS R 113 -35.31 -61.51 57.63
N MET R 114 -36.54 -61.08 57.35
CA MET R 114 -36.94 -59.71 56.97
C MET R 114 -36.22 -59.34 55.68
N THR R 115 -35.76 -58.09 55.54
CA THR R 115 -35.18 -57.57 54.30
C THR R 115 -33.96 -58.34 53.83
N GLY R 116 -33.30 -59.08 54.74
CA GLY R 116 -32.18 -59.93 54.39
C GLY R 116 -32.51 -61.02 53.39
N VAL R 117 -33.78 -61.42 53.28
CA VAL R 117 -34.09 -62.41 52.26
C VAL R 117 -34.14 -61.80 50.86
N HIS R 118 -34.38 -60.47 50.76
CA HIS R 118 -34.70 -59.78 49.51
C HIS R 118 -33.66 -60.07 48.44
N ASP R 119 -32.39 -59.77 48.75
CA ASP R 119 -31.28 -59.99 47.82
C ASP R 119 -31.16 -61.45 47.40
N ILE R 120 -31.31 -62.37 48.38
CA ILE R 120 -31.26 -63.80 48.06
C ILE R 120 -32.38 -64.15 47.10
N LEU R 121 -33.58 -63.67 47.38
CA LEU R 121 -34.72 -63.96 46.53
C LEU R 121 -34.72 -63.10 45.28
N VAL R 122 -33.77 -62.17 45.15
CA VAL R 122 -33.52 -61.51 43.88
C VAL R 122 -32.61 -62.38 43.01
N LYS R 123 -31.63 -63.06 43.63
CA LYS R 123 -30.82 -64.01 42.86
C LYS R 123 -31.65 -65.21 42.46
N GLN R 124 -32.57 -65.63 43.33
CA GLN R 124 -33.62 -66.57 42.97
C GLN R 124 -34.72 -65.82 42.21
N GLY R 125 -35.67 -66.55 41.65
CA GLY R 125 -36.65 -65.93 40.80
C GLY R 125 -37.89 -65.40 41.48
N ALA R 126 -37.94 -65.40 42.82
CA ALA R 126 -39.19 -65.08 43.52
C ALA R 126 -39.56 -63.60 43.40
N MET R 127 -38.61 -62.71 43.66
CA MET R 127 -38.94 -61.28 43.68
C MET R 127 -39.18 -60.73 42.29
N GLY R 128 -38.51 -61.29 41.27
CA GLY R 128 -38.81 -60.89 39.90
C GLY R 128 -40.21 -61.26 39.48
N GLN R 129 -40.67 -62.46 39.86
CA GLN R 129 -42.04 -62.86 39.56
C GLN R 129 -43.05 -62.02 40.32
N LEU R 130 -42.75 -61.73 41.60
CA LEU R 130 -43.63 -60.86 42.39
C LEU R 130 -43.73 -59.47 41.77
N LEU R 131 -42.60 -58.91 41.36
CA LEU R 131 -42.57 -57.60 40.74
C LEU R 131 -43.30 -57.60 39.41
N LEU R 132 -43.16 -58.67 38.62
CA LEU R 132 -43.84 -58.77 37.34
C LEU R 132 -45.36 -58.74 37.51
N TRP R 133 -45.88 -59.55 38.43
CA TRP R 133 -47.33 -59.61 38.56
C TRP R 133 -47.91 -58.39 39.28
N LEU R 134 -47.16 -57.82 40.24
CA LEU R 134 -47.64 -56.58 40.85
C LEU R 134 -47.54 -55.40 39.90
N SER R 135 -46.56 -55.40 38.99
CA SER R 135 -46.48 -54.38 37.96
C SER R 135 -47.64 -54.51 36.98
N PHE R 136 -48.00 -55.74 36.64
CA PHE R 136 -49.17 -55.97 35.80
C PHE R 136 -50.43 -55.45 36.47
N LEU R 137 -50.58 -55.67 37.78
CA LEU R 137 -51.72 -55.11 38.50
C LEU R 137 -51.65 -53.58 38.57
N GLU R 138 -50.45 -53.03 38.71
CA GLU R 138 -50.30 -51.59 38.86
C GLU R 138 -50.44 -50.83 37.55
N VAL R 139 -50.42 -51.52 36.41
CA VAL R 139 -50.79 -50.86 35.16
C VAL R 139 -52.26 -50.46 35.19
N PHE R 140 -53.14 -51.39 35.57
CA PHE R 140 -54.55 -51.07 35.74
C PHE R 140 -54.76 -50.19 36.97
N GLY R 141 -53.85 -50.26 37.94
CA GLY R 141 -53.86 -49.28 39.02
C GLY R 141 -53.60 -47.88 38.53
N THR R 142 -52.68 -47.73 37.56
CA THR R 142 -52.41 -46.42 36.96
C THR R 142 -53.62 -45.91 36.20
N ILE R 143 -54.28 -46.79 35.45
CA ILE R 143 -55.50 -46.40 34.74
C ILE R 143 -56.59 -46.00 35.73
N ALA R 144 -56.71 -46.73 36.85
CA ALA R 144 -57.70 -46.41 37.87
C ALA R 144 -57.39 -45.09 38.56
N LEU R 145 -56.11 -44.82 38.82
CA LEU R 145 -55.72 -43.55 39.45
C LEU R 145 -56.03 -42.36 38.53
N LEU R 146 -55.76 -42.52 37.24
CA LEU R 146 -56.09 -41.45 36.29
C LEU R 146 -57.59 -41.28 36.12
N GLU R 147 -58.34 -42.39 36.23
CA GLU R 147 -59.80 -42.30 36.24
C GLU R 147 -60.28 -41.53 37.47
N THR R 148 -59.66 -41.77 38.62
CA THR R 148 -59.99 -41.03 39.84
C THR R 148 -59.63 -39.55 39.71
N LEU R 149 -58.47 -39.25 39.11
CA LEU R 149 -58.07 -37.86 38.89
C LEU R 149 -58.99 -37.15 37.91
N ASP R 150 -59.57 -37.88 36.97
CA ASP R 150 -60.67 -37.34 36.17
C ASP R 150 -61.86 -37.00 37.05
N GLY R 151 -62.20 -37.89 37.96
CA GLY R 151 -63.35 -37.74 38.82
C GLY R 151 -64.44 -38.75 38.57
N LYS R 152 -64.11 -39.92 38.03
CA LYS R 152 -65.08 -40.96 37.72
C LYS R 152 -65.00 -42.14 38.68
N ARG R 153 -64.13 -42.07 39.69
CA ARG R 153 -63.88 -43.21 40.57
C ARG R 153 -63.38 -42.69 41.91
N ALA R 154 -63.93 -43.25 42.98
CA ALA R 154 -63.47 -42.92 44.32
C ALA R 154 -62.05 -43.44 44.53
N PRO R 155 -61.22 -42.70 45.29
CA PRO R 155 -59.82 -43.12 45.48
C PRO R 155 -59.73 -44.41 46.29
N GLY R 156 -59.01 -45.39 45.73
CA GLY R 156 -58.88 -46.69 46.33
C GLY R 156 -60.07 -47.61 46.13
N ASP R 157 -61.04 -47.21 45.32
CA ASP R 157 -62.25 -48.01 45.08
C ASP R 157 -62.02 -48.88 43.85
N PHE R 158 -61.56 -50.10 44.09
CA PHE R 158 -61.40 -51.06 43.00
C PHE R 158 -62.61 -51.98 42.87
N LYS R 159 -63.66 -51.74 43.66
CA LYS R 159 -64.89 -52.54 43.68
C LYS R 159 -64.61 -54.02 43.94
N PHE R 160 -63.64 -54.29 44.80
CA PHE R 160 -63.24 -55.65 45.13
C PHE R 160 -63.90 -56.03 46.44
N ASP R 161 -65.13 -56.54 46.34
CA ASP R 161 -65.84 -57.13 47.47
C ASP R 161 -66.48 -58.45 47.03
N PRO R 162 -65.68 -59.50 46.84
CA PRO R 162 -66.26 -60.77 46.39
C PRO R 162 -67.05 -61.50 47.46
N LEU R 163 -66.90 -61.13 48.72
CA LEU R 163 -67.64 -61.76 49.81
C LEU R 163 -68.84 -60.94 50.26
N ASN R 164 -69.05 -59.77 49.67
CA ASN R 164 -70.16 -58.85 49.96
C ASN R 164 -70.21 -58.49 51.44
N PHE R 165 -69.08 -57.98 51.93
CA PHE R 165 -68.99 -57.60 53.34
C PHE R 165 -69.74 -56.30 53.62
N SER R 166 -69.65 -55.34 52.70
CA SER R 166 -70.31 -54.04 52.88
C SER R 166 -71.64 -54.03 52.14
N LYS R 167 -72.62 -54.69 52.77
CA LYS R 167 -73.99 -54.62 52.25
C LYS R 167 -74.65 -53.30 52.64
N ASN R 168 -74.74 -53.02 53.93
CA ASN R 168 -75.29 -51.75 54.39
C ASN R 168 -74.29 -50.62 54.14
N PRO R 169 -74.78 -49.41 53.84
CA PRO R 169 -73.86 -48.26 53.80
C PRO R 169 -73.22 -47.93 55.15
N GLU R 170 -73.91 -48.23 56.25
CA GLU R 170 -73.32 -48.01 57.57
C GLU R 170 -72.14 -48.93 57.83
N THR R 171 -72.31 -50.22 57.53
CA THR R 171 -71.21 -51.17 57.60
C THR R 171 -70.08 -50.78 56.65
N PHE R 172 -70.42 -50.23 55.48
CA PHE R 172 -69.41 -49.70 54.57
C PHE R 172 -68.61 -48.57 55.20
N LYS R 173 -69.29 -47.65 55.90
CA LYS R 173 -68.61 -46.54 56.56
C LYS R 173 -67.70 -47.04 57.68
N ARG R 174 -68.19 -47.99 58.47
CA ARG R 174 -67.39 -48.54 59.57
C ARG R 174 -66.17 -49.29 59.05
N TYR R 175 -66.34 -50.08 58.00
CA TYR R 175 -65.20 -50.77 57.39
C TYR R 175 -64.24 -49.81 56.72
N GLN R 176 -64.73 -48.71 56.16
CA GLN R 176 -63.84 -47.70 55.58
C GLN R 176 -62.96 -47.06 56.65
N LEU R 177 -63.59 -46.65 57.77
CA LEU R 177 -62.83 -46.09 58.88
C LEU R 177 -61.84 -47.09 59.45
N ALA R 178 -62.25 -48.35 59.56
CA ALA R 178 -61.35 -49.38 60.08
C ALA R 178 -60.19 -49.64 59.14
N GLU R 179 -60.46 -49.64 57.83
CA GLU R 179 -59.41 -49.83 56.84
C GLU R 179 -58.38 -48.72 56.87
N ILE R 180 -58.84 -47.46 56.91
CA ILE R 180 -57.88 -46.36 56.90
C ILE R 180 -57.10 -46.29 58.21
N LYS R 181 -57.75 -46.63 59.33
CA LYS R 181 -57.07 -46.59 60.63
C LYS R 181 -56.04 -47.71 60.73
N ASN R 182 -56.41 -48.92 60.31
CA ASN R 182 -55.46 -50.03 60.32
C ASN R 182 -54.34 -49.82 59.32
N GLY R 183 -54.62 -49.16 58.18
CA GLY R 183 -53.55 -48.89 57.23
C GLY R 183 -52.53 -47.91 57.78
N ARG R 184 -52.99 -46.83 58.41
CA ARG R 184 -52.06 -45.90 59.05
C ARG R 184 -51.28 -46.55 60.19
N LEU R 185 -51.98 -47.33 61.03
CA LEU R 185 -51.34 -48.05 62.12
C LEU R 185 -50.29 -49.03 61.61
N ALA R 186 -50.58 -49.72 60.52
CA ALA R 186 -49.66 -50.69 59.96
C ALA R 186 -48.50 -50.03 59.25
N MET R 187 -48.70 -48.83 58.70
CA MET R 187 -47.60 -48.02 58.19
C MET R 187 -46.58 -47.77 59.29
N MET R 188 -47.06 -47.26 60.43
CA MET R 188 -46.19 -47.04 61.59
C MET R 188 -45.57 -48.35 62.08
N GLY R 189 -46.38 -49.40 62.16
CA GLY R 189 -45.90 -50.69 62.64
C GLY R 189 -44.79 -51.29 61.80
N VAL R 190 -44.98 -51.34 60.48
CA VAL R 190 -43.98 -51.94 59.61
C VAL R 190 -42.72 -51.07 59.56
N GLY R 191 -42.85 -49.74 59.70
CA GLY R 191 -41.67 -48.90 59.86
C GLY R 191 -40.87 -49.28 61.09
N GLY R 192 -41.56 -49.44 62.21
CA GLY R 192 -40.90 -49.88 63.44
C GLY R 192 -40.27 -51.25 63.33
N MET R 193 -40.96 -52.19 62.67
CA MET R 193 -40.45 -53.55 62.56
C MET R 193 -39.18 -53.61 61.71
N VAL R 194 -39.20 -52.96 60.55
CA VAL R 194 -38.01 -53.03 59.70
C VAL R 194 -36.85 -52.23 60.28
N HIS R 195 -37.11 -51.13 61.00
CA HIS R 195 -35.97 -50.42 61.58
C HIS R 195 -35.44 -51.13 62.82
N GLY R 196 -36.30 -51.81 63.58
CA GLY R 196 -35.82 -52.69 64.64
C GLY R 196 -35.04 -53.87 64.11
N TYR R 197 -35.40 -54.38 62.93
CA TYR R 197 -34.57 -55.39 62.28
C TYR R 197 -33.23 -54.81 61.87
N PHE R 198 -33.21 -53.56 61.38
CA PHE R 198 -31.94 -52.93 61.04
C PHE R 198 -31.05 -52.76 62.26
N ILE R 199 -31.64 -52.57 63.45
CA ILE R 199 -30.83 -52.42 64.64
C ILE R 199 -30.36 -53.78 65.18
N THR R 200 -31.28 -54.72 65.37
CA THR R 200 -30.92 -55.96 66.05
C THR R 200 -30.82 -57.19 65.17
N GLY R 201 -31.41 -57.18 63.99
CA GLY R 201 -31.43 -58.36 63.14
C GLY R 201 -32.23 -59.51 63.70
N LYS R 202 -33.26 -59.23 64.49
CA LYS R 202 -34.07 -60.27 65.11
C LYS R 202 -35.31 -60.62 64.29
N GLY R 203 -36.16 -59.64 64.01
CA GLY R 203 -37.52 -59.91 63.60
C GLY R 203 -38.48 -59.36 64.62
N PRO R 204 -39.67 -58.94 64.17
CA PRO R 204 -40.64 -58.30 65.09
C PRO R 204 -41.10 -59.18 66.24
N LEU R 205 -41.21 -60.49 66.06
CA LEU R 205 -41.64 -61.35 67.15
C LEU R 205 -40.48 -61.88 67.97
N GLU R 206 -39.31 -62.05 67.37
CA GLU R 206 -38.12 -62.43 68.13
C GLU R 206 -37.67 -61.32 69.06
N LEU R 207 -37.81 -60.06 68.64
CA LEU R 207 -37.39 -58.93 69.47
C LEU R 207 -38.26 -58.80 70.72
N LEU R 208 -39.54 -59.14 70.63
CA LEU R 208 -40.40 -59.13 71.81
C LEU R 208 -39.98 -60.19 72.82
N GLY R 209 -39.66 -61.38 72.34
CA GLY R 209 -39.20 -62.46 73.19
C GLY R 209 -37.75 -62.40 73.58
N ASN R 210 -37.01 -61.41 73.07
CA ASN R 210 -35.59 -61.25 73.42
C ASN R 210 -35.30 -59.74 73.40
N PHE R 211 -35.35 -59.13 74.60
CA PHE R 211 -35.31 -57.69 74.87
C PHE R 211 -35.96 -56.80 73.82
N LEU S 41 35.08 84.56 9.94
CA LEU S 41 36.35 85.24 9.73
C LEU S 41 37.52 84.39 10.21
N ALA S 42 37.25 83.51 11.19
CA ALA S 42 38.28 82.59 11.68
C ALA S 42 38.70 81.61 10.59
N ILE S 43 37.74 81.04 9.88
CA ILE S 43 37.99 80.12 8.78
C ILE S 43 37.43 80.75 7.51
N PRO S 44 38.27 81.41 6.71
CA PRO S 44 37.76 82.21 5.58
C PRO S 44 37.24 81.39 4.41
N PHE S 45 37.67 80.14 4.24
CA PHE S 45 37.23 79.35 3.09
C PHE S 45 35.89 78.65 3.32
N LEU S 46 35.36 78.70 4.53
CA LEU S 46 34.04 78.17 4.83
C LEU S 46 33.06 79.33 4.99
N LYS S 47 31.79 79.05 4.71
CA LYS S 47 30.77 80.07 4.77
C LYS S 47 30.55 80.54 6.22
N ALA S 48 30.11 81.79 6.34
CA ALA S 48 29.87 82.38 7.65
C ALA S 48 28.75 81.65 8.38
N PRO S 49 28.85 81.47 9.70
CA PRO S 49 27.76 80.85 10.45
C PRO S 49 26.55 81.78 10.53
N ALA S 50 25.40 81.29 10.11
CA ALA S 50 24.21 82.12 9.99
C ALA S 50 23.58 82.42 11.34
N ASN S 51 23.87 81.62 12.36
CA ASN S 51 23.31 81.80 13.70
C ASN S 51 24.28 82.52 14.63
N LEU S 52 25.30 83.18 14.07
CA LEU S 52 26.32 83.87 14.84
C LEU S 52 26.33 85.35 14.48
N ASP S 53 26.61 86.19 15.48
CA ASP S 53 26.63 87.64 15.31
C ASP S 53 27.79 88.21 16.12
N SER S 54 28.27 89.38 15.68
CA SER S 54 29.38 90.04 16.35
C SER S 54 29.02 90.61 17.71
N SER S 55 27.72 90.69 18.04
CA SER S 55 27.31 91.14 19.37
C SER S 55 27.71 90.14 20.45
N MET S 56 27.82 88.86 20.10
CA MET S 56 28.20 87.83 21.05
C MET S 56 29.64 88.04 21.53
N PRO S 57 29.88 88.01 22.84
CA PRO S 57 31.25 88.19 23.36
C PRO S 57 32.16 87.04 22.97
N GLY S 58 33.34 87.37 22.44
CA GLY S 58 34.25 86.37 21.95
C GLY S 58 33.93 85.83 20.58
N TYR S 59 33.09 86.52 19.81
CA TYR S 59 32.78 86.11 18.45
C TYR S 59 34.01 86.21 17.56
N ALA S 60 34.31 85.14 16.84
CA ALA S 60 35.31 85.16 15.78
C ALA S 60 34.81 84.49 14.52
N GLY S 61 33.51 84.18 14.43
CA GLY S 61 32.98 83.45 13.30
C GLY S 61 33.51 82.04 13.20
N PHE S 62 33.71 81.38 14.33
CA PHE S 62 34.34 80.06 14.38
C PHE S 62 33.29 79.03 14.75
N ASP S 63 32.65 78.45 13.74
CA ASP S 63 31.77 77.30 13.91
C ASP S 63 31.73 76.49 12.63
N PRO S 64 32.84 75.80 12.30
CA PRO S 64 32.87 75.03 11.04
C PRO S 64 31.94 73.84 11.03
N LEU S 65 31.68 73.21 12.18
CA LEU S 65 30.80 72.06 12.22
C LEU S 65 29.33 72.45 12.13
N GLY S 66 28.97 73.59 12.72
CA GLY S 66 27.60 74.05 12.68
C GLY S 66 26.77 73.61 13.87
N PHE S 67 27.37 73.69 15.06
CA PHE S 67 26.64 73.38 16.29
C PHE S 67 25.54 74.39 16.57
N SER S 68 25.78 75.66 16.22
CA SER S 68 24.78 76.70 16.44
C SER S 68 23.58 76.52 15.52
N ASP S 69 23.78 75.97 14.33
CA ASP S 69 22.68 75.72 13.42
C ASP S 69 21.78 74.57 13.85
N ASN S 70 22.24 73.74 14.80
CA ASN S 70 21.47 72.60 15.25
C ASN S 70 21.07 72.67 16.72
N TYR S 71 21.71 73.51 17.52
CA TYR S 71 21.40 73.62 18.94
C TYR S 71 21.13 75.08 19.29
N ASP S 72 20.42 75.27 20.40
CA ASP S 72 20.14 76.62 20.90
C ASP S 72 21.43 77.35 21.24
N ILE S 73 21.57 78.56 20.69
CA ILE S 73 22.80 79.34 20.87
C ILE S 73 23.00 79.74 22.33
N LYS S 74 21.92 80.11 23.02
CA LYS S 74 22.02 80.50 24.44
C LYS S 74 22.49 79.36 25.32
N TRP S 75 22.02 78.14 25.03
CA TRP S 75 22.47 76.95 25.74
C TRP S 75 23.96 76.72 25.52
N LEU S 76 24.43 76.97 24.30
CA LEU S 76 25.84 76.80 23.97
C LEU S 76 26.70 77.83 24.69
N GLN S 77 26.28 79.10 24.69
CA GLN S 77 27.04 80.14 25.38
C GLN S 77 27.07 79.91 26.88
N GLU S 78 25.96 79.42 27.45
CA GLU S 78 25.93 79.12 28.88
C GLU S 78 26.86 77.95 29.21
N SER S 79 26.83 76.90 28.38
CA SER S 79 27.74 75.78 28.57
C SER S 79 29.20 76.18 28.39
N GLU S 80 29.47 77.07 27.44
CA GLU S 80 30.84 77.54 27.21
C GLU S 80 31.34 78.32 28.42
N LEU S 81 30.49 79.18 28.99
CA LEU S 81 30.92 79.95 30.16
C LEU S 81 31.11 79.05 31.38
N LYS S 82 30.26 78.03 31.56
CA LYS S 82 30.45 77.15 32.70
C LYS S 82 31.67 76.27 32.55
N HIS S 83 31.89 75.69 31.35
CA HIS S 83 33.11 74.93 31.07
C HIS S 83 34.35 75.79 31.29
N GLY S 84 34.31 77.03 30.79
CA GLY S 84 35.32 78.06 31.04
C GLY S 84 35.66 78.30 32.50
N ARG S 85 34.68 78.79 33.27
CA ARG S 85 34.88 79.07 34.69
C ARG S 85 35.38 77.85 35.47
N VAL S 86 34.82 76.68 35.19
CA VAL S 86 35.24 75.46 35.88
C VAL S 86 36.67 75.10 35.50
N ALA S 87 37.06 75.38 34.24
CA ALA S 87 38.43 75.07 33.82
C ALA S 87 39.42 76.07 34.38
N MET S 88 39.04 77.34 34.54
CA MET S 88 39.89 78.31 35.22
C MET S 88 40.15 77.88 36.66
N LEU S 89 39.09 77.47 37.36
CA LEU S 89 39.24 76.96 38.72
C LEU S 89 40.10 75.69 38.75
N GLY S 90 39.97 74.83 37.74
CA GLY S 90 40.78 73.62 37.70
C GLY S 90 42.24 73.88 37.39
N VAL S 91 42.52 74.87 36.54
CA VAL S 91 43.89 75.29 36.27
C VAL S 91 44.56 75.79 37.55
N VAL S 92 43.84 76.61 38.33
CA VAL S 92 44.39 77.05 39.60
C VAL S 92 44.49 75.88 40.58
N GLY S 93 43.54 74.96 40.54
CA GLY S 93 43.55 73.81 41.42
C GLY S 93 44.54 72.72 41.09
N LEU S 94 45.19 72.79 39.94
CA LEU S 94 46.25 71.86 39.59
C LEU S 94 47.64 72.47 39.79
N LEU S 95 47.73 73.75 40.12
CA LEU S 95 49.00 74.44 40.31
C LEU S 95 49.31 74.67 41.79
N VAL S 96 48.37 75.28 42.51
CA VAL S 96 48.57 75.68 43.91
C VAL S 96 48.71 74.50 44.87
N PRO S 97 48.00 73.36 44.73
CA PRO S 97 48.32 72.20 45.59
C PRO S 97 49.72 71.60 45.42
N GLU S 98 50.50 72.03 44.43
CA GLU S 98 51.87 71.54 44.31
C GLU S 98 52.80 72.15 45.35
N PHE S 99 52.43 73.30 45.91
CA PHE S 99 53.28 74.01 46.87
C PHE S 99 52.70 74.09 48.27
N VAL S 100 51.40 74.33 48.41
CA VAL S 100 50.75 74.35 49.72
C VAL S 100 49.76 73.22 49.80
N HIS S 101 49.53 72.73 51.01
CA HIS S 101 48.61 71.62 51.24
C HIS S 101 47.81 71.89 52.50
N LEU S 102 46.61 71.32 52.54
CA LEU S 102 45.79 71.38 53.74
C LEU S 102 46.19 70.25 54.68
N PRO S 103 46.42 70.54 55.98
CA PRO S 103 46.82 69.48 56.91
C PRO S 103 45.75 68.42 57.14
N MET S 104 44.50 68.68 56.79
CA MET S 104 43.42 67.71 56.93
C MET S 104 43.55 66.53 55.98
N TYR S 105 44.38 66.64 54.95
CA TYR S 105 44.52 65.61 53.93
C TYR S 105 45.98 65.16 53.85
N ASP S 106 46.20 64.10 53.07
CA ASP S 106 47.54 63.63 52.77
C ASP S 106 48.01 64.28 51.48
N ALA S 107 49.22 64.84 51.50
CA ALA S 107 49.77 65.54 50.35
C ALA S 107 50.12 64.55 49.26
N ALA S 108 49.29 64.50 48.22
CA ALA S 108 49.64 63.77 47.01
C ALA S 108 50.83 64.42 46.33
N SER S 109 51.73 63.59 45.79
CA SER S 109 52.87 64.10 45.04
C SER S 109 52.44 64.89 43.82
N THR S 110 51.43 64.40 43.11
CA THR S 110 50.86 65.08 41.96
C THR S 110 49.52 65.70 42.34
N PRO S 111 49.28 66.98 42.03
CA PRO S 111 47.97 67.59 42.36
C PRO S 111 46.79 66.96 41.63
N TYR S 112 47.01 66.27 40.51
CA TYR S 112 45.95 65.52 39.86
C TYR S 112 45.62 64.24 40.63
N ASP S 113 46.62 63.64 41.28
CA ASP S 113 46.49 62.38 42.01
C ASP S 113 45.63 62.49 43.26
N ALA S 114 45.24 63.71 43.66
CA ALA S 114 44.58 63.93 44.95
C ALA S 114 43.23 63.22 45.05
N TYR S 115 42.56 62.98 43.93
CA TYR S 115 41.29 62.25 43.96
C TYR S 115 41.47 60.79 44.33
N THR S 116 42.69 60.25 44.28
CA THR S 116 42.96 58.87 44.64
C THR S 116 43.45 58.68 46.07
N THR S 117 43.68 59.76 46.82
CA THR S 117 44.27 59.62 48.14
C THR S 117 43.43 60.24 49.24
N VAL S 118 42.64 61.26 48.92
CA VAL S 118 41.64 61.78 49.86
C VAL S 118 40.50 60.78 49.92
N PRO S 119 39.68 60.77 50.98
CA PRO S 119 38.45 59.98 50.96
C PRO S 119 37.54 60.38 49.81
N ALA S 120 36.91 59.39 49.17
CA ALA S 120 36.05 59.66 48.03
C ALA S 120 34.73 60.31 48.44
N PHE S 121 34.34 60.21 49.70
CA PHE S 121 33.16 60.93 50.18
C PHE S 121 33.35 62.44 50.14
N ALA S 122 34.60 62.91 50.16
CA ALA S 122 34.88 64.31 49.85
C ALA S 122 34.42 64.66 48.44
N LEU S 123 34.77 63.84 47.46
CA LEU S 123 34.35 64.07 46.08
C LEU S 123 32.84 63.96 45.93
N THR S 124 32.22 63.01 46.63
CA THR S 124 30.75 62.89 46.61
C THR S 124 30.09 64.12 47.20
N GLN S 125 30.65 64.65 48.31
CA GLN S 125 30.14 65.89 48.90
C GLN S 125 30.32 67.07 47.96
N ILE S 126 31.46 67.14 47.27
CA ILE S 126 31.69 68.22 46.30
C ILE S 126 30.68 68.14 45.17
N LEU S 127 30.37 66.93 44.71
CA LEU S 127 29.32 66.72 43.71
C LEU S 127 27.97 67.22 44.20
N MET S 128 27.58 66.84 45.42
CA MET S 128 26.27 67.22 45.95
C MET S 128 26.18 68.72 46.23
N GLY S 129 27.25 69.31 46.74
CA GLY S 129 27.28 70.74 46.97
C GLY S 129 27.25 71.55 45.68
N CYS S 130 27.99 71.09 44.67
CA CYS S 130 27.90 71.70 43.35
C CYS S 130 26.49 71.58 42.79
N GLY S 131 25.82 70.44 43.01
CA GLY S 131 24.45 70.29 42.55
C GLY S 131 23.46 71.21 43.22
N ILE S 132 23.59 71.40 44.54
CA ILE S 132 22.71 72.35 45.22
C ILE S 132 23.07 73.78 44.80
N HIS S 133 24.34 74.05 44.47
CA HIS S 133 24.70 75.36 43.98
C HIS S 133 24.17 75.60 42.56
N GLU S 134 24.06 74.54 41.75
CA GLU S 134 23.41 74.67 40.45
C GLU S 134 21.92 74.91 40.62
N PHE S 135 21.31 74.25 41.62
CA PHE S 135 19.90 74.46 41.93
C PHE S 135 19.62 75.83 42.52
N ARG S 136 20.60 76.46 43.16
CA ARG S 136 20.38 77.72 43.84
C ARG S 136 20.73 78.93 42.97
N THR S 137 21.81 78.85 42.19
CA THR S 137 22.12 79.91 41.25
C THR S 137 21.09 80.00 40.13
N HIS S 138 20.61 78.86 39.65
CA HIS S 138 19.42 78.84 38.84
C HIS S 138 18.19 78.84 39.75
N LYS S 139 17.01 78.93 39.15
CA LYS S 139 15.76 78.92 39.90
C LYS S 139 15.07 77.58 39.80
N GLY S 140 15.86 76.52 39.76
CA GLY S 140 15.36 75.17 39.56
C GLY S 140 15.08 74.83 38.11
N LYS S 141 15.36 75.75 37.19
CA LYS S 141 15.13 75.53 35.77
C LYS S 141 16.43 75.05 35.09
N MET S 142 16.86 73.86 35.48
CA MET S 142 18.13 73.31 35.02
C MET S 142 17.97 72.46 33.77
N SER S 143 17.38 73.01 32.72
CA SER S 143 17.15 72.28 31.48
C SER S 143 16.97 73.27 30.35
N PRO S 144 17.25 72.89 29.11
CA PRO S 144 16.85 73.74 27.98
C PRO S 144 15.34 73.88 27.91
N ASP S 145 14.90 75.06 27.47
CA ASP S 145 13.54 75.56 27.30
C ASP S 145 12.90 75.88 28.65
N ASN S 146 13.61 75.59 29.74
CA ASN S 146 13.37 76.18 31.05
C ASN S 146 14.32 77.31 31.36
N MET S 147 15.55 77.22 30.86
CA MET S 147 16.52 78.30 31.00
C MET S 147 16.14 79.46 30.09
N PHE S 148 16.57 80.66 30.49
CA PHE S 148 16.48 81.92 29.74
C PHE S 148 15.05 82.38 29.49
N ASP S 149 14.05 81.78 30.12
CA ASP S 149 12.67 82.18 29.86
C ASP S 149 12.27 83.41 30.69
N ASP S 150 13.03 83.75 31.72
CA ASP S 150 12.89 85.03 32.42
C ASP S 150 13.52 86.19 31.66
N GLY S 151 13.98 85.97 30.43
CA GLY S 151 14.84 86.91 29.76
C GLY S 151 16.25 86.89 30.29
N ARG S 152 16.66 85.79 30.92
CA ARG S 152 18.00 85.65 31.46
C ARG S 152 19.03 85.59 30.34
N ALA S 153 20.11 86.34 30.51
CA ALA S 153 21.21 86.29 29.56
C ALA S 153 21.99 84.98 29.72
N PRO S 154 22.73 84.57 28.70
CA PRO S 154 23.63 83.44 28.90
C PRO S 154 24.80 83.77 29.80
N GLY S 155 24.85 83.15 30.98
CA GLY S 155 26.00 83.22 31.85
C GLY S 155 25.90 84.15 33.05
N ASP S 156 24.92 85.05 33.08
CA ASP S 156 24.81 85.97 34.21
C ASP S 156 24.03 85.33 35.37
N PHE S 157 24.60 85.43 36.56
CA PHE S 157 23.98 84.90 37.78
C PHE S 157 23.83 85.99 38.83
N GLY S 158 23.90 87.26 38.43
CA GLY S 158 23.86 88.37 39.35
C GLY S 158 25.07 88.47 40.26
N TRP S 159 26.26 88.33 39.71
CA TRP S 159 27.50 88.43 40.47
C TRP S 159 28.26 89.72 40.19
N GLY S 160 27.68 90.64 39.43
CA GLY S 160 28.33 91.90 39.14
C GLY S 160 27.35 93.01 38.82
N ASP S 165 30.24 95.62 30.64
CA ASP S 165 31.27 96.35 29.92
C ASP S 165 31.34 95.88 28.47
N ALA S 166 31.23 94.55 28.31
CA ALA S 166 31.21 93.77 27.06
C ALA S 166 32.60 93.66 26.44
N VAL S 167 33.59 94.32 27.03
CA VAL S 167 34.99 93.99 26.79
C VAL S 167 35.43 93.04 27.90
N MET S 168 34.86 93.23 29.10
CA MET S 168 35.10 92.33 30.21
C MET S 168 34.55 90.94 29.93
N ALA S 169 33.40 90.87 29.25
CA ALA S 169 32.82 89.59 28.87
C ALA S 169 33.72 88.86 27.87
N THR S 170 34.32 89.61 26.94
CA THR S 170 35.26 89.00 25.99
C THR S 170 36.52 88.53 26.71
N LYS S 171 37.01 89.31 27.69
CA LYS S 171 38.13 88.87 28.52
C LYS S 171 37.81 87.57 29.27
N GLU S 172 36.62 87.51 29.89
CA GLU S 172 36.13 86.27 30.52
C GLU S 172 36.14 85.10 29.55
N ILE S 173 35.53 85.29 28.38
CA ILE S 173 35.37 84.21 27.40
C ILE S 173 36.73 83.74 26.91
N LYS S 174 37.67 84.66 26.68
CA LYS S 174 38.98 84.26 26.19
C LYS S 174 39.82 83.61 27.29
N ASN S 175 39.81 84.17 28.51
CA ASN S 175 40.54 83.56 29.61
C ASN S 175 39.92 82.26 30.12
N GLY S 176 38.70 81.94 29.70
CA GLY S 176 38.16 80.62 30.01
C GLY S 176 38.44 79.65 28.89
N ARG S 177 38.37 80.16 27.65
CA ARG S 177 38.69 79.38 26.47
C ARG S 177 40.14 78.90 26.50
N LEU S 178 41.07 79.77 26.90
CA LEU S 178 42.46 79.39 27.07
C LEU S 178 42.63 78.41 28.21
N ALA S 179 41.89 78.62 29.30
CA ALA S 179 42.04 77.80 30.49
C ALA S 179 41.53 76.38 30.27
N MET S 180 40.59 76.20 29.35
CA MET S 180 40.12 74.85 29.03
C MET S 180 41.22 73.99 28.42
N LEU S 181 41.86 74.50 27.36
CA LEU S 181 42.96 73.79 26.74
C LEU S 181 44.16 73.68 27.68
N ALA S 182 44.41 74.73 28.46
CA ALA S 182 45.49 74.69 29.44
C ALA S 182 45.24 73.63 30.51
N PHE S 183 43.98 73.50 30.95
CA PHE S 183 43.64 72.48 31.92
C PHE S 183 43.82 71.08 31.37
N GLY S 184 43.41 70.88 30.11
CA GLY S 184 43.64 69.60 29.45
C GLY S 184 45.12 69.25 29.40
N GLY S 185 45.95 70.23 29.03
CA GLY S 185 47.38 70.00 28.98
C GLY S 185 47.99 69.70 30.34
N ILE S 186 47.61 70.49 31.36
CA ILE S 186 48.16 70.32 32.69
C ILE S 186 47.76 68.97 33.28
N LEU S 187 46.49 68.58 33.12
CA LEU S 187 46.04 67.30 33.65
C LEU S 187 46.75 66.14 32.95
N HIS S 188 46.82 66.16 31.62
CA HIS S 188 47.43 65.02 30.95
C HIS S 188 48.94 64.97 31.17
N GLN S 189 49.62 66.12 31.31
CA GLN S 189 51.05 66.05 31.66
C GLN S 189 51.25 65.52 33.08
N GLN S 190 50.46 66.00 34.05
CA GLN S 190 50.59 65.52 35.43
C GLN S 190 50.19 64.06 35.58
N LEU S 191 49.36 63.56 34.69
CA LEU S 191 49.05 62.14 34.68
C LEU S 191 50.17 61.32 34.03
N LEU S 192 50.73 61.80 32.92
CA LEU S 192 51.70 60.99 32.19
C LEU S 192 53.08 61.00 32.86
N THR S 193 53.49 62.11 33.46
CA THR S 193 54.82 62.15 34.07
C THR S 193 54.80 61.78 35.56
N LYS S 194 53.62 61.73 36.18
CA LYS S 194 53.44 61.50 37.62
C LYS S 194 54.26 62.48 38.46
N MET S 195 54.28 63.74 38.03
CA MET S 195 55.02 64.79 38.72
C MET S 195 54.30 66.11 38.52
N GLY S 196 54.58 67.06 39.42
CA GLY S 196 53.95 68.36 39.38
C GLY S 196 54.34 69.17 38.16
N THR S 197 53.54 70.20 37.88
CA THR S 197 53.74 71.03 36.69
C THR S 197 55.02 71.84 36.79
N ILE S 198 55.24 72.51 37.92
CA ILE S 198 56.44 73.32 38.09
C ILE S 198 57.67 72.43 38.24
N ALA S 199 57.53 71.27 38.88
CA ALA S 199 58.61 70.30 38.93
C ALA S 199 58.97 69.79 37.54
N HIS S 200 57.97 69.59 36.68
CA HIS S 200 58.22 69.20 35.29
C HIS S 200 58.94 70.32 34.54
N LEU S 201 58.44 71.56 34.65
CA LEU S 201 59.00 72.68 33.91
C LEU S 201 60.44 72.98 34.32
N THR S 202 60.67 73.15 35.63
CA THR S 202 61.99 73.54 36.10
C THR S 202 62.99 72.38 36.00
N GLY S 203 62.56 71.17 36.34
CA GLY S 203 63.48 70.05 36.37
C GLY S 203 63.16 68.95 35.37
N GLY S 204 64.10 68.68 34.46
CA GLY S 204 63.97 67.60 33.51
C GLY S 204 63.27 67.96 32.21
N PHE S 205 61.97 68.28 32.30
CA PHE S 205 61.09 68.54 31.16
C PHE S 205 61.15 67.40 30.14
N LYS S 206 61.06 66.17 30.65
CA LYS S 206 61.11 64.99 29.80
C LYS S 206 59.85 64.87 28.93
N PRO S 207 59.98 64.33 27.72
CA PRO S 207 58.81 64.11 26.87
C PRO S 207 57.87 63.06 27.45
N LEU S 208 56.57 63.31 27.30
CA LEU S 208 55.55 62.43 27.87
C LEU S 208 55.30 61.26 26.94
N GLU S 209 55.22 60.06 27.52
CA GLU S 209 54.88 58.87 26.76
C GLU S 209 54.05 57.93 27.62
N PHE S 210 53.30 57.07 26.96
CA PHE S 210 52.54 56.02 27.64
C PHE S 210 52.57 54.72 26.84
N ASP T 1 -72.19 -56.97 31.31
CA ASP T 1 -71.25 -56.76 32.42
C ASP T 1 -69.90 -56.26 31.92
N ASN T 2 -69.15 -55.63 32.81
CA ASN T 2 -67.84 -55.09 32.49
C ASN T 2 -66.76 -55.95 33.13
N ALA T 3 -65.69 -56.21 32.36
CA ALA T 3 -64.58 -57.01 32.86
C ALA T 3 -63.86 -56.30 34.01
N MET T 4 -63.72 -54.97 33.91
CA MET T 4 -63.13 -54.18 34.98
C MET T 4 -64.20 -53.25 35.57
N PRO T 5 -64.75 -53.57 36.74
CA PRO T 5 -65.84 -52.74 37.27
C PRO T 5 -65.40 -51.37 37.78
N PHE T 6 -64.12 -51.18 38.14
CA PHE T 6 -63.73 -49.88 38.67
C PHE T 6 -63.40 -48.84 37.60
N LEU T 7 -63.32 -49.22 36.34
CA LEU T 7 -63.15 -48.29 35.24
C LEU T 7 -64.45 -48.14 34.47
N GLU T 8 -64.59 -47.00 33.81
CA GLU T 8 -65.76 -46.78 32.98
C GLU T 8 -65.68 -47.61 31.71
N GLY T 9 -66.86 -47.95 31.17
CA GLY T 9 -66.96 -48.72 29.95
C GLY T 9 -66.35 -48.02 28.75
N PRO T 10 -65.55 -48.75 27.98
CA PRO T 10 -65.01 -48.20 26.72
C PRO T 10 -66.12 -47.86 25.75
N PRO T 11 -66.18 -46.60 25.29
CA PRO T 11 -67.32 -46.16 24.46
C PRO T 11 -67.39 -46.82 23.10
N LYS T 12 -66.26 -47.27 22.53
CA LYS T 12 -66.28 -47.85 21.20
C LYS T 12 -66.63 -49.34 21.21
N LEU T 13 -66.74 -49.94 22.39
CA LEU T 13 -67.11 -51.36 22.52
C LEU T 13 -68.60 -51.41 22.85
N ASP T 14 -69.42 -51.66 21.84
CA ASP T 14 -70.86 -51.64 21.99
C ASP T 14 -71.47 -53.02 22.27
N GLY T 15 -70.67 -54.07 22.32
CA GLY T 15 -71.17 -55.40 22.57
C GLY T 15 -71.66 -56.14 21.35
N SER T 16 -71.58 -55.55 20.17
CA SER T 16 -72.01 -56.23 18.95
C SER T 16 -71.06 -57.36 18.58
N LEU T 17 -69.76 -57.11 18.67
CA LEU T 17 -68.77 -58.13 18.34
C LEU T 17 -68.77 -59.23 19.39
N ALA T 18 -68.56 -60.46 18.92
CA ALA T 18 -68.52 -61.62 19.81
C ALA T 18 -67.26 -61.57 20.68
N GLY T 19 -67.42 -61.95 21.95
CA GLY T 19 -66.33 -61.87 22.89
C GLY T 19 -66.21 -60.57 23.64
N ASP T 20 -67.07 -59.60 23.33
CA ASP T 20 -67.04 -58.31 24.03
C ASP T 20 -67.58 -58.50 25.44
N VAL T 21 -66.69 -58.47 26.43
CA VAL T 21 -67.07 -58.32 27.82
C VAL T 21 -66.76 -56.92 28.34
N GLY T 22 -66.34 -56.02 27.47
CA GLY T 22 -65.99 -54.67 27.87
C GLY T 22 -64.54 -54.49 28.25
N PHE T 23 -63.65 -55.34 27.75
CA PHE T 23 -62.25 -55.36 28.20
C PHE T 23 -61.40 -54.55 27.23
N ASP T 24 -61.26 -53.26 27.50
CA ASP T 24 -60.24 -52.42 26.86
C ASP T 24 -59.75 -51.38 27.85
N PRO T 25 -58.96 -51.80 28.85
CA PRO T 25 -58.52 -50.82 29.86
C PRO T 25 -57.54 -49.78 29.33
N VAL T 26 -56.64 -50.18 28.43
CA VAL T 26 -55.72 -49.23 27.82
C VAL T 26 -56.48 -48.29 26.87
N GLY T 27 -57.55 -48.77 26.25
CA GLY T 27 -58.31 -47.95 25.34
C GLY T 27 -57.78 -47.98 23.92
N PHE T 28 -57.43 -49.18 23.44
CA PHE T 28 -56.95 -49.35 22.07
C PHE T 28 -58.02 -49.02 21.05
N SER T 29 -59.29 -49.29 21.37
CA SER T 29 -60.39 -48.96 20.46
C SER T 29 -60.67 -47.47 20.37
N ASN T 30 -60.15 -46.67 21.31
CA ASN T 30 -60.30 -45.23 21.24
C ASN T 30 -59.38 -44.59 20.22
N TYR T 31 -58.35 -45.29 19.78
CA TYR T 31 -57.38 -44.76 18.83
C TYR T 31 -57.45 -45.41 17.46
N PHE T 32 -57.63 -46.73 17.39
CA PHE T 32 -57.58 -47.46 16.15
C PHE T 32 -58.96 -47.98 15.76
N ASP T 33 -59.12 -48.24 14.47
CA ASP T 33 -60.37 -48.77 13.94
C ASP T 33 -60.63 -50.16 14.49
N ILE T 34 -61.87 -50.40 14.92
CA ILE T 34 -62.21 -51.66 15.58
C ILE T 34 -62.20 -52.83 14.60
N ARG T 35 -62.41 -52.57 13.31
CA ARG T 35 -62.33 -53.64 12.33
C ARG T 35 -60.90 -54.15 12.16
N TRP T 36 -59.92 -53.22 12.16
CA TRP T 36 -58.53 -53.62 12.07
C TRP T 36 -58.11 -54.40 13.31
N LEU T 37 -58.56 -53.96 14.48
CA LEU T 37 -58.25 -54.67 15.73
C LEU T 37 -58.87 -56.06 15.75
N ARG T 38 -60.11 -56.19 15.27
CA ARG T 38 -60.75 -57.51 15.25
C ARG T 38 -60.10 -58.43 14.22
N GLU T 39 -59.72 -57.89 13.06
CA GLU T 39 -59.01 -58.70 12.06
C GLU T 39 -57.68 -59.17 12.59
N ALA T 40 -56.95 -58.29 13.30
CA ALA T 40 -55.69 -58.68 13.91
C ALA T 40 -55.88 -59.73 15.00
N GLU T 41 -56.93 -59.58 15.82
CA GLU T 41 -57.18 -60.53 16.90
C GLU T 41 -57.52 -61.90 16.35
N LEU T 42 -58.36 -61.96 15.32
CA LEU T 42 -58.71 -63.23 14.72
C LEU T 42 -57.51 -63.85 14.01
N LYS T 43 -56.69 -63.05 13.32
CA LYS T 43 -55.51 -63.62 12.66
C LYS T 43 -54.49 -64.16 13.67
N HIS T 44 -54.20 -63.40 14.73
CA HIS T 44 -53.30 -63.87 15.78
C HIS T 44 -53.84 -65.15 16.41
N GLY T 45 -55.15 -65.20 16.70
CA GLY T 45 -55.75 -66.38 17.29
C GLY T 45 -55.76 -67.61 16.39
N ARG T 46 -56.04 -67.42 15.10
CA ARG T 46 -56.07 -68.54 14.17
C ARG T 46 -54.68 -69.13 13.95
N VAL T 47 -53.68 -68.25 13.75
CA VAL T 47 -52.30 -68.69 13.65
C VAL T 47 -51.88 -69.41 14.93
N CYS T 48 -52.34 -68.93 16.10
CA CYS T 48 -51.98 -69.61 17.35
C CYS T 48 -52.70 -70.93 17.52
N MET T 49 -53.92 -71.08 17.03
CA MET T 49 -54.60 -72.37 17.11
C MET T 49 -53.86 -73.41 16.27
N LEU T 50 -53.48 -73.01 15.04
CA LEU T 50 -52.63 -73.88 14.22
C LEU T 50 -51.26 -74.11 14.85
N GLY T 51 -50.72 -73.12 15.56
CA GLY T 51 -49.43 -73.28 16.20
C GLY T 51 -49.45 -74.22 17.39
N VAL T 52 -50.51 -74.15 18.19
CA VAL T 52 -50.71 -75.09 19.29
C VAL T 52 -50.83 -76.51 18.75
N THR T 53 -51.63 -76.69 17.70
CA THR T 53 -51.76 -78.01 17.09
C THR T 53 -50.43 -78.49 16.50
N GLY T 54 -49.66 -77.58 15.89
CA GLY T 54 -48.35 -77.96 15.37
C GLY T 54 -47.36 -78.33 16.45
N LEU T 55 -47.35 -77.58 17.56
CA LEU T 55 -46.46 -77.92 18.67
C LEU T 55 -46.84 -79.26 19.30
N LEU T 56 -48.13 -79.61 19.28
CA LEU T 56 -48.53 -80.92 19.79
C LEU T 56 -48.24 -82.05 18.81
N VAL T 57 -48.30 -81.79 17.50
CA VAL T 57 -48.14 -82.86 16.52
C VAL T 57 -46.68 -83.08 16.14
N GLN T 58 -45.90 -82.00 16.00
CA GLN T 58 -44.47 -82.13 15.69
C GLN T 58 -43.65 -82.71 16.83
N GLU T 59 -44.22 -82.81 18.04
CA GLU T 59 -43.57 -83.51 19.14
C GLU T 59 -43.47 -85.00 18.86
N ALA T 60 -44.47 -85.57 18.20
CA ALA T 60 -44.53 -87.01 17.95
C ALA T 60 -44.34 -87.39 16.48
N ILE T 61 -44.93 -86.64 15.55
CA ILE T 61 -44.94 -87.01 14.15
C ILE T 61 -43.95 -86.15 13.38
N CYS T 62 -43.03 -86.79 12.67
CA CYS T 62 -42.08 -86.13 11.79
C CYS T 62 -42.16 -86.79 10.42
N LEU T 63 -42.44 -85.98 9.39
CA LEU T 63 -42.46 -86.48 8.03
C LEU T 63 -41.09 -87.04 7.63
N PRO T 64 -41.05 -88.15 6.89
CA PRO T 64 -39.75 -88.79 6.59
C PRO T 64 -38.83 -87.96 5.72
N GLN T 65 -39.35 -86.96 5.01
CA GLN T 65 -38.51 -86.04 4.25
C GLN T 65 -37.60 -85.23 5.18
N PHE T 66 -38.11 -84.79 6.31
CA PHE T 66 -37.34 -84.01 7.28
C PHE T 66 -36.74 -84.91 8.35
N ALA T 67 -35.91 -84.31 9.20
CA ALA T 67 -35.17 -85.03 10.24
C ALA T 67 -35.41 -84.30 11.56
N ASN T 68 -36.22 -84.91 12.43
CA ASN T 68 -36.81 -84.24 13.59
C ASN T 68 -35.77 -83.70 14.56
N GLY T 69 -36.04 -82.52 15.10
CA GLY T 69 -35.27 -81.98 16.20
C GLY T 69 -35.76 -82.49 17.53
N LYS T 70 -35.00 -82.18 18.58
CA LYS T 70 -35.34 -82.66 19.92
C LYS T 70 -36.62 -82.04 20.44
N THR T 71 -36.94 -80.82 20.04
CA THR T 71 -38.11 -80.09 20.48
C THR T 71 -38.83 -79.54 19.25
N PRO T 72 -40.16 -79.42 19.29
CA PRO T 72 -40.88 -78.76 18.18
C PRO T 72 -40.44 -77.33 17.88
N VAL T 73 -39.79 -76.64 18.81
CA VAL T 73 -39.19 -75.34 18.48
C VAL T 73 -37.88 -75.55 17.74
N ASP T 74 -37.09 -76.55 18.16
CA ASP T 74 -35.88 -76.94 17.45
C ASP T 74 -36.18 -77.50 16.07
N ASP T 75 -37.40 -78.01 15.87
CA ASP T 75 -37.87 -78.45 14.55
C ASP T 75 -37.76 -77.38 13.48
N PHE T 76 -37.84 -76.10 13.86
CA PHE T 76 -37.70 -75.01 12.90
C PHE T 76 -36.31 -74.96 12.31
N PHE T 77 -35.30 -75.26 13.10
CA PHE T 77 -33.90 -75.05 12.73
C PHE T 77 -33.30 -76.24 11.97
N VAL T 78 -34.07 -77.30 11.76
CA VAL T 78 -33.60 -78.47 11.00
C VAL T 78 -34.21 -78.56 9.61
N VAL T 79 -35.14 -77.68 9.27
CA VAL T 79 -35.74 -77.64 7.94
C VAL T 79 -34.74 -77.00 7.00
N PRO T 80 -34.67 -77.42 5.74
CA PRO T 80 -33.96 -76.63 4.73
C PRO T 80 -34.53 -75.22 4.62
N ALA T 81 -33.62 -74.27 4.38
CA ALA T 81 -33.99 -72.85 4.36
C ALA T 81 -34.93 -72.53 3.21
N ALA T 82 -34.72 -73.19 2.06
CA ALA T 82 -35.58 -72.97 0.91
C ALA T 82 -37.01 -73.42 1.16
N GLY T 83 -37.20 -74.46 1.97
CA GLY T 83 -38.55 -74.89 2.32
C GLY T 83 -39.27 -73.89 3.20
N LEU T 84 -38.56 -73.33 4.18
CA LEU T 84 -39.13 -72.27 5.01
C LEU T 84 -39.48 -71.05 4.17
N TRP T 85 -38.62 -70.69 3.22
CA TRP T 85 -38.93 -69.58 2.33
C TRP T 85 -40.13 -69.89 1.43
N GLN T 86 -40.27 -71.14 0.98
CA GLN T 86 -41.46 -71.55 0.22
C GLN T 86 -42.72 -71.39 1.04
N VAL T 87 -42.68 -71.83 2.30
CA VAL T 87 -43.85 -71.68 3.19
C VAL T 87 -44.17 -70.21 3.42
N PHE T 88 -43.14 -69.39 3.64
CA PHE T 88 -43.33 -67.95 3.86
C PHE T 88 -43.95 -67.27 2.65
N PHE T 89 -43.50 -67.62 1.44
CA PHE T 89 -44.06 -66.97 0.26
C PHE T 89 -45.43 -67.52 -0.12
N THR T 90 -45.71 -68.79 0.21
CA THR T 90 -47.07 -69.29 0.03
C THR T 90 -48.05 -68.59 0.98
N ILE T 91 -47.62 -68.36 2.23
CA ILE T 91 -48.46 -67.61 3.16
C ILE T 91 -48.63 -66.17 2.69
N GLY T 92 -47.59 -65.59 2.10
CA GLY T 92 -47.72 -64.26 1.52
C GLY T 92 -48.70 -64.20 0.37
N ALA T 93 -48.71 -65.24 -0.48
CA ALA T 93 -49.69 -65.33 -1.55
C ALA T 93 -51.11 -65.45 -0.99
N VAL T 94 -51.28 -66.24 0.08
CA VAL T 94 -52.59 -66.35 0.72
C VAL T 94 -53.03 -65.01 1.30
N GLU T 95 -52.10 -64.28 1.92
CA GLU T 95 -52.41 -62.98 2.50
C GLU T 95 -52.76 -61.96 1.43
N PHE T 96 -52.11 -62.03 0.27
CA PHE T 96 -52.42 -61.12 -0.83
C PHE T 96 -53.77 -61.44 -1.45
N PHE T 97 -54.06 -62.72 -1.69
CA PHE T 97 -55.27 -63.07 -2.42
C PHE T 97 -56.51 -63.07 -1.54
N SER T 98 -56.36 -63.37 -0.26
CA SER T 98 -57.52 -63.39 0.65
C SER T 98 -57.99 -61.99 1.01
N ASN T 99 -57.15 -60.98 0.88
CA ASN T 99 -57.53 -59.61 1.19
C ASN T 99 -57.84 -58.78 -0.04
N GLY T 100 -57.83 -59.38 -1.22
CA GLY T 100 -58.07 -58.64 -2.45
C GLY T 100 -56.99 -57.62 -2.77
N PHE T 101 -55.73 -57.94 -2.43
CA PHE T 101 -54.57 -57.06 -2.61
C PHE T 101 -54.73 -55.73 -1.89
N LYS T 102 -55.49 -55.72 -0.79
CA LYS T 102 -55.73 -54.54 0.04
C LYS T 102 -55.27 -54.91 1.44
N LEU T 103 -54.00 -54.63 1.73
CA LEU T 103 -53.32 -55.20 2.87
C LEU T 103 -53.05 -54.21 4.00
N THR T 104 -53.53 -52.99 3.88
CA THR T 104 -53.19 -51.91 4.80
C THR T 104 -54.43 -51.39 5.50
N PRO T 105 -54.29 -50.76 6.68
CA PRO T 105 -55.47 -50.18 7.34
C PRO T 105 -56.15 -49.05 6.58
N GLY T 106 -55.54 -48.52 5.52
CA GLY T 106 -56.20 -47.51 4.74
C GLY T 106 -57.05 -48.06 3.60
N ASP T 107 -56.87 -49.34 3.24
CA ASP T 107 -57.65 -49.90 2.14
C ASP T 107 -58.23 -51.29 2.39
N MET T 108 -57.98 -51.91 3.55
CA MET T 108 -58.47 -53.26 3.82
C MET T 108 -59.99 -53.32 3.83
N PHE T 109 -60.63 -52.36 4.49
CA PHE T 109 -62.08 -52.35 4.64
C PHE T 109 -62.73 -51.24 3.82
N SER T 110 -62.10 -50.87 2.69
CA SER T 110 -62.66 -49.83 1.83
C SER T 110 -63.93 -50.28 1.13
N GLU T 111 -64.10 -51.58 0.91
CA GLU T 111 -65.31 -52.12 0.29
C GLU T 111 -66.32 -52.62 1.30
N GLY T 112 -66.19 -52.21 2.56
CA GLY T 112 -67.15 -52.58 3.59
C GLY T 112 -67.18 -54.05 3.92
N ARG T 113 -66.03 -54.69 4.02
CA ARG T 113 -65.97 -56.11 4.32
C ARG T 113 -65.86 -56.34 5.82
N GLU T 114 -66.31 -57.52 6.25
CA GLU T 114 -66.37 -57.83 7.67
C GLU T 114 -65.02 -58.30 8.18
N ALA T 115 -64.67 -57.86 9.39
CA ALA T 115 -63.37 -58.18 9.99
C ALA T 115 -63.29 -59.67 10.32
N GLY T 116 -62.26 -60.32 9.81
CA GLY T 116 -62.07 -61.74 9.99
C GLY T 116 -62.81 -62.62 9.01
N ASP T 117 -63.77 -62.08 8.28
CA ASP T 117 -64.50 -62.83 7.25
C ASP T 117 -63.74 -62.70 5.94
N LEU T 118 -62.98 -63.73 5.59
CA LEU T 118 -62.27 -63.77 4.31
C LEU T 118 -62.99 -64.65 3.29
N GLY T 119 -64.24 -65.02 3.57
CA GLY T 119 -65.01 -65.86 2.66
C GLY T 119 -64.53 -67.29 2.59
N PHE T 120 -63.87 -67.78 3.63
CA PHE T 120 -63.40 -69.17 3.67
C PHE T 120 -64.39 -69.97 4.51
N ASP T 121 -65.42 -70.49 3.86
CA ASP T 121 -66.34 -71.43 4.49
C ASP T 121 -66.65 -72.57 3.52
N PRO T 122 -65.68 -73.49 3.30
CA PRO T 122 -65.91 -74.59 2.34
C PRO T 122 -67.01 -75.57 2.72
N LEU T 123 -66.98 -76.08 3.94
CA LEU T 123 -67.79 -77.25 4.32
C LEU T 123 -69.15 -76.84 4.89
N GLY T 124 -69.92 -76.05 4.15
CA GLY T 124 -71.19 -75.58 4.64
C GLY T 124 -71.03 -74.63 5.80
N CYS T 125 -71.51 -75.02 6.98
CA CYS T 125 -71.06 -74.51 8.28
C CYS T 125 -71.46 -73.07 8.58
N GLY T 126 -72.15 -72.41 7.66
CA GLY T 126 -72.42 -70.99 7.84
C GLY T 126 -73.81 -70.55 7.44
N LYS T 127 -74.78 -71.47 7.47
CA LYS T 127 -76.13 -71.14 7.08
C LYS T 127 -77.03 -70.82 8.26
N ASN T 128 -76.95 -71.59 9.32
CA ASN T 128 -77.66 -71.27 10.57
C ASN T 128 -77.06 -70.02 11.20
N PRO T 129 -77.84 -68.94 11.36
CA PRO T 129 -77.28 -67.76 12.07
C PRO T 129 -77.10 -68.01 13.56
N ASP T 130 -78.02 -68.75 14.17
CA ASP T 130 -77.92 -69.05 15.60
C ASP T 130 -76.68 -69.88 15.92
N ALA T 131 -76.28 -70.77 15.00
CA ALA T 131 -74.99 -71.44 15.17
C ALA T 131 -73.83 -70.54 14.80
N LEU T 132 -74.03 -69.60 13.88
CA LEU T 132 -72.95 -68.70 13.46
C LEU T 132 -72.51 -67.79 14.59
N ALA T 133 -73.45 -67.26 15.37
CA ALA T 133 -73.11 -66.39 16.49
C ALA T 133 -72.32 -67.15 17.57
N ARG T 134 -72.81 -68.34 17.93
CA ARG T 134 -72.13 -69.14 18.94
C ARG T 134 -70.75 -69.58 18.46
N ARG T 135 -70.63 -69.90 17.18
CA ARG T 135 -69.32 -70.27 16.66
C ARG T 135 -68.39 -69.08 16.52
N ARG T 136 -68.92 -67.86 16.36
CA ARG T 136 -68.10 -66.66 16.46
C ARG T 136 -67.51 -66.51 17.85
N LEU T 137 -68.36 -66.68 18.87
CA LEU T 137 -67.89 -66.62 20.25
C LEU T 137 -66.86 -67.70 20.55
N VAL T 138 -67.10 -68.92 20.08
CA VAL T 138 -66.15 -70.01 20.31
C VAL T 138 -64.83 -69.73 19.59
N GLU T 139 -64.90 -69.25 18.34
CA GLU T 139 -63.68 -68.95 17.59
C GLU T 139 -62.83 -67.89 18.27
N VAL T 140 -63.45 -66.79 18.72
CA VAL T 140 -62.66 -65.74 19.35
C VAL T 140 -62.11 -66.18 20.70
N LYS T 141 -62.88 -67.00 21.44
CA LYS T 141 -62.42 -67.42 22.76
C LYS T 141 -61.29 -68.43 22.64
N ASN T 142 -61.44 -69.41 21.75
CA ASN T 142 -60.36 -70.36 21.51
C ASN T 142 -59.16 -69.71 20.86
N GLY T 143 -59.35 -68.64 20.08
CA GLY T 143 -58.22 -67.92 19.54
C GLY T 143 -57.39 -67.25 20.62
N ARG T 144 -58.05 -66.55 21.55
CA ARG T 144 -57.33 -65.92 22.66
C ARG T 144 -56.69 -66.96 23.57
N LEU T 145 -57.41 -68.05 23.86
CA LEU T 145 -56.89 -69.12 24.69
C LEU T 145 -55.68 -69.78 24.05
N ALA T 146 -55.72 -70.00 22.73
CA ALA T 146 -54.60 -70.60 22.04
C ALA T 146 -53.44 -69.62 21.89
N MET T 147 -53.73 -68.32 21.91
CA MET T 147 -52.65 -67.33 21.94
C MET T 147 -51.84 -67.47 23.22
N ILE T 148 -52.53 -67.44 24.37
CA ILE T 148 -51.83 -67.57 25.65
C ILE T 148 -51.19 -68.96 25.80
N ALA T 149 -51.88 -69.99 25.31
CA ALA T 149 -51.37 -71.35 25.38
C ALA T 149 -50.12 -71.52 24.53
N PHE T 150 -50.12 -70.98 23.32
CA PHE T 150 -48.98 -71.08 22.44
C PHE T 150 -47.78 -70.34 23.02
N GLY T 151 -48.01 -69.15 23.58
CA GLY T 151 -46.94 -68.44 24.26
C GLY T 151 -46.32 -69.26 25.36
N GLY T 152 -47.17 -69.86 26.20
CA GLY T 152 -46.67 -70.70 27.28
C GLY T 152 -45.91 -71.92 26.80
N MET T 153 -46.46 -72.63 25.81
CA MET T 153 -45.82 -73.85 25.33
C MET T 153 -44.48 -73.56 24.67
N LEU T 154 -44.41 -72.51 23.83
CA LEU T 154 -43.14 -72.16 23.20
C LEU T 154 -42.10 -71.70 24.21
N HIS T 155 -42.49 -70.87 25.19
CA HIS T 155 -41.49 -70.38 26.15
C HIS T 155 -41.04 -71.51 27.08
N GLN T 156 -41.96 -72.41 27.46
CA GLN T 156 -41.58 -73.55 28.30
C GLN T 156 -40.74 -74.57 27.54
N GLN T 157 -40.99 -74.75 26.24
CA GLN T 157 -40.15 -75.63 25.42
C GLN T 157 -38.76 -75.03 25.22
N LEU T 158 -38.68 -73.70 25.12
CA LEU T 158 -37.38 -73.05 25.06
C LEU T 158 -36.62 -73.20 26.37
N LEU T 159 -37.33 -73.11 27.50
CA LEU T 159 -36.65 -73.18 28.80
C LEU T 159 -36.19 -74.60 29.11
N THR T 160 -37.12 -75.55 29.17
CA THR T 160 -36.76 -76.91 29.57
C THR T 160 -35.97 -77.65 28.50
N GLY T 161 -36.13 -77.27 27.24
CA GLY T 161 -35.52 -77.99 26.15
C GLY T 161 -36.19 -79.31 25.81
N GLN T 162 -37.40 -79.53 26.30
CA GLN T 162 -38.17 -80.74 26.02
C GLN T 162 -39.55 -80.35 25.52
N GLY T 163 -40.27 -81.31 24.96
CA GLY T 163 -41.57 -81.07 24.35
C GLY T 163 -42.66 -80.80 25.38
N THR T 164 -43.85 -80.51 24.87
CA THR T 164 -44.95 -80.07 25.72
C THR T 164 -45.49 -81.22 26.57
N LEU T 165 -45.94 -82.29 25.91
CA LEU T 165 -46.38 -83.47 26.64
C LEU T 165 -45.20 -84.21 27.27
N GLU T 166 -44.01 -84.05 26.72
CA GLU T 166 -42.80 -84.55 27.35
C GLU T 166 -42.47 -83.79 28.64
N GLN T 167 -43.01 -82.58 28.80
CA GLN T 167 -42.87 -81.84 30.06
C GLN T 167 -44.07 -82.04 30.97
N LEU T 168 -45.23 -82.39 30.41
CA LEU T 168 -46.40 -82.69 31.24
C LEU T 168 -46.17 -83.93 32.08
N ALA T 169 -45.53 -84.96 31.51
CA ALA T 169 -44.94 -85.99 32.35
C ALA T 169 -43.52 -85.59 32.74
N ASN T 170 -42.97 -86.33 33.70
CA ASN T 170 -41.59 -86.24 34.26
C ASN T 170 -41.11 -84.79 34.43
N PHE T 171 -41.94 -84.01 35.12
CA PHE T 171 -41.75 -82.57 35.22
C PHE T 171 -40.66 -82.24 36.24
N LYS T 172 -39.64 -81.52 35.80
CA LYS T 172 -38.61 -81.00 36.69
C LYS T 172 -38.81 -79.52 36.90
N ALA T 173 -38.18 -78.99 37.95
CA ALA T 173 -38.39 -77.62 38.38
C ALA T 173 -37.09 -76.83 38.31
N ILE T 174 -37.22 -75.51 38.21
CA ILE T 174 -36.06 -74.63 38.27
C ILE T 174 -35.45 -74.68 39.65
N ASN T 175 -34.13 -74.82 39.71
CA ASN T 175 -33.43 -74.93 40.99
C ASN T 175 -32.20 -74.03 41.02
N LEU U 26 -59.14 -59.85 -37.39
CA LEU U 26 -58.20 -60.92 -37.02
C LEU U 26 -58.85 -62.28 -37.18
N TYR U 27 -58.03 -63.34 -37.13
CA TYR U 27 -58.54 -64.68 -37.30
C TYR U 27 -59.25 -65.14 -36.03
N LYS U 28 -60.53 -65.47 -36.17
CA LYS U 28 -61.47 -65.70 -35.07
C LYS U 28 -61.33 -64.64 -33.98
N ASP U 29 -61.54 -63.39 -34.39
CA ASP U 29 -61.47 -62.26 -33.48
C ASP U 29 -62.59 -62.34 -32.45
N GLY U 30 -62.24 -62.18 -31.17
CA GLY U 30 -63.17 -62.36 -30.09
C GLY U 30 -63.32 -63.78 -29.61
N VAL U 31 -62.69 -64.74 -30.27
CA VAL U 31 -62.75 -66.14 -29.84
C VAL U 31 -61.33 -66.63 -29.56
N MET U 32 -60.47 -66.58 -30.58
CA MET U 32 -59.09 -67.00 -30.40
C MET U 32 -58.18 -65.86 -29.94
N GLN U 33 -58.44 -64.65 -30.42
CA GLN U 33 -57.64 -63.50 -30.06
C GLN U 33 -58.51 -62.25 -30.15
N GLY U 34 -58.03 -61.17 -29.55
CA GLY U 34 -58.70 -59.89 -29.68
C GLY U 34 -59.54 -59.50 -28.48
N LYS U 35 -60.70 -58.93 -28.75
CA LYS U 35 -61.57 -58.39 -27.70
C LYS U 35 -62.03 -59.47 -26.73
N GLY U 36 -62.28 -59.06 -25.48
CA GLY U 36 -63.00 -59.86 -24.52
C GLY U 36 -62.19 -60.91 -23.78
N LEU U 37 -61.24 -61.52 -24.46
CA LEU U 37 -60.44 -62.60 -23.88
C LEU U 37 -59.57 -62.10 -22.73
N VAL U 38 -59.66 -62.80 -21.60
CA VAL U 38 -58.87 -62.53 -20.41
C VAL U 38 -58.10 -63.79 -20.06
N ALA U 39 -56.77 -63.70 -20.03
CA ALA U 39 -55.93 -64.86 -19.79
C ALA U 39 -55.70 -65.13 -18.31
N VAL U 40 -55.34 -64.10 -17.56
CA VAL U 40 -55.20 -64.16 -16.11
C VAL U 40 -56.32 -63.34 -15.50
N PRO U 41 -57.29 -63.95 -14.82
CA PRO U 41 -58.46 -63.18 -14.37
C PRO U 41 -58.18 -62.23 -13.23
N PHE U 42 -57.18 -62.50 -12.39
CA PHE U 42 -56.87 -61.62 -11.27
C PHE U 42 -55.81 -60.58 -11.61
N ALA U 43 -55.15 -60.70 -12.76
CA ALA U 43 -54.16 -59.73 -13.22
C ALA U 43 -54.54 -59.35 -14.65
N LEU U 44 -55.38 -58.32 -14.79
CA LEU U 44 -55.81 -57.84 -16.09
C LEU U 44 -54.64 -57.17 -16.82
N ALA U 45 -54.60 -57.36 -18.13
CA ALA U 45 -53.62 -56.67 -18.96
C ALA U 45 -53.91 -55.18 -18.97
N PRO U 46 -52.88 -54.34 -19.22
CA PRO U 46 -53.11 -52.88 -19.30
C PRO U 46 -54.13 -52.48 -20.36
N ASP U 47 -54.94 -51.48 -20.02
CA ASP U 47 -55.85 -50.89 -20.99
C ASP U 47 -55.14 -50.09 -22.07
N SER U 48 -53.84 -49.79 -21.89
CA SER U 48 -53.07 -49.19 -22.96
C SER U 48 -52.77 -50.19 -24.06
N LEU U 49 -52.56 -51.47 -23.68
CA LEU U 49 -52.40 -52.59 -24.59
C LEU U 49 -53.66 -52.76 -25.44
N PRO U 50 -53.60 -52.48 -26.74
CA PRO U 50 -54.80 -52.50 -27.57
C PRO U 50 -55.23 -53.92 -27.89
N ALA U 51 -56.29 -54.03 -28.70
CA ALA U 51 -56.94 -55.30 -28.95
C ALA U 51 -56.92 -55.72 -30.41
N ASP U 52 -56.08 -55.08 -31.24
CA ASP U 52 -56.04 -55.40 -32.66
C ASP U 52 -54.63 -55.78 -33.11
N ILE U 53 -53.84 -56.35 -32.21
CA ILE U 53 -52.52 -56.88 -32.53
C ILE U 53 -52.65 -58.40 -32.65
N PRO U 54 -52.16 -59.02 -33.74
CA PRO U 54 -52.19 -60.48 -33.84
C PRO U 54 -51.43 -61.15 -32.71
N GLY U 55 -52.16 -61.89 -31.89
CA GLY U 55 -51.61 -62.62 -30.77
C GLY U 55 -52.07 -62.11 -29.43
N TYR U 56 -52.93 -61.09 -29.41
CA TYR U 56 -53.47 -60.55 -28.17
C TYR U 56 -54.46 -61.55 -27.59
N VAL U 57 -54.11 -62.17 -26.48
CA VAL U 57 -55.04 -63.06 -25.79
C VAL U 57 -55.52 -62.45 -24.47
N GLY U 58 -54.85 -61.41 -23.97
CA GLY U 58 -55.12 -60.89 -22.65
C GLY U 58 -53.98 -60.99 -21.68
N PHE U 59 -52.83 -61.54 -22.09
CA PHE U 59 -51.80 -61.99 -21.18
C PHE U 59 -50.70 -60.93 -21.06
N ASP U 60 -50.90 -60.02 -20.11
CA ASP U 60 -49.83 -59.13 -19.62
C ASP U 60 -50.04 -58.91 -18.13
N PRO U 61 -49.79 -59.94 -17.31
CA PRO U 61 -50.06 -59.81 -15.87
C PRO U 61 -49.12 -58.86 -15.16
N LEU U 62 -47.90 -58.67 -15.65
CA LEU U 62 -46.93 -57.80 -15.02
C LEU U 62 -46.96 -56.37 -15.56
N GLY U 63 -47.81 -56.09 -16.53
CA GLY U 63 -47.91 -54.74 -17.08
C GLY U 63 -46.65 -54.24 -17.77
N LEU U 64 -45.92 -55.13 -18.42
CA LEU U 64 -44.66 -54.76 -19.03
C LEU U 64 -44.81 -53.99 -20.34
N SER U 65 -46.03 -53.89 -20.87
CA SER U 65 -46.26 -53.09 -22.07
C SER U 65 -46.25 -51.59 -21.78
N THR U 66 -46.32 -51.20 -20.52
CA THR U 66 -46.27 -49.80 -20.14
C THR U 66 -44.85 -49.26 -20.03
N LEU U 67 -43.84 -50.12 -20.05
CA LEU U 67 -42.46 -49.72 -19.85
C LEU U 67 -41.68 -49.55 -21.14
N CYS U 68 -42.31 -49.75 -22.30
CA CYS U 68 -41.61 -49.64 -23.57
C CYS U 68 -42.61 -49.26 -24.65
N ASN U 69 -42.07 -48.83 -25.80
CA ASN U 69 -42.89 -48.55 -26.96
C ASN U 69 -43.53 -49.84 -27.47
N LEU U 70 -44.79 -49.74 -27.90
CA LEU U 70 -45.53 -50.94 -28.27
C LEU U 70 -45.04 -51.50 -29.61
N ASP U 71 -44.66 -50.63 -30.54
CA ASP U 71 -44.09 -51.08 -31.81
C ASP U 71 -42.78 -51.82 -31.59
N PHE U 72 -41.91 -51.29 -30.74
CA PHE U 72 -40.65 -51.94 -30.40
C PHE U 72 -40.90 -53.29 -29.74
N LEU U 73 -41.90 -53.37 -28.86
CA LEU U 73 -42.22 -54.62 -28.17
C LEU U 73 -42.73 -55.68 -29.14
N ARG U 74 -43.66 -55.30 -30.03
CA ARG U 74 -44.21 -56.25 -30.98
C ARG U 74 -43.15 -56.74 -31.96
N GLU U 75 -42.36 -55.82 -32.51
CA GLU U 75 -41.31 -56.23 -33.46
C GLU U 75 -40.20 -57.02 -32.76
N ALA U 76 -39.91 -56.72 -31.49
CA ALA U 76 -38.95 -57.50 -30.74
C ALA U 76 -39.46 -58.92 -30.49
N GLU U 77 -40.75 -59.06 -30.15
CA GLU U 77 -41.34 -60.38 -29.98
C GLU U 77 -41.28 -61.18 -31.26
N ILE U 78 -41.62 -60.56 -32.39
CA ILE U 78 -41.60 -61.25 -33.67
C ILE U 78 -40.18 -61.66 -34.05
N LYS U 79 -39.19 -60.77 -33.85
CA LYS U 79 -37.82 -61.10 -34.19
C LYS U 79 -37.23 -62.19 -33.30
N HIS U 80 -37.47 -62.11 -31.98
CA HIS U 80 -37.08 -63.17 -31.06
C HIS U 80 -37.70 -64.50 -31.46
N GLY U 81 -38.98 -64.47 -31.87
CA GLY U 81 -39.66 -65.68 -32.30
C GLY U 81 -39.11 -66.29 -33.58
N ARG U 82 -38.82 -65.45 -34.59
CA ARG U 82 -38.32 -65.96 -35.86
C ARG U 82 -36.91 -66.52 -35.71
N VAL U 83 -36.07 -65.84 -34.93
CA VAL U 83 -34.74 -66.35 -34.63
C VAL U 83 -34.82 -67.67 -33.87
N ALA U 84 -35.79 -67.77 -32.94
CA ALA U 84 -35.99 -69.03 -32.22
C ALA U 84 -36.50 -70.14 -33.14
N MET U 85 -37.32 -69.81 -34.13
CA MET U 85 -37.80 -70.80 -35.09
C MET U 85 -36.67 -71.37 -35.92
N LEU U 86 -35.81 -70.49 -36.43
CA LEU U 86 -34.62 -70.95 -37.13
C LEU U 86 -33.70 -71.74 -36.20
N ALA U 87 -33.65 -71.37 -34.92
CA ALA U 87 -32.78 -72.04 -33.98
C ALA U 87 -33.27 -73.46 -33.66
N VAL U 88 -34.58 -73.66 -33.52
CA VAL U 88 -35.07 -75.01 -33.27
C VAL U 88 -34.93 -75.88 -34.52
N THR U 89 -35.29 -75.35 -35.70
CA THR U 89 -35.16 -76.17 -36.90
C THR U 89 -33.72 -76.39 -37.30
N GLY U 90 -32.77 -75.61 -36.77
CA GLY U 90 -31.38 -75.97 -36.95
C GLY U 90 -30.87 -76.89 -35.86
N SER U 91 -31.44 -76.79 -34.67
CA SER U 91 -31.01 -77.61 -33.55
C SER U 91 -31.38 -79.06 -33.76
N LEU U 92 -32.53 -79.32 -34.39
CA LEU U 92 -32.90 -80.70 -34.69
C LEU U 92 -32.12 -81.24 -35.88
N VAL U 93 -31.98 -80.43 -36.94
CA VAL U 93 -31.36 -80.89 -38.17
C VAL U 93 -29.87 -81.15 -37.98
N GLN U 94 -29.17 -80.28 -37.23
CA GLN U 94 -27.77 -80.53 -36.90
C GLN U 94 -27.58 -81.81 -36.09
N ASP U 95 -28.57 -82.21 -35.30
CA ASP U 95 -28.53 -83.58 -34.76
C ASP U 95 -28.75 -84.62 -35.83
N VAL U 96 -29.56 -84.32 -36.84
CA VAL U 96 -29.85 -85.32 -37.88
C VAL U 96 -28.78 -85.30 -38.96
N PHE U 97 -28.62 -84.15 -39.61
CA PHE U 97 -27.78 -84.03 -40.80
C PHE U 97 -26.65 -83.04 -40.54
N GLN U 98 -25.43 -83.44 -40.87
CA GLN U 98 -24.29 -82.55 -40.84
C GLN U 98 -23.74 -82.40 -42.25
N PHE U 99 -23.37 -81.17 -42.60
CA PHE U 99 -22.86 -80.90 -43.93
C PHE U 99 -21.50 -81.57 -44.16
N PRO U 100 -21.17 -81.89 -45.41
CA PRO U 100 -19.88 -82.54 -45.71
C PRO U 100 -18.67 -81.68 -45.31
N GLY U 101 -17.78 -82.29 -44.54
CA GLY U 101 -16.56 -81.65 -44.11
C GLY U 101 -16.64 -80.87 -42.81
N VAL U 102 -17.83 -80.73 -42.23
CA VAL U 102 -17.98 -80.11 -40.91
C VAL U 102 -17.28 -80.95 -39.85
N ASP U 103 -17.24 -82.28 -40.04
CA ASP U 103 -16.53 -83.17 -39.12
C ASP U 103 -15.04 -82.87 -39.05
N LYS U 104 -14.45 -82.37 -40.13
CA LYS U 104 -13.02 -82.04 -40.11
C LYS U 104 -12.73 -80.82 -39.24
N VAL U 105 -13.66 -79.87 -39.19
CA VAL U 105 -13.45 -78.65 -38.42
C VAL U 105 -13.96 -78.83 -37.00
N ILE U 106 -15.26 -79.11 -36.86
CA ILE U 106 -15.87 -79.21 -35.54
C ILE U 106 -15.65 -80.59 -34.93
N GLY U 107 -15.99 -81.63 -35.67
CA GLY U 107 -15.93 -82.99 -35.15
C GLY U 107 -17.25 -83.42 -34.54
N ASN U 108 -17.19 -83.93 -33.32
CA ASN U 108 -18.36 -84.51 -32.67
C ASN U 108 -19.11 -83.51 -31.80
N ALA U 109 -18.83 -82.22 -31.93
CA ALA U 109 -19.49 -81.22 -31.12
C ALA U 109 -20.66 -80.60 -31.85
N LYS U 110 -21.57 -80.02 -31.07
CA LYS U 110 -22.81 -79.47 -31.59
C LYS U 110 -23.39 -78.51 -30.57
N MET U 111 -24.32 -77.68 -31.04
CA MET U 111 -25.04 -76.67 -30.26
C MET U 111 -24.03 -75.70 -29.64
N ILE U 112 -24.12 -75.42 -28.33
CA ILE U 112 -23.40 -74.35 -27.66
C ILE U 112 -21.88 -74.49 -27.79
N GLY U 113 -21.39 -75.73 -27.85
CA GLY U 113 -19.97 -75.95 -28.09
C GLY U 113 -19.48 -75.40 -29.41
N ALA U 114 -20.26 -75.65 -30.48
CA ALA U 114 -19.80 -75.42 -31.86
C ALA U 114 -19.38 -73.99 -32.11
N HIS U 115 -20.26 -73.04 -31.77
CA HIS U 115 -20.03 -71.59 -31.75
C HIS U 115 -18.66 -71.29 -31.15
N ASP U 116 -18.48 -71.75 -29.91
CA ASP U 116 -17.24 -71.53 -29.15
C ASP U 116 -16.03 -72.03 -29.93
N LYS U 117 -16.08 -73.28 -30.41
CA LYS U 117 -14.86 -73.82 -30.98
C LYS U 117 -14.59 -73.24 -32.36
N PHE U 118 -15.65 -72.82 -33.06
CA PHE U 118 -15.48 -72.04 -34.28
C PHE U 118 -14.61 -70.82 -34.01
N ILE U 119 -15.01 -70.04 -33.00
CA ILE U 119 -14.23 -68.88 -32.59
C ILE U 119 -12.85 -69.31 -32.12
N ALA U 120 -12.78 -70.45 -31.41
CA ALA U 120 -11.49 -70.97 -30.98
C ALA U 120 -10.63 -71.32 -32.17
N GLY U 121 -11.23 -71.94 -33.20
CA GLY U 121 -10.52 -72.15 -34.44
C GLY U 121 -10.13 -70.84 -35.09
N ALA U 122 -11.03 -69.87 -35.07
CA ALA U 122 -10.70 -68.54 -35.55
C ALA U 122 -9.67 -67.87 -34.65
N HIS U 123 -9.63 -68.25 -33.38
CA HIS U 123 -8.56 -67.76 -32.52
C HIS U 123 -7.28 -68.55 -32.74
N ALA U 124 -7.38 -69.80 -33.19
CA ALA U 124 -6.17 -70.60 -33.36
C ALA U 124 -5.36 -70.16 -34.55
N GLY U 125 -6.02 -69.82 -35.65
CA GLY U 125 -5.34 -69.40 -36.85
C GLY U 125 -5.86 -70.13 -38.07
N ASP U 126 -6.78 -71.07 -37.84
CA ASP U 126 -7.35 -71.88 -38.91
C ASP U 126 -8.19 -71.01 -39.82
N THR U 127 -7.72 -70.82 -41.05
CA THR U 127 -8.37 -69.95 -42.04
C THR U 127 -9.63 -70.56 -42.65
N ARG U 128 -10.10 -71.71 -42.17
CA ARG U 128 -11.31 -72.31 -42.72
C ARG U 128 -12.46 -72.38 -41.73
N SER U 129 -12.21 -72.15 -40.44
CA SER U 129 -13.28 -72.06 -39.45
C SER U 129 -13.62 -70.59 -39.21
N PHE U 130 -14.35 -70.00 -40.15
CA PHE U 130 -14.85 -68.64 -40.01
C PHE U 130 -16.33 -68.57 -40.30
N ALA U 131 -17.10 -69.56 -39.83
CA ALA U 131 -18.52 -69.61 -40.13
C ALA U 131 -19.29 -68.57 -39.32
N MET U 132 -19.07 -68.53 -38.00
CA MET U 132 -19.80 -67.59 -37.16
C MET U 132 -19.40 -66.14 -37.42
N HIS U 133 -18.21 -65.90 -37.96
CA HIS U 133 -17.82 -64.54 -38.30
C HIS U 133 -18.50 -64.10 -39.58
N GLN U 134 -18.67 -65.02 -40.53
CA GLN U 134 -19.43 -64.72 -41.74
C GLN U 134 -20.89 -64.46 -41.42
N ILE U 135 -21.49 -65.28 -40.56
CA ILE U 135 -22.90 -65.08 -40.25
C ILE U 135 -23.11 -63.83 -39.41
N ILE U 136 -22.18 -63.51 -38.50
CA ILE U 136 -22.32 -62.28 -37.73
C ILE U 136 -22.15 -61.06 -38.65
N PHE U 137 -21.27 -61.16 -39.65
CA PHE U 137 -21.12 -60.09 -40.64
C PHE U 137 -22.40 -59.86 -41.41
N TRP U 138 -22.96 -60.92 -41.99
CA TRP U 138 -24.09 -60.73 -42.90
C TRP U 138 -25.38 -60.41 -42.15
N VAL U 139 -25.61 -61.06 -41.00
CA VAL U 139 -26.78 -60.75 -40.20
C VAL U 139 -26.69 -59.35 -39.61
N GLY U 140 -25.48 -58.92 -39.22
CA GLY U 140 -25.33 -57.56 -38.74
C GLY U 140 -25.53 -56.52 -39.82
N LEU U 141 -25.08 -56.82 -41.04
CA LEU U 141 -25.33 -55.92 -42.17
C LEU U 141 -26.82 -55.81 -42.45
N LEU U 142 -27.54 -56.94 -42.42
CA LEU U 142 -28.99 -56.91 -42.64
C LEU U 142 -29.70 -56.12 -41.55
N GLU U 143 -29.29 -56.30 -40.29
CA GLU U 143 -29.89 -55.56 -39.18
C GLU U 143 -29.61 -54.06 -39.29
N VAL U 144 -28.39 -53.69 -39.67
CA VAL U 144 -28.01 -52.28 -39.85
C VAL U 144 -28.85 -51.66 -40.96
N LEU U 145 -29.03 -52.38 -42.07
CA LEU U 145 -29.80 -51.82 -43.17
C LEU U 145 -31.29 -51.80 -42.90
N THR U 146 -31.79 -52.66 -42.01
CA THR U 146 -33.22 -52.68 -41.68
C THR U 146 -33.58 -51.89 -40.43
N MET U 147 -32.62 -51.28 -39.74
CA MET U 147 -32.93 -50.30 -38.69
C MET U 147 -33.90 -49.17 -39.09
N PRO U 148 -33.81 -48.53 -40.28
CA PRO U 148 -34.82 -47.51 -40.59
C PRO U 148 -36.24 -48.02 -40.70
N ALA U 149 -36.45 -49.33 -40.93
CA ALA U 149 -37.80 -49.88 -40.82
C ALA U 149 -38.33 -49.76 -39.41
N LEU U 150 -37.49 -50.03 -38.40
CA LEU U 150 -37.85 -49.78 -37.01
C LEU U 150 -38.14 -48.31 -36.76
N PHE U 151 -37.28 -47.43 -37.30
CA PHE U 151 -37.44 -46.01 -37.03
C PHE U 151 -38.71 -45.45 -37.68
N GLU U 152 -39.07 -45.93 -38.87
CA GLU U 152 -40.31 -45.48 -39.48
C GLU U 152 -41.54 -46.14 -38.86
N THR U 153 -41.42 -47.38 -38.37
CA THR U 153 -42.56 -48.01 -37.70
C THR U 153 -42.86 -47.35 -36.37
N MET U 154 -41.83 -46.96 -35.62
CA MET U 154 -42.05 -46.29 -34.34
C MET U 154 -42.53 -44.85 -34.48
N ASN U 155 -42.55 -44.30 -35.69
CA ASN U 155 -43.09 -42.97 -35.95
C ASN U 155 -44.49 -43.01 -36.55
N GLY U 156 -45.22 -44.09 -36.34
CA GLY U 156 -46.56 -44.25 -36.90
C GLY U 156 -46.61 -44.31 -38.41
N GLY U 157 -45.63 -44.96 -39.03
CA GLY U 157 -45.62 -45.10 -40.47
C GLY U 157 -46.56 -46.20 -40.94
N PRO U 158 -46.64 -46.36 -42.26
CA PRO U 158 -47.57 -47.36 -42.82
C PRO U 158 -47.12 -48.80 -42.63
N ARG U 159 -45.90 -49.03 -42.17
CA ARG U 159 -45.39 -50.37 -41.92
C ARG U 159 -45.78 -50.81 -40.52
N GLN U 160 -46.37 -51.99 -40.42
CA GLN U 160 -46.69 -52.63 -39.15
C GLN U 160 -45.53 -53.50 -38.69
N PRO U 161 -45.39 -53.71 -37.38
CA PRO U 161 -44.27 -54.53 -36.87
C PRO U 161 -44.29 -55.95 -37.41
N GLY U 162 -43.14 -56.37 -37.93
CA GLY U 162 -42.96 -57.68 -38.54
C GLY U 162 -43.14 -57.70 -40.04
N ASP U 163 -43.68 -56.64 -40.63
CA ASP U 163 -43.99 -56.60 -42.05
C ASP U 163 -42.77 -56.07 -42.80
N PHE U 164 -42.01 -56.96 -43.41
CA PHE U 164 -40.95 -56.60 -44.33
C PHE U 164 -41.37 -56.77 -45.78
N LYS U 165 -42.67 -57.01 -46.03
CA LYS U 165 -43.24 -57.26 -47.36
C LYS U 165 -42.53 -58.42 -48.07
N PHE U 166 -42.15 -59.43 -47.30
CA PHE U 166 -41.37 -60.56 -47.83
C PHE U 166 -42.33 -61.72 -48.04
N ASP U 167 -42.91 -61.77 -49.24
CA ASP U 167 -43.75 -62.89 -49.67
C ASP U 167 -43.40 -63.24 -51.10
N PRO U 168 -42.29 -63.98 -51.31
CA PRO U 168 -41.93 -64.38 -52.68
C PRO U 168 -42.95 -65.28 -53.36
N LEU U 169 -43.49 -66.26 -52.64
CA LEU U 169 -44.42 -67.19 -53.25
C LEU U 169 -45.86 -66.67 -53.30
N GLY U 170 -46.13 -65.53 -52.68
CA GLY U 170 -47.45 -64.91 -52.77
C GLY U 170 -48.56 -65.72 -52.14
N LEU U 171 -48.26 -66.47 -51.09
CA LEU U 171 -49.23 -67.41 -50.54
C LEU U 171 -50.18 -66.74 -49.55
N GLY U 172 -49.71 -65.72 -48.84
CA GLY U 172 -50.55 -65.00 -47.91
C GLY U 172 -51.13 -63.74 -48.52
N LYS U 173 -51.38 -63.76 -49.83
CA LYS U 173 -51.73 -62.56 -50.57
C LYS U 173 -53.14 -62.06 -50.30
N GLY U 174 -54.00 -62.86 -49.66
CA GLY U 174 -55.33 -62.38 -49.35
C GLY U 174 -55.69 -62.48 -47.88
N ASP U 175 -56.90 -62.96 -47.59
CA ASP U 175 -57.32 -63.17 -46.20
C ASP U 175 -56.50 -64.25 -45.50
N LYS U 176 -55.90 -65.17 -46.27
CA LYS U 176 -55.07 -66.24 -45.72
C LYS U 176 -53.93 -65.72 -44.85
N LEU U 177 -53.46 -64.50 -45.10
CA LEU U 177 -52.49 -63.82 -44.23
C LEU U 177 -52.89 -63.85 -42.76
N ALA U 178 -54.16 -63.56 -42.46
CA ALA U 178 -54.62 -63.30 -41.10
C ALA U 178 -54.34 -64.47 -40.18
N ARG U 179 -54.89 -65.65 -40.51
CA ARG U 179 -54.56 -66.92 -39.87
C ARG U 179 -53.06 -67.11 -39.67
N LYS U 180 -52.30 -66.90 -40.76
CA LYS U 180 -50.85 -67.08 -40.74
C LYS U 180 -50.21 -66.21 -39.67
N GLN U 181 -50.66 -64.95 -39.56
CA GLN U 181 -50.11 -64.03 -38.58
C GLN U 181 -50.23 -64.60 -37.18
N LEU U 182 -51.44 -65.05 -36.84
CA LEU U 182 -51.70 -65.71 -35.55
C LEU U 182 -50.73 -66.86 -35.34
N THR U 183 -50.66 -67.77 -36.32
CA THR U 183 -49.86 -68.97 -36.17
C THR U 183 -48.40 -68.62 -36.04
N GLU U 184 -47.97 -67.58 -36.77
CA GLU U 184 -46.58 -67.11 -36.72
C GLU U 184 -46.19 -66.78 -35.30
N ILE U 185 -46.96 -65.87 -34.67
CA ILE U 185 -46.60 -65.41 -33.34
C ILE U 185 -46.65 -66.58 -32.35
N LYS U 186 -47.62 -67.49 -32.56
CA LYS U 186 -47.78 -68.59 -31.62
C LYS U 186 -46.61 -69.54 -31.77
N ASN U 187 -46.28 -69.88 -33.03
CA ASN U 187 -45.15 -70.76 -33.25
C ASN U 187 -43.87 -70.09 -32.80
N GLY U 188 -43.79 -68.77 -32.98
CA GLY U 188 -42.65 -68.02 -32.51
C GLY U 188 -42.48 -68.17 -31.02
N ARG U 189 -43.59 -67.98 -30.28
CA ARG U 189 -43.55 -68.12 -28.83
C ARG U 189 -43.18 -69.54 -28.45
N LEU U 190 -43.74 -70.52 -29.17
CA LEU U 190 -43.42 -71.91 -28.90
C LEU U 190 -41.94 -72.18 -29.16
N ALA U 191 -41.42 -71.64 -30.27
CA ALA U 191 -40.01 -71.79 -30.58
C ALA U 191 -39.16 -71.12 -29.53
N MET U 192 -39.63 -69.97 -29.02
CA MET U 192 -38.91 -69.23 -28.00
C MET U 192 -38.71 -70.07 -26.75
N ILE U 193 -39.69 -70.90 -26.39
CA ILE U 193 -39.49 -71.77 -25.26
C ILE U 193 -38.52 -72.88 -25.60
N GLY U 194 -38.66 -73.44 -26.81
CA GLY U 194 -37.99 -74.69 -27.17
C GLY U 194 -36.48 -74.60 -27.10
N VAL U 195 -35.92 -73.54 -27.71
CA VAL U 195 -34.48 -73.29 -27.72
C VAL U 195 -33.94 -73.31 -26.31
N GLY U 196 -34.65 -72.64 -25.39
CA GLY U 196 -34.19 -72.54 -24.02
C GLY U 196 -34.01 -73.90 -23.37
N GLY U 197 -35.01 -74.78 -23.57
CA GLY U 197 -34.85 -76.15 -23.13
C GLY U 197 -33.67 -76.80 -23.80
N MET U 198 -33.63 -76.73 -25.14
CA MET U 198 -32.56 -77.32 -25.92
C MET U 198 -31.20 -76.74 -25.61
N VAL U 199 -31.14 -75.56 -24.99
CA VAL U 199 -29.85 -75.05 -24.56
C VAL U 199 -29.51 -75.50 -23.15
N HIS U 200 -30.44 -75.29 -22.21
CA HIS U 200 -30.12 -75.61 -20.81
C HIS U 200 -30.02 -77.11 -20.59
N HIS U 201 -30.87 -77.90 -21.26
CA HIS U 201 -30.69 -79.35 -21.29
C HIS U 201 -29.32 -79.77 -21.84
N TYR U 202 -28.73 -78.93 -22.68
CA TYR U 202 -27.37 -79.18 -23.13
C TYR U 202 -26.38 -78.89 -22.00
N LEU U 203 -26.55 -77.75 -21.32
CA LEU U 203 -25.54 -77.23 -20.41
C LEU U 203 -25.36 -78.10 -19.18
N LEU U 204 -26.36 -78.92 -18.83
CA LEU U 204 -26.18 -79.90 -17.77
C LEU U 204 -25.48 -81.14 -18.28
N THR U 205 -25.86 -81.65 -19.44
CA THR U 205 -25.45 -82.98 -19.86
C THR U 205 -24.56 -83.00 -21.10
N GLY U 206 -24.69 -82.04 -22.00
CA GLY U 206 -24.07 -82.15 -23.30
C GLY U 206 -25.08 -82.70 -24.28
N LYS U 207 -24.61 -83.53 -25.20
CA LYS U 207 -25.43 -84.31 -26.16
C LYS U 207 -26.21 -83.33 -27.03
N GLY U 208 -27.50 -83.57 -27.27
CA GLY U 208 -28.32 -82.72 -28.08
C GLY U 208 -29.77 -83.11 -27.95
N PRO U 209 -30.67 -82.30 -28.55
CA PRO U 209 -32.12 -82.55 -28.46
C PRO U 209 -32.61 -83.97 -28.72
N LEU U 210 -32.17 -84.59 -29.80
CA LEU U 210 -32.61 -85.95 -30.08
C LEU U 210 -31.77 -86.98 -29.33
N GLN U 211 -30.53 -86.64 -28.99
CA GLN U 211 -29.76 -87.45 -28.07
C GLN U 211 -30.29 -87.37 -26.65
N PHE U 212 -31.00 -86.29 -26.30
CA PHE U 212 -31.57 -86.16 -24.96
C PHE U 212 -32.97 -86.73 -24.87
N LEU U 213 -33.74 -86.67 -25.97
CA LEU U 213 -35.06 -87.29 -25.98
C LEU U 213 -34.98 -88.80 -25.80
N ALA U 214 -34.14 -89.46 -26.59
CA ALA U 214 -34.01 -90.91 -26.54
C ALA U 214 -33.10 -91.34 -25.41
N ALA V 38 36.56 71.81 -30.97
CA ALA V 38 36.03 70.46 -31.07
C ALA V 38 37.08 69.42 -30.69
N MET V 39 38.31 69.64 -31.13
CA MET V 39 39.43 68.74 -30.86
C MET V 39 40.23 69.24 -29.67
N SER V 40 40.84 68.30 -28.95
CA SER V 40 41.67 68.66 -27.82
C SER V 40 42.99 69.28 -28.27
N ASP V 41 43.60 70.06 -27.38
CA ASP V 41 44.88 70.69 -27.68
C ASP V 41 46.06 69.78 -27.38
N SER V 42 46.03 69.09 -26.23
CA SER V 42 47.12 68.20 -25.86
C SER V 42 47.17 66.97 -26.76
N VAL V 43 46.01 66.38 -27.03
CA VAL V 43 45.91 65.22 -27.91
C VAL V 43 45.10 65.65 -29.12
N PRO V 44 45.74 65.99 -30.24
CA PRO V 44 45.01 66.63 -31.35
C PRO V 44 44.03 65.72 -32.08
N PHE V 45 44.14 64.41 -31.95
CA PHE V 45 43.27 63.47 -32.64
C PHE V 45 42.11 63.00 -31.78
N LEU V 46 41.89 63.62 -30.63
CA LEU V 46 40.79 63.28 -29.75
C LEU V 46 39.81 64.43 -29.64
N LYS V 47 38.53 64.09 -29.56
CA LYS V 47 37.49 65.08 -29.32
C LYS V 47 37.66 65.69 -27.92
N GLN V 48 37.41 66.99 -27.82
CA GLN V 48 37.57 67.71 -26.56
C GLN V 48 36.61 67.17 -25.51
N PRO V 49 37.07 66.93 -24.28
CA PRO V 49 36.16 66.49 -23.20
C PRO V 49 35.08 67.52 -22.90
N GLU V 50 33.87 67.02 -22.63
CA GLU V 50 32.73 67.90 -22.41
C GLU V 50 32.84 68.64 -21.08
N ALA V 51 33.34 67.97 -20.04
CA ALA V 51 33.46 68.60 -18.74
C ALA V 51 34.65 69.55 -18.64
N LEU V 52 35.51 69.58 -19.65
CA LEU V 52 36.66 70.48 -19.66
C LEU V 52 36.33 71.67 -20.55
N ASP V 53 36.04 72.82 -19.93
CA ASP V 53 35.76 74.04 -20.67
C ASP V 53 37.02 74.86 -20.96
N GLY V 54 38.11 74.61 -20.24
CA GLY V 54 39.31 75.42 -20.38
C GLY V 54 39.42 76.57 -19.41
N SER V 55 38.59 76.61 -18.37
CA SER V 55 38.63 77.68 -17.37
C SER V 55 39.64 77.40 -16.26
N MET V 56 39.74 76.16 -15.82
CA MET V 56 40.72 75.79 -14.81
C MET V 56 42.13 75.91 -15.34
N ALA V 57 43.06 76.27 -14.45
CA ALA V 57 44.46 76.40 -14.84
C ALA V 57 45.05 75.04 -15.21
N GLY V 58 45.88 75.04 -16.25
CA GLY V 58 46.46 73.80 -16.73
C GLY V 58 45.55 72.97 -17.60
N ASP V 59 44.41 73.52 -18.04
CA ASP V 59 43.47 72.79 -18.89
C ASP V 59 43.95 72.85 -20.33
N VAL V 60 44.49 71.75 -20.82
CA VAL V 60 44.84 71.60 -22.22
C VAL V 60 43.99 70.52 -22.90
N GLY V 61 42.83 70.23 -22.32
CA GLY V 61 41.95 69.21 -22.87
C GLY V 61 42.46 67.81 -22.74
N PHE V 62 43.27 67.52 -21.71
CA PHE V 62 43.89 66.22 -21.55
C PHE V 62 43.02 65.35 -20.65
N ASP V 63 42.14 64.58 -21.27
CA ASP V 63 41.41 63.51 -20.58
C ASP V 63 41.04 62.42 -21.58
N PRO V 64 42.02 61.62 -22.02
CA PRO V 64 41.72 60.57 -23.01
C PRO V 64 40.83 59.47 -22.47
N LEU V 65 40.90 59.14 -21.18
CA LEU V 65 40.08 58.08 -20.62
C LEU V 65 38.70 58.54 -20.19
N GLY V 66 38.42 59.84 -20.27
CA GLY V 66 37.11 60.37 -19.91
C GLY V 66 36.76 60.25 -18.45
N PHE V 67 37.74 60.48 -17.56
CA PHE V 67 37.48 60.38 -16.13
C PHE V 67 36.61 61.52 -15.63
N SER V 68 36.66 62.68 -16.29
CA SER V 68 35.83 63.81 -15.89
C SER V 68 34.37 63.63 -16.29
N SER V 69 34.07 62.67 -17.16
CA SER V 69 32.68 62.35 -17.48
C SER V 69 32.07 61.42 -16.45
N ILE V 70 32.88 60.67 -15.70
CA ILE V 70 32.39 59.77 -14.68
C ILE V 70 32.33 60.50 -13.35
N GLY V 71 33.48 61.00 -12.89
CA GLY V 71 33.54 61.74 -11.65
C GLY V 71 33.26 63.22 -11.83
N ASP V 72 33.00 63.88 -10.70
CA ASP V 72 32.82 65.33 -10.71
C ASP V 72 34.15 66.01 -11.00
N ILE V 73 34.10 67.06 -11.83
CA ILE V 73 35.32 67.76 -12.23
C ILE V 73 35.90 68.53 -11.04
N ASN V 74 35.05 69.04 -10.14
CA ASN V 74 35.56 69.80 -9.00
C ASN V 74 36.19 68.89 -7.95
N PHE V 75 35.60 67.71 -7.76
CA PHE V 75 36.20 66.71 -6.87
C PHE V 75 37.56 66.26 -7.39
N LEU V 76 37.65 66.03 -8.70
CA LEU V 76 38.91 65.65 -9.32
C LEU V 76 39.94 66.78 -9.23
N ARG V 77 39.49 68.04 -9.36
CA ARG V 77 40.41 69.16 -9.27
C ARG V 77 40.94 69.34 -7.84
N GLU V 78 40.06 69.18 -6.85
CA GLU V 78 40.49 69.27 -5.46
C GLU V 78 41.45 68.14 -5.11
N ALA V 79 41.18 66.92 -5.64
CA ALA V 79 42.12 65.82 -5.49
C ALA V 79 43.46 66.09 -6.16
N GLU V 80 43.43 66.64 -7.38
CA GLU V 80 44.65 66.95 -8.11
C GLU V 80 45.49 67.97 -7.37
N LEU V 81 44.85 69.02 -6.85
CA LEU V 81 45.59 70.04 -6.12
C LEU V 81 46.15 69.51 -4.80
N LYS V 82 45.39 68.66 -4.09
CA LYS V 82 45.91 68.13 -2.84
C LYS V 82 47.07 67.15 -3.08
N HIS V 83 46.93 66.25 -4.06
CA HIS V 83 48.02 65.36 -4.45
C HIS V 83 49.25 66.16 -4.90
N GLY V 84 49.03 67.21 -5.70
CA GLY V 84 50.15 68.01 -6.18
C GLY V 84 50.85 68.84 -5.12
N ARG V 85 50.10 69.41 -4.19
CA ARG V 85 50.71 70.18 -3.11
C ARG V 85 51.48 69.29 -2.16
N ILE V 86 50.91 68.12 -1.84
CA ILE V 86 51.61 67.13 -1.02
C ILE V 86 52.87 66.65 -1.72
N ALA V 87 52.80 66.50 -3.05
CA ALA V 87 53.97 66.09 -3.82
C ALA V 87 55.02 67.19 -3.89
N MET V 88 54.60 68.46 -3.95
CA MET V 88 55.56 69.56 -3.93
C MET V 88 56.33 69.58 -2.62
N LEU V 89 55.61 69.43 -1.50
CA LEU V 89 56.25 69.36 -0.21
C LEU V 89 57.16 68.14 -0.09
N ALA V 90 56.74 67.01 -0.64
CA ALA V 90 57.56 65.79 -0.57
C ALA V 90 58.81 65.89 -1.42
N ALA V 91 58.72 66.50 -2.60
CA ALA V 91 59.89 66.68 -3.46
C ALA V 91 60.91 67.61 -2.82
N ALA V 92 60.44 68.78 -2.35
CA ALA V 92 61.34 69.71 -1.68
C ALA V 92 61.91 69.11 -0.42
N GLY V 93 61.12 68.29 0.27
CA GLY V 93 61.62 67.65 1.47
C GLY V 93 62.63 66.57 1.19
N SER V 94 62.46 65.81 0.11
CA SER V 94 63.44 64.80 -0.26
C SER V 94 64.78 65.46 -0.58
N ILE V 95 64.74 66.56 -1.34
CA ILE V 95 65.97 67.27 -1.67
C ILE V 95 66.63 67.88 -0.42
N ALA V 96 65.84 68.51 0.45
CA ALA V 96 66.43 69.16 1.62
C ALA V 96 66.94 68.16 2.64
N GLN V 97 66.19 67.08 2.91
CA GLN V 97 66.68 65.99 3.76
C GLN V 97 67.92 65.32 3.17
N ASP V 98 68.11 65.35 1.85
CA ASP V 98 69.43 65.01 1.32
C ASP V 98 70.47 66.08 1.68
N ILE V 99 70.06 67.35 1.70
CA ILE V 99 71.04 68.42 1.90
C ILE V 99 71.45 68.52 3.36
N PHE V 100 70.47 68.59 4.26
CA PHE V 100 70.77 68.79 5.68
C PHE V 100 69.67 68.16 6.52
N THR V 101 70.01 67.88 7.77
CA THR V 101 69.05 67.43 8.77
C THR V 101 69.05 68.40 9.93
N PHE V 102 67.91 68.43 10.63
CA PHE V 102 67.75 69.28 11.80
C PHE V 102 68.62 68.77 12.95
N PRO V 103 68.94 69.63 13.93
CA PRO V 103 69.75 69.19 15.08
C PRO V 103 69.13 68.04 15.85
N GLY V 104 69.95 67.04 16.15
CA GLY V 104 69.53 65.86 16.87
C GLY V 104 68.87 64.78 16.04
N VAL V 105 68.60 65.04 14.76
CA VAL V 105 67.96 64.04 13.92
C VAL V 105 68.89 62.87 13.65
N SER V 106 70.17 63.15 13.37
CA SER V 106 71.15 62.10 13.07
C SER V 106 71.42 61.20 14.27
N LYS V 107 71.10 61.65 15.48
CA LYS V 107 71.14 60.76 16.64
C LYS V 107 70.10 59.65 16.53
N VAL V 108 68.91 59.97 16.05
CA VAL V 108 67.80 59.03 16.05
C VAL V 108 67.74 58.21 14.77
N VAL V 109 67.92 58.86 13.61
CA VAL V 109 67.75 58.16 12.34
C VAL V 109 69.03 57.50 11.85
N GLY V 110 70.20 57.94 12.32
CA GLY V 110 71.46 57.41 11.86
C GLY V 110 71.76 57.74 10.41
N THR V 111 71.99 56.71 9.59
CA THR V 111 72.25 56.88 8.17
C THR V 111 71.03 56.59 7.31
N ALA V 112 69.86 56.44 7.90
CA ALA V 112 68.66 56.13 7.13
C ALA V 112 68.15 57.36 6.41
N LYS V 113 67.72 57.16 5.16
CA LYS V 113 67.26 58.26 4.32
C LYS V 113 65.90 57.92 3.74
N MET V 114 65.12 58.97 3.47
CA MET V 114 63.81 58.92 2.81
C MET V 114 62.83 57.97 3.48
N THR V 115 62.38 56.97 2.71
CA THR V 115 61.44 55.95 3.18
C THR V 115 61.91 55.26 4.45
N GLY V 116 63.22 54.99 4.54
CA GLY V 116 63.80 54.36 5.71
C GLY V 116 63.59 55.13 7.00
N VAL V 117 63.43 56.45 6.90
CA VAL V 117 63.14 57.26 8.07
C VAL V 117 61.77 56.91 8.66
N HIS V 118 60.75 56.74 7.80
CA HIS V 118 59.33 56.61 8.19
C HIS V 118 59.12 55.63 9.33
N ASP V 119 59.52 54.37 9.11
CA ASP V 119 59.42 53.30 10.11
C ASP V 119 60.07 53.68 11.42
N ILE V 120 61.31 54.20 11.36
CA ILE V 120 62.04 54.60 12.55
C ILE V 120 61.26 55.68 13.30
N LEU V 121 60.78 56.67 12.58
CA LEU V 121 60.09 57.76 13.24
C LEU V 121 58.62 57.46 13.43
N VAL V 122 58.16 56.28 13.01
CA VAL V 122 56.90 55.79 13.55
C VAL V 122 57.11 55.35 14.99
N LYS V 123 58.28 54.76 15.29
CA LYS V 123 58.55 54.30 16.64
C LYS V 123 58.89 55.46 17.57
N GLN V 124 59.66 56.44 17.09
CA GLN V 124 60.00 57.60 17.92
C GLN V 124 58.77 58.45 18.22
N GLY V 125 57.92 58.66 17.22
CA GLY V 125 56.67 59.37 17.42
C GLY V 125 56.45 60.60 16.56
N ALA V 126 57.40 60.97 15.70
CA ALA V 126 57.24 62.15 14.86
C ALA V 126 56.11 61.97 13.84
N MET V 127 56.06 60.80 13.21
CA MET V 127 55.03 60.52 12.21
C MET V 127 53.65 60.48 12.82
N GLY V 128 53.54 60.05 14.08
CA GLY V 128 52.25 60.10 14.77
C GLY V 128 51.76 61.52 14.96
N GLN V 129 52.65 62.42 15.37
CA GLN V 129 52.29 63.83 15.52
C GLN V 129 51.90 64.45 14.20
N LEU V 130 52.66 64.15 13.13
CA LEU V 130 52.30 64.63 11.80
C LEU V 130 50.94 64.11 11.36
N LEU V 131 50.67 62.82 11.60
CA LEU V 131 49.38 62.23 11.25
C LEU V 131 48.24 62.91 11.99
N LEU V 132 48.44 63.16 13.30
CA LEU V 132 47.43 63.81 14.13
C LEU V 132 47.10 65.20 13.61
N TRP V 133 48.11 66.04 13.39
CA TRP V 133 47.82 67.43 13.05
C TRP V 133 47.38 67.59 11.60
N LEU V 134 47.89 66.76 10.68
CA LEU V 134 47.40 66.81 9.31
C LEU V 134 45.97 66.30 9.22
N SER V 135 45.62 65.28 10.02
CA SER V 135 44.24 64.81 10.08
C SER V 135 43.32 65.88 10.64
N PHE V 136 43.78 66.61 11.65
CA PHE V 136 43.00 67.71 12.20
C PHE V 136 42.75 68.80 11.16
N LEU V 137 43.78 69.19 10.40
CA LEU V 137 43.59 70.16 9.33
C LEU V 137 42.66 69.63 8.24
N GLU V 138 42.76 68.34 7.94
CA GLU V 138 42.00 67.75 6.86
C GLU V 138 40.53 67.50 7.24
N VAL V 139 40.18 67.58 8.52
CA VAL V 139 38.76 67.62 8.89
C VAL V 139 38.10 68.88 8.32
N PHE V 140 38.73 70.04 8.53
CA PHE V 140 38.25 71.27 7.92
C PHE V 140 38.44 71.26 6.41
N GLY V 141 39.44 70.51 5.92
CA GLY V 141 39.52 70.26 4.48
C GLY V 141 38.33 69.49 3.94
N THR V 142 37.80 68.55 4.73
CA THR V 142 36.59 67.82 4.35
C THR V 142 35.38 68.73 4.30
N ILE V 143 35.28 69.64 5.27
CA ILE V 143 34.22 70.65 5.22
C ILE V 143 34.37 71.54 4.00
N ALA V 144 35.62 71.86 3.63
CA ALA V 144 35.88 72.64 2.42
C ALA V 144 35.50 71.85 1.16
N LEU V 145 35.70 70.54 1.18
CA LEU V 145 35.24 69.69 0.08
C LEU V 145 33.71 69.71 -0.04
N LEU V 146 33.03 69.72 1.11
CA LEU V 146 31.58 69.89 1.10
C LEU V 146 31.17 71.24 0.52
N GLU V 147 31.95 72.28 0.82
CA GLU V 147 31.66 73.59 0.22
C GLU V 147 31.86 73.57 -1.29
N THR V 148 32.94 72.94 -1.77
CA THR V 148 33.21 72.96 -3.21
C THR V 148 32.33 72.01 -4.00
N LEU V 149 31.78 70.96 -3.37
CA LEU V 149 30.86 70.09 -4.10
C LEU V 149 29.48 70.69 -4.25
N ASP V 150 29.12 71.68 -3.44
CA ASP V 150 27.88 72.43 -3.63
C ASP V 150 28.00 73.49 -4.73
N GLY V 151 29.19 73.74 -5.24
CA GLY V 151 29.40 74.81 -6.19
C GLY V 151 29.68 76.16 -5.59
N LYS V 152 29.85 76.24 -4.27
CA LYS V 152 30.05 77.52 -3.59
C LYS V 152 31.49 77.78 -3.21
N ARG V 153 32.44 77.00 -3.74
CA ARG V 153 33.84 77.17 -3.43
C ARG V 153 34.67 76.63 -4.58
N ALA V 154 35.69 77.38 -4.98
CA ALA V 154 36.59 76.89 -6.02
C ALA V 154 37.49 75.79 -5.46
N PRO V 155 37.80 74.76 -6.26
CA PRO V 155 38.60 73.65 -5.75
C PRO V 155 40.02 74.08 -5.43
N GLY V 156 40.50 73.68 -4.26
CA GLY V 156 41.82 74.04 -3.81
C GLY V 156 41.94 75.40 -3.16
N ASP V 157 40.86 76.17 -3.12
CA ASP V 157 40.88 77.52 -2.57
C ASP V 157 40.64 77.45 -1.08
N PHE V 158 41.68 77.72 -0.29
CA PHE V 158 41.57 77.80 1.16
C PHE V 158 41.75 79.21 1.67
N LYS V 159 41.71 80.21 0.78
CA LYS V 159 41.83 81.64 1.10
C LYS V 159 43.13 81.96 1.83
N PHE V 160 44.19 81.20 1.55
CA PHE V 160 45.45 81.29 2.27
C PHE V 160 46.43 82.11 1.43
N ASP V 161 46.37 83.43 1.58
CA ASP V 161 47.34 84.33 0.97
C ASP V 161 47.74 85.39 2.00
N PRO V 162 48.54 85.02 3.01
CA PRO V 162 48.94 86.01 4.01
C PRO V 162 49.86 87.10 3.46
N LEU V 163 50.68 86.79 2.46
CA LEU V 163 51.66 87.73 1.95
C LEU V 163 51.15 88.51 0.74
N ASN V 164 49.92 88.24 0.30
CA ASN V 164 49.24 88.96 -0.78
C ASN V 164 50.04 88.94 -2.09
N PHE V 165 50.59 87.77 -2.42
CA PHE V 165 51.27 87.61 -3.70
C PHE V 165 50.29 87.78 -4.86
N SER V 166 49.11 87.21 -4.75
CA SER V 166 48.10 87.28 -5.80
C SER V 166 47.12 88.42 -5.57
N LYS V 167 47.65 89.64 -5.63
CA LYS V 167 46.80 90.83 -5.52
C LYS V 167 46.23 91.26 -6.87
N ASN V 168 46.94 90.96 -7.95
CA ASN V 168 46.48 91.20 -9.32
C ASN V 168 45.87 89.91 -9.88
N PRO V 169 44.61 89.94 -10.37
CA PRO V 169 44.02 88.74 -11.01
C PRO V 169 44.81 88.15 -12.17
N GLU V 170 45.67 88.95 -12.80
CA GLU V 170 46.57 88.44 -13.82
C GLU V 170 47.72 87.69 -13.19
N THR V 171 48.32 88.28 -12.15
CA THR V 171 49.32 87.56 -11.35
C THR V 171 48.69 86.36 -10.65
N PHE V 172 47.42 86.46 -10.26
CA PHE V 172 46.70 85.32 -9.71
C PHE V 172 46.58 84.18 -10.72
N LYS V 173 46.23 84.51 -11.97
CA LYS V 173 46.13 83.49 -13.02
C LYS V 173 47.49 82.86 -13.32
N ARG V 174 48.53 83.69 -13.38
CA ARG V 174 49.89 83.18 -13.63
C ARG V 174 50.36 82.29 -12.49
N TYR V 175 50.00 82.64 -11.25
CA TYR V 175 50.36 81.83 -10.10
C TYR V 175 49.57 80.53 -10.05
N GLN V 176 48.30 80.55 -10.48
CA GLN V 176 47.52 79.31 -10.54
C GLN V 176 48.09 78.34 -11.56
N LEU V 177 48.46 78.85 -12.74
CA LEU V 177 49.09 78.01 -13.75
C LEU V 177 50.42 77.45 -13.26
N ALA V 178 51.24 78.29 -12.61
CA ALA V 178 52.52 77.84 -12.08
C ALA V 178 52.33 76.80 -10.97
N GLU V 179 51.33 77.00 -10.11
CA GLU V 179 51.04 76.06 -9.03
C GLU V 179 50.64 74.70 -9.58
N ILE V 180 49.75 74.66 -10.56
CA ILE V 180 49.28 73.37 -11.05
C ILE V 180 50.37 72.68 -11.87
N LYS V 181 51.16 73.44 -12.64
CA LYS V 181 52.25 72.84 -13.40
C LYS V 181 53.34 72.27 -12.49
N ASN V 182 53.74 73.04 -11.48
CA ASN V 182 54.74 72.55 -10.54
C ASN V 182 54.20 71.42 -9.67
N GLY V 183 52.90 71.40 -9.39
CA GLY V 183 52.32 70.29 -8.65
C GLY V 183 52.37 68.98 -9.43
N ARG V 184 52.01 69.03 -10.71
CA ARG V 184 52.07 67.83 -11.55
C ARG V 184 53.52 67.37 -11.77
N LEU V 185 54.42 68.32 -12.04
CA LEU V 185 55.84 67.99 -12.15
C LEU V 185 56.38 67.41 -10.84
N ALA V 186 55.89 67.89 -9.70
CA ALA V 186 56.34 67.38 -8.42
C ALA V 186 55.81 65.97 -8.16
N MET V 187 54.60 65.68 -8.63
CA MET V 187 54.08 64.31 -8.56
C MET V 187 55.00 63.35 -9.32
N MET V 188 55.40 63.77 -10.53
CA MET V 188 56.39 63.00 -11.30
C MET V 188 57.72 62.89 -10.56
N GLY V 189 58.17 63.99 -9.97
CA GLY V 189 59.45 64.03 -9.28
C GLY V 189 59.49 63.12 -8.08
N VAL V 190 58.45 63.17 -7.24
CA VAL V 190 58.41 62.32 -6.05
C VAL V 190 58.34 60.86 -6.43
N GLY V 191 57.59 60.54 -7.50
CA GLY V 191 57.61 59.17 -8.02
C GLY V 191 59.00 58.71 -8.39
N GLY V 192 59.72 59.57 -9.13
CA GLY V 192 61.08 59.24 -9.53
C GLY V 192 62.05 59.11 -8.37
N MET V 193 61.98 60.05 -7.42
CA MET V 193 62.91 60.04 -6.29
C MET V 193 62.70 58.82 -5.40
N VAL V 194 61.43 58.52 -5.05
CA VAL V 194 61.23 57.37 -4.17
C VAL V 194 61.52 56.06 -4.88
N HIS V 195 61.26 55.96 -6.19
CA HIS V 195 61.57 54.67 -6.84
C HIS V 195 63.06 54.52 -7.13
N GLY V 196 63.76 55.62 -7.39
CA GLY V 196 65.22 55.58 -7.43
C GLY V 196 65.84 55.22 -6.10
N TYR V 197 65.22 55.66 -5.00
CA TYR V 197 65.69 55.22 -3.69
C TYR V 197 65.38 53.76 -3.44
N PHE V 198 64.24 53.27 -3.94
CA PHE V 198 63.95 51.84 -3.81
C PHE V 198 64.95 51.00 -4.59
N ILE V 199 65.45 51.52 -5.72
CA ILE V 199 66.41 50.77 -6.51
C ILE V 199 67.80 50.83 -5.87
N THR V 200 68.33 52.03 -5.64
CA THR V 200 69.72 52.15 -5.24
C THR V 200 69.95 52.36 -3.75
N GLY V 201 68.96 52.86 -3.01
CA GLY V 201 69.13 53.11 -1.60
C GLY V 201 69.92 54.37 -1.28
N LYS V 202 70.15 55.23 -2.27
CA LYS V 202 70.98 56.42 -2.07
C LYS V 202 70.15 57.65 -1.70
N GLY V 203 69.20 58.01 -2.55
CA GLY V 203 68.46 59.23 -2.45
C GLY V 203 68.69 60.06 -3.69
N PRO V 204 67.90 61.13 -3.88
CA PRO V 204 67.99 61.95 -5.10
C PRO V 204 69.34 62.57 -5.43
N LEU V 205 69.88 63.35 -4.50
CA LEU V 205 71.12 64.07 -4.78
C LEU V 205 72.33 63.17 -4.74
N GLU V 206 72.31 62.12 -3.91
CA GLU V 206 73.42 61.19 -3.88
C GLU V 206 73.46 60.35 -5.16
N LEU V 207 72.28 60.00 -5.70
CA LEU V 207 72.23 59.35 -7.00
C LEU V 207 72.71 60.28 -8.10
N LEU V 208 72.36 61.58 -8.01
CA LEU V 208 72.89 62.54 -8.98
C LEU V 208 74.41 62.66 -8.89
N GLY V 209 74.98 62.52 -7.70
CA GLY V 209 76.42 62.51 -7.58
C GLY V 209 77.06 61.17 -7.85
N ASN V 210 76.62 60.15 -7.13
CA ASN V 210 77.17 58.79 -7.26
C ASN V 210 76.29 57.96 -8.21
N PHE V 211 76.38 58.29 -9.50
CA PHE V 211 75.62 57.52 -10.49
C PHE V 211 76.50 56.47 -11.15
N ASP W 21 -20.27 -20.36 -74.85
CA ASP W 21 -20.78 -21.52 -74.14
C ASP W 21 -19.66 -22.36 -73.55
N MET W 22 -19.23 -23.38 -74.29
CA MET W 22 -18.22 -24.32 -73.84
C MET W 22 -16.93 -24.11 -74.61
N SER W 23 -15.80 -24.22 -73.92
CA SER W 23 -14.50 -24.00 -74.54
C SER W 23 -14.18 -25.10 -75.54
N ALA W 24 -13.50 -24.72 -76.62
CA ALA W 24 -13.20 -25.67 -77.69
C ALA W 24 -12.15 -26.70 -77.27
N SER W 25 -11.08 -26.25 -76.60
CA SER W 25 -10.02 -27.17 -76.19
C SER W 25 -10.49 -28.14 -75.11
N VAL W 26 -11.22 -27.64 -74.13
CA VAL W 26 -11.77 -28.45 -73.05
C VAL W 26 -13.28 -28.41 -73.16
N PRO W 27 -13.91 -29.45 -73.72
CA PRO W 27 -15.36 -29.41 -73.96
C PRO W 27 -16.23 -29.31 -72.72
N PHE W 28 -15.82 -29.89 -71.61
CA PHE W 28 -16.67 -29.91 -70.42
C PHE W 28 -16.53 -28.66 -69.57
N LEU W 29 -15.60 -27.79 -69.88
CA LEU W 29 -15.52 -26.54 -69.16
C LEU W 29 -16.12 -25.40 -69.97
N PRO W 30 -16.70 -24.39 -69.33
CA PRO W 30 -17.17 -23.22 -70.06
C PRO W 30 -16.02 -22.42 -70.64
N ARG W 31 -16.31 -21.72 -71.74
CA ARG W 31 -15.31 -20.84 -72.34
C ARG W 31 -15.01 -19.68 -71.42
N PRO W 32 -13.74 -19.34 -71.20
CA PRO W 32 -13.41 -18.16 -70.39
C PRO W 32 -13.92 -16.88 -71.04
N ALA W 33 -14.44 -15.99 -70.19
CA ALA W 33 -15.14 -14.81 -70.69
C ALA W 33 -14.20 -13.79 -71.30
N ALA W 34 -12.95 -13.75 -70.83
CA ALA W 34 -11.98 -12.83 -71.41
C ALA W 34 -11.49 -13.32 -72.77
N LEU W 35 -11.43 -14.62 -72.99
CA LEU W 35 -11.01 -15.18 -74.28
C LEU W 35 -12.23 -15.26 -75.19
N ASP W 36 -12.42 -14.23 -76.00
CA ASP W 36 -13.55 -14.16 -76.92
C ASP W 36 -13.19 -14.52 -78.36
N GLY W 37 -11.92 -14.79 -78.64
CA GLY W 37 -11.48 -15.20 -79.96
C GLY W 37 -10.84 -14.10 -80.78
N SER W 38 -10.74 -12.87 -80.26
CA SER W 38 -10.04 -11.82 -80.98
C SER W 38 -8.53 -12.08 -81.01
N MET W 39 -8.00 -12.68 -79.95
CA MET W 39 -6.57 -12.96 -79.87
C MET W 39 -6.23 -14.24 -80.61
N VAL W 40 -5.07 -14.26 -81.25
CA VAL W 40 -4.63 -15.39 -82.05
C VAL W 40 -4.12 -16.49 -81.13
N GLY W 41 -4.23 -17.75 -81.58
CA GLY W 41 -3.90 -18.88 -80.75
C GLY W 41 -4.95 -19.26 -79.73
N ASP W 42 -6.17 -18.73 -79.84
CA ASP W 42 -7.22 -18.94 -78.87
C ASP W 42 -8.00 -20.20 -79.24
N VAL W 43 -7.92 -21.21 -78.37
CA VAL W 43 -8.86 -22.33 -78.37
C VAL W 43 -9.67 -22.34 -77.07
N GLY W 44 -9.70 -21.21 -76.36
CA GLY W 44 -10.41 -21.12 -75.10
C GLY W 44 -9.80 -21.92 -73.97
N PHE W 45 -8.48 -21.99 -73.91
CA PHE W 45 -7.80 -22.82 -72.91
C PHE W 45 -7.31 -21.93 -71.78
N ASP W 46 -8.21 -21.65 -70.83
CA ASP W 46 -7.84 -21.09 -69.54
C ASP W 46 -8.65 -21.77 -68.45
N PRO W 47 -8.33 -23.03 -68.13
CA PRO W 47 -9.13 -23.76 -67.14
C PRO W 47 -9.00 -23.21 -65.72
N LEU W 48 -7.83 -22.69 -65.37
CA LEU W 48 -7.58 -22.16 -64.03
C LEU W 48 -8.03 -20.71 -63.86
N GLY W 49 -8.45 -20.05 -64.94
CA GLY W 49 -8.98 -18.71 -64.86
C GLY W 49 -7.97 -17.62 -64.50
N PHE W 50 -6.79 -17.66 -65.11
CA PHE W 50 -5.81 -16.59 -64.90
C PHE W 50 -6.24 -15.30 -65.59
N THR W 51 -7.03 -15.41 -66.66
CA THR W 51 -7.53 -14.22 -67.35
C THR W 51 -8.50 -13.42 -66.48
N THR W 52 -9.22 -14.09 -65.59
CA THR W 52 -10.11 -13.38 -64.67
C THR W 52 -9.32 -12.58 -63.65
N LYS W 53 -8.14 -13.04 -63.25
CA LYS W 53 -7.33 -12.38 -62.24
C LYS W 53 -6.35 -11.38 -62.83
N TYR W 54 -5.77 -11.66 -63.99
CA TYR W 54 -4.74 -10.83 -64.57
C TYR W 54 -5.16 -10.36 -65.97
N ASP W 55 -4.59 -9.23 -66.37
CA ASP W 55 -4.94 -8.65 -67.66
C ASP W 55 -4.42 -9.51 -68.81
N ILE W 56 -5.26 -9.65 -69.83
CA ILE W 56 -4.96 -10.56 -70.93
C ILE W 56 -3.76 -10.08 -71.75
N LYS W 57 -3.61 -8.76 -71.90
CA LYS W 57 -2.50 -8.21 -72.68
C LYS W 57 -1.16 -8.51 -72.03
N TRP W 58 -1.08 -8.38 -70.70
CA TRP W 58 0.14 -8.72 -69.97
C TRP W 58 0.46 -10.20 -70.11
N LEU W 59 -0.56 -11.07 -70.03
CA LEU W 59 -0.35 -12.50 -70.16
C LEU W 59 0.11 -12.88 -71.56
N ARG W 60 -0.41 -12.20 -72.59
CA ARG W 60 0.03 -12.48 -73.96
C ARG W 60 1.45 -12.00 -74.19
N GLU W 61 1.81 -10.82 -73.64
CA GLU W 61 3.19 -10.36 -73.75
C GLU W 61 4.15 -11.30 -73.03
N ALA W 62 3.75 -11.79 -71.86
CA ALA W 62 4.55 -12.77 -71.13
C ALA W 62 4.67 -14.09 -71.88
N GLU W 63 3.57 -14.55 -72.50
CA GLU W 63 3.59 -15.78 -73.27
C GLU W 63 4.52 -15.67 -74.46
N LEU W 64 4.49 -14.53 -75.15
CA LEU W 64 5.37 -14.36 -76.30
C LEU W 64 6.82 -14.21 -75.88
N LYS W 65 7.10 -13.51 -74.78
CA LYS W 65 8.49 -13.39 -74.33
C LYS W 65 9.04 -14.74 -73.86
N HIS W 66 8.26 -15.51 -73.08
CA HIS W 66 8.68 -16.85 -72.66
C HIS W 66 8.89 -17.75 -73.88
N GLY W 67 7.96 -17.71 -74.84
CA GLY W 67 8.08 -18.52 -76.04
C GLY W 67 9.23 -18.15 -76.95
N ARG W 68 9.51 -16.85 -77.10
CA ARG W 68 10.62 -16.42 -77.94
C ARG W 68 11.96 -16.79 -77.31
N VAL W 69 12.09 -16.58 -76.00
CA VAL W 69 13.30 -16.99 -75.29
C VAL W 69 13.50 -18.49 -75.39
N CYS W 70 12.42 -19.26 -75.29
CA CYS W 70 12.53 -20.72 -75.45
C CYS W 70 12.81 -21.13 -76.89
N MET W 71 12.32 -20.38 -77.88
CA MET W 71 12.64 -20.68 -79.26
C MET W 71 14.14 -20.52 -79.51
N LEU W 72 14.69 -19.38 -79.07
CA LEU W 72 16.13 -19.15 -79.13
C LEU W 72 16.89 -20.19 -78.31
N ALA W 73 16.33 -20.60 -77.17
CA ALA W 73 17.00 -21.55 -76.30
C ALA W 73 17.04 -22.96 -76.89
N SER W 74 15.93 -23.41 -77.49
CA SER W 74 15.88 -24.71 -78.14
C SER W 74 16.82 -24.78 -79.33
N LEU W 75 16.79 -23.72 -80.17
CA LEU W 75 17.74 -23.63 -81.27
C LEU W 75 19.17 -23.60 -80.75
N GLY W 76 19.39 -22.90 -79.63
CA GLY W 76 20.70 -22.82 -79.04
C GLY W 76 21.21 -24.16 -78.55
N CYS W 77 20.36 -24.93 -77.86
CA CYS W 77 20.80 -26.22 -77.35
C CYS W 77 21.14 -27.17 -78.50
N ILE W 78 20.31 -27.18 -79.55
CA ILE W 78 20.58 -28.03 -80.70
C ILE W 78 21.87 -27.63 -81.40
N VAL W 79 22.10 -26.33 -81.63
CA VAL W 79 23.30 -25.98 -82.38
C VAL W 79 24.57 -25.99 -81.52
N GLN W 80 24.48 -25.73 -80.21
CA GLN W 80 25.65 -25.81 -79.34
C GLN W 80 26.06 -27.23 -79.03
N GLU W 81 25.14 -28.21 -79.14
CA GLU W 81 25.56 -29.59 -79.01
C GLU W 81 26.52 -30.01 -80.12
N PHE W 82 26.33 -29.48 -81.34
CA PHE W 82 27.13 -29.91 -82.48
C PHE W 82 28.28 -28.97 -82.83
N VAL W 83 28.07 -27.65 -82.81
CA VAL W 83 29.08 -26.71 -83.27
C VAL W 83 29.26 -25.60 -82.22
N HIS W 84 30.51 -25.30 -81.91
CA HIS W 84 30.85 -24.28 -80.93
C HIS W 84 31.98 -23.40 -81.45
N LEU W 85 32.08 -22.21 -80.87
CA LEU W 85 33.22 -21.35 -81.13
C LEU W 85 34.49 -22.00 -80.61
N PRO W 86 35.62 -21.86 -81.30
CA PRO W 86 36.82 -22.62 -80.90
C PRO W 86 37.52 -22.05 -79.68
N SER W 87 37.40 -22.79 -78.57
CA SER W 87 38.08 -22.56 -77.31
C SER W 87 37.79 -23.78 -76.44
N GLU W 88 38.56 -23.94 -75.37
CA GLU W 88 38.25 -25.02 -74.44
C GLU W 88 37.14 -24.64 -73.47
N ALA W 89 36.92 -23.35 -73.23
CA ALA W 89 35.81 -22.93 -72.38
C ALA W 89 34.46 -23.14 -73.03
N THR W 90 34.41 -23.06 -74.36
CA THR W 90 33.17 -23.19 -75.12
C THR W 90 32.94 -24.59 -75.67
N SER W 91 33.79 -25.55 -75.34
CA SER W 91 33.82 -26.82 -76.04
C SER W 91 32.82 -27.84 -75.54
N ASN W 92 32.18 -27.60 -74.41
CA ASN W 92 31.26 -28.60 -73.84
C ASN W 92 29.98 -28.68 -74.65
N PRO W 93 29.63 -29.85 -75.21
CA PRO W 93 28.37 -29.95 -75.96
C PRO W 93 27.12 -29.80 -75.10
N VAL W 94 27.18 -30.16 -73.82
CA VAL W 94 26.00 -30.06 -72.96
C VAL W 94 25.78 -28.60 -72.59
N ALA W 95 24.54 -28.13 -72.75
CA ALA W 95 24.21 -26.72 -72.50
C ALA W 95 24.38 -26.35 -71.04
N SER W 96 23.92 -27.22 -70.13
CA SER W 96 23.99 -26.93 -68.69
C SER W 96 25.43 -26.84 -68.21
N GLU W 97 26.29 -27.74 -68.69
CA GLU W 97 27.71 -27.66 -68.36
C GLU W 97 28.41 -26.54 -69.12
N ALA W 98 27.88 -26.16 -70.29
CA ALA W 98 28.43 -25.02 -71.02
C ALA W 98 28.24 -23.73 -70.23
N PHE W 99 27.09 -23.57 -69.56
CA PHE W 99 26.86 -22.40 -68.73
C PHE W 99 27.89 -22.24 -67.62
N PHE W 100 28.46 -23.35 -67.13
CA PHE W 100 29.48 -23.29 -66.09
C PHE W 100 30.90 -23.32 -66.64
N GLN W 101 31.10 -23.73 -67.89
CA GLN W 101 32.45 -23.80 -68.43
C GLN W 101 32.93 -22.46 -69.00
N VAL W 102 32.03 -21.68 -69.58
CA VAL W 102 32.37 -20.41 -70.24
C VAL W 102 32.74 -19.35 -69.19
N PRO W 103 33.52 -18.33 -69.56
CA PRO W 103 33.84 -17.25 -68.62
C PRO W 103 32.61 -16.47 -68.17
N ALA W 104 32.62 -16.07 -66.91
CA ALA W 104 31.46 -15.45 -66.27
C ALA W 104 31.26 -14.01 -66.75
N GLY W 105 32.36 -13.34 -67.12
CA GLY W 105 32.26 -11.97 -67.62
C GLY W 105 31.40 -11.85 -68.87
N GLY W 106 31.56 -12.79 -69.80
CA GLY W 106 30.70 -12.81 -70.97
C GLY W 106 29.24 -13.09 -70.64
N LEU W 107 28.99 -13.94 -69.64
CA LEU W 107 27.63 -14.15 -69.17
C LEU W 107 27.03 -12.87 -68.59
N TRP W 108 27.84 -12.10 -67.86
CA TRP W 108 27.38 -10.80 -67.34
C TRP W 108 27.13 -9.81 -68.47
N GLN W 109 27.94 -9.86 -69.53
CA GLN W 109 27.70 -9.01 -70.69
C GLN W 109 26.42 -9.39 -71.41
N ILE W 110 26.13 -10.70 -71.47
CA ILE W 110 24.86 -11.18 -72.01
C ILE W 110 23.69 -10.65 -71.18
N PHE W 111 23.82 -10.72 -69.86
CA PHE W 111 22.79 -10.22 -68.96
C PHE W 111 22.58 -8.72 -69.12
N ALA W 112 23.67 -7.96 -69.27
CA ALA W 112 23.56 -6.51 -69.43
C ALA W 112 22.95 -6.12 -70.78
N ALA W 113 23.31 -6.85 -71.84
CA ALA W 113 22.73 -6.58 -73.15
C ALA W 113 21.24 -6.93 -73.16
N ILE W 114 20.86 -8.02 -72.48
CA ILE W 114 19.44 -8.34 -72.35
C ILE W 114 18.73 -7.24 -71.57
N GLY W 115 19.37 -6.72 -70.52
CA GLY W 115 18.77 -5.63 -69.75
C GLY W 115 18.56 -4.36 -70.56
N ILE W 116 19.54 -3.97 -71.36
CA ILE W 116 19.36 -2.77 -72.18
C ILE W 116 18.32 -3.02 -73.28
N ILE W 117 18.23 -4.25 -73.80
CA ILE W 117 17.18 -4.57 -74.77
C ILE W 117 15.80 -4.51 -74.11
N GLU W 118 15.69 -5.01 -72.87
CA GLU W 118 14.44 -4.94 -72.12
C GLU W 118 14.03 -3.49 -71.87
N HIS W 119 14.99 -2.64 -71.53
CA HIS W 119 14.67 -1.24 -71.26
C HIS W 119 14.33 -0.47 -72.53
N PHE W 120 14.97 -0.81 -73.66
CA PHE W 120 14.81 -0.02 -74.87
C PHE W 120 13.56 -0.45 -75.65
N SER W 121 13.37 -1.75 -75.85
CA SER W 121 12.24 -2.24 -76.63
C SER W 121 10.91 -1.95 -75.95
N ASN W 122 10.90 -1.91 -74.62
CA ASN W 122 9.71 -1.53 -73.87
C ASN W 122 9.52 -0.02 -73.78
N ASN W 123 10.44 0.78 -74.34
CA ASN W 123 10.41 2.24 -74.30
C ASN W 123 10.35 2.78 -72.88
N PHE W 124 11.08 2.10 -71.98
CA PHE W 124 11.25 2.42 -70.56
C PHE W 124 9.96 2.31 -69.75
N LYS W 125 8.89 1.79 -70.33
CA LYS W 125 7.68 1.41 -69.60
C LYS W 125 7.74 -0.09 -69.35
N MET W 126 7.93 -0.48 -68.09
CA MET W 126 8.11 -1.89 -67.75
C MET W 126 7.11 -2.42 -66.73
N SER W 127 6.33 -1.56 -66.08
CA SER W 127 5.30 -2.05 -65.17
C SER W 127 4.13 -2.63 -65.95
N GLY W 128 3.28 -3.37 -65.25
CA GLY W 128 2.09 -3.94 -65.88
C GLY W 128 1.09 -2.90 -66.32
N SER W 129 0.85 -1.89 -65.47
CA SER W 129 -0.06 -0.81 -65.83
C SER W 129 0.57 0.19 -66.78
N THR W 130 1.90 0.32 -66.76
CA THR W 130 2.60 1.38 -67.47
C THR W 130 2.94 0.99 -68.91
N MET W 131 3.08 -0.32 -69.19
CA MET W 131 3.37 -0.80 -70.54
C MET W 131 2.25 -0.46 -71.51
N PHE W 132 1.00 -0.53 -71.05
CA PHE W 132 -0.15 -0.49 -71.96
C PHE W 132 -0.83 0.87 -72.01
N SER W 133 -0.43 1.82 -71.18
CA SER W 133 -0.70 3.21 -71.52
C SER W 133 0.24 3.62 -72.66
N ASP W 134 -0.27 4.49 -73.55
CA ASP W 134 0.31 4.73 -74.88
C ASP W 134 0.55 3.40 -75.58
N GLY W 135 -0.52 2.61 -75.64
CA GLY W 135 -0.39 1.16 -75.73
C GLY W 135 -0.03 0.63 -77.10
N ARG W 136 0.93 -0.29 -77.12
CA ARG W 136 1.27 -1.13 -78.26
C ARG W 136 0.60 -2.48 -78.10
N ALA W 137 0.27 -3.10 -79.23
CA ALA W 137 -0.35 -4.42 -79.20
C ALA W 137 0.59 -5.44 -78.54
N PRO W 138 0.04 -6.41 -77.80
CA PRO W 138 0.90 -7.31 -77.01
C PRO W 138 1.80 -8.18 -77.88
N GLY W 139 3.09 -8.20 -77.54
CA GLY W 139 4.08 -8.91 -78.30
C GLY W 139 4.67 -8.14 -79.44
N ASP W 140 4.15 -6.94 -79.73
CA ASP W 140 4.67 -6.11 -80.81
C ASP W 140 5.69 -5.15 -80.22
N LEU W 141 6.95 -5.35 -80.57
CA LEU W 141 8.03 -4.46 -80.16
C LEU W 141 8.44 -3.52 -81.27
N SER W 142 7.63 -3.42 -82.33
CA SER W 142 7.92 -2.64 -83.54
C SER W 142 9.24 -3.07 -84.17
N PHE W 143 9.47 -4.38 -84.22
CA PHE W 143 10.68 -4.95 -84.78
C PHE W 143 10.29 -5.83 -85.96
N ASP W 144 10.64 -5.39 -87.17
CA ASP W 144 10.41 -6.14 -88.40
C ASP W 144 11.36 -5.66 -89.49
N PRO W 145 12.68 -5.92 -89.38
CA PRO W 145 13.61 -5.32 -90.34
C PRO W 145 13.47 -5.84 -91.77
N LEU W 146 13.10 -7.11 -91.97
CA LEU W 146 12.92 -7.62 -93.32
C LEU W 146 11.55 -7.30 -93.89
N ASN W 147 10.61 -6.88 -93.05
CA ASN W 147 9.25 -6.45 -93.43
C ASN W 147 8.50 -7.51 -94.25
N PHE W 148 8.48 -8.74 -93.75
CA PHE W 148 7.52 -9.73 -94.24
C PHE W 148 6.10 -9.45 -93.77
N GLY W 149 5.95 -8.64 -92.71
CA GLY W 149 4.68 -8.51 -92.02
C GLY W 149 3.61 -7.77 -92.80
N LYS W 150 4.02 -6.87 -93.71
CA LYS W 150 3.15 -5.89 -94.36
C LYS W 150 1.88 -6.47 -94.98
N ASN W 151 1.93 -7.71 -95.50
CA ASN W 151 0.71 -8.31 -96.02
C ASN W 151 -0.10 -8.89 -94.86
N PRO W 152 -1.39 -8.52 -94.74
CA PRO W 152 -2.15 -8.95 -93.55
C PRO W 152 -2.49 -10.44 -93.51
N SER W 153 -2.79 -11.04 -94.67
CA SER W 153 -3.10 -12.47 -94.70
C SER W 153 -1.89 -13.31 -94.32
N ALA W 154 -0.70 -12.89 -94.74
CA ALA W 154 0.52 -13.50 -94.23
C ALA W 154 0.74 -13.18 -92.75
N ARG W 155 0.36 -11.95 -92.34
CA ARG W 155 0.57 -11.50 -90.96
C ARG W 155 -0.16 -12.39 -89.95
N ALA W 156 -1.44 -12.67 -90.20
CA ALA W 156 -2.22 -13.48 -89.26
C ALA W 156 -1.67 -14.90 -89.12
N ARG W 157 -1.31 -15.51 -90.25
CA ARG W 157 -0.72 -16.85 -90.23
C ARG W 157 0.63 -16.85 -89.53
N TYR W 158 1.42 -15.81 -89.74
CA TYR W 158 2.69 -15.65 -89.02
C TYR W 158 2.46 -15.54 -87.51
N GLU W 159 1.43 -14.80 -87.11
CA GLU W 159 1.09 -14.68 -85.69
C GLU W 159 0.74 -16.03 -85.07
N LEU W 160 -0.13 -16.79 -85.74
CA LEU W 160 -0.52 -18.10 -85.25
C LEU W 160 0.66 -19.06 -85.21
N ALA W 161 1.52 -19.02 -86.23
CA ALA W 161 2.67 -19.91 -86.25
C ALA W 161 3.69 -19.53 -85.19
N GLU W 162 3.84 -18.22 -84.91
CA GLU W 162 4.75 -17.80 -83.87
C GLU W 162 4.26 -18.21 -82.49
N ILE W 163 2.95 -18.08 -82.22
CA ILE W 163 2.44 -18.48 -80.90
C ILE W 163 2.54 -19.99 -80.73
N LYS W 164 2.30 -20.77 -81.80
CA LYS W 164 2.32 -22.22 -81.66
C LYS W 164 3.75 -22.75 -81.57
N ASN W 165 4.66 -22.16 -82.34
CA ASN W 165 6.07 -22.54 -82.25
C ASN W 165 6.69 -22.10 -80.94
N GLY W 166 6.22 -20.99 -80.37
CA GLY W 166 6.69 -20.58 -79.06
C GLY W 166 6.26 -21.54 -77.97
N ARG W 167 5.00 -21.96 -78.00
CA ARG W 167 4.53 -22.97 -77.03
C ARG W 167 5.27 -24.30 -77.19
N LEU W 168 5.45 -24.73 -78.45
CA LEU W 168 6.15 -25.98 -78.72
C LEU W 168 7.61 -25.91 -78.31
N ALA W 169 8.23 -24.74 -78.46
CA ALA W 169 9.62 -24.60 -78.06
C ALA W 169 9.76 -24.46 -76.56
N MET W 170 8.76 -23.93 -75.87
CA MET W 170 8.74 -23.96 -74.41
C MET W 170 8.77 -25.40 -73.92
N MET W 171 7.91 -26.25 -74.49
CA MET W 171 7.92 -27.67 -74.13
C MET W 171 9.24 -28.34 -74.52
N GLY W 172 9.77 -28.01 -75.70
CA GLY W 172 10.99 -28.63 -76.17
C GLY W 172 12.20 -28.25 -75.36
N PHE W 173 12.33 -26.98 -74.98
CA PHE W 173 13.46 -26.55 -74.17
C PHE W 173 13.38 -27.12 -72.76
N SER W 174 12.16 -27.21 -72.20
CA SER W 174 12.00 -27.84 -70.90
C SER W 174 12.49 -29.28 -70.93
N GLY W 175 12.05 -30.03 -71.94
CA GLY W 175 12.52 -31.40 -72.10
C GLY W 175 14.00 -31.50 -72.34
N MET W 176 14.56 -30.56 -73.12
CA MET W 176 15.98 -30.61 -73.45
C MET W 176 16.86 -30.34 -72.24
N ILE W 177 16.55 -29.29 -71.47
CA ILE W 177 17.38 -28.98 -70.31
C ILE W 177 17.21 -30.04 -69.21
N HIS W 178 16.01 -30.59 -69.01
CA HIS W 178 15.89 -31.63 -68.00
C HIS W 178 16.53 -32.94 -68.45
N GLY W 179 16.52 -33.23 -69.76
CA GLY W 179 17.25 -34.36 -70.28
C GLY W 179 18.77 -34.19 -70.21
N CYS W 180 19.24 -32.95 -70.37
CA CYS W 180 20.66 -32.66 -70.16
C CYS W 180 21.05 -32.89 -68.71
N PHE W 181 20.13 -32.55 -67.78
CA PHE W 181 20.39 -32.86 -66.37
C PHE W 181 20.45 -34.37 -66.12
N ILE W 182 19.52 -35.12 -66.72
CA ILE W 182 19.48 -36.57 -66.48
C ILE W 182 20.68 -37.27 -67.11
N THR W 183 20.93 -37.03 -68.40
CA THR W 183 21.89 -37.80 -69.16
C THR W 183 23.27 -37.18 -69.25
N GLY W 184 23.35 -35.85 -69.35
CA GLY W 184 24.62 -35.21 -69.60
C GLY W 184 25.17 -35.46 -70.99
N LYS W 185 24.31 -35.66 -71.98
CA LYS W 185 24.75 -35.96 -73.34
C LYS W 185 24.35 -34.93 -74.38
N GLY W 186 23.49 -33.98 -74.06
CA GLY W 186 22.96 -33.05 -75.04
C GLY W 186 21.74 -33.62 -75.73
N PRO W 187 20.96 -32.77 -76.43
CA PRO W 187 19.64 -33.19 -76.94
C PRO W 187 19.62 -34.33 -77.93
N LEU W 188 20.39 -34.21 -79.02
CA LEU W 188 20.46 -35.30 -79.98
C LEU W 188 21.23 -36.49 -79.42
N GLY W 189 22.22 -36.22 -78.56
CA GLY W 189 22.90 -37.30 -77.88
C GLY W 189 21.99 -38.06 -76.93
N ALA W 190 21.11 -37.35 -76.22
CA ALA W 190 20.13 -38.04 -75.38
C ALA W 190 19.11 -38.80 -76.21
N LEU W 191 18.71 -38.25 -77.36
CA LEU W 191 17.76 -38.96 -78.21
C LEU W 191 18.38 -40.22 -78.82
N GLY W 192 19.67 -40.16 -79.18
CA GLY W 192 20.35 -41.34 -79.70
C GLY W 192 20.72 -42.36 -78.65
N SER W 193 20.85 -41.95 -77.39
CA SER W 193 21.24 -42.83 -76.30
C SER W 193 20.07 -43.25 -75.44
N LEU W 194 18.85 -43.11 -75.96
CA LEU W 194 17.68 -43.62 -75.22
C LEU W 194 17.92 -45.12 -75.11
N ASP W 195 17.77 -45.71 -73.92
CA ASP W 195 18.14 -47.14 -73.83
C ASP W 195 16.90 -48.02 -73.82
N TRP W 196 16.81 -48.94 -74.78
CA TRP W 196 15.69 -49.90 -74.80
C TRP W 196 15.82 -50.74 -73.55
N HIS W 197 17.05 -51.08 -73.18
CA HIS W 197 17.25 -51.98 -72.03
C HIS W 197 17.71 -51.19 -70.80
N GLN W 198 16.93 -51.27 -69.72
CA GLN W 198 17.28 -50.56 -68.47
C GLN W 198 16.97 -51.52 -67.30
N SER W 199 17.64 -51.35 -66.17
CA SER W 199 17.43 -52.27 -65.02
C SER W 199 16.80 -51.51 -63.85
N PHE W 200 15.69 -52.04 -63.32
CA PHE W 200 14.97 -51.37 -62.19
C PHE W 200 14.00 -52.38 -61.57
N ALA X 38 -45.41 -43.62 -50.58
CA ALA X 38 -44.43 -43.90 -51.61
C ALA X 38 -43.24 -44.65 -51.04
N MET X 39 -43.19 -45.96 -51.28
CA MET X 39 -42.10 -46.80 -50.81
C MET X 39 -41.07 -47.00 -51.92
N SER X 40 -39.84 -47.28 -51.51
CA SER X 40 -38.76 -47.55 -52.46
C SER X 40 -38.98 -48.88 -53.16
N ASP X 41 -38.59 -48.93 -54.44
CA ASP X 41 -38.82 -50.13 -55.24
C ASP X 41 -37.86 -51.26 -54.85
N SER X 42 -36.59 -50.92 -54.61
CA SER X 42 -35.61 -51.94 -54.25
C SER X 42 -35.87 -52.50 -52.87
N VAL X 43 -36.13 -51.63 -51.90
CA VAL X 43 -36.42 -52.02 -50.53
C VAL X 43 -37.88 -51.67 -50.25
N PRO X 44 -38.81 -52.63 -50.37
CA PRO X 44 -40.24 -52.27 -50.36
C PRO X 44 -40.78 -51.87 -49.01
N PHE X 45 -40.18 -52.31 -47.92
CA PHE X 45 -40.64 -51.98 -46.57
C PHE X 45 -40.10 -50.65 -46.07
N LEU X 46 -39.43 -49.88 -46.93
CA LEU X 46 -38.80 -48.63 -46.53
C LEU X 46 -39.34 -47.48 -47.36
N LYS X 47 -39.41 -46.31 -46.73
CA LYS X 47 -39.88 -45.11 -47.41
C LYS X 47 -38.89 -44.69 -48.49
N GLN X 48 -39.44 -44.19 -49.60
CA GLN X 48 -38.63 -43.72 -50.72
C GLN X 48 -37.73 -42.56 -50.27
N PRO X 49 -36.46 -42.57 -50.65
CA PRO X 49 -35.58 -41.43 -50.34
C PRO X 49 -36.04 -40.15 -51.02
N GLU X 50 -35.90 -39.03 -50.31
CA GLU X 50 -36.44 -37.76 -50.79
C GLU X 50 -35.58 -37.18 -51.93
N ALA X 51 -34.28 -37.41 -51.90
CA ALA X 51 -33.38 -36.83 -52.89
C ALA X 51 -33.22 -37.71 -54.12
N LEU X 52 -33.93 -38.84 -54.21
CA LEU X 52 -33.87 -39.73 -55.35
C LEU X 52 -35.17 -39.59 -56.13
N ASP X 53 -35.07 -39.05 -57.35
CA ASP X 53 -36.23 -38.81 -58.20
C ASP X 53 -36.49 -39.94 -59.18
N GLY X 54 -35.48 -40.73 -59.52
CA GLY X 54 -35.57 -41.67 -60.62
C GLY X 54 -35.07 -41.13 -61.94
N SER X 55 -34.69 -39.84 -61.99
CA SER X 55 -34.20 -39.23 -63.22
C SER X 55 -32.80 -39.70 -63.58
N MET X 56 -32.05 -40.26 -62.63
CA MET X 56 -30.67 -40.65 -62.87
C MET X 56 -30.60 -42.11 -63.26
N ALA X 57 -29.56 -42.46 -64.01
CA ALA X 57 -29.38 -43.82 -64.51
C ALA X 57 -29.12 -44.78 -63.36
N GLY X 58 -29.85 -45.89 -63.35
CA GLY X 58 -29.71 -46.86 -62.29
C GLY X 58 -30.40 -46.52 -61.00
N ASP X 59 -31.19 -45.45 -60.97
CA ASP X 59 -31.93 -45.08 -59.77
C ASP X 59 -33.07 -46.05 -59.55
N VAL X 60 -32.89 -46.95 -58.59
CA VAL X 60 -33.93 -47.86 -58.15
C VAL X 60 -34.46 -47.45 -56.77
N GLY X 61 -34.04 -46.30 -56.27
CA GLY X 61 -34.47 -45.84 -54.96
C GLY X 61 -33.79 -46.53 -53.81
N PHE X 62 -32.53 -46.94 -53.98
CA PHE X 62 -31.82 -47.72 -52.98
C PHE X 62 -30.95 -46.78 -52.15
N ASP X 63 -31.46 -46.41 -50.98
CA ASP X 63 -30.73 -45.62 -49.99
C ASP X 63 -31.32 -45.85 -48.60
N PRO X 64 -31.13 -47.03 -48.00
CA PRO X 64 -31.69 -47.24 -46.66
C PRO X 64 -31.06 -46.38 -45.58
N LEU X 65 -29.76 -46.10 -45.66
CA LEU X 65 -29.09 -45.31 -44.64
C LEU X 65 -29.27 -43.80 -44.81
N GLY X 66 -29.86 -43.37 -45.92
CA GLY X 66 -30.15 -41.95 -46.10
C GLY X 66 -28.95 -41.08 -46.42
N PHE X 67 -28.01 -41.60 -47.20
CA PHE X 67 -26.81 -40.83 -47.53
C PHE X 67 -27.09 -39.67 -48.47
N SER X 68 -28.12 -39.80 -49.33
CA SER X 68 -28.45 -38.74 -50.28
C SER X 68 -28.98 -37.49 -49.61
N SER X 69 -29.46 -37.59 -48.37
CA SER X 69 -29.90 -36.41 -47.63
C SER X 69 -28.71 -35.59 -47.13
N ILE X 70 -27.56 -36.22 -46.92
CA ILE X 70 -26.39 -35.51 -46.39
C ILE X 70 -25.64 -34.79 -47.50
N GLY X 71 -25.19 -35.55 -48.49
CA GLY X 71 -24.42 -34.99 -49.58
C GLY X 71 -25.29 -34.43 -50.68
N ASP X 72 -24.71 -33.55 -51.50
CA ASP X 72 -25.35 -33.21 -52.76
C ASP X 72 -25.40 -34.46 -53.63
N ILE X 73 -26.54 -34.67 -54.28
CA ILE X 73 -26.74 -35.87 -55.10
C ILE X 73 -25.85 -35.83 -56.34
N ASN X 74 -25.56 -34.63 -56.86
CA ASN X 74 -24.64 -34.51 -57.99
C ASN X 74 -23.21 -34.88 -57.60
N PHE X 75 -22.78 -34.44 -56.41
CA PHE X 75 -21.46 -34.83 -55.89
C PHE X 75 -21.39 -36.33 -55.68
N LEU X 76 -22.46 -36.91 -55.12
CA LEU X 76 -22.50 -38.35 -54.87
C LEU X 76 -22.47 -39.14 -56.17
N ARG X 77 -23.19 -38.68 -57.20
CA ARG X 77 -23.19 -39.37 -58.47
C ARG X 77 -21.85 -39.22 -59.19
N GLU X 78 -21.21 -38.06 -59.08
CA GLU X 78 -19.89 -37.90 -59.66
C GLU X 78 -18.88 -38.82 -58.97
N ALA X 79 -18.98 -38.95 -57.65
CA ALA X 79 -18.15 -39.91 -56.92
C ALA X 79 -18.42 -41.34 -57.33
N GLU X 80 -19.70 -41.70 -57.49
CA GLU X 80 -20.07 -43.06 -57.89
C GLU X 80 -19.54 -43.39 -59.28
N LEU X 81 -19.66 -42.45 -60.21
CA LEU X 81 -19.16 -42.65 -61.56
C LEU X 81 -17.64 -42.76 -61.58
N LYS X 82 -16.93 -41.93 -60.79
CA LYS X 82 -15.49 -42.02 -60.75
C LYS X 82 -15.00 -43.35 -60.14
N HIS X 83 -15.61 -43.76 -59.01
CA HIS X 83 -15.29 -45.06 -58.40
C HIS X 83 -15.58 -46.20 -59.37
N GLY X 84 -16.72 -46.13 -60.08
CA GLY X 84 -17.09 -47.19 -61.00
C GLY X 84 -16.22 -47.28 -62.25
N ARG X 85 -15.82 -46.13 -62.80
CA ARG X 85 -14.97 -46.14 -63.98
C ARG X 85 -13.56 -46.59 -63.64
N ILE X 86 -13.02 -46.12 -62.51
CA ILE X 86 -11.72 -46.57 -62.05
C ILE X 86 -11.75 -48.07 -61.75
N ALA X 87 -12.88 -48.55 -61.22
CA ALA X 87 -13.01 -49.97 -60.95
C ALA X 87 -13.18 -50.80 -62.22
N MET X 88 -13.83 -50.23 -63.24
CA MET X 88 -13.92 -50.93 -64.53
C MET X 88 -12.55 -51.11 -65.15
N LEU X 89 -11.75 -50.05 -65.15
CA LEU X 89 -10.38 -50.15 -65.64
C LEU X 89 -9.54 -51.10 -64.78
N ALA X 90 -9.77 -51.11 -63.47
CA ALA X 90 -9.01 -52.00 -62.58
C ALA X 90 -9.37 -53.47 -62.81
N ALA X 91 -10.65 -53.77 -63.01
CA ALA X 91 -11.09 -55.13 -63.28
C ALA X 91 -10.54 -55.64 -64.60
N ALA X 92 -10.64 -54.80 -65.65
CA ALA X 92 -10.09 -55.16 -66.95
C ALA X 92 -8.58 -55.32 -66.88
N GLY X 93 -7.93 -54.49 -66.07
CA GLY X 93 -6.48 -54.61 -65.91
C GLY X 93 -6.07 -55.87 -65.18
N SER X 94 -6.80 -56.25 -64.12
CA SER X 94 -6.50 -57.48 -63.42
C SER X 94 -6.63 -58.69 -64.34
N ILE X 95 -7.69 -58.72 -65.15
CA ILE X 95 -7.87 -59.81 -66.10
C ILE X 95 -6.75 -59.82 -67.16
N ALA X 96 -6.39 -58.64 -67.68
CA ALA X 96 -5.40 -58.59 -68.75
C ALA X 96 -4.00 -58.92 -68.24
N GLN X 97 -3.64 -58.43 -67.06
CA GLN X 97 -2.35 -58.78 -66.46
C GLN X 97 -2.29 -60.24 -66.03
N ASP X 98 -3.42 -60.92 -65.79
CA ASP X 98 -3.33 -62.38 -65.82
C ASP X 98 -3.07 -62.90 -67.23
N ILE X 99 -3.71 -62.30 -68.24
CA ILE X 99 -3.64 -62.87 -69.59
C ILE X 99 -2.24 -62.73 -70.18
N PHE X 100 -1.66 -61.53 -70.10
CA PHE X 100 -0.35 -61.29 -70.68
C PHE X 100 0.30 -60.11 -70.00
N THR X 101 1.61 -60.01 -70.18
CA THR X 101 2.40 -58.92 -69.63
C THR X 101 3.11 -58.18 -70.75
N PHE X 102 3.38 -56.90 -70.52
CA PHE X 102 4.09 -56.08 -71.48
C PHE X 102 5.56 -56.51 -71.55
N PRO X 103 6.24 -56.22 -72.68
CA PRO X 103 7.66 -56.60 -72.81
C PRO X 103 8.56 -55.98 -71.74
N GLY X 104 9.27 -56.86 -71.03
CA GLY X 104 10.22 -56.46 -70.01
C GLY X 104 9.68 -56.37 -68.61
N VAL X 105 8.36 -56.32 -68.45
CA VAL X 105 7.74 -56.23 -67.12
C VAL X 105 8.05 -57.46 -66.28
N SER X 106 8.21 -58.62 -66.93
CA SER X 106 8.40 -59.87 -66.21
C SER X 106 9.74 -59.95 -65.49
N LYS X 107 10.73 -59.18 -65.92
CA LYS X 107 11.98 -59.13 -65.15
C LYS X 107 11.88 -58.15 -63.99
N VAL X 108 11.20 -57.02 -64.20
CA VAL X 108 11.06 -56.02 -63.13
C VAL X 108 10.23 -56.57 -61.97
N VAL X 109 9.09 -57.19 -62.28
CA VAL X 109 8.16 -57.62 -61.24
C VAL X 109 8.31 -59.09 -60.86
N GLY X 110 9.03 -59.88 -61.66
CA GLY X 110 9.18 -61.30 -61.37
C GLY X 110 7.87 -62.07 -61.48
N THR X 111 7.39 -62.54 -60.33
CA THR X 111 6.20 -63.38 -60.20
C THR X 111 5.30 -62.85 -59.09
N ALA X 112 5.07 -61.54 -59.09
CA ALA X 112 4.50 -60.84 -57.95
C ALA X 112 3.21 -60.14 -58.30
N LYS X 113 2.34 -60.83 -59.05
CA LYS X 113 1.15 -60.31 -59.71
C LYS X 113 0.15 -59.63 -58.77
N MET X 114 -0.74 -58.81 -59.35
CA MET X 114 -1.74 -57.99 -58.67
C MET X 114 -1.05 -56.93 -57.82
N THR X 115 -1.63 -56.62 -56.64
CA THR X 115 -1.18 -55.50 -55.81
C THR X 115 0.29 -55.61 -55.38
N GLY X 116 0.86 -56.83 -55.42
CA GLY X 116 2.26 -57.03 -55.13
C GLY X 116 3.20 -56.25 -56.04
N VAL X 117 2.76 -55.93 -57.26
CA VAL X 117 3.65 -55.15 -58.11
C VAL X 117 3.71 -53.68 -57.69
N HIS X 118 2.67 -53.18 -57.00
CA HIS X 118 2.53 -51.74 -56.68
C HIS X 118 3.77 -51.23 -55.95
N ASP X 119 4.10 -51.88 -54.82
CA ASP X 119 5.30 -51.59 -54.04
C ASP X 119 6.55 -51.65 -54.91
N ILE X 120 6.68 -52.71 -55.72
CA ILE X 120 7.83 -52.87 -56.61
C ILE X 120 7.90 -51.72 -57.59
N LEU X 121 6.77 -51.36 -58.18
CA LEU X 121 6.79 -50.26 -59.14
C LEU X 121 6.73 -48.91 -58.44
N VAL X 122 6.57 -48.88 -57.12
CA VAL X 122 6.85 -47.64 -56.42
C VAL X 122 8.36 -47.47 -56.29
N LYS X 123 9.10 -48.58 -56.13
CA LYS X 123 10.56 -48.50 -56.18
C LYS X 123 11.05 -48.13 -57.57
N GLN X 124 10.36 -48.58 -58.60
CA GLN X 124 10.60 -48.16 -59.97
C GLN X 124 9.80 -46.87 -60.18
N GLY X 125 9.72 -46.33 -61.39
CA GLY X 125 9.05 -45.06 -61.60
C GLY X 125 7.69 -45.11 -62.25
N ALA X 126 7.07 -46.29 -62.39
CA ALA X 126 5.77 -46.37 -63.07
C ALA X 126 4.66 -45.72 -62.25
N MET X 127 4.58 -46.07 -60.95
CA MET X 127 3.50 -45.57 -60.11
C MET X 127 3.56 -44.06 -59.93
N GLY X 128 4.77 -43.51 -59.79
CA GLY X 128 4.91 -42.07 -59.66
C GLY X 128 4.51 -41.31 -60.91
N GLN X 129 4.89 -41.85 -62.09
CA GLN X 129 4.51 -41.24 -63.36
C GLN X 129 3.00 -41.26 -63.54
N LEU X 130 2.38 -42.41 -63.28
CA LEU X 130 0.93 -42.52 -63.41
C LEU X 130 0.22 -41.62 -62.41
N LEU X 131 0.74 -41.54 -61.18
CA LEU X 131 0.16 -40.66 -60.17
C LEU X 131 0.24 -39.20 -60.59
N LEU X 132 1.36 -38.78 -61.18
CA LEU X 132 1.51 -37.42 -61.67
C LEU X 132 0.50 -37.10 -62.77
N TRP X 133 0.37 -38.00 -63.75
CA TRP X 133 -0.51 -37.69 -64.87
C TRP X 133 -1.98 -37.78 -64.48
N LEU X 134 -2.34 -38.72 -63.62
CA LEU X 134 -3.70 -38.79 -63.11
C LEU X 134 -4.01 -37.63 -62.19
N SER X 135 -3.00 -37.09 -61.49
CA SER X 135 -3.20 -35.91 -60.67
C SER X 135 -3.46 -34.68 -61.53
N PHE X 136 -2.78 -34.58 -62.68
CA PHE X 136 -3.08 -33.54 -63.66
C PHE X 136 -4.53 -33.63 -64.14
N LEU X 137 -4.93 -34.83 -64.60
CA LEU X 137 -6.30 -35.07 -65.05
C LEU X 137 -7.32 -34.80 -63.95
N GLU X 138 -6.96 -35.08 -62.69
CA GLU X 138 -7.88 -34.84 -61.60
C GLU X 138 -7.89 -33.40 -61.11
N VAL X 139 -6.86 -32.61 -61.40
CA VAL X 139 -6.98 -31.16 -61.23
C VAL X 139 -8.05 -30.62 -62.16
N PHE X 140 -8.01 -31.07 -63.42
CA PHE X 140 -9.07 -30.64 -64.34
C PHE X 140 -10.43 -31.25 -63.97
N GLY X 141 -10.43 -32.45 -63.40
CA GLY X 141 -11.65 -33.01 -62.84
C GLY X 141 -12.17 -32.26 -61.63
N THR X 142 -11.27 -31.64 -60.86
CA THR X 142 -11.68 -30.78 -59.75
C THR X 142 -12.40 -29.54 -60.27
N ILE X 143 -11.88 -28.96 -61.35
CA ILE X 143 -12.57 -27.84 -62.00
C ILE X 143 -13.94 -28.30 -62.52
N ALA X 144 -14.00 -29.49 -63.11
CA ALA X 144 -15.26 -30.03 -63.61
C ALA X 144 -16.26 -30.27 -62.49
N LEU X 145 -15.80 -30.77 -61.34
CA LEU X 145 -16.68 -30.97 -60.19
C LEU X 145 -17.18 -29.64 -59.64
N LEU X 146 -16.30 -28.63 -59.61
CA LEU X 146 -16.71 -27.28 -59.21
C LEU X 146 -17.77 -26.71 -60.15
N GLU X 147 -17.71 -27.08 -61.43
CA GLU X 147 -18.77 -26.64 -62.33
C GLU X 147 -20.04 -27.48 -62.18
N THR X 148 -19.89 -28.75 -61.80
CA THR X 148 -21.05 -29.60 -61.52
C THR X 148 -21.84 -29.11 -60.32
N LEU X 149 -21.14 -28.68 -59.26
CA LEU X 149 -21.79 -28.24 -58.03
C LEU X 149 -22.56 -26.94 -58.18
N ASP X 150 -22.38 -26.21 -59.27
CA ASP X 150 -23.14 -25.01 -59.56
C ASP X 150 -24.34 -25.28 -60.45
N GLY X 151 -24.61 -26.55 -60.75
CA GLY X 151 -25.71 -26.88 -61.62
C GLY X 151 -25.48 -26.61 -63.09
N LYS X 152 -24.22 -26.52 -63.52
CA LYS X 152 -23.90 -26.22 -64.91
C LYS X 152 -23.11 -27.35 -65.57
N ARG X 153 -23.16 -28.54 -64.98
CA ARG X 153 -22.53 -29.73 -65.56
C ARG X 153 -23.22 -30.96 -65.00
N ALA X 154 -23.55 -31.90 -65.87
CA ALA X 154 -24.09 -33.17 -65.41
C ALA X 154 -22.98 -33.96 -64.71
N PRO X 155 -23.33 -34.75 -63.69
CA PRO X 155 -22.31 -35.57 -63.00
C PRO X 155 -21.68 -36.58 -63.94
N GLY X 156 -20.35 -36.68 -63.88
CA GLY X 156 -19.59 -37.56 -64.74
C GLY X 156 -19.56 -37.19 -66.20
N ASP X 157 -20.02 -35.99 -66.55
CA ASP X 157 -20.09 -35.57 -67.95
C ASP X 157 -18.81 -34.82 -68.28
N PHE X 158 -17.89 -35.49 -68.96
CA PHE X 158 -16.69 -34.86 -69.48
C PHE X 158 -16.78 -34.62 -70.98
N LYS X 159 -17.92 -34.95 -71.59
CA LYS X 159 -18.18 -34.80 -73.03
C LYS X 159 -17.12 -35.52 -73.86
N PHE X 160 -16.74 -36.72 -73.42
CA PHE X 160 -15.74 -37.53 -74.10
C PHE X 160 -16.48 -38.63 -74.84
N ASP X 161 -16.85 -38.35 -76.10
CA ASP X 161 -17.40 -39.35 -76.99
C ASP X 161 -16.74 -39.22 -78.36
N PRO X 162 -15.43 -39.60 -78.48
CA PRO X 162 -14.73 -39.47 -79.76
C PRO X 162 -15.33 -40.29 -80.90
N LEU X 163 -15.48 -41.60 -80.68
CA LEU X 163 -16.27 -42.44 -81.57
C LEU X 163 -17.72 -42.30 -81.18
N ASN X 164 -18.50 -41.59 -81.99
CA ASN X 164 -19.87 -41.22 -81.62
C ASN X 164 -20.78 -42.42 -81.44
N PHE X 165 -21.19 -42.66 -80.19
CA PHE X 165 -22.14 -43.72 -79.87
C PHE X 165 -23.45 -43.20 -79.32
N SER X 166 -23.45 -42.02 -78.69
CA SER X 166 -24.67 -41.37 -78.25
C SER X 166 -25.32 -40.58 -79.39
N LYS X 167 -25.58 -41.26 -80.50
CA LYS X 167 -26.18 -40.64 -81.68
C LYS X 167 -27.69 -40.56 -81.60
N ASN X 168 -28.30 -41.08 -80.53
CA ASN X 168 -29.74 -41.16 -80.38
C ASN X 168 -30.06 -41.11 -78.91
N PRO X 169 -31.09 -40.34 -78.50
CA PRO X 169 -31.35 -40.15 -77.06
C PRO X 169 -31.86 -41.38 -76.32
N GLU X 170 -32.18 -42.48 -77.01
CA GLU X 170 -32.52 -43.71 -76.30
C GLU X 170 -31.28 -44.57 -76.07
N THR X 171 -30.39 -44.62 -77.06
CA THR X 171 -29.08 -45.25 -76.88
C THR X 171 -28.27 -44.56 -75.79
N PHE X 172 -28.47 -43.25 -75.61
CA PHE X 172 -27.79 -42.53 -74.53
C PHE X 172 -28.26 -43.01 -73.17
N LYS X 173 -29.57 -43.16 -72.98
CA LYS X 173 -30.10 -43.66 -71.71
C LYS X 173 -29.67 -45.11 -71.48
N ARG X 174 -29.72 -45.94 -72.52
CA ARG X 174 -29.30 -47.33 -72.39
C ARG X 174 -27.82 -47.43 -72.03
N TYR X 175 -26.98 -46.59 -72.64
CA TYR X 175 -25.56 -46.59 -72.32
C TYR X 175 -25.29 -46.02 -70.94
N GLN X 176 -26.10 -45.08 -70.47
CA GLN X 176 -25.96 -44.55 -69.12
C GLN X 176 -26.28 -45.63 -68.08
N LEU X 177 -27.40 -46.34 -68.28
CA LEU X 177 -27.75 -47.44 -67.41
C LEU X 177 -26.69 -48.54 -67.43
N ALA X 178 -26.15 -48.84 -68.62
CA ALA X 178 -25.14 -49.88 -68.72
C ALA X 178 -23.83 -49.44 -68.06
N GLU X 179 -23.46 -48.17 -68.20
CA GLU X 179 -22.26 -47.65 -67.55
C GLU X 179 -22.37 -47.70 -66.04
N ILE X 180 -23.52 -47.30 -65.48
CA ILE X 180 -23.65 -47.29 -64.02
C ILE X 180 -23.74 -48.73 -63.48
N LYS X 181 -24.38 -49.63 -64.22
CA LYS X 181 -24.50 -51.01 -63.78
C LYS X 181 -23.16 -51.72 -63.82
N ASN X 182 -22.43 -51.56 -64.94
CA ASN X 182 -21.10 -52.14 -65.04
C ASN X 182 -20.12 -51.49 -64.08
N GLY X 183 -20.31 -50.22 -63.73
CA GLY X 183 -19.46 -49.59 -62.75
C GLY X 183 -19.64 -50.19 -61.37
N ARG X 184 -20.89 -50.40 -60.95
CA ARG X 184 -21.14 -51.04 -59.66
C ARG X 184 -20.65 -52.49 -59.65
N LEU X 185 -20.92 -53.22 -60.73
CA LEU X 185 -20.46 -54.60 -60.85
C LEU X 185 -18.93 -54.68 -60.82
N ALA X 186 -18.26 -53.72 -61.44
CA ALA X 186 -16.80 -53.72 -61.45
C ALA X 186 -16.23 -53.32 -60.11
N MET X 187 -16.93 -52.45 -59.37
CA MET X 187 -16.53 -52.12 -58.01
C MET X 187 -16.49 -53.37 -57.15
N MET X 188 -17.58 -54.14 -57.17
CA MET X 188 -17.60 -55.35 -56.36
C MET X 188 -16.69 -56.44 -56.94
N GLY X 189 -16.50 -56.46 -58.26
CA GLY X 189 -15.59 -57.42 -58.85
C GLY X 189 -14.13 -57.15 -58.51
N VAL X 190 -13.73 -55.89 -58.49
CA VAL X 190 -12.38 -55.52 -58.08
C VAL X 190 -12.17 -55.86 -56.61
N GLY X 191 -13.17 -55.59 -55.77
CA GLY X 191 -13.10 -56.00 -54.37
C GLY X 191 -12.88 -57.50 -54.23
N GLY X 192 -13.65 -58.29 -54.99
CA GLY X 192 -13.51 -59.74 -54.95
C GLY X 192 -12.17 -60.22 -55.45
N MET X 193 -11.70 -59.67 -56.57
CA MET X 193 -10.43 -60.08 -57.16
C MET X 193 -9.27 -59.80 -56.22
N VAL X 194 -9.24 -58.58 -55.67
CA VAL X 194 -8.11 -58.20 -54.82
C VAL X 194 -8.14 -58.95 -53.48
N HIS X 195 -9.32 -59.14 -52.89
CA HIS X 195 -9.34 -59.84 -51.61
C HIS X 195 -9.11 -61.35 -51.77
N GLY X 196 -9.58 -61.94 -52.88
CA GLY X 196 -9.20 -63.31 -53.19
C GLY X 196 -7.72 -63.46 -53.46
N TYR X 197 -7.10 -62.46 -54.09
CA TYR X 197 -5.65 -62.45 -54.23
C TYR X 197 -4.97 -62.37 -52.87
N PHE X 198 -5.52 -61.58 -51.95
CA PHE X 198 -4.99 -61.50 -50.60
C PHE X 198 -5.00 -62.87 -49.91
N ILE X 199 -6.10 -63.61 -50.05
CA ILE X 199 -6.17 -64.93 -49.43
C ILE X 199 -5.24 -65.91 -50.13
N THR X 200 -5.27 -65.95 -51.46
CA THR X 200 -4.59 -67.03 -52.18
C THR X 200 -3.22 -66.65 -52.74
N GLY X 201 -3.05 -65.41 -53.19
CA GLY X 201 -1.82 -65.02 -53.85
C GLY X 201 -1.76 -65.37 -55.32
N LYS X 202 -2.86 -65.83 -55.91
CA LYS X 202 -2.88 -66.31 -57.28
C LYS X 202 -3.25 -65.24 -58.29
N GLY X 203 -4.42 -64.63 -58.14
CA GLY X 203 -4.95 -63.73 -59.13
C GLY X 203 -6.38 -64.11 -59.50
N PRO X 204 -7.07 -63.22 -60.25
CA PRO X 204 -8.44 -63.55 -60.67
C PRO X 204 -8.56 -64.77 -61.58
N LEU X 205 -7.70 -64.92 -62.58
CA LEU X 205 -7.83 -66.03 -63.51
C LEU X 205 -6.92 -67.20 -63.17
N GLU X 206 -5.87 -66.97 -62.38
CA GLU X 206 -5.11 -68.08 -61.83
C GLU X 206 -5.94 -68.89 -60.84
N LEU X 207 -6.84 -68.22 -60.10
CA LEU X 207 -7.74 -68.92 -59.18
C LEU X 207 -8.70 -69.83 -59.94
N LEU X 208 -9.24 -69.35 -61.06
CA LEU X 208 -10.13 -70.16 -61.88
C LEU X 208 -9.39 -71.24 -62.67
N GLY X 209 -8.05 -71.16 -62.74
CA GLY X 209 -7.29 -72.16 -63.47
C GLY X 209 -7.24 -73.51 -62.81
N ASN X 210 -7.49 -73.59 -61.51
CA ASN X 210 -7.55 -74.86 -60.81
C ASN X 210 -8.85 -75.01 -60.01
N MET Y 44 -4.36 70.00 59.83
CA MET Y 44 -3.63 68.83 59.34
C MET Y 44 -2.12 68.98 59.60
N PRO Y 45 -1.51 67.93 60.17
CA PRO Y 45 -0.06 67.98 60.44
C PRO Y 45 0.73 67.94 59.14
N VAL Y 46 1.54 68.97 58.92
CA VAL Y 46 2.53 68.98 57.85
C VAL Y 46 3.88 68.64 58.46
N ALA Y 47 4.38 67.44 58.15
CA ALA Y 47 5.67 66.98 58.65
C ALA Y 47 6.81 67.92 58.27
N ILE Y 48 7.04 68.10 56.98
CA ILE Y 48 8.02 69.06 56.47
C ILE Y 48 7.28 70.14 55.68
N PRO Y 49 7.35 71.40 56.10
CA PRO Y 49 6.59 72.48 55.43
C PRO Y 49 6.96 72.75 53.97
N PRO Y 50 8.25 72.65 53.52
CA PRO Y 50 8.49 72.93 52.09
C PRO Y 50 7.82 71.98 51.11
N LEU Y 51 7.68 70.70 51.44
CA LEU Y 51 7.08 69.74 50.53
C LEU Y 51 5.58 69.62 50.65
N GLY Y 52 4.99 70.05 51.76
CA GLY Y 52 3.55 70.00 51.89
C GLY Y 52 3.02 68.60 52.15
N ARG Y 53 1.69 68.49 52.11
CA ARG Y 53 0.97 67.27 52.43
C ARG Y 53 0.55 66.58 51.16
N PRO Y 54 0.92 65.30 50.98
CA PRO Y 54 0.62 64.60 49.72
C PRO Y 54 -0.88 64.40 49.51
N GLU Y 55 -1.29 64.59 48.26
CA GLU Y 55 -2.70 64.46 47.86
C GLU Y 55 -2.90 63.05 47.33
N THR Y 56 -3.24 62.13 48.24
CA THR Y 56 -3.50 60.74 47.90
C THR Y 56 -4.81 60.29 48.53
N ASP Y 57 -5.12 59.00 48.44
CA ASP Y 57 -6.26 58.48 49.20
C ASP Y 57 -5.97 58.53 50.69
N MET Y 58 -4.76 58.16 51.09
CA MET Y 58 -4.27 58.45 52.42
C MET Y 58 -4.11 59.96 52.61
N PHE Y 59 -3.85 60.34 53.87
CA PHE Y 59 -3.76 61.73 54.34
C PHE Y 59 -5.05 62.51 54.08
N ASP Y 60 -6.18 61.80 54.10
CA ASP Y 60 -7.49 62.43 54.20
C ASP Y 60 -7.82 62.84 55.62
N GLY Y 61 -7.07 62.34 56.60
CA GLY Y 61 -7.30 62.59 58.00
C GLY Y 61 -8.01 61.47 58.73
N SER Y 62 -8.68 60.57 58.00
CA SER Y 62 -9.33 59.44 58.65
C SER Y 62 -8.32 58.36 59.05
N VAL Y 63 -7.20 58.26 58.36
CA VAL Y 63 -6.19 57.25 58.70
C VAL Y 63 -5.51 57.61 60.01
N PRO Y 64 -5.48 56.72 61.00
CA PRO Y 64 -4.75 57.02 62.25
C PRO Y 64 -3.26 57.15 62.02
N GLY Y 65 -2.65 58.04 62.80
CA GLY Y 65 -1.20 58.14 62.84
C GLY Y 65 -0.57 58.96 61.75
N ASP Y 66 -1.36 59.67 60.94
CA ASP Y 66 -0.78 60.47 59.89
C ASP Y 66 -0.12 61.72 60.46
N ALA Y 67 1.13 61.94 60.08
CA ALA Y 67 1.84 63.17 60.39
C ALA Y 67 2.08 64.01 59.15
N GLY Y 68 1.46 63.66 58.03
CA GLY Y 68 1.74 64.31 56.77
C GLY Y 68 3.10 63.96 56.20
N PHE Y 69 3.62 62.78 56.52
CA PHE Y 69 4.98 62.39 56.13
C PHE Y 69 4.91 61.26 55.12
N ASP Y 70 5.17 61.60 53.86
CA ASP Y 70 5.40 60.64 52.78
C ASP Y 70 6.14 61.37 51.67
N PRO Y 71 7.44 61.62 51.79
CA PRO Y 71 8.12 62.42 50.77
C PRO Y 71 8.32 61.69 49.45
N LEU Y 72 8.47 60.36 49.47
CA LEU Y 72 8.54 59.62 48.21
C LEU Y 72 7.18 59.37 47.58
N VAL Y 73 6.10 59.68 48.31
CA VAL Y 73 4.70 59.54 47.90
C VAL Y 73 4.48 58.08 47.46
N ILE Y 74 4.92 57.15 48.31
CA ILE Y 74 4.71 55.72 48.05
C ILE Y 74 3.23 55.38 48.14
N SER Y 75 2.46 56.16 48.91
CA SER Y 75 1.02 55.98 49.01
C SER Y 75 0.30 56.22 47.69
N GLY Y 76 0.85 57.09 46.84
CA GLY Y 76 0.28 57.37 45.54
C GLY Y 76 0.50 56.31 44.48
N TRP Y 77 1.29 55.28 44.77
CA TRP Y 77 1.60 54.24 43.79
C TRP Y 77 1.25 52.84 44.26
N LEU Y 78 1.25 52.59 45.56
CA LEU Y 78 0.76 51.35 46.14
C LEU Y 78 -0.55 51.64 46.86
N ASP Y 79 -1.35 50.58 47.04
CA ASP Y 79 -2.65 50.72 47.66
C ASP Y 79 -2.51 51.20 49.12
N SER Y 80 -3.54 51.89 49.59
CA SER Y 80 -3.53 52.43 50.95
C SER Y 80 -3.61 51.32 51.98
N ARG Y 81 -4.62 50.44 51.84
CA ARG Y 81 -4.87 49.42 52.83
C ARG Y 81 -3.74 48.40 52.92
N TRP Y 82 -3.09 48.11 51.80
CA TRP Y 82 -1.92 47.22 51.81
C TRP Y 82 -0.78 47.81 52.64
N LEU Y 83 -0.48 49.11 52.44
CA LEU Y 83 0.59 49.76 53.19
C LEU Y 83 0.24 49.88 54.66
N ARG Y 84 -1.03 50.19 54.97
CA ARG Y 84 -1.46 50.25 56.37
C ARG Y 84 -1.35 48.89 57.05
N GLU Y 85 -1.77 47.82 56.36
CA GLU Y 85 -1.65 46.47 56.91
C GLU Y 85 -0.19 46.08 57.12
N ALA Y 86 0.67 46.44 56.17
CA ALA Y 86 2.10 46.19 56.28
C ALA Y 86 2.71 46.94 57.47
N GLU Y 87 2.33 48.20 57.64
CA GLU Y 87 2.85 49.00 58.75
C GLU Y 87 2.41 48.44 60.09
N VAL Y 88 1.14 48.07 60.22
CA VAL Y 88 0.64 47.56 61.49
C VAL Y 88 1.24 46.19 61.79
N LYS Y 89 1.41 45.34 60.78
CA LYS Y 89 2.02 44.03 61.02
C LYS Y 89 3.50 44.15 61.38
N HIS Y 90 4.26 45.00 60.66
CA HIS Y 90 5.65 45.26 61.01
C HIS Y 90 5.76 45.83 62.43
N GLY Y 91 4.86 46.75 62.78
CA GLY Y 91 4.89 47.36 64.11
C GLY Y 91 4.56 46.40 65.23
N ARG Y 92 3.55 45.54 65.04
CA ARG Y 92 3.20 44.55 66.06
C ARG Y 92 4.31 43.53 66.23
N VAL Y 93 4.89 43.06 65.12
CA VAL Y 93 6.00 42.11 65.19
C VAL Y 93 7.21 42.75 65.86
N ALA Y 94 7.49 44.02 65.56
CA ALA Y 94 8.62 44.71 66.20
C ALA Y 94 8.36 45.00 67.67
N MET Y 95 7.10 45.27 68.05
CA MET Y 95 6.76 45.43 69.46
C MET Y 95 6.99 44.15 70.23
N LEU Y 96 6.52 43.03 69.68
CA LEU Y 96 6.79 41.72 70.29
C LEU Y 96 8.28 41.43 70.33
N ALA Y 97 9.03 41.86 69.31
CA ALA Y 97 10.47 41.62 69.28
C ALA Y 97 11.21 42.40 70.34
N ALA Y 98 10.93 43.70 70.46
CA ALA Y 98 11.60 44.52 71.47
C ALA Y 98 11.25 44.09 72.89
N ALA Y 99 9.96 43.83 73.14
CA ALA Y 99 9.55 43.27 74.42
C ALA Y 99 10.19 41.91 74.67
N GLY Y 100 10.40 41.13 73.61
CA GLY Y 100 11.10 39.87 73.75
C GLY Y 100 12.55 40.05 74.13
N CYS Y 101 13.24 41.01 73.52
CA CYS Y 101 14.65 41.22 73.83
C CYS Y 101 14.82 41.62 75.29
N ILE Y 102 13.99 42.56 75.75
CA ILE Y 102 14.05 43.00 77.15
C ILE Y 102 13.70 41.84 78.09
N ALA Y 103 12.60 41.12 77.81
CA ALA Y 103 12.12 40.12 78.76
C ALA Y 103 13.02 38.89 78.84
N GLN Y 104 13.50 38.40 77.69
CA GLN Y 104 14.43 37.26 77.69
C GLN Y 104 15.77 37.64 78.34
N ASP Y 105 16.21 38.89 78.18
CA ASP Y 105 17.41 39.29 78.93
C ASP Y 105 17.14 39.42 80.42
N LEU Y 106 15.92 39.77 80.83
CA LEU Y 106 15.57 39.73 82.25
C LEU Y 106 15.42 38.31 82.78
N PHE Y 107 14.80 37.41 82.02
CA PHE Y 107 14.40 36.12 82.58
C PHE Y 107 14.12 35.13 81.46
N THR Y 108 14.35 33.85 81.76
CA THR Y 108 14.17 32.74 80.84
C THR Y 108 13.23 31.70 81.44
N PHE Y 109 12.32 31.19 80.62
CA PHE Y 109 11.50 30.03 80.98
C PHE Y 109 12.37 28.87 81.43
N PRO Y 110 11.94 28.09 82.44
CA PRO Y 110 12.77 27.00 82.95
C PRO Y 110 13.06 25.91 81.92
N GLY Y 111 14.25 25.34 82.02
CA GLY Y 111 14.71 24.38 81.04
C GLY Y 111 15.53 25.03 79.94
N VAL Y 112 16.78 24.63 79.82
CA VAL Y 112 17.66 25.19 78.80
C VAL Y 112 17.93 24.16 77.72
N MET Y 122 19.73 36.13 71.12
CA MET Y 122 19.52 36.99 69.97
C MET Y 122 19.56 36.18 68.68
N SER Y 123 20.49 36.53 67.79
CA SER Y 123 20.67 35.77 66.55
C SER Y 123 21.19 34.36 66.83
N ALA Y 124 22.02 34.22 67.87
CA ALA Y 124 22.46 32.90 68.30
C ALA Y 124 21.30 32.09 68.83
N LEU Y 125 20.29 32.75 69.42
CA LEU Y 125 19.09 32.04 69.84
C LEU Y 125 18.29 31.53 68.63
N HIS Y 126 18.26 32.30 67.54
CA HIS Y 126 17.64 31.83 66.29
C HIS Y 126 18.35 30.57 65.78
N ASP Y 127 19.69 30.61 65.74
CA ASP Y 127 20.44 29.45 65.26
C ASP Y 127 20.28 28.24 66.17
N ALA Y 128 20.40 28.44 67.49
CA ALA Y 128 20.33 27.33 68.43
C ALA Y 128 18.94 26.73 68.51
N ALA Y 129 17.89 27.54 68.37
CA ALA Y 129 16.54 27.01 68.37
C ALA Y 129 16.18 26.34 67.03
N VAL Y 130 16.76 26.79 65.91
CA VAL Y 130 16.64 26.01 64.67
C VAL Y 130 17.30 24.65 64.83
N LYS Y 131 18.46 24.61 65.50
CA LYS Y 131 19.10 23.32 65.78
C LYS Y 131 18.29 22.49 66.77
N ALA Y 132 17.57 23.14 67.68
CA ALA Y 132 16.68 22.45 68.59
C ALA Y 132 15.34 22.07 67.96
N GLY Y 133 15.00 22.66 66.82
CA GLY Y 133 13.69 22.48 66.21
C GLY Y 133 12.58 23.33 66.80
N SER Y 134 12.92 24.23 67.72
CA SER Y 134 11.93 25.13 68.31
C SER Y 134 11.34 26.10 67.28
N MET Y 135 12.20 26.66 66.42
CA MET Y 135 11.77 27.66 65.46
C MET Y 135 10.79 27.11 64.44
N GLN Y 136 10.96 25.86 64.01
CA GLN Y 136 9.98 25.23 63.12
C GLN Y 136 8.62 25.11 63.80
N GLN Y 137 8.61 24.67 65.06
CA GLN Y 137 7.40 24.59 65.86
C GLN Y 137 6.78 25.95 66.14
N MET Y 138 7.53 27.04 66.04
CA MET Y 138 6.91 28.36 66.12
C MET Y 138 6.58 28.94 64.74
N LEU Y 139 7.22 28.42 63.68
CA LEU Y 139 6.89 28.79 62.33
C LEU Y 139 5.52 28.26 61.92
N TRP Y 140 5.20 27.04 62.34
CA TRP Y 140 3.96 26.37 61.91
C TRP Y 140 2.67 27.11 62.29
N PRO Y 141 2.44 27.52 63.55
CA PRO Y 141 1.17 28.25 63.82
C PRO Y 141 1.16 29.63 63.21
N ILE Y 142 2.33 30.29 63.18
CA ILE Y 142 2.45 31.58 62.51
C ILE Y 142 2.17 31.44 61.03
N ALA Y 143 2.61 30.32 60.42
CA ALA Y 143 2.29 30.07 59.01
C ALA Y 143 0.80 29.88 58.79
N ILE Y 144 0.12 29.15 59.70
CA ILE Y 144 -1.34 28.99 59.56
C ILE Y 144 -2.05 30.32 59.69
N LEU Y 145 -1.72 31.09 60.74
CA LEU Y 145 -2.32 32.40 61.00
C LEU Y 145 -2.05 33.34 59.84
N GLU Y 146 -0.91 33.19 59.18
CA GLU Y 146 -0.58 34.06 58.06
C GLU Y 146 -1.27 33.61 56.77
N THR Y 147 -1.61 32.33 56.62
CA THR Y 147 -2.43 31.94 55.47
C THR Y 147 -3.87 32.47 55.60
N ILE Y 148 -4.42 32.44 56.81
CA ILE Y 148 -5.71 33.14 57.01
C ILE Y 148 -5.54 34.66 56.86
N SER Y 149 -4.39 35.21 57.24
CA SER Y 149 -4.18 36.64 56.98
C SER Y 149 -3.99 36.94 55.49
N ILE Y 150 -3.46 35.99 54.71
CA ILE Y 150 -3.47 36.12 53.25
C ILE Y 150 -4.89 36.24 52.73
N ALA Y 151 -5.76 35.34 53.21
CA ALA Y 151 -7.19 35.41 52.87
C ALA Y 151 -7.79 36.76 53.22
N ALA Y 152 -7.57 37.21 54.47
CA ALA Y 152 -8.13 38.47 54.94
C ALA Y 152 -7.63 39.68 54.14
N THR Y 153 -6.33 39.71 53.81
CA THR Y 153 -5.81 40.85 53.05
C THR Y 153 -6.30 40.82 51.61
N ILE Y 154 -6.52 39.63 51.03
CA ILE Y 154 -7.08 39.53 49.69
C ILE Y 154 -8.52 40.04 49.68
N GLN Y 155 -9.32 39.64 50.68
CA GLN Y 155 -10.69 40.18 50.81
C GLN Y 155 -10.70 41.69 51.02
N MET Y 156 -9.77 42.21 51.84
CA MET Y 156 -9.73 43.64 52.10
C MET Y 156 -9.34 44.43 50.86
N LEU Y 157 -8.40 43.91 50.06
CA LEU Y 157 -8.10 44.54 48.78
C LEU Y 157 -9.24 44.40 47.79
N GLN Y 158 -10.01 43.30 47.88
CA GLN Y 158 -11.22 43.12 47.09
C GLN Y 158 -12.36 44.04 47.52
N GLY Y 159 -12.25 44.66 48.69
CA GLY Y 159 -13.27 45.61 49.11
C GLY Y 159 -14.32 45.07 50.06
N SER Y 160 -13.87 44.34 51.07
CA SER Y 160 -14.71 43.97 52.20
C SER Y 160 -14.61 45.07 53.26
N GLY Y 161 -15.43 44.93 54.30
CA GLY Y 161 -15.55 45.97 55.31
C GLY Y 161 -14.47 46.00 56.35
N ARG Y 162 -13.47 45.12 56.26
CA ARG Y 162 -12.42 45.04 57.26
C ARG Y 162 -11.42 46.18 57.09
N ALA Y 163 -11.19 46.91 58.18
CA ALA Y 163 -10.17 47.95 58.21
C ALA Y 163 -8.78 47.32 58.32
N PRO Y 164 -7.73 47.97 57.80
CA PRO Y 164 -6.39 47.36 57.86
C PRO Y 164 -5.88 47.28 59.28
N GLY Y 165 -5.32 46.12 59.62
CA GLY Y 165 -4.84 45.85 60.95
C GLY Y 165 -5.90 45.39 61.93
N ASP Y 166 -7.17 45.39 61.52
CA ASP Y 166 -8.27 44.97 62.38
C ASP Y 166 -8.46 43.47 62.20
N PHE Y 167 -8.29 42.71 63.28
CA PHE Y 167 -8.59 41.28 63.26
C PHE Y 167 -9.81 40.94 64.10
N GLY Y 168 -10.61 41.94 64.49
CA GLY Y 168 -11.81 41.69 65.24
C GLY Y 168 -11.60 41.19 66.65
N PHE Y 169 -10.40 41.39 67.20
CA PHE Y 169 -9.98 40.73 68.44
C PHE Y 169 -9.94 41.78 69.55
N ASP Y 170 -10.91 41.69 70.46
CA ASP Y 170 -10.96 42.58 71.63
C ASP Y 170 -11.60 41.84 72.79
N PRO Y 171 -10.87 40.91 73.42
CA PRO Y 171 -11.49 40.14 74.52
C PRO Y 171 -11.72 40.96 75.78
N LEU Y 172 -10.83 41.90 76.09
CA LEU Y 172 -11.00 42.72 77.29
C LEU Y 172 -12.08 43.77 77.11
N GLY Y 173 -12.29 44.26 75.89
CA GLY Y 173 -13.23 45.34 75.67
C GLY Y 173 -12.66 46.73 75.84
N LEU Y 174 -11.33 46.87 75.86
CA LEU Y 174 -10.70 48.17 76.04
C LEU Y 174 -10.87 49.07 74.83
N GLY Y 175 -11.07 48.49 73.64
CA GLY Y 175 -11.21 49.29 72.44
C GLY Y 175 -12.60 49.84 72.21
N LYS Y 176 -13.63 49.13 72.68
CA LYS Y 176 -15.01 49.42 72.33
C LYS Y 176 -15.45 50.82 72.76
N GLY Y 177 -15.86 51.63 71.79
CA GLY Y 177 -16.28 53.00 72.02
C GLY Y 177 -15.30 54.05 71.52
N ALA Y 178 -15.06 55.07 72.34
CA ALA Y 178 -14.27 56.23 71.91
C ALA Y 178 -12.77 56.04 72.06
N LYS Y 179 -12.31 54.97 72.71
CA LYS Y 179 -10.90 54.85 73.03
C LYS Y 179 -10.06 54.45 71.82
N ALA Y 180 -10.59 53.54 70.99
CA ALA Y 180 -9.79 52.73 70.07
C ALA Y 180 -8.99 53.58 69.09
N GLU Y 181 -9.62 54.63 68.54
CA GLU Y 181 -8.94 55.54 67.62
C GLU Y 181 -7.68 56.12 68.23
N ARG Y 182 -7.80 56.69 69.44
CA ARG Y 182 -6.63 57.12 70.19
C ARG Y 182 -5.67 55.97 70.42
N MET Y 183 -6.22 54.82 70.85
CA MET Y 183 -5.44 53.60 71.03
C MET Y 183 -4.74 53.21 69.74
N ALA Y 184 -5.44 53.34 68.60
CA ALA Y 184 -4.84 53.06 67.30
C ALA Y 184 -3.64 53.96 67.07
N LEU Y 185 -3.80 55.25 67.32
CA LEU Y 185 -2.69 56.20 67.31
C LEU Y 185 -1.58 55.72 68.24
N CYS Y 186 -1.95 55.36 69.48
CA CYS Y 186 -0.97 54.85 70.44
C CYS Y 186 -0.27 53.63 69.88
N GLU Y 187 -1.06 52.71 69.31
CA GLU Y 187 -0.52 51.50 68.72
C GLU Y 187 0.48 51.84 67.63
N ILE Y 188 0.04 52.68 66.68
CA ILE Y 188 0.88 52.98 65.53
C ILE Y 188 2.13 53.74 65.99
N LYS Y 189 1.99 54.61 67.00
CA LYS Y 189 3.17 55.35 67.46
C LYS Y 189 4.12 54.39 68.13
N ASN Y 190 3.59 53.54 69.01
CA ASN Y 190 4.40 52.51 69.64
C ASN Y 190 4.99 51.58 68.60
N GLY Y 191 4.18 51.28 67.57
CA GLY Y 191 4.65 50.40 66.51
C GLY Y 191 5.87 50.97 65.82
N ARG Y 192 5.80 52.27 65.48
CA ARG Y 192 6.92 52.91 64.81
C ARG Y 192 8.13 52.95 65.72
N LEU Y 193 7.89 53.23 67.01
CA LEU Y 193 8.99 53.30 67.96
C LEU Y 193 9.64 51.93 68.11
N ALA Y 194 8.81 50.89 68.07
CA ALA Y 194 9.31 49.52 68.13
C ALA Y 194 10.22 49.23 66.97
N MET Y 195 9.85 49.71 65.77
CA MET Y 195 10.67 49.46 64.60
C MET Y 195 11.99 50.20 64.71
N ILE Y 196 12.03 51.31 65.43
CA ILE Y 196 13.31 51.92 65.72
C ILE Y 196 14.04 51.11 66.80
N GLY Y 197 13.32 50.77 67.89
CA GLY Y 197 13.98 50.30 69.09
C GLY Y 197 14.70 48.98 68.90
N PHE Y 198 13.97 47.99 68.36
CA PHE Y 198 14.56 46.71 67.98
C PHE Y 198 15.72 46.88 67.02
N SER Y 199 15.61 47.84 66.09
CA SER Y 199 16.66 48.08 65.11
C SER Y 199 17.96 48.52 65.78
N GLY Y 200 17.85 49.17 66.94
CA GLY Y 200 19.03 49.36 67.76
C GLY Y 200 19.55 48.03 68.26
N MET Y 201 18.71 47.32 69.03
CA MET Y 201 19.15 46.21 69.87
C MET Y 201 19.83 45.10 69.08
N MET Y 202 19.41 44.89 67.83
CA MET Y 202 20.07 43.88 67.01
C MET Y 202 21.45 44.34 66.56
N HIS Y 203 21.52 45.54 65.96
CA HIS Y 203 22.79 46.02 65.41
C HIS Y 203 23.82 46.25 66.52
N HIS Y 204 23.36 46.82 67.65
CA HIS Y 204 24.16 46.85 68.88
C HIS Y 204 24.68 45.48 69.27
N TYR Y 205 23.82 44.47 69.19
CA TYR Y 205 24.25 43.08 69.43
C TYR Y 205 25.34 42.69 68.45
N PHE Y 206 25.17 43.07 67.18
CA PHE Y 206 26.18 42.87 66.15
C PHE Y 206 27.52 43.50 66.55
N ILE Y 207 27.48 44.61 67.29
CA ILE Y 207 28.74 45.20 67.74
C ILE Y 207 29.27 44.46 68.96
N THR Y 208 28.39 44.06 69.89
CA THR Y 208 28.87 43.61 71.20
C THR Y 208 28.59 42.15 71.53
N GLY Y 209 27.68 41.49 70.82
CA GLY Y 209 27.22 40.17 71.26
C GLY Y 209 26.47 40.22 72.57
N LYS Y 210 25.80 41.33 72.87
CA LYS Y 210 25.24 41.61 74.19
C LYS Y 210 23.84 42.17 74.04
N GLY Y 211 23.02 41.93 75.07
CA GLY Y 211 21.64 42.38 75.09
C GLY Y 211 21.52 43.84 75.49
N PRO Y 212 20.46 44.51 75.00
CA PRO Y 212 20.38 45.98 75.10
C PRO Y 212 20.24 46.53 76.52
N ILE Y 213 19.36 45.92 77.32
CA ILE Y 213 19.24 46.31 78.71
C ILE Y 213 20.51 45.92 79.48
N GLU Y 214 21.08 44.76 79.14
CA GLU Y 214 22.32 44.34 79.78
C GLU Y 214 23.50 45.19 79.32
N LEU Y 215 23.47 45.70 78.09
CA LEU Y 215 24.43 46.72 77.68
C LEU Y 215 24.22 48.02 78.46
N LEU Y 216 22.96 48.40 78.68
CA LEU Y 216 22.64 49.65 79.35
C LEU Y 216 23.11 49.66 80.79
N THR Y 217 22.91 48.55 81.52
CA THR Y 217 23.32 48.53 82.92
C THR Y 217 24.82 48.35 83.08
N SER Y 218 25.48 47.69 82.14
CA SER Y 218 26.92 47.47 82.22
C SER Y 218 27.70 48.75 81.99
N ALA Z 1 30.25 48.96 -63.64
CA ALA Z 1 31.20 49.28 -62.58
C ALA Z 1 32.14 48.11 -62.32
N LYS Z 2 33.37 48.24 -62.80
CA LYS Z 2 34.38 47.19 -62.67
C LYS Z 2 35.65 47.79 -62.09
N SER Z 3 36.46 46.91 -61.49
CA SER Z 3 37.67 47.34 -60.80
C SER Z 3 38.74 47.80 -61.78
N LYS Z 4 39.53 48.80 -61.34
CA LYS Z 4 40.60 49.31 -62.19
C LYS Z 4 41.81 48.38 -62.20
N ALA Z 5 42.15 47.79 -61.06
CA ALA Z 5 43.27 46.86 -61.01
C ALA Z 5 42.92 45.54 -61.71
N ILE Z 6 41.70 45.07 -61.51
CA ILE Z 6 41.20 43.85 -62.12
C ILE Z 6 40.06 44.23 -63.06
N PRO Z 7 40.34 44.41 -64.35
CA PRO Z 7 39.32 44.98 -65.26
C PRO Z 7 38.11 44.08 -65.50
N PHE Z 8 38.21 42.77 -65.30
CA PHE Z 8 37.07 41.92 -65.54
C PHE Z 8 36.22 41.72 -64.29
N LEU Z 9 36.81 41.74 -63.10
CA LEU Z 9 36.03 41.63 -61.87
C LEU Z 9 35.27 42.93 -61.60
N ASP Z 10 34.09 42.77 -61.01
CA ASP Z 10 33.29 43.92 -60.62
C ASP Z 10 33.95 44.69 -59.49
N ALA Z 11 33.75 46.00 -59.49
CA ALA Z 11 34.29 46.84 -58.44
C ALA Z 11 33.59 46.53 -57.12
N PRO Z 12 34.32 46.48 -56.01
CA PRO Z 12 33.69 46.28 -54.70
C PRO Z 12 32.76 47.42 -54.35
N PRO Z 13 31.61 47.11 -53.73
CA PRO Z 13 30.58 48.16 -53.53
C PRO Z 13 30.93 49.15 -52.45
N ALA Z 14 31.78 48.80 -51.51
CA ALA Z 14 32.05 49.65 -50.36
C ALA Z 14 33.16 50.67 -50.61
N LEU Z 15 33.87 50.58 -51.73
CA LEU Z 15 34.95 51.51 -52.04
C LEU Z 15 34.42 52.60 -52.95
N SER Z 16 34.74 53.85 -52.60
CA SER Z 16 34.14 55.03 -53.22
C SER Z 16 35.09 55.84 -54.09
N GLU Z 17 36.37 55.45 -54.16
CA GLU Z 17 37.52 56.11 -54.78
C GLU Z 17 38.02 57.31 -53.96
N SER Z 18 37.34 57.66 -52.86
CA SER Z 18 37.79 58.77 -52.02
C SER Z 18 39.16 58.51 -51.39
N MET Z 19 39.39 57.28 -50.91
CA MET Z 19 40.61 56.97 -50.20
C MET Z 19 41.80 56.90 -51.16
N PRO Z 20 42.95 57.47 -50.80
CA PRO Z 20 44.14 57.32 -51.63
C PRO Z 20 44.65 55.89 -51.64
N GLY Z 21 45.20 55.48 -52.77
CA GLY Z 21 45.72 54.15 -52.94
C GLY Z 21 44.72 53.14 -53.44
N TYR Z 22 43.44 53.52 -53.56
CA TYR Z 22 42.42 52.66 -54.15
C TYR Z 22 42.74 52.41 -55.61
N VAL Z 23 42.75 51.14 -56.01
CA VAL Z 23 42.83 50.78 -57.42
C VAL Z 23 41.71 49.78 -57.71
N GLY Z 24 40.75 49.66 -56.80
CA GLY Z 24 39.71 48.68 -56.94
C GLY Z 24 40.06 47.29 -56.47
N PHE Z 25 41.15 47.13 -55.73
CA PHE Z 25 41.62 45.80 -55.34
C PHE Z 25 41.04 45.43 -53.98
N ASP Z 26 39.92 44.71 -54.01
CA ASP Z 26 39.35 44.05 -52.85
C ASP Z 26 38.51 42.88 -53.34
N PRO Z 27 39.14 41.80 -53.84
CA PRO Z 27 38.35 40.71 -54.44
C PRO Z 27 37.55 39.91 -53.43
N LEU Z 28 37.91 39.93 -52.15
CA LEU Z 28 37.16 39.19 -51.14
C LEU Z 28 36.03 40.00 -50.54
N TRP Z 29 35.85 41.26 -50.95
CA TRP Z 29 34.83 42.17 -50.45
C TRP Z 29 34.92 42.35 -48.94
N VAL Z 30 36.15 42.48 -48.44
CA VAL Z 30 36.36 42.69 -47.02
C VAL Z 30 35.78 44.02 -46.56
N SER Z 31 35.82 45.04 -47.43
CA SER Z 31 35.28 46.35 -47.08
C SER Z 31 33.76 46.33 -46.97
N SER Z 32 33.10 45.32 -47.51
CA SER Z 32 31.66 45.15 -47.39
C SER Z 32 31.28 44.19 -46.26
N MET Z 33 32.25 43.75 -45.46
CA MET Z 33 31.97 42.75 -44.45
C MET Z 33 31.19 43.31 -43.27
N LEU Z 34 31.24 44.63 -43.04
CA LEU Z 34 30.38 45.29 -42.07
C LEU Z 34 29.60 46.40 -42.76
N PRO Z 35 28.28 46.50 -42.54
CA PRO Z 35 27.50 47.55 -43.19
C PRO Z 35 27.74 48.94 -42.62
N ASP Z 36 28.40 49.07 -41.48
CA ASP Z 36 28.54 50.35 -40.80
C ASP Z 36 29.43 51.30 -41.57
N ALA Z 37 29.16 52.60 -41.40
CA ALA Z 37 29.81 53.62 -42.22
C ALA Z 37 31.29 53.78 -41.86
N GLY Z 38 31.61 53.73 -40.57
CA GLY Z 38 32.99 53.91 -40.16
C GLY Z 38 33.92 52.73 -40.38
N TYR Z 39 33.35 51.57 -40.75
CA TYR Z 39 34.11 50.33 -40.80
C TYR Z 39 35.27 50.40 -41.79
N VAL Z 40 34.99 50.89 -42.99
CA VAL Z 40 36.03 51.11 -44.01
C VAL Z 40 37.11 52.02 -43.46
N LYS Z 41 36.71 53.09 -42.76
CA LYS Z 41 37.66 53.98 -42.10
C LYS Z 41 38.55 53.21 -41.14
N PHE Z 42 37.93 52.35 -40.31
CA PHE Z 42 38.65 51.48 -39.39
C PHE Z 42 39.67 50.65 -40.15
N LEU Z 43 39.23 50.07 -41.28
CA LEU Z 43 40.10 49.25 -42.11
C LEU Z 43 41.30 50.06 -42.57
N GLN Z 44 41.04 51.27 -43.07
CA GLN Z 44 42.12 52.10 -43.58
C GLN Z 44 43.09 52.43 -42.46
N GLU Z 45 42.55 52.75 -41.28
CA GLU Z 45 43.40 53.08 -40.13
C GLU Z 45 44.30 51.91 -39.78
N ALA Z 46 43.72 50.69 -39.80
CA ALA Z 46 44.50 49.48 -39.52
C ALA Z 46 45.63 49.35 -40.52
N GLU Z 47 45.30 49.54 -41.81
CA GLU Z 47 46.30 49.46 -42.88
C GLU Z 47 47.41 50.46 -42.64
N ILE Z 48 47.04 51.70 -42.30
CA ILE Z 48 48.03 52.76 -42.09
C ILE Z 48 48.95 52.37 -40.93
N LYS Z 49 48.35 51.88 -39.84
CA LYS Z 49 49.14 51.54 -38.66
C LYS Z 49 50.10 50.42 -39.00
N HIS Z 50 49.59 49.41 -39.72
CA HIS Z 50 50.39 48.28 -40.15
C HIS Z 50 51.58 48.75 -40.96
N GLY Z 51 51.30 49.59 -41.96
CA GLY Z 51 52.36 50.06 -42.83
C GLY Z 51 53.39 50.85 -42.06
N ARG Z 52 52.92 51.70 -41.14
CA ARG Z 52 53.84 52.53 -40.38
C ARG Z 52 54.71 51.66 -39.49
N VAL Z 53 54.09 50.68 -38.82
CA VAL Z 53 54.83 49.78 -37.96
C VAL Z 53 55.80 48.97 -38.80
N ALA Z 54 55.34 48.51 -39.97
CA ALA Z 54 56.18 47.72 -40.86
C ALA Z 54 57.37 48.53 -41.35
N MET Z 55 57.13 49.82 -41.64
CA MET Z 55 58.22 50.69 -42.07
C MET Z 55 59.27 50.79 -40.98
N LEU Z 56 58.81 51.02 -39.74
CA LEU Z 56 59.72 51.09 -38.61
C LEU Z 56 60.39 49.75 -38.37
N ALA Z 57 59.71 48.66 -38.72
CA ALA Z 57 60.37 47.36 -38.66
C ALA Z 57 61.48 47.26 -39.68
N ALA Z 58 61.16 47.58 -40.94
CA ALA Z 58 62.02 47.22 -42.06
C ALA Z 58 63.36 47.94 -41.98
N ALA Z 59 63.31 49.27 -41.82
CA ALA Z 59 64.50 50.07 -41.58
C ALA Z 59 65.28 49.57 -40.39
N GLY Z 60 64.57 49.23 -39.30
CA GLY Z 60 65.24 48.69 -38.13
C GLY Z 60 65.96 47.39 -38.43
N ALA Z 61 65.30 46.52 -39.20
CA ALA Z 61 65.92 45.25 -39.60
C ALA Z 61 67.17 45.47 -40.43
N ILE Z 62 67.24 46.58 -41.16
CA ILE Z 62 68.46 46.91 -41.88
C ILE Z 62 69.50 47.50 -40.94
N VAL Z 63 69.06 48.43 -40.08
CA VAL Z 63 70.02 49.27 -39.34
C VAL Z 63 70.65 48.46 -38.22
N GLN Z 64 69.90 47.53 -37.64
CA GLN Z 64 70.45 46.61 -36.66
C GLN Z 64 71.50 45.69 -37.26
N ASP Z 65 71.51 45.48 -38.59
CA ASP Z 65 72.65 44.80 -39.20
C ASP Z 65 73.87 45.72 -39.29
N ILE Z 66 73.66 47.01 -39.53
CA ILE Z 66 74.77 47.90 -39.83
C ILE Z 66 75.57 48.19 -38.56
N PHE Z 67 74.92 48.75 -37.55
CA PHE Z 67 75.56 49.02 -36.28
C PHE Z 67 74.59 48.68 -35.16
N THR Z 68 75.15 48.45 -33.98
CA THR Z 68 74.38 48.26 -32.77
C THR Z 68 74.74 49.37 -31.78
N PHE Z 69 73.81 49.69 -30.90
CA PHE Z 69 74.05 50.73 -29.92
C PHE Z 69 75.06 50.24 -28.89
N PRO Z 70 75.79 51.15 -28.23
CA PRO Z 70 76.83 50.73 -27.29
C PRO Z 70 76.30 49.92 -26.12
N GLY Z 71 77.03 48.84 -25.81
CA GLY Z 71 76.71 47.96 -24.72
C GLY Z 71 75.68 46.90 -25.02
N VAL Z 72 75.09 46.90 -26.22
CA VAL Z 72 74.01 45.98 -26.52
C VAL Z 72 74.53 44.55 -26.65
N THR Z 73 75.65 44.37 -27.37
CA THR Z 73 76.19 43.04 -27.58
C THR Z 73 76.76 42.44 -26.30
N SER Z 74 77.19 43.29 -25.35
CA SER Z 74 77.58 42.79 -24.04
C SER Z 74 76.40 42.25 -23.24
N VAL Z 75 75.18 42.68 -23.57
CA VAL Z 75 73.99 42.21 -22.89
C VAL Z 75 73.39 40.99 -23.57
N ILE Z 76 73.25 41.02 -24.90
CA ILE Z 76 72.47 40.01 -25.61
C ILE Z 76 73.30 39.18 -26.57
N GLY Z 77 74.52 39.57 -26.89
CA GLY Z 77 75.33 38.78 -27.81
C GLY Z 77 75.10 39.10 -29.27
N ASN Z 78 75.21 38.09 -30.12
CA ASN Z 78 75.22 38.25 -31.57
C ASN Z 78 73.89 37.95 -32.25
N VAL Z 79 72.79 37.83 -31.49
CA VAL Z 79 71.50 37.55 -32.09
C VAL Z 79 71.04 38.74 -32.93
N LYS Z 80 70.32 38.46 -34.03
CA LYS Z 80 70.12 39.50 -35.03
C LYS Z 80 68.68 39.99 -35.20
N MET Z 81 67.71 39.12 -35.47
CA MET Z 81 66.43 39.64 -35.94
C MET Z 81 65.26 39.43 -34.98
N THR Z 82 64.98 38.20 -34.57
CA THR Z 82 63.87 37.94 -33.68
C THR Z 82 64.30 37.32 -32.37
N SER Z 83 65.53 36.84 -32.29
CA SER Z 83 66.11 36.37 -31.05
C SER Z 83 66.51 37.52 -30.12
N VAL Z 84 66.47 38.76 -30.61
CA VAL Z 84 66.60 39.92 -29.73
C VAL Z 84 65.39 40.02 -28.80
N HIS Z 85 64.19 39.92 -29.37
CA HIS Z 85 62.94 39.88 -28.60
C HIS Z 85 62.96 38.74 -27.59
N ASP Z 86 63.37 37.54 -28.06
CA ASP Z 86 63.43 36.36 -27.20
C ASP Z 86 64.49 36.49 -26.11
N THR Z 87 65.69 36.97 -26.46
CA THR Z 87 66.79 37.04 -25.49
C THR Z 87 66.52 38.09 -24.42
N PHE Z 88 66.06 39.28 -24.84
CA PHE Z 88 65.65 40.31 -23.88
C PHE Z 88 64.56 39.79 -22.95
N LEU Z 89 63.53 39.12 -23.50
CA LEU Z 89 62.46 38.60 -22.66
C LEU Z 89 62.94 37.47 -21.75
N SER Z 90 63.97 36.72 -22.18
CA SER Z 90 64.58 35.74 -21.30
C SER Z 90 65.30 36.43 -20.14
N MET Z 91 65.84 37.62 -20.37
CA MET Z 91 66.48 38.37 -19.30
C MET Z 91 65.57 39.45 -18.70
N GLU Z 92 64.28 39.43 -19.02
CA GLU Z 92 63.32 40.39 -18.49
C GLU Z 92 62.41 39.72 -17.47
N GLY Z 93 61.95 40.52 -16.51
CA GLY Z 93 61.06 40.03 -15.48
C GLY Z 93 61.67 40.17 -14.11
N PRO Z 94 60.85 40.54 -13.11
CA PRO Z 94 61.32 40.48 -11.71
C PRO Z 94 61.74 39.08 -11.32
N GLY Z 95 63.02 38.91 -11.00
CA GLY Z 95 63.55 37.60 -10.64
C GLY Z 95 64.25 36.92 -11.80
N LYS Z 96 63.70 37.07 -13.01
CA LYS Z 96 64.28 36.41 -14.18
C LYS Z 96 65.53 37.10 -14.66
N GLY Z 97 65.68 38.39 -14.42
CA GLY Z 97 66.85 39.11 -14.88
C GLY Z 97 66.76 40.58 -14.54
N ASN Z 98 67.59 41.38 -15.22
CA ASN Z 98 67.69 42.80 -14.92
C ASN Z 98 67.24 43.72 -16.04
N GLN Z 99 67.12 43.22 -17.28
CA GLN Z 99 66.68 44.09 -18.36
C GLN Z 99 65.19 44.35 -18.27
N ALA Z 100 64.74 45.47 -18.87
CA ALA Z 100 63.32 45.71 -19.06
C ALA Z 100 63.00 46.30 -20.43
N ALA Z 101 63.78 45.98 -21.46
CA ALA Z 101 63.71 46.76 -22.71
C ALA Z 101 62.38 46.57 -23.45
N MET Z 102 61.99 45.31 -23.72
CA MET Z 102 60.75 45.06 -24.42
C MET Z 102 59.53 45.44 -23.60
N HIS Z 103 59.63 45.32 -22.27
CA HIS Z 103 58.53 45.73 -21.41
C HIS Z 103 58.36 47.24 -21.37
N GLN Z 104 59.48 47.98 -21.37
CA GLN Z 104 59.41 49.44 -21.46
C GLN Z 104 58.80 49.88 -22.79
N LEU Z 105 59.21 49.23 -23.89
CA LEU Z 105 58.62 49.51 -25.19
C LEU Z 105 57.12 49.20 -25.19
N LEU Z 106 56.72 48.08 -24.58
CA LEU Z 106 55.31 47.71 -24.52
C LEU Z 106 54.52 48.70 -23.68
N LEU Z 107 55.11 49.21 -22.60
CA LEU Z 107 54.43 50.18 -21.74
C LEU Z 107 54.14 51.48 -22.48
N TRP Z 108 55.17 52.08 -23.09
CA TRP Z 108 54.95 53.38 -23.71
C TRP Z 108 54.13 53.25 -25.00
N LEU Z 109 54.37 52.20 -25.77
CA LEU Z 109 53.55 51.93 -26.94
C LEU Z 109 52.10 51.62 -26.56
N GLY Z 110 51.87 50.98 -25.42
CA GLY Z 110 50.52 50.71 -24.98
C GLY Z 110 49.79 51.96 -24.52
N ILE Z 111 50.52 52.91 -23.92
CA ILE Z 111 49.91 54.21 -23.60
C ILE Z 111 49.47 54.90 -24.88
N LEU Z 112 50.37 54.94 -25.87
CA LEU Z 112 50.03 55.52 -27.17
C LEU Z 112 48.88 54.78 -27.84
N GLU Z 113 48.82 53.46 -27.70
CA GLU Z 113 47.80 52.66 -28.36
C GLU Z 113 46.44 52.76 -27.69
N ILE Z 114 46.39 52.96 -26.37
CA ILE Z 114 45.12 53.25 -25.70
C ILE Z 114 44.59 54.61 -26.15
N ALA Z 115 45.47 55.62 -26.19
CA ALA Z 115 45.06 56.92 -26.69
C ALA Z 115 44.63 56.86 -28.17
N THR Z 116 45.20 55.93 -28.93
CA THR Z 116 44.76 55.69 -30.29
C THR Z 116 43.43 54.95 -30.35
N SER Z 117 43.20 54.03 -29.39
CA SER Z 117 41.93 53.29 -29.32
C SER Z 117 40.76 54.22 -29.15
N VAL Z 118 40.91 55.23 -28.29
CA VAL Z 118 39.84 56.21 -28.10
C VAL Z 118 39.54 56.94 -29.41
N ALA Z 119 40.58 57.26 -30.19
CA ALA Z 119 40.39 57.95 -31.46
C ALA Z 119 39.71 57.06 -32.49
N ILE Z 120 40.06 55.77 -32.52
CA ILE Z 120 39.42 54.84 -33.46
C ILE Z 120 37.95 54.68 -33.11
N ILE Z 121 37.64 54.59 -31.80
CA ILE Z 121 36.24 54.49 -31.38
C ILE Z 121 35.46 55.74 -31.76
N GLN Z 122 36.06 56.92 -31.55
CA GLN Z 122 35.39 58.17 -31.90
C GLN Z 122 35.18 58.31 -33.41
N SER Z 123 36.17 57.93 -34.22
CA SER Z 123 36.03 58.05 -35.66
C SER Z 123 35.08 57.00 -36.23
N PHE Z 124 34.97 55.85 -35.57
CA PHE Z 124 34.04 54.81 -36.01
C PHE Z 124 32.59 55.25 -35.88
N LYS Z 125 32.24 55.83 -34.73
CA LYS Z 125 30.87 56.20 -34.46
C LYS Z 125 30.45 57.46 -35.22
N GLY Z 126 31.39 58.25 -35.69
CA GLY Z 126 31.09 59.45 -36.43
C GLY Z 126 31.06 60.71 -35.60
N GLU Z 127 31.53 60.66 -34.35
CA GLU Z 127 31.60 61.83 -33.50
C GLU Z 127 32.71 62.78 -33.90
N THR Z 128 33.61 62.34 -34.78
CA THR Z 128 34.76 63.12 -35.22
C THR Z 128 34.94 62.91 -36.71
N ASN Z 129 35.20 64.00 -37.45
CA ASN Z 129 35.39 63.93 -38.89
C ASN Z 129 36.86 63.82 -39.28
N ARG Z 130 37.70 63.26 -38.41
CA ARG Z 130 39.11 63.11 -38.69
C ARG Z 130 39.35 61.96 -39.66
N ALA Z 131 40.35 62.14 -40.51
CA ALA Z 131 40.70 61.12 -41.49
C ALA Z 131 41.33 59.91 -40.81
N PRO Z 132 41.16 58.71 -41.38
CA PRO Z 132 41.82 57.53 -40.80
C PRO Z 132 43.32 57.61 -40.93
N GLY Z 133 44.02 57.27 -39.85
CA GLY Z 133 45.46 57.36 -39.80
C GLY Z 133 46.01 58.74 -39.53
N ASP Z 134 45.14 59.74 -39.35
CA ASP Z 134 45.56 61.12 -39.11
C ASP Z 134 45.60 61.35 -37.61
N PHE Z 135 46.79 61.60 -37.07
CA PHE Z 135 46.97 61.94 -35.67
C PHE Z 135 47.37 63.38 -35.47
N GLY Z 136 47.37 64.19 -36.53
CA GLY Z 136 47.79 65.56 -36.43
C GLY Z 136 49.28 65.74 -36.23
N PHE Z 137 50.08 64.71 -36.46
CA PHE Z 137 51.52 64.77 -36.25
C PHE Z 137 52.19 65.26 -37.52
N ASP Z 138 52.31 66.59 -37.64
CA ASP Z 138 53.10 67.21 -38.70
C ASP Z 138 53.88 68.39 -38.13
N PRO Z 139 54.90 68.12 -37.30
CA PRO Z 139 55.66 69.23 -36.71
C PRO Z 139 56.50 70.02 -37.69
N LEU Z 140 56.95 69.40 -38.79
CA LEU Z 140 57.81 70.08 -39.75
C LEU Z 140 57.06 70.69 -40.92
N GLY Z 141 55.72 70.67 -40.90
CA GLY Z 141 54.94 71.41 -41.86
C GLY Z 141 55.02 70.94 -43.31
N PHE Z 142 55.22 69.64 -43.55
CA PHE Z 142 55.30 69.16 -44.93
C PHE Z 142 53.96 69.23 -45.65
N SER Z 143 52.84 69.28 -44.93
CA SER Z 143 51.55 69.44 -45.61
C SER Z 143 51.42 70.82 -46.23
N LYS Z 144 52.03 71.84 -45.64
CA LYS Z 144 52.03 73.19 -46.21
C LYS Z 144 53.14 73.39 -47.23
N LYS Z 145 53.82 72.34 -47.65
CA LYS Z 145 54.87 72.42 -48.66
C LYS Z 145 54.30 72.10 -50.04
N ALA Z 146 55.19 71.99 -51.02
CA ALA Z 146 54.79 71.69 -52.39
C ALA Z 146 55.05 70.21 -52.69
N GLY Z 147 54.11 69.60 -53.40
CA GLY Z 147 54.16 68.16 -53.61
C GLY Z 147 53.54 67.35 -52.50
N ALA Z 148 52.82 67.98 -51.57
CA ALA Z 148 52.20 67.28 -50.46
C ALA Z 148 50.89 66.60 -50.83
N GLU Z 149 50.37 66.82 -52.04
CA GLU Z 149 49.13 66.21 -52.46
C GLU Z 149 49.30 64.74 -52.86
N THR Z 150 50.54 64.24 -52.94
CA THR Z 150 50.80 62.85 -53.23
C THR Z 150 51.52 62.13 -52.09
N MET Z 151 51.76 62.82 -50.97
CA MET Z 151 52.45 62.20 -49.84
C MET Z 151 51.66 61.04 -49.24
N ALA Z 152 50.33 61.13 -49.21
CA ALA Z 152 49.52 60.03 -48.68
C ALA Z 152 49.65 58.78 -49.54
N LEU Z 153 49.73 58.95 -50.86
CA LEU Z 153 49.93 57.83 -51.76
C LEU Z 153 51.28 57.17 -51.54
N LYS Z 154 52.33 57.97 -51.36
CA LYS Z 154 53.65 57.42 -51.09
C LYS Z 154 53.69 56.73 -49.73
N GLU Z 155 52.99 57.30 -48.75
CA GLU Z 155 52.89 56.67 -47.44
C GLU Z 155 52.24 55.30 -47.51
N ILE Z 156 51.07 55.21 -48.16
CA ILE Z 156 50.37 53.92 -48.24
C ILE Z 156 51.14 52.92 -49.09
N LYS Z 157 51.83 53.37 -50.14
CA LYS Z 157 52.53 52.44 -51.02
C LYS Z 157 53.78 51.89 -50.33
N ASN Z 158 54.58 52.76 -49.72
CA ASN Z 158 55.74 52.32 -48.96
C ASN Z 158 55.34 51.52 -47.73
N GLY Z 159 54.17 51.81 -47.16
CA GLY Z 159 53.66 51.00 -46.06
C GLY Z 159 53.40 49.56 -46.47
N ARG Z 160 52.67 49.38 -47.57
CA ARG Z 160 52.39 48.03 -48.08
C ARG Z 160 53.68 47.30 -48.46
N LEU Z 161 54.59 48.02 -49.13
CA LEU Z 161 55.86 47.44 -49.51
C LEU Z 161 56.69 47.03 -48.30
N ALA Z 162 56.65 47.82 -47.23
CA ALA Z 162 57.38 47.47 -46.02
C ALA Z 162 56.75 46.30 -45.28
N MET Z 163 55.41 46.20 -45.34
CA MET Z 163 54.71 45.02 -44.83
C MET Z 163 55.24 43.74 -45.47
N ILE Z 164 55.26 43.73 -46.81
CA ILE Z 164 55.76 42.56 -47.53
C ILE Z 164 57.24 42.34 -47.26
N GLY Z 165 58.02 43.43 -47.17
CA GLY Z 165 59.45 43.31 -46.97
C GLY Z 165 59.82 42.74 -45.61
N ILE Z 166 59.16 43.19 -44.55
CA ILE Z 166 59.46 42.64 -43.23
C ILE Z 166 58.95 41.21 -43.11
N GLY Z 167 57.85 40.86 -43.80
CA GLY Z 167 57.47 39.45 -43.88
C GLY Z 167 58.54 38.59 -44.50
N GLY Z 168 59.11 39.06 -45.61
CA GLY Z 168 60.27 38.49 -46.24
C GLY Z 168 61.43 38.29 -45.29
N MET Z 169 61.91 39.38 -44.68
CA MET Z 169 63.12 39.33 -43.87
C MET Z 169 62.96 38.46 -42.62
N VAL Z 170 61.77 38.46 -42.01
CA VAL Z 170 61.55 37.63 -40.83
C VAL Z 170 61.53 36.15 -41.21
N HIS Z 171 60.83 35.81 -42.30
CA HIS Z 171 60.82 34.41 -42.71
C HIS Z 171 62.18 33.99 -43.28
N HIS Z 172 63.03 34.94 -43.69
CA HIS Z 172 64.41 34.60 -44.05
C HIS Z 172 65.27 34.32 -42.83
N TYR Z 173 65.09 35.10 -41.76
CA TYR Z 173 65.86 34.86 -40.55
C TYR Z 173 65.47 33.54 -39.91
N LEU Z 174 64.19 33.18 -39.99
CA LEU Z 174 63.74 31.94 -39.40
C LEU Z 174 64.34 30.70 -40.06
N LEU Z 175 64.77 30.81 -41.32
CA LEU Z 175 65.42 29.69 -42.00
C LEU Z 175 66.94 29.76 -41.96
N THR Z 176 67.52 30.90 -42.37
CA THR Z 176 68.98 30.99 -42.48
C THR Z 176 69.65 31.51 -41.22
N GLY Z 177 68.97 32.34 -40.44
CA GLY Z 177 69.59 32.92 -39.27
C GLY Z 177 70.51 34.09 -39.53
N LYS Z 178 70.51 34.63 -40.75
CA LYS Z 178 71.50 35.65 -41.10
C LYS Z 178 71.08 37.03 -40.61
N GLY Z 179 69.93 37.50 -41.06
CA GLY Z 179 69.60 38.91 -40.99
C GLY Z 179 69.59 39.48 -42.38
N PRO Z 180 68.97 40.66 -42.56
CA PRO Z 180 68.70 41.19 -43.92
C PRO Z 180 69.91 41.41 -44.81
N LEU Z 181 70.95 42.08 -44.31
CA LEU Z 181 72.07 42.47 -45.18
C LEU Z 181 72.95 41.28 -45.55
N GLN Z 182 73.19 40.37 -44.59
CA GLN Z 182 73.92 39.14 -44.89
C GLN Z 182 73.13 38.27 -45.86
N PHE Z 183 71.81 38.26 -45.71
CA PHE Z 183 70.96 37.50 -46.62
C PHE Z 183 70.99 38.09 -48.03
N LEU Z 184 71.01 39.42 -48.14
CA LEU Z 184 71.10 40.04 -49.45
C LEU Z 184 72.46 39.79 -50.10
N GLY Z 185 73.54 39.88 -49.32
CA GLY Z 185 74.86 39.68 -49.90
C GLY Z 185 75.28 38.23 -50.04
N GLY Z 186 74.73 37.35 -49.20
CA GLY Z 186 75.04 35.94 -49.30
C GLY Z 186 74.10 35.14 -50.17
N ILE Z 187 73.88 35.58 -51.42
CA ILE Z 187 72.85 35.14 -52.37
C ILE Z 187 72.56 33.64 -52.35
N PRO Z 188 73.57 32.72 -52.37
CA PRO Z 188 73.18 31.32 -52.11
C PRO Z 188 73.12 31.01 -50.62
N ASN Z 189 72.02 31.46 -49.98
CA ASN Z 189 71.92 31.45 -48.53
C ASN Z 189 71.81 30.04 -47.93
N TYR Z 190 71.45 29.04 -48.72
CA TYR Z 190 71.40 27.67 -48.23
C TYR Z 190 72.74 26.96 -48.23
N LYS Z 191 73.80 27.60 -48.72
CA LYS Z 191 75.14 27.03 -48.61
C LYS Z 191 75.86 27.42 -47.33
N SER Z 192 75.41 28.47 -46.66
CA SER Z 192 76.06 28.93 -45.43
C SER Z 192 74.98 29.51 -44.52
N CYS Z 193 74.50 28.68 -43.59
CA CYS Z 193 73.43 29.06 -42.67
C CYS Z 193 74.02 29.32 -41.30
N VAL Z 194 73.75 30.50 -40.76
CA VAL Z 194 74.22 30.87 -39.43
C VAL Z 194 73.36 30.18 -38.39
N SER Z 195 74.00 29.54 -37.42
CA SER Z 195 73.27 28.87 -36.34
C SER Z 195 72.60 29.91 -35.45
N HIS Z 196 71.32 29.70 -35.18
CA HIS Z 196 70.50 30.67 -34.47
C HIS Z 196 69.57 29.94 -33.52
N PRO Z 197 69.19 30.57 -32.41
CA PRO Z 197 68.26 29.92 -31.48
C PRO Z 197 66.86 29.79 -32.07
N ASP Z 198 66.14 28.79 -31.60
CA ASP Z 198 64.75 28.61 -32.00
C ASP Z 198 63.89 29.75 -31.48
N SER Z 199 62.87 30.11 -32.25
CA SER Z 199 61.99 31.19 -31.86
C SER Z 199 61.07 30.74 -30.72
N LEU Z 200 60.26 31.67 -30.24
CA LEU Z 200 59.29 31.36 -29.20
C LEU Z 200 58.05 30.66 -29.74
N LEU Z 201 57.99 30.37 -31.04
CA LEU Z 201 56.97 29.52 -31.63
C LEU Z 201 57.66 28.42 -32.43
N PRO Z 202 58.34 27.49 -31.75
CA PRO Z 202 59.11 26.48 -32.48
C PRO Z 202 58.25 25.46 -33.21
N TRP Z 203 57.02 25.22 -32.75
CA TRP Z 203 56.12 24.28 -33.41
C TRP Z 203 55.89 24.63 -34.87
N LEU Z 204 55.85 25.91 -35.19
CA LEU Z 204 55.65 26.36 -36.57
C LEU Z 204 56.78 25.97 -37.50
N ILE Z 205 57.99 25.70 -37.00
CA ILE Z 205 59.06 25.26 -37.89
C ILE Z 205 59.17 23.74 -37.93
N LYS Z 206 58.29 23.03 -37.21
CA LYS Z 206 58.29 21.56 -37.23
C LYS Z 206 58.08 20.92 -38.61
N PRO Z 207 57.15 21.36 -39.49
CA PRO Z 207 57.01 20.67 -40.78
C PRO Z 207 58.14 20.90 -41.77
N VAL Z 208 59.14 21.72 -41.44
CA VAL Z 208 60.22 22.01 -42.38
C VAL Z 208 61.07 20.78 -42.63
N GLY Z 209 61.36 20.01 -41.59
CA GLY Z 209 62.11 18.78 -41.76
C GLY Z 209 61.34 17.66 -42.45
N ALA Z 210 60.18 17.31 -41.91
CA ALA Z 210 59.46 16.13 -42.39
C ALA Z 210 58.65 16.43 -43.66
N VAL Z 211 57.72 17.38 -43.57
CA VAL Z 211 56.83 17.68 -44.70
C VAL Z 211 57.59 18.36 -45.82
N LEU Z 212 58.42 19.34 -45.49
CA LEU Z 212 59.09 20.21 -46.44
C LEU Z 212 60.50 19.70 -46.72
N PRO Z 213 61.18 20.22 -47.76
CA PRO Z 213 62.51 19.68 -48.12
C PRO Z 213 63.59 19.75 -47.03
N LYS Z 214 63.66 20.82 -46.23
CA LYS Z 214 64.76 21.08 -45.29
C LYS Z 214 66.12 21.06 -46.02
N ILE Z 215 66.23 22.00 -46.97
CA ILE Z 215 67.47 22.17 -47.72
C ILE Z 215 68.61 22.58 -46.79
N CYS Z 216 68.34 23.52 -45.89
CA CYS Z 216 69.33 23.97 -44.92
C CYS Z 216 69.66 22.88 -43.90
N TYR AA 46 -21.20 -0.42 -38.39
CA TYR AA 46 -20.82 0.70 -39.23
C TYR AA 46 -20.88 0.29 -40.70
N SER AA 47 -19.75 -0.05 -41.28
CA SER AA 47 -19.76 -0.70 -42.58
C SER AA 47 -20.37 -2.09 -42.44
N PRO AA 48 -21.01 -2.61 -43.50
CA PRO AA 48 -21.65 -3.93 -43.41
C PRO AA 48 -20.64 -5.04 -43.15
N VAL AA 49 -20.92 -5.85 -42.14
CA VAL AA 49 -20.08 -6.98 -41.77
C VAL AA 49 -20.38 -8.13 -42.71
N PRO AA 50 -19.40 -8.64 -43.46
CA PRO AA 50 -19.68 -9.69 -44.42
C PRO AA 50 -19.70 -11.07 -43.78
N SER AA 51 -20.46 -11.95 -44.41
CA SER AA 51 -20.63 -13.34 -44.02
C SER AA 51 -20.47 -14.20 -45.27
N PRO AA 52 -20.16 -15.49 -45.11
CA PRO AA 52 -20.14 -16.38 -46.28
C PRO AA 52 -21.53 -16.52 -46.89
N GLU AA 53 -21.55 -16.85 -48.17
CA GLU AA 53 -22.81 -16.99 -48.89
C GLU AA 53 -23.61 -18.16 -48.33
N GLY AA 54 -24.91 -17.93 -48.16
CA GLY AA 54 -25.77 -18.93 -47.56
C GLY AA 54 -25.91 -18.82 -46.06
N THR AA 55 -25.44 -17.73 -45.45
CA THR AA 55 -25.53 -17.58 -44.01
C THR AA 55 -26.95 -17.15 -43.64
N LYS AA 56 -27.60 -17.93 -42.79
CA LYS AA 56 -28.97 -17.68 -42.36
C LYS AA 56 -29.00 -17.34 -40.88
N GLU AA 57 -30.19 -16.96 -40.42
CA GLU AA 57 -30.42 -16.63 -39.02
C GLU AA 57 -30.87 -17.88 -38.29
N VAL AA 58 -30.03 -18.37 -37.38
CA VAL AA 58 -30.29 -19.60 -36.64
C VAL AA 58 -30.52 -19.34 -35.17
N TYR AA 59 -30.73 -18.09 -34.77
CA TYR AA 59 -31.05 -17.77 -33.39
C TYR AA 59 -32.41 -18.38 -33.00
N TRP AA 60 -32.43 -19.10 -31.90
CA TRP AA 60 -33.59 -19.86 -31.46
C TRP AA 60 -33.87 -19.61 -29.99
N GLU AA 61 -35.14 -19.58 -29.63
CA GLU AA 61 -35.58 -19.49 -28.24
C GLU AA 61 -36.60 -20.57 -27.90
N THR AA 62 -36.82 -21.53 -28.79
CA THR AA 62 -37.76 -22.62 -28.59
C THR AA 62 -37.07 -23.74 -27.81
N LYS AA 63 -37.73 -24.90 -27.72
CA LYS AA 63 -37.18 -26.03 -26.99
C LYS AA 63 -35.91 -26.54 -27.67
N ALA AA 64 -35.92 -26.64 -28.99
CA ALA AA 64 -34.78 -27.12 -29.74
C ALA AA 64 -34.44 -26.14 -30.85
N PRO AA 65 -33.19 -26.11 -31.31
CA PRO AA 65 -32.87 -25.34 -32.51
C PRO AA 65 -33.53 -25.94 -33.74
N SER AA 66 -33.64 -25.12 -34.77
CA SER AA 66 -34.05 -25.63 -36.07
C SER AA 66 -32.97 -26.56 -36.63
N SER AA 67 -33.36 -27.39 -37.60
CA SER AA 67 -32.45 -28.38 -38.15
C SER AA 67 -31.29 -27.76 -38.94
N ASP AA 68 -31.40 -26.47 -39.30
CA ASP AA 68 -30.37 -25.80 -40.08
C ASP AA 68 -29.03 -25.73 -39.35
N VAL AA 69 -29.06 -25.74 -38.01
CA VAL AA 69 -27.83 -25.78 -37.21
C VAL AA 69 -27.06 -27.08 -37.40
N LEU AA 70 -27.65 -28.10 -38.00
CA LEU AA 70 -26.95 -29.33 -38.32
C LEU AA 70 -26.28 -29.29 -39.67
N GLY AA 71 -26.41 -28.19 -40.41
CA GLY AA 71 -25.74 -28.02 -41.69
C GLY AA 71 -26.10 -29.03 -42.75
N ILE AA 72 -25.13 -29.85 -43.14
CA ILE AA 72 -25.38 -30.91 -44.12
C ILE AA 72 -26.17 -32.06 -43.53
N GLY AA 73 -26.28 -32.15 -42.20
CA GLY AA 73 -27.04 -33.21 -41.58
C GLY AA 73 -28.45 -32.78 -41.21
N ALA AA 74 -28.93 -31.72 -41.87
CA ALA AA 74 -30.24 -31.16 -41.55
C ALA AA 74 -31.39 -32.07 -41.95
N GLY AA 75 -31.18 -33.01 -42.88
CA GLY AA 75 -32.21 -33.91 -43.32
C GLY AA 75 -32.14 -35.31 -42.77
N VAL AA 76 -31.27 -35.57 -41.80
CA VAL AA 76 -31.13 -36.89 -41.20
C VAL AA 76 -32.13 -37.01 -40.06
N SER AA 77 -32.86 -38.12 -40.05
CA SER AA 77 -33.85 -38.38 -39.01
C SER AA 77 -33.17 -38.60 -37.65
N SER AA 78 -33.95 -38.42 -36.59
CA SER AA 78 -33.44 -38.58 -35.23
C SER AA 78 -33.07 -40.02 -34.93
N GLY AA 79 -33.80 -40.99 -35.51
CA GLY AA 79 -33.46 -42.38 -35.30
C GLY AA 79 -32.12 -42.75 -35.90
N ASN AA 80 -31.83 -42.25 -37.11
CA ASN AA 80 -30.55 -42.47 -37.74
C ASN AA 80 -29.41 -41.84 -36.94
N PHE AA 81 -29.64 -40.63 -36.42
CA PHE AA 81 -28.64 -39.96 -35.58
C PHE AA 81 -28.38 -40.74 -34.30
N ALA AA 82 -29.44 -41.20 -33.64
CA ALA AA 82 -29.28 -41.94 -32.38
C ALA AA 82 -28.59 -43.29 -32.60
N ALA AA 83 -28.95 -43.99 -33.68
CA ALA AA 83 -28.31 -45.26 -34.00
C ALA AA 83 -26.84 -45.07 -34.34
N SER AA 84 -26.53 -44.02 -35.12
CA SER AA 84 -25.14 -43.72 -35.43
C SER AA 84 -24.37 -43.29 -34.20
N SER AA 85 -25.02 -42.62 -33.25
CA SER AA 85 -24.35 -42.25 -32.01
C SER AA 85 -24.00 -43.46 -31.17
N VAL AA 86 -24.94 -44.42 -31.05
CA VAL AA 86 -24.66 -45.66 -30.31
C VAL AA 86 -23.52 -46.44 -30.98
N VAL AA 87 -23.60 -46.57 -32.30
CA VAL AA 87 -22.58 -47.30 -33.06
C VAL AA 87 -21.22 -46.61 -32.96
N ALA AA 88 -21.22 -45.27 -33.01
CA ALA AA 88 -19.98 -44.52 -32.91
C ALA AA 88 -19.37 -44.62 -31.52
N LEU AA 89 -20.20 -44.60 -30.46
CA LEU AA 89 -19.68 -44.82 -29.11
C LEU AA 89 -19.06 -46.20 -28.99
N MET AA 90 -19.75 -47.24 -29.47
CA MET AA 90 -19.23 -48.60 -29.33
C MET AA 90 -17.92 -48.77 -30.10
N ILE AA 91 -17.88 -48.31 -31.36
CA ILE AA 91 -16.67 -48.47 -32.17
C ILE AA 91 -15.53 -47.62 -31.62
N GLY AA 92 -15.81 -46.39 -31.18
CA GLY AA 92 -14.77 -45.54 -30.63
C GLY AA 92 -14.22 -46.06 -29.32
N GLY AA 93 -15.08 -46.55 -28.43
CA GLY AA 93 -14.61 -47.15 -27.20
C GLY AA 93 -13.80 -48.42 -27.43
N PHE AA 94 -14.25 -49.26 -28.37
CA PHE AA 94 -13.51 -50.47 -28.70
C PHE AA 94 -12.14 -50.15 -29.28
N CYS AA 95 -12.08 -49.21 -30.24
CA CYS AA 95 -10.81 -48.84 -30.84
C CYS AA 95 -9.87 -48.20 -29.84
N THR AA 96 -10.41 -47.32 -28.99
CA THR AA 96 -9.62 -46.68 -27.95
C THR AA 96 -9.04 -47.71 -26.98
N GLY AA 97 -9.88 -48.64 -26.52
CA GLY AA 97 -9.42 -49.71 -25.66
C GLY AA 97 -8.41 -50.63 -26.32
N GLN AA 98 -8.46 -50.72 -27.66
CA GLN AA 98 -7.41 -51.43 -28.36
C GLN AA 98 -6.10 -50.65 -28.36
N VAL AA 99 -6.16 -49.32 -28.36
CA VAL AA 99 -4.92 -48.54 -28.41
C VAL AA 99 -4.52 -47.90 -27.07
N ILE AA 100 -5.22 -48.19 -25.95
CA ILE AA 100 -4.80 -47.61 -24.66
C ILE AA 100 -3.41 -48.05 -24.22
N PRO AA 101 -3.02 -49.35 -24.29
CA PRO AA 101 -1.56 -49.56 -24.08
C PRO AA 101 -0.79 -49.19 -25.35
N LEU AA 102 -0.58 -47.89 -25.54
CA LEU AA 102 -0.01 -47.37 -26.77
C LEU AA 102 1.44 -47.79 -26.93
N THR AA 103 1.79 -48.20 -28.15
CA THR AA 103 3.14 -48.62 -28.51
C THR AA 103 3.67 -47.68 -29.57
N SER AA 104 4.91 -47.94 -29.99
CA SER AA 104 5.53 -47.15 -31.06
C SER AA 104 5.04 -47.54 -32.45
N ASP AA 105 4.24 -48.61 -32.56
CA ASP AA 105 3.60 -48.98 -33.82
C ASP AA 105 2.10 -49.19 -33.62
N PRO AA 106 1.34 -48.12 -33.41
CA PRO AA 106 -0.11 -48.26 -33.26
C PRO AA 106 -0.79 -48.61 -34.56
N ASN AA 107 -1.90 -49.32 -34.47
CA ASN AA 107 -2.69 -49.67 -35.64
C ASN AA 107 -3.40 -48.42 -36.15
N PRO AA 108 -3.19 -48.01 -37.40
CA PRO AA 108 -3.87 -46.80 -37.92
C PRO AA 108 -5.38 -46.88 -37.95
N LEU AA 109 -5.94 -48.09 -38.15
CA LEU AA 109 -7.38 -48.23 -38.22
C LEU AA 109 -8.03 -47.94 -36.88
N PHE AA 110 -7.47 -48.47 -35.78
CA PHE AA 110 -8.01 -48.17 -34.46
C PHE AA 110 -7.78 -46.71 -34.08
N LEU AA 111 -6.69 -46.11 -34.55
CA LEU AA 111 -6.47 -44.68 -34.32
C LEU AA 111 -7.56 -43.84 -35.01
N ILE AA 112 -7.91 -44.21 -36.24
CA ILE AA 112 -8.98 -43.49 -36.94
C ILE AA 112 -10.32 -43.74 -36.26
N GLY AA 113 -10.59 -44.99 -35.87
CA GLY AA 113 -11.86 -45.32 -35.24
C GLY AA 113 -12.03 -44.76 -33.84
N SER AA 114 -10.93 -44.41 -33.16
CA SER AA 114 -11.04 -43.79 -31.85
C SER AA 114 -11.65 -42.41 -31.89
N PHE AA 115 -11.60 -41.73 -33.03
CA PHE AA 115 -12.17 -40.39 -33.15
C PHE AA 115 -13.69 -40.41 -33.23
N LEU AA 116 -14.31 -41.59 -33.39
CA LEU AA 116 -15.76 -41.67 -33.39
C LEU AA 116 -16.37 -41.54 -32.00
N LEU AA 117 -15.58 -41.75 -30.94
CA LEU AA 117 -16.08 -41.54 -29.59
C LEU AA 117 -16.44 -40.08 -29.28
N PRO AA 118 -15.61 -39.07 -29.59
CA PRO AA 118 -16.11 -37.69 -29.45
C PRO AA 118 -17.12 -37.29 -30.51
N TYR AA 119 -17.17 -38.01 -31.64
CA TYR AA 119 -18.17 -37.76 -32.67
C TYR AA 119 -19.56 -38.16 -32.18
N SER AA 120 -19.64 -39.18 -31.34
CA SER AA 120 -20.91 -39.71 -30.85
C SER AA 120 -21.65 -38.71 -29.95
N TRP AA 121 -20.92 -37.83 -29.25
CA TRP AA 121 -21.55 -36.80 -28.45
C TRP AA 121 -22.34 -35.83 -29.32
N ALA AA 122 -21.70 -35.35 -30.39
CA ALA AA 122 -22.37 -34.45 -31.33
C ALA AA 122 -23.51 -35.16 -32.03
N LEU AA 123 -23.34 -36.47 -32.26
CA LEU AA 123 -24.41 -37.26 -32.82
C LEU AA 123 -25.63 -37.35 -31.89
N HIS AA 124 -25.43 -37.51 -30.56
CA HIS AA 124 -26.66 -37.65 -29.76
C HIS AA 124 -27.29 -36.29 -29.55
N VAL AA 125 -26.48 -35.22 -29.56
CA VAL AA 125 -27.05 -33.88 -29.52
C VAL AA 125 -27.89 -33.61 -30.77
N ALA AA 126 -27.40 -34.02 -31.94
CA ALA AA 126 -28.18 -33.90 -33.17
C ALA AA 126 -29.41 -34.79 -33.14
N ALA AA 127 -29.33 -35.95 -32.50
CA ALA AA 127 -30.50 -36.83 -32.34
C ALA AA 127 -31.58 -36.16 -31.51
N TRP AA 128 -31.19 -35.54 -30.39
CA TRP AA 128 -32.15 -34.79 -29.57
C TRP AA 128 -32.76 -33.64 -30.35
N ILE AA 129 -31.94 -32.92 -31.14
CA ILE AA 129 -32.43 -31.79 -31.92
C ILE AA 129 -33.46 -32.24 -32.96
N GLN AA 130 -33.15 -33.31 -33.69
CA GLN AA 130 -34.08 -33.82 -34.70
C GLN AA 130 -35.32 -34.43 -34.07
N LYS AA 131 -35.19 -35.07 -32.90
CA LYS AA 131 -36.35 -35.63 -32.23
C LYS AA 131 -37.30 -34.54 -31.74
N ASN AA 132 -36.75 -33.43 -31.26
CA ASN AA 132 -37.58 -32.31 -30.83
C ASN AA 132 -37.88 -31.33 -31.96
N ASN AA 133 -37.46 -31.64 -33.19
CA ASN AA 133 -37.89 -30.91 -34.37
C ASN AA 133 -38.95 -31.68 -35.16
N GLY AA 134 -39.52 -32.74 -34.59
CA GLY AA 134 -40.52 -33.52 -35.29
C GLY AA 134 -39.97 -34.39 -36.40
N LYS AA 135 -38.68 -34.70 -36.37
CA LYS AA 135 -38.06 -35.52 -37.41
C LYS AA 135 -37.49 -36.81 -36.83
N LEU BA 39 -54.01 -9.48 88.33
CA LEU BA 39 -55.03 -9.41 87.30
C LEU BA 39 -54.48 -8.75 86.05
N TYR BA 40 -55.36 -8.17 85.23
CA TYR BA 40 -54.90 -7.52 84.01
C TYR BA 40 -54.33 -6.14 84.27
N LYS BA 41 -54.80 -5.46 85.32
CA LYS BA 41 -54.29 -4.21 85.89
C LYS BA 41 -53.86 -3.17 84.86
N ASP BA 42 -54.74 -2.85 83.92
CA ASP BA 42 -54.39 -1.95 82.82
C ASP BA 42 -54.21 -0.53 83.35
N GLY BA 43 -52.98 -0.02 83.23
CA GLY BA 43 -52.60 1.27 83.77
C GLY BA 43 -51.89 1.19 85.09
N LYS BA 44 -51.82 0.00 85.69
CA LYS BA 44 -51.02 -0.23 86.89
C LYS BA 44 -49.86 -1.18 86.61
N MET BA 45 -50.14 -2.36 86.05
CA MET BA 45 -49.12 -3.33 85.69
C MET BA 45 -48.86 -3.41 84.19
N GLN BA 46 -49.86 -3.15 83.35
CA GLN BA 46 -49.69 -3.21 81.90
C GLN BA 46 -50.42 -2.02 81.28
N GLY BA 47 -50.46 -2.01 79.96
CA GLY BA 47 -51.22 -1.03 79.24
C GLY BA 47 -50.41 0.22 78.94
N LYS BA 48 -51.12 1.22 78.43
CA LYS BA 48 -50.53 2.53 78.17
C LYS BA 48 -50.29 3.28 79.48
N GLY BA 49 -49.19 4.02 79.54
CA GLY BA 49 -48.87 4.83 80.69
C GLY BA 49 -48.02 4.17 81.75
N VAL BA 50 -47.67 2.90 81.59
CA VAL BA 50 -46.87 2.18 82.58
C VAL BA 50 -45.42 2.13 82.09
N ASN BA 51 -44.50 2.56 82.94
CA ASN BA 51 -43.07 2.52 82.63
C ASN BA 51 -42.35 2.08 83.91
N ILE BA 52 -41.73 0.90 83.87
CA ILE BA 52 -41.00 0.40 85.02
C ILE BA 52 -39.60 1.02 85.09
N ILE BA 53 -39.04 1.41 83.96
CA ILE BA 53 -37.73 2.06 83.92
C ILE BA 53 -37.95 3.44 83.31
N PRO BA 54 -38.23 4.46 84.11
CA PRO BA 54 -38.63 5.77 83.57
C PRO BA 54 -37.49 6.60 82.98
N VAL BA 55 -36.24 6.14 83.05
CA VAL BA 55 -35.17 6.87 82.39
C VAL BA 55 -35.27 6.74 80.88
N PHE BA 56 -35.90 5.68 80.38
CA PHE BA 56 -36.27 5.54 78.98
C PHE BA 56 -37.79 5.67 78.90
N ALA BA 57 -38.27 6.75 78.28
CA ALA BA 57 -39.69 7.01 78.20
C ALA BA 57 -40.39 5.97 77.35
N ARG BA 58 -41.64 5.67 77.72
CA ARG BA 58 -42.43 4.69 76.99
C ARG BA 58 -42.72 5.19 75.57
N PRO BA 59 -42.42 4.40 74.54
CA PRO BA 59 -42.68 4.83 73.17
C PRO BA 59 -44.17 4.86 72.85
N ASP BA 60 -44.51 5.71 71.86
CA ASP BA 60 -45.86 5.77 71.34
C ASP BA 60 -46.23 4.55 70.51
N SER BA 61 -45.26 3.75 70.11
CA SER BA 61 -45.52 2.59 69.25
C SER BA 61 -46.22 1.47 70.01
N LEU BA 62 -45.97 1.32 71.31
CA LEU BA 62 -46.56 0.23 72.06
C LEU BA 62 -48.06 0.45 72.23
N ASP BA 63 -48.86 -0.53 71.81
CA ASP BA 63 -50.30 -0.42 71.86
C ASP BA 63 -50.88 -0.65 73.26
N GLY BA 64 -50.23 -1.48 74.07
CA GLY BA 64 -50.75 -1.87 75.36
C GLY BA 64 -51.65 -3.09 75.34
N THR BA 65 -51.95 -3.63 74.16
CA THR BA 65 -52.76 -4.84 74.07
C THR BA 65 -51.97 -6.09 74.45
N ILE BA 66 -50.67 -6.10 74.17
CA ILE BA 66 -49.85 -7.30 74.33
C ILE BA 66 -49.59 -7.54 75.82
N PRO BA 67 -49.72 -8.77 76.31
CA PRO BA 67 -49.38 -9.05 77.71
C PRO BA 67 -47.89 -8.90 77.97
N GLY BA 68 -47.56 -8.24 79.07
CA GLY BA 68 -46.19 -7.90 79.38
C GLY BA 68 -45.77 -6.50 78.95
N ASP BA 69 -46.71 -5.70 78.44
CA ASP BA 69 -46.41 -4.34 77.98
C ASP BA 69 -46.22 -3.44 79.20
N GLN BA 70 -44.96 -3.22 79.58
CA GLN BA 70 -44.64 -2.38 80.72
C GLN BA 70 -43.75 -1.21 80.31
N GLY BA 71 -43.89 -0.78 79.05
CA GLY BA 71 -43.27 0.43 78.54
C GLY BA 71 -41.75 0.43 78.51
N PHE BA 72 -41.16 -0.65 78.00
CA PHE BA 72 -39.69 -0.76 77.91
C PHE BA 72 -39.34 -1.11 76.46
N ASP BA 73 -39.11 -0.09 75.64
CA ASP BA 73 -38.53 -0.25 74.32
C ASP BA 73 -37.64 0.95 74.02
N PRO BA 74 -36.45 1.02 74.66
CA PRO BA 74 -35.54 2.14 74.37
C PRO BA 74 -35.06 2.20 72.93
N PHE BA 75 -34.87 1.07 72.27
CA PHE BA 75 -34.34 1.06 70.92
C PHE BA 75 -35.43 1.15 69.86
N GLY BA 76 -36.70 1.28 70.26
CA GLY BA 76 -37.77 1.53 69.33
C GLY BA 76 -38.04 0.42 68.34
N PHE BA 77 -37.83 -0.84 68.74
CA PHE BA 77 -38.04 -1.96 67.83
C PHE BA 77 -39.50 -2.14 67.47
N SER BA 78 -40.41 -1.79 68.39
CA SER BA 78 -41.85 -1.92 68.16
C SER BA 78 -42.36 -1.05 67.02
N SER BA 79 -41.61 -0.01 66.63
CA SER BA 79 -42.04 0.84 65.53
C SER BA 79 -41.99 0.12 64.18
N TRP BA 80 -41.08 -0.85 64.01
CA TRP BA 80 -40.88 -1.46 62.71
C TRP BA 80 -41.01 -2.98 62.67
N VAL BA 81 -40.83 -3.69 63.79
CA VAL BA 81 -41.00 -5.15 63.74
C VAL BA 81 -42.48 -5.51 63.78
N ASN BA 82 -42.76 -6.75 63.40
CA ASN BA 82 -44.11 -7.30 63.54
C ASN BA 82 -44.29 -7.76 64.98
N MET BA 83 -45.31 -7.22 65.65
CA MET BA 83 -45.44 -7.40 67.09
C MET BA 83 -45.86 -8.81 67.46
N LYS BA 84 -46.67 -9.46 66.62
CA LYS BA 84 -47.09 -10.83 66.88
C LYS BA 84 -45.91 -11.79 66.85
N PHE BA 85 -45.02 -11.63 65.87
CA PHE BA 85 -43.85 -12.50 65.74
C PHE BA 85 -42.92 -12.36 66.92
N VAL BA 86 -42.57 -11.12 67.30
CA VAL BA 86 -41.64 -10.94 68.41
C VAL BA 86 -42.30 -11.29 69.74
N SER BA 87 -43.62 -11.16 69.84
CA SER BA 87 -44.34 -11.59 71.04
C SER BA 87 -44.27 -13.11 71.19
N GLU BA 88 -44.56 -13.84 70.11
CA GLU BA 88 -44.43 -15.29 70.12
C GLU BA 88 -43.00 -15.74 70.36
N ALA BA 89 -42.02 -14.98 69.84
CA ALA BA 89 -40.62 -15.29 70.09
C ALA BA 89 -40.25 -15.10 71.56
N GLU BA 90 -40.74 -14.02 72.18
CA GLU BA 90 -40.53 -13.80 73.61
C GLU BA 90 -41.13 -14.92 74.42
N ILE BA 91 -42.35 -15.34 74.06
CA ILE BA 91 -43.02 -16.42 74.79
C ILE BA 91 -42.26 -17.74 74.64
N LYS BA 92 -41.80 -18.05 73.42
CA LYS BA 92 -41.08 -19.30 73.20
C LYS BA 92 -39.72 -19.31 73.91
N HIS BA 93 -38.97 -18.20 73.82
CA HIS BA 93 -37.72 -18.08 74.57
C HIS BA 93 -37.97 -18.22 76.07
N GLY BA 94 -39.05 -17.62 76.57
CA GLY BA 94 -39.36 -17.70 77.99
C GLY BA 94 -39.73 -19.09 78.47
N ARG BA 95 -40.59 -19.79 77.74
CA ARG BA 95 -40.99 -21.14 78.14
C ARG BA 95 -39.82 -22.11 78.03
N LEU BA 96 -38.99 -21.96 76.99
CA LEU BA 96 -37.78 -22.75 76.87
C LEU BA 96 -36.83 -22.49 78.03
N ALA BA 97 -36.73 -21.22 78.46
CA ALA BA 97 -35.85 -20.91 79.58
C ALA BA 97 -36.41 -21.39 80.91
N MET BA 98 -37.72 -21.43 81.06
CA MET BA 98 -38.33 -21.98 82.28
C MET BA 98 -38.03 -23.48 82.40
N LEU BA 99 -38.27 -24.22 81.30
CA LEU BA 99 -37.91 -25.63 81.29
C LEU BA 99 -36.42 -25.83 81.47
N ALA BA 100 -35.61 -24.92 80.92
CA ALA BA 100 -34.16 -25.00 81.06
C ALA BA 100 -33.72 -24.79 82.50
N PHE BA 101 -34.32 -23.83 83.20
CA PHE BA 101 -33.98 -23.59 84.59
C PHE BA 101 -34.37 -24.78 85.46
N ALA BA 102 -35.57 -25.32 85.24
CA ALA BA 102 -36.00 -26.47 86.02
C ALA BA 102 -35.10 -27.69 85.77
N GLY BA 103 -34.75 -27.93 84.50
CA GLY BA 103 -33.87 -29.04 84.17
C GLY BA 103 -32.46 -28.87 84.69
N ILE BA 104 -31.90 -27.66 84.57
CA ILE BA 104 -30.55 -27.37 85.04
C ILE BA 104 -30.47 -27.54 86.54
N MET BA 105 -31.46 -27.03 87.29
CA MET BA 105 -31.41 -27.17 88.74
C MET BA 105 -31.63 -28.61 89.19
N VAL BA 106 -32.55 -29.34 88.56
CA VAL BA 106 -32.80 -30.72 89.00
C VAL BA 106 -31.64 -31.62 88.61
N GLU BA 107 -30.86 -31.25 87.58
CA GLU BA 107 -29.73 -32.07 87.16
C GLU BA 107 -28.43 -31.64 87.84
N SER BA 108 -28.36 -30.41 88.35
CA SER BA 108 -27.19 -29.97 89.08
C SER BA 108 -27.26 -30.26 90.57
N ILE BA 109 -28.46 -30.39 91.14
CA ILE BA 109 -28.56 -30.80 92.54
C ILE BA 109 -28.21 -32.27 92.69
N GLY BA 110 -28.73 -33.11 91.79
CA GLY BA 110 -28.41 -34.52 91.82
C GLY BA 110 -29.59 -35.45 91.59
N ILE BA 111 -30.79 -34.92 91.49
CA ILE BA 111 -31.97 -35.75 91.24
C ILE BA 111 -31.92 -36.28 89.82
N SER BA 112 -32.09 -37.60 89.67
CA SER BA 112 -31.99 -38.24 88.37
C SER BA 112 -33.05 -39.32 88.26
N PHE BA 113 -33.42 -39.63 87.02
CA PHE BA 113 -34.31 -40.74 86.74
C PHE BA 113 -33.56 -42.05 86.99
N PRO BA 114 -34.29 -43.15 87.24
CA PRO BA 114 -33.62 -44.44 87.48
C PRO BA 114 -32.83 -44.92 86.27
N GLY BA 115 -31.57 -45.29 86.52
CA GLY BA 115 -30.66 -45.73 85.47
C GLY BA 115 -30.07 -44.63 84.62
N ALA BA 116 -30.44 -43.37 84.87
CA ALA BA 116 -29.97 -42.28 84.03
C ALA BA 116 -28.54 -41.85 84.33
N THR BA 117 -28.04 -42.15 85.54
CA THR BA 117 -26.69 -41.75 85.90
C THR BA 117 -25.63 -42.56 85.16
N SER BA 118 -25.91 -43.83 84.86
CA SER BA 118 -24.91 -44.76 84.35
C SER BA 118 -24.33 -44.32 83.00
N ILE BA 119 -25.18 -44.21 81.97
CA ILE BA 119 -24.67 -43.80 80.65
C ILE BA 119 -24.27 -42.33 80.66
N LEU BA 120 -25.09 -41.46 81.26
CA LEU BA 120 -24.80 -40.03 81.26
C LEU BA 120 -23.79 -39.59 82.32
N GLY BA 121 -23.06 -40.50 82.98
CA GLY BA 121 -22.06 -39.99 83.89
C GLY BA 121 -22.59 -39.68 85.26
N ASP BA 122 -21.82 -40.01 86.30
CA ASP BA 122 -22.25 -39.82 87.68
C ASP BA 122 -21.82 -38.47 88.24
N SER BA 123 -21.62 -37.48 87.37
CA SER BA 123 -21.25 -36.13 87.76
C SER BA 123 -22.48 -35.23 87.77
N LYS BA 124 -22.25 -33.93 88.06
CA LYS BA 124 -23.32 -32.96 88.16
C LYS BA 124 -23.12 -31.75 87.25
N ASP BA 125 -22.15 -31.80 86.34
CA ASP BA 125 -21.80 -30.65 85.51
C ASP BA 125 -22.66 -30.66 84.25
N ILE BA 126 -23.39 -29.57 84.03
CA ILE BA 126 -24.42 -29.51 83.00
C ILE BA 126 -23.83 -29.58 81.59
N PHE BA 127 -22.64 -29.01 81.38
CA PHE BA 127 -22.02 -29.01 80.06
C PHE BA 127 -21.59 -30.42 79.67
N GLU BA 128 -20.94 -31.13 80.60
CA GLU BA 128 -20.58 -32.51 80.36
C GLU BA 128 -21.82 -33.40 80.27
N ILE BA 129 -22.89 -33.04 80.98
CA ILE BA 129 -24.16 -33.74 80.81
C ILE BA 129 -24.71 -33.57 79.39
N HIS BA 130 -24.61 -32.35 78.83
CA HIS BA 130 -25.02 -32.12 77.43
C HIS BA 130 -24.19 -32.96 76.48
N ASN BA 131 -22.87 -32.94 76.63
CA ASN BA 131 -22.02 -33.69 75.71
C ASN BA 131 -22.18 -35.20 75.86
N LYS BA 132 -22.32 -35.68 77.09
CA LYS BA 132 -22.56 -37.10 77.35
C LYS BA 132 -23.90 -37.56 76.76
N ALA BA 133 -24.94 -36.75 76.91
CA ALA BA 133 -26.24 -37.13 76.38
C ALA BA 133 -26.30 -36.99 74.87
N VAL BA 134 -25.46 -36.12 74.30
CA VAL BA 134 -25.30 -36.06 72.85
C VAL BA 134 -24.65 -37.35 72.35
N GLU BA 135 -23.56 -37.76 72.99
CA GLU BA 135 -22.85 -38.96 72.55
C GLU BA 135 -23.67 -40.23 72.80
N SER BA 136 -24.49 -40.23 73.85
CA SER BA 136 -25.43 -41.33 74.06
C SER BA 136 -26.52 -41.36 73.00
N GLY BA 137 -26.92 -40.20 72.50
CA GLY BA 137 -28.04 -40.10 71.57
C GLY BA 137 -29.32 -39.56 72.17
N ALA BA 138 -29.34 -39.27 73.48
CA ALA BA 138 -30.56 -38.79 74.13
C ALA BA 138 -30.97 -37.41 73.60
N MET BA 139 -30.00 -36.50 73.47
CA MET BA 139 -30.33 -35.16 73.00
C MET BA 139 -30.57 -35.14 71.50
N GLY BA 140 -30.07 -36.13 70.76
CA GLY BA 140 -30.50 -36.28 69.38
C GLY BA 140 -31.97 -36.62 69.27
N GLN BA 141 -32.45 -37.51 70.14
CA GLN BA 141 -33.88 -37.82 70.18
C GLN BA 141 -34.71 -36.62 70.61
N ILE BA 142 -34.23 -35.87 71.61
CA ILE BA 142 -34.91 -34.65 72.03
C ILE BA 142 -34.97 -33.63 70.89
N LEU BA 143 -33.86 -33.47 70.18
CA LEU BA 143 -33.81 -32.56 69.03
C LEU BA 143 -34.76 -33.00 67.93
N LEU BA 144 -34.80 -34.30 67.65
CA LEU BA 144 -35.68 -34.84 66.62
C LEU BA 144 -37.14 -34.58 66.94
N TRP BA 145 -37.56 -34.83 68.17
CA TRP BA 145 -38.97 -34.68 68.48
C TRP BA 145 -39.38 -33.22 68.65
N VAL BA 146 -38.54 -32.40 69.28
CA VAL BA 146 -38.82 -30.97 69.40
C VAL BA 146 -38.86 -30.31 68.02
N GLY BA 147 -37.91 -30.68 67.15
CA GLY BA 147 -37.92 -30.17 65.79
C GLY BA 147 -39.09 -30.65 64.96
N PHE BA 148 -39.54 -31.89 65.19
CA PHE BA 148 -40.73 -32.40 64.50
C PHE BA 148 -41.97 -31.62 64.92
N ILE BA 149 -42.10 -31.34 66.23
CA ILE BA 149 -43.23 -30.54 66.71
C ILE BA 149 -43.14 -29.12 66.17
N GLU BA 150 -41.94 -28.53 66.16
CA GLU BA 150 -41.76 -27.15 65.71
C GLU BA 150 -42.02 -27.00 64.22
N ALA BA 151 -41.59 -27.98 63.42
CA ALA BA 151 -41.85 -27.91 61.99
C ALA BA 151 -43.30 -28.24 61.65
N CYS BA 152 -43.92 -29.16 62.39
CA CYS BA 152 -45.25 -29.62 61.99
C CYS BA 152 -46.35 -28.65 62.38
N VAL BA 153 -46.31 -28.11 63.59
CA VAL BA 153 -47.40 -27.20 63.98
C VAL BA 153 -46.89 -25.80 64.32
N GLY BA 154 -45.62 -25.68 64.71
CA GLY BA 154 -45.11 -24.37 65.09
C GLY BA 154 -44.98 -23.43 63.91
N VAL BA 155 -44.36 -23.91 62.83
CA VAL BA 155 -44.30 -23.11 61.59
C VAL BA 155 -45.68 -22.77 61.03
N PRO BA 156 -46.63 -23.70 60.88
CA PRO BA 156 -47.97 -23.28 60.44
C PRO BA 156 -48.70 -22.34 61.41
N ALA BA 157 -48.52 -22.51 62.72
CA ALA BA 157 -49.17 -21.60 63.67
C ALA BA 157 -48.62 -20.18 63.52
N MET BA 158 -47.29 -20.06 63.43
CA MET BA 158 -46.68 -18.74 63.25
C MET BA 158 -47.08 -18.12 61.91
N ASN BA 159 -47.11 -18.93 60.84
CA ASN BA 159 -47.45 -18.40 59.52
C ASN BA 159 -48.91 -17.97 59.44
N GLU BA 160 -49.82 -18.75 60.01
CA GLU BA 160 -51.23 -18.38 59.96
C GLU BA 160 -51.56 -17.23 60.91
N MET BA 161 -50.85 -17.14 62.04
CA MET BA 161 -51.00 -15.97 62.89
C MET BA 161 -50.51 -14.69 62.20
N LEU BA 162 -49.36 -14.76 61.52
CA LEU BA 162 -48.82 -13.57 60.88
C LEU BA 162 -49.61 -13.18 59.64
N SER BA 163 -50.05 -14.16 58.86
CA SER BA 163 -50.79 -13.86 57.62
C SER BA 163 -52.21 -13.37 57.89
N GLY BA 164 -52.74 -13.63 59.07
CA GLY BA 164 -54.08 -13.19 59.40
C GLY BA 164 -55.14 -14.13 58.87
N GLU BA 165 -55.02 -15.42 59.20
CA GLU BA 165 -55.97 -16.42 58.75
C GLU BA 165 -56.69 -17.13 59.89
N THR BA 166 -56.25 -16.97 61.14
CA THR BA 166 -56.88 -17.65 62.27
C THR BA 166 -57.20 -16.73 63.43
N SER BA 167 -56.70 -15.49 63.44
CA SER BA 167 -56.74 -14.57 64.60
C SER BA 167 -56.19 -15.22 65.85
N ARG BA 168 -55.18 -16.06 65.68
CA ARG BA 168 -54.50 -16.73 66.78
C ARG BA 168 -53.56 -15.76 67.49
N MET BA 169 -53.54 -15.81 68.81
CA MET BA 169 -52.69 -14.93 69.59
C MET BA 169 -51.29 -15.53 69.71
N PRO BA 170 -50.27 -14.70 69.96
CA PRO BA 170 -48.93 -15.24 70.18
C PRO BA 170 -48.86 -16.15 71.39
N GLY BA 171 -48.11 -17.26 71.23
CA GLY BA 171 -47.96 -18.25 72.27
C GLY BA 171 -49.18 -19.11 72.54
N ASP BA 172 -50.27 -18.92 71.80
CA ASP BA 172 -51.51 -19.67 72.02
C ASP BA 172 -51.43 -20.96 71.21
N PHE BA 173 -51.09 -22.05 71.88
CA PHE BA 173 -51.14 -23.37 71.27
C PHE BA 173 -52.30 -24.20 71.79
N GLY BA 174 -53.27 -23.56 72.44
CA GLY BA 174 -54.48 -24.23 72.88
C GLY BA 174 -54.26 -25.36 73.86
N PHE BA 175 -53.27 -25.23 74.74
CA PHE BA 175 -52.85 -26.34 75.59
C PHE BA 175 -53.27 -26.02 77.02
N ASP BA 176 -54.40 -26.60 77.43
CA ASP BA 176 -54.86 -26.54 78.82
C ASP BA 176 -55.47 -27.88 79.20
N PRO BA 177 -54.65 -28.92 79.40
CA PRO BA 177 -55.21 -30.23 79.79
C PRO BA 177 -55.82 -30.20 81.19
N LEU BA 178 -55.15 -29.57 82.14
CA LEU BA 178 -55.60 -29.55 83.52
C LEU BA 178 -56.61 -28.44 83.80
N GLY BA 179 -56.81 -27.52 82.87
CA GLY BA 179 -57.85 -26.52 83.02
C GLY BA 179 -57.67 -25.49 84.12
N LEU BA 180 -56.66 -24.63 83.99
CA LEU BA 180 -56.37 -23.63 85.01
C LEU BA 180 -56.66 -22.20 84.57
N GLY BA 181 -56.71 -21.91 83.28
CA GLY BA 181 -57.23 -20.61 82.91
C GLY BA 181 -58.44 -20.65 82.00
N LYS BA 182 -59.59 -20.19 82.52
CA LYS BA 182 -60.79 -19.99 81.71
C LYS BA 182 -61.22 -18.53 81.65
N GLY BA 183 -61.35 -17.86 82.80
CA GLY BA 183 -61.80 -16.49 82.85
C GLY BA 183 -60.78 -15.57 83.46
N ASP BA 184 -59.84 -16.16 84.20
CA ASP BA 184 -58.62 -15.52 84.69
C ASP BA 184 -57.50 -15.50 83.65
N LYS BA 185 -57.84 -15.73 82.38
CA LYS BA 185 -56.86 -15.89 81.31
C LYS BA 185 -56.33 -14.55 80.81
N LEU BA 186 -57.16 -13.49 80.92
CA LEU BA 186 -56.78 -12.11 80.55
C LEU BA 186 -55.41 -11.70 81.07
N ALA BA 187 -55.16 -11.91 82.37
CA ALA BA 187 -53.85 -11.92 83.00
C ALA BA 187 -54.05 -12.49 84.40
N ARG BA 188 -52.95 -12.52 85.17
CA ARG BA 188 -52.63 -13.38 86.32
C ARG BA 188 -52.40 -14.82 85.87
N LYS BA 189 -52.54 -15.11 84.57
CA LYS BA 189 -51.92 -16.26 83.93
C LYS BA 189 -50.95 -15.85 82.83
N GLN BA 190 -51.35 -14.94 81.95
CA GLN BA 190 -50.47 -14.47 80.87
C GLN BA 190 -49.30 -13.64 81.39
N LEU BA 191 -49.62 -12.63 82.22
CA LEU BA 191 -48.60 -11.73 82.74
C LEU BA 191 -47.59 -12.46 83.61
N VAL BA 192 -48.07 -13.36 84.47
CA VAL BA 192 -47.14 -14.13 85.28
C VAL BA 192 -46.30 -15.07 84.41
N GLU BA 193 -46.86 -15.57 83.30
CA GLU BA 193 -46.10 -16.42 82.38
C GLU BA 193 -44.97 -15.64 81.72
N VAL BA 194 -45.24 -14.43 81.23
CA VAL BA 194 -44.20 -13.68 80.54
C VAL BA 194 -43.14 -13.19 81.53
N THR BA 195 -43.55 -12.73 82.72
CA THR BA 195 -42.57 -12.29 83.72
C THR BA 195 -41.69 -13.44 84.18
N ASN BA 196 -42.27 -14.61 84.48
CA ASN BA 196 -41.46 -15.77 84.83
C ASN BA 196 -40.58 -16.23 83.68
N GLY BA 197 -41.07 -16.10 82.44
CA GLY BA 197 -40.24 -16.40 81.28
C GLY BA 197 -39.00 -15.54 81.20
N ARG BA 198 -39.19 -14.22 81.32
CA ARG BA 198 -38.05 -13.30 81.28
C ARG BA 198 -37.09 -13.52 82.43
N LEU BA 199 -37.63 -13.74 83.64
CA LEU BA 199 -36.79 -14.02 84.79
C LEU BA 199 -36.02 -15.34 84.62
N ALA BA 200 -36.65 -16.32 83.98
CA ALA BA 200 -35.96 -17.58 83.71
C ALA BA 200 -34.87 -17.40 82.67
N MET BA 201 -35.12 -16.56 81.67
CA MET BA 201 -34.10 -16.23 80.67
C MET BA 201 -32.85 -15.66 81.33
N LEU BA 202 -33.04 -14.63 82.17
CA LEU BA 202 -31.91 -14.04 82.88
C LEU BA 202 -31.25 -15.03 83.83
N ALA BA 203 -32.04 -15.86 84.50
CA ALA BA 203 -31.52 -16.82 85.45
C ALA BA 203 -30.66 -17.89 84.77
N VAL BA 204 -31.15 -18.43 83.64
CA VAL BA 204 -30.41 -19.45 82.91
C VAL BA 204 -29.13 -18.87 82.33
N SER BA 205 -29.19 -17.64 81.79
CA SER BA 205 -27.98 -17.00 81.26
C SER BA 205 -26.93 -16.79 82.36
N GLY BA 206 -27.38 -16.26 83.51
CA GLY BA 206 -26.50 -16.10 84.66
C GLY BA 206 -25.91 -17.41 85.14
N ILE BA 207 -26.74 -18.44 85.28
CA ILE BA 207 -26.31 -19.74 85.79
C ILE BA 207 -25.28 -20.36 84.87
N VAL BA 208 -25.51 -20.30 83.55
CA VAL BA 208 -24.57 -20.86 82.59
C VAL BA 208 -23.22 -20.15 82.65
N HIS BA 209 -23.23 -18.82 82.65
CA HIS BA 209 -21.94 -18.12 82.64
C HIS BA 209 -21.23 -18.23 83.99
N HIS BA 210 -21.98 -18.34 85.09
CA HIS BA 210 -21.38 -18.61 86.40
C HIS BA 210 -20.77 -20.00 86.47
N THR BA 211 -21.43 -20.99 85.86
CA THR BA 211 -20.85 -22.33 85.79
C THR BA 211 -19.57 -22.31 84.96
N ILE BA 212 -19.55 -21.50 83.90
CA ILE BA 212 -18.34 -21.38 83.09
C ILE BA 212 -17.20 -20.75 83.90
N ILE BA 213 -17.47 -19.64 84.58
CA ILE BA 213 -16.37 -18.95 85.28
C ILE BA 213 -15.95 -19.66 86.56
N THR BA 214 -16.89 -20.29 87.26
CA THR BA 214 -16.58 -20.93 88.55
C THR BA 214 -16.14 -22.38 88.38
N GLY BA 215 -16.72 -23.10 87.42
CA GLY BA 215 -16.48 -24.52 87.27
C GLY BA 215 -17.38 -25.39 88.10
N LYS BA 216 -18.36 -24.81 88.81
CA LYS BA 216 -19.26 -25.55 89.68
C LYS BA 216 -20.70 -25.15 89.36
N GLY BA 217 -21.58 -26.13 89.27
CA GLY BA 217 -22.98 -25.90 89.03
C GLY BA 217 -23.67 -25.20 90.20
N PRO BA 218 -24.83 -24.60 89.94
CA PRO BA 218 -25.56 -23.90 91.00
C PRO BA 218 -26.04 -24.84 92.09
N LEU BA 219 -26.14 -24.29 93.30
CA LEU BA 219 -26.55 -25.00 94.52
C LEU BA 219 -25.69 -26.23 94.81
N ALA CA 85 37.79 -13.68 -66.86
CA ALA CA 85 37.97 -14.83 -67.74
C ALA CA 85 37.72 -16.12 -67.00
N ALA CA 86 37.61 -16.04 -65.67
CA ALA CA 86 37.35 -17.22 -64.86
C ALA CA 86 35.90 -17.66 -64.99
N SER CA 87 35.69 -18.96 -65.09
CA SER CA 87 34.35 -19.53 -65.17
C SER CA 87 33.69 -19.57 -63.80
N ILE CA 88 32.44 -20.04 -63.76
CA ILE CA 88 31.75 -20.23 -62.49
C ILE CA 88 32.39 -21.37 -61.71
N THR CA 89 32.84 -22.42 -62.42
CA THR CA 89 33.53 -23.54 -61.80
C THR CA 89 34.81 -23.10 -61.11
N ASP CA 90 35.59 -22.23 -61.77
CA ASP CA 90 36.81 -21.70 -61.16
C ASP CA 90 36.49 -20.84 -59.93
N LYS CA 91 35.39 -20.08 -59.97
CA LYS CA 91 34.99 -19.28 -58.83
C LYS CA 91 34.60 -20.16 -57.64
N GLN CA 92 33.85 -21.24 -57.90
CA GLN CA 92 33.52 -22.19 -56.85
C GLN CA 92 34.76 -22.86 -56.29
N LYS CA 93 35.74 -23.16 -57.16
CA LYS CA 93 37.01 -23.70 -56.71
C LYS CA 93 37.74 -22.73 -55.77
N THR CA 94 37.74 -21.43 -56.11
CA THR CA 94 38.40 -20.45 -55.25
C THR CA 94 37.68 -20.30 -53.92
N VAL CA 95 36.34 -20.36 -53.93
CA VAL CA 95 35.57 -20.30 -52.68
C VAL CA 95 35.90 -21.49 -51.78
N LEU CA 96 35.94 -22.70 -52.37
CA LEU CA 96 36.30 -23.88 -51.61
C LEU CA 96 37.72 -23.82 -51.08
N ALA CA 97 38.65 -23.28 -51.88
CA ALA CA 97 40.03 -23.12 -51.42
C ALA CA 97 40.13 -22.13 -50.26
N GLY CA 98 39.35 -21.05 -50.32
CA GLY CA 98 39.30 -20.12 -49.19
C GLY CA 98 38.76 -20.76 -47.92
N LYS CA 99 37.71 -21.59 -48.06
CA LYS CA 99 37.19 -22.33 -46.91
C LYS CA 99 38.23 -23.27 -46.32
N ILE CA 100 38.97 -23.98 -47.18
CA ILE CA 100 40.02 -24.89 -46.74
C ILE CA 100 41.12 -24.13 -46.01
N THR CA 101 41.52 -22.98 -46.56
CA THR CA 101 42.53 -22.13 -45.93
C THR CA 101 42.09 -21.65 -44.55
N VAL CA 102 40.83 -21.21 -44.44
CA VAL CA 102 40.33 -20.70 -43.16
C VAL CA 102 40.32 -21.80 -42.10
N ALA CA 103 39.85 -23.01 -42.46
CA ALA CA 103 39.85 -24.09 -41.47
C ALA CA 103 41.25 -24.54 -41.09
N ALA CA 104 42.17 -24.56 -42.07
CA ALA CA 104 43.56 -24.92 -41.79
C ALA CA 104 44.22 -23.91 -40.86
N ASN CA 105 43.90 -22.62 -41.02
CA ASN CA 105 44.37 -21.63 -40.07
C ASN CA 105 43.64 -21.71 -38.74
N LYS CA 106 42.46 -22.32 -38.70
CA LYS CA 106 41.76 -22.48 -37.42
C LYS CA 106 42.39 -23.57 -36.56
N VAL CA 107 42.95 -24.60 -37.18
CA VAL CA 107 43.56 -25.76 -36.48
C VAL CA 107 44.60 -25.42 -35.38
N PRO CA 108 45.54 -24.47 -35.56
CA PRO CA 108 46.48 -24.16 -34.46
C PRO CA 108 45.83 -23.61 -33.19
N VAL CA 109 44.60 -23.12 -33.24
CA VAL CA 109 43.86 -22.80 -32.02
C VAL CA 109 43.65 -24.06 -31.18
N LEU CA 110 43.24 -25.15 -31.83
CA LEU CA 110 43.14 -26.44 -31.15
C LEU CA 110 44.50 -26.92 -30.66
N THR CA 111 45.55 -26.70 -31.46
CA THR CA 111 46.90 -27.08 -31.03
C THR CA 111 47.31 -26.37 -29.74
N ALA CA 112 47.14 -25.04 -29.70
CA ALA CA 112 47.45 -24.27 -28.51
C ALA CA 112 46.57 -24.65 -27.33
N ALA CA 113 45.28 -24.95 -27.59
CA ALA CA 113 44.37 -25.36 -26.52
C ALA CA 113 44.80 -26.68 -25.89
N VAL CA 114 45.24 -27.64 -26.72
CA VAL CA 114 45.65 -28.94 -26.19
C VAL CA 114 47.01 -28.82 -25.50
N GLU CA 115 47.88 -27.93 -25.98
CA GLU CA 115 49.13 -27.67 -25.26
C GLU CA 115 48.88 -26.98 -23.93
N LYS CA 116 47.85 -26.14 -23.84
CA LYS CA 116 47.48 -25.56 -22.55
C LYS CA 116 46.85 -26.59 -21.63
N MET CA 117 46.10 -27.54 -22.18
CA MET CA 117 45.57 -28.64 -21.37
C MET CA 117 46.69 -29.50 -20.81
N LYS CA 118 47.71 -29.78 -21.62
CA LYS CA 118 48.85 -30.58 -21.16
C LYS CA 118 49.67 -29.83 -20.12
N SER CA 119 49.96 -28.56 -20.37
CA SER CA 119 50.78 -27.75 -19.47
C SER CA 119 49.92 -27.11 -18.38
N GLY CA 120 49.31 -27.96 -17.55
CA GLY CA 120 48.45 -27.50 -16.49
C GLY CA 120 48.83 -28.13 -15.16
N LYS CA 121 48.27 -27.55 -14.09
CA LYS CA 121 48.55 -28.05 -12.75
C LYS CA 121 47.91 -29.41 -12.52
N LYS CA 122 46.69 -29.60 -13.03
CA LYS CA 122 46.04 -30.90 -13.10
C LYS CA 122 45.71 -31.14 -14.57
N PRO CA 123 46.63 -31.74 -15.32
CA PRO CA 123 46.39 -31.92 -16.77
C PRO CA 123 45.32 -32.98 -17.03
N LYS CA 124 44.20 -32.54 -17.59
CA LYS CA 124 43.13 -33.41 -18.04
C LYS CA 124 42.72 -33.00 -19.44
N MET CA 125 42.34 -33.99 -20.25
CA MET CA 125 41.93 -33.70 -21.62
C MET CA 125 40.46 -33.33 -21.63
N ASP CA 126 40.15 -32.15 -22.14
CA ASP CA 126 38.76 -31.78 -22.41
C ASP CA 126 38.38 -32.50 -23.69
N ARG CA 127 37.76 -33.67 -23.54
CA ARG CA 127 37.37 -34.48 -24.68
C ARG CA 127 36.31 -33.78 -25.52
N ASP CA 128 35.34 -33.15 -24.85
CA ASP CA 128 34.26 -32.46 -25.54
C ASP CA 128 34.76 -31.31 -26.40
N TYR CA 129 35.76 -30.56 -25.90
CA TYR CA 129 36.31 -29.45 -26.69
C TYR CA 129 36.93 -29.96 -27.97
N VAL CA 130 37.72 -31.04 -27.89
CA VAL CA 130 38.38 -31.59 -29.06
C VAL CA 130 37.35 -32.15 -30.04
N LEU CA 131 36.33 -32.84 -29.53
CA LEU CA 131 35.29 -33.39 -30.39
C LEU CA 131 34.47 -32.31 -31.10
N ARG CA 132 34.14 -31.22 -30.40
CA ARG CA 132 33.41 -30.13 -31.07
C ARG CA 132 34.30 -29.38 -32.05
N PHE CA 133 35.59 -29.19 -31.72
CA PHE CA 133 36.51 -28.58 -32.67
C PHE CA 133 36.63 -29.42 -33.93
N SER CA 134 36.74 -30.74 -33.77
CA SER CA 134 36.80 -31.63 -34.93
C SER CA 134 35.53 -31.52 -35.76
N ALA CA 135 34.37 -31.68 -35.11
CA ALA CA 135 33.09 -31.71 -35.81
C ALA CA 135 32.76 -30.40 -36.50
N LEU CA 136 33.26 -29.26 -36.01
CA LEU CA 136 33.11 -28.06 -36.82
C LEU CA 136 34.19 -27.95 -37.91
N TYR CA 137 35.45 -27.88 -37.49
CA TYR CA 137 36.47 -27.38 -38.40
C TYR CA 137 37.04 -28.47 -39.29
N LEU CA 138 37.36 -29.65 -38.73
CA LEU CA 138 37.90 -30.70 -39.56
C LEU CA 138 36.85 -31.26 -40.50
N THR CA 139 35.59 -31.26 -40.07
CA THR CA 139 34.49 -31.69 -40.93
C THR CA 139 34.27 -30.72 -42.08
N THR CA 140 34.29 -29.39 -41.81
CA THR CA 140 34.11 -28.47 -42.93
C THR CA 140 35.33 -28.46 -43.85
N LEU CA 141 36.54 -28.69 -43.31
CA LEU CA 141 37.73 -28.83 -44.13
C LEU CA 141 37.64 -30.04 -45.05
N VAL CA 142 37.23 -31.18 -44.51
CA VAL CA 142 37.10 -32.40 -45.30
C VAL CA 142 36.00 -32.25 -46.36
N ASP CA 143 34.88 -31.62 -45.99
CA ASP CA 143 33.79 -31.42 -46.94
C ASP CA 143 34.21 -30.49 -48.08
N ALA CA 144 34.92 -29.40 -47.76
CA ALA CA 144 35.36 -28.48 -48.80
C ALA CA 144 36.43 -29.11 -49.70
N MET CA 145 37.32 -29.91 -49.11
CA MET CA 145 38.31 -30.64 -49.90
C MET CA 145 37.64 -31.67 -50.82
N ASP CA 146 36.62 -32.36 -50.30
CA ASP CA 146 35.88 -33.33 -51.10
C ASP CA 146 35.17 -32.65 -52.26
N GLN CA 147 34.58 -31.48 -52.01
CA GLN CA 147 33.94 -30.72 -53.09
C GLN CA 147 34.94 -30.22 -54.12
N TYR CA 148 36.13 -29.78 -53.65
CA TYR CA 148 37.20 -29.41 -54.57
C TYR CA 148 37.63 -30.58 -55.44
N CYS CA 149 37.78 -31.77 -54.85
CA CYS CA 149 38.16 -32.95 -55.62
C CYS CA 149 37.08 -33.34 -56.62
N LEU CA 150 35.81 -33.18 -56.23
CA LEU CA 150 34.71 -33.45 -57.15
C LEU CA 150 34.70 -32.49 -58.32
N ARG CA 151 34.92 -31.19 -58.07
CA ARG CA 151 35.05 -30.24 -59.17
C ARG CA 151 36.30 -30.47 -60.01
N ASP CA 152 37.35 -31.01 -59.40
CA ASP CA 152 38.58 -31.28 -60.14
C ASP CA 152 38.41 -32.45 -61.09
N ALA CA 153 37.79 -33.53 -60.62
CA ALA CA 153 37.64 -34.73 -61.45
C ALA CA 153 36.62 -34.52 -62.55
N ASN CA 154 35.40 -34.13 -62.18
CA ASN CA 154 34.31 -34.03 -63.14
C ASN CA 154 34.41 -32.76 -63.98
N GLY CA 155 34.56 -31.61 -63.31
CA GLY CA 155 34.59 -30.34 -64.00
C GLY CA 155 33.28 -29.58 -63.93
N ALA CA 156 32.70 -29.23 -65.08
CA ALA CA 156 31.52 -28.38 -65.07
C ALA CA 156 30.24 -29.10 -64.69
N LYS CA 157 30.21 -30.43 -64.78
CA LYS CA 157 29.03 -31.16 -64.32
C LYS CA 157 28.97 -31.28 -62.80
N ALA CA 158 30.09 -31.06 -62.11
CA ALA CA 158 30.12 -31.03 -60.66
C ALA CA 158 29.88 -29.63 -60.10
N ALA CA 159 29.91 -28.61 -60.94
CA ALA CA 159 29.63 -27.24 -60.52
C ALA CA 159 28.17 -26.87 -60.69
N GLY CA 160 27.34 -27.77 -61.22
CA GLY CA 160 25.94 -27.47 -61.42
C GLY CA 160 25.41 -27.90 -62.76
N GLY CA 161 26.29 -28.40 -63.62
CA GLY CA 161 25.87 -28.89 -64.93
C GLY CA 161 24.99 -30.11 -64.89
N ALA CA 162 25.08 -30.90 -63.81
CA ALA CA 162 24.20 -32.03 -63.60
C ALA CA 162 22.95 -31.66 -62.81
N GLY CA 163 22.76 -30.38 -62.51
CA GLY CA 163 21.60 -29.93 -61.77
C GLY CA 163 21.88 -29.77 -60.29
N ILE CA 164 20.81 -29.85 -59.51
CA ILE CA 164 20.87 -29.73 -58.06
C ILE CA 164 21.56 -30.97 -57.49
N PRO CA 165 22.19 -30.88 -56.32
CA PRO CA 165 22.68 -32.11 -55.66
C PRO CA 165 21.54 -33.04 -55.33
N LYS CA 166 21.75 -34.33 -55.55
CA LYS CA 166 20.70 -35.33 -55.39
C LYS CA 166 21.20 -36.50 -54.57
N VAL CA 167 20.27 -37.13 -53.86
CA VAL CA 167 20.48 -38.44 -53.25
C VAL CA 167 19.34 -39.35 -53.71
N GLY CA 168 19.71 -40.48 -54.31
CA GLY CA 168 18.75 -41.36 -54.94
C GLY CA 168 18.10 -40.81 -56.19
N GLY CA 169 17.39 -41.67 -56.92
CA GLY CA 169 16.73 -41.27 -58.16
C GLY CA 169 17.67 -41.09 -59.33
N PHE CA 170 17.15 -41.29 -60.55
CA PHE CA 170 17.89 -41.23 -61.81
C PHE CA 170 19.13 -42.11 -61.79
N LYS CA 171 20.29 -41.50 -62.06
CA LYS CA 171 21.58 -42.15 -61.96
C LYS CA 171 22.63 -41.05 -61.88
N SER CA 172 23.58 -41.20 -60.97
CA SER CA 172 24.70 -40.27 -60.88
C SER CA 172 25.54 -40.31 -62.14
N THR CA 173 25.53 -39.23 -62.91
CA THR CA 173 26.38 -39.09 -64.08
C THR CA 173 27.76 -38.53 -63.75
N LEU CA 174 28.11 -38.48 -62.48
CA LEU CA 174 29.37 -37.91 -62.03
C LEU CA 174 30.38 -39.00 -61.73
N ALA CA 175 31.64 -38.72 -62.02
CA ALA CA 175 32.71 -39.60 -61.55
C ALA CA 175 32.83 -39.48 -60.04
N PRO CA 176 33.27 -40.55 -59.36
CA PRO CA 176 33.51 -40.43 -57.92
C PRO CA 176 34.61 -39.43 -57.61
N SER CA 177 34.51 -38.81 -56.43
CA SER CA 177 35.50 -37.82 -56.01
C SER CA 177 36.87 -38.43 -55.73
N SER CA 178 36.95 -39.76 -55.57
CA SER CA 178 38.23 -40.44 -55.43
C SER CA 178 39.05 -40.41 -56.71
N ALA CA 179 38.41 -40.18 -57.87
CA ALA CA 179 39.12 -40.18 -59.15
C ALA CA 179 40.06 -39.00 -59.30
N SER CA 180 39.86 -37.93 -58.54
CA SER CA 180 40.83 -36.84 -58.53
C SER CA 180 42.13 -37.30 -57.88
N ALA CA 181 43.25 -36.86 -58.44
CA ALA CA 181 44.55 -37.19 -57.86
C ALA CA 181 44.76 -36.54 -56.51
N LEU CA 182 44.11 -35.39 -56.28
CA LEU CA 182 44.25 -34.62 -55.04
C LEU CA 182 43.55 -35.25 -53.84
N TYR CA 183 42.91 -36.41 -54.00
CA TYR CA 183 42.11 -36.98 -52.91
C TYR CA 183 42.95 -37.64 -51.83
N GLY CA 184 44.24 -37.87 -52.08
CA GLY CA 184 45.08 -38.59 -51.12
C GLY CA 184 45.19 -37.89 -49.78
N ASN CA 185 45.44 -36.57 -49.81
CA ASN CA 185 45.41 -35.78 -48.57
C ASN CA 185 44.03 -35.81 -47.93
N VAL CA 186 42.97 -35.85 -48.76
CA VAL CA 186 41.61 -36.00 -48.24
C VAL CA 186 41.46 -37.35 -47.54
N ASP CA 187 42.16 -38.36 -48.05
CA ASP CA 187 42.16 -39.65 -47.36
C ASP CA 187 43.02 -39.60 -46.11
N SER CA 188 44.06 -38.76 -46.09
CA SER CA 188 44.93 -38.72 -44.92
C SER CA 188 44.26 -38.03 -43.75
N ILE CA 189 43.72 -36.82 -44.00
CA ILE CA 189 43.17 -35.97 -42.94
C ILE CA 189 42.04 -36.69 -42.21
N LYS CA 190 41.14 -37.32 -42.97
CA LYS CA 190 40.04 -38.09 -42.40
C LYS CA 190 40.50 -39.13 -41.40
N GLU CA 191 41.51 -39.95 -41.77
CA GLU CA 191 41.97 -40.97 -40.82
C GLU CA 191 42.59 -40.31 -39.59
N ASP CA 192 43.27 -39.17 -39.80
CA ASP CA 192 43.84 -38.43 -38.68
C ASP CA 192 42.75 -37.91 -37.77
N MET CA 193 41.61 -37.54 -38.34
CA MET CA 193 40.44 -37.15 -37.54
C MET CA 193 40.05 -38.28 -36.60
N GLN CA 194 40.03 -39.51 -37.12
CA GLN CA 194 39.73 -40.66 -36.29
C GLN CA 194 40.79 -40.83 -35.22
N THR CA 195 42.05 -40.63 -35.59
CA THR CA 195 43.16 -40.62 -34.64
C THR CA 195 42.90 -39.62 -33.53
N ILE CA 196 42.51 -38.39 -33.93
CA ILE CA 196 42.21 -37.33 -32.97
C ILE CA 196 41.08 -37.76 -32.05
N ARG CA 197 40.04 -38.37 -32.64
CA ARG CA 197 38.90 -38.83 -31.87
C ARG CA 197 39.34 -39.87 -30.85
N ASP CA 198 40.15 -40.84 -31.31
CA ASP CA 198 40.65 -41.88 -30.42
C ASP CA 198 41.51 -41.27 -29.33
N ALA CA 199 42.37 -40.31 -29.70
CA ALA CA 199 43.22 -39.67 -28.72
C ALA CA 199 42.39 -38.83 -27.77
N ALA CA 200 41.30 -38.22 -28.26
CA ALA CA 200 40.42 -37.47 -27.39
C ALA CA 200 39.73 -38.38 -26.40
N PHE CA 201 39.43 -39.62 -26.80
CA PHE CA 201 38.90 -40.57 -25.84
C PHE CA 201 39.98 -41.21 -25.00
N LYS CA 202 41.24 -41.19 -25.47
CA LYS CA 202 42.32 -41.83 -24.73
C LYS CA 202 43.00 -40.88 -23.76
N GLY CA 203 42.92 -39.57 -23.98
CA GLY CA 203 43.64 -38.61 -23.18
C GLY CA 203 45.03 -38.29 -23.69
N ASP CA 204 45.42 -38.85 -24.82
CA ASP CA 204 46.76 -38.64 -25.38
C ASP CA 204 46.81 -37.24 -26.00
N PHE CA 205 47.45 -36.32 -25.28
CA PHE CA 205 47.61 -34.95 -25.78
C PHE CA 205 48.49 -34.91 -27.02
N ASP CA 206 49.64 -35.61 -26.97
CA ASP CA 206 50.61 -35.53 -28.05
C ASP CA 206 50.09 -36.19 -29.32
N GLY CA 207 49.20 -37.18 -29.19
CA GLY CA 207 48.53 -37.72 -30.37
C GLY CA 207 47.68 -36.68 -31.08
N VAL CA 208 46.92 -35.89 -30.30
CA VAL CA 208 46.14 -34.79 -30.86
C VAL CA 208 47.04 -33.75 -31.51
N ILE CA 209 48.13 -33.38 -30.84
CA ILE CA 209 49.06 -32.38 -31.37
C ILE CA 209 49.68 -32.85 -32.69
N LYS CA 210 50.15 -34.10 -32.73
CA LYS CA 210 50.81 -34.61 -33.93
C LYS CA 210 49.82 -34.79 -35.08
N ALA CA 211 48.61 -35.27 -34.79
CA ALA CA 211 47.63 -35.41 -35.86
C ALA CA 211 47.14 -34.06 -36.37
N ALA CA 212 47.06 -33.05 -35.49
CA ALA CA 212 46.71 -31.71 -35.94
C ALA CA 212 47.80 -31.12 -36.83
N GLY CA 213 49.06 -31.34 -36.47
CA GLY CA 213 50.16 -30.90 -37.33
C GLY CA 213 50.16 -31.60 -38.67
N ASP CA 214 49.87 -32.90 -38.68
CA ASP CA 214 49.77 -33.64 -39.93
C ASP CA 214 48.63 -33.12 -40.80
N ILE CA 215 47.49 -32.77 -40.17
CA ILE CA 215 46.37 -32.16 -40.88
C ILE CA 215 46.76 -30.82 -41.49
N GLN CA 216 47.52 -30.01 -40.74
CA GLN CA 216 48.02 -28.74 -41.26
C GLN CA 216 48.93 -28.95 -42.47
N THR CA 217 49.84 -29.92 -42.39
CA THR CA 217 50.75 -30.17 -43.51
C THR CA 217 50.00 -30.70 -44.73
N SER CA 218 49.00 -31.57 -44.52
CA SER CA 218 48.23 -32.08 -45.65
C SER CA 218 47.36 -31.00 -46.27
N ALA CA 219 46.83 -30.09 -45.44
CA ALA CA 219 46.09 -28.95 -45.99
C ALA CA 219 46.99 -28.03 -46.79
N THR CA 220 48.21 -27.78 -46.30
CA THR CA 220 49.18 -26.98 -47.04
C THR CA 220 49.55 -27.65 -48.36
N ALA CA 221 49.73 -28.97 -48.35
CA ALA CA 221 50.02 -29.72 -49.57
C ALA CA 221 48.88 -29.63 -50.58
N PHE CA 222 47.65 -29.80 -50.11
CA PHE CA 222 46.46 -29.68 -50.97
C PHE CA 222 46.36 -28.27 -51.57
N LEU CA 223 46.57 -27.24 -50.76
CA LEU CA 223 46.42 -25.87 -51.24
C LEU CA 223 47.54 -25.49 -52.21
N GLY CA 224 48.77 -25.93 -51.94
CA GLY CA 224 49.86 -25.66 -52.84
C GLY CA 224 49.92 -26.54 -54.06
N GLN CA 225 49.15 -27.64 -54.07
CA GLN CA 225 49.03 -28.47 -55.26
C GLN CA 225 47.87 -28.04 -56.15
N ALA CA 226 46.76 -27.60 -55.55
CA ALA CA 226 45.57 -27.24 -56.31
C ALA CA 226 45.79 -25.98 -57.14
N ASN CA 227 46.52 -25.01 -56.60
CA ASN CA 227 46.78 -23.70 -57.21
C ASN CA 227 45.51 -22.95 -57.61
MG CL0 DA . 14.13 0.84 2.84
CHA CL0 DA . 14.20 3.92 4.48
CHB CL0 DA . 11.52 2.06 1.04
CHC CL0 DA . 14.74 -1.61 0.54
CHD CL0 DA . 17.16 -0.04 4.35
NA CL0 DA . 13.02 2.70 2.81
C1A CL0 DA . 13.16 3.82 3.58
C2A CL0 DA . 12.03 4.81 3.38
C3A CL0 DA . 10.96 3.88 2.72
C4A CL0 DA . 11.86 2.81 2.14
CMA CL0 DA . 9.99 3.33 3.75
CAA CL0 DA . 12.37 5.97 2.45
CBA CL0 DA . 11.38 7.12 2.49
CGA CL0 DA . 11.67 8.23 1.52
O1A CL0 DA . 10.87 9.06 1.15
O2A CL0 DA . 12.95 8.21 1.11
NB CL0 DA . 13.28 0.33 1.11
C1B CL0 DA . 12.22 0.92 0.50
C2B CL0 DA . 11.94 0.26 -0.68
C3B CL0 DA . 12.85 -0.77 -0.82
C4B CL0 DA . 13.68 -0.73 0.28
CMB CL0 DA . 10.85 0.59 -1.66
CAB CL0 DA . 12.92 -1.74 -1.91
CBB CL0 DA . 12.15 -2.76 -2.13
NC CL0 DA . 15.73 -0.57 2.47
C1C CL0 DA . 15.68 -1.55 1.55
C2C CL0 DA . 16.66 -2.45 1.79
C3C CL0 DA . 17.35 -2.02 2.87
C4C CL0 DA . 16.78 -0.84 3.28
CMC CL0 DA . 16.95 -3.70 1.01
CAC CL0 DA . 18.55 -2.70 3.50
CBC CL0 DA . 18.14 -3.68 4.58
ND CL0 DA . 15.47 1.69 4.06
C1D CL0 DA . 16.60 1.17 4.68
C2D CL0 DA . 17.02 2.08 5.66
C3D CL0 DA . 16.12 3.18 5.64
C4D CL0 DA . 15.21 2.91 4.64
CMD CL0 DA . 18.20 1.90 6.56
CAD CL0 DA . 15.80 4.48 6.24
OBD CL0 DA . 16.34 5.10 7.14
CBD CL0 DA . 14.48 4.99 5.52
CGD CL0 DA . 14.76 6.36 4.95
O1D CL0 DA . 14.14 7.35 5.25
O2D CL0 DA . 15.75 6.35 4.08
CED CL0 DA . 15.91 7.55 3.30
C1 CL0 DA . 13.59 9.50 0.97
C2 CL0 DA . 14.92 9.32 0.33
C3 CL0 DA . 16.05 9.87 0.71
C4 CL0 DA . 16.15 10.91 1.79
C5 CL0 DA . 17.38 9.49 0.07
C6 CL0 DA . 18.40 8.98 1.06
C7 CL0 DA . 19.24 7.82 0.55
C8 CL0 DA . 20.48 8.28 -0.19
C9 CL0 DA . 21.29 7.11 -0.72
C10 CL0 DA . 21.32 9.21 0.67
C11 CL0 DA . 22.13 10.24 -0.14
C12 CL0 DA . 22.46 11.51 0.63
C13 CL0 DA . 23.29 12.51 -0.17
C14 CL0 DA . 23.86 13.60 0.71
C15 CL0 DA . 22.51 13.08 -1.33
C16 CL0 DA . 21.16 13.67 -0.95
C17 CL0 DA . 20.60 14.65 -1.98
C18 CL0 DA . 19.10 14.73 -2.08
C19 CL0 DA . 18.58 16.15 -1.98
C20 CL0 DA . 18.39 13.82 -1.10
MG CLA EA . -3.95 -0.55 -2.44
CHA CLA EA . -7.11 -1.81 -3.17
CHB CLA EA . -3.99 -2.22 0.50
CHC CLA EA . -0.64 0.30 -1.97
CHD CLA EA . -3.96 1.14 -5.51
NA CLA EA . -5.37 -1.74 -1.47
C1A CLA EA . -6.60 -2.20 -1.96
C2A CLA EA . -7.31 -3.04 -0.90
C3A CLA EA . -6.43 -2.84 0.35
C4A CLA EA . -5.15 -2.24 -0.23
CMA CLA EA . -7.09 -1.87 1.31
CAA CLA EA . -7.51 -4.51 -1.28
CBA CLA EA . -6.27 -5.37 -1.29
CGA CLA EA . -6.08 -6.06 0.02
O1A CLA EA . -5.09 -6.67 0.39
O2A CLA EA . -7.14 -5.99 0.88
NB CLA EA . -2.58 -0.91 -1.02
C1B CLA EA . -2.77 -1.67 0.08
C2B CLA EA . -1.51 -1.83 0.82
C3B CLA EA . -0.54 -1.13 0.14
C4B CLA EA . -1.22 -0.51 -1.04
CMB CLA EA . -1.49 -2.61 2.06
CAB CLA EA . 0.86 -0.90 0.40
CBB CLA EA . 1.69 -1.72 1.03
NC CLA EA . -2.59 0.61 -3.51
C1C CLA EA . -1.30 0.85 -3.12
C2C CLA EA . -0.65 1.71 -4.10
C3C CLA EA . -1.57 1.90 -5.13
C4C CLA EA . -2.78 1.19 -4.76
CMC CLA EA . 0.71 2.23 -3.99
CAC CLA EA . -1.38 2.70 -6.35
CBC CLA EA . -2.06 4.05 -6.27
ND CLA EA . -5.28 -0.17 -3.91
C1D CLA EA . -5.12 0.51 -5.13
C2D CLA EA . -6.37 0.40 -5.91
C3D CLA EA . -7.16 -0.50 -5.21
C4D CLA EA . -6.42 -0.85 -3.99
CMD CLA EA . -6.58 1.10 -7.17
CAD CLA EA . -8.46 -1.15 -5.13
OBD CLA EA . -9.46 -1.02 -5.81
CBD CLA EA . -8.38 -2.14 -3.91
CGD CLA EA . -9.60 -2.16 -3.03
O1D CLA EA . -10.12 -1.23 -2.41
O2D CLA EA . -10.15 -3.40 -2.91
CED CLA EA . -11.33 -3.57 -2.14
C1 CLA EA . -6.85 -6.30 2.27
C2 CLA EA . -6.53 -5.01 2.94
C3 CLA EA . -5.34 -4.70 3.48
C4 CLA EA . -4.19 -5.62 3.47
C5 CLA EA . -5.15 -3.37 4.13
C6 CLA EA . -4.48 -3.40 5.49
C7 CLA EA . -5.50 -3.61 6.58
C8 CLA EA . -4.90 -3.47 7.97
C9 CLA EA . -3.65 -4.32 8.12
C10 CLA EA . -5.90 -3.85 9.05
C11 CLA EA . -5.43 -3.41 10.42
C12 CLA EA . -5.77 -1.96 10.67
C13 CLA EA . -5.17 -1.45 11.97
C14 CLA EA . -5.63 -2.27 13.15
C15 CLA EA . -5.52 0.02 12.17
C16 CLA EA . -4.86 0.59 13.41
C17 CLA EA . -4.59 2.07 13.26
C18 CLA EA . -4.66 2.82 14.57
C19 CLA EA . -4.37 4.29 14.36
C20 CLA EA . -3.68 2.24 15.57
MG CLA FA . -9.83 18.63 21.70
CHA CLA FA . -13.05 19.82 22.27
CHB CLA FA . -8.64 20.84 24.00
CHC CLA FA . -6.75 17.08 21.52
CHD CLA FA . -11.14 16.28 19.44
NA CLA FA . -10.71 20.14 22.86
C1A CLA FA . -12.07 20.47 22.97
C2A CLA FA . -12.26 21.64 23.94
C3A CLA FA . -10.81 22.10 24.20
C4A CLA FA . -9.98 20.96 23.66
CMA CLA FA . -10.50 23.37 23.45
CAA CLA FA . -12.94 21.25 25.25
CBA CLA FA . -12.53 19.89 25.76
CGA CLA FA . -13.13 19.63 27.11
O1A CLA FA . -14.00 20.27 27.69
O2A CLA FA . -12.63 18.53 27.72
NB CLA FA . -8.02 18.97 22.52
C1B CLA FA . -7.79 19.83 23.54
C2B CLA FA . -6.45 19.58 24.14
C3B CLA FA . -5.91 18.52 23.44
C4B CLA FA . -6.90 18.11 22.42
CMB CLA FA . -5.96 20.37 25.27
CAB CLA FA . -4.65 17.85 23.60
CBB CLA FA . -3.46 18.46 23.68
NC CLA FA . -9.06 17.03 20.60
C1C CLA FA . -7.77 16.57 20.65
C2C CLA FA . -7.60 15.46 19.72
C3C CLA FA . -8.86 15.21 19.17
C4C CLA FA . -9.78 16.20 19.73
CMC CLA FA . -6.36 14.73 19.48
CAC CLA FA . -9.19 14.20 18.16
CBC CLA FA . -9.17 14.76 16.75
ND CLA FA . -11.63 18.15 20.94
C1D CLA FA . -12.04 17.15 20.01
C2D CLA FA . -13.50 17.25 19.81
C3D CLA FA . -13.95 18.23 20.69
C4D CLA FA . -12.75 18.75 21.37
CMD CLA FA . -14.26 16.45 18.86
CAD CLA FA . -15.08 18.99 21.16
OBD CLA FA . -16.27 18.91 20.84
CBD CLA FA . -14.55 20.01 22.21
CGD CLA FA . -14.93 21.43 21.86
O1D CLA FA . -15.94 22.04 22.20
O2D CLA FA . -14.02 22.08 21.09
CED CLA FA . -14.43 23.29 20.45
C1 CLA FA . -11.82 18.75 28.89
C2 CLA FA . -12.51 18.11 30.03
C3 CLA FA . -12.01 17.06 30.70
C4 CLA FA . -12.74 16.46 31.84
C5 CLA FA . -10.71 16.45 30.32
C6 CLA FA . -10.68 14.93 30.38
C7 CLA FA . -11.37 14.30 29.19
C8 CLA FA . -10.85 12.92 28.81
C9 CLA FA . -11.90 12.16 28.02
C10 CLA FA . -10.42 12.08 30.02
MG CLA GA . -1.90 27.11 21.06
CHA CLA GA . 1.28 28.19 21.90
CHB CLA GA . -1.36 24.18 22.71
CHC CLA GA . -4.97 25.99 20.01
CHD CLA GA . -2.30 30.02 19.09
NA CLA GA . -0.31 26.36 22.19
C1A CLA GA . 0.93 26.96 22.40
C2A CLA GA . 1.78 26.09 23.31
C3A CLA GA . 0.98 24.78 23.41
C4A CLA GA . -0.35 25.11 22.76
CMA CLA GA . 1.69 23.68 22.66
CAA CLA GA . 1.68 26.74 24.67
CBA CLA GA . 2.19 25.85 25.78
CGA CLA GA . 3.60 25.56 25.44
O1A CLA GA . 4.52 26.36 25.28
O2A CLA GA . 3.83 24.22 25.26
NB CLA GA . -2.99 25.44 21.37
C1B CLA GA . -2.60 24.35 22.08
C2B CLA GA . -3.69 23.32 22.08
C3B CLA GA . -4.71 23.84 21.32
C4B CLA GA . -4.27 25.18 20.84
CMB CLA GA . -3.53 22.04 22.76
CAB CLA GA . -5.99 23.31 20.89
CBB CLA GA . -6.79 22.46 21.53
NC CLA GA . -3.37 27.89 19.80
C1C CLA GA . -4.54 27.24 19.51
C2C CLA GA . -5.32 28.05 18.57
C3C CLA GA . -4.56 29.18 18.29
C4C CLA GA . -3.34 29.07 19.07
CMC CLA GA . -6.61 27.67 18.02
CAC CLA GA . -4.92 30.25 17.36
CBC CLA GA . -4.27 30.13 16.01
ND CLA GA . -0.84 28.77 20.60
C1D CLA GA . -1.13 29.90 19.81
C2D CLA GA . 0.00 30.85 19.88
C3D CLA GA . 0.98 30.22 20.62
C4D CLA GA . 0.41 28.93 21.03
CMD CLA GA . 0.01 32.17 19.25
CAD CLA GA . 2.30 30.32 21.20
OBD CLA GA . 3.11 31.23 21.14
CBD CLA GA . 2.55 29.00 21.98
CGD CLA GA . 3.68 28.21 21.38
O1D CLA GA . 4.45 27.44 21.97
O2D CLA GA . 3.85 28.40 20.05
CED CLA GA . 4.90 27.71 19.39
C1 CLA GA . 5.19 23.80 25.10
C2 CLA GA . 5.76 23.74 26.46
C3 CLA GA . 6.84 24.45 26.84
C4 CLA GA . 7.58 25.34 25.93
C5 CLA GA . 7.34 24.35 28.25
C6 CLA GA . 6.56 23.32 29.06
C7 CLA GA . 7.23 23.02 30.37
C8 CLA GA . 6.40 22.04 31.17
C9 CLA GA . 5.08 22.64 31.58
C10 CLA GA . 7.15 21.53 32.40
C11 CLA GA . 7.95 22.59 33.12
C12 CLA GA . 8.90 21.93 34.08
C13 CLA GA . 9.35 22.90 35.15
C14 CLA GA . 10.44 22.27 36.00
C15 CLA GA . 8.18 23.35 36.01
C16 CLA GA . 8.59 24.36 37.05
C17 CLA GA . 7.40 25.15 37.54
C18 CLA GA . 7.51 25.52 39.01
C19 CLA GA . 6.16 25.93 39.56
C20 CLA GA . 8.50 26.65 39.19
MG CLA HA . 1.83 18.93 21.90
CHA CLA HA . -1.31 18.25 20.56
CHB CLA HA . 2.21 21.50 19.72
CHC CLA HA . 4.90 19.58 23.28
CHD CLA HA . 1.48 16.12 24.01
NA CLA HA . 0.61 19.74 20.41
C1A CLA HA . -0.67 19.34 20.02
C2A CLA HA . -1.19 20.23 18.89
C3A CLA HA . 0.02 21.12 18.54
C4A CLA HA . 1.02 20.80 19.64
CMA CLA HA . 0.56 20.75 17.19
CAA CLA HA . -2.30 21.14 19.38
CBA CLA HA . -3.65 20.82 18.78
CGA CLA HA . -3.81 21.41 17.42
O1A CLA HA . -4.51 22.37 17.09
O2A CLA HA . -3.08 20.76 16.46
NB CLA HA . 3.25 20.33 21.61
C1B CLA HA . 3.24 21.28 20.65
C2B CLA HA . 4.52 22.04 20.66
C3B CLA HA . 5.28 21.50 21.67
C4B CLA HA . 4.49 20.40 22.28
CMB CLA HA . 4.78 23.11 19.70
CAB CLA HA . 6.62 21.80 22.15
CBB CLA HA . 7.19 22.99 22.28
NC CLA HA . 2.97 18.02 23.39
C1C CLA HA . 4.20 18.45 23.80
C2C CLA HA . 4.71 17.59 24.86
C3C CLA HA . 3.75 16.60 25.06
C4C CLA HA . 2.65 16.88 24.13
CMC CLA HA . 6.00 17.75 25.52
CAC CLA HA . 3.80 15.48 26.00
CBC CLA HA . 4.30 14.22 25.35
ND CLA HA . 0.46 17.48 22.24
C1D CLA HA . 0.45 16.39 23.14
C2D CLA HA . -0.81 15.63 22.96
C3D CLA HA . -1.51 16.30 21.98
C4D CLA HA . -0.68 17.45 21.57
CMD CLA HA . -1.18 14.43 23.70
CAD CLA HA . -2.71 16.32 21.17
OBD CLA HA . -3.64 15.54 21.16
CBD CLA HA . -2.64 17.59 20.27
CGD CLA HA . -2.82 17.24 18.82
O1D CLA HA . -3.73 17.59 18.08
O2D CLA HA . -1.84 16.44 18.31
CED CLA HA . -1.75 16.30 16.89
C1 CLA HA . -3.83 20.19 15.38
C2 CLA HA . -3.02 19.08 14.81
C3 CLA HA . -2.13 19.25 13.82
C4 CLA HA . -1.87 20.57 13.21
C5 CLA HA . -1.35 18.11 13.27
C6 CLA HA . 0.15 18.33 13.35
C7 CLA HA . 0.77 17.21 14.16
C8 CLA HA . 2.26 17.02 13.88
C9 CLA HA . 2.58 15.55 14.01
C10 CLA HA . 3.07 17.89 14.84
C11 CLA HA . 4.47 17.39 15.11
C12 CLA HA . 5.26 18.30 16.01
C13 CLA HA . 4.62 18.51 17.37
C14 CLA HA . 5.37 19.55 18.17
C15 CLA HA . 4.51 17.22 18.17
C16 CLA HA . 3.43 17.33 19.22
C17 CLA HA . 3.37 16.13 20.14
C18 CLA HA . 2.57 14.96 19.57
C19 CLA HA . 1.29 15.40 18.91
C20 CLA HA . 2.26 13.95 20.65
MG CLA IA . 2.80 4.21 33.40
CHA CLA IA . 2.81 0.74 33.62
CHB CLA IA . 3.18 3.99 30.02
CHC CLA IA . 2.38 7.60 33.19
CHD CLA IA . 2.25 4.38 36.89
NA CLA IA . 3.00 2.61 32.06
C1A CLA IA . 2.94 1.23 32.34
C2A CLA IA . 3.09 0.42 31.06
C3A CLA IA . 3.38 1.48 29.98
C4A CLA IA . 3.16 2.80 30.71
CMA CLA IA . 4.77 1.37 29.42
CAA CLA IA . 1.81 -0.33 30.71
CBA CLA IA . 0.55 0.48 30.95
CGA CLA IA . -0.65 -0.37 30.64
O1A CLA IA . -0.72 -1.35 29.90
O2A CLA IA . -1.79 0.05 31.27
NB CLA IA . 2.79 5.55 31.88
C1B CLA IA . 3.01 5.27 30.59
C2B CLA IA . 3.05 6.52 29.81
C3B CLA IA . 2.83 7.57 30.67
C4B CLA IA . 2.65 6.95 32.02
CMB CLA IA . 3.27 6.56 28.36
CAB CLA IA . 2.78 8.97 30.36
CBB CLA IA . 1.93 9.91 30.81
NC CLA IA . 2.44 5.71 34.80
C1C CLA IA . 2.30 7.04 34.50
C2C CLA IA . 1.99 7.81 35.70
C3C CLA IA . 1.98 6.90 36.74
C4C CLA IA . 2.24 5.58 36.17
CMC CLA IA . 1.76 9.25 35.76
CAC CLA IA . 1.72 7.20 38.16
CBC CLA IA . 0.23 7.18 38.49
ND CLA IA . 2.64 2.93 34.95
C1D CLA IA . 2.42 3.12 36.34
C2D CLA IA . 2.41 1.82 37.02
C3D CLA IA . 2.57 0.88 36.03
C4D CLA IA . 2.68 1.61 34.76
CMD CLA IA . 2.24 1.63 38.46
CAD CLA IA . 2.65 -0.53 35.72
OBD CLA IA . 2.60 -1.50 36.49
CBD CLA IA . 2.82 -0.66 34.18
CGD CLA IA . 4.15 -1.31 33.87
O1D CLA IA . 5.14 -0.78 33.39
O2D CLA IA . 4.22 -2.63 34.18
CED CLA IA . 5.52 -3.20 34.37
C1 CLA IA . -3.03 -0.21 30.57
C2 CLA IA . -4.11 -0.06 31.59
C3 CLA IA . -5.41 0.02 31.28
C4 CLA IA . -6.45 0.16 32.32
C5 CLA IA . -5.88 -0.02 29.86
C6 CLA IA . -6.85 1.10 29.54
C7 CLA IA . -7.56 0.84 28.22
C8 CLA IA . -8.80 1.71 28.03
C9 CLA IA . -8.45 3.18 28.16
C10 CLA IA . -9.90 1.34 29.03
C11 CLA IA . -10.31 -0.11 28.89
C12 CLA IA . -11.44 -0.51 29.80
C13 CLA IA . -12.03 -1.85 29.39
C14 CLA IA . -13.10 -2.31 30.36
C15 CLA IA . -10.96 -2.94 29.25
MG CLA JA . 8.40 3.04 24.86
CHA CLA JA . 10.11 5.73 26.24
CHB CLA JA . 5.64 3.89 26.66
CHC CLA JA . 6.63 0.67 23.14
CHD CLA JA . 11.28 2.23 22.99
NA CLA JA . 7.99 4.53 26.25
C1A CLA JA . 8.82 5.58 26.66
C2A CLA JA . 8.09 6.47 27.66
C3A CLA JA . 6.80 5.68 27.97
C4A CLA JA . 6.77 4.63 26.88
CMA CLA JA . 6.87 5.07 29.34
CAA CLA JA . 7.72 7.80 27.00
CBA CLA JA . 7.29 7.73 25.54
CGA CLA JA . 6.06 8.54 25.27
O1A CLA JA . 5.21 8.96 26.06
O2A CLA JA . 5.91 8.79 23.94
NB CLA JA . 6.49 2.40 24.89
C1B CLA JA . 5.51 2.87 25.70
C2B CLA JA . 4.25 2.12 25.45
C3B CLA JA . 4.52 1.21 24.46
C4B CLA JA . 5.95 1.38 24.08
CMB CLA JA . 3.02 2.42 26.20
CAB CLA JA . 3.69 0.23 23.81
CBB CLA JA . 2.86 -0.63 24.41
NC CLA JA . 8.89 1.65 23.39
C1C CLA JA . 8.01 0.77 22.83
C2C CLA JA . 8.68 -0.02 21.80
C3C CLA JA . 10.00 0.42 21.76
C4C CLA JA . 10.12 1.48 22.76
CMC CLA JA . 8.06 -1.06 20.98
CAC CLA JA . 11.07 -0.08 20.89
CBC CLA JA . 11.90 -1.12 21.59
ND CLA JA . 10.31 3.67 24.71
C1D CLA JA . 11.39 3.27 23.88
C2D CLA JA . 12.55 4.13 24.14
C3D CLA JA . 12.13 5.08 25.06
C4D CLA JA . 10.72 4.77 25.35
CMD CLA JA . 13.87 3.99 23.52
CAD CLA JA . 12.50 6.22 25.86
OBD CLA JA . 13.59 6.76 25.99
CBD CLA JA . 11.19 6.72 26.57
CGD CLA JA . 11.43 6.93 28.04
O1D CLA JA . 11.94 7.90 28.59
O2D CLA JA . 11.04 5.88 28.82
CED CLA JA . 10.87 6.13 30.22
C1 CLA JA . 4.67 9.38 23.48
C2 CLA JA . 4.80 9.44 22.01
C3 CLA JA . 3.79 9.79 21.17
C4 CLA JA . 2.45 10.15 21.66
C5 CLA JA . 4.01 9.81 19.70
C6 CLA JA . 5.37 9.31 19.27
C7 CLA JA . 5.47 9.18 17.76
C8 CLA JA . 6.75 8.47 17.35
C9 CLA JA . 7.97 9.32 17.69
C10 CLA JA . 6.75 8.13 15.87
C11 CLA JA . 7.93 7.24 15.53
C12 CLA JA . 7.48 5.94 14.89
C13 CLA JA . 6.89 4.95 15.87
C14 CLA JA . 7.80 4.72 17.07
C15 CLA JA . 6.62 3.62 15.18
C16 CLA JA . 5.38 3.67 14.31
C17 CLA JA . 5.64 3.12 12.93
C18 CLA JA . 4.71 1.96 12.57
C19 CLA JA . 3.26 2.35 12.67
C20 CLA JA . 4.99 0.73 13.42
MG CLA KA . 2.89 -5.68 23.21
CHA CLA KA . 3.15 -3.81 26.12
CHB CLA KA . -0.06 -6.96 24.28
CHC CLA KA . 2.68 -7.45 20.29
CHD CLA KA . 6.01 -4.38 22.17
NA CLA KA . 1.73 -5.38 24.93
C1A CLA KA . 1.98 -4.55 26.03
C2A CLA KA . 0.85 -4.65 27.06
C3A CLA KA . -0.15 -5.63 26.40
C4A CLA KA . 0.53 -6.03 25.10
CMA CLA KA . -0.43 -6.82 27.28
CAA CLA KA . 0.12 -3.37 27.43
CBA CLA KA . -0.05 -2.37 26.32
CGA CLA KA . 0.26 -1.01 26.88
O1A CLA KA . 1.34 -0.60 27.31
O2A CLA KA . -0.81 -0.17 26.91
NB CLA KA . 1.52 -6.91 22.40
C1B CLA KA . 0.47 -7.42 23.06
C2B CLA KA . -0.10 -8.58 22.31
C3B CLA KA . 0.67 -8.72 21.18
C4B CLA KA . 1.70 -7.66 21.21
CMB CLA KA . -1.24 -9.36 22.75
CAB CLA KA . 0.57 -9.69 20.13
CBB CLA KA . 0.22 -9.42 18.87
NC CLA KA . 4.10 -5.83 21.52
C1C CLA KA . 3.80 -6.59 20.42
C2C CLA KA . 4.82 -6.43 19.41
C3C CLA KA . 5.80 -5.61 19.95
C4C CLA KA . 5.33 -5.23 21.27
CMC CLA KA . 4.79 -7.09 18.11
CAC CLA KA . 7.04 -5.16 19.30
CBC CLA KA . 6.84 -3.90 18.49
ND CLA KA . 4.30 -4.42 23.93
C1D CLA KA . 5.55 -4.01 23.41
C2D CLA KA . 6.21 -3.13 24.41
C3D CLA KA . 5.33 -3.01 25.45
C4D CLA KA . 4.15 -3.83 25.11
CMD CLA KA . 7.54 -2.55 24.25
CAD CLA KA . 5.10 -2.45 26.77
OBD CLA KA . 5.82 -1.72 27.44
CBD CLA KA . 3.70 -2.93 27.22
CGD CLA KA . 3.75 -3.67 28.53
O1D CLA KA . 3.97 -4.86 28.71
O2D CLA KA . 3.52 -2.87 29.60
CED CLA KA . 4.09 -3.25 30.85
C1 CLA KA . -0.49 1.22 27.16
C2 CLA KA . -1.66 1.87 27.79
C3 CLA KA . -1.61 3.10 28.34
C4 CLA KA . -0.36 3.90 28.36
C5 CLA KA . -2.82 3.71 28.95
C6 CLA KA . -3.56 4.60 27.97
C7 CLA KA . -4.88 5.07 28.55
C8 CLA KA . -5.57 6.10 27.64
C9 CLA KA . -4.66 7.27 27.35
C10 CLA KA . -6.87 6.59 28.26
C11 CLA KA . -7.69 7.37 27.25
C12 CLA KA . -8.97 7.91 27.85
C13 CLA KA . -10.02 6.84 28.06
C14 CLA KA . -10.33 6.09 26.78
C15 CLA KA . -11.31 7.41 28.65
C16 CLA KA . -11.93 8.43 27.72
C17 CLA KA . -13.41 8.64 28.00
C18 CLA KA . -13.73 9.92 28.79
C19 CLA KA . -13.81 9.64 30.28
C20 CLA KA . -12.80 11.07 28.48
MG CLA LA . -5.13 32.52 37.05
CHA CLA LA . -7.17 34.88 38.56
CHB CLA LA . -4.13 34.85 34.77
CHC CLA LA . -2.60 30.41 36.08
CHD CLA LA . -6.04 30.21 39.57
NA CLA LA . -5.68 34.50 36.68
C1A CLA LA . -6.50 35.33 37.45
C2A CLA LA . -6.61 36.72 36.82
C3A CLA LA . -5.89 36.54 35.45
C4A CLA LA . -5.17 35.21 35.63
CMA CLA LA . -6.86 36.54 34.31
CAA CLA LA . -5.93 37.78 37.67
CBA CLA LA . -4.59 37.34 38.24
CGA CLA LA . -4.34 38.00 39.56
O1A CLA LA . -4.84 39.03 40.01
O2A CLA LA . -3.43 37.33 40.31
NB CLA LA . -3.72 32.58 35.62
C1B CLA LA . -3.40 33.65 34.87
C2B CLA LA . -2.15 33.40 34.10
C3B CLA LA . -1.72 32.15 34.47
C4B CLA LA . -2.70 31.62 35.44
CMB CLA LA . -1.55 34.39 33.21
CAB CLA LA . -0.55 31.42 34.08
CBB CLA LA . -0.22 31.08 32.83
NC CLA LA . -4.51 30.61 37.64
C1C CLA LA . -3.47 29.94 37.11
C2C CLA LA . -3.28 28.67 37.79
C3C CLA LA . -4.25 28.60 38.78
C4C CLA LA . -5.02 29.83 38.68
CMC CLA LA . -2.23 27.69 37.47
CAC CLA LA . -4.47 27.50 39.73
CBC CLA LA . -3.77 27.73 41.06
ND CLA LA . -6.41 32.43 38.62
C1D CLA LA . -6.67 31.42 39.57
C2D CLA LA . -7.70 31.92 40.52
C3D CLA LA . -7.91 33.24 40.19
C4D CLA LA . -7.07 33.53 39.02
CMD CLA LA . -8.26 31.11 41.60
CAD CLA LA . -8.66 34.45 40.49
OBD CLA LA . -9.52 34.64 41.33
CBD CLA LA . -8.15 35.55 39.50
CGD CLA LA . -9.28 36.18 38.74
O1D CLA LA . -9.74 35.84 37.65
O2D CLA LA . -9.84 37.26 39.36
CED CLA LA . -10.25 38.34 38.53
C1 CLA LA . -2.07 37.82 40.23
C2 CLA LA . -1.27 37.13 41.27
C3 CLA LA . -1.28 37.45 42.58
C4 CLA LA . -2.12 38.56 43.10
C5 CLA LA . -0.45 36.73 43.56
C6 CLA LA . -0.73 35.23 43.63
C7 CLA LA . 0.40 34.45 43.01
C8 CLA LA . 1.01 33.39 43.92
C9 CLA LA . 1.41 33.99 45.26
C10 CLA LA . 2.22 32.75 43.25
C11 CLA LA . 2.88 31.70 44.12
MG CLA MA . -15.11 22.65 29.21
CHA CLA MA . -16.22 23.89 26.17
CHB CLA MA . -18.15 21.19 29.73
CHC CLA MA . -13.78 20.90 31.86
CHD CLA MA . -11.91 23.94 28.49
NA CLA MA . -16.91 22.65 28.16
C1A CLA MA . -17.16 23.17 26.89
C2A CLA MA . -18.60 22.92 26.47
C3A CLA MA . -19.24 22.28 27.73
C4A CLA MA . -18.03 22.00 28.62
CMA CLA MA . -20.21 23.24 28.36
CAA CLA MA . -18.66 21.97 25.27
CBA CLA MA . -18.56 20.48 25.58
CGA CLA MA . -17.19 19.95 25.33
O1A CLA MA . -16.12 20.40 25.74
O2A CLA MA . -17.17 18.79 24.58
NB CLA MA . -15.84 21.35 30.57
C1B CLA MA . -17.10 20.85 30.60
C2B CLA MA . -17.24 19.88 31.73
C3B CLA MA . -16.01 19.81 32.34
C4B CLA MA . -15.10 20.73 31.61
CMB CLA MA . -18.49 19.17 32.00
CAB CLA MA . -15.55 19.01 33.45
CBB CLA MA . -15.65 17.69 33.57
NC CLA MA . -13.22 22.53 30.07
C1C CLA MA . -12.89 21.74 31.14
C2C CLA MA . -11.46 21.83 31.40
C3C CLA MA . -10.94 22.69 30.45
C4C CLA MA . -12.04 23.12 29.61
CMC CLA MA . -10.75 21.08 32.44
CAC CLA MA . -9.53 23.06 30.26
CBC CLA MA . -8.85 22.18 29.24
ND CLA MA . -14.26 23.82 27.81
C1D CLA MA . -12.93 24.27 27.64
C2D CLA MA . -12.85 25.09 26.40
C3D CLA MA . -14.07 24.94 25.78
C4D CLA MA . -14.91 24.13 26.69
CMD CLA MA . -11.65 25.78 25.96
CAD CLA MA . -14.90 25.31 24.64
OBD CLA MA . -14.64 26.02 23.69
CBD CLA MA . -16.25 24.57 24.82
CGD CLA MA . -17.44 25.48 24.66
O1D CLA MA . -17.71 26.52 25.27
O2D CLA MA . -18.32 25.06 23.70
CED CLA MA . -18.13 25.54 22.37
C1 CLA MA . -16.58 17.62 25.18
C2 CLA MA . -15.19 17.51 24.66
C3 CLA MA . -14.37 16.45 24.86
C4 CLA MA . -14.77 15.26 25.64
C5 CLA MA . -12.99 16.45 24.30
C6 CLA MA . -11.91 16.07 25.30
C7 CLA MA . -10.53 16.17 24.66
C8 CLA MA . -9.42 15.90 25.66
C9 CLA MA . -8.90 17.22 26.21
C10 CLA MA . -8.33 15.03 25.01
C11 CLA MA . -6.90 15.42 25.29
C12 CLA MA . -6.04 14.24 25.71
C13 CLA MA . -6.06 13.11 24.69
C14 CLA MA . -5.82 11.78 25.37
C15 CLA MA . -5.03 13.33 23.58
C16 CLA MA . -5.12 12.25 22.51
C17 CLA MA . -3.75 11.74 22.15
C18 CLA MA . -3.40 11.97 20.69
C19 CLA MA . -1.95 11.62 20.40
C20 CLA MA . -4.31 11.17 19.78
MG CLA NA . 2.43 41.39 37.42
CHA CLA NA . -0.60 41.91 35.81
CHB CLA NA . 3.14 44.71 37.11
CHC CLA NA . 5.28 40.87 39.22
CHD CLA NA . 1.61 37.97 37.75
NA CLA NA . 1.42 43.03 36.57
C1A CLA NA . 0.16 43.05 35.95
C2A CLA NA . -0.18 44.46 35.47
C3A CLA NA . 1.10 45.28 35.77
C4A CLA NA . 1.96 44.29 36.55
CMA CLA NA . 1.78 45.76 34.52
CAA CLA NA . -1.39 45.08 36.15
CBA CLA NA . -1.15 45.45 37.60
CGA CLA NA . -1.58 44.32 38.49
O1A CLA NA . -2.62 43.67 38.45
O2A CLA NA . -0.66 44.04 39.46
NB CLA NA . 3.97 42.55 37.97
C1B CLA NA . 4.02 43.90 37.85
C2B CLA NA . 5.16 44.44 38.64
C3B CLA NA . 5.77 43.38 39.24
C4B CLA NA . 5.02 42.15 38.84
CMB CLA NA . 5.47 45.86 38.73
CAB CLA NA . 6.89 43.38 40.14
CBB CLA NA . 8.04 42.73 39.96
NC CLA NA . 3.30 39.71 38.29
C1C CLA NA . 4.49 39.72 38.96
C2C CLA NA . 4.82 38.37 39.42
C3C CLA NA . 3.75 37.56 39.03
C4C CLA NA . 2.81 38.40 38.32
CMC CLA NA . 6.02 38.00 40.15
CAC CLA NA . 3.63 36.11 39.25
CBC CLA NA . 2.82 35.79 40.49
ND CLA NA . 0.88 40.18 36.96
C1D CLA NA . 0.69 38.79 37.11
C2D CLA NA . -0.60 38.40 36.50
C3D CLA NA . -1.14 39.57 36.01
C4D CLA NA . -0.18 40.64 36.31
CMD CLA NA . -1.13 37.04 36.48
CAD CLA NA . -2.26 40.16 35.31
OBD CLA NA . -3.29 39.63 34.90
CBD CLA NA . -1.93 41.67 35.13
CGD CLA NA . -1.85 42.05 33.68
O1D CLA NA . -0.84 42.18 33.00
O2D CLA NA . -3.06 42.26 33.08
CED CLA NA . -3.07 42.39 31.66
C1 CLA NA . -0.48 42.64 39.79
C2 CLA NA . 0.67 42.60 40.73
C3 CLA NA . 1.23 41.45 41.14
C4 CLA NA . 0.76 40.13 40.66
C5 CLA NA . 2.39 41.45 42.08
C6 CLA NA . 2.13 40.57 43.29
C7 CLA NA . 3.43 40.17 43.95
C8 CLA NA . 4.11 39.02 43.22
C9 CLA NA . 4.07 37.76 44.05
MG CLA OA . 1.80 34.11 31.20
CHA CLA OA . 1.07 31.54 28.99
CHB CLA OA . 4.08 32.13 32.75
CHC CLA OA . 2.40 36.62 33.43
CHD CLA OA . -0.73 36.07 29.69
NA CLA OA . 2.48 32.17 30.87
C1A CLA OA . 2.07 31.25 29.88
C2A CLA OA . 2.85 29.94 30.00
C3A CLA OA . 3.72 30.14 31.26
C4A CLA OA . 3.44 31.59 31.65
CMA CLA OA . 3.29 29.24 32.37
CAA CLA OA . 3.77 29.74 28.81
CBA CLA OA . 4.03 28.28 28.51
CGA CLA OA . 5.19 27.79 29.33
O1A CLA OA . 6.39 27.95 29.13
O2A CLA OA . 4.79 27.08 30.44
NB CLA OA . 3.05 34.36 32.76
C1B CLA OA . 3.89 33.41 33.26
C2B CLA OA . 4.57 33.94 34.47
C3B CLA OA . 4.10 35.21 34.67
C4B CLA OA . 3.11 35.49 33.59
CMB CLA OA . 5.52 33.12 35.22
CAB CLA OA . 4.40 36.18 35.70
CBB CLA OA . 5.59 36.51 36.18
NC CLA OA . 1.01 36.02 31.47
C1C CLA OA . 1.43 36.90 32.43
C2C CLA OA . 0.68 38.14 32.33
C3C CLA OA . -0.23 37.98 31.29
C4C CLA OA . -0.01 36.65 30.75
CMC CLA OA . 0.87 39.30 33.19
CAC CLA OA . -1.20 38.98 30.82
CBC CLA OA . -0.65 40.00 29.85
ND CLA OA . 0.49 33.94 29.67
C1D CLA OA . -0.51 34.81 29.18
C2D CLA OA . -1.24 34.13 28.08
C3D CLA OA . -0.67 32.88 27.98
C4D CLA OA . 0.39 32.80 28.99
CMD CLA OA . -2.34 34.72 27.33
CAD CLA OA . -0.71 31.61 27.28
OBD CLA OA . -1.45 31.24 26.38
CBD CLA OA . 0.40 30.71 27.91
CGD CLA OA . -0.14 29.43 28.47
O1D CLA OA . 0.26 28.29 28.26
O2D CLA OA . -1.20 29.61 29.30
CED CLA OA . -1.67 28.47 30.02
C1 CLA OA . 5.78 26.29 31.14
C2 CLA OA . 6.37 27.11 32.23
C3 CLA OA . 6.11 26.93 33.53
C4 CLA OA . 6.76 27.78 34.56
C5 CLA OA . 5.16 25.87 34.00
C6 CLA OA . 4.53 26.13 35.35
C7 CLA OA . 3.21 26.88 35.23
C8 CLA OA . 2.85 27.65 36.50
C9 CLA OA . 1.55 28.41 36.27
C10 CLA OA . 3.96 28.61 36.91
C11 CLA OA . 3.57 29.43 38.13
C12 CLA OA . 4.78 29.94 38.90
C13 CLA OA . 4.34 30.80 40.08
C14 CLA OA . 4.05 32.21 39.62
C15 CLA OA . 5.37 30.83 41.20
C16 CLA OA . 5.48 29.50 41.94
C17 CLA OA . 6.85 28.88 41.78
C18 CLA OA . 7.51 28.53 43.12
C19 CLA OA . 6.64 27.61 43.94
C20 CLA OA . 7.85 29.78 43.89
MG CLA PA . 15.29 22.38 43.50
CHA CLA PA . 15.01 19.21 44.88
CHB CLA PA . 14.07 21.19 40.57
CHC CLA PA . 15.07 25.61 42.34
CHD CLA PA . 16.52 23.56 46.58
NA CLA PA . 14.68 20.50 42.85
C1A CLA PA . 14.60 19.30 43.58
C2A CLA PA . 14.05 18.18 42.71
C3A CLA PA . 14.15 18.76 41.29
C4A CLA PA . 14.26 20.26 41.57
CMA CLA PA . 15.35 18.24 40.54
CAA CLA PA . 12.55 18.14 42.97
CBA CLA PA . 12.04 17.26 44.09
CGA CLA PA . 10.56 17.40 44.14
O1A CLA PA . 9.75 17.35 43.21
O2A CLA PA . 10.07 17.62 45.40
NB CLA PA . 14.75 23.23 41.75
C1B CLA PA . 14.19 22.58 40.71
C2B CLA PA . 13.72 23.54 39.69
C3B CLA PA . 14.00 24.81 40.18
C4B CLA PA . 14.64 24.62 41.50
CMB CLA PA . 13.07 23.10 38.45
CAB CLA PA . 13.74 26.11 39.62
CBB CLA PA . 13.96 26.47 38.36
NC CLA PA . 15.79 24.25 44.29
C1C CLA PA . 15.63 25.44 43.64
C2C CLA PA . 16.05 26.53 44.50
C3C CLA PA . 16.45 25.96 45.71
C4C CLA PA . 16.27 24.53 45.58
CMC CLA PA . 16.03 27.95 44.12
CAC CLA PA . 16.95 26.66 46.90
CBC CLA PA . 18.42 26.93 46.84
ND CLA PA . 15.74 21.62 45.31
C1D CLA PA . 16.26 22.22 46.50
C2D CLA PA . 16.43 21.16 47.52
C3D CLA PA . 15.97 19.99 46.95
C4D CLA PA . 15.54 20.33 45.59
CMD CLA PA . 16.94 21.35 48.87
CAD CLA PA . 15.75 18.57 47.15
OBD CLA PA . 15.97 17.86 48.12
CBD CLA PA . 15.14 18.03 45.81
CGD CLA PA . 16.01 16.97 45.22
O1D CLA PA . 15.68 15.86 44.80
O2D CLA PA . 17.32 17.32 45.12
CED CLA PA . 18.13 16.66 44.14
C1 CLA PA . 8.98 18.56 45.51
C2 CLA PA . 7.73 17.78 45.67
C3 CLA PA . 6.52 18.34 45.86
C4 CLA PA . 5.30 17.51 46.01
C5 CLA PA . 6.34 19.83 45.91
C6 CLA PA . 5.71 20.39 44.65
C7 CLA PA . 4.97 21.67 44.93
C8 CLA PA . 3.46 21.48 44.88
C9 CLA PA . 2.94 21.50 43.47
C10 CLA PA . 2.74 22.51 45.74
C11 CLA PA . 2.86 23.91 45.17
MG CLA QA . 22.00 31.34 47.30
CHA CLA QA . 23.29 31.39 50.51
CHB CLA QA . 18.94 30.51 48.54
CHC CLA QA . 20.66 31.79 44.17
CHD CLA QA . 25.13 32.45 46.09
NA CLA QA . 21.27 30.94 49.22
C1A CLA QA . 21.96 31.05 50.43
C2A CLA QA . 21.03 30.71 51.59
C3A CLA QA . 19.79 30.14 50.89
C4A CLA QA . 19.98 30.57 49.44
CMA CLA QA . 19.69 28.65 51.04
CAA CLA QA . 20.63 32.00 52.28
CBA CLA QA . 21.22 32.18 53.67
CGA CLA QA . 21.48 33.64 53.91
O1A CLA QA . 20.68 34.58 53.86
O2A CLA QA . 22.79 33.92 54.23
NB CLA QA . 20.17 31.12 46.50
C1B CLA QA . 19.03 30.86 47.18
C2B CLA QA . 17.85 30.96 46.26
C3B CLA QA . 18.33 31.32 45.03
C4B CLA QA . 19.81 31.43 45.17
CMB CLA QA . 16.49 30.72 46.74
CAB CLA QA . 17.71 31.59 43.75
CBB CLA QA . 16.47 31.99 43.49
NC CLA QA . 22.79 31.91 45.46
C1C CLA QA . 22.06 32.01 44.30
C2C CLA QA . 22.92 32.45 43.21
C3C CLA QA . 24.18 32.67 43.76
C4C CLA QA . 24.08 32.34 45.17
CMC CLA QA . 22.46 32.64 41.83
CAC CLA QA . 25.39 33.15 43.07
CBC CLA QA . 25.59 34.65 43.21
ND CLA QA . 23.85 31.71 48.05
C1D CLA QA . 25.04 32.16 47.43
C2D CLA QA . 26.10 32.27 48.46
C3D CLA QA . 25.50 31.96 49.66
C4D CLA QA . 24.08 31.67 49.36
CMD CLA QA . 27.48 32.64 48.19
CAD CLA QA . 25.65 31.78 51.09
OBD CLA QA . 26.67 31.83 51.78
CBD CLA QA . 24.24 31.48 51.69
CGD CLA QA . 24.26 30.19 52.45
O1D CLA QA . 23.69 29.94 53.51
O2D CLA QA . 24.98 29.20 51.86
CED CLA QA . 24.37 27.92 51.73
C1 CLA QA . 23.21 35.29 54.05
C2 CLA QA . 24.67 35.34 54.37
C3 CLA QA . 25.36 36.49 54.48
C4 CLA QA . 26.81 36.49 54.79
C5 CLA QA . 24.71 37.82 54.31
MG CLA RA . 13.31 19.32 51.29
CHA CLA RA . 12.85 15.98 52.15
CHB CLA RA . 12.19 18.67 48.14
CHC CLA RA . 13.68 22.65 50.51
CHD CLA RA . 14.37 19.97 54.58
NA CLA RA . 12.64 17.60 50.32
C1A CLA RA . 12.51 16.30 50.86
C2A CLA RA . 11.95 15.35 49.81
C3A CLA RA . 11.85 16.21 48.53
C4A CLA RA . 12.25 17.61 49.01
CMA CLA RA . 12.76 15.67 47.45
CAA CLA RA . 10.56 14.90 50.20
CBA CLA RA . 9.49 15.96 50.10
CGA CLA RA . 8.87 16.23 51.44
O1A CLA RA . 9.40 16.13 52.56
O2A CLA RA . 7.58 16.63 51.37
NB CLA RA . 13.04 20.43 49.63
C1B CLA RA . 12.51 19.99 48.47
C2B CLA RA . 12.33 21.14 47.53
C3B CLA RA . 12.75 22.27 48.20
C4B CLA RA . 13.20 21.83 49.54
CMB CLA RA . 11.76 20.94 46.20
CAB CLA RA . 12.78 23.65 47.83
CBB CLA RA . 13.09 24.16 46.64
NC CLA RA . 13.94 20.99 52.35
C1C CLA RA . 14.01 22.26 51.84
C2C CLA RA . 14.49 23.19 52.85
C3C CLA RA . 14.66 22.44 54.02
C4C CLA RA . 14.31 21.06 53.70
CMC CLA RA . 14.71 24.62 52.64
CAC CLA RA . 15.12 22.94 55.31
CBC CLA RA . 16.57 22.59 55.56
ND CLA RA . 13.58 18.29 53.00
C1D CLA RA . 14.04 18.67 54.28
C2D CLA RA . 14.11 17.49 55.15
C3D CLA RA . 13.68 16.42 54.39
C4D CLA RA . 13.35 16.97 53.05
CMD CLA RA . 14.56 17.50 56.55
CAD CLA RA . 13.43 15.00 54.35
OBD CLA RA . 13.59 14.15 55.21
CBD CLA RA . 12.89 14.68 52.92
CGD CLA RA . 13.72 13.64 52.23
O1D CLA RA . 14.92 13.42 52.38
O2D CLA RA . 13.05 12.87 51.34
CED CLA RA . 12.34 11.72 51.81
MG CLA SA . 29.93 36.99 35.45
CHA CLA SA . 33.36 36.56 34.99
CHB CLA SA . 30.31 36.49 38.80
CHC CLA SA . 26.68 37.99 35.92
CHD CLA SA . 29.68 37.89 32.05
NA CLA SA . 31.57 36.52 36.66
C1A CLA SA . 32.93 36.43 36.29
C2A CLA SA . 33.79 36.15 37.52
C3A CLA SA . 32.76 35.97 38.66
C4A CLA SA . 31.45 36.36 38.01
CMA CLA SA . 32.77 34.59 39.23
CAA CLA SA . 34.72 37.28 37.97
CBA CLA SA . 34.87 38.60 37.22
CGA CLA SA . 33.64 39.46 37.15
O1A CLA SA . 32.98 39.94 38.07
O2A CLA SA . 33.25 39.70 35.86
NB CLA SA . 28.69 37.05 37.03
C1B CLA SA . 29.04 36.88 38.33
C2B CLA SA . 27.90 37.21 39.22
C3B CLA SA . 26.86 37.63 38.41
C4B CLA SA . 27.37 37.56 37.01
CMB CLA SA . 28.02 37.15 40.69
CAB CLA SA . 25.56 38.18 38.67
CBB CLA SA . 24.73 37.90 39.68
NC CLA SA . 28.43 37.72 34.19
C1C CLA SA . 27.18 38.08 34.60
C2C CLA SA . 26.43 38.63 33.49
C3C CLA SA . 27.28 38.61 32.39
C4C CLA SA . 28.54 38.06 32.84
CMC CLA SA . 25.07 39.14 33.56
CAC CLA SA . 26.96 39.13 31.04
CBC CLA SA . 26.76 38.06 30.01
ND CLA SA . 31.16 37.16 33.85
C1D CLA SA . 30.91 37.47 32.50
C2D CLA SA . 32.15 37.31 31.71
C3D CLA SA . 33.14 36.99 32.62
C4D CLA SA . 32.47 36.93 33.93
CMD CLA SA . 32.23 37.50 30.26
CAD CLA SA . 34.54 36.71 32.84
OBD CLA SA . 35.48 36.73 32.06
CBD CLA SA . 34.71 36.38 34.35
CGD CLA SA . 35.26 34.99 34.54
O1D CLA SA . 34.64 33.98 34.91
O2D CLA SA . 36.58 34.86 34.24
CED CLA SA . 37.19 33.58 34.36
C1 CLA SA . 31.85 39.99 35.63
C2 CLA SA . 31.79 41.17 34.74
C3 CLA SA . 30.67 41.72 34.23
C4 CLA SA . 30.76 42.92 33.36
C5 CLA SA . 29.32 41.15 34.52
C6 CLA SA . 28.16 41.87 33.85
C7 CLA SA . 27.29 42.58 34.87
C8 CLA SA . 26.50 43.74 34.25
C9 CLA SA . 26.38 44.89 35.23
C10 CLA SA . 25.11 43.30 33.81
C11 CLA SA . 24.69 43.98 32.53
C12 CLA SA . 23.32 43.55 32.06
C13 CLA SA . 23.09 43.88 30.60
C14 CLA SA . 23.98 43.04 29.70
C15 CLA SA . 23.29 45.36 30.30
C16 CLA SA . 21.97 46.07 30.23
C17 CLA SA . 21.91 47.03 29.04
C18 CLA SA . 20.60 47.79 29.01
C19 CLA SA . 20.35 48.39 27.64
C20 CLA SA . 20.61 48.91 30.05
MG CLA TA . 26.40 30.46 27.49
CHA CLA TA . 26.28 27.44 25.82
CHB CLA TA . 28.68 29.17 29.67
CHC CLA TA . 26.51 33.50 29.08
CHD CLA TA . 24.29 31.86 25.01
NA CLA TA . 27.29 28.59 27.71
C1A CLA TA . 27.11 27.45 26.91
C2A CLA TA . 27.98 26.29 27.43
C3A CLA TA . 28.60 26.85 28.73
C4A CLA TA . 28.17 28.30 28.72
CMA CLA TA . 28.07 26.13 29.93
CAA CLA TA . 29.07 25.92 26.42
CBA CLA TA . 30.46 25.77 27.02
CGA CLA TA . 31.31 26.96 26.69
O1A CLA TA . 32.54 27.04 26.71
O2A CLA TA . 30.59 28.05 26.33
NB CLA TA . 27.41 31.20 29.08
C1B CLA TA . 28.32 30.53 29.80
C2B CLA TA . 28.85 31.40 30.88
C3B CLA TA . 28.24 32.63 30.72
C4B CLA TA . 27.31 32.52 29.58
CMB CLA TA . 29.84 30.92 31.84
CAB CLA TA . 28.38 33.86 31.46
CBB CLA TA . 29.53 34.45 31.76
NC CLA TA . 25.52 32.32 27.13
C1C CLA TA . 25.66 33.42 27.94
C2C CLA TA . 24.87 34.52 27.41
C3C CLA TA . 24.30 34.09 26.21
C4C CLA TA . 24.72 32.70 26.05
CMC CLA TA . 24.75 35.83 28.01
CAC CLA TA . 23.44 34.88 25.33
CBC CLA TA . 21.97 34.56 25.37
ND CLA TA . 25.44 29.85 25.84
C1D CLA TA . 24.62 30.53 24.88
C2D CLA TA . 24.18 29.57 23.86
C3D CLA TA . 24.75 28.37 24.20
C4D CLA TA . 25.56 28.59 25.41
CMD CLA TA . 23.28 29.89 22.75
CAD CLA TA . 24.87 26.98 23.85
OBD CLA TA . 24.29 26.36 22.98
CBD CLA TA . 25.89 26.36 24.84
CGD CLA TA . 25.30 25.19 25.56
O1D CLA TA . 24.67 25.21 26.63
O2D CLA TA . 25.49 23.99 24.96
CED CLA TA . 24.55 22.95 25.22
C1 CLA TA . 31.08 29.32 26.82
C2 CLA TA . 30.03 30.33 26.52
C3 CLA TA . 30.16 31.25 25.56
C4 CLA TA . 31.36 31.34 24.70
C5 CLA TA . 29.06 32.22 25.30
C6 CLA TA . 29.41 33.63 25.73
C7 CLA TA . 28.33 34.59 25.30
C8 CLA TA . 28.52 36.00 25.81
C9 CLA TA . 28.63 36.02 27.32
C10 CLA TA . 27.39 36.88 25.29
C11 CLA TA . 27.22 38.19 26.04
C12 CLA TA . 26.72 39.29 25.12
C13 CLA TA . 26.07 40.42 25.90
C14 CLA TA . 24.62 40.09 26.21
C15 CLA TA . 26.18 41.77 25.19
C16 CLA TA . 25.81 41.68 23.73
C17 CLA TA . 24.61 42.53 23.39
C18 CLA TA . 24.46 42.74 21.88
C19 CLA TA . 24.41 41.43 21.13
C20 CLA TA . 25.55 43.63 21.34
MG CLA UA . 18.99 26.17 30.36
CHA CLA UA . 19.66 23.00 31.56
CHB CLA UA . 21.69 25.93 28.30
CHC CLA UA . 18.00 29.04 28.77
CHD CLA UA . 16.05 26.24 32.30
NA CLA UA . 20.47 24.74 30.06
C1A CLA UA . 20.55 23.46 30.63
C2A CLA UA . 21.75 22.71 30.07
C3A CLA UA . 22.52 23.78 29.28
C4A CLA UA . 21.50 24.91 29.18
CMA CLA UA . 23.78 24.21 29.97
CAA CLA UA . 21.19 21.63 29.13
CBA CLA UA . 21.22 21.91 27.63
CGA CLA UA . 20.04 22.69 27.18
O1A CLA UA . 19.11 23.11 27.86
O2A CLA UA . 20.03 22.95 25.83
NB CLA UA . 19.77 27.35 28.93
C1B CLA UA . 20.80 27.00 28.13
C2B CLA UA . 20.91 27.94 26.99
C3B CLA UA . 19.88 28.83 27.10
C4B CLA UA . 19.13 28.46 28.34
CMB CLA UA . 21.92 27.76 25.97
CAB CLA UA . 19.47 29.92 26.25
CBB CLA UA . 20.27 30.86 25.73
NC CLA UA . 17.36 27.45 30.56
C1C CLA UA . 17.16 28.57 29.81
C2C CLA UA . 15.89 29.20 30.14
C3C CLA UA . 15.33 28.39 31.16
C4C CLA UA . 16.26 27.29 31.40
CMC CLA UA . 15.40 30.39 29.46
CAC CLA UA . 14.03 28.50 31.83
CBC CLA UA . 13.74 29.77 32.58
ND CLA UA . 18.06 24.97 31.69
C1D CLA UA . 16.87 25.14 32.45
C2D CLA UA . 16.70 23.96 33.33
C3D CLA UA . 17.74 23.10 33.02
C4D CLA UA . 18.54 23.77 31.99
CMD CLA UA . 15.61 23.78 34.28
CAD CLA UA . 18.37 21.81 33.28
OBD CLA UA . 18.02 20.91 34.02
CBD CLA UA . 19.63 21.72 32.38
CGD CLA UA . 20.89 21.61 33.17
O1D CLA UA . 21.18 22.22 34.20
O2D CLA UA . 21.79 20.73 32.67
CED CLA UA . 23.11 20.72 33.21
C1 CLA UA . 20.69 24.14 25.35
C2 CLA UA . 19.69 25.14 24.89
C3 CLA UA . 19.84 25.82 23.74
C4 CLA UA . 21.01 25.61 22.85
C5 CLA UA . 18.86 26.84 23.24
C6 CLA UA . 17.89 27.42 24.26
C7 CLA UA . 17.25 28.67 23.68
C8 CLA UA . 16.29 29.38 24.63
C9 CLA UA . 15.02 28.58 24.79
C10 CLA UA . 15.95 30.77 24.11
C11 CLA UA . 16.97 31.82 24.50
C12 CLA UA . 17.07 32.93 23.47
C13 CLA UA . 18.11 33.98 23.85
C14 CLA UA . 17.43 35.32 24.07
C15 CLA UA . 19.21 34.16 22.80
C16 CLA UA . 19.71 32.86 22.22
C17 CLA UA . 19.50 32.82 20.72
C18 CLA UA . 19.81 31.46 20.10
C19 CLA UA . 19.17 30.32 20.86
C20 CLA UA . 21.30 31.24 19.94
MG CLA VA . 10.70 45.19 37.99
CHA CLA VA . 8.27 47.12 36.47
CHB CLA VA . 12.00 47.99 39.43
CHC CLA VA . 12.90 43.21 39.73
CHD CLA VA . 9.14 42.31 36.70
NA CLA VA . 10.23 47.23 37.89
C1A CLA VA . 9.17 47.84 37.22
C2A CLA VA . 9.16 49.34 37.46
C3A CLA VA . 10.48 49.60 38.22
C4A CLA VA . 10.95 48.18 38.56
CMA CLA VA . 11.49 50.33 37.38
CAA CLA VA . 8.05 49.60 38.46
CBA CLA VA . 7.48 51.00 38.47
CGA CLA VA . 6.91 51.36 39.81
O1A CLA VA . 7.42 52.07 40.67
O2A CLA VA . 5.66 50.86 40.06
NB CLA VA . 12.14 45.53 39.35
C1B CLA VA . 12.54 46.75 39.80
C2B CLA VA . 13.71 46.60 40.70
C3B CLA VA . 13.97 45.25 40.79
C4B CLA VA . 12.99 44.56 39.91
CMB CLA VA . 14.38 47.74 41.31
CAB CLA VA . 14.98 44.51 41.51
CBB CLA VA . 15.27 44.64 42.81
NC CLA VA . 11.01 43.14 38.12
C1C CLA VA . 11.98 42.55 38.88
C2C CLA VA . 11.90 41.10 38.75
C3C CLA VA . 10.81 40.83 37.92
C4C CLA VA . 10.26 42.12 37.53
CMC CLA VA . 12.79 40.14 39.42
CAC CLA VA . 10.32 39.51 37.51
CBC CLA VA . 9.05 39.12 38.23
ND CLA VA . 9.21 44.75 36.70
C1D CLA VA . 8.63 43.52 36.30
C2D CLA VA . 7.47 43.78 35.44
C3D CLA VA . 7.31 45.15 35.42
C4D CLA VA . 8.37 45.71 36.28
CMD CLA VA . 6.70 42.74 34.76
CAD CLA VA . 6.56 46.26 34.90
OBD CLA VA . 5.69 46.28 34.04
CBD CLA VA . 7.04 47.52 35.67
CGD CLA VA . 7.27 48.69 34.76
O1D CLA VA . 8.05 48.75 33.79
O2D CLA VA . 6.53 49.80 35.05
CED CLA VA . 5.31 49.72 35.80
C1 CLA VA . 5.44 49.72 40.94
C2 CLA VA . 5.70 50.10 42.35
C3 CLA VA . 6.83 49.75 42.99
C4 CLA VA . 7.09 50.13 44.40
C5 CLA VA . 7.89 48.97 42.29
C6 CLA VA . 7.95 47.51 42.69
C7 CLA VA . 9.39 47.01 42.64
C8 CLA VA . 10.18 47.48 43.86
C9 CLA VA . 11.40 48.25 43.44
C10 CLA VA . 10.56 46.31 44.76
C11 CLA VA . 11.61 45.40 44.16
C12 CLA VA . 11.44 43.97 44.64
C13 CLA VA . 11.26 42.93 43.52
C14 CLA VA . 10.50 43.52 42.34
C15 CLA VA . 10.50 41.70 44.02
C16 CLA VA . 11.06 40.40 43.46
C17 CLA VA . 10.28 39.89 42.26
C18 CLA VA . 9.60 38.55 42.48
C19 CLA VA . 10.56 37.52 43.04
C20 CLA VA . 8.39 38.69 43.38
MG CLA WA . 13.88 41.09 22.58
CHA CLA WA . 12.77 43.46 20.31
CHB CLA WA . 11.38 38.99 21.61
CHC CLA WA . 15.19 38.64 24.62
CHD CLA WA . 16.49 43.27 23.53
NA CLA WA . 12.33 41.23 21.20
C1A CLA WA . 12.05 42.29 20.33
C2A CLA WA . 10.85 41.97 19.44
C3A CLA WA . 10.31 40.66 20.05
C4A CLA WA . 11.42 40.24 21.01
CMA CLA WA . 9.02 40.89 20.77
CAA CLA WA . 11.30 41.71 18.00
CBA CLA WA . 12.63 40.99 17.89
CGA CLA WA . 13.12 40.78 16.50
O1A CLA WA . 13.30 41.60 15.61
O2A CLA WA . 13.40 39.46 16.25
NB CLA WA . 13.39 39.18 23.02
C1B CLA WA . 12.33 38.52 22.52
C2B CLA WA . 12.26 37.15 23.10
C3B CLA WA . 13.34 37.03 23.96
C4B CLA WA . 14.06 38.33 23.92
CMB CLA WA . 11.20 36.23 22.74
CAB CLA WA . 13.76 35.93 24.78
CBB CLA WA . 13.87 34.65 24.42
NC CLA WA . 15.51 41.00 23.88
C1C CLA WA . 15.85 39.90 24.61
C2C CLA WA . 17.06 40.17 25.37
C3C CLA WA . 17.45 41.48 25.06
C4C CLA WA . 16.47 41.98 24.11
CMC CLA WA . 17.71 39.20 26.26
CAC CLA WA . 18.63 42.19 25.58
CBC CLA WA . 18.35 43.14 26.71
ND CLA WA . 14.47 42.97 22.16
C1D CLA WA . 15.57 43.74 22.61
C2D CLA WA . 15.53 45.06 21.94
C3D CLA WA . 14.47 45.01 21.07
C4D CLA WA . 13.86 43.67 21.21
CMD CLA WA . 16.46 46.15 22.20
CAD CLA WA . 13.69 45.72 20.08
OBD CLA WA . 13.79 46.88 19.69
CBD CLA WA . 12.62 44.74 19.52
CGD CLA WA . 11.23 45.30 19.63
O1D CLA WA . 10.50 45.32 20.62
O2D CLA WA . 10.76 45.84 18.48
CED CLA WA . 9.36 46.08 18.36
C1 CLA WA . 14.72 39.16 15.73
C2 CLA WA . 14.53 38.59 14.38
C3 CLA WA . 14.71 37.29 14.09
C4 CLA WA . 15.13 36.30 15.10
C5 CLA WA . 14.51 36.79 12.70
C6 CLA WA . 13.20 37.24 12.09
C7 CLA WA . 12.12 36.21 12.34
C8 CLA WA . 11.11 36.12 11.20
C9 CLA WA . 10.09 35.04 11.51
C10 CLA WA . 11.80 35.84 9.87
C11 CLA WA . 10.81 35.84 8.73
C12 CLA WA . 11.49 35.85 7.38
C13 CLA WA . 10.49 35.66 6.25
C14 CLA WA . 11.19 35.63 4.91
C15 CLA WA . 9.42 36.73 6.26
C16 CLA WA . 8.31 36.39 5.28
C17 CLA WA . 7.24 37.46 5.30
C18 CLA WA . 6.00 36.99 4.54
C19 CLA WA . 5.15 38.17 4.14
C20 CLA WA . 5.20 36.02 5.36
MG CLA XA . 15.31 51.96 25.50
CHA CLA XA . 13.69 54.80 26.62
CHB CLA XA . 16.36 53.65 22.73
CHC CLA XA . 17.08 49.19 24.52
CHD CLA XA . 14.31 50.27 28.43
NA CLA XA . 15.06 53.92 24.81
C1A CLA XA . 14.39 54.97 25.45
C2A CLA XA . 14.46 56.25 24.62
C3A CLA XA . 15.24 55.83 23.35
C4A CLA XA . 15.60 54.37 23.64
CMA CLA XA . 14.40 55.97 22.12
CAA CLA XA . 15.29 57.33 25.31
CBA CLA XA . 16.50 56.76 26.01
CGA CLA XA . 17.73 57.54 25.70
O1A CLA XA . 17.85 58.57 25.03
O2A CLA XA . 18.85 57.01 26.26
NB CLA XA . 16.48 51.51 23.93
C1B CLA XA . 16.76 52.31 22.87
C2B CLA XA . 17.54 51.57 21.85
C3B CLA XA . 17.75 50.31 22.34
C4B CLA XA . 17.08 50.25 23.68
CMB CLA XA . 17.98 52.20 20.61
CAB CLA XA . 18.47 49.18 21.82
CBB CLA XA . 18.43 48.71 20.57
NC CLA XA . 15.63 50.07 26.33
C1C CLA XA . 16.41 49.10 25.77
C2C CLA XA . 16.45 47.93 26.64
C3C CLA XA . 15.67 48.24 27.75
C4C CLA XA . 15.17 49.59 27.55
CMC CLA XA . 17.19 46.70 26.36
CAC CLA XA . 15.45 47.38 28.92
CBC CLA XA . 16.37 47.75 30.07
ND CLA XA . 14.23 52.36 27.16
C1D CLA XA . 13.85 51.56 28.27
C2D CLA XA . 12.92 52.34 29.11
C3D CLA XA . 12.83 53.59 28.54
C4D CLA XA . 13.68 53.56 27.34
CMD CLA XA . 12.24 51.82 30.30
CAD CLA XA . 12.22 54.89 28.61
OBD CLA XA . 11.41 55.33 29.40
CBD CLA XA . 12.79 55.73 27.41
CGD CLA XA . 11.68 56.25 26.54
O1D CLA XA . 11.21 57.39 26.54
O2D CLA XA . 11.19 55.32 25.69
CED CLA XA . 10.18 55.71 24.75
C1 CLA XA . 19.85 57.92 26.76
C2 CLA XA . 21.05 57.12 27.08
C3 CLA XA . 21.40 56.77 28.34
C4 CLA XA . 20.59 57.15 29.52
MG CLA YA . 16.23 51.33 15.66
CHA CLA YA . 14.61 53.70 17.62
CHB CLA YA . 16.83 53.70 13.30
CHC CLA YA . 18.11 49.04 13.91
CHD CLA YA . 15.80 48.97 18.24
NA CLA YA . 15.72 53.35 15.47
C1A CLA YA . 15.07 54.18 16.41
C2A CLA YA . 14.92 55.60 15.85
C3A CLA YA . 15.44 55.49 14.41
C4A CLA YA . 16.06 54.08 14.36
CMA CLA YA . 14.34 55.64 13.40
CAA CLA YA . 15.71 56.66 16.63
CBA CLA YA . 17.18 56.35 16.76
CGA CLA YA . 17.51 55.95 18.15
O1A CLA YA . 17.25 54.89 18.73
O2A CLA YA . 18.20 56.91 18.84
NB CLA YA . 17.23 51.35 13.91
C1B CLA YA . 17.43 52.45 13.13
C2B CLA YA . 18.40 52.13 12.05
C3B CLA YA . 18.76 50.82 12.20
C4B CLA YA . 18.01 50.30 13.40
CMB CLA YA . 18.82 53.10 11.04
CAB CLA YA . 19.66 50.01 11.43
CBB CLA YA . 20.89 49.66 11.82
NC CLA YA . 16.77 49.35 15.98
C1C CLA YA . 17.51 48.59 15.11
C2C CLA YA . 17.69 47.24 15.64
C3C CLA YA . 17.08 47.23 16.91
C4C CLA YA . 16.51 48.56 17.10
CMC CLA YA . 18.42 46.18 14.96
CAC CLA YA . 17.00 46.10 17.85
CBC CLA YA . 15.97 45.06 17.47
ND CLA YA . 15.33 51.25 17.46
C1D CLA YA . 15.25 50.22 18.43
C2D CLA YA . 14.50 50.73 19.60
C3D CLA YA . 14.19 52.04 19.33
C4D CLA YA . 14.78 52.34 18.01
CMD CLA YA . 14.15 49.95 20.78
CAD CLA YA . 13.53 53.24 19.79
OBD CLA YA . 12.82 53.41 20.76
CBD CLA YA . 13.88 54.36 18.76
CGD CLA YA . 12.66 55.12 18.29
O1D CLA YA . 12.57 56.32 18.06
O2D CLA YA . 11.55 54.36 18.12
CED CLA YA . 10.32 54.95 18.54
C1 CLA YA . 19.42 56.50 19.50
C2 CLA YA . 19.11 56.25 20.92
C3 CLA YA . 20.04 55.96 21.84
C4 CLA YA . 21.49 55.91 21.52
C5 CLA YA . 19.63 55.72 23.26
C6 CLA YA . 20.51 54.75 24.01
C7 CLA YA . 20.05 53.32 23.82
C8 CLA YA . 20.91 52.34 24.61
C9 CLA YA . 20.87 50.96 24.00
C10 CLA YA . 20.47 52.29 26.07
C11 CLA YA . 18.99 51.94 26.21
MG CLA ZA . 11.43 44.12 9.80
CHA CLA ZA . 11.80 44.35 13.23
CHB CLA ZA . 14.45 45.65 9.37
CHC CLA ZA . 11.21 43.56 6.41
CHD CLA ZA . 8.32 42.51 10.26
NA CLA ZA . 12.86 44.89 11.11
C1A CLA ZA . 12.85 44.86 12.51
C2A CLA ZA . 14.11 45.52 13.07
C3A CLA ZA . 14.82 46.08 11.82
C4A CLA ZA . 14.01 45.49 10.67
CMA CLA ZA . 14.82 47.59 11.81
CAA CLA ZA . 15.01 44.49 13.78
CBA CLA ZA . 15.70 43.52 12.84
CGA CLA ZA . 16.30 42.35 13.55
O1A CLA ZA . 16.08 41.96 14.70
O2A CLA ZA . 17.19 41.67 12.79
NB CLA ZA . 12.57 44.58 8.20
C1B CLA ZA . 13.79 45.16 8.23
C2B CLA ZA . 14.36 45.23 6.86
C3B CLA ZA . 13.46 44.64 6.02
C4B CLA ZA . 12.31 44.21 6.86
CMB CLA ZA . 15.68 45.80 6.56
CAB CLA ZA . 13.51 44.40 4.60
CBB CLA ZA . 13.35 45.34 3.67
NC CLA ZA . 10.01 43.23 8.56
C1C CLA ZA . 10.14 43.09 7.21
C2C CLA ZA . 8.99 42.41 6.66
C3C CLA ZA . 8.15 42.12 7.73
C4C CLA ZA . 8.80 42.63 8.93
CMC CLA ZA . 8.82 42.12 5.23
CAC CLA ZA . 6.84 41.45 7.66
CBC CLA ZA . 5.73 42.38 7.21
ND CLA ZA . 10.27 43.53 11.35
C1D CLA ZA . 8.99 42.90 11.40
C2D CLA ZA . 8.57 42.84 12.81
C3D CLA ZA . 9.60 43.36 13.56
C4D CLA ZA . 10.65 43.77 12.60
CMD CLA ZA . 7.29 42.31 13.28
CAD CLA ZA . 10.08 43.72 14.88
OBD CLA ZA . 9.52 43.59 15.96
CBD CLA ZA . 11.50 44.34 14.71
CGD CLA ZA . 11.60 45.72 15.30
O1D CLA ZA . 10.75 46.61 15.24
O2D CLA ZA . 12.76 45.97 15.95
CED CLA ZA . 13.19 47.33 16.03
C1 CLA ZA . 16.76 40.45 12.13
C2 CLA ZA . 17.88 40.08 11.22
C3 CLA ZA . 17.81 39.16 10.24
C4 CLA ZA . 19.00 38.88 9.41
C5 CLA ZA . 16.57 38.38 9.96
C6 CLA ZA . 16.47 37.88 8.52
C7 CLA ZA . 15.06 37.44 8.18
C8 CLA ZA . 14.76 37.47 6.68
C9 CLA ZA . 15.32 36.25 5.97
C10 CLA ZA . 15.28 38.75 6.02
MG CLA AB . 7.05 38.06 19.68
CHA CLA AB . 6.66 35.89 22.38
CHB CLA AB . 9.40 36.00 18.36
CHC CLA AB . 7.60 40.37 17.20
CHD CLA AB . 4.60 40.18 21.09
NA CLA AB . 7.84 36.21 20.26
C1A CLA AB . 7.56 35.45 21.43
C2A CLA AB . 8.38 34.14 21.42
C3A CLA AB . 9.08 34.16 20.03
C4A CLA AB . 8.76 35.56 19.49
CMA CLA AB . 10.55 33.87 20.07
CAA CLA AB . 7.51 32.89 21.46
CBA CLA AB . 8.26 31.66 21.91
CGA CLA AB . 7.28 30.56 22.20
O1A CLA AB . 6.50 30.01 21.43
O2A CLA AB . 7.33 30.16 23.50
NB CLA AB . 8.24 38.15 18.06
C1B CLA AB . 9.20 37.26 17.75
C2B CLA AB . 10.02 37.76 16.61
C3B CLA AB . 9.51 39.00 16.28
C4B CLA AB . 8.36 39.25 17.19
CMB CLA AB . 11.12 36.97 16.07
CAB CLA AB . 9.88 39.96 15.27
CBB CLA AB . 10.41 39.74 14.06
NC CLA AB . 6.21 39.91 19.22
C1C CLA AB . 6.58 40.69 18.14
C2C CLA AB . 5.82 41.92 18.13
C3C CLA AB . 4.96 41.88 19.23
C4C CLA AB . 5.21 40.61 19.91
CMC CLA AB . 5.97 43.00 17.16
CAC CLA AB . 4.00 42.91 19.65
CBC CLA AB . 2.58 42.63 19.27
ND CLA AB . 5.83 38.07 21.30
C1D CLA AB . 4.89 39.02 21.76
C2D CLA AB . 4.32 38.54 23.04
C3D CLA AB . 5.00 37.38 23.34
C4D CLA AB . 5.92 37.12 22.22
CMD CLA AB . 3.30 39.25 23.82
CAD CLA AB . 5.13 36.30 24.29
OBD CLA AB . 4.56 36.12 25.36
CBD CLA AB . 6.20 35.33 23.71
CGD CLA AB . 7.32 35.10 24.69
O1D CLA AB . 7.41 34.21 25.53
O2D CLA AB . 8.35 36.00 24.60
CED CLA AB . 9.10 36.25 25.79
C1 CLA AB . 6.15 29.51 24.04
C2 CLA AB . 5.16 30.57 24.35
C3 CLA AB . 5.21 31.34 25.45
C4 CLA AB . 6.27 31.21 26.46
C5 CLA AB . 4.18 32.39 25.72
C6 CLA AB . 3.04 32.43 24.72
C7 CLA AB . 2.06 33.53 25.08
C8 CLA AB . 1.08 33.85 23.95
C9 CLA AB . 0.29 32.62 23.56
C10 CLA AB . 1.81 34.41 22.74
C11 CLA AB . 0.93 35.29 21.88
C12 CLA AB . 0.32 36.44 22.67
C13 CLA AB . -0.45 37.42 21.80
C14 CLA AB . 0.25 38.75 21.79
C15 CLA AB . -1.91 37.51 22.25
C16 CLA AB . -2.59 38.84 22.01
C17 CLA AB . -3.21 38.96 20.64
C18 CLA AB . -4.53 38.22 20.54
C19 CLA AB . -5.01 38.18 19.10
C20 CLA AB . -5.58 38.89 21.41
MG CLA BB . 16.53 27.39 8.61
CHA CLA BB . 19.52 26.35 10.01
CHB CLA BB . 17.51 30.63 8.98
CHC CLA BB . 13.73 28.37 6.91
CHD CLA BB . 15.51 24.03 8.41
NA CLA BB . 18.25 28.32 9.36
C1A CLA BB . 19.38 27.70 9.89
C2A CLA BB . 20.42 28.74 10.28
C3A CLA BB . 19.65 30.07 10.21
C4A CLA BB . 18.39 29.67 9.43
CMA CLA BB . 19.38 30.59 11.59
CAA CLA BB . 21.41 28.74 9.13
CBA CLA BB . 22.42 29.85 9.21
CGA CLA BB . 23.54 29.58 8.25
O1A CLA BB . 23.75 28.56 7.60
O2A CLA BB . 24.40 30.62 8.12
NB CLA BB . 15.72 29.18 8.12
C1B CLA BB . 16.33 30.37 8.27
C2B CLA BB . 15.56 31.43 7.56
C3B CLA BB . 14.49 30.81 6.96
C4B CLA BB . 14.58 29.36 7.31
CMB CLA BB . 16.01 32.83 7.56
CAB CLA BB . 13.44 31.34 6.12
CBB CLA BB . 13.59 32.18 5.09
NC CLA BB . 14.91 26.37 7.80
C1C CLA BB . 13.88 26.96 7.13
C2C CLA BB . 12.94 25.95 6.65
C3C CLA BB . 13.43 24.72 7.11
C4C CLA BB . 14.67 25.00 7.84
CMC CLA BB . 11.75 26.20 5.86
CAC CLA BB . 12.83 23.39 6.91
CBC CLA BB . 13.53 22.57 5.84
ND CLA BB . 17.30 25.57 9.01
C1D CLA BB . 16.75 24.27 8.95
C2D CLA BB . 17.71 23.31 9.51
C3D CLA BB . 18.81 24.05 9.88
C4D CLA BB . 18.49 25.45 9.59
CMD CLA BB . 17.51 21.87 9.59
CAD CLA BB . 20.13 24.03 10.46
OBD CLA BB . 20.82 23.07 10.77
CBD CLA BB . 20.58 25.50 10.66
CGD CLA BB . 20.69 25.85 12.12
O1D CLA BB . 19.99 26.63 12.76
O2D CLA BB . 21.70 25.21 12.77
CED CLA BB . 21.64 25.20 14.20
C1 CLA BB . 25.62 30.37 7.42
C2 CLA BB . 26.62 31.35 7.91
C3 CLA BB . 26.98 32.43 7.20
C4 CLA BB . 26.44 32.73 5.86
C5 CLA BB . 27.98 33.39 7.74
C6 CLA BB . 27.37 34.53 8.52
C7 CLA BB . 28.47 35.48 8.97
C8 CLA BB . 27.98 36.84 9.48
C9 CLA BB . 26.77 37.33 8.69
C10 CLA BB . 29.10 37.87 9.35
C11 CLA BB . 29.55 38.42 10.68
C12 CLA BB . 28.48 39.25 11.36
C13 CLA BB . 28.92 40.01 12.61
C14 CLA BB . 28.22 41.36 12.65
C15 CLA BB . 30.42 40.22 12.75
C16 CLA BB . 30.74 40.97 14.03
C17 CLA BB . 32.21 41.05 14.35
C18 CLA BB . 32.51 42.02 15.48
C19 CLA BB . 31.73 41.69 16.73
C20 CLA BB . 32.26 43.45 15.06
MG CLA CB . 26.06 27.73 17.28
CHA CLA CB . 23.99 28.90 14.74
CHB CLA CB . 25.48 30.57 19.05
CHC CLA CB . 28.33 26.67 19.60
CHD CLA CB . 26.82 24.93 15.26
NA CLA CB . 24.86 29.41 16.96
C1A CLA CB . 24.07 29.72 15.84
C2A CLA CB . 23.38 31.08 16.02
C3A CLA CB . 23.89 31.56 17.39
C4A CLA CB . 24.80 30.44 17.87
CMA CLA CB . 24.69 32.84 17.24
CAA CLA CB . 21.86 30.98 16.09
CBA CLA CB . 21.24 32.34 15.90
CGA CLA CB . 19.75 32.21 15.73
O1A CLA CB . 19.13 31.56 14.89
O2A CLA CB . 19.04 32.91 16.65
NB CLA CB . 26.74 28.47 19.02
C1B CLA CB . 26.37 29.64 19.60
C2B CLA CB . 27.09 29.81 20.90
C3B CLA CB . 27.90 28.71 21.06
C4B CLA CB . 27.70 27.85 19.85
CMB CLA CB . 26.90 31.00 21.74
CAB CLA CB . 28.83 28.36 22.10
CBB CLA CB . 28.59 28.38 23.41
NC CLA CB . 27.30 26.07 17.42
C1C CLA CB . 28.14 25.84 18.46
C2C CLA CB . 28.87 24.61 18.23
C3C CLA CB . 28.44 24.10 16.99
C4C CLA CB . 27.46 25.04 16.50
CMC CLA CB . 29.85 24.08 19.16
CAC CLA CB . 28.88 22.87 16.29
CBC CLA CB . 29.94 23.09 15.24
ND CLA CB . 25.50 26.98 15.49
C1D CLA CB . 25.91 25.82 14.78
C2D CLA CB . 25.24 25.79 13.47
C3D CLA CB . 24.52 26.96 13.40
C4D CLA CB . 24.72 27.67 14.67
CMD CLA CB . 25.40 24.74 12.46
CAD CLA CB . 23.65 27.76 12.58
OBD CLA CB . 23.26 27.53 11.44
CBD CLA CB . 23.27 29.03 13.40
CGD CLA CB . 23.54 30.31 12.68
O1D CLA CB . 22.72 31.21 12.44
O2D CLA CB . 24.82 30.49 12.25
CED CLA CB . 25.08 31.61 11.40
C1 CLA CB . 17.81 33.50 16.19
C2 CLA CB . 16.91 33.55 17.36
C3 CLA CB . 16.00 32.61 17.64
C4 CLA CB . 15.81 31.41 16.79
C5 CLA CB . 15.11 32.72 18.84
C6 CLA CB . 15.62 33.74 19.85
C7 CLA CB . 14.47 34.46 20.52
C8 CLA CB . 14.30 35.92 20.09
C9 CLA CB . 13.40 36.04 18.88
C10 CLA CB . 15.62 36.61 19.80
C11 CLA CB . 15.55 38.08 20.11
C12 CLA CB . 16.94 38.68 20.20
C13 CLA CB . 16.90 40.07 20.81
C14 CLA CB . 16.23 41.05 19.85
C15 CLA CB . 18.30 40.58 21.17
C16 CLA CB . 19.11 39.55 21.90
C17 CLA CB . 20.35 40.16 22.53
C18 CLA CB . 21.37 39.13 22.95
C19 CLA CB . 22.02 38.47 21.76
C20 CLA CB . 20.75 38.07 23.85
MG CLA DB . 10.61 11.60 19.23
CHA CLA DB . 10.09 10.83 22.57
CHB CLA DB . 13.67 10.08 19.38
CHC CLA DB . 10.87 11.90 15.84
CHD CLA DB . 7.35 12.96 19.09
NA CLA DB . 11.72 10.72 20.76
C1A CLA DB . 11.32 10.47 22.09
C2A CLA DB . 12.46 9.79 22.85
C3A CLA DB . 13.68 9.88 21.88
C4A CLA DB . 12.99 10.26 20.57
CMA CLA DB . 14.69 10.90 22.31
CAA CLA DB . 12.14 8.36 23.23
CBA CLA DB . 12.22 7.31 22.14
CGA CLA DB . 10.98 7.33 21.30
O1A CLA DB . 10.89 7.53 20.09
O2A CLA DB . 9.84 7.10 22.02
NB CLA DB . 12.07 11.22 17.89
C1B CLA DB . 13.12 10.39 18.13
C2B CLA DB . 13.67 9.83 16.86
C3B CLA DB . 12.88 10.33 15.85
C4B CLA DB . 11.86 11.23 16.50
CMB CLA DB . 14.82 8.92 16.88
CAB CLA DB . 12.87 10.13 14.42
CBB CLA DB . 13.53 9.24 13.67
NC CLA DB . 9.38 12.42 17.75
C1C CLA DB . 9.72 12.49 16.44
C2C CLA DB . 8.65 13.14 15.69
C3C CLA DB . 7.61 13.37 16.60
C4C CLA DB . 8.09 12.92 17.90
CMC CLA DB . 8.66 13.40 14.26
CAC CLA DB . 6.33 14.02 16.32
CBC CLA DB . 5.21 13.02 16.12
ND CLA DB . 9.05 11.91 20.50
C1D CLA DB . 7.76 12.46 20.31
C2D CLA DB . 7.02 12.42 21.59
C3D CLA DB . 7.86 11.78 22.49
C4D CLA DB . 9.10 11.47 21.76
CMD CLA DB . 5.68 12.95 21.79
CAD CLA DB . 8.04 11.33 23.85
OBD CLA DB . 7.27 11.41 24.80
CBD CLA DB . 9.44 10.66 23.92
CGD CLA DB . 10.30 11.25 25.00
O1D CLA DB . 10.66 12.42 25.11
O2D CLA DB . 10.69 10.36 25.94
CED CLA DB . 10.41 10.67 27.31
C1 CLA DB . 8.61 7.46 21.35
C2 CLA DB . 7.51 6.72 22.01
C3 CLA DB . 7.25 5.41 21.83
C4 CLA DB . 8.04 4.56 20.92
C5 CLA DB . 6.11 4.78 22.54
C6 CLA DB . 4.76 5.14 21.96
C7 CLA DB . 4.38 4.19 20.84
C8 CLA DB . 3.10 4.61 20.14
C9 CLA DB . 2.77 3.68 19.00
C10 CLA DB . 3.21 6.04 19.63
C11 CLA DB . 1.85 6.58 19.24
C12 CLA DB . 0.90 6.63 20.41
C13 CLA DB . -0.55 6.54 19.96
C14 CLA DB . -0.87 7.63 18.96
C15 CLA DB . -1.50 6.63 21.14
C16 CLA DB . -1.42 8.00 21.79
C17 CLA DB . -2.62 8.25 22.68
MG CLA EB . 12.81 18.63 24.01
CHA CLA EB . 15.23 17.67 26.31
CHB CLA EB . 11.36 15.58 24.28
CHC CLA EB . 10.29 19.72 21.97
CHD CLA EB . 14.29 21.84 23.87
NA CLA EB . 13.28 16.90 25.08
C1A CLA EB . 14.31 16.69 26.00
C2A CLA EB . 14.29 15.25 26.54
C3A CLA EB . 13.18 14.58 25.70
C4A CLA EB . 12.54 15.75 24.95
CMA CLA EB . 13.77 13.56 24.76
CAA CLA EB . 14.00 15.13 28.03
CBA CLA EB . 12.66 15.70 28.42
CGA CLA EB . 12.82 16.56 29.63
O1A CLA EB . 12.23 16.48 30.71
O2A CLA EB . 13.75 17.55 29.47
NB CLA EB . 11.20 17.76 23.18
C1B CLA EB . 10.68 16.57 23.57
C2B CLA EB . 9.27 16.44 23.10
C3B CLA EB . 8.96 17.62 22.45
C4B CLA EB . 10.18 18.47 22.49
CMB CLA EB . 8.46 15.26 23.38
CAB CLA EB . 7.74 18.06 21.82
CBB CLA EB . 7.03 17.39 20.92
NC CLA EB . 12.41 20.43 23.04
C1C CLA EB . 11.34 20.64 22.21
C2C CLA EB . 11.39 21.99 21.66
C3C CLA EB . 12.49 22.62 22.25
C4C CLA EB . 13.13 21.63 23.11
CMC CLA EB . 10.42 22.52 20.72
CAC CLA EB . 12.95 23.99 22.01
CBC CLA EB . 12.49 24.95 23.07
ND CLA EB . 14.38 19.59 24.86
C1D CLA EB . 14.88 20.91 24.69
C2D CLA EB . 16.08 21.05 25.52
C3D CLA EB . 16.27 19.86 26.17
C4D CLA EB . 15.17 18.98 25.73
CMD CLA EB . 16.85 22.29 25.58
CAD CLA EB . 17.07 19.10 27.10
OBD CLA EB . 18.08 19.43 27.71
CBD CLA EB . 16.45 17.67 27.21
CGD CLA EB . 17.41 16.61 26.76
O1D CLA EB . 17.56 16.20 25.61
O2D CLA EB . 18.17 16.09 27.75
CED CLA EB . 18.77 14.83 27.52
C1 CLA EB . 13.61 18.67 30.36
C2 CLA EB . 14.41 19.79 29.80
C3 CLA EB . 15.50 20.28 30.41
C4 CLA EB . 15.99 19.72 31.69
C5 CLA EB . 16.27 21.41 29.83
C6 CLA EB . 15.38 22.40 29.11
C7 CLA EB . 16.04 23.76 29.02
C8 CLA EB . 15.31 24.71 28.07
C9 CLA EB . 16.27 25.71 27.48
C10 CLA EB . 14.17 25.41 28.79
C11 CLA EB . 13.41 26.35 27.88
C12 CLA EB . 12.01 26.61 28.41
C13 CLA EB . 11.42 27.87 27.81
C14 CLA EB . 10.32 28.43 28.69
C15 CLA EB . 10.90 27.65 26.40
C16 CLA EB . 10.50 28.95 25.74
C17 CLA EB . 11.21 29.17 24.43
C18 CLA EB . 11.75 30.59 24.26
C19 CLA EB . 10.76 31.65 24.69
C20 CLA EB . 12.17 30.82 22.83
MG CLA FB . -1.78 24.02 12.86
CHA CLA FB . -4.77 23.94 11.12
CHB CLA FB . -3.43 25.04 15.66
CHC CLA FB . 1.07 23.42 14.70
CHD CLA FB . -0.22 22.51 10.07
NA CLA FB . -3.76 24.53 13.28
C1A CLA FB . -4.88 24.37 12.43
C2A CLA FB . -6.16 24.79 13.15
C3A CLA FB . -5.66 25.36 14.49
C4A CLA FB . -4.20 24.94 14.52
CMA CLA FB . -5.80 26.85 14.52
CAA CLA FB . -7.11 23.64 13.40
CBA CLA FB . -6.43 22.33 13.79
CGA CLA FB . -7.45 21.28 14.05
O1A CLA FB . -8.67 21.40 14.21
O2A CLA FB . -6.92 20.02 14.13
NB CLA FB . -1.27 24.21 14.79
C1B CLA FB . -2.07 24.69 15.76
C2B CLA FB . -1.27 24.83 16.99
C3B CLA FB . 0.00 24.39 16.75
C4B CLA FB . 0.02 23.98 15.34
CMB CLA FB . -1.89 25.32 18.21
CAB CLA FB . 1.15 24.27 17.62
CBB CLA FB . 1.66 25.22 18.40
NC CLA FB . 0.11 23.23 12.43
C1C CLA FB . 1.11 23.08 13.33
C2C CLA FB . 2.26 22.42 12.72
C3C CLA FB . 1.90 22.14 11.42
C4C CLA FB . 0.54 22.63 11.24
CMC CLA FB . 3.50 22.13 13.43
CAC CLA FB . 2.70 21.45 10.39
CBC CLA FB . 2.39 19.98 10.30
ND CLA FB . -2.24 23.61 10.94
C1D CLA FB . -1.50 22.96 9.92
C2D CLA FB . -2.35 22.82 8.72
C3D CLA FB . -3.61 23.20 9.12
C4D CLA FB . -3.51 23.61 10.53
CMD CLA FB . -1.87 22.32 7.44
CAD CLA FB . -4.99 23.38 8.72
OBD CLA FB . -5.51 23.30 7.63
CBD CLA FB . -5.79 23.71 10.02
CGD CLA FB . -6.71 24.87 9.77
O1D CLA FB . -7.78 24.83 9.16
O2D CLA FB . -6.30 26.06 10.27
CED CLA FB . -7.11 27.19 9.99
C1 CLA FB . -7.68 19.06 14.89
C2 CLA FB . -6.76 18.00 15.34
C3 CLA FB . -6.49 16.88 14.62
C4 CLA FB . -7.13 16.64 13.30
C5 CLA FB . -5.55 15.86 15.12
C6 CLA FB . -4.45 15.56 14.12
C7 CLA FB . -3.83 14.20 14.33
C8 CLA FB . -2.55 14.01 13.51
C9 CLA FB . -2.80 14.33 12.04
C10 CLA FB . -2.02 12.59 13.63
C11 CLA FB . -1.18 12.40 14.86
C12 CLA FB . -0.31 11.16 14.73
C13 CLA FB . 0.46 10.85 16.00
C14 CLA FB . 1.35 12.00 16.41
C15 CLA FB . 1.28 9.57 15.86
C16 CLA FB . 0.39 8.39 15.55
C17 CLA FB . 1.19 7.11 15.37
C18 CLA FB . 0.41 5.87 15.78
C19 CLA FB . 1.23 4.62 15.52
C20 CLA FB . -0.91 5.78 15.05
MG CLA GB . 12.37 42.21 -2.03
CHA CLA GB . 11.48 45.55 -2.04
CHB CLA GB . 13.59 42.51 -5.20
CHC CLA GB . 13.54 38.98 -1.84
CHD CLA GB . 11.21 41.95 1.30
NA CLA GB . 12.48 43.79 -3.40
C1A CLA GB . 12.09 45.11 -3.20
C2A CLA GB . 12.36 45.96 -4.45
C3A CLA GB . 12.82 44.90 -5.49
C4A CLA GB . 13.02 43.64 -4.65
CMA CLA GB . 11.76 44.66 -6.52
CAA CLA GB . 13.44 47.00 -4.25
CBA CLA GB . 14.71 46.46 -3.61
CGA CLA GB . 15.90 47.16 -4.19
O1A CLA GB . 15.93 48.03 -5.06
O2A CLA GB . 17.09 46.75 -3.65
NB CLA GB . 13.33 40.98 -3.30
C1B CLA GB . 13.79 41.30 -4.52
C2B CLA GB . 14.54 40.15 -5.10
C3B CLA GB . 14.53 39.15 -4.16
C4B CLA GB . 13.78 39.67 -2.99
CMB CLA GB . 15.14 40.17 -6.42
CAB CLA GB . 15.12 37.84 -4.16
CBB CLA GB . 16.42 37.58 -4.29
NC CLA GB . 12.32 40.72 -0.56
C1C CLA GB . 12.85 39.47 -0.70
C2C CLA GB . 12.64 38.69 0.50
C3C CLA GB . 12.01 39.54 1.41
C4C CLA GB . 11.82 40.82 0.74
CMC CLA GB . 13.05 37.30 0.69
CAC CLA GB . 11.57 39.20 2.78
CBC CLA GB . 10.19 38.61 2.78
ND CLA GB . 11.51 43.41 -0.66
C1D CLA GB . 11.06 43.16 0.66
C2D CLA GB . 10.43 44.39 1.18
C3D CLA GB . 10.54 45.33 0.18
C4D CLA GB . 11.26 44.68 -0.93
CMD CLA GB . 9.80 44.49 2.49
CAD CLA GB . 10.25 46.68 -0.23
OBD CLA GB . 9.64 47.55 0.37
CBD CLA GB . 10.86 46.87 -1.66
CGD CLA GB . 9.79 47.26 -2.63
O1D CLA GB . 9.52 48.39 -3.03
O2D CLA GB . 9.06 46.22 -3.10
CED CLA GB . 7.81 46.50 -3.75
C1 CLA GB . 18.27 47.50 -4.04
C2 CLA GB . 19.45 46.63 -3.80
C3 CLA GB . 20.03 46.48 -2.60
C4 CLA GB . 19.53 47.19 -1.39
C5 CLA GB . 21.20 45.59 -2.43
C6 CLA GB . 20.82 44.14 -2.21
C7 CLA GB . 21.93 43.37 -1.53
C8 CLA GB . 23.09 43.03 -2.47
C9 CLA GB . 22.59 42.30 -3.69
C10 CLA GB . 24.12 42.17 -1.75
C11 CLA GB . 25.31 42.99 -1.32
C12 CLA GB . 26.48 42.88 -2.27
C13 CLA GB . 27.16 41.51 -2.20
C14 CLA GB . 27.58 41.17 -0.78
C15 CLA GB . 28.35 41.43 -3.13
MG CLA HB . 27.61 26.30 -13.33
CHA CLA HB . 24.40 27.32 -14.19
CHB CLA HB . 27.16 23.41 -15.04
CHC CLA HB . 30.92 25.57 -12.80
CHD CLA HB . 28.06 29.38 -11.63
NA CLA HB . 26.00 25.49 -14.39
C1A CLA HB . 24.76 26.08 -14.68
C2A CLA HB . 23.89 25.13 -15.50
C3A CLA HB . 24.71 23.82 -15.49
C4A CLA HB . 26.07 24.25 -14.96
CMA CLA HB . 24.07 22.77 -14.61
CAA CLA HB . 23.72 25.61 -16.91
CBA CLA HB . 22.31 26.00 -17.24
CGA CLA HB . 21.50 24.76 -17.43
O1A CLA HB . 21.88 23.68 -17.89
O2A CLA HB . 20.20 24.90 -17.04
NB CLA HB . 28.79 24.75 -13.78
C1B CLA HB . 28.45 23.71 -14.58
C2B CLA HB . 29.68 22.90 -14.90
C3B CLA HB . 30.73 23.52 -14.27
C4B CLA HB . 30.18 24.70 -13.55
CMB CLA HB . 29.69 21.71 -15.72
CAB CLA HB . 32.13 23.18 -14.26
CBB CLA HB . 33.06 23.81 -14.96
NC CLA HB . 29.17 27.26 -12.33
C1C CLA HB . 30.44 26.77 -12.21
C2C CLA HB . 31.27 27.70 -11.45
C3C CLA HB . 30.48 28.79 -11.15
C4C CLA HB . 29.16 28.52 -11.71
CMC CLA HB . 32.68 27.46 -11.12
CAC CLA HB . 30.87 29.99 -10.40
CBC CLA HB . 30.63 29.83 -8.92
ND CLA HB . 26.52 27.96 -12.91
C1D CLA HB . 26.83 29.14 -12.20
C2D CLA HB . 25.64 30.02 -12.18
C3D CLA HB . 24.68 29.37 -12.94
C4D CLA HB . 25.28 28.11 -13.39
CMD CLA HB . 25.57 31.31 -11.50
CAD CLA HB . 23.34 29.41 -13.46
OBD CLA HB . 22.48 30.28 -13.33
CBD CLA HB . 23.12 28.11 -14.27
CGD CLA HB . 21.98 27.31 -13.67
O1D CLA HB . 22.07 26.38 -12.87
O2D CLA HB . 20.75 27.70 -14.06
CED CLA HB . 19.72 27.64 -13.08
C1 CLA HB . 19.28 23.92 -17.57
C2 CLA HB . 17.92 24.36 -17.18
C3 CLA HB . 16.88 23.52 -17.16
C4 CLA HB . 15.52 23.97 -16.77
C5 CLA HB . 17.03 22.09 -17.52
C6 CLA HB . 16.29 21.68 -18.77
C7 CLA HB . 17.11 20.66 -19.54
C8 CLA HB . 16.24 19.69 -20.33
C9 CLA HB . 16.73 18.27 -20.10
C10 CLA HB . 16.28 20.02 -21.81
C11 CLA HB . 14.94 20.51 -22.30
C12 CLA HB . 15.05 21.14 -23.68
C13 CLA HB . 13.69 21.26 -24.34
C14 CLA HB . 12.83 22.26 -23.61
C15 CLA HB . 12.99 19.90 -24.41
C16 CLA HB . 12.23 19.73 -25.71
C17 CLA HB . 10.73 19.67 -25.44
C18 CLA HB . 9.89 19.26 -26.64
C19 CLA HB . 9.86 17.76 -26.81
C20 CLA HB . 10.33 19.94 -27.92
MG CLA IB . 30.65 16.83 -14.78
CHA CLA IB . 33.50 16.64 -16.73
CHB CLA IB . 31.87 19.66 -13.30
CHC CLA IB . 27.62 17.30 -13.23
CHD CLA IB . 29.33 14.07 -16.52
NA CLA IB . 32.43 17.92 -14.97
C1A CLA IB . 33.47 17.72 -15.89
C2A CLA IB . 34.55 18.78 -15.70
C3A CLA IB . 34.13 19.53 -14.43
C4A CLA IB . 32.69 19.04 -14.21
CMA CLA IB . 35.02 19.23 -13.27
CAA CLA IB . 34.59 19.73 -16.90
CBA CLA IB . 33.25 20.11 -17.49
CGA CLA IB . 33.45 21.23 -18.48
O1A CLA IB . 34.15 21.26 -19.48
O2A CLA IB . 32.75 22.36 -18.16
NB CLA IB . 29.93 18.15 -13.43
C1B CLA IB . 30.55 19.29 -13.01
C2B CLA IB . 29.62 20.12 -12.22
C3B CLA IB . 28.41 19.46 -12.20
C4B CLA IB . 28.60 18.21 -12.98
CMB CLA IB . 29.98 21.42 -11.63
CAB CLA IB . 27.15 19.84 -11.63
CBB CLA IB . 26.46 20.92 -11.98
NC CLA IB . 28.84 15.81 -14.80
C1C CLA IB . 27.73 16.16 -14.09
C2C CLA IB . 26.63 15.27 -14.39
C3C CLA IB . 27.10 14.36 -15.34
C4C CLA IB . 28.49 14.71 -15.61
CMC CLA IB . 25.30 15.37 -13.80
CAC CLA IB . 26.34 13.30 -16.01
CBC CLA IB . 26.24 12.01 -15.26
ND CLA IB . 31.24 15.57 -16.24
C1D CLA IB . 30.61 14.44 -16.83
C2D CLA IB . 31.55 13.82 -17.80
C3D CLA IB . 32.69 14.61 -17.77
C4D CLA IB . 32.43 15.70 -16.81
CMD CLA IB . 31.26 12.64 -18.58
CAD CLA IB . 34.02 14.83 -18.31
OBD CLA IB . 34.64 14.16 -19.13
CBD CLA IB . 34.57 16.13 -17.65
CGD CLA IB . 35.82 15.85 -16.86
O1D CLA IB . 36.97 15.85 -17.27
O2D CLA IB . 35.64 15.58 -15.55
CED CLA IB . 36.63 16.09 -14.65
C1 CLA IB . 32.69 23.42 -19.14
C2 CLA IB . 31.96 24.54 -18.49
C3 CLA IB . 31.58 25.66 -19.12
C4 CLA IB . 31.86 25.89 -20.56
C5 CLA IB . 30.86 26.75 -18.40
C6 CLA IB . 30.75 26.53 -16.90
C7 CLA IB . 29.71 27.42 -16.28
C8 CLA IB . 30.20 28.84 -16.03
C9 CLA IB . 31.49 28.83 -15.22
C10 CLA IB . 29.13 29.64 -15.30
C11 CLA IB . 29.54 31.08 -15.06
C12 CLA IB . 28.36 31.94 -14.67
C13 CLA IB . 28.81 33.33 -14.22
C14 CLA IB . 29.20 33.30 -12.76
C15 CLA IB . 27.72 34.36 -14.46
C16 CLA IB . 28.27 35.77 -14.51
C17 CLA IB . 27.48 36.64 -15.47
C18 CLA IB . 27.77 38.12 -15.33
C19 CLA IB . 29.21 38.45 -15.69
C20 CLA IB . 27.46 38.61 -13.93
MG CLA JB . 32.43 32.31 16.06
CHA CLA JB . 33.42 32.67 19.36
CHB CLA JB . 29.89 30.25 17.03
CHC CLA JB . 31.22 32.36 12.84
CHD CLA JB . 34.90 34.65 15.13
NA CLA JB . 31.83 31.53 17.90
C1A CLA JB . 32.34 31.84 19.16
C2A CLA JB . 31.57 31.08 20.25
C3A CLA JB . 30.70 30.10 19.42
C4A CLA JB . 30.78 30.66 18.02
CMA CLA JB . 31.29 28.72 19.48
CAA CLA JB . 30.71 32.01 21.08
CBA CLA JB . 30.05 33.13 20.28
CGA CLA JB . 29.21 34.03 21.13
O1A CLA JB . 29.56 34.74 22.08
O2A CLA JB . 27.90 34.04 20.75
NB CLA JB . 30.91 31.39 15.10
C1B CLA JB . 29.92 30.69 15.69
C2B CLA JB . 28.86 30.40 14.69
C3B CLA JB . 29.23 30.98 13.52
C4B CLA JB . 30.54 31.63 13.76
CMB CLA JB . 27.64 29.66 14.98
CAB CLA JB . 28.51 31.02 12.27
CBB CLA JB . 28.91 30.50 11.12
NC CLA JB . 33.01 33.26 14.30
C1C CLA JB . 32.39 33.12 13.09
C2C CLA JB . 33.03 33.93 12.08
C3C CLA JB . 34.05 34.62 12.73
C4C CLA JB . 34.02 34.21 14.13
CMC CLA JB . 32.62 34.01 10.68
CAC CLA JB . 34.96 35.60 12.13
CBC CLA JB . 34.52 37.00 12.45
ND CLA JB . 33.91 33.36 16.96
C1D CLA JB . 34.87 34.27 16.45
C2D CLA JB . 35.74 34.71 17.55
C3D CLA JB . 35.23 34.12 18.70
C4D CLA JB . 34.08 33.31 18.27
CMD CLA JB . 36.89 35.60 17.38
CAD CLA JB . 35.39 33.93 20.13
OBD CLA JB . 36.26 34.34 20.87
CBD CLA JB . 34.18 33.06 20.61
CGD CLA JB . 34.64 31.86 21.38
O1D CLA JB . 34.59 31.67 22.60
O2D CLA JB . 35.18 30.88 20.61
CED CLA JB . 35.29 29.56 21.15
C1 CLA JB . 27.07 35.09 21.28
C2 CLA JB . 25.81 34.45 21.74
C3 CLA JB . 24.62 34.58 21.15
C4 CLA JB . 23.43 33.88 21.70
C5 CLA JB . 24.44 35.45 19.94
C6 CLA JB . 23.02 35.48 19.38
C7 CLA JB . 22.81 36.58 18.37
C8 CLA JB . 21.34 37.03 18.26
C9 CLA JB . 20.38 35.86 18.29
C10 CLA JB . 21.13 37.84 16.99
C11 CLA JB . 20.27 39.05 17.25
C12 CLA JB . 20.98 40.33 16.88
C13 CLA JB . 20.16 41.55 17.28
C14 CLA JB . 18.88 41.60 16.48
C15 CLA JB . 20.95 42.84 17.09
C16 CLA JB . 21.46 43.36 18.41
C17 CLA JB . 20.32 43.77 19.33
C18 CLA JB . 20.80 43.99 20.75
C19 CLA JB . 21.66 45.23 20.86
C20 CLA JB . 19.63 44.11 21.69
MG CLA KB . 27.09 22.28 9.77
CHA CLA KB . 29.79 24.32 10.52
CHB CLA KB . 25.42 24.96 8.52
CHC CLA KB . 24.34 20.30 9.35
CHD CLA KB . 28.81 19.54 11.22
NA CLA KB . 27.58 24.29 9.49
C1A CLA KB . 28.76 24.95 9.86
C2A CLA KB . 28.70 26.44 9.49
C3A CLA KB . 27.30 26.59 8.86
C4A CLA KB . 26.72 25.18 8.93
CMA CLA KB . 26.47 27.55 9.66
CAA CLA KB . 29.74 26.88 8.47
CBA CLA KB . 30.37 28.18 8.91
CGA CLA KB . 31.04 28.87 7.77
O1A CLA KB . 31.17 28.50 6.60
O2A CLA KB . 31.60 30.07 8.12
NB CLA KB . 25.25 22.57 9.02
C1B CLA KB . 24.75 23.74 8.57
C2B CLA KB . 23.36 23.56 8.10
C3B CLA KB . 23.04 22.23 8.33
C4B CLA KB . 24.23 21.60 8.94
CMB CLA KB . 22.61 24.70 7.57
CAB CLA KB . 21.84 21.44 8.14
CBB CLA KB . 20.63 21.86 7.78
NC CLA KB . 26.68 20.27 10.18
C1C CLA KB . 25.47 19.68 9.94
C2C CLA KB . 25.51 18.29 10.38
C3C CLA KB . 26.79 18.06 10.87
C4C CLA KB . 27.52 19.31 10.74
CMC CLA KB . 24.39 17.34 10.30
CAC CLA KB . 27.34 16.80 11.39
CBC CLA KB . 27.37 16.65 12.88
ND CLA KB . 28.89 21.92 10.61
C1D CLA KB . 29.46 20.76 11.20
C2D CLA KB . 30.77 21.11 11.78
C3D CLA KB . 30.91 22.46 11.58
C4D CLA KB . 29.73 22.92 10.84
CMD CLA KB . 31.65 20.19 12.48
CAD CLA KB . 31.75 23.61 11.82
OBD CLA KB . 32.77 23.69 12.48
CBD CLA KB . 31.09 24.82 11.11
CGD CLA KB . 30.85 25.98 12.04
O1D CLA KB . 31.33 27.10 11.96
O2D CLA KB . 30.00 25.71 13.07
CED CLA KB . 29.79 26.72 14.06
C1 CLA KB . 30.98 31.28 7.63
C2 CLA KB . 31.73 31.72 6.44
C3 CLA KB . 31.98 32.99 6.12
C4 CLA KB . 31.53 34.13 6.96
C5 CLA KB . 32.74 33.35 4.88
C6 CLA KB . 31.93 34.08 3.84
C7 CLA KB . 32.56 35.43 3.55
C8 CLA KB . 33.12 35.56 2.12
C9 CLA KB . 33.62 36.98 1.93
C10 CLA KB . 32.08 35.19 1.08
C11 CLA KB . 32.46 35.56 -0.34
C12 CLA KB . 33.51 34.64 -0.94
C13 CLA KB . 33.37 34.53 -2.45
C14 CLA KB . 34.51 33.71 -3.03
C15 CLA KB . 33.31 35.89 -3.13
MG CLA LB . 28.50 27.95 -0.24
CHA CLA LB . 30.02 27.06 2.75
CHB CLA LB . 25.46 27.87 1.28
CHC CLA LB . 27.09 29.10 -3.15
CHD CLA LB . 31.70 28.17 -1.73
NA CLA LB . 27.86 27.49 1.70
C1A CLA LB . 28.65 27.15 2.80
C2A CLA LB . 27.78 26.94 4.05
C3A CLA LB . 26.34 27.05 3.49
C4A CLA LB . 26.54 27.52 2.05
CMA CLA LB . 25.60 25.74 3.59
CAA CLA LB . 28.01 28.03 5.10
CBA CLA LB . 27.80 29.46 4.61
CGA CLA LB . 29.02 30.12 4.06
O1A CLA LB . 30.20 29.86 4.26
O2A CLA LB . 28.74 31.16 3.23
NB CLA LB . 26.63 28.39 -0.82
C1B CLA LB . 25.52 28.30 -0.06
C2B CLA LB . 24.32 28.72 -0.85
C3B CLA LB . 24.78 29.07 -2.09
C4B CLA LB . 26.25 28.86 -2.11
CMB CLA LB . 22.96 28.73 -0.32
CAB CLA LB . 24.04 29.55 -3.23
CBB CLA LB . 24.11 30.79 -3.72
NC CLA LB . 29.26 28.47 -2.12
C1C CLA LB . 28.49 28.91 -3.16
C2C CLA LB . 29.35 29.20 -4.31
C3C CLA LB . 30.66 28.96 -3.91
C4C CLA LB . 30.60 28.51 -2.51
CMC CLA LB . 28.86 29.66 -5.60
CAC CLA LB . 31.88 29.11 -4.71
CBC CLA LB . 32.59 30.42 -4.46
ND CLA LB . 30.43 27.62 0.29
C1D CLA LB . 31.65 27.76 -0.41
C2D CLA LB . 32.77 27.42 0.48
C3D CLA LB . 32.20 27.15 1.71
C4D CLA LB . 30.75 27.31 1.54
CMD CLA LB . 34.18 27.40 0.08
CAD CLA LB . 32.45 26.79 3.09
OBD CLA LB . 33.50 26.60 3.68
CBD CLA LB . 31.07 26.72 3.80
CGD CLA LB . 30.80 25.42 4.50
O1D CLA LB . 30.40 25.26 5.65
O2D CLA LB . 31.02 24.31 3.76
CED CLA LB . 30.95 23.06 4.44
C1 CLA LB . 28.51 30.85 1.85
C2 CLA LB . 29.77 31.07 1.11
C3 CLA LB . 29.81 31.57 -0.14
C4 CLA LB . 31.08 31.79 -0.87
C5 CLA LB . 28.56 31.93 -0.87
C6 CLA LB . 28.62 33.34 -1.45
C7 CLA LB . 27.31 33.66 -2.15
C8 CLA LB . 27.54 34.14 -3.57
C9 CLA LB . 27.50 35.66 -3.63
C10 CLA LB . 26.49 33.55 -4.51
C11 CLA LB . 26.68 34.01 -5.94
C12 CLA LB . 25.88 33.18 -6.92
C13 CLA LB . 26.13 33.66 -8.35
C14 CLA LB . 27.60 33.48 -8.70
C15 CLA LB . 25.66 35.11 -8.53
C16 CLA LB . 26.23 35.78 -9.75
C17 CLA LB . 25.24 35.81 -10.91
C18 CLA LB . 24.30 37.01 -10.86
C19 CLA LB . 23.45 37.08 -12.10
C20 CLA LB . 25.07 38.30 -10.70
MG CLA MB . 19.40 32.24 0.65
CHA CLA MB . 21.14 30.94 3.36
CHB CLA MB . 16.49 31.97 2.35
CHC CLA MB . 17.78 33.74 -1.98
CHD CLA MB . 22.49 32.81 -0.99
NA CLA MB . 18.91 31.51 2.54
C1A CLA MB . 19.77 31.01 3.54
C2A CLA MB . 18.98 30.58 4.77
C3A CLA MB . 17.51 30.87 4.37
C4A CLA MB . 17.63 31.49 2.99
CMA CLA MB . 16.65 29.64 4.35
CAA CLA MB . 19.33 31.31 6.06
CBA CLA MB . 19.59 32.79 5.93
CGA CLA MB . 20.32 33.22 7.16
O1A CLA MB . 21.46 32.91 7.51
O2A CLA MB . 19.59 34.05 7.97
NB CLA MB . 17.47 32.60 0.19
C1B CLA MB . 16.47 32.60 1.10
C2B CLA MB . 15.31 33.39 0.59
C3B CLA MB . 15.68 33.88 -0.63
C4B CLA MB . 17.05 33.40 -0.90
CMB CLA MB . 14.08 33.58 1.36
CAB CLA MB . 15.01 34.76 -1.57
CBB CLA MB . 13.77 34.64 -2.04
NC CLA MB . 20.02 33.06 -1.17
C1C CLA MB . 19.19 33.59 -2.11
C2C CLA MB . 19.95 34.02 -3.27
C3C CLA MB . 21.28 33.82 -2.97
C4C CLA MB . 21.33 33.21 -1.65
CMC CLA MB . 19.36 34.62 -4.48
CAC CLA MB . 22.44 34.11 -3.83
CBC CLA MB . 23.07 35.45 -3.52
ND CLA MB . 21.37 32.05 1.07
C1D CLA MB . 22.54 32.27 0.28
C2D CLA MB . 23.72 31.83 1.04
C3D CLA MB . 23.24 31.29 2.21
C4D CLA MB . 21.78 31.46 2.19
CMD CLA MB . 25.10 31.92 0.56
CAD CLA MB . 23.59 30.69 3.48
OBD CLA MB . 24.70 30.46 3.95
CBD CLA MB . 22.26 30.37 4.20
CGD CLA MB . 22.10 28.87 4.28
O1D CLA MB . 22.48 28.04 3.44
O2D CLA MB . 21.48 28.42 5.39
CED CLA MB . 20.88 27.12 5.32
C1 CLA MB . 20.21 34.46 9.20
C2 CLA MB . 20.84 35.78 8.94
C3 CLA MB . 22.15 36.02 9.11
C4 CLA MB . 23.11 34.99 9.58
C5 CLA MB . 22.71 37.38 8.81
C6 CLA MB . 22.95 38.23 10.04
C7 CLA MB . 22.90 39.69 9.65
C8 CLA MB . 23.39 40.62 10.75
C9 CLA MB . 24.88 40.44 11.00
C10 CLA MB . 22.62 40.40 12.04
C11 CLA MB . 22.06 41.70 12.59
C12 CLA MB . 21.14 42.37 11.61
C13 CLA MB . 20.44 43.56 12.24
C14 CLA MB . 19.22 43.97 11.45
C15 CLA MB . 21.39 44.74 12.41
C16 CLA MB . 21.76 45.38 11.09
C17 CLA MB . 22.92 46.34 11.27
C18 CLA MB . 23.05 47.30 10.10
C19 CLA MB . 23.17 46.57 8.78
C20 CLA MB . 24.25 48.21 10.30
MG CLA NB . -4.34 5.34 9.27
CHA CLA NB . -5.16 8.64 9.98
CHB CLA NB . -1.62 5.57 11.29
CHC CLA NB . -3.91 1.96 8.96
CHD CLA NB . -7.26 5.11 7.28
NA CLA NB . -3.50 6.89 10.37
C1A CLA NB . -4.01 8.19 10.59
C2A CLA NB . -3.07 9.00 11.48
C3A CLA NB . -1.83 8.08 11.62
C4A CLA NB . -2.33 6.74 11.07
CMA CLA NB . -0.65 8.59 10.85
CAA CLA NB . -3.70 9.37 12.82
CBA CLA NB . -3.36 8.44 13.96
CGA CLA NB . -4.61 8.09 14.69
O1A CLA NB . -5.55 7.41 14.30
O2A CLA NB . -4.66 8.63 15.95
NB CLA NB . -2.91 4.03 9.86
C1B CLA NB . -2.01 4.30 10.84
C2B CLA NB . -1.46 3.03 11.39
C3B CLA NB . -2.09 2.00 10.74
C4B CLA NB . -3.04 2.62 9.77
CMB CLA NB . -0.47 2.98 12.46
CAB CLA NB . -1.95 0.58 10.98
CBB CLA NB . -1.74 -0.40 10.09
NC CLA NB . -5.35 3.83 8.23
C1C CLA NB . -4.99 2.51 8.23
C2C CLA NB . -5.92 1.73 7.42
C3C CLA NB . -6.90 2.62 6.97
C4C CLA NB . -6.53 3.94 7.48
CMC CLA NB . -5.83 0.28 7.20
CAC CLA NB . -8.06 2.31 6.13
CBC CLA NB . -7.86 2.55 4.67
ND CLA NB . -5.88 6.53 8.73
C1D CLA NB . -6.98 6.32 7.85
C2D CLA NB . -7.74 7.58 7.72
C3D CLA NB . -7.12 8.48 8.56
C4D CLA NB . -5.96 7.79 9.15
CMD CLA NB . -8.92 7.76 6.90
CAD CLA NB . -7.12 9.83 9.08
OBD CLA NB . -7.94 10.73 8.90
CBD CLA NB . -5.84 9.99 9.95
CGD CLA NB . -4.94 11.00 9.32
O1D CLA NB . -4.09 10.78 8.44
O2D CLA NB . -5.09 12.27 9.76
CED CLA NB . -4.68 13.32 8.89
C1 CLA NB . -4.48 7.74 17.07
C2 CLA NB . -5.81 7.17 17.44
C3 CLA NB . -6.06 6.60 18.63
C4 CLA NB . -5.04 6.49 19.70
C5 CLA NB . -7.40 6.05 18.94
C6 CLA NB . -7.34 4.56 19.19
C7 CLA NB . -8.71 4.01 19.49
C8 CLA NB . -8.72 2.49 19.63
C9 CLA NB . -10.10 1.96 19.32
C10 CLA NB . -8.26 2.08 21.02
C11 CLA NB . -8.31 0.58 21.23
C12 CLA NB . -7.21 -0.12 20.47
C13 CLA NB . -7.21 -1.62 20.73
C14 CLA NB . -6.94 -1.92 22.19
C15 CLA NB . -6.22 -2.35 19.84
C16 CLA NB . -6.88 -3.49 19.09
C17 CLA NB . -6.63 -4.80 19.80
C18 CLA NB . -7.51 -5.94 19.30
C19 CLA NB . -7.06 -6.43 17.94
C20 CLA NB . -8.97 -5.55 19.28
MG CLA OB . 36.19 38.67 22.78
CHA CLA OB . 35.74 38.33 26.19
CHB CLA OB . 33.51 36.65 22.21
CHC CLA OB . 36.53 39.23 19.41
CHD CLA OB . 38.86 40.89 23.41
NA CLA OB . 34.88 37.64 24.03
C1A CLA OB . 34.83 37.63 25.43
C2A CLA OB . 33.67 36.77 25.93
C3A CLA OB . 33.05 36.18 24.63
C4A CLA OB . 33.86 36.86 23.53
CMA CLA OB . 33.06 34.68 24.56
CAA CLA OB . 32.60 37.61 26.60
CBA CLA OB . 32.33 38.90 25.84
CGA CLA OB . 31.23 39.69 26.46
O1A CLA OB . 30.16 39.29 26.93
O2A CLA OB . 31.48 41.03 26.48
NB CLA OB . 35.26 38.01 21.12
C1B CLA OB . 34.15 37.24 21.11
C2B CLA OB . 33.63 37.11 19.72
C3B CLA OB . 34.46 37.83 18.91
C4B CLA OB . 35.52 38.41 19.80
CMB CLA OB . 32.42 36.35 19.40
CAB CLA OB . 34.36 38.04 17.49
CBB CLA OB . 34.33 39.20 16.84
NC CLA OB . 37.50 39.81 21.62
C1C CLA OB . 37.46 39.89 20.27
C2C CLA OB . 38.49 40.80 19.79
C3C CLA OB . 39.14 41.30 20.92
C4C CLA OB . 38.50 40.68 22.07
CMC CLA OB . 38.74 41.11 18.38
CAC CLA OB . 40.23 42.28 20.97
CBC CLA OB . 39.72 43.66 21.28
ND CLA OB . 37.15 39.44 24.38
C1D CLA OB . 38.25 40.32 24.50
C2D CLA OB . 38.57 40.52 25.93
C3D CLA OB . 37.64 39.78 26.63
C4D CLA OB . 36.78 39.13 25.62
CMD CLA OB . 39.66 41.34 26.44
CAD CLA OB . 37.17 39.37 27.93
OBD CLA OB . 37.61 39.65 29.04
CBD CLA OB . 35.95 38.43 27.69
CGD CLA OB . 36.23 37.09 28.27
O1D CLA OB . 37.32 36.51 28.33
O2D CLA OB . 35.13 36.47 28.75
CED CLA OB . 35.29 35.15 29.26
C1 CLA OB . 30.57 41.88 25.77
C2 CLA OB . 31.12 43.25 25.91
C3 CLA OB . 31.11 44.17 24.92
C4 CLA OB . 30.55 43.89 23.58
C5 CLA OB . 31.68 45.52 25.13
C6 CLA OB . 31.62 45.97 26.58
C7 CLA OB . 31.97 47.44 26.70
C8 CLA OB . 30.91 48.24 27.44
C9 CLA OB . 29.52 47.98 26.90
C10 CLA OB . 31.24 49.74 27.37
C11 CLA OB . 30.20 50.58 28.07
C12 CLA OB . 30.11 51.97 27.46
C13 CLA OB . 28.95 52.78 28.02
C14 CLA OB . 29.31 53.42 29.35
C15 CLA OB . 27.67 51.97 28.15
C16 CLA OB . 26.48 52.84 28.51
C17 CLA OB . 25.29 52.00 28.92
C18 CLA OB . 23.97 52.68 28.59
C19 CLA OB . 23.86 54.03 29.28
C20 CLA OB . 22.81 51.79 28.97
MG CLA PB . 17.88 39.80 -10.09
CHA CLA PB . 15.80 42.57 -10.25
CHB CLA PB . 16.81 38.82 -13.16
CHC CLA PB . 20.13 37.19 -9.98
CHD CLA PB . 19.03 40.90 -6.93
NA CLA PB . 16.51 40.58 -11.46
C1A CLA PB . 15.76 41.76 -11.36
C2A CLA PB . 14.89 41.96 -12.60
C3A CLA PB . 15.12 40.67 -13.41
C4A CLA PB . 16.24 39.95 -12.64
CMA CLA PB . 13.86 39.83 -13.47
CAA CLA PB . 15.33 43.15 -13.43
CBA CLA PB . 16.84 43.29 -13.53
CGA CLA PB . 17.24 44.39 -14.45
O1A CLA PB . 16.54 45.29 -14.92
O2A CLA PB . 18.56 44.34 -14.81
NB CLA PB . 18.38 38.29 -11.33
C1B CLA PB . 17.83 38.07 -12.55
C2B CLA PB . 18.45 36.86 -13.17
C3B CLA PB . 19.40 36.39 -12.27
C4B CLA PB . 19.35 37.30 -11.09
CMB CLA PB . 18.02 36.40 -14.49
CAB CLA PB . 20.31 35.28 -12.29
CBB CLA PB . 20.54 34.38 -13.25
NC CLA PB . 19.29 39.15 -8.69
C1C CLA PB . 20.11 38.06 -8.85
C2C CLA PB . 20.98 37.92 -7.69
C3C CLA PB . 20.67 38.98 -6.84
C4C CLA PB . 19.62 39.75 -7.47
CMC CLA PB . 21.97 36.86 -7.51
CAC CLA PB . 21.29 39.26 -5.52
CBC CLA PB . 20.49 38.69 -4.38
ND CLA PB . 17.51 41.32 -8.82
C1D CLA PB . 18.04 41.65 -7.55
C2D CLA PB . 17.37 42.87 -7.04
C3D CLA PB . 16.49 43.26 -8.04
C4D CLA PB . 16.64 42.28 -9.13
CMD CLA PB . 17.62 43.47 -5.74
CAD CLA PB . 15.50 44.23 -8.45
OBD CLA PB . 15.05 45.18 -7.84
CBD CLA PB . 15.04 43.83 -9.89
CGD CLA PB . 13.55 43.63 -9.96
O1D CLA PB . 12.90 42.73 -9.44
O2D CLA PB . 12.89 44.58 -10.67
CED CLA PB . 11.47 44.61 -10.58
C1 CLA PB . 19.48 44.96 -13.88
C2 CLA PB . 20.85 44.83 -14.43
C3 CLA PB . 21.93 45.19 -13.71
C4 CLA PB . 21.84 45.74 -12.34
C5 CLA PB . 23.31 45.06 -14.27
C6 CLA PB . 24.24 44.29 -13.36
C7 CLA PB . 25.44 43.78 -14.14
C8 CLA PB . 26.41 42.97 -13.29
C9 CLA PB . 26.89 43.78 -12.10
C10 CLA PB . 27.60 42.49 -14.11
C11 CLA PB . 28.29 43.64 -14.83
C12 CLA PB . 29.44 43.17 -15.68
C13 CLA PB . 29.93 44.26 -16.62
C14 CLA PB . 31.10 43.78 -17.44
C15 CLA PB . 30.30 45.53 -15.86
MG CLA QB . -13.85 10.78 17.57
CHA CLA QB . -15.08 8.54 15.20
CHB CLA QB . -10.77 9.38 17.28
CHC CLA QB . -12.79 12.65 20.25
CHD CLA QB . -17.12 12.01 18.04
NA CLA QB . -13.06 9.29 16.35
C1A CLA QB . -13.73 8.45 15.43
C2A CLA QB . -12.74 7.47 14.78
C3A CLA QB . -11.41 7.79 15.45
C4A CLA QB . -11.74 8.92 16.41
CMA CLA QB . -10.87 6.62 16.22
CAA CLA QB . -12.51 7.74 13.30
CBA CLA QB . -13.13 6.76 12.32
CGA CLA QB . -12.88 5.30 12.57
O1A CLA QB . -13.57 4.37 12.19
O2A CLA QB . -11.74 5.00 13.28
NB CLA QB . -12.10 11.04 18.52
C1B CLA QB . -10.96 10.35 18.28
C2B CLA QB . -9.90 10.73 19.25
C3B CLA QB . -10.48 11.66 20.11
C4B CLA QB . -11.87 11.86 19.64
CMB CLA QB . -8.58 10.12 19.24
CAB CLA QB . -9.99 12.37 21.27
CBB CLA QB . -8.75 12.78 21.52
NC CLA QB . -14.78 12.15 18.85
C1C CLA QB . -14.15 12.79 19.88
C2C CLA QB . -15.11 13.61 20.61
C3C CLA QB . -16.34 13.44 19.98
C4C CLA QB . -16.12 12.51 18.88
CMC CLA QB . -14.80 14.41 21.79
CAC CLA QB . -17.62 14.07 20.35
CBC CLA QB . -18.37 13.28 21.39
ND CLA QB . -15.67 10.50 16.74
C1D CLA QB . -16.95 11.06 17.05
C2D CLA QB . -17.97 10.44 16.19
C3D CLA QB . -17.32 9.44 15.49
C4D CLA QB . -15.90 9.50 15.88
CMD CLA QB . -19.37 10.81 16.19
CAD CLA QB . -17.43 8.39 14.50
OBD CLA QB . -18.41 8.03 13.86
CBD CLA QB . -16.03 7.73 14.36
CGD CLA QB . -16.05 6.31 14.85
O1D CLA QB . -16.02 5.92 16.02
O2D CLA QB . -16.11 5.38 13.87
CED CLA QB . -16.14 4.01 14.26
C1 CLA QB . -11.54 3.59 13.56
C2 CLA QB . -10.47 3.47 14.59
C3 CLA QB . -9.75 2.35 14.78
C4 CLA QB . -8.69 2.28 15.82
C5 CLA QB . -9.96 1.14 13.94
C6 CLA QB . -9.83 -0.18 14.69
C7 CLA QB . -9.24 -1.23 13.78
C8 CLA QB . -10.07 -2.50 13.62
C9 CLA QB . -11.57 -2.26 13.75
C10 CLA QB . -9.63 -3.57 14.62
C11 CLA QB . -9.48 -4.92 13.93
C12 CLA QB . -8.32 -5.70 14.49
C13 CLA QB . -7.95 -6.86 13.57
C14 CLA QB . -8.28 -8.17 14.25
C15 CLA QB . -6.48 -6.81 13.18
C16 CLA QB . -6.12 -7.92 12.23
C17 CLA QB . -6.56 -7.61 10.81
C18 CLA QB . -5.90 -8.52 9.79
C19 CLA QB . -6.09 -9.98 10.13
C20 CLA QB . -4.43 -8.21 9.62
C1 PQN RB . -7.70 6.45 -1.16
O1 PQN RB . -6.43 6.04 -1.56
C2 PQN RB . -8.53 5.57 -0.49
C2M PQN RB . -8.03 4.16 -0.18
C3 PQN RB . -9.81 5.98 -0.10
C4 PQN RB . -10.24 7.27 -0.39
O4 PQN RB . -11.51 7.68 0.00
C5 PQN RB . -9.39 8.17 -1.09
C6 PQN RB . -9.84 9.50 -1.39
C7 PQN RB . -9.00 10.38 -2.06
C8 PQN RB . -7.72 9.97 -2.46
C9 PQN RB . -7.29 8.67 -2.17
C10 PQN RB . -8.15 7.78 -1.47
C11 PQN RB . -10.74 5.02 0.65
C12 PQN RB . -10.64 5.24 2.17
C13 PQN RB . -11.94 5.01 2.91
C14 PQN RB . -13.07 5.79 2.27
C15 PQN RB . -11.75 5.47 4.36
C16 PQN RB . -11.73 4.30 5.35
C17 PQN RB . -11.95 4.79 6.78
C18 PQN RB . -12.27 3.64 7.73
C19 PQN RB . -13.73 3.23 7.57
C20 PQN RB . -12.03 4.09 9.18
C21 PQN RB . -10.96 3.25 9.92
C22 PQN RB . -10.73 1.85 9.30
C23 PQN RB . -10.37 0.75 10.30
C24 PQN RB . -9.06 0.12 9.87
C25 PQN RB . -11.44 -0.35 10.35
C26 PQN RB . -12.89 0.15 10.18
C27 PQN RB . -13.56 0.49 11.51
C28 PQN RB . -15.08 0.65 11.34
C29 PQN RB . -15.81 0.38 12.65
C30 PQN RB . -15.46 2.01 10.77
O1 LHG SB . -16.22 21.47 7.28
C1 LHG SB . -15.57 21.33 6.02
C2 LHG SB . -14.24 20.66 6.23
O2 LHG SB . -13.26 21.61 6.60
C3 LHG SB . -13.72 19.99 5.00
O3 LHG SB . -12.42 19.66 5.44
P LHG SB . -11.28 19.22 4.39
O4 LHG SB . -11.78 18.03 3.66
O5 LHG SB . -10.70 20.50 3.94
O6 LHG SB . -10.28 18.55 5.53
C4 LHG SB . -9.42 17.51 5.17
C5 LHG SB . -8.41 17.42 6.31
C6 LHG SB . -7.91 18.78 6.75
O7 LHG SB . -9.09 16.83 7.38
C7 LHG SB . -8.68 15.57 7.66
O9 LHG SB . -7.65 15.09 7.23
C8 LHG SB . -9.64 14.90 8.53
C9 LHG SB . -8.95 13.81 9.29
C10 LHG SB . -8.20 14.39 10.45
O8 LHG SB . -6.98 18.49 7.80
C23 LHG SB . -7.00 19.31 8.88
O10 LHG SB . -7.62 20.35 8.84
C24 LHG SB . -6.52 18.80 10.22
C11 LHG SB . -9.02 13.87 11.60
C12 LHG SB . -8.17 13.00 12.46
C13 LHG SB . -9.09 11.98 13.08
C14 LHG SB . -8.36 11.11 14.07
C15 LHG SB . -8.94 9.74 13.89
C16 LHG SB . -8.12 9.01 12.86
C17 LHG SB . -8.91 7.83 12.30
C18 LHG SB . -7.83 6.81 12.01
C19 LHG SB . -8.31 5.56 11.34
C20 LHG SB . -7.23 4.58 11.74
C21 LHG SB . -7.43 3.29 11.03
C25 LHG SB . -5.23 19.40 10.72
C26 LHG SB . -3.99 18.54 10.53
C27 LHG SB . -3.22 19.29 9.47
C28 LHG SB . -1.88 18.72 9.11
C29 LHG SB . -2.15 17.32 8.59
C30 LHG SB . -1.22 16.80 7.52
C31 LHG SB . -0.43 15.56 7.88
C32 LHG SB . 0.90 15.81 8.55
C33 LHG SB . 0.79 15.29 9.97
C34 LHG SB . 1.95 14.45 10.44
C35 LHG SB . 1.46 13.20 11.15
C36 LHG SB . 2.54 12.14 11.05
C37 LHG SB . 3.67 12.55 11.95
C38 LHG SB . 4.58 11.42 12.34
O1 LHG TB . 13.40 49.47 9.38
C1 LHG TB . 13.89 48.93 8.18
C2 LHG TB . 13.14 49.54 7.06
O2 LHG TB . 12.79 48.55 6.11
C3 LHG TB . 13.93 50.60 6.35
O3 LHG TB . 14.59 49.86 5.35
P LHG TB . 15.19 50.62 4.06
O4 LHG TB . 14.04 51.11 3.28
O5 LHG TB . 16.42 51.28 4.57
O6 LHG TB . 15.64 49.24 3.24
C4 LHG TB . 16.46 48.30 3.87
C5 LHG TB . 17.10 47.49 2.74
C6 LHG TB . 18.17 46.57 3.28
O7 LHG TB . 16.07 46.70 2.20
C7 LHG TB . 15.86 46.90 0.87
O9 LHG TB . 16.60 47.59 0.18
C8 LHG TB . 14.72 46.09 0.39
C9 LHG TB . 15.11 44.64 0.33
C10 LHG TB . 16.07 44.41 -0.80
O8 LHG TB . 18.33 45.55 2.31
C23 LHG TB . 19.56 44.96 2.20
O10 LHG TB . 20.51 45.49 2.72
C24 LHG TB . 19.74 43.64 1.49
C11 LHG TB . 16.19 42.92 -0.82
C12 LHG TB . 17.05 42.51 -1.98
C13 LHG TB . 17.35 41.04 -1.85
C25 LHG TB . 18.93 42.47 2.02
C10 WVN UB . 9.40 18.79 37.47
C11 WVN UB . 15.14 39.31 45.32
C12 WVN UB . 7.99 18.22 37.61
C13 WVN UB . 9.05 20.09 39.70
C14 WVN UB . 7.05 19.32 38.10
C01 WVN UB . 15.93 41.72 45.87
C02 WVN UB . 16.10 40.22 46.23
C03 WVN UB . 16.94 42.22 44.82
C04 WVN UB . 18.37 41.93 45.29
C05 WVN UB . 17.54 39.66 46.23
C06 WVN UB . 9.95 19.14 38.85
C07 WVN UB . 14.51 42.00 45.30
C08 WVN UB . 16.08 42.59 47.15
C09 WVN UB . 18.61 40.43 45.41
C15 WVN UB . 7.53 20.12 39.34
C16 WVN UB . 18.05 39.51 47.68
C17 WVN UB . 11.38 19.72 38.62
C18 WVN UB . 10.12 17.82 39.63
C19 WVN UB . 15.76 38.32 44.59
C20 WVN UB . 9.66 21.53 39.80
C21 WVN UB . 6.98 21.55 39.10
C22 WVN UB . 14.32 37.96 44.08
C23 WVN UB . 9.84 21.97 41.07
C24 WVN UB . 14.32 37.99 42.58
C25 WVN UB . 10.27 23.05 42.07
C26 WVN UB . 13.90 36.58 44.63
C27 WVN UB . 11.46 22.56 42.88
C28 WVN UB . 10.62 24.33 41.30
C29 WVN UB . 14.22 35.39 43.66
C30 WVN UB . 11.32 25.46 42.11
C31 WVN UB . 13.21 34.51 43.54
C32 WVN UB . 12.57 33.24 42.95
C33 WVN UB . 10.52 26.12 42.96
C34 WVN UB . 11.75 26.96 43.30
C35 WVN UB . 13.08 33.05 41.53
C36 WVN UB . 12.85 31.98 43.77
C37 WVN UB . 11.51 28.39 42.79
C38 WVN UB . 11.95 26.99 44.81
C39 WVN UB . 12.09 30.77 43.16
C40 WVN UB . 12.35 29.49 43.48
C10 WVN VB . 9.35 19.72 26.07
C11 WVN VB . 8.09 33.86 44.56
C12 WVN VB . 8.71 20.96 25.45
C13 WVN VB . 10.76 21.30 27.59
C14 WVN VB . 9.63 22.20 25.44
C01 WVN VB . 7.12 33.60 46.88
C02 WVN VB . 8.43 33.85 46.12
C03 WVN VB . 6.13 34.77 46.73
C04 WVN VB . 6.75 36.16 46.99
C05 WVN VB . 9.04 35.17 46.63
C06 WVN VB . 9.84 20.03 27.49
C07 WVN VB . 6.44 32.31 46.32
C08 WVN VB . 7.43 33.37 48.39
C09 WVN VB . 8.11 36.36 46.31
C15 WVN VB . 10.93 22.03 26.24
C16 WVN VB . 10.47 35.44 46.11
C17 WVN VB . 10.66 18.81 27.97
C18 WVN VB . 8.57 20.11 28.38
C19 WVN VB . 9.04 33.23 43.77
C20 WVN VB . 10.28 22.29 28.68
C21 WVN VB . 11.55 23.44 26.45
C22 WVN VB . 8.31 33.46 42.40
C23 WVN VB . 11.00 22.27 29.82
C24 WVN VB . 8.00 34.89 42.06
C25 WVN VB . 11.29 22.78 31.25
C26 WVN VB . 9.27 32.94 41.31
C27 WVN VB . 12.64 22.28 31.73
C28 WVN VB . 11.27 24.31 31.27
C29 WVN VB . 8.76 31.74 40.46
C30 WVN VB . 11.08 24.90 32.69
C31 WVN VB . 9.31 31.76 39.23
C32 WVN VB . 9.55 31.23 37.79
C33 WVN VB . 11.47 26.17 32.73
C34 WVN VB . 11.10 26.20 34.22
C35 WVN VB . 8.23 31.36 37.05
C36 WVN VB . 9.99 29.76 37.79
C37 WVN VB . 10.49 27.58 34.53
C38 WVN VB . 12.34 25.97 35.07
C39 WVN VB . 9.93 29.17 36.35
C40 WVN VB . 10.61 28.08 35.99
C10 WVN WB . 28.37 43.62 8.70
C11 WVN WB . 6.19 37.71 10.03
C12 WVN WB . 28.58 42.14 9.02
C13 WVN WB . 26.10 42.78 7.73
C14 WVN WB . 28.21 41.24 7.83
C01 WVN WB . 3.70 38.42 9.70
C02 WVN WB . 4.84 37.45 9.23
C03 WVN WB . 2.26 37.89 9.67
C04 WVN WB . 2.12 36.52 8.99
C05 WVN WB . 4.54 35.94 9.17
C06 WVN WB . 26.92 43.95 8.33
C07 WVN WB . 3.95 38.96 11.14
C08 WVN WB . 3.70 39.64 8.74
C09 WVN WB . 3.12 35.58 9.64
C15 WVN WB . 26.98 41.72 7.03
C16 WVN WB . 5.52 35.06 10.00
C17 WVN WB . 26.21 44.46 9.61
C18 WVN WB . 27.02 45.15 7.33
C19 WVN WB . 7.08 38.34 9.20
C20 WVN WB . 25.07 43.29 6.69
C21 WVN WB . 26.14 40.46 6.69
C22 WVN WB . 8.24 38.42 10.26
C23 WVN WB . 23.77 43.08 6.94
C24 WVN WB . 7.91 39.14 11.53
C25 WVN WB . 22.31 43.23 6.46
C26 WVN WB . 9.39 39.15 9.52
C27 WVN WB . 22.34 44.33 5.41
C28 WVN WB . 21.32 43.54 7.59
C29 WVN WB . 10.46 39.74 10.48
C30 WVN WB . 19.94 42.85 7.40
C31 WVN WB . 11.65 39.96 9.89
C32 WVN WB . 13.10 40.44 10.00
C33 WVN WB . 19.09 43.61 6.68
C34 WVN WB . 17.88 42.63 6.69
C35 WVN WB . 13.22 41.26 11.27
C36 WVN WB . 13.51 41.30 8.78
C37 WVN WB . 17.24 42.47 8.08
C38 WVN WB . 18.18 41.25 6.08
C39 WVN WB . 14.94 41.89 8.96
C40 WVN WB . 15.80 41.89 7.94
C10 WVN XB . 29.52 37.05 16.20
C11 WVN XB . 10.04 30.90 7.66
C12 WVN XB . 30.41 37.03 14.96
C13 WVN XB . 28.29 34.92 15.32
C14 WVN XB . 29.61 36.50 13.76
C01 WVN XB . 8.74 31.16 5.44
C02 WVN XB . 8.60 30.96 6.97
C03 WVN XB . 7.54 31.82 4.74
C04 WVN XB . 6.24 31.64 5.51
C05 WVN XB . 7.62 31.90 7.70
C06 WVN XB . 28.96 35.65 16.52
C07 WVN XB . 8.94 29.75 4.80
C08 WVN XB . 10.00 32.00 5.07
C09 WVN XB . 6.32 32.22 6.93
C15 WVN XB . 29.09 35.08 14.00
C16 WVN XB . 8.26 33.27 8.07
C17 WVN XB . 28.05 35.74 17.78
C18 WVN XB . 30.16 34.78 16.94
C19 WVN XB . 10.01 30.35 8.91
C20 WVN XB . 26.74 35.10 15.19
C21 WVN XB . 28.29 34.60 12.76
C22 WVN XB . 11.56 30.53 9.02
C23 WVN XB . 26.10 36.28 14.95
C24 WVN XB . 12.08 29.49 9.97
C25 WVN XB . 24.78 37.01 14.73
C26 WVN XB . 12.00 31.97 9.46
C27 WVN XB . 25.04 38.40 14.16
C28 WVN XB . 23.94 36.18 13.75
C29 WVN XB . 12.67 32.03 10.87
C30 WVN XB . 22.39 36.18 13.96
C31 WVN XB . 13.96 32.45 10.93
C32 WVN XB . 15.18 32.76 11.82
C33 WVN XB . 21.79 35.69 12.86
C34 WVN XB . 20.41 35.87 13.49
C35 WVN XB . 15.85 31.42 12.14
C36 WVN XB . 16.20 33.74 11.23
C37 WVN XB . 19.57 34.62 13.15
C38 WVN XB . 19.75 37.14 12.95
C39 WVN XB . 17.54 33.71 12.03
C40 WVN XB . 18.25 34.82 12.35
C2 LHG YB . 2.38 -1.38 11.64
C3 LHG YB . 1.97 -1.82 10.26
O3 LHG YB . 1.40 -3.07 10.58
P LHG YB . 0.66 -3.95 9.45
O4 LHG YB . -0.67 -3.33 9.20
O5 LHG YB . 1.76 -4.39 8.56
O6 LHG YB . 0.28 -5.21 10.46
C4 LHG YB . -0.70 -6.13 10.07
C5 LHG YB . -1.83 -5.88 11.05
O7 LHG YB . -1.26 -5.86 12.33
C7 LHG YB . -1.64 -4.79 13.06
O9 LHG YB . -0.89 -3.85 13.30
C8 LHG YB . -3.00 -4.96 13.57
C9 LHG YB . -2.97 -5.78 14.82
C10 LHG YB . -4.06 -5.32 15.76
C11 LHG YB . -3.31 -5.12 17.05
C12 LHG YB . -2.65 -3.78 17.04
C13 LHG YB . -1.44 -3.84 17.94
C14 LHG YB . -0.41 -4.81 17.43
C15 LHG YB . 0.45 -5.15 18.62
C16 LHG YB . 1.40 -4.01 18.86
C17 LHG YB . 1.46 -3.68 20.33
C18 LHG YB . 2.68 -2.82 20.45
C19 LHG YB . 2.58 -1.49 19.74
C20 LHG YB . 4.02 -1.03 19.72
C21 LHG YB . 4.11 0.20 18.89
C22 LHG YB . 5.38 0.93 19.28
C1B LMU ZB . -27.79 22.22 33.31
C2B LMU ZB . -28.50 22.40 32.00
C3B LMU ZB . -27.81 23.33 31.10
C4B LMU ZB . -27.40 24.60 31.74
C5B LMU ZB . -26.51 24.37 32.99
C6B LMU ZB . -27.03 25.07 34.12
O1B LMU ZB . -27.74 20.84 33.69
O2B LMU ZB . -28.66 21.10 31.34
O3B LMU ZB . -28.69 23.63 29.96
O4' LMU ZB . -26.68 25.39 30.79
O5B LMU ZB . -26.46 22.86 33.26
O6B LMU ZB . -25.96 25.43 34.97
C1' LMU ZB . -24.12 18.97 34.79
C2' LMU ZB . -24.91 19.64 35.88
C3' LMU ZB . -26.02 20.48 35.41
C4' LMU ZB . -26.41 20.32 33.97
C5' LMU ZB . -26.39 18.81 33.57
C6' LMU ZB . -26.73 18.61 32.22
O1' LMU ZB . -23.15 18.12 35.35
O2' LMU ZB . -25.45 18.59 36.78
O3' LMU ZB . -25.60 21.87 35.67
O5' LMU ZB . -24.98 18.22 33.84
O6' LMU ZB . -25.90 17.60 31.71
C1 LMU ZB . -21.83 18.52 35.04
C2 LMU ZB . -21.09 18.84 36.35
C3 LMU ZB . -19.55 18.90 36.16
C4 LMU ZB . -18.88 17.47 36.23
C5 LMU ZB . -17.63 17.45 37.13
C6 LMU ZB . -17.12 15.98 37.40
C7 LMU ZB . -15.59 15.92 37.62
C8 LMU ZB . -15.24 15.29 38.99
C9 LMU ZB . -15.03 13.77 38.90
C10 LMU ZB . -13.68 13.30 39.49
C11 LMU ZB . -12.51 14.25 39.12
C12 LMU ZB . -11.51 14.40 40.28
MG CLA AC . 14.82 11.71 -3.47
CHA CLA AC . 15.79 8.41 -3.83
CHB CLA AC . 17.85 12.69 -4.65
CHC CLA AC . 13.71 14.92 -3.43
CHD CLA AC . 11.77 10.62 -2.06
NA CLA AC . 16.55 10.69 -4.07
C1A CLA AC . 16.77 9.32 -4.14
C2A CLA AC . 18.20 9.01 -4.59
C3A CLA AC . 18.89 10.39 -4.52
C4A CLA AC . 17.70 11.34 -4.42
CMA CLA AC . 19.82 10.50 -3.36
CAA CLA AC . 18.24 8.48 -6.00
CBA CLA AC . 19.44 7.57 -6.24
CGA CLA AC . 20.44 8.31 -7.06
O1A CLA AC . 20.47 9.52 -7.31
O2A CLA AC . 21.41 7.50 -7.56
NB CLA AC . 15.68 13.49 -3.80
C1B CLA AC . 16.79 13.61 -4.57
C2B CLA AC . 16.76 14.86 -5.36
C3B CLA AC . 15.59 15.51 -5.02
C4B CLA AC . 14.90 14.64 -4.02
CMB CLA AC . 17.85 15.20 -6.26
CAB CLA AC . 14.99 16.74 -5.43
CBB CLA AC . 15.54 17.76 -6.09
NC CLA AC . 13.08 12.62 -2.80
C1C CLA AC . 12.85 13.96 -2.83
C2C CLA AC . 11.57 14.27 -2.22
C3C CLA AC . 11.00 13.03 -1.86
C4C CLA AC . 11.97 12.00 -2.21
CMC CLA AC . 11.00 15.61 -2.08
CAC CLA AC . 9.72 12.83 -1.17
CBC CLA AC . 9.90 12.89 0.33
ND CLA AC . 13.89 9.96 -3.10
C1D CLA AC . 12.65 9.65 -2.50
C2D CLA AC . 12.47 8.18 -2.51
C3D CLA AC . 13.61 7.66 -3.11
C4D CLA AC . 14.49 8.81 -3.37
CMD CLA AC . 11.25 7.50 -2.08
CAD CLA AC . 14.30 6.49 -3.61
OBD CLA AC . 13.87 5.39 -3.90
CBD CLA AC . 15.77 6.90 -3.87
CGD CLA AC . 16.70 6.31 -2.86
O1D CLA AC . 17.01 6.76 -1.76
O2D CLA AC . 17.23 5.13 -3.25
CED CLA AC . 18.10 4.47 -2.34
C1 CLA AC . 22.45 8.08 -8.35
C2 CLA AC . 21.95 8.16 -9.75
C3 CLA AC . 22.68 7.85 -10.83
C4 CLA AC . 24.09 7.39 -10.72
C5 CLA AC . 22.10 7.96 -12.19
C6 CLA AC . 22.40 9.33 -12.79
C7 CLA AC . 21.68 9.53 -14.11
C8 CLA AC . 21.82 10.97 -14.57
C9 CLA AC . 21.08 11.89 -13.63
C10 CLA AC . 21.31 11.16 -15.99
C11 CLA AC . 22.15 10.40 -16.99
C12 CLA AC . 21.77 10.74 -18.42
C13 CLA AC . 22.47 9.82 -19.40
C14 CLA AC . 23.97 9.88 -19.23
C15 CLA AC . 22.06 10.11 -20.84
C16 CLA AC . 22.84 9.26 -21.83
C17 CLA AC . 22.29 9.36 -23.23
C18 CLA AC . 23.26 8.80 -24.26
C19 CLA AC . 22.84 9.18 -25.66
C20 CLA AC . 23.37 7.30 -24.16
MG CLA BC . -19.36 -4.47 4.90
CHA CLA BC . -18.23 -6.13 2.08
CHB CLA BC . -21.75 -6.85 5.35
CHC CLA BC . -20.00 -3.15 8.00
CHD CLA BC . -16.76 -2.10 4.46
NA CLA BC . -19.94 -6.15 3.82
C1A CLA BC . -19.32 -6.70 2.69
C2A CLA BC . -20.05 -7.96 2.25
C3A CLA BC . -21.35 -7.93 3.10
C4A CLA BC . -21.01 -6.92 4.19
CMA CLA BC . -22.52 -7.47 2.28
CAA CLA BC . -19.20 -9.21 2.51
CBA CLA BC . -18.75 -9.47 3.94
CGA CLA BC . -17.42 -8.84 4.17
O1A CLA BC . -16.55 -8.61 3.34
O2A CLA BC . -17.20 -8.45 5.46
NB CLA BC . -20.69 -4.87 6.36
C1B CLA BC . -21.52 -5.94 6.39
C2B CLA BC . -22.18 -6.02 7.73
C3B CLA BC . -21.69 -4.98 8.47
C4B CLA BC . -20.73 -4.24 7.62
CMB CLA BC . -23.13 -7.08 8.08
CAB CLA BC . -21.96 -4.61 9.83
CBB CLA BC . -23.13 -4.16 10.28
NC CLA BC . -18.60 -2.85 5.97
C1C CLA BC . -19.02 -2.49 7.21
C2C CLA BC . -18.25 -1.35 7.69
C3C CLA BC . -17.32 -1.06 6.70
C4C CLA BC . -17.55 -2.01 5.63
CMC CLA BC . -18.41 -0.70 8.99
CAC CLA BC . -16.32 0.02 6.73
CBC CLA BC . -14.95 -0.47 7.16
ND CLA BC . -17.91 -4.08 3.54
C1D CLA BC . -16.90 -3.08 3.49
C2D CLA BC . -16.08 -3.27 2.28
C3D CLA BC . -16.52 -4.45 1.71
C4D CLA BC . -17.64 -4.92 2.54
CMD CLA BC . -14.99 -2.39 1.86
CAD CLA BC . -16.40 -5.38 0.60
OBD CLA BC . -15.66 -5.35 -0.36
CBD CLA BC . -17.43 -6.52 0.85
CGD CLA BC . -18.32 -6.75 -0.34
O1D CLA BC . -18.82 -5.91 -1.07
O2D CLA BC . -18.56 -8.07 -0.58
CED CLA BC . -19.56 -8.42 -1.54
C1 CLA BC . -15.97 -7.76 5.70
C2 CLA BC . -16.25 -6.49 6.41
C3 CLA BC . -15.29 -5.62 6.76
C4 CLA BC . -13.86 -5.86 6.47
C5 CLA BC . -15.62 -4.38 7.50
C6 CLA BC . -16.40 -4.68 8.76
C7 CLA BC . -16.05 -3.73 9.88
C8 CLA BC . -16.63 -4.17 11.22
C9 CLA BC . -15.81 -5.32 11.78
C10 CLA BC . -18.09 -4.58 11.10
C11 CLA BC . -19.00 -3.58 11.79
C12 CLA BC . -19.46 -4.09 13.14
C13 CLA BC . -20.38 -3.08 13.82
C14 CLA BC . -19.56 -2.08 14.62
C15 CLA BC . -21.40 -3.79 14.70
C16 CLA BC . -22.23 -2.83 15.53
C17 CLA BC . -23.50 -3.50 16.02
C18 CLA BC . -23.91 -3.04 17.41
C19 CLA BC . -25.08 -3.87 17.91
C20 CLA BC . -24.27 -1.58 17.40
FE1 SF4 CC . -9.35 16.59 -8.54
FE2 SF4 CC . -7.64 18.20 -9.89
FE3 SF4 CC . -9.88 19.24 -8.75
FE4 SF4 CC . -10.09 17.64 -10.95
S1 SF4 CC . -9.08 19.68 -10.84
S2 SF4 CC . -11.35 17.54 -9.05
S3 SF4 CC . -8.40 16.16 -10.56
S4 SF4 CC . -8.12 18.29 -7.68
O6 SQD DC . -19.55 21.80 38.81
C44 SQD DC . -19.49 21.19 40.09
C45 SQD DC . -18.18 20.41 40.20
C46 SQD DC . -17.01 21.38 40.06
O47 SQD DC . -18.08 19.65 41.38
C7 SQD DC . -17.18 18.56 41.41
O49 SQD DC . -16.83 18.03 40.36
C8 SQD DC . -16.71 17.97 42.74
C9 SQD DC . -15.24 18.32 42.98
C10 SQD DC . -14.34 17.26 42.37
C11 SQD DC . -13.59 17.85 41.16
C12 SQD DC . -12.15 18.17 41.53
C13 SQD DC . -11.29 18.16 40.27
C14 SQD DC . -10.30 19.32 40.26
C15 SQD DC . -8.88 18.78 40.41
C16 SQD DC . -8.51 17.94 39.20
C17 SQD DC . -7.94 16.60 39.66
C18 SQD DC . -7.71 15.71 38.44
C19 SQD DC . -6.21 15.60 38.16
C20 SQD DC . -5.99 15.41 36.67
C21 SQD DC . -4.49 15.29 36.40
C22 SQD DC . -4.01 13.93 36.81
O48 SQD DC . -16.52 21.34 38.73
C23 SQD DC . -15.13 21.34 38.54
O10 SQD DC . -14.40 21.57 39.50
C24 SQD DC . -14.54 20.71 37.29
C25 SQD DC . -13.03 20.63 37.44
C26 SQD DC . -12.43 20.18 36.10
C27 SQD DC . -11.00 19.68 36.31
C28 SQD DC . -10.83 18.34 35.58
C29 SQD DC . -11.78 17.30 36.19
C30 SQD DC . -11.70 15.99 35.40
C31 SQD DC . -10.26 15.45 35.45
C32 SQD DC . -10.17 14.16 34.65
C33 SQD DC . -8.79 13.54 34.87
C34 SQD DC . -8.59 12.34 33.94
C35 SQD DC . -7.25 11.71 34.24
C36 SQD DC . -7.02 10.54 33.31
C37 SQD DC . -5.62 10.01 33.51
C38 SQD DC . -5.41 8.81 32.64
C1 SQD DC . -19.96 23.16 38.70
C2 SQD DC . -21.38 23.30 38.23
O2 SQD DC . -21.53 22.81 36.96
C3 SQD DC . -21.83 24.74 38.25
O3 SQD DC . -23.15 24.76 38.68
C4 SQD DC . -21.07 25.71 39.11
O4 SQD DC . -20.22 26.45 38.31
C5 SQD DC . -20.27 25.09 40.21
C6 SQD DC . -21.13 24.98 41.45
O5 SQD DC . -19.72 23.81 39.93
S SQD DC . -20.92 26.39 42.53
O7 SQD DC . -19.59 26.44 43.09
O8 SQD DC . -21.25 27.64 41.82
O9 SQD DC . -21.71 26.26 43.73
C10 WVN EC . 21.16 35.03 47.04
C11 WVN EC . 15.54 51.84 31.25
C12 WVN EC . 19.80 35.13 47.73
C13 WVN EC . 20.14 35.86 44.81
C14 WVN EC . 18.60 35.02 46.77
C01 WVN EC . 15.73 54.37 31.95
C02 WVN EC . 16.50 53.06 31.61
C03 WVN EC . 15.62 55.45 30.85
C04 WVN EC . 16.81 55.55 29.91
C05 WVN EC . 17.49 53.19 30.42
C06 WVN EC . 21.26 36.03 45.87
C07 WVN EC . 14.27 54.10 32.37
C08 WVN EC . 16.41 55.05 33.17
C09 WVN EC . 17.06 54.16 29.31
C15 WVN EC . 18.96 34.94 45.27
C16 WVN EC . 17.81 51.83 29.75
C17 WVN EC . 22.61 35.78 45.16
C18 WVN EC . 21.29 37.46 46.49
C19 WVN EC . 15.18 50.67 31.92
C20 WVN EC . 19.63 37.22 44.27
C21 WVN EC . 17.67 35.24 44.47
C22 WVN EC . 15.95 50.76 33.26
C23 WVN EC . 19.97 37.54 43.01
C24 WVN EC . 14.90 50.96 34.30
C25 WVN EC . 19.93 38.52 41.81
C26 WVN EC . 16.61 49.38 33.48
C27 WVN EC . 20.68 37.93 40.62
C28 WVN EC . 18.46 38.76 41.48
C29 WVN EC . 16.55 48.85 34.96
C30 WVN EC . 18.11 39.55 40.20
C31 WVN EC . 16.09 47.59 35.11
C32 WVN EC . 15.70 46.37 35.98
C33 WVN EC . 18.23 40.88 40.39
C34 WVN EC . 17.78 41.16 38.94
C35 WVN EC . 15.03 46.87 37.26
C36 WVN EC . 16.93 45.52 36.31
C37 WVN EC . 17.19 42.58 38.94
C38 WVN EC . 18.91 41.04 37.93
C39 WVN EC . 16.73 44.58 37.53
C40 WVN EC . 17.45 43.47 37.69
C1B LMU FC . -17.81 33.15 42.90
C2B LMU FC . -18.10 34.55 42.37
C3B LMU FC . -19.60 34.73 42.17
C4B LMU FC . -20.26 33.40 41.77
C5B LMU FC . -20.04 32.32 42.83
C6B LMU FC . -19.71 30.97 42.23
O1B LMU FC . -16.68 33.21 43.73
O2B LMU FC . -17.60 35.55 43.25
O3B LMU FC . -19.83 35.72 41.17
O4' LMU FC . -21.66 33.60 41.62
O5B LMU FC . -18.91 32.68 43.65
O6B LMU FC . -20.21 30.86 40.91
C1' LMU FC . -12.72 32.44 43.00
C2' LMU FC . -13.03 33.80 43.60
C3' LMU FC . -14.45 33.81 44.14
C4' LMU FC . -15.41 33.29 43.08
C5' LMU FC . -15.00 31.90 42.61
C6' LMU FC . -14.79 31.81 41.12
O1' LMU FC . -11.56 31.93 43.59
O2' LMU FC . -12.12 34.12 44.65
O3' LMU FC . -14.81 35.13 44.52
O5' LMU FC . -13.77 31.52 43.24
O6' LMU FC . -15.23 32.97 40.43
C1 LMU FC . -11.78 30.80 44.44
C2 LMU FC . -11.09 29.61 43.85
C3 LMU FC . -10.88 28.50 44.85
C4 LMU FC . -9.56 27.80 44.67
C5 LMU FC . -9.70 26.31 44.49
C6 LMU FC . -8.46 25.53 44.87
C7 LMU FC . -7.78 24.84 43.72
C8 LMU FC . -8.21 23.41 43.53
C9 LMU FC . -7.08 22.42 43.52
C10 LMU FC . -7.13 21.43 42.38
C11 LMU FC . -5.83 20.72 42.13
MG CLA GC . 15.20 30.09 -19.19
CHA CLA GC . 15.65 31.07 -15.88
CHB CLA GC . 16.82 32.87 -20.23
CHC CLA GC . 15.04 28.89 -22.40
CHD CLA GC . 13.49 27.21 -18.05
NA CLA GC . 16.05 31.71 -18.20
C1A CLA GC . 16.15 31.93 -16.82
C2A CLA GC . 16.88 33.24 -16.52
C3A CLA GC . 16.94 33.91 -17.91
C4A CLA GC . 16.61 32.76 -18.87
CMA CLA GC . 15.92 35.00 -17.98
CAA CLA GC . 18.27 33.00 -15.94
CBA CLA GC . 19.19 32.08 -16.72
CGA CLA GC . 19.13 30.66 -16.25
O1A CLA GC . 19.65 30.17 -15.25
O2A CLA GC . 18.35 29.86 -17.06
NB CLA GC . 15.74 30.79 -20.99
C1B CLA GC . 16.53 31.88 -21.17
C2B CLA GC . 17.02 31.88 -22.57
C3B CLA GC . 16.53 30.77 -23.19
C4B CLA GC . 15.71 30.06 -22.20
CMB CLA GC . 17.88 32.92 -23.10
CAB CLA GC . 16.77 30.32 -24.54
CBB CLA GC . 15.87 30.20 -25.50
NC CLA GC . 14.35 28.39 -20.06
C1C CLA GC . 14.39 28.12 -21.40
C2C CLA GC . 13.72 26.85 -21.67
C3C CLA GC . 13.30 26.35 -20.44
C4C CLA GC . 13.70 27.34 -19.43
CMC CLA GC . 13.61 26.24 -22.99
CAC CLA GC . 12.59 25.10 -20.20
CBC CLA GC . 13.55 23.93 -20.06
ND CLA GC . 14.65 29.28 -17.42
C1D CLA GC . 13.92 28.11 -17.11
C2D CLA GC . 13.78 28.04 -15.64
C3D CLA GC . 14.44 29.13 -15.12
C4D CLA GC . 14.96 29.88 -16.27
CMD CLA GC . 13.09 26.96 -14.95
CAD CLA GC . 14.81 29.85 -13.92
OBD CLA GC . 14.59 29.58 -12.74
CBD CLA GC . 15.59 31.12 -14.38
CGD CLA GC . 14.94 32.39 -13.89
O1D CLA GC . 13.79 32.77 -14.11
O2D CLA GC . 15.75 33.17 -13.13
CED CLA GC . 15.20 34.33 -12.52
C1 CLA GC . 18.88 28.61 -17.55
C2 CLA GC . 20.20 28.90 -18.16
C3 CLA GC . 20.40 29.17 -19.46
C4 CLA GC . 21.78 29.43 -19.92
C5 CLA GC . 19.30 29.19 -20.47
C6 CLA GC . 19.74 29.50 -21.89
C7 CLA GC . 19.75 28.24 -22.75
C8 CLA GC . 21.08 27.98 -23.44
C9 CLA GC . 21.02 28.42 -24.88
C10 CLA GC . 21.44 26.49 -23.39
C11 CLA GC . 22.32 26.14 -22.22
C12 CLA GC . 23.64 26.89 -22.23
C13 CLA GC . 24.63 26.36 -23.26
C14 CLA GC . 24.78 24.85 -23.19
C15 CLA GC . 26.00 27.00 -23.09
C16 CLA GC . 25.98 28.47 -23.42
C17 CLA GC . 27.26 29.16 -23.01
C18 CLA GC . 27.51 30.43 -23.78
C19 CLA GC . 28.83 31.08 -23.43
C20 CLA GC . 26.39 31.42 -23.58
MG CLA HC . 3.90 -3.33 -0.88
CHA CLA HC . 6.72 -2.62 1.02
CHB CLA HC . 3.11 -5.81 1.28
CHC CLA HC . 0.90 -3.63 -2.45
CHD CLA HC . 4.80 -0.75 -3.11
NA CLA HC . 4.85 -4.14 0.80
C1A CLA HC . 6.01 -3.71 1.45
C2A CLA HC . 6.33 -4.63 2.62
C3A CLA HC . 5.37 -5.82 2.42
C4A CLA HC . 4.35 -5.24 1.44
CMA CLA HC . 6.06 -7.03 1.87
CAA CLA HC . 6.09 -3.96 3.96
CBA CLA HC . 6.60 -4.81 5.12
CGA CLA HC . 5.45 -5.48 5.79
O1A CLA HC . 4.29 -5.60 5.40
O2A CLA HC . 5.78 -6.06 6.98
NB CLA HC . 2.34 -4.59 -0.71
C1B CLA HC . 2.13 -5.33 0.40
C2B CLA HC . 0.67 -5.55 0.60
C3B CLA HC . 0.04 -4.94 -0.45
C4B CLA HC . 1.09 -4.33 -1.31
CMB CLA HC . 0.18 -6.33 1.74
CAB CLA HC . -1.35 -4.82 -0.81
CBB CLA HC . -2.33 -5.68 -0.56
NC CLA HC . 3.06 -2.44 -2.57
C1C CLA HC . 1.84 -2.76 -3.09
C2C CLA HC . 1.59 -1.99 -4.29
C3C CLA HC . 2.68 -1.13 -4.44
C4C CLA HC . 3.60 -1.43 -3.36
CMC CLA HC . 0.38 -2.08 -5.11
CAC CLA HC . 2.92 -0.18 -5.53
CBC CLA HC . 3.78 -0.76 -6.62
ND CLA HC . 5.44 -2.04 -1.12
C1D CLA HC . 5.66 -1.00 -2.07
C2D CLA HC . 6.87 -0.24 -1.67
C3D CLA HC . 7.28 -0.79 -0.46
C4D CLA HC . 6.38 -1.91 -0.18
CMD CLA HC . 7.39 0.90 -2.40
CAD CLA HC . 8.23 -0.72 0.63
OBD CLA HC . 9.10 0.11 0.85
CBD CLA HC . 7.91 -1.90 1.59
CGD CLA HC . 9.09 -2.79 1.89
O1D CLA HC . 9.24 -3.51 2.88
O2D CLA HC . 10.09 -2.76 0.98
CED CLA HC . 11.40 -3.06 1.46
C1 CLA HC . 4.97 -5.70 8.12
C2 CLA HC . 5.47 -6.58 9.20
C3 CLA HC . 5.33 -6.37 10.52
C4 CLA HC . 5.90 -7.34 11.47
C5 CLA HC . 4.61 -5.20 11.10
C6 CLA HC . 3.96 -5.50 12.43
C7 CLA HC . 3.99 -4.31 13.37
C8 CLA HC . 3.67 -4.68 14.81
C9 CLA HC . 2.47 -5.60 14.92
C10 CLA HC . 3.44 -3.42 15.65
C11 CLA HC . 2.22 -2.66 15.17
C12 CLA HC . 2.26 -1.20 15.57
C13 CLA HC . 0.86 -0.61 15.75
C14 CLA HC . 0.00 -0.84 14.52
C15 CLA HC . 0.93 0.88 16.05
C16 CLA HC . -0.27 1.32 16.86
C17 CLA HC . -0.23 0.76 18.27
C18 CLA HC . -1.58 0.82 18.97
C19 CLA HC . -2.57 -0.12 18.33
C20 CLA HC . -2.12 2.24 19.02
MG CLA IC . 15.74 -0.10 -3.10
CHA CLA IC . 14.02 -2.18 -5.29
CHB CLA IC . 13.30 2.23 -3.43
CHC CLA IC . 17.05 1.52 -0.38
CHD CLA IC . 18.03 -2.73 -2.55
NA CLA IC . 14.07 0.06 -4.33
C1A CLA IC . 13.49 -0.93 -5.13
C2A CLA IC . 12.26 -0.37 -5.83
C3A CLA IC . 12.41 1.15 -5.58
C4A CLA IC . 13.31 1.19 -4.36
CMA CLA IC . 13.13 1.77 -6.75
CAA CLA IC . 10.95 -0.90 -5.26
CBA CLA IC . 9.81 -0.42 -6.13
CGA CLA IC . 8.50 -0.89 -5.59
O1A CLA IC . 7.42 -0.30 -5.58
O2A CLA IC . 8.59 -2.15 -5.07
NB CLA IC . 15.28 1.59 -2.13
C1B CLA IC . 14.16 2.34 -2.31
C2B CLA IC . 14.04 3.34 -1.21
C3B CLA IC . 15.11 3.12 -0.37
C4B CLA IC . 15.93 2.04 -0.95
CMB CLA IC . 12.95 4.30 -1.07
CAB CLA IC . 15.54 3.79 0.84
CBB CLA IC . 15.78 5.10 0.96
NC CLA IC . 17.36 -0.46 -1.82
C1C CLA IC . 17.74 0.35 -0.81
C2C CLA IC . 18.90 -0.22 -0.12
C3C CLA IC . 19.14 -1.45 -0.71
C4C CLA IC . 18.18 -1.59 -1.77
CMC CLA IC . 19.58 0.36 1.03
CAC CLA IC . 20.21 -2.40 -0.36
CBC CLA IC . 21.48 -2.12 -1.13
ND CLA IC . 16.19 -1.88 -3.96
C1D CLA IC . 17.09 -2.90 -3.54
C2D CLA IC . 16.86 -4.13 -4.30
C3D CLA IC . 15.69 -3.91 -5.00
C4D CLA IC . 15.28 -2.52 -4.69
CMD CLA IC . 17.69 -5.31 -4.21
CAD CLA IC . 14.74 -4.45 -5.93
OBD CLA IC . 14.79 -5.48 -6.59
CBD CLA IC . 13.55 -3.45 -5.98
CGD CLA IC . 13.03 -3.29 -7.38
O1D CLA IC . 13.66 -3.16 -8.42
O2D CLA IC . 11.67 -3.34 -7.48
CED CLA IC . 11.14 -4.51 -8.11
C1 CLA IC . 7.35 -2.76 -4.63
C2 CLA IC . 7.73 -3.69 -3.54
C3 CLA IC . 8.03 -4.98 -3.77
C4 CLA IC . 8.00 -5.58 -5.13
C5 CLA IC . 8.40 -5.88 -2.65
C6 CLA IC . 9.20 -5.20 -1.57
C7 CLA IC . 10.26 -6.14 -1.03
C8 CLA IC . 9.70 -7.15 -0.03
C9 CLA IC . 10.42 -7.04 1.29
C10 CLA IC . 9.83 -8.56 -0.58
C11 CLA IC . 8.47 -9.17 -0.86
C12 CLA IC . 7.92 -9.88 0.36
C13 CLA IC . 6.80 -10.86 0.02
C14 CLA IC . 7.20 -11.76 -1.13
C15 CLA IC . 5.50 -10.14 -0.31
C16 CLA IC . 4.34 -10.79 0.43
C17 CLA IC . 3.06 -10.00 0.27
C18 CLA IC . 2.01 -10.44 1.30
C19 CLA IC . 0.61 -10.15 0.80
C20 CLA IC . 2.24 -9.74 2.62
MG CLA JC . 10.96 17.65 -6.95
CHA CLA JC . 11.26 21.08 -7.11
CHB CLA JC . 13.73 17.31 -8.89
CHC CLA JC . 10.99 14.31 -6.24
CHD CLA JC . 7.99 18.04 -5.11
NA CLA JC . 12.23 18.99 -7.89
C1A CLA JC . 12.21 20.39 -7.80
C2A CLA JC . 13.33 20.98 -8.65
C3A CLA JC . 13.83 19.77 -9.48
C4A CLA JC . 13.26 18.59 -8.70
CMA CLA JC . 13.34 19.81 -10.90
CAA CLA JC . 14.43 21.51 -7.76
CBA CLA JC . 15.44 22.30 -8.54
CGA CLA JC . 16.66 21.47 -8.77
O1A CLA JC . 17.23 20.72 -7.98
O2A CLA JC . 17.18 21.61 -10.03
NB CLA JC . 12.13 16.10 -7.48
C1B CLA JC . 13.26 16.17 -8.23
C2B CLA JC . 13.96 14.86 -8.22
C3B CLA JC . 13.20 14.00 -7.47
C4B CLA JC . 12.01 14.78 -6.99
CMB CLA JC . 15.21 14.67 -8.96
CAB CLA JC . 13.36 12.61 -7.12
CBB CLA JC . 14.50 12.02 -6.79
NC CLA JC . 9.66 16.40 -5.90
C1C CLA JC . 9.88 15.07 -5.74
C2C CLA JC . 8.80 14.50 -4.96
C3C CLA JC . 7.91 15.52 -4.63
C4C CLA JC . 8.47 16.73 -5.23
CMC CLA JC . 8.71 13.10 -4.61
CAC CLA JC . 6.66 15.27 -3.90
CBC CLA JC . 6.22 16.20 -2.79
ND CLA JC . 9.78 19.15 -6.33
C1D CLA JC . 8.59 19.17 -5.57
C2D CLA JC . 8.16 20.56 -5.37
C3D CLA JC . 9.19 21.34 -5.87
C4D CLA JC . 10.15 20.42 -6.48
CMD CLA JC . 6.95 20.94 -4.64
CAD CLA JC . 9.64 22.69 -6.15
OBD CLA JC . 9.11 23.76 -5.92
CBD CLA JC . 11.02 22.56 -6.88
CGD CLA JC . 11.04 23.34 -8.16
O1D CLA JC . 10.75 22.94 -9.28
O2D CLA JC . 11.46 24.61 -8.04
CED CLA JC . 12.87 24.83 -8.10
C1 CLA JC . 18.30 20.77 -10.37
C2 CLA JC . 17.74 19.55 -10.97
C3 CLA JC . 17.90 18.32 -10.45
C4 CLA JC . 18.67 18.06 -9.21
C5 CLA JC . 17.29 17.14 -11.13
C6 CLA JC . 18.32 16.09 -11.50
C7 CLA JC . 19.26 16.62 -12.57
C8 CLA JC . 20.68 16.10 -12.34
C9 CLA JC . 21.55 17.18 -11.74
C10 CLA JC . 21.31 15.56 -13.62
C11 CLA JC . 21.06 16.38 -14.85
C12 CLA JC . 21.64 15.66 -16.05
C13 CLA JC . 21.22 16.18 -17.43
C14 CLA JC . 19.85 16.83 -17.42
C15 CLA JC . 21.26 15.03 -18.43
C16 CLA JC . 20.74 15.40 -19.80
C17 CLA JC . 20.68 14.18 -20.69
C18 CLA JC . 19.79 14.36 -21.91
C19 CLA JC . 18.40 14.84 -21.52
C20 CLA JC . 19.68 13.06 -22.69
MG CLA KC . -2.03 -2.78 -34.39
CHA CLA KC . -1.96 -6.19 -33.83
CHB CLA KC . 1.37 -2.70 -34.47
CHC CLA KC . -2.15 0.66 -34.62
CHD CLA KC . -5.53 -2.83 -33.88
NA CLA KC . -0.56 -4.24 -34.26
C1A CLA KC . -0.73 -5.62 -34.02
C2A CLA KC . 0.63 -6.32 -34.00
C3A CLA KC . 1.64 -5.16 -34.12
C4A CLA KC . 0.77 -3.93 -34.33
CMA CLA KC . 2.42 -5.03 -32.84
CAA CLA KC . 0.79 -7.27 -35.17
CBA CLA KC . 1.99 -7.02 -36.07
CGA CLA KC . 3.26 -7.61 -35.51
O1A CLA KC . 4.37 -7.64 -36.04
O2A CLA KC . 3.13 -8.12 -34.25
NB CLA KC . -0.65 -1.31 -34.58
C1B CLA KC . 0.69 -1.47 -34.62
C2B CLA KC . 1.36 -0.16 -34.81
C3B CLA KC . 0.36 0.79 -34.85
C4B CLA KC . -0.93 0.07 -34.69
CMB CLA KC . 2.82 -0.03 -34.89
CAB CLA KC . 0.37 2.23 -34.96
CBB CLA KC . 1.20 2.99 -35.67
NC CLA KC . -3.57 -1.36 -34.34
C1C CLA KC . -3.39 0.00 -34.46
C2C CLA KC . -4.66 0.69 -34.33
C3C CLA KC . -5.63 -0.30 -34.10
C4C CLA KC . -4.93 -1.58 -34.10
CMC CLA KC . -4.85 2.14 -34.41
CAC CLA KC . -7.07 -0.09 -33.88
CBC CLA KC . -7.46 -0.14 -32.43
ND CLA KC . -3.48 -4.16 -34.08
C1D CLA KC . -4.87 -4.03 -33.86
C2D CLA KC . -5.45 -5.37 -33.62
C3D CLA KC . -4.37 -6.24 -33.59
C4D CLA KC . -3.17 -5.43 -33.83
CMD CLA KC . -6.87 -5.64 -33.44
CAD CLA KC . -3.94 -7.62 -33.44
OBD CLA KC . -4.62 -8.63 -33.29
CBD CLA KC . -2.38 -7.61 -33.48
CGD CLA KC . -1.81 -8.05 -32.17
O1D CLA KC . -1.09 -9.02 -31.94
O2D CLA KC . -2.13 -7.24 -31.13
CED CLA KC . -2.07 -7.78 -29.82
C1 CLA KC . 3.51 -9.49 -34.04
C2 CLA KC . 2.34 -10.08 -33.35
C3 CLA KC . 2.23 -11.37 -33.00
C4 CLA KC . 3.30 -12.36 -33.26
C5 CLA KC . 1.00 -11.87 -32.34
C6 CLA KC . 0.11 -12.69 -33.25
C7 CLA KC . -0.58 -11.84 -34.30
C8 CLA KC . -1.69 -12.57 -35.03
C9 CLA KC . -1.20 -13.89 -35.58
C10 CLA KC . -2.30 -11.73 -36.14
C11 CLA KC . -3.13 -10.60 -35.61
C12 CLA KC . -3.19 -9.47 -36.62
C13 CLA KC . -4.64 -9.13 -36.97
C14 CLA KC . -5.09 -10.01 -38.12
C15 CLA KC . -4.80 -7.67 -37.33
C16 CLA KC . -6.22 -7.19 -37.08
C17 CLA KC . -6.41 -5.75 -37.49
C18 CLA KC . -6.88 -5.62 -38.93
C19 CLA KC . -6.76 -4.20 -39.42
C20 CLA KC . -8.30 -6.10 -39.07
MG CLA LC . 6.21 -3.54 -30.59
CHA CLA LC . 5.44 -0.18 -30.88
CHB CLA LC . 3.08 -4.17 -29.45
CHC CLA LC . 7.04 -6.87 -30.28
CHD CLA LC . 9.57 -2.82 -31.44
NA CLA LC . 4.53 -2.35 -30.27
C1A CLA LC . 4.40 -0.97 -30.46
C2A CLA LC . 2.99 -0.50 -30.09
C3A CLA LC . 2.34 -1.76 -29.51
C4A CLA LC . 3.37 -2.86 -29.77
CMA CLA LC . 2.10 -1.60 -28.03
CAA CLA LC . 2.19 -0.04 -31.29
CBA CLA LC . 0.79 0.43 -30.95
CGA CLA LC . 0.79 1.82 -30.39
O1A CLA LC . 0.91 2.89 -30.97
O2A CLA LC . 0.64 1.84 -29.03
NB CLA LC . 5.22 -5.21 -30.04
C1B CLA LC . 3.94 -5.26 -29.61
C2B CLA LC . 3.58 -6.66 -29.27
C3B CLA LC . 4.69 -7.43 -29.51
C4B CLA LC . 5.76 -6.51 -29.98
CMB CLA LC . 2.26 -7.02 -28.75
CAB CLA LC . 4.93 -8.83 -29.31
CBB CLA LC . 4.21 -9.82 -29.85
NC CLA LC . 7.98 -4.63 -30.85
C1C CLA LC . 8.09 -5.99 -30.67
C2C CLA LC . 9.45 -6.42 -30.93
C3C CLA LC . 10.17 -5.27 -31.24
C4C CLA LC . 9.24 -4.15 -31.18
CMC CLA LC . 9.92 -7.81 -30.85
CAC CLA LC . 11.59 -5.19 -31.58
CBC CLA LC . 12.44 -4.86 -30.37
ND CLA LC . 7.31 -1.92 -31.05
C1D CLA LC . 8.68 -1.76 -31.40
C2D CLA LC . 8.93 -0.33 -31.66
C3D CLA LC . 7.72 0.31 -31.50
C4D CLA LC . 6.75 -0.72 -31.10
CMD CLA LC . 10.22 0.24 -32.04
CAD CLA LC . 7.03 1.57 -31.50
OBD CLA LC . 7.48 2.67 -31.75
CBD CLA LC . 5.54 1.30 -31.14
CGD CLA LC . 5.06 2.14 -29.99
O1D CLA LC . 4.47 3.23 -30.06
O2D CLA LC . 5.31 1.62 -28.76
CED CLA LC . 5.32 2.49 -27.65
C1 CLA LC . 1.49 2.77 -28.32
C2 CLA LC . 1.74 2.16 -27.00
C3 CLA LC . 0.89 2.30 -25.96
C4 CLA LC . -0.36 3.08 -26.09
C5 CLA LC . 1.17 1.68 -24.63
C6 CLA LC . 2.09 0.49 -24.69
C7 CLA LC . 3.44 0.83 -24.08
C8 CLA LC . 4.13 -0.32 -23.37
C9 CLA LC . 5.59 0.02 -23.17
C10 CLA LC . 3.97 -1.65 -24.12
C11 CLA LC . 4.84 -2.75 -23.54
C12 CLA LC . 4.52 -4.11 -24.11
C13 CLA LC . 5.00 -4.31 -25.54
C14 CLA LC . 4.84 -5.75 -25.95
C15 CLA LC . 6.45 -3.86 -25.73
C16 CLA LC . 6.64 -3.29 -27.13
C17 CLA LC . 8.10 -3.06 -27.46
C18 CLA LC . 8.62 -1.72 -26.96
C19 CLA LC . 7.72 -0.57 -27.38
C20 CLA LC . 10.02 -1.47 -27.45
MG CLA MC . 24.33 -1.70 -34.99
CHA CLA MC . 27.18 -0.03 -33.96
CHB CLA MC . 22.86 -1.08 -31.97
CHC CLA MC . 21.46 -3.10 -36.15
CHD CLA MC . 25.85 -2.28 -38.12
NA CLA MC . 24.96 -0.72 -33.25
C1A CLA MC . 26.18 -0.08 -33.02
C2A CLA MC . 26.22 0.52 -31.61
C3A CLA MC . 24.93 -0.02 -30.96
C4A CLA MC . 24.17 -0.64 -32.13
CMA CLA MC . 25.23 -1.04 -29.89
CAA CLA MC . 26.22 2.04 -31.65
CBA CLA MC . 25.12 2.68 -32.48
CGA CLA MC . 25.57 2.97 -33.88
O1A CLA MC . 26.51 3.65 -34.27
O2A CLA MC . 24.80 2.32 -34.81
NB CLA MC . 22.53 -2.12 -34.17
C1B CLA MC . 22.08 -1.66 -32.98
C2B CLA MC . 20.61 -1.89 -32.86
C3B CLA MC . 20.21 -2.47 -34.05
C4B CLA MC . 21.43 -2.59 -34.90
CMB CLA MC . 19.85 -1.50 -31.68
CAB CLA MC . 18.93 -2.90 -34.55
CBB CLA MC . 17.76 -2.28 -34.42
NC CLA MC . 23.78 -2.58 -36.79
C1C CLA MC . 22.55 -3.14 -37.04
C2C CLA MC . 22.52 -3.70 -38.38
C3C CLA MC . 23.75 -3.43 -38.96
C4C CLA MC . 24.54 -2.73 -37.95
CMC CLA MC . 21.36 -4.39 -38.96
CAC CLA MC . 24.20 -3.82 -40.29
CBC CLA MC . 24.01 -2.74 -41.32
ND CLA MC . 26.06 -1.23 -35.92
C1D CLA MC . 26.58 -1.57 -37.19
C2D CLA MC . 27.95 -1.06 -37.31
C3D CLA MC . 28.23 -0.45 -36.10
C4D CLA MC . 27.03 -0.58 -35.28
CMD CLA MC . 28.79 -1.21 -38.50
CAD CLA MC . 29.20 0.29 -35.33
OBD CLA MC . 30.30 0.69 -35.66
CBD CLA MC . 28.59 0.49 -33.90
CGD CLA MC . 29.33 -0.32 -32.89
O1D CLA MC . 29.49 -1.55 -32.89
O2D CLA MC . 29.86 0.38 -31.85
CED CLA MC . 30.53 -0.37 -30.83
C1 CLA MC . 25.15 2.49 -36.20
C2 CLA MC . 24.34 1.51 -36.97
C3 CLA MC . 23.97 1.70 -38.24
C4 CLA MC . 24.32 2.93 -39.00
C5 CLA MC . 23.17 0.68 -38.97
C6 CLA MC . 21.67 0.92 -38.88
C7 CLA MC . 21.08 0.08 -37.77
C8 CLA MC . 19.68 -0.46 -38.07
C9 CLA MC . 19.61 -1.10 -39.44
C10 CLA MC . 18.64 0.63 -37.94
C11 CLA MC . 17.62 0.30 -36.88
C12 CLA MC . 16.57 1.38 -36.73
C13 CLA MC . 15.39 0.93 -35.87
C14 CLA MC . 14.83 -0.39 -36.34
C15 CLA MC . 14.30 2.00 -35.87
C16 CLA MC . 14.35 2.84 -34.62
C17 CLA MC . 13.39 4.02 -34.73
C18 CLA MC . 13.38 4.87 -33.47
C19 CLA MC . 14.70 5.59 -33.25
C20 CLA MC . 13.02 4.05 -32.26
MG CLA NC . 23.25 -3.61 -25.41
CHA CLA NC . 21.99 -6.72 -26.28
CHB CLA NC . 22.16 -2.34 -28.37
CHC CLA NC . 23.93 -0.44 -24.27
CHD CLA NC . 24.02 -4.88 -22.22
NA CLA NC . 22.35 -4.44 -27.08
C1A CLA NC . 21.88 -5.76 -27.25
C2A CLA NC . 21.18 -5.89 -28.59
C3A CLA NC . 21.58 -4.60 -29.34
C4A CLA NC . 22.06 -3.70 -28.20
CMA CLA NC . 22.65 -4.86 -30.37
CAA CLA NC . 19.65 -5.92 -28.32
CBA CLA NC . 18.95 -4.80 -27.54
CGA CLA NC . 19.15 -4.86 -26.05
O1A CLA NC . 19.16 -5.85 -25.33
O2A CLA NC . 19.40 -3.66 -25.44
NB CLA NC . 23.15 -1.76 -26.20
C1B CLA NC . 22.59 -1.44 -27.39
C2B CLA NC . 22.51 0.05 -27.55
C3B CLA NC . 23.02 0.58 -26.38
C4B CLA NC . 23.42 -0.55 -25.52
CMB CLA NC . 21.95 0.72 -28.72
CAB CLA NC . 23.14 1.94 -25.96
CBB CLA NC . 22.14 2.78 -25.74
NC CLA NC . 23.98 -2.83 -23.62
C1C CLA NC . 24.20 -1.51 -23.38
C2C CLA NC . 24.67 -1.32 -22.01
C3C CLA NC . 24.68 -2.57 -21.43
C4C CLA NC . 24.25 -3.52 -22.44
CMC CLA NC . 24.98 -0.03 -21.41
CAC CLA NC . 25.07 -2.91 -20.05
CBC CLA NC . 23.92 -2.76 -19.10
ND CLA NC . 23.25 -5.41 -24.48
C1D CLA NC . 23.52 -5.77 -23.14
C2D CLA NC . 23.19 -7.18 -22.94
C3D CLA NC . 22.61 -7.61 -24.12
C4D CLA NC . 22.63 -6.45 -25.04
CMD CLA NC . 23.38 -7.89 -21.69
CAD CLA NC . 22.00 -8.72 -24.81
OBD CLA NC . 21.87 -9.88 -24.47
CBD CLA NC . 21.50 -8.17 -26.18
CGD CLA NC . 21.89 -9.07 -27.31
O1D CLA NC . 21.45 -10.20 -27.53
O2D CLA NC . 22.83 -8.58 -28.17
CED CLA NC . 23.15 -9.36 -29.33
C1 CLA NC . 19.98 -3.77 -24.12
C2 CLA NC . 20.30 -2.40 -23.63
C3 CLA NC . 20.51 -2.12 -22.34
C4 CLA NC . 20.45 -3.15 -21.26
C5 CLA NC . 20.82 -0.73 -21.91
C6 CLA NC . 19.55 -0.03 -21.46
C7 CLA NC . 19.64 1.45 -21.71
C8 CLA NC . 19.60 1.83 -23.19
C9 CLA NC . 19.53 3.33 -23.32
C10 CLA NC . 18.40 1.19 -23.90
C11 CLA NC . 18.66 1.07 -25.39
C12 CLA NC . 17.74 0.06 -26.04
C13 CLA NC . 18.16 -0.17 -27.49
C14 CLA NC . 17.92 1.08 -28.31
C15 CLA NC . 17.47 -1.39 -28.09
C16 CLA NC . 16.08 -1.11 -28.62
C17 CLA NC . 15.56 -2.23 -29.49
C18 CLA NC . 14.70 -1.74 -30.65
C19 CLA NC . 15.55 -1.09 -31.72
C20 CLA NC . 13.62 -0.80 -30.19
MG CLA OC . 28.11 4.64 -21.38
CHA CLA OC . 27.62 2.62 -24.16
CHB CLA OC . 27.51 7.38 -23.27
CHC CLA OC . 28.33 6.57 -18.54
CHD CLA OC . 28.73 1.76 -19.44
NA CLA OC . 27.70 4.93 -23.41
C1A CLA OC . 27.51 3.96 -24.40
C2A CLA OC . 27.23 4.63 -25.76
C3A CLA OC . 27.44 6.13 -25.47
C4A CLA OC . 27.55 6.17 -23.94
CMA CLA OC . 28.69 6.66 -26.13
CAA CLA OC . 25.84 4.39 -26.30
CBA CLA OC . 25.90 4.40 -27.80
CGA CLA OC . 24.53 4.52 -28.38
O1A CLA OC . 23.80 3.63 -28.85
O2A CLA OC . 24.07 5.81 -28.38
NB CLA OC . 28.03 6.60 -21.00
C1B CLA OC . 27.62 7.53 -21.87
C2B CLA OC . 27.33 8.80 -21.15
C3B CLA OC . 27.57 8.59 -19.82
C4B CLA OC . 28.02 7.19 -19.70
CMB CLA OC . 26.85 9.96 -21.84
CAB CLA OC . 27.45 9.47 -18.68
CBB CLA OC . 27.97 10.68 -18.57
NC CLA OC . 28.49 4.24 -19.37
C1C CLA OC . 28.55 5.18 -18.39
C2C CLA OC . 28.83 4.58 -17.11
C3C CLA OC . 28.96 3.21 -17.35
C4C CLA OC . 28.74 3.01 -18.78
CMC CLA OC . 28.95 5.31 -15.84
CAC CLA OC . 29.27 2.19 -16.37
CBC CLA OC . 30.72 1.78 -16.43
ND CLA OC . 28.19 2.64 -21.67
C1D CLA OC . 28.47 1.58 -20.78
C2D CLA OC . 28.40 0.30 -21.53
C3D CLA OC . 28.06 0.65 -22.83
C4D CLA OC . 27.95 2.12 -22.87
CMD CLA OC . 28.62 -1.01 -20.93
CAD CLA OC . 27.78 0.16 -24.16
OBD CLA OC . 27.73 -0.99 -24.59
CBD CLA OC . 27.49 1.40 -25.05
CGD CLA OC . 28.36 1.45 -26.27
O1D CLA OC . 29.59 1.52 -26.32
O2D CLA OC . 27.68 1.41 -27.44
CED CLA OC . 28.39 1.76 -28.64
C1 CLA OC . 22.71 6.01 -28.79
C2 CLA OC . 21.91 6.21 -27.56
C3 CLA OC . 20.76 5.55 -27.32
C4 CLA OC . 20.20 4.55 -28.25
C5 CLA OC . 20.01 5.81 -26.07
C6 CLA OC . 18.88 6.80 -26.26
C7 CLA OC . 17.54 6.11 -26.09
C8 CLA OC . 16.41 7.12 -25.97
C9 CLA OC . 16.49 7.85 -24.65
C10 CLA OC . 15.07 6.40 -26.09
C11 CLA OC . 13.97 7.34 -26.55
C12 CLA OC . 14.21 7.88 -27.95
C13 CLA OC . 12.99 8.64 -28.44
C14 CLA OC . 12.41 8.00 -29.69
C15 CLA OC . 13.30 10.12 -28.67
C16 CLA OC . 14.17 10.34 -29.90
C17 CLA OC . 15.09 11.52 -29.71
C18 CLA OC . 15.58 12.10 -31.03
C19 CLA OC . 16.12 11.04 -31.96
C20 CLA OC . 16.66 13.14 -30.76
MG CLA PC . -0.19 -8.41 -50.63
CHA CLA PC . -2.28 -8.25 -53.40
CHB CLA PC . -2.89 -8.98 -48.64
CHC CLA PC . 1.95 -9.17 -48.04
CHD CLA PC . 2.59 -8.03 -52.77
NA CLA PC . -2.25 -8.51 -50.98
C1A CLA PC . -2.92 -8.48 -52.21
C2A CLA PC . -4.43 -8.63 -52.01
C3A CLA PC . -4.57 -8.54 -50.48
C4A CLA PC . -3.15 -8.71 -49.97
CMA CLA PC . -5.16 -7.21 -50.08
CAA CLA PC . -4.95 -9.96 -52.55
CBA CLA PC . -4.02 -11.13 -52.24
CGA CLA PC . -4.51 -12.42 -52.80
O1A CLA PC . -5.65 -12.74 -53.14
O2A CLA PC . -3.51 -13.34 -52.94
NB CLA PC . -0.43 -8.84 -48.68
C1B CLA PC . -1.61 -9.15 -48.09
C2B CLA PC . -1.37 -9.71 -46.72
C3B CLA PC . 0.00 -9.76 -46.55
C4B CLA PC . 0.61 -9.23 -47.79
CMB CLA PC . -2.45 -10.14 -45.84
CAB CLA PC . 0.78 -10.26 -45.45
CBB CLA PC . 0.69 -9.86 -44.18
NC CLA PC . 1.89 -8.50 -50.44
C1C CLA PC . 2.54 -8.85 -49.28
C2C CLA PC . 3.98 -8.87 -49.51
C3C CLA PC . 4.18 -8.54 -50.85
C4C CLA PC . 2.85 -8.33 -51.43
CMC CLA PC . 5.00 -9.22 -48.50
CAC CLA PC . 5.45 -8.45 -51.56
CBC CLA PC . 6.06 -7.07 -51.49
ND CLA PC . 0.15 -8.15 -52.61
C1D CLA PC . 1.34 -7.97 -53.35
C2D CLA PC . 0.99 -7.71 -54.77
C3D CLA PC . -0.38 -7.81 -54.84
C4D CLA PC . -0.86 -8.10 -53.48
CMD CLA PC . 1.96 -7.43 -55.82
CAD CLA PC . -1.55 -7.72 -55.69
OBD CLA PC . -1.62 -7.48 -56.90
CBD CLA PC . -2.79 -8.00 -54.79
CGD CLA PC . -3.69 -6.80 -54.75
O1D CLA PC . -3.77 -5.97 -53.85
O2D CLA PC . -4.49 -6.64 -55.84
CED CLA PC . -5.37 -5.52 -55.86
C1 CLA PC . -3.88 -14.72 -53.07
C2 CLA PC . -2.60 -15.50 -53.04
C3 CLA PC . -2.55 -16.84 -53.12
C4 CLA PC . -3.75 -17.68 -53.26
C5 CLA PC . -1.24 -17.56 -53.09
C6 CLA PC . -0.03 -16.66 -53.28
C7 CLA PC . 1.23 -17.49 -53.38
C8 CLA PC . 2.50 -16.65 -53.30
C9 CLA PC . 2.79 -16.02 -54.65
C10 CLA PC . 3.68 -17.51 -52.86
C11 CLA PC . 4.75 -16.71 -52.16
C12 CLA PC . 5.16 -17.35 -50.85
C13 CLA PC . 6.58 -16.98 -50.44
C14 CLA PC . 7.59 -17.73 -51.29
C15 CLA PC . 6.83 -17.26 -48.96
C16 CLA PC . 6.21 -16.20 -48.08
C17 CLA PC . 7.24 -15.23 -47.51
C18 CLA PC . 7.70 -15.63 -46.12
C19 CLA PC . 9.11 -16.20 -46.16
C20 CLA PC . 7.66 -14.44 -45.19
MG CLA QC . -5.18 -18.10 -50.01
CHA CLA QC . -7.06 -15.24 -50.53
CHB CLA QC . -7.83 -20.02 -50.93
CHC CLA QC . -3.19 -20.87 -49.73
CHD CLA QC . -2.43 -16.05 -49.14
NA CLA QC . -7.13 -17.67 -50.61
C1A CLA QC . -7.72 -16.41 -50.80
C2A CLA QC . -9.17 -16.57 -51.27
C3A CLA QC . -9.42 -18.08 -51.19
C4A CLA QC . -8.03 -18.65 -50.91
CMA CLA QC . -10.40 -18.44 -50.11
CAA CLA QC . -9.34 -16.10 -52.71
CBA CLA QC . -8.19 -16.51 -53.60
CGA CLA QC . -8.43 -16.13 -55.03
O1A CLA QC . -9.44 -16.29 -55.71
O2A CLA QC . -7.35 -15.54 -55.60
NB CLA QC . -5.47 -20.09 -50.22
C1B CLA QC . -6.62 -20.66 -50.67
C2B CLA QC . -6.40 -22.12 -50.86
C3B CLA QC . -5.11 -22.39 -50.53
C4B CLA QC . -4.48 -21.08 -50.12
CMB CLA QC . -7.46 -23.02 -51.34
CAB CLA QC . -4.43 -23.65 -50.60
CBB CLA QC . -3.64 -24.23 -49.70
NC CLA QC . -3.18 -18.40 -49.48
C1C CLA QC . -2.59 -19.63 -49.42
C2C CLA QC . -1.20 -19.48 -49.01
C3C CLA QC . -0.96 -18.12 -48.88
C4C CLA QC . -2.21 -17.44 -49.19
CMC CLA QC . -0.28 -20.60 -48.83
CAC CLA QC . 0.31 -17.48 -48.49
CBC CLA QC . 1.10 -16.98 -49.68
ND CLA QC . -4.78 -16.13 -49.84
C1D CLA QC . -3.61 -15.41 -49.45
C2D CLA QC . -3.90 -13.97 -49.42
C3D CLA QC . -5.22 -13.85 -49.81
C4D CLA QC . -5.71 -15.21 -50.07
CMD CLA QC . -2.95 -12.93 -49.02
CAD CLA QC . -6.33 -12.94 -50.04
OBD CLA QC . -6.38 -11.73 -49.89
CBD CLA QC . -7.54 -13.80 -50.54
CGD CLA QC . -8.73 -13.63 -49.65
O1D CLA QC . -9.11 -14.37 -48.74
O2D CLA QC . -9.46 -12.51 -49.90
CED CLA QC . -10.68 -12.32 -49.17
C1 CLA QC . -6.22 -16.39 -55.90
C2 CLA QC . -5.86 -16.12 -57.31
C3 CLA QC . -4.63 -16.23 -57.83
C4 CLA QC . -4.36 -15.95 -59.26
C5 CLA QC . -3.47 -16.66 -57.00
C6 CLA QC . -2.73 -17.84 -57.63
C7 CLA QC . -1.32 -17.97 -57.11
C8 CLA QC . -0.59 -19.15 -57.74
C9 CLA QC . -1.11 -20.46 -57.17
C10 CLA QC . 0.91 -19.05 -57.53
MG CLA RC . -2.56 -12.36 -42.82
CHA CLA RC . -1.59 -9.81 -40.70
CHB CLA RC . 0.35 -13.98 -42.20
CHC CLA RC . -3.48 -14.74 -45.09
CHD CLA RC . -5.48 -10.51 -43.64
NA CLA RC . -0.93 -11.97 -41.59
C1A CLA RC . -0.70 -10.86 -40.76
C2A CLA RC . 0.63 -10.98 -40.03
C3A CLA RC . 1.22 -12.30 -40.56
C4A CLA RC . 0.14 -12.81 -41.50
CMA CLA RC . 2.53 -12.05 -41.26
CAA CLA RC . 0.40 -11.16 -38.53
CBA CLA RC . 1.52 -10.63 -37.67
CGA CLA RC . 2.59 -11.66 -37.55
O1A CLA RC . 3.69 -11.68 -38.08
O2A CLA RC . 2.26 -12.70 -36.72
NB CLA RC . -1.73 -14.06 -43.50
C1B CLA RC . -0.54 -14.56 -43.13
C2B CLA RC . -0.28 -15.83 -43.85
C3B CLA RC . -1.35 -16.05 -44.68
C4B CLA RC . -2.29 -14.91 -44.48
CMB CLA RC . 0.96 -16.58 -43.64
CAB CLA RC . -1.66 -17.11 -45.60
CBB CLA RC . -1.47 -18.42 -45.42
NC CLA RC . -4.23 -12.61 -44.07
C1C CLA RC . -4.41 -13.69 -44.89
C2C CLA RC . -5.66 -13.56 -45.61
C3C CLA RC . -6.23 -12.34 -45.24
C4C CLA RC . -5.31 -11.75 -44.27
CMC CLA RC . -6.17 -14.54 -46.56
CAC CLA RC . -7.50 -11.77 -45.73
CBC CLA RC . -8.79 -12.38 -45.23
ND CLA RC . -3.45 -10.64 -42.26
C1D CLA RC . -4.62 -9.97 -42.70
C2D CLA RC . -4.72 -8.66 -42.03
C3D CLA RC . -3.58 -8.54 -41.26
C4D CLA RC . -2.81 -9.79 -41.45
CMD CLA RC . -5.81 -7.70 -42.21
CAD CLA RC . -2.83 -7.70 -40.35
OBD CLA RC . -3.08 -6.58 -39.94
CBD CLA RC . -1.53 -8.48 -39.98
CGD CLA RC . -0.27 -7.74 -40.35
O1D CLA RC . 0.72 -7.56 -39.65
O2D CLA RC . -0.28 -7.27 -41.62
CED CLA RC . 0.94 -6.74 -42.14
C1 CLA RC . 3.17 -13.80 -36.73
C2 CLA RC . 2.60 -14.91 -35.95
C3 CLA RC . 3.12 -16.15 -35.96
C4 CLA RC . 4.33 -16.49 -36.74
C5 CLA RC . 2.52 -17.25 -35.17
C6 CLA RC . 1.72 -16.72 -34.00
C7 CLA RC . 2.55 -16.68 -32.74
C8 CLA RC . 1.99 -17.62 -31.68
C9 CLA RC . 1.87 -16.90 -30.37
C10 CLA RC . 2.84 -18.87 -31.53
C11 CLA RC . 4.33 -18.57 -31.47
C12 CLA RC . 4.98 -19.33 -30.35
C13 CLA RC . 6.35 -19.87 -30.74
C14 CLA RC . 6.89 -20.73 -29.63
C15 CLA RC . 7.33 -18.75 -31.07
C16 CLA RC . 8.70 -19.28 -31.40
C17 CLA RC . 9.70 -18.17 -31.69
C18 CLA RC . 10.74 -18.04 -30.60
C19 CLA RC . 11.65 -16.86 -30.82
C20 CLA RC . 11.57 -19.30 -30.51
MG CLA SC . 15.69 -23.06 -42.24
CHA CLA SC . 19.03 -22.12 -42.47
CHB CLA SC . 15.13 -20.63 -39.96
CHC CLA SC . 12.31 -23.74 -42.42
CHD CLA SC . 16.29 -25.52 -44.71
NA CLA SC . 16.92 -21.63 -41.35
C1A CLA SC . 18.28 -21.34 -41.61
C2A CLA SC . 18.77 -20.20 -40.73
C3A CLA SC . 17.57 -19.93 -39.80
C4A CLA SC . 16.44 -20.75 -40.42
CMA CLA SC . 17.86 -20.42 -38.42
CAA CLA SC . 19.14 -18.88 -41.43
CBA CLA SC . 19.09 -18.76 -42.94
CGA CLA SC . 17.77 -18.23 -43.39
O1A CLA SC . 16.65 -18.51 -42.95
O2A CLA SC . 17.88 -17.33 -44.41
NB CLA SC . 14.04 -22.35 -41.33
C1B CLA SC . 14.01 -21.34 -40.42
C2B CLA SC . 12.60 -21.10 -39.98
C3B CLA SC . 11.81 -21.99 -40.68
C4B CLA SC . 12.71 -22.78 -41.55
CMB CLA SC . 12.26 -20.07 -39.00
CAB CLA SC . 10.38 -22.20 -40.72
CBB CLA SC . 9.49 -22.06 -39.73
NC CLA SC . 14.53 -24.42 -43.32
C1C CLA SC . 13.16 -24.52 -43.26
C2C CLA SC . 12.68 -25.51 -44.20
C3C CLA SC . 13.82 -26.03 -44.83
C4C CLA SC . 14.97 -25.33 -44.29
CMC CLA SC . 11.28 -25.85 -44.40
CAC CLA SC . 13.85 -27.06 -45.89
CBC CLA SC . 13.78 -28.46 -45.37
ND CLA SC . 17.26 -23.76 -43.30
C1D CLA SC . 17.38 -24.78 -44.28
C2D CLA SC . 18.78 -24.90 -44.70
C3D CLA SC . 19.47 -23.91 -44.03
C4D CLA SC . 18.47 -23.21 -43.19
CMD CLA SC . 19.29 -25.87 -45.65
CAD CLA SC . 20.74 -23.28 -43.80
OBD CLA SC . 21.84 -23.54 -44.26
CBD CLA SC . 20.51 -22.09 -42.82
CGD CLA SC . 21.37 -22.22 -41.60
O1D CLA SC . 22.34 -21.54 -41.29
O2D CLA SC . 21.00 -23.23 -40.77
CED CLA SC . 21.87 -23.54 -39.67
C1 CLA SC . 18.58 -17.74 -45.60
C2 CLA SC . 17.56 -18.01 -46.65
C3 CLA SC . 17.87 -18.37 -47.90
C4 CLA SC . 19.27 -18.52 -48.37
C5 CLA SC . 16.81 -18.63 -48.92
C6 CLA SC . 15.50 -17.90 -48.63
C7 CLA SC . 14.43 -18.84 -48.12
C8 CLA SC . 13.50 -19.30 -49.23
C9 CLA SC . 12.05 -19.23 -48.77
C10 CLA SC . 13.86 -20.72 -49.67
C11 CLA SC . 12.93 -21.25 -50.74
C12 CLA SC . 13.64 -21.49 -52.05
C13 CLA SC . 14.77 -22.49 -51.92
C14 CLA SC . 15.55 -22.58 -53.21
C15 CLA SC . 14.27 -23.88 -51.52
MG CLA TC . 11.65 -33.33 -45.86
CHA CLA TC . 13.56 -35.14 -48.11
CHB CLA TC . 11.49 -30.74 -48.07
CHC CLA TC . 9.13 -31.93 -43.99
CHD CLA TC . 11.59 -36.14 -43.74
NA CLA TC . 12.51 -32.97 -47.73
C1A CLA TC . 13.22 -33.87 -48.55
C2A CLA TC . 13.63 -33.20 -49.85
C3A CLA TC . 13.25 -31.71 -49.62
C4A CLA TC . 12.34 -31.78 -48.40
CMA CLA TC . 14.46 -30.85 -49.37
CAA CLA TC . 12.89 -33.78 -51.04
CBA CLA TC . 11.45 -34.15 -50.73
CGA CLA TC . 10.85 -35.03 -51.77
O1A CLA TC . 11.33 -36.06 -52.28
O2A CLA TC . 9.62 -34.61 -52.17
NB CLA TC . 10.57 -31.62 -45.96
C1B CLA TC . 10.62 -30.72 -46.98
C2B CLA TC . 9.56 -29.68 -46.77
C3B CLA TC . 8.90 -30.02 -45.61
C4B CLA TC . 9.52 -31.26 -45.11
CMB CLA TC . 9.34 -28.59 -47.70
CAB CLA TC . 7.78 -29.41 -44.93
CBB CLA TC . 7.52 -28.11 -44.75
NC CLA TC . 10.67 -33.85 -44.10
C1C CLA TC . 9.69 -33.13 -43.49
C2C CLA TC . 9.18 -33.81 -42.31
C3C CLA TC . 9.84 -35.04 -42.28
C4C CLA TC . 10.76 -35.07 -43.41
CMC CLA TC . 8.15 -33.28 -41.43
CAC CLA TC . 9.66 -36.11 -41.29
CBC CLA TC . 8.52 -37.02 -41.67
ND CLA TC . 12.57 -35.11 -45.75
C1D CLA TC . 12.44 -36.17 -44.83
C2D CLA TC . 13.30 -37.29 -45.24
C3D CLA TC . 13.76 -36.96 -46.50
C4D CLA TC . 13.22 -35.62 -46.80
CMD CLA TC . 13.51 -38.47 -44.42
CAD CLA TC . 14.59 -37.33 -47.63
OBD CLA TC . 15.36 -38.28 -47.74
CBD CLA TC . 14.36 -36.26 -48.74
CGD CLA TC . 15.66 -35.78 -49.32
O1D CLA TC . 16.05 -35.91 -50.49
O2D CLA TC . 16.45 -35.13 -48.44
CED CLA TC . 17.77 -34.78 -48.88
C1 CLA TC . 8.77 -35.58 -52.83
C2 CLA TC . 7.73 -34.82 -53.57
C3 CLA TC . 6.47 -34.66 -53.10
C4 CLA TC . 6.04 -35.22 -51.81
C5 CLA TC . 5.46 -33.89 -53.88
C6 CLA TC . 5.96 -32.54 -54.34
C7 CLA TC . 5.75 -31.48 -53.27
C8 CLA TC . 5.62 -30.08 -53.88
C9 CLA TC . 6.92 -29.65 -54.52
C10 CLA TC . 5.17 -29.07 -52.83
C11 CLA TC . 6.24 -28.81 -51.79
C12 CLA TC . 5.68 -28.10 -50.58
C13 CLA TC . 5.21 -26.68 -50.90
C14 CLA TC . 6.27 -25.67 -50.50
C15 CLA TC . 3.89 -26.34 -50.22
C16 CLA TC . 2.85 -27.43 -50.40
C17 CLA TC . 1.68 -27.23 -49.47
C18 CLA TC . 0.45 -26.70 -50.20
C19 CLA TC . -0.53 -27.81 -50.49
C20 CLA TC . -0.22 -25.60 -49.39
MG CLA UC . 3.19 -38.99 -34.52
CHA CLA UC . 4.11 -41.73 -32.57
CHB CLA UC . 5.32 -40.02 -36.97
CHC CLA UC . 1.82 -36.66 -36.63
CHD CLA UC . 0.80 -38.14 -32.04
NA CLA UC . 4.54 -40.58 -34.69
C1A CLA UC . 4.74 -41.65 -33.79
C2A CLA UC . 5.77 -42.62 -34.36
C3A CLA UC . 6.30 -41.92 -35.62
C4A CLA UC . 5.32 -40.76 -35.80
CMA CLA UC . 7.73 -41.48 -35.46
CAA CLA UC . 5.07 -43.92 -34.80
CBA CLA UC . 3.63 -43.73 -35.29
CGA CLA UC . 3.13 -44.79 -36.22
O1A CLA UC . 3.47 -45.97 -36.29
O2A CLA UC . 2.18 -44.33 -37.08
NB CLA UC . 3.58 -38.37 -36.38
C1B CLA UC . 4.46 -38.95 -37.25
C2B CLA UC . 4.37 -38.30 -38.58
C3B CLA UC . 3.38 -37.34 -38.50
C4B CLA UC . 2.86 -37.39 -37.10
CMB CLA UC . 5.20 -38.77 -39.69
CAB CLA UC . 2.79 -36.43 -39.45
CBB CLA UC . 2.76 -36.53 -40.79
NC CLA UC . 1.65 -37.61 -34.33
C1C CLA UC . 1.23 -36.77 -35.33
C2C CLA UC . 0.08 -36.00 -34.89
C3C CLA UC . -0.19 -36.40 -33.58
C4C CLA UC . 0.78 -37.43 -33.24
CMC CLA UC . -0.65 -35.04 -35.70
CAC CLA UC . -1.27 -35.91 -32.71
CBC CLA UC . -2.61 -36.57 -32.97
ND CLA UC . 2.60 -39.68 -32.70
C1D CLA UC . 1.63 -39.21 -31.78
C2D CLA UC . 1.69 -40.04 -30.55
C3D CLA UC . 2.61 -41.03 -30.81
C4D CLA UC . 3.13 -40.78 -32.16
CMD CLA UC . 0.87 -39.82 -29.37
CAD CLA UC . 3.31 -42.20 -30.30
OBD CLA UC . 3.21 -42.76 -29.21
CBD CLA UC . 4.27 -42.69 -31.42
CGD CLA UC . 5.69 -42.65 -30.93
O1D CLA UC . 6.49 -41.70 -31.00
O2D CLA UC . 6.14 -43.80 -30.36
CED CLA UC . 7.36 -43.75 -29.62
C1 CLA UC . 0.92 -45.02 -37.10
C2 CLA UC . -0.09 -44.18 -37.81
C3 CLA UC . -0.18 -44.12 -39.16
C4 CLA UC . 0.72 -44.88 -40.05
C5 CLA UC . -1.20 -43.26 -39.83
C6 CLA UC . -2.19 -42.58 -38.91
C7 CLA UC . -3.24 -41.82 -39.70
C8 CLA UC . -4.14 -40.95 -38.83
C9 CLA UC . -4.75 -41.75 -37.70
C10 CLA UC . -5.23 -40.29 -39.66
MG CLA VC . 3.73 -31.01 -27.21
CHA CLA VC . 5.30 -29.18 -24.72
CHB CLA VC . 6.49 -33.01 -27.44
CHC CLA VC . 2.08 -32.96 -29.48
CHD CLA VC . 0.82 -29.07 -26.74
NA CLA VC . 5.59 -31.03 -26.25
C1A CLA VC . 6.04 -30.20 -25.22
C2A CLA VC . 7.45 -30.61 -24.79
C3A CLA VC . 7.87 -31.66 -25.83
C4A CLA VC . 6.56 -31.94 -26.56
CMA CLA VC . 8.91 -31.14 -26.79
CAA CLA VC . 7.39 -31.29 -23.43
CBA CLA VC . 8.54 -32.27 -23.24
CGA CLA VC . 8.27 -33.27 -22.17
O1A CLA VC . 9.08 -33.77 -21.38
O2A CLA VC . 6.98 -33.69 -22.10
NB CLA VC . 4.18 -32.69 -28.22
C1B CLA VC . 5.37 -33.34 -28.20
C2B CLA VC . 5.39 -34.40 -29.23
C3B CLA VC . 4.14 -34.39 -29.82
C4B CLA VC . 3.36 -33.30 -29.20
CMB CLA VC . 6.58 -35.20 -29.45
CAB CLA VC . 3.58 -35.23 -30.85
CBB CLA VC . 3.62 -36.55 -30.92
NC CLA VC . 1.81 -30.98 -28.01
C1C CLA VC . 1.35 -31.86 -28.94
C2C CLA VC . -0.04 -31.58 -29.26
C3C CLA VC . -0.42 -30.49 -28.46
C4C CLA VC . 0.76 -30.12 -27.69
CMC CLA VC . -0.81 -32.37 -30.23
CAC CLA VC . -1.74 -29.82 -28.34
CBC CLA VC . -2.37 -29.15 -29.54
ND CLA VC . 3.16 -29.41 -26.12
C1D CLA VC . 1.93 -28.72 -26.00
C2D CLA VC . 2.08 -27.63 -25.01
C3D CLA VC . 3.36 -27.74 -24.51
C4D CLA VC . 3.97 -28.89 -25.19
CMD CLA VC . 1.05 -26.65 -24.68
CAD CLA VC . 4.34 -27.20 -23.60
OBD CLA VC . 4.28 -26.21 -22.88
CBD CLA VC . 5.59 -28.13 -23.67
CGD CLA VC . 6.79 -27.35 -24.08
O1D CLA VC . 7.05 -26.90 -25.21
O2D CLA VC . 7.70 -27.12 -23.09
CED CLA VC . 8.58 -26.00 -23.26
C1 CLA VC . 6.77 -35.07 -22.47
C2 CLA VC . 5.54 -35.60 -21.83
C3 CLA VC . 4.29 -35.34 -22.26
C4 CLA VC . 3.10 -35.91 -21.58
C5 CLA VC . 4.03 -34.46 -23.43
C6 CLA VC . 2.76 -33.66 -23.28
C7 CLA VC . 2.69 -32.56 -24.31
C8 CLA VC . 1.38 -32.59 -25.09
C9 CLA VC . 0.24 -32.11 -24.22
C10 CLA VC . 1.10 -33.97 -25.63
C11 CLA VC . -0.16 -33.97 -26.48
C12 CLA VC . -0.09 -35.05 -27.54
C13 CLA VC . -1.09 -36.15 -27.26
C14 CLA VC . -0.41 -37.30 -26.56
C15 CLA VC . -1.75 -36.60 -28.55
C16 CLA VC . -3.22 -36.20 -28.59
C17 CLA VC . -3.99 -37.05 -29.58
C18 CLA VC . -5.43 -36.60 -29.75
C19 CLA VC . -6.19 -36.68 -28.45
C20 CLA VC . -5.48 -35.19 -30.30
MG CLA WC . 7.44 -23.78 -31.23
CHA CLA WC . 10.84 -23.44 -30.67
CHB CLA WC . 7.12 -25.35 -28.23
CHC CLA WC . 4.04 -23.87 -31.69
CHD CLA WC . 7.80 -22.05 -34.28
NA CLA WC . 8.79 -24.33 -29.72
C1A CLA WC . 10.17 -24.10 -29.68
C2A CLA WC . 10.76 -24.67 -28.38
C3A CLA WC . 9.59 -25.48 -27.77
C4A CLA WC . 8.40 -25.02 -28.62
CMA CLA WC . 9.81 -26.97 -27.83
CAA CLA WC . 11.23 -23.54 -27.46
CBA CLA WC . 10.45 -23.39 -26.16
CGA CLA WC . 9.20 -22.61 -26.42
O1A CLA WC . 9.05 -21.77 -27.29
O2A CLA WC . 8.16 -22.97 -25.60
NB CLA WC . 5.90 -24.58 -30.22
C1B CLA WC . 5.96 -25.01 -28.93
C2B CLA WC . 4.60 -25.12 -28.35
C3B CLA WC . 3.72 -24.71 -29.32
C4B CLA WC . 4.54 -24.35 -30.51
CMB CLA WC . 4.39 -25.56 -26.98
CAB CLA WC . 2.30 -24.58 -29.31
CBB CLA WC . 1.43 -25.51 -28.91
NC CLA WC . 6.16 -23.12 -32.74
C1C CLA WC . 4.81 -23.28 -32.73
C2C CLA WC . 4.24 -22.73 -33.95
C3C CLA WC . 5.29 -22.19 -34.67
C4C CLA WC . 6.51 -22.44 -33.91
CMC CLA WC . 2.81 -22.74 -34.29
CAC CLA WC . 5.22 -21.52 -35.97
CBC CLA WC . 5.15 -20.02 -35.85
ND CLA WC . 8.92 -22.87 -32.26
C1D CLA WC . 8.94 -22.23 -33.53
C2D CLA WC . 10.33 -21.82 -33.83
C3D CLA WC . 11.10 -22.26 -32.76
C4D CLA WC . 10.18 -22.92 -31.83
CMD CLA WC . 10.74 -21.09 -35.02
CAD CLA WC . 12.41 -22.31 -32.18
OBD CLA WC . 13.46 -21.79 -32.55
CBD CLA WC . 12.31 -23.17 -30.88
CGD CLA WC . 13.02 -24.48 -31.05
O1D CLA WC . 12.76 -25.37 -31.87
O2D CLA WC . 14.05 -24.69 -30.19
CED CLA WC . 14.80 -25.89 -30.32
C1 CLA WC . 7.19 -21.97 -25.23
C2 CLA WC . 6.11 -21.93 -26.26
C3 CLA WC . 4.80 -21.98 -25.99
C4 CLA WC . 4.28 -22.11 -24.60
C5 CLA WC . 3.81 -21.92 -27.10
C6 CLA WC . 2.54 -21.17 -26.78
C7 CLA WC . 1.30 -22.04 -26.91
C8 CLA WC . 0.49 -21.74 -28.17
C9 CLA WC . 0.09 -20.28 -28.27
C10 CLA WC . -0.77 -22.61 -28.22
C11 CLA WC . -1.62 -22.41 -27.00
C12 CLA WC . -2.54 -23.60 -26.75
C13 CLA WC . -2.78 -23.88 -25.27
C14 CLA WC . -1.48 -23.90 -24.52
C15 CLA WC . -3.54 -25.18 -25.10
C16 CLA WC . -3.50 -25.75 -23.69
C17 CLA WC . -3.99 -27.18 -23.64
C18 CLA WC . -3.21 -28.07 -24.60
C19 CLA WC . -1.98 -28.65 -23.93
C20 CLA WC . -4.08 -29.18 -25.13
MG CLA XC . -10.23 -22.30 -32.57
CHA CLA XC . -13.58 -21.55 -32.10
CHB CLA XC . -9.48 -18.99 -32.29
CHC CLA XC . -6.89 -23.09 -32.66
CHD CLA XC . -11.05 -25.71 -32.75
NA CLA XC . -11.37 -20.57 -32.29
C1A CLA XC . -12.75 -20.47 -32.07
C2A CLA XC . -13.16 -19.02 -31.86
C3A CLA XC . -11.88 -18.24 -32.21
C4A CLA XC . -10.81 -19.32 -32.24
CMA CLA XC . -12.01 -17.56 -33.54
CAA CLA XC . -13.52 -18.78 -30.39
CBA CLA XC . -12.66 -19.53 -29.38
CGA CLA XC . -13.10 -19.39 -27.96
O1A CLA XC . -14.24 -19.41 -27.51
O2A CLA XC . -12.07 -19.22 -27.09
NB CLA XC . -8.52 -21.23 -32.53
C1B CLA XC . -8.43 -19.90 -32.35
C2B CLA XC . -7.01 -19.50 -32.22
C3B CLA XC . -6.26 -20.64 -32.32
C4B CLA XC . -7.21 -21.77 -32.52
CMB CLA XC . -6.60 -18.12 -32.03
CAB CLA XC . -4.84 -20.76 -32.23
CBB CLA XC . -4.19 -21.29 -31.20
NC CLA XC . -9.18 -24.08 -32.75
C1C CLA XC . -7.81 -24.17 -32.79
C2C CLA XC . -7.40 -25.57 -32.88
C3C CLA XC . -8.58 -26.33 -32.89
C4C CLA XC . -9.68 -25.38 -32.79
CMC CLA XC . -6.03 -26.04 -32.96
CAC CLA XC . -8.69 -27.79 -32.94
CBC CLA XC . -9.03 -28.35 -34.30
ND CLA XC . -11.90 -23.43 -32.56
C1D CLA XC . -12.09 -24.83 -32.62
C2D CLA XC . -13.54 -25.11 -32.56
C3D CLA XC . -14.17 -23.89 -32.40
C4D CLA XC . -13.10 -22.87 -32.36
CMD CLA XC . -14.11 -26.44 -32.66
CAD CLA XC . -15.42 -23.17 -32.27
OBD CLA XC . -16.56 -23.58 -32.34
CBD CLA XC . -15.08 -21.67 -31.99
CGD CLA XC . -15.79 -20.77 -32.95
O1D CLA XC . -15.45 -20.49 -34.11
O2D CLA XC . -16.92 -20.20 -32.46
CED CLA XC . -17.39 -18.99 -33.05
C1 CLA XC . -12.35 -19.60 -25.72
C2 CLA XC . -11.06 -19.82 -25.04
C3 CLA XC . -10.95 -20.45 -23.85
C4 CLA XC . -12.14 -20.99 -23.14
C5 CLA XC . -9.63 -20.64 -23.20
C6 CLA XC . -9.37 -22.09 -22.82
C7 CLA XC . -8.87 -22.88 -24.01
C8 CLA XC . -8.54 -24.32 -23.66
C9 CLA XC . -7.48 -24.39 -22.60
C10 CLA XC . -8.08 -25.08 -24.90
C11 CLA XC . -8.87 -26.35 -25.12
C12 CLA XC . -8.12 -27.57 -24.62
C13 CLA XC . -8.71 -28.85 -25.19
C14 CLA XC . -9.23 -29.73 -24.08
C15 CLA XC . -7.67 -29.61 -26.03
C16 CLA XC . -7.44 -28.96 -27.37
C17 CLA XC . -6.34 -29.65 -28.15
C18 CLA XC . -6.76 -31.03 -28.63
C19 CLA XC . -6.85 -31.08 -30.15
C20 CLA XC . -5.79 -32.09 -28.15
MG CLA YC . -17.48 -28.94 -38.30
CHA CLA YC . -19.60 -29.22 -41.02
CHB CLA YC . -20.12 -29.55 -36.21
CHC CLA YC . -15.32 -28.84 -35.64
CHD CLA YC . -14.74 -28.56 -40.51
NA CLA YC . -19.52 -29.33 -38.59
C1A CLA YC . -20.21 -29.44 -39.81
C2A CLA YC . -21.69 -29.77 -39.58
C3A CLA YC . -21.84 -29.79 -38.04
C4A CLA YC . -20.40 -29.57 -37.56
CMA CLA YC . -22.75 -28.70 -37.56
CAA CLA YC . -22.04 -31.14 -40.16
CBA CLA YC . -22.88 -32.06 -39.31
CGA CLA YC . -22.65 -33.47 -39.79
O1A CLA YC . -21.58 -34.05 -39.92
O2A CLA YC . -23.79 -34.14 -40.11
NB CLA YC . -17.68 -29.12 -36.31
C1B CLA YC . -18.84 -29.36 -35.65
C2B CLA YC . -18.61 -29.39 -34.18
C3B CLA YC . -17.26 -29.19 -34.00
C4B CLA YC . -16.65 -29.03 -35.35
CMB CLA YC . -19.70 -29.64 -33.24
CAB CLA YC . -16.45 -29.16 -32.80
CBB CLA YC . -16.78 -28.66 -31.61
NC CLA YC . -15.40 -28.70 -38.12
C1C CLA YC . -14.71 -28.71 -36.94
C2C CLA YC . -13.28 -28.54 -37.18
C3C CLA YC . -13.08 -28.51 -38.58
C4C CLA YC . -14.44 -28.62 -39.14
CMC CLA YC . -12.32 -28.47 -36.07
CAC CLA YC . -11.86 -28.36 -39.45
CBC CLA YC . -10.42 -28.81 -39.16
ND CLA YC . -17.17 -28.85 -40.29
C1D CLA YC . -16.00 -28.66 -41.07
C2D CLA YC . -16.40 -28.56 -42.49
C3D CLA YC . -17.77 -28.73 -42.52
C4D CLA YC . -18.20 -28.95 -41.13
CMD CLA YC . -15.48 -28.29 -43.60
CAD CLA YC . -18.94 -28.79 -43.36
OBD CLA YC . -19.07 -28.61 -44.57
CBD CLA YC . -20.14 -29.16 -42.43
CGD CLA YC . -21.27 -28.18 -42.51
O1D CLA YC . -22.47 -28.43 -42.69
O2D CLA YC . -20.91 -26.88 -42.34
CED CLA YC . -21.84 -25.99 -41.71
C1 CLA YC . -23.61 -35.29 -40.97
C2 CLA YC . -24.56 -36.35 -40.55
C3 CLA YC . -24.18 -37.59 -40.17
C4 CLA YC . -22.76 -37.99 -40.13
C5 CLA YC . -25.20 -38.60 -39.76
C6 CLA YC . -24.82 -40.03 -40.08
C7 CLA YC . -25.69 -40.59 -41.18
C8 CLA YC . -26.04 -42.05 -40.97
C9 CLA YC . -26.93 -42.16 -39.75
C10 CLA YC . -24.78 -42.90 -40.89
C11 CLA YC . -24.87 -44.11 -39.97
C12 CLA YC . -25.36 -45.36 -40.67
C13 CLA YC . -25.14 -46.60 -39.82
C14 CLA YC . -25.89 -46.49 -38.52
C15 CLA YC . -23.65 -46.81 -39.55
C16 CLA YC . -23.13 -48.04 -40.26
C17 CLA YC . -22.73 -47.74 -41.70
C18 CLA YC . -22.13 -48.95 -42.39
C19 CLA YC . -23.21 -49.86 -42.94
C20 CLA YC . -21.20 -48.50 -43.50
MG CLA ZC . -21.94 -26.40 -30.04
CHA CLA ZC . -23.22 -26.28 -33.28
CHB CLA ZC . -25.01 -27.24 -28.85
CHC CLA ZC . -20.56 -26.85 -26.95
CHD CLA ZC . -18.74 -25.73 -31.36
NA CLA ZC . -23.81 -26.66 -30.93
C1A CLA ZC . -24.13 -26.58 -32.30
C2A CLA ZC . -25.63 -26.88 -32.50
C3A CLA ZC . -26.18 -26.94 -31.06
C4A CLA ZC . -24.93 -26.96 -30.20
CMA CLA ZC . -27.09 -25.77 -30.75
CAA CLA ZC . -25.82 -28.23 -33.20
CBA CLA ZC . -24.82 -29.28 -32.72
CGA CLA ZC . -25.00 -30.61 -33.37
O1A CLA ZC . -25.87 -31.46 -33.14
O2A CLA ZC . -24.06 -30.86 -34.32
NB CLA ZC . -22.68 -26.77 -28.21
C1B CLA ZC . -23.91 -27.28 -27.97
C2B CLA ZC . -23.97 -27.92 -26.63
C3B CLA ZC . -22.71 -27.81 -26.10
C4B CLA ZC . -21.88 -27.09 -27.09
CMB CLA ZC . -25.16 -28.60 -26.11
CAB CLA ZC . -22.19 -28.30 -24.84
CBB CLA ZC . -22.66 -27.99 -23.64
NC CLA ZC . -19.99 -26.25 -29.29
C1C CLA ZC . -19.67 -26.46 -27.98
C2C CLA ZC . -18.24 -26.26 -27.78
C3C CLA ZC . -17.70 -25.98 -29.04
C4C CLA ZC . -18.83 -25.97 -29.98
CMC CLA ZC . -17.56 -26.42 -26.49
CAC CLA ZC . -16.29 -25.72 -29.37
CBC CLA ZC . -15.83 -24.32 -28.99
ND CLA ZC . -21.10 -26.15 -31.87
C1D CLA ZC . -19.78 -25.82 -32.25
C2D CLA ZC . -19.76 -25.59 -33.71
C3D CLA ZC . -21.04 -25.77 -34.16
C4D CLA ZC . -21.84 -26.11 -32.98
CMD CLA ZC . -18.57 -25.25 -34.48
CAD CLA ZC . -21.93 -25.78 -35.30
OBD CLA ZC . -21.67 -25.63 -36.50
CBD CLA ZC . -23.36 -26.01 -34.75
CGD CLA ZC . -24.13 -24.74 -34.90
O1D CLA ZC . -24.16 -23.82 -34.09
O2D CLA ZC . -24.82 -24.58 -36.07
CED CLA ZC . -25.09 -23.25 -36.50
C1 CLA ZC . -23.88 -32.24 -34.73
C2 CLA ZC . -22.54 -32.30 -35.38
C3 CLA ZC . -22.05 -33.41 -35.94
C4 CLA ZC . -22.80 -34.69 -35.99
C5 CLA ZC . -20.70 -33.39 -36.57
C6 CLA ZC . -19.62 -33.10 -35.56
C7 CLA ZC . -18.27 -32.87 -36.22
C8 CLA ZC . -17.17 -32.61 -35.20
C9 CLA ZC . -15.84 -32.48 -35.90
C10 CLA ZC . -17.14 -33.73 -34.15
C11 CLA ZC . -15.93 -33.64 -33.25
C12 CLA ZC . -16.19 -32.76 -32.05
C13 CLA ZC . -15.74 -33.47 -30.77
C14 CLA ZC . -16.53 -33.00 -29.58
C15 CLA ZC . -14.24 -33.35 -30.51
C16 CLA ZC . -13.72 -31.94 -30.72
C17 CLA ZC . -12.21 -31.93 -30.88
C18 CLA ZC . -11.75 -31.46 -32.25
C19 CLA ZC . -12.01 -32.49 -33.33
C20 CLA ZC . -12.37 -30.13 -32.62
MG CLA AD . -19.09 -16.87 -24.58
CHA CLA AD . -17.83 -18.49 -27.35
CHB CLA AD . -20.12 -19.87 -23.31
CHC CLA AD . -19.91 -15.30 -21.64
CHD CLA AD . -17.95 -13.80 -25.90
NA CLA AD . -19.01 -18.84 -25.26
C1A CLA AD . -18.41 -19.31 -26.42
C2A CLA AD . -18.53 -20.82 -26.51
C3A CLA AD . -19.54 -21.15 -25.42
C4A CLA AD . -19.54 -19.89 -24.56
CMA CLA AD . -20.87 -21.38 -26.07
CAA CLA AD . -17.14 -21.35 -26.15
CBA CLA AD . -17.08 -22.82 -25.80
CGA CLA AD . -15.65 -23.20 -25.56
O1A CLA AD . -14.64 -22.59 -25.91
O2A CLA AD . -15.51 -24.36 -24.87
NB CLA AD . -19.91 -17.46 -22.83
C1B CLA AD . -20.19 -18.75 -22.47
C2B CLA AD . -20.60 -18.80 -21.05
C3B CLA AD . -20.54 -17.51 -20.56
C4B CLA AD . -20.10 -16.64 -21.70
CMB CLA AD . -20.98 -20.03 -20.36
CAB CLA AD . -20.83 -17.00 -19.25
CBB CLA AD . -20.13 -17.25 -18.15
NC CLA AD . -19.02 -14.89 -23.93
C1C CLA AD . -19.41 -14.48 -22.69
C2C CLA AD . -19.18 -13.05 -22.57
C3C CLA AD . -18.63 -12.61 -23.76
C4C CLA AD . -18.51 -13.78 -24.62
CMC CLA AD . -19.49 -12.28 -21.38
CAC CLA AD . -18.24 -11.23 -24.11
CBC CLA AD . -16.78 -10.96 -23.86
ND CLA AD . -18.19 -16.21 -26.25
C1D CLA AD . -17.76 -14.92 -26.67
C2D CLA AD . -17.15 -15.04 -28.01
C3D CLA AD . -17.16 -16.39 -28.33
C4D CLA AD . -17.80 -17.07 -27.19
CMD CLA AD . -16.62 -13.93 -28.79
CAD CLA AD . -16.84 -17.39 -29.31
OBD CLA AD . -16.38 -17.25 -30.43
CBD CLA AD . -17.20 -18.77 -28.69
CGD CLA AD . -18.11 -19.59 -29.56
O1D CLA AD . -19.14 -19.22 -30.12
O2D CLA AD . -17.69 -20.88 -29.72
CED CLA AD . -18.69 -21.89 -29.91
C1 CLA AD . -14.17 -24.88 -24.71
C2 CLA AD . -14.30 -26.32 -24.39
C3 CLA AD . -13.44 -26.99 -23.60
C4 CLA AD . -12.25 -26.33 -23.00
C5 CLA AD . -13.63 -28.44 -23.31
C6 CLA AD . -13.43 -28.83 -21.87
C7 CLA AD . -14.61 -28.41 -21.00
C8 CLA AD . -14.93 -29.44 -19.92
MG CLA BD . -10.62 -14.24 -32.61
CHA CLA BD . -7.62 -13.79 -34.31
CHB CLA BD . -8.93 -14.68 -29.71
CHC CLA BD . -13.59 -14.98 -31.05
CHD CLA BD . -12.36 -13.70 -35.64
NA CLA BD . -8.59 -14.17 -32.10
C1A CLA BD . -7.49 -13.99 -32.95
C2A CLA BD . -6.20 -14.01 -32.12
C3A CLA BD . -6.69 -14.10 -30.67
C4A CLA BD . -8.19 -14.33 -30.82
CMA CLA BD . -6.03 -15.22 -29.91
CAA CLA BD . -5.38 -12.73 -32.24
CBA CLA BD . -3.92 -12.93 -31.88
CGA CLA BD . -3.37 -14.20 -32.45
O1A CLA BD . -3.64 -14.79 -33.50
O2A CLA BD . -2.40 -14.76 -31.69
NB CLA BD . -11.17 -14.71 -30.73
C1B CLA BD . -10.31 -14.92 -29.71
C2B CLA BD . -11.06 -15.44 -28.53
C3B CLA BD . -12.37 -15.52 -28.89
C4B CLA BD . -12.46 -15.05 -30.30
CMB CLA BD . -10.38 -15.76 -27.27
CAB CLA BD . -13.53 -15.96 -28.15
CBB CLA BD . -13.90 -15.50 -26.95
NC CLA BD . -12.61 -14.28 -33.24
C1C CLA BD . -13.67 -14.61 -32.43
C2C CLA BD . -14.90 -14.57 -33.20
C3C CLA BD . -14.56 -14.18 -34.48
C4C CLA BD . -13.12 -14.01 -34.51
CMC CLA BD . -16.22 -14.87 -32.66
CAC CLA BD . -15.48 -13.98 -35.62
CBC CLA BD . -15.97 -12.56 -35.67
ND CLA BD . -10.18 -13.76 -34.52
C1D CLA BD . -10.99 -13.61 -35.67
C2D CLA BD . -10.12 -13.35 -36.84
C3D CLA BD . -8.83 -13.45 -36.38
C4D CLA BD . -8.91 -13.70 -34.93
CMD CLA BD . -10.59 -13.10 -38.20
CAD CLA BD . -7.44 -13.36 -36.74
OBD CLA BD . -6.93 -13.11 -37.82
CBD CLA BD . -6.64 -13.64 -35.45
CGD CLA BD . -5.79 -14.87 -35.64
O1D CLA BD . -4.74 -14.96 -36.27
O2D CLA BD . -6.29 -15.98 -35.04
CED CLA BD . -5.90 -17.25 -35.57
C1 CLA BD . -2.62 -16.14 -31.41
C2 CLA BD . -2.37 -16.17 -29.96
C3 CLA BD . -2.84 -17.06 -29.09
C4 CLA BD . -2.46 -16.85 -27.71
C5 CLA BD . -3.74 -18.21 -29.39
C6 CLA BD . -4.84 -18.36 -28.36
C7 CLA BD . -5.37 -19.77 -28.22
C8 CLA BD . -6.86 -19.87 -28.55
C9 CLA BD . -7.66 -18.87 -27.74
C10 CLA BD . -7.38 -21.27 -28.30
C11 CLA BD . -8.77 -21.47 -28.86
C12 CLA BD . -9.33 -22.85 -28.58
C13 CLA BD . -10.83 -22.80 -28.38
C14 CLA BD . -11.20 -23.00 -26.92
C15 CLA BD . -11.58 -23.81 -29.24
C16 CLA BD . -11.11 -25.23 -28.99
C17 CLA BD . -12.30 -26.17 -28.88
C18 CLA BD . -11.92 -27.62 -29.21
C19 CLA BD . -13.16 -28.47 -29.35
C20 CLA BD . -11.02 -28.18 -28.14
MG CLA CD . -3.64 -13.91 -15.29
CHA CLA CD . -1.36 -16.51 -15.01
CHB CLA CD . -6.14 -16.15 -15.70
CHC CLA CD . -5.90 -11.33 -15.20
CHD CLA CD . -1.00 -11.60 -14.95
NA CLA CD . -3.71 -15.99 -15.35
C1A CLA CD . -2.66 -16.89 -15.20
C2A CLA CD . -3.19 -18.31 -15.29
C3A CLA CD . -4.59 -18.14 -15.89
C4A CLA CD . -4.87 -16.66 -15.61
CMA CLA CD . -4.59 -18.44 -17.37
CAA CLA CD . -3.36 -18.74 -13.85
CBA CLA CD . -4.09 -20.06 -13.70
CGA CLA CD . -4.24 -20.38 -12.24
O1A CLA CD . -3.51 -20.06 -11.31
O2A CLA CD . -5.33 -21.14 -11.98
NB CLA CD . -5.64 -13.76 -15.49
C1B CLA CD . -6.50 -14.81 -15.50
C2B CLA CD . -7.90 -14.35 -15.30
C3B CLA CD . -7.83 -12.98 -15.16
C4B CLA CD . -6.39 -12.59 -15.28
CMB CLA CD . -9.04 -15.25 -15.27
CAB CLA CD . -8.86 -12.00 -14.95
CBB CLA CD . -9.95 -11.84 -15.70
NC CLA CD . -3.47 -11.83 -15.17
C1C CLA CD . -4.53 -10.97 -15.16
C2C CLA CD . -4.04 -9.60 -15.06
C3C CLA CD . -2.65 -9.69 -14.99
C4C CLA CD . -2.30 -11.09 -15.05
CMC CLA CD . -4.88 -8.40 -15.04
CAC CLA CD . -1.70 -8.58 -14.90
CBC CLA CD . -1.45 -8.20 -13.48
ND CLA CD . -1.65 -13.96 -15.04
C1D CLA CD . -0.68 -12.94 -14.92
C2D CLA CD . 0.65 -13.57 -14.77
C3D CLA CD . 0.45 -14.93 -14.78
C4D CLA CD . -1.00 -15.12 -14.96
CMD CLA CD . 1.89 -12.82 -14.61
CAD CLA CD . 1.07 -16.24 -14.73
OBD CLA CD . 2.25 -16.53 -14.62
CBD CLA CD . -0.07 -17.29 -14.86
CGD CLA CD . 0.25 -18.23 -15.99
O1D CLA CD . 1.09 -19.12 -16.00
O2D CLA CD . -0.50 -18.04 -17.12
CED CLA CD . -0.41 -19.01 -18.15
C1 CLA CD . -5.27 -22.01 -10.82
C2 CLA CD . -6.68 -22.34 -10.49
C3 CLA CD . -7.15 -23.58 -10.31
C4 CLA CD . -6.27 -24.77 -10.43
C5 CLA CD . -8.58 -23.81 -10.00
C6 CLA CD . -8.81 -24.14 -8.53
C7 CLA CD . -10.27 -23.98 -8.17
C8 CLA CD . -10.59 -24.56 -6.78
C9 CLA CD . -11.19 -25.94 -6.90
C10 CLA CD . -11.51 -23.63 -6.01
C11 CLA CD . -12.89 -23.53 -6.60
C12 CLA CD . -13.59 -22.25 -6.20
C13 CLA CD . -15.11 -22.34 -6.33
C14 CLA CD . -15.68 -23.20 -5.24
C15 CLA CD . -15.53 -22.84 -7.71
C16 CLA CD . -17.04 -22.94 -7.84
C17 CLA CD . -17.69 -21.57 -7.97
C18 CLA CD . -19.20 -21.69 -7.98
C19 CLA CD . -19.85 -20.36 -8.29
MG CLA DD . 1.79 -25.75 -17.57
CHA CLA DD . -0.69 -23.37 -17.02
CHB CLA DD . -0.07 -27.11 -20.08
CHC CLA DD . 4.12 -28.22 -17.88
CHD CLA DD . 3.54 -24.46 -14.77
NA CLA DD . -0.06 -25.25 -18.44
C1A CLA DD . -0.95 -24.23 -18.07
C2A CLA DD . -2.19 -24.24 -18.98
C3A CLA DD . -1.92 -25.41 -19.93
C4A CLA DD . -0.57 -25.97 -19.48
CMA CLA DD . -3.02 -26.45 -19.85
CAA CLA DD . -2.35 -22.98 -19.82
CBA CLA DD . -3.80 -22.70 -20.16
CGA CLA DD . -3.85 -21.70 -21.26
O1A CLA DD . -2.94 -21.01 -21.72
O2A CLA DD . -5.10 -21.56 -21.79
NB CLA DD . 1.99 -27.37 -18.76
C1B CLA DD . 1.14 -27.74 -19.75
C2B CLA DD . 1.71 -28.90 -20.49
C3B CLA DD . 2.90 -29.21 -19.87
C4B CLA DD . 3.09 -28.24 -18.75
CMB CLA DD . 1.04 -29.52 -21.63
CAB CLA DD . 3.86 -30.26 -20.12
CBB CLA DD . 4.41 -30.57 -21.29
NC CLA DD . 3.52 -26.22 -16.53
C1C CLA DD . 4.32 -27.28 -16.82
C2C CLA DD . 5.43 -27.33 -15.89
C3C CLA DD . 5.27 -26.27 -15.00
C4C CLA DD . 4.08 -25.57 -15.42
CMC CLA DD . 6.45 -28.36 -15.92
CAC CLA DD . 6.13 -25.88 -13.86
CBC CLA DD . 5.60 -26.34 -12.52
ND CLA DD . 1.59 -24.22 -16.27
C1D CLA DD . 2.38 -23.81 -15.15
C2D CLA DD . 1.75 -22.66 -14.49
C3D CLA DD . 0.57 -22.45 -15.17
C4D CLA DD . 0.50 -23.46 -16.25
CMD CLA DD . 2.30 -21.96 -13.34
CAD CLA DD . -0.62 -21.65 -15.24
OBD CLA DD . -0.94 -20.72 -14.54
CBD CLA DD . -1.49 -22.22 -16.41
CGD CLA DD . -2.89 -22.58 -16.00
O1D CLA DD . -3.94 -22.13 -16.48
O2D CLA DD . -2.98 -23.50 -15.01
CED CLA DD . -4.28 -23.74 -14.45
C1 CLA DD . -5.23 -20.72 -22.96
C2 CLA DD . -5.92 -19.48 -22.53
C3 CLA DD . -5.88 -18.34 -23.22
C4 CLA DD . -5.13 -18.20 -24.50
C5 CLA DD . -6.59 -17.13 -22.73
C6 CLA DD . -7.79 -16.74 -23.58
C7 CLA DD . -8.31 -15.38 -23.11
C8 CLA DD . -9.64 -15.00 -23.73
C9 CLA DD . -10.09 -13.64 -23.24
C10 CLA DD . -10.71 -16.07 -23.47
C11 CLA DD . -11.18 -16.08 -22.04
C12 CLA DD . -12.15 -17.23 -21.77
C13 CLA DD . -12.19 -17.64 -20.31
C14 CLA DD . -13.06 -18.87 -20.15
C15 CLA DD . -12.64 -16.48 -19.41
C16 CLA DD . -13.07 -16.95 -18.03
C17 CLA DD . -12.87 -15.91 -16.96
C18 CLA DD . -13.10 -16.49 -15.57
C19 CLA DD . -13.11 -15.42 -14.50
C20 CLA DD . -12.05 -17.54 -15.25
MG CLA ED . 13.62 -6.93 -21.65
CHA CLA ED . 15.81 -7.51 -24.30
CHB CLA ED . 15.57 -8.82 -19.63
CHC CLA ED . 11.58 -6.12 -19.03
CHD CLA ED . 11.74 -4.80 -23.76
NA CLA ED . 15.35 -8.04 -21.96
C1A CLA ED . 16.12 -8.17 -23.14
C2A CLA ED . 17.31 -9.09 -22.89
C3A CLA ED . 17.03 -9.69 -21.49
C4A CLA ED . 15.91 -8.80 -20.97
CMA CLA ED . 16.59 -11.12 -21.56
CAA CLA ED . 18.66 -8.39 -22.89
CBA CLA ED . 18.63 -7.00 -22.28
CGA CLA ED . 18.94 -7.05 -20.82
O1A CLA ED . 19.43 -7.96 -20.17
O2A CLA ED . 18.62 -5.88 -20.16
NB CLA ED . 13.53 -7.47 -19.72
C1B CLA ED . 14.54 -8.06 -19.04
C2B CLA ED . 14.36 -7.90 -17.58
C3B CLA ED . 13.23 -7.13 -17.40
C4B CLA ED . 12.68 -6.86 -18.76
CMB CLA ED . 15.29 -8.48 -16.61
CAB CLA ED . 12.57 -6.63 -16.23
CBB CLA ED . 13.14 -6.06 -15.17
NC CLA ED . 11.91 -5.74 -21.46
C1C CLA ED . 11.20 -5.60 -20.31
C2C CLA ED . 10.03 -4.76 -20.54
C3C CLA ED . 10.12 -4.32 -21.86
C4C CLA ED . 11.30 -4.96 -22.44
CMC CLA ED . 9.04 -4.41 -19.53
CAC CLA ED . 9.16 -3.46 -22.57
CBC CLA ED . 9.66 -2.03 -22.73
ND CLA ED . 13.69 -6.27 -23.57
C1D CLA ED . 12.86 -5.36 -24.31
C2D CLA ED . 13.40 -5.22 -25.67
C3D CLA ED . 14.52 -6.02 -25.72
C4D CLA ED . 14.67 -6.64 -24.40
CMD CLA ED . 12.80 -4.38 -26.70
CAD CLA ED . 15.63 -6.48 -26.53
OBD CLA ED . 15.93 -6.17 -27.68
CBD CLA ED . 16.45 -7.47 -25.66
CGD CLA ED . 16.45 -8.81 -26.32
O1D CLA ED . 15.47 -9.48 -26.64
O2D CLA ED . 17.68 -9.31 -26.63
CED CLA ED . 17.84 -9.89 -27.92
C1 CLA ED . 17.85 -6.02 -18.96
C2 CLA ED . 16.61 -5.23 -19.17
C3 CLA ED . 16.52 -3.92 -18.94
C4 CLA ED . 17.66 -3.11 -18.44
C5 CLA ED . 15.25 -3.19 -19.20
C6 CLA ED . 14.76 -3.33 -20.62
C7 CLA ED . 15.75 -2.73 -21.60
C8 CLA ED . 15.20 -2.67 -23.02
C9 CLA ED . 16.18 -3.29 -23.99
C10 CLA ED . 14.91 -1.23 -23.41
C11 CLA ED . 13.60 -1.12 -24.15
C12 CLA ED . 13.57 0.07 -25.07
C13 CLA ED . 13.31 1.36 -24.32
C14 CLA ED . 12.03 1.28 -23.51
C15 CLA ED . 13.29 2.60 -25.24
C16 CLA ED . 12.76 2.33 -26.63
C17 CLA ED . 11.33 2.80 -26.80
C18 CLA ED . 11.03 3.24 -28.23
C19 CLA ED . 11.99 4.33 -28.67
C20 CLA ED . 9.59 3.72 -28.34
MG CLA FD . 10.06 -13.24 -26.50
CHA CLA FD . 12.47 -15.69 -27.04
CHB CLA FD . 12.50 -10.87 -26.57
CHC CLA FD . 7.63 -10.81 -26.45
CHD CLA FD . 7.56 -15.72 -26.72
NA CLA FD . 12.14 -13.31 -26.68
C1A CLA FD . 12.96 -14.41 -26.95
C2A CLA FD . 14.43 -14.00 -27.03
C3A CLA FD . 14.41 -12.52 -26.60
C4A CLA FD . 12.92 -12.18 -26.62
CMA CLA FD . 14.99 -12.36 -25.23
CAA CLA FD . 15.02 -14.19 -28.44
CBA CLA FD . 14.74 -13.09 -29.45
CGA CLA FD . 13.65 -13.49 -30.41
O1A CLA FD . 12.48 -13.72 -30.14
O2A CLA FD . 14.04 -13.62 -31.72
NB CLA FD . 10.06 -11.23 -26.39
C1B CLA FD . 11.16 -10.45 -26.59
C2B CLA FD . 10.74 -9.04 -26.83
C3B CLA FD . 9.37 -9.01 -26.79
C4B CLA FD . 8.92 -10.41 -26.53
CMB CLA FD . 11.74 -8.00 -27.08
CAB CLA FD . 8.40 -7.96 -26.98
CBB CLA FD . 8.53 -6.66 -26.70
NC CLA FD . 7.97 -13.27 -26.48
C1C CLA FD . 7.17 -12.17 -26.42
C2C CLA FD . 5.77 -12.56 -26.42
C3C CLA FD . 5.74 -13.95 -26.54
C4C CLA FD . 7.14 -14.38 -26.59
CMC CLA FD . 4.64 -11.64 -26.34
CAC CLA FD . 4.57 -14.83 -26.61
CBC CLA FD . 4.25 -15.24 -28.02
ND CLA FD . 9.97 -15.23 -26.72
C1D CLA FD . 8.87 -16.12 -26.80
C2D CLA FD . 9.39 -17.49 -26.96
C3D CLA FD . 10.76 -17.39 -27.03
C4D CLA FD . 11.07 -15.97 -26.91
CMD CLA FD . 8.53 -18.65 -27.03
CAD CLA FD . 12.01 -18.11 -27.15
OBD CLA FD . 12.23 -19.30 -27.20
CBD CLA FD . 13.14 -17.04 -27.24
CGD CLA FD . 14.20 -17.27 -26.21
O1D CLA FD . 14.07 -17.27 -24.98
O2D CLA FD . 15.44 -17.52 -26.73
CED CLA FD . 16.55 -17.54 -25.83
C1 CLA FD . 13.24 -13.00 -32.76
C2 CLA FD . 12.48 -14.03 -33.52
C3 CLA FD . 11.87 -13.77 -34.71
C4 CLA FD . 11.93 -12.43 -35.35
C5 CLA FD . 11.09 -14.77 -35.48
C6 CLA FD . 11.08 -16.19 -34.95
C7 CLA FD . 10.61 -17.17 -36.01
C8 CLA FD . 9.11 -17.05 -36.32
C9 CLA FD . 8.29 -17.23 -35.07
C10 CLA FD . 8.68 -18.09 -37.35
C11 CLA FD . 8.74 -17.57 -38.76
C12 CLA FD . 7.91 -18.43 -39.69
C13 CLA FD . 8.54 -18.58 -41.07
C14 CLA FD . 8.63 -17.26 -41.79
C15 CLA FD . 7.77 -19.60 -41.91
C16 CLA FD . 8.42 -19.85 -43.25
C17 CLA FD . 7.78 -21.00 -43.97
C18 CLA FD . 8.29 -21.15 -45.39
C19 CLA FD . 8.05 -19.91 -46.21
C20 CLA FD . 7.67 -22.35 -46.06
MG CLA GD . -2.88 0.70 -26.40
CHA CLA GD . -4.26 3.89 -26.43
CHB CLA GD . -2.92 0.66 -29.81
CHC CLA GD . -1.02 -2.18 -26.34
CHD CLA GD . -2.52 0.99 -22.93
NA CLA GD . -3.57 2.02 -27.87
C1A CLA GD . -4.05 3.33 -27.68
C2A CLA GD . -4.38 3.98 -29.02
C3A CLA GD . -4.11 2.86 -30.05
C4A CLA GD . -3.48 1.77 -29.21
CMA CLA GD . -5.41 2.42 -30.68
CAA CLA GD . -3.42 5.13 -29.31
CBA CLA GD . -1.98 4.93 -28.86
CGA CLA GD . -1.31 6.28 -28.83
O1A CLA GD . -1.79 7.37 -29.13
O2A CLA GD . -0.03 6.25 -28.40
NB CLA GD . -2.05 -0.48 -27.80
C1B CLA GD . -2.32 -0.40 -29.11
C2B CLA GD . -1.91 -1.66 -29.79
C3B CLA GD . -1.36 -2.49 -28.83
C4B CLA GD . -1.46 -1.74 -27.55
CMB CLA GD . -2.12 -1.78 -31.21
CAB CLA GD . -0.79 -3.81 -28.88
CBB CLA GD . -0.42 -4.54 -29.94
NC CLA GD . -2.02 -0.44 -24.89
C1C CLA GD . -1.28 -1.56 -25.09
C2C CLA GD . -0.74 -2.05 -23.85
C3C CLA GD . -1.14 -1.14 -22.86
C4C CLA GD . -1.92 -0.12 -23.54
CMC CLA GD . 0.09 -3.25 -23.72
CAC CLA GD . -0.81 -1.17 -21.43
CBC CLA GD . 0.41 -0.34 -21.10
ND CLA GD . -3.56 1.93 -24.94
C1D CLA GD . -3.28 1.94 -23.56
C2D CLA GD . -3.90 3.14 -22.98
C3D CLA GD . -4.31 3.92 -24.03
C4D CLA GD . -3.99 3.15 -25.25
CMD CLA GD . -3.99 3.44 -21.57
CAD CLA GD . -4.95 5.14 -24.42
OBD CLA GD . -5.52 5.99 -23.75
CBD CLA GD . -4.77 5.23 -25.97
CGD CLA GD . -6.04 5.69 -26.63
O1D CLA GD . -6.19 6.69 -27.33
O2D CLA GD . -7.11 4.91 -26.41
CED CLA GD . -8.36 5.58 -26.21
C1 CLA GD . 0.89 7.09 -29.13
C2 CLA GD . 2.23 6.96 -28.51
C3 CLA GD . 3.36 7.28 -29.15
C4 CLA GD . 3.38 7.79 -30.53
C5 CLA GD . 4.68 7.13 -28.47
C6 CLA GD . 5.65 6.26 -29.25
MG CLA HD . -22.12 -13.44 -13.45
CHA CLA HD . -25.24 -13.87 -14.87
CHB CLA HD . -23.53 -13.30 -10.35
CHC CLA HD . -18.96 -13.33 -12.08
CHD CLA HD . -20.68 -13.84 -16.65
NA CLA HD . -24.08 -13.54 -12.74
C1A CLA HD . -25.25 -13.77 -13.50
C2A CLA HD . -26.47 -13.80 -12.58
C3A CLA HD . -25.91 -13.43 -11.19
C4A CLA HD . -24.39 -13.44 -11.42
CMA CLA HD . -26.37 -12.05 -10.78
CAA CLA HD . -27.14 -15.16 -12.57
CBA CLA HD . -26.76 -16.04 -11.39
CGA CLA HD . -25.59 -16.89 -11.77
O1A CLA HD . -24.43 -16.56 -11.97
O2A CLA HD . -25.91 -18.22 -11.87
NB CLA HD . -21.39 -13.33 -11.58
C1B CLA HD . -22.13 -13.27 -10.44
C2B CLA HD . -21.23 -13.13 -9.26
C3B CLA HD . -19.95 -13.14 -9.74
C4B CLA HD . -20.02 -13.27 -11.22
CMB CLA HD . -21.70 -13.02 -7.89
CAB CLA HD . -18.71 -13.07 -9.02
CBB CLA HD . -18.24 -14.00 -8.18
NC CLA HD . -20.18 -13.49 -14.23
C1C CLA HD . -19.03 -13.42 -13.49
C2C CLA HD . -17.87 -13.50 -14.37
C3C CLA HD . -18.36 -13.70 -15.65
C4C CLA HD . -19.80 -13.71 -15.55
CMC CLA HD . -16.48 -13.42 -13.92
CAC CLA HD . -17.59 -13.84 -16.89
CBC CLA HD . -17.23 -15.28 -17.17
ND CLA HD . -22.75 -13.66 -15.36
C1D CLA HD . -22.05 -13.81 -16.58
C2D CLA HD . -23.03 -13.90 -17.68
C3D CLA HD . -24.26 -13.90 -17.09
C4D CLA HD . -24.03 -13.81 -15.63
CMD CLA HD . -22.69 -13.94 -19.10
CAD CLA HD . -25.69 -13.94 -17.29
OBD CLA HD . -26.32 -13.93 -18.34
CBD CLA HD . -26.35 -14.00 -15.88
CGD CLA HD . -27.33 -12.89 -15.69
O1D CLA HD . -28.52 -12.97 -15.32
O2D CLA HD . -26.82 -11.66 -15.94
CED CLA HD . -27.53 -10.51 -15.48
C1 CLA HD . -25.41 -19.11 -10.86
C2 CLA HD . -24.15 -19.69 -11.38
C3 CLA HD . -23.33 -20.46 -10.64
C4 CLA HD . -22.08 -21.02 -11.21
C5 CLA HD . -23.64 -20.79 -9.22
MG CLA ID . -22.00 -14.03 -3.33
CHA CLA ID . -24.96 -13.37 -5.01
CHB CLA ID . -22.84 -11.73 -0.97
CHC CLA ID . -19.30 -15.02 -1.45
CHD CLA ID . -21.26 -16.55 -5.69
NA CLA ID . -23.61 -12.73 -3.09
C1A CLA ID . -24.76 -12.62 -3.88
C2A CLA ID . -25.70 -11.56 -3.30
C3A CLA ID . -24.80 -10.82 -2.29
C4A CLA ID . -23.68 -11.84 -2.07
CMA CLA ID . -24.30 -9.50 -2.83
CAA CLA ID . -26.72 -12.20 -2.38
CBA CLA ID . -27.90 -12.90 -3.01
CGA CLA ID . -27.86 -14.35 -2.65
O1A CLA ID . -27.96 -15.33 -3.41
O2A CLA ID . -27.69 -14.59 -1.31
NB CLA ID . -21.16 -13.41 -1.60
C1B CLA ID . -21.76 -12.59 -0.71
C2B CLA ID . -21.08 -12.65 0.60
C3B CLA ID . -20.06 -13.59 0.48
C4B CLA ID . -20.11 -14.08 -0.93
CMB CLA ID . -21.54 -11.82 1.71
CAB CLA ID . -19.08 -14.11 1.39
CBB CLA ID . -18.69 -13.64 2.58
NC CLA ID . -20.49 -15.46 -3.59
C1C CLA ID . -19.47 -15.66 -2.72
C2C CLA ID . -18.60 -16.72 -3.21
C3C CLA ID . -19.19 -17.20 -4.38
C4C CLA ID . -20.38 -16.40 -4.61
CMC CLA ID . -17.40 -17.19 -2.54
CAC CLA ID . -18.70 -18.28 -5.25
CBC CLA ID . -17.93 -17.73 -6.43
ND CLA ID . -22.83 -14.79 -5.00
C1D CLA ID . -22.42 -15.82 -5.88
C2D CLA ID . -23.41 -15.93 -6.98
C3D CLA ID . -24.40 -15.01 -6.70
C4D CLA ID . -24.00 -14.34 -5.45
CMD CLA ID . -23.31 -16.87 -8.09
CAD CLA ID . -25.65 -14.44 -7.12
OBD CLA ID . -26.34 -14.69 -8.11
CBD CLA ID . -26.05 -13.37 -6.06
CGD CLA ID . -26.18 -12.01 -6.70
O1D CLA ID . -25.27 -11.19 -6.88
O2D CLA ID . -27.44 -11.68 -7.09
CED CLA ID . -27.62 -10.41 -7.70
C1 CLA ID . -27.81 -15.96 -0.89
C2 CLA ID . -27.68 -16.04 0.59
C3 CLA ID . -27.70 -17.19 1.27
C4 CLA ID . -27.85 -18.49 0.59
C5 CLA ID . -27.57 -17.21 2.75
C6 CLA ID . -26.63 -18.29 3.26
C7 CLA ID . -26.37 -18.15 4.75
C8 CLA ID . -27.27 -19.06 5.57
C9 CLA ID . -27.77 -18.34 6.81
C10 CLA ID . -26.56 -20.35 5.95
C11 CLA ID . -25.46 -20.16 6.97
C12 CLA ID . -24.94 -21.48 7.48
C13 CLA ID . -23.54 -21.35 8.07
C14 CLA ID . -22.53 -21.07 6.98
C15 CLA ID . -23.15 -22.60 8.84
C16 CLA ID . -23.00 -22.33 10.33
C17 CLA ID . -21.77 -21.49 10.62
C18 CLA ID . -21.02 -21.99 11.85
C19 CLA ID . -21.93 -22.11 13.06
C20 CLA ID . -20.38 -23.33 11.57
MG CLA JD . -1.70 -14.61 15.27
CHA CLA JD . -1.27 -16.35 18.24
CHB CLA JD . -3.91 -16.99 14.20
CHC CLA JD . -2.52 -12.62 12.60
CHD CLA JD . 0.52 -12.15 16.43
NA CLA JD . -2.43 -16.40 16.10
C1A CLA JD . -2.19 -16.91 17.38
C2A CLA JD . -2.96 -18.20 17.59
C3A CLA JD . -3.55 -18.50 16.19
C4A CLA JD . -3.32 -17.20 15.44
CMA CLA JD . -2.85 -19.66 15.55
CAA CLA JD . -4.13 -17.87 18.50
CBA CLA JD . -4.16 -18.68 19.77
CGA CLA JD . -5.33 -18.26 20.61
O1A CLA JD . -5.77 -17.12 20.78
O2A CLA JD . -5.95 -19.30 21.25
NB CLA JD . -3.01 -14.75 13.74
C1B CLA JD . -3.73 -15.85 13.41
C2B CLA JD . -4.31 -15.68 12.05
C3B CLA JD . -3.92 -14.46 11.59
C4B CLA JD . -3.09 -13.83 12.66
CMB CLA JD . -5.13 -16.69 11.39
CAB CLA JD . -4.22 -13.78 10.36
CBB CLA JD . -5.43 -13.51 9.88
NC CLA JD . -1.07 -12.74 14.61
C1C CLA JD . -1.56 -12.10 13.52
C2C CLA JD . -0.97 -10.79 13.40
C3C CLA JD . -0.08 -10.65 14.47
C4C CLA JD . -0.17 -11.88 15.23
CMC CLA JD . -1.29 -9.84 12.31
CAC CLA JD . 0.75 -9.48 14.80
CBC CLA JD . -0.03 -8.40 15.50
ND CLA JD . -0.49 -14.35 16.85
C1D CLA JD . 0.38 -13.29 17.19
C2D CLA JD . 1.07 -13.63 18.45
C3D CLA JD . 0.48 -14.80 18.91
C4D CLA JD . -0.52 -15.17 17.90
CMD CLA JD . 2.14 -12.83 19.03
CAD CLA JD . 0.46 -15.84 19.92
OBD CLA JD . 1.21 -16.01 20.87
CBD CLA JD . -0.74 -16.78 19.58
CGD CLA JD . -0.32 -18.23 19.56
O1D CLA JD . -0.71 -19.12 20.30
O2D CLA JD . 0.57 -18.55 18.58
CED CLA JD . 0.60 -19.89 18.11
C1 CLA JD . -7.31 -19.07 21.67
C2 CLA JD . -7.50 -19.78 22.95
C3 CLA JD . -8.70 -19.92 23.55
C4 CLA JD . -8.84 -20.65 24.84
C5 CLA JD . -9.93 -19.36 22.95
MG CLA KD . -1.61 -32.42 -14.45
CHA CLA KD . -0.03 -34.53 -16.69
CHB CLA KD . 0.12 -29.78 -15.73
CHC CLA KD . -3.47 -30.33 -12.48
CHD CLA KD . -3.33 -35.20 -13.12
NA CLA KD . -0.16 -32.22 -15.93
C1A CLA KD . 0.35 -33.21 -16.78
C2A CLA KD . 1.40 -32.63 -17.74
C3A CLA KD . 1.62 -31.22 -17.17
C4A CLA KD . 0.44 -31.03 -16.22
CMA CLA KD . 2.92 -31.19 -16.42
CAA CLA KD . 0.91 -32.58 -19.18
CBA CLA KD . -0.51 -32.07 -19.34
CGA CLA KD . -1.10 -32.59 -20.62
O1A CLA KD . -1.22 -33.75 -20.98
O2A CLA KD . -1.52 -31.61 -21.47
NB CLA KD . -1.61 -30.43 -14.11
C1B CLA KD . -0.93 -29.51 -14.83
C2B CLA KD . -1.42 -28.14 -14.51
C3B CLA KD . -2.43 -28.30 -13.60
C4B CLA KD . -2.57 -29.76 -13.32
CMB CLA KD . -0.88 -26.94 -15.15
CAB CLA KD . -3.29 -27.33 -12.95
CBB CLA KD . -2.87 -26.26 -12.26
NC CLA KD . -3.09 -32.73 -13.02
C1C CLA KD . -3.71 -31.73 -12.33
C2C CLA KD . -4.70 -32.30 -11.42
C3C CLA KD . -4.67 -33.67 -11.61
C4C CLA KD . -3.66 -33.94 -12.62
CMC CLA KD . -5.55 -31.51 -10.52
CAC CLA KD . -5.48 -34.68 -10.93
CBC CLA KD . -6.70 -35.10 -11.72
ND CLA KD . -1.69 -34.41 -14.77
C1D CLA KD . -2.43 -35.44 -14.14
C2D CLA KD . -2.07 -36.74 -14.76
C3D CLA KD . -1.17 -36.44 -15.77
C4D CLA KD . -0.96 -34.98 -15.71
CMD CLA KD . -2.63 -38.03 -14.39
CAD CLA KD . -0.34 -36.96 -16.83
OBD CLA KD . -0.21 -38.12 -17.22
CBD CLA KD . 0.44 -35.76 -17.43
CGD CLA KD . 1.92 -35.93 -17.28
O1D CLA KD . 2.63 -35.51 -16.36
O2D CLA KD . 2.50 -36.61 -18.30
CED CLA KD . 3.89 -36.92 -18.18
C1 CLA KD . -2.83 -31.05 -21.27
C2 CLA KD . -3.87 -32.11 -21.27
C3 CLA KD . -4.26 -32.82 -22.35
C4 CLA KD . -3.69 -32.64 -23.70
C5 CLA KD . -5.33 -33.86 -22.22
C6 CLA KD . -6.02 -33.85 -20.87
C7 CLA KD . -7.51 -33.67 -21.04
C8 CLA KD . -8.24 -33.59 -19.71
C9 CLA KD . -7.86 -32.33 -18.96
C10 CLA KD . -7.93 -34.81 -18.85
C11 CLA KD . -8.77 -35.99 -19.26
C12 CLA KD . -8.35 -37.24 -18.51
C13 CLA KD . -9.50 -38.24 -18.39
C14 CLA KD . -10.03 -38.29 -16.98
C15 CLA KD . -9.07 -39.62 -18.86
C16 CLA KD . -8.58 -39.57 -20.29
C17 CLA KD . -8.47 -40.96 -20.88
C18 CLA KD . -8.26 -40.88 -22.39
C19 CLA KD . -8.44 -42.24 -23.03
C20 CLA KD . -6.90 -40.32 -22.70
MG CLA LD . -4.59 -38.95 -18.53
CHA CLA LD . -3.41 -40.49 -21.41
CHB CLA LD . -3.00 -36.08 -19.38
CHC CLA LD . -6.00 -37.41 -15.79
CHD CLA LD . -6.19 -41.97 -17.64
NA CLA LD . -3.38 -38.41 -20.13
C1A CLA LD . -3.01 -39.18 -21.25
C2A CLA LD . -2.13 -38.37 -22.19
C3A CLA LD . -1.88 -37.05 -21.41
C4A CLA LD . -2.83 -37.16 -20.22
CMA CLA LD . -0.46 -36.91 -20.96
CAA CLA LD . -2.84 -38.05 -23.49
CBA CLA LD . -4.30 -37.67 -23.28
CGA CLA LD . -4.93 -37.22 -24.56
O1A CLA LD . -4.39 -36.93 -25.62
O2A CLA LD . -6.29 -37.13 -24.47
NB CLA LD . -4.46 -37.12 -17.70
C1B CLA LD . -3.84 -36.06 -18.26
C2B CLA LD . -4.16 -34.81 -17.51
C3B CLA LD . -5.01 -35.17 -16.50
C4B CLA LD . -5.20 -36.64 -16.60
CMB CLA LD . -3.64 -33.50 -17.89
CAB CLA LD . -5.62 -34.33 -15.50
CBB CLA LD . -6.93 -34.12 -15.37
NC CLA LD . -5.85 -39.59 -16.99
C1C CLA LD . -6.29 -38.79 -15.97
C2C CLA LD . -7.16 -39.56 -15.08
C3C CLA LD . -7.21 -40.85 -15.60
C4C CLA LD . -6.38 -40.86 -16.79
CMC CLA LD . -7.84 -38.99 -13.91
CAC CLA LD . -7.97 -41.99 -15.07
CBC CLA LD . -7.25 -42.67 -13.93
ND CLA LD . -4.82 -40.80 -19.30
C1D CLA LD . -5.48 -41.97 -18.80
C2D CLA LD . -5.29 -43.07 -19.77
C3D CLA LD . -4.54 -42.55 -20.80
C4D CLA LD . -4.25 -41.15 -20.45
CMD CLA LD . -5.84 -44.41 -19.62
CAD CLA LD . -3.91 -42.81 -22.09
OBD CLA LD . -3.97 -43.81 -22.79
CBD CLA LD . -3.12 -41.53 -22.47
CGD CLA LD . -1.66 -41.85 -22.59
O1D CLA LD . -0.87 -42.05 -21.67
O2D CLA LD . -1.21 -41.95 -23.86
CED CLA LD . -0.33 -43.03 -24.18
MG CLA MD . 3.17 -21.39 -9.34
CHA CLA MD . 2.10 -24.68 -9.08
CHB CLA MD . -0.01 -20.48 -10.14
CHC CLA MD . 4.30 -18.22 -10.06
CHD CLA MD . 6.50 -22.48 -8.97
NA CLA MD . 1.34 -22.41 -9.45
C1A CLA MD . 1.10 -23.79 -9.32
C2A CLA MD . -0.39 -24.11 -9.52
C3A CLA MD . -1.02 -22.74 -9.82
C4A CLA MD . 0.17 -21.79 -9.78
CMA CLA MD . -1.61 -22.75 -11.21
CAA CLA MD . -1.10 -24.71 -8.32
CBA CLA MD . -2.30 -25.48 -8.81
CGA CLA MD . -3.19 -26.04 -7.74
O1A CLA MD . -2.99 -26.14 -6.53
O2A CLA MD . -4.37 -26.51 -8.26
NB CLA MD . 2.30 -19.66 -9.87
C1B CLA MD . 1.00 -19.51 -10.22
C2B CLA MD . 0.76 -18.17 -10.78
C3B CLA MD . 1.98 -17.51 -10.78
C4B CLA MD . 2.97 -18.46 -10.20
CMB CLA MD . -0.57 -17.80 -11.26
CAB CLA MD . 2.39 -16.21 -11.24
CBB CLA MD . 1.63 -15.17 -11.59
NC CLA MD . 5.05 -20.49 -9.37
C1C CLA MD . 5.28 -19.18 -9.64
C2C CLA MD . 6.72 -18.91 -9.59
C3C CLA MD . 7.34 -20.13 -9.36
C4C CLA MD . 6.29 -21.13 -9.22
CMC CLA MD . 7.34 -17.60 -9.82
CAC CLA MD . 8.79 -20.41 -9.27
CBC CLA MD . 9.43 -20.19 -7.93
ND CLA MD . 4.13 -23.11 -8.94
C1D CLA MD . 5.51 -23.43 -8.85
C2D CLA MD . 5.66 -24.89 -8.64
C3D CLA MD . 4.38 -25.41 -8.72
C4D CLA MD . 3.47 -24.26 -8.94
CMD CLA MD . 6.92 -25.59 -8.44
CAD CLA MD . 3.58 -26.60 -8.68
OBD CLA MD . 3.93 -27.74 -8.46
CBD CLA MD . 2.11 -26.18 -8.98
CGD CLA MD . 1.57 -26.82 -10.23
O1D CLA MD . 0.48 -27.36 -10.39
O2D CLA MD . 2.41 -26.76 -11.29
CED CLA MD . 1.85 -26.87 -12.60
C1 CLA MD . -5.47 -26.81 -7.39
C2 CLA MD . -5.46 -28.26 -7.07
C3 CLA MD . -6.54 -29.05 -7.16
C4 CLA MD . -6.48 -30.49 -6.83
C5 CLA MD . -7.86 -28.50 -7.58
C6 CLA MD . -8.27 -28.96 -8.98
C7 CLA MD . -9.64 -28.42 -9.33
C8 CLA MD . -10.00 -28.64 -10.79
C9 CLA MD . -10.13 -30.13 -11.08
C10 CLA MD . -8.97 -28.01 -11.72
MG CLA ND . -5.64 -21.51 -1.60
CHA CLA ND . -3.21 -23.39 -3.24
CHB CLA ND . -5.77 -19.38 -4.25
CHC CLA ND . -8.23 -19.87 -0.07
CHD CLA ND . -5.56 -23.84 1.04
NA CLA ND . -4.63 -21.41 -3.42
C1A CLA ND . -3.65 -22.28 -3.91
C2A CLA ND . -3.24 -21.87 -5.32
C3A CLA ND . -3.90 -20.49 -5.51
C4A CLA ND . -4.86 -20.41 -4.32
CMA CLA ND . -2.86 -19.42 -5.44
CAA CLA ND . -3.78 -22.87 -6.35
CBA CLA ND . -5.30 -23.11 -6.44
CGA CLA ND . -5.91 -23.94 -5.35
O1A CLA ND . -5.44 -24.94 -4.80
O2A CLA ND . -7.11 -23.48 -4.90
NB CLA ND . -6.74 -19.88 -2.04
C1B CLA ND . -6.68 -19.18 -3.19
C2B CLA ND . -7.74 -18.12 -3.20
C3B CLA ND . -8.44 -18.26 -2.03
C4B CLA ND . -7.83 -19.39 -1.27
CMB CLA ND . -7.90 -17.19 -4.32
CAB CLA ND . -9.57 -17.52 -1.53
CBB CLA ND . -10.72 -17.30 -2.17
NC CLA ND . -6.67 -21.77 0.19
C1C CLA ND . -7.69 -20.98 0.62
C2C CLA ND . -8.18 -21.47 1.91
C3C CLA ND . -7.42 -22.60 2.21
C4C CLA ND . -6.48 -22.78 1.13
CMC CLA ND . -9.26 -20.88 2.68
CAC CLA ND . -7.52 -23.45 3.41
CBC CLA ND . -6.52 -23.04 4.47
ND CLA ND . -4.66 -23.22 -1.14
C1D CLA ND . -4.70 -24.07 -0.01
C2D CLA ND . -3.73 -25.18 -0.18
C3D CLA ND . -3.14 -24.97 -1.41
C4D CLA ND . -3.76 -23.74 -1.96
CMD CLA ND . -3.52 -26.24 0.79
CAD CLA ND . -2.21 -25.47 -2.39
OBD CLA ND . -1.56 -26.50 -2.42
CBD CLA ND . -2.17 -24.43 -3.56
CGD CLA ND . -0.81 -23.80 -3.66
O1D CLA ND . -0.22 -23.13 -2.81
O2D CLA ND . -0.20 -24.03 -4.86
CED CLA ND . 1.14 -23.56 -5.03
C1 CLA ND . -7.47 -23.87 -3.55
C2 CLA ND . -8.66 -23.10 -3.10
C3 CLA ND . -9.83 -23.68 -2.77
C4 CLA ND . -10.02 -25.15 -2.87
C5 CLA ND . -11.01 -22.92 -2.32
C6 CLA ND . -10.80 -21.42 -2.22
C7 CLA ND . -12.11 -20.68 -2.31
C8 CLA ND . -13.01 -20.89 -1.11
C9 CLA ND . -14.30 -20.12 -1.28
C10 CLA ND . -12.29 -20.47 0.18
C11 CLA ND . -13.23 -20.42 1.36
C12 CLA ND . -12.97 -21.53 2.36
C13 CLA ND . -13.87 -21.39 3.58
C14 CLA ND . -13.67 -20.03 4.23
C15 CLA ND . -13.61 -22.49 4.60
C16 CLA ND . -14.83 -23.37 4.73
C17 CLA ND . -15.16 -23.67 6.18
C18 CLA ND . -14.26 -24.75 6.75
C19 CLA ND . -15.06 -25.98 7.08
C20 CLA ND . -13.55 -24.24 7.99
MG CLA OD . -10.83 -15.80 -8.72
CHA CLA OD . -7.94 -17.59 -9.39
CHB CLA OD . -10.21 -13.80 -11.39
CHC CLA OD . -13.78 -14.21 -8.11
CHD CLA OD . -11.52 -18.04 -6.05
NA CLA OD . -9.29 -15.71 -10.13
C1A CLA OD . -8.17 -16.55 -10.25
C2A CLA OD . -7.31 -16.13 -11.43
C3A CLA OD . -7.96 -14.82 -11.92
C4A CLA OD . -9.26 -14.77 -11.12
CMA CLA OD . -7.09 -13.62 -11.67
CAA CLA OD . -7.26 -17.17 -12.55
CBA CLA OD . -8.56 -17.94 -12.75
CGA CLA OD . -8.44 -18.84 -13.95
O1A CLA OD . -8.18 -18.53 -15.11
O2A CLA OD . -8.65 -20.16 -13.66
NB CLA OD . -11.73 -14.17 -9.49
C1B CLA OD . -11.43 -13.67 -10.72
C2B CLA OD . -12.60 -12.94 -11.27
C3B CLA OD . -13.61 -13.04 -10.36
C4B CLA OD . -13.08 -13.84 -9.21
CMB CLA OD . -12.59 -12.28 -12.58
CAB CLA OD . -14.96 -12.55 -10.47
CBB CLA OD . -15.62 -11.78 -9.61
NC CLA OD . -12.33 -16.04 -7.30
C1C CLA OD . -13.44 -15.24 -7.20
C2C CLA OD . -14.25 -15.64 -6.07
C3C CLA OD . -13.66 -16.77 -5.53
C4C CLA OD . -12.45 -17.01 -6.31
CMC CLA OD . -15.49 -14.98 -5.66
CAC CLA OD . -14.11 -17.54 -4.36
CBC CLA OD . -14.78 -18.84 -4.75
ND CLA OD . -10.05 -17.50 -7.94
C1D CLA OD . -10.40 -18.29 -6.82
C2D CLA OD . -9.39 -19.34 -6.61
C3D CLA OD . -8.41 -19.11 -7.57
C4D CLA OD . -8.87 -17.95 -8.36
CMD CLA OD . -9.44 -20.37 -5.58
CAD CLA OD . -7.17 -19.55 -8.14
OBD CLA OD . -6.48 -20.51 -7.86
CBD CLA OD . -6.78 -18.53 -9.24
CGD CLA OD . -5.58 -17.74 -8.82
O1D CLA OD . -5.57 -16.69 -8.19
O2D CLA OD . -4.38 -18.28 -9.20
CED CLA OD . -3.20 -17.66 -8.68
C1 CLA OD . -8.85 -21.05 -14.79
C2 CLA OD . -9.10 -22.40 -14.26
MG CLA PD . 10.25 26.54 -23.55
CHA CLA PD . 11.84 27.69 -26.40
CHB CLA PD . 9.62 23.57 -25.09
CHC CLA PD . 8.89 25.35 -20.62
CHD CLA PD . 11.09 29.56 -21.93
NA CLA PD . 10.67 25.78 -25.45
C1A CLA PD . 11.37 26.41 -26.49
C2A CLA PD . 11.51 25.47 -27.69
C3A CLA PD . 10.71 24.21 -27.27
C4A CLA PD . 10.31 24.51 -25.83
CMA CLA PD . 9.52 23.99 -28.16
CAA CLA PD . 12.97 25.06 -27.90
CBA CLA PD . 13.66 24.51 -26.65
CGA CLA PD . 14.83 25.36 -26.23
O1A CLA PD . 14.98 26.56 -26.36
O2A CLA PD . 15.80 24.64 -25.58
NB CLA PD . 9.44 24.79 -22.96
C1B CLA PD . 9.19 23.73 -23.77
C2B CLA PD . 8.39 22.72 -23.04
C3B CLA PD . 8.17 23.21 -21.78
C4B CLA PD . 8.85 24.53 -21.71
CMB CLA PD . 7.97 21.46 -23.65
CAB CLA PD . 7.47 22.64 -20.66
CBB CLA PD . 6.14 22.54 -20.56
NC CLA PD . 10.01 27.33 -21.63
C1C CLA PD . 9.44 26.67 -20.58
C2C CLA PD . 9.48 27.50 -19.39
C3C CLA PD . 10.09 28.69 -19.76
C4C CLA PD . 10.44 28.57 -21.17
CMC CLA PD . 8.96 27.10 -18.08
CAC CLA PD . 10.40 29.84 -18.89
CBC CLA PD . 9.27 30.83 -18.77
ND CLA PD . 11.14 28.29 -24.01
C1D CLA PD . 11.42 29.44 -23.26
C2D CLA PD . 12.09 30.43 -24.13
C3D CLA PD . 12.24 29.83 -25.36
C4D CLA PD . 11.67 28.47 -25.22
CMD CLA PD . 12.49 31.77 -23.72
CAD CLA PD . 12.74 29.97 -26.70
OBD CLA PD . 13.23 30.94 -27.26
CBD CLA PD . 12.53 28.59 -27.40
CGD CLA PD . 11.69 28.76 -28.63
O1D CLA PD . 10.48 28.61 -28.74
O2D CLA PD . 12.39 29.15 -29.73
CED CLA PD . 11.65 29.82 -30.75
C1 CLA PD . 16.77 25.41 -24.80
C2 CLA PD . 17.52 24.48 -23.92
C3 CLA PD . 17.69 24.69 -22.60
C4 CLA PD . 17.12 25.86 -21.90
C5 CLA PD . 18.44 23.74 -21.73
C6 CLA PD . 19.41 22.84 -22.46
C7 CLA PD . 20.36 22.20 -21.47
C8 CLA PD . 21.05 20.98 -22.04
C9 CLA PD . 20.98 19.82 -21.07
C10 CLA PD . 22.51 21.28 -22.37
C11 CLA PD . 22.71 21.72 -23.80
C12 CLA PD . 23.16 20.59 -24.70
C13 CLA PD . 24.51 20.87 -25.37
C14 CLA PD . 24.57 22.26 -25.97
C15 CLA PD . 24.84 19.81 -26.42
C16 CLA PD . 23.99 19.91 -27.67
C17 CLA PD . 23.43 18.57 -28.09
C18 CLA PD . 23.86 18.11 -29.48
C19 CLA PD . 23.06 16.90 -29.90
C20 CLA PD . 25.34 17.79 -29.52
MG CLA QD . 12.11 12.80 -17.12
CHA CLA QD . 10.31 12.16 -20.01
CHB CLA QD . 14.02 10.06 -17.68
CHC CLA QD . 14.18 13.79 -14.57
CHD CLA QD . 10.38 15.89 -16.83
NA CLA QD . 12.08 11.30 -18.56
C1A CLA QD . 11.29 11.24 -19.71
C2A CLA QD . 11.64 9.99 -20.52
C3A CLA QD . 12.64 9.23 -19.62
C4A CLA QD . 12.96 10.25 -18.54
CMA CLA QD . 12.03 7.97 -19.08
CAA CLA QD . 12.31 10.43 -21.80
CBA CLA QD . 13.39 9.52 -22.32
CGA CLA QD . 13.79 10.06 -23.66
O1A CLA QD . 13.16 10.01 -24.72
O2A CLA QD . 15.00 10.69 -23.65
NB CLA QD . 13.72 12.01 -16.22
C1B CLA QD . 14.41 10.93 -16.65
C2B CLA QD . 15.66 10.77 -15.84
C3B CLA QD . 15.70 11.82 -14.95
C4B CLA QD . 14.49 12.63 -15.20
CMB CLA QD . 16.63 9.71 -16.05
CAB CLA QD . 16.73 12.18 -14.00
CBB CLA QD . 16.57 12.32 -12.69
NC CLA QD . 12.18 14.48 -15.86
C1C CLA QD . 13.10 14.66 -14.86
C2C CLA QD . 12.89 15.92 -14.19
C3C CLA QD . 11.86 16.55 -14.88
C4C CLA QD . 11.42 15.64 -15.93
CMC CLA QD . 13.68 16.42 -13.06
CAC CLA QD . 11.30 17.89 -14.63
CBC CLA QD . 10.34 17.91 -13.47
ND CLA QD . 10.59 13.77 -18.06
C1D CLA QD . 9.98 15.03 -17.83
C2D CLA QD . 8.90 15.22 -18.81
C3D CLA QD . 8.95 14.14 -19.66
C4D CLA QD . 10.07 13.31 -19.19
CMD CLA QD . 7.98 16.36 -18.81
CAD CLA QD . 8.37 13.47 -20.80
OBD CLA QD . 7.37 13.74 -21.44
CBD CLA QD . 9.29 12.25 -21.12
CGD CLA QD . 8.52 10.96 -21.21
O1D CLA QD . 7.76 10.47 -20.36
O2D CLA QD . 8.72 10.28 -22.37
CED CLA QD . 7.74 9.32 -22.77
C1 CLA QD . 15.34 11.46 -24.82
C2 CLA QD . 15.60 12.85 -24.38
C3 CLA QD . 15.62 13.89 -25.22
C4 CLA QD . 15.38 13.75 -26.67
C5 CLA QD . 15.89 15.27 -24.73
C6 CLA QD . 17.16 15.85 -25.33
C7 CLA QD . 17.28 17.32 -25.00
C8 CLA QD . 18.59 17.92 -25.52
C9 CLA QD . 19.77 17.21 -24.91
C10 CLA QD . 18.66 19.40 -25.21
C11 CLA QD . 19.51 20.14 -26.22
C12 CLA QD . 19.49 21.62 -25.96
C13 CLA QD . 20.47 22.36 -26.87
C14 CLA QD . 20.69 23.78 -26.37
C15 CLA QD . 19.98 22.38 -28.31
C16 CLA QD . 21.03 21.83 -29.26
C17 CLA QD . 20.47 20.78 -30.18
C18 CLA QD . 20.02 21.28 -31.55
C19 CLA QD . 20.75 22.50 -32.05
C20 CLA QD . 18.52 21.48 -31.60
MG CLA RD . 4.58 7.05 -35.34
CHA CLA RD . 2.83 9.53 -37.02
CHB CLA RD . 3.49 4.74 -37.58
CHC CLA RD . 6.75 4.77 -33.97
CHD CLA RD . 5.85 9.53 -33.16
NA CLA RD . 3.28 7.13 -36.97
C1A CLA RD . 2.68 8.27 -37.54
C2A CLA RD . 1.83 7.86 -38.74
C3A CLA RD . 1.87 6.32 -38.71
C4A CLA RD . 2.95 6.02 -37.68
CMA CLA RD . 0.53 5.74 -38.33
CAA CLA RD . 2.39 8.39 -40.06
CBA CLA RD . 3.85 8.07 -40.30
CGA CLA RD . 4.70 9.26 -40.02
O1A CLA RD . 4.42 10.46 -40.12
O2A CLA RD . 5.95 8.92 -39.60
NB CLA RD . 5.03 5.12 -35.69
C1B CLA RD . 4.47 4.35 -36.67
C2B CLA RD . 5.07 2.98 -36.62
C3B CLA RD . 5.99 2.98 -35.60
C4B CLA RD . 5.98 4.34 -35.00
CMB CLA RD . 4.66 1.93 -37.55
CAB CLA RD . 6.87 1.95 -35.12
CBB CLA RD . 6.56 0.67 -34.85
NC CLA RD . 5.96 7.11 -33.77
C1C CLA RD . 6.73 6.06 -33.36
C2C CLA RD . 7.61 6.48 -32.27
C3C CLA RD . 7.37 7.83 -32.06
C4C CLA RD . 6.34 8.22 -33.01
CMC CLA RD . 8.59 5.66 -31.56
CAC CLA RD . 8.02 8.70 -31.07
CBC CLA RD . 9.31 9.29 -31.59
ND CLA RD . 4.27 9.01 -34.96
C1D CLA RD . 4.90 9.92 -34.07
C2D CLA RD . 4.40 11.28 -34.31
C3D CLA RD . 3.60 11.19 -35.44
C4D CLA RD . 3.58 9.77 -35.83
CMD CLA RD . 4.75 12.45 -33.51
CAD CLA RD . 2.74 11.91 -36.34
OBD CLA RD . 2.35 13.07 -36.29
CBD CLA RD . 2.35 10.91 -37.46
CGD CLA RD . 0.89 11.00 -37.83
O1D CLA RD . 0.38 11.79 -38.61
O2D CLA RD . 0.08 10.09 -37.22
CED CLA RD . -1.10 9.71 -37.94
C1 CLA RD . 6.14 8.78 -38.18
C2 CLA RD . 6.46 10.12 -37.65
C3 CLA RD . 7.60 10.40 -37.00
C4 CLA RD . 7.89 11.76 -36.46
C5 CLA RD . 8.63 9.36 -36.79
C6 CLA RD . 8.95 9.13 -35.31
C7 CLA RD . 10.04 8.11 -35.15
C8 CLA RD . 11.31 8.49 -35.88
C9 CLA RD . 12.18 7.26 -36.14
C10 CLA RD . 12.11 9.55 -35.12
C11 CLA RD . 12.87 10.46 -36.05
C12 CLA RD . 11.97 11.06 -37.12
C13 CLA RD . 12.75 11.65 -38.30
C14 CLA RD . 13.81 10.69 -38.80
C15 CLA RD . 13.37 12.99 -37.94
C16 CLA RD . 12.95 14.08 -38.91
C17 CLA RD . 11.47 14.35 -38.81
C18 CLA RD . 11.17 15.76 -38.30
C19 CLA RD . 9.92 15.77 -37.45
C20 CLA RD . 11.03 16.71 -39.47
MG CLA SD . -6.63 -26.82 -47.94
CHA CLA SD . -9.45 -24.87 -48.47
CHB CLA SD . -8.15 -29.44 -49.46
CHC CLA SD . -3.76 -28.66 -47.53
CHD CLA SD . -5.03 -24.03 -46.48
NA CLA SD . -8.52 -27.09 -48.79
C1A CLA SD . -9.55 -26.16 -48.93
C2A CLA SD . -10.75 -26.79 -49.65
C3A CLA SD . -10.35 -28.27 -49.81
C4A CLA SD . -8.89 -28.29 -49.34
CMA CLA SD . -11.21 -29.19 -48.99
CAA CLA SD . -10.94 -26.16 -51.03
CBA CLA SD . -11.95 -26.88 -51.89
CGA CLA SD . -11.89 -26.38 -53.30
O1A CLA SD . -12.61 -26.68 -54.26
O2A CLA SD . -10.89 -25.46 -53.52
NB CLA SD . -6.07 -28.70 -48.39
C1B CLA SD . -6.82 -29.62 -49.04
C2B CLA SD . -6.04 -30.88 -49.23
C3B CLA SD . -4.80 -30.66 -48.69
C4B CLA SD . -4.80 -29.28 -48.14
CMB CLA SD . -6.58 -32.05 -49.90
CAB CLA SD . -3.68 -31.56 -48.62
CBB CLA SD . -2.48 -31.38 -49.20
NC CLA SD . -4.75 -26.42 -47.12
C1C CLA SD . -3.72 -27.32 -47.05
C2C CLA SD . -2.56 -26.71 -46.42
C3C CLA SD . -2.91 -25.40 -46.14
C4C CLA SD . -4.29 -25.22 -46.57
CMC CLA SD . -1.29 -27.39 -46.17
CAC CLA SD . -2.06 -24.37 -45.49
CBC CLA SD . -1.41 -23.46 -46.49
ND CLA SD . -7.08 -24.90 -47.50
C1D CLA SD . -6.33 -23.86 -46.90
C2D CLA SD . -7.16 -22.65 -46.82
C3D CLA SD . -8.37 -22.98 -47.39
C4D CLA SD . -8.27 -24.39 -47.81
CMD CLA SD . -6.73 -21.37 -46.24
CAD CLA SD . -9.70 -22.52 -47.73
OBD CLA SD . -10.23 -21.44 -47.52
CBD CLA SD . -10.42 -23.70 -48.46
CGD CLA SD . -11.72 -24.07 -47.80
O1D CLA SD . -12.85 -23.96 -48.29
O2D CLA SD . -11.59 -24.58 -46.56
CED CLA SD . -12.79 -24.95 -45.86
C1 CLA SD . -9.96 -25.75 -54.58
C2 CLA SD . -9.00 -26.74 -54.02
C3 CLA SD . -7.67 -26.63 -54.14
C4 CLA SD . -7.03 -25.48 -54.84
C5 CLA SD . -6.76 -27.66 -53.55
C6 CLA SD . -5.66 -27.06 -52.69
C7 CLA SD . -5.03 -28.11 -51.79
C8 CLA SD . -3.78 -28.79 -52.34
C9 CLA SD . -3.00 -27.92 -53.32
C10 CLA SD . -4.09 -30.14 -52.98
C11 CLA SD . -2.91 -31.08 -52.96
C12 CLA SD . -3.29 -32.48 -53.39
MG CLA TD . 29.85 13.09 -24.00
CHA CLA TD . 32.85 14.53 -23.04
CHB CLA TD . 31.33 11.80 -26.75
CHC CLA TD . 26.79 11.89 -25.01
CHD CLA TD . 28.27 14.71 -21.27
NA CLA TD . 31.81 13.11 -24.70
C1A CLA TD . 32.93 13.74 -24.16
C2A CLA TD . 34.16 13.49 -25.02
C3A CLA TD . 33.60 12.75 -26.24
C4A CLA TD . 32.15 12.48 -25.87
CMA CLA TD . 33.71 13.62 -27.47
CAA CLA TD . 35.05 12.46 -24.34
CBA CLA TD . 36.36 12.99 -23.80
CGA CLA TD . 37.31 13.44 -24.87
O1A CLA TD . 38.30 12.87 -25.30
O2A CLA TD . 36.97 14.66 -25.38
NB CLA TD . 29.19 12.02 -25.56
C1B CLA TD . 29.96 11.55 -26.58
C2B CLA TD . 29.13 10.74 -27.51
C3B CLA TD . 27.84 10.77 -27.01
C4B CLA TD . 27.87 11.61 -25.79
CMB CLA TD . 29.66 10.11 -28.71
CAB CLA TD . 26.62 10.20 -27.52
CBB CLA TD . 26.36 8.90 -27.65
NC CLA TD . 27.91 13.24 -23.24
C1C CLA TD . 26.80 12.68 -23.82
C2C CLA TD . 25.62 12.97 -23.02
C3C CLA TD . 26.03 13.76 -21.97
C4C CLA TD . 27.47 13.94 -22.11
CMC CLA TD . 24.27 12.49 -23.31
CAC CLA TD . 25.18 14.28 -20.88
CBC CLA TD . 25.22 13.43 -19.62
ND CLA TD . 30.38 14.27 -22.45
C1D CLA TD . 29.62 14.89 -21.42
C2D CLA TD . 30.51 15.76 -20.62
C3D CLA TD . 31.75 15.68 -21.21
C4D CLA TD . 31.61 14.74 -22.35
CMD CLA TD . 30.07 16.57 -19.49
CAD CLA TD . 33.11 16.17 -21.23
OBD CLA TD . 33.61 17.07 -20.56
CBD CLA TD . 33.87 15.40 -22.34
CGD CLA TD . 34.59 16.36 -23.25
O1D CLA TD . 35.80 16.43 -23.45
O2D CLA TD . 33.80 17.25 -23.91
CED CLA TD . 34.43 17.94 -24.99
C1 CLA TD . 37.96 15.47 -26.05
C2 CLA TD . 37.14 16.48 -26.75
C3 CLA TD . 37.43 17.07 -27.92
C4 CLA TD . 38.67 16.78 -28.67
C5 CLA TD . 36.48 18.06 -28.49
C6 CLA TD . 35.54 17.46 -29.52
C7 CLA TD . 34.68 18.53 -30.17
C8 CLA TD . 33.68 17.97 -31.19
C9 CLA TD . 34.36 17.12 -32.23
C10 CLA TD . 32.94 19.11 -31.88
C11 CLA TD . 31.63 18.66 -32.47
C12 CLA TD . 30.74 19.86 -32.77
C13 CLA TD . 29.25 19.56 -32.95
C14 CLA TD . 28.81 18.21 -32.42
C15 CLA TD . 28.87 19.76 -34.42
C16 CLA TD . 27.46 19.31 -34.73
C17 CLA TD . 26.39 20.32 -34.36
C18 CLA TD . 25.02 19.84 -34.81
C19 CLA TD . 23.96 20.88 -34.56
C20 CLA TD . 24.65 18.54 -34.12
MG CLA UD . -11.00 -14.25 8.82
CHA CLA UD . -13.02 -12.10 6.97
CHB CLA UD . -9.74 -11.59 10.50
CHC CLA UD . -9.30 -16.43 10.84
CHD CLA UD . -12.46 -16.94 7.12
NA CLA UD . -11.30 -12.18 8.69
C1A CLA UD . -12.19 -11.47 7.87
C2A CLA UD . -12.06 -9.95 8.12
C3A CLA UD . -10.96 -9.85 9.21
C4A CLA UD . -10.62 -11.31 9.50
CMA CLA UD . -9.72 -9.08 8.82
CAA CLA UD . -13.33 -9.31 8.64
CBA CLA UD . -13.89 -10.07 9.81
CGA CLA UD . -15.35 -10.32 9.66
O1A CLA UD . -15.88 -11.37 9.29
O2A CLA UD . -16.10 -9.21 9.95
NB CLA UD . -9.72 -14.05 10.36
C1B CLA UD . -9.36 -12.86 10.92
C2B CLA UD . -8.50 -13.10 12.10
C3B CLA UD . -8.35 -14.45 12.24
C4B CLA UD . -9.14 -15.09 11.12
CMB CLA UD . -7.95 -12.01 12.92
CAB CLA UD . -7.59 -15.07 13.29
CBB CLA UD . -7.73 -16.29 13.81
NC CLA UD . -10.86 -16.32 8.91
C1C CLA UD . -10.09 -17.00 9.81
C2C CLA UD . -10.23 -18.44 9.57
C3C CLA UD . -11.15 -18.61 8.53
C4C CLA UD . -11.53 -17.26 8.12
CMC CLA UD . -9.54 -19.47 10.35
CAC CLA UD . -11.58 -19.90 7.95
CBC CLA UD . -13.06 -20.23 7.89
ND CLA UD . -12.35 -14.52 7.33
C1D CLA UD . -12.89 -15.70 6.74
C2D CLA UD . -13.91 -15.34 5.75
C3D CLA UD . -13.99 -13.97 5.79
C4D CLA UD . -13.03 -13.51 6.80
CMD CLA UD . -14.64 -16.31 4.95
CAD CLA UD . -14.67 -12.81 5.26
OBD CLA UD . -15.56 -12.73 4.43
CBD CLA UD . -14.03 -11.59 5.97
CGD CLA UD . -13.24 -10.80 4.97
O1D CLA UD . -12.04 -10.89 4.73
O2D CLA UD . -13.98 -9.92 4.25
CED CLA UD . -13.45 -9.57 2.99
C1 CLA UD . -17.26 -9.31 10.81
C2 CLA UD . -18.41 -9.76 9.98
C3 CLA UD . -19.07 -9.01 9.08
C4 CLA UD . -18.75 -7.59 8.83
C5 CLA UD . -20.20 -9.57 8.28
C6 CLA UD . -20.30 -11.08 8.33
C7 CLA UD . -19.47 -11.76 7.26
C8 CLA UD . -19.02 -13.14 7.73
C9 CLA UD . -17.61 -13.43 7.25
C10 CLA UD . -19.97 -14.21 7.22
C11 CLA UD . -19.71 -15.54 7.88
C12 CLA UD . -20.82 -16.54 7.62
C13 CLA UD . -21.06 -16.75 6.13
C14 CLA UD . -22.48 -17.21 5.88
C15 CLA UD . -20.07 -17.75 5.56
C16 CLA UD . -19.62 -17.36 4.18
C17 CLA UD . -18.22 -17.87 3.91
C18 CLA UD . -18.11 -18.52 2.54
C19 CLA UD . -17.05 -19.61 2.55
C20 CLA UD . -17.76 -17.48 1.49
MG CLA VD . -26.38 -27.07 -22.50
CHA CLA VD . -24.48 -24.20 -22.83
CHB CLA VD . -24.78 -27.78 -19.59
CHC CLA VD . -28.38 -29.84 -22.14
CHD CLA VD . -27.90 -26.37 -25.61
NA CLA VD . -24.89 -26.11 -21.39
C1A CLA VD . -24.25 -24.89 -21.68
C2A CLA VD . -23.23 -24.56 -20.58
C3A CLA VD . -23.27 -25.77 -19.65
C4A CLA VD . -24.40 -26.62 -20.23
CMA CLA VD . -21.97 -26.52 -19.66
CAA CLA VD . -23.61 -23.31 -19.79
CBA CLA VD . -25.07 -23.32 -19.40
CGA CLA VD . -25.52 -22.03 -18.77
O1A CLA VD . -26.65 -21.57 -18.74
O2A CLA VD . -24.52 -21.33 -18.15
NB CLA VD . -26.61 -28.48 -21.08
C1B CLA VD . -25.77 -28.67 -20.04
C2B CLA VD . -26.02 -29.97 -19.39
C3B CLA VD . -27.05 -30.56 -20.10
C4B CLA VD . -27.43 -29.63 -21.19
CMB CLA VD . -25.25 -30.41 -18.23
CAB CLA VD . -27.68 -31.84 -19.93
CBB CLA VD . -27.00 -32.99 -19.80
NC CLA VD . -27.89 -27.93 -23.66
C1C CLA VD . -28.61 -29.04 -23.30
C2C CLA VD . -29.61 -29.31 -24.32
C3C CLA VD . -29.44 -28.36 -25.33
C4C CLA VD . -28.36 -27.49 -24.89
CMC CLA VD . -30.58 -30.40 -24.27
CAC CLA VD . -30.21 -28.20 -26.56
CBC CLA VD . -29.54 -28.86 -27.75
ND CLA VD . -26.24 -25.68 -23.95
C1D CLA VD . -26.91 -25.52 -25.18
C2D CLA VD . -26.36 -24.34 -25.88
C3D CLA VD . -25.44 -23.78 -25.01
C4D CLA VD . -25.41 -24.65 -23.82
CMD CLA VD . -26.80 -23.90 -27.20
CAD CLA VD . -24.47 -22.73 -24.81
OBD CLA VD . -24.15 -21.81 -25.54
CBD CLA VD . -23.85 -22.96 -23.40
CGD CLA VD . -22.37 -23.15 -23.42
O1D CLA VD . -21.53 -22.64 -22.69
O2D CLA VD . -21.95 -24.02 -24.37
CED CLA VD . -20.79 -24.80 -24.07
C1 CLA VD . -24.95 -20.33 -17.21
C2 CLA VD . -23.78 -19.50 -16.84
C3 CLA VD . -23.84 -18.52 -15.92
C4 CLA VD . -25.10 -18.18 -15.20
C5 CLA VD . -22.64 -17.71 -15.57
C6 CLA VD . -22.14 -17.96 -14.17
C7 CLA VD . -20.88 -17.14 -13.93
C8 CLA VD . -20.11 -17.60 -12.70
C9 CLA VD . -20.86 -17.22 -11.44
C10 CLA VD . -18.72 -16.96 -12.70
C11 CLA VD . -17.82 -17.55 -11.63
C12 CLA VD . -16.55 -16.74 -11.51
C13 CLA VD . -15.44 -17.55 -10.85
C14 CLA VD . -15.61 -17.56 -9.35
C15 CLA VD . -14.06 -16.98 -11.22
C16 CLA VD . -12.96 -17.89 -10.70
C17 CLA VD . -12.88 -19.16 -11.51
C18 CLA VD . -12.22 -20.30 -10.75
C19 CLA VD . -12.92 -20.55 -9.44
C20 CLA VD . -10.75 -20.02 -10.53
C1 PQN WD . 4.81 18.23 -11.77
O1 PQN WD . 5.07 17.36 -10.72
C2 PQN WD . 5.84 18.95 -12.34
C2M PQN WD . 7.25 18.75 -11.81
C3 PQN WD . 5.59 19.85 -13.38
C4 PQN WD . 4.29 20.01 -13.84
O4 PQN WD . 4.02 20.90 -14.89
C5 PQN WD . 3.23 19.28 -13.25
C6 PQN WD . 1.91 19.45 -13.73
C7 PQN WD . 0.88 18.72 -13.15
C8 PQN WD . 1.13 17.86 -12.08
C9 PQN WD . 2.43 17.67 -11.64
C10 PQN WD . 3.49 18.41 -12.23
C11 PQN WD . 6.73 20.64 -14.04
C12 PQN WD . 7.21 19.94 -15.31
C13 PQN WD . 7.66 20.89 -16.41
C14 PQN WD . 6.49 21.69 -16.95
C15 PQN WD . 8.29 20.08 -17.53
C16 PQN WD . 9.81 20.29 -17.60
C17 PQN WD . 10.48 19.21 -18.47
C18 PQN WD . 11.33 19.76 -19.62
C19 PQN WD . 10.71 20.99 -20.25
C20 PQN WD . 11.44 18.67 -20.69
C21 PQN WD . 12.07 17.38 -20.16
C22 PQN WD . 12.75 16.60 -21.30
C23 PQN WD . 12.52 15.09 -21.16
C24 PQN WD . 13.73 14.46 -20.51
C25 PQN WD . 12.33 14.48 -22.55
C26 PQN WD . 11.16 15.13 -23.33
C27 PQN WD . 11.27 14.85 -24.83
C28 PQN WD . 10.83 13.43 -25.20
C29 PQN WD . 9.38 13.18 -24.79
C30 PQN WD . 10.99 13.18 -26.71
C1A DGD XD . -0.27 13.56 -22.85
C2A DGD XD . 1.02 12.98 -22.43
C3A DGD XD . 2.17 13.57 -23.22
C4A DGD XD . 3.42 12.73 -23.03
C5A DGD XD . 3.63 11.83 -24.24
C6A DGD XD . 4.30 10.54 -23.85
C7A DGD XD . 3.70 9.47 -24.75
C8A DGD XD . 3.41 8.22 -23.96
C9A DGD XD . 3.88 7.04 -24.78
CAA DGD XD . 4.43 6.00 -23.84
CBA DGD XD . 5.81 5.58 -24.33
CCA DGD XD . 6.65 5.29 -23.11
CDA DGD XD . 7.99 4.76 -23.60
CEA DGD XD . 9.09 5.33 -22.72
CFA DGD XD . 10.43 4.91 -23.26
CGA DGD XD . 11.49 5.61 -22.43
CHA DGD XD . 12.46 4.59 -21.84
CIA DGD XD . 13.73 5.32 -21.44
O1A DGD XD . -0.47 14.35 -23.76
C1B DGD XD . -2.55 9.81 -22.60
C2B DGD XD . -2.50 8.42 -23.15
C3B DGD XD . -1.58 8.31 -24.34
C4B DGD XD . -1.23 6.85 -24.61
C5B DGD XD . -0.40 6.43 -23.41
C6B DGD XD . -0.87 5.03 -23.04
C7B DGD XD . -0.24 4.73 -21.70
C8B DGD XD . 1.16 4.36 -22.00
C9B DGD XD . 1.51 3.25 -21.07
CAB DGD XD . 2.54 3.84 -20.16
CBB DGD XD . 3.32 2.67 -19.71
CCB DGD XD . 4.69 3.17 -19.36
CDB DGD XD . 5.53 2.14 -20.03
CEB DGD XD . 6.96 2.44 -19.74
CFB DGD XD . 7.67 1.20 -20.25
CGB DGD XD . 8.83 0.96 -19.34
CHB DGD XD . 10.04 0.69 -20.20
CIB DGD XD . 11.05 -0.05 -19.35
O1B DGD XD . -2.70 10.09 -21.42
O1G DGD XD . -1.29 12.81 -22.36
C1G DGD XD . -2.58 13.03 -22.85
C2G DGD XD . -2.85 11.90 -23.86
O2G DGD XD . -2.09 10.74 -23.51
C3G DGD XD . -4.35 11.55 -23.79
O3G DGD XD . -4.98 12.76 -24.15
C1D DGD XD . -5.97 12.65 -25.15
C2D DGD XD . -7.31 12.16 -24.48
O2D DGD XD . -7.34 10.78 -24.60
C3D DGD XD . -8.54 12.67 -25.31
O3D DGD XD . -9.68 12.62 -24.51
C4D DGD XD . -8.39 14.14 -25.76
O4D DGD XD . -8.28 15.00 -24.67
C5D DGD XD . -7.04 14.22 -26.51
O5D DGD XD . -7.80 15.78 -27.99
C6D DGD XD . -6.75 15.61 -27.07
O6D DGD XD . -6.02 14.00 -25.59
C1E DGD XD . -7.55 16.58 -29.09
C2E DGD XD . -8.90 17.05 -29.70
O2E DGD XD . -9.58 17.71 -28.69
C3E DGD XD . -9.71 15.82 -30.16
O3E DGD XD . -10.85 16.31 -30.79
C4E DGD XD . -8.86 15.02 -31.19
O4E DGD XD . -8.56 15.82 -32.28
C5E DGD XD . -7.51 14.63 -30.53
O6E DGD XD . -6.84 15.76 -30.00
C6E DGD XD . -6.50 14.06 -31.54
O5E DGD XD . -6.42 12.71 -31.25
C10 WVN YD . 9.41 -13.44 -30.53
C11 WVN YD . 2.94 -21.45 -50.75
C12 WVN YD . 8.48 -14.44 -29.86
C13 WVN YD . 7.74 -13.36 -32.43
C14 WVN YD . 7.78 -15.31 -30.87
C01 WVN YD . 1.73 -21.74 -52.93
C02 WVN YD . 3.01 -21.31 -52.25
C03 WVN YD . 1.56 -23.26 -52.79
C04 WVN YD . 2.77 -24.13 -53.16
C05 WVN YD . 4.16 -22.11 -52.70
C06 WVN YD . 8.67 -12.54 -31.53
C07 WVN YD . 0.53 -21.04 -52.28
C08 WVN YD . 1.76 -21.34 -54.41
C09 WVN YD . 4.06 -23.40 -52.92
C15 WVN YD . 7.27 -14.57 -32.07
C16 WVN YD . 5.45 -21.36 -52.89
C17 WVN YD . 9.71 -11.77 -32.38
C18 WVN YD . 7.86 -11.51 -30.73
C19 WVN YD . 3.52 -20.61 -49.90
C20 WVN YD . 7.34 -12.68 -33.63
C21 WVN YD . 6.15 -15.28 -32.78
C22 WVN YD . 3.47 -20.69 -48.45
C23 WVN YD . 7.39 -12.88 -34.94
C24 WVN YD . 2.86 -21.92 -47.84
C25 WVN YD . 6.80 -11.88 -35.82
C26 WVN YD . 3.92 -19.65 -47.72
C27 WVN YD . 6.29 -10.63 -35.18
C28 WVN YD . 6.62 -12.11 -37.14
C29 WVN YD . 3.84 -19.48 -46.31
C30 WVN YD . 7.03 -13.18 -37.94
C31 WVN YD . 4.38 -18.44 -45.67
C32 WVN YD . 4.33 -18.17 -44.25
C33 WVN YD . 6.44 -13.29 -39.13
C34 WVN YD . 6.73 -14.20 -40.22
C35 WVN YD . 3.49 -19.07 -43.39
C36 WVN YD . 4.95 -17.06 -43.77
C37 WVN YD . 5.71 -14.87 -40.80
C38 WVN YD . 8.13 -14.21 -40.75
C39 WVN YD . 4.86 -16.48 -42.47
C40 WVN YD . 5.73 -15.55 -42.06
C10 WVN ZD . -4.66 -28.97 -16.15
C11 WVN ZD . -11.73 -8.32 -21.29
C12 WVN ZD . -4.27 -29.90 -17.30
C13 WVN ZD . -6.93 -28.64 -17.34
C14 WVN ZD . -4.82 -29.41 -18.65
C01 WVN ZD . -12.93 -7.86 -23.60
C02 WVN ZD . -12.99 -7.73 -22.06
C03 WVN ZD . -13.74 -6.79 -24.35
C04 WVN ZD . -14.91 -6.24 -23.51
C05 WVN ZD . -13.12 -6.27 -21.64
C06 WVN ZD . -6.17 -28.93 -16.00
C07 WVN ZD . -11.46 -7.75 -24.09
C08 WVN ZD . -13.51 -9.24 -24.07
C09 WVN ZD . -14.42 -5.64 -22.18
C15 WVN ZD . -6.04 -28.47 -18.59
C16 WVN ZD . -13.08 -6.12 -20.09
C17 WVN ZD . -6.49 -27.92 -14.85
C18 WVN ZD . -6.64 -30.32 -15.51
C19 WVN ZD . -11.88 -9.65 -21.03
C20 WVN ZD . -7.96 -27.47 -17.18
C21 WVN ZD . -6.86 -28.83 -19.87
C22 WVN ZD . -10.50 -9.80 -20.28
C23 WVN ZD . -7.74 -26.23 -17.69
C24 WVN ZD . -9.28 -9.36 -21.05
C25 WVN ZD . -8.31 -24.81 -17.87
C26 WVN ZD . -10.43 -11.32 -20.01
C27 WVN ZD . -9.36 -24.91 -18.98
C28 WVN ZD . -7.27 -23.73 -18.21
C29 WVN ZD . -9.00 -11.85 -19.73
C30 WVN ZD . -7.98 -22.38 -18.42
C31 WVN ZD . -9.03 -13.11 -19.26
C32 WVN ZD . -8.29 -14.34 -18.73
C33 WVN ZD . -7.71 -21.83 -19.61
C34 WVN ZD . -8.60 -20.56 -19.46
C35 WVN ZD . -6.82 -14.02 -18.88
C36 WVN ZD . -8.63 -15.63 -19.48
C37 WVN ZD . -7.97 -19.43 -18.61
C38 WVN ZD . -10.05 -20.79 -19.01
C39 WVN ZD . -7.94 -16.90 -18.91
C40 WVN ZD . -8.53 -18.09 -19.10
C10 WVN AE . 13.89 -32.29 -55.27
C11 WVN AE . 14.50 -16.20 -39.62
C12 WVN AE . 13.10 -33.49 -54.75
C13 WVN AE . 12.29 -30.89 -53.74
C14 WVN AE . 11.59 -33.21 -54.77
C01 WVN AE . 15.28 -16.59 -37.16
C02 WVN AE . 15.67 -16.69 -38.66
C03 WVN AE . 16.48 -16.54 -36.19
C04 WVN AE . 17.79 -17.10 -36.78
C05 WVN AE . 16.95 -15.90 -38.94
C06 WVN AE . 13.69 -31.05 -54.38
C07 WVN AE . 14.46 -15.30 -36.92
C08 WVN AE . 14.42 -17.83 -36.77
C09 WVN AE . 18.15 -16.49 -38.16
C15 WVN AE . 11.16 -31.81 -54.30
C16 WVN AE . 17.26 -15.89 -40.45
C17 WVN AE . 14.10 -29.81 -55.23
C18 WVN AE . 14.71 -31.17 -53.22
C19 WVN AE . 13.96 -17.27 -40.28
C20 WVN AE . 11.80 -29.42 -53.80
C21 WVN AE . 10.40 -31.13 -55.46
C22 WVN AE . 12.93 -16.38 -41.07
C23 WVN AE . 11.62 -28.79 -52.62
C24 WVN AE . 11.81 -15.94 -40.19
C25 WVN AE . 11.20 -27.51 -51.87
C26 WVN AE . 12.35 -17.24 -42.22
C27 WVN AE . 9.81 -27.74 -51.29
C28 WVN AE . 12.20 -27.13 -50.78
C29 WVN AE . 13.42 -18.22 -42.79
C30 WVN AE . 11.74 -25.90 -49.95
C31 WVN AE . 12.95 -19.31 -43.44
C32 WVN AE . 13.25 -20.61 -44.19
C33 WVN AE . 11.77 -26.20 -48.64
C34 WVN AE . 11.25 -24.84 -48.07
C35 WVN AE . 14.69 -20.58 -44.67
C36 WVN AE . 12.32 -20.85 -45.38
C37 WVN AE . 12.36 -23.77 -48.05
C38 WVN AE . 9.96 -24.29 -48.72
C39 WVN AE . 12.76 -22.07 -46.25
C40 WVN AE . 11.95 -22.57 -47.18
C10 WVN BE . 9.90 24.32 -12.94
C11 WVN BE . 21.23 5.20 -20.03
C12 WVN BE . 9.00 24.56 -14.16
C13 WVN BE . 11.76 23.26 -14.46
C14 WVN BE . 9.50 23.94 -15.48
C01 WVN BE . 23.75 4.54 -20.44
C02 WVN BE . 22.54 4.51 -19.47
C03 WVN BE . 24.80 3.45 -20.17
C04 WVN BE . 24.78 2.94 -18.71
C05 WVN BE . 22.21 3.08 -19.02
C06 WVN BE . 11.05 23.29 -13.08
C07 WVN BE . 23.24 4.34 -21.90
C08 WVN BE . 24.49 5.90 -20.34
C09 WVN BE . 23.40 2.40 -18.29
C15 WVN BE . 11.02 24.02 -15.58
C16 WVN BE . 20.99 3.12 -18.06
C17 WVN BE . 12.14 23.70 -12.07
C18 WVN BE . 10.47 21.91 -12.62
C19 WVN BE . 21.09 6.46 -19.51
C20 WVN BE . 12.10 21.79 -14.90
C21 WVN BE . 11.48 23.54 -16.99
C22 WVN BE . 19.74 6.73 -20.26
C23 WVN BE . 13.36 21.41 -14.62
C24 WVN BE . 19.90 6.95 -21.73
C25 WVN BE . 14.46 20.34 -14.64
C26 WVN BE . 19.17 8.01 -19.58
C27 WVN BE . 15.78 20.96 -14.19
C28 WVN BE . 14.56 19.81 -16.07
C29 WVN BE . 18.21 8.87 -20.46
C30 WVN BE . 15.53 18.64 -16.30
C31 WVN BE . 18.06 10.10 -19.95
C32 WVN BE . 17.46 11.52 -19.98
C33 WVN BE . 14.83 17.50 -16.46
C34 WVN BE . 16.15 16.72 -16.67
C35 WVN BE . 16.00 11.43 -20.42
C36 WVN BE . 17.58 12.19 -18.61
C37 WVN BE . 15.77 15.50 -17.51
C38 WVN BE . 16.75 16.27 -15.34
C39 WVN BE . 16.61 13.38 -18.45
C40 WVN BE . 16.82 14.36 -17.57
C10 WVN CE . 8.06 -33.61 -47.59
C11 WVN CE . -14.82 -32.50 -42.92
C12 WVN CE . 7.84 -32.90 -48.92
C13 WVN CE . 5.89 -32.64 -46.60
C14 WVN CE . 6.99 -31.62 -48.82
C01 WVN CE . -15.87 -33.38 -40.70
C02 WVN CE . -16.11 -32.56 -41.99
C03 WVN CE . -17.10 -34.14 -40.17
C04 WVN CE . -18.41 -33.45 -40.53
C05 WVN CE . -17.28 -33.10 -42.84
C06 WVN CE . 6.72 -33.92 -46.90
C07 WVN CE . -14.73 -34.44 -40.89
C08 WVN CE . -15.45 -32.38 -39.58
C09 WVN CE . -18.59 -33.28 -42.05
C15 WVN CE . 6.24 -31.39 -47.48
C16 WVN CE . -17.53 -32.11 -43.99
C17 WVN CE . 7.04 -34.60 -45.54
C18 WVN CE . 5.95 -34.95 -47.78
C19 WVN CE . -14.06 -31.38 -42.69
C20 WVN CE . 4.37 -32.96 -46.64
C21 WVN CE . 5.01 -30.50 -47.77
C22 WVN CE . -13.09 -31.89 -43.80
C23 WVN CE . 3.73 -32.91 -45.44
C24 WVN CE . -13.35 -31.13 -45.06
C25 WVN CE . 2.43 -33.04 -44.62
C26 WVN CE . -11.64 -31.71 -43.29
C27 WVN CE . 2.75 -33.21 -43.15
C28 WVN CE . 1.62 -31.76 -44.86
C29 WVN CE . -10.77 -30.72 -44.14
C30 WVN CE . 0.28 -31.59 -44.10
C31 WVN CE . -9.46 -31.05 -44.15
C32 WVN CE . -8.03 -30.76 -44.63
C33 WVN CE . -0.74 -31.85 -44.94
C34 WVN CE . -1.82 -31.55 -43.88
C35 WVN CE . -7.96 -31.12 -46.10
C36 WVN CE . -6.98 -31.56 -43.86
C37 WVN CE . -3.13 -31.50 -44.69
C38 WVN CE . -1.94 -32.62 -42.80
C39 WVN CE . -5.59 -31.48 -44.54
C40 WVN CE . -4.44 -31.61 -43.88
C1B LMU DE . 11.94 -41.37 -53.39
C2B LMU DE . 12.37 -42.30 -52.27
C3B LMU DE . 12.59 -41.55 -50.96
C4B LMU DE . 13.45 -40.33 -51.17
C5B LMU DE . 12.84 -39.47 -52.26
C6B LMU DE . 13.66 -38.22 -52.55
O1B LMU DE . 10.61 -40.96 -53.20
O2B LMU DE . 11.40 -43.32 -52.09
O3B LMU DE . 13.19 -42.42 -50.02
O4' LMU DE . 13.52 -39.57 -49.97
O5B LMU DE . 12.80 -40.23 -53.47
O6B LMU DE . 14.98 -38.55 -52.96
C1' LMU DE . 7.12 -40.98 -55.51
C2' LMU DE . 7.73 -42.33 -55.15
C3' LMU DE . 8.69 -42.18 -53.99
C4' LMU DE . 9.71 -41.10 -54.31
C5' LMU DE . 9.00 -39.81 -54.63
C6' LMU DE . 9.93 -38.68 -55.05
O1' LMU DE . 6.31 -40.52 -54.45
O2' LMU DE . 6.69 -43.25 -54.84
O3' LMU DE . 9.32 -43.44 -53.74
O5' LMU DE . 8.12 -40.02 -55.74
O6' LMU DE . 10.66 -38.19 -53.95
C1 LMU DE . 5.39 -39.51 -54.84
C2 LMU DE . 4.86 -38.81 -53.65
C3 LMU DE . 4.27 -39.75 -52.65
C4 LMU DE . 2.96 -40.35 -53.07
C5 LMU DE . 1.98 -40.47 -51.94
C6 LMU DE . 1.11 -41.70 -51.98
C7 LMU DE . 0.03 -41.66 -53.03
C8 LMU DE . -0.96 -42.79 -52.88
C9 LMU DE . -2.08 -42.77 -53.88
C10 LMU DE . -2.97 -43.99 -53.80
C11 LMU DE . -4.19 -43.90 -54.68
C12 LMU DE . -3.86 -43.36 -56.04
FE1 SF4 EE . -16.53 28.04 -15.30
FE2 SF4 EE . -18.41 29.71 -16.35
FE3 SF4 EE . -18.96 27.04 -16.08
FE4 SF4 EE . -17.16 27.89 -17.96
S1 SF4 EE . -19.39 28.34 -17.90
S2 SF4 EE . -16.91 26.15 -16.52
S3 SF4 EE . -16.20 29.65 -16.88
S4 SF4 EE . -18.55 28.53 -14.40
FE1 SF4 FE . -28.65 24.50 -13.02
FE2 SF4 FE . -28.14 27.02 -13.95
FE3 SF4 FE . -29.97 26.64 -11.95
FE4 SF4 FE . -30.53 25.82 -14.49
S1 SF4 FE . -30.20 27.96 -13.79
S2 SF4 FE . -30.88 24.64 -12.58
S3 SF4 FE . -28.48 25.13 -15.20
S4 SF4 FE . -27.74 26.23 -11.85
MG CLA GE . -19.52 2.81 8.15
CHA CLA GE . -21.31 1.67 10.89
CHB CLA GE . -18.19 5.29 10.06
CHC CLA GE . -17.45 3.61 5.54
CHD CLA GE . -20.97 0.24 6.20
NA CLA GE . -19.78 3.41 10.13
C1A CLA GE . -20.53 2.78 11.13
C2A CLA GE . -20.42 3.54 12.46
C3A CLA GE . -19.65 4.81 12.07
C4A CLA GE . -19.15 4.50 10.67
CMA CLA GE . -20.56 6.01 12.12
CAA CLA GE . -19.63 2.76 13.49
CBA CLA GE . -20.35 2.78 14.83
CGA CLA GE . -19.42 2.30 15.90
O1A CLA GE . -18.27 1.92 15.81
O2A CLA GE . -20.01 2.31 17.14
NB CLA GE . -18.09 4.19 7.86
C1B CLA GE . -17.68 5.11 8.77
C2B CLA GE . -16.60 5.94 8.20
C3B CLA GE . -16.38 5.48 6.92
C4B CLA GE . -17.33 4.36 6.67
CMB CLA GE . -15.95 7.02 8.93
CAB CLA GE . -15.43 5.94 5.94
CBB CLA GE . -15.73 6.49 4.78
NC CLA GE . -19.30 2.08 6.21
C1C CLA GE . -18.37 2.55 5.32
C2C CLA GE . -18.44 1.78 4.08
C3C CLA GE . -19.45 0.84 4.25
C4C CLA GE . -19.99 1.04 5.60
CMC CLA GE . -17.57 1.98 2.91
CAC CLA GE . -19.88 -0.18 3.28
CBC CLA GE . -21.05 0.25 2.44
ND CLA GE . -20.93 1.37 8.38
C1D CLA GE . -21.43 0.38 7.49
C2D CLA GE . -22.39 -0.47 8.23
C3D CLA GE . -22.34 -0.06 9.55
C4D CLA GE . -21.41 1.09 9.58
CMD CLA GE . -23.14 -1.57 7.64
CAD CLA GE . -22.84 -0.26 10.89
OBD CLA GE . -23.57 -1.13 11.33
CBD CLA GE . -22.19 0.84 11.78
CGD CLA GE . -23.22 1.67 12.50
O1D CLA GE . -23.41 2.88 12.39
O2D CLA GE . -24.02 0.96 13.33
CED CLA GE . -23.81 1.15 14.73
C1 CLA GE . -19.35 1.54 18.16
C2 CLA GE . -20.06 0.24 18.24
C3 CLA GE . -19.45 -0.89 18.65
C4 CLA GE . -18.02 -0.93 19.04
C5 CLA GE . -20.20 -2.17 18.73
C6 CLA GE . -21.18 -2.19 19.89
C7 CLA GE . -20.54 -2.78 21.13
C8 CLA GE . -21.50 -2.85 22.30
C9 CLA GE . -22.79 -3.54 21.92
C10 CLA GE . -21.80 -1.47 22.88
C11 CLA GE . -21.90 -1.54 24.38
C12 CLA GE . -20.55 -1.78 25.02
C13 CLA GE . -20.66 -2.32 26.44
C14 CLA GE . -21.58 -1.48 27.29
C15 CLA GE . -19.28 -2.39 27.10
C16 CLA GE . -19.04 -3.75 27.71
C17 CLA GE . -17.61 -3.93 28.19
C18 CLA GE . -17.39 -3.67 29.67
C19 CLA GE . -18.59 -3.95 30.54
C20 CLA GE . -16.85 -2.27 29.92
MG CLA HE . -15.90 -9.53 18.43
CHA CLA HE . -18.91 -10.69 19.66
CHB CLA HE . -14.33 -12.25 19.72
CHC CLA HE . -12.97 -8.39 17.08
CHD CLA HE . -17.57 -6.67 17.16
NA CLA HE . -16.54 -11.19 19.52
C1A CLA HE . -17.85 -11.50 19.95
C2A CLA HE . -17.86 -12.82 20.72
C3A CLA HE . -16.38 -13.22 20.81
C4A CLA HE . -15.69 -12.16 19.95
CMA CLA HE . -15.88 -13.21 22.23
CAA CLA HE . -18.64 -13.91 19.98
CBA CLA HE . -18.61 -15.25 20.68
CGA CLA HE . -19.39 -15.19 21.94
O1A CLA HE . -20.06 -14.27 22.40
O2A CLA HE . -19.32 -16.36 22.65
NB CLA HE . -13.99 -10.20 18.40
C1B CLA HE . -13.57 -11.33 18.98
C2B CLA HE . -12.11 -11.51 18.73
C3B CLA HE . -11.69 -10.44 17.99
C4B CLA HE . -12.90 -9.57 17.76
CMB CLA HE . -11.35 -12.64 19.24
CAB CLA HE . -10.35 -10.16 17.51
CBB CLA HE . -9.68 -9.01 17.53
NC CLA HE . -15.37 -7.84 17.33
C1C CLA HE . -14.12 -7.57 16.88
C2C CLA HE . -14.10 -6.33 16.13
C3C CLA HE . -15.41 -5.83 16.16
C4C CLA HE . -16.20 -6.78 16.92
CMC CLA HE . -12.93 -5.75 15.48
CAC CLA HE . -15.91 -4.60 15.53
CBC CLA HE . -16.07 -3.46 16.51
ND CLA HE . -17.77 -8.78 18.40
C1D CLA HE . -18.32 -7.59 17.86
C2D CLA HE . -19.77 -7.57 18.11
C3D CLA HE . -20.06 -8.74 18.78
C4D CLA HE . -18.78 -9.46 18.95
CMD CLA HE . -20.68 -6.51 17.69
CAD CLA HE . -21.08 -9.58 19.34
OBD CLA HE . -22.29 -9.46 19.27
CBD CLA HE . -20.37 -10.79 20.03
CGD CLA HE . -20.52 -10.77 21.52
O1D CLA HE . -19.83 -10.16 22.33
O2D CLA HE . -21.54 -11.53 22.00
CED CLA HE . -22.17 -11.07 23.19
C1 CLA HE . -20.53 -16.81 23.27
C2 CLA HE . -20.54 -18.29 23.13
C3 CLA HE . -21.61 -19.06 23.41
C4 CLA HE . -22.89 -18.49 23.90
C5 CLA HE . -21.53 -20.53 23.23
C6 CLA HE . -20.89 -20.92 21.92
C7 CLA HE . -19.75 -21.90 22.12
C8 CLA HE . -18.35 -21.29 21.98
C9 CLA HE . -17.83 -20.82 23.32
C10 CLA HE . -18.31 -20.16 20.95
C11 CLA HE . -16.91 -19.92 20.42
C12 CLA HE . -16.43 -18.52 20.72
C13 CLA HE . -14.93 -18.49 20.94
C14 CLA HE . -14.57 -19.29 22.19
C15 CLA HE . -14.41 -17.04 20.94
C16 CLA HE . -13.74 -16.57 22.23
C17 CLA HE . -12.26 -16.36 22.05
C18 CLA HE . -11.66 -15.53 23.17
C19 CLA HE . -11.77 -16.25 24.50
C20 CLA HE . -10.21 -15.21 22.87
MG CLA IE . -9.98 -32.70 0.32
CHA CLA IE . -11.63 -34.46 2.82
CHB CLA IE . -12.56 -30.52 0.10
CHC CLA IE . -8.43 -31.22 -2.36
CHD CLA IE . -7.29 -34.99 0.58
NA CLA IE . -11.77 -32.51 1.36
C1A CLA IE . -12.31 -33.34 2.36
C2A CLA IE . -13.68 -32.81 2.82
C3A CLA IE . -13.91 -31.56 1.94
C4A CLA IE . -12.66 -31.50 1.07
CMA CLA IE . -15.14 -31.69 1.07
CAA CLA IE . -13.68 -32.43 4.30
CBA CLA IE . -14.52 -31.22 4.64
CGA CLA IE . -15.76 -31.66 5.35
O1A CLA IE . -16.03 -31.53 6.54
O2A CLA IE . -16.66 -32.26 4.50
NB CLA IE . -10.39 -31.13 -0.87
C1B CLA IE . -11.51 -30.37 -0.80
C2B CLA IE . -11.49 -29.34 -1.88
C3B CLA IE . -10.33 -29.52 -2.59
C4B CLA IE . -9.62 -30.68 -1.96
CMB CLA IE . -12.57 -28.38 -2.08
CAB CLA IE . -9.86 -28.79 -3.75
CBB CLA IE . -8.66 -28.24 -3.94
NC CLA IE . -8.17 -33.02 -0.68
C1C CLA IE . -7.74 -32.31 -1.76
C2C CLA IE . -6.47 -32.83 -2.23
C3C CLA IE . -6.13 -33.89 -1.39
C4C CLA IE . -7.21 -33.99 -0.40
CMC CLA IE . -5.73 -32.34 -3.39
CAC CLA IE . -4.93 -34.74 -1.46
CBC CLA IE . -3.79 -34.18 -0.65
ND CLA IE . -9.48 -34.31 1.45
C1D CLA IE . -8.35 -35.16 1.44
C2D CLA IE . -8.53 -36.23 2.44
C3D CLA IE . -9.79 -36.03 2.96
C4D CLA IE . -10.34 -34.82 2.32
CMD CLA IE . -7.57 -37.28 2.72
CAD CLA IE . -10.77 -36.51 3.92
OBD CLA IE . -10.74 -37.48 4.66
CBD CLA IE . -11.99 -35.53 3.82
CGD CLA IE . -13.26 -36.23 3.42
O1D CLA IE . -14.08 -36.76 4.16
O2D CLA IE . -13.48 -36.25 2.07
CED CLA IE . -14.74 -36.73 1.59
C1 CLA IE . -17.31 -33.49 4.88
C2 CLA IE . -18.54 -33.13 5.63
C3 CLA IE . -19.67 -32.68 5.06
C4 CLA IE . -19.82 -32.52 3.59
C5 CLA IE . -20.85 -32.33 5.89
C6 CLA IE . -20.52 -32.19 7.38
C7 CLA IE . -21.47 -31.23 8.04
C10 WVN JE . -10.84 -18.40 17.71
C11 WVN JE . -11.40 -0.45 3.84
C12 WVN JE . -10.15 -18.17 19.07
C13 WVN JE . -9.71 -16.31 16.78
C14 WVN JE . -9.76 -16.70 19.28
C01 WVN JE . -11.26 0.06 1.34
C02 WVN JE . -12.20 0.03 2.56
C03 WVN JE . -11.79 0.86 0.14
C04 WVN JE . -13.31 1.14 0.20
C05 WVN JE . -12.91 1.39 2.76
C06 WVN JE . -10.07 -17.78 16.53
C07 WVN JE . -9.90 0.68 1.73
C08 WVN JE . -11.03 -1.40 0.89
C09 WVN JE . -13.70 1.84 1.51
C15 WVN JE . -8.92 -16.20 18.10
C16 WVN JE . -13.91 1.36 3.93
C17 WVN JE . -10.93 -17.91 15.25
C18 WVN JE . -8.77 -18.59 16.29
C19 WVN JE . -12.01 -1.52 4.45
C20 WVN JE . -11.02 -15.47 16.85
C21 WVN JE . -8.40 -14.77 18.36
C22 WVN JE . -10.94 -1.64 5.60
C23 WVN JE . -11.07 -14.38 16.06
C24 WVN JE . -10.82 -0.44 6.47
C25 WVN JE . -11.83 -13.14 15.55
C26 WVN JE . -11.42 -2.78 6.54
C27 WVN JE . -13.30 -13.51 15.40
C28 WVN JE . -11.29 -12.65 14.21
C29 WVN JE . -10.44 -3.02 7.72
C30 WVN JE . -11.99 -11.37 13.65
C31 WVN JE . -10.92 -3.81 8.69
C32 WVN JE . -10.74 -4.51 10.05
C33 WVN JE . -11.76 -10.35 14.47
C34 WVN JE . -12.55 -9.24 13.70
C35 WVN JE . -9.43 -5.30 9.98
C36 WVN JE . -11.94 -5.43 10.37
C37 WVN JE . -11.77 -8.78 12.46
C38 WVN JE . -14.03 -9.58 13.41
C39 WVN JE . -11.56 -6.82 10.94
C40 WVN JE . -12.21 -7.39 11.96
C10 WVN KE . -10.34 -27.46 3.15
C11 WVN KE . -24.88 -13.54 5.16
C12 WVN KE . -11.17 -27.76 4.40
C13 WVN KE . -12.55 -26.69 1.99
C14 WVN KE . -12.53 -28.30 3.98
C01 WVN KE . -25.00 -13.21 7.60
C02 WVN KE . -24.22 -12.80 6.32
C03 WVN KE . -26.27 -12.39 7.93
C04 WVN KE . -26.39 -11.01 7.27
C05 WVN KE . -24.26 -11.30 5.98
C06 WVN KE . -11.02 -26.55 2.13
C07 WVN KE . -25.47 -14.67 7.39
C08 WVN KE . -24.08 -13.17 8.83
C09 WVN KE . -25.01 -10.42 6.99
C15 WVN KE . -13.29 -27.21 3.23
C16 WVN KE . -22.85 -10.74 5.75
C17 WVN KE . -10.37 -26.88 0.76
C18 WVN KE . -10.68 -25.09 2.49
C19 WVN KE . -24.14 -13.71 4.04
C20 WVN KE . -13.11 -25.28 1.72
C21 WVN KE . -14.67 -27.74 2.84
C22 WVN KE . -24.00 -14.22 2.60
C23 WVN KE . -13.83 -25.15 0.58
C24 WVN KE . -25.35 -14.04 1.94
C25 WVN KE . -14.65 -24.29 -0.37
C26 WVN KE . -23.55 -15.68 2.54
C27 WVN KE . -14.63 -24.91 -1.76
C28 WVN KE . -16.09 -24.16 0.14
C29 WVN KE . -22.57 -16.01 1.40
C30 WVN KE . -16.61 -22.70 0.11
C31 WVN KE . -23.14 -16.61 0.36
C32 WVN KE . -23.17 -17.26 -1.01
C33 WVN KE . -17.59 -22.50 -0.77
C34 WVN KE . -18.65 -21.64 -1.48
C35 WVN KE . -23.82 -16.30 -1.99
C36 WVN KE . -21.81 -17.72 -1.54
C37 WVN KE . -19.24 -20.57 -0.58
C38 WVN KE . -18.07 -21.07 -2.77
C39 WVN KE . -20.99 -18.73 -0.70
C40 WVN KE . -20.12 -19.54 -1.33
C1 LMG LE . -36.80 -15.50 12.91
O1 LMG LE . -36.03 -16.64 13.15
C2 LMG LE . -36.32 -14.94 11.54
O2 LMG LE . -35.06 -14.41 11.78
C3 LMG LE . -37.28 -13.77 11.18
O3 LMG LE . -36.90 -13.37 9.89
C4 LMG LE . -38.75 -14.26 11.16
O4 LMG LE . -38.90 -15.17 10.12
C5 LMG LE . -39.05 -14.98 12.51
O5 LMG LE . -41.28 -14.65 11.87
C6 LMG LE . -40.46 -15.61 12.44
O6 LMG LE . -38.12 -16.01 12.77
C7 LMG LE . -36.31 -17.32 14.36
C8 LMG LE . -35.49 -18.64 14.30
C9 LMG LE . -35.74 -19.47 15.59
O7 LMG LE . -35.95 -19.40 13.17
C10 LMG LE . -36.96 -20.31 13.29
O9 LMG LE . -38.10 -19.90 13.41
C11 LMG LE . -36.58 -21.59 12.61
C12 LMG LE . -36.93 -22.78 13.48
C13 LMG LE . -36.11 -24.00 13.12
C14 LMG LE . -35.83 -24.74 14.42
C15 LMG LE . -35.73 -26.22 14.13
C16 LMG LE . -34.29 -26.58 13.83
C17 LMG LE . -34.29 -27.86 13.03
C18 LMG LE . -33.10 -28.68 13.50
C19 LMG LE . -32.00 -28.50 12.50
C20 LMG LE . -31.35 -29.86 12.34
C21 LMG LE . -31.38 -30.20 10.87
C22 LMG LE . -30.43 -31.35 10.71
C23 LMG LE . -29.45 -30.97 9.64
C24 LMG LE . -30.15 -31.33 8.35
C25 LMG LE . -29.41 -32.49 7.75
O8 LMG LE . -34.47 -19.78 16.13
C28 LMG LE . -34.02 -21.05 15.98
O10 LMG LE . -34.27 -21.65 14.95
C29 LMG LE . -33.02 -21.49 16.99
C30 LMG LE . -32.44 -22.84 16.61
C31 LMG LE . -31.18 -23.04 17.42
C32 LMG LE . -30.93 -24.53 17.55
C33 LMG LE . -30.99 -24.84 19.03
C34 LMG LE . -29.64 -25.37 19.46
C35 LMG LE . -29.90 -26.74 20.06
C36 LMG LE . -28.97 -27.68 19.36
C37 LMG LE . -28.44 -28.68 20.37
C38 LMG LE . -27.40 -27.89 21.13
C39 LMG LE . -26.19 -27.67 20.25
C40 LMG LE . -25.07 -28.11 21.15
C41 LMG LE . -24.01 -27.07 21.16
C42 LMG LE . -22.76 -27.85 21.46
C43 LMG LE . -21.94 -27.93 20.20
C44 LMG LE . -20.48 -27.93 20.63
C45 LMG LE . -20.12 -26.52 21.00
C10 WVN ME . -5.55 -16.89 2.63
C11 WVN ME . -8.60 -24.53 24.68
C12 WVN ME . -6.90 -17.20 1.98
C13 WVN ME . -6.26 -18.03 4.84
C14 WVN ME . -8.05 -17.41 2.98
C01 WVN ME . -9.73 -25.14 26.94
C02 WVN ME . -8.59 -25.51 25.94
C03 WVN ME . -9.43 -25.48 28.41
C04 WVN ME . -8.46 -26.66 28.57
C05 WVN ME . -7.19 -25.54 26.59
C06 WVN ME . -5.20 -17.94 3.70
C07 WVN ME . -10.05 -23.62 26.88
C08 WVN ME . -11.00 -25.93 26.52
C09 WVN ME . -7.11 -26.36 27.89
C15 WVN ME . -7.69 -17.51 4.48
C16 WVN ME . -6.19 -26.17 25.60
C17 WVN ME . -3.85 -17.50 4.32
C18 WVN ME . -4.97 -19.31 3.00
C19 WVN ME . -8.99 -25.18 23.54
C20 WVN ME . -6.29 -19.45 5.47
C21 WVN ME . -8.80 -18.26 5.25
C22 WVN ME . -8.81 -23.83 22.76
C23 WVN ME . -5.73 -19.54 6.69
C24 WVN ME . -10.17 -23.32 22.40
C25 WVN ME . -5.32 -20.37 7.91
C26 WVN ME . -8.01 -24.10 21.46
C27 WVN ME . -3.82 -20.61 7.83
C28 WVN ME . -5.66 -19.67 9.23
C29 WVN ME . -7.40 -22.80 20.84
C30 WVN ME . -5.74 -20.60 10.48
C31 WVN ME . -7.74 -22.64 19.54
C32 WVN ME . -7.74 -21.86 18.21
C33 WVN ME . -4.86 -20.22 11.43
C34 WVN ME . -5.33 -21.35 12.35
C35 WVN ME . -9.09 -22.10 17.55
C36 WVN ME . -6.61 -22.29 17.25
C37 WVN ME . -5.88 -20.75 13.66
C38 WVN ME . -4.12 -22.21 12.67
C39 WVN ME . -6.58 -21.41 15.98
C40 WVN ME . -5.84 -21.70 14.89
C1 LMG NE . -27.72 5.47 27.39
O1 LMG NE . -27.91 4.23 28.04
C2 LMG NE . -28.05 5.19 25.90
O2 LMG NE . -26.98 4.44 25.45
C3 LMG NE . -27.98 6.57 25.18
O3 LMG NE . -28.37 6.32 23.87
C4 LMG NE . -28.98 7.55 25.84
O4 LMG NE . -30.27 7.07 25.69
C5 LMG NE . -28.65 7.60 27.38
O5 LMG NE . -29.65 8.12 29.42
C6 LMG NE . -29.66 8.52 28.08
O6 LMG NE . -28.72 6.31 27.94
C7 LMG NE . -27.80 4.30 29.45
C8 LMG NE . -26.67 3.30 29.84
C9 LMG NE . -27.24 1.87 29.83
O7 LMG NE . -25.68 3.34 28.84
C10 LMG NE . -24.39 3.57 29.21
O9 LMG NE . -24.08 3.52 30.39
C11 LMG NE . -23.47 3.65 28.04
C12 LMG NE . -22.04 3.47 28.48
C13 LMG NE . -21.69 2.01 28.67
C14 LMG NE . -20.34 1.99 29.36
C15 LMG NE . -19.28 2.40 28.36
C16 LMG NE . -18.24 3.25 29.05
C17 LMG NE . -17.50 2.34 30.00
C18 LMG NE . -16.85 3.23 31.04
C19 LMG NE . -15.36 3.00 30.97
C20 LMG NE . -14.72 4.36 31.02
C21 LMG NE . -13.41 4.26 30.26
C22 LMG NE . -12.46 3.55 31.19
C23 LMG NE . -11.12 4.20 31.05
C24 LMG NE . -11.21 5.46 31.85
C25 LMG NE . -9.83 6.10 31.84
C26 LMG NE . -9.90 7.29 32.77
C27 LMG NE . -9.98 6.78 34.19
O8 LMG NE . -26.21 1.05 29.32
C28 LMG NE . -25.91 -0.08 30.01
O10 LMG NE . -26.71 -0.53 30.81
C29 LMG NE . -24.48 -0.49 29.90
C30 LMG NE . -24.28 -1.91 30.38
C31 LMG NE . -23.77 -1.85 31.80
C10 WVN OE . 24.45 18.50 -16.94
C11 WVN OE . 19.17 5.58 -32.43
C12 WVN OE . 23.61 19.78 -16.82
C13 WVN OE . 25.82 19.55 -18.81
C14 WVN OE . 23.65 20.63 -18.11
C01 WVN OE . 20.38 3.20 -32.44
C02 WVN OE . 19.32 4.13 -33.09
C03 WVN OE . 21.10 2.23 -33.40
C04 WVN OE . 20.23 1.83 -34.59
C05 WVN OE . 19.41 4.30 -34.63
C06 WVN OE . 25.87 18.74 -17.49
C07 WVN OE . 21.49 3.98 -31.69
C08 WVN OE . 19.64 2.28 -31.42
C09 WVN OE . 19.92 3.07 -35.43
C15 WVN OE . 25.10 20.88 -18.55
C16 WVN OE . 20.30 5.51 -34.99
C17 WVN OE . 26.56 17.37 -17.69
C18 WVN OE . 26.68 19.52 -16.43
C19 WVN OE . 18.38 5.63 -31.31
C20 WVN OE . 25.00 18.78 -19.87
C21 WVN OE . 25.12 21.77 -19.81
C22 WVN OE . 18.63 7.18 -31.24
C23 WVN OE . 25.64 18.34 -20.97
C24 WVN OE . 17.39 7.79 -30.69
C25 WVN OE . 25.61 17.58 -22.31
C26 WVN OE . 19.83 7.59 -30.36
C27 WVN OE . 26.34 18.39 -23.38
C28 WVN OE . 24.16 17.31 -22.73
C29 WVN OE . 19.95 9.15 -30.19
C30 WVN OE . 24.05 16.27 -23.88
C31 WVN OE . 19.98 9.55 -28.90
C32 WVN OE . 20.05 10.61 -27.77
C33 WVN OE . 23.45 16.83 -24.95
C34 WVN OE . 23.50 15.60 -25.92
C35 WVN OE . 18.76 11.41 -27.75
C36 WVN OE . 21.25 11.58 -27.96
C37 WVN OE . 22.39 14.58 -25.63
C38 WVN OE . 24.88 14.92 -26.06
C39 WVN OE . 21.25 12.73 -26.91
C40 WVN OE . 22.38 13.43 -26.67
C10 WVN PE . -5.87 -12.22 17.18
C11 WVN PE . 0.69 8.15 25.68
C12 WVN PE . -5.04 -13.48 17.45
C13 WVN PE . -3.90 -10.76 18.00
C14 WVN PE . -4.11 -13.25 18.64
C01 WVN PE . 0.43 10.68 25.83
C02 WVN PE . -0.09 9.34 26.38
C03 WVN PE . 0.03 11.93 26.65
C04 WVN PE . -1.13 11.67 27.63
C05 WVN PE . -0.05 9.31 27.92
C06 WVN PE . -4.96 -11.01 16.89
C07 WVN PE . 1.99 10.66 25.78
C08 WVN PE . -0.11 10.85 24.38
C09 WVN PE . -0.83 10.48 28.56
C15 WVN PE . -3.17 -12.07 18.38
C16 WVN PE . -0.64 8.00 28.50
C17 WVN PE . -5.89 -9.79 16.66
C18 WVN PE . -4.25 -11.26 15.55
C19 WVN PE . -0.19 7.25 25.10
C20 WVN PE . -4.55 -10.13 19.25
C21 WVN PE . -2.31 -11.90 19.66
C22 WVN PE . 0.81 6.20 24.45
C23 WVN PE . -4.17 -8.86 19.56
C24 WVN PE . 2.26 6.18 24.83
C25 WVN PE . -4.27 -7.62 20.45
C26 WVN PE . 0.22 4.78 24.74
C27 WVN PE . -4.63 -8.05 21.86
C28 WVN PE . -2.98 -6.80 20.43
C29 WVN PE . 0.75 3.74 23.70
C30 WVN PE . -3.08 -5.49 21.26
C31 WVN PE . -0.12 2.75 23.42
C32 WVN PE . -0.47 1.47 22.63
C33 WVN PE . -1.93 -5.30 21.93
C34 WVN PE . -2.33 -3.97 22.65
C35 WVN PE . 0.78 1.05 21.87
C36 WVN PE . -0.89 0.34 23.56
C37 WVN PE . -2.41 -2.79 21.67
C38 WVN PE . -3.61 -4.06 23.51
C39 WVN PE . -1.03 -1.03 22.83
C40 WVN PE . -2.23 -1.44 22.40
MG CLA QE . -7.73 -9.28 34.30
CHA CLA QE . -6.47 -11.16 36.93
CHB CLA QE . -9.96 -11.73 33.60
CHC CLA QE . -9.04 -7.29 31.82
CHD CLA QE . -5.43 -6.70 35.11
NA CLA QE . -8.11 -11.16 35.13
C1A CLA QE . -7.50 -11.76 36.23
C2A CLA QE . -8.11 -13.15 36.50
C3A CLA QE . -9.15 -13.31 35.36
C4A CLA QE . -9.09 -11.97 34.64
CMA CLA QE . -8.88 -14.48 34.46
CAA CLA QE . -8.83 -13.25 37.84
CBA CLA QE . -9.74 -12.06 38.10
NB CLA QE . -9.19 -9.49 32.94
C1B CLA QE . -10.02 -10.55 32.85
C2B CLA QE . -11.07 -10.30 31.82
C3B CLA QE . -10.83 -9.06 31.31
C4B CLA QE . -9.63 -8.51 32.01
CMB CLA QE . -12.11 -11.26 31.50
CAB CLA QE . -11.56 -8.34 30.29
CBB CLA QE . -12.21 -7.19 30.48
NC CLA QE . -7.28 -7.36 33.58
C1C CLA QE . -7.95 -6.75 32.55
C2C CLA QE . -7.38 -5.42 32.32
C3C CLA QE . -6.37 -5.24 33.25
C4C CLA QE . -6.32 -6.47 34.05
CMC CLA QE . -7.86 -4.50 31.29
CAC CLA QE . -5.54 -4.04 33.43
CBC CLA QE . -4.14 -4.13 32.84
ND CLA QE . -6.25 -8.96 35.64
C1D CLA QE . -5.38 -7.85 35.87
C2D CLA QE . -4.49 -8.17 37.00
C3D CLA QE . -4.85 -9.43 37.43
C4D CLA QE . -5.96 -9.87 36.57
CMD CLA QE . -3.44 -7.28 37.50
CAD CLA QE . -4.58 -10.49 38.38
OBD CLA QE . -3.72 -10.56 39.25
CBD CLA QE . -5.63 -11.61 38.11
CGD CLA QE . -5.00 -12.95 37.88
O1D CLA QE . -4.64 -13.45 36.81
O2D CLA QE . -4.82 -13.68 39.01
CED CLA QE . -3.48 -13.94 39.43
C03 II0 RE . -1.49 -8.42 33.52
C04 II0 RE . -11.75 8.52 22.66
C05 II0 RE . -0.23 -8.97 34.22
C06 II0 RE . -12.92 9.51 22.45
C07 II0 RE . 0.22 -10.30 33.63
C08 II0 RE . -13.20 10.32 23.72
C09 II0 RE . -1.51 -8.58 31.97
C10 II0 RE . -10.47 9.20 23.24
C11 II0 RE . 0.48 -10.23 32.11
C12 II0 RE . -11.96 11.14 24.09
C13 II0 RE . -0.15 -9.02 31.38
C14 II0 RE . -10.77 10.20 24.37
C15 II0 RE . -2.70 -9.24 34.06
C16 II0 RE . -1.65 -6.94 33.99
C17 II0 RE . -12.24 7.39 23.60
C18 II0 RE . -11.43 7.92 21.27
C19 II0 RE . -0.33 -9.42 29.92
C20 II0 RE . -9.51 11.06 24.63
C21 II0 RE . -1.91 -7.27 31.25
C22 II0 RE . -9.56 8.12 23.89
C23 II0 RE . -3.19 -7.29 30.81
C24 II0 RE . -8.45 7.74 23.22
C25 II0 RE . -4.37 -6.59 30.11
C26 II0 RE . -7.19 6.86 23.14
C27 II0 RE . -5.48 -7.59 29.79
C28 II0 RE . -6.05 7.60 23.81
C29 II0 RE . -3.87 -5.89 28.82
C30 II0 RE . -7.49 5.57 23.92
C31 II0 RE . -4.10 -4.35 28.85
C32 II0 RE . -6.54 4.36 23.68
C33 II0 RE . -4.93 -3.92 27.88
C34 II0 RE . -6.30 3.71 24.85
C35 II0 RE . -5.72 -2.82 27.15
C36 II0 RE . -5.42 2.72 24.08
C37 II0 RE . -6.59 -3.46 26.08
C38 II0 RE . -3.97 2.87 24.52
C39 II0 RE . -4.78 -1.78 26.51
C40 II0 RE . -5.94 1.29 24.33
C41 II0 RE . -5.54 -0.83 25.57
C42 II0 RE . -5.10 0.41 25.29
O01 II0 RE . 1.41 -10.69 34.27
O02 II0 RE . -14.29 11.20 23.47
O1 LHG SE . -12.12 -31.03 21.52
C1 LHG SE . -11.57 -32.31 21.22
C2 LHG SE . -10.79 -32.78 22.43
O2 LHG SE . -10.58 -34.18 22.38
C3 LHG SE . -11.47 -32.50 23.75
O3 LHG SE . -12.81 -32.71 23.38
P LHG SE . -13.96 -33.06 24.44
O4 LHG SE . -14.11 -31.89 25.35
O5 LHG SE . -13.76 -34.51 24.67
O6 LHG SE . -15.21 -32.86 23.34
C4 LHG SE . -15.18 -31.80 22.43
C5 LHG SE . -15.85 -32.37 21.17
C6 LHG SE . -17.35 -32.54 21.36
O7 LHG SE . -15.69 -31.39 20.17
C7 LHG SE . -14.77 -31.70 19.22
O9 LHG SE . -14.17 -32.77 19.17
C8 LHG SE . -14.69 -30.63 18.20
C9 LHG SE . -16.09 -30.15 17.89
C10 LHG SE . -16.06 -29.18 16.74
O8 LHG SE . -17.93 -32.02 20.15
C23 LHG SE . -19.25 -31.66 20.21
O10 LHG SE . -19.69 -31.21 21.25
C24 LHG SE . -20.20 -32.15 19.14
C11 LHG SE . -16.13 -27.86 17.44
C12 LHG SE . -17.43 -27.20 17.11
C13 LHG SE . -17.14 -25.82 16.56
C14 LHG SE . -18.39 -25.11 16.12
C15 LHG SE . -18.70 -24.11 17.21
C16 LHG SE . -19.93 -23.34 16.84
C25 LHG SE . -21.67 -31.92 19.42
C26 LHG SE . -22.46 -31.18 18.33
C27 LHG SE . -23.86 -31.73 18.49
C28 LHG SE . -24.06 -33.15 18.06
C10 WVN TE . 24.58 33.30 -26.22
C11 WVN TE . 11.52 15.70 -30.84
C12 WVN TE . 24.93 34.47 -27.15
C13 WVN TE . 22.25 33.03 -27.31
C14 WVN TE . 23.73 35.16 -27.82
C01 WVN TE . 10.45 13.64 -31.92
C02 WVN TE . 10.15 14.99 -31.23
C03 WVN TE . 9.38 13.07 -32.87
C04 WVN TE . 8.16 13.97 -33.07
C05 WVN TE . 9.23 15.98 -31.99
C06 WVN TE . 23.57 32.34 -26.86
C07 WVN TE . 11.79 13.68 -32.72
C08 WVN TE . 10.64 12.63 -30.76
C09 WVN TE . 8.60 15.42 -33.28
C15 WVN TE . 22.34 34.57 -27.49
C16 WVN TE . 8.05 16.36 -31.07
C17 WVN TE . 23.21 31.30 -25.76
C18 WVN TE . 24.27 31.56 -28.02
C19 WVN TE . 11.40 16.69 -29.89
C20 WVN TE . 21.64 32.32 -28.55
C21 WVN TE . 21.33 35.12 -28.54
C22 WVN TE . 12.94 16.83 -30.02
C23 WVN TE . 20.51 31.64 -28.33
C24 WVN TE . 13.56 16.47 -28.71
C25 WVN TE . 19.35 30.78 -28.86
C26 WVN TE . 13.29 18.30 -30.43
C27 WVN TE . 18.06 31.61 -28.82
C28 WVN TE . 19.18 29.48 -28.05
C29 WVN TE . 13.63 19.24 -29.23
C30 WVN TE . 18.35 28.41 -28.79
C31 WVN TE . 14.76 19.94 -29.43
C32 WVN TE . 15.82 20.96 -28.97
C33 WVN TE . 17.18 28.18 -28.17
C34 WVN TE . 16.66 27.10 -29.17
C35 WVN TE . 15.95 20.90 -27.46
C36 WVN TE . 15.42 22.37 -29.42
C37 WVN TE . 17.43 25.77 -29.11
C38 WVN TE . 16.52 27.56 -30.63
C39 WVN TE . 16.37 23.49 -28.89
C40 WVN TE . 16.51 24.61 -29.59
MG CLA UE . 32.64 47.18 -25.75
CHA CLA UE . 33.09 49.56 -28.23
CHB CLA UE . 34.60 45.00 -27.48
CHC CLA UE . 32.39 44.97 -23.14
CHD CLA UE . 30.61 49.47 -23.98
NA CLA UE . 33.64 47.28 -27.60
C1A CLA UE . 33.72 48.36 -28.48
C2A CLA UE . 34.55 47.98 -29.72
C3A CLA UE . 34.82 46.47 -29.51
C4A CLA UE . 34.33 46.20 -28.10
CMA CLA UE . 34.12 45.61 -30.53
CAA CLA UE . 35.85 48.77 -29.86
CBA CLA UE . 37.04 48.10 -29.21
CGA CLA UE . 37.28 48.71 -27.86
O1A CLA UE . 36.48 48.88 -26.95
O2A CLA UE . 38.58 49.10 -27.69
NB CLA UE . 33.32 45.31 -25.40
C1B CLA UE . 34.20 44.64 -26.18
C2B CLA UE . 34.68 43.43 -25.47
C3B CLA UE . 34.06 43.40 -24.25
C4B CLA UE . 33.18 44.61 -24.18
CMB CLA UE . 35.62 42.50 -26.07
CAB CLA UE . 34.18 42.45 -23.18
CBB CLA UE . 34.68 42.70 -21.97
NC CLA UE . 31.62 47.20 -23.94
C1C CLA UE . 31.62 46.17 -23.04
C2C CLA UE . 30.79 46.50 -21.89
C3C CLA UE . 30.31 47.79 -22.09
C4C CLA UE . 30.84 48.22 -23.39
CMC CLA UE . 30.56 45.61 -20.74
CAC CLA UE . 29.42 48.55 -21.21
CBC CLA UE . 30.17 49.43 -20.25
ND CLA UE . 31.92 49.04 -26.02
C1D CLA UE . 31.12 49.88 -25.20
C2D CLA UE . 30.94 51.18 -25.86
C3D CLA UE . 31.69 51.12 -27.02
C4D CLA UE . 32.28 49.77 -27.07
CMD CLA UE . 30.15 52.29 -25.32
CAD CLA UE . 32.10 51.83 -28.22
OBD CLA UE . 31.80 52.96 -28.59
CBD CLA UE . 33.04 50.87 -29.00
CGD CLA UE . 32.61 50.68 -30.43
O1D CLA UE . 32.97 51.33 -31.42
O2D CLA UE . 31.71 49.67 -30.62
CED CLA UE . 31.77 48.95 -31.84
C1 CLA UE . 39.00 49.35 -26.34
C2 CLA UE . 40.43 49.00 -26.27
C3 CLA UE . 41.15 49.06 -25.13
C4 CLA UE . 42.58 48.70 -25.09
MG CLA VE . 26.40 36.83 -21.76
CHA CLA VE . 26.92 40.17 -22.54
CHB CLA VE . 28.94 36.94 -19.53
CHC CLA VE . 25.67 33.60 -20.81
CHD CLA VE . 23.63 36.84 -23.91
NA CLA VE . 27.72 38.33 -21.16
C1A CLA VE . 27.76 39.66 -21.58
C2A CLA VE . 28.85 40.43 -20.83
C3A CLA VE . 29.46 39.37 -19.89
C4A CLA VE . 28.66 38.11 -20.20
CMA CLA VE . 30.95 39.16 -20.03
CAA CLA VE . 28.26 41.52 -19.96
CBA CLA VE . 27.07 41.03 -19.16
CGA CLA VE . 26.36 42.12 -18.44
O1A CLA VE . 26.40 43.34 -18.64
O2A CLA VE . 25.54 41.65 -17.44
NB CLA VE . 27.24 35.49 -20.52
C1B CLA VE . 28.27 35.73 -19.67
C2B CLA VE . 28.57 34.52 -18.87
C3B CLA VE . 27.64 33.57 -19.23
C4B CLA VE . 26.76 34.19 -20.26
CMB CLA VE . 29.61 34.49 -17.85
CAB CLA VE . 27.41 32.25 -18.72
CBB CLA VE . 28.31 31.29 -18.57
NC CLA VE . 24.91 35.46 -22.29
C1C CLA VE . 24.79 34.21 -21.76
C2C CLA VE . 23.60 33.57 -22.29
C3C CLA VE . 23.03 34.47 -23.18
C4C CLA VE . 23.85 35.67 -23.17
CMC CLA VE . 23.14 32.24 -21.94
CAC CLA VE . 21.77 34.28 -23.91
CBC CLA VE . 20.66 35.15 -23.42
ND CLA VE . 25.39 38.17 -22.91
C1D CLA VE . 24.34 38.01 -23.83
C2D CLA VE . 24.13 39.26 -24.59
C3D CLA VE . 25.09 40.13 -24.12
C4D CLA VE . 25.85 39.41 -23.09
CMD CLA VE . 23.10 39.45 -25.61
CAD CLA VE . 25.64 41.47 -24.22
OBD CLA VE . 25.27 42.43 -24.87
CBD CLA VE . 26.89 41.49 -23.28
CGD CLA VE . 28.12 41.53 -24.10
O1D CLA VE . 28.47 40.71 -24.95
O2D CLA VE . 28.95 42.58 -23.86
CED CLA VE . 30.25 42.51 -24.44
C1 CLA VE . 24.16 42.07 -17.44
C2 CLA VE . 23.51 41.31 -16.36
C3 CLA VE . 22.18 41.23 -16.16
C4 CLA VE . 21.21 41.92 -17.05
C5 CLA VE . 21.62 40.45 -15.03
C6 CLA VE . 21.88 41.09 -13.69
C7 CLA VE . 21.38 40.21 -12.56
C8 CLA VE . 21.13 41.01 -11.28
C9 CLA VE . 20.13 42.11 -11.55
C10 CLA VE . 22.42 41.59 -10.74
C11 CLA VE . 22.35 41.82 -9.24
C12 CLA VE . 23.28 42.93 -8.80
C13 CLA VE . 23.00 43.42 -7.38
C14 CLA VE . 21.52 43.57 -7.09
C15 CLA VE . 23.70 44.76 -7.13
C16 CLA VE . 23.19 45.84 -8.06
C17 CLA VE . 23.38 47.23 -7.49
C18 CLA VE . 22.49 48.25 -8.17
C19 CLA VE . 22.85 48.43 -9.62
C20 CLA VE . 22.56 49.58 -7.45
MG CLA WE . 38.20 32.46 -17.09
CHA CLA WE . 41.15 33.90 -18.21
CHB CLA WE . 39.83 29.53 -16.53
CHC CLA WE . 35.28 31.15 -15.86
CHD CLA WE . 36.54 35.52 -17.72
NA CLA WE . 40.18 31.83 -17.35
C1A CLA WE . 41.27 32.59 -17.81
C2A CLA WE . 42.54 31.73 -17.83
C3A CLA WE . 42.05 30.34 -17.38
C4A CLA WE . 40.58 30.56 -17.05
CMA CLA WE . 42.28 29.31 -18.46
CAA CLA WE . 43.59 32.21 -16.85
CBA CLA WE . 43.00 32.61 -15.51
CGA CLA WE . 44.06 33.28 -14.68
O1A CLA WE . 45.27 33.35 -14.89
O2A CLA WE . 43.55 33.86 -13.55
NB CLA WE . 37.64 30.66 -16.40
C1B CLA WE . 38.46 29.61 -16.18
C2B CLA WE . 37.74 28.52 -15.46
C3B CLA WE . 36.44 28.98 -15.27
C4B CLA WE . 36.38 30.34 -15.86
CMB CLA WE . 38.38 27.28 -15.07
CAB CLA WE . 35.30 28.39 -14.62
CBB CLA WE . 34.90 27.12 -14.67
NC CLA WE . 36.26 33.21 -16.85
C1C CLA WE . 35.23 32.50 -16.32
C2C CLA WE . 34.03 33.33 -16.27
C3C CLA WE . 34.38 34.57 -16.80
C4C CLA WE . 35.78 34.48 -17.16
CMC CLA WE . 32.72 32.91 -15.76
CAC CLA WE . 33.51 35.75 -16.97
CBC CLA WE . 33.01 35.92 -18.37
ND CLA WE . 38.67 34.31 -17.75
C1D CLA WE . 37.89 35.47 -17.99
C2D CLA WE . 38.75 36.53 -18.56
C3D CLA WE . 40.00 35.98 -18.65
C4D CLA WE . 39.90 34.59 -18.15
CMD CLA WE . 38.29 37.87 -18.91
CAD CLA WE . 41.37 36.21 -19.06
OBD CLA WE . 41.89 37.22 -19.53
CBD CLA WE . 42.14 34.89 -18.80
CGD CLA WE . 42.77 34.37 -20.06
O1D CLA WE . 42.25 33.65 -20.92
O2D CLA WE . 44.07 34.74 -20.26
CED CLA WE . 45.00 34.73 -19.16
C1 CLA WE . 44.48 34.08 -12.47
C2 CLA WE . 44.06 35.35 -11.82
C3 CLA WE . 44.69 35.88 -10.76
C4 CLA WE . 45.88 35.24 -10.14
C5 CLA WE . 44.23 37.16 -10.16
C6 CLA WE . 44.50 38.34 -11.06
C7 CLA WE . 43.72 39.56 -10.62
C8 CLA WE . 44.18 40.83 -11.33
C9 CLA WE . 45.67 41.03 -11.15
C10 CLA WE . 43.42 42.04 -10.81
C11 CLA WE . 43.81 43.30 -11.55
C12 CLA WE . 43.25 44.55 -10.89
C13 CLA WE . 44.02 44.92 -9.62
C14 CLA WE . 43.50 46.21 -9.03
C15 CLA WE . 45.52 45.02 -9.87
C10 WVN XE . 42.94 37.38 -35.51
C11 WVN XE . 34.02 40.99 -14.67
C12 WVN XE . 41.88 37.64 -36.58
C13 WVN XE . 41.16 37.88 -33.69
C14 WVN XE . 40.98 38.81 -36.15
C01 WVN XE . 32.86 42.12 -12.67
C02 WVN XE . 34.10 41.31 -13.12
C03 WVN XE . 32.94 42.69 -11.23
C04 WVN XE . 34.23 42.32 -10.48
C05 WVN XE . 35.41 42.06 -12.78
C06 WVN XE . 42.27 36.92 -34.21
C07 WVN XE . 31.60 41.22 -12.73
C08 WVN XE . 32.66 43.32 -13.64
C09 WVN XE . 35.48 42.59 -11.33
C15 WVN XE . 40.36 38.67 -34.75
C16 WVN XE . 36.62 41.11 -12.98
C17 WVN XE . 43.39 36.71 -33.15
C18 WVN XE . 41.64 35.52 -34.48
C19 WVN XE . 33.95 39.62 -14.90
C20 WVN XE . 41.76 38.92 -32.71
C21 WVN XE . 38.94 38.07 -34.90
C22 WVN XE . 33.87 39.71 -16.48
C23 WVN XE . 41.10 39.02 -31.54
C24 WVN XE . 32.62 40.38 -16.95
C25 WVN XE . 40.96 39.65 -30.14
C26 WVN XE . 35.14 40.35 -17.13
C27 WVN XE . 41.64 41.01 -30.12
C28 WVN XE . 39.48 39.77 -29.74
C29 WVN XE . 34.91 40.76 -18.63
C30 WVN XE . 39.22 40.09 -28.24
C31 WVN XE . 35.18 39.79 -19.53
C32 WVN XE . 35.27 39.26 -20.98
C33 WVN XE . 38.87 38.99 -27.55
C34 WVN XE . 38.76 39.89 -26.31
C35 WVN XE . 35.12 37.74 -20.98
C36 WVN XE . 36.59 39.67 -21.65
C37 WVN XE . 37.55 39.41 -25.49
C38 WVN XE . 40.02 39.79 -25.47
C39 WVN XE . 36.61 39.32 -23.17
C40 WVN XE . 37.57 39.78 -23.98
C10 WVN YE . 22.16 37.90 -17.76
C11 WVN YE . 31.14 18.94 -24.58
C12 WVN YE . 20.76 37.71 -18.35
C13 WVN YE . 22.73 35.46 -18.26
C14 WVN YE . 20.23 36.29 -18.07
C01 WVN YE . 29.66 17.47 -26.15
C02 WVN YE . 29.99 18.91 -25.68
C03 WVN YE . 30.42 17.02 -27.40
C04 WVN YE . 30.17 17.99 -28.55
C05 WVN YE . 30.55 19.87 -26.74
C06 WVN YE . 23.15 36.95 -18.42
C07 WVN YE . 29.99 16.44 -25.02
C08 WVN YE . 28.14 17.36 -26.45
C09 WVN YE . 30.69 19.39 -28.21
C15 WVN YE . 21.22 35.14 -18.36
C16 WVN YE . 29.67 21.13 -26.72
C17 WVN YE . 24.55 37.18 -17.77
C18 WVN YE . 23.28 37.33 -19.91
C19 WVN YE . 31.18 19.44 -23.28
C20 WVN YE . 23.17 34.95 -16.88
C21 WVN YE . 20.89 34.52 -19.74
C22 WVN YE . 29.73 19.96 -23.06
C23 WVN YE . 23.70 33.71 -16.92
C24 WVN YE . 29.39 19.47 -21.70
C25 WVN YE . 24.33 32.49 -16.22
C26 WVN YE . 29.70 21.52 -23.05
C27 WVN YE . 24.36 32.80 -14.72
C28 WVN YE . 23.45 31.26 -16.43
C29 WVN YE . 28.49 22.11 -22.25
C30 WVN YE . 24.09 30.15 -17.29
C31 WVN YE . 28.89 22.97 -21.30
C32 WVN YE . 28.66 23.94 -20.12
C33 WVN YE . 25.40 29.95 -17.10
C34 WVN YE . 25.29 28.84 -18.16
C35 WVN YE . 28.51 23.13 -18.85
C36 WVN YE . 27.40 24.79 -20.30
C37 WVN YE . 26.42 27.80 -17.94
C38 WVN YE . 25.43 29.38 -19.58
C39 WVN YE . 27.20 25.69 -19.05
C40 WVN YE . 26.62 26.89 -19.16
MG CLA ZE . 46.09 35.81 -4.61
CHA CLA ZE . 46.39 32.35 -4.50
CHB CLA ZE . 48.14 35.89 -7.32
CHC CLA ZE . 45.51 39.19 -4.85
CHD CLA ZE . 43.97 35.66 -1.78
NA CLA ZE . 47.12 34.34 -5.70
C1A CLA ZE . 47.09 32.96 -5.51
C2A CLA ZE . 47.96 32.26 -6.55
C3A CLA ZE . 48.67 33.43 -7.27
C4A CLA ZE . 47.92 34.66 -6.76
CMA CLA ZE . 50.13 33.48 -6.95
CAA CLA ZE . 47.12 31.47 -7.56
CBA CLA ZE . 45.84 32.17 -7.94
CGA CLA ZE . 44.84 31.24 -8.56
O1A CLA ZE . 44.79 30.02 -8.52
O2A CLA ZE . 43.88 31.90 -9.29
NB CLA ZE . 46.76 37.28 -5.81
C1B CLA ZE . 47.53 37.09 -6.92
C2B CLA ZE . 47.64 38.38 -7.67
C3B CLA ZE . 46.91 39.31 -6.98
C4B CLA ZE . 46.33 38.63 -5.80
CMB CLA ZE . 48.41 38.51 -8.91
CAB CLA ZE . 46.65 40.70 -7.27
CBB CLA ZE . 47.40 41.72 -6.88
NC CLA ZE . 44.98 37.17 -3.50
C1C CLA ZE . 44.88 38.51 -3.77
C2C CLA ZE . 44.01 39.16 -2.81
C3C CLA ZE . 43.57 38.16 -1.93
C4C CLA ZE . 44.18 36.92 -2.37
CMC CLA ZE . 43.67 40.57 -2.81
CAC CLA ZE . 42.66 38.32 -0.79
CBC CLA ZE . 41.22 38.01 -1.16
ND CLA ZE . 45.33 34.39 -3.38
C1D CLA ZE . 44.49 34.47 -2.25
C2D CLA ZE . 44.29 33.11 -1.70
C3D CLA ZE . 44.98 32.26 -2.53
C4D CLA ZE . 45.62 33.11 -3.56
CMD CLA ZE . 43.47 32.81 -0.53
CAD CLA ZE . 45.35 30.88 -2.80
OBD CLA ZE . 45.06 29.86 -2.19
CBD CLA ZE . 46.26 30.90 -4.07
CGD CLA ZE . 47.60 30.26 -3.82
O1D CLA ZE . 48.70 30.81 -3.83
O2D CLA ZE . 47.53 28.92 -3.58
CED CLA ZE . 48.65 28.32 -2.92
C1 CLA ZE . 42.52 31.46 -9.11
C2 CLA ZE . 41.64 32.62 -9.43
C3 CLA ZE . 40.33 32.67 -9.10
C4 CLA ZE . 39.66 31.56 -8.38
C5 CLA ZE . 39.49 33.85 -9.44
C6 CLA ZE . 40.29 35.13 -9.61
O1 LHG AF . 51.29 17.33 -28.99
C1 LHG AF . 52.28 18.35 -29.12
C2 LHG AF . 51.66 19.69 -28.82
O2 LHG AF . 51.12 19.70 -27.51
C3 LHG AF . 50.52 20.05 -29.74
O3 LHG AF . 51.06 21.19 -30.39
P LHG AF . 51.29 22.59 -29.60
O4 LHG AF . 52.75 22.80 -29.46
O5 LHG AF . 50.16 22.65 -28.63
O6 LHG AF . 50.91 23.59 -30.89
C4 LHG AF . 50.72 24.95 -30.65
C5 LHG AF . 50.64 25.60 -32.04
C6 LHG AF . 49.85 24.74 -33.04
O7 LHG AF . 49.94 26.81 -31.85
C7 LHG AF . 50.74 27.91 -31.84
O9 LHG AF . 51.95 27.87 -31.72
C8 LHG AF . 49.92 29.13 -32.08
C9 LHG AF . 50.69 30.08 -32.95
C10 LHG AF . 49.90 31.36 -33.12
O8 LHG AF . 49.64 25.60 -34.20
C23 LHG AF . 48.36 26.02 -34.41
O10 LHG AF . 47.60 26.01 -33.48
C24 LHG AF . 47.94 26.78 -35.68
C11 LHG AF . 50.92 32.40 -32.74
C12 LHG AF . 50.31 33.75 -32.93
C13 LHG AF . 51.40 34.78 -32.73
C14 LHG AF . 51.59 35.12 -31.27
C15 LHG AF . 51.71 36.62 -31.22
C16 LHG AF . 50.35 37.23 -31.44
C17 LHG AF . 50.43 38.74 -31.34
C18 LHG AF . 49.00 39.15 -31.10
C19 LHG AF . 48.16 39.26 -32.35
C20 LHG AF . 46.93 39.98 -31.84
C21 LHG AF . 45.99 40.25 -32.97
C22 LHG AF . 44.81 41.03 -32.43
C25 LHG AF . 48.05 26.14 -37.07
C26 LHG AF . 49.27 26.74 -37.82
C27 LHG AF . 48.68 27.82 -38.70
C28 LHG AF . 48.70 29.24 -38.21
C29 LHG AF . 47.64 29.95 -39.03
C30 LHG AF . 46.95 31.11 -38.34
C31 LHG AF . 46.50 32.25 -39.22
C32 LHG AF . 45.91 33.44 -38.48
C33 LHG AF . 44.60 33.79 -39.15
C34 LHG AF . 44.12 35.21 -38.96
C35 LHG AF . 44.21 35.99 -40.26
C36 LHG AF . 43.35 35.32 -41.31
O1 LHG BF . 43.32 17.89 -11.09
C1 LHG BF . 43.74 18.93 -10.22
C2 LHG BF . 42.70 20.04 -10.23
O2 LHG BF . 41.91 19.96 -11.40
C3 LHG BF . 43.28 21.43 -10.23
O3 LHG BF . 42.28 22.10 -9.50
P LHG BF . 41.18 23.03 -10.23
O4 LHG BF . 41.04 22.56 -11.64
O5 LHG BF . 40.19 23.33 -9.15
O6 LHG BF . 42.18 24.35 -10.40
C4 LHG BF . 42.26 25.01 -11.63
C5 LHG BF . 41.62 26.37 -11.36
C6 LHG BF . 42.31 27.48 -12.13
O7 LHG BF . 40.28 26.29 -11.79
C7 LHG BF . 39.36 26.57 -10.82
O9 LHG BF . 39.68 26.91 -9.70
C8 LHG BF . 37.99 26.66 -11.39
C9 LHG BF . 37.24 27.78 -10.72
C10 LHG BF . 37.20 28.99 -11.62
O8 LHG BF . 41.25 28.31 -12.59
C23 LHG BF . 41.08 29.50 -11.94
O10 LHG BF . 40.43 29.52 -10.90
C24 LHG BF . 41.32 30.80 -12.65
C11 LHG BF . 36.79 30.08 -10.66
C12 LHG BF . 35.33 30.35 -10.82
C13 LHG BF . 35.11 31.06 -12.13
C14 LHG BF . 35.45 32.52 -12.05
C15 LHG BF . 34.35 33.16 -11.25
C16 LHG BF . 33.40 33.86 -12.19
C25 LHG BF . 40.17 31.29 -13.47
C26 LHG BF . 39.19 32.20 -12.77
C27 LHG BF . 39.07 33.36 -13.72
C28 LHG BF . 38.35 34.56 -13.20
C29 LHG BF . 37.93 35.32 -14.43
C30 LHG BF . 38.09 36.82 -14.38
C31 LHG BF . 36.82 37.59 -14.17
C1 LMG CF . 22.47 32.83 -44.75
O1 LMG CF . 21.79 32.00 -43.84
C2 LMG CF . 21.41 33.22 -45.81
O2 LMG CF . 21.19 32.06 -46.55
C3 LMG CF . 22.10 34.25 -46.75
O3 LMG CF . 21.11 34.66 -47.64
C4 LMG CF . 22.59 35.47 -45.91
O4 LMG CF . 21.49 36.10 -45.34
C5 LMG CF . 23.50 34.93 -44.76
O5 LMG CF . 23.78 35.63 -42.55
C6 LMG CF . 23.88 36.10 -43.85
O6 LMG CF . 22.80 33.97 -43.98
C7 LMG CF . 22.52 30.86 -43.48
C8 LMG CF . 21.60 29.97 -42.60
C9 LMG CF . 20.13 30.15 -43.02
O7 LMG CF . 21.90 28.62 -42.91
C10 LMG CF . 22.92 28.00 -42.25
O9 LMG CF . 23.52 28.59 -41.38
C11 LMG CF . 23.30 26.72 -42.93
C12 LMG CF . 24.31 25.96 -42.10
C13 LMG CF . 23.71 25.37 -40.84
C14 LMG CF . 24.59 24.20 -40.43
C15 LMG CF . 25.95 24.71 -40.03
C16 LMG CF . 26.05 24.80 -38.53
C17 LMG CF . 25.96 23.39 -37.98
C18 LMG CF . 27.25 22.69 -38.34
C19 LMG CF . 26.90 21.30 -38.82
C20 LMG CF . 28.02 20.86 -39.72
C21 LMG CF . 28.95 20.04 -38.88
C22 LMG CF . 29.33 18.87 -39.75
C23 LMG CF . 28.21 17.88 -39.63
C24 LMG CF . 28.32 17.03 -40.87
C25 LMG CF . 27.42 15.85 -40.68
C26 LMG CF . 26.86 15.52 -42.05
C27 LMG CF . 25.48 14.92 -41.86
O8 LMG CF . 19.39 29.22 -42.24
C28 LMG CF . 18.62 28.32 -42.91
O10 LMG CF . 17.55 28.68 -43.37
C29 LMG CF . 19.06 26.90 -42.75
C30 LMG CF . 18.62 26.34 -41.41
C31 LMG CF . 19.06 24.89 -41.35
C32 LMG CF . 18.98 24.44 -39.90
C33 LMG CF . 20.41 24.34 -39.39
C34 LMG CF . 20.44 23.32 -38.26
C35 LMG CF . 21.52 22.32 -38.62
C10 WVN DF . 29.33 2.35 -50.93
C11 WVN DF . 10.37 3.09 -39.37
C12 WVN DF . 30.36 1.36 -50.37
C13 WVN DF . 28.21 2.41 -48.59
C14 WVN DF . 29.65 0.40 -49.41
C01 WVN DF . 8.13 3.82 -40.38
C02 WVN DF . 8.83 3.42 -39.07
C03 WVN DF . 8.54 5.21 -40.87
C04 WVN DF . 8.38 6.28 -39.79
C05 WVN DF . 8.66 4.52 -37.99
C06 WVN DF . 28.72 3.21 -49.82
C07 WVN DF . 8.44 2.80 -41.52
C08 WVN DF . 6.59 3.81 -40.16
C09 WVN DF . 9.09 5.91 -38.48
C15 WVN DF . 29.00 1.11 -48.22
C16 WVN DF . 9.41 4.19 -36.68
C17 WVN DF . 27.50 3.95 -50.42
C18 WVN DF . 29.78 4.27 -49.42
C19 WVN DF . 10.64 1.80 -38.95
C20 WVN DF . 28.12 3.34 -47.36
C21 WVN DF . 30.10 1.39 -47.16
C22 WVN DF . 12.16 1.63 -39.33
C23 WVN DF . 26.89 3.40 -46.81
C24 WVN DF . 12.17 0.61 -40.42
C25 WVN DF . 25.90 3.93 -45.76
C26 WVN DF . 13.02 2.85 -39.77
C27 WVN DF . 25.02 5.00 -46.40
C28 WVN DF . 25.03 2.78 -45.24
C29 WVN DF . 14.55 2.61 -39.48
C30 WVN DF . 24.20 3.15 -43.99
C31 WVN DF . 15.30 2.44 -40.59
C32 WVN DF . 16.62 2.18 -41.36
C33 WVN DF . 22.90 2.88 -44.21
C34 WVN DF . 22.58 3.37 -42.78
C35 WVN DF . 16.92 0.69 -41.43
C36 WVN DF . 17.82 2.93 -40.75
C37 WVN DF . 21.46 2.46 -42.24
C38 WVN DF . 22.15 4.83 -42.84
C39 WVN DF . 19.19 2.37 -41.26
C40 WVN DF . 20.15 3.15 -41.77
MG CLA EF . 18.25 52.14 5.53
CHA CLA EF . 19.89 53.87 3.01
CHB CLA EF . 19.98 49.34 4.69
CHC CLA EF . 17.06 50.62 8.37
CHD CLA EF . 16.68 55.14 6.51
NA CLA EF . 19.62 51.68 4.02
C1A CLA EF . 20.21 52.55 3.10
C2A CLA EF . 21.19 51.78 2.19
C3A CLA EF . 20.95 50.31 2.56
C4A CLA EF . 20.14 50.42 3.85
CMA CLA EF . 20.23 49.56 1.48
CAA CLA EF . 22.62 52.16 2.56
CBA CLA EF . 23.53 52.26 1.36
CGA CLA EF . 24.68 51.32 1.50
O1A CLA EF . 24.66 50.09 1.48
O2A CLA EF . 25.87 51.95 1.66
NB CLA EF . 18.43 50.31 6.34
C1B CLA EF . 19.25 49.34 5.89
C2B CLA EF . 19.27 48.21 6.86
C3B CLA EF . 18.44 48.56 7.91
C4B CLA EF . 17.90 49.90 7.58
CMB CLA EF . 20.09 47.03 6.62
CAB CLA EF . 18.09 47.88 9.12
CBB CLA EF . 17.88 46.58 9.31
NC CLA EF . 17.00 52.74 7.08
C1C CLA EF . 16.62 51.95 8.12
C2C CLA EF . 15.77 52.70 9.03
C3C CLA EF . 15.70 54.00 8.54
C4C CLA EF . 16.47 54.02 7.31
CMC CLA EF . 15.17 52.16 10.25
CAC CLA EF . 14.97 55.12 9.15
CBC CLA EF . 15.88 56.03 9.95
ND CLA EF . 18.07 54.03 4.81
C1D CLA EF . 17.45 55.17 5.36
C2D CLA EF . 17.72 56.33 4.49
C3D CLA EF . 18.65 55.89 3.58
C4D CLA EF . 18.89 54.46 3.85
CMD CLA EF . 17.14 57.64 4.68
CAD CLA EF . 19.45 56.23 2.42
OBD CLA EF . 19.43 57.25 1.73
CBD CLA EF . 20.39 55.03 2.14
CGD CLA EF . 20.50 54.71 0.68
O1D CLA EF . 19.73 54.08 -0.04
O2D CLA EF . 21.64 55.20 0.12
CED CLA EF . 21.65 55.41 -1.30
C1 CLA EF . 26.91 51.23 2.35
C2 CLA EF . 27.82 50.63 1.33
C3 CLA EF . 28.69 49.65 1.61
C4 CLA EF . 28.82 49.07 2.97
C5 CLA EF . 29.57 49.08 0.55
C6 CLA EF . 29.51 47.57 0.48
C7 CLA EF . 30.08 47.05 -0.83
MG CLA FF . 24.85 58.43 12.82
CHA CLA FF . 21.95 60.20 13.47
CHB CLA FF . 23.96 56.11 15.13
CHC CLA FF . 27.71 56.68 12.08
CHD CLA FF . 25.74 60.86 10.41
NA CLA FF . 23.20 58.21 14.08
C1A CLA FF . 22.08 59.04 14.20
C2A CLA FF . 21.11 58.50 15.25
C3A CLA FF . 21.86 57.28 15.84
C4A CLA FF . 23.09 57.16 14.95
CMA CLA FF . 22.23 57.51 17.28
CAA CLA FF . 19.76 58.04 14.70
CBA CLA FF . 19.77 57.58 13.25
CGA CLA FF . 20.30 56.18 13.13
O1A CLA FF . 21.00 55.70 12.24
O2A CLA FF . 19.93 55.39 14.18
NB CLA FF . 25.65 56.69 13.45
C1B CLA FF . 25.15 55.89 14.42
C2B CLA FF . 26.07 54.74 14.65
C3B CLA FF . 27.13 54.90 13.79
C4B CLA FF . 26.88 56.15 13.02
CMB CLA FF . 25.82 53.72 15.66
CAB CLA FF . 28.31 54.11 13.60
CBB CLA FF . 28.36 52.81 13.30
NC CLA FF . 26.45 58.74 11.51
C1C CLA FF . 27.52 57.90 11.38
C2C CLA FF . 28.45 58.42 10.39
C3C CLA FF . 27.89 59.58 9.89
C4C CLA FF . 26.62 59.77 10.60
CMC CLA FF . 29.71 57.77 10.02
CAC CLA FF . 28.45 60.48 8.87
CBC CLA FF . 28.17 60.06 7.45
ND CLA FF . 24.13 60.19 12.13
C1D CLA FF . 24.57 61.06 11.11
C2D CLA FF . 23.62 62.18 10.99
C3D CLA FF . 22.62 61.93 11.91
C4D CLA FF . 22.97 60.65 12.56
CMD CLA FF . 23.77 63.31 10.08
CAD CLA FF . 21.39 62.40 12.52
OBD CLA FF . 20.85 63.49 12.42
CBD CLA FF . 20.87 61.27 13.43
CGD CLA FF . 20.51 61.78 14.80
O1D CLA FF . 19.41 62.13 15.21
O2D CLA FF . 21.58 61.87 15.64
CED CLA FF . 22.04 63.18 16.00
C1 CLA FF . 20.53 54.08 14.25
C2 CLA FF . 20.06 53.48 15.52
C3 CLA FF . 20.87 52.78 16.34
C4 CLA FF . 22.30 52.59 16.02
C5 CLA FF . 20.37 52.19 17.61
C6 CLA FF . 19.82 50.80 17.40
C7 CLA FF . 20.81 49.74 17.86
C8 CLA FF . 20.72 48.49 17.00
C9 CLA FF . 21.29 47.29 17.72
C10 CLA FF . 21.43 48.71 15.66
C11 CLA FF . 22.91 48.92 15.85
C12 CLA FF . 23.71 48.06 14.89
C13 CLA FF . 25.12 47.75 15.43
C14 CLA FF . 25.09 47.28 16.86
C15 CLA FF . 26.05 48.94 15.28
C16 CLA FF . 27.49 48.49 15.48
C17 CLA FF . 28.47 49.54 15.00
C18 CLA FF . 29.77 48.92 14.53
C19 CLA FF . 30.41 48.07 15.60
C20 CLA FF . 30.73 50.01 14.08
C03 II0 GF . 28.91 54.98 0.14
C04 II0 GF . 46.61 41.83 0.24
C05 II0 GF . 27.98 56.22 0.00
C06 II0 GF . 47.68 40.80 -0.17
C07 II0 GF . 26.56 56.00 -0.47
C08 II0 GF . 47.47 40.25 -1.56
C09 II0 GF . 28.74 54.10 -1.10
C10 II0 GF . 46.41 42.83 -0.90
C11 II0 GF . 26.37 54.78 -1.34
C12 II0 GF . 47.61 41.40 -2.54
C13 II0 GF . 27.67 54.26 -1.91
C14 II0 GF . 46.71 42.56 -2.18
C15 II0 GF . 28.56 54.19 1.40
C16 II0 GF . 30.35 55.47 0.26
C17 II0 GF . 45.31 41.08 0.55
C18 II0 GF . 47.10 42.54 1.51
C19 II0 GF . 27.66 53.95 -3.37
C20 II0 GF . 46.23 43.35 -3.36
C21 II0 GF . 29.71 53.11 -1.39
C22 II0 GF . 45.87 44.10 -0.56
C23 II0 GF . 30.46 52.22 -1.71
C24 II0 GF . 45.50 45.21 -0.32
C25 II0 GF . 31.07 51.06 -2.29
C26 II0 GF . 45.28 46.59 0.00
C27 II0 GF . 30.13 50.20 -3.08
C28 II0 GF . 46.50 47.37 0.38
C29 II0 GF . 32.39 50.74 -2.15
C30 II0 GF . 44.04 47.15 -0.04
C31 II0 GF . 32.99 49.61 -2.79
C32 II0 GF . 42.90 46.69 -0.76
C33 II0 GF . 34.26 49.17 -2.69
C34 II0 GF . 41.70 47.31 -0.75
C35 II0 GF . 34.76 48.00 -3.38
C36 II0 GF . 40.51 46.86 -1.47
C37 II0 GF . 33.83 47.30 -4.33
C38 II0 GF . 40.63 45.59 -2.25
C39 II0 GF . 36.02 47.54 -3.16
C40 II0 GF . 39.39 47.62 -1.48
C41 II0 GF . 37.05 48.06 -2.31
C42 II0 GF . 38.19 47.34 -2.22
O01 II0 GF . 25.70 55.90 0.66
O02 II0 GF . 48.44 39.24 -1.85
C02 IHT HF . 26.07 68.17 10.41
C03 IHT HF . 35.47 47.22 18.73
C04 IHT HF . 25.22 69.41 10.07
C05 IHT HF . 36.71 46.54 19.32
C06 IHT HF . 24.36 69.23 8.83
C07 IHT HF . 26.76 67.69 9.13
C08 IHT HF . 37.98 47.31 19.00
C09 IHT HF . 25.18 68.85 7.61
C10 IHT HF . 26.51 68.21 7.92
C11 IHT HF . 35.60 48.73 18.89
C12 IHT HF . 37.95 48.66 19.68
C13 IHT HF . 25.11 67.09 10.95
C14 IHT HF . 27.09 68.52 11.48
C15 IHT HF . 36.58 49.30 19.61
C16 IHT HF . 35.35 46.84 17.25
C17 IHT HF . 34.22 46.70 19.47
C18 IHT HF . 27.78 66.65 9.28
C19 IHT HF . 27.48 68.26 6.79
C20 IHT HF . 36.44 50.57 20.40
C21 IHT HF . 34.61 49.54 18.27
C22 IHT HF . 27.73 65.47 9.90
C23 IHT HF . 28.79 64.49 9.99
C24 IHT HF . 33.71 50.20 17.83
C25 IHT HF . 29.91 64.58 9.00
C26 IHT HF . 32.54 50.94 17.47
C27 IHT HF . 28.75 63.55 10.97
C28 IHT HF . 31.27 50.52 18.15
C29 IHT HF . 32.61 51.97 16.61
C30 IHT HF . 29.71 62.53 11.23
C31 IHT HF . 31.72 53.08 16.56
C32 IHT HF . 29.57 61.60 12.16
C33 IHT HF . 30.51 60.52 12.45
C34 IHT HF . 31.83 54.10 15.70
C35 IHT HF . 30.95 55.24 15.61
C36 IHT HF . 31.82 60.52 11.72
C37 IHT HF . 30.14 59.52 13.28
C38 IHT HF . 31.20 56.20 14.68
C39 IHT HF . 29.79 55.32 16.56
C40 IHT HF . 30.86 58.33 13.56
C41 IHT HF . 30.46 57.38 14.44
O01 IHT HF . 39.12 46.57 19.46
C1 LMG IF . 41.85 44.39 27.64
O1 LMG IF . 41.34 45.63 27.27
C2 LMG IF . 42.88 44.03 26.56
O2 LMG IF . 42.12 43.74 25.44
C3 LMG IF . 43.56 42.73 27.05
O3 LMG IF . 44.53 42.43 26.09
C4 LMG IF . 44.24 42.99 28.42
O4 LMG IF . 45.20 43.98 28.27
C5 LMG IF . 43.14 43.51 29.40
O5 LMG IF . 43.85 42.69 31.47
C6 LMG IF . 43.78 43.87 30.74
O6 LMG IF . 42.52 44.66 28.87
C7 LMG IF . 40.26 46.07 28.05
C8 LMG IF . 39.45 47.00 27.13
C9 LMG IF . 38.35 46.16 26.48
O7 LMG IF . 38.78 47.92 27.96
C10 LMG IF . 38.85 49.23 27.65
O9 LMG IF . 39.80 49.65 26.99
C11 LMG IF . 37.57 49.95 27.93
C12 LMG IF . 37.62 51.38 27.42
O8 LMG IF . 38.05 46.78 25.25
C28 LMG IF . 36.74 47.05 25.03
O10 LMG IF . 35.98 47.14 25.97
C29 LMG IF . 36.35 47.01 23.59
C30 LMG IF . 35.48 48.21 23.24
C31 LMG IF . 34.04 47.77 23.26
MG CLA JF . 38.77 46.75 1.65
CHA CLA JF . 39.06 43.38 0.85
CHB CLA JF . 35.55 46.74 0.55
CHC CLA JF . 38.59 50.11 2.35
CHD CLA JF . 42.15 46.74 2.69
NA CLA JF . 37.52 45.27 0.86
C1A CLA JF . 37.82 43.93 0.60
C2A CLA JF . 36.61 43.19 0.03
C3A CLA JF . 35.55 44.31 -0.11
C4A CLA JF . 36.22 45.53 0.49
CMA CLA JF . 35.17 44.51 -1.56
CAA CLA JF . 36.07 42.14 1.00
CBA CLA JF . 35.98 42.68 2.42
CGA CLA JF . 35.68 41.61 3.42
O1A CLA JF . 36.45 41.01 4.17
O2A CLA JF . 34.35 41.32 3.48
NB CLA JF . 37.33 48.15 1.50
C1B CLA JF . 36.07 47.95 1.06
C2B CLA JF . 35.29 49.22 1.14
C3B CLA JF . 36.14 50.17 1.64
C4B CLA JF . 37.46 49.50 1.87
CMB CLA JF . 33.90 49.37 0.74
CAB CLA JF . 35.91 51.56 1.91
CBB CLA JF . 36.41 52.58 1.21
NC CLA JF . 40.12 48.16 2.38
C1C CLA JF . 39.84 49.47 2.58
C2C CLA JF . 41.01 50.17 3.07
C3C CLA JF . 42.02 49.22 3.19
C4C CLA JF . 41.46 47.96 2.75
CMC CLA JF . 41.07 51.60 3.38
CAC CLA JF . 43.41 49.45 3.65
CBC CLA JF . 44.35 49.78 2.53
ND CLA JF . 40.29 45.42 1.79
C1D CLA JF . 41.63 45.56 2.24
C2D CLA JF . 42.31 44.24 2.12
C3D CLA JF . 41.39 43.39 1.56
C4D CLA JF . 40.15 44.16 1.38
CMD CLA JF . 43.69 43.98 2.51
CAD CLA JF . 41.13 42.04 1.11
OBD CLA JF . 41.88 41.07 1.08
CBD CLA JF . 39.65 41.99 0.63
CGD CLA JF . 39.54 41.57 -0.81
O1D CLA JF . 38.91 40.62 -1.27
O2D CLA JF . 40.24 42.36 -1.67
CED CLA JF . 40.02 42.20 -3.07
C1 CLA JF . 33.94 40.35 4.47
C2 CLA JF . 32.53 39.99 4.18
C3 CLA JF . 31.50 40.52 4.85
C4 CLA JF . 31.68 41.52 5.92
C5 CLA JF . 30.09 40.13 4.53
C6 CLA JF . 29.93 38.64 4.25
C7 CLA JF . 28.56 38.15 4.69
C8 CLA JF . 27.81 37.44 3.57
C9 CLA JF . 27.45 38.43 2.48
C10 CLA JF . 26.55 36.75 4.10
C11 CLA JF . 25.76 36.10 2.98
C12 CLA JF . 24.79 35.05 3.47
C13 CLA JF . 23.48 35.64 4.01
C14 CLA JF . 23.30 35.29 5.47
C15 CLA JF . 22.27 35.18 3.21
C16 CLA JF . 22.22 35.84 1.85
C17 CLA JF . 20.80 36.14 1.41
C18 CLA JF . 20.72 36.63 -0.03
C19 CLA JF . 21.73 37.73 -0.32
C20 CLA JF . 19.32 37.13 -0.34
MG CLA KF . 31.93 47.03 30.60
CHA CLA KF . 32.71 43.78 29.64
CHB CLA KF . 35.20 47.89 30.41
CHC CLA KF . 31.08 50.21 31.59
CHD CLA KF . 28.52 46.13 30.62
NA CLA KF . 33.64 45.99 30.06
C1A CLA KF . 33.78 44.64 29.69
C2A CLA KF . 35.23 44.32 29.33
C3A CLA KF . 35.97 45.65 29.56
C4A CLA KF . 34.87 46.60 30.03
CMA CLA KF . 37.07 45.55 30.57
CAA CLA KF . 35.28 44.10 27.83
CBA CLA KF . 36.33 43.14 27.34
CGA CLA KF . 36.38 43.20 25.84
O1A CLA KF . 37.37 43.31 25.11
O2A CLA KF . 35.14 43.13 25.25
NB CLA KF . 32.95 48.72 30.95
C1B CLA KF . 34.29 48.87 30.87
C2B CLA KF . 34.69 50.22 31.33
C3B CLA KF . 33.53 50.88 31.66
C4B CLA KF . 32.40 49.94 31.42
CMB CLA KF . 36.08 50.66 31.34
CAB CLA KF . 33.31 52.22 32.13
CBB CLA KF . 33.88 52.79 33.19
NC CLA KF . 30.12 47.99 31.01
C1C CLA KF . 30.00 49.30 31.39
C2C CLA KF . 28.61 49.64 31.59
C3C CLA KF . 27.87 48.49 31.30
C4C CLA KF . 28.83 47.46 30.93
CMC CLA KF . 28.12 50.96 31.99
CAC CLA KF . 26.42 48.34 31.33
CBC CLA KF . 25.97 47.57 32.54
ND CLA KF . 30.81 45.39 30.18
C1D CLA KF . 29.42 45.15 30.28
C2D CLA KF . 29.15 43.73 30.00
C3D CLA KF . 30.38 43.15 29.80
C4D CLA KF . 31.37 44.23 29.90
CMD CLA KF . 27.82 43.10 30.02
CAD CLA KF . 31.10 41.92 29.50
OBD CLA KF . 30.65 40.79 29.34
CBD CLA KF . 32.60 42.30 29.41
CGD CLA KF . 33.39 41.59 30.49
O1D CLA KF . 33.47 41.92 31.67
O2D CLA KF . 34.06 40.48 30.08
CED CLA KF . 34.95 39.88 31.03
C1 CLA KF . 34.89 41.99 24.40
C2 CLA KF . 34.96 42.45 22.99
C3 CLA KF . 34.29 41.85 21.99
C4 CLA KF . 34.39 42.34 20.60
C5 CLA KF . 33.44 40.66 22.22
C6 CLA KF . 32.13 40.61 21.45
C7 CLA KF . 30.99 40.37 22.40
C8 CLA KF . 29.82 39.56 21.84
C9 CLA KF . 30.14 38.08 21.85
C10 CLA KF . 29.44 40.02 20.43
C11 CLA KF . 27.99 40.43 20.38
C12 CLA KF . 27.73 41.38 19.23
C13 CLA KF . 26.75 40.77 18.24
C14 CLA KF . 27.48 39.95 17.19
C15 CLA KF . 25.86 41.84 17.59
C16 CLA KF . 26.60 42.66 16.57
C17 CLA KF . 25.88 42.65 15.23
C18 CLA KF . 25.39 44.03 14.85
C19 CLA KF . 25.69 44.33 13.40
C20 CLA KF . 23.90 44.15 15.11
MG CLA LF . 22.39 49.73 46.05
CHA CLA LF . 24.92 51.96 46.95
CHB CLA LF . 20.08 51.88 47.29
CHC CLA LF . 20.00 47.33 45.57
CHD CLA LF . 24.86 47.36 45.12
NA CLA LF . 22.50 51.66 46.86
C1A CLA LF . 23.65 52.43 47.18
C2A CLA LF . 23.25 53.79 47.77
C3A CLA LF . 21.71 53.73 47.80
C4A CLA LF . 21.38 52.34 47.25
CMA CLA LF . 21.19 53.91 49.21
CAA CLA LF . 23.67 55.01 46.96
CBA CLA LF . 22.91 55.13 45.65
NB CLA LF . 20.38 49.67 46.24
C1B CLA LF . 19.64 50.60 46.88
C2B CLA LF . 18.28 50.06 47.18
C3B CLA LF . 18.27 48.78 46.69
C4B CLA LF . 19.61 48.51 46.10
CMB CLA LF . 17.24 50.79 47.90
CAB CLA LF . 17.24 47.77 46.76
CBB CLA LF . 16.56 47.33 45.70
NC CLA LF . 22.43 47.77 45.36
C1C CLA LF . 21.33 46.99 45.21
C2C CLA LF . 21.68 45.67 44.72
C3C CLA LF . 23.07 45.64 44.63
C4C CLA LF . 23.53 46.96 45.04
CMC CLA LF . 20.70 44.63 44.46
CAC CLA LF . 23.89 44.50 44.21
CBC CLA LF . 24.36 44.57 42.78
ND CLA LF . 24.41 49.66 45.91
C1D CLA LF . 25.29 48.61 45.53
C2D CLA LF . 26.69 49.07 45.72
C3D CLA LF . 26.58 50.34 46.26
C4D CLA LF . 25.15 50.65 46.38
CMD CLA LF . 27.91 48.30 45.45
CAD CLA LF . 27.33 51.47 46.79
OBD CLA LF . 28.53 51.63 46.91
CBD CLA LF . 26.29 52.53 47.27
CGD CLA LF . 26.46 52.83 48.74
O1D CLA LF . 26.53 52.05 49.70
O2D CLA LF . 26.57 54.16 49.03
CED CLA LF . 27.87 54.74 49.14
C10 WVN MF . 13.69 65.16 50.55
C11 WVN MF . 20.66 45.17 39.93
C12 WVN MF . 13.03 64.69 51.85
C13 WVN MF . 14.29 62.75 49.94
C14 WVN MF . 13.62 63.35 52.33
C01 WVN MF . 22.51 44.30 38.44
C02 WVN MF . 21.85 44.12 39.82
C03 WVN MF . 23.52 43.20 38.04
C04 WVN MF . 23.73 42.14 39.11
C05 WVN MF . 21.40 42.67 40.07
C06 WVN MF . 13.71 64.10 49.44
C07 WVN MF . 21.42 44.32 37.34
C08 WVN MF . 23.24 45.66 38.46
C09 WVN MF . 22.38 41.58 39.59
C15 WVN MF . 13.57 62.28 51.23
C16 WVN MF . 21.22 42.43 41.59
C17 WVN MF . 14.56 64.67 48.26
C18 WVN MF . 12.27 63.87 48.92
C19 WVN MF . 20.68 45.90 41.10
C20 WVN MF . 14.14 61.68 48.84
C21 WVN MF . 14.20 60.98 51.77
C22 WVN MF . 19.41 46.75 40.75
C23 WVN MF . 15.31 61.19 48.39
C24 WVN MF . 18.15 45.96 40.61
C25 WVN MF . 16.15 60.27 47.49
C26 WVN MF . 19.19 47.77 41.90
C27 WVN MF . 17.62 60.68 47.58
C28 WVN MF . 15.98 58.83 47.96
C29 WVN MF . 17.88 48.60 41.69
C30 WVN MF . 16.65 57.83 47.00
C31 WVN MF . 17.73 49.63 42.54
C32 WVN MF . 16.94 50.85 43.09
C33 WVN MF . 17.20 56.80 47.67
C34 WVN MF . 17.64 56.28 46.29
C35 WVN MF . 15.63 50.34 43.70
C36 WVN MF . 17.74 51.59 44.15
C37 WVN MF . 16.88 54.97 46.03
C38 WVN MF . 19.15 56.08 46.32
C39 WVN MF . 17.01 52.77 44.85
C40 WVN MF . 17.67 53.82 45.35
NB KC2 NF . -40.68 -36.65 28.65
ND KC2 NF . -42.37 -33.89 26.21
C1A KC2 NF . -40.75 -32.47 28.55
C1B KC2 NF . -39.97 -36.47 29.76
C1C KC2 NF . -42.19 -37.86 26.27
C1D KC2 NF . -43.15 -33.87 25.02
C2A KC2 NF . -40.00 -31.67 29.58
C2B KC2 NF . -39.55 -37.71 30.44
C2C KC2 NF . -42.61 -38.63 25.10
C2D KC2 NF . -43.46 -32.54 24.49
C3A KC2 NF . -39.40 -32.77 30.43
C3B KC2 NF . -40.14 -38.73 29.56
C3C KC2 NF . -43.20 -37.62 24.23
C3D KC2 NF . -42.77 -31.70 25.49
C4A KC2 NF . -39.95 -33.96 29.73
C4B KC2 NF . -40.81 -37.95 28.49
C4C KC2 NF . -43.03 -36.37 25.01
C4D KC2 NF . -42.20 -32.54 26.41
CAA KC2 NF . -40.91 -30.92 30.54
CAB KC2 NF . -40.11 -40.21 29.63
CAC KC2 NF . -43.82 -37.77 22.87
CAD KC2 NF . -42.45 -30.32 25.92
CBA KC2 NF . -42.32 -31.49 30.56
CBB KC2 NF . -40.20 -40.81 30.80
CBC KC2 NF . -42.86 -37.46 22.01
CBD KC2 NF . -41.62 -30.36 27.14
CED KC2 NF . -38.14 -29.68 25.70
CGA KC2 NF . -42.61 -32.29 31.79
CGD KC2 NF . -40.31 -29.71 26.86
CHA KC2 NF . -41.48 -31.79 27.45
CHB KC2 NF . -39.61 -35.14 30.25
CHC KC2 NF . -41.53 -38.56 27.38
CHD KC2 NF . -43.56 -35.13 24.42
CMA KC2 NF . -37.90 -32.73 30.20
CMB KC2 NF . -38.74 -37.86 31.69
CMC KC2 NF . -42.46 -40.11 24.84
CMD KC2 NF . -44.24 -32.03 23.32
NA KC2 NF . -40.69 -33.73 28.65
NC KC2 NF . -42.44 -36.55 26.21
O1A KC2 NF . -43.77 -32.44 32.14
O1D KC2 NF . -40.09 -28.59 27.25
O2A KC2 NF . -41.56 -32.90 32.58
O2D KC2 NF . -39.29 -30.39 26.10
OBD KC2 NF . -42.82 -29.26 25.30
MG KC2 NF . -41.41 -35.22 27.40
MG CLA OF . -34.35 -59.19 14.41
CHA CLA OF . -36.11 -60.38 17.17
CHB CLA OF . -34.25 -62.33 13.14
CHC CLA OF . -32.87 -57.93 11.59
CHD CLA OF . -34.39 -55.95 15.83
NA CLA OF . -35.04 -61.04 15.09
C1A CLA OF . -35.76 -61.34 16.26
C2A CLA OF . -36.07 -62.84 16.31
C3A CLA OF . -35.15 -63.43 15.23
C4A CLA OF . -34.80 -62.20 14.40
CMA CLA OF . -33.93 -64.09 15.81
CAA CLA OF . -37.44 -63.08 15.75
CBA CLA OF . -38.55 -63.27 16.75
CGA CLA OF . -39.66 -62.40 16.27
O1A CLA OF . -39.78 -61.19 16.44
O2A CLA OF . -40.60 -63.09 15.54
NB CLA OF . -33.60 -59.99 12.73
C1B CLA OF . -33.84 -61.27 12.32
C2B CLA OF . -33.57 -61.41 10.87
C3B CLA OF . -33.19 -60.18 10.41
C4B CLA OF . -33.19 -59.26 11.59
CMB CLA OF . -33.73 -62.67 10.17
CAB CLA OF . -32.81 -59.76 9.09
CBB CLA OF . -33.52 -58.94 8.31
NC CLA OF . -33.70 -57.29 13.84
C1C CLA OF . -33.10 -57.01 12.64
C2C CLA OF . -32.75 -55.60 12.58
C3C CLA OF . -33.19 -55.03 13.78
C4C CLA OF . -33.79 -56.10 14.56
CMC CLA OF . -32.08 -54.95 11.45
CAC CLA OF . -33.04 -53.63 14.20
CBC CLA OF . -31.71 -53.37 14.85
ND CLA OF . -35.10 -58.29 16.06
C1D CLA OF . -35.03 -56.96 16.53
C2D CLA OF . -35.74 -56.88 17.83
C3D CLA OF . -36.20 -58.15 18.10
C4D CLA OF . -35.75 -59.01 16.98
CMD CLA OF . -35.93 -55.66 18.60
CAD CLA OF . -36.94 -58.99 19.02
OBD CLA OF . -37.56 -58.66 20.02
CBD CLA OF . -36.83 -60.45 18.50
CGD CLA OF . -36.06 -61.25 19.51
O1D CLA OF . -35.15 -60.84 20.23
O2D CLA OF . -36.44 -62.55 19.64
CED CLA OF . -35.40 -63.50 19.81
C1 CLA OF . -41.98 -62.71 15.65
C2 CLA OF . -42.23 -61.67 14.61
C3 CLA OF . -42.66 -60.44 14.93
C4 CLA OF . -42.91 -60.03 16.33
C5 CLA OF . -42.87 -59.41 13.87
C6 CLA OF . -44.23 -58.74 13.91
C7 CLA OF . -44.09 -57.29 13.47
C8 CLA OF . -45.40 -56.70 12.95
C9 CLA OF . -45.11 -55.73 11.82
C10 CLA OF . -46.25 -56.02 14.02
C11 CLA OF . -45.49 -55.55 15.25
C12 CLA OF . -46.39 -55.49 16.46
C13 CLA OF . -45.83 -56.28 17.63
C14 CLA OF . -45.64 -57.73 17.26
C15 CLA OF . -46.71 -56.16 18.86
C16 CLA OF . -46.14 -56.94 20.04
C17 CLA OF . -45.15 -56.10 20.82
C18 CLA OF . -45.51 -56.05 22.30
C19 CLA OF . -45.14 -54.71 22.90
C20 CLA OF . -44.84 -57.18 23.05
MG CLA PF . -31.43 -48.35 22.34
CHA CLA PF . -28.89 -47.92 24.69
CHB CLA PF . -33.76 -47.63 24.71
CHC CLA PF . -33.87 -48.69 19.95
CHD CLA PF . -28.97 -49.15 19.93
NA CLA PF . -31.32 -47.84 24.37
C1A CLA PF . -30.17 -47.72 25.17
C2A CLA PF . -30.58 -47.29 26.58
C3A CLA PF . -32.11 -47.29 26.57
C4A CLA PF . -32.44 -47.60 25.11
CMA CLA PF . -32.69 -48.31 27.52
CAA CLA PF . -30.10 -45.89 26.89
CBA CLA PF . -30.23 -45.60 28.36
CGA CLA PF . -29.91 -44.17 28.66
O1A CLA PF . -28.93 -43.52 28.32
O2A CLA PF . -30.87 -43.56 29.43
NB CLA PF . -33.44 -48.19 22.34
C1B CLA PF . -34.21 -47.92 23.41
C2B CLA PF . -35.65 -47.98 23.02
C3B CLA PF . -35.69 -48.28 21.68
C4B CLA PF . -34.27 -48.41 21.22
CMB CLA PF . -36.73 -47.75 23.97
CAB CLA PF . -36.80 -48.46 20.78
CBB CLA PF . -37.77 -47.57 20.57
NC CLA PF . -31.41 -48.83 20.32
C1C CLA PF . -32.52 -48.89 19.53
C2C CLA PF . -32.14 -49.22 18.15
C3C CLA PF . -30.76 -49.38 18.16
C4C CLA PF . -30.31 -49.13 19.51
CMC CLA PF . -33.05 -49.36 17.03
CAC CLA PF . -29.90 -49.72 17.01
CBC CLA PF . -29.51 -51.18 16.97
ND CLA PF . -29.42 -48.49 22.26
C1D CLA PF . -28.54 -48.86 21.20
C2D CLA PF . -27.17 -48.83 21.70
C3D CLA PF . -27.24 -48.46 23.02
C4D CLA PF . -28.66 -48.28 23.33
CMD CLA PF . -26.00 -49.12 20.88
CAD CLA PF . -26.48 -48.15 24.20
OBD CLA PF . -25.26 -48.09 24.36
CBD CLA PF . -27.50 -47.90 25.34
CGD CLA PF . -27.29 -48.96 26.37
O1D CLA PF . -26.31 -49.72 26.47
O2D CLA PF . -28.26 -49.12 27.29
CED CLA PF . -28.97 -50.35 27.24
C1 CLA PF . -30.76 -42.14 29.62
C2 CLA PF . -31.86 -41.80 30.57
C3 CLA PF . -32.61 -40.69 30.49
C4 CLA PF . -32.42 -39.68 29.42
C5 CLA PF . -33.68 -40.44 31.48
C6 CLA PF . -35.06 -40.25 30.86
C7 CLA PF . -36.06 -41.24 31.42
C8 CLA PF . -36.11 -41.24 32.95
C9 CLA PF . -36.06 -42.66 33.46
C10 CLA PF . -37.36 -40.52 33.46
C11 CLA PF . -37.44 -40.55 34.97
C12 CLA PF . -38.45 -39.57 35.53
C13 CLA PF . -37.78 -38.42 36.27
C14 CLA PF . -36.79 -38.93 37.31
C15 CLA PF . -38.78 -37.52 36.98
C16 CLA PF . -39.89 -37.06 36.06
C17 CLA PF . -40.69 -35.95 36.71
C18 CLA PF . -42.19 -36.24 36.72
C19 CLA PF . -42.93 -35.14 37.45
C20 CLA PF . -42.49 -37.57 37.37
NB KC2 QF . -46.03 -41.42 25.11
ND KC2 QF . -47.96 -40.23 21.76
C1A KC2 QF . -47.46 -37.75 23.70
C1B KC2 QF . -45.67 -40.71 26.16
C1C KC2 QF . -46.49 -43.67 23.09
C1D KC2 QF . -48.37 -40.81 20.53
C2A KC2 QF . -47.26 -36.49 24.52
C2B KC2 QF . -44.82 -41.43 27.14
C2C KC2 QF . -46.73 -44.93 22.35
C2D KC2 QF . -48.84 -39.86 19.50
C3A KC2 QF . -46.77 -37.06 25.86
C3B KC2 QF . -44.75 -42.77 26.55
C3C KC2 QF . -47.49 -44.49 21.17
C3D KC2 QF . -48.68 -38.59 20.25
C4A KC2 QF . -46.53 -38.49 25.40
C4B KC2 QF . -45.54 -42.64 25.30
C4C KC2 QF . -47.59 -43.03 21.40
C4D KC2 QF . -48.15 -38.89 21.49
CAA KC2 QF . -48.46 -35.57 24.73
CAB KC2 QF . -44.05 -43.94 27.13
CAC KC2 QF . -48.06 -45.27 20.01
CAD KC2 QF . -48.84 -37.13 20.20
CBA KC2 QF . -47.69 -34.27 24.88
CBB KC2 QF . -43.68 -44.98 26.42
CBC KC2 QF . -47.14 -46.12 19.56
CBD KC2 QF . -48.42 -36.53 21.48
CED KC2 QF . -45.00 -34.95 20.56
CGA KC2 QF . -48.58 -33.07 24.85
CGD KC2 QF . -47.32 -35.56 21.21
CHA KC2 QF . -48.01 -37.69 22.32
CHB KC2 QF . -45.97 -39.29 26.30
CHC KC2 QF . -45.74 -43.74 24.35
CHD KC2 QF . -48.30 -42.25 20.38
CMA KC2 QF . -45.58 -36.39 26.52
CMB KC2 QF . -44.22 -40.96 28.42
CMC KC2 QF . -46.27 -46.31 22.76
CMD KC2 QF . -49.36 -39.97 18.10
NA KC2 QF . -46.97 -38.82 24.19
NC KC2 QF . -47.01 -42.57 22.53
O1A KC2 QF . -49.78 -33.16 25.04
O1D KC2 QF . -47.51 -34.39 21.41
O2A KC2 QF . -47.95 -31.79 24.60
O2D KC2 QF . -46.03 -35.92 20.68
OBD KC2 QF . -49.28 -36.49 19.19
MG KC2 QF . -47.18 -40.78 23.55
C10 WVN RF . -37.23 -42.12 23.30
C11 WVN RF . -39.80 -50.28 41.75
C12 WVN RF . -37.66 -43.36 22.51
C13 WVN RF . -34.80 -42.51 22.58
C14 WVN RF . -36.54 -44.41 22.40
C01 WVN RF . -39.12 -51.21 44.09
C02 WVN RF . -39.86 -50.08 43.33
C03 WVN RF . -39.41 -51.23 45.61
C04 WVN RF . -40.02 -49.93 46.14
C05 WVN RF . -41.28 -49.96 43.88
C06 WVN RF . -35.95 -41.48 22.75
C07 WVN RF . -39.59 -52.59 43.53
C08 WVN RF . -37.59 -51.05 43.87
C09 WVN RF . -41.24 -49.44 45.34
C15 WVN RF . -35.25 -43.79 21.83
C16 WVN RF . -42.16 -49.00 43.04
C17 WVN RF . -35.48 -40.32 23.64
C18 WVN RF . -36.27 -40.90 21.35
C19 WVN RF . -39.18 -49.19 41.17
C20 WVN RF . -33.97 -42.74 23.88
C21 WVN RF . -34.09 -44.82 21.74
C22 WVN RF . -39.36 -49.80 39.73
C23 WVN RF . -34.36 -43.44 24.98
C24 WVN RF . -40.76 -49.65 39.23
C25 WVN RF . -33.98 -43.94 26.38
C26 WVN RF . -38.37 -49.03 38.81
C27 WVN RF . -33.46 -42.74 27.16
C28 WVN RF . -35.13 -44.59 27.14
C29 WVN RF . -38.82 -48.94 37.32
C30 WVN RF . -34.61 -45.22 28.47
C31 WVN RF . -37.78 -48.98 36.45
C32 WVN RF . -37.25 -48.99 35.01
C33 WVN RF . -35.32 -44.83 29.54
C34 WVN RF . -34.38 -45.72 30.38
C35 WVN RF . -38.44 -49.15 34.09
C36 WVN RF . -36.50 -47.69 34.65
C37 WVN RF . -35.17 -46.88 31.01
C38 WVN RF . -33.70 -44.88 31.47
C39 WVN RF . -36.01 -47.76 33.18
C40 WVN RF . -35.64 -46.67 32.47
MG CLA SF . -25.56 -28.55 61.80
CHA CLA SF . -24.50 -31.75 61.05
CHB CLA SF . -22.45 -27.36 61.11
CHC CLA SF . -26.73 -25.36 62.31
CHD CLA SF . -28.75 -29.84 62.64
NA CLA SF . -23.78 -29.44 61.17
C1A CLA SF . -23.54 -30.79 60.88
C2A CLA SF . -22.10 -30.99 60.41
C3A CLA SF . -21.45 -29.62 60.66
C4A CLA SF . -22.64 -28.72 60.97
CMA CLA SF . -20.43 -29.68 61.78
CAA CLA SF . -22.12 -31.10 58.90
CBA CLA SF . -22.09 -32.49 58.29
CGA CLA SF . -23.35 -32.71 57.51
O1A CLA SF . -23.91 -33.78 57.25
O2A CLA SF . -23.91 -31.55 57.04
NB CLA SF . -24.74 -26.71 61.74
C1B CLA SF . -23.46 -26.44 61.42
C2B CLA SF . -23.22 -24.97 61.49
C3B CLA SF . -24.42 -24.38 61.82
C4B CLA SF . -25.41 -25.49 61.98
CMB CLA SF . -21.91 -24.40 61.19
CAB CLA SF . -24.81 -23.00 61.99
CBB CLA SF . -24.11 -22.05 62.62
NC CLA SF . -27.40 -27.75 62.37
C1C CLA SF . -27.66 -26.41 62.49
C2C CLA SF . -29.06 -26.21 62.84
C3C CLA SF . -29.63 -27.49 62.97
C4C CLA SF . -28.58 -28.45 62.67
CMC CLA SF . -29.71 -24.91 63.02
CAC CLA SF . -31.03 -27.82 63.30
CBC CLA SF . -31.32 -27.76 64.78
ND CLA SF . -26.48 -30.35 61.84
C1D CLA SF . -27.78 -30.74 62.25
C2D CLA SF . -27.87 -32.22 62.16
C3D CLA SF . -26.66 -32.65 61.67
C4D CLA SF . -25.82 -31.46 61.51
CMD CLA SF . -29.06 -33.00 62.49
CAD CLA SF . -25.86 -33.80 61.28
OBD CLA SF . -26.18 -34.98 61.22
CBD CLA SF . -24.45 -33.26 60.93
CGD CLA SF . -23.43 -33.81 61.88
O1D CLA SF . -23.33 -33.59 63.09
O2D CLA SF . -22.53 -34.66 61.32
CED CLA SF . -21.82 -35.52 62.22
C1 CLA SF . -25.25 -31.64 56.53
C2 CLA SF . -25.48 -30.44 55.70
C3 CLA SF . -26.62 -30.23 55.00
C4 CLA SF . -27.74 -31.21 55.02
C5 CLA SF . -26.80 -29.01 54.18
C6 CLA SF . -28.18 -28.40 54.34
C7 CLA SF . -28.20 -26.95 53.90
C8 CLA SF . -28.23 -25.99 55.09
C9 CLA SF . -29.35 -26.34 56.05
C10 CLA SF . -28.40 -24.56 54.60
C11 CLA SF . -28.23 -23.57 55.72
C12 CLA SF . -27.30 -22.44 55.34
C13 CLA SF . -27.55 -21.20 56.17
C14 CLA SF . -28.73 -20.44 55.61
C15 CLA SF . -26.26 -20.37 56.31
C16 CLA SF . -26.36 -18.91 55.88
C17 CLA SF . -26.32 -17.98 57.08
C18 CLA SF . -26.54 -16.54 56.67
C19 CLA SF . -25.46 -16.07 55.72
C20 CLA SF . -26.58 -15.63 57.88
C10 WVN TF . -32.67 -39.67 59.47
C11 WVN TF . -21.82 -19.88 58.81
C12 WVN TF . -33.65 -40.27 58.47
C13 WVN TF . -33.34 -37.32 58.63
C14 WVN TF . -33.58 -39.51 57.13
C01 WVN TF . -21.47 -17.36 58.75
C02 WVN TF . -21.59 -18.58 59.70
C03 WVN TF . -20.11 -17.32 58.01
C04 WVN TF . -18.93 -17.41 58.98
C05 WVN TF . -20.38 -18.64 60.65
C06 WVN TF . -33.09 -38.25 59.85
C07 WVN TF . -22.59 -17.40 57.67
C08 WVN TF . -21.64 -16.05 59.57
C09 WVN TF . -19.04 -18.65 59.89
C15 WVN TF . -33.45 -37.98 57.23
C16 WVN TF . -20.42 -19.85 61.62
C17 WVN TF . -34.41 -38.35 60.66
C18 WVN TF . -32.03 -37.71 60.85
C19 WVN TF . -22.86 -20.67 59.26
C20 WVN TF . -32.23 -36.25 58.51
C21 WVN TF . -34.68 -37.36 56.52
C22 WVN TF . -22.71 -21.75 58.12
C23 WVN TF . -32.69 -34.99 58.58
C24 WVN TF . -21.40 -22.49 58.11
C25 WVN TF . -32.49 -33.47 58.59
C26 WVN TF . -23.88 -22.74 58.31
C27 WVN TF . -33.76 -32.82 59.10
C28 WVN TF . -31.30 -33.13 59.50
C29 WVN TF . -23.64 -24.17 57.70
C30 WVN TF . -30.76 -31.68 59.33
C31 WVN TF . -24.68 -25.01 57.89
C32 WVN TF . -25.33 -26.39 57.71
C33 WVN TF . -30.62 -31.33 58.03
C34 WVN TF . -30.10 -29.90 58.31
C35 WVN TF . -24.30 -27.48 57.99
C36 WVN TF . -26.53 -26.60 58.65
C37 WVN TF . -28.72 -29.88 58.99
C38 WVN TF . -31.09 -28.99 59.08
C39 WVN TF . -27.10 -28.03 58.48
C40 WVN TF . -28.17 -28.44 59.19
O3 LHG UF . -38.22 -40.76 51.87
P LHG UF . -39.84 -40.79 51.87
O4 LHG UF . -40.30 -39.68 50.98
O5 LHG UF . -40.19 -41.19 53.26
O6 LHG UF . -39.97 -42.12 50.88
C4 LHG UF . -40.56 -42.01 49.61
C5 LHG UF . -39.77 -43.01 48.76
C6 LHG UF . -39.42 -44.28 49.53
O7 LHG UF . -40.63 -43.38 47.69
C7 LHG UF . -40.46 -42.61 46.58
O9 LHG UF . -41.20 -41.69 46.32
C8 LHG UF . -39.42 -43.19 45.70
C9 LHG UF . -40.04 -44.22 44.79
C10 LHG UF . -38.95 -44.96 44.02
O8 LHG UF . -39.09 -45.23 48.51
C23 LHG UF . -38.38 -46.34 48.88
O10 LHG UF . -38.15 -46.55 50.05
C24 LHG UF . -37.91 -47.33 47.84
C11 LHG UF . -39.44 -46.38 44.11
C25 LHG UF . -36.85 -46.82 46.89
C26 LHG UF . -36.38 -47.78 45.81
C27 LHG UF . -35.06 -48.29 46.34
C28 LHG UF . -33.95 -47.27 46.46
C29 LHG UF . -32.97 -47.85 47.46
C30 LHG UF . -31.62 -48.22 46.91
C31 LHG UF . -30.80 -49.17 47.76
C32 LHG UF . -29.51 -48.60 48.32
C33 LHG UF . -29.03 -49.55 49.39
C34 LHG UF . -28.68 -50.95 48.90
C35 LHG UF . -27.21 -51.21 49.01
C36 LHG UF . -26.96 -52.66 48.64
C37 LHG UF . -25.48 -52.83 48.51
C38 LHG UF . -24.73 -52.77 49.83
MG CLA VF . -12.78 32.12 66.11
CHA CLA VF . -15.43 30.04 66.96
CHB CLA VF . -14.05 34.56 68.09
CHC CLA VF . -10.01 34.03 65.43
CHD CLA VF . -11.44 29.52 64.11
NA CLA VF . -14.50 32.26 67.29
C1A CLA VF . -15.46 31.29 67.54
C2A CLA VF . -16.54 31.83 68.49
C3A CLA VF . -16.17 33.32 68.66
C4A CLA VF . -14.81 33.41 67.98
CMA CLA VF . -17.19 34.24 68.03
CAA CLA VF . -16.63 31.19 69.88
CBA CLA VF . -15.45 30.35 70.36
CGA CLA VF . -14.19 31.14 70.55
O1A CLA VF . -14.06 32.30 70.96
O2A CLA VF . -13.07 30.42 70.22
NB CLA VF . -12.19 33.98 66.60
C1B CLA VF . -12.79 34.78 67.50
C2B CLA VF . -11.93 35.95 67.82
C3B CLA VF . -10.78 35.82 67.07
C4B CLA VF . -10.93 34.55 66.28
CMB CLA VF . -12.31 37.00 68.76
CAB CLA VF . -9.62 36.66 67.03
CBB CLA VF . -9.07 37.24 65.96
NC CLA VF . -11.08 31.84 64.93
C1C CLA VF . -10.08 32.77 64.78
C2C CLA VF . -9.05 32.27 63.90
C3C CLA VF . -9.43 30.97 63.55
C4C CLA VF . -10.70 30.71 64.20
CMC CLA VF . -7.85 33.01 63.53
CAC CLA VF . -8.69 30.04 62.67
CBC CLA VF . -8.91 30.32 61.21
ND CLA VF . -13.28 30.23 65.58
C1D CLA VF . -12.64 29.28 64.74
C2D CLA VF . -13.48 28.05 64.70
C3D CLA VF . -14.55 28.29 65.53
C4D CLA VF . -14.38 29.65 66.06
CMD CLA VF . -13.15 26.86 63.93
CAD CLA VF . -15.79 27.76 66.08
OBD CLA VF . -16.35 26.69 65.87
CBD CLA VF . -16.36 28.85 67.05
CGD CLA VF . -17.79 29.17 66.78
O1D CLA VF . -18.80 28.56 67.17
O2D CLA VF . -17.98 30.28 66.00
CED CLA VF . -19.24 30.96 66.14
C1 CLA VF . -11.97 31.16 69.65
C2 CLA VF . -11.15 30.17 68.89
C3 CLA VF . -10.00 30.49 68.27
C4 CLA VF . -9.43 31.86 68.31
C5 CLA VF . -9.23 29.46 67.52
C6 CLA VF . -7.75 29.49 67.83
MG CLA WF . -14.33 20.83 57.00
CHA CLA WF . -16.51 23.49 56.63
CHB CLA WF . -15.31 19.63 53.97
CHC CLA WF . -12.10 18.26 57.36
CHD CLA WF . -13.41 22.08 60.17
NA CLA WF . -15.68 21.49 55.55
C1A CLA WF . -16.49 22.64 55.57
C2A CLA WF . -17.34 22.75 54.30
C3A CLA WF . -17.06 21.41 53.59
C4A CLA WF . -15.92 20.80 54.39
CMA CLA WF . -18.30 20.57 53.64
CAA CLA WF . -16.96 23.95 53.44
CBA CLA WF . -16.05 23.60 52.28
CGA CLA WF . -14.64 23.56 52.77
O1A CLA WF . -14.20 24.06 53.80
O2A CLA WF . -13.79 22.87 51.95
NB CLA WF . -13.87 19.19 55.91
C1B CLA WF . -14.28 18.97 54.64
C2B CLA WF . -13.49 17.85 54.05
C3B CLA WF . -12.57 17.45 55.01
C4B CLA WF . -12.81 18.32 56.20
CMB CLA WF . -13.74 17.39 52.68
CAB CLA WF . -11.52 16.46 55.06
CBB CLA WF . -11.28 15.45 54.22
NC CLA WF . -12.99 20.28 58.50
C1C CLA WF . -12.17 19.19 58.44
C2C CLA WF . -11.38 19.09 59.65
C3C CLA WF . -11.73 20.18 60.45
C4C CLA WF . -12.76 20.93 59.71
CMC CLA WF . -10.40 18.04 59.94
CAC CLA WF . -11.20 20.52 61.78
CBC CLA WF . -9.99 21.42 61.69
ND CLA WF . -14.71 22.46 58.12
C1D CLA WF . -14.33 22.80 59.46
C2D CLA WF . -15.08 24.00 59.87
C3D CLA WF . -15.93 24.31 58.83
C4D CLA WF . -15.68 23.30 57.78
CMD CLA WF . -14.91 24.67 61.16
CAD CLA WF . -16.95 25.22 58.32
OBD CLA WF . -17.39 26.25 58.80
CBD CLA WF . -17.44 24.64 56.97
CGD CLA WF . -18.82 24.08 57.10
O1D CLA WF . -19.71 24.03 56.25
O2D CLA WF . -19.10 23.56 58.34
CED CLA WF . -18.97 22.15 58.59
C1 CLA WF . -12.96 21.86 52.59
C2 CLA WF . -11.81 21.56 51.71
C3 CLA WF . -10.81 20.74 52.08
C4 CLA WF . -10.79 20.06 53.40
C5 CLA WF . -9.66 20.45 51.18
C6 CLA WF . -8.37 21.08 51.68
C7 CLA WF . -7.31 20.03 51.95
C8 CLA WF . -5.91 20.63 51.90
C9 CLA WF . -5.32 20.46 50.52
C10 CLA WF . -5.00 20.00 52.95
C11 CLA WF . -5.34 20.46 54.34
C12 CLA WF . -4.42 21.58 54.81
C13 CLA WF . -3.50 21.11 55.93
C14 CLA WF . -3.65 21.98 57.16
C15 CLA WF . -2.04 21.10 55.47
MG CLA XF . -9.02 12.17 51.42
CHA CLA XF . -11.01 12.63 48.61
CHB CLA XF . -8.80 15.52 51.80
CHC CLA XF . -6.92 11.66 54.08
CHD CLA XF . -9.10 8.67 50.84
NA CLA XF . -9.85 13.79 50.39
C1A CLA XF . -10.65 13.79 49.25
C2A CLA XF . -11.03 15.23 48.85
C3A CLA XF . -10.31 16.10 49.91
C4A CLA XF . -9.61 15.08 50.79
CMA CLA XF . -9.30 17.03 49.29
CAA CLA XF . -12.52 15.47 48.99
CBA CLA XF . -12.93 16.92 48.82
CGA CLA XF . -12.94 17.27 47.36
O1A CLA XF . -13.66 16.81 46.47
O2A CLA XF . -12.03 18.24 47.04
NB CLA XF . -8.17 13.35 52.79
C1B CLA XF . -8.05 14.69 52.65
C2B CLA XF . -6.95 15.23 53.51
C3B CLA XF . -6.41 14.14 54.16
C4B CLA XF . -7.17 12.94 53.71
CMB CLA XF . -6.63 16.65 53.49
CAB CLA XF . -5.30 14.00 55.07
CBB CLA XF . -4.48 14.92 55.60
NC CLA XF . -8.23 10.47 52.34
C1C CLA XF . -7.41 10.50 53.43
C2C CLA XF . -7.07 9.14 53.82
C3C CLA XF . -7.65 8.29 52.88
C4C CLA XF . -8.39 9.14 51.95
CMC CLA XF . -6.21 8.79 54.94
CAC CLA XF . -7.59 6.83 52.85
CBC CLA XF . -8.74 6.19 53.59
ND CLA XF . -9.80 10.90 50.05
C1D CLA XF . -9.76 9.48 49.93
C2D CLA XF . -10.52 9.08 48.73
C3D CLA XF . -11.01 10.24 48.18
C4D CLA XF . -10.55 11.35 49.05
CMD CLA XF . -10.67 7.70 48.26
CAD CLA XF . -11.78 10.82 47.10
OBD CLA XF . -12.30 10.27 46.15
CBD CLA XF . -11.83 12.35 47.35
CGD CLA XF . -11.34 13.14 46.16
O1D CLA XF . -11.81 14.18 45.71
O2D CLA XF . -10.25 12.60 45.55
CED CLA XF . -9.06 13.37 45.50
C1 CLA XF . -11.83 18.51 45.64
C2 CLA XF . -10.79 17.58 45.16
C3 CLA XF . -9.52 17.94 44.91
C4 CLA XF . -9.05 19.33 45.09
C5 CLA XF . -8.52 16.94 44.43
C6 CLA XF . -7.35 16.80 45.37
MG CLA YF . -9.90 -3.00 64.09
CHA CLA YF . -8.06 -5.90 64.52
CHB CLA YF . -8.66 -2.65 60.95
CHC CLA YF . -11.91 -0.24 63.66
CHD CLA YF . -11.30 -3.47 67.32
NA CLA YF . -8.56 -4.10 62.95
C1A CLA YF . -7.91 -5.30 63.30
C2A CLA YF . -7.05 -5.80 62.14
C3A CLA YF . -7.19 -4.70 61.06
C4A CLA YF . -8.21 -3.73 61.68
CMA CLA YF . -5.87 -4.06 60.71
CAA CLA YF . -7.62 -7.08 61.56
CBA CLA YF . -9.08 -7.00 61.12
CGA CLA YF . -10.05 -7.44 62.18
O1A CLA YF . -10.17 -8.54 62.71
O2A CLA YF . -10.86 -6.42 62.58
NB CLA YF . -10.21 -1.69 62.61
C1B CLA YF . -9.59 -1.70 61.40
C2B CLA YF . -10.08 -0.57 60.57
C3B CLA YF . -11.00 0.11 61.33
C4B CLA YF . -11.08 -0.59 62.63
CMB CLA YF . -9.61 -0.34 59.20
CAB CLA YF . -11.78 1.29 61.06
CBB CLA YF . -11.33 2.45 60.57
NC CLA YF . -11.31 -2.03 65.29
C1C CLA YF . -12.02 -0.92 64.90
C2C CLA YF . -12.94 -0.51 65.95
C3C CLA YF . -12.77 -1.43 67.00
C4C CLA YF . -11.76 -2.38 66.56
CMC CLA YF . -13.83 0.63 65.88
CAC CLA YF . -13.49 -1.44 68.28
CBC CLA YF . -14.68 -2.36 68.24
ND CLA YF . -9.73 -4.31 65.63
C1D CLA YF . -10.35 -4.39 66.91
C2D CLA YF . -9.83 -5.56 67.63
C3D CLA YF . -8.94 -6.17 66.77
C4D CLA YF . -8.92 -5.36 65.53
CMD CLA YF . -10.21 -5.94 68.98
CAD CLA YF . -8.02 -7.29 66.57
OBD CLA YF . -7.71 -8.19 67.34
CBD CLA YF . -7.45 -7.14 65.13
CGD CLA YF . -5.95 -7.02 65.14
O1D CLA YF . -5.26 -6.16 65.71
O2D CLA YF . -5.30 -7.98 64.44
CED CLA YF . -4.02 -8.37 64.91
C1 CLA YF . -11.67 -6.64 63.76
C2 CLA YF . -12.37 -5.37 64.06
C3 CLA YF . -13.69 -5.26 64.26
C4 CLA YF . -14.60 -6.43 64.20
C5 CLA YF . -14.30 -3.93 64.56
C6 CLA YF . -15.16 -3.39 63.43
C7 CLA YF . -16.60 -3.25 63.91
C8 CLA YF . -17.49 -2.32 63.08
C9 CLA YF . -16.96 -2.03 61.69
C10 CLA YF . -17.74 -1.00 63.81
C11 CLA YF . -19.20 -0.85 64.17
C12 CLA YF . -19.97 -0.13 63.09
C13 CLA YF . -21.39 -0.68 62.91
C14 CLA YF . -22.22 0.29 62.08
C15 CLA YF . -22.09 -0.96 64.23
C16 CLA YF . -22.96 -2.20 64.12
C17 CLA YF . -23.77 -2.43 65.38
MG CLA ZF . -13.98 -12.44 55.58
CHA CLA ZF . -10.81 -13.66 56.30
CHB CLA ZF . -14.73 -15.33 53.98
CHC CLA ZF . -17.19 -11.29 55.13
CHD CLA ZF . -13.12 -9.39 57.14
NA CLA ZF . -12.91 -14.20 55.20
C1A CLA ZF . -11.61 -14.52 55.58
C2A CLA ZF . -11.22 -15.92 55.07
C3A CLA ZF . -12.40 -16.28 54.13
C4A CLA ZF . -13.44 -15.22 54.46
CMA CLA ZF . -11.99 -16.21 52.69
CAA CLA ZF . -11.14 -16.90 56.22
CBA CLA ZF . -10.58 -18.24 55.80
CGA CLA ZF . -10.82 -19.24 56.89
O1A CLA ZF . -10.25 -20.31 57.08
O2A CLA ZF . -11.82 -18.87 57.74
NB CLA ZF . -15.63 -13.13 54.65
C1B CLA ZF . -15.77 -14.40 54.19
C2B CLA ZF . -17.21 -14.68 53.93
C3B CLA ZF . -17.91 -13.55 54.26
C4B CLA ZF . -16.91 -12.54 54.72
CMB CLA ZF . -17.70 -15.95 53.44
CAB CLA ZF . -19.32 -13.30 54.19
CBB CLA ZF . -20.20 -13.85 55.03
NC CLA ZF . -14.96 -10.65 56.03
C1C CLA ZF . -16.27 -10.39 55.74
C2C CLA ZF . -16.63 -9.05 56.17
C3C CLA ZF . -15.48 -8.52 56.75
C4C CLA ZF . -14.43 -9.53 56.65
CMC CLA ZF . -17.94 -8.45 56.03
CAC CLA ZF . -15.35 -7.18 57.34
CBC CLA ZF . -14.96 -6.12 56.33
ND CLA ZF . -12.39 -11.67 56.54
C1D CLA ZF . -12.16 -10.38 57.11
C2D CLA ZF . -10.78 -10.35 57.65
C3D CLA ZF . -10.24 -11.61 57.43
C4D CLA ZF . -11.27 -12.37 56.69
CMD CLA ZF . -10.20 -9.21 58.35
CAD CLA ZF . -9.09 -12.46 57.58
OBD CLA ZF . -8.04 -12.26 58.18
CBD CLA ZF . -9.39 -13.78 56.81
CGD CLA ZF . -8.40 -14.02 55.69
O1D CLA ZF . -8.44 -13.58 54.55
O2D CLA ZF . -7.37 -14.82 56.05
CED CLA ZF . -7.07 -15.93 55.20
C1 CLA ZF . -12.00 -19.64 58.95
C2 CLA ZF . -13.18 -19.03 59.62
C3 CLA ZF . -13.71 -19.48 60.78
C4 CLA ZF . -13.18 -20.65 61.50
C5 CLA ZF . -14.89 -18.79 61.38
C6 CLA ZF . -14.52 -18.06 62.65
C7 CLA ZF . -15.43 -16.87 62.85
C8 CLA ZF . -14.84 -15.84 63.80
C9 CLA ZF . -14.53 -16.47 65.14
C10 CLA ZF . -15.79 -14.65 63.96
C11 CLA ZF . -15.24 -13.60 64.90
C12 CLA ZF . -16.25 -12.50 65.16
C13 CLA ZF . -16.00 -11.30 64.26
C14 CLA ZF . -14.76 -10.55 64.71
C15 CLA ZF . -17.19 -10.36 64.23
C16 CLA ZF . -17.01 -9.26 63.20
C17 CLA ZF . -18.16 -8.27 63.21
C18 CLA ZF . -18.23 -7.48 61.92
C19 CLA ZF . -18.95 -8.24 60.84
C20 CLA ZF . -18.90 -6.14 62.15
MG CLA AG . -3.29 0.10 52.81
CHA CLA AG . -1.46 -1.51 50.34
CHB CLA AG . -1.34 2.87 52.41
CHC CLA AG . -5.46 1.86 54.78
CHD CLA AG . -5.30 -2.77 53.15
NA CLA AG . -1.62 0.55 51.64
C1A CLA AG . -1.03 -0.25 50.64
C2A CLA AG . 0.16 0.49 50.01
C3A CLA AG . 0.37 1.69 50.96
C4A CLA AG . -0.95 1.74 51.72
CMA CLA AG . 1.55 1.50 51.88
CAA CLA AG . -0.24 1.00 48.64
CBA CLA AG . 0.63 0.40 47.55
CGA CLA AG . 1.94 1.11 47.51
O1A CLA AG . 2.18 2.31 47.35
O2A CLA AG . 3.01 0.26 47.68
NB CLA AG . -3.32 1.97 53.57
C1B CLA AG . -2.54 2.99 53.14
C2B CLA AG . -3.12 4.29 53.54
C3B CLA AG . -4.28 4.01 54.22
C4B CLA AG . -4.43 2.53 54.23
CMB CLA AG . -2.50 5.56 53.20
CAB CLA AG . -5.25 4.91 54.80
CBB CLA AG . -5.47 5.04 56.11
NC CLA AG . -5.01 -0.40 53.86
C1C CLA AG . -5.73 0.47 54.62
C2C CLA AG . -6.88 -0.19 55.20
C3C CLA AG . -6.86 -1.51 54.72
C4C CLA AG . -5.67 -1.64 53.88
CMC CLA AG . -7.86 0.46 56.06
CAC CLA AG . -7.81 -2.57 55.05
CBC CLA AG . -7.48 -3.22 56.37
ND CLA AG . -3.38 -1.75 52.02
C1D CLA AG . -4.26 -2.83 52.25
C2D CLA AG . -3.86 -3.97 51.38
C3D CLA AG . -2.83 -3.49 50.58
C4D CLA AG . -2.56 -2.11 51.04
CMD CLA AG . -4.52 -5.26 51.34
CAD CLA AG . -1.87 -3.81 49.55
OBD CLA AG . -1.72 -4.84 48.91
CBD CLA AG . -0.98 -2.54 49.34
CGD CLA AG . 0.48 -2.85 49.49
O1D CLA AG . 1.11 -3.03 50.53
O2D CLA AG . 1.15 -2.90 48.31
CED CLA AG . 1.94 -4.06 48.05
C1 CLA AG . 4.01 0.69 48.62
C2 CLA AG . 5.08 -0.33 48.59
C3 CLA AG . 5.87 -0.60 49.64
C4 CLA AG . 5.76 0.13 50.93
C5 CLA AG . 6.92 -1.64 49.55
C6 CLA AG . 6.38 -3.02 49.88
C7 CLA AG . 7.50 -3.95 50.32
MG CLA BG . -14.34 5.68 48.14
CHA CLA BG . -15.03 9.07 48.48
CHB CLA BG . -16.24 5.60 45.33
CHC CLA BG . -13.28 2.45 47.60
CHD CLA BG . -12.33 5.84 51.04
NA CLA BG . -15.49 7.10 47.13
C1A CLA BG . -15.62 8.47 47.40
C2A CLA BG . -16.54 9.14 46.39
C3A CLA BG . -17.14 7.95 45.62
C4A CLA BG . -16.23 6.79 46.02
CMA CLA BG . -18.57 7.73 46.05
CAA CLA BG . -15.81 10.11 45.48
CBA CLA BG . -15.62 9.63 44.06
CGA CLA BG . -14.19 9.29 43.83
O1A CLA BG . -13.53 8.36 44.29
O2A CLA BG . -13.57 10.17 42.97
NB CLA BG . -14.72 4.27 46.75
C1B CLA BG . -15.46 4.46 45.63
C2B CLA BG . -15.38 3.27 44.75
C3B CLA BG . -14.55 2.36 45.38
C4B CLA BG . -14.12 3.00 46.66
CMB CLA BG . -16.10 3.21 43.48
CAB CLA BG . -14.08 1.04 45.02
CBB CLA BG . -14.69 0.13 44.27
NC CLA BG . -13.10 4.36 49.18
C1C CLA BG . -12.82 3.08 48.79
C2C CLA BG . -11.89 2.46 49.72
C3C CLA BG . -11.60 3.43 50.69
C4C CLA BG . -12.36 4.63 50.33
CMC CLA BG . -11.38 1.10 49.61
CAC CLA BG . -10.67 3.31 51.84
CBC CLA BG . -11.27 2.71 53.07
ND CLA BG . -13.87 7.04 49.55
C1D CLA BG . -13.02 6.97 50.69
C2D CLA BG . -13.03 8.30 51.36
C3D CLA BG . -13.77 9.14 50.55
C4D CLA BG . -14.26 8.31 49.43
CMD CLA BG . -12.33 8.61 52.60
CAD CLA BG . -14.31 10.47 50.37
OBD CLA BG . -14.26 11.43 51.11
CBD CLA BG . -15.05 10.48 48.99
CGD CLA BG . -16.43 11.06 49.08
O1D CLA BG . -17.40 10.62 49.69
O2D CLA BG . -16.58 12.21 48.38
CED CLA BG . -17.88 12.54 47.91
C1 CLA BG . -12.40 9.68 42.28
MG CLA CG . -23.55 8.66 62.82
CHA CLA CG . -26.56 8.60 61.07
CHB CLA CG . -24.89 10.86 65.04
CHC CLA CG . -20.65 8.49 64.64
CHD CLA CG . -22.26 6.28 60.54
NA CLA CG . -25.42 9.59 62.98
C1A CLA CG . -26.54 9.42 62.18
C2A CLA CG . -27.71 10.28 62.67
C3A CLA CG . -27.06 11.13 63.78
C4A CLA CG . -25.69 10.48 63.98
CMA CLA CG . -26.94 12.54 63.31
CAA CLA CG . -28.84 9.40 63.23
CBA CLA CG . -29.06 9.51 64.72
CGA CLA CG . -28.17 8.57 65.47
O1A CLA CG . -28.10 7.35 65.40
O2A CLA CG . -27.33 9.23 66.33
NB CLA CG . -22.91 9.49 64.53
C1B CLA CG . -23.60 10.36 65.30
C2B CLA CG . -22.77 10.78 66.47
C3B CLA CG . -21.56 10.11 66.35
C4B CLA CG . -21.63 9.30 65.11
CMB CLA CG . -23.25 11.72 67.47
CAB CLA CG . -20.38 10.13 67.18
CBB CLA CG . -20.34 9.99 68.50
NC CLA CG . -21.77 7.61 62.60
C1C CLA CG . -20.72 7.69 63.46
C2C CLA CG . -19.64 6.80 63.02
C3C CLA CG . -20.11 6.17 61.87
C4C CLA CG . -21.45 6.67 61.62
CMC CLA CG . -18.36 6.62 63.68
CAC CLA CG . -19.39 5.17 61.07
CBC CLA CG . -19.74 3.77 61.52
ND CLA CG . -24.15 7.73 61.13
C1D CLA CG . -23.52 6.76 60.29
C2D CLA CG . -24.44 6.40 59.20
C3D CLA CG . -25.61 7.09 59.43
C4D CLA CG . -25.39 7.87 60.67
CMD CLA CG . -24.12 5.47 58.11
CAD CLA CG . -26.96 7.37 58.98
OBD CLA CG . -27.54 7.00 57.98
CBD CLA CG . -27.62 8.30 60.04
CGD CLA CG . -28.18 9.54 59.42
O1D CLA CG . -27.59 10.60 59.17
O2D CLA CG . -29.50 9.45 59.10
CED CLA CG . -30.44 10.21 59.87
C1 CLA CG . -27.01 8.57 67.57
C2 CLA CG . -25.61 8.12 67.46
C3 CLA CG . -24.90 7.75 68.54
C4 CLA CG . -25.49 7.80 69.91
C5 CLA CG . -23.48 7.30 68.39
C6 CLA CG . -22.84 6.74 69.65
C7 CLA CG . -22.79 5.22 69.64
C8 CLA CG . -22.80 4.55 71.02
C9 CLA CG . -22.24 5.43 72.12
C10 CLA CG . -22.01 3.25 70.95
C11 CLA CG . -20.56 3.50 70.61
C12 CLA CG . -19.93 2.33 69.88
C13 CLA CG . -19.23 1.37 70.84
C14 CLA CG . -18.19 2.10 71.66
C15 CLA CG . -18.60 0.21 70.09
C16 CLA CG . -18.42 -1.00 70.99
C17 CLA CG . -16.96 -1.38 71.14
C18 CLA CG . -16.64 -1.90 72.53
C19 CLA CG . -17.07 -0.93 73.60
C20 CLA CG . -15.17 -2.20 72.65
MG CLA DG . -17.48 22.09 72.77
CHA CLA DG . -20.20 20.07 72.06
CHB CLA DG . -19.55 24.40 74.15
CHC CLA DG . -14.72 23.92 73.69
CHD CLA DG . -15.35 19.68 71.27
NA CLA DG . -19.54 22.20 73.02
C1A CLA DG . -20.52 21.25 72.69
C2A CLA DG . -21.92 21.76 73.04
C3A CLA DG . -21.67 23.22 73.47
C4A CLA DG . -20.14 23.30 73.58
CMA CLA DG . -22.21 24.20 72.46
CAA CLA DG . -22.56 20.98 74.19
CBA CLA DG . -21.58 20.45 75.22
CGA CLA DG . -21.29 21.47 76.29
O1A CLA DG . -22.07 22.24 76.85
O2A CLA DG . -19.97 21.51 76.64
NB CLA DG . -17.19 23.87 73.67
C1B CLA DG . -18.16 24.59 74.28
C2B CLA DG . -17.55 25.65 75.14
C3B CLA DG . -16.18 25.53 75.01
C4B CLA DG . -15.93 24.39 74.07
CMB CLA DG . -18.35 26.60 75.91
CAB CLA DG . -15.10 26.27 75.60
CBB CLA DG . -14.94 27.59 75.55
NC CLA DG . -15.42 21.86 72.49
C1C CLA DG . -14.47 22.73 72.94
C2C CLA DG . -13.14 22.26 72.57
C3C CLA DG . -13.32 21.06 71.90
C4C CLA DG . -14.75 20.81 71.85
CMC CLA DG . -11.90 22.96 72.91
CAC CLA DG . -12.27 20.19 71.34
CBC CLA DG . -11.87 19.08 72.28
ND CLA DG . -17.66 20.29 71.87
C1D CLA DG . -16.71 19.41 71.28
C2D CLA DG . -17.43 18.25 70.72
C3D CLA DG . -18.76 18.43 71.02
C4D CLA DG . -18.85 19.72 71.72
CMD CLA DG . -16.77 17.13 70.02
CAD CLA DG . -20.11 17.90 70.91
OBD CLA DG . -20.49 16.85 70.41
CBD CLA DG . -21.07 18.94 71.56
CGD CLA DG . -22.12 19.39 70.59
O1D CLA DG . -22.18 20.46 69.98
O2D CLA DG . -23.10 18.48 70.39
CED CLA DG . -24.43 18.97 70.19
NB KC2 EG . -17.49 10.56 72.35
ND KC2 EG . -18.29 14.34 73.52
C1A KC2 EG . -20.95 12.73 73.00
C1B KC2 EG . -18.33 9.58 72.03
C1C KC2 EG . -14.97 12.23 72.91
C1D KC2 EG . -17.58 15.52 73.91
C2A KC2 EG . -22.29 12.15 72.76
C2B KC2 EG . -17.71 8.30 71.64
C2C KC2 EG . -13.65 12.84 73.17
C2D KC2 EG . -18.42 16.69 74.29
C3A KC2 EG . -21.93 10.75 72.34
C3B KC2 EG . -16.27 8.63 71.76
C3C KC2 EG . -13.98 14.21 73.58
C3D KC2 EG . -19.77 16.10 74.10
C4A KC2 EG . -20.46 10.85 72.40
C4B KC2 EG . -16.26 10.06 72.21
C4C KC2 EG . -15.46 14.22 73.52
C4D KC2 EG . -19.58 14.80 73.68
CAA KC2 EG . -22.87 12.87 71.56
CAB KC2 EG . -15.05 7.82 71.52
CAC KC2 EG . -13.06 15.33 73.97
CAD KC2 EG . -21.23 16.33 74.17
CBA KC2 EG . -24.30 13.31 71.83
CBB KC2 EG . -15.14 6.58 71.12
CBC KC2 EG . -13.01 15.31 75.31
CBD KC2 EG . -21.94 15.11 73.78
CED KC2 EG . -21.41 14.11 76.90
CGA KC2 EG . -25.08 12.04 71.98
CGD KC2 EG . -22.80 14.64 74.90
CHA KC2 EG . -20.87 14.15 73.46
CHB KC2 EG . -19.79 9.75 72.06
CHC KC2 EG . -15.03 10.82 72.46
CHD KC2 EG . -16.13 15.48 73.88
CMA KC2 EG . -22.36 9.78 73.43
CMB KC2 EG . -18.40 7.03 71.23
CMC KC2 EG . -12.28 12.24 73.05
CMD KC2 EG . -18.18 18.10 74.74
NA KC2 EG . -19.94 12.01 72.77
NC KC2 EG . -16.00 13.05 73.11
O1A KC2 EG . -25.06 11.23 71.07
O1D KC2 EG . -23.94 15.06 75.00
O2A KC2 EG . -25.81 11.75 73.20
O2D KC2 EG . -22.31 13.70 75.87
OBD KC2 EG . -21.81 17.40 74.53
MG KC2 EG . -17.94 12.38 73.10
MG CLA FG . 0.85 15.54 68.67
CHA CLA FG . 3.91 15.20 70.22
CHB CLA FG . -0.66 15.88 71.69
CHC CLA FG . -2.16 16.04 67.08
CHD CLA FG . 2.39 15.00 65.54
NA CLA FG . 1.55 15.56 70.63
C1A CLA FG . 2.87 15.42 71.07
C2A CLA FG . 2.92 15.50 72.60
C3A CLA FG . 1.44 15.49 73.02
C4A CLA FG . 0.70 15.69 71.70
CMA CLA FG . 1.05 14.21 73.70
CAA CLA FG . 3.57 16.82 72.99
CBA CLA FG . 2.75 17.65 73.96
CGA CLA FG . 2.93 19.12 73.72
O1A CLA FG . 2.60 20.06 74.46
O2A CLA FG . 3.52 19.41 72.53
NB CLA FG . -1.06 15.79 69.27
C1B CLA FG . -1.45 16.05 70.54
C2B CLA FG . -2.87 16.51 70.57
C3B CLA FG . -3.30 16.55 69.27
C4B CLA FG . -2.15 16.10 68.43
CMB CLA FG . -3.56 16.87 71.81
CAB CLA FG . -4.55 16.94 68.68
CBB CLA FG . -5.75 16.46 69.00
NC CLA FG . 0.25 15.55 66.67
C1C CLA FG . -1.03 15.81 66.25
C2C CLA FG . -1.11 15.74 64.81
C3C CLA FG . 0.16 15.40 64.35
C4C CLA FG . 1.02 15.29 65.54
CMC CLA FG . -2.33 15.95 64.04
CAC CLA FG . 0.53 15.16 62.95
CBC CLA FG . 1.40 16.21 62.31
ND CLA FG . 2.73 15.38 67.95
C1D CLA FG . 3.22 15.07 66.65
C2D CLA FG . 4.67 14.79 66.74
C3D CLA FG . 5.00 14.86 68.08
C4D CLA FG . 3.74 15.17 68.80
CMD CLA FG . 5.52 14.52 65.58
CAD CLA FG . 6.04 14.73 69.08
OBD CLA FG . 7.25 14.54 68.93
CBD CLA FG . 5.36 14.87 70.48
CGD CLA FG . 5.49 13.62 71.31
O1D CLA FG . 5.28 12.46 70.97
O2D CLA FG . 5.85 13.86 72.60
CED CLA FG . 7.02 13.20 73.09
MG CLA GG . 2.79 13.11 57.55
CHA CLA GG . 6.07 12.33 58.37
CHB CLA GG . 3.10 16.07 59.21
CHC CLA GG . -0.27 14.05 56.32
CHD CLA GG . 2.65 10.23 55.52
NA CLA GG . 4.31 13.99 58.69
C1A CLA GG . 5.61 13.51 58.90
C2A CLA GG . 6.40 14.49 59.76
C3A CLA GG . 5.32 15.47 60.27
C4A CLA GG . 4.15 15.18 59.33
CMA CLA GG . 4.96 15.21 61.71
CAA CLA GG . 7.40 15.24 58.90
CBA CLA GG . 8.52 15.82 59.72
CGA CLA GG . 9.75 15.96 58.88
O1A CLA GG . 9.86 16.40 57.73
O2A CLA GG . 10.88 15.54 59.54
NB CLA GG . 1.57 14.68 57.87
C1B CLA GG . 1.98 15.87 58.38
C2B CLA GG . 1.06 16.97 57.96
C3B CLA GG . 0.11 16.40 57.15
C4B CLA GG . 0.42 14.94 57.08
CMB CLA GG . 1.25 18.35 58.37
CAB CLA GG . -0.98 16.96 56.41
CBB CLA GG . -1.99 17.68 56.92
NC CLA GG . 1.39 12.22 56.29
C1C CLA GG . 0.17 12.75 55.98
C2C CLA GG . -0.58 11.87 55.09
C3C CLA GG . 0.30 10.83 54.76
C4C CLA GG . 1.53 11.06 55.52
CMC CLA GG . -1.92 12.16 54.59
CAC CLA GG . 0.07 9.70 53.85
CBC CLA GG . -0.87 8.64 54.34
ND CLA GG . 3.98 11.55 57.10
C1D CLA GG . 3.81 10.45 56.22
C2D CLA GG . 5.04 9.61 56.26
C3D CLA GG . 5.92 10.27 57.11
C4D CLA GG . 5.23 11.50 57.55
CMD CLA GG . 5.21 8.36 55.55
CAD CLA GG . 7.24 10.26 57.71
OBD CLA GG . 8.11 9.40 57.66
CBD CLA GG . 7.38 11.60 58.49
CGD CLA GG . 7.72 11.35 59.94
O1D CLA GG . 6.94 11.25 60.89
O2D CLA GG . 9.06 11.21 60.18
CED CLA GG . 9.45 10.31 61.22
C1 CLA GG . 12.15 15.99 59.03
C2 CLA GG . 12.34 17.40 59.47
C3 CLA GG . 13.41 17.82 60.16
C4 CLA GG . 14.50 16.89 60.55
C5 CLA GG . 13.56 19.23 60.58
C6 CLA GG . 12.48 20.17 60.05
C7 CLA GG . 12.96 20.90 58.81
C8 CLA GG . 11.81 21.55 58.06
C9 CLA GG . 11.55 20.85 56.76
C10 CLA GG . 12.10 23.03 57.82
C11 CLA GG . 10.84 23.87 57.80
C12 CLA GG . 10.64 24.55 56.47
C13 CLA GG . 9.56 23.85 55.64
C14 CLA GG . 9.55 24.37 54.21
C15 CLA GG . 8.17 24.01 56.28
C16 CLA GG . 7.76 25.47 56.31
C17 CLA GG . 6.45 25.67 57.04
C18 CLA GG . 5.39 26.33 56.17
C19 CLA GG . 4.82 25.35 55.17
C20 CLA GG . 5.92 27.56 55.48
C03 II0 HG . -25.31 2.67 66.34
C04 II0 HG . -4.81 12.86 73.41
C05 II0 HG . -26.81 2.45 66.09
C06 II0 HG . -3.28 12.84 73.60
C07 II0 HG . -27.54 3.76 65.82
C08 II0 HG . -2.63 11.87 72.61
C09 II0 HG . -24.67 3.85 65.55
C10 II0 HG . -5.25 13.17 71.94
C11 II0 HG . -27.03 4.40 64.51
C12 II0 HG . -2.99 12.16 71.13
C13 II0 HG . -25.50 4.37 64.36
C14 II0 HG . -4.10 13.22 70.92
C15 II0 HG . -25.15 2.96 67.85
C16 II0 HG . -24.61 1.31 66.03
C17 II0 HG . -5.38 13.99 74.32
C18 II0 HG . -5.34 11.50 73.93
C19 II0 HG . -25.07 5.82 64.08
C20 II0 HG . -4.62 13.09 69.47
C21 II0 HG . -23.27 3.48 65.00
C22 II0 HG . -6.40 12.23 71.48
C23 II0 HG . -22.27 4.16 65.60
C24 II0 HG . -7.62 12.84 71.48
C25 II0 HG . -20.77 4.48 65.75
C26 II0 HG . -9.14 12.83 71.24
C27 II0 HG . -20.06 3.22 66.20
C28 II0 HG . -9.49 14.03 70.37
C29 II0 HG . -20.57 5.64 66.75
C30 II0 HG . -9.54 11.50 70.57
C31 II0 HG . -19.42 5.44 67.78
C32 II0 HG . -10.78 11.54 69.62
C33 II0 HG . -18.36 6.25 67.61
C34 II0 HG . -11.86 10.97 70.19
C35 II0 HG . -16.95 6.69 68.04
C36 II0 HG . -12.64 11.27 68.89
C37 II0 HG . -15.96 5.92 67.17
C38 II0 HG . -13.74 12.27 69.17
C39 II0 HG . -16.72 8.20 67.91
C40 II0 HG . -13.20 9.93 68.35
C41 II0 HG . -15.21 8.55 67.94
C42 II0 HG . -14.73 9.73 68.39
O01 II0 HG . -28.92 3.52 65.69
O02 II0 HG . -1.23 11.92 72.75
C03 II0 IG . -8.48 24.33 55.02
C04 II0 IG . -4.87 1.36 59.94
C05 II0 IG . -9.08 25.60 54.38
C06 II0 IG . -4.52 -0.07 60.36
C07 II0 IG . -10.44 25.39 53.72
C08 II0 IG . -4.77 -0.33 61.84
C09 II0 IG . -9.57 23.36 55.45
C10 II0 IG . -6.24 1.74 60.52
C11 II0 IG . -11.39 24.92 54.81
C12 II0 IG . -6.24 -0.18 62.10
C13 II0 IG . -10.87 23.67 55.48
C14 II0 IG . -6.76 1.16 61.62
C15 II0 IG . -7.55 23.69 53.97
C16 II0 IG . -7.64 24.75 56.23
C17 II0 IG . -3.79 2.32 60.44
C18 II0 IG . -4.91 1.41 58.40
C19 II0 IG . -11.93 22.84 56.16
C20 II0 IG . -7.85 1.74 62.46
C21 II0 IG . -9.15 22.06 55.85
C22 II0 IG . -6.97 2.77 59.85
C23 II0 IG . -8.75 21.01 56.28
C24 II0 IG . -7.52 3.70 59.34
C25 II0 IG . -8.19 19.86 56.93
C26 II0 IG . -8.24 4.82 58.82
C27 II0 IG . -7.22 20.14 58.03
C28 II0 IG . -9.49 4.49 58.05
C29 II0 IG . -8.56 18.61 56.56
C30 II0 IG . -7.77 6.06 59.10
C31 II0 IG . -8.11 17.39 57.18
C32 II0 IG . -8.13 7.36 58.55
C33 II0 IG . -8.53 16.17 56.83
C34 II0 IG . -8.97 7.58 57.53
C35 II0 IG . -8.11 14.91 57.44
C36 II0 IG . -9.35 8.87 56.96
C37 II0 IG . -7.07 14.97 58.52
C38 II0 IG . -10.32 8.86 55.81
C39 II0 IG . -8.69 13.75 57.02
C40 II0 IG . -8.82 10.00 57.46
C41 II0 IG . -8.43 12.44 57.50
C42 II0 IG . -9.05 11.33 57.02
O01 II0 IG . -10.90 26.61 53.15
O02 II0 IG . -4.34 -1.65 62.18
C02 IHT JG . -8.02 25.54 62.61
C03 IHT JG . -0.83 3.45 57.23
C04 IHT JG . -9.44 25.92 63.07
C05 IHT JG . -0.65 2.30 56.22
C06 IHT JG . -9.52 26.51 64.48
C07 IHT JG . -7.26 24.85 63.75
C08 IHT JG . 0.77 2.03 55.72
C09 IHT JG . -8.87 25.59 65.50
C10 IHT JG . -7.52 25.10 65.04
C11 IHT JG . -0.12 4.69 56.68
C12 IHT JG . 1.67 3.26 55.71
C13 IHT JG . -7.26 26.79 62.17
C14 IHT JG . -8.15 24.60 61.41
C15 IHT JG . 0.89 4.56 55.80
C16 IHT JG . -2.34 3.69 57.32
C17 IHT JG . -0.30 3.09 58.63
C18 IHT JG . -6.20 23.95 63.35
C19 IHT JG . -6.51 24.97 66.16
C20 IHT JG . 1.35 5.64 54.87
C21 IHT JG . -0.59 5.96 57.10
C22 IHT JG . -6.21 22.61 63.33
C23 IHT JG . -5.13 21.75 62.89
C24 IHT JG . -1.07 7.00 57.46
C25 IHT JG . -3.76 22.35 62.74
C26 IHT JG . -1.82 8.15 57.84
C27 IHT JG . -5.41 20.47 62.55
C28 IHT JG . -3.30 7.93 57.90
C29 IHT JG . -1.15 9.30 58.13
C30 IHT JG . -4.53 19.50 61.99
C31 IHT JG . -1.65 10.63 58.43
C32 IHT JG . -4.93 18.27 61.65
C33 IHT JG . -4.14 17.20 61.08
C34 IHT JG . -2.93 11.00 58.24
C35 IHT JG . -3.53 12.29 58.54
C36 IHT JG . -2.71 17.50 60.71
C37 IHT JG . -4.73 15.98 60.93
C38 IHT JG . -2.76 13.30 59.03
C39 IHT JG . -5.01 12.42 58.32
C40 IHT JG . -4.20 14.76 60.39
C41 IHT JG . -3.18 14.58 59.51
O01 IHT JG . 1.37 1.02 56.54
O1 LHG KG . -18.19 29.14 72.07
C1 LHG KG . -17.95 27.74 71.89
C2 LHG KG . -18.81 27.24 70.76
O2 LHG KG . -20.17 27.51 71.01
C3 LHG KG . -18.72 25.75 70.54
O3 LHG KG . -17.31 25.60 70.49
P LHG KG . -16.64 24.24 69.90
O4 LHG KG . -16.91 24.22 68.44
O5 LHG KG . -16.86 23.25 70.99
O6 LHG KG . -15.07 24.79 69.97
C4 LHG KG . -14.54 25.60 68.95
C5 LHG KG . -13.26 26.19 69.58
C6 LHG KG . -12.21 26.54 68.52
O7 LHG KG . -13.64 27.38 70.23
C7 LHG KG . -13.63 27.29 71.59
O9 LHG KG . -14.64 27.37 72.26
C8 LHG KG . -12.24 27.35 72.12
C9 LHG KG . -12.19 28.29 73.30
C10 LHG KG . -11.39 29.50 72.94
O8 LHG KG . -11.46 25.33 68.32
C23 LHG KG . -10.62 24.91 69.32
O10 LHG KG . -10.92 23.92 69.95
C24 LHG KG . -9.14 25.30 69.26
C11 LHG KG . -9.98 29.03 73.15
C12 LHG KG . -9.16 29.42 71.98
C13 LHG KG . -7.71 29.14 72.31
C14 LHG KG . -7.10 30.24 73.14
C25 LHG KG . -8.41 25.31 70.59
C26 LHG KG . -7.86 23.98 71.10
C27 LHG KG . -6.50 23.87 70.44
C28 LHG KG . -5.50 24.94 70.76
C29 LHG KG . -4.23 24.57 70.01
C30 LHG KG . -3.92 25.36 68.75
C31 LHG KG . -4.40 26.79 68.74
C32 LHG KG . -3.65 27.71 67.79
C33 LHG KG . -2.61 28.45 68.60
C34 LHG KG . -1.95 29.63 67.92
C1 LMG LG . -3.81 -8.04 47.41
O1 LMG LG . -4.32 -6.73 47.47
C2 LMG LG . -2.81 -8.10 48.60
O2 LMG LG . -1.75 -7.30 48.19
C3 LMG LG . -2.30 -9.58 48.68
O3 LMG LG . -1.52 -9.62 49.83
C4 LMG LG . -3.51 -10.56 48.82
O4 LMG LG . -4.14 -10.32 50.03
C5 LMG LG . -4.51 -10.24 47.67
O5 LMG LG . -5.30 -12.41 48.14
C6 LMG LG . -5.77 -11.13 47.84
O6 LMG LG . -4.92 -8.89 47.70
C7 LMG LG . -5.67 -6.54 47.09
C8 LMG LG . -6.09 -5.33 47.96
C9 LMG LG . -5.17 -4.14 47.66
O7 LMG LG . -7.42 -4.89 47.62
C10 LMG LG . -7.95 -5.10 46.39
O9 LMG LG . -7.55 -4.41 45.45
C11 LMG LG . -9.32 -5.67 46.51
C12 LMG LG . -10.33 -4.69 45.92
C13 LMG LG . -11.65 -5.36 45.62
C14 LMG LG . -12.51 -4.35 44.90
C15 LMG LG . -13.72 -5.06 44.34
C16 LMG LG . -14.82 -4.06 44.08
C17 LMG LG . -15.96 -4.80 43.45
C18 LMG LG . -16.95 -5.15 44.54
C19 LMG LG . -17.65 -6.44 44.16
C20 LMG LG . -18.52 -6.13 42.96
C21 LMG LG . -19.95 -6.47 43.33
C22 LMG LG . -20.81 -5.63 42.42
C23 LMG LG . -20.70 -6.20 41.03
C24 LMG LG . -20.65 -4.99 40.13
C25 LMG LG . -19.27 -4.90 39.54
C26 LMG LG . -18.72 -3.53 39.89
C27 LMG LG . -19.40 -2.52 39.01
O8 LMG LG . -5.81 -3.02 48.19
C28 LMG LG . -5.11 -1.87 48.26
O10 LMG LG . -4.10 -1.73 47.57
C29 LMG LG . -5.50 -1.01 49.41
C30 LMG LG . -5.13 0.43 49.17
C31 LMG LG . -5.63 1.22 50.35
C32 LMG LG . -6.00 2.60 49.85
C33 LMG LG . -4.79 3.48 50.04
C34 LMG LG . -5.26 4.81 50.55
C35 LMG LG . -5.42 5.71 49.34
C36 LMG LG . -5.10 7.11 49.78
C37 LMG LG . -3.61 7.17 50.06
C38 LMG LG . -3.33 8.64 50.15
C39 LMG LG . -3.89 9.18 51.44
C40 LMG LG . -3.59 10.64 51.32
C41 LMG LG . -4.62 11.29 50.46
C42 LMG LG . -4.77 12.65 51.08
C43 LMG LG . -3.60 13.50 50.68
C44 LMG LG . -3.87 14.89 51.19
C45 LMG LG . -4.54 15.67 50.10
C1 LMG MG . -34.73 -11.36 55.10
O1 LMG MG . -33.43 -10.79 55.04
C2 LMG MG . -35.75 -10.20 55.10
O2 LMG MG . -35.51 -9.52 56.29
C3 LMG MG . -37.15 -10.87 55.21
O3 LMG MG . -38.07 -9.84 55.10
C4 LMG MG . -37.37 -11.90 54.05
O4 LMG MG . -37.46 -11.21 52.85
C5 LMG MG . -36.12 -12.83 53.99
O5 LMG MG . -36.27 -15.07 53.27
C6 LMG MG . -36.24 -13.76 52.76
O6 LMG MG . -34.91 -12.11 53.90
C7 LMG MG . -33.05 -10.30 53.77
C8 LMG MG . -31.51 -10.51 53.68
C9 LMG MG . -30.84 -9.19 53.19
O7 LMG MG . -30.99 -10.77 54.97
C10 LMG MG . -30.01 -11.71 55.10
O9 LMG MG . -30.34 -12.89 55.20
C11 LMG MG . -28.68 -11.11 55.43
C12 LMG MG . -27.54 -11.97 54.89
C13 LMG MG . -26.26 -11.16 54.65
C14 LMG MG . -25.09 -12.01 55.11
C15 LMG MG . -23.78 -11.43 54.60
C16 LMG MG . -23.57 -10.05 55.20
C17 LMG MG . -22.17 -9.60 54.82
C18 LMG MG . -21.92 -8.25 55.48
C19 LMG MG . -21.77 -7.22 54.38
C20 LMG MG . -21.47 -5.91 55.08
C21 LMG MG . -20.05 -5.54 54.76
C22 LMG MG . -19.83 -4.20 55.42
C23 LMG MG . -18.35 -3.90 55.29
C24 LMG MG . -18.20 -2.53 55.87
O8 LMG MG . -31.14 -8.17 54.12
C28 LMG MG . -30.12 -7.69 54.88
O10 LMG MG . -30.30 -7.51 56.08
C29 LMG MG . -28.91 -7.25 54.12
C30 LMG MG . -28.78 -5.75 54.13
C31 LMG MG . -27.55 -5.38 54.94
C32 LMG MG . -26.52 -4.80 54.00
C33 LMG MG . -26.15 -3.44 54.54
C34 LMG MG . -24.78 -3.53 55.17
C35 LMG MG . -24.03 -2.26 54.74
C36 LMG MG . -24.08 -1.32 55.91
C02 IHT NG . -8.56 -16.54 49.69
C03 IHT NG . -32.38 -14.01 50.68
C04 IHT NG . -7.08 -16.68 50.05
C05 IHT NG . -33.73 -13.60 50.09
C06 IHT NG . -6.74 -16.00 51.37
C07 IHT NG . -9.02 -15.10 49.86
C08 IHT NG . -34.07 -12.14 50.30
C09 IHT NG . -7.06 -14.53 51.31
C10 IHT NG . -8.36 -14.21 50.62
C11 IHT NG . -31.35 -12.91 50.41
C12 IHT NG . -33.04 -11.30 49.56
C13 IHT NG . -8.76 -17.00 48.24
C14 IHT NG . -9.37 -17.47 50.60
C15 IHT NG . -31.63 -11.69 49.94
C16 IHT NG . -31.95 -15.33 50.01
C17 IHT NG . -32.52 -14.26 52.19
C18 IHT NG . -10.23 -14.72 49.13
C19 IHT NG . -8.81 -12.79 50.87
C20 IHT NG . -30.61 -10.60 49.74
C21 IHT NG . -29.98 -13.22 50.67
C22 IHT NG . -11.45 -14.67 49.64
C23 IHT NG . -12.68 -14.26 48.99
C24 IHT NG . -28.81 -13.46 50.78
C25 IHT NG . -12.60 -13.77 47.57
C26 IHT NG . -27.43 -13.84 50.82
C27 IHT NG . -13.84 -14.32 49.69
C28 IHT NG . -27.17 -15.19 51.40
C29 IHT NG . -26.52 -12.97 50.28
C30 IHT NG . -15.15 -13.93 49.27
C31 IHT NG . -25.08 -12.99 50.36
C32 IHT NG . -16.20 -14.08 50.09
C33 IHT NG . -17.59 -13.76 49.84
C34 IHT NG . -24.39 -13.73 51.25
C35 IHT NG . -22.95 -13.82 51.40
C36 IHT NG . -17.93 -12.93 48.63
C37 IHT NG . -18.51 -14.27 50.69
C38 IHT NG . -22.14 -13.10 50.56
C39 IHT NG . -22.44 -14.72 52.49
C40 IHT NG . -19.92 -14.17 50.67
C41 IHT NG . -20.70 -13.07 50.52
O01 IHT NG . -35.38 -11.86 49.79
O1 LHG OG . 2.15 -8.58 43.68
C1 LHG OG . 1.56 -8.24 44.94
C2 LHG OG . 0.59 -7.10 44.73
O2 LHG OG . 0.62 -6.21 45.82
C3 LHG OG . -0.85 -7.53 44.60
O3 LHG OG . -0.96 -7.56 43.19
P LHG OG . -1.59 -6.33 42.36
O4 LHG OG . -0.86 -6.25 41.07
O5 LHG OG . -1.92 -5.32 43.40
O6 LHG OG . -2.99 -7.12 41.93
C4 LHG OG . -3.97 -6.44 41.19
C5 LHG OG . -5.18 -7.37 41.26
C6 LHG OG . -5.46 -7.81 42.69
O7 LHG OG . -6.30 -6.62 40.80
C7 LHG OG . -6.40 -6.54 39.44
O9 LHG OG . -6.00 -5.58 38.82
C8 LHG OG . -7.46 -7.46 38.95
C9 LHG OG . -8.16 -6.78 37.80
C10 LHG OG . -9.18 -7.70 37.18
O8 LHG OG . -6.63 -8.61 42.61
C23 LHG OG . -7.79 -8.07 43.09
O10 LHG OG . -7.86 -6.88 43.32
C24 LHG OG . -9.00 -8.96 43.34
C11 LHG OG . -9.94 -6.73 36.29
C12 LHG OG . -10.71 -7.48 35.27
C13 LHG OG . -11.96 -8.02 35.91
C14 LHG OG . -12.99 -8.41 34.89
C15 LHG OG . -13.51 -7.11 34.30
C16 LHG OG . -14.79 -7.39 33.57
C17 LHG OG . -15.50 -6.10 33.19
C18 LHG OG . -15.96 -5.52 34.51
C19 LHG OG . -17.03 -6.32 35.22
C20 LHG OG . -17.01 -5.75 36.61
C21 LHG OG . -15.80 -6.25 37.36
C22 LHG OG . -15.36 -5.19 38.33
C25 LHG OG . -9.12 -9.51 44.74
C26 LHG OG . -10.36 -9.09 45.51
C27 LHG OG . -11.24 -10.31 45.41
C28 LHG OG . -12.71 -10.05 45.26
C29 LHG OG . -12.87 -9.37 43.91
C30 LHG OG . -14.28 -9.21 43.40
C31 LHG OG . -14.94 -10.45 42.85
C32 LHG OG . -16.34 -10.71 43.35
C33 LHG OG . -17.29 -10.16 42.30
C34 LHG OG . -18.71 -9.91 42.78
C35 LHG OG . -19.73 -10.37 41.75
C36 LHG OG . -21.03 -10.65 42.48
C37 LHG OG . -22.09 -10.83 41.44
C38 LHG OG . -22.87 -9.56 41.14
O1 LHG PG . -33.93 -26.33 -19.25
C1 LHG PG . -33.26 -27.50 -19.72
C2 LHG PG . -32.14 -27.06 -20.62
O2 LHG PG . -31.33 -28.17 -20.97
C3 LHG PG . -31.23 -26.03 -19.98
O3 LHG PG . -29.95 -26.49 -20.40
P LHG PG . -28.72 -25.48 -20.58
O4 LHG PG . -29.19 -24.14 -20.16
O5 LHG PG . -28.00 -25.97 -21.78
O6 LHG PG . -27.88 -26.00 -19.24
C4 LHG PG . -28.13 -25.48 -17.97
C5 LHG PG . -28.11 -26.73 -17.10
C6 LHG PG . -26.70 -27.10 -16.65
O7 LHG PG . -28.91 -26.45 -15.96
C7 LHG PG . -29.18 -27.54 -15.17
O9 LHG PG . -29.06 -27.49 -13.95
C8 LHG PG . -30.00 -28.54 -15.89
C9 LHG PG . -29.69 -29.93 -15.38
C10 LHG PG . -28.23 -30.24 -15.53
O8 LHG PG . -26.07 -25.87 -16.36
C23 LHG PG . -24.83 -25.95 -15.79
O10 LHG PG . -24.20 -26.98 -15.93
C24 LHG PG . -24.46 -25.00 -14.67
C11 LHG PG . -28.26 -31.54 -16.25
C12 LHG PG . -28.01 -32.64 -15.28
C13 LHG PG . -26.55 -32.58 -14.90
C14 LHG PG . -26.13 -33.81 -14.12
C15 LHG PG . -26.82 -33.71 -12.78
C16 LHG PG . -26.41 -34.87 -11.93
C17 LHG PG . -24.92 -34.79 -11.61
C18 LHG PG . -24.60 -36.18 -11.12
C19 LHG PG . -25.21 -36.51 -9.78
C20 LHG PG . -24.20 -37.48 -9.19
C21 LHG PG . -23.02 -36.74 -8.65
C22 LHG PG . -23.47 -35.98 -7.41
C25 LHG PG . -24.31 -23.55 -15.07
C26 LHG PG . -23.26 -22.76 -14.30
C27 LHG PG . -22.24 -22.41 -15.36
C28 LHG PG . -21.16 -23.43 -15.60
C29 LHG PG . -20.51 -23.03 -16.91
C30 LHG PG . -19.20 -22.28 -16.80
C31 LHG PG . -19.28 -20.78 -16.92
C32 LHG PG . -18.14 -20.02 -16.26
C33 LHG PG . -17.17 -19.66 -17.35
C34 LHG PG . -15.82 -20.33 -17.26
C35 LHG PG . -15.76 -21.54 -18.18
C36 LHG PG . -14.31 -21.92 -18.38
C37 LHG PG . -14.31 -23.27 -19.03
C38 LHG PG . -13.04 -23.60 -19.78
MG CLA QG . -43.75 -32.41 16.45
CHA CLA QG . -44.98 -34.71 14.15
CHB CLA QG . -46.50 -32.81 18.38
CHC CLA QG . -42.43 -30.15 18.70
CHD CLA QG . -40.84 -32.06 14.47
NA CLA QG . -45.46 -33.58 16.26
C1A CLA QG . -45.80 -34.50 15.25
C2A CLA QG . -47.18 -35.13 15.53
C3A CLA QG . -47.59 -34.53 16.89
C4A CLA QG . -46.45 -33.57 17.22
CMA CLA QG . -48.91 -33.79 16.82
CAA CLA QG . -47.26 -36.67 15.43
CBA CLA QG . -47.17 -37.57 16.64
CGA CLA QG . -45.82 -37.70 17.26
O1A CLA QG . -45.02 -36.83 17.58
O2A CLA QG . -45.50 -39.02 17.49
NB CLA QG . -44.35 -31.62 18.21
C1B CLA QG . -45.52 -31.91 18.82
C2B CLA QG . -45.62 -31.12 20.09
C3B CLA QG . -44.47 -30.37 20.19
C4B CLA QG . -43.65 -30.68 18.99
CMB CLA QG . -46.77 -31.22 20.98
CAB CLA QG . -44.00 -29.44 21.18
CBB CLA QG . -44.70 -28.44 21.73
NC CLA QG . -41.97 -31.30 16.55
C1C CLA QG . -41.64 -30.46 17.57
C2C CLA QG . -40.32 -29.87 17.32
C3C CLA QG . -39.86 -30.42 16.13
C4C CLA QG . -40.90 -31.32 15.65
CMC CLA QG . -39.67 -28.92 18.22
CAC CLA QG . -38.57 -30.16 15.45
CBC CLA QG . -38.48 -28.84 14.74
ND CLA QG . -43.04 -33.13 14.70
C1D CLA QG . -41.82 -32.91 14.01
C2D CLA QG . -41.84 -33.71 12.76
C3D CLA QG . -43.03 -34.39 12.75
C4D CLA QG . -43.73 -34.02 14.00
CMD CLA QG . -40.77 -33.71 11.76
CAD CLA QG . -43.86 -35.31 12.01
OBD CLA QG . -43.71 -35.81 10.91
CBD CLA QG . -45.09 -35.58 12.91
CGD CLA QG . -46.42 -35.44 12.22
O1D CLA QG . -47.05 -36.31 11.63
O2D CLA QG . -46.96 -34.20 12.30
CED CLA QG . -48.32 -34.02 11.89
C1 CLA QG . -45.31 -39.45 18.85
C2 CLA QG . -43.85 -39.47 19.09
C3 CLA QG . -43.20 -40.39 19.82
C4 CLA QG . -41.72 -40.28 19.98
C5 CLA QG . -43.91 -41.52 20.48
C6 CLA QG . -43.01 -42.59 21.08
C7 CLA QG . -42.89 -43.80 20.17
C8 CLA QG . -41.99 -44.87 20.77
C9 CLA QG . -41.44 -45.77 19.69
C10 CLA QG . -42.76 -45.69 21.80
C11 CLA QG . -41.85 -46.49 22.71
C12 CLA QG . -42.63 -47.14 23.83
C13 CLA QG . -41.73 -47.83 24.85
C14 CLA QG . -40.69 -46.88 25.40
C15 CLA QG . -41.07 -49.07 24.26
C16 CLA QG . -41.57 -50.33 24.94
C17 CLA QG . -41.03 -50.49 26.34
C18 CLA QG . -39.53 -50.74 26.35
C19 CLA QG . -38.80 -49.72 27.19
C20 CLA QG . -39.23 -52.14 26.86
MG CLA RG . -38.86 -33.40 3.66
CHA CLA RG . -41.83 -31.66 4.03
CHB CLA RG . -38.24 -31.74 0.76
CHC CLA RG . -35.84 -35.01 3.45
CHD CLA RG . -39.50 -35.03 6.74
NA CLA RG . -39.90 -31.96 2.58
C1A CLA RG . -41.11 -31.34 2.91
C2A CLA RG . -41.51 -30.32 1.85
C3A CLA RG . -40.48 -30.56 0.73
C4A CLA RG . -39.45 -31.47 1.39
CMA CLA RG . -41.14 -31.23 -0.45
CAA CLA RG . -41.38 -28.89 2.36
CBA CLA RG . -40.23 -28.64 3.31
CGA CLA RG . -38.98 -28.34 2.54
O1A CLA RG . -38.90 -27.81 1.43
O2A CLA RG . -37.82 -28.74 3.15
NB CLA RG . -37.33 -33.37 2.35
C1B CLA RG . -37.24 -32.60 1.25
C2B CLA RG . -35.95 -32.83 0.57
C3B CLA RG . -35.26 -33.77 1.32
C4B CLA RG . -36.15 -34.12 2.47
CMB CLA RG . -35.61 -32.13 -0.68
CAB CLA RG . -33.97 -34.41 1.21
CBB CLA RG . -33.03 -34.25 0.28
NC CLA RG . -37.88 -34.80 4.87
C1C CLA RG . -36.65 -35.34 4.57
C2C CLA RG . -36.27 -36.29 5.61
C3C CLA RG . -37.29 -36.26 6.56
C4C CLA RG . -38.29 -35.33 6.09
CMC CLA RG . -35.04 -37.07 5.63
CAC CLA RG . -37.35 -37.05 7.80
CBC CLA RG . -36.84 -36.26 8.99
ND CLA RG . -40.32 -33.46 5.06
C1D CLA RG . -40.46 -34.16 6.28
C2D CLA RG . -41.76 -33.80 6.90
C3D CLA RG . -42.33 -32.86 6.07
C4D CLA RG . -41.39 -32.67 4.96
CMD CLA RG . -42.26 -34.38 8.14
CAD CLA RG . -43.47 -32.00 5.83
OBD CLA RG . -44.50 -31.88 6.47
CBD CLA RG . -43.18 -31.20 4.54
CGD CLA RG . -44.23 -31.42 3.50
O1D CLA RG . -45.15 -30.67 3.18
O2D CLA RG . -44.13 -32.62 2.87
CED CLA RG . -44.82 -32.79 1.63
C1 CLA RG . -36.66 -28.86 2.31
C2 CLA RG . -35.55 -29.44 3.10
C3 CLA RG . -34.33 -29.67 2.63
C4 CLA RG . -33.94 -29.35 1.24
C5 CLA RG . -33.26 -30.25 3.49
C6 CLA RG . -32.32 -29.18 4.04
C7 CLA RG . -31.10 -29.80 4.68
C8 CLA RG . -29.88 -28.87 4.68
C9 CLA RG . -29.97 -27.88 5.82
C10 CLA RG . -29.73 -28.13 3.36
C11 CLA RG . -28.32 -28.23 2.83
MG CLA SG . -28.96 -33.98 -2.44
CHA CLA SG . -30.32 -31.77 -4.76
CHB CLA SG . -30.30 -32.16 0.09
CHC CLA SG . -27.27 -35.94 -0.17
CHD CLA SG . -27.31 -35.66 -5.08
NA CLA SG . -30.18 -32.29 -2.38
C1A CLA SG . -30.64 -31.51 -3.44
C2A CLA SG . -31.51 -30.35 -2.93
C3A CLA SG . -31.46 -30.50 -1.40
C4A CLA SG . -30.61 -31.75 -1.20
CMA CLA SG . -30.80 -29.32 -0.76
CAA CLA SG . -32.95 -30.51 -3.35
CBA CLA SG . -33.86 -29.41 -2.84
CGA CLA SG . -33.49 -28.11 -3.47
O1A CLA SG . -33.46 -27.81 -4.66
O2A CLA SG . -33.16 -27.16 -2.55
NB CLA SG . -28.92 -34.12 -0.43
C1B CLA SG . -29.49 -33.24 0.43
C2B CLA SG . -29.08 -33.54 1.82
C3B CLA SG . -28.22 -34.61 1.76
C4B CLA SG . -28.08 -34.97 0.32
CMB CLA SG . -29.52 -32.74 2.96
CAB CLA SG . -27.45 -35.28 2.78
CBB CLA SG . -26.66 -34.70 3.69
NC CLA SG . -27.59 -35.56 -2.60
C1C CLA SG . -27.03 -36.22 -1.55
C2C CLA SG . -26.09 -37.23 -2.01
C3C CLA SG . -26.10 -37.15 -3.40
C4C CLA SG . -27.05 -36.10 -3.77
CMC CLA SG . -25.29 -38.07 -1.13
CAC CLA SG . -25.30 -37.95 -4.34
CBC CLA SG . -25.83 -39.36 -4.51
ND CLA SG . -28.82 -33.82 -4.45
C1D CLA SG . -28.11 -34.59 -5.41
C2D CLA SG . -28.38 -34.04 -6.76
C3D CLA SG . -29.21 -32.94 -6.56
C4D CLA SG . -29.45 -32.85 -5.11
CMD CLA SG . -27.83 -34.56 -8.00
CAD CLA SG . -29.93 -31.85 -7.19
OBD CLA SG . -29.97 -31.53 -8.37
CBD CLA SG . -30.68 -31.08 -6.07
CGD CLA SG . -30.42 -29.61 -6.09
O1D CLA SG . -31.16 -28.72 -6.54
O2D CLA SG . -29.23 -29.22 -5.55
CED CLA SG . -29.02 -27.83 -5.32
C1 CLA SG . -32.91 -25.83 -3.02
C2 CLA SG . -31.44 -25.61 -2.94
C3 CLA SG . -30.79 -25.31 -1.80
C4 CLA SG . -31.48 -25.15 -0.50
C5 CLA SG . -29.31 -25.10 -1.80
C6 CLA SG . -28.60 -26.04 -0.85
MG CLA TG . -25.96 -53.38 -4.39
CHA CLA TG . -23.26 -55.49 -4.94
CHB CLA TG . -24.05 -50.70 -5.26
CHC CLA TG . -28.73 -51.37 -4.12
CHD CLA TG . -27.92 -56.20 -3.56
NA CLA TG . -23.97 -53.15 -4.98
C1A CLA TG . -23.01 -54.16 -5.15
C2A CLA TG . -21.71 -53.56 -5.65
C3A CLA TG . -21.93 -52.03 -5.57
C4A CLA TG . -23.42 -51.93 -5.26
CMA CLA TG . -21.07 -51.40 -4.51
CAA CLA TG . -21.51 -53.97 -7.12
CBA CLA TG . -22.62 -53.62 -8.11
CGA CLA TG . -23.68 -54.66 -8.24
O1A CLA TG . -23.59 -55.82 -8.64
O2A CLA TG . -24.91 -54.22 -7.81
NB CLA TG . -26.31 -51.40 -4.59
C1B CLA TG . -25.40 -50.48 -4.99
C2B CLA TG . -26.05 -49.15 -5.13
C3B CLA TG . -27.38 -49.32 -4.80
C4B CLA TG . -27.55 -50.76 -4.46
CMB CLA TG . -25.30 -47.96 -5.55
CAB CLA TG . -28.48 -48.39 -4.78
CBB CLA TG . -28.48 -47.17 -4.23
NC CLA TG . -27.95 -53.73 -3.89
C1C CLA TG . -28.92 -52.76 -3.85
C2C CLA TG . -30.19 -53.36 -3.50
C3C CLA TG . -29.97 -54.72 -3.33
C4C CLA TG . -28.55 -54.95 -3.58
CMC CLA TG . -31.46 -52.62 -3.38
CAC CLA TG . -30.96 -55.75 -2.99
CBC CLA TG . -31.46 -56.48 -4.23
ND CLA TG . -25.72 -55.38 -4.24
C1D CLA TG . -26.59 -56.42 -3.87
C2D CLA TG . -25.87 -57.71 -3.91
C3D CLA TG . -24.59 -57.41 -4.33
C4D CLA TG . -24.54 -55.95 -4.50
CMD CLA TG . -26.44 -59.02 -3.62
CAD CLA TG . -23.28 -57.93 -4.65
OBD CLA TG . -22.88 -59.09 -4.68
CBD CLA TG . -22.39 -56.72 -5.03
CGD CLA TG . -21.16 -56.59 -4.17
O1D CLA TG . -20.06 -56.18 -4.51
O2D CLA TG . -21.34 -56.98 -2.88
CED CLA TG . -20.18 -57.08 -2.04
C1 CLA TG . -25.98 -55.18 -7.72
C2 CLA TG . -27.21 -54.41 -7.38
C3 CLA TG . -28.44 -54.74 -7.77
C4 CLA TG . -28.72 -55.92 -8.62
C5 CLA TG . -29.61 -53.90 -7.38
C6 CLA TG . -30.46 -53.46 -8.55
C7 CLA TG . -31.71 -52.74 -8.08
C8 CLA TG . -32.63 -52.35 -9.24
C9 CLA TG . -32.16 -51.07 -9.89
C10 CLA TG . -34.07 -52.22 -8.78
C11 CLA TG . -35.04 -52.93 -9.72
C12 CLA TG . -36.40 -52.27 -9.71
C13 CLA TG . -37.52 -53.27 -10.01
C14 CLA TG . -37.64 -54.29 -8.89
C15 CLA TG . -37.30 -53.97 -11.35
C16 CLA TG . -38.41 -54.97 -11.66
C17 CLA TG . -39.69 -54.27 -12.09
C18 CLA TG . -40.67 -55.25 -12.73
C19 CLA TG . -41.73 -54.51 -13.51
C20 CLA TG . -41.31 -56.15 -11.69
MG CLA UG . -22.96 -55.38 -17.68
CHA CLA UG . -19.96 -56.20 -16.12
CHB CLA UG . -21.92 -56.95 -20.50
CHC CLA UG . -25.99 -54.66 -19.13
CHD CLA UG . -23.99 -53.74 -14.73
NA CLA UG . -21.20 -56.37 -18.21
C1A CLA UG . -20.07 -56.63 -17.42
C2A CLA UG . -19.00 -57.39 -18.24
C3A CLA UG . -19.60 -57.44 -19.66
C4A CLA UG . -21.02 -56.89 -19.46
CMA CLA UG . -18.81 -56.62 -20.63
CAA CLA UG . -18.75 -58.79 -17.74
CBA CLA UG . -17.32 -58.97 -17.31
CGA CLA UG . -16.40 -58.87 -18.47
O1A CLA UG . -16.57 -59.26 -19.63
O2A CLA UG . -15.21 -58.27 -18.14
NB CLA UG . -23.77 -55.68 -19.50
C1B CLA UG . -23.23 -56.46 -20.47
C2B CLA UG . -24.24 -56.72 -21.53
C3B CLA UG . -25.40 -56.08 -21.15
C4B CLA UG . -25.11 -55.40 -19.85
CMB CLA UG . -23.98 -57.53 -22.71
CAB CLA UG . -26.68 -56.00 -21.79
CBB CLA UG . -27.17 -54.91 -22.38
NC CLA UG . -24.67 -54.35 -17.04
C1C CLA UG . -25.79 -54.16 -17.81
C2C CLA UG . -26.78 -53.41 -17.07
C3C CLA UG . -26.25 -53.15 -15.81
C4C CLA UG . -24.91 -53.76 -15.80
CMC CLA UG . -28.10 -53.03 -17.59
CAC CLA UG . -26.98 -52.44 -14.73
CBC CLA UG . -26.33 -51.23 -14.13
ND CLA UG . -22.22 -55.02 -15.84
C1D CLA UG . -22.74 -54.32 -14.73
C2D CLA UG . -21.75 -54.35 -13.62
C3D CLA UG . -20.69 -55.08 -14.09
C4D CLA UG . -21.01 -55.46 -15.48
CMD CLA UG . -21.94 -53.74 -12.31
CAD CLA UG . -19.37 -55.59 -13.79
OBD CLA UG . -18.72 -55.53 -12.76
CBD CLA UG . -18.86 -56.31 -15.08
CGD CLA UG . -17.57 -55.70 -15.55
O1D CLA UG . -17.39 -54.91 -16.47
O2D CLA UG . -16.49 -56.10 -14.81
CED CLA UG . -15.50 -55.12 -14.51
MG CLA VG . -29.53 -36.92 -11.07
CHA CLA VG . -31.69 -34.63 -9.59
CHB CLA VG . -30.07 -35.49 -14.09
CHC CLA VG . -27.05 -38.89 -12.39
CHD CLA VG . -29.02 -38.42 -7.92
NA CLA VG . -30.74 -35.36 -11.72
C1A CLA VG . -31.54 -34.50 -10.95
C2A CLA VG . -32.25 -33.49 -11.85
C3A CLA VG . -31.91 -33.96 -13.28
C4A CLA VG . -30.82 -35.01 -13.04
CMA CLA VG . -33.11 -34.55 -13.94
CAA CLA VG . -31.79 -32.04 -11.61
CBA CLA VG . -30.46 -31.71 -12.23
CGA CLA VG . -29.74 -30.70 -11.40
O1A CLA VG . -30.10 -29.55 -11.09
O2A CLA VG . -28.54 -31.14 -10.95
NB CLA VG . -28.74 -37.18 -12.90
C1B CLA VG . -29.05 -36.44 -14.00
C2B CLA VG . -28.16 -36.79 -15.12
C3B CLA VG . -27.29 -37.76 -14.67
C4B CLA VG . -27.64 -38.02 -13.24
CMB CLA VG . -28.28 -36.17 -16.44
CAB CLA VG . -26.22 -38.38 -15.41
CBB CLA VG . -25.81 -39.66 -15.40
NC CLA VG . -28.31 -38.43 -10.30
C1C CLA VG . -27.36 -39.10 -11.02
C2C CLA VG . -26.67 -40.05 -10.16
C3C CLA VG . -27.24 -39.94 -8.90
C4C CLA VG . -28.28 -38.92 -9.00
CMC CLA VG . -25.56 -40.93 -10.56
CAC CLA VG . -26.86 -40.70 -7.71
CBC CLA VG . -27.69 -41.95 -7.56
ND CLA VG . -30.25 -36.72 -9.19
C1D CLA VG . -29.93 -37.38 -7.99
C2D CLA VG . -30.69 -36.77 -6.88
C3D CLA VG . -31.36 -35.69 -7.43
C4D CLA VG . -31.05 -35.70 -8.87
CMD CLA VG . -30.64 -37.19 -5.49
CAD CLA VG . -32.28 -34.61 -7.18
OBD CLA VG . -32.84 -34.28 -6.15
CBD CLA VG . -32.45 -33.85 -8.54
CGD CLA VG . -33.89 -33.55 -8.84
O1D CLA VG . -34.60 -32.66 -8.36
O2D CLA VG . -34.46 -34.35 -9.77
CED CLA VG . -35.45 -33.74 -10.58
C1 CLA VG . -27.50 -30.17 -10.79
C2 CLA VG . -26.45 -30.83 -9.97
C3 CLA VG . -25.34 -30.20 -9.54
C4 CLA VG . -25.06 -28.78 -9.84
C5 CLA VG . -24.34 -30.94 -8.72
C6 CLA VG . -24.18 -30.36 -7.32
C7 CLA VG . -25.46 -30.46 -6.52
C8 CLA VG . -25.24 -31.14 -5.18
C9 CLA VG . -25.05 -32.62 -5.39
C10 CLA VG . -26.41 -30.83 -4.24
C11 CLA VG . -26.39 -31.71 -2.99
C12 CLA VG . -25.97 -30.97 -1.75
C13 CLA VG . -25.39 -31.92 -0.71
C14 CLA VG . -25.63 -31.41 0.70
C15 CLA VG . -23.90 -32.16 -0.96
C16 CLA VG . -23.54 -33.62 -0.90
C17 CLA VG . -24.01 -34.38 -2.12
C18 CLA VG . -22.89 -35.10 -2.86
C19 CLA VG . -22.08 -36.00 -1.95
C20 CLA VG . -21.99 -34.13 -3.58
MG CLA WG . -42.34 -45.99 -6.05
CHA CLA WG . -44.25 -44.65 -8.62
CHB CLA WG . -45.10 -46.18 -4.10
CHC CLA WG . -40.43 -47.47 -3.60
CHD CLA WG . -39.50 -45.86 -8.15
NA CLA WG . -44.33 -45.47 -6.33
C1A CLA WG . -44.95 -44.95 -7.48
C2A CLA WG . -46.45 -44.72 -7.25
C3A CLA WG . -46.61 -45.03 -5.75
C4A CLA WG . -45.27 -45.62 -5.34
CMA CLA WG . -46.91 -43.78 -4.98
CAA CLA WG . -47.32 -45.66 -8.07
CBA CLA WG . -46.79 -47.07 -8.14
CGA CLA WG . -47.37 -47.92 -7.05
O1A CLA WG . -48.54 -47.95 -6.64
O2A CLA WG . -46.45 -48.72 -6.45
NB CLA WG . -42.70 -46.70 -4.21
C1B CLA WG . -43.90 -46.71 -3.59
C2B CLA WG . -43.78 -47.31 -2.24
C3B CLA WG . -42.46 -47.69 -2.09
C4B CLA WG . -41.76 -47.29 -3.33
CMB CLA WG . -44.93 -47.42 -1.37
CAB CLA WG . -41.75 -48.32 -1.01
CBB CLA WG . -41.92 -48.14 0.30
NC CLA WG . -40.33 -46.54 -5.90
C1C CLA WG . -39.76 -47.13 -4.80
C2C CLA WG . -38.35 -47.37 -5.04
C3C CLA WG . -38.08 -46.93 -6.33
C4C CLA WG . -39.33 -46.42 -6.87
CMC CLA WG . -37.42 -47.97 -4.07
CAC CLA WG . -36.80 -47.00 -7.02
CBC CLA WG . -36.69 -48.21 -7.91
ND CLA WG . -41.89 -45.36 -7.91
C1D CLA WG . -40.68 -45.36 -8.66
C2D CLA WG . -40.93 -44.75 -9.97
C3D CLA WG . -42.28 -44.44 -10.01
C4D CLA WG . -42.84 -44.87 -8.72
CMD CLA WG . -39.90 -44.53 -11.00
CAD CLA WG . -43.37 -43.87 -10.78
OBD CLA WG . -43.35 -43.33 -11.88
CBD CLA WG . -44.66 -44.03 -9.93
CGD CLA WG . -45.39 -42.72 -9.72
O1D CLA WG . -46.44 -42.35 -10.22
O2D CLA WG . -44.75 -41.89 -8.84
CED CLA WG . -45.55 -40.93 -8.13
C1 CLA WG . -46.77 -49.26 -5.16
C2 CLA WG . -45.48 -49.76 -4.60
C3 CLA WG . -45.39 -50.51 -3.49
C4 CLA WG . -46.58 -50.93 -2.72
C5 CLA WG . -44.07 -50.96 -3.00
C6 CLA WG . -44.05 -52.40 -2.53
C7 CLA WG . -42.99 -53.20 -3.26
C8 CLA WG . -42.87 -54.63 -2.74
C9 CLA WG . -44.21 -55.34 -2.80
C10 CLA WG . -42.33 -54.65 -1.32
C11 CLA WG . -40.83 -54.52 -1.28
C12 CLA WG . -40.13 -55.79 -1.74
C13 CLA WG . -38.61 -55.62 -1.71
C14 CLA WG . -38.07 -55.34 -3.10
C15 CLA WG . -37.92 -56.82 -1.10
C16 CLA WG . -37.37 -56.50 0.28
C17 CLA WG . -36.16 -57.35 0.62
C18 CLA WG . -36.34 -58.18 1.89
C19 CLA WG . -36.99 -57.40 3.02
C20 CLA WG . -35.01 -58.74 2.35
MG CLA XG . -45.73 -44.36 11.58
CHA CLA XG . -46.93 -45.01 8.40
CHB CLA XG . -48.91 -44.18 12.76
CHC CLA XG . -44.48 -43.87 14.74
CHD CLA XG . -42.43 -44.58 10.33
NA CLA XG . -47.62 -44.54 10.69
C1A CLA XG . -47.91 -44.82 9.35
C2A CLA XG . -49.43 -44.87 9.13
C3A CLA XG . -50.01 -44.48 10.51
C4A CLA XG . -48.77 -44.40 11.41
CMA CLA XG . -50.80 -43.21 10.44
CAA CLA XG . -49.95 -46.25 8.74
CBA CLA XG . -49.58 -47.32 9.75
CGA CLA XG . -49.89 -48.66 9.17
O1A CLA XG . -50.47 -48.91 8.11
O2A CLA XG . -49.46 -49.71 9.95
NB CLA XG . -46.54 -44.02 13.40
C1B CLA XG . -47.86 -44.08 13.69
C2B CLA XG . -48.06 -44.02 15.16
C3B CLA XG . -46.80 -43.93 15.73
C4B CLA XG . -45.82 -43.93 14.61
CMB CLA XG . -49.38 -44.07 15.80
CAB CLA XG . -46.43 -43.87 17.11
CBB CLA XG . -45.87 -42.82 17.72
NC CLA XG . -43.80 -44.22 12.38
C1C CLA XG . -43.52 -44.01 13.69
C2C CLA XG . -42.09 -43.95 13.90
C3C CLA XG . -41.49 -44.17 12.66
C4C CLA XG . -42.59 -44.33 11.70
CMC CLA XG . -41.46 -43.74 15.19
CAC CLA XG . -40.05 -44.20 12.36
CBC CLA XG . -39.48 -45.59 12.41
ND CLA XG . -44.82 -44.71 9.82
C1D CLA XG . -43.46 -44.76 9.44
C2D CLA XG . -43.37 -45.05 8.00
C3D CLA XG . -44.67 -45.16 7.55
C4D CLA XG . -45.54 -44.93 8.72
CMD CLA XG . -42.12 -45.20 7.24
CAD CLA XG . -45.52 -45.42 6.42
OBD CLA XG . -45.21 -45.69 5.27
CBD CLA XG . -46.99 -45.30 6.92
CGD CLA XG . -47.78 -44.27 6.15
O1D CLA XG . -47.93 -43.08 6.43
O2D CLA XG . -48.38 -44.76 5.04
CED CLA XG . -49.69 -44.28 4.73
C1 CLA XG . -49.11 -50.91 9.24
C2 CLA XG . -48.11 -51.62 10.07
C3 CLA XG . -47.53 -52.77 9.69
MG CLA YG . -41.43 -50.23 5.62
CHA CLA YG . -44.83 -49.68 5.19
CHB CLA YG . -41.26 -51.60 2.51
CHC CLA YG . -38.13 -51.00 6.20
CHD CLA YG . -41.70 -48.99 8.90
NA CLA YG . -42.82 -50.51 4.08
C1A CLA YG . -44.19 -50.21 4.09
C2A CLA YG . -44.83 -50.60 2.74
C3A CLA YG . -43.64 -51.15 1.92
C4A CLA YG . -42.47 -51.07 2.89
CMA CLA YG . -43.88 -52.57 1.48
CAA CLA YG . -45.43 -49.42 2.00
CBA CLA YG . -46.36 -49.88 0.89
CGA CLA YG . -47.48 -50.68 1.45
O1A CLA YG . -48.53 -50.28 1.93
O2A CLA YG . -47.24 -52.03 1.38
NB CLA YG . -39.95 -51.02 4.51
C1B CLA YG . -40.11 -51.64 3.32
C2B CLA YG . -38.88 -52.41 2.96
C3B CLA YG . -37.99 -52.24 3.99
C4B CLA YG . -38.66 -51.37 5.00
CMB CLA YG . -38.78 -53.19 1.73
CAB CLA YG . -36.68 -52.77 4.20
CBB CLA YG . -35.65 -52.67 3.36
NC CLA YG . -40.14 -49.96 7.24
C1C CLA YG . -38.82 -50.33 7.24
C2C CLA YG . -38.23 -50.01 8.54
C3C CLA YG . -39.24 -49.47 9.32
C4C CLA YG . -40.44 -49.44 8.49
CMC CLA YG . -36.84 -50.28 8.90
CAC CLA YG . -39.13 -49.00 10.72
CBC CLA YG . -39.81 -49.92 11.72
ND CLA YG . -42.86 -49.46 6.80
C1D CLA YG . -42.83 -49.01 8.14
C2D CLA YG . -44.18 -48.60 8.56
C3D CLA YG . -44.99 -48.84 7.46
C4D CLA YG . -44.12 -49.37 6.40
CMD CLA YG . -44.53 -48.10 9.88
CAD CLA YG . -46.34 -48.80 6.94
OBD CLA YG . -47.37 -48.46 7.48
CBD CLA YG . -46.27 -49.33 5.48
CGD CLA YG . -47.18 -50.51 5.34
O1D CLA YG . -48.32 -50.55 4.86
O2D CLA YG . -46.66 -51.67 5.83
CED CLA YG . -47.21 -52.91 5.38
C1 CLA YG . -48.35 -52.93 1.59
C2 CLA YG . -47.73 -54.25 1.86
C3 CLA YG . -47.25 -55.07 0.90
C4 CLA YG . -47.32 -54.72 -0.54
C5 CLA YG . -46.63 -56.36 1.26
C6 CLA YG . -45.15 -56.42 0.88
C7 CLA YG . -44.57 -57.78 1.19
C8 CLA YG . -43.12 -57.89 0.80
C9 CLA YG . -42.92 -59.01 -0.22
C10 CLA YG . -42.22 -58.14 2.00
C11 CLA YG . -41.88 -56.84 2.71
C12 CLA YG . -41.13 -57.07 4.01
C13 CLA YG . -40.82 -55.74 4.69
C14 CLA YG . -39.56 -55.84 5.52
C15 CLA YG . -41.99 -55.25 5.54
C16 CLA YG . -41.92 -53.74 5.70
C17 CLA YG . -42.99 -53.22 6.64
C18 CLA YG . -42.65 -53.47 8.11
C19 CLA YG . -43.68 -52.82 9.01
C20 CLA YG . -41.26 -52.98 8.46
MG CLA ZG . -26.00 -43.71 14.52
CHA CLA ZG . -23.29 -44.62 16.47
CHB CLA ZG . -27.74 -46.41 15.63
CHC CLA ZG . -28.70 -42.67 12.66
CHD CLA ZG . -24.18 -40.89 13.40
NA CLA ZG . -25.55 -45.25 15.85
C1A CLA ZG . -24.37 -45.45 16.57
C2A CLA ZG . -24.48 -46.71 17.43
C3A CLA ZG . -25.84 -47.33 17.02
C4A CLA ZG . -26.45 -46.26 16.11
CMA CLA ZG . -25.64 -48.63 16.27
CAA CLA ZG . -24.49 -46.39 18.91
CBA CLA ZG . -25.30 -45.14 19.25
CGA CLA ZG . -25.36 -44.97 20.74
O1A CLA ZG . -25.80 -45.76 21.58
O2A CLA ZG . -24.85 -43.79 21.20
NB CLA ZG . -27.83 -44.45 14.14
C1B CLA ZG . -28.40 -45.51 14.79
C2B CLA ZG . -29.85 -45.60 14.43
C3B CLA ZG . -30.11 -44.55 13.60
C4B CLA ZG . -28.85 -43.80 13.41
CMB CLA ZG . -30.73 -46.63 14.97
CAB CLA ZG . -31.35 -44.13 12.99
CBB CLA ZG . -32.08 -44.85 12.14
NC CLA ZG . -26.36 -42.08 13.27
C1C CLA ZG . -27.54 -41.86 12.60
C2C CLA ZG . -27.43 -40.64 11.81
C3C CLA ZG . -26.16 -40.12 12.03
C4C CLA ZG . -25.49 -41.04 12.94
CMC CLA ZG . -28.49 -40.09 10.96
CAC CLA ZG . -25.56 -38.92 11.46
CBC CLA ZG . -24.88 -39.21 10.15
ND CLA ZG . -24.22 -42.83 14.91
C1D CLA ZG . -23.57 -41.72 14.32
C2D CLA ZG . -22.20 -41.63 14.87
C3D CLA ZG . -22.05 -42.68 15.72
C4D CLA ZG . -23.32 -43.43 15.69
CMD CLA ZG . -21.25 -40.58 14.54
CAD CLA ZG . -21.18 -43.36 16.65
OBD CLA ZG . -20.09 -43.01 17.06
CBD CLA ZG . -21.89 -44.67 17.06
CGD CLA ZG . -21.14 -45.86 16.52
O1D CLA ZG . -21.56 -46.72 15.73
O2D CLA ZG . -19.85 -45.94 16.95
CED CLA ZG . -19.05 -47.01 16.47
C1 CLA ZG . -25.21 -42.56 20.53
C2 CLA ZG . -26.23 -41.84 21.35
C3 CLA ZG . -26.03 -40.62 21.84
C4 CLA ZG . -24.78 -39.86 21.65
C5 CLA ZG . -27.09 -39.94 22.65
C6 CLA ZG . -27.80 -38.85 21.87
C7 CLA ZG . -28.30 -37.77 22.81
C8 CLA ZG . -29.20 -36.75 22.11
C9 CLA ZG . -29.51 -35.61 23.05
C10 CLA ZG . -30.50 -37.42 21.67
C11 CLA ZG . -30.80 -37.15 20.20
C12 CLA ZG . -31.77 -38.18 19.65
C13 CLA ZG . -32.42 -37.81 18.31
C14 CLA ZG . -31.53 -36.94 17.44
C15 CLA ZG . -33.81 -37.22 18.52
C16 CLA ZG . -33.84 -35.71 18.68
C17 CLA ZG . -35.01 -35.26 19.52
C18 CLA ZG . -35.91 -34.23 18.83
C19 CLA ZG . -35.11 -33.16 18.13
C20 CLA ZG . -36.84 -33.60 19.82
MG CLA AH . -20.49 -36.63 7.65
CHA CLA AH . -17.80 -37.58 9.61
CHB CLA AH . -22.02 -35.35 10.39
CHC CLA AH . -22.89 -35.25 5.60
CHD CLA AH . -18.72 -37.74 4.79
NA CLA AH . -20.02 -36.58 9.67
C1A CLA AH . -18.83 -36.99 10.30
C2A CLA AH . -18.91 -36.74 11.80
C3A CLA AH . -20.39 -36.37 12.01
C4A CLA AH . -20.86 -36.05 10.61
CMA CLA AH . -21.18 -37.53 12.54
CAA CLA AH . -18.03 -35.56 12.17
CBA CLA AH . -17.23 -35.81 13.44
CGA CLA AH . -15.77 -35.65 13.17
O1A CLA AH . -15.15 -35.88 12.14
O2A CLA AH . -15.07 -35.19 14.26
NB CLA AH . -22.20 -35.62 7.95
C1B CLA AH . -22.55 -35.03 9.13
C2B CLA AH . -23.59 -33.99 8.91
C3B CLA AH . -23.84 -33.98 7.55
C4B CLA AH . -22.96 -35.00 6.94
CMB CLA AH . -24.15 -33.19 10.00
CAB CLA AH . -24.73 -33.16 6.76
CBB CLA AH . -24.84 -31.83 6.78
NC CLA AH . -20.80 -36.61 5.58
C1C CLA AH . -21.86 -36.02 4.96
C2C CLA AH . -21.76 -36.18 3.53
C3C CLA AH . -20.55 -36.83 3.28
C4C CLA AH . -19.95 -37.09 4.59
CMC CLA AH . -22.74 -35.69 2.55
CAC CLA AH . -19.97 -37.21 2.00
CBC CLA AH . -19.03 -36.16 1.45
ND CLA AH . -18.73 -37.55 7.25
C1D CLA AH . -18.13 -37.94 6.02
C2D CLA AH . -16.84 -38.59 6.31
C3D CLA AH . -16.65 -38.48 7.68
C4D CLA AH . -17.86 -37.81 8.20
CMD CLA AH . -15.96 -39.18 5.31
CAD CLA AH . -15.80 -38.78 8.81
OBD CLA AH . -14.73 -39.39 8.84
CBD CLA AH . -16.48 -38.16 10.07
CGD CLA AH . -16.65 -39.19 11.15
O1D CLA AH . -16.34 -39.09 12.34
O2D CLA AH . -17.23 -40.34 10.73
CED CLA AH . -18.48 -40.70 11.31
C1 CLA AH . -13.63 -35.24 14.19
C2 CLA AH . -13.22 -36.62 14.56
C3 CLA AH . -11.97 -37.08 14.38
C03 II0 BH . -43.43 -52.62 -8.09
C04 II0 BH . -30.77 -50.18 11.90
C05 II0 BH . -44.44 -52.43 -9.25
C06 II0 BH . -29.86 -50.39 13.12
C07 II0 BH . -45.40 -51.30 -9.00
C08 II0 BH . -28.41 -50.01 12.80
C09 II0 BH . -42.94 -51.32 -7.37
C10 II0 BH . -30.65 -48.77 11.28
C11 II0 BH . -44.58 -50.00 -8.97
C12 II0 BH . -28.33 -48.53 12.38
C13 II0 BH . -43.64 -49.97 -7.75
C14 II0 BH . -29.21 -48.27 11.15
C15 II0 BH . -44.15 -53.49 -7.02
C16 II0 BH . -42.26 -53.47 -8.67
C17 II0 BH . -30.39 -51.26 10.84
C18 II0 BH . -32.23 -50.42 12.35
C19 II0 BH . -42.66 -48.82 -8.02
C20 II0 BH . -29.20 -46.75 10.86
C21 II0 BH . -41.39 -51.19 -7.42
C22 II0 BH . -31.26 -48.79 9.85
C23 II0 BH . -40.82 -51.24 -6.21
C24 II0 BH . -32.38 -48.05 9.65
C25 II0 BH . -39.57 -51.22 -5.31
C26 II0 BH . -33.50 -47.54 8.71
C27 II0 BH . -38.82 -52.52 -5.49
C28 II0 BH . -34.75 -47.28 9.52
C29 II0 BH . -39.99 -51.00 -3.83
C30 II0 BH . -33.75 -48.64 7.65
C31 II0 BH . -39.11 -51.77 -2.81
C32 II0 BH . -34.48 -48.17 6.35
C33 II0 BH . -38.37 -51.01 -1.98
C34 II0 BH . -35.20 -49.20 5.85
C35 II0 BH . -37.35 -50.94 -0.83
C36 II0 BH . -35.66 -48.29 4.71
C37 II0 BH . -35.98 -50.60 -1.41
C38 II0 BH . -37.09 -47.81 4.95
C39 II0 BH . -37.74 -49.92 0.25
C40 II0 BH . -35.53 -49.08 3.38
C41 II0 BH . -36.62 -49.77 1.29
C42 II0 BH . -36.77 -49.13 2.46
O01 II0 BH . -46.32 -51.22 -10.07
O02 II0 BH . -27.62 -50.22 13.95
C03 II0 CH . -35.23 -29.20 8.06
C04 II0 CH . -22.43 -46.65 -2.16
C05 II0 CH . -36.18 -28.00 8.26
C06 II0 CH . -21.57 -47.91 -2.31
C07 II0 CH . -36.94 -27.65 7.00
C08 II0 CH . -21.96 -48.97 -1.30
C09 II0 CH . -35.68 -30.26 6.99
C10 II0 CH . -23.96 -46.92 -2.19
C11 II0 CH . -37.88 -28.83 6.71
C12 II0 CH . -23.43 -49.36 -1.50
C13 II0 CH . -37.04 -30.05 6.27
C14 II0 CH . -24.34 -48.13 -1.32
C15 II0 CH . -33.88 -28.63 7.57
C16 II0 CH . -35.00 -29.82 9.47
C17 II0 CH . -22.06 -45.68 -3.31
C18 II0 CH . -22.03 -45.98 -0.81
C19 II0 CH . -37.96 -31.29 6.31
C20 II0 CH . -25.78 -48.57 -1.65
C21 II0 CH . -35.54 -31.71 7.54
C22 II0 CH . -24.72 -45.68 -1.65
C23 II0 CH . -34.60 -32.42 6.89
C24 II0 CH . -25.53 -44.98 -2.50
C25 II0 CH . -33.81 -33.73 6.68
C26 II0 CH . -26.50 -43.80 -2.78
C27 II0 CH . -32.87 -33.91 7.85
C28 II0 CH . -26.34 -43.39 -4.22
C29 II0 CH . -33.07 -33.71 5.33
C30 II0 CH . -26.05 -42.65 -1.86
C31 II0 CH . -31.73 -34.51 5.36
C32 II0 CH . -26.95 -41.38 -1.62
C33 II0 CH . -31.54 -35.46 4.44
C34 II0 CH . -28.08 -41.57 -0.90
C35 II0 CH . -30.58 -36.56 3.92
C36 II0 CH . -28.36 -40.06 -1.03
C37 II0 CH . -30.72 -37.73 4.88
C38 II0 CH . -29.63 -39.76 -1.83
C39 II0 CH . -30.80 -37.03 2.47
C40 II0 CH . -28.39 -39.41 0.38
C41 II0 CH . -29.67 -37.99 2.00
C42 II0 CH . -29.56 -38.45 0.74
O01 II0 CH . -37.71 -26.48 7.19
O02 II0 CH . -21.15 -50.11 -1.45
C03 II0 DH . -39.93 -40.07 9.47
C04 II0 DH . -18.05 -38.60 17.04
C05 II0 DH . -40.85 -39.31 8.50
C06 II0 DH . -16.64 -39.03 17.45
C07 II0 DH . -41.78 -38.36 9.26
C08 II0 DH . -15.59 -37.98 17.02
C09 II0 DH . -39.21 -39.20 10.53
C10 II0 DH . -18.45 -37.17 17.54
C11 II0 DH . -40.94 -37.36 10.06
C12 II0 DH . -15.95 -36.53 17.39
C13 II0 DH . -40.08 -38.09 11.11
C14 II0 DH . -17.28 -36.38 18.16
C15 II0 DH . -40.78 -41.19 10.12
C16 II0 DH . -38.82 -40.73 8.62
C17 II0 DH . -18.15 -38.76 15.49
C18 II0 DH . -19.05 -39.60 17.68
C19 II0 DH . -39.19 -37.04 11.81
C20 II0 DH . -17.62 -34.88 18.29
C21 II0 DH . -38.75 -40.12 11.69
C22 II0 DH . -19.15 -36.33 16.43
C23 II0 DH . -37.42 -40.12 11.88
C24 II0 DH . -20.49 -36.25 16.60
C25 II0 DH . -36.22 -40.64 12.68
C26 II0 DH . -21.92 -35.78 16.21
C27 II0 DH . -35.84 -42.03 12.17
C28 II0 DH . -21.84 -34.83 15.03
C29 II0 DH . -35.00 -39.70 12.63
C30 II0 DH . -22.72 -37.05 15.87
C31 II0 DH . -33.88 -40.32 13.51
C32 II0 DH . -24.04 -36.86 15.05
C33 II0 DH . -32.84 -39.52 13.79
C34 II0 DH . -25.05 -36.33 15.79
C35 II0 DH . -31.50 -39.32 14.50
C36 II0 DH . -25.90 -36.44 14.52
C37 II0 DH . -30.90 -40.70 14.78
C38 II0 DH . -26.69 -35.16 14.32
C39 II0 DH . -30.52 -38.50 13.66
C40 II0 DH . -26.83 -37.66 14.71
C41 II0 DH . -29.08 -38.56 14.23
C42 II0 DH . -28.25 -37.53 14.11
O01 II0 DH . -42.59 -37.69 8.33
O02 II0 DH . -14.35 -38.32 17.62
C02 IHT EH . -35.83 -33.47 12.92
C03 IHT EH . -17.61 -41.99 1.51
C04 IHT EH . -37.33 -33.59 13.22
C05 IHT EH . -16.19 -42.47 1.23
C06 IHT EH . -37.62 -34.10 14.62
C07 IHT EH . -35.05 -34.65 13.51
C08 IHT EH . -16.14 -43.94 0.87
C09 IHT EH . -37.01 -35.48 14.82
C10 IHT EH . -35.62 -35.61 14.25
C11 IHT EH . -18.57 -42.53 0.44
C12 IHT EH . -16.89 -44.15 -0.44
C13 IHT EH . -35.31 -32.15 13.50
C14 IHT EH . -35.67 -33.43 11.39
C15 IHT EH . -18.27 -43.54 -0.40
C16 IHT EH . -18.03 -42.48 2.90
C17 IHT EH . -17.62 -40.45 1.51
C18 IHT EH . -33.60 -34.65 13.24
C19 IHT EH . -34.94 -36.89 14.66
C20 IHT EH . -19.23 -44.17 -1.36
C21 IHT EH . -19.85 -41.91 0.35
C22 IHT EH . -32.93 -35.22 12.23
C23 IHT EH . -31.49 -35.20 12.02
C24 IHT EH . -20.91 -41.35 0.35
C25 IHT EH . -30.63 -34.65 13.12
C26 IHT EH . -22.21 -40.76 0.38
C27 IHT EH . -30.98 -35.66 10.86
C28 IHT EH . -23.18 -41.24 -0.67
C29 IHT EH . -22.50 -39.84 1.32
C30 IHT EH . -29.61 -35.71 10.46
C31 IHT EH . -23.76 -39.65 1.97
C32 IHT EH . -29.21 -36.15 9.25
C33 IHT EH . -27.84 -36.24 8.76
C34 IHT EH . -23.95 -38.86 3.03
C35 IHT EH . -25.21 -38.62 3.72
C36 IHT EH . -26.73 -35.80 9.66
C37 IHT EH . -27.64 -36.74 7.52
C38 IHT EH . -25.22 -37.90 4.86
C39 IHT EH . -26.45 -39.21 3.12
C40 IHT EH . -26.39 -36.96 6.85
C41 IHT EH . -26.37 -37.58 5.64
O01 IHT EH . -14.78 -44.35 0.72
C03 II0 FH . -33.88 -44.35 -9.19
C04 II0 FH . -19.82 -62.19 -15.23
C05 II0 FH . -34.90 -43.59 -10.05
C06 II0 FH . -18.55 -63.06 -15.44
C07 II0 FH . -34.69 -42.08 -10.09
C08 II0 FH . -17.23 -62.49 -14.96
C09 II0 FH . -32.42 -43.80 -9.11
C10 II0 FH . -19.61 -60.72 -14.74
C11 II0 FH . -33.26 -41.81 -10.56
C12 II0 FH . -17.41 -61.63 -13.70
C13 II0 FH . -32.29 -42.29 -9.47
C14 II0 FH . -18.25 -60.39 -14.05
C15 II0 FH . -34.38 -44.30 -7.72
C16 II0 FH . -33.94 -45.83 -9.66
C17 II0 FH . -20.77 -62.99 -14.29
C18 II0 FH . -20.52 -62.11 -16.62
C19 II0 FH . -30.86 -41.87 -9.85
C20 II0 FH . -18.40 -59.52 -12.79
C21 II0 FH . -31.39 -44.67 -9.89
C22 II0 FH . -20.83 -60.26 -13.88
C23 II0 FH . -30.53 -45.32 -9.06
C24 II0 FH . -21.67 -59.39 -14.49
C25 II0 FH . -29.35 -46.26 -8.78
C26 II0 FH . -22.95 -58.52 -14.47
C27 II0 FH . -28.62 -45.79 -7.54
C28 II0 FH . -23.76 -58.78 -15.73
C29 II0 FH . -29.82 -47.72 -8.62
C30 II0 FH . -23.78 -58.91 -13.23
C31 II0 FH . -29.31 -48.65 -9.76
C32 II0 FH . -24.80 -57.83 -12.73
C33 II0 FH . -28.23 -49.38 -9.40
C34 II0 FH . -24.29 -56.57 -12.71
C35 II0 FH . -27.10 -50.40 -9.67
C36 II0 FH . -25.65 -56.07 -12.18
C37 II0 FH . -26.44 -50.76 -8.34
C38 II0 FH . -26.62 -55.81 -13.33
C39 II0 FH . -27.63 -51.68 -10.32
C40 II0 FH . -25.41 -54.78 -11.37
C41 II0 FH . -26.49 -52.72 -10.50
C42 II0 FH . -26.62 -53.81 -11.27
O01 II0 FH . -35.59 -41.50 -10.99
O02 II0 FH . -16.36 -63.56 -14.66
O1 LHG GH . -49.92 -40.20 11.74
C1 LHG GH . -49.98 -40.73 13.05
C2 LHG GH . -48.78 -40.25 13.83
O2 LHG GH . -49.19 -39.28 14.76
C3 LHG GH . -47.73 -39.58 12.98
O3 LHG GH . -46.78 -40.62 12.92
P LHG GH . -45.89 -40.86 11.58
O4 LHG GH . -46.05 -39.65 10.73
O5 LHG GH . -46.01 -42.31 11.31
O6 LHG GH . -44.42 -40.58 12.33
C4 LHG GH . -43.98 -39.28 12.57
C5 LHG GH . -43.08 -39.43 13.80
C6 LHG GH . -41.96 -40.43 13.54
O7 LHG GH . -42.51 -38.16 14.03
C7 LHG GH . -42.65 -37.74 15.32
O9 LHG GH . -42.97 -38.51 16.21
C8 LHG GH . -41.86 -36.52 15.53
C9 LHG GH . -41.61 -36.37 17.00
C10 LHG GH . -41.43 -34.92 17.33
O8 LHG GH . -40.79 -39.81 14.08
C23 LHG GH . -40.23 -40.38 15.19
O10 LHG GH . -40.94 -40.63 16.13
C24 LHG GH . -38.73 -40.30 15.40
C11 LHG GH . -41.53 -34.93 18.82
C12 LHG GH . -41.30 -33.55 19.33
C13 LHG GH . -40.53 -33.65 20.62
C14 LHG GH . -40.83 -32.50 21.52
C15 LHG GH . -39.81 -32.52 22.64
C16 LHG GH . -39.98 -33.75 23.48
C17 LHG GH . -39.21 -33.62 24.80
C18 LHG GH . -37.77 -33.59 24.37
C19 LHG GH . -36.80 -33.32 25.50
C20 LHG GH . -35.63 -32.70 24.77
C21 LHG GH . -34.84 -33.75 24.05
C22 LHG GH . -34.09 -34.56 25.08
C25 LHG GH . -38.24 -39.06 16.10
C26 LHG GH . -37.36 -39.27 17.33
C27 LHG GH . -38.35 -39.37 18.46
C28 LHG GH . -38.90 -38.07 18.96
C29 LHG GH . -38.18 -37.80 20.27
C30 LHG GH . -38.99 -38.05 21.53
C31 LHG GH . -38.26 -37.86 22.84
C32 LHG GH . -39.13 -37.41 23.99
C33 LHG GH . -38.26 -37.19 25.20
C34 LHG GH . -37.72 -38.43 25.88
C35 LHG GH . -36.39 -38.18 26.59
C36 LHG GH . -36.56 -36.99 27.51
C37 LHG GH . -35.55 -37.15 28.61
C38 LHG GH . -34.21 -36.52 28.30
C1B LMU HH . -7.95 -47.60 -3.67
C2B LMU HH . -7.70 -48.87 -2.89
C3B LMU HH . -8.68 -48.97 -1.74
C4B LMU HH . -8.79 -47.65 -1.01
C5B LMU HH . -9.23 -46.55 -1.96
C6B LMU HH . -8.35 -45.33 -1.93
O1B LMU HH . -7.92 -47.87 -5.06
O2B LMU HH . -7.82 -50.02 -3.74
O3B LMU HH . -8.24 -49.99 -0.85
O4' LMU HH . -9.72 -47.76 0.05
O5B LMU HH . -9.21 -47.05 -3.31
O6B LMU HH . -8.46 -44.56 -3.12
C1' LMU HH . -10.94 -47.04 -7.50
C2' LMU HH . -9.81 -46.03 -7.65
C3' LMU HH . -8.84 -46.19 -6.51
C4' LMU HH . -9.08 -47.55 -5.85
C5' LMU HH . -9.27 -48.63 -6.90
C6' LMU HH . -9.46 -50.02 -6.32
O1' LMU HH . -11.90 -46.77 -8.50
O2' LMU HH . -9.17 -46.19 -8.92
O3' LMU HH . -9.03 -45.13 -5.58
O5' LMU HH . -10.46 -48.34 -7.68
O6' LMU HH . -10.24 -50.85 -7.18
C1 LMU HH . -12.81 -47.86 -8.71
C2 LMU HH . -14.16 -47.32 -9.02
C3 LMU HH . -14.61 -46.29 -8.02
C4 LMU HH . -14.97 -44.96 -8.64
C5 LMU HH . -16.28 -44.96 -9.40
C6 LMU HH . -17.40 -44.25 -8.69
C7 LMU HH . -18.74 -44.38 -9.37
C8 LMU HH . -19.91 -44.16 -8.45
C9 LMU HH . -21.04 -43.39 -9.08
C10 LMU HH . -22.38 -44.06 -8.98
C11 LMU HH . -23.28 -43.57 -7.87
C12 LMU HH . -24.23 -44.61 -7.35
C03 II0 IH . -18.37 3.74 56.97
C04 II0 IH . -7.51 -17.01 60.29
C05 II0 IH . -19.24 4.59 56.04
C06 II0 IH . -6.96 -18.43 60.05
C07 II0 IH . -18.62 4.80 54.65
C08 II0 IH . -6.70 -19.12 61.38
C09 II0 IH . -17.36 2.78 56.28
C10 II0 IH . -8.68 -16.89 61.31
C11 II0 IH . -18.40 3.45 53.96
C12 II0 IH . -8.05 -19.36 62.05
C13 II0 IH . -17.71 2.36 54.83
C14 II0 IH . -8.83 -18.06 62.34
C15 II0 IH . -17.51 4.71 57.82
C16 II0 IH . -19.35 2.98 57.92
C17 II0 IH . -6.32 -16.15 60.82
C18 II0 IH . -7.88 -16.47 58.88
C19 II0 IH . -18.61 1.12 54.80
C20 II0 IH . -10.30 -18.50 62.55
C21 II0 IH . -17.13 1.51 57.15
C22 II0 IH . -10.04 -16.56 60.59
C23 II0 IH . -15.85 1.10 57.14
C24 II0 IH . -10.63 -15.38 60.96
C25 II0 IH . -14.75 0.13 57.56
C26 II0 IH . -11.80 -14.37 60.83
C27 II0 IH . -13.51 0.91 57.96
C28 II0 IH . -12.35 -14.48 59.42
C29 II0 IH . -15.20 -0.73 58.75
C30 II0 IH . -11.33 -12.93 61.12
C31 II0 IH . -15.12 -2.26 58.46
C32 II0 IH . -12.46 -11.90 61.41
C33 II0 IH . -14.19 -2.89 59.21
C34 II0 IH . -12.60 -11.04 60.37
C35 II0 IH . -13.41 -4.14 59.65
C36 II0 IH . -13.74 -10.28 61.08
C37 II0 IH . -12.40 -3.75 60.72
C38 II0 IH . -14.98 -10.32 60.21
C39 II0 IH . -14.36 -5.21 60.21
C40 II0 IH . -13.24 -8.83 61.28
C41 II0 IH . -13.58 -6.45 60.70
C42 II0 IH . -14.12 -7.67 60.75
O01 II0 IH . -19.52 5.57 53.89
O02 II0 IH . -6.07 -20.36 61.15
MG CLA JH . -31.09 -3.17 53.42
CHA CLA JH . -33.49 -5.68 53.35
CHB CLA JH . -32.58 -1.81 56.15
CHC CLA JH . -28.60 -0.80 53.53
CHD CLA JH . -29.53 -4.65 50.61
NA CLA JH . -32.78 -3.67 54.53
C1A CLA JH . -33.64 -4.77 54.37
C2A CLA JH . -34.75 -4.75 55.42
C3A CLA JH . -34.51 -3.43 56.19
C4A CLA JH . -33.19 -2.93 55.60
CMA CLA JH . -35.62 -2.44 55.98
CAA CLA JH . -34.68 -5.91 56.40
CBA CLA JH . -33.29 -6.11 56.96
CGA CLA JH . -33.37 -6.86 58.27
O1A CLA JH . -32.87 -7.96 58.56
O2A CLA JH . -34.10 -6.20 59.21
NB CLA JH . -30.65 -1.62 54.64
C1B CLA JH . -31.38 -1.23 55.70
C2B CLA JH . -30.76 -0.03 56.33
C3B CLA JH . -29.63 0.27 55.60
C4B CLA JH . -29.56 -0.74 54.50
CMB CLA JH . -31.33 0.65 57.50
CAB CLA JH . -28.69 1.35 55.77
CBB CLA JH . -27.37 1.23 55.96
NC CLA JH . -29.40 -2.79 52.26
C1C CLA JH . -28.53 -1.76 52.48
C2C CLA JH . -27.46 -1.78 51.50
C3C CLA JH . -27.71 -2.89 50.69
C4C CLA JH . -28.92 -3.51 51.18
CMC CLA JH . -26.36 -0.81 51.43
CAC CLA JH . -26.92 -3.34 49.54
CBC CLA JH . -27.32 -2.55 48.32
ND CLA JH . -31.43 -4.71 52.16
C1D CLA JH . -30.70 -5.23 51.06
C2D CLA JH . -31.40 -6.41 50.53
C3D CLA JH . -32.47 -6.63 51.36
C4D CLA JH . -32.44 -5.56 52.38
CMD CLA JH . -30.96 -7.16 49.35
CAD CLA JH . -33.63 -7.45 51.62
OBD CLA JH . -34.09 -8.39 50.99
CBD CLA JH . -34.27 -6.92 52.94
CGD CLA JH . -35.74 -6.69 52.81
O1D CLA JH . -36.65 -7.51 53.02
O2D CLA JH . -36.09 -5.44 52.42
CED CLA JH . -37.46 -5.09 52.50
C1 CLA JH . -33.35 -5.51 60.24
C2 CLA JH . -33.75 -4.08 60.18
C3 CLA JH . -32.86 -3.07 60.20
C4 CLA JH . -33.29 -1.65 60.13
C5 CLA JH . -31.40 -3.32 60.29
C6 CLA JH . -30.67 -3.05 58.99
MG CLA KH . -32.31 -10.48 41.69
CHA CLA KH . -34.67 -7.97 42.09
CHB CLA KH . -32.63 -10.23 38.31
CHC CLA KH . -29.84 -12.84 41.34
CHD CLA KH . -31.99 -10.68 45.20
NA CLA KH . -33.49 -9.30 40.43
C1A CLA KH . -34.39 -8.29 40.79
C2A CLA KH . -35.03 -7.66 39.54
C3A CLA KH . -34.53 -8.58 38.40
C4A CLA KH . -33.46 -9.43 39.08
CMA CLA KH . -35.69 -9.43 37.96
CAA CLA KH . -34.61 -6.21 39.31
CBA CLA KH . -33.58 -6.01 38.22
CGA CLA KH . -32.24 -6.21 38.85
O1A CLA KH . -31.97 -6.07 40.03
O2A CLA KH . -31.25 -6.58 37.98
NB CLA KH . -31.39 -11.34 40.12
C1B CLA KH . -31.63 -11.08 38.82
C2B CLA KH . -30.75 -11.93 37.97
C3B CLA KH . -29.96 -12.67 38.82
C4B CLA KH . -30.37 -12.31 40.20
CMB CLA KH . -30.83 -11.86 36.50
CAB CLA KH . -28.93 -13.66 38.62
CBB CLA KH . -28.10 -13.78 37.59
NC CLA KH . -31.16 -11.58 43.04
C1C CLA KH . -30.23 -12.50 42.67
C2C CLA KH . -29.62 -13.09 43.86
C3C CLA KH . -30.20 -12.47 44.96
C4C CLA KH . -31.17 -11.52 44.43
CMC CLA KH . -28.59 -14.13 43.85
CAC CLA KH . -29.91 -12.73 46.38
CBC CLA KH . -28.70 -11.99 46.88
ND CLA KH . -33.16 -9.64 43.31
C1D CLA KH . -32.91 -9.80 44.70
C2D CLA KH . -33.81 -8.89 45.45
C3D CLA KH . -34.52 -8.18 44.50
C4D CLA KH . -34.06 -8.66 43.19
CMD CLA KH . -33.86 -8.83 46.91
CAD CLA KH . -35.53 -7.18 44.26
OBD CLA KH . -36.23 -6.56 45.06
CBD CLA KH . -35.61 -6.97 42.72
CGD CLA KH . -37.04 -7.03 42.25
O1D CLA KH . -37.90 -6.19 42.47
O2D CLA KH . -37.40 -8.10 41.50
CED CLA KH . -38.40 -7.83 40.50
C1 CLA KH . -30.32 -7.57 38.48
C2 CLA KH . -29.10 -7.58 37.65
C3 CLA KH . -28.12 -8.48 37.83
C4 CLA KH . -28.18 -9.54 38.88
C5 CLA KH . -26.89 -8.47 37.00
C6 CLA KH . -25.67 -8.03 37.79
C7 CLA KH . -24.39 -8.42 37.09
C8 CLA KH . -23.36 -7.31 37.13
C9 CLA KH . -22.95 -6.90 35.73
C10 CLA KH . -22.14 -7.74 37.94
MG CLA LH . -25.41 -15.48 34.00
CHA CLA LH . -27.33 -14.10 31.44
CHB CLA LH . -25.57 -12.52 35.66
CHC CLA LH . -23.29 -16.76 36.39
CHD CLA LH . -24.97 -18.39 32.05
NA CLA LH . -26.38 -13.66 33.63
C1A CLA LH . -27.13 -13.27 32.51
C2A CLA LH . -27.62 -11.83 32.66
C3A CLA LH . -27.01 -11.35 34.00
C4A CLA LH . -26.29 -12.60 34.49
CMA CLA LH . -26.03 -10.23 33.78
CAA CLA LH . -29.13 -11.75 32.81
CBA CLA LH . -29.64 -10.34 33.02
CGA CLA LH . -29.57 -9.57 31.74
O1A CLA LH . -30.05 -9.86 30.66
O2A CLA LH . -28.83 -8.42 31.86
NB CLA LH . -24.69 -14.82 35.75
C1B CLA LH . -24.81 -13.56 36.22
C2B CLA LH . -24.00 -13.36 37.43
C3B CLA LH . -23.33 -14.56 37.66
C4B CLA LH . -23.76 -15.50 36.57
CMB CLA LH . -23.94 -12.05 38.09
CAB CLA LH . -22.37 -14.97 38.65
CBB CLA LH . -21.48 -14.20 39.29
NC CLA LH . -24.37 -17.28 34.20
C1C CLA LH . -23.56 -17.59 35.26
C2C CLA LH . -22.97 -18.91 35.05
C3C CLA LH . -23.45 -19.38 33.83
C4C CLA LH . -24.32 -18.34 33.30
CMC CLA LH . -22.03 -19.58 35.96
CAC CLA LH . -23.13 -20.66 33.18
CBC CLA LH . -21.89 -20.58 32.33
ND CLA LH . -26.00 -16.16 32.19
C1D CLA LH . -25.74 -17.39 31.51
C2D CLA LH . -26.43 -17.35 30.20
C3D CLA LH . -27.05 -16.12 30.12
C4D CLA LH . -26.74 -15.41 31.37
CMD CLA LH . -26.40 -18.43 29.22
CAD CLA LH . -27.85 -15.22 29.31
OBD CLA LH . -28.30 -15.38 28.19
CBD CLA LH . -28.06 -13.92 30.14
CGD CLA LH . -27.64 -12.68 29.42
O1D CLA LH . -26.50 -12.26 29.23
O2D CLA LH . -28.67 -11.95 28.93
CED CLA LH . -28.82 -11.91 27.51
C1 CLA LH . -28.45 -7.74 30.65
C2 CLA LH . -27.26 -8.43 30.09
C3 CLA LH . -26.13 -7.79 29.73
C4 CLA LH . -25.99 -6.32 29.85
C5 CLA LH . -24.97 -8.55 29.19
C6 CLA LH . -25.12 -8.85 27.70
C7 CLA LH . -23.84 -9.46 27.15
MG CLA MH . -25.45 -34.72 39.26
CHA CLA MH . -23.41 -37.48 38.79
CHB CLA MH . -23.68 -32.97 36.94
CHC CLA MH . -27.61 -32.07 39.67
CHD CLA MH . -27.35 -36.59 41.58
NA CLA MH . -23.81 -35.18 38.07
C1A CLA MH . -23.10 -36.38 38.02
C2A CLA MH . -21.98 -36.30 36.98
C3A CLA MH . -22.02 -34.83 36.50
C4A CLA MH . -23.26 -34.26 37.20
CMA CLA MH . -20.76 -34.08 36.85
CAA CLA MH . -22.28 -37.21 35.80
CBA CLA MH . -23.65 -37.02 35.15
CGA CLA MH . -24.70 -37.93 35.71
O1A CLA MH . -24.70 -39.15 35.79
O2A CLA MH . -25.78 -37.24 36.20
NB CLA MH . -25.54 -32.83 38.56
C1B CLA MH . -24.81 -32.36 37.51
C2B CLA MH . -25.36 -31.06 37.04
C3B CLA MH . -26.47 -30.80 37.81
C4B CLA MH . -26.60 -31.93 38.77
CMB CLA MH . -24.80 -30.32 35.91
CAB CLA MH . -27.43 -29.72 37.77
CBB CLA MH . -27.15 -28.42 37.78
NC CLA MH . -27.15 -34.39 40.44
C1C CLA MH . -27.88 -33.23 40.45
C2C CLA MH . -28.99 -33.35 41.38
C3C CLA MH . -28.93 -34.64 41.91
C4C CLA MH . -27.78 -35.28 41.31
CMC CLA MH . -29.98 -32.32 41.66
CAC CLA MH . -29.85 -35.23 42.89
CBC CLA MH . -31.01 -35.93 42.23
ND CLA MH . -25.50 -36.61 39.97
C1D CLA MH . -26.31 -37.24 40.96
C2D CLA MH . -25.80 -38.60 41.22
C3D CLA MH . -24.67 -38.73 40.42
C4D CLA MH . -24.53 -37.47 39.68
CMD CLA MH . -26.40 -39.54 42.15
CAD CLA MH . -23.60 -39.61 40.01
OBD CLA MH . -23.34 -40.75 40.36
CBD CLA MH . -22.74 -38.81 39.00
CGD CLA MH . -21.33 -38.61 39.48
O1D CLA MH . -20.33 -38.30 38.82
O2D CLA MH . -21.17 -38.81 40.81
CED CLA MH . -20.49 -37.80 41.56
C1 CLA MH . -26.70 -37.96 37.05
C2 CLA MH . -27.85 -37.05 37.29
C3 CLA MH . -28.86 -37.33 38.13
C4 CLA MH . -28.92 -38.59 38.90
C5 CLA MH . -30.00 -36.38 38.34
C6 CLA MH . -29.95 -35.15 37.45
C7 CLA MH . -31.31 -34.50 37.33
C8 CLA MH . -31.19 -33.04 36.90
C9 CLA MH . -31.32 -32.12 38.09
C10 CLA MH . -32.17 -32.69 35.79
C11 CLA MH . -33.58 -32.34 36.23
C12 CLA MH . -34.11 -31.11 35.54
C13 CLA MH . -34.33 -31.30 34.04
C14 CLA MH . -33.45 -30.37 33.23
C15 CLA MH . -35.80 -31.12 33.65
C16 CLA MH . -36.24 -29.67 33.62
C17 CLA MH . -36.85 -29.30 32.28
C18 CLA MH . -37.80 -28.12 32.36
C19 CLA MH . -37.13 -26.92 33.00
C20 CLA MH . -38.29 -27.74 30.98
MG CLA NH . -27.04 -41.65 26.88
CHA CLA NH . -24.32 -42.84 28.66
CHB CLA NH . -26.81 -44.31 24.76
CHC CLA NH . -29.87 -40.56 25.26
CHD CLA NH . -27.32 -38.99 29.16
NA CLA NH . -25.74 -43.28 26.74
C1A CLA NH . -24.70 -43.63 27.60
C2A CLA NH . -24.03 -44.93 27.14
C3A CLA NH . -24.74 -45.25 25.81
C4A CLA NH . -25.86 -44.22 25.75
CMA CLA NH . -23.79 -45.10 24.65
CAA CLA NH . -24.28 -46.08 28.11
CBA CLA NH . -25.70 -46.14 28.63
CGA CLA NH . -25.93 -47.39 29.44
O1A CLA NH . -25.80 -48.57 29.11
O2A CLA NH . -26.33 -47.12 30.72
NB CLA NH . -28.15 -42.32 25.34
C1B CLA NH . -27.87 -43.41 24.58
C2B CLA NH . -28.85 -43.52 23.46
C3B CLA NH . -29.71 -42.45 23.59
C4B CLA NH . -29.28 -41.67 24.78
CMB CLA NH . -28.81 -44.59 22.47
CAB CLA NH . -30.83 -42.09 22.77
CBB CLA NH . -30.93 -40.97 22.04
NC CLA NH . -28.33 -40.04 27.15
C1C CLA NH . -29.42 -39.78 26.37
C2C CLA NH . -30.12 -38.60 26.84
C3C CLA NH . -29.44 -38.16 27.97
C4C CLA NH . -28.31 -39.08 28.17
CMC CLA NH . -31.34 -38.04 26.23
CAC CLA NH . -29.84 -37.04 28.82
CBC CLA NH . -28.92 -35.86 28.80
ND CLA NH . -26.02 -40.93 28.46
C1D CLA NH . -26.23 -39.82 29.32
C2D CLA NH . -25.16 -39.77 30.33
C3D CLA NH . -24.39 -40.90 30.11
C4D CLA NH . -24.99 -41.61 28.97
CMD CLA NH . -24.95 -38.71 31.31
CAD CLA NH . -23.22 -41.65 30.53
OBD CLA NH . -22.39 -41.38 31.38
CBD CLA NH . -23.19 -42.95 29.67
CGD CLA NH . -21.86 -43.13 28.99
O1D CLA NH . -21.40 -42.46 28.06
O2D CLA NH . -21.12 -44.16 29.49
CED CLA NH . -20.04 -44.65 28.70
C1 CLA NH . -27.59 -47.67 31.15
C2 CLA NH . -27.88 -47.02 32.45
C3 CLA NH . -29.07 -46.53 32.79
C4 CLA NH . -30.24 -46.61 31.89
C5 CLA NH . -29.28 -45.86 34.12
C6 CLA NH . -30.26 -44.71 34.09
C7 CLA NH . -29.81 -43.56 34.95
C8 CLA NH . -30.93 -42.59 35.33
C9 CLA NH . -31.86 -42.32 34.16
C10 CLA NH . -30.37 -41.28 35.85
C11 CLA NH . -31.47 -40.35 36.32
C12 CLA NH . -31.30 -38.96 35.74
C13 CLA NH . -32.59 -38.26 35.31
C14 CLA NH . -33.77 -39.19 35.08
C15 CLA NH . -32.36 -37.44 34.04
C16 CLA NH . -33.16 -36.16 34.04
C17 CLA NH . -32.57 -35.14 33.09
C18 CLA NH . -33.20 -35.20 31.70
C19 CLA NH . -32.55 -34.20 30.78
C20 CLA NH . -34.70 -34.97 31.78
MG CLA OH . -29.40 -21.19 27.92
CHA CLA OH . -30.66 -18.10 28.82
CHB CLA OH . -30.79 -20.85 24.83
CHC CLA OH . -27.68 -23.99 26.92
CHD CLA OH . -27.97 -21.50 31.13
NA CLA OH . -30.60 -19.73 27.03
C1A CLA OH . -31.00 -18.50 27.55
C2A CLA OH . -31.86 -17.73 26.55
C3A CLA OH . -32.14 -18.80 25.46
C4A CLA OH . -31.10 -19.88 25.76
CMA CLA OH . -33.55 -19.31 25.54
CAA CLA OH . -31.16 -16.51 25.97
CBA CLA OH . -29.70 -16.76 25.61
CGA CLA OH . -29.02 -15.51 25.14
O1A CLA OH . -29.38 -14.34 25.25
O2A CLA OH . -27.83 -15.76 24.50
NB CLA OH . -29.31 -22.27 26.21
C1B CLA OH . -29.84 -21.88 25.02
C2B CLA OH . -29.28 -22.71 23.93
C3B CLA OH . -28.41 -23.60 24.50
C4B CLA OH . -28.42 -23.33 25.98
CMB CLA OH . -29.68 -22.55 22.53
CAB CLA OH . -27.59 -24.62 23.90
CBB CLA OH . -26.26 -24.60 23.81
NC CLA OH . -28.14 -22.55 28.89
C1C CLA OH . -27.56 -23.64 28.29
C2C CLA OH . -26.72 -24.34 29.25
C3C CLA OH . -26.79 -23.63 30.44
C4C CLA OH . -27.69 -22.51 30.20
CMC CLA OH . -25.92 -25.54 28.97
CAC CLA OH . -26.11 -23.93 31.71
CBC CLA OH . -26.96 -24.84 32.58
ND CLA OH . -29.40 -20.16 29.65
C1D CLA OH . -28.75 -20.39 30.89
C2D CLA OH . -29.03 -19.26 31.79
C3D CLA OH . -29.73 -18.33 31.05
C4D CLA OH . -29.93 -18.95 29.72
CMD CLA OH . -28.55 -19.17 33.17
CAD CLA OH . -30.39 -17.04 31.04
OBD CLA OH . -30.50 -16.24 31.95
CBD CLA OH . -30.96 -16.83 29.61
CGD CLA OH . -32.42 -16.46 29.63
O1D CLA OH . -33.40 -17.20 29.55
O2D CLA OH . -32.61 -15.12 29.79
CED CLA OH . -33.94 -14.63 29.90
C1 CLA OH . -26.66 -15.92 25.34
C2 CLA OH . -25.85 -14.68 25.15
C3 CLA OH . -24.76 -14.40 25.87
C4 CLA OH . -23.99 -13.16 25.66
C5 CLA OH . -24.25 -15.31 26.95
C6 CLA OH . -24.42 -14.68 28.31
C7 CLA OH . -23.25 -14.98 29.23
C8 CLA OH . -23.32 -14.13 30.50
C9 CLA OH . -23.27 -12.66 30.17
C10 CLA OH . -22.21 -14.50 31.47
C11 CLA OH . -22.35 -13.71 32.77
C12 CLA OH . -21.25 -14.05 33.76
C13 CLA OH . -20.52 -12.79 34.23
C14 CLA OH . -19.10 -13.13 34.64
C15 CLA OH . -21.26 -12.12 35.38
C16 CLA OH . -21.74 -10.75 34.99
MG CLA PH . -40.61 -24.19 39.90
CHA CLA PH . -43.09 -23.19 37.68
CHB CLA PH . -42.59 -23.31 42.51
CHC CLA PH . -38.18 -25.31 42.03
CHD CLA PH . -38.64 -25.19 37.14
NA CLA PH . -42.53 -23.36 40.05
C1A CLA PH . -43.41 -23.05 39.01
C2A CLA PH . -44.73 -22.50 39.57
C3A CLA PH . -44.46 -22.40 41.09
C4A CLA PH . -43.11 -23.08 41.25
CMA CLA PH . -44.42 -20.97 41.54
CAA CLA PH . -45.90 -23.45 39.33
CBA CLA PH . -45.57 -24.91 39.57
CGA CLA PH . -45.89 -25.32 40.98
O1A CLA PH . -46.95 -25.19 41.59
O2A CLA PH . -44.82 -25.89 41.63
NB CLA PH . -40.45 -24.35 41.90
C1B CLA PH . -41.34 -23.87 42.79
C2B CLA PH . -40.77 -23.98 44.17
C3B CLA PH . -39.53 -24.54 44.04
C4B CLA PH . -39.30 -24.78 42.58
CMB CLA PH . -41.52 -23.51 45.34
CAB CLA PH . -38.50 -24.88 44.99
CBB CLA PH . -38.67 -25.31 46.25
NC CLA PH . -38.74 -25.08 39.63
C1C CLA PH . -37.90 -25.45 40.64
C2C CLA PH . -36.69 -26.03 40.07
C3C CLA PH . -36.84 -26.03 38.71
C4C CLA PH . -38.14 -25.43 38.43
CMC CLA PH . -35.53 -26.53 40.83
CAC CLA PH . -35.88 -26.52 37.70
CBC CLA PH . -36.22 -27.90 37.23
ND CLA PH . -40.72 -24.12 37.88
C1D CLA PH . -39.82 -24.55 36.86
C2D CLA PH . -40.39 -24.23 35.54
C3D CLA PH . -41.65 -23.70 35.79
C4D CLA PH . -41.81 -23.69 37.26
CMD CLA PH . -39.68 -24.45 34.29
CAD CLA PH . -42.86 -23.14 35.22
OBD CLA PH . -43.13 -22.92 34.05
CBD CLA PH . -43.83 -22.83 36.41
CGD CLA PH . -44.21 -21.38 36.41
O1D CLA PH . -45.28 -20.89 36.07
O2D CLA PH . -43.21 -20.56 36.83
CED CLA PH . -43.55 -19.23 37.23
C1 CLA PH . -45.02 -26.23 43.02
C2 CLA PH . -43.67 -26.50 43.59
C3 CLA PH . -43.47 -27.14 44.75
C4 CLA PH . -44.60 -27.62 45.60
C5 CLA PH . -42.10 -27.39 45.28
C6 CLA PH . -41.43 -28.56 44.59
C7 CLA PH . -41.15 -29.71 45.55
C8 CLA PH . -40.93 -31.02 44.81
C9 CLA PH . -41.98 -32.03 45.26
C10 CLA PH . -39.49 -31.51 44.98
C11 CLA PH . -39.30 -32.88 45.59
C12 CLA PH . -37.82 -33.24 45.71
C13 CLA PH . -37.21 -33.44 44.34
C14 CLA PH . -37.40 -34.87 43.86
C15 CLA PH . -35.72 -33.02 44.31
C16 CLA PH . -34.78 -34.10 44.81
C17 CLA PH . -33.89 -33.61 45.93
C18 CLA PH . -33.47 -34.76 46.85
C19 CLA PH . -33.03 -34.23 48.20
C20 CLA PH . -32.37 -35.58 46.23
MG CLA QH . -36.11 -16.70 54.75
CHA CLA QH . -38.85 -18.24 53.27
CHB CLA QH . -38.19 -14.81 56.66
CHC CLA QH . -33.37 -15.34 56.31
CHD CLA QH . -33.98 -18.75 52.82
NA CLA QH . -38.19 -16.56 54.91
C1A CLA QH . -39.17 -17.29 54.22
C2A CLA QH . -40.58 -16.87 54.66
C3A CLA QH . -40.32 -15.71 55.64
C4A CLA QH . -38.79 -15.67 55.76
CMA CLA QH . -40.87 -14.41 55.10
CAA CLA QH . -41.34 -17.97 55.39
CBA CLA QH . -40.64 -18.42 56.65
CGA CLA QH . -41.12 -19.77 57.10
O1A CLA QH . -42.28 -20.17 57.21
O2A CLA QH . -40.09 -20.63 57.39
NB CLA QH . -35.84 -15.36 56.23
C1B CLA QH . -36.81 -14.67 56.87
C2B CLA QH . -36.22 -13.71 57.84
C3B CLA QH . -34.85 -13.87 57.74
C4B CLA QH . -34.60 -14.90 56.71
CMB CLA QH . -37.02 -12.83 58.68
CAB CLA QH . -33.77 -13.20 58.43
CBB CLA QH . -33.58 -11.88 58.50
NC CLA QH . -34.05 -16.98 54.56
C1C CLA QH . -33.11 -16.31 55.31
C2C CLA QH . -31.78 -16.75 54.95
C3C CLA QH . -31.94 -17.73 53.95
C4C CLA QH . -33.37 -17.87 53.73
CMC CLA QH . -30.56 -16.23 55.56
CAC CLA QH . -30.89 -18.50 53.26
CBC CLA QH . -30.06 -17.73 52.27
ND CLA QH . -36.30 -18.10 53.31
C1D CLA QH . -35.33 -18.88 52.61
C2D CLA QH . -36.04 -19.78 51.68
C3D CLA QH . -37.39 -19.55 51.87
C4D CLA QH . -37.49 -18.52 52.91
CMD CLA QH . -35.38 -20.71 50.77
CAD CLA QH . -38.73 -19.90 51.45
OBD CLA QH . -39.11 -20.64 50.56
CBD CLA QH . -39.70 -19.12 52.39
CGD CLA QH . -40.70 -18.30 51.62
O1D CLA QH . -40.52 -17.21 51.07
O2D CLA QH . -41.93 -18.87 51.53
CED CLA QH . -42.97 -18.13 50.88
C1 CLA QH . -40.46 -21.92 57.89
C2 CLA QH . -39.32 -22.85 57.70
C3 CLA QH . -39.48 -24.14 57.38
C4 CLA QH . -40.82 -24.75 57.18
C5 CLA QH . -38.32 -25.06 57.19
C6 CLA QH . -38.36 -25.74 55.84
C7 CLA QH . -37.36 -26.87 55.76
C8 CLA QH . -37.24 -27.43 54.36
C9 CLA QH . -38.59 -27.83 53.79
C10 CLA QH . -36.30 -28.64 54.34
C11 CLA QH . -35.14 -28.42 53.41
C12 CLA QH . -34.09 -29.50 53.56
C13 CLA QH . -33.24 -29.33 54.81
C14 CLA QH . -32.64 -27.95 54.88
C15 CLA QH . -32.13 -30.37 54.87
C16 CLA QH . -32.68 -31.78 54.92
C17 CLA QH . -31.57 -32.81 54.84
C18 CLA QH . -32.12 -34.21 54.64
C19 CLA QH . -31.14 -35.25 55.16
C20 CLA QH . -32.41 -34.47 53.18
MG CLA RH . -37.18 -25.44 50.98
CHA CLA RH . -40.20 -24.04 52.01
CHB CLA RH . -38.87 -27.50 48.87
CHC CLA RH . -34.21 -26.97 50.17
CHD CLA RH . -35.49 -23.36 53.28
NA CLA RH . -39.21 -25.67 50.49
C1A CLA RH . -40.33 -24.99 51.03
C2A CLA RH . -41.62 -25.48 50.36
C3A CLA RH . -41.14 -26.56 49.37
C4A CLA RH . -39.63 -26.58 49.56
CMA CLA RH . -41.72 -27.91 49.70
CAA CLA RH . -42.27 -24.36 49.56
CBA CLA RH . -43.27 -24.81 48.52
CGA CLA RH . -44.41 -25.54 49.17
O1A CLA RH . -45.07 -26.48 48.73
O2A CLA RH . -44.73 -25.06 50.41
NB CLA RH . -36.62 -26.85 49.65
C1B CLA RH . -37.49 -27.67 49.00
C2B CLA RH . -36.77 -28.84 48.44
C3B CLA RH . -35.45 -28.71 48.79
C4B CLA RH . -35.34 -27.45 49.59
CMB CLA RH . -37.43 -29.91 47.70
CAB CLA RH . -34.39 -29.65 48.53
CBB CLA RH . -33.20 -29.41 47.96
NC CLA RH . -35.20 -25.16 51.57
C1C CLA RH . -34.14 -25.88 51.10
C2C CLA RH . -32.91 -25.43 51.73
C3C CLA RH . -33.27 -24.42 52.62
C4C CLA RH . -34.71 -24.27 52.52
CMC CLA RH . -31.57 -25.96 51.46
CAC CLA RH . -32.38 -23.63 53.48
CBC CLA RH . -32.22 -24.22 54.85
ND CLA RH . -37.66 -24.05 52.36
C1D CLA RH . -36.86 -23.26 53.23
C2D CLA RH . -37.73 -22.37 54.01
C3D CLA RH . -39.03 -22.65 53.62
C4D CLA RH . -38.92 -23.69 52.57
CMD CLA RH . -37.26 -21.42 55.01
CAD CLA RH . -40.44 -22.34 53.78
OBD CLA RH . -40.98 -21.55 54.54
CBD CLA RH . -41.22 -23.20 52.77
CGD CLA RH . -42.25 -24.07 53.43
O1D CLA RH . -42.26 -25.31 53.51
O2D CLA RH . -43.28 -23.39 54.00
CED CLA RH . -43.96 -24.00 55.08
C1 CLA RH . -45.90 -25.63 51.04
C2 CLA RH . -45.42 -26.49 52.15
C3 CLA RH . -45.55 -27.83 52.17
C4 CLA RH . -46.17 -28.59 51.06
C5 CLA RH . -45.05 -28.62 53.32
C6 CLA RH . -43.75 -29.35 53.03
C7 CLA RH . -42.64 -28.80 53.90
C8 CLA RH . -41.71 -29.88 54.43
C9 CLA RH . -41.18 -30.76 53.31
C10 CLA RH . -42.43 -30.73 55.48
C11 CLA RH . -41.69 -30.69 56.80
C12 CLA RH . -40.95 -31.98 57.07
C13 CLA RH . -41.70 -32.88 58.04
C14 CLA RH . -41.84 -32.21 59.38
C15 CLA RH . -41.00 -34.22 58.19
C16 CLA RH . -41.92 -35.28 58.78
C17 CLA RH . -42.44 -36.24 57.74
C18 CLA RH . -42.05 -37.69 58.02
C19 CLA RH . -40.58 -37.92 57.76
C20 CLA RH . -42.39 -38.09 59.44
MG CLA SH . -18.05 -19.00 52.02
CHA CLA SH . -14.99 -19.87 53.35
CHB CLA SH . -19.67 -20.26 54.73
CHC CLA SH . -21.02 -17.90 50.69
CHD CLA SH . -16.36 -17.70 49.15
NA CLA SH . -17.40 -19.92 53.77
C1A CLA SH . -16.07 -20.17 54.15
C2A CLA SH . -16.04 -20.86 55.51
C3A CLA SH . -17.54 -21.08 55.84
C4A CLA SH . -18.28 -20.36 54.72
CMA CLA SH . -17.87 -22.54 55.90
CAA CLA SH . -15.39 -19.97 56.57
CBA CLA SH . -16.26 -18.78 56.92
CGA CLA SH . -15.47 -17.51 57.06
O1A CLA SH . -14.25 -17.38 57.10
O2A CLA SH . -16.24 -16.38 57.16
NB CLA SH . -19.98 -19.09 52.59
C1B CLA SH . -20.45 -19.64 53.74
C2B CLA SH . -21.94 -19.49 53.78
C3B CLA SH . -22.32 -18.84 52.64
C4B CLA SH . -21.08 -18.55 51.88
CMB CLA SH . -22.78 -19.98 54.87
CAB CLA SH . -23.62 -18.41 52.17
CBB CLA SH . -24.66 -19.20 51.91
NC CLA SH . -18.58 -18.00 50.26
C1C CLA SH . -19.85 -17.64 49.93
C2C CLA SH . -19.87 -16.93 48.65
C3C CLA SH . -18.55 -16.88 48.20
C4C CLA SH . -17.75 -17.53 49.21
CMC CLA SH . -21.07 -16.42 48.00
CAC CLA SH . -18.08 -16.26 46.95
CBC CLA SH . -17.94 -17.22 45.80
ND CLA SH . -16.16 -18.77 51.36
C1D CLA SH . -15.60 -18.28 50.15
C2D CLA SH . -14.14 -18.48 50.15
C3D CLA SH . -13.85 -19.05 51.36
C4D CLA SH . -15.13 -19.23 52.07
CMD CLA SH . -13.25 -18.09 49.05
CAD CLA SH . -12.80 -19.58 52.20
OBD CLA SH . -11.59 -19.64 52.00
CBD CLA SH . -13.50 -20.14 53.48
CGD CLA SH . -13.20 -21.61 53.60
O1D CLA SH . -13.66 -22.53 52.94
O2D CLA SH . -12.28 -21.89 54.56
CED CLA SH . -11.17 -22.72 54.21
C1 CLA SH . -15.67 -15.29 57.92
C2 CLA SH . -16.59 -14.13 57.79
C3 CLA SH . -17.26 -13.59 58.82
C4 CLA SH . -17.16 -14.13 60.19
C5 CLA SH . -18.16 -12.42 58.62
C6 CLA SH . -19.57 -12.68 59.11
C7 CLA SH . -20.44 -11.45 58.93
C8 CLA SH . -21.87 -11.70 59.36
C9 CLA SH . -22.70 -12.21 58.19
C10 CLA SH . -22.50 -10.44 59.95
C11 CLA SH . -22.69 -9.35 58.93
C12 CLA SH . -23.04 -8.02 59.56
C13 CLA SH . -23.74 -7.09 58.58
C14 CLA SH . -23.26 -5.66 58.76
C15 CLA SH . -25.26 -7.14 58.75
C16 CLA SH . -25.94 -7.63 57.49
C17 CLA SH . -26.65 -8.95 57.72
C18 CLA SH . -27.83 -8.81 58.68
C20 CLA SH . -28.32 -10.17 59.09
MG CLA TH . -14.22 -17.68 40.21
CHA CLA TH . -11.42 -17.34 42.23
CHB CLA TH . -15.56 -14.89 41.61
CHC CLA TH . -16.69 -17.77 37.85
CHD CLA TH . -12.67 -20.44 38.63
NA CLA TH . -13.61 -16.40 41.74
C1A CLA TH . -12.40 -16.39 42.43
C2A CLA TH . -12.37 -15.26 43.46
C3A CLA TH . -13.83 -14.74 43.44
C4A CLA TH . -14.39 -15.36 42.17
CMA CLA TH . -14.60 -15.15 44.67
CAA CLA TH . -11.38 -14.19 43.02
CBA CLA TH . -12.02 -12.82 42.83
CGA CLA TH . -11.70 -12.26 41.47
O1A CLA TH . -10.87 -11.41 41.17
O2A CLA TH . -12.47 -12.82 40.49
NB CLA TH . -15.89 -16.61 39.87
C1B CLA TH . -16.17 -15.41 40.45
C2B CLA TH . -17.24 -14.71 39.67
C3B CLA TH . -17.57 -15.52 38.62
C4B CLA TH . -16.71 -16.73 38.72
CMB CLA TH . -17.77 -13.39 40.03
CAB CLA TH . -18.52 -15.27 37.56
CBB CLA TH . -19.50 -16.07 37.12
NC CLA TH . -14.66 -18.95 38.62
C1C CLA TH . -15.75 -18.83 37.81
C2C CLA TH . -15.76 -19.87 36.79
C3C CLA TH . -14.59 -20.60 36.97
C4C CLA TH . -13.89 -20.01 38.12
CMC CLA TH . -16.79 -20.04 35.78
CAC CLA TH . -14.14 -21.74 36.17
CBC CLA TH . -13.21 -21.36 35.04
ND CLA TH . -12.53 -18.77 40.42
C1D CLA TH . -12.01 -19.86 39.68
C2D CLA TH . -10.69 -20.24 40.25
C3D CLA TH . -10.42 -19.32 41.23
C4D CLA TH . -11.58 -18.40 41.28
CMD CLA TH . -9.88 -21.37 39.79
CAD CLA TH . -9.49 -18.89 42.26
OBD CLA TH . -8.43 -19.39 42.61
CBD CLA TH . -10.06 -17.57 42.86
CGD CLA TH . -10.17 -17.65 44.35
O1D CLA TH . -9.91 -16.77 45.18
O2D CLA TH . -10.63 -18.85 44.79
CED CLA TH . -11.90 -18.85 45.44
C1 CLA TH . -13.33 -11.90 39.79
C2 CLA TH . -13.82 -12.63 38.59
C3 CLA TH . -14.47 -12.05 37.57
C4 CLA TH . -14.75 -10.59 37.55
C5 CLA TH . -14.94 -12.83 36.39
C6 CLA TH . -14.88 -14.34 36.63
C7 CLA TH . -14.70 -15.09 35.33
C8 CLA TH . -13.36 -15.82 35.23
C9 CLA TH . -13.41 -16.87 34.14
C10 CLA TH . -12.93 -16.45 36.55
C11 CLA TH . -11.55 -17.06 36.46
C12 CLA TH . -10.79 -16.97 37.77
C13 CLA TH . -9.35 -17.45 37.60
C14 CLA TH . -9.31 -18.86 37.04
C15 CLA TH . -8.57 -17.37 38.91
C16 CLA TH . -7.16 -17.88 38.75
C17 CLA TH . -6.46 -18.03 40.09
C18 CLA TH . -4.96 -18.23 39.94
C19 CLA TH . -4.29 -18.33 41.30
C20 CLA TH . -4.67 -19.49 39.14
MG CLA UH . -13.96 -30.15 27.08
CHA CLA UH . -10.52 -30.53 27.48
CHB CLA UH . -14.49 -31.52 30.13
CHC CLA UH . -17.35 -29.92 26.56
CHD CLA UH . -13.40 -28.63 23.95
NA CLA UH . -12.67 -30.86 28.56
C1A CLA UH . -11.26 -30.96 28.56
C2A CLA UH . -10.76 -31.55 29.89
C3A CLA UH . -12.04 -31.61 30.76
C4A CLA UH . -13.16 -31.33 29.76
CMA CLA UH . -12.25 -32.91 31.49
CAA CLA UH . -9.73 -30.70 30.61
CBA CLA UH . -8.91 -31.48 31.63
CGA CLA UH . -7.67 -32.08 31.05
O1A CLA UH . -6.51 -31.74 31.24
O2A CLA UH . -7.90 -33.13 30.18
NB CLA UH . -15.61 -30.61 28.16
C1B CLA UH . -15.61 -31.27 29.34
C2B CLA UH . -17.00 -31.69 29.68
C3B CLA UH . -17.82 -31.23 28.67
C4B CLA UH . -16.93 -30.53 27.69
CMB CLA UH . -17.33 -32.41 30.91
CAB CLA UH . -19.24 -31.31 28.48
CBB CLA UH . -20.15 -30.78 29.29
NC CLA UH . -15.15 -29.37 25.56
C1C CLA UH . -16.52 -29.35 25.57
C2C CLA UH . -17.03 -28.70 24.37
C3C CLA UH . -15.91 -28.35 23.60
C4C CLA UH . -14.74 -28.77 24.37
CMC CLA UH . -18.46 -28.49 24.11
CAC CLA UH . -15.87 -27.61 22.33
CBC CLA UH . -16.37 -28.37 21.12
ND CLA UH . -12.39 -29.62 25.96
C1D CLA UH . -12.31 -29.03 24.67
C2D CLA UH . -10.89 -28.95 24.28
C3D CLA UH . -10.16 -29.52 25.30
C4D CLA UH . -11.14 -29.93 26.32
CMD CLA UH . -10.40 -28.39 23.02
CAD CLA UH . -8.84 -29.84 25.78
OBD CLA UH . -7.75 -29.63 25.26
CBD CLA UH . -9.03 -30.54 27.15
CGD CLA UH . -8.45 -31.92 27.14
O1D CLA UH . -9.05 -32.99 26.91
O2D CLA UH . -7.13 -31.97 27.42
CED CLA UH . -6.41 -33.18 27.14
C1 CLA UH . -8.65 -34.27 30.64
C2 CLA UH . -7.96 -34.86 31.83
C3 CLA UH . -8.62 -35.58 32.75
C4 CLA UH . -10.07 -35.85 32.66
C5 CLA UH . -7.90 -36.15 33.92
C6 CLA UH . -8.05 -35.28 35.17
C03 II0 VH . -23.52 -24.92 53.09
C04 II0 VH . -42.12 -31.16 39.94
C05 II0 VH . -22.25 -24.88 53.95
C06 II0 VH . -43.47 -31.32 39.20
C07 II0 VH . -20.99 -24.59 53.14
C08 II0 VH . -44.49 -30.28 39.63
C09 II0 VH . -23.68 -23.67 52.18
C10 II0 VH . -41.58 -29.71 40.01
C11 II0 VH . -21.14 -23.26 52.38
C12 II0 VH . -43.95 -28.88 39.36
C13 II0 VH . -22.37 -23.29 51.45
C14 II0 VH . -42.66 -28.63 40.15
C15 II0 VH . -23.48 -26.20 52.23
C16 II0 VH . -24.73 -24.99 54.07
C17 II0 VH . -42.33 -31.76 41.36
C18 II0 VH . -41.09 -32.04 39.17
C19 II0 VH . -22.49 -21.89 50.82
C20 II0 VH . -42.07 -27.29 39.67
C21 II0 VH . -24.77 -23.96 51.12
C22 II0 VH . -40.65 -29.55 41.24
C23 II0 VH . -25.82 -23.11 51.21
C24 II0 VH . -39.32 -29.49 41.01
C25 II0 VH . -27.19 -22.60 50.72
C26 II0 VH . -37.88 -29.36 41.57
C27 II0 VH . -27.74 -21.59 51.70
C28 II0 VH . -37.22 -30.73 41.59
C29 II0 VH . -28.17 -23.78 50.56
C30 II0 VH . -37.97 -28.79 43.00
C31 II0 VH . -28.58 -23.99 49.07
C32 II0 VH . -36.64 -28.78 43.82
C33 II0 VH . -29.91 -23.95 48.90
C34 II0 VH . -36.32 -27.50 44.15
C35 II0 VH . -31.18 -24.01 48.02
C36 II0 VH . -35.06 -27.95 44.91
C37 II0 VH . -32.38 -23.47 48.80
C38 II0 VH . -33.90 -28.26 43.97
C39 II0 VH . -31.41 -25.44 47.51
C40 II0 VH . -34.70 -26.78 45.85
C41 II0 VH . -32.88 -25.73 47.14
C42 II0 VH . -33.20 -26.55 46.14
O01 II0 VH . -19.89 -24.51 54.00
O02 II0 VH . -45.69 -30.44 38.90
C03 II0 WH . -20.89 -28.93 37.44
C04 II0 WH . -26.41 -6.22 42.59
C05 II0 WH . -20.40 -30.38 37.64
C06 II0 WH . -26.99 -4.83 42.30
C07 II0 WH . -20.46 -30.75 39.11
C08 II0 WH . -28.06 -4.88 41.22
C09 II0 WH . -22.28 -28.65 38.05
C10 II0 WH . -27.55 -7.19 42.98
C11 II0 WH . -21.90 -30.67 39.62
C12 II0 WH . -29.16 -5.90 41.57
C13 II0 WH . -22.45 -29.24 39.47
C14 II0 WH . -28.61 -7.31 41.87
C15 II0 WH . -19.82 -28.00 38.06
C16 II0 WH . -20.97 -28.67 35.91
C17 II0 WH . -25.60 -6.69 41.34
C18 II0 WH . -25.44 -6.09 43.81
C19 II0 WH . -23.95 -29.31 39.82
C20 II0 WH . -29.83 -8.13 42.32
C21 II0 WH . -22.48 -27.13 38.12
C22 II0 WH . -27.00 -8.55 43.59
C23 II0 WH . -23.52 -26.70 37.37
C24 II0 WH . -26.74 -9.69 42.88
C25 II0 WH . -24.42 -25.59 36.81
C26 II0 WH . -26.26 -11.16 42.96
C27 II0 WH . -24.52 -25.75 35.31
C28 II0 WH . -24.99 -11.21 43.80
C29 II0 WH . -23.86 -24.20 37.13
C30 II0 WH . -25.98 -11.80 41.60
C31 II0 WH . -24.92 -23.32 37.87
C32 II0 WH . -25.85 -13.35 41.71
C33 II0 WH . -25.00 -22.05 37.45
C34 II0 WH . -25.67 -13.93 40.50
C35 II0 WH . -25.66 -20.65 37.54
C36 II0 WH . -25.61 -15.34 41.10
C37 II0 WH . -26.01 -20.15 36.15
C38 II0 WH . -24.22 -15.64 41.66
C39 II0 WH . -24.76 -19.67 38.32
C40 II0 WH . -25.97 -16.32 39.97
C41 II0 WH . -25.53 -18.40 38.76
C42 II0 WH . -25.07 -17.53 39.67
O01 II0 WH . -19.98 -32.05 39.32
O02 II0 WH . -28.66 -3.61 41.07
C02 IHT XH . -15.85 -26.21 35.96
C03 IHT XH . -25.89 -8.91 48.43
C04 IHT XH . -14.70 -27.22 35.85
C05 IHT XH . -27.11 -9.39 49.25
C06 IHT XH . -14.15 -27.71 37.19
C07 IHT XH . -15.77 -25.42 37.26
C08 IHT XH . -27.08 -9.15 50.76
C09 IHT XH . -13.69 -26.53 38.03
C10 IHT XH . -14.67 -25.39 38.04
C11 IHT XH . -24.62 -9.30 49.18
C12 IHT XH . -25.73 -8.74 51.33
C13 IHT XH . -15.71 -25.26 34.76
C14 IHT XH . -17.19 -26.93 35.86
C15 IHT XH . -24.56 -9.24 50.53
C16 IHT XH . -25.96 -9.63 47.08
C17 IHT XH . -25.96 -7.40 48.18
C18 IHT XH . -17.01 -24.70 37.62
C19 IHT XH . -14.30 -24.27 38.95
C20 IHT XH . -23.35 -9.62 51.33
C21 IHT XH . -23.51 -9.77 48.43
C22 IHT XH . -17.20 -23.38 37.70
C23 IHT XH . -18.41 -22.69 38.11
C24 IHT XH . -22.64 -10.22 47.73
C25 IHT XH . -19.72 -23.42 38.04
C26 IHT XH . -21.70 -10.75 46.79
C27 IHT XH . -18.29 -21.44 38.62
C28 IHT XH . -20.34 -10.13 46.78
C29 IHT XH . -22.16 -11.75 45.97
C30 IHT XH . -19.30 -20.60 39.16
C31 IHT XH . -21.44 -12.71 45.16
C32 IHT XH . -19.01 -19.41 39.70
C33 IHT XH . -19.91 -18.45 40.31
C34 IHT XH . -20.10 -12.83 45.09
C35 IHT XH . -19.34 -13.76 44.27
C36 IHT XH . -21.39 -18.66 40.13
C37 IHT XH . -19.39 -17.45 41.05
C38 IHT XH . -19.99 -14.62 43.47
C39 IHT XH . -17.85 -13.70 44.38
C40 IHT XH . -20.07 -16.48 41.83
C41 IHT XH . -19.40 -15.63 42.63
O01 IHT XH . -28.03 -8.12 51.07
C03 II0 YH . -23.17 -47.04 33.03
C04 II0 YH . -32.14 -25.24 31.63
C05 II0 YH . -22.02 -47.43 34.00
C06 II0 YH . -33.15 -24.10 31.41
C07 II0 YH . -22.40 -48.17 35.27
C08 II0 YH . -34.46 -24.31 32.15
C09 II0 YH . -24.31 -46.45 33.86
C10 II0 YH . -32.21 -25.75 33.07
C11 II0 YH . -23.88 -48.12 35.66
C12 II0 YH . -34.16 -24.32 33.63
C13 II0 YH . -24.63 -46.94 35.07
C14 II0 YH . -33.08 -25.30 34.00
C15 II0 YH . -22.61 -45.98 32.07
C16 II0 YH . -23.63 -48.26 32.22
C17 II0 YH . -32.47 -26.37 30.64
C18 II0 YH . -30.74 -24.69 31.30
C19 II0 YH . -25.73 -46.42 35.94
C20 II0 YH . -33.08 -25.71 35.44
C21 II0 YH . -25.03 -45.36 33.31
C22 II0 YH . -31.28 -26.76 33.43
C23 II0 YH . -25.63 -44.40 32.93
C24 II0 YH . -30.51 -27.66 33.67
C25 II0 YH . -26.27 -43.16 32.56
C26 II0 YH . -29.55 -28.70 33.85
C27 II0 YH . -27.13 -43.21 31.33
C28 II0 YH . -28.22 -28.29 34.41
C29 II0 YH . -26.00 -42.08 33.33
C30 II0 YH . -29.86 -29.97 33.50
C31 II0 YH . -26.68 -40.82 33.44
C32 II0 YH . -29.12 -31.17 33.79
C33 II0 YH . -27.83 -40.49 32.84
C34 II0 YH . -29.48 -32.37 33.31
C35 II0 YH . -28.53 -39.22 32.92
C36 II0 YH . -28.84 -33.66 33.51
C37 II0 YH . -29.81 -39.08 32.12
C38 II0 YH . -27.77 -33.74 34.56
C39 II0 YH . -28.00 -38.21 33.65
C40 II0 YH . -29.22 -34.70 32.73
C41 II0 YH . -28.46 -36.86 33.78
C42 II0 YH . -28.74 -36.06 32.71
O01 II0 YH . -22.01 -49.54 35.13
O02 II0 YH . -35.37 -23.25 31.83
O1 LHG ZH . -7.43 -34.61 36.03
C1 LHG ZH . -8.54 -33.91 35.50
C2 LHG ZH . -8.13 -32.50 35.16
O2 LHG ZH . -6.79 -32.26 35.56
C3 LHG ZH . -8.94 -31.45 35.87
O3 LHG ZH . -9.16 -30.56 34.79
P LHG ZH . -8.28 -29.21 34.60
O4 LHG ZH . -8.38 -28.43 35.86
O5 LHG ZH . -7.14 -29.64 33.76
O6 LHG ZH . -9.40 -28.46 33.61
C4 LHG ZH . -9.37 -27.06 33.45
C5 LHG ZH . -10.44 -26.76 32.38
C6 LHG ZH . -11.44 -27.90 32.21
O7 LHG ZH . -11.14 -25.63 32.84
C7 LHG ZH . -10.71 -24.48 32.28
O9 LHG ZH . -9.83 -23.80 32.78
C8 LHG ZH . -11.65 -24.02 31.24
C9 LHG ZH . -12.87 -23.43 31.89
C10 LHG ZH . -14.05 -23.50 30.96
O8 LHG ZH . -12.59 -27.27 31.62
C23 LHG ZH . -12.82 -27.49 30.30
O10 LHG ZH . -11.94 -27.98 29.62
C24 LHG ZH . -14.23 -27.47 29.76
C11 LHG ZH . -15.21 -23.16 31.87
C12 LHG ZH . -16.48 -23.30 31.11
C13 LHG ZH . -17.56 -22.51 31.82
C14 LHG ZH . -17.96 -23.15 33.12
C15 LHG ZH . -19.44 -23.46 32.99
C16 LHG ZH . -19.68 -24.85 33.53
C17 LHG ZH . -21.17 -25.16 33.56
C18 LHG ZH . -21.49 -25.48 32.13
C19 LHG ZH . -22.88 -26.01 31.91
C20 LHG ZH . -22.77 -27.42 32.44
C21 LHG ZH . -23.98 -28.21 32.07
C22 LHG ZH . -23.65 -29.67 32.23
C25 LHG ZH . -14.41 -26.93 28.36
C26 LHG ZH . -15.50 -25.89 28.17
C27 LHG ZH . -16.77 -26.72 28.13
C28 LHG ZH . -17.91 -26.21 28.97
C29 LHG ZH . -18.98 -25.75 28.00
C30 LHG ZH . -20.37 -25.55 28.56
C31 LHG ZH . -21.22 -24.49 27.88
C32 LHG ZH . -21.27 -23.14 28.59
C33 LHG ZH . -22.74 -22.79 28.77
C34 LHG ZH . -23.57 -22.74 27.50
C35 LHG ZH . -24.45 -21.51 27.47
C36 LHG ZH . -24.88 -21.27 26.03
C37 LHG ZH . -26.15 -20.49 26.08
C38 LHG ZH . -26.49 -19.77 24.79
C1 LMG AI . -54.33 -33.78 36.21
O1 LMG AI . -53.11 -33.95 36.87
C2 LMG AI . -54.03 -32.72 35.09
O2 LMG AI . -54.01 -31.50 35.75
C3 LMG AI . -55.25 -32.72 34.13
O3 LMG AI . -54.89 -31.88 33.08
C4 LMG AI . -55.50 -34.15 33.58
O4 LMG AI . -54.37 -34.57 32.91
C5 LMG AI . -55.71 -35.07 34.81
O5 LMG AI . -57.22 -36.51 33.76
C6 LMG AI . -55.94 -36.50 34.32
O6 LMG AI . -54.56 -35.06 35.63
C7 LMG AI . -53.22 -34.02 38.28
C8 LMG AI . -52.38 -35.25 38.75
C9 LMG AI . -51.61 -35.89 37.58
O7 LMG AI . -51.39 -34.80 39.63
C10 LMG AI . -51.53 -34.98 40.97
O9 LMG AI . -52.66 -35.09 41.43
C11 LMG AI . -50.27 -34.70 41.69
C12 LMG AI . -50.43 -34.90 43.19
C13 LMG AI . -49.13 -34.79 43.97
C14 LMG AI . -48.06 -35.62 43.26
C15 LMG AI . -46.86 -35.79 44.16
C16 LMG AI . -46.23 -34.44 44.45
C17 LMG AI . -44.74 -34.54 44.19
C18 LMG AI . -44.15 -35.55 45.15
C19 LMG AI . -42.69 -35.72 44.79
C20 LMG AI . -42.64 -36.74 43.70
O8 LMG AI . -50.92 -37.00 38.11
C28 LMG AI . -50.45 -37.91 37.22
O10 LMG AI . -50.88 -37.90 36.07
C29 LMG AI . -49.20 -38.59 37.66
C30 LMG AI . -49.51 -39.96 38.23
C31 LMG AI . -49.48 -40.96 37.09
C32 LMG AI . -48.02 -41.25 36.77
C33 LMG AI . -47.95 -42.69 36.33
C34 LMG AI . -46.50 -43.07 36.18
C35 LMG AI . -46.46 -44.58 36.07
C36 LMG AI . -45.46 -45.04 37.09
C37 LMG AI . -44.08 -44.87 36.49
C38 LMG AI . -43.51 -46.26 36.54
C39 LMG AI . -43.22 -46.67 37.95
MG CLA BI . 34.48 11.63 -36.33
CHA CLA BI . 37.28 9.62 -36.76
CHB CLA BI . 35.13 11.81 -33.00
CHC CLA BI . 31.83 13.79 -36.00
CHD CLA BI . 33.79 11.31 -39.78
NA CLA BI . 35.97 10.82 -35.11
C1A CLA BI . 37.08 10.04 -35.47
C2A CLA BI . 37.92 9.69 -34.25
C3A CLA BI . 37.10 10.26 -33.08
C4A CLA BI . 35.99 11.04 -33.76
CMA CLA BI . 36.56 9.14 -32.23
CAA CLA BI . 39.26 10.41 -34.28
CBA CLA BI . 40.23 9.92 -33.24
CGA CLA BI . 41.21 10.99 -32.84
O1A CLA BI . 41.71 10.82 -33.95
O2A CLA BI . 42.27 11.84 -32.98
NB CLA BI . 33.61 12.59 -34.79
C1B CLA BI . 34.05 12.57 -33.51
C2B CLA BI . 33.23 13.48 -32.68
C3B CLA BI . 32.29 14.05 -33.50
C4B CLA BI . 32.53 13.49 -34.87
CMB CLA BI . 33.44 13.67 -31.24
CAB CLA BI . 31.27 15.00 -33.19
CBB CLA BI . 29.95 14.81 -33.31
NC CLA BI . 33.06 12.40 -37.66
C1C CLA BI . 32.08 13.28 -37.31
C2C CLA BI . 31.31 13.65 -38.48
C3C CLA BI . 31.84 12.93 -39.55
C4C CLA BI . 32.96 12.15 -39.02
CMC CLA BI . 30.19 14.58 -38.49
CAC CLA BI . 31.40 12.98 -40.95
CBC CLA BI . 32.16 14.02 -41.73
ND CLA BI . 35.30 10.73 -37.94
C1D CLA BI . 34.89 10.63 -39.29
C2D CLA BI . 35.82 9.74 -40.02
C3D CLA BI . 36.79 9.38 -39.11
C4D CLA BI . 36.41 10.00 -37.83
CMD CLA BI . 35.74 9.38 -41.43
CAD CLA BI . 38.00 8.61 -38.89
OBD CLA BI . 38.68 7.98 -39.69
CBD CLA BI . 38.32 8.71 -37.37
CGD CLA BI . 38.30 7.35 -36.76
O1D CLA BI . 37.32 6.75 -36.31
O2D CLA BI . 39.52 6.73 -36.70
CED CLA BI . 39.54 5.30 -36.76
C1 CLA BI . 43.14 12.02 -31.85
C2 CLA BI . 42.30 12.37 -30.68
C3 CLA BI . 41.67 13.54 -30.48
C4 CLA BI . 40.87 13.77 -29.26
C5 CLA BI . 41.76 14.68 -31.46
C6 CLA BI . 40.66 14.65 -32.50
C7 CLA BI . 39.57 15.68 -32.23
C8 CLA BI . 38.20 15.19 -32.67
C9 CLA BI . 37.85 13.89 -31.99
C10 CLA BI . 38.10 15.03 -34.18
C11 CLA BI . 36.66 15.09 -34.65
C12 CLA BI . 36.56 15.27 -36.15
C13 CLA BI . 35.13 15.23 -36.64
C14 CLA BI . 35.08 15.18 -38.16
C15 CLA BI . 34.31 16.41 -36.13
C16 CLA BI . 34.80 17.72 -36.69
C17 CLA BI . 33.69 18.75 -36.72
C18 CLA BI . 34.25 20.16 -36.87
C19 CLA BI . 34.74 20.69 -35.55
C20 CLA BI . 33.21 21.08 -37.46
MG CLA CI . 22.40 15.59 -62.05
CHA CLA CI . 19.92 16.40 -64.35
CHB CLA CI . 20.61 17.11 -59.59
CHC CLA CI . 24.79 14.61 -59.80
CHD CLA CI . 24.27 14.13 -64.67
NA CLA CI . 20.56 16.58 -62.00
C1A CLA CI . 19.66 16.80 -63.06
C2A CLA CI . 18.43 17.56 -62.56
C3A CLA CI . 18.75 17.87 -61.09
C4A CLA CI . 20.06 17.12 -60.85
CMA CLA CI . 18.91 19.35 -60.89
CAA CLA CI . 17.15 16.73 -62.61
CBA CLA CI . 17.38 15.26 -62.32
CGA CLA CI . 16.60 14.81 -61.13
O1A CLA CI . 15.38 14.82 -60.96
O2A CLA CI . 17.39 14.36 -60.11
NB CLA CI . 22.64 15.80 -60.06
C1B CLA CI . 21.82 16.49 -59.24
C2B CLA CI . 22.38 16.51 -57.86
C3B CLA CI . 23.57 15.81 -57.90
C4B CLA CI . 23.75 15.35 -59.31
CMB CLA CI . 21.70 17.19 -56.75
CAB CLA CI . 24.53 15.50 -56.87
CBB CLA CI . 24.27 15.08 -55.64
NC CLA CI . 24.20 14.55 -62.22
C1C CLA CI . 25.00 14.24 -61.15
C2C CLA CI . 26.13 13.46 -61.63
C3C CLA CI . 26.02 13.37 -63.00
C4C CLA CI . 24.79 14.05 -63.38
CMC CLA CI . 27.18 12.92 -60.77
CAC CLA CI . 26.94 12.66 -63.92
CBC CLA CI . 26.59 11.20 -64.08
ND CLA CI . 22.22 15.31 -64.05
C1D CLA CI . 23.07 14.70 -65.00
C2D CLA CI . 22.44 14.81 -66.33
C3D CLA CI . 21.22 15.42 -66.14
C4D CLA CI . 21.13 15.73 -64.69
CMD CLA CI . 23.04 14.28 -67.56
CAD CLA CI . 20.01 15.91 -66.76
OBD CLA CI . 19.65 15.85 -67.93
CBD CLA CI . 19.15 16.57 -65.63
CGD CLA CI . 18.89 18.02 -65.89
O1D CLA CI . 19.71 18.94 -65.90
O2D CLA CI . 17.58 18.31 -66.14
CED CLA CI . 17.01 17.87 -67.36
C1 CLA CI . 18.31 13.29 -60.42
C2 CLA CI . 19.15 13.09 -59.20
C3 CLA CI . 20.44 12.74 -59.25
C4 CLA CI . 21.17 12.51 -60.51
C5 CLA CI . 21.22 12.57 -57.98
MG CLA DI . 26.32 15.72 -50.37
CHA CLA DI . 24.28 18.51 -50.00
CHB CLA DI . 28.87 17.38 -48.86
CHC CLA DI . 28.20 12.85 -50.54
CHD CLA DI . 23.63 14.03 -51.95
NA CLA DI . 26.52 17.65 -49.59
C1A CLA DI . 25.55 18.66 -49.51
C2A CLA DI . 26.14 19.92 -48.88
C3A CLA DI . 27.63 19.58 -48.71
C4A CLA DI . 27.71 18.09 -49.07
CMA CLA DI . 28.47 20.41 -49.63
CAA CLA DI . 25.51 20.23 -47.53
CBA CLA DI . 25.57 19.07 -46.58
CGA CLA DI . 24.19 18.65 -46.17
O1A CLA DI . 23.47 17.77 -46.65
O2A CLA DI . 23.71 19.38 -45.11
NB CLA DI . 28.19 15.23 -49.86
C1B CLA DI . 29.05 16.02 -49.15
C2B CLA DI . 30.24 15.23 -48.73
C3B CLA DI . 30.06 13.95 -49.21
C4B CLA DI . 28.75 13.93 -49.93
CMB CLA DI . 31.35 15.79 -47.97
CAB CLA DI . 30.90 12.79 -49.08
CBB CLA DI . 30.81 11.88 -48.12
NC CLA DI . 25.98 13.80 -51.15
C1C CLA DI . 26.90 12.80 -51.12
C2C CLA DI . 26.34 11.60 -51.75
C3C CLA DI . 25.05 11.93 -52.13
C4C CLA DI . 24.82 13.31 -51.75
CMC CLA DI . 27.05 10.34 -51.91
CAC CLA DI . 24.07 11.05 -52.80
CBC CLA DI . 24.03 11.27 -54.29
ND CLA DI . 24.40 16.11 -50.90
C1D CLA DI . 23.42 15.34 -51.56
C2D CLA DI . 22.19 16.15 -51.71
C3D CLA DI . 22.46 17.36 -51.12
C4D CLA DI . 23.85 17.30 -50.63
CMD CLA DI . 20.96 15.69 -52.35
CAD CLA DI . 21.95 18.68 -50.79
OBD CLA DI . 20.84 19.17 -50.99
CBD CLA DI . 23.10 19.45 -50.09
CGD CLA DI . 23.49 20.70 -50.83
O1D CLA DI . 24.45 20.84 -51.58
O2D CLA DI . 22.67 21.77 -50.59
CED CLA DI . 23.08 23.03 -51.13
C1 CLA DI . 24.45 19.32 -43.88
C2 CLA DI . 24.45 17.91 -43.42
C3 CLA DI . 24.64 17.56 -42.13
C4 CLA DI . 24.85 18.57 -41.06
C5 CLA DI . 24.63 16.13 -41.72
MG CLA EI . 32.36 22.13 -47.45
CHA CLA EI . 33.57 25.08 -48.78
CHB CLA EI . 35.40 20.66 -47.96
CHC CLA EI . 31.33 19.43 -45.60
CHD CLA EI . 29.32 23.77 -46.73
NA CLA EI . 34.13 22.76 -48.33
C1A CLA EI . 34.46 24.04 -48.78
C2A CLA EI . 35.89 24.07 -49.29
C3A CLA EI . 36.22 22.58 -49.40
C4A CLA EI . 35.21 21.93 -48.47
CMA CLA EI . 35.86 22.16 -50.78
CAA CLA EI . 36.78 24.72 -48.24
CBA CLA EI . 37.60 25.85 -48.81
CGA CLA EI . 38.87 25.34 -49.41
O1A CLA EI . 39.57 24.40 -49.02
O2A CLA EI . 39.26 26.03 -50.52
NB CLA EI . 33.21 20.39 -46.89
C1B CLA EI . 34.47 19.98 -47.16
C2B CLA EI . 34.72 18.65 -46.55
C3B CLA EI . 33.56 18.29 -45.88
C4B CLA EI . 32.58 19.39 -46.11
CMB CLA EI . 36.00 17.94 -46.69
CAB CLA EI . 33.19 17.13 -45.12
CBB CLA EI . 33.93 16.50 -44.22
NC CLA EI . 30.59 21.64 -46.45
C1C CLA EI . 30.38 20.48 -45.78
C2C CLA EI . 29.06 20.48 -45.16
C3C CLA EI . 28.51 21.73 -45.45
C4C CLA EI . 29.48 22.46 -46.26
CMC CLA EI . 28.52 19.39 -44.37
CAC CLA EI . 27.20 22.25 -45.02
CBC CLA EI . 27.33 23.11 -43.78
ND CLA EI . 31.49 23.89 -47.89
C1D CLA EI . 30.25 24.46 -47.48
C2D CLA EI . 30.18 25.85 -47.98
C3D CLA EI . 31.41 26.13 -48.51
C4D CLA EI . 32.22 24.90 -48.37
CMD CLA EI . 29.00 26.72 -47.87
CAD CLA EI . 32.25 27.11 -49.18
OBD CLA EI . 31.96 28.21 -49.63
CBD CLA EI . 33.69 26.52 -49.25
CGD CLA EI . 34.27 26.60 -50.62
O1D CLA EI . 34.00 25.89 -51.60
O2D CLA EI . 35.21 27.58 -50.78
CED CLA EI . 36.12 27.47 -51.86
C1 CLA EI . 40.58 26.62 -50.46
C2 CLA EI . 40.85 27.24 -51.78
C3 CLA EI . 42.04 27.79 -52.10
C4 CLA EI . 43.18 27.82 -51.14
C5 CLA EI . 42.28 28.39 -53.44
C6 CLA EI . 42.74 29.83 -53.36
MG CLA FI . 34.17 27.53 -58.43
CHA CLA FI . 32.38 30.38 -57.62
CHB CLA FI . 34.25 28.51 -61.69
CHC CLA FI . 36.07 24.76 -59.16
CHD CLA FI . 34.13 26.58 -55.02
NA CLA FI . 33.42 29.18 -59.47
C1A CLA FI . 32.72 30.29 -58.94
C2A CLA FI . 32.37 31.28 -60.05
C3A CLA FI . 32.93 30.62 -61.33
C4A CLA FI . 33.60 29.34 -60.80
CMA CLA FI . 31.82 30.31 -62.27
CAA CLA FI . 33.02 32.66 -59.89
CBA CLA FI . 34.51 32.65 -60.15
CGA CLA FI . 35.26 32.40 -58.88
O1A CLA FI . 35.22 33.03 -57.82
O2A CLA FI . 36.09 31.32 -58.97
NB CLA FI . 35.03 26.80 -60.10
C1B CLA FI . 34.89 27.30 -61.35
C2B CLA FI . 35.51 26.38 -62.35
C3B CLA FI . 36.03 25.32 -61.63
C4B CLA FI . 35.72 25.57 -60.20
CMB CLA FI . 35.51 26.66 -63.78
CAB CLA FI . 36.74 24.15 -62.06
CBB CLA FI . 36.35 23.29 -63.01
NC CLA FI . 34.94 25.96 -57.30
C1C CLA FI . 35.70 24.95 -57.81
C2C CLA FI . 36.10 24.04 -56.74
C3C CLA FI . 35.55 24.54 -55.56
C4C CLA FI . 34.83 25.76 -55.92
CMC CLA FI . 36.92 22.85 -56.95
CAC CLA FI . 35.69 23.97 -54.21
CBC CLA FI . 37.01 24.31 -53.57
ND CLA FI . 33.38 28.21 -56.71
C1D CLA FI . 33.45 27.73 -55.37
C2D CLA FI . 32.67 28.64 -54.50
C3D CLA FI . 32.22 29.66 -55.31
C4D CLA FI . 32.72 29.36 -56.67
CMD CLA FI . 32.45 28.46 -53.07
CAD CLA FI . 31.44 30.88 -55.40
OBD CLA FI . 30.75 31.42 -54.56
CBD CLA FI . 31.60 31.43 -56.85
CGD CLA FI . 30.28 31.75 -57.48
O1D CLA FI . 29.55 31.00 -58.13
O2D CLA FI . 29.89 33.04 -57.31
CED CLA FI . 28.57 33.41 -57.68
C1 CLA FI . 36.28 30.56 -57.75
C2 CLA FI . 37.21 29.46 -58.11
C3 CLA FI . 37.60 28.51 -57.24
C4 CLA FI . 37.13 28.49 -55.83
C5 CLA FI . 38.53 27.42 -57.66
C6 CLA FI . 38.68 27.29 -59.16
C7 CLA FI . 40.12 27.12 -59.55
C8 CLA FI . 40.27 26.84 -61.05
C9 CLA FI . 40.09 25.37 -61.32
C10 CLA FI . 41.62 27.33 -61.57
C11 CLA FI . 41.70 27.21 -63.07
C12 CLA FI . 42.64 28.25 -63.67
C13 CLA FI . 43.27 27.75 -64.96
C14 CLA FI . 44.65 28.33 -65.16
C15 CLA FI . 42.39 28.02 -66.17
C16 CLA FI . 42.24 29.51 -66.44
C17 CLA FI . 41.44 29.75 -67.71
C18 CLA FI . 41.56 31.19 -68.18
C19 CLA FI . 41.01 32.15 -67.14
C20 CLA FI . 40.85 31.38 -69.50
MG CLA GI . 39.08 19.84 -66.52
CHA CLA GI . 37.39 21.75 -68.87
CHB CLA GI . 38.10 17.01 -68.12
CHC CLA GI . 41.03 18.01 -64.37
CHD CLA GI . 40.15 22.82 -64.93
NA CLA GI . 37.90 19.48 -68.21
C1A CLA GI . 37.30 20.40 -69.06
C2A CLA GI . 36.57 19.69 -70.20
C3A CLA GI . 36.64 18.20 -69.80
C4A CLA GI . 37.63 18.20 -68.64
CMA CLA GI . 35.30 17.62 -69.42
CAA CLA GI . 37.42 19.80 -71.44
CBA CLA GI . 36.85 20.70 -72.52
CGA CLA GI . 37.91 21.59 -73.08
O1A CLA GI . 37.88 22.33 -74.07
O2A CLA GI . 39.07 21.57 -72.35
NB CLA GI . 39.47 17.89 -66.28
C1B CLA GI . 38.98 16.87 -67.05
C2B CLA GI . 39.49 15.57 -66.54
C3B CLA GI . 40.32 15.84 -65.48
C4B CLA GI . 40.32 17.32 -65.31
CMB CLA GI . 39.16 14.28 -67.14
CAB CLA GI . 41.07 14.94 -64.65
CBB CLA GI . 42.41 14.88 -64.59
NC CLA GI . 40.32 20.33 -64.92
C1C CLA GI . 41.03 19.42 -64.19
C2C CLA GI . 41.83 20.10 -63.18
C3C CLA GI . 41.58 21.46 -63.32
C4C CLA GI . 40.63 21.60 -64.42
CMC CLA GI . 42.73 19.41 -62.25
CAC CLA GI . 42.18 22.55 -62.53
CBC CLA GI . 43.44 23.08 -63.16
ND CLA GI . 38.80 21.83 -66.73
C1D CLA GI . 39.30 22.95 -66.01
C2D CLA GI . 38.78 24.19 -66.62
C3D CLA GI . 38.05 23.80 -67.72
C4D CLA GI . 38.10 22.32 -67.76
CMD CLA GI . 39.06 25.53 -66.14
CAD CLA GI . 37.23 24.23 -68.84
OBD CLA GI . 36.90 25.36 -69.17
CBD CLA GI . 36.81 22.95 -69.62
CGD CLA GI . 35.31 22.85 -69.75
O1D CLA GI . 34.56 22.01 -69.26
O2D CLA GI . 34.77 23.84 -70.52
CED CLA GI . 33.36 23.83 -70.73
C1 CLA GI . 39.68 22.85 -72.05
C2 CLA GI . 40.56 22.59 -70.88
C3 CLA GI . 41.11 23.55 -70.13
C4 CLA GI . 40.92 24.99 -70.40
C5 CLA GI . 41.98 23.18 -68.97
C6 CLA GI . 41.72 21.77 -68.47
C7 CLA GI . 42.94 21.18 -67.82
C8 CLA GI . 42.73 19.72 -67.44
C9 CLA GI . 43.92 19.20 -66.66
C10 CLA GI . 42.49 18.88 -68.69
C11 CLA GI . 42.29 17.41 -68.36
C12 CLA GI . 41.72 16.64 -69.54
MG CLA HI . 45.10 6.36 -67.00
CHA CLA HI . 47.13 3.67 -67.83
CHB CLA HI . 47.76 8.46 -67.22
CHC CLA HI . 43.04 8.98 -66.15
CHD CLA HI . 42.34 4.16 -66.81
NA CLA HI . 47.12 6.09 -67.48
C1A CLA HI . 47.79 4.90 -67.81
C2A CLA HI . 49.27 5.18 -68.11
C3A CLA HI . 49.39 6.72 -67.97
C4A CLA HI . 48.00 7.14 -67.53
CMA CLA HI . 50.49 7.18 -67.04
CAA CLA HI . 49.75 4.81 -69.52
CBA CLA HI . 48.71 4.84 -70.63
CGA CLA HI . 48.28 6.22 -71.00
O1A CLA HI . 48.93 7.11 -71.56
O2A CLA HI . 47.00 6.50 -70.63
NB CLA HI . 45.34 8.35 -66.78
C1B CLA HI . 46.54 9.00 -66.80
C2B CLA HI . 46.37 10.39 -66.30
C3B CLA HI . 45.03 10.54 -65.99
C4B CLA HI . 44.36 9.25 -66.31
CMB CLA HI . 47.47 11.35 -66.19
CAB CLA HI . 44.33 11.69 -65.48
CBB CLA HI . 43.86 11.78 -64.23
NC CLA HI . 43.06 6.54 -66.58
C1C CLA HI . 42.43 7.70 -66.29
C2C CLA HI . 41.00 7.46 -66.10
C3C CLA HI . 40.81 6.09 -66.25
C4C CLA HI . 42.10 5.52 -66.56
CMC CLA HI . 40.02 8.50 -65.79
CAC CLA HI . 39.53 5.36 -66.16
CBC CLA HI . 39.24 4.91 -64.75
ND CLA HI . 44.75 4.39 -67.22
C1D CLA HI . 43.57 3.61 -67.11
C2D CLA HI . 43.89 2.19 -67.37
C3D CLA HI . 45.25 2.15 -67.62
C4D CLA HI . 45.74 3.55 -67.54
CMD CLA HI . 42.92 1.10 -67.32
CAD CLA HI . 46.39 1.31 -67.96
OBD CLA HI . 46.45 0.10 -68.12
CBD CLA HI . 47.62 2.27 -68.11
CGD CLA HI . 48.74 1.88 -67.19
O1D CLA HI . 49.89 1.51 -67.51
O2D CLA HI . 48.43 1.97 -65.86
CED CLA HI . 49.30 1.35 -64.92
C1 CLA HI . 46.08 6.82 -71.69
C2 CLA HI . 44.87 7.43 -71.08
C3 CLA HI . 43.88 6.71 -70.52
C4 CLA HI . 43.91 5.23 -70.46
C5 CLA HI . 42.68 7.37 -69.92
C6 CLA HI . 42.78 8.88 -69.85
C10 WVN II . 30.84 6.96 -68.36
C11 WVN II . 40.86 21.74 -58.05
C12 WVN II . 30.50 5.77 -67.46
C13 WVN II . 33.22 6.01 -68.68
C14 WVN II . 31.72 5.40 -66.60
C01 WVN II . 43.34 22.61 -57.82
C02 WVN II . 41.86 22.75 -57.33
C03 WVN II . 44.40 22.78 -56.72
C04 WVN II . 43.96 23.78 -55.65
C05 WVN II . 41.64 22.65 -55.82
C06 WVN II . 31.95 6.60 -69.36
C07 WVN II . 43.62 21.25 -58.51
C08 WVN II . 43.60 23.76 -58.85
C09 WVN II . 42.72 23.27 -54.91
C15 WVN II . 33.00 5.12 -67.43
C16 WVN II . 40.32 23.38 -55.48
C17 WVN II . 32.28 7.89 -70.16
C18 WVN II . 31.36 5.59 -70.38
C19 WVN II . 40.33 22.28 -59.21
C20 WVN II . 34.23 7.16 -68.36
C21 WVN II . 33.03 3.62 -67.79
C22 WVN II . 39.44 21.03 -59.56
C23 WVN II . 34.92 7.07 -67.21
C24 WVN II . 38.84 21.39 -60.88
C25 WVN II . 35.94 7.57 -66.17
C26 WVN II . 40.17 19.67 -59.70
C27 WVN II . 35.89 6.60 -64.99
C28 WVN II . 35.53 8.97 -65.72
C29 WVN II . 39.22 18.43 -59.81
C30 WVN II . 36.68 9.91 -65.25
C31 WVN II . 39.14 17.85 -61.03
C32 WVN II . 38.62 16.82 -62.06
C33 WVN II . 36.76 9.88 -63.91
C34 WVN II . 37.90 10.90 -63.88
C35 WVN II . 37.30 17.32 -62.65
C36 WVN II . 38.42 15.43 -61.44
C37 WVN II . 37.30 12.28 -63.58
C38 WVN II . 38.88 10.49 -62.78
C39 WVN II . 37.67 14.45 -62.40
C40 WVN II . 38.10 13.20 -62.60
C03 II0 JI . 35.67 15.00 -49.56
C05 II0 JI . 37.18 15.14 -49.29
C07 II0 JI . 37.83 13.79 -49.06
C09 II0 JI . 35.25 13.84 -50.53
C11 II0 JI . 37.76 13.01 -50.36
C13 II0 JI . 36.31 12.72 -50.75
C15 II0 JI . 34.99 14.67 -48.20
C16 II0 JI . 35.18 16.40 -50.00
C19 II0 JI . 36.34 12.18 -52.20
C21 II0 JI . 34.66 14.38 -51.86
C23 II0 JI . 33.34 14.14 -51.98
C25 II0 JI . 32.03 14.26 -52.77
C27 II0 JI . 31.19 15.39 -52.22
C29 II0 JI . 31.24 12.95 -52.67
C30 II0 JI . 24.23 8.48 -62.19
C31 II0 JI . 30.88 12.38 -54.08
C32 II0 JI . 24.25 8.74 -60.65
C33 II0 JI . 29.61 12.64 -54.38
C34 II0 JI . 25.39 8.27 -60.06
C35 II0 JI . 28.38 12.61 -55.30
C36 II0 JI . 24.80 8.79 -58.74
C37 II0 JI . 27.25 13.40 -54.65
C38 II0 JI . 25.04 7.76 -57.64
C39 II0 JI . 27.93 11.17 -55.55
C40 II0 JI . 25.42 10.16 -58.41
C41 II0 JI . 27.17 11.08 -56.90
C42 II0 JI . 26.15 10.23 -57.04
O01 II0 JI . 39.18 13.97 -48.69
C03 II0 KI . 37.23 31.96 -52.17
C04 II0 KI . 51.49 17.68 -39.29
C05 II0 KI . 36.32 32.71 -53.15
C06 II0 KI . 52.31 16.91 -38.23
C07 II0 KI . 35.04 31.92 -53.42
C08 II0 KI . 52.14 17.50 -36.83
C09 II0 KI . 36.51 31.52 -50.86
C10 II0 KI . 50.01 17.88 -38.91
C11 II0 KI . 34.26 31.74 -52.11
C12 II0 KI . 50.65 17.48 -36.45
C13 II0 KI . 35.10 30.93 -51.10
C14 II0 KI . 49.81 18.31 -37.45
C15 II0 KI . 37.80 30.72 -52.91
C16 II0 KI . 38.42 32.90 -51.79
C17 II0 KI . 52.20 19.04 -39.51
C18 II0 KI . 51.55 16.86 -40.59
C19 II0 KI . 34.32 30.85 -49.78
C20 II0 KI . 48.33 18.19 -37.02
C21 II0 KI . 37.35 30.42 -50.16
C22 II0 KI . 49.39 18.99 -39.81
C23 II0 KI . 37.77 30.79 -48.94
C24 II0 KI . 48.31 18.60 -40.54
C25 II0 KI . 38.53 30.50 -47.64
C26 II0 KI . 47.17 18.87 -41.55
C27 II0 KI . 39.57 31.58 -47.42
C28 II0 KI . 47.65 18.54 -42.96
C29 II0 KI . 39.17 29.10 -47.75
C30 II0 KI . 46.77 20.34 -41.44
C31 II0 KI . 40.71 29.05 -47.56
C32 II0 KI . 46.29 21.02 -42.77
C33 II0 KI . 41.10 28.29 -46.51
C34 II0 KI . 45.53 22.09 -42.44
C35 II0 KI . 42.19 27.70 -45.61
C36 II0 KI . 45.27 22.45 -43.92
C37 II0 KI . 41.98 28.16 -44.17
C38 II0 KI . 44.12 21.62 -44.48
C39 II0 KI . 42.20 26.18 -45.66
C40 II0 KI . 44.92 23.94 -43.92
C41 II0 KI . 43.32 25.62 -44.75
C42 II0 KI . 43.79 24.39 -44.88
O01 II0 KI . 34.24 32.61 -54.35
O02 II0 KI . 52.85 16.71 -35.90
C03 II0 LI . 35.80 34.94 -42.85
C04 II0 LI . 46.79 15.15 -33.94
C05 II0 LI . 34.43 35.54 -43.19
C06 II0 LI . 47.84 14.13 -33.48
C07 II0 LI . 34.03 35.30 -44.64
C08 II0 LI . 49.25 14.63 -33.82
C09 II0 LI . 36.19 33.58 -43.52
C10 II0 LI . 47.03 16.59 -33.39
C11 II0 LI . 33.92 33.79 -44.85
C12 II0 LI . 49.52 15.96 -33.09
C13 II0 LI . 35.27 33.08 -44.69
C14 II0 LI . 48.51 17.04 -33.48
C15 II0 LI . 36.88 35.98 -43.29
C16 II0 LI . 35.84 34.89 -41.29
C17 II0 LI . 46.79 15.16 -35.49
C18 II0 LI . 45.41 14.65 -33.44
C19 II0 LI . 34.95 31.57 -44.61
C20 II0 LI . 48.74 18.24 -32.54
C21 II0 LI . 36.43 32.47 -42.47
C22 II0 LI . 46.13 17.61 -34.14
C23 II0 LI . 37.72 32.10 -42.40
C24 II0 LI . 45.25 18.30 -33.36
C25 II0 LI . 38.84 31.23 -41.80
C26 II0 LI . 44.14 19.37 -33.17
C27 II0 LI . 39.90 30.98 -42.86
C28 II0 LI . 42.81 18.76 -32.76
C29 II0 LI . 38.24 29.89 -41.33
C30 II0 LI . 44.09 20.24 -34.43
C31 II0 LI . 38.86 29.39 -40.00
C32 II0 LI . 42.73 20.83 -34.93
C33 II0 LI . 39.65 28.33 -40.20
C34 II0 LI . 43.01 22.06 -35.46
C35 II0 LI . 40.63 27.23 -39.74
C36 II0 LI . 41.56 22.31 -35.84
C37 II0 LI . 40.98 26.37 -40.95
C38 II0 LI . 40.80 23.13 -34.80
C39 II0 LI . 40.08 26.39 -38.59
C40 II0 LI . 41.58 23.05 -37.19
C41 II0 LI . 40.91 25.11 -38.37
C42 II0 LI . 40.71 24.31 -37.32
O01 II0 LI . 32.79 35.90 -44.88
O02 II0 LI . 50.19 13.67 -33.40
MG CLA MI . 38.35 9.74 -46.65
CHA CLA MI . 41.27 8.08 -45.82
CHB CLA MI . 38.40 8.28 -49.72
CHC CLA MI . 35.24 11.06 -47.27
CHD CLA MI . 38.26 11.12 -43.40
NA CLA MI . 39.68 8.45 -47.62
C1A CLA MI . 40.83 7.85 -47.09
C2A CLA MI . 41.49 6.94 -48.14
C3A CLA MI . 40.70 7.27 -49.43
C4A CLA MI . 39.49 8.05 -48.91
CMA CLA MI . 41.56 8.05 -50.38
CAA CLA MI . 41.36 5.46 -47.76
CBA CLA MI . 39.97 4.87 -47.74
CGA CLA MI . 39.27 5.10 -46.42
O1A CLA MI . 39.59 4.71 -45.31
O2A CLA MI . 38.13 5.85 -46.56
NB CLA MI . 37.10 9.73 -48.22
C1B CLA MI . 37.25 8.98 -49.34
C2B CLA MI . 35.99 8.98 -50.12
C3B CLA MI . 35.09 9.75 -49.43
C4B CLA MI . 35.79 10.26 -48.22
CMB CLA MI . 35.85 8.24 -51.37
CAB CLA MI . 33.72 10.10 -49.72
CBB CLA MI . 33.28 10.65 -50.86
NC CLA MI . 37.05 10.96 -45.56
C1C CLA MI . 35.84 11.41 -46.02
C2C CLA MI . 35.18 12.21 -45.01
C3C CLA MI . 36.02 12.20 -43.88
C4C CLA MI . 37.18 11.41 -44.25
CMC CLA MI . 33.87 12.84 -45.16
CAC CLA MI . 35.78 12.83 -42.57
CBC CLA MI . 36.05 14.30 -42.46
ND CLA MI . 39.52 9.76 -45.00
C1D CLA MI . 39.35 10.35 -43.72
C2D CLA MI . 40.50 9.98 -42.88
C3D CLA MI . 41.27 9.12 -43.63
C4D CLA MI . 40.60 8.99 -44.93
CMD CLA MI . 40.70 10.45 -41.51
CAD CLA MI . 42.47 8.31 -43.67
OBD CLA MI . 43.36 8.18 -42.84
CBD CLA MI . 42.47 7.57 -45.05
CGD CLA MI . 43.74 7.78 -45.80
O1D CLA MI . 43.90 8.48 -46.80
O2D CLA MI . 44.81 7.09 -45.31
CED CLA MI . 46.11 7.58 -45.61
C1 CLA MI . 37.58 6.45 -45.35
C2 CLA MI . 36.36 7.19 -45.73
C3 CLA MI . 35.23 7.22 -44.99
C4 CLA MI . 35.12 6.48 -43.72
C5 CLA MI . 34.04 7.99 -45.44
C6 CLA MI . 33.37 8.78 -44.32
C7 CLA MI . 32.03 9.34 -44.75
C8 CLA MI . 31.30 10.00 -43.59
C9 CLA MI . 31.06 9.01 -42.48
C10 CLA MI . 29.97 10.61 -44.05
C11 CLA MI . 30.14 12.02 -44.55
C12 CLA MI . 28.80 12.67 -44.86
C13 CLA MI . 28.96 14.08 -45.44
C14 CLA MI . 29.83 14.94 -44.55
C15 CLA MI . 27.59 14.75 -45.62
C16 CLA MI . 26.72 14.01 -46.60
C17 CLA MI . 25.30 14.52 -46.55
C18 CLA MI . 24.41 13.87 -47.59
C19 CLA MI . 23.07 14.56 -47.65
C20 CLA MI . 24.23 12.40 -47.30
MG CLA NI . -54.67 -33.33 68.66
CHA CLA NI . -57.00 -35.78 67.84
CHB CLA NI . -56.81 -32.06 70.97
CHC CLA NI . -52.24 -31.10 69.58
CHD CLA NI . -52.43 -34.75 66.31
NA CLA NI . -56.61 -33.83 69.26
C1A CLA NI . -57.41 -34.89 68.83
C2A CLA NI . -58.76 -34.89 69.55
C3A CLA NI . -58.71 -33.61 70.41
C4A CLA NI . -57.27 -33.12 70.22
CMA CLA NI . -59.74 -32.59 70.02
CAA CLA NI . -58.95 -36.09 70.46
CBA CLA NI . -57.70 -36.44 71.24
NB CLA NI . -54.58 -31.79 69.95
C1B CLA NI . -55.51 -31.52 70.90
C2B CLA NI . -54.97 -30.58 71.91
C3B CLA NI . -53.67 -30.30 71.54
C4B CLA NI . -53.41 -31.06 70.28
CMB CLA NI . -55.72 -30.12 73.07
CAB CLA NI . -52.70 -29.46 72.21
CBB CLA NI . -51.95 -28.50 71.68
NC CLA NI . -52.71 -32.96 68.00
C1C CLA NI . -51.92 -31.98 68.51
C2C CLA NI . -50.62 -31.98 67.84
C3C CLA NI . -50.64 -33.05 66.95
C4C CLA NI . -51.97 -33.65 67.06
CMC CLA NI . -49.54 -31.04 68.16
CAC CLA NI . -49.56 -33.51 66.05
CBC CLA NI . -49.27 -32.63 64.86
ND CLA NI . -54.65 -34.86 67.35
C1D CLA NI . -53.66 -35.33 66.44
C2D CLA NI . -54.21 -36.49 65.69
C3D CLA NI . -55.48 -36.70 66.19
C4D CLA NI . -55.71 -35.67 67.22
CMD CLA NI . -53.48 -37.22 64.65
CAD CLA NI . -56.68 -37.51 66.11
OBD CLA NI . -56.94 -38.45 65.36
CBD CLA NI . -57.67 -36.96 67.18
CGD CLA NI . -59.02 -36.64 66.58
O1D CLA NI . -59.91 -37.43 66.28
O2D CLA NI . -59.23 -35.31 66.35
CED CLA NI . -60.57 -34.83 66.46
MG CLA OI . -52.43 -39.47 56.23
CHA CLA OI . -54.99 -37.13 56.31
CHB CLA OI . -52.10 -38.98 52.89
CHC CLA OI . -49.80 -41.67 56.22
CHD CLA OI . -52.74 -39.88 59.73
NA CLA OI . -53.40 -38.25 54.85
C1A CLA OI . -54.41 -37.31 55.09
C2A CLA OI . -54.80 -36.60 53.79
C3A CLA OI . -54.04 -37.39 52.72
C4A CLA OI . -53.09 -38.26 53.52
CMA CLA OI . -55.04 -38.23 51.99
CAA CLA OI . -54.34 -35.14 53.81
CBA CLA OI . -53.10 -34.84 52.98
CGA CLA OI . -51.86 -35.12 53.79
O1A CLA OI . -51.67 -34.82 54.96
O2A CLA OI . -50.87 -35.79 53.11
NB CLA OI . -51.19 -40.19 54.82
C1B CLA OI . -51.19 -39.85 53.52
C2B CLA OI . -50.14 -40.60 52.79
C3B CLA OI . -49.48 -41.37 53.73
C4B CLA OI . -50.16 -41.12 55.04
CMB CLA OI . -49.96 -40.44 51.35
CAB CLA OI . -48.38 -42.30 53.64
CBB CLA OI . -47.37 -42.31 52.78
NC CLA OI . -51.47 -40.59 57.72
C1C CLA OI . -50.42 -41.42 57.48
C2C CLA OI . -49.96 -42.02 58.73
C3C CLA OI . -50.79 -41.50 59.75
C4C CLA OI . -51.72 -40.60 59.09
CMC CLA OI . -48.83 -42.96 58.75
CAC CLA OI . -50.78 -41.68 61.22
CBC CLA OI . -50.64 -43.04 61.84
ND CLA OI . -53.59 -38.74 57.72
C1D CLA OI . -53.63 -39.01 59.11
C2D CLA OI . -54.75 -38.24 59.71
C3D CLA OI . -55.32 -37.52 58.67
C4D CLA OI . -54.55 -37.85 57.46
CMD CLA OI . -55.11 -38.29 61.12
CAD CLA OI . -56.34 -36.58 58.28
OBD CLA OI . -57.23 -36.06 58.95
CBD CLA OI . -56.17 -36.31 56.75
CGD CLA OI . -57.39 -36.77 56.00
O1D CLA OI . -58.16 -37.68 56.30
O2D CLA OI . -57.65 -36.10 54.84
CED CLA OI . -58.18 -34.77 54.91
C1 CLA OI . -49.51 -35.67 53.62
C2 CLA OI . -48.88 -37.02 53.55
C3 CLA OI . -47.56 -37.28 53.71
C4 CLA OI . -47.07 -38.67 53.62
C5 CLA OI . -46.57 -36.20 53.98
C6 CLA OI . -45.09 -36.61 53.91
C7 CLA OI . -44.35 -35.78 52.87
C8 CLA OI . -42.83 -35.98 52.85
C9 CLA OI . -42.45 -37.42 52.58
C10 CLA OI . -42.15 -35.47 54.12
C11 CLA OI . -40.66 -35.73 54.10
C12 CLA OI . -39.86 -34.55 54.63
C13 CLA OI . -38.37 -34.86 54.65
C14 CLA OI . -38.01 -35.77 55.80
C15 CLA OI . -37.55 -33.58 54.71
MG CLA PI . -44.09 -43.60 49.70
CHA CLA PI . -45.32 -41.99 46.87
CHB CLA PI . -44.61 -40.79 51.52
CHC CLA PI . -42.60 -45.12 52.40
CHD CLA PI . -43.31 -46.41 47.70
NA CLA PI . -44.93 -41.74 49.26
C1A CLA PI . -45.38 -41.25 48.02
C2A CLA PI . -45.90 -39.81 48.17
C3A CLA PI . -45.64 -39.48 49.65
C4A CLA PI . -45.04 -40.76 50.20
CMA CLA PI . -44.65 -38.35 49.76
CAA CLA PI . -47.40 -39.73 47.87
CBA CLA PI . -48.15 -38.68 48.68
CGA CLA PI . -47.75 -37.30 48.29
O1A CLA PI . -47.66 -36.81 47.17
O2A CLA PI . -47.46 -36.51 49.38
NB CLA PI . -43.80 -43.10 51.63
C1B CLA PI . -43.98 -41.87 52.15
C2B CLA PI . -43.38 -41.79 53.50
C3B CLA PI . -42.80 -43.02 53.76
C4B CLA PI . -43.06 -43.86 52.56
CMB CLA PI . -43.44 -40.55 54.28
CAB CLA PI . -42.03 -43.56 54.86
CBB CLA PI . -41.41 -42.91 55.85
NC CLA PI . -43.18 -45.46 50.00
C1C CLA PI . -42.66 -45.88 51.19
C2C CLA PI . -42.11 -47.22 51.06
C3C CLA PI . -42.29 -47.58 49.72
C4C CLA PI . -42.97 -46.47 49.06
CMC CLA PI . -41.46 -47.96 52.12
CAC CLA PI . -41.91 -48.84 49.10
CBC CLA PI . -43.07 -49.81 49.07
ND CLA PI . -44.27 -44.16 47.76
C1D CLA PI . -43.90 -45.33 47.07
C2D CLA PI . -44.24 -45.18 45.64
C3D CLA PI . -44.76 -43.92 45.51
C4D CLA PI . -44.76 -43.32 46.86
CMD CLA PI . -44.00 -46.18 44.61
CAD CLA PI . -45.32 -42.94 44.59
OBD CLA PI . -45.48 -43.02 43.39
CBD CLA PI . -45.68 -41.68 45.43
CGD CLA PI . -44.99 -40.44 44.92
O1D CLA PI . -43.78 -40.17 44.96
O2D CLA PI . -45.83 -39.54 44.35
CED CLA PI . -45.56 -39.12 43.01
C1 CLA PI . -47.47 -35.10 49.17
C2 CLA PI . -46.06 -34.69 48.99
C3 CLA PI . -45.69 -33.57 48.36
C4 CLA PI . -46.68 -32.62 47.78
C5 CLA PI . -44.24 -33.22 48.20
C6 CLA PI . -43.37 -33.91 49.22
C7 CLA PI . -41.91 -33.89 48.81
C8 CLA PI . -41.06 -33.12 49.82
C9 CLA PI . -41.23 -31.63 49.64
C10 CLA PI . -39.58 -33.49 49.69
C11 CLA PI . -38.75 -32.78 50.73
C12 CLA PI . -37.26 -32.86 50.42
C13 CLA PI . -36.46 -32.02 51.40
C14 CLA PI . -35.00 -32.42 51.38
MG CLA QI . -44.57 -62.73 52.48
CHA CLA QI . -42.25 -65.28 52.17
CHB CLA QI . -42.67 -60.75 50.46
CHC CLA QI . -46.99 -60.30 52.63
CHD CLA QI . -46.52 -64.80 54.56
NA CLA QI . -42.76 -63.00 51.47
C1A CLA QI . -41.96 -64.14 51.46
C2A CLA QI . -40.74 -63.94 50.55
C3A CLA QI . -40.88 -62.47 50.07
C4A CLA QI . -42.20 -62.03 50.69
CMA CLA QI . -39.74 -61.60 50.49
CAA CLA QI . -40.82 -64.84 49.32
CBA CLA QI . -42.11 -64.74 48.53
CGA CLA QI . -43.12 -65.79 48.93
O1A CLA QI . -43.09 -67.01 48.75
O2A CLA QI . -44.20 -65.24 49.56
NB CLA QI . -44.79 -60.88 51.70
C1B CLA QI . -43.87 -60.22 50.98
C2B CLA QI . -44.28 -58.81 50.77
C3B CLA QI . -45.51 -58.67 51.37
C4B CLA QI . -45.85 -59.99 51.96
CMB CLA QI . -43.45 -57.89 50.00
CAB CLA QI . -46.43 -57.56 51.48
CBB CLA QI . -46.17 -56.26 51.44
NC CLA QI . -46.44 -62.60 53.41
C1C CLA QI . -47.28 -61.53 53.29
C2C CLA QI . -48.52 -61.80 53.99
C3C CLA QI . -48.38 -63.05 54.60
C4C CLA QI . -47.06 -63.54 54.22
CMC CLA QI . -49.65 -60.86 54.00
CAC CLA QI . -49.37 -63.80 55.40
CBC CLA QI . -49.74 -63.21 56.75
ND CLA QI . -44.48 -64.61 53.22
C1D CLA QI . -45.32 -65.31 54.12
C2D CLA QI . -44.69 -66.61 54.42
C3D CLA QI . -43.53 -66.67 53.69
C4D CLA QI . -43.44 -65.39 52.96
CMD CLA QI . -45.25 -67.62 55.33
CAD CLA QI . -42.34 -67.45 53.37
OBD CLA QI . -42.01 -68.56 53.73
CBD CLA QI . -41.49 -66.57 52.40
CGD CLA QI . -40.11 -66.28 52.92
O1D CLA QI . -39.09 -66.03 52.27
O2D CLA QI . -40.02 -66.28 54.29
CED CLA QI . -38.72 -66.20 54.87
C1 CLA QI . -45.36 -66.08 49.78
C2 CLA QI . -46.39 -65.23 50.42
C3 CLA QI . -47.70 -65.50 50.41
C4 CLA QI . -48.25 -66.71 49.75
C5 CLA QI . -48.68 -64.59 51.07
C6 CLA QI . -49.77 -64.13 50.11
C7 CLA QI . -50.87 -63.39 50.85
C8 CLA QI . -51.63 -62.44 49.94
C9 CLA QI . -51.19 -61.01 50.20
C10 CLA QI . -53.14 -62.58 50.13
C11 CLA QI . -53.93 -61.55 49.35
C12 CLA QI . -55.38 -61.96 49.23
C13 CLA QI . -56.30 -60.74 49.15
C14 CLA QI . -57.75 -61.15 49.23
C15 CLA QI . -56.03 -59.91 47.89
C16 CLA QI . -56.44 -60.66 46.64
C17 CLA QI . -55.59 -60.24 45.46
C18 CLA QI . -56.44 -59.78 44.26
C19 CLA QI . -57.15 -58.48 44.57
C20 CLA QI . -57.42 -60.86 43.84
MG CLA RI . -41.81 -74.68 48.09
CHA CLA RI . -40.77 -78.00 48.08
CHB CLA RI . -38.65 -73.68 47.33
CHC CLA RI . -42.88 -71.42 48.23
CHD CLA RI . -45.09 -75.77 48.83
NA CLA RI . -40.02 -75.71 47.74
C1A CLA RI . -39.77 -77.10 47.77
C2A CLA RI . -38.30 -77.39 47.43
C3A CLA RI . -37.73 -76.00 47.08
C4A CLA RI . -38.87 -75.04 47.41
CMA CLA RI . -36.45 -75.67 47.81
CAA CLA RI . -38.07 -78.29 46.23
CBA CLA RI . -36.88 -79.21 46.45
NB CLA RI . -40.93 -72.89 47.83
C1B CLA RI . -39.62 -72.69 47.58
C2B CLA RI . -39.32 -71.23 47.57
C3B CLA RI . -40.50 -70.58 47.82
C4B CLA RI . -41.56 -71.63 47.98
CMB CLA RI . -37.99 -70.69 47.31
CAB CLA RI . -40.81 -69.18 47.91
CBB CLA RI . -40.64 -68.29 46.92
NC CLA RI . -43.65 -73.77 48.44
C1C CLA RI . -43.87 -72.42 48.44
C2C CLA RI . -45.27 -72.13 48.69
C3C CLA RI . -45.91 -73.36 48.88
C4C CLA RI . -44.89 -74.39 48.71
CMC CLA RI . -45.85 -70.78 48.74
CAC CLA RI . -47.35 -73.56 49.14
CBC CLA RI . -47.69 -74.02 50.54
ND CLA RI . -42.78 -76.44 48.35
C1D CLA RI . -44.13 -76.74 48.68
C2D CLA RI . -44.28 -78.20 48.84
C3D CLA RI . -43.02 -78.74 48.63
C4D CLA RI . -42.12 -77.60 48.33
CMD CLA RI . -45.52 -78.87 49.17
CAD CLA RI . -42.23 -79.94 48.57
OBD CLA RI . -42.58 -81.11 48.74
CBD CLA RI . -40.77 -79.52 48.25
CGD CLA RI . -39.82 -79.94 49.34
O1D CLA RI . -39.19 -81.00 49.42
O2D CLA RI . -39.65 -79.00 50.31
CED CLA RI . -39.71 -79.45 51.67
MG CLA SI . -45.11 -67.46 39.32
CHA CLA SI . -42.04 -68.72 40.31
CHB CLA SI . -44.86 -69.15 36.39
CHC CLA SI . -48.26 -66.37 38.49
CHD CLA SI . -45.27 -65.60 42.33
NA CLA SI . -43.66 -68.71 38.51
C1A CLA SI . -42.45 -69.14 39.07
C2A CLA SI . -41.70 -70.06 38.12
C3A CLA SI . -42.52 -69.96 36.82
C4A CLA SI . -43.79 -69.25 37.26
CMA CLA SI . -41.80 -69.14 35.79
CAA CLA SI . -41.78 -71.49 38.64
CBA CLA SI . -41.07 -72.48 37.73
CGA CLA SI . -41.13 -73.86 38.32
O1A CLA SI . -40.44 -74.84 38.03
O2A CLA SI . -42.07 -74.00 39.30
NB CLA SI . -46.31 -67.66 37.72
C1B CLA SI . -46.07 -68.48 36.67
C2B CLA SI . -47.28 -68.59 35.82
C3B CLA SI . -48.25 -67.80 36.40
C4B CLA SI . -47.64 -67.21 37.63
CMB CLA SI . -47.34 -69.39 34.60
CAB CLA SI . -49.61 -67.55 36.00
CBB CLA SI . -50.57 -68.47 35.93
NC CLA SI . -46.49 -66.19 40.24
C1C CLA SI . -47.72 -65.89 39.73
C2C CLA SI . -48.44 -64.99 40.61
C3C CLA SI . -47.59 -64.76 41.71
C4C CLA SI . -46.37 -65.52 41.46
CMC CLA SI . -49.78 -64.46 40.37
CAC CLA SI . -47.87 -63.92 42.88
CBC CLA SI . -47.63 -62.45 42.63
ND CLA SI . -43.98 -67.20 40.98
C1D CLA SI . -44.14 -66.38 42.13
C2D CLA SI . -42.95 -66.55 43.01
C3D CLA SI . -42.15 -67.48 42.38
C4D CLA SI . -42.82 -67.83 41.11
CMD CLA SI . -42.75 -65.88 44.29
CAD CLA SI . -40.90 -68.22 42.45
OBD CLA SI . -40.06 -68.27 43.33
CBD CLA SI . -40.77 -69.00 41.11
CGD CLA SI . -39.51 -68.66 40.37
O1D CLA SI . -39.29 -67.71 39.62
O2D CLA SI . -38.51 -69.56 40.59
CED CLA SI . -37.45 -69.65 39.64
C1 CLA SI . -42.99 -75.11 39.13
C2 CLA SI . -43.85 -75.16 40.35
C3 CLA SI . -45.00 -75.84 40.41
C4 CLA SI . -45.52 -76.62 39.26
C5 CLA SI . -45.84 -75.87 41.65
C6 CLA SI . -46.08 -74.50 42.25
C7 CLA SI . -47.31 -74.51 43.12
C8 CLA SI . -47.33 -73.38 44.13
C9 CLA SI . -46.55 -73.76 45.37
C10 CLA SI . -48.76 -73.01 44.51
C11 CLA SI . -48.86 -71.60 45.04
C12 CLA SI . -50.29 -71.22 45.34
C13 CLA SI . -50.41 -69.74 45.70
C14 CLA SI . -50.45 -69.54 47.20
C15 CLA SI . -51.65 -69.12 45.07
C16 CLA SI . -51.37 -67.68 44.64
C17 CLA SI . -52.44 -66.73 45.15
C18 CLA SI . -51.86 -65.36 45.43
C19 CLA SI . -52.50 -64.74 46.65
C20 CLA SI . -52.06 -64.45 44.23
MG CLA TI . -36.32 -54.57 45.94
CHA CLA TI . -33.77 -54.84 43.61
CHB CLA TI . -34.51 -52.19 47.60
CHC CLA TI . -38.99 -54.01 48.00
CHD CLA TI . -38.25 -56.86 44.07
NA CLA TI . -34.43 -53.72 45.67
C1A CLA TI . -33.53 -53.94 44.61
C2A CLA TI . -32.27 -53.09 44.79
C3A CLA TI . -32.43 -52.52 46.21
C4A CLA TI . -33.90 -52.81 46.53
CMA CLA TI . -31.50 -53.19 47.20
CAA CLA TI . -32.21 -51.94 43.77
CBA CLA TI . -33.55 -51.29 43.49
CGA CLA TI . -33.44 -49.95 42.84
O1A CLA TI . -32.44 -49.35 42.45
O2A CLA TI . -34.66 -49.34 42.68
NB CLA TI . -36.62 -53.45 47.60
C1B CLA TI . -35.85 -52.40 47.95
C2B CLA TI . -36.60 -51.45 48.81
C3B CLA TI . -37.86 -51.95 48.92
C4B CLA TI . -37.90 -53.23 48.16
CMB CLA TI . -36.04 -50.21 49.34
CAB CLA TI . -38.99 -51.39 49.60
CBB CLA TI . -39.57 -51.92 50.67
NC CLA TI . -38.24 -55.37 46.06
C1C CLA TI . -39.15 -55.02 47.02
C2C CLA TI . -40.37 -55.78 46.85
C3C CLA TI . -40.21 -56.54 45.68
C4C CLA TI . -38.85 -56.28 45.20
CMC CLA TI . -41.53 -55.67 47.74
CAC CLA TI . -41.17 -57.49 45.11
CBC CLA TI . -42.28 -56.81 44.34
ND CLA TI . -36.13 -55.63 44.24
C1D CLA TI . -36.98 -56.56 43.60
C2D CLA TI . -36.28 -57.12 42.43
C3D CLA TI . -35.03 -56.50 42.39
C4D CLA TI . -35.00 -55.57 43.54
CMD CLA TI . -36.82 -58.13 41.52
CAD CLA TI . -33.76 -56.39 41.70
OBD CLA TI . -33.37 -56.99 40.71
CBD CLA TI . -32.91 -55.33 42.47
CGD CLA TI . -31.61 -55.88 42.96
O1D CLA TI . -30.51 -55.81 42.41
O2D CLA TI . -31.70 -56.50 44.17
CED CLA TI . -30.48 -56.79 44.87
C1 CLA TI . -34.74 -48.25 41.75
C2 CLA TI . -35.92 -47.41 42.14
C3 CLA TI . -36.46 -46.49 41.31
C4 CLA TI . -35.91 -46.24 39.97
C5 CLA TI . -37.64 -45.67 41.70
C6 CLA TI . -38.04 -45.77 43.16
MG CLA UI . -46.83 -48.29 42.30
CHA CLA UI . -48.11 -45.36 43.63
CHB CLA UI . -47.62 -47.19 39.18
CHC CLA UI . -45.27 -51.06 41.02
CHD CLA UI . -46.14 -49.43 45.57
NA CLA UI . -47.75 -46.56 41.57
C1A CLA UI . -48.18 -45.44 42.28
C2A CLA UI . -48.80 -44.40 41.32
C3A CLA UI . -48.90 -45.18 40.00
C4A CLA UI . -48.01 -46.40 40.24
CMA CLA UI . -50.32 -45.63 39.83
CAA CLA UI . -47.92 -43.16 41.21
CBA CLA UI . -47.15 -43.06 39.90
CGA CLA UI . -45.79 -42.46 40.11
O1A CLA UI . -44.80 -43.00 40.60
O2A CLA UI . -45.70 -41.17 39.67
NB CLA UI . -46.54 -49.01 40.45
C1B CLA UI . -46.84 -48.35 39.30
C2B CLA UI . -46.19 -49.04 38.14
C3B CLA UI . -45.52 -50.12 38.66
C4B CLA UI . -45.73 -50.13 40.13
CMB CLA UI . -46.34 -48.60 36.76
CAB CLA UI . -44.75 -51.12 37.98
CBB CLA UI . -43.64 -50.90 37.28
NC CLA UI . -45.94 -49.97 43.15
C1C CLA UI . -45.40 -50.99 42.43
C2C CLA UI . -44.88 -52.02 43.33
C3C CLA UI . -45.10 -51.55 44.63
C4C CLA UI . -45.76 -50.25 44.50
CMC CLA UI . -44.28 -53.28 42.88
CAC CLA UI . -44.79 -52.24 45.90
CBC CLA UI . -43.33 -52.27 46.30
ND CLA UI . -47.09 -47.63 44.20
C1D CLA UI . -46.75 -48.20 45.46
C2D CLA UI . -47.15 -47.25 46.52
C3D CLA UI . -47.68 -46.15 45.87
C4D CLA UI . -47.61 -46.43 44.44
CMD CLA UI . -46.98 -47.48 47.95
CAD CLA UI . -48.28 -44.83 46.03
OBD CLA UI . -48.55 -44.22 47.05
CBD CLA UI . -48.57 -44.29 44.60
CGD CLA UI . -50.01 -43.92 44.39
O1D CLA UI . -50.95 -44.69 44.16
O2D CLA UI . -50.25 -42.59 44.47
CED CLA UI . -51.52 -42.12 44.01
C1 CLA UI . -44.40 -40.59 39.60
C2 CLA UI . -43.75 -41.04 38.34
C3 CLA UI . -42.42 -41.25 38.22
C4 CLA UI . -41.50 -41.03 39.36
C5 CLA UI . -41.81 -41.71 36.95
C6 CLA UI . -40.95 -42.95 37.13
C7 CLA UI . -40.01 -43.13 35.96
C8 CLA UI . -40.18 -44.47 35.25
C9 CLA UI . -39.85 -45.60 36.19
C10 CLA UI . -39.28 -44.53 34.03
C11 CLA UI . -39.78 -45.51 32.98
C12 CLA UI . -38.96 -45.41 31.71
C13 CLA UI . -39.56 -46.20 30.57
C14 CLA UI . -39.37 -47.69 30.78
C15 CLA UI . -38.96 -45.79 29.23
C16 CLA UI . -39.91 -44.92 28.46
C17 CLA UI . -39.42 -43.49 28.37
C18 CLA UI . -38.85 -43.18 26.98
C19 CLA UI . -37.86 -42.04 27.05
C20 CLA UI . -39.97 -42.85 26.03
MG CLA VI . -59.89 -53.41 51.98
CHA CLA VI . -62.27 -52.75 49.54
CHB CLA VI . -62.19 -52.73 54.40
CHC CLA VI . -57.59 -54.31 54.36
CHD CLA VI . -57.58 -54.23 49.45
NA CLA VI . -61.89 -52.80 51.95
C1A CLA VI . -62.71 -52.61 50.83
C2A CLA VI . -64.12 -52.20 51.27
C3A CLA VI . -63.98 -51.99 52.79
C4A CLA VI . -62.60 -52.55 53.10
CMA CLA VI . -64.09 -50.54 53.17
CAA CLA VI . -65.12 -53.31 50.97
CBA CLA VI . -65.72 -53.99 52.19
CGA CLA VI . -64.94 -55.19 52.62
O1A CLA VI . -64.83 -56.28 52.06
O2A CLA VI . -64.29 -55.00 53.81
NB CLA VI . -59.88 -53.48 53.99
C1B CLA VI . -60.94 -53.23 54.81
C2B CLA VI . -60.58 -53.53 56.22
C3B CLA VI . -59.28 -53.97 56.21
C4B CLA VI . -58.82 -53.94 54.80
CMB CLA VI . -61.52 -53.35 57.32
CAB CLA VI . -58.40 -54.42 57.26
CBB CLA VI . -58.15 -53.75 58.38
NC CLA VI . -57.93 -54.09 51.91
C1C CLA VI . -57.16 -54.38 53.00
C2C CLA VI . -55.84 -54.83 52.60
C3C CLA VI . -55.85 -54.85 51.21
C4C CLA VI . -57.17 -54.38 50.78
CMC CLA VI . -54.76 -55.21 53.51
CAC CLA VI . -54.75 -55.26 50.33
CBC CLA VI . -54.88 -56.68 49.88
ND CLA VI . -59.83 -53.41 49.97
C1D CLA VI . -58.82 -53.79 49.05
C2D CLA VI . -59.33 -53.59 47.67
C3D CLA VI . -60.64 -53.18 47.80
C4D CLA VI . -60.92 -53.11 49.25
CMD CLA VI . -58.55 -53.82 46.46
CAD CLA VI . -61.85 -52.75 47.11
OBD CLA VI . -62.03 -52.57 45.93
CBD CLA VI . -62.93 -52.54 48.20
CGD CLA VI . -63.59 -51.19 48.09
O1D CLA VI . -63.27 -50.14 48.64
O2D CLA VI . -64.68 -51.18 47.27
CED CLA VI . -65.97 -51.37 47.84
C1 CLA VI . -64.28 -56.09 54.76
C2 CLA VI . -62.87 -56.46 55.01
C3 CLA VI . -62.44 -56.99 56.16
C4 CLA VI . -63.35 -57.25 57.31
C5 CLA VI . -61.01 -57.35 56.35
C6 CLA VI . -60.83 -58.82 56.68
C7 CLA VI . -59.61 -59.03 57.55
C8 CLA VI . -59.12 -60.47 57.50
C9 CLA VI . -60.22 -61.43 57.94
C10 CLA VI . -57.88 -60.66 58.37
C11 CLA VI . -56.86 -61.55 57.71
C12 CLA VI . -55.58 -61.64 58.53
C13 CLA VI . -54.46 -62.32 57.75
C14 CLA VI . -53.51 -63.03 58.67
C15 CLA VI . -53.72 -61.33 56.87
MG CLA WI . -58.82 -46.33 68.60
CHA CLA WI . -60.83 -47.94 66.27
CHB CLA WI . -61.57 -45.23 70.25
CHC CLA WI . -56.77 -45.00 71.02
CHD CLA WI . -55.96 -47.52 66.87
NA CLA WI . -60.86 -46.54 68.27
C1A CLA WI . -61.52 -47.27 67.27
C2A CLA WI . -63.03 -47.16 67.42
C3A CLA WI . -63.21 -46.15 68.58
C4A CLA WI . -61.79 -45.95 69.10
CMA CLA WI . -63.83 -44.85 68.12
CAA CLA WI . -63.69 -48.50 67.76
CBA CLA WI . -63.70 -48.82 69.25
CGA CLA WI . -62.84 -50.01 69.56
O1A CLA WI . -63.13 -51.20 69.45
O2A CLA WI . -61.58 -49.70 70.01
NB CLA WI . -59.11 -45.31 70.30
C1B CLA WI . -60.32 -44.97 70.83
C2B CLA WI . -60.14 -44.27 72.13
C3B CLA WI . -58.78 -44.20 72.35
C4B CLA WI . -58.11 -44.86 71.19
CMB CLA WI . -61.24 -43.77 72.94
CAB CLA WI . -58.05 -43.62 73.45
CBB CLA WI . -57.40 -44.32 74.38
NC CLA WI . -56.74 -46.25 68.86
C1C CLA WI . -56.13 -45.65 69.93
C2C CLA WI . -54.68 -45.78 69.81
C3C CLA WI . -54.44 -46.50 68.64
C4C CLA WI . -55.74 -46.80 68.06
CMC CLA WI . -53.71 -45.24 70.77
CAC CLA WI . -53.14 -46.88 68.09
CBC CLA WI . -52.60 -48.16 68.69
ND CLA WI . -58.42 -47.39 66.92
C1D CLA WI . -57.19 -47.80 66.32
C2D CLA WI . -57.51 -48.55 65.08
C3D CLA WI . -58.87 -48.66 65.03
C4D CLA WI . -59.40 -47.93 66.20
CMD CLA WI . -56.50 -49.07 64.15
CAD CLA WI . -60.01 -49.14 64.27
OBD CLA WI . -60.04 -49.74 63.21
CBD CLA WI . -61.29 -48.75 65.07
CGD CLA WI . -62.28 -48.02 64.20
O1D CLA WI . -62.52 -46.81 64.19
O2D CLA WI . -62.96 -48.83 63.35
CED CLA WI . -64.33 -48.53 63.07
C1 CLA WI . -61.47 -48.79 71.13
C2 CLA WI . -60.59 -49.38 72.17
C3 CLA WI . -59.24 -49.42 72.09
C4 CLA WI . -58.49 -48.86 70.94
C5 CLA WI . -58.44 -50.03 73.18
C6 CLA WI . -57.16 -50.71 72.71
C7 CLA WI . -57.31 -52.21 72.68
C8 CLA WI . -56.12 -52.90 73.35
C9 CLA WI . -55.98 -54.32 72.86
C10 CLA WI . -56.26 -52.88 74.86
NB KC2 XI . -55.57 -55.76 63.00
ND KC2 XI . -57.72 -53.08 65.14
C1A KC2 XI . -59.55 -54.58 63.03
C1B KC2 XI . -55.98 -56.63 62.08
C1C KC2 XI . -54.00 -54.39 65.22
C1D KC2 XI . -57.53 -52.20 66.26
C2A KC2 XI . -60.54 -55.16 62.07
C2B KC2 XI . -54.97 -57.65 61.68
C2C KC2 XI . -53.26 -54.24 66.47
C2D KC2 XI . -58.77 -51.58 66.81
C3A KC2 XI . -59.66 -56.13 61.29
C3B KC2 XI . -53.82 -57.25 62.50
C3C KC2 XI . -54.05 -53.25 67.22
C3D KC2 XI . -59.77 -52.19 65.90
C4A KC2 XI . -58.37 -55.91 62.00
C4B KC2 XI . -54.31 -56.08 63.26
C4C KC2 XI . -55.16 -52.96 66.29
C4D KC2 XI . -59.09 -53.01 65.02
CAA KC2 XI . -61.04 -54.07 61.16
CAB KC2 XI . -52.45 -57.81 62.62
CAC KC2 XI . -53.79 -52.69 68.59
CAD KC2 XI . -61.21 -52.27 65.55
CBA KC2 XI . -62.22 -54.55 60.34
CBB KC2 XI . -51.88 -58.38 61.58
CBC KC2 XI . -53.15 -51.54 68.42
CBD KC2 XI . -61.38 -53.18 64.41
CED KC2 XI . -64.50 -55.21 65.26
CGA KC2 XI . -63.22 -55.27 61.18
CGD KC2 XI . -62.22 -54.30 64.91
CHA KC2 XI . -60.01 -53.61 64.06
CHB KC2 XI . -57.34 -56.63 61.55
CHC KC2 XI . -53.49 -55.34 64.22
CHD KC2 XI . -56.18 -51.99 66.74
CMA KC2 XI . -60.07 -57.57 61.56
CMB KC2 XI . -55.12 -58.78 60.70
CMC KC2 XI . -52.00 -54.95 66.88
CMD KC2 XI . -59.09 -50.64 67.92
NA KC2 XI . -58.36 -55.03 63.00
NC KC2 XI . -55.14 -53.67 65.12
O1A KC2 XI . -63.29 -56.48 61.14
O1D KC2 XI . -61.74 -55.37 65.23
O2A KC2 XI . -64.12 -54.53 62.04
O2D KC2 XI . -63.65 -54.10 65.01
OBD KC2 XI . -62.17 -51.67 66.14
MG KC2 XI . -56.72 -54.54 64.15
MG CLA YI . -40.46 -48.59 67.30
CHA CLA YI . -37.82 -49.54 69.33
CHB CLA YI . -42.59 -50.42 69.20
CHC CLA YI . -43.08 -47.39 65.43
CHD CLA YI . -38.21 -46.76 65.28
NA CLA YI . -40.20 -49.80 68.97
C1A CLA YI . -39.04 -50.06 69.71
C2A CLA YI . -39.33 -51.02 70.87
C3A CLA YI . -40.76 -51.51 70.56
C4A CLA YI . -41.25 -50.49 69.52
CMA CLA YI . -40.74 -52.92 70.01
CAA CLA YI . -39.54 -50.29 72.19
CBA CLA YI . -38.32 -49.80 72.92
CGA CLA YI . -38.28 -48.32 72.76
O1A CLA YI . -37.37 -47.61 72.32
O2A CLA YI . -39.44 -47.71 73.16
NB CLA YI . -42.46 -48.88 67.29
C1B CLA YI . -43.14 -49.58 68.24
C2B CLA YI . -44.60 -49.37 68.04
C3B CLA YI . -44.75 -48.51 66.98
C4B CLA YI . -43.39 -48.20 66.48
CMB CLA YI . -45.61 -50.00 68.89
CAB CLA YI . -45.94 -47.97 66.36
CBB CLA YI . -46.90 -48.71 65.79
NC CLA YI . -40.61 -47.34 65.64
C1C CLA YI . -41.78 -46.99 65.02
C2C CLA YI . -41.50 -46.12 63.88
C3C CLA YI . -40.12 -45.92 63.86
C4C CLA YI . -39.57 -46.70 64.96
CMC CLA YI . -42.52 -45.56 62.99
CAC CLA YI . -39.33 -45.13 62.90
CBC CLA YI . -38.85 -45.94 61.72
ND CLA YI . -38.49 -48.23 67.23
C1D CLA YI . -37.69 -47.46 66.34
C2D CLA YI . -36.27 -47.54 66.76
C3D CLA YI . -36.26 -48.31 67.91
C4D CLA YI . -37.66 -48.72 68.16
CMD CLA YI . -35.19 -46.88 66.05
CAD CLA YI . -35.45 -48.91 68.94
OBD CLA YI . -34.24 -48.85 69.12
CBD CLA YI . -36.41 -49.70 69.88
CGD CLA YI . -36.03 -51.15 70.01
O1D CLA YI . -36.12 -51.87 71.02
O2D CLA YI . -35.53 -51.69 68.87
CED CLA YI . -34.34 -52.47 68.99
C1 CLA YI . -39.86 -46.59 72.36
C2 CLA YI . -40.55 -45.62 73.25
C3 CLA YI . -39.91 -44.76 74.05
C4 CLA YI . -38.42 -44.68 74.11
C5 CLA YI . -40.66 -43.82 74.92
C6 CLA YI . -40.39 -42.37 74.58
MG CLA ZI . -34.63 -45.39 57.96
CHA CLA ZI . -31.71 -46.37 59.56
CHB CLA ZI . -35.30 -43.21 60.48
CHC CLA ZI . -37.24 -44.15 56.12
CHD CLA ZI . -33.81 -47.52 55.25
NA CLA ZI . -33.68 -44.95 59.77
C1A CLA ZI . -32.46 -45.43 60.24
C2A CLA ZI . -32.13 -44.83 61.61
C3A CLA ZI . -33.44 -44.09 61.98
C4A CLA ZI . -34.21 -44.05 60.66
CMA CLA ZI . -34.21 -44.86 63.02
CAA CLA ZI . -30.89 -43.94 61.62
CBA CLA ZI . -31.15 -42.51 61.19
CGA CLA ZI . -30.10 -42.07 60.22
O1A CLA ZI . -29.63 -42.69 59.27
O2A CLA ZI . -29.65 -40.80 60.46
NB CLA ZI . -36.09 -44.05 58.31
C1B CLA ZI . -36.05 -43.11 59.30
C2B CLA ZI . -36.90 -41.95 58.95
C3B CLA ZI . -37.45 -42.22 57.71
C4B CLA ZI . -36.95 -43.55 57.30
CMB CLA ZI . -37.06 -40.79 59.82
CAB CLA ZI . -38.32 -41.45 56.86
CBB CLA ZI . -38.09 -40.20 56.44
NC CLA ZI . -35.44 -45.84 56.09
C1C CLA ZI . -36.55 -45.24 55.55
C2C CLA ZI . -36.87 -45.80 54.25
C3C CLA ZI . -35.84 -46.70 53.95
C4C CLA ZI . -34.95 -46.72 55.12
CMC CLA ZI . -38.00 -45.41 53.42
CAC CLA ZI . -35.70 -47.52 52.74
CBC CLA ZI . -34.86 -46.85 51.69
ND CLA ZI . -33.18 -46.70 57.49
C1D CLA ZI . -32.96 -47.53 56.35
C2D CLA ZI . -31.73 -48.32 56.55
C3D CLA ZI . -31.22 -47.93 57.77
C4D CLA ZI . -32.15 -46.91 58.31
CMD CLA ZI . -31.21 -49.30 55.60
CAD CLA ZI . -30.16 -48.11 58.74
OBD CLA ZI . -29.22 -48.89 58.73
CBD CLA ZI . -30.43 -47.11 59.90
CGD CLA ZI . -30.55 -47.80 61.22
O1D CLA ZI . -29.74 -47.83 62.14
O2D CLA ZI . -31.72 -48.48 61.35
CED CLA ZI . -32.56 -48.19 62.47
C1 CLA ZI . -28.36 -40.45 59.90
C2 CLA ZI . -28.54 -39.25 59.04
C3 CLA ZI . -28.51 -37.99 59.53
C4 CLA ZI . -28.30 -37.69 60.95
C5 CLA ZI . -28.69 -36.83 58.61
C6 CLA ZI . -27.47 -36.49 57.79
C7 CLA ZI . -27.63 -36.98 56.37
C8 CLA ZI . -26.55 -36.48 55.43
C9 CLA ZI . -25.17 -36.84 55.95
C10 CLA ZI . -26.66 -34.97 55.21
C11 CLA ZI . -26.76 -34.62 53.73
C12 CLA ZI . -27.99 -35.22 53.10
C13 CLA ZI . -28.27 -34.63 51.71
C14 CLA ZI . -27.12 -34.89 50.78
C15 CLA ZI . -28.58 -33.14 51.78
C16 CLA ZI . -28.84 -32.55 50.40
C17 CLA ZI . -30.17 -31.83 50.32
C18 CLA ZI . -30.01 -30.33 50.51
C19 CLA ZI . -29.81 -29.62 49.18
C20 CLA ZI . -31.22 -29.76 51.20
C03 II0 AJ . -61.53 -60.19 51.90
C04 II0 AJ . -44.79 -55.20 67.34
C05 II0 AJ . -62.75 -60.40 50.99
C06 II0 AJ . -43.43 -55.59 67.94
C07 II0 AJ . -63.53 -59.09 50.89
C08 II0 AJ . -42.31 -55.36 66.92
C09 II0 AJ . -60.64 -58.96 51.54
C10 II0 AJ . -44.84 -53.73 66.84
C11 II0 AJ . -62.68 -58.09 50.08
C12 II0 AJ . -42.25 -53.91 66.40
C13 II0 AJ . -61.32 -57.80 50.75
C14 II0 AJ . -43.47 -53.01 66.71
C15 II0 AJ . -62.07 -60.11 53.35
C16 II0 AJ . -60.64 -61.47 51.77
C17 II0 AJ . -45.12 -56.23 66.22
C18 II0 AJ . -45.85 -55.36 68.46
C19 II0 AJ . -61.53 -56.52 51.61
C20 II0 AJ . -43.50 -51.90 65.65
C21 II0 AJ . -59.95 -58.42 52.83
C22 II0 AJ . -45.67 -53.60 65.53
C23 II0 AJ . -58.61 -58.48 52.75
C24 II0 AJ . -46.94 -53.11 65.69
C25 II0 AJ . -57.21 -58.26 53.34
C26 II0 AJ . -48.31 -52.68 65.13
C27 II0 AJ . -56.42 -59.55 53.22
C28 II0 AJ . -49.42 -53.21 66.04
C29 II0 AJ . -57.36 -57.81 54.81
C30 II0 AJ . -48.45 -53.27 63.71
C31 II0 AJ . -56.39 -58.51 55.80
C32 II0 AJ . -49.89 -53.72 63.27
C33 II0 AJ . -55.56 -57.69 56.46
C34 II0 AJ . -49.94 -53.67 61.92
C35 II0 AJ . -54.41 -57.51 57.47
C36 II0 AJ . -51.40 -54.16 61.89
C37 II0 AJ . -53.10 -57.61 56.69
C38 II0 AJ . -52.35 -52.96 61.88
C39 II0 AJ . -54.47 -56.18 58.23
C40 II0 AJ . -51.55 -54.96 60.59
C41 II0 AJ . -53.12 -55.89 58.94
C42 II0 AJ . -52.99 -55.12 60.02
O01 II0 AJ . -64.76 -59.30 50.24
O02 II0 AJ . -41.07 -55.66 67.52
C03 II0 BJ . -47.37 -34.93 58.60
C04 II0 BJ . -41.30 -57.36 54.28
C05 II0 BJ . -47.80 -33.48 58.26
C06 II0 BJ . -40.27 -58.40 54.73
C07 II0 BJ . -48.95 -33.39 57.25
C08 II0 BJ . -39.82 -59.33 53.62
C09 II0 BJ . -48.17 -36.11 57.94
C10 II0 BJ . -41.13 -56.76 52.83
C11 II0 BJ . -50.06 -34.34 57.71
C12 II0 BJ . -39.14 -58.46 52.55
C13 II0 BJ . -49.57 -35.76 57.36
C14 II0 BJ . -40.17 -57.54 51.86
C15 II0 BJ . -47.34 -35.03 60.14
C16 II0 BJ . -45.91 -35.05 58.09
C17 II0 BJ . -42.69 -58.05 54.29
C18 II0 BJ . -41.30 -56.27 55.37
C19 II0 BJ . -50.68 -36.77 57.73
C20 II0 BJ . -39.39 -56.62 50.92
C21 II0 BJ . -48.25 -37.32 58.92
C22 II0 BJ . -40.82 -55.24 52.85
C23 II0 BJ . -47.50 -38.35 58.50
C24 II0 BJ . -41.87 -54.49 52.36
C25 II0 BJ . -46.95 -39.77 58.67
C26 II0 BJ . -42.57 -53.18 51.99
C27 II0 BJ . -45.73 -39.70 59.56
C28 II0 BJ . -43.73 -53.53 51.08
C29 II0 BJ . -46.61 -40.36 57.27
C30 II0 BJ . -43.03 -52.46 53.28
C31 II0 BJ . -45.33 -41.25 57.27
C32 II0 BJ . -44.17 -51.38 53.21
C33 II0 BJ . -45.52 -42.55 56.99
C34 II0 BJ . -43.68 -50.21 53.71
C35 II0 BJ . -44.93 -43.96 56.79
C36 II0 BJ . -45.02 -49.47 53.52
C37 II0 BJ . -45.12 -44.76 58.07
C38 II0 BJ . -45.11 -48.74 52.19
C39 II0 BJ . -45.50 -44.66 55.55
C40 II0 BJ . -45.08 -48.48 54.71
C41 II0 BJ . -45.24 -46.19 55.56
C42 II0 BJ . -45.38 -46.98 54.50
O01 II0 BJ . -49.43 -32.07 57.17
O02 II0 BJ . -38.89 -60.27 54.12
C03 II0 CJ . -30.67 -44.38 66.52
C04 II0 CJ . -54.08 -44.15 64.70
C05 II0 CJ . -29.25 -44.86 66.84
C06 II0 CJ . -54.50 -43.73 63.28
C07 II0 CJ . -28.22 -44.50 65.75
C08 II0 CJ . -55.06 -42.31 63.29
C09 II0 CJ . -30.77 -42.87 66.15
C10 II0 CJ . -53.13 -43.14 65.44
C11 II0 CJ . -28.38 -43.09 65.16
C12 II0 CJ . -53.94 -41.36 63.70
C13 II0 CJ . -29.39 -42.19 65.89
C14 II0 CJ . -53.47 -41.65 65.14
C15 II0 CJ . -31.27 -45.32 65.43
C16 II0 CJ . -31.51 -44.57 67.82
C17 II0 CJ . -55.38 -44.27 65.53
C18 II0 CJ . -53.45 -45.56 64.59
C19 II0 CJ . -29.54 -40.88 65.09
C20 II0 CJ . -52.27 -40.71 65.42
C21 II0 CJ . -31.75 -42.63 64.96
C22 II0 CJ . -51.62 -43.47 65.19
C23 II0 CJ . -32.90 -42.06 65.37
C24 II0 CJ . -50.87 -43.82 66.28
C25 II0 CJ . -34.30 -41.48 65.12
C26 II0 CJ . -49.53 -44.23 66.91
C27 II0 CJ . -34.41 -41.09 63.65
C28 II0 CJ . -49.26 -45.71 66.66
C29 II0 CJ . -35.42 -42.47 65.53
C30 II0 CJ . -48.42 -43.37 66.27
C31 II0 CJ . -36.67 -42.44 64.61
C32 II0 CJ . -46.99 -44.00 66.23
C33 II0 CJ . -37.81 -42.13 65.26
C34 II0 CJ . -46.16 -43.41 67.14
C35 II0 CJ . -39.32 -41.85 65.28
C36 II0 CJ . -45.04 -44.36 66.65
C37 II0 CJ . -39.80 -41.54 63.86
C38 II0 CJ . -44.38 -45.01 67.86
C39 II0 CJ . -40.11 -43.03 65.86
C40 II0 CJ . -44.04 -43.51 65.83
C41 II0 CJ . -41.63 -42.92 65.56
C42 II0 CJ . -42.54 -43.68 66.19
O01 II0 CJ . -26.93 -44.61 66.31
O02 II0 CJ . -55.54 -41.99 62.01
C02 IHT DJ . -48.04 -38.32 65.13
C03 IHT DJ . -33.44 -52.34 52.08
C04 IHT DJ . -49.02 -37.50 66.00
C05 IHT DJ . -32.55 -53.03 51.02
C06 IHT DJ . -49.19 -38.06 67.41
C07 IHT DJ . -46.79 -38.67 65.92
C08 IHT DJ . -32.84 -54.51 50.85
C09 IHT DJ . -47.85 -38.21 68.12
C10 IHT DJ . -46.78 -38.82 67.25
C11 IHT DJ . -34.88 -52.83 51.95
C12 IHT DJ . -34.27 -54.62 50.33
C13 IHT DJ . -47.68 -37.47 63.89
C14 IHT DJ . -48.76 -39.59 64.66
C15 IHT DJ . -35.24 -53.92 51.23
C16 IHT DJ . -32.88 -52.67 53.46
C17 IHT DJ . -33.38 -50.82 51.86
C18 IHT DJ . -45.56 -38.83 65.13
C19 IHT DJ . -45.74 -39.60 68.02
C20 IHT DJ . -36.61 -54.56 51.28
C21 IHT DJ . -35.88 -52.11 52.64
C22 IHT DJ . -45.18 -39.89 64.42
C23 IHT DJ . -43.96 -40.02 63.65
C24 IHT DJ . -36.77 -51.58 53.26
C25 IHT DJ . -42.92 -38.94 63.76
C26 IHT DJ . -37.89 -51.13 54.01
C27 IHT DJ . -43.80 -41.11 62.86
C28 IHT DJ . -39.01 -52.12 54.17
C29 IHT DJ . -37.93 -49.88 54.55
C30 IHT DJ . -42.69 -41.43 62.03
C31 IHT DJ . -39.06 -49.27 55.16
C32 IHT DJ . -42.67 -42.49 61.21
C33 IHT DJ . -41.57 -42.91 60.35
C34 IHT DJ . -39.05 -48.11 55.79
C35 IHT DJ . -40.19 -47.46 56.42
C36 IHT DJ . -40.31 -42.09 60.37
C37 IHT DJ . -41.69 -44.03 59.61
C38 IHT DJ . -39.99 -46.41 57.25
C39 IHT DJ . -41.54 -48.09 56.22
C40 IHT DJ . -40.70 -44.66 58.81
C41 IHT DJ . -40.96 -45.75 58.05
O01 IHT DJ . -31.93 -55.10 49.93
C03 II0 EJ . -50.41 -53.58 44.75
C04 II0 EJ . -39.88 -73.19 43.19
C05 II0 EJ . -51.21 -52.31 44.38
C06 II0 EJ . -39.11 -74.50 42.89
C07 II0 EJ . -52.68 -52.37 44.81
C08 II0 EJ . -39.38 -75.63 43.86
C09 II0 EJ . -50.50 -53.97 46.25
C10 II0 EJ . -41.21 -73.27 44.01
C11 II0 EJ . -52.93 -53.01 46.19
C12 II0 EJ . -40.90 -75.86 43.90
C13 II0 EJ . -51.64 -53.22 47.01
C14 II0 EJ . -41.60 -74.67 44.57
C15 II0 EJ . -48.92 -53.27 44.44
C16 II0 EJ . -50.85 -54.72 43.78
C17 II0 EJ . -38.91 -72.27 43.97
C18 II0 EJ . -40.10 -72.56 41.78
C19 II0 EJ . -52.01 -53.89 48.35
C20 II0 EJ . -43.11 -74.97 44.52
C21 II0 EJ . -50.55 -55.52 46.46
C22 II0 EJ . -42.42 -72.61 43.26
C23 II0 EJ . -49.46 -55.98 47.13
C24 II0 EJ . -42.91 -71.47 43.84
C25 II0 EJ . -48.59 -57.06 47.82
C26 II0 EJ . -43.90 -70.27 43.88
C27 II0 EJ . -47.21 -56.48 48.04
C28 II0 EJ . -45.07 -70.56 42.94
C29 II0 EJ . -48.51 -58.37 47.02
C30 II0 EJ . -44.42 -70.05 45.31
C31 II0 EJ . -48.80 -59.64 47.89
C32 II0 EJ . -45.70 -69.14 45.45
C33 II0 EJ . -47.93 -60.65 47.72
C34 II0 EJ . -45.36 -67.82 45.59
C35 II0 EJ . -47.43 -62.07 48.06
C36 II0 EJ . -46.83 -67.35 45.71
C37 II0 EJ . -46.03 -61.96 48.69
C38 II0 EJ . -47.58 -67.42 44.38
C39 II0 EJ . -47.36 -62.98 46.84
C40 II0 EJ . -46.82 -65.88 46.17
C41 II0 EJ . -48.48 -64.04 46.74
C42 II0 EJ . -48.24 -65.31 46.43
O01 II0 EJ . -53.20 -51.07 44.83
O02 II0 EJ . -38.75 -76.80 43.37
O1 LHG FJ . -62.87 -40.94 68.87
C1 LHG FJ . -61.98 -40.40 69.84
C2 LHG FJ . -60.65 -41.11 69.72
O2 LHG FJ . -59.59 -40.25 70.08
C3 LHG FJ . -60.36 -41.58 68.32
O3 LHG FJ . -59.15 -42.27 68.56
P LHG FJ . -58.31 -42.97 67.36
O4 LHG FJ . -58.50 -42.14 66.15
O5 LHG FJ . -58.43 -44.43 67.63
O6 LHG FJ . -56.82 -42.45 67.92
C4 LHG FJ . -56.33 -41.19 67.54
C5 LHG FJ . -55.35 -40.83 68.66
C6 LHG FJ . -54.48 -42.01 69.06
O7 LHG FJ . -54.51 -39.82 68.15
C7 LHG FJ . -54.55 -38.67 68.87
O9 LHG FJ . -55.48 -38.37 69.60
C8 LHG FJ . -53.25 -37.98 68.80
C9 LHG FJ . -53.04 -37.18 70.07
C10 LHG FJ . -52.08 -36.04 69.81
O8 LHG FJ . -53.14 -41.53 68.86
C23 LHG FJ . -52.22 -41.80 69.85
O10 LHG FJ . -52.58 -41.81 71.01
C24 LHG FJ . -50.74 -41.85 69.52
C11 LHG FJ . -52.14 -35.31 71.12
C12 LHG FJ . -51.12 -34.21 71.14
C13 LHG FJ . -49.73 -34.83 71.08
C14 LHG FJ . -48.66 -33.77 71.15
C25 LHG FJ . -49.87 -42.62 70.50
C26 LHG FJ . -48.36 -42.46 70.35
C27 LHG FJ . -48.12 -40.99 70.60
C28 LHG FJ . -48.32 -40.51 72.02
C29 LHG FJ . -48.06 -39.01 72.00
C30 LHG FJ . -46.89 -38.53 72.82
C31 LHG FJ . -46.34 -37.18 72.45
C32 LHG FJ . -45.33 -37.19 71.30
C33 LHG FJ . -45.33 -35.80 70.69
C34 LHG FJ . -44.70 -35.71 69.33
MG CLA GJ . 41.88 80.97 11.02
CHA CLA GJ . 41.60 83.37 13.52
CHB CLA GJ . 42.96 83.33 8.84
CHC CLA GJ . 42.26 78.52 8.64
CHD CLA GJ . 40.77 78.53 13.33
NA CLA GJ . 42.19 83.03 11.18
C1A CLA GJ . 42.04 83.85 12.31
C2A CLA GJ . 42.40 85.31 11.96
C3A CLA GJ . 42.67 85.26 10.44
C4A CLA GJ . 42.62 83.77 10.12
CMA CLA GJ . 41.65 86.05 9.67
CAA CLA GJ . 43.61 85.84 12.72
CBA CLA GJ . 44.92 85.68 11.97
CGA CLA GJ . 45.76 84.65 12.65
O1A CLA GJ . 46.74 84.80 13.38
O2A CLA GJ . 45.34 83.37 12.38
NB CLA GJ . 42.51 80.93 9.11
C1B CLA GJ . 42.93 82.00 8.39
C2B CLA GJ . 43.35 81.57 7.03
C3B CLA GJ . 43.15 80.21 6.96
C4B CLA GJ . 42.61 79.78 8.29
CMB CLA GJ . 43.84 82.49 6.02
CAB CLA GJ . 43.38 79.30 5.87
CBB CLA GJ . 44.27 78.32 5.85
NC CLA GJ . 41.55 78.90 10.99
C1C CLA GJ . 41.76 78.10 9.90
C2C CLA GJ . 41.42 76.72 10.23
C3C CLA GJ . 41.01 76.72 11.56
C4C CLA GJ . 41.09 78.09 12.03
CMC CLA GJ . 41.52 75.59 9.31
CAC CLA GJ . 40.57 75.55 12.34
CBC CLA GJ . 41.70 75.00 13.19
ND CLA GJ . 41.25 80.90 12.94
C1D CLA GJ . 40.84 79.83 13.77
C2D CLA GJ . 40.51 80.35 15.11
C3D CLA GJ . 40.78 81.71 15.08
C4D CLA GJ . 41.25 81.99 13.70
CMD CLA GJ . 40.03 79.54 16.23
CAD CLA GJ . 40.78 82.95 15.81
OBD CLA GJ . 40.43 83.17 16.97
CBD CLA GJ . 41.34 84.04 14.86
CGD CLA GJ . 40.41 85.21 14.72
O1D CLA GJ . 40.51 86.32 15.26
O2D CLA GJ . 39.35 84.99 13.90
CED CLA GJ . 38.68 86.12 13.34
MG CLA HJ . 33.83 77.90 21.81
CHA CLA HJ . 32.39 80.00 19.45
CHB CLA HJ . 30.74 76.86 22.76
CHC CLA HJ . 35.30 75.71 24.01
CHD CLA HJ . 37.01 78.87 20.65
NA CLA HJ . 31.89 78.40 21.20
C1A CLA HJ . 31.50 79.27 20.18
C2A CLA HJ . 29.97 79.30 20.06
C3A CLA HJ . 29.51 78.46 21.26
C4A CLA HJ . 30.79 77.84 21.78
CMA CLA HJ . 28.89 79.36 22.29
CAA CLA HJ . 29.52 78.64 18.76
CBA CLA HJ . 28.77 77.32 18.95
CGA CLA HJ . 29.71 76.16 18.84
O1A CLA HJ . 30.35 75.79 17.86
O2A CLA HJ . 29.84 75.44 20.00
NB CLA HJ . 33.15 76.54 23.13
C1B CLA HJ . 31.84 76.24 23.36
C2B CLA HJ . 31.74 75.20 24.41
C3B CLA HJ . 33.03 74.87 24.77
C4B CLA HJ . 33.94 75.74 23.96
CMB CLA HJ . 30.45 74.69 24.87
CAB CLA HJ . 33.56 73.94 25.73
CBB CLA HJ . 33.16 72.69 25.94
NC CLA HJ . 35.80 77.42 22.27
C1C CLA HJ . 36.18 76.51 23.22
C2C CLA HJ . 37.64 76.41 23.28
C3C CLA HJ . 38.12 77.27 22.29
C4C CLA HJ . 36.96 77.89 21.65
CMC CLA HJ . 38.37 75.55 24.20
CAC CLA HJ . 39.52 77.51 21.89
CBC CLA HJ . 40.33 78.32 22.86
ND CLA HJ . 34.59 79.20 20.46
C1D CLA HJ . 35.93 79.51 20.09
C2D CLA HJ . 35.91 80.56 19.06
C3D CLA HJ . 34.57 80.80 18.78
C4D CLA HJ . 33.80 79.90 19.66
CMD CLA HJ . 37.10 81.18 18.48
CAD CLA HJ . 33.62 81.58 18.01
OBD CLA HJ . 33.82 82.49 17.22
CBD CLA HJ . 32.20 81.05 18.37
CGD CLA HJ . 31.31 82.16 18.86
O1D CLA HJ . 30.19 82.47 18.45
O2D CLA HJ . 31.84 82.88 19.89
CED CLA HJ . 30.94 83.63 20.70
C1 CLA HJ . 30.24 74.06 19.89
C2 CLA HJ . 31.24 73.79 20.95
C3 CLA HJ . 31.73 72.57 21.23
C4 CLA HJ . 32.74 72.37 22.30
C5 CLA HJ . 31.32 71.35 20.49
C6 CLA HJ . 32.50 70.57 19.98
C7 CLA HJ . 32.33 69.07 20.16
C8 CLA HJ . 33.43 68.30 19.44
C9 CLA HJ . 32.95 66.92 19.04
C10 CLA HJ . 34.67 68.18 20.32
C11 CLA HJ . 35.86 67.66 19.56
C12 CLA HJ . 37.14 68.37 19.95
C13 CLA HJ . 38.11 67.43 20.66
C14 CLA HJ . 37.95 67.56 22.17
C15 CLA HJ . 39.55 67.71 20.27
C16 CLA HJ . 39.94 66.98 18.99
C17 CLA HJ . 40.35 65.55 19.26
C18 CLA HJ . 41.85 65.38 19.41
C19 CLA HJ . 42.21 63.90 19.48
C20 CLA HJ . 42.60 66.02 18.26
MG CLA IJ . 31.61 69.10 28.64
CHA CLA IJ . 28.19 69.47 28.12
CHB CLA IJ . 32.15 69.49 25.32
CHC CLA IJ . 34.97 68.52 29.16
CHD CLA IJ . 30.99 68.44 32.06
NA CLA IJ . 30.36 69.51 27.02
C1A CLA IJ . 28.96 69.63 26.99
C2A CLA IJ . 28.47 69.94 25.57
C3A CLA IJ . 29.76 69.94 24.73
C4A CLA IJ . 30.85 69.65 25.76
CMA CLA IJ . 29.74 68.87 23.67
CAA CLA IJ . 27.84 71.32 25.49
CBA CLA IJ . 27.60 71.84 24.09
CGA CLA IJ . 26.52 71.04 23.43
O1A CLA IJ . 25.34 70.92 23.75
O2A CLA IJ . 26.97 70.36 22.33
NB CLA IJ . 33.26 69.18 27.50
C1B CLA IJ . 33.24 69.17 26.14
C2B CLA IJ . 34.56 68.73 25.59
C3B CLA IJ . 35.36 68.46 26.68
C4B CLA IJ . 34.54 68.73 27.88
CMB CLA IJ . 34.74 68.61 24.14
CAB CLA IJ . 36.71 67.96 26.83
CBB CLA IJ . 37.64 67.73 25.90
NC CLA IJ . 32.77 68.62 30.33
C1C CLA IJ . 34.12 68.46 30.31
C2C CLA IJ . 34.60 68.15 31.64
C3C CLA IJ . 33.49 68.10 32.47
C4C CLA IJ . 32.33 68.40 31.63
CMC CLA IJ . 36.02 67.92 31.95
CAC CLA IJ . 33.45 67.82 33.92
CBC CLA IJ . 33.64 66.36 34.26
ND CLA IJ . 30.01 68.94 29.85
C1D CLA IJ . 29.90 68.67 31.25
C2D CLA IJ . 28.46 68.69 31.61
C3D CLA IJ . 27.77 68.96 30.46
C4D CLA IJ . 28.77 69.11 29.39
CMD CLA IJ . 27.96 68.42 32.97
CAD CLA IJ . 26.46 69.14 29.84
OBD CLA IJ . 25.35 69.03 30.33
CBD CLA IJ . 26.70 69.50 28.35
CGD CLA IJ . 25.97 68.56 27.43
O1D CLA IJ . 25.08 68.83 26.62
O2D CLA IJ . 26.38 67.27 27.53
CED CLA IJ . 25.39 66.26 27.76
C1 CLA IJ . 26.02 70.14 21.27
C2 CLA IJ . 26.38 68.84 20.66
C3 CLA IJ . 26.01 67.65 21.16
C4 CLA IJ . 26.39 66.37 20.51
C5 CLA IJ . 25.17 67.56 22.39
C6 CLA IJ . 25.91 66.90 23.54
MG CLA JJ . 41.42 72.02 45.24
CHA CLA JJ . 42.72 69.94 47.71
CHB CLA JJ . 39.36 69.53 44.19
CHC CLA JJ . 40.12 74.16 42.90
CHD CLA JJ . 43.56 74.61 46.38
NA CLA JJ . 41.12 70.04 45.86
C1A CLA JJ . 41.74 69.36 46.92
C2A CLA JJ . 41.19 67.93 47.03
C3A CLA JJ . 40.21 67.82 45.84
C4A CLA JJ . 40.21 69.23 45.24
CMA CLA JJ . 40.64 66.77 44.86
CAA CLA JJ . 40.42 67.72 48.33
CBA CLA JJ . 39.11 68.49 48.40
CGA CLA JJ . 39.27 69.78 49.14
O1A CLA JJ . 39.31 69.95 50.35
O2A CLA JJ . 39.39 70.88 48.35
NB CLA JJ . 40.04 71.86 43.80
C1B CLA JJ . 39.28 70.76 43.54
C2B CLA JJ . 38.31 71.07 42.45
C3B CLA JJ . 38.52 72.37 42.08
C4B CLA JJ . 39.62 72.89 42.93
CMB CLA JJ . 37.33 70.10 41.95
CAB CLA JJ . 37.87 73.19 41.09
CBB CLA JJ . 37.89 72.95 39.78
NC CLA JJ . 41.78 74.01 44.74
C1C CLA JJ . 41.11 74.69 43.75
C2C CLA JJ . 41.59 76.05 43.68
C3C CLA JJ . 42.58 76.19 44.66
C4C CLA JJ . 42.69 74.90 45.33
CMC CLA JJ . 41.09 77.05 42.73
CAC CLA JJ . 43.35 77.40 44.97
CBC CLA JJ . 42.74 78.18 46.11
ND CLA JJ . 42.82 72.29 46.69
C1D CLA JJ . 43.63 73.39 47.04
C2D CLA JJ . 44.51 73.01 48.15
C3D CLA JJ . 44.22 71.70 48.45
C4D CLA JJ . 43.15 71.29 47.52
CMD CLA JJ . 45.50 73.90 48.77
CAD CLA JJ . 44.52 70.56 49.29
OBD CLA JJ . 45.35 70.45 50.18
CBD CLA JJ . 43.56 69.40 48.86
CGD CLA JJ . 44.31 68.15 48.50
O1D CLA JJ . 44.49 67.15 49.21
O2D CLA JJ . 44.85 68.15 47.25
CED CLA JJ . 46.26 68.07 47.14
C1 CLA JJ . 40.05 72.02 48.95
C2 CLA JJ . 39.76 73.23 48.14
C3 CLA JJ . 40.34 74.42 48.40
C4 CLA JJ . 41.30 74.62 49.51
C5 CLA JJ . 40.04 75.63 47.58
C6 CLA JJ . 38.77 75.52 46.76
C7 CLA JJ . 38.21 76.90 46.48
C8 CLA JJ . 37.66 77.02 45.05
C9 CLA JJ . 38.02 78.36 44.46
C10 CLA JJ . 36.15 76.82 45.03
C11 CLA JJ . 35.45 77.90 45.83
C12 CLA JJ . 34.04 78.14 45.35
C13 CLA JJ . 34.00 78.65 43.92
C14 CLA JJ . 34.63 80.03 43.82
C15 CLA JJ . 32.58 78.69 43.35
C16 CLA JJ . 31.82 77.41 43.61
C17 CLA JJ . 30.51 77.67 44.32
C18 CLA JJ . 30.06 76.50 45.17
C19 CLA JJ . 30.96 76.28 46.36
C20 CLA JJ . 29.93 75.24 44.35
MG CLA KJ . 31.08 68.33 54.30
CHA CLA KJ . 33.81 66.26 54.89
CHB CLA KJ . 29.59 67.21 57.14
CHC CLA KJ . 28.45 70.49 53.72
CHD CLA KJ . 32.62 69.43 51.32
NA CLA KJ . 31.63 66.95 55.76
C1A CLA KJ . 32.81 66.20 55.85
C2A CLA KJ . 32.80 65.32 57.10
C3A CLA KJ . 31.40 65.56 57.71
C4A CLA KJ . 30.82 66.67 56.83
CMA CLA KJ . 30.54 64.33 57.68
CAA CLA KJ . 33.85 65.78 58.11
CBA CLA KJ . 33.96 64.83 59.29
CGA CLA KJ . 34.83 63.67 58.94
O1A CLA KJ . 35.80 63.62 58.19
O2A CLA KJ . 34.46 62.51 59.58
NB CLA KJ . 29.33 68.72 55.22
C1B CLA KJ . 28.93 68.22 56.41
C2B CLA KJ . 27.67 68.87 56.84
C3B CLA KJ . 27.34 69.79 55.88
C4B CLA KJ . 28.39 69.72 54.83
CMB CLA KJ . 26.98 68.54 58.09
CAB CLA KJ . 26.24 70.71 55.82
CBB CLA KJ . 25.17 70.57 55.02
NC CLA KJ . 30.63 69.71 52.79
C1C CLA KJ . 29.51 70.49 52.76
C2C CLA KJ . 29.54 71.36 51.58
C3C CLA KJ . 30.71 71.05 50.90
C4C CLA KJ . 31.40 70.02 51.66
CMC CLA KJ . 28.50 72.33 51.25
CAC CLA KJ . 31.22 71.67 49.65
CBC CLA KJ . 30.64 71.07 48.41
ND CLA KJ . 32.82 68.04 53.32
C1D CLA KJ . 33.31 68.51 52.07
C2D CLA KJ . 34.60 67.87 51.78
C3D CLA KJ . 34.87 67.03 52.85
C4D CLA KJ . 33.71 67.14 53.76
CMD CLA KJ . 35.40 68.13 50.58
CAD CLA KJ . 35.79 66.07 53.43
OBD CLA KJ . 36.91 65.74 53.07
CBD CLA KJ . 35.10 65.51 54.71
CGD CLA KJ . 34.86 64.03 54.59
O1D CLA KJ . 33.95 63.46 53.98
O2D CLA KJ . 35.79 63.27 55.22
CED CLA KJ . 35.56 61.85 55.30
C1 CLA KJ . 33.78 61.52 58.78
C2 CLA KJ . 32.35 61.58 59.16
C3 CLA KJ . 31.49 60.54 59.07
C4 CLA KJ . 31.92 59.21 58.59
C5 CLA KJ . 30.07 60.68 59.47
C6 CLA KJ . 29.87 61.70 60.59
C7 CLA KJ . 29.91 61.04 61.95
C8 CLA KJ . 30.55 61.94 63.01
C9 CLA KJ . 29.81 63.26 63.11
C10 CLA KJ . 32.02 62.16 62.70
C11 CLA KJ . 32.69 63.09 63.70
C12 CLA KJ . 34.09 63.46 63.24
C13 CLA KJ . 34.67 64.58 64.08
C14 CLA KJ . 33.97 65.89 63.77
C15 CLA KJ . 36.17 64.72 63.87
C16 CLA KJ . 36.90 63.44 64.21
C17 CLA KJ . 38.40 63.65 64.27
C18 CLA KJ . 38.79 64.55 65.42
C19 CLA KJ . 39.73 65.65 64.96
C20 CLA KJ . 39.44 63.75 66.53
MG CLA LJ . 26.66 70.79 36.32
CHA CLA LJ . 25.93 71.84 33.09
CHB CLA LJ . 23.34 70.47 36.95
CHC CLA LJ . 27.44 69.11 39.21
CHD CLA LJ . 30.09 71.03 35.56
NA CLA LJ . 24.94 71.24 35.24
C1A CLA LJ . 24.84 71.61 33.89
C2A CLA LJ . 23.36 71.82 33.51
C3A CLA LJ . 22.66 71.80 34.89
C4A CLA LJ . 23.69 71.11 35.78
CMA CLA LJ . 22.33 73.20 35.34
CAA CLA LJ . 22.81 70.75 32.59
CBA CLA LJ . 23.38 69.36 32.83
CGA CLA LJ . 22.61 68.62 33.88
O1A CLA LJ . 21.40 68.48 34.01
O2A CLA LJ . 23.43 68.04 34.82
NB CLA LJ . 25.60 70.00 37.83
C1B CLA LJ . 24.25 69.82 37.81
C2B CLA LJ . 23.85 68.82 38.84
C3B CLA LJ . 25.01 68.43 39.50
C4B CLA LJ . 26.13 69.21 38.87
CMB CLA LJ . 22.45 68.45 39.05
CAB CLA LJ . 25.29 67.52 40.58
CBB CLA LJ . 24.56 66.50 41.03
NC CLA LJ . 28.45 70.29 37.28
C1C CLA LJ . 28.54 69.64 38.48
C2C CLA LJ . 29.94 69.45 38.84
C3C CLA LJ . 30.69 69.95 37.79
C4C CLA LJ . 29.75 70.49 36.81
CMC CLA LJ . 30.40 68.77 40.05
CAC CLA LJ . 32.15 69.98 37.68
CBC CLA LJ . 32.76 71.13 38.43
ND CLA LJ . 27.81 71.51 34.82
C1D CLA LJ . 29.21 71.48 34.61
C2D CLA LJ . 29.52 71.97 33.26
C3D CLA LJ . 28.29 72.09 32.63
C4D CLA LJ . 27.26 71.77 33.63
CMD CLA LJ . 30.87 72.17 32.72
CAD CLA LJ . 27.62 72.49 31.41
OBD CLA LJ . 28.08 72.97 30.38
CBD CLA LJ . 26.10 72.19 31.63
CGD CLA LJ . 25.23 73.32 31.15
O1D CLA LJ . 24.67 73.43 30.06
O2D CLA LJ . 25.08 74.31 32.05
CED CLA LJ . 25.75 75.51 31.72
C1 CLA LJ . 24.45 67.14 34.34
C2 CLA LJ . 25.42 66.99 35.45
C3 CLA LJ . 25.43 65.94 36.29
C4 CLA LJ . 24.47 64.82 36.18
C5 CLA LJ . 26.42 65.84 37.40
C6 CLA LJ . 27.77 66.37 36.98
C7 CLA LJ . 28.79 65.26 36.87
C8 CLA LJ . 30.20 65.82 36.87
C9 CLA LJ . 30.36 66.91 35.82
C10 CLA LJ . 31.28 64.76 36.71
C11 CLA LJ . 30.85 63.50 35.99
C12 CLA LJ . 31.25 63.52 34.53
C13 CLA LJ . 31.03 62.17 33.86
C14 CLA LJ . 31.76 61.05 34.58
C15 CLA LJ . 31.45 62.22 32.40
C16 CLA LJ . 30.25 62.26 31.47
C17 CLA LJ . 29.34 61.07 31.65
C18 CLA LJ . 29.62 59.89 30.71
C19 CLA LJ . 30.47 58.82 31.37
C20 CLA LJ . 30.20 60.30 29.37
MG CLA MJ . 33.28 86.26 35.92
CHA CLA MJ . 30.06 87.54 35.88
CHB CLA MJ . 34.39 89.02 34.26
CHC CLA MJ . 36.47 84.98 36.04
CHD CLA MJ . 32.09 83.44 37.69
NA CLA MJ . 32.35 87.98 35.19
C1A CLA MJ . 31.00 88.35 35.29
C2A CLA MJ . 30.76 89.71 34.65
C3A CLA MJ . 32.12 90.08 34.04
C4A CLA MJ . 33.04 88.97 34.53
CMA CLA MJ . 32.07 90.12 32.53
CAA CLA MJ . 30.41 90.76 35.70
CBA CLA MJ . 30.19 92.13 35.07
CGA CLA MJ . 30.77 93.19 35.95
O1A CLA MJ . 30.45 93.52 37.10
O2A CLA MJ . 31.80 93.87 35.36
NB CLA MJ . 35.09 86.91 35.31
C1B CLA MJ . 35.34 88.05 34.62
C2B CLA MJ . 36.77 88.12 34.25
C3B CLA MJ . 37.37 86.98 34.75
C4B CLA MJ . 36.30 86.19 35.41
CMB CLA MJ . 37.33 89.24 33.49
CAB CLA MJ . 38.72 86.52 34.67
CBB CLA MJ . 39.45 86.41 33.56
NC CLA MJ . 34.12 84.52 36.71
C1C CLA MJ . 35.45 84.20 36.65
C2C CLA MJ . 35.69 82.93 37.30
C3C CLA MJ . 34.46 82.48 37.78
C4C CLA MJ . 33.48 83.50 37.41
CMC CLA MJ . 37.00 82.27 37.42
CAC CLA MJ . 34.19 81.24 38.53
CBC CLA MJ . 34.24 81.46 40.03
ND CLA MJ . 31.52 85.55 36.59
C1D CLA MJ . 31.17 84.38 37.31
C2D CLA MJ . 29.71 84.38 37.55
C3D CLA MJ . 29.23 85.55 36.99
C4D CLA MJ . 30.40 86.26 36.44
CMD CLA MJ . 28.97 83.31 38.21
CAD CLA MJ . 28.07 86.37 36.73
OBD CLA MJ . 26.89 86.15 36.96
CBD CLA MJ . 28.57 87.68 36.05
CGD CLA MJ . 27.90 87.92 34.73
O1D CLA MJ . 27.28 88.92 34.35
O2D CLA MJ . 28.04 86.87 33.86
CED CLA MJ . 28.67 87.13 32.61
C1 CLA MJ . 32.97 94.09 36.17
C2 CLA MJ . 33.80 92.86 36.07
C3 CLA MJ . 34.99 92.71 36.68
C4 CLA MJ . 35.59 93.79 37.51
C5 CLA MJ . 35.77 91.46 36.53
C6 CLA MJ . 36.32 90.93 37.84
C7 CLA MJ . 37.35 89.84 37.57
C8 CLA MJ . 38.69 90.19 38.22
C9 CLA MJ . 39.45 91.17 37.35
C10 CLA MJ . 39.52 88.92 38.43
C11 CLA MJ . 40.52 89.08 39.56
C12 CLA MJ . 41.82 88.38 39.24
C13 CLA MJ . 42.56 87.98 40.51
C14 CLA MJ . 44.01 87.64 40.16
C15 CLA MJ . 41.84 86.83 41.21
C16 CLA MJ . 42.72 85.93 42.06
C17 CLA MJ . 42.58 84.48 41.66
C18 CLA MJ . 43.87 83.70 41.87
C19 CLA MJ . 44.10 82.71 40.75
C20 CLA MJ . 43.84 82.98 43.20
MG CLA NJ . 45.61 87.98 22.31
CHA CLA NJ . 43.36 89.66 24.34
CHB CLA NJ . 45.91 90.73 20.34
CHC CLA NJ . 47.99 86.32 20.46
CHD CLA NJ . 45.29 85.14 24.40
NA CLA NJ . 44.73 89.88 22.34
C1A CLA NJ . 43.84 90.40 23.29
C2A CLA NJ . 43.46 91.84 22.93
C3A CLA NJ . 44.13 92.05 21.54
C4A CLA NJ . 45.00 90.81 21.38
CMA CLA NJ . 43.10 92.17 20.45
CAA CLA NJ . 43.99 92.88 23.91
CBA CLA NJ . 45.26 92.49 24.65
CGA CLA NJ . 46.49 92.65 23.80
O1A CLA NJ . 46.95 93.68 23.29
O2A CLA NJ . 47.15 91.47 23.60
NB CLA NJ . 46.71 88.43 20.68
C1B CLA NJ . 46.74 89.64 20.07
C2B CLA NJ . 47.81 89.65 19.03
C3B CLA NJ . 48.41 88.41 19.06
C4B CLA NJ . 47.71 87.61 20.11
CMB CLA NJ . 48.10 90.82 18.20
CAB CLA NJ . 49.49 87.89 18.27
CBB CLA NJ . 49.38 86.94 17.33
NC CLA NJ . 46.44 86.07 22.40
C1C CLA NJ . 47.39 85.59 21.53
C2C CLA NJ . 47.75 84.22 21.87
C3C CLA NJ . 47.01 83.90 23.01
C4C CLA NJ . 46.20 85.06 23.33
CMC CLA NJ . 48.72 83.40 21.14
CAC CLA NJ . 47.01 82.62 23.73
CBC CLA NJ . 48.12 82.53 24.74
ND CLA NJ . 44.56 87.44 23.95
C1D CLA NJ . 44.51 86.23 24.71
C2D CLA NJ . 43.55 86.40 25.82
C3D CLA NJ . 43.08 87.69 25.73
C4D CLA NJ . 43.75 88.30 24.56
CMD CLA NJ . 43.22 85.35 26.78
CAD CLA NJ . 42.20 88.69 26.29
OBD CLA NJ . 41.44 88.61 27.25
CBD CLA NJ . 42.36 89.98 25.44
CGD CLA NJ . 41.05 90.45 24.89
O1D CLA NJ . 40.56 90.18 23.79
O2D CLA NJ . 40.37 91.28 25.72
CED CLA NJ . 39.32 92.06 25.17
C1 CLA NJ . 48.50 91.55 23.11
NB KC2 OJ . 45.33 85.69 33.89
ND KC2 OJ . 45.23 87.54 30.29
C1A KC2 OJ . 43.44 89.07 32.42
C1B KC2 OJ . 44.66 85.96 35.01
C1C KC2 OJ . 47.13 84.39 31.76
C1D KC2 OJ . 45.88 87.44 29.01
C2A KC2 OJ . 42.48 89.85 33.26
C2B KC2 OJ . 44.98 85.06 36.15
C2C KC2 OJ . 48.08 83.61 30.94
C2D KC2 OJ . 45.67 88.59 28.09
C3A KC2 OJ . 42.50 89.06 34.56
C3B KC2 OJ . 45.95 84.13 35.53
C3C KC2 OJ . 47.98 84.27 29.63
C3D KC2 OJ . 44.81 89.45 28.95
C4A KC2 OJ . 43.47 88.00 34.18
C4B KC2 OJ . 46.08 84.63 34.15
C4C KC2 OJ . 46.99 85.34 29.86
C4D KC2 OJ . 44.64 88.78 30.15
CAA KC2 OJ . 41.10 89.79 32.65
CAB KC2 OJ . 46.67 82.97 36.08
CAC KC2 OJ . 48.71 83.94 28.35
CAD KC2 OJ . 44.06 90.73 29.06
CBA KC2 OJ . 40.20 90.86 33.25
CBB KC2 OJ . 46.01 82.05 36.76
CBC KC2 OJ . 48.49 82.64 28.12
CBD KC2 OJ . 43.41 90.82 30.39
CED KC2 OJ . 44.18 94.35 30.39
CGA KC2 OJ . 40.94 92.15 33.45
CGD KC2 OJ . 44.10 91.95 31.08
CHA KC2 OJ . 43.75 89.53 31.04
CHB KC2 OJ . 43.74 87.09 35.11
CHC KC2 OJ . 46.98 84.00 33.18
CHD KC2 OJ . 46.66 86.23 28.72
CMA KC2 OJ . 43.12 89.90 35.68
CMB KC2 OJ . 44.43 85.08 37.55
CMC KC2 OJ . 48.90 82.43 31.40
CMD KC2 OJ . 46.12 88.97 26.72
NA KC2 OJ . 43.98 88.06 32.95
NC KC2 OJ . 46.51 85.39 31.12
O1A KC2 OJ . 41.28 92.83 32.50
O1D KC2 OJ . 45.17 91.77 31.65
O2A KC2 OJ . 41.24 92.63 34.79
O2D KC2 OJ . 43.52 93.27 31.04
OBD KC2 OJ . 43.99 91.63 28.16
MG KC2 OJ . 45.41 86.78 32.17
MG CLA PJ . 50.75 70.62 25.90
CHA CLA PJ . 53.89 69.15 25.89
CHB CLA PJ . 52.17 73.67 26.37
CHC CLA PJ . 47.63 72.04 25.84
CHD CLA PJ . 49.29 67.43 25.45
NA CLA PJ . 52.73 71.27 26.09
C1A CLA PJ . 53.90 70.51 26.05
C2A CLA PJ . 55.13 71.40 26.23
C3A CLA PJ . 54.54 72.80 26.47
C4A CLA PJ . 53.04 72.59 26.30
CMA CLA PJ . 54.89 73.34 27.84
CAA CLA PJ . 56.00 71.45 24.98
CBA CLA PJ . 55.19 71.59 23.70
CGA CLA PJ . 55.97 71.10 22.52
O1A CLA PJ . 57.05 70.52 22.51
O2A CLA PJ . 55.37 71.36 21.33
NB CLA PJ . 50.03 72.49 26.12
C1B CLA PJ . 50.78 73.62 26.24
C2B CLA PJ . 49.90 74.82 26.24
C3B CLA PJ . 48.60 74.36 26.08
C4B CLA PJ . 48.68 72.88 26.01
CMB CLA PJ . 50.44 76.17 26.36
CAB CLA PJ . 47.33 75.04 25.99
CBB CLA PJ . 46.95 76.16 26.61
NC CLA PJ . 48.82 69.86 25.67
C1C CLA PJ . 47.70 70.63 25.66
C2C CLA PJ . 46.53 69.79 25.49
C3C CLA PJ . 46.97 68.48 25.39
C4C CLA PJ . 48.43 68.53 25.51
CMC CLA PJ . 45.15 70.30 25.44
CAC CLA PJ . 46.15 67.28 25.20
CBC CLA PJ . 45.62 66.71 26.50
ND CLA PJ . 51.37 68.72 25.66
C1D CLA PJ . 50.66 67.50 25.52
C2D CLA PJ . 51.64 66.38 25.47
C3D CLA PJ . 52.88 66.95 25.59
C4D CLA PJ . 52.67 68.41 25.72
CMD CLA PJ . 51.28 64.97 25.31
CAD CLA PJ . 54.32 66.72 25.67
OBD CLA PJ . 54.95 65.67 25.58
CBD CLA PJ . 55.00 68.10 25.88
CGD CLA PJ . 55.79 68.15 27.16
O1D CLA PJ . 55.49 68.71 28.20
O2D CLA PJ . 56.96 67.46 27.10
CED CLA PJ . 58.12 68.09 27.63
C1 CLA PJ . 56.24 71.62 20.22
C2 CLA PJ . 55.40 71.86 19.01
C3 CLA PJ . 55.87 72.45 17.90
C4 CLA PJ . 57.27 72.92 17.79
C5 CLA PJ . 55.00 72.66 16.71
C6 CLA PJ . 55.03 74.08 16.20
C7 CLA PJ . 53.81 74.86 16.66
C8 CLA PJ . 54.14 75.81 17.81
C9 CLA PJ . 53.68 75.23 19.13
C10 CLA PJ . 53.49 77.17 17.57
MG CLA QJ . 42.87 61.64 28.07
CHA CLA QJ . 43.17 59.35 30.68
CHB CLA QJ . 39.92 62.72 29.35
CHC CLA QJ . 42.48 63.65 25.31
CHD CLA QJ . 45.85 60.35 26.68
NA CLA QJ . 41.79 61.16 29.79
C1A CLA QJ . 42.07 60.18 30.76
C2A CLA QJ . 40.98 60.19 31.84
C3A CLA QJ . 40.06 61.37 31.45
C4A CLA QJ . 40.63 61.81 30.11
CMA CLA QJ . 38.62 60.95 31.34
CAA CLA QJ . 41.50 60.48 33.24
CBA CLA QJ . 40.60 59.85 34.29
CGA CLA QJ . 41.00 58.43 34.59
O1A CLA QJ . 42.05 58.03 35.09
O2A CLA QJ . 40.06 57.51 34.24
NB CLA QJ . 41.51 63.00 27.49
C1B CLA QJ . 40.31 63.19 28.09
C2B CLA QJ . 39.39 63.93 27.18
C3B CLA QJ . 40.10 64.20 26.03
C4B CLA QJ . 41.47 63.62 26.21
CMB CLA QJ . 38.02 64.28 27.54
CAB CLA QJ . 39.70 64.91 24.85
CBB CLA QJ . 39.42 64.33 23.68
NC CLA QJ . 44.02 62.01 26.36
C1C CLA QJ . 43.69 62.91 25.39
C2C CLA QJ . 44.72 62.93 24.36
C3C CLA QJ . 45.65 61.94 24.71
C4C CLA QJ . 45.20 61.38 25.97
CMC CLA QJ . 44.71 63.80 23.18
CAC CLA QJ . 46.88 61.58 23.98
CBC CLA QJ . 46.69 60.31 23.18
ND CLA QJ . 44.29 60.28 28.57
C1D CLA QJ . 45.43 59.82 27.87
C2D CLA QJ . 46.05 58.72 28.64
C3D CLA QJ . 45.22 58.49 29.72
C4D CLA QJ . 44.12 59.48 29.62
CMD CLA QJ . 47.28 58.03 28.25
CAD CLA QJ . 45.00 57.72 30.92
OBD CLA QJ . 45.72 56.86 31.43
CBD CLA QJ . 43.64 58.17 31.52
CGD CLA QJ . 42.63 57.07 31.53
O1D CLA QJ . 41.84 56.75 30.64
O2D CLA QJ . 42.60 56.36 32.70
CED CLA QJ . 42.87 54.96 32.62
C1 CLA QJ . 38.73 57.67 34.78
C2 CLA QJ . 38.76 57.30 36.22
C3 CLA QJ . 37.65 57.13 36.96
C4 CLA QJ . 36.29 57.32 36.40
C5 CLA QJ . 37.73 56.76 38.40
C6 CLA QJ . 37.24 57.87 39.31
C7 CLA QJ . 36.65 57.31 40.58
C8 CLA QJ . 36.84 58.26 41.77
C9 CLA QJ . 36.47 57.56 43.06
C10 CLA QJ . 36.03 59.54 41.59
C11 CLA QJ . 34.54 59.26 41.53
C12 CLA QJ . 33.79 60.39 40.84
C13 CLA QJ . 33.35 61.47 41.82
C14 CLA QJ . 32.25 60.95 42.73
C15 CLA QJ . 32.84 62.71 41.08
C16 CLA QJ . 33.25 63.98 41.78
C17 CLA QJ . 34.12 64.84 40.88
C18 CLA QJ . 33.66 66.29 40.83
C19 CLA QJ . 33.52 66.75 39.39
C20 CLA QJ . 34.64 67.18 41.55
C03 II0 RJ . 34.91 88.91 41.50
C04 II0 RJ . 52.38 76.02 31.46
C05 II0 RJ . 33.66 89.81 41.43
C06 II0 RJ . 53.39 74.93 31.05
C07 II0 RJ . 33.28 90.19 40.00
C08 II0 RJ . 52.79 73.54 31.21
C09 II0 RJ . 35.14 87.98 40.27
C10 II0 RJ . 50.99 75.88 30.80
C11 II0 RJ . 32.98 88.95 39.13
C12 II0 RJ . 51.57 73.40 30.29
C13 II0 RJ . 33.91 87.74 39.34
C14 II0 RJ . 50.49 74.43 30.69
C15 II0 RJ . 36.15 89.84 41.59
C16 II0 RJ . 34.82 88.10 42.83
C17 II0 RJ . 52.26 75.95 33.02
C18 II0 RJ . 52.97 77.40 31.07
C19 II0 RJ . 33.05 86.54 39.85
C20 II0 RJ . 49.32 74.35 29.68
C21 II0 RJ . 35.74 86.61 40.69
C22 II0 RJ . 49.92 76.63 31.65
C23 II0 RJ . 37.03 86.49 40.35
C24 II0 RJ . 49.35 77.73 31.09
C25 II0 RJ . 38.36 85.73 40.29
C26 II0 RJ . 48.36 78.92 31.18
C27 II0 RJ . 38.26 84.48 41.15
C28 II0 RJ . 47.70 79.15 29.83
C29 II0 RJ . 38.64 85.33 38.83
C30 II0 RJ . 47.31 78.58 32.24
C31 II0 RJ . 40.15 85.23 38.48
C32 II0 RJ . 46.00 79.43 32.21
C33 II0 RJ . 40.52 83.97 38.25
C34 II0 RJ . 45.91 80.25 33.29
C35 II0 RJ . 41.54 82.86 37.90
C36 II0 RJ . 44.57 80.74 32.72
C37 II0 RJ . 40.78 81.53 37.97
C38 II0 RJ . 44.71 82.19 32.26
C39 II0 RJ . 42.13 83.11 36.51
C40 II0 RJ . 43.49 80.60 33.80
C41 II0 RJ . 42.37 81.85 35.67
C42 II0 RJ . 43.24 81.87 34.65
O01 II0 RJ . 32.13 91.00 40.05
O02 II0 RJ . 53.75 72.56 30.87
C03 II0 SJ . 35.48 72.52 17.02
C04 II0 SJ . 40.93 68.72 39.70
C05 II0 SJ . 34.58 72.95 15.84
C06 II0 SJ . 41.83 67.98 40.72
C07 II0 SJ . 33.20 73.44 16.32
C08 II0 SJ . 41.38 66.60 41.22
C09 II0 SJ . 35.26 73.34 18.33
C10 II0 SJ . 39.44 68.28 39.57
C11 II0 SJ . 33.34 74.67 17.23
C12 II0 SJ . 40.28 65.97 40.35
C13 II0 SJ . 34.62 74.72 18.09
C14 II0 SJ . 39.09 66.94 40.27
C15 II0 SJ . 35.15 71.04 17.33
C16 II0 SJ . 36.96 72.62 16.53
C17 II0 SJ . 40.92 70.22 40.12
C18 II0 SJ . 41.69 68.62 38.35
C19 II0 SJ . 34.26 75.35 19.45
C20 II0 SJ . 37.90 66.19 39.62
C21 II0 SJ . 36.58 73.56 19.10
C22 II0 SJ . 38.94 68.31 38.08
C23 II0 SJ . 36.70 72.75 20.16
C24 II0 SJ . 37.94 69.23 37.83
C25 II0 SJ . 37.44 72.20 21.40
C26 II0 SJ . 36.93 69.93 36.89
C27 II0 SJ . 38.87 72.69 21.39
C28 II0 SJ . 35.81 68.96 36.55
C29 II0 SJ . 36.73 72.70 22.65
C30 II0 SJ . 37.67 70.34 35.61
C31 II0 SJ . 36.60 71.60 23.74
C32 II0 SJ . 36.88 70.61 34.29
C33 II0 SJ . 37.41 71.77 24.80
C34 II0 SJ . 37.50 71.67 33.68
C35 II0 SJ . 37.96 71.31 26.16
C36 II0 SJ . 36.64 71.86 32.39
C37 II0 SJ . 39.41 71.75 26.31
C38 II0 SJ . 35.15 71.51 32.43
C39 II0 SJ . 37.10 71.85 27.31
C40 II0 SJ . 37.36 71.20 31.19
C41 II0 SJ . 37.57 71.38 28.71
C42 II0 SJ . 36.87 71.69 29.81
O01 II0 SJ . 32.40 73.77 15.22
O02 II0 SJ . 42.50 65.75 41.22
C03 II0 TJ . 42.24 81.87 22.42
C04 II0 TJ . 52.57 60.76 22.60
C05 II0 TJ . 40.75 82.20 22.34
C06 II0 TJ . 53.62 59.66 22.87
C07 II0 TJ . 40.34 82.56 20.92
C08 II0 TJ . 52.96 58.34 23.26
C09 II0 TJ . 42.84 80.99 21.27
C10 II0 TJ . 51.53 60.35 21.51
C11 II0 TJ . 40.49 81.29 20.08
C12 II0 TJ . 51.84 57.88 22.30
C13 II0 TJ . 41.94 80.79 20.01
C14 II0 TJ . 51.53 58.85 21.13
C15 II0 TJ . 42.99 83.22 22.40
C16 II0 TJ . 42.46 81.25 23.82
C17 II0 TJ . 51.91 61.15 23.96
C18 II0 TJ . 53.32 62.01 22.08
C19 II0 TJ . 41.85 79.31 19.55
C20 II0 TJ . 50.18 58.43 20.49
C21 II0 TJ . 43.39 79.62 21.81
C22 II0 TJ . 50.10 60.87 21.87
C23 II0 TJ . 44.72 79.50 21.64
C24 II0 TJ . 49.78 61.97 21.13
C25 II0 TJ . 46.01 78.68 21.78
C26 II0 TJ . 48.86 63.13 20.68
C27 II0 TJ . 46.64 78.97 23.14
C28 II0 TJ . 47.47 62.62 20.39
C29 II0 TJ . 45.67 77.18 21.62
C30 II0 TJ . 48.82 64.21 21.79
C31 II0 TJ . 46.26 76.26 22.73
C32 II0 TJ . 48.33 65.59 21.26
C33 II0 TJ . 46.64 75.03 22.31
C34 II0 TJ . 47.84 66.32 22.28
C35 II0 TJ . 47.24 73.65 22.64
C36 II0 TJ . 47.54 67.46 21.31
C37 II0 TJ . 48.75 73.74 22.52
C38 II0 TJ . 46.07 67.45 20.94
C39 II0 TJ . 46.70 72.53 21.77
C40 II0 TJ . 47.93 68.79 21.99
C41 II0 TJ . 47.44 71.21 22.11
C42 II0 TJ . 47.11 70.03 21.57
O01 II0 TJ . 39.00 82.98 20.91
O02 II0 TJ . 53.96 57.34 23.31
C10 WVN UJ . 44.18 76.16 17.34
C11 WVN UJ . 38.24 63.50 35.65
C12 WVN UJ . 43.01 76.39 16.37
C13 WVN UJ . 42.78 74.53 18.63
C14 WVN UJ . 41.62 75.99 16.94
C01 WVN UJ . 36.16 62.42 36.88
C02 WVN UJ . 37.64 62.24 36.42
C03 WVN UJ . 36.01 63.21 38.19
C04 WVN UJ . 36.88 62.63 39.31
C05 WVN UJ . 38.58 61.82 37.59
C06 WVN UJ . 44.15 74.74 17.94
C07 WVN UJ . 35.29 63.13 35.81
C08 WVN UJ . 35.56 61.01 37.09
C09 WVN UJ . 38.35 62.61 38.89
C15 WVN UJ . 41.62 74.60 17.60
C16 WVN UJ . 40.07 62.01 37.21
C17 WVN UJ . 45.28 74.62 19.00
C18 WVN UJ . 44.46 73.74 16.79
C19 WVN UJ . 38.43 63.28 34.30
C20 WVN UJ . 42.76 73.33 19.64
C21 WVN UJ . 40.23 74.48 18.29
C22 WVN UJ . 39.02 64.73 34.07
C23 WVN UJ . 42.57 72.06 19.23
C24 WVN UJ . 37.99 65.81 34.22
C25 WVN UJ . 42.44 70.56 19.57
C26 WVN UJ . 39.65 64.75 32.64
C27 WVN UJ . 43.14 69.75 18.50
C28 WVN UJ . 43.11 70.32 20.92
C29 WVN UJ . 39.15 65.89 31.68
C30 WVN UJ . 42.41 69.28 21.84
C31 WVN UJ . 40.13 66.44 30.95
C32 WVN UJ . 40.67 67.46 29.92
C33 WVN UJ . 42.59 69.65 23.12
C34 WVN UJ . 41.81 68.44 23.68
C35 WVN UJ . 39.69 68.63 29.85
C36 WVN UJ . 40.86 66.84 28.53
C37 WVN UJ . 41.41 68.81 25.12
C38 WVN UJ . 42.70 67.20 23.70
C39 WVN UJ . 40.89 67.91 27.39
C40 WVN UJ . 41.42 67.67 26.18
C03 II0 VJ . 29.58 74.83 39.35
C04 II0 VJ . 38.27 66.44 59.13
C05 II0 VJ . 28.76 75.69 38.38
C06 II0 VJ . 38.25 65.10 59.91
C07 II0 VJ . 28.63 77.14 38.82
C08 II0 VJ . 38.94 63.88 59.30
C09 II0 VJ . 30.85 75.60 39.73
C10 II0 VJ . 38.28 66.18 57.62
C11 II0 VJ . 29.99 77.79 38.96
C12 II0 VJ . 39.67 64.16 57.99
C13 II0 VJ . 31.11 76.82 39.21
C14 II0 VJ . 38.89 65.11 57.10
C15 II0 VJ . 29.94 73.52 38.63
C16 II0 VJ . 28.75 74.51 40.60
C17 II0 VJ . 39.49 67.27 59.54
C18 II0 VJ . 37.01 67.20 59.54
C19 II0 VJ . 32.48 77.32 38.86
C20 II0 VJ . 38.89 64.74 55.64
C21 II0 VJ . 31.76 74.98 40.63
C22 II0 VJ . 37.63 67.13 56.79
C23 II0 VJ . 32.60 74.49 41.34
C24 II0 VJ . 37.15 67.99 56.09
C25 II0 VJ . 33.51 73.88 42.26
C26 II0 VJ . 36.67 69.09 55.32
C27 II0 VJ . 34.34 72.75 41.73
C28 II0 VJ . 35.33 69.64 55.74
C29 II0 VJ . 33.55 74.37 43.52
C30 II0 VJ . 37.46 69.56 54.32
C31 II0 VJ . 34.02 73.76 44.74
C32 II0 VJ . 37.11 70.23 53.10
C33 II0 VJ . 35.17 73.10 44.90
C34 II0 VJ . 36.02 70.98 52.90
C35 II0 VJ . 35.64 72.48 46.13
C36 II0 VJ . 35.65 71.67 51.66
C37 II0 VJ . 36.99 71.82 46.10
C38 II0 VJ . 34.38 72.48 51.69
C39 II0 VJ . 34.83 72.50 47.22
C40 II0 VJ . 36.43 71.52 50.57
C41 II0 VJ . 35.07 71.98 48.54
C42 II0 VJ . 36.22 72.05 49.25
O01 II0 VJ . 27.86 77.86 37.85
O02 II0 VJ . 39.88 63.36 60.25
O1 LHG WJ . 42.80 89.98 16.62
C1 LHG WJ . 44.10 89.70 16.10
C2 LHG WJ . 44.65 88.46 16.78
O2 LHG WJ . 45.47 87.73 15.90
C3 LHG WJ . 43.58 87.49 17.23
O3 LHG WJ . 43.73 87.60 18.63
P LHG WJ . 43.35 86.40 19.64
O4 LHG WJ . 41.91 86.10 19.45
O5 LHG WJ . 44.18 86.67 20.85
O6 LHG WJ . 44.09 85.19 18.74
C4 LHG WJ . 44.88 84.23 19.38
C5 LHG WJ . 45.18 83.15 18.33
C6 LHG WJ . 45.63 81.86 19.01
O7 LHG WJ . 43.96 82.91 17.64
C7 LHG WJ . 43.99 81.83 16.79
O9 LHG WJ . 43.26 80.86 16.94
C8 LHG WJ . 44.66 82.17 15.51
C9 LHG WJ . 44.48 81.01 14.55
C10 LHG WJ . 45.80 80.30 14.37
O8 LHG WJ . 46.76 81.44 18.23
C23 LHG WJ . 47.47 80.38 18.70
O10 LHG WJ . 48.50 80.57 19.32
C24 LHG WJ . 47.15 78.97 18.22
C11 LHG WJ . 45.52 79.41 13.17
C12 LHG WJ . 44.77 78.19 13.61
C13 LHG WJ . 45.34 77.00 12.88
C14 LHG WJ . 44.88 76.95 11.44
C25 LHG WJ . 48.12 77.90 18.66
C26 LHG WJ . 48.19 76.65 17.78
C27 LHG WJ . 49.67 76.43 17.59
C28 LHG WJ . 50.06 75.12 16.95
C29 LHG WJ . 49.57 75.17 15.52
C30 LHG WJ . 48.56 74.12 15.09
C31 LHG WJ . 47.93 74.31 13.73
C32 LHG WJ . 47.13 73.14 13.19
C33 LHG WJ . 48.10 72.15 12.57
C34 LHG WJ . 49.05 72.71 11.53
MG CLA XJ . -40.36 -64.10 25.54
CHA CLA XJ . -37.50 -65.81 26.48
CHB CLA XJ . -41.09 -63.52 28.80
CHC CLA XJ . -42.87 -61.97 24.57
CHD CLA XJ . -39.40 -64.48 22.16
NA CLA XJ . -39.47 -64.67 27.34
C1A CLA XJ . -38.25 -65.33 27.53
C2A CLA XJ . -37.97 -65.50 29.02
C3A CLA XJ . -39.28 -65.03 29.69
C4A CLA XJ . -40.01 -64.33 28.55
CMA CLA XJ . -40.08 -66.20 30.20
CAA CLA XJ . -36.76 -64.67 29.46
CBA CLA XJ . -36.91 -63.16 29.38
CGA CLA XJ . -36.56 -62.62 28.02
O1A CLA XJ . -35.49 -62.66 27.43
O2A CLA XJ . -37.63 -62.05 27.39
NB CLA XJ . -41.79 -63.04 26.50
C1B CLA XJ . -41.84 -62.84 27.84
C2B CLA XJ . -42.79 -61.75 28.17
C3B CLA XJ . -43.31 -61.29 26.98
C4B CLA XJ . -42.67 -62.11 25.90
CMB CLA XJ . -43.05 -61.30 29.53
CAB CLA XJ . -44.25 -60.21 26.78
CBB CLA XJ . -45.31 -60.14 25.97
NC CLA XJ . -41.08 -63.46 23.70
C1C CLA XJ . -42.15 -62.61 23.53
C2C CLA XJ . -42.37 -62.35 22.13
C3C CLA XJ . -41.35 -62.99 21.44
C4C CLA XJ . -40.54 -63.68 22.43
CMC CLA XJ . -43.45 -61.49 21.60
CAC CLA XJ . -41.12 -62.95 19.99
CBC CLA XJ . -40.25 -61.77 19.66
ND CLA XJ . -38.91 -65.04 24.50
C1D CLA XJ . -38.63 -65.12 23.10
C2D CLA XJ . -37.44 -65.97 22.91
C3D CLA XJ . -36.97 -66.27 24.18
C4D CLA XJ . -37.90 -65.64 25.12
CMD CLA XJ . -36.90 -66.36 21.61
CAD CLA XJ . -35.97 -66.98 24.95
OBD CLA XJ . -35.08 -67.74 24.57
CBD CLA XJ . -36.22 -66.62 26.44
CGD CLA XJ . -36.28 -67.83 27.32
O1D CLA XJ . -35.37 -68.31 28.02
O2D CLA XJ . -37.48 -68.46 27.31
CED CLA XJ . -37.83 -69.21 28.47
C1 CLA XJ . -37.38 -60.89 26.56
C2 CLA XJ . -37.41 -61.35 25.15
C3 CLA XJ . -38.03 -60.66 24.18
C4 CLA XJ . -38.05 -61.13 22.77
C5 CLA XJ . -38.74 -59.38 24.45
C6 CLA XJ . -40.21 -59.47 24.12
C7 CLA XJ . -40.62 -58.32 23.22
C8 CLA XJ . -40.67 -57.00 23.97
C9 CLA XJ . -41.65 -57.07 25.13
C10 CLA XJ . -41.05 -55.86 23.04
C11 CLA XJ . -40.96 -54.52 23.73
C12 CLA XJ . -41.27 -53.37 22.78
C13 CLA XJ . -40.05 -52.99 21.95
C14 CLA XJ . -39.12 -52.09 22.74
C15 CLA XJ . -40.41 -52.33 20.62
C16 CLA XJ . -41.62 -51.42 20.71
C17 CLA XJ . -42.31 -51.28 19.36
C18 CLA XJ . -43.77 -50.92 19.50
C19 CLA XJ . -43.99 -49.42 19.35
C20 CLA XJ . -44.59 -51.67 18.48
C10 WVN YJ . -36.88 -43.45 16.23
C11 WVN YJ . -37.71 -65.34 10.03
C12 WVN YJ . -35.45 -42.92 16.37
C13 WVN YJ . -36.09 -45.76 17.00
C14 WVN YJ . -34.44 -43.99 15.97
C01 WVN YJ . -38.60 -66.62 7.91
C02 WVN YJ . -37.36 -66.19 8.74
C03 WVN YJ . -38.38 -67.93 7.10
C04 WVN YJ . -36.91 -68.16 6.72
C05 WVN YJ . -36.50 -67.41 9.17
C06 WVN YJ . -37.11 -44.61 17.19
C07 WVN YJ . -39.81 -66.86 8.85
C08 WVN YJ . -38.97 -65.51 6.89
C09 WVN YJ . -35.97 -68.18 7.94
C15 WVN YJ . -34.62 -45.34 16.68
C16 WVN YJ . -35.33 -66.94 10.04
C17 WVN YJ . -38.56 -45.13 16.99
C18 WVN YJ . -37.07 -44.06 18.64
C19 WVN YJ . -37.58 -64.00 9.79
C20 WVN YJ . -36.60 -46.67 15.84
C21 WVN YJ . -33.75 -45.37 17.96
C22 WVN YJ . -38.00 -63.65 11.26
C23 WVN YJ . -35.72 -47.53 15.30
C24 WVN YJ . -39.48 -63.68 11.42
C25 WVN YJ . -35.40 -48.62 14.28
C26 WVN YJ . -37.45 -62.23 11.54
C27 WVN YJ . -35.96 -48.17 12.92
C28 WVN YJ . -36.06 -49.92 14.77
C29 WVN YJ . -38.29 -61.39 12.55
C30 WVN YJ . -35.92 -51.17 13.86
C31 WVN YJ . -37.75 -60.19 12.80
C32 WVN YJ . -37.73 -58.82 13.51
C33 WVN YJ . -37.13 -51.49 13.36
C34 WVN YJ . -36.71 -52.74 12.53
C35 WVN YJ . -39.14 -58.48 13.97
C36 WVN YJ . -37.22 -57.74 12.56
C37 WVN YJ . -36.56 -53.95 13.46
C38 WVN YJ . -35.48 -52.58 11.61
C39 WVN YJ . -37.15 -56.37 13.29
C40 WVN YJ . -36.60 -55.29 12.69
MG CLA ZJ . -62.34 -58.63 36.01
CHA CLA ZJ . -64.27 -60.81 34.11
CHB CLA ZJ . -64.75 -58.57 38.40
CHC CLA ZJ . -60.31 -56.63 37.93
CHD CLA ZJ . -59.85 -58.74 33.50
NA CLA ZJ . -64.21 -59.53 36.19
C1A CLA ZJ . -64.83 -60.43 35.31
C2A CLA ZJ . -66.21 -60.85 35.85
C3A CLA ZJ . -66.39 -59.96 37.09
C4A CLA ZJ . -65.02 -59.31 37.28
CMA CLA ZJ . -67.47 -58.93 36.89
CAA CLA ZJ . -66.24 -62.32 36.27
CBA CLA ZJ . -64.96 -62.76 36.95
CGA CLA ZJ . -65.08 -64.15 37.50
O1A CLA ZJ . -66.02 -64.65 38.11
O2A CLA ZJ . -63.96 -64.91 37.25
NB CLA ZJ . -62.50 -57.75 37.82
C1B CLA ZJ . -63.54 -57.91 38.68
C2B CLA ZJ . -63.23 -57.23 39.96
C3B CLA ZJ . -61.98 -56.68 39.84
C4B CLA ZJ . -61.50 -57.00 38.46
CMB CLA ZJ . -64.15 -57.21 41.09
CAB CLA ZJ . -61.22 -55.91 40.79
CBB CLA ZJ . -60.06 -56.29 41.35
NC CLA ZJ . -60.44 -57.81 35.73
C1C CLA ZJ . -59.80 -57.01 36.64
C2C CLA ZJ . -58.50 -56.60 36.13
C3C CLA ZJ . -58.35 -57.22 34.88
C4C CLA ZJ . -59.58 -57.97 34.65
CMC CLA ZJ . -57.56 -55.74 36.83
CAC CLA ZJ . -57.21 -57.12 33.98
CBC CLA ZJ . -56.27 -58.29 34.11
ND CLA ZJ . -62.07 -59.49 34.20
C1D CLA ZJ . -61.00 -59.46 33.27
C2D CLA ZJ . -61.35 -60.29 32.10
C3D CLA ZJ . -62.59 -60.84 32.37
C4D CLA ZJ . -63.00 -60.31 33.69
CMD CLA ZJ . -60.50 -60.48 30.93
CAD CLA ZJ . -63.67 -61.68 31.88
OBD CLA ZJ . -63.76 -62.28 30.82
CBD CLA ZJ . -64.75 -61.71 33.01
CGD CLA ZJ . -66.10 -61.29 32.47
O1D CLA ZJ . -67.05 -62.02 32.17
O2D CLA ZJ . -66.23 -59.94 32.34
CED CLA ZJ . -67.55 -59.39 32.33
C1 CLA ZJ . -64.14 -66.33 37.14
C2 CLA ZJ . -64.77 -66.60 35.82
MG CLA AK . -58.50 -59.05 22.54
CHA CLA AK . -61.34 -57.20 23.22
CHB CLA AK . -57.90 -57.13 19.81
CHC CLA AK . -55.57 -60.77 22.06
CHD CLA AK . -59.07 -60.90 25.49
NA CLA AK . -59.50 -57.45 21.65
C1A CLA AK . -60.66 -56.80 22.09
C2A CLA AK . -61.03 -55.66 21.14
C3A CLA AK . -60.05 -55.84 19.96
C4A CLA AK . -59.06 -56.87 20.50
CMA CLA AK . -60.79 -56.36 18.76
CAA CLA AK . -60.89 -54.27 21.77
CBA CLA AK . -59.62 -53.54 21.40
CGA CLA AK . -58.51 -54.00 22.30
O1A CLA AK . -58.62 -54.39 23.45
O2A CLA AK . -57.27 -53.95 21.73
NB CLA AK . -57.01 -58.95 21.21
C1B CLA AK . -56.92 -58.08 20.18
C2B CLA AK . -55.67 -58.31 19.41
C3B CLA AK . -55.01 -59.35 20.05
C4B CLA AK . -55.86 -59.77 21.19
CMB CLA AK . -55.33 -57.52 18.22
CAB CLA AK . -53.78 -60.06 19.81
CBB CLA AK . -52.71 -59.64 19.14
NC CLA AK . -57.54 -60.60 23.55
C1C CLA AK . -56.37 -61.18 23.16
C2C CLA AK . -55.99 -62.24 24.08
C3C CLA AK . -56.95 -62.22 25.09
C4C CLA AK . -57.91 -61.19 24.75
CMC CLA AK . -54.82 -63.10 23.95
CAC CLA AK . -56.98 -63.08 26.28
CBC CLA AK . -56.30 -62.33 27.39
ND CLA AK . -59.94 -59.20 23.95
C1D CLA AK . -60.03 -59.97 25.14
C2D CLA AK . -61.26 -59.63 25.86
C3D CLA AK . -61.84 -58.60 25.15
C4D CLA AK . -60.95 -58.33 24.00
CMD CLA AK . -61.73 -60.29 27.07
CAD CLA AK . -62.95 -57.67 25.04
OBD CLA AK . -63.97 -57.60 25.72
CBD CLA AK . -62.61 -56.70 23.86
CGD CLA AK . -63.74 -56.61 22.88
O1D CLA AK . -64.66 -55.79 22.85
O2D CLA AK . -63.73 -57.54 21.89
CED CLA AK . -64.24 -57.11 20.64
C1 CLA AK . -56.36 -55.00 22.15
C2 CLA AK . -54.96 -54.53 22.08
C3 CLA AK . -53.92 -55.37 22.19
C4 CLA AK . -54.10 -56.83 22.38
C5 CLA AK . -52.51 -54.90 22.13
C6 CLA AK . -51.77 -55.31 23.39
C7 CLA AK . -50.30 -54.95 23.34
C8 CLA AK . -49.72 -54.87 24.75
C9 CLA AK . -49.49 -53.43 25.14
C10 CLA AK . -48.41 -55.65 24.85
C11 CLA AK . -48.09 -56.02 26.28
C12 CLA AK . -49.16 -56.87 26.93
C13 CLA AK . -48.65 -58.26 27.28
C14 CLA AK . -48.73 -59.18 26.07
C15 CLA AK . -49.41 -58.87 28.46
C16 CLA AK . -48.77 -58.51 29.77
C17 CLA AK . -47.39 -59.11 29.92
C18 CLA AK . -46.77 -58.79 31.27
C19 CLA AK . -45.26 -58.69 31.17
C20 CLA AK . -47.16 -59.83 32.30
MG CLA BK . -48.83 -59.18 16.71
CHA CLA BK . -50.18 -56.65 14.74
CHB CLA BK . -50.00 -57.63 19.50
CHC CLA BK . -47.22 -61.51 18.65
CHD CLA BK . -47.36 -60.58 13.82
NA CLA BK . -49.98 -57.45 17.03
C1A CLA BK . -50.44 -56.53 16.08
C2A CLA BK . -51.23 -55.42 16.78
C3A CLA BK . -51.12 -55.77 18.28
C4A CLA BK . -50.33 -57.06 18.29
CMA CLA BK . -50.38 -54.70 19.06
CAA CLA BK . -52.70 -55.42 16.42
CBA CLA BK . -53.46 -54.29 17.07
CGA CLA BK . -53.10 -52.99 16.43
O1A CLA BK . -53.21 -52.66 15.25
O2A CLA BK . -52.60 -52.06 17.31
NB CLA BK . -48.76 -59.58 18.68
C1B CLA BK . -49.23 -58.79 19.67
C2B CLA BK . -48.78 -59.27 21.00
C3B CLA BK . -47.99 -60.39 20.77
C4B CLA BK . -47.95 -60.57 19.29
CMB CLA BK . -49.14 -58.56 22.22
CAB CLA BK . -47.21 -61.26 21.62
CBB CLA BK . -46.98 -61.20 22.93
NC CLA BK . -47.58 -60.79 16.29
C1C CLA BK . -47.05 -61.61 17.24
C2C CLA BK . -46.21 -62.60 16.61
C3C CLA BK . -46.23 -62.36 15.25
C4C CLA BK . -47.11 -61.20 15.05
CMC CLA BK . -45.46 -63.61 17.36
CAC CLA BK . -45.53 -63.11 14.19
CBC CLA BK . -46.43 -64.09 13.50
ND CLA BK . -48.76 -58.77 14.73
C1D CLA BK . -48.12 -59.44 13.65
C2D CLA BK . -48.39 -58.71 12.40
C3D CLA BK . -49.18 -57.62 12.75
C4D CLA BK . -49.36 -57.70 14.21
CMD CLA BK . -47.88 -59.10 11.09
CAD CLA BK . -49.87 -56.44 12.29
OBD CLA BK . -49.97 -55.98 11.16
CBD CLA BK . -50.54 -55.79 13.54
CGD CLA BK . -50.13 -54.35 13.71
O1D CLA BK . -50.64 -53.36 13.17
O2D CLA BK . -49.07 -54.16 14.54
CED CLA BK . -48.38 -52.92 14.48
C1 CLA BK . -52.05 -50.86 16.74
C2 CLA BK . -50.57 -51.02 16.71
C3 CLA BK . -49.77 -50.61 17.72
C4 CLA BK . -50.29 -49.96 18.94
C5 CLA BK . -48.30 -50.81 17.63
C6 CLA BK . -47.54 -49.50 17.75
MG CLA CK . -45.94 -77.76 11.16
CHA CLA CK . -43.13 -79.52 10.12
CHB CLA CK . -44.26 -74.83 10.78
CHC CLA CK . -48.80 -76.07 12.01
CHD CLA CK . -47.67 -80.83 11.52
NA CLA CK . -43.99 -77.28 10.56
C1A CLA CK . -42.98 -78.14 10.15
C2A CLA CK . -41.72 -77.37 9.77
C3A CLA CK . -42.07 -75.91 10.14
C4A CLA CK . -43.55 -75.98 10.52
CMA CLA CK . -41.22 -75.41 11.28
CAA CLA CK . -41.43 -77.46 8.27
CBA CLA CK . -42.53 -76.91 7.37
CGA CLA CK . -43.39 -78.03 6.87
O1A CLA CK . -43.10 -78.93 6.09
O2A CLA CK . -44.66 -77.98 7.37
NB CLA CK . -46.41 -75.82 11.42
C1B CLA CK . -45.61 -74.77 11.14
C2B CLA CK . -46.36 -73.49 11.30
C3B CLA CK . -47.64 -73.84 11.65
C4B CLA CK . -47.70 -75.32 11.73
CMB CLA CK . -45.76 -72.18 11.07
CAB CLA CK . -48.80 -73.01 11.92
CBB CLA CK . -48.86 -72.07 12.86
NC CLA CK . -47.87 -78.35 11.68
C1C CLA CK . -48.89 -77.49 11.97
C2C CLA CK . -50.11 -78.24 12.27
C3C CLA CK . -49.78 -79.59 12.14
C4C CLA CK . -48.38 -79.65 11.76
CMC CLA CK . -51.39 -77.64 12.61
CAC CLA CK . -50.68 -80.74 12.33
CBC CLA CK . -51.40 -81.12 11.05
ND CLA CK . -45.56 -79.73 10.88
C1D CLA CK . -46.35 -80.89 11.09
C2D CLA CK . -45.54 -82.08 10.80
C3D CLA CK . -44.29 -81.62 10.42
C4D CLA CK . -44.35 -80.15 10.49
CMD CLA CK . -46.01 -83.46 10.91
CAD CLA CK . -42.95 -81.98 9.99
OBD CLA CK . -42.45 -83.08 9.81
CBD CLA CK . -42.17 -80.65 9.80
CGD CLA CK . -40.92 -80.58 10.64
O1D CLA CK . -39.85 -80.04 10.37
O2D CLA CK . -41.02 -81.23 11.83
CED CLA CK . -40.07 -82.25 12.09
C1 CLA CK . -45.43 -79.19 7.27
C2 CLA CK . -46.84 -78.85 7.56
C3 CLA CK . -47.79 -79.78 7.75
C4 CLA CK . -47.51 -81.23 7.69
C5 CLA CK . -49.21 -79.40 8.03
C6 CLA CK . -49.54 -77.94 7.77
C7 CLA CK . -51.03 -77.78 7.56
C8 CLA CK . -51.54 -76.37 7.82
C9 CLA CK . -51.01 -75.81 9.12
C10 CLA CK . -53.07 -76.36 7.84
C11 CLA CK . -53.65 -75.05 7.36
C12 CLA CK . -54.77 -75.28 6.38
C13 CLA CK . -55.48 -73.99 5.98
C14 CLA CK . -56.46 -74.26 4.86
C15 CLA CK . -54.50 -72.89 5.58
C16 CLA CK . -54.96 -71.53 6.08
C17 CLA CK . -55.49 -70.66 4.95
C18 CLA CK . -56.58 -69.69 5.38
C19 CLA CK . -57.63 -70.37 6.23
C20 CLA CK . -57.23 -69.04 4.17
MG CLA DK . -42.32 -77.13 -2.51
CHA CLA DK . -39.39 -78.32 -1.07
CHB CLA DK . -41.21 -78.09 -5.58
CHC CLA DK . -45.18 -75.83 -3.90
CHD CLA DK . -43.46 -76.17 0.69
NA CLA DK . -40.57 -78.08 -3.19
C1A CLA DK . -39.45 -78.49 -2.44
C2A CLA DK . -38.40 -79.12 -3.37
C3A CLA DK . -39.05 -79.06 -4.77
C4A CLA DK . -40.38 -78.36 -4.51
CMA CLA DK . -38.23 -78.36 -5.82
CAA CLA DK . -38.08 -80.57 -3.05
CBA CLA DK . -36.85 -81.07 -3.78
CGA CLA DK . -35.59 -80.62 -3.09
O1A CLA DK . -35.35 -80.56 -1.88
O2A CLA DK . -34.60 -80.29 -3.96
NB CLA DK . -43.02 -76.94 -4.39
C1B CLA DK . -42.46 -77.46 -5.51
C2B CLA DK . -43.37 -77.29 -6.67
C3B CLA DK . -44.49 -76.65 -6.21
C4B CLA DK . -44.29 -76.43 -4.75
CMB CLA DK . -43.04 -77.76 -8.02
CAB CLA DK . -45.69 -76.25 -6.89
CBB CLA DK . -45.75 -75.37 -7.88
NC CLA DK . -44.00 -76.18 -1.73
C1C CLA DK . -45.04 -75.72 -2.49
C2C CLA DK . -46.04 -75.06 -1.65
C3C CLA DK . -45.57 -75.18 -0.33
C4C CLA DK . -44.29 -75.87 -0.41
CMC CLA DK . -47.25 -74.45 -2.16
CAC CLA DK . -46.22 -74.65 0.88
CBC CLA DK . -47.39 -75.46 1.37
ND CLA DK . -41.69 -77.29 -0.60
C1D CLA DK . -42.25 -76.81 0.63
C2D CLA DK . -41.31 -77.15 1.72
C3D CLA DK . -40.20 -77.71 1.13
C4D CLA DK . -40.47 -77.75 -0.32
CMD CLA DK . -41.56 -76.88 3.14
CAD CLA DK . -38.90 -78.30 1.36
OBD CLA DK . -38.31 -78.52 2.41
CBD CLA DK . -38.31 -78.63 -0.05
CGD CLA DK . -37.07 -77.83 -0.30
O1D CLA DK . -37.00 -76.71 -0.81
O2D CLA DK . -35.92 -78.44 0.08
CED CLA DK . -34.68 -77.77 -0.20
C1 CLA DK . -34.34 -78.88 -4.13
C2 CLA DK . -33.11 -78.58 -3.37
C3 CLA DK . -32.48 -77.40 -3.43
C4 CLA DK . -31.24 -77.11 -2.66
C5 CLA DK . -32.99 -76.30 -4.30
C6 CLA DK . -33.70 -75.20 -3.51
C7 CLA DK . -35.20 -75.30 -3.68
C8 CLA DK . -35.72 -74.52 -4.89
C9 CLA DK . -35.61 -73.03 -4.65
C10 CLA DK . -37.16 -74.93 -5.17
C11 CLA DK . -37.88 -74.05 -6.17
C12 CLA DK . -39.38 -74.31 -6.10
C13 CLA DK . -40.16 -73.45 -7.09
C14 CLA DK . -39.87 -71.98 -6.90
C15 CLA DK . -41.66 -73.73 -6.99
C16 CLA DK . -42.19 -73.34 -5.61
C17 CLA DK . -43.40 -72.44 -5.73
C18 CLA DK . -43.60 -71.59 -4.48
C19 CLA DK . -43.72 -72.44 -3.24
C20 CLA DK . -44.83 -70.71 -4.61
MG CLA EK . -49.25 -61.54 7.72
CHA CLA EK . -51.29 -59.39 9.52
CHB CLA EK . -49.47 -59.48 5.03
CHC CLA EK . -46.83 -63.41 6.16
CHD CLA EK . -49.09 -63.68 10.53
NA CLA EK . -50.29 -59.77 7.34
C1A CLA EK . -51.06 -59.00 8.23
C2A CLA EK . -51.63 -57.77 7.53
C3A CLA EK . -51.30 -58.03 6.05
C4A CLA EK . -50.27 -59.16 6.11
CMA CLA EK . -52.55 -58.44 5.32
CAA CLA EK . -51.03 -56.46 8.04
CBA CLA EK . -49.95 -55.87 7.16
CGA CLA EK . -48.63 -56.44 7.55
O1A CLA EK . -48.13 -56.49 8.68
O2A CLA EK . -47.95 -56.99 6.50
NB CLA EK . -48.36 -61.49 5.92
C1B CLA EK . -48.51 -60.50 4.99
C2B CLA EK . -47.49 -60.65 3.91
C3B CLA EK . -46.74 -61.76 4.24
C4B CLA EK . -47.29 -62.31 5.51
CMB CLA EK . -47.43 -59.73 2.78
CAB CLA EK . -45.62 -62.41 3.60
CBB CLA EK . -44.63 -61.85 2.89
NC CLA EK . -48.22 -63.28 8.22
C1C CLA EK . -47.29 -63.89 7.43
C2C CLA EK . -46.74 -65.06 8.10
C3C CLA EK . -47.39 -65.14 9.34
C4C CLA EK . -48.32 -64.02 9.40
CMC CLA EK . -45.70 -65.93 7.58
CAC CLA EK . -47.18 -66.15 10.38
CBC CLA EK . -48.03 -67.38 10.16
ND CLA EK . -50.08 -61.65 9.56
C1D CLA EK . -49.91 -62.56 10.63
C2D CLA EK . -50.69 -62.11 11.79
C3D CLA EK . -51.21 -60.88 11.43
C4D CLA EK . -50.80 -60.64 10.04
CMD CLA EK . -50.79 -62.81 13.06
CAD CLA EK . -52.05 -59.77 11.84
OBD CLA EK . -52.65 -59.60 12.89
CBD CLA EK . -52.06 -58.76 10.66
CGD CLA EK . -53.45 -58.34 10.27
O1D CLA EK . -54.19 -58.84 9.41
O2D CLA EK . -53.91 -57.27 10.98
CED CLA EK . -55.22 -56.77 10.70
C1 CLA EK . -46.55 -56.68 6.37
C2 CLA EK . -45.81 -57.83 6.97
C3 CLA EK . -44.92 -58.58 6.29
C4 CLA EK . -44.60 -58.32 4.88
C5 CLA EK . -44.22 -59.71 6.95
C6 CLA EK . -45.08 -60.39 8.00
C7 CLA EK . -44.46 -61.69 8.47
C8 CLA EK . -44.90 -61.99 9.90
C9 CLA EK . -44.28 -61.00 10.86
C10 CLA EK . -44.55 -63.42 10.29
C11 CLA EK . -43.07 -63.67 10.43
C12 CLA EK . -42.74 -65.14 10.35
C13 CLA EK . -43.21 -65.92 11.58
C14 CLA EK . -42.67 -65.33 12.85
C15 CLA EK . -42.78 -67.38 11.48
C16 CLA EK . -43.43 -68.12 10.32
C17 CLA EK . -42.67 -69.40 10.04
C18 CLA EK . -43.19 -70.12 8.81
C19 CLA EK . -42.54 -71.48 8.68
C20 CLA EK . -42.95 -69.31 7.55
MG CLA FK . -62.83 -70.13 11.80
CHA CLA FK . -64.67 -68.32 9.48
CHB CLA FK . -65.64 -70.63 13.65
CHC CLA FK . -61.00 -72.07 13.96
CHD CLA FK . -59.96 -69.70 9.78
NA CLA FK . -64.82 -69.53 11.59
C1A CLA FK . -65.40 -68.81 10.54
C2A CLA FK . -66.90 -68.62 10.77
C3A CLA FK . -67.12 -69.21 12.18
C4A CLA FK . -65.78 -69.86 12.51
CMA CLA FK . -67.49 -68.16 13.17
CAA CLA FK . -67.75 -69.38 9.76
CBA CLA FK . -67.20 -70.75 9.41
CGA CLA FK . -67.77 -71.79 10.32
O1A CLA FK . -68.77 -71.72 11.04
O2A CLA FK . -67.05 -72.95 10.35
NB CLA FK . -63.24 -71.16 13.48
C1B CLA FK . -64.46 -71.25 14.07
C2B CLA FK . -64.36 -72.09 15.31
C3B CLA FK . -63.04 -72.49 15.41
C4B CLA FK . -62.32 -71.90 14.25
CMB CLA FK . -65.50 -72.36 16.17
CAB CLA FK . -62.37 -73.32 16.38
CBB CLA FK . -62.38 -73.15 17.70
NC CLA FK . -60.84 -70.74 11.87
C1C CLA FK . -60.30 -71.53 12.85
C2C CLA FK . -58.88 -71.76 12.59
C3C CLA FK . -58.60 -71.12 11.39
C4C CLA FK . -59.83 -70.47 10.94
CMC CLA FK . -57.99 -72.55 13.43
CAC CLA FK . -57.30 -71.07 10.70
CBC CLA FK . -57.19 -72.12 9.61
ND CLA FK . -62.33 -69.17 10.09
C1D CLA FK . -61.12 -69.08 9.37
C2D CLA FK . -61.34 -68.23 8.18
C3D CLA FK . -62.67 -67.88 8.18
C4D CLA FK . -63.26 -68.53 9.38
CMD CLA FK . -60.28 -67.86 7.23
CAD CLA FK . -63.73 -67.16 7.51
OBD CLA FK . -63.68 -66.43 6.54
CBD CLA FK . -65.04 -67.46 8.29
CGD CLA FK . -65.76 -66.21 8.72
O1D CLA FK . -65.34 -65.31 9.44
O2D CLA FK . -67.03 -66.11 8.23
CED CLA FK . -68.02 -65.59 9.10
C1 CLA FK . -66.68 -73.41 11.66
C2 CLA FK . -66.37 -74.86 11.57
C3 CLA FK . -65.24 -75.39 12.06
C4 CLA FK . -64.20 -74.55 12.72
C5 CLA FK . -64.97 -76.85 11.97
C6 CLA FK . -64.53 -77.46 13.27
C7 CLA FK . -63.15 -78.07 13.16
C8 CLA FK . -63.17 -79.58 13.40
C9 CLA FK . -63.66 -79.89 14.80
C10 CLA FK . -61.80 -80.20 13.15
C11 CLA FK . -60.81 -79.89 14.24
C12 CLA FK . -59.42 -80.38 13.89
MG CLA GK . -65.63 -70.87 30.00
CHA CLA GK . -67.07 -71.23 26.86
CHB CLA GK . -68.73 -70.75 31.41
CHC CLA GK . -64.16 -70.72 33.11
CHD CLA GK . -62.44 -70.97 28.50
NA CLA GK . -67.57 -70.96 29.23
C1A CLA GK . -67.97 -71.14 27.89
C2A CLA GK . -69.50 -71.16 27.79
C3A CLA GK . -69.97 -70.86 29.22
C4A CLA GK . -68.68 -70.86 30.03
CMA CLA GK . -70.67 -69.52 29.31
CAA CLA GK . -70.07 -72.51 27.35
CBA CLA GK . -69.33 -73.69 27.98
CGA CLA GK . -70.01 -74.97 27.61
O1A CLA GK . -71.20 -75.27 27.73
O2A CLA GK . -69.17 -75.89 27.06
NB CLA GK . -66.31 -70.79 31.90
C1B CLA GK . -67.61 -70.72 32.27
C2B CLA GK . -67.72 -70.60 33.74
C3B CLA GK . -66.43 -70.59 34.23
C4B CLA GK . -65.52 -70.70 33.06
CMB CLA GK . -68.98 -70.49 34.46
CAB CLA GK . -65.96 -70.46 35.59
CBB CLA GK . -65.42 -71.45 36.29
NC CLA GK . -63.65 -70.82 30.67
C1C CLA GK . -63.28 -70.76 31.98
C2C CLA GK . -61.82 -70.77 32.09
C3C CLA GK . -61.34 -70.85 30.79
C4C CLA GK . -62.49 -70.89 29.90
CMC CLA GK . -61.07 -70.71 33.35
CAC CLA GK . -59.93 -70.89 30.38
CBC CLA GK . -59.38 -72.30 30.28
ND CLA GK . -64.86 -70.96 28.14
C1D CLA GK . -63.53 -70.99 27.66
C2D CLA GK . -63.54 -71.07 26.19
C3D CLA GK . -64.87 -71.19 25.82
C4D CLA GK . -65.66 -71.12 27.08
CMD CLA GK . -62.35 -71.05 25.35
CAD CLA GK . -65.82 -71.28 24.73
OBD CLA GK . -65.61 -71.29 23.52
CBD CLA GK . -67.24 -71.38 25.36
CGD CLA GK . -68.21 -70.37 24.81
O1D CLA GK . -68.40 -69.21 25.20
O2D CLA GK . -68.94 -70.82 23.76
CED CLA GK . -70.05 -70.03 23.33
C1 CLA GK . -68.73 -76.97 27.91
C2 CLA GK . -67.88 -77.86 27.07
C3 CLA GK . -67.05 -78.80 27.55
C4 CLA GK . -66.91 -79.07 29.00
C5 CLA GK . -66.24 -79.63 26.62
C6 CLA GK . -64.77 -79.30 26.65
C7 CLA GK . -64.31 -78.72 25.33
C8 CLA GK . -63.65 -79.75 24.41
C9 CLA GK . -62.28 -80.12 24.93
C10 CLA GK . -63.52 -79.20 22.99
C11 CLA GK . -64.69 -79.60 22.13
C12 CLA GK . -64.48 -80.96 21.49
C13 CLA GK . -63.29 -80.95 20.54
C14 CLA GK . -63.75 -80.92 19.09
C15 CLA GK . -62.37 -82.16 20.77
C16 CLA GK . -61.19 -81.79 21.64
NB KC2 HK . -60.72 -76.98 21.21
ND KC2 HK . -63.61 -75.46 23.57
C1A KC2 HK . -64.76 -76.04 20.63
C1B KC2 HK . -60.76 -77.32 19.93
C1C KC2 HK . -59.85 -76.56 24.12
C1D KC2 HK . -63.77 -75.10 24.94
C2A KC2 HK . -65.43 -76.31 19.29
C2B KC2 HK . -59.55 -78.02 19.43
C2C KC2 HK . -59.25 -76.56 25.47
C2D KC2 HK . -65.15 -74.78 25.35
C3A KC2 HK . -64.22 -76.72 18.44
C3B KC2 HK . -58.69 -78.01 20.64
C3C KC2 HK . -60.31 -75.95 26.29
C3D KC2 HK . -65.86 -74.99 24.07
C4A KC2 HK . -63.17 -76.75 19.51
C4B KC2 HK . -59.53 -77.33 21.65
C4C KC2 HK . -61.38 -75.68 25.30
C4D KC2 HK . -64.93 -75.38 23.14
CAA KC2 HK . -66.16 -75.17 18.58
CAB KC2 HK . -57.32 -78.51 20.90
CAC KC2 HK . -60.36 -75.66 27.77
CAD KC2 HK . -67.17 -74.95 23.39
CBA KC2 HK . -66.98 -75.76 17.44
CBB KC2 HK . -56.54 -78.94 19.93
CBC KC2 HK . -59.21 -75.09 28.14
CBD KC2 HK . -67.01 -75.33 21.97
CED KC2 HK . -67.80 -78.71 20.56
CGA KC2 HK . -68.44 -75.64 17.76
CGD KC2 HK . -67.85 -76.54 21.74
CHA KC2 HK . -65.55 -75.59 21.82
CHB KC2 HK . -61.97 -77.14 19.11
CHC KC2 HK . -59.06 -77.12 23.02
CHD KC2 HK . -62.61 -75.07 25.81
CMA KC2 HK . -64.44 -78.09 17.81
CMB KC2 HK . -59.30 -78.56 18.05
CMC KC2 HK . -57.89 -77.08 25.86
CMD KC2 HK . -65.83 -74.36 26.63
NA KC2 HK . -63.53 -76.36 20.73
NC KC2 HK . -61.09 -76.05 24.04
O1A KC2 HK . -69.28 -76.21 17.10
O1D KC2 HK . -69.05 -76.44 21.68
O2A KC2 HK . -68.86 -74.83 18.89
O2D KC2 HK . -67.26 -77.85 21.58
OBD KC2 HK . -68.28 -74.64 23.96
MG KC2 HK . -62.26 -76.37 22.37
MG CLA IK . -46.64 -71.43 31.83
CHA CLA IK . -44.11 -72.89 33.72
CHB CLA IK . -48.81 -73.86 32.83
CHC CLA IK . -49.14 -69.86 30.08
CHD CLA IK . -44.35 -68.96 30.76
NA CLA IK . -46.45 -73.10 33.07
C1A CLA IK . -45.33 -73.53 33.79
C2A CLA IK . -45.65 -74.80 34.59
C3A CLA IK . -47.10 -75.13 34.19
C4A CLA IK . -47.51 -73.94 33.31
CMA CLA IK . -47.20 -76.44 33.47
CAA CLA IK . -45.56 -74.58 36.10
CBA CLA IK . -46.60 -73.61 36.63
CGA CLA IK . -45.97 -72.56 37.49
O1A CLA IK . -44.87 -72.57 38.04
O2A CLA IK . -46.78 -71.47 37.67
NB CLA IK . -48.59 -71.81 31.49
C1B CLA IK . -49.30 -72.84 32.00
C2B CLA IK . -50.72 -72.76 31.54
C3B CLA IK . -50.81 -71.63 30.76
C4B CLA IK . -49.47 -71.01 30.72
CMB CLA IK . -51.73 -73.74 31.94
CAB CLA IK . -51.94 -71.05 30.07
CBB CLA IK . -52.78 -71.67 29.23
NC CLA IK . -46.72 -69.71 30.65
C1C CLA IK . -47.86 -69.24 30.05
C2C CLA IK . -47.55 -68.02 29.33
C3C CLA IK . -46.19 -67.77 29.49
C4C CLA IK . -45.68 -68.85 30.33
CMC CLA IK . -48.54 -67.24 28.58
CAC CLA IK . -45.41 -66.64 28.97
CBC CLA IK . -44.92 -66.82 27.55
ND CLA IK . -44.70 -70.96 32.15
C1D CLA IK . -43.88 -69.93 31.61
C2D CLA IK . -42.50 -70.12 32.13
C3D CLA IK . -42.55 -71.21 32.96
C4D CLA IK . -43.93 -71.70 32.93
CMD CLA IK . -41.37 -69.26 31.80
CAD CLA IK . -41.79 -72.06 33.86
OBD CLA IK . -40.63 -71.97 34.23
CBD CLA IK . -42.76 -73.19 34.33
CGD CLA IK . -42.24 -74.54 33.93
O1D CLA IK . -42.50 -75.17 32.90
O2D CLA IK . -41.40 -75.08 34.84
CED CLA IK . -40.20 -75.68 34.35
C1 CLA IK . -46.92 -70.97 39.02
C2 CLA IK . -48.38 -70.85 39.26
C3 CLA IK . -48.92 -70.05 40.20
C4 CLA IK . -48.09 -69.22 41.10
C5 CLA IK . -50.39 -69.98 40.38
C6 CLA IK . -50.93 -68.57 40.51
C7 CLA IK . -52.36 -68.49 40.02
C8 CLA IK . -53.31 -67.89 41.04
C9 CLA IK . -53.81 -68.97 41.98
C10 CLA IK . -54.48 -67.19 40.35
C11 CLA IK . -55.33 -66.43 41.35
C03 II0 JK . -62.82 -76.24 7.96
C04 II0 JK . -51.21 -77.50 28.85
C05 II0 JK . -63.90 -76.05 6.88
C06 II0 JK . -50.01 -77.68 29.81
C07 II0 JK . -65.15 -75.33 7.41
C08 II0 JK . -48.70 -77.14 29.21
C09 II0 JK . -62.70 -75.06 8.96
C10 II0 JK . -51.40 -76.02 28.38
C11 II0 JK . -64.82 -73.95 8.04
C12 II0 JK . -48.82 -75.74 28.57
C13 II0 JK . -63.34 -73.77 8.45
C14 II0 JK . -50.21 -75.08 28.72
C15 II0 JK . -63.17 -77.51 8.77
C16 II0 JK . -61.47 -76.50 7.20
C17 II0 JK . -51.02 -78.50 27.67
C18 II0 JK . -52.47 -77.90 29.64
C19 II0 JK . -63.29 -72.70 9.55
C20 II0 JK . -50.22 -73.82 27.86
C21 II0 JK . -61.22 -74.74 9.32
C22 II0 JK . -51.80 -75.92 26.87
C23 II0 JK . -60.87 -75.19 10.54
C24 II0 JK . -53.15 -75.82 26.68
C25 II0 JK . -59.81 -75.39 11.65
C26 II0 JK . -54.44 -75.69 25.83
C27 II0 JK . -59.03 -76.65 11.36
C28 II0 JK . -55.23 -74.49 26.30
C29 II0 JK . -60.51 -75.45 13.04
C30 II0 JK . -54.10 -75.57 24.32
C31 II0 JK . -59.88 -76.44 14.05
C32 II0 JK . -55.32 -75.33 23.38
C33 II0 JK . -58.96 -75.93 14.89
C34 II0 JK . -55.20 -74.14 22.72
C35 II0 JK . -57.94 -76.10 16.02
C36 II0 JK . -56.54 -74.22 21.92
C37 II0 JK . -56.57 -75.68 15.47
C38 II0 JK . -57.79 -74.36 22.78
C39 II0 JK . -58.28 -75.25 17.26
C40 II0 JK . -56.49 -75.28 20.79
C41 II0 JK . -57.29 -75.53 18.43
C42 II0 JK . -57.47 -74.98 19.64
O01 II0 JK . -66.04 -75.10 6.35
O02 II0 JK . -47.73 -77.08 30.23
C03 II0 KK . -54.13 -55.77 27.46
C04 II0 KK . -42.73 -72.00 14.81
C05 II0 KK . -54.93 -54.48 27.70
C06 II0 KK . -41.90 -73.24 14.47
C07 II0 KK . -55.59 -53.97 26.41
C08 II0 KK . -42.55 -74.48 15.05
C09 II0 KK . -54.72 -56.73 26.39
C10 II0 KK . -44.23 -72.10 14.41
C11 II0 KK . -56.58 -55.01 25.86
C12 II0 KK . -43.91 -74.71 14.38
C13 II0 KK . -56.23 -56.47 26.16
C14 II0 KK . -44.87 -73.51 14.52
C15 II0 KK . -52.71 -55.35 27.00
C16 II0 KK . -53.99 -56.47 28.86
C17 II0 KK . -42.56 -71.71 16.33
C18 II0 KK . -42.12 -70.80 14.02
C19 II0 KK . -56.78 -57.32 25.00
C20 II0 KK . -45.67 -73.72 15.82
C21 II0 KK . -54.54 -58.21 26.79
C22 II0 KK . -45.06 -71.06 15.23
C23 II0 KK . -53.78 -58.90 25.91
C24 II0 KK . -45.66 -70.02 14.56
C25 II0 KK . -53.14 -60.23 25.51
C26 II0 KK . -46.53 -68.74 14.52
C27 II0 KK . -52.15 -60.60 26.59
C28 II0 KK . -45.93 -67.79 13.49
C29 II0 KK . -52.49 -60.19 24.09
C30 II0 KK . -46.59 -68.04 15.89
C31 II0 KK . -51.17 -61.00 24.02
C32 II0 KK . -47.44 -66.72 16.03
C33 II0 KK . -51.06 -61.99 23.09
C34 II0 KK . -48.02 -66.58 17.27
C35 II0 KK . -50.12 -63.10 22.53
C36 II0 KK . -48.69 -65.22 16.92
C37 II0 KK . -50.29 -64.32 23.43
C38 II0 KK . -49.88 -65.38 15.98
C39 II0 KK . -50.30 -63.48 21.06
C40 II0 KK . -49.22 -64.45 18.14
C41 II0 KK . -49.23 -64.57 20.73
C42 II0 KK . -48.77 -64.97 19.53
O01 II0 KK . -56.28 -52.78 26.67
O02 II0 KK . -41.71 -75.59 14.79
C03 II0 LK . -60.29 -66.58 27.46
C04 II0 LK . -37.61 -66.98 34.92
C05 II0 LK . -61.20 -65.51 26.80
C06 II0 LK . -36.28 -66.90 35.70
C07 II0 LK . -62.16 -64.83 27.80
C08 II0 LK . -35.15 -66.25 34.93
C09 II0 LK . -60.11 -66.40 29.01
C10 II0 LK . -37.95 -65.79 33.94
C11 II0 LK . -61.41 -64.17 28.98
C12 II0 LK . -35.59 -64.85 34.51
C13 II0 LK . -60.17 -64.92 29.53
C14 II0 LK . -36.72 -64.93 33.49
C15 II0 LK . -61.03 -67.93 27.27
C16 II0 LK . -59.02 -66.65 26.57
C17 II0 LK . -37.57 -68.27 34.06
C18 II0 LK . -38.69 -67.17 36.02
C19 II0 LK . -58.98 -63.98 29.24
C20 II0 LK . -37.11 -63.48 33.11
C21 II0 LK . -59.19 -67.46 29.76
C22 II0 LK . -39.11 -64.89 34.49
C23 II0 LK . -57.86 -67.18 29.73
C24 II0 LK . -40.26 -64.97 33.74
C25 II0 LK . -56.42 -67.57 30.09
C26 II0 LK . -41.73 -64.59 33.44
C27 II0 LK . -56.46 -68.85 30.88
C28 II0 LK . -41.77 -63.54 32.34
C29 II0 LK . -55.68 -66.45 30.85
C30 II0 LK . -42.50 -65.84 33.02
C31 II0 LK . -54.75 -66.96 32.00
C32 II0 LK . -43.93 -65.58 32.47
C33 II0 LK . -53.43 -66.77 31.84
C34 II0 LK . -44.86 -65.54 33.45
C35 II0 LK . -52.01 -66.94 32.40
C36 II0 LK . -45.91 -65.29 32.36
C37 II0 LK . -51.67 -68.43 32.48
C38 II0 LK . -46.31 -63.82 32.35
C39 II0 LK . -50.92 -66.22 31.60
C40 II0 LK . -47.12 -66.19 32.64
C41 II0 LK . -49.54 -66.52 32.20
C42 II0 LK . -48.45 -65.78 31.96
O01 II0 LK . -62.90 -63.86 27.11
O02 II0 LK . -34.02 -66.15 35.77
C10 WVN MK . -36.89 -68.75 16.18
C11 WVN MK . -52.50 -62.24 31.43
C12 WVN MK . -36.87 -68.12 14.78
C13 WVN MK . -39.45 -68.27 16.26
C14 WVN MK . -37.78 -66.89 14.77
C01 WVN MK . -54.30 -62.63 33.29
C02 WVN MK . -53.88 -61.74 32.08
C03 WVN MK . -55.55 -63.49 33.08
C04 WVN MK . -56.68 -62.62 32.55
C05 WVN MK . -54.94 -61.51 30.97
C06 WVN MK . -38.28 -69.25 16.56
C07 WVN MK . -53.15 -63.57 33.76
C08 WVN MK . -54.63 -61.69 34.48
C09 WVN MK . -56.34 -62.13 31.14
C15 WVN MK . -39.24 -67.26 15.10
C16 WVN MK . -55.16 -60.00 30.80
C17 WVN MK . -38.53 -70.58 15.79
C18 WVN MK . -38.25 -69.64 18.06
C19 WVN MK . -51.83 -61.20 30.83
C20 WVN MK . -39.84 -67.43 17.50
C21 WVN MK . -39.90 -67.79 13.80
C22 WVN MK . -50.57 -62.03 30.36
C23 WVN MK . -41.17 -67.49 17.68
C24 WVN MK . -49.75 -62.47 31.54
C25 WVN MK . -42.52 -67.18 18.36
C26 WVN MK . -50.87 -63.22 29.41
C27 WVN MK . -43.42 -66.57 17.30
C28 WVN MK . -42.34 -66.29 19.61
C29 WVN MK . -50.08 -63.11 28.05
C30 WVN MK . -43.59 -66.20 20.53
C31 WVN MK . -48.82 -63.60 28.06
C32 WVN MK . -47.45 -63.93 27.42
C33 WVN MK . -44.08 -64.94 20.59
C34 WVN MK . -45.30 -65.17 21.56
C35 WVN MK . -46.43 -62.91 27.89
C36 WVN MK . -47.54 -63.93 25.88
C37 WVN MK . -44.96 -65.04 23.06
C38 WVN MK . -46.12 -66.44 21.33
C39 WVN MK . -46.20 -64.28 25.15
C40 WVN MK . -46.24 -64.68 23.87
C03 II0 NK . -52.49 -66.74 7.57
C04 II0 NK . -37.14 -84.22 -0.20
C05 II0 NK . -53.66 -65.77 7.79
C06 II0 NK . -35.65 -84.55 -0.01
C07 II0 NK . -55.03 -66.38 7.51
C08 II0 NK . -34.75 -83.34 -0.09
C09 II0 NK . -52.86 -68.08 8.23
C10 II0 NK . -37.48 -83.01 0.66
C11 II0 NK . -55.28 -67.58 8.42
C12 II0 NK . -35.12 -82.31 0.97
C13 II0 NK . -54.01 -68.24 8.89
C14 II0 NK . -36.54 -82.46 1.45
C15 II0 NK . -52.26 -66.91 6.07
C16 II0 NK . -51.24 -66.15 8.21
C17 II0 NK . -37.41 -83.92 -1.69
C18 II0 NK . -37.98 -85.44 0.20
C19 II0 NK . -54.16 -69.08 10.13
C20 II0 NK . -36.79 -81.95 2.84
C21 II0 NK . -51.91 -69.14 8.11
C22 II0 NK . -38.80 -82.49 0.61
C23 II0 NK . -51.08 -70.01 8.12
C24 II0 NK . -39.88 -81.97 0.57
C25 II0 NK . -50.01 -70.94 8.27
C26 II0 NK . -41.16 -81.35 0.39
C27 II0 NK . -49.07 -70.69 9.41
C28 II0 NK . -41.66 -81.23 -1.02
C29 II0 NK . -49.86 -71.98 7.43
C30 II0 NK . -41.83 -80.90 1.47
C31 II0 NK . -48.77 -72.90 7.42
C32 II0 NK . -43.04 -80.17 1.47
C33 II0 NK . -48.59 -73.87 6.51
C34 II0 NK . -43.60 -79.67 2.58
C35 II0 NK . -47.49 -74.82 6.46
C36 II0 NK . -44.85 -78.90 2.65
C37 II0 NK . -46.54 -74.86 7.64
C38 II0 NK . -45.77 -78.93 1.46
C39 II0 NK . -47.31 -75.58 5.36
C40 II0 NK . -45.07 -78.14 3.75
C41 II0 NK . -46.25 -76.49 5.09
C42 II0 NK . -46.15 -77.25 3.98
O01 II0 NK . -56.04 -65.40 7.75
O02 II0 NK . -33.39 -83.75 0.11
O1 LHG OK . -70.05 -66.39 31.58
C1 LHG OK . -69.28 -66.15 32.75
C2 LHG OK . -67.95 -66.87 32.61
O2 LHG OK . -66.92 -66.15 33.25
C3 LHG OK . -67.50 -67.04 31.17
O3 LHG OK . -66.14 -67.33 31.37
P LHG OK . -65.09 -67.35 30.14
O4 LHG OK . -65.27 -66.07 29.39
O5 LHG OK . -65.05 -68.78 29.73
O6 LHG OK . -63.75 -67.03 31.08
C4 LHG OK . -63.52 -65.74 31.58
C5 LHG OK . -62.51 -65.94 32.72
C6 LHG OK . -61.54 -67.08 32.44
O7 LHG OK . -61.77 -64.74 32.81
C7 LHG OK . -62.04 -64.03 33.93
O9 LHG OK . -63.08 -64.14 34.56
C8 LHG OK . -60.86 -63.24 34.35
C9 LHG OK . -60.83 -63.19 35.86
C10 LHG OK . -60.61 -61.76 36.31
O8 LHG OK . -60.81 -67.24 33.67
C23 LHG OK . -59.51 -66.80 33.69
O10 LHG OK . -59.10 -66.06 32.83
C24 LHG OK . -58.62 -67.10 34.89
C11 LHG OK . -59.24 -61.82 36.92
C12 LHG OK . -59.02 -60.58 37.71
C13 LHG OK . -57.53 -60.44 37.96
C25 LHG OK . -57.17 -66.68 34.74
C26 LHG OK . -56.10 -67.61 35.32
C27 LHG OK . -56.39 -68.94 34.65
C28 LHG OK . -55.23 -69.89 34.56
C29 LHG OK . -55.84 -71.25 34.20
C30 LHG OK . -55.40 -71.86 32.89
MG CLA PK . -55.33 -68.57 -17.51
CHA CLA PK . -55.78 -68.90 -20.94
CHB CLA PK . -58.64 -69.20 -17.02
CHC CLA PK . -54.79 -68.46 -14.13
CHD CLA PK . -51.90 -67.91 -18.07
NA CLA PK . -56.93 -68.96 -18.79
C1A CLA PK . -56.92 -69.09 -20.19
C2A CLA PK . -58.34 -69.39 -20.72
C3A CLA PK . -59.22 -69.33 -19.46
C4A CLA PK . -58.21 -69.17 -18.32
CMA CLA PK . -60.18 -68.16 -19.53
CAA CLA PK . -58.44 -70.77 -21.34
CBA CLA PK . -57.65 -71.82 -20.59
CGA CLA PK . -57.44 -73.03 -21.45
O1A CLA PK . -56.94 -73.10 -22.58
O2A CLA PK . -57.87 -74.19 -20.87
NB CLA PK . -56.49 -68.81 -15.88
C1B CLA PK . -57.82 -69.04 -15.89
C2B CLA PK . -58.33 -69.11 -14.49
C3B CLA PK . -57.24 -68.90 -13.66
C4B CLA PK . -56.06 -68.70 -14.54
CMB CLA PK . -59.73 -69.35 -14.15
CAB CLA PK . -57.16 -68.85 -12.22
CBB CLA PK . -57.80 -67.96 -11.45
NC CLA PK . -53.66 -68.22 -16.33
C1C CLA PK . -53.66 -68.23 -14.96
C2C CLA PK . -52.32 -67.98 -14.44
C3C CLA PK . -51.48 -67.82 -15.56
C4C CLA PK . -52.34 -67.98 -16.73
CMC CLA PK . -51.99 -67.93 -13.02
CAC CLA PK . -50.04 -67.56 -15.56
CBC CLA PK . -49.61 -66.16 -15.18
ND CLA PK . -54.10 -68.34 -19.09
C1D CLA PK . -52.70 -68.08 -19.18
C2D CLA PK . -52.31 -68.04 -20.61
C3D CLA PK . -53.45 -68.34 -21.33
C4D CLA PK . -54.53 -68.53 -20.33
CMD CLA PK . -50.97 -67.74 -21.09
CAD CLA PK . -54.04 -68.49 -22.65
OBD CLA PK . -53.53 -68.34 -23.74
CBD CLA PK . -55.53 -68.92 -22.43
CGD CLA PK . -56.54 -68.03 -23.10
O1D CLA PK . -56.89 -66.91 -22.72
O2D CLA PK . -57.14 -68.54 -24.22
CED CLA PK . -56.37 -69.15 -25.26
C1 CLA PK . -59.31 -74.36 -20.71
C2 CLA PK . -59.69 -75.53 -21.53
C3 CLA PK . -59.52 -76.81 -21.14
C4 CLA PK . -58.92 -77.17 -19.83
C5 CLA PK . -59.94 -77.92 -22.02
C6 CLA PK . -58.78 -78.84 -22.37
MG CLA QK . -45.04 -61.96 -25.55
CHA CLA QK . -48.15 -60.43 -25.40
CHB CLA QK . -43.59 -58.96 -26.22
CHC CLA QK . -41.98 -63.51 -25.57
CHD CLA QK . -46.58 -65.06 -24.85
NA CLA QK . -45.77 -60.02 -25.77
C1A CLA QK . -47.10 -59.57 -25.66
C2A CLA QK . -47.18 -58.06 -25.90
C3A CLA QK . -45.74 -57.67 -26.28
C4A CLA QK . -44.96 -58.96 -26.07
CMA CLA QK . -45.67 -57.20 -27.71
CAA CLA QK . -47.65 -57.27 -24.68
CBA CLA QK . -46.53 -56.77 -23.81
CGA CLA QK . -46.00 -57.87 -22.94
O1A CLA QK . -46.58 -58.86 -22.52
O2A CLA QK . -44.70 -57.65 -22.59
NB CLA QK . -43.14 -61.35 -25.81
C1B CLA QK . -42.75 -60.08 -26.07
C2B CLA QK . -41.28 -60.03 -26.28
C3B CLA QK . -40.82 -61.32 -26.10
C4B CLA QK . -42.00 -62.17 -25.81
CMB CLA QK . -40.55 -58.81 -26.61
CAB CLA QK . -39.49 -61.84 -26.18
CBB CLA QK . -38.77 -62.19 -25.12
NC CLA QK . -44.41 -63.93 -25.28
C1C CLA QK . -43.11 -64.34 -25.33
C2C CLA QK . -43.03 -65.77 -25.08
C3C CLA QK . -44.33 -66.22 -24.88
C4C CLA QK . -45.20 -65.05 -24.99
CMC CLA QK . -41.80 -66.56 -25.07
CAC CLA QK . -44.76 -67.59 -24.59
CBC CLA QK . -44.71 -67.88 -23.11
ND CLA QK . -46.91 -62.66 -25.26
C1D CLA QK . -47.40 -63.96 -24.96
C2D CLA QK . -48.86 -63.90 -24.83
C3D CLA QK . -49.22 -62.58 -24.99
C4D CLA QK . -47.96 -61.84 -25.24
CMD CLA QK . -49.66 -65.09 -24.56
CAD CLA QK . -50.29 -61.59 -25.04
OBD CLA QK . -51.50 -61.72 -24.92
CBD CLA QK . -49.63 -60.20 -25.27
CGD CLA QK . -50.16 -59.54 -26.50
O1D CLA QK . -50.78 -58.47 -26.58
O2D CLA QK . -49.89 -60.22 -27.65
CED CLA QK . -49.49 -59.45 -28.78
C1 CLA QK . -43.85 -58.82 -22.61
C2 CLA QK . -42.48 -58.33 -22.86
C3 CLA QK . -41.37 -59.03 -22.59
C4 CLA QK . -40.03 -58.49 -22.87
C5 CLA QK . -41.45 -60.40 -22.00
C6 CLA QK . -40.97 -60.43 -20.56
C7 CLA QK . -39.72 -61.26 -20.38
C8 CLA QK . -39.22 -61.26 -18.94
C9 CLA QK . -38.21 -60.14 -18.74
C10 CLA QK . -38.61 -62.60 -18.56
C11 CLA QK . -39.30 -63.21 -17.36
C12 CLA QK . -38.95 -64.67 -17.18
C13 CLA QK . -39.83 -65.47 -16.21
C14 CLA QK . -40.85 -64.64 -15.45
C15 CLA QK . -38.97 -66.28 -15.23
C16 CLA QK . -38.38 -65.43 -14.12
C17 CLA QK . -36.87 -65.35 -14.21
C18 CLA QK . -36.28 -63.98 -13.88
C19 CLA QK . -34.95 -63.79 -14.56
C20 CLA QK . -37.20 -62.82 -14.22
MG CLA RK . -33.78 -60.57 -26.07
CHA CLA RK . -34.13 -57.16 -26.68
CHB CLA RK . -36.22 -60.37 -23.73
CHC CLA RK . -33.21 -63.85 -25.29
CHD CLA RK . -31.07 -60.62 -28.33
NA CLA RK . -35.02 -59.02 -25.40
C1A CLA RK . -35.03 -57.67 -25.77
C2A CLA RK . -36.12 -56.91 -25.02
C3A CLA RK . -36.72 -57.96 -24.09
C4A CLA RK . -35.97 -59.23 -24.45
CMA CLA RK . -36.46 -57.62 -22.63
CAA CLA RK . -37.21 -56.47 -25.99
CBA CLA RK . -38.47 -56.03 -25.27
CGA CLA RK . -38.23 -54.75 -24.55
O1A CLA RK . -37.90 -53.66 -25.02
O2A CLA RK . -38.41 -54.87 -23.21
NB CLA RK . -34.70 -61.91 -24.89
C1B CLA RK . -35.55 -61.58 -23.89
C2B CLA RK . -35.64 -62.67 -22.89
C3B CLA RK . -34.80 -63.67 -23.31
C4B CLA RK . -34.17 -63.18 -24.58
CMB CLA RK . -36.47 -62.50 -21.69
CAB CLA RK . -34.42 -64.93 -22.72
CBB CLA RK . -35.00 -65.64 -21.75
NC CLA RK . -32.42 -62.00 -26.75
C1C CLA RK . -32.37 -63.29 -26.30
C2C CLA RK . -31.31 -64.00 -27.00
C3C CLA RK . -30.69 -63.08 -27.84
C4C CLA RK . -31.40 -61.82 -27.68
CMC CLA RK . -30.95 -65.40 -26.77
CAC CLA RK . -29.54 -63.33 -28.73
CBC CLA RK . -28.25 -62.73 -28.20
ND CLA RK . -32.77 -59.25 -27.22
C1D CLA RK . -31.68 -59.41 -28.11
C2D CLA RK . -31.34 -58.11 -28.72
C3D CLA RK . -32.24 -57.20 -28.17
C4D CLA RK . -33.11 -57.96 -27.26
CMD CLA RK . -30.24 -57.88 -29.65
CAD CLA RK . -32.66 -55.82 -28.12
OBD CLA RK . -32.18 -54.83 -28.67
CBD CLA RK . -33.90 -55.75 -27.19
CGD CLA RK . -33.69 -54.79 -26.06
O1D CLA RK . -34.32 -53.76 -25.81
O2D CLA RK . -32.66 -55.12 -25.23
CED CLA RK . -32.57 -54.47 -23.96
C1 CLA RK . -38.33 -53.66 -22.42
C2 CLA RK . -36.94 -53.58 -21.91
C3 CLA RK . -36.59 -53.89 -20.65
C4 CLA RK . -37.59 -54.34 -19.65
C5 CLA RK . -35.17 -53.79 -20.21
C6 CLA RK . -34.91 -52.56 -19.38
MG CLA SK . -27.52 -74.35 -38.71
CHA CLA SK . -24.56 -76.08 -39.21
CHB CLA SK . -25.91 -72.17 -36.65
CHC CLA SK . -30.40 -72.50 -38.46
CHD CLA SK . -29.15 -76.57 -40.93
NA CLA SK . -25.56 -74.19 -38.03
C1A CLA SK . -24.46 -74.99 -38.38
C2A CLA SK . -23.18 -74.50 -37.69
C3A CLA SK . -23.69 -73.35 -36.77
C4A CLA SK . -25.15 -73.20 -37.17
CMA CLA SK . -23.50 -73.71 -35.32
CAA CLA SK . -22.18 -73.93 -38.70
CBA CLA SK . -22.68 -72.72 -39.47
CGA CLA SK . -23.31 -73.09 -40.79
O1A CLA SK . -22.76 -73.42 -41.84
O2A CLA SK . -24.68 -73.03 -40.78
NB CLA SK . -28.07 -72.70 -37.70
C1B CLA SK . -27.26 -71.92 -36.94
C2B CLA SK . -28.01 -70.75 -36.43
C3B CLA SK . -29.28 -70.84 -36.93
C4B CLA SK . -29.33 -72.07 -37.75
CMB CLA SK . -27.38 -69.73 -35.58
CAB CLA SK . -30.43 -69.98 -36.79
CBB CLA SK . -30.90 -69.45 -35.66
NC CLA SK . -29.43 -74.53 -39.53
C1C CLA SK . -30.46 -73.66 -39.30
C2C CLA SK . -31.63 -74.04 -40.07
C3C CLA SK . -31.29 -75.21 -40.77
C4C CLA SK . -29.90 -75.49 -40.43
CMC CLA SK . -32.89 -73.28 -40.04
CAC CLA SK . -32.09 -75.98 -41.74
CBC CLA SK . -33.33 -76.68 -41.24
ND CLA SK . -27.05 -75.98 -39.80
C1D CLA SK . -27.82 -76.81 -40.65
C2D CLA SK . -26.96 -77.91 -41.15
C3D CLA SK . -25.71 -77.68 -40.63
C4D CLA SK . -25.80 -76.45 -39.81
CMD CLA SK . -27.41 -78.99 -42.02
CAD CLA SK . -24.34 -78.15 -40.53
OBD CLA SK . -23.82 -79.16 -41.01
CBD CLA SK . -23.56 -77.12 -39.66
CGD CLA SK . -22.87 -77.74 -38.47
O1D CLA SK . -21.88 -77.32 -37.87
O2D CLA SK . -23.46 -78.89 -38.03
CED CLA SK . -23.33 -79.20 -36.64
C1 CLA SK . -25.36 -73.64 -41.90
C2 CLA SK . -26.79 -73.26 -41.81
C3 CLA SK . -27.66 -73.32 -42.82
C4 CLA SK . -27.27 -73.80 -44.17
C5 CLA SK . -29.08 -72.90 -42.64
C6 CLA SK . -29.39 -71.53 -43.21
C7 CLA SK . -30.78 -71.51 -43.80
C8 CLA SK . -31.47 -70.17 -43.62
C9 CLA SK . -31.89 -69.97 -42.18
C10 CLA SK . -32.67 -70.05 -44.54
C11 CLA SK . -33.36 -68.70 -44.41
C12 CLA SK . -34.46 -68.53 -45.44
C13 CLA SK . -35.23 -67.22 -45.23
C14 CLA SK . -36.24 -67.03 -46.33
C15 CLA SK . -34.28 -66.02 -45.15
C16 CLA SK . -34.97 -64.80 -44.57
C17 CLA SK . -33.99 -63.66 -44.39
C18 CLA SK . -34.67 -62.35 -44.01
C19 CLA SK . -35.33 -62.45 -42.64
C20 CLA SK . -35.68 -61.93 -45.06
MG CLA TK . -18.00 -78.74 -46.80
CHA CLA TK . -15.21 -80.44 -48.04
CHB CLA TK . -19.85 -79.83 -49.41
CHC CLA TK . -20.64 -76.88 -45.63
CHD CLA TK . -16.02 -77.60 -44.09
NA CLA TK . -17.59 -79.98 -48.43
C1A CLA TK . -16.36 -80.60 -48.79
C2A CLA TK . -16.55 -81.42 -50.08
C3A CLA TK . -18.06 -81.29 -50.39
C4A CLA TK . -18.55 -80.30 -49.34
CMA CLA TK . -18.30 -80.80 -51.80
CAA CLA TK . -16.20 -82.90 -49.98
CBA CLA TK . -16.65 -83.56 -48.68
CGA CLA TK . -15.46 -84.07 -47.93
O1A CLA TK . -14.39 -84.48 -48.37
O2A CLA TK . -15.65 -84.06 -46.57
NB CLA TK . -19.89 -78.45 -47.38
C1B CLA TK . -20.44 -78.91 -48.53
C2B CLA TK . -21.79 -78.31 -48.74
C3B CLA TK . -22.02 -77.47 -47.66
C4B CLA TK . -20.82 -77.56 -46.79
CMB CLA TK . -22.64 -78.60 -49.89
CAB CLA TK . -23.15 -76.63 -47.34
CBB CLA TK . -23.63 -75.65 -48.11
NC CLA TK . -18.28 -77.52 -45.13
C1C CLA TK . -19.45 -76.87 -44.84
C2C CLA TK . -19.31 -76.12 -43.60
C3C CLA TK . -18.00 -76.29 -43.17
C4C CLA TK . -17.36 -77.18 -44.14
CMC CLA TK . -20.38 -75.35 -42.99
CAC CLA TK . -17.36 -75.74 -41.96
CBC CLA TK . -16.95 -74.30 -42.07
ND CLA TK . -16.10 -78.97 -46.12
C1D CLA TK . -15.42 -78.42 -45.01
C2D CLA TK . -14.01 -78.88 -45.04
C3D CLA TK . -13.87 -79.63 -46.18
C4D CLA TK . -15.20 -79.67 -46.83
CMD CLA TK . -13.01 -78.53 -44.03
CAD CLA TK . -12.97 -80.44 -46.97
OBD CLA TK . -11.79 -80.73 -46.77
CBD CLA TK . -13.78 -80.92 -48.22
CGD CLA TK . -13.14 -80.41 -49.48
O1D CLA TK . -12.33 -79.47 -49.59
O2D CLA TK . -13.52 -81.04 -50.62
CED CLA TK . -13.64 -80.25 -51.80
MG CLA UK . -20.27 -66.46 -47.17
CHA CLA UK . -17.90 -68.70 -45.96
CHB CLA UK . -18.03 -65.36 -49.48
CHC CLA UK . -22.72 -64.45 -48.49
CHD CLA UK . -22.53 -67.57 -44.68
NA CLA UK . -18.29 -66.96 -47.61
C1A CLA UK . -17.48 -67.93 -47.01
C2A CLA UK . -16.10 -67.95 -47.64
C3A CLA UK . -16.11 -66.69 -48.52
C4A CLA UK . -17.59 -66.30 -48.58
CMA CLA UK . -15.32 -65.60 -47.87
CAA CLA UK . -15.95 -69.17 -48.53
CBA CLA UK . -14.54 -69.31 -49.06
CGA CLA UK . -14.39 -70.55 -49.89
O1A CLA UK . -13.36 -71.05 -50.33
O2A CLA UK . -15.58 -71.16 -50.17
NB CLA UK . -20.35 -65.12 -48.67
C1B CLA UK . -19.36 -64.90 -49.58
C2B CLA UK . -19.87 -64.06 -50.69
C3B CLA UK . -21.20 -63.80 -50.41
C4B CLA UK . -21.51 -64.46 -49.13
CMB CLA UK . -19.04 -63.65 -51.82
CAB CLA UK . -22.17 -63.03 -51.15
CBB CLA UK . -22.65 -63.36 -52.36
NC CLA UK . -22.25 -66.06 -46.65
C1C CLA UK . -23.07 -65.19 -47.32
C2C CLA UK . -24.37 -65.15 -46.69
C3C CLA UK . -24.32 -66.04 -45.62
C4C CLA UK . -22.99 -66.60 -45.60
CMC CLA UK . -25.49 -64.32 -47.14
CAC CLA UK . -25.41 -66.35 -44.67
CBC CLA UK . -25.31 -65.51 -43.41
ND CLA UK . -20.28 -67.80 -45.66
C1D CLA UK . -21.27 -68.15 -44.69
C2D CLA UK . -20.72 -69.18 -43.80
C3D CLA UK . -19.44 -69.46 -44.25
C4D CLA UK . -19.21 -68.56 -45.40
CMD CLA UK . -21.43 -69.81 -42.70
CAD CLA UK . -18.23 -70.23 -44.06
OBD CLA UK . -17.99 -71.11 -43.23
CBD CLA UK . -17.21 -69.76 -45.14
CGD CLA UK . -15.94 -69.25 -44.50
O1D CLA UK . -15.70 -68.09 -44.15
O2D CLA UK . -14.99 -70.20 -44.30
CED CLA UK . -13.63 -69.83 -44.47
C1 CLA UK . -15.75 -71.70 -51.49
C2 CLA UK . -17.20 -71.98 -51.64
C3 CLA UK . -17.79 -72.37 -52.79
C4 CLA UK . -17.03 -72.55 -54.05
C5 CLA UK . -19.26 -72.62 -52.84
C6 CLA UK . -19.60 -74.10 -52.72
MG CLA VK . -21.72 -65.49 -30.19
CHA CLA VK . -18.53 -64.25 -29.61
CHB CLA VK . -22.29 -65.51 -26.83
CHC CLA VK . -25.02 -66.23 -30.79
CHD CLA VK . -21.17 -65.24 -33.66
NA CLA VK . -20.55 -65.03 -28.52
C1A CLA VK . -19.27 -64.48 -28.48
C2A CLA VK . -18.81 -64.28 -27.02
C3A CLA VK . -19.86 -65.08 -26.23
C4A CLA VK . -21.02 -65.20 -27.24
CMA CLA VK . -19.31 -66.40 -25.78
CAA CLA VK . -19.00 -62.86 -26.48
CBA CLA VK . -18.44 -61.68 -27.24
CGA CLA VK . -19.48 -61.07 -28.15
O1A CLA VK . -19.33 -60.19 -29.00
O2A CLA VK . -20.74 -61.60 -27.99
NB CLA VK . -23.31 -65.91 -29.02
C1B CLA VK . -23.39 -65.68 -27.68
C2B CLA VK . -24.81 -65.70 -27.23
C3B CLA VK . -25.57 -65.90 -28.36
C4B CLA VK . -24.64 -66.06 -29.50
CMB CLA VK . -25.22 -65.46 -25.85
CAB CLA VK . -26.99 -66.01 -28.56
CBB CLA VK . -27.82 -66.80 -27.87
NC CLA VK . -22.86 -65.78 -31.91
C1C CLA VK . -24.18 -66.11 -31.92
C2C CLA VK . -24.66 -66.24 -33.28
C3C CLA VK . -23.59 -65.90 -34.10
C4C CLA VK . -22.45 -65.61 -33.23
CMC CLA VK . -26.04 -66.59 -33.65
CAC CLA VK . -23.57 -65.88 -35.57
CBC CLA VK . -23.37 -67.28 -36.09
ND CLA VK . -20.21 -64.97 -31.42
C1D CLA VK . -20.11 -64.92 -32.83
C2D CLA VK . -18.74 -64.51 -33.19
C3D CLA VK . -18.09 -64.25 -31.99
C4D CLA VK . -19.06 -64.53 -30.92
CMD CLA VK . -18.23 -64.40 -34.55
CAD CLA VK . -16.84 -63.85 -31.37
OBD CLA VK . -15.75 -63.60 -31.89
CBD CLA VK . -17.12 -63.77 -29.84
CGD CLA VK . -16.12 -64.55 -29.02
O1D CLA VK . -16.23 -65.72 -28.62
O2D CLA VK . -14.99 -63.86 -28.70
CED CLA VK . -14.23 -64.29 -27.57
C1 CLA VK . -21.83 -60.67 -28.08
C2 CLA VK . -23.03 -61.43 -28.53
C3 CLA VK . -23.28 -61.76 -29.81
C4 CLA VK . -22.38 -61.36 -30.92
C5 CLA VK . -24.50 -62.53 -30.18
C6 CLA VK . -25.55 -61.68 -30.86
MG CLA WK . -30.05 -57.71 -33.66
CHA CLA WK . -32.88 -56.44 -32.11
CHB CLA WK . -29.10 -54.57 -34.51
CHC CLA WK . -27.06 -58.98 -34.77
CHD CLA WK . -31.06 -60.96 -32.72
NA CLA WK . -30.91 -55.83 -33.42
C1A CLA WK . -32.08 -55.49 -32.72
C2A CLA WK . -32.34 -53.98 -32.82
C3A CLA WK . -31.32 -53.53 -33.89
C4A CLA WK . -30.35 -54.71 -33.95
CMA CLA WK . -31.99 -53.35 -35.22
CAA CLA WK . -32.08 -53.26 -31.51
CBA CLA WK . -32.34 -51.77 -31.69
CGA CLA WK . -32.16 -51.01 -30.40
O1A CLA WK . -32.77 -50.00 -30.02
O2A CLA WK . -31.18 -51.53 -29.59
NB CLA WK . -28.41 -56.93 -34.52
C1B CLA WK . -28.15 -55.59 -34.63
C2B CLA WK . -26.71 -55.38 -34.94
C3B CLA WK . -26.13 -56.63 -35.01
C4B CLA WK . -27.21 -57.63 -34.77
CMB CLA WK . -26.12 -54.06 -35.13
CAB CLA WK . -24.77 -57.01 -35.29
CBB CLA WK . -23.73 -56.75 -34.49
NC CLA WK . -29.26 -59.64 -33.82
C1C CLA WK . -28.03 -59.93 -34.35
C2C CLA WK . -27.81 -61.37 -34.32
C3C CLA WK . -28.93 -61.94 -33.69
C4C CLA WK . -29.84 -60.84 -33.39
CMC CLA WK . -26.62 -62.06 -34.79
CAC CLA WK . -29.16 -63.36 -33.43
CBC CLA WK . -29.74 -64.07 -34.65
ND CLA WK . -31.66 -58.58 -32.79
C1D CLA WK . -31.92 -59.92 -32.42
C2D CLA WK . -33.18 -59.98 -31.67
C3D CLA WK . -33.58 -58.67 -31.50
C4D CLA WK . -32.59 -57.84 -32.21
CMD CLA WK . -33.78 -61.21 -31.17
CAD CLA WK . -34.61 -57.79 -30.99
OBD CLA WK . -35.67 -58.06 -30.44
CBD CLA WK . -34.13 -56.33 -31.25
CGD CLA WK . -35.20 -55.46 -31.82
O1D CLA WK . -36.06 -54.81 -31.20
O2D CLA WK . -35.21 -55.40 -33.17
CED CLA WK . -36.50 -55.34 -33.74
C1 CLA WK . -31.27 -51.18 -28.19
C2 CLA WK . -29.89 -50.94 -27.71
C3 CLA WK . -29.02 -51.93 -27.39
C4 CLA WK . -27.65 -51.63 -26.92
C5 CLA WK . -29.40 -53.36 -27.50
C6 CLA WK . -29.11 -54.16 -26.25
C7 CLA WK . -29.53 -55.61 -26.41
C8 CLA WK . -28.66 -56.54 -25.57
C9 CLA WK . -28.19 -57.72 -26.41
C10 CLA WK . -29.39 -56.99 -24.31
C11 CLA WK . -30.29 -58.20 -24.49
C12 CLA WK . -30.36 -59.03 -23.23
C13 CLA WK . -30.96 -60.41 -23.48
C14 CLA WK . -31.33 -61.10 -22.18
C15 CLA WK . -30.03 -61.30 -24.30
C16 CLA WK . -28.66 -61.44 -23.67
C17 CLA WK . -27.79 -62.39 -24.46
C18 CLA WK . -26.33 -61.96 -24.53
C19 CLA WK . -25.76 -61.69 -23.15
C20 CLA WK . -26.17 -60.74 -25.42
MG CLA XK . -43.07 -65.28 -41.63
CHA CLA XK . -44.09 -62.53 -43.47
CHB CLA XK . -46.27 -66.42 -41.56
CHC CLA XK . -41.98 -68.06 -39.95
CHD CLA XK . -39.75 -64.11 -41.82
NA CLA XK . -44.87 -64.55 -42.38
C1A CLA XK . -45.10 -63.40 -43.15
C2A CLA XK . -46.58 -63.26 -43.50
C3A CLA XK . -47.24 -64.43 -42.74
C4A CLA XK . -46.05 -65.21 -42.18
CMA CLA XK . -48.05 -63.88 -41.61
CAA CLA XK . -46.88 -63.39 -44.99
CBA CLA XK . -47.11 -64.82 -45.47
CGA CLA XK . -45.76 -65.44 -45.70
O1A CLA XK . -44.69 -64.86 -45.83
O2A CLA XK . -45.79 -66.81 -45.79
NB CLA XK . -43.95 -66.96 -40.94
C1B CLA XK . -45.27 -67.24 -41.00
C2B CLA XK . -45.55 -68.51 -40.30
C3B CLA XK . -44.35 -69.00 -39.83
C4B CLA XK . -43.31 -68.00 -40.21
CMB CLA XK . -46.89 -69.07 -40.15
CAB CLA XK . -44.11 -70.19 -39.05
CBB CLA XK . -43.22 -71.14 -39.30
NC CLA XK . -41.21 -65.94 -40.97
C1C CLA XK . -40.99 -67.11 -40.29
C2C CLA XK . -39.57 -67.25 -39.99
C3C CLA XK . -38.93 -66.14 -40.54
C4C CLA XK . -39.96 -65.32 -41.16
CMC CLA XK . -38.98 -68.36 -39.26
CAC CLA XK . -37.49 -65.85 -40.50
CBC CLA XK . -36.73 -66.53 -41.62
ND CLA XK . -42.10 -63.65 -42.32
C1D CLA XK . -40.72 -63.31 -42.37
C2D CLA XK . -40.57 -62.02 -43.07
C3D CLA XK . -41.84 -61.66 -43.49
C4D CLA XK . -42.75 -62.73 -43.03
CMD CLA XK . -39.30 -61.32 -43.26
CAD CLA XK . -42.64 -60.67 -44.18
OBD CLA XK . -42.31 -59.58 -44.62
CBD CLA XK . -44.08 -61.24 -44.27
CGD CLA XK . -45.11 -60.25 -43.79
O1D CLA XK . -45.63 -60.18 -42.68
O2D CLA XK . -45.48 -59.36 -44.74
CED CLA XK . -46.13 -59.83 -45.92
C1 CLA XK . -45.17 -67.54 -44.72
C2 CLA XK . -44.59 -68.80 -45.28
C3 CLA XK . -44.75 -70.00 -44.71
C4 CLA XK . -45.55 -70.20 -43.47
C5 CLA XK . -44.14 -71.22 -45.31
C6 CLA XK . -43.39 -72.07 -44.31
C7 CLA XK . -42.59 -73.15 -45.02
C8 CLA XK . -42.71 -74.52 -44.36
C9 CLA XK . -44.16 -74.95 -44.29
C10 CLA XK . -42.10 -74.52 -42.97
C11 CLA XK . -41.14 -75.67 -42.77
C12 CLA XK . -39.99 -75.64 -43.75
MG CLA YK . -53.41 -75.20 -29.37
CHA CLA YK . -53.74 -73.47 -32.38
CHB CLA YK . -56.76 -75.64 -29.24
CHC CLA YK . -53.05 -76.76 -26.33
CHD CLA YK . -49.91 -74.75 -29.53
NA CLA YK . -54.97 -74.68 -30.66
C1A CLA YK . -54.93 -73.96 -31.87
C2A CLA YK . -56.36 -73.85 -32.46
C3A CLA YK . -57.21 -74.76 -31.53
C4A CLA YK . -56.26 -75.05 -30.39
CMA CLA YK . -58.52 -74.17 -31.03
CAA CLA YK . -56.50 -74.31 -33.92
CBA CLA YK . -57.18 -75.65 -34.12
CGA CLA YK . -56.19 -76.76 -34.28
O1A CLA YK . -56.12 -77.61 -35.17
O2A CLA YK . -55.25 -76.81 -33.28
NB CLA YK . -54.67 -76.09 -28.07
C1B CLA YK . -56.01 -76.00 -28.12
C2B CLA YK . -56.60 -76.34 -26.80
C3B CLA YK . -55.56 -76.66 -25.97
C4B CLA YK . -54.32 -76.52 -26.77
CMB CLA YK . -58.04 -76.34 -26.54
CAB CLA YK . -55.57 -77.07 -24.59
CBB CLA YK . -55.14 -76.34 -23.56
NC CLA YK . -51.77 -75.71 -28.19
C1C CLA YK . -51.85 -76.39 -27.00
C2C CLA YK . -50.53 -76.64 -26.46
C3C CLA YK . -49.63 -76.02 -27.34
C4C CLA YK . -50.43 -75.46 -28.43
CMC CLA YK . -50.25 -77.35 -25.22
CAC CLA YK . -48.17 -76.02 -27.25
CBC CLA YK . -47.66 -74.92 -26.36
ND CLA YK . -52.08 -74.37 -30.63
C1D CLA YK . -50.66 -74.21 -30.54
C2D CLA YK . -50.20 -73.42 -31.70
C3D CLA YK . -51.33 -73.11 -32.42
C4D CLA YK . -52.48 -73.72 -31.73
CMD CLA YK . -48.81 -73.03 -31.96
CAD CLA YK . -51.83 -72.44 -33.60
OBD CLA YK . -51.22 -71.83 -34.47
CBD CLA YK . -53.38 -72.62 -33.59
CGD CLA YK . -54.06 -71.29 -33.55
O1D CLA YK . -54.53 -70.71 -32.56
O2D CLA YK . -54.17 -70.69 -34.76
CED CLA YK . -55.35 -70.95 -35.51
C1 CLA YK . -55.38 -77.90 -32.36
C2 CLA YK . -54.12 -78.00 -31.58
C3 CLA YK . -54.07 -78.58 -30.36
C4 CLA YK . -55.27 -79.15 -29.71
C5 CLA YK . -52.80 -78.67 -29.58
C6 CLA YK . -51.56 -78.56 -30.44
NB KC2 ZK . -43.84 -76.68 -36.37
ND KC2 ZK . -47.65 -75.99 -35.20
C1A KC2 ZK . -47.10 -74.71 -38.07
C1B KC2 ZK . -43.21 -76.30 -37.49
C1C KC2 ZK . -44.53 -77.88 -33.63
C1D KC2 ZK . -48.51 -76.35 -34.12
C2A KC2 ZK . -46.99 -74.10 -39.45
C2B KC2 ZK . -41.83 -76.85 -37.64
C2C KC2 ZK . -44.56 -78.34 -32.22
C2D KC2 ZK . -49.95 -75.99 -34.30
C3A KC2 ZK . -45.51 -74.30 -39.76
C3B KC2 ZK . -41.68 -77.61 -36.38
C3C KC2 ZK . -45.95 -78.04 -31.80
C3D KC2 ZK . -49.88 -75.35 -35.63
C4A KC2 ZK . -45.12 -75.08 -38.55
C4B KC2 ZK . -42.98 -77.44 -35.70
C4C KC2 ZK . -46.54 -77.44 -33.03
C4D KC2 ZK . -48.56 -75.39 -36.06
CAA KC2 ZK . -47.35 -72.62 -39.55
CAB KC2 ZK . -40.54 -78.41 -35.86
CAC KC2 ZK . -46.59 -78.28 -30.47
CAD KC2 ZK . -50.66 -74.66 -36.70
CBA KC2 ZK . -47.74 -72.41 -41.01
CBB KC2 ZK . -39.29 -78.03 -36.07
CBC KC2 ZK . -46.87 -79.60 -30.40
CBD KC2 ZK . -49.76 -74.30 -37.81
CED KC2 ZK . -49.98 -77.49 -38.72
CGA KC2 ZK . -49.23 -72.19 -41.12
CGD KC2 ZK . -50.28 -75.04 -38.99
CHA KC2 ZK . -48.41 -74.76 -37.36
CHB KC2 ZK . -43.85 -75.50 -38.52
CHC KC2 ZK . -43.28 -78.03 -34.38
CHD KC2 ZK . -47.95 -77.02 -32.96
CMA KC2 ZK . -45.28 -75.19 -40.97
CMB KC2 ZK . -40.85 -76.64 -38.76
CMC KC2 ZK . -43.46 -78.97 -31.42
CMD KC2 ZK . -51.21 -76.14 -33.52
NA KC2 ZK . -46.07 -75.31 -37.63
NC KC2 ZK . -45.68 -77.34 -34.07
O1A KC2 ZK . -49.89 -71.99 -40.12
O1D KC2 ZK . -51.22 -74.58 -39.61
O2A KC2 ZK . -49.91 -72.20 -42.41
O2D KC2 ZK . -49.68 -76.29 -39.43
OBD KC2 ZK . -51.91 -74.45 -36.68
MG KC2 ZK . -45.81 -76.47 -35.93
NB KC2 AL . -37.78 -79.33 -19.78
ND KC2 AL . -34.37 -79.06 -17.59
C1A KC2 AL . -35.12 -82.14 -17.82
C1B KC2 AL . -38.31 -80.46 -20.31
C1C KC2 AL . -36.88 -76.43 -19.61
C1D KC2 AL . -33.65 -77.95 -17.16
C2A KC2 AL . -35.37 -83.45 -18.14
C2B KC2 AL . -39.16 -80.14 -21.32
C2C KC2 AL . -36.43 -75.14 -19.72
C2D KC2 AL . -32.68 -78.35 -16.24
C3A KC2 AL . -36.49 -83.45 -18.97
C3B KC2 AL . -39.20 -78.75 -21.44
C3C KC2 AL . -35.25 -75.04 -18.98
C3D KC2 AL . -32.81 -79.75 -16.14
C4A KC2 AL . -36.88 -82.15 -19.12
C4B KC2 AL . -38.33 -78.27 -20.47
C4C KC2 AL . -35.02 -76.29 -18.42
C4D KC2 AL . -33.84 -80.11 -17.01
CAA KC2 AL . -34.68 -84.67 -17.80
CAB KC2 AL . -39.98 -77.96 -22.38
CAC KC2 AL . -34.44 -73.84 -18.83
CAD KC2 AL . -32.28 -80.95 -15.49
CBA KC2 AL . -35.00 -85.60 -16.92
CBB KC2 AL . -39.53 -77.24 -23.37
CBC KC2 AL . -34.76 -72.75 -18.18
CBD KC2 AL . -33.24 -82.09 -15.87
CED KC2 AL . -30.90 -84.15 -17.85
CGA KC2 AL . -34.14 -86.79 -16.86
CGD KC2 AL . -32.37 -83.26 -16.26
CHA KC2 AL . -34.08 -81.52 -16.97
CHB KC2 AL . -37.98 -81.75 -19.88
CHC KC2 AL . -38.03 -76.93 -20.19
CHD KC2 AL . -33.95 -76.66 -17.60
CMA KC2 AL . -37.12 -84.66 -19.59
CMB KC2 AL . -39.95 -81.10 -22.18
CMC KC2 AL . -37.07 -74.03 -20.50
CMD KC2 AL . -31.70 -77.51 -15.49
NA KC2 AL . -36.05 -81.34 -18.42
NC KC2 AL . -36.04 -77.16 -18.83
O1A KC2 AL . -34.41 -87.85 -17.44
O1D KC2 AL . -32.19 -84.22 -15.56
O2A KC2 AL . -33.06 -86.62 -16.16
O2D KC2 AL . -31.81 -83.11 -17.44
OBD KC2 AL . -31.31 -81.11 -14.79
MG KC2 AL . -36.10 -79.23 -18.61
NB KC2 BL . -38.90 -84.21 -16.35
ND KC2 BL . -35.83 -84.17 -13.70
C1A KC2 BL . -36.47 -87.22 -14.37
C1B KC2 BL . -39.47 -85.30 -16.93
C1C KC2 BL . -38.07 -81.35 -15.82
C1D KC2 BL . -35.10 -83.11 -13.20
C2A KC2 BL . -36.78 -88.51 -14.74
C2B KC2 BL . -40.35 -84.89 -17.91
C2C KC2 BL . -37.62 -80.05 -15.71
C2D KC2 BL . -34.01 -83.59 -12.49
C3A KC2 BL . -37.86 -88.42 -15.61
C3B KC2 BL . -40.34 -83.51 -17.95
C3C KC2 BL . -36.59 -80.02 -14.79
C3D KC2 BL . -34.08 -84.99 -12.57
C4A KC2 BL . -38.16 -87.10 -15.76
C4B KC2 BL . -39.44 -83.10 -16.98
C4C KC2 BL . -36.42 -81.32 -14.35
C4D KC2 BL . -35.23 -85.26 -13.33
CAA KC2 BL . -36.23 -89.79 -14.37
CAB KC2 BL . -41.13 -82.68 -18.85
CAC KC2 BL . -35.85 -78.83 -14.37
CAD KC2 BL . -33.47 -86.26 -12.18
CBA KC2 BL . -36.57 -90.54 -13.34
CBB KC2 BL . -41.93 -81.70 -18.54
CBC KC2 BL . -36.02 -78.18 -13.26
CBD KC2 BL . -34.44 -87.37 -12.58
CED KC2 BL . -32.70 -90.61 -13.05
CGA KC2 BL . -37.02 -89.95 -12.07
CGD KC2 BL . -33.61 -88.43 -13.26
CHA KC2 BL . -35.43 -86.69 -13.49
CHB KC2 BL . -39.18 -86.61 -16.57
CHC KC2 BL . -39.09 -81.79 -16.64
CHD KC2 BL . -35.47 -81.78 -13.41
CMA KC2 BL . -38.55 -89.58 -16.27
CMB KC2 BL . -41.17 -85.79 -18.79
CMC KC2 BL . -38.16 -78.85 -16.43
CMD KC2 BL . -32.95 -82.81 -11.78
NA KC2 BL . -37.33 -86.35 -15.01
NC KC2 BL . -37.33 -82.15 -15.01
O1A KC2 BL . -36.31 -89.86 -11.07
O1D KC2 BL . -33.15 -88.34 -14.36
O2A KC2 BL . -38.26 -89.52 -12.09
O2D KC2 BL . -33.43 -89.50 -12.47
OBD KC2 BL . -32.38 -86.49 -11.66
MG KC2 BL . -37.39 -84.24 -14.99
MG CLA CL . -30.24 -69.89 -17.97
CHA CLA CL . -28.10 -71.96 -16.18
CHB CLA CL . -32.85 -70.98 -16.07
CHC CLA CL . -32.19 -67.44 -19.35
CHD CLA CL . -27.43 -68.55 -19.67
NA CLA CL . -30.43 -71.32 -16.46
C1A CLA CL . -29.42 -72.04 -15.81
C2A CLA CL . -30.01 -72.93 -14.73
C3A CLA CL . -31.53 -72.88 -15.03
C4A CLA CL . -31.63 -71.62 -15.89
CMA CLA CL . -32.00 -74.10 -15.76
CAA CLA CL . -29.78 -72.26 -13.39
CBA CLA CL . -28.71 -72.91 -12.53
CGA CLA CL . -27.75 -71.87 -12.04
O1A CLA CL . -27.95 -70.67 -11.87
O2A CLA CL . -26.51 -72.37 -11.77
NB CLA CL . -32.20 -69.44 -17.88
C1B CLA CL . -33.01 -69.83 -16.87
C2B CLA CL . -34.13 -68.87 -16.67
C3B CLA CL . -33.95 -67.87 -17.60
C4B CLA CL . -32.73 -68.23 -18.38
CMB CLA CL . -35.15 -69.04 -15.64
CAB CLA CL . -34.69 -66.66 -17.86
CBB CLA CL . -36.00 -66.56 -18.07
NC CLA CL . -29.90 -68.37 -19.37
C1C CLA CL . -30.86 -67.51 -19.83
C2C CLA CL . -30.29 -66.57 -20.79
C3C CLA CL . -28.91 -66.82 -20.82
C4C CLA CL . -28.68 -67.94 -19.91
CMC CLA CL . -31.13 -65.56 -21.45
CAC CLA CL . -27.81 -66.15 -21.56
CBC CLA CL . -27.92 -65.88 -23.04
ND CLA CL . -28.24 -70.19 -18.04
C1D CLA CL . -27.21 -69.59 -18.80
C2D CLA CL . -25.93 -70.27 -18.48
C3D CLA CL . -26.21 -71.19 -17.49
C4D CLA CL . -27.67 -71.09 -17.23
CMD CLA CL . -24.65 -69.94 -19.11
CAD CLA CL . -25.69 -72.21 -16.61
OBD CLA CL . -24.54 -72.65 -16.52
CBD CLA CL . -26.87 -72.72 -15.73
CGD CLA CL . -27.08 -74.20 -15.93
O1D CLA CL . -28.02 -74.74 -16.53
O2D CLA CL . -26.11 -74.98 -15.40
CED CLA CL . -26.10 -75.18 -13.98
C1 CLA CL . -25.38 -71.52 -12.04
C2 CLA CL . -24.96 -70.92 -10.75
C3 CLA CL . -23.93 -71.37 -10.02
C4 CLA CL . -23.56 -70.73 -8.74
C5 CLA CL . -23.11 -72.53 -10.47
C6 CLA CL . -22.93 -73.58 -9.37
C03 II0 DL . -40.55 -69.00 -47.56
C04 II0 DL . -37.87 -79.99 -26.92
C05 II0 DL . -41.25 -68.27 -48.72
C06 II0 DL . -36.54 -80.71 -27.18
C07 II0 DL . -42.57 -67.63 -48.28
C08 II0 DL . -36.75 -82.19 -27.46
C09 II0 DL . -40.77 -68.36 -46.16
C10 II0 DL . -39.06 -80.40 -27.88
C11 II0 DL . -42.33 -66.57 -47.19
C12 II0 DL . -37.78 -82.52 -28.57
C13 II0 DL . -41.18 -66.88 -46.21
C14 II0 DL . -38.70 -81.37 -29.06
C15 II0 DL . -41.11 -70.44 -47.52
C16 II0 DL . -39.02 -69.07 -47.94
C17 II0 DL . -38.31 -80.45 -25.50
C18 II0 DL . -37.65 -78.47 -26.83
C19 II0 DL . -41.60 -66.43 -44.80
C20 II0 DL . -38.06 -80.86 -30.39
C21 II0 DL . -39.49 -68.46 -45.27
C22 II0 DL . -40.06 -79.18 -28.10
C23 II0 DL . -39.60 -69.43 -44.35
C24 II0 DL . -40.21 -78.47 -29.27
C25 II0 DL . -39.06 -70.25 -43.17
C26 II0 DL . -40.87 -77.35 -30.09
C27 II0 DL . -37.63 -70.69 -43.47
C28 II0 DL . -41.16 -76.23 -29.12
C29 II0 DL . -39.94 -71.49 -43.00
C30 II0 DL . -39.90 -76.84 -31.19
C31 II0 DL . -40.73 -71.46 -41.66
C32 II0 DL . -40.61 -76.32 -32.48
C33 II0 DL . -39.94 -71.79 -40.63
C34 II0 DL . -40.78 -74.96 -32.48
C35 II0 DL . -39.63 -72.04 -39.15
C36 II0 DL . -41.43 -75.08 -33.87
C37 II0 DL . -38.12 -72.23 -39.03
C38 II0 DL . -42.93 -75.02 -33.68
C39 II0 DL . -40.34 -73.28 -38.59
C40 II0 DL . -40.99 -73.89 -34.74
C41 II0 DL . -40.57 -73.15 -37.06
C42 II0 DL . -40.79 -74.19 -36.24
O01 II0 DL . -43.19 -67.02 -49.38
O02 II0 DL . -35.51 -82.76 -27.82
C03 II0 EL . -44.33 -62.87 -18.19
C04 II0 EL . -28.52 -72.56 -32.15
C05 II0 EL . -45.28 -61.77 -17.71
C06 II0 EL . -27.51 -73.71 -32.00
C07 II0 EL . -45.26 -60.55 -18.64
C08 II0 EL . -26.21 -73.40 -32.73
C09 II0 EL . -44.73 -63.27 -19.65
C10 II0 EL . -27.96 -71.10 -31.97
C11 II0 EL . -45.52 -60.92 -20.11
C12 II0 EL . -25.58 -72.21 -32.00
C13 II0 EL . -44.67 -62.09 -20.64
C14 II0 EL . -26.43 -70.95 -32.25
C15 II0 EL . -42.89 -62.33 -18.01
C16 II0 EL . -44.52 -64.12 -17.28
C17 II0 EL . -29.09 -72.66 -33.59
C18 II0 EL . -29.68 -72.88 -31.15
C19 II0 EL . -45.32 -62.44 -22.00
C20 II0 EL . -25.78 -69.77 -31.49
C21 II0 EL . -44.12 -64.66 -20.11
C22 II0 EL . -28.37 -70.45 -30.61
C23 II0 EL . -42.90 -64.56 -20.68
C24 II0 EL . -29.22 -69.39 -30.76
C25 II0 EL . -41.69 -65.26 -21.33
C26 II0 EL . -30.11 -68.24 -30.23
C27 II0 EL . -40.82 -65.81 -20.21
C28 II0 EL . -29.91 -67.02 -31.11
C29 II0 EL . -40.91 -64.27 -22.23
C30 II0 EL . -31.56 -68.74 -30.31
C31 II0 EL . -39.36 -64.51 -22.23
C32 II0 EL . -32.77 -67.79 -30.04
C33 II0 EL . -38.92 -65.32 -23.21
C34 II0 EL . -33.02 -67.62 -28.71
C35 II0 EL . -37.78 -66.08 -23.93
C36 II0 EL . -34.21 -66.73 -29.13
C37 II0 EL . -38.27 -67.52 -24.15
C38 II0 EL . -33.87 -65.25 -29.05
C39 II0 EL . -37.40 -65.43 -25.26
C40 II0 EL . -35.41 -67.11 -28.23
C41 II0 EL . -36.73 -66.41 -26.26
C42 II0 EL . -36.01 -66.01 -27.31
O01 II0 EL . -46.24 -59.64 -18.23
O02 II0 EL . -25.35 -74.50 -32.70
C03 II0 FL . -47.89 -70.72 -26.90
C04 II0 FL . -30.20 -77.11 -12.08
C05 II0 FL . -48.10 -69.41 -27.64
C06 II0 FL . -29.30 -78.37 -12.13
C07 II0 FL . -49.43 -68.77 -27.28
C08 II0 FL . -29.71 -79.57 -11.30
C09 II0 FL . -48.12 -70.46 -25.41
C10 II0 FL . -31.66 -77.54 -12.24
C11 II0 FL . -49.48 -68.42 -25.81
C12 II0 FL . -31.21 -79.65 -11.02
C13 II0 FL . -48.61 -69.29 -24.95
C14 II0 FL . -32.01 -78.82 -11.98
C15 II0 FL . -48.91 -71.73 -27.44
C16 II0 FL . -46.47 -71.25 -27.13
C17 II0 FL . -30.00 -76.31 -10.80
C18 II0 FL . -29.77 -76.26 -13.28
C19 II0 FL . -48.34 -68.74 -23.58
C20 II0 FL . -33.19 -79.51 -12.58
C21 II0 FL . -47.78 -71.50 -24.50
C22 II0 FL . -32.61 -76.57 -12.66
C23 II0 FL . -47.42 -72.32 -23.70
C24 II0 FL . -33.45 -75.81 -13.06
C25 II0 FL . -46.86 -73.18 -22.70
C26 II0 FL . -34.51 -74.99 -13.55
C27 II0 FL . -47.70 -74.34 -22.24
C28 II0 FL . -34.61 -73.60 -12.99
C29 II0 FL . -45.62 -72.91 -22.25
C30 II0 FL . -35.37 -75.50 -14.48
C31 II0 FL . -44.85 -73.64 -21.30
C32 II0 FL . -36.23 -74.76 -15.34
C33 II0 FL . -43.63 -73.25 -20.91
C34 II0 FL . -37.17 -75.33 -16.10
C35 II0 FL . -42.76 -73.90 -19.96
C36 II0 FL . -38.09 -74.65 -16.99
C37 II0 FL . -43.20 -75.23 -19.41
C38 II0 FL . -37.87 -73.18 -17.21
C39 II0 FL . -41.62 -73.28 -19.59
C40 II0 FL . -39.06 -75.37 -17.60
C41 II0 FL . -40.62 -73.70 -18.64
C42 II0 FL . -40.07 -74.94 -18.56
O01 II0 FL . -49.64 -67.60 -28.08
O02 II0 FL . -29.32 -80.76 -11.98
C03 II0 GL . -47.57 -69.89 -19.41
C04 II0 GL . -25.08 -69.57 -24.04
C05 II0 GL . -48.60 -69.69 -18.28
C06 II0 GL . -23.62 -69.09 -24.16
C07 II0 GL . -48.90 -70.97 -17.51
C08 II0 GL . -22.91 -69.55 -25.42
C09 II0 GL . -46.35 -70.61 -18.84
C10 II0 GL . -25.78 -69.48 -25.39
C11 II0 GL . -47.61 -71.53 -16.91
C12 II0 GL . -23.67 -69.04 -26.63
C13 II0 GL . -46.50 -71.59 -17.92
C14 II0 GL . -25.13 -69.40 -26.58
C15 II0 GL . -47.19 -68.52 -19.99
C16 II0 GL . -48.23 -70.73 -20.52
C17 II0 GL . -25.14 -71.00 -23.49
C18 II0 GL . -25.77 -68.64 -23.02
C19 II0 GL . -45.59 -72.78 -17.79
C20 II0 GL . -25.77 -69.64 -27.91
C21 II0 GL . -45.05 -70.21 -19.24
C22 II0 GL . -27.21 -69.51 -25.42
C23 II0 GL . -43.92 -69.84 -19.44
C24 II0 GL . -28.39 -69.57 -25.56
C25 II0 GL . -42.61 -69.30 -19.33
C26 II0 GL . -29.73 -69.71 -26.05
C27 II0 GL . -42.43 -68.33 -18.20
C28 II0 GL . -29.78 -70.04 -27.52
C29 II0 GL . -41.59 -69.65 -20.16
C30 II0 GL . -30.84 -69.56 -25.31
C31 II0 GL . -40.22 -69.64 -19.77
C32 II0 GL . -32.22 -69.66 -25.77
C33 II0 GL . -39.16 -69.86 -20.53
C34 II0 GL . -33.34 -69.39 -25.06
C35 II0 GL . -37.78 -69.82 -20.06
C36 II0 GL . -33.43 -68.87 -23.70
C37 II0 GL . -37.57 -69.81 -18.57
C38 II0 GL . -32.41 -67.88 -23.27
C39 II0 GL . -36.75 -69.66 -20.93
C40 II0 GL . -34.33 -69.40 -22.85
C41 II0 GL . -35.40 -69.39 -20.59
C42 II0 GL . -34.36 -69.23 -21.43
O01 II0 GL . -49.83 -70.69 -16.46
O02 II0 GL . -21.58 -69.02 -25.44
C03 II0 HL . -15.12 -73.91 -46.85
C04 II0 HL . -32.46 -61.45 -38.28
C05 II0 HL . -13.78 -74.46 -47.39
C06 II0 HL . -33.64 -60.49 -38.04
C07 II0 HL . -13.82 -75.98 -47.46
C08 II0 HL . -34.75 -60.71 -39.05
C09 II0 HL . -16.36 -74.40 -47.65
C10 II0 HL . -32.85 -62.95 -38.49
C11 II0 HL . -14.94 -76.42 -48.41
C12 II0 HL . -35.32 -62.12 -38.86
C13 II0 HL . -16.32 -75.90 -48.00
C14 II0 HL . -34.26 -63.22 -39.05
C15 II0 HL . -15.24 -74.32 -45.36
C16 II0 HL . -15.06 -72.36 -46.91
C17 II0 HL . -31.66 -60.88 -39.48
C18 II0 HL . -31.58 -61.38 -37.00
C19 II0 HL . -17.26 -76.20 -49.19
C20 II0 HL . -34.79 -64.49 -38.35
C21 II0 HL . -17.64 -74.08 -46.83
C22 II0 HL . -31.85 -63.64 -39.46
C23 II0 HL . -18.54 -73.36 -47.52
C24 II0 HL . -31.13 -64.65 -38.91
C25 II0 HL . -19.88 -72.64 -47.73
C26 II0 HL . -30.07 -65.76 -39.00
C27 II0 HL . -19.63 -71.15 -47.81
C28 II0 HL . -30.04 -66.52 -37.68
C29 II0 HL . -20.87 -73.01 -46.60
C30 II0 HL . -30.45 -66.71 -40.16
C31 II0 HL . -21.45 -71.82 -45.78
C32 II0 HL . -29.41 -67.81 -40.53
C33 II0 HL . -22.74 -71.54 -46.02
C34 II0 HL . -28.14 -67.34 -40.67
C35 II0 HL . -24.02 -70.72 -45.81
C36 II0 HL . -27.69 -68.77 -41.01
C37 II0 HL . -24.97 -70.95 -46.98
C38 II0 HL . -27.30 -69.53 -39.75
C39 II0 HL . -24.71 -71.11 -44.51
C40 II0 HL . -26.47 -68.68 -41.94
C41 II0 HL . -25.15 -69.88 -43.67
C42 II0 HL . -26.09 -69.96 -42.72
O01 II0 HL . -12.58 -76.44 -47.95
O02 II0 HL . -35.77 -59.77 -38.85
C03 II0 IL . -25.65 -54.39 -60.08
C04 II0 IL . -12.38 -64.48 -44.07
C05 II0 IL . -25.91 -52.92 -60.43
C06 II0 IL . -11.26 -65.44 -43.60
C07 II0 IL . -27.34 -52.51 -60.07
C08 II0 IL . -10.06 -64.64 -43.11
C09 II0 IL . -26.00 -54.77 -58.61
C10 II0 IL . -12.77 -63.39 -43.03
C11 II0 IL . -27.56 -52.69 -58.56
C12 II0 IL . -10.46 -63.85 -41.85
C13 II0 IL . -27.32 -54.15 -58.12
C14 II0 IL . -11.63 -62.87 -42.14
C15 II0 IL . -26.45 -55.26 -61.08
C16 II0 IL . -24.13 -54.65 -60.30
C17 II0 IL . -13.61 -65.38 -44.39
C18 II0 IL . -11.89 -63.85 -45.40
C19 II0 IL . -27.33 -54.18 -56.57
C20 II0 IL . -12.23 -62.44 -40.78
C21 II0 IL . -26.16 -56.31 -58.49
C22 II0 IL . -13.31 -62.11 -43.73
C23 II0 IL . -25.20 -56.87 -57.74
C24 II0 IL . -14.65 -62.02 -43.95
C25 II0 IL . -24.55 -58.12 -57.10
C26 II0 IL . -15.88 -61.26 -44.50
C27 II0 IL . -23.35 -58.54 -57.94
C28 II0 IL . -15.75 -59.77 -44.17
C29 II0 IL . -24.11 -57.83 -55.67
C30 II0 IL . -15.88 -61.46 -46.02
C31 II0 IL . -23.88 -59.13 -54.84
C32 II0 IL . -17.11 -60.88 -46.80
C33 II0 IL . -22.64 -59.24 -54.34
C34 II0 IL . -16.71 -60.50 -48.04
C35 II0 IL . -21.60 -60.04 -53.53
C36 II0 IL . -18.15 -60.06 -48.35
C37 II0 IL . -20.83 -60.97 -54.47
C38 II0 IL . -18.26 -58.55 -48.21
C39 II0 IL . -20.62 -59.13 -52.79
C40 II0 IL . -18.46 -60.50 -49.79
C41 II0 IL . -19.70 -59.96 -51.86
C42 II0 IL . -19.39 -59.59 -50.62
O01 II0 IL . -27.54 -51.17 -60.43
O02 II0 IL . -9.02 -65.54 -42.77
MG CLA JL . 50.28 65.82 -27.19
CHA CLA JL . 50.93 68.65 -25.28
CHB CLA JL . 50.92 67.58 -30.02
CHC CLA JL . 49.87 62.94 -29.00
CHD CLA JL . 49.65 64.01 -24.22
NA CLA JL . 50.80 67.81 -27.56
C1A CLA JL . 51.05 68.84 -26.63
C2A CLA JL . 51.41 70.14 -27.36
C3A CLA JL . 51.22 69.79 -28.85
C4A CLA JL . 50.97 68.29 -28.84
CMA CLA JL . 50.06 70.53 -29.46
CAA CLA JL . 52.83 70.62 -27.08
CBA CLA JL . 53.87 70.06 -28.05
CGA CLA JL . 54.35 68.73 -27.54
O1A CLA JL . 54.94 68.49 -26.49
O2A CLA JL . 54.11 67.71 -28.41
NB CLA JL . 50.39 65.35 -29.14
C1B CLA JL . 50.67 66.21 -30.15
C2B CLA JL . 50.67 65.48 -31.45
C3B CLA JL . 50.37 64.17 -31.17
C4B CLA JL . 50.18 64.07 -29.70
CMB CLA JL . 50.93 66.13 -32.73
CAB CLA JL . 50.22 63.04 -32.06
CBB CLA JL . 51.02 61.98 -32.11
NC CLA JL . 49.81 63.85 -26.69
C1C CLA JL . 49.68 62.84 -27.61
C2C CLA JL . 49.35 61.59 -26.92
C3C CLA JL . 49.30 61.88 -25.57
C4C CLA JL . 49.59 63.30 -25.42
CMC CLA JL . 49.14 60.32 -27.61
CAC CLA JL . 49.01 60.94 -24.47
CBC CLA JL . 47.54 60.60 -24.30
ND CLA JL . 50.19 66.19 -25.21
C1D CLA JL . 49.94 65.36 -24.09
C2D CLA JL . 50.02 66.16 -22.86
C3D CLA JL . 50.41 67.43 -23.25
C4D CLA JL . 50.51 67.40 -24.72
CMD CLA JL . 49.77 65.64 -21.52
CAD CLA JL . 50.71 68.78 -22.82
OBD CLA JL . 50.66 69.27 -21.70
CBD CLA JL . 51.12 69.58 -24.10
CGD CLA JL . 50.36 70.87 -24.24
O1D CLA JL . 50.72 72.00 -23.89
O2D CLA JL . 49.15 70.73 -24.86
CED CLA JL . 48.59 71.89 -25.47
C1 CLA JL . 54.39 66.37 -27.96
C2 CLA JL . 54.28 65.47 -29.14
MG CLA KL . 45.60 65.81 -13.94
CHA CLA KL . 43.52 67.35 -16.24
CHB CLA KL . 42.94 65.19 -11.93
CHC CLA KL . 47.70 64.15 -11.78
CHD CLA KL . 48.33 66.41 -16.10
NA CLA KL . 43.56 66.23 -14.08
C1A CLA KL . 42.88 66.87 -15.12
C2A CLA KL . 41.38 66.94 -14.82
C3A CLA KL . 41.30 66.44 -13.37
C4A CLA KL . 42.69 65.89 -13.10
CMA CLA KL . 41.00 67.61 -12.49
CAA CLA KL . 40.53 66.07 -15.74
CBA CLA KL . 40.16 64.71 -15.16
CGA CLA KL . 41.29 63.78 -15.42
O1A CLA KL . 42.30 64.04 -16.06
O2A CLA KL . 41.15 62.51 -14.92
NB CLA KL . 45.37 64.85 -12.19
C1B CLA KL . 44.19 64.67 -11.54
C2B CLA KL . 44.41 63.87 -10.30
C3B CLA KL . 45.77 63.58 -10.26
C4B CLA KL . 46.38 64.21 -11.46
CMB CLA KL . 43.31 63.55 -9.40
CAB CLA KL . 46.62 62.85 -9.34
CBB CLA KL . 46.27 62.07 -8.33
NC CLA KL . 47.65 65.40 -13.93
C1C CLA KL . 48.30 64.73 -12.95
C2C CLA KL . 49.71 64.62 -13.25
C3C CLA KL . 49.88 65.22 -14.49
C4C CLA KL . 48.59 65.71 -14.92
CMC CLA KL . 50.70 63.97 -12.39
CAC CLA KL . 51.14 65.35 -15.25
CBC CLA KL . 51.20 64.23 -16.26
ND CLA KL . 45.94 66.72 -15.72
C1D CLA KL . 47.11 66.89 -16.49
C2D CLA KL . 46.76 67.64 -17.71
C3D CLA KL . 45.40 67.87 -17.66
C4D CLA KL . 44.93 67.26 -16.41
CMD CLA KL . 47.75 68.03 -18.72
CAD CLA KL . 44.25 68.46 -18.31
OBD CLA KL . 44.17 69.10 -19.35
CBD CLA KL . 43.02 68.13 -17.42
CGD CLA KL . 42.32 69.37 -16.93
O1D CLA KL . 41.11 69.60 -16.86
O2D CLA KL . 43.18 70.32 -16.47
CED CLA KL . 42.65 71.29 -15.56
C1 CLA KL . 41.45 62.23 -13.53
C2 CLA KL . 42.92 62.06 -13.40
C3 CLA KL . 43.55 61.01 -12.84
C4 CLA KL . 45.03 61.00 -12.77
C5 CLA KL . 42.82 59.84 -12.26
C6 CLA KL . 43.70 58.65 -11.92
C7 CLA KL . 42.96 57.32 -12.06
C8 CLA KL . 43.87 56.20 -12.54
C9 CLA KL . 43.07 54.93 -12.74
C10 CLA KL . 45.01 55.95 -11.56
C11 CLA KL . 45.91 54.81 -11.99
C12 CLA KL . 46.72 55.11 -13.25
C13 CLA KL . 47.88 56.06 -12.96
C14 CLA KL . 47.66 57.37 -13.69
C15 CLA KL . 49.23 55.44 -13.30
C16 CLA KL . 49.57 55.50 -14.78
C17 CLA KL . 49.62 54.13 -15.39
C18 CLA KL . 50.74 54.01 -16.41
C19 CLA KL . 50.44 52.97 -17.46
C20 CLA KL . 52.04 53.67 -15.70
MG CLA LL . 46.06 59.16 -4.38
CHA CLA LL . 42.63 59.54 -3.94
CHB CLA LL . 45.59 58.76 -7.71
CHC CLA LL . 49.43 58.55 -4.73
CHD CLA LL . 46.49 59.46 -0.89
NA CLA LL . 44.38 59.21 -5.61
C1A CLA LL . 43.04 59.39 -5.25
C2A CLA LL . 42.13 59.38 -6.47
C3A CLA LL . 43.11 59.11 -7.64
C4A CLA LL . 44.47 59.04 -6.96
CMA CLA LL . 42.79 57.80 -8.31
CAA CLA LL . 41.52 60.75 -6.70
CBA CLA LL . 40.70 60.84 -7.97
CGA CLA LL . 39.52 59.92 -7.88
O1A CLA LL . 38.54 60.00 -7.14
O2A CLA LL . 39.61 58.87 -8.74
NB CLA LL . 47.30 58.85 -5.94
C1B CLA LL . 46.90 58.61 -7.20
C2B CLA LL . 48.03 58.10 -8.03
C3B CLA LL . 49.12 58.03 -7.18
C4B CLA LL . 48.66 58.50 -5.85
CMB CLA LL . 47.84 57.74 -9.44
CAB CLA LL . 50.49 57.59 -7.35
CBB CLA LL . 51.00 56.82 -8.31
NC CLA LL . 47.67 59.06 -3.05
C1C CLA LL . 48.96 58.81 -3.40
C2C CLA LL . 49.80 58.81 -2.22
C3C CLA LL . 48.96 59.08 -1.14
C4C CLA LL . 47.63 59.25 -1.68
CMC CLA LL . 51.24 58.55 -2.20
CAC CLA LL . 49.29 59.21 0.28
CBC CLA LL . 49.69 60.63 0.63
ND CLA LL . 44.90 59.39 -2.75
C1D CLA LL . 45.20 59.51 -1.37
C2D CLA LL . 43.96 59.68 -0.60
C3D CLA LL . 42.93 59.65 -1.53
C4D CLA LL . 43.57 59.50 -2.86
CMD CLA LL . 43.88 59.79 0.85
CAD CLA LL . 41.51 59.72 -1.75
OBD CLA LL . 40.60 59.78 -0.93
CBD CLA LL . 41.27 59.71 -3.29
CGD CLA LL . 40.29 58.67 -3.71
O1D CLA LL . 39.15 58.85 -4.15
O2D CLA LL . 40.73 57.38 -3.60
CED CLA LL . 39.76 56.33 -3.65
C1 CLA LL . 38.37 58.26 -9.16
C2 CLA LL . 38.75 57.01 -9.85
C3 CLA LL . 39.17 56.97 -11.13
C4 CLA LL . 39.30 58.19 -11.96
C5 CLA LL . 39.54 55.67 -11.76
C6 CLA LL . 39.90 54.59 -10.77
MG CLA ML . 60.73 66.62 6.05
CHA CLA ML . 62.76 65.52 8.58
CHB CLA ML . 58.62 63.99 6.57
CHC CLA ML . 58.54 67.93 3.73
CHD CLA ML . 62.85 69.40 5.55
NA CLA ML . 60.72 65.02 7.38
C1A CLA ML . 61.64 64.76 8.39
C2A CLA ML . 61.23 63.53 9.17
C3A CLA ML . 59.99 62.98 8.42
C4A CLA ML . 59.72 64.08 7.38
CMA CLA ML . 60.25 61.65 7.78
CAA CLA ML . 60.80 64.00 10.56
CBA CLA ML . 59.79 65.13 10.64
CGA CLA ML . 60.42 66.49 10.80
O1A CLA ML . 61.16 66.90 11.68
O2A CLA ML . 60.10 67.34 9.77
NB CLA ML . 58.98 66.02 5.23
C1B CLA ML . 58.27 64.93 5.60
C2B CLA ML . 57.00 64.86 4.80
C3B CLA ML . 56.97 65.96 4.00
C4B CLA ML . 58.22 66.73 4.28
CMB CLA ML . 56.03 63.80 5.02
CAB CLA ML . 55.97 66.46 3.09
CBB CLA ML . 55.27 65.74 2.20
NC CLA ML . 60.71 68.36 4.88
C1C CLA ML . 59.68 68.72 4.05
C2C CLA ML . 59.93 70.01 3.44
C3C CLA ML . 61.19 70.42 3.90
C4C CLA ML . 61.65 69.37 4.82
CMC CLA ML . 58.99 70.67 2.53
CAC CLA ML . 61.91 71.70 3.64
CBC CLA ML . 62.32 71.99 2.21
ND CLA ML . 62.38 67.39 6.90
C1D CLA ML . 63.22 68.49 6.53
C2D CLA ML . 64.45 68.43 7.34
C3D CLA ML . 64.32 67.34 8.18
C4D CLA ML . 63.02 66.73 7.85
CMD CLA ML . 65.55 69.38 7.23
CAD CLA ML . 64.93 66.52 9.21
OBD CLA ML . 65.99 66.69 9.80
CBD CLA ML . 63.97 65.32 9.47
CGD CLA ML . 64.57 63.98 9.16
O1D CLA ML . 64.35 62.92 9.75
O2D CLA ML . 65.44 63.98 8.12
CED CLA ML . 65.81 62.72 7.55
C1 CLA ML . 60.71 68.64 9.79
C2 CLA ML . 60.28 69.36 8.56
C3 CLA ML . 59.98 70.67 8.52
C4 CLA ML . 60.05 71.54 9.71
C5 CLA ML . 59.57 71.32 7.25
C6 CLA ML . 58.22 72.02 7.35
C7 CLA ML . 57.88 72.74 6.07
C8 CLA ML . 56.39 73.06 5.96
C9 CLA ML . 55.60 71.78 5.81
C10 CLA ML . 56.12 74.00 4.80
C11 CLA ML . 54.66 74.34 4.65
C12 CLA ML . 54.23 75.46 5.57
C13 CLA ML . 53.08 76.26 4.97
C14 CLA ML . 53.55 77.66 4.60
C15 CLA ML . 51.88 76.34 5.91
C16 CLA ML . 50.73 75.52 5.38
C17 CLA ML . 49.38 76.10 5.76
C18 CLA ML . 48.24 75.11 5.59
C19 CLA ML . 48.22 74.49 4.21
C20 CLA ML . 46.90 75.77 5.86
MG CLA NL . 65.99 68.67 17.54
CHA CLA NL . 68.41 69.00 20.02
CHB CLA NL . 65.77 65.35 18.16
CHC CLA NL . 63.65 68.41 15.01
CHD CLA NL . 66.20 72.15 16.95
NA CLA NL . 66.94 67.40 18.90
C1A CLA NL . 67.91 67.72 19.87
C2A CLA NL . 68.32 66.46 20.66
C3A CLA NL . 67.35 65.38 20.14
C4A CLA NL . 66.63 66.07 18.98
CMA CLA NL . 68.04 64.09 19.77
CAA CLA NL . 68.09 66.57 22.16
CBA CLA NL . 69.39 66.46 22.94
CGA CLA NL . 69.21 67.00 24.33
O1A CLA NL . 70.08 67.26 25.18
O2A CLA NL . 67.90 67.21 24.68
NB CLA NL . 64.92 67.16 16.74
C1B CLA NL . 65.03 65.85 17.09
C2B CLA NL . 64.18 65.03 16.18
C3B CLA NL . 63.59 65.89 15.30
C4B CLA NL . 64.04 67.27 15.64
CMB CLA NL . 64.07 63.57 16.32
CAB CLA NL . 62.67 65.62 14.23
CBB CLA NL . 61.46 65.07 14.37
NC CLA NL . 65.08 70.05 16.24
C1C CLA NL . 64.13 69.72 15.31
C2C CLA NL . 63.69 70.93 14.62
C3C CLA NL . 64.42 72.00 15.15
C4C CLA NL . 65.29 71.42 16.16
CMC CLA NL . 62.67 70.98 13.57
CAC CLA NL . 64.32 73.43 14.79
CBC CLA NL . 65.46 73.98 13.97
ND CLA NL . 66.98 70.26 18.29
C1D CLA NL . 67.00 71.64 17.94
C2D CLA NL . 67.97 72.35 18.77
C3D CLA NL . 68.54 71.39 19.58
C4D CLA NL . 67.90 70.11 19.25
CMD CLA NL . 68.24 73.78 18.69
CAD CLA NL . 69.50 71.14 20.64
OBD CLA NL . 70.22 71.94 21.24
CBD CLA NL . 69.47 69.62 20.92
CGD CLA NL . 70.81 68.99 20.68
O1D CLA NL . 71.79 68.99 21.44
O2D CLA NL . 70.93 68.38 19.47
CED CLA NL . 72.17 67.71 19.16
MG CLA OL . 54.12 68.40 18.05
CHA CLA OL . 56.71 66.23 18.84
CHB CLA OL . 53.33 68.63 21.36
CHC CLA OL . 51.85 70.85 17.26
CHD CLA OL . 54.93 68.06 14.64
NA CLA OL . 54.88 67.52 19.78
C1A CLA OL . 55.98 66.67 19.91
C2A CLA OL . 56.18 66.27 21.37
C3A CLA OL . 54.90 66.79 22.06
C4A CLA OL . 54.32 67.74 21.01
CMA CLA OL . 53.94 65.67 22.33
CAA CLA OL . 57.38 67.00 21.94
CBA CLA OL . 57.74 66.54 23.34
CGA CLA OL . 58.97 67.25 23.83
O1A CLA OL . 59.62 67.03 24.85
O2A CLA OL . 59.39 68.26 23.01
NB CLA OL . 52.79 69.48 19.11
C1B CLA OL . 52.71 69.53 20.46
C2B CLA OL . 51.85 70.67 20.89
C3B CLA OL . 51.43 71.30 19.73
C4B CLA OL . 52.02 70.55 18.59
CMB CLA OL . 51.57 70.97 22.29
CAB CLA OL . 50.59 72.46 19.58
CBB CLA OL . 49.32 72.45 19.20
NC CLA OL . 53.47 69.25 16.26
C1C CLA OL . 52.52 70.23 16.17
C2C CLA OL . 52.31 70.60 14.78
C3C CLA OL . 53.19 69.82 14.03
C4C CLA OL . 53.92 68.97 14.97
CMC CLA OL . 51.36 71.61 14.33
CAC CLA OL . 53.37 69.83 12.57
CBC CLA OL . 52.33 69.02 11.83
ND CLA OL . 55.45 67.38 16.93
C1D CLA OL . 55.66 67.31 15.53
C2D CLA OL . 56.78 66.36 15.26
C3D CLA OL . 57.25 65.97 16.50
C4D CLA OL . 56.38 66.61 17.50
CMD CLA OL . 57.27 66.01 13.93
CAD CLA OL . 58.20 65.14 17.20
OBD CLA OL . 59.10 64.42 16.78
CBD CLA OL . 57.90 65.29 18.73
CGD CLA OL . 57.71 63.97 19.41
O1D CLA OL . 58.51 63.40 20.17
O2D CLA OL . 56.54 63.33 19.13
CED CLA OL . 56.26 62.13 19.84
C1 CLA OL . 59.99 69.40 23.65
C2 CLA OL . 60.57 70.23 22.55
C3 CLA OL . 60.58 71.57 22.57
C4 CLA OL . 60.02 72.36 23.69
C5 CLA OL . 61.18 72.34 21.44
C6 CLA OL . 60.22 73.34 20.83
MG CLA PL . 52.97 55.80 6.96
CHA CLA PL . 52.21 53.44 9.39
CHB CLA PL . 53.04 53.33 4.61
CHC CLA PL . 53.39 58.19 4.54
CHD CLA PL . 52.52 58.36 9.36
NA CLA PL . 52.75 53.72 7.03
C1A CLA PL . 52.41 52.92 8.13
C2A CLA PL . 52.31 51.44 7.72
C3A CLA PL . 52.79 51.44 6.26
C4A CLA PL . 52.87 52.93 5.92
CMA CLA PL . 54.10 50.72 6.11
CAA CLA PL . 50.90 50.87 7.83
CBA CLA PL . 50.17 50.69 6.50
CGA CLA PL . 49.34 51.90 6.21
O1A CLA PL . 49.33 52.96 6.82
O2A CLA PL . 48.53 51.78 5.10
NB CLA PL . 53.26 55.76 4.97
C1B CLA PL . 53.13 54.67 4.18
C2B CLA PL . 53.13 55.07 2.75
C3B CLA PL . 53.23 56.42 2.72
C4B CLA PL . 53.32 56.89 4.13
CMB CLA PL . 52.98 54.13 1.64
CAB CLA PL . 53.28 57.27 1.56
CBB CLA PL . 52.48 58.30 1.29
NC CLA PL . 53.04 57.89 6.97
C1C CLA PL . 53.26 58.65 5.87
C2C CLA PL . 53.27 60.06 6.22
C3C CLA PL . 52.95 60.13 7.58
C4C CLA PL . 52.81 58.76 8.04
CMC CLA PL . 53.50 61.14 5.26
CAC CLA PL . 52.84 61.35 8.39
CBC CLA PL . 51.49 62.01 8.22
ND CLA PL . 52.58 55.94 8.94
C1D CLA PL . 52.40 57.06 9.79
C2D CLA PL . 52.12 56.56 11.15
C3D CLA PL . 52.07 55.19 11.06
C4D CLA PL . 52.32 54.85 9.65
CMD CLA PL . 51.93 57.39 12.33
CAD CLA PL . 51.87 53.94 11.78
OBD CLA PL . 51.74 53.76 12.98
CBD CLA PL . 51.88 52.80 10.72
CGD CLA PL . 52.88 51.73 11.08
O1D CLA PL . 52.66 50.69 11.69
O2D CLA PL . 54.15 51.99 10.66
CED CLA PL . 55.14 51.00 10.92
C1 CLA PL . 47.20 51.27 5.29
C2 CLA PL . 46.35 52.33 5.91
C3 CLA PL . 45.75 53.33 5.24
C4 CLA PL . 44.92 54.33 5.95
C5 CLA PL . 45.85 53.46 3.77
C6 CLA PL . 44.57 53.90 3.08
C7 CLA PL . 44.77 55.18 2.30
C8 CLA PL . 43.74 55.41 1.19
C9 CLA PL . 42.34 55.06 1.63
C10 CLA PL . 44.10 54.62 -0.07
C11 CLA PL . 43.80 55.41 -1.32
C12 CLA PL . 44.44 54.79 -2.54
C13 CLA PL . 44.03 55.48 -3.84
C14 CLA PL . 43.02 54.66 -4.59
C15 CLA PL . 45.25 55.77 -4.71
C16 CLA PL . 45.89 54.51 -5.24
C17 CLA PL . 47.12 54.84 -6.06
C18 CLA PL . 47.19 53.97 -7.32
C19 CLA PL . 48.51 54.17 -8.03
C20 CLA PL . 46.04 54.27 -8.25
MG CLA QL . 42.48 63.05 3.21
CHA CLA QL . 41.34 63.22 -0.05
CHB CLA QL . 39.26 63.11 4.31
CHC CLA QL . 43.60 62.40 6.41
CHD CLA QL . 45.77 62.89 2.01
NA CLA QL . 40.63 63.22 2.27
C1A CLA QL . 40.35 63.25 0.90
C2A CLA QL . 38.85 63.34 0.66
C3A CLA QL . 38.28 63.60 2.06
C4A CLA QL . 39.46 63.28 2.96
CMA CLA QL . 37.87 65.03 2.25
CAA CLA QL . 38.30 62.03 0.14
CBA CLA QL . 36.81 62.11 -0.12
CGA CLA QL . 36.33 60.78 -0.62
O1A CLA QL . 35.84 60.51 -1.72
O2A CLA QL . 36.47 59.79 0.31
NB CLA QL . 41.59 62.63 4.98
C1B CLA QL . 40.27 62.86 5.25
C2B CLA QL . 40.02 62.86 6.70
C3B CLA QL . 41.24 62.66 7.32
C4B CLA QL . 42.26 62.53 6.22
CMB CLA QL . 38.67 63.15 7.20
CAB CLA QL . 41.65 62.62 8.70
CBB CLA QL . 40.90 62.60 9.81
NC CLA QL . 44.36 62.81 4.07
C1C CLA QL . 44.60 62.59 5.39
C2C CLA QL . 46.04 62.44 5.61
C3C CLA QL . 46.66 62.55 4.36
C4C CLA QL . 45.59 62.78 3.40
CMC CLA QL . 46.67 62.20 6.91
CAC CLA QL . 48.09 62.44 4.06
CBC CLA QL . 48.85 63.73 4.21
ND CLA QL . 43.42 63.39 1.46
C1D CLA QL . 44.78 63.16 1.09
C2D CLA QL . 44.91 63.21 -0.38
C3D CLA QL . 43.62 63.26 -0.86
C4D CLA QL . 42.73 63.29 0.32
CMD CLA QL . 46.17 63.15 -1.12
CAD CLA QL . 42.79 63.33 -2.05
OBD CLA QL . 43.11 63.50 -3.21
CBD CLA QL . 41.32 63.13 -1.56
CGD CLA QL . 40.33 64.06 -2.22
O1D CLA QL . 39.70 63.89 -3.26
O2D CLA QL . 40.13 65.21 -1.54
CED CLA QL . 40.95 66.29 -1.95
C1 CLA QL . 35.97 58.49 -0.03
C2 CLA QL . 36.46 57.61 1.05
C3 CLA QL . 37.69 57.05 1.04
C4 CLA QL . 38.64 57.24 -0.08
C5 CLA QL . 38.15 56.19 2.17
C6 CLA QL . 39.30 56.82 2.92
C7 CLA QL . 38.88 58.10 3.62
C8 CLA QL . 40.01 59.11 3.74
C9 CLA QL . 40.40 59.62 2.37
C10 CLA QL . 41.20 58.46 4.44
C11 CLA QL . 42.49 59.25 4.35
C12 CLA QL . 43.64 58.33 4.68
C13 CLA QL . 44.83 59.07 5.25
C14 CLA QL . 45.98 59.02 4.27
C15 CLA QL . 45.26 58.53 6.61
C16 CLA QL . 44.09 58.34 7.54
C17 CLA QL . 44.50 58.45 8.99
C18 CLA QL . 43.83 57.38 9.86
C19 CLA QL . 43.92 57.74 11.32
C20 CLA QL . 44.46 56.03 9.61
MG CLA RL . 49.81 77.41 -3.26
CHA CLA RL . 47.01 79.35 -2.58
CHB CLA RL . 50.55 79.41 -5.92
CHC CLA RL . 52.73 75.67 -3.70
CHD CLA RL . 49.10 75.49 -0.38
NA CLA RL . 48.87 79.06 -4.13
C1A CLA RL . 47.74 79.75 -3.68
C2A CLA RL . 47.42 80.93 -4.60
C3A CLA RL . 48.42 80.75 -5.76
C4A CLA RL . 49.37 79.67 -5.25
CMA CLA RL . 47.71 80.33 -7.00
CAA CLA RL . 47.67 82.27 -3.91
CBA CLA RL . 48.92 82.30 -3.05
CGA CLA RL . 50.09 82.79 -3.84
O1A CLA RL . 50.09 83.67 -4.68
O2A CLA RL . 51.27 82.14 -3.57
NB CLA RL . 51.33 77.52 -4.57
C1B CLA RL . 51.48 78.42 -5.56
C2B CLA RL . 52.78 78.22 -6.26
C3B CLA RL . 53.39 77.16 -5.63
C4B CLA RL . 52.48 76.69 -4.56
CMB CLA RL . 53.21 79.04 -7.38
CAB CLA RL . 54.66 76.50 -5.85
CBB CLA RL . 55.11 76.05 -7.02
NC CLA RL . 50.70 75.82 -2.27
C1C CLA RL . 51.89 75.25 -2.62
C2C CLA RL . 52.23 74.17 -1.71
C3C CLA RL . 51.22 74.15 -0.75
C4C CLA RL . 50.27 75.19 -1.10
CMC CLA RL . 53.42 73.35 -1.79
CAC CLA RL . 51.14 73.25 0.41
CBC CLA RL . 51.66 73.92 1.66
ND CLA RL . 48.34 77.28 -1.88
C1D CLA RL . 48.18 76.46 -0.73
C2D CLA RL . 46.94 76.83 -0.03
C3D CLA RL . 46.43 77.93 -0.71
C4D CLA RL . 47.36 78.19 -1.83
CMD CLA RL . 46.42 76.16 1.15
CAD CLA RL . 45.37 78.90 -0.81
OBD CLA RL . 44.33 78.99 -0.16
CBD CLA RL . 45.77 79.91 -1.93
CGD CLA RL . 44.64 80.17 -2.89
O1D CLA RL . 43.93 81.18 -2.95
O2D CLA RL . 44.38 79.16 -3.76
CED CLA RL . 43.36 79.37 -4.74
C1 CLA RL . 52.31 82.32 -4.56
C2 CLA RL . 53.56 81.59 -4.17
C3 CLA RL . 54.77 81.99 -4.61
C4 CLA RL . 54.93 83.17 -5.50
C5 CLA RL . 56.05 81.31 -4.26
C6 CLA RL . 55.93 80.06 -3.41
C7 CLA RL . 56.93 80.09 -2.28
C8 CLA RL . 58.30 79.45 -2.55
C9 CLA RL . 58.25 78.37 -3.62
C10 CLA RL . 58.86 78.86 -1.26
C11 CLA RL . 60.20 78.17 -1.46
C12 CLA RL . 60.63 77.39 -0.25
C13 CLA RL . 60.09 75.97 -0.28
C14 CLA RL . 59.93 75.40 1.12
C15 CLA RL . 60.97 75.05 -1.13
C16 CLA RL . 62.35 74.86 -0.53
C17 CLA RL . 63.36 74.49 -1.59
C18 CLA RL . 64.26 73.34 -1.17
C19 CLA RL . 65.01 73.64 0.12
C20 CLA RL . 65.24 72.99 -2.27
MG CLA SL . 57.48 74.80 -19.70
CHA CLA SL . 56.21 77.02 -17.36
CHB CLA SL . 57.15 77.15 -22.13
CHC CLA SL . 59.05 72.67 -21.89
CHD CLA SL . 57.78 72.37 -17.15
NA CLA SL . 56.76 76.77 -19.73
C1A CLA SL . 56.32 77.53 -18.64
C2A CLA SL . 55.89 78.93 -19.11
C3A CLA SL . 56.05 78.86 -20.65
C4A CLA SL . 56.72 77.51 -20.87
CMA CLA SL . 54.73 78.98 -21.34
CAA CLA SL . 56.79 80.03 -18.52
CBA CLA SL . 57.94 80.46 -19.41
CGA CLA SL . 59.10 79.51 -19.31
O1A CLA SL . 59.54 78.77 -20.19
O2A CLA SL . 59.68 79.50 -18.08
NB CLA SL . 58.03 74.90 -21.64
C1B CLA SL . 57.75 75.93 -22.47
C2B CLA SL . 58.18 75.58 -23.85
C3B CLA SL . 58.72 74.31 -23.80
C4B CLA SL . 58.63 73.87 -22.37
CMB CLA SL . 58.02 76.47 -24.99
CAB CLA SL . 59.29 73.50 -24.84
CBB CLA SL . 58.73 72.38 -25.33
NC CLA SL . 58.25 72.87 -19.54
C1C CLA SL . 58.87 72.20 -20.56
C2C CLA SL . 59.35 70.90 -20.09
C3C CLA SL . 58.97 70.80 -18.75
C4C CLA SL . 58.28 72.04 -18.41
CMC CLA SL . 60.07 69.96 -20.95
CAC CLA SL . 59.24 69.70 -17.79
CBC CLA SL . 58.52 68.41 -18.06
ND CLA SL . 57.01 74.62 -17.75
C1D CLA SL . 57.16 73.56 -16.83
C2D CLA SL . 56.63 73.99 -15.51
C3D CLA SL . 56.29 75.32 -15.65
C4D CLA SL . 56.56 75.67 -17.05
CMD CLA SL . 56.52 73.13 -14.34
CAD CLA SL . 55.73 76.47 -15.00
OBD CLA SL . 55.34 76.62 -13.84
CBD CLA SL . 55.71 77.62 -16.06
CGD CLA SL . 54.35 78.24 -16.18
O1D CLA SL . 53.47 77.99 -17.01
O2D CLA SL . 54.11 79.18 -15.24
CED CLA SL . 52.84 79.83 -15.26
C1 CLA SL . 61.04 80.00 -17.98
C2 CLA SL . 61.95 78.83 -18.12
C3 CLA SL . 62.88 78.46 -17.21
C4 CLA SL . 63.74 77.28 -17.43
C5 CLA SL . 63.08 79.22 -15.94
C6 CLA SL . 63.06 78.32 -14.72
C7 CLA SL . 63.45 79.08 -13.47
C8 CLA SL . 62.89 78.45 -12.20
C9 CLA SL . 62.93 79.47 -11.08
C10 CLA SL . 63.67 77.19 -11.83
C11 CLA SL . 63.34 76.64 -10.46
C12 CLA SL . 64.57 76.53 -9.59
C13 CLA SL . 64.26 75.98 -8.21
C14 CLA SL . 64.05 77.11 -7.21
C15 CLA SL . 65.33 75.02 -7.71
C16 CLA SL . 65.40 73.77 -8.56
C17 CLA SL . 66.77 73.57 -9.15
C18 CLA SL . 66.72 72.83 -10.48
C19 CLA SL . 68.12 72.53 -10.98
C20 CLA SL . 65.97 73.63 -11.52
NB KC2 TL . 60.28 74.83 -8.43
ND KC2 TL . 59.61 75.86 -12.27
C1A KC2 TL . 58.49 78.09 -10.28
C1B KC2 TL . 59.99 75.47 -7.30
C1C KC2 TL . 61.44 72.86 -10.47
C1D KC2 TL . 59.92 75.38 -13.57
C2A KC2 TL . 57.91 79.21 -9.47
C2B KC2 TL . 60.54 74.86 -6.07
C2C KC2 TL . 62.21 71.88 -11.24
C2D KC2 TL . 59.58 76.29 -14.69
C3A KC2 TL . 58.17 78.72 -8.06
C3B KC2 TL . 61.22 73.67 -6.62
C3C KC2 TL . 61.92 72.26 -12.63
C3D KC2 TL . 59.01 77.43 -13.93
C4A KC2 TL . 58.86 77.45 -8.37
C4B KC2 TL . 60.98 73.76 -8.06
C4C KC2 TL . 61.02 73.41 -12.47
C4D KC2 TL . 59.08 77.10 -12.59
CAA KC2 TL . 56.41 79.32 -9.67
CAB KC2 TL . 61.97 72.59 -5.96
CAC KC2 TL . 62.43 71.63 -13.90
CAD KC2 TL . 58.41 78.77 -14.02
CBA KC2 TL . 55.91 80.61 -9.06
CBB KC2 TL . 61.66 72.18 -4.74
CBC KC2 TL . 63.51 72.34 -14.25
CBD KC2 TL . 58.09 79.26 -12.67
CED KC2 TL . 60.76 81.89 -12.03
CGA KC2 TL . 56.54 81.78 -9.77
CGD KC2 TL . 58.77 80.55 -12.48
CHA KC2 TL . 58.52 78.17 -11.76
CHB KC2 TL . 59.24 76.73 -7.30
CHC KC2 TL . 61.50 72.78 -9.00
CHD KC2 TL . 60.52 74.06 -13.71
CMA KC2 TL . 59.19 79.64 -7.39
CMB KC2 TL . 60.41 75.33 -4.65
CMC KC2 TL . 63.09 70.78 -10.72
CMD KC2 TL . 59.69 76.26 -16.18
NA KC2 TL . 59.04 77.14 -9.65
NC KC2 TL . 60.75 73.75 -11.19
O1A KC2 TL . 57.45 82.40 -9.27
O1D KC2 TL . 58.22 81.57 -12.83
O2A KC2 TL . 56.05 82.18 -11.09
O2D KC2 TL . 60.09 80.66 -11.89
OBD KC2 TL . 58.20 79.41 -15.12
MG KC2 TL . 60.07 75.49 -10.32
MG CLA UL . 63.04 58.29 -13.11
CHA CLA UL . 65.79 56.18 -13.38
CHB CLA UL . 65.02 60.98 -13.75
CHC CLA UL . 60.27 60.31 -12.95
CHD CLA UL . 61.00 55.47 -12.48
NA CLA UL . 65.09 58.51 -13.48
C1A CLA UL . 66.07 57.51 -13.58
C2A CLA UL . 67.44 58.14 -13.87
C3A CLA UL . 67.17 59.65 -13.84
C4A CLA UL . 65.65 59.75 -13.69
CMA CLA UL . 67.89 60.32 -12.71
CAA CLA UL . 67.99 57.73 -15.23
CBA CLA UL . 67.21 58.29 -16.42
CGA CLA UL . 66.47 57.21 -17.13
O1A CLA UL . 66.61 56.00 -17.02
O2A CLA UL . 65.55 57.68 -18.03
NB CLA UL . 62.70 60.27 -13.33
C1B CLA UL . 63.64 61.21 -13.60
C2B CLA UL . 63.00 62.55 -13.72
C3B CLA UL . 61.66 62.36 -13.49
C4B CLA UL . 61.45 60.91 -13.22
CMB CLA UL . 63.77 63.77 -14.00
CAB CLA UL . 60.57 63.30 -13.45
CBB CLA UL . 60.25 64.18 -14.41
NC CLA UL . 61.01 57.95 -12.77
C1C CLA UL . 60.05 58.91 -12.74
C2C CLA UL . 58.75 58.32 -12.47
C3C CLA UL . 58.96 56.95 -12.34
C4C CLA UL . 60.38 56.72 -12.53
CMC CLA UL . 57.49 59.05 -12.37
CAC CLA UL . 57.98 55.90 -12.06
CBC CLA UL . 57.83 55.60 -10.60
ND CLA UL . 63.28 56.30 -12.90
C1D CLA UL . 62.35 55.26 -12.66
C2D CLA UL . 63.07 53.97 -12.62
C3D CLA UL . 64.39 54.27 -12.87
C4D CLA UL . 64.47 55.72 -13.05
CMD CLA UL . 62.42 52.70 -12.36
CAD CLA UL . 65.74 53.73 -13.01
OBD CLA UL . 66.14 52.59 -12.88
CBD CLA UL . 66.66 54.93 -13.41
CGD CLA UL . 67.86 55.06 -12.52
O1D CLA UL . 68.93 55.62 -12.78
O2D CLA UL . 67.73 54.47 -11.30
CED CLA UL . 68.81 53.62 -10.90
C1 CLA UL . 65.58 57.11 -19.35
C2 CLA UL . 64.77 58.02 -20.21
C3 CLA UL . 64.43 57.73 -21.48
C4 CLA UL . 64.83 56.46 -22.13
C5 CLA UL . 63.62 58.68 -22.29
C6 CLA UL . 64.21 58.96 -23.66
MG CLA VL . 56.13 51.51 -7.18
CHA CLA VL . 58.79 49.28 -7.01
CHB CLA VL . 56.20 51.32 -10.56
CHC CLA VL . 53.26 53.37 -7.29
CHD CLA VL . 55.94 51.47 -3.65
NA CLA VL . 57.36 50.52 -8.54
C1A CLA VL . 58.39 49.61 -8.28
C2A CLA VL . 59.02 49.12 -9.59
C3A CLA VL . 58.37 50.04 -10.64
C4A CLA VL . 57.21 50.67 -9.90
CMA CLA VL . 59.32 51.12 -11.08
CAA CLA VL . 58.67 47.65 -9.84
CBA CLA VL . 57.29 47.23 -9.37
CGA CLA VL . 57.18 45.74 -9.37
O1A CLA VL . 58.07 44.90 -9.31
O2A CLA VL . 55.88 45.31 -9.43
NB CLA VL . 55.03 52.33 -8.66
C1B CLA VL . 55.10 51.94 -9.96
C2B CLA VL . 53.84 52.26 -10.67
C3B CLA VL . 53.00 52.84 -9.74
C4B CLA VL . 53.76 52.90 -8.46
CMB CLA VL . 53.68 51.92 -12.09
CAB CLA VL . 51.64 53.36 -9.79
CBB CLA VL . 50.76 53.32 -10.79
NC CLA VL . 54.90 52.38 -5.73
C1C CLA VL . 53.81 53.15 -6.00
C2C CLA VL . 53.19 53.61 -4.77
C3C CLA VL . 53.90 53.00 -3.73
C4C CLA VL . 54.97 52.23 -4.34
CMC CLA VL . 52.02 54.48 -4.70
CAC CLA VL . 53.63 53.14 -2.29
CBC CLA VL . 52.70 52.07 -1.77
ND CLA VL . 57.13 50.68 -5.64
C1D CLA VL . 56.94 50.74 -4.24
C2D CLA VL . 58.00 49.92 -3.59
C3D CLA VL . 58.75 49.37 -4.60
C4D CLA VL . 58.15 49.85 -5.86
CMD CLA VL . 58.16 49.75 -2.16
CAD CLA VL . 59.87 48.52 -4.93
OBD CLA VL . 60.68 47.97 -4.20
CBD CLA VL . 59.91 48.41 -6.49
CGD CLA VL . 61.23 48.84 -7.04
O1D CLA VL . 61.50 49.87 -7.66
O2D CLA VL . 62.25 47.96 -6.80
CED CLA VL . 63.24 47.81 -7.81
C1 CLA VL . 55.38 44.55 -8.31
C2 CLA VL . 54.77 43.32 -8.85
C3 CLA VL . 53.48 43.22 -9.23
C4 CLA VL . 52.94 41.95 -9.77
C5 CLA VL . 52.55 44.40 -9.13
C6 CLA VL . 51.09 44.11 -9.36
C7 CLA VL . 50.60 44.71 -10.66
C8 CLA VL . 49.14 44.37 -10.93
C9 CLA VL . 48.99 42.87 -11.10
C10 CLA VL . 48.57 45.18 -12.09
C11 CLA VL . 48.47 44.45 -13.42
C12 CLA VL . 49.65 44.74 -14.32
C13 CLA VL . 49.43 46.02 -15.11
C14 CLA VL . 48.21 45.91 -16.00
C15 CLA VL . 50.65 46.35 -15.95
C16 CLA VL . 50.57 47.75 -16.51
C17 CLA VL . 51.95 48.33 -16.72
C18 CLA VL . 52.64 48.60 -15.39
C19 CLA VL . 53.98 47.91 -15.31
C20 CLA VL . 52.84 50.09 -15.22
C03 II0 WL . 53.62 81.55 1.05
C04 II0 WL . 66.01 64.94 -9.94
C05 II0 WL . 52.82 82.83 1.36
C06 II0 WL . 67.09 63.87 -9.80
C07 II0 WL . 51.83 83.17 0.24
C08 II0 WL . 66.67 62.81 -8.80
C09 II0 WL . 52.82 80.45 0.29
C10 II0 WL . 64.62 64.37 -10.33
C11 II0 WL . 50.79 82.06 0.07
C12 II0 WL . 65.31 62.16 -9.12
C13 II0 WL . 51.29 80.63 0.34
C14 II0 WL . 64.52 62.82 -10.28
C15 II0 WL . 54.82 81.95 0.16
C16 II0 WL . 54.17 81.04 2.42
C17 II0 WL . 65.99 65.75 -8.61
C18 II0 WL . 66.46 65.91 -11.08
C19 II0 WL . 50.65 79.71 -0.73
C20 II0 WL . 63.06 62.35 -10.19
C21 II0 WL . 53.11 79.04 0.88
C22 II0 WL . 63.47 65.00 -9.49
C23 II0 WL . 53.84 78.27 0.06
C24 II0 WL . 62.71 65.96 -10.11
C25 II0 WL . 54.53 76.92 -0.20
C26 II0 WL . 61.55 66.98 -10.11
C27 II0 WL . 55.49 76.67 0.94
C28 II0 WL . 61.63 67.82 -11.37
C29 II0 WL . 55.26 76.91 -1.57
C30 II0 WL . 61.66 67.88 -8.87
C31 II0 WL . 56.52 76.00 -1.54
C32 II0 WL . 60.35 68.64 -8.49
C33 II0 WL . 56.71 75.18 -2.59
C34 II0 WL . 60.58 69.97 -8.29
C35 II0 WL . 57.62 74.10 -3.21
C36 II0 WL . 59.08 70.14 -7.97
C37 II0 WL . 57.55 72.91 -2.25
C38 II0 WL . 58.46 71.12 -8.95
C39 II0 WL . 57.24 73.66 -4.63
C40 II0 WL . 58.94 70.63 -6.51
C41 II0 WL . 58.02 72.39 -5.02
C42 II0 WL . 58.12 71.93 -6.28
O01 II0 WL . 51.15 84.36 0.58
O02 II0 WL . 67.65 61.79 -8.76
C03 II0 XL . 45.82 59.26 -17.42
C04 II0 XL . 59.13 61.90 1.92
C05 II0 XL . 44.70 59.41 -18.47
C06 II0 XL . 60.42 61.29 2.49
C07 II0 XL . 43.45 60.03 -17.84
C08 II0 XL . 60.36 61.20 4.01
C09 II0 XL . 46.03 60.50 -16.51
C10 II0 XL . 57.78 61.41 2.55
C11 II0 XL . 43.73 61.39 -17.16
C12 II0 XL . 59.26 60.21 4.36
C13 II0 XL . 45.22 61.72 -16.97
C14 II0 XL . 57.88 60.77 3.98
C15 II0 XL . 45.40 58.07 -16.52
C16 II0 XL . 47.11 58.85 -18.19
C17 II0 XL . 59.20 63.44 2.15
C18 II0 XL . 59.19 61.66 0.39
C19 II0 XL . 45.35 62.90 -15.98
C20 II0 XL . 56.85 59.64 4.21
C21 II0 XL . 47.53 60.93 -16.45
C22 II0 XL . 56.94 60.53 1.57
C23 II0 XL . 48.07 60.76 -15.22
C24 II0 XL . 55.77 61.11 1.18
C25 II0 XL . 49.27 60.88 -14.26
C26 II0 XL . 54.45 61.13 0.38
C27 II0 XL . 50.28 59.81 -14.62
C28 II0 XL . 53.52 62.12 1.06
C29 II0 XL . 48.80 60.80 -12.80
C30 II0 XL . 54.76 61.50 -1.08
C31 II0 XL . 49.63 59.84 -11.90
C32 II0 XL . 53.69 62.15 -2.02
C33 II0 XL . 50.23 60.42 -10.84
C34 II0 XL . 53.37 61.28 -3.02
C35 II0 XL . 51.13 60.28 -9.59
C36 II0 XL . 52.41 62.29 -3.67
C37 II0 XL . 52.54 60.75 -9.96
C38 II0 XL . 50.95 62.07 -3.29
C39 II0 XL . 50.58 61.04 -8.38
C40 II0 XL . 52.63 62.12 -5.19
C41 II0 XL . 51.67 61.39 -7.34
C42 II0 XL . 51.41 61.79 -6.09
O01 II0 XL . 42.47 60.23 -18.83
O02 II0 XL . 61.60 60.73 4.50
C03 II0 YL . 54.04 68.95 -16.73
C04 II0 YL . 62.80 47.82 -13.52
C05 II0 YL . 52.97 70.04 -16.49
C06 II0 YL . 63.83 46.68 -13.46
C07 II0 YL . 51.91 70.20 -17.58
C08 II0 YL . 63.53 45.67 -12.35
C09 II0 YL . 53.99 68.29 -18.17
C10 II0 YL . 61.33 47.32 -13.57
C11 II0 YL . 51.42 68.83 -18.04
C12 II0 YL . 62.11 45.11 -12.51
C13 II0 YL . 52.55 68.07 -18.75
C14 II0 YL . 61.08 46.26 -12.49
C15 II0 YL . 55.37 69.73 -16.61
C16 II0 YL . 53.87 68.08 -15.42
C17 II0 YL . 62.99 48.72 -12.26
C18 II0 YL . 63.14 48.65 -14.78
C19 II0 YL . 52.16 66.58 -18.85
C20 II0 YL . 59.68 45.63 -12.69
C21 II0 YL . 54.89 67.09 -18.72
C22 II0 YL . 60.35 48.50 -13.30
C23 II0 YL . 55.57 66.40 -17.78
C24 II0 YL . 59.67 49.00 -14.38
C25 II0 YL . 56.54 65.28 -17.37
C26 II0 YL . 58.67 49.99 -15.01
C27 II0 YL . 57.19 65.60 -16.04
C28 II0 YL . 57.32 49.89 -14.33
C29 II0 YL . 55.80 63.95 -17.20
C30 II0 YL . 59.24 51.42 -14.81
C31 II0 YL . 56.59 62.82 -17.91
C32 II0 YL . 58.47 52.57 -15.53
C33 II0 YL . 57.21 61.95 -17.09
C34 II0 YL . 58.60 53.71 -14.80
C35 II0 YL . 58.10 60.70 -16.91
C36 II0 YL . 57.76 54.46 -15.85
C37 II0 YL . 59.44 61.13 -16.31
C38 II0 YL . 56.33 54.64 -15.36
C39 II0 YL . 57.43 59.62 -16.04
C40 II0 YL . 58.45 55.82 -16.11
C41 II0 YL . 58.17 58.28 -16.16
C42 II0 YL . 57.59 57.09 -15.97
O01 II0 YL . 50.81 70.91 -17.05
O02 II0 YL . 64.44 44.60 -12.44
C02 IHT ZL . 51.37 61.21 -19.68
C03 IHT ZL . 56.72 52.54 1.60
C04 IHT ZL . 50.94 61.07 -21.15
C05 IHT ZL . 56.60 51.90 3.00
C06 IHT ZL . 51.86 60.22 -22.04
C07 IHT ZL . 52.77 60.64 -19.47
C08 IHT ZL . 57.34 52.64 4.11
C09 IHT ZL . 53.33 60.58 -21.87
C10 IHT ZL . 53.71 60.70 -20.43
C11 IHT ZL . 56.62 54.08 1.73
C12 IHT ZL . 56.74 54.03 4.21
C13 IHT ZL . 50.36 60.50 -18.76
C14 IHT ZL . 51.37 62.71 -19.36
C15 IHT ZL . 56.78 54.74 2.88
C16 IHT ZL . 58.04 52.14 0.95
C17 IHT ZL . 55.57 52.00 0.75
C18 IHT ZL . 53.00 59.92 -18.23
C19 IHT ZL . 55.18 60.90 -20.17
C20 IHT ZL . 57.01 56.23 2.98
C21 IHT ZL . 56.36 54.81 0.55
C22 IHT ZL . 53.27 58.62 -18.23
C23 IHT ZL . 53.54 57.73 -17.12
C24 IHT ZL . 56.14 55.53 -0.39
C25 IHT ZL . 53.80 56.28 -17.43
C26 IHT ZL . 55.90 56.52 -1.39
C27 IHT ZL . 53.54 58.20 -15.85
C28 IHT ZL . 55.99 57.96 -0.93
C29 IHT ZL . 55.61 56.16 -2.66
C30 IHT ZL . 53.77 57.44 -14.67
C31 IHT ZL . 55.25 57.04 -3.72
C32 IHT ZL . 53.80 57.89 -13.40
C33 IHT ZL . 54.03 57.08 -12.22
C34 IHT ZL . 55.05 56.65 -4.98
C35 IHT ZL . 54.69 57.49 -6.10
C36 IHT ZL . 54.21 55.59 -12.42
C37 IHT ZL . 54.12 57.66 -11.01
C38 IHT ZL . 54.66 56.96 -7.35
C39 IHT ZL . 54.41 58.94 -5.83
C40 IHT ZL . 54.37 57.02 -9.76
C41 IHT ZL . 54.39 57.64 -8.57
O01 IHT ZL . 57.18 51.95 5.35
C03 II0 AM . 47.20 68.51 3.88
C04 II0 AM . 62.23 65.83 20.61
C05 II0 AM . 45.93 68.93 3.11
C06 II0 AM . 63.03 65.62 21.91
C07 II0 AM . 46.00 70.34 2.51
C08 II0 AM . 64.38 66.30 21.94
C09 II0 AM . 48.52 68.69 3.06
C10 II0 AM . 62.50 67.14 19.77
C11 II0 AM . 47.38 70.73 1.93
C12 II0 AM . 64.18 67.79 21.65
C13 II0 AM . 48.32 69.52 1.76
C14 II0 AM . 63.74 67.97 20.19
C15 II0 AM . 47.22 69.26 5.23
C16 II0 AM . 47.07 66.99 4.18
C17 II0 AM . 62.55 64.62 19.68
C18 II0 AM . 60.76 65.69 21.05
C19 II0 AM . 49.64 70.04 1.16
C20 II0 AM . 63.57 69.49 19.95
C21 II0 AM . 49.70 69.20 3.94
C22 II0 AM . 61.22 68.02 19.66
C23 II0 AM . 50.76 68.35 3.94
C24 II0 AM . 60.70 68.13 18.39
C25 II0 AM . 52.19 67.91 4.32
C26 II0 AM . 59.65 68.70 17.42
C27 II0 AM . 52.32 66.40 4.21
C28 II0 AM . 58.61 69.43 18.26
C29 II0 AM . 52.61 68.45 5.70
C30 II0 AM . 60.34 69.69 16.46
C31 II0 AM . 53.73 67.60 6.37
C32 II0 AM . 59.54 70.11 15.17
C33 II0 AM . 54.60 68.30 7.12
C34 II0 AM . 58.68 69.17 14.71
C35 II0 AM . 55.85 68.31 8.02
C36 II0 AM . 58.29 70.14 13.57
C37 II0 AM . 57.08 68.43 7.13
C38 II0 AM . 57.03 70.90 13.93
C39 II0 AM . 55.84 69.42 9.07
C40 II0 AM . 58.11 69.30 12.29
C41 II0 AM . 56.93 69.12 10.13
C42 II0 AM . 56.97 69.72 11.33
O01 II0 AM . 45.06 70.42 1.47
O02 II0 AM . 64.95 66.15 23.21
O1 LHG BM . 54.24 53.36 17.61
C1 LHG BM . 54.81 54.21 18.61
C2 LHG BM . 53.69 54.94 19.31
O2 LHG BM . 52.86 54.06 20.02
C3 LHG BM . 52.78 55.68 18.37
O3 LHG BM . 52.08 54.57 17.83
P LHG BM . 51.40 54.64 16.36
O4 LHG BM . 50.48 53.48 16.24
O5 LHG BM . 52.49 55.17 15.49
O6 LHG BM . 50.36 55.89 16.73
C4 LHG BM . 50.28 57.01 15.90
C5 LHG BM . 48.79 57.15 15.58
C6 LHG BM . 48.04 55.82 15.59
O7 LHG BM . 48.22 57.98 16.59
C7 LHG BM . 48.32 59.31 16.31
O9 LHG BM . 48.93 60.08 17.04
C8 LHG BM . 47.41 59.70 15.20
C9 LHG BM . 46.05 60.01 15.77
C10 LHG BM . 44.99 59.41 14.87
O8 LHG BM . 48.62 55.10 14.50
C23 LHG BM . 47.94 55.15 13.31
O10 LHG BM . 46.88 55.73 13.24
C24 LHG BM . 48.36 54.24 12.18
C11 LHG BM . 44.33 60.62 14.27
C12 LHG BM . 43.52 61.33 15.32
C13 LHG BM . 42.09 61.47 14.83
C14 LHG BM . 41.94 62.47 13.71
C15 LHG BM . 42.41 63.81 14.26
C16 LHG BM . 41.34 64.38 15.13
C17 LHG BM . 40.15 64.82 14.30
C18 LHG BM . 39.46 65.82 15.19
C19 LHG BM . 38.06 66.18 14.74
C20 LHG BM . 37.73 67.34 15.66
C21 LHG BM . 36.31 67.77 15.44
C22 LHG BM . 35.39 66.68 15.95
C25 LHG BM . 47.64 54.49 10.87
C26 LHG BM . 48.51 54.42 9.63
C27 LHG BM . 48.32 55.78 9.01
C28 LHG BM . 49.23 56.09 7.83
C29 LHG BM . 48.86 57.49 7.38
C30 LHG BM . 49.39 57.91 6.04
C31 LHG BM . 49.35 56.85 4.96
C32 LHG BM . 49.31 57.40 3.55
C33 LHG BM . 49.68 56.26 2.63
C34 LHG BM . 48.52 55.46 2.09
C35 LHG BM . 48.37 55.64 0.60
C36 LHG BM . 49.37 54.74 -0.10
C37 LHG BM . 49.45 55.20 -1.52
C38 LHG BM . 48.17 55.03 -2.30
O1 LHG CM . 53.62 74.98 -26.46
C1 LHG CM . 53.06 74.75 -25.17
C2 LHG CM . 54.17 74.78 -24.15
O2 LHG CM . 55.19 73.87 -24.48
C3 LHG CM . 53.70 74.45 -22.74
O3 LHG CM . 54.69 73.52 -22.33
P LHG CM . 54.72 72.89 -20.85
O4 LHG CM . 53.34 72.42 -20.54
O5 LHG CM . 55.68 73.74 -20.11
O6 LHG CM . 55.48 71.47 -21.31
C4 LHG CM . 54.78 70.25 -21.36
C5 LHG CM . 55.59 69.39 -22.35
C6 LHG CM . 56.50 68.37 -21.63
O7 LHG CM . 54.64 68.72 -23.22
C7 LHG CM . 54.17 67.49 -22.81
O9 LHG CM . 53.40 67.36 -21.88
C8 LHG CM . 54.28 66.53 -23.94
C9 LHG CM . 53.52 65.27 -23.59
C10 LHG CM . 54.22 64.07 -24.17
O8 LHG CM . 57.24 67.73 -22.68
C23 LHG CM . 57.95 66.60 -22.35
O10 LHG CM . 59.16 66.59 -22.47
C24 LHG CM . 57.23 65.30 -22.03
C11 LHG CM . 53.38 63.78 -25.39
C12 LHG CM . 54.01 62.65 -26.15
C13 LHG CM . 53.21 62.43 -27.40
C14 LHG CM . 54.02 61.72 -28.46
C25 LHG CM . 58.07 64.17 -21.46
C26 LHG CM . 58.80 63.29 -22.48
C27 LHG CM . 57.74 62.34 -22.96
C28 LHG CM . 58.16 60.90 -23.10
C29 LHG CM . 57.91 60.52 -24.56
C30 LHG CM . 56.74 59.60 -24.82
C31 LHG CM . 56.38 59.39 -26.29
C32 LHG CM . 55.23 58.42 -26.54
C33 LHG CM . 54.03 58.93 -25.77
C34 LHG CM . 52.85 57.98 -25.70
C1B LMU DM . -9.04 -8.93 -55.68
C2B LMU DM . -9.50 -7.56 -56.03
C3B LMU DM . -8.92 -6.53 -55.17
C4B LMU DM . -8.98 -6.82 -53.72
C5B LMU DM . -8.38 -8.20 -53.34
C6B LMU DM . -9.32 -8.97 -52.59
O1B LMU DM . -8.61 -9.63 -56.86
O2B LMU DM . -9.16 -7.28 -57.43
O3B LMU DM . -9.61 -5.25 -55.42
O4' LMU DM . -8.24 -5.81 -53.02
O5B LMU DM . -7.99 -8.93 -54.64
O6B LMU DM . -8.86 -10.32 -52.55
C1' LMU DM . -4.62 -10.96 -57.30
C2' LMU DM . -5.53 -11.65 -56.34
C3' LMU DM . -6.95 -11.39 -56.60
C4' LMU DM . -7.20 -9.95 -56.85
C5' LMU DM . -6.55 -9.57 -58.22
C6' LMU DM . -6.11 -8.23 -58.22
O1' LMU DM . -3.58 -11.83 -57.67
O2' LMU DM . -5.30 -13.11 -56.43
O3' LMU DM . -7.73 -11.89 -55.44
O5' LMU DM . -5.35 -10.50 -58.50
O6' LMU DM . -4.97 -8.14 -59.03
C1 LMU DM . -2.31 -11.31 -57.30
C2 LMU DM . -1.84 -12.07 -56.04
C3 LMU DM . -0.53 -11.46 -55.45
C4 LMU DM . -0.49 -11.57 -53.88
C5 LMU DM . 0.75 -12.34 -53.38
C6 LMU DM . 1.17 -11.89 -51.93
C7 LMU DM . 0.82 -12.96 -50.87
C8 LMU DM . 0.89 -12.38 -49.44
C9 LMU DM . 1.15 -13.45 -48.39
C10 LMU DM . 2.23 -13.02 -47.37
C11 LMU DM . 2.02 -13.67 -45.99
C12 LMU DM . 3.32 -13.77 -45.20
MG CLA EM . -9.05 -31.22 -75.41
CHA CLA EM . -7.70 -29.56 -78.15
CHB CLA EM . -11.40 -32.64 -77.43
CHC CLA EM . -10.23 -32.98 -72.71
CHD CLA EM . -6.57 -29.77 -73.37
NA CLA EM . -9.48 -31.08 -77.46
C1A CLA EM . -8.78 -30.36 -78.44
C2A CLA EM . -9.43 -30.57 -79.82
C3A CLA EM . -10.68 -31.41 -79.50
C4A CLA EM . -10.52 -31.76 -78.03
CMA CLA EM . -11.95 -30.65 -79.76
CAA CLA EM . -8.50 -31.33 -80.76
CBA CLA EM . -8.77 -32.82 -80.87
CGA CLA EM . -7.80 -33.63 -80.07
O1A CLA EM . -7.59 -34.84 -80.12
O2A CLA EM . -7.06 -32.89 -79.17
NB CLA EM . -10.52 -32.57 -75.13
C1B CLA EM . -11.38 -33.02 -76.08
C2B CLA EM . -12.34 -33.99 -75.46
C3B CLA EM . -12.02 -34.10 -74.13
C4B CLA EM . -10.87 -33.18 -73.90
CMB CLA EM . -13.40 -34.65 -76.22
CAB CLA EM . -12.63 -34.88 -73.09
CBB CLA EM . -12.04 -35.85 -72.39
NC CLA EM . -8.52 -31.32 -73.41
C1C CLA EM . -9.13 -32.12 -72.48
C2C CLA EM . -8.50 -31.97 -71.18
C3C CLA EM . -7.46 -31.07 -71.36
C4C CLA EM . -7.47 -30.66 -72.76
CMC CLA EM . -8.93 -32.66 -69.96
CAC CLA EM . -6.53 -30.57 -70.34
CBC CLA EM . -7.16 -29.41 -69.64
ND CLA EM . -7.53 -29.91 -75.62
C1D CLA EM . -6.58 -29.41 -74.69
C2D CLA EM . -5.67 -28.47 -75.40
C3D CLA EM . -6.06 -28.49 -76.73
C4D CLA EM . -7.20 -29.42 -76.81
CMD CLA EM . -4.60 -27.72 -74.76
CAD CLA EM . -5.82 -27.96 -78.05
OBD CLA EM . -5.00 -27.12 -78.42
CBD CLA EM . -6.82 -28.67 -79.01
CGD CLA EM . -7.62 -27.71 -79.86
O1D CLA EM . -8.00 -27.89 -81.01
O2D CLA EM . -7.93 -26.53 -79.25
CED CLA EM . -7.92 -25.33 -80.03
C1 CLA EM . -6.99 -33.42 -77.84
C2 CLA EM . -5.64 -33.09 -77.29
C3 CLA EM . -5.34 -33.19 -75.98
C4 CLA EM . -4.00 -32.85 -75.46
C5 CLA EM . -6.34 -33.62 -74.97
C6 CLA EM . -6.20 -35.08 -74.58
C7 CLA EM . -7.15 -35.44 -73.45
C8 CLA EM . -8.11 -36.57 -73.84
C9 CLA EM . -7.34 -37.82 -74.25
C10 CLA EM . -9.12 -36.09 -74.88
C11 CLA EM . -9.10 -36.77 -76.23
C12 CLA EM . -9.73 -35.89 -77.29
C13 CLA EM . -10.27 -36.67 -78.48
C14 CLA EM . -9.23 -37.61 -79.05
C15 CLA EM . -10.76 -35.74 -79.58
C16 CLA EM . -12.22 -35.97 -79.91
C17 CLA EM . -12.67 -35.14 -81.10
C18 CLA EM . -14.18 -35.10 -81.22
C19 CLA EM . -14.67 -33.71 -81.60
C20 CLA EM . -14.67 -36.11 -82.23
MG CLA FM . -0.47 -20.28 -73.04
CHA CLA FM . -3.76 -19.50 -73.83
CHB CLA FM . -0.19 -17.34 -71.35
CHC CLA FM . 2.71 -21.19 -72.12
CHD CLA FM . -0.87 -23.39 -74.67
NA CLA FM . -1.77 -18.68 -72.70
C1A CLA FM . -3.11 -18.55 -73.09
C2A CLA FM . -3.69 -17.21 -72.61
C3A CLA FM . -2.48 -16.49 -72.00
C4A CLA FM . -1.38 -17.57 -72.00
CMA CLA FM . -2.11 -15.32 -72.86
CAA CLA FM . -4.77 -17.38 -71.55
CBA CLA FM . -4.43 -18.42 -70.51
CGA CLA FM . -4.00 -17.73 -69.25
O1A CLA FM . -4.21 -16.57 -68.91
O2A CLA FM . -3.29 -18.52 -68.41
NB CLA FM . 0.97 -19.43 -71.92
C1B CLA FM . 0.90 -18.23 -71.30
C2B CLA FM . 2.17 -17.95 -70.59
C3B CLA FM . 3.00 -19.03 -70.80
C4B CLA FM . 2.24 -19.99 -71.67
CMB CLA FM . 2.42 -16.73 -69.84
CAB CLA FM . 4.34 -19.27 -70.37
CBB CLA FM . 4.69 -19.84 -69.22
NC CLA FM . 0.72 -21.96 -73.40
C1C CLA FM . 2.00 -22.10 -72.96
C2C CLA FM . 2.54 -23.39 -73.40
C3C CLA FM . 1.51 -24.04 -74.07
C4C CLA FM . 0.37 -23.14 -74.05
CMC CLA FM . 3.90 -23.86 -73.13
CAC CLA FM . 1.56 -25.37 -74.70
CBC CLA FM . 1.08 -26.47 -73.79
ND CLA FM . -1.88 -21.21 -74.15
C1D CLA FM . -1.93 -22.51 -74.72
C2D CLA FM . -3.25 -22.71 -75.34
C3D CLA FM . -3.98 -21.57 -75.07
C4D CLA FM . -3.10 -20.69 -74.28
CMD CLA FM . -3.64 -23.91 -76.07
CAD CLA FM . -5.24 -20.88 -75.23
OBD CLA FM . -6.23 -21.18 -75.89
CBD CLA FM . -5.18 -19.60 -74.36
CGD CLA FM . -5.68 -18.41 -75.12
O1D CLA FM . -6.85 -18.18 -75.43
O2D CLA FM . -4.76 -17.48 -75.51
CED CLA FM . -5.24 -16.15 -75.62
C1 CLA FM . -1.86 -18.42 -68.49
C2 CLA FM . -1.31 -18.50 -67.12
C3 CLA FM . -0.14 -19.09 -66.82
C4 CLA FM . 0.72 -19.71 -67.84
C5 CLA FM . 0.32 -19.12 -65.40
C6 CLA FM . 0.95 -20.43 -64.98
C7 CLA FM . 0.93 -20.53 -63.46
C8 CLA FM . 1.62 -21.77 -62.90
C9 CLA FM . 3.10 -21.52 -62.78
C10 CLA FM . 1.30 -23.00 -63.75
C11 CLA FM . 2.20 -24.19 -63.47
C12 CLA FM . 2.35 -25.05 -64.69
C13 CLA FM . 3.24 -26.25 -64.42
C14 CLA FM . 4.57 -26.11 -65.12
C15 CLA FM . 2.55 -27.55 -64.83
C16 CLA FM . 2.70 -28.61 -63.76
C17 CLA FM . 3.00 -29.96 -64.36
C18 CLA FM . 2.65 -31.09 -63.40
C19 CLA FM . 1.83 -32.16 -64.09
C20 CLA FM . 3.90 -31.68 -62.80
MG CLA GM . 8.36 -17.35 -66.15
CHA CLA GM . 6.81 -14.30 -65.48
CHB CLA GM . 5.34 -18.91 -65.95
CHC CLA GM . 9.95 -20.39 -66.36
CHD CLA GM . 11.49 -15.73 -66.03
NA CLA GM . 6.40 -16.66 -65.87
C1A CLA GM . 5.95 -15.37 -65.59
C2A CLA GM . 4.42 -15.35 -65.42
C3A CLA GM . 4.01 -16.82 -65.59
C4A CLA GM . 5.34 -17.53 -65.85
CMA CLA GM . 3.40 -17.35 -64.33
CAA CLA GM . 3.73 -14.54 -66.51
CBA CLA GM . 2.23 -14.58 -66.44
CGA CLA GM . 1.74 -13.70 -65.33
O1A CLA GM . 1.92 -12.49 -65.19
O2A CLA GM . 1.02 -14.36 -64.39
NB CLA GM . 7.75 -19.26 -66.27
C1B CLA GM . 6.48 -19.70 -66.11
C2B CLA GM . 6.46 -21.19 -66.07
C3B CLA GM . 7.76 -21.61 -66.19
C4B CLA GM . 8.59 -20.39 -66.30
CMB CLA GM . 5.23 -21.95 -65.87
CAB CLA GM . 8.34 -22.92 -66.15
CBB CLA GM . 8.19 -23.82 -65.17
NC CLA GM . 10.35 -17.93 -66.25
C1C CLA GM . 10.77 -19.23 -66.33
C2C CLA GM . 12.22 -19.29 -66.31
C3C CLA GM . 12.68 -17.98 -66.22
C4C CLA GM . 11.49 -17.12 -66.19
CMC CLA GM . 12.97 -20.55 -66.33
CAC CLA GM . 14.09 -17.56 -66.14
CBC CLA GM . 14.60 -16.82 -67.35
ND CLA GM . 9.05 -15.46 -65.91
C1D CLA GM . 10.37 -14.94 -65.88
C2D CLA GM . 10.30 -13.48 -65.65
C3D CLA GM . 8.97 -13.18 -65.45
C4D CLA GM . 8.23 -14.45 -65.61
CMD CLA GM . 11.46 -12.60 -65.60
CAD CLA GM . 7.99 -12.15 -65.17
OBD CLA GM . 8.16 -10.97 -64.93
CBD CLA GM . 6.59 -12.83 -65.16
CGD CLA GM . 5.89 -12.66 -63.84
O1D CLA GM . 6.30 -12.98 -62.72
O2D CLA GM . 4.67 -12.06 -63.95
CED CLA GM . 4.10 -11.51 -62.76
C1 CLA GM . 1.28 -14.02 -63.02
C2 CLA GM . 0.55 -15.01 -62.20
C3 CLA GM . 0.91 -15.35 -60.95
C4 CLA GM . 0.14 -16.36 -60.17
C5 CLA GM . 2.08 -14.74 -60.27
C6 CLA GM . 3.10 -15.79 -59.89
C7 CLA GM . 4.33 -15.17 -59.25
C8 CLA GM . 5.44 -16.20 -59.10
C9 CLA GM . 4.99 -17.35 -58.21
C10 CLA GM . 6.72 -15.57 -58.56
C11 CLA GM . 6.56 -15.03 -57.16
C12 CLA GM . 7.62 -15.59 -56.22
C13 CLA GM . 8.22 -14.52 -55.33
C14 CLA GM . 9.02 -13.53 -56.15
C15 CLA GM . 9.07 -15.14 -54.24
C16 CLA GM . 9.45 -14.12 -53.18
C17 CLA GM . 10.05 -14.80 -51.96
C18 CLA GM . 10.55 -13.77 -50.94
C19 CLA GM . 9.40 -13.13 -50.21
C20 CLA GM . 11.49 -14.44 -49.96
MG CLA HM . 24.71 -19.97 -77.31
CHA CLA HM . 28.04 -20.60 -76.63
CHB CLA HM . 24.18 -19.19 -74.05
CHC CLA HM . 21.42 -19.33 -78.06
CHD CLA HM . 25.30 -20.79 -80.70
NA CLA HM . 25.94 -19.88 -75.63
C1A CLA HM . 27.30 -20.19 -75.55
C2A CLA HM . 27.82 -19.95 -74.14
C3A CLA HM . 26.55 -19.61 -73.33
C4A CLA HM . 25.46 -19.53 -74.40
CMA CLA HM . 26.25 -20.66 -72.29
CAA CLA HM . 28.76 -18.76 -74.11
CBA CLA HM . 28.24 -17.50 -74.79
CGA CLA HM . 28.79 -17.34 -76.18
O1A CLA HM . 29.96 -17.13 -76.53
O2A CLA HM . 27.83 -17.48 -77.15
NB CLA HM . 23.08 -19.49 -76.24
C1B CLA HM . 23.10 -19.08 -74.95
C2B CLA HM . 21.79 -18.47 -74.57
C3B CLA HM . 21.01 -18.51 -75.70
C4B CLA HM . 21.82 -19.14 -76.78
CMB CLA HM . 21.53 -17.92 -73.24
CAB CLA HM . 19.67 -18.01 -75.94
CBB CLA HM . 18.59 -18.32 -75.22
NC CLA HM . 23.58 -20.03 -79.07
C1C CLA HM . 22.25 -19.71 -79.15
C2C CLA HM . 21.78 -19.89 -80.52
C3C CLA HM . 22.88 -20.30 -81.27
C4C CLA HM . 24.01 -20.39 -80.35
CMC CLA HM . 20.40 -19.65 -80.97
CAC CLA HM . 22.90 -20.65 -82.69
CBC CLA HM . 22.81 -22.14 -82.88
ND CLA HM . 26.31 -20.38 -78.49
C1D CLA HM . 26.40 -20.77 -79.86
C2D CLA HM . 27.78 -21.20 -80.16
C3D CLA HM . 28.45 -21.16 -78.95
C4D CLA HM . 27.48 -20.68 -77.95
CMD CLA HM . 28.26 -21.61 -81.48
CAD CLA HM . 29.71 -21.36 -78.28
OBD CLA HM . 30.81 -21.68 -78.73
CBD CLA HM . 29.45 -21.14 -76.76
CGD CLA HM . 29.56 -22.42 -76.00
O1D CLA HM . 29.85 -22.59 -74.82
O2D CLA HM . 29.29 -23.53 -76.76
CED CLA HM . 28.64 -24.63 -76.11
C1 CLA HM . 28.17 -16.99 -78.47
C2 CLA HM . 27.04 -17.34 -79.37
C3 CLA HM . 26.92 -16.87 -80.62
C4 CLA HM . 27.88 -15.93 -81.23
C5 CLA HM . 25.77 -17.28 -81.47
C6 CLA HM . 24.67 -16.24 -81.52
C7 CLA HM . 23.40 -16.79 -80.91
C8 CLA HM . 22.18 -15.90 -81.17
C9 CLA HM . 22.02 -15.62 -82.65
C10 CLA HM . 22.30 -14.59 -80.40
C11 CLA HM . 21.06 -14.31 -79.58
C12 CLA HM . 20.53 -12.92 -79.83
C13 CLA HM . 19.92 -12.79 -81.22
C14 CLA HM . 20.59 -11.67 -82.01
C15 CLA HM . 18.42 -12.55 -81.16
C16 CLA HM . 18.09 -11.30 -80.36
C17 CLA HM . 16.62 -10.96 -80.44
C18 CLA HM . 16.31 -9.55 -79.96
C19 CLA HM . 14.82 -9.28 -80.02
C20 CLA HM . 16.80 -9.35 -78.54
MG CLA IM . 31.61 -8.30 -75.17
CHA CLA IM . 33.73 -10.85 -74.11
CHB CLA IM . 34.13 -6.05 -74.79
CHC CLA IM . 29.52 -5.85 -76.34
CHD CLA IM . 29.03 -10.69 -75.54
NA CLA IM . 33.61 -8.46 -74.53
C1A CLA IM . 34.32 -9.61 -74.15
C2A CLA IM . 35.76 -9.25 -73.78
C3A CLA IM . 35.80 -7.71 -73.90
C4A CLA IM . 34.42 -7.36 -74.46
CMA CLA IM . 36.04 -7.05 -72.57
CAA CLA IM . 36.81 -9.88 -74.69
CBA CLA IM . 37.20 -9.00 -75.87
CGA CLA IM . 36.30 -9.23 -77.03
O1A CLA IM . 35.12 -8.92 -77.17
O2A CLA IM . 36.93 -9.91 -78.05
NB CLA IM . 31.79 -6.33 -75.52
C1B CLA IM . 32.90 -5.59 -75.29
C2B CLA IM . 32.63 -4.16 -75.65
C3B CLA IM . 31.34 -4.09 -76.08
C4B CLA IM . 30.78 -5.48 -76.00
CMB CLA IM . 33.63 -3.10 -75.52
CAB CLA IM . 30.55 -2.98 -76.53
CBB CLA IM . 30.22 -1.92 -75.78
NC CLA IM . 29.63 -8.28 -75.80
C1C CLA IM . 28.97 -7.15 -76.24
C2C CLA IM . 27.61 -7.49 -76.63
C3C CLA IM . 27.46 -8.86 -76.41
C4C CLA IM . 28.73 -9.34 -75.90
CMC CLA IM . 26.63 -6.54 -77.14
CAC CLA IM . 26.24 -9.65 -76.70
CBC CLA IM . 25.51 -10.15 -75.49
ND CLA IM . 31.35 -10.29 -74.85
C1D CLA IM . 30.23 -11.14 -75.05
C2D CLA IM . 30.60 -12.52 -74.65
C3D CLA IM . 31.93 -12.46 -74.29
C4D CLA IM . 32.36 -11.06 -74.45
CMD CLA IM . 29.70 -13.66 -74.67
CAD CLA IM . 33.06 -13.22 -73.80
OBD CLA IM . 33.13 -14.41 -73.53
CBD CLA IM . 34.26 -12.23 -73.70
CGD CLA IM . 34.85 -12.22 -72.31
O1D CLA IM . 35.81 -12.88 -71.90
O2D CLA IM . 34.22 -11.37 -71.45
CED CLA IM . 34.85 -11.12 -70.19
C1 CLA IM . 36.44 -9.68 -79.38
C2 CLA IM . 37.11 -10.69 -80.25
C3 CLA IM . 38.34 -10.50 -80.78
C4 CLA IM . 39.11 -9.26 -80.56
C5 CLA IM . 38.95 -11.54 -81.64
C6 CLA IM . 40.29 -12.01 -81.10
MG CLA JM . 12.99 -9.96 -68.36
CHA CLA JM . 9.53 -10.31 -68.37
CHB CLA JM . 12.63 -6.76 -67.26
CHC CLA JM . 16.37 -9.86 -67.82
CHD CLA JM . 13.28 -13.28 -69.52
NA CLA JM . 11.34 -8.73 -67.97
C1A CLA JM . 9.98 -9.07 -68.01
C2A CLA JM . 9.12 -7.86 -67.63
C3A CLA JM . 10.12 -6.70 -67.67
C4A CLA JM . 11.48 -7.42 -67.61
CMA CLA JM . 9.90 -5.89 -68.92
CAA CLA JM . 8.53 -8.02 -66.24
CBA CLA JM . 8.53 -6.73 -65.44
CGA CLA JM . 9.58 -6.76 -64.37
O1A CLA JM . 9.76 -5.94 -63.46
O2A CLA JM . 10.43 -7.82 -64.46
NB CLA JM . 14.27 -8.55 -67.73
C1B CLA JM . 13.91 -7.36 -67.19
C2B CLA JM . 15.07 -6.73 -66.51
C3B CLA JM . 16.14 -7.58 -66.66
C4B CLA JM . 15.65 -8.76 -67.44
CMB CLA JM . 14.99 -5.43 -65.86
CAB CLA JM . 17.48 -7.42 -66.16
CBB CLA JM . 18.63 -7.53 -66.82
NC CLA JM . 14.55 -11.31 -68.70
C1C CLA JM . 15.87 -11.05 -68.42
C2C CLA JM . 16.68 -12.21 -68.76
C3C CLA JM . 15.80 -13.18 -69.24
C4C CLA JM . 14.47 -12.60 -69.20
CMC CLA JM . 18.13 -12.34 -68.58
CAC CLA JM . 16.15 -14.52 -69.73
CBC CLA JM . 16.47 -14.53 -71.20
ND CLA JM . 11.76 -11.45 -68.94
C1D CLA JM . 12.01 -12.77 -69.39
C2D CLA JM . 10.71 -13.45 -69.63
C3D CLA JM . 9.73 -12.57 -69.22
C4D CLA JM . 10.44 -11.34 -68.80
CMD CLA JM . 10.60 -14.82 -70.13
CAD CLA JM . 8.31 -12.32 -69.08
OBD CLA JM . 7.37 -13.06 -69.36
CBD CLA JM . 8.14 -10.89 -68.50
CGD CLA JM . 7.23 -10.03 -69.34
O1D CLA JM . 7.53 -9.36 -70.32
O2D CLA JM . 5.94 -10.01 -68.91
CED CLA JM . 4.97 -9.33 -69.71
C1 CLA JM . 11.73 -7.66 -63.86
C2 CLA JM . 12.44 -8.96 -64.02
C3 CLA JM . 13.54 -9.30 -63.31
C4 CLA JM . 14.13 -8.38 -62.31
C5 CLA JM . 14.20 -10.61 -63.52
C6 CLA JM . 15.72 -10.55 -63.53
C7 CLA JM . 16.29 -11.44 -64.61
C8 CLA JM . 16.40 -12.91 -64.19
C9 CLA JM . 17.29 -13.04 -62.97
C10 CLA JM . 16.93 -13.72 -65.36
C11 CLA JM . 17.32 -15.14 -65.00
C12 CLA JM . 18.04 -15.82 -66.14
C13 CLA JM . 18.76 -17.08 -65.67
C14 CLA JM . 19.92 -16.73 -64.76
C15 CLA JM . 19.25 -17.90 -66.86
C16 CLA JM . 20.27 -17.13 -67.69
MG CLA KM . 8.69 -13.21 -84.28
CHA CLA KM . 7.42 -10.00 -84.55
CHB CLA KM . 6.51 -14.28 -86.67
CHC CLA KM . 10.14 -16.31 -84.17
CHD CLA KM . 11.02 -12.02 -81.91
NA CLA KM . 7.19 -12.27 -85.39
C1A CLA KM . 6.83 -10.92 -85.38
C2A CLA KM . 5.70 -10.67 -86.39
C3A CLA KM . 5.32 -12.08 -86.86
C4A CLA KM . 6.43 -12.95 -86.29
CMA CLA KM . 3.97 -12.49 -86.35
CAA CLA KM . 6.27 -9.88 -87.56
CBA CLA KM . 5.65 -10.25 -88.89
CGA CLA KM . 6.59 -11.07 -89.72
O1A CLA KM . 6.55 -11.22 -90.94
O2A CLA KM . 7.57 -11.70 -89.00
NB CLA KM . 8.43 -14.94 -85.28
C1B CLA KM . 7.46 -15.19 -86.18
C2B CLA KM . 7.46 -16.63 -86.55
C3B CLA KM . 8.49 -17.21 -85.84
C4B CLA KM . 9.11 -16.15 -85.01
CMB CLA KM . 6.48 -17.19 -87.48
CAB CLA KM . 8.98 -18.57 -85.77
CBB CLA KM . 8.25 -19.68 -85.70
NC CLA KM . 10.26 -14.03 -83.19
C1C CLA KM . 10.69 -15.32 -83.30
C2C CLA KM . 11.81 -15.55 -82.42
C3C CLA KM . 12.08 -14.34 -81.79
C4C CLA KM . 11.11 -13.37 -82.29
CMC CLA KM . 12.51 -16.82 -82.26
CAC CLA KM . 13.14 -14.07 -80.82
CBC CLA KM . 14.44 -13.70 -81.52
ND CLA KM . 9.06 -11.49 -83.28
C1D CLA KM . 10.08 -11.12 -82.37
C2D CLA KM . 9.92 -9.70 -82.02
C3D CLA KM . 8.89 -9.22 -82.80
C4D CLA KM . 8.42 -10.37 -83.61
CMD CLA KM . 10.74 -9.00 -81.03
CAD CLA KM . 8.06 -8.08 -83.13
OBD CLA KM . 8.00 -6.97 -82.61
CBD CLA KM . 7.18 -8.52 -84.35
CGD CLA KM . 5.72 -8.22 -84.14
O1D CLA KM . 4.95 -7.68 -84.93
O2D CLA KM . 5.24 -8.62 -82.93
CED CLA KM . 3.99 -9.34 -82.91
C1 CLA KM . 8.57 -12.49 -89.69
C2 CLA KM . 8.00 -13.83 -89.99
C3 CLA KM . 8.71 -14.88 -90.43
C4 CLA KM . 8.04 -16.18 -90.71
C5 CLA KM . 10.19 -14.82 -90.66
C6 CLA KM . 11.04 -15.28 -89.49
C7 CLA KM . 11.46 -16.74 -89.59
C8 CLA KM . 12.71 -16.96 -90.45
C9 CLA KM . 12.48 -18.11 -91.41
C10 CLA KM . 13.92 -17.18 -89.55
C11 CLA KM . 15.02 -18.08 -90.10
C12 CLA KM . 15.58 -18.99 -89.02
C13 CLA KM . 16.91 -19.61 -89.45
C14 CLA KM . 16.73 -20.45 -90.70
C15 CLA KM . 17.54 -20.44 -88.34
C16 CLA KM . 16.67 -21.60 -87.92
C17 CLA KM . 17.39 -22.93 -88.02
C18 CLA KM . 16.47 -24.04 -88.53
C19 CLA KM . 16.53 -24.16 -90.05
C20 CLA KM . 16.80 -25.37 -87.89
MG CLA LM . -0.40 -28.85 -86.10
CHA CLA LM . 0.38 -25.76 -87.48
CHB CLA LM . -2.96 -29.19 -88.31
CHC CLA LM . -1.02 -31.98 -84.81
CHD CLA LM . 2.28 -28.47 -83.83
NA CLA LM . -1.16 -27.64 -87.62
C1A CLA LM . -0.68 -26.40 -88.07
C2A CLA LM . -1.54 -25.88 -89.23
C3A CLA LM . -2.68 -26.92 -89.33
C4A CLA LM . -2.25 -28.02 -88.37
CMA CLA LM . -4.03 -26.33 -88.96
CAA CLA LM . -0.80 -25.83 -90.55
CBA CLA LM . 0.20 -26.95 -90.72
CGA CLA LM . -0.27 -27.95 -91.72
O1A CLA LM . -0.62 -27.78 -92.90
O2A CLA LM . -0.29 -29.23 -91.24
NB CLA LM . -1.76 -30.29 -86.46
C1B CLA LM . -2.68 -30.28 -87.46
C2B CLA LM . -3.38 -31.59 -87.52
C3B CLA LM . -2.84 -32.38 -86.53
C4B CLA LM . -1.80 -31.56 -85.84
CMB CLA LM . -4.44 -31.89 -88.48
CAB CLA LM . -3.14 -33.73 -86.14
CBB CLA LM . -2.94 -34.80 -86.91
NC CLA LM . 0.46 -29.99 -84.57
C1C CLA LM . 0.03 -31.24 -84.21
C2C CLA LM . 0.84 -31.75 -83.12
C3C CLA LM . 1.80 -30.77 -82.84
C4C CLA LM . 1.55 -29.66 -83.76
CMC CLA LM . 0.66 -33.05 -82.47
CAC CLA LM . 2.84 -30.83 -81.81
CBC CLA LM . 4.07 -31.58 -82.27
ND CLA LM . 1.01 -27.47 -85.68
C1D CLA LM . 2.05 -27.43 -84.71
C2D CLA LM . 2.77 -26.14 -84.84
C3D CLA LM . 2.19 -25.48 -85.90
C4D CLA LM . 1.10 -26.35 -86.38
CMD CLA LM . 3.89 -25.72 -84.00
CAD CLA LM . 2.20 -24.28 -86.71
OBD CLA LM . 2.93 -23.30 -86.63
CBD CLA LM . 1.06 -24.43 -87.76
CGD CLA LM . 0.09 -23.27 -87.70
O1D CLA LM . -1.11 -23.30 -87.44
O2D CLA LM . 0.66 -22.07 -87.98
CED CLA LM . -0.15 -21.08 -88.61
C1 CLA LM . 0.98 -29.79 -90.81
NB KC2 MM . 10.45 -24.27 -86.77
ND KC2 MM . 6.67 -25.49 -87.50
C1A KC2 MM . 7.29 -22.73 -88.94
C1B KC2 MM . 11.06 -23.17 -87.15
C1C KC2 MM . 9.78 -27.00 -85.56
C1D KC2 MM . 5.86 -26.65 -87.28
C2A KC2 MM . 7.40 -21.41 -89.62
C2B KC2 MM . 12.49 -23.08 -86.78
C2C KC2 MM . 9.66 -28.29 -84.85
C2D KC2 MM . 4.61 -26.72 -88.07
C3A KC2 MM . 8.80 -20.96 -89.22
C3B KC2 MM . 12.69 -24.35 -86.06
C3C KC2 MM . 8.26 -28.69 -85.08
C3D KC2 MM . 4.73 -25.44 -88.83
C4A KC2 MM . 9.20 -22.17 -88.44
C4B KC2 MM . 11.36 -25.00 -86.12
C4C KC2 MM . 7.74 -27.56 -85.89
C4D KC2 MM . 5.91 -24.85 -88.46
CAA KC2 MM . 6.39 -20.40 -89.09
CAB KC2 MM . 13.89 -24.90 -85.41
CAC KC2 MM . 7.51 -29.92 -84.62
CAD KC2 MM . 4.08 -24.57 -89.82
CBA KC2 MM . 6.18 -19.30 -90.13
CBB KC2 MM . 14.77 -24.10 -84.84
CBC KC2 MM . 7.96 -30.91 -85.39
CBD KC2 MM . 4.94 -23.38 -90.06
CED KC2 MM . 7.66 -24.52 -92.03
CGA KC2 MM . 5.96 -19.88 -91.50
CGD KC2 MM . 5.44 -23.53 -91.47
CHA KC2 MM . 6.07 -23.56 -89.12
CHB KC2 MM . 10.42 -22.12 -87.92
CHC KC2 MM . 11.08 -26.32 -85.53
CHD KC2 MM . 6.33 -27.64 -86.31
CMA KC2 MM . 9.70 -20.88 -90.44
CMB KC2 MM . 13.44 -21.96 -87.09
CMC KC2 MM . 10.72 -29.03 -84.10
CMD KC2 MM . 3.46 -27.67 -88.21
NA KC2 MM . 8.31 -23.15 -88.32
NC KC2 MM . 8.66 -26.59 -86.15
O1A KC2 MM . 6.88 -19.93 -92.30
O1D KC2 MM . 4.68 -23.79 -92.38
O2A KC2 MM . 4.64 -20.37 -91.89
O2D KC2 MM . 6.85 -23.38 -91.81
OBD KC2 MM . 2.96 -24.83 -90.40
MG KC2 MM . 8.48 -24.73 -86.98
MG CLA NM . 10.89 -35.28 -72.28
CHA CLA NM . 12.63 -38.18 -71.40
CHB CLA NM . 11.01 -36.19 -75.55
CHC CLA NM . 9.05 -32.48 -73.06
CHD CLA NM . 10.80 -34.37 -68.86
NA CLA NM . 11.71 -36.92 -73.29
C1A CLA NM . 12.39 -38.03 -72.74
C2A CLA NM . 12.78 -39.00 -73.85
C3A CLA NM . 12.40 -38.26 -75.15
C4A CLA NM . 11.63 -37.04 -74.65
CMA CLA NM . 13.62 -37.87 -75.95
CAA CLA NM . 11.98 -40.29 -73.78
CBA CLA NM . 10.54 -40.09 -73.34
CGA CLA NM . 9.67 -41.26 -73.70
O1A CLA NM . 9.53 -41.78 -74.80
O2A CLA NM . 9.01 -41.75 -72.61
NB CLA NM . 10.20 -34.48 -73.99
C1B CLA NM . 10.30 -35.03 -75.22
C2B CLA NM . 9.54 -34.21 -76.21
C3B CLA NM . 8.98 -33.17 -75.50
C4B CLA NM . 9.40 -33.32 -74.09
CMB CLA NM . 9.46 -34.56 -77.62
CAB CLA NM . 8.15 -32.08 -75.95
CBB CLA NM . 8.47 -31.18 -76.88
NC CLA NM . 10.09 -33.71 -71.17
C1C CLA NM . 9.37 -32.68 -71.68
C2C CLA NM . 8.97 -31.77 -70.63
C3C CLA NM . 9.47 -32.28 -69.44
C4C CLA NM . 10.18 -33.51 -69.78
CMC CLA NM . 8.18 -30.55 -70.82
CAC CLA NM . 9.33 -31.71 -68.09
CBC CLA NM . 10.54 -30.92 -67.64
ND CLA NM . 11.52 -36.04 -70.51
C1D CLA NM . 11.41 -35.56 -69.18
C2D CLA NM . 12.05 -36.54 -68.28
C3D CLA NM . 12.56 -37.54 -69.08
C4D CLA NM . 12.20 -37.19 -70.46
CMD CLA NM . 12.12 -36.43 -66.84
CAD CLA NM . 13.26 -38.81 -69.10
OBD CLA NM . 13.70 -39.46 -68.17
CBD CLA NM . 13.35 -39.24 -70.60
CGD CLA NM . 14.78 -39.40 -71.03
O1D CLA NM . 15.34 -38.85 -71.98
O2D CLA NM . 15.52 -40.24 -70.24
CED CLA NM . 15.89 -41.51 -70.79
C1 CLA NM . 7.59 -41.52 -72.55
C2 CLA NM . 6.92 -42.66 -73.20
C3 CLA NM . 5.58 -42.83 -73.29
C4 CLA NM . 5.01 -44.01 -73.98
C5 CLA NM . 4.62 -41.85 -72.71
C6 CLA NM . 3.67 -41.28 -73.75
C7 CLA NM . 2.24 -41.64 -73.42
C8 CLA NM . 1.27 -41.10 -74.47
C9 CLA NM . 0.80 -39.71 -74.08
C10 CLA NM . 0.09 -42.04 -74.67
C11 CLA NM . -0.81 -42.13 -73.46
C12 CLA NM . -0.94 -43.55 -72.95
C13 CLA NM . -2.35 -43.86 -72.48
C14 CLA NM . -2.37 -45.16 -71.72
C15 CLA NM . -3.32 -43.91 -73.65
MG CLA OM . 12.93 -29.32 -62.85
CHA CLA OM . 15.26 -31.73 -61.98
CHB CLA OM . 10.50 -31.69 -62.96
CHC CLA OM . 10.59 -26.84 -63.26
CHD CLA OM . 15.43 -26.84 -62.47
NA CLA OM . 12.93 -31.39 -62.58
C1A CLA OM . 13.99 -32.21 -62.18
C2A CLA OM . 13.54 -33.67 -62.07
C3A CLA OM . 12.09 -33.62 -62.59
C4A CLA OM . 11.79 -32.13 -62.71
CMA CLA OM . 11.95 -34.30 -63.92
CAA CLA OM . 13.55 -34.17 -60.63
CBA CLA OM . 12.88 -33.25 -59.64
CGA CLA OM . 13.87 -32.39 -58.90
O1A CLA OM . 15.05 -32.62 -58.65
O2A CLA OM . 13.34 -31.21 -58.47
NB CLA OM . 10.95 -29.29 -63.17
C1B CLA OM . 10.11 -30.35 -63.07
C2B CLA OM . 8.70 -29.90 -63.11
C3B CLA OM . 8.72 -28.53 -63.20
C4B CLA OM . 10.15 -28.12 -63.23
CMB CLA OM . 7.56 -30.83 -63.01
CAB CLA OM . 7.66 -27.56 -63.22
CBB CLA OM . 6.72 -27.41 -62.28
NC CLA OM . 13.02 -27.23 -62.95
C1C CLA OM . 11.94 -26.42 -63.15
C2C CLA OM . 12.33 -25.02 -63.12
C3C CLA OM . 13.72 -25.00 -62.86
C4C CLA OM . 14.12 -26.40 -62.76
CMC CLA OM . 11.36 -23.94 -63.29
CAC CLA OM . 14.64 -23.86 -62.67
CBC CLA OM . 14.74 -22.79 -63.73
ND CLA OM . 14.91 -29.24 -62.42
C1D CLA OM . 15.81 -28.15 -62.31
C2D CLA OM . 17.16 -28.69 -61.98
C3D CLA OM . 17.01 -30.06 -61.86
C4D CLA OM . 15.59 -30.34 -62.12
CMD CLA OM . 18.35 -27.86 -61.81
CAD CLA OM . 17.66 -31.31 -61.58
OBD CLA OM . 18.83 -31.56 -61.31
CBD CLA OM . 16.56 -32.42 -61.63
CGD CLA OM . 16.89 -33.46 -62.66
O1D CLA OM . 16.60 -33.45 -63.85
O2D CLA OM . 17.61 -34.51 -62.17
CED CLA OM . 18.44 -35.22 -63.08
C1 CLA OM . 13.34 -30.09 -59.38
C2 CLA OM . 14.38 -29.15 -58.92
C3 CLA OM . 14.25 -27.81 -58.98
C4 CLA OM . 15.32 -26.90 -58.50
C5 CLA OM . 13.03 -27.17 -59.52
C6 CLA OM . 12.33 -26.30 -58.48
C7 CLA OM . 11.46 -25.24 -59.13
C8 CLA OM . 10.16 -25.78 -59.72
C9 CLA OM . 9.22 -24.63 -60.06
C10 CLA OM . 9.45 -26.78 -58.81
C11 CLA OM . 9.13 -28.06 -59.54
C12 CLA OM . 9.07 -29.26 -58.62
C13 CLA OM . 8.42 -30.45 -59.30
C14 CLA OM . 6.94 -30.52 -58.97
C15 CLA OM . 9.12 -31.75 -58.92
C16 CLA OM . 8.50 -32.94 -59.65
C17 CLA OM . 9.30 -34.21 -59.40
C18 CLA OM . 8.76 -35.01 -58.23
C19 CLA OM . 7.71 -36.00 -58.69
C20 CLA OM . 9.88 -35.73 -57.52
C03 II0 PM . 14.43 -11.78 -88.65
C04 II0 PM . 14.20 -33.36 -79.15
C05 II0 PM . 13.91 -10.51 -89.37
C06 II0 PM . 15.05 -34.50 -78.57
C07 II0 PM . 12.41 -10.53 -89.66
C08 II0 PM . 15.51 -34.29 -77.13
C09 II0 PM . 13.37 -12.46 -87.74
C10 II0 PM . 13.61 -32.29 -78.15
C11 II0 PM . 11.57 -10.73 -88.39
C12 II0 PM . 14.25 -34.01 -76.29
C13 II0 PM . 12.28 -11.49 -87.24
C14 II0 PM . 13.74 -32.60 -76.63
C15 II0 PM . 14.84 -12.80 -89.74
C16 II0 PM . 15.70 -11.37 -87.84
C17 II0 PM . 15.11 -32.57 -80.13
C18 II0 PM . 13.10 -34.04 -80.00
C19 II0 PM . 11.21 -12.29 -86.47
C20 II0 PM . 12.45 -32.31 -75.83
C21 II0 PM . 14.02 -13.13 -86.50
C22 II0 PM . 12.15 -31.91 -78.54
C23 II0 PM . 14.09 -14.47 -86.61
C24 II0 PM . 12.10 -30.67 -79.13
C25 II0 PM . 14.48 -15.86 -86.08
C26 II0 PM . 11.35 -29.51 -79.81
C27 II0 PM . 15.18 -15.69 -84.73
C28 II0 PM . 10.65 -30.10 -81.02
C29 II0 PM . 13.21 -16.71 -85.90
C30 II0 PM . 12.36 -28.45 -80.27
C31 II0 PM . 13.44 -18.24 -86.16
C32 II0 PM . 11.74 -27.05 -80.63
C33 II0 PM . 13.59 -18.95 -85.04
C34 II0 PM . 11.96 -26.75 -81.94
C35 II0 PM . 13.82 -20.26 -84.28
C36 II0 PM . 11.22 -25.44 -81.71
C37 II0 PM . 14.61 -19.93 -83.01
C38 II0 PM . 10.12 -25.28 -82.76
C39 II0 PM . 12.52 -20.96 -83.89
C40 II0 PM . 12.24 -24.28 -81.78
C41 II0 PM . 12.77 -22.12 -82.91
C42 II0 PM . 11.91 -23.14 -82.79
O01 II0 PM . 12.05 -9.30 -90.23
O02 II0 PM . 16.15 -35.44 -76.65
C03 II0 QM . -2.43 -24.40 -67.33
C04 II0 QM . 20.96 -21.72 -70.36
C05 II0 QM . -3.81 -23.76 -67.13
C06 II0 QM . 22.43 -21.79 -70.78
C07 II0 QM . -3.69 -22.25 -67.20
C08 II0 QM . 22.63 -22.92 -71.76
C09 II0 QM . -1.72 -24.02 -68.65
C10 II0 QM . 19.90 -21.73 -71.52
C11 II0 QM . -3.16 -21.83 -68.58
C12 II0 QM . 21.91 -22.57 -73.06
C13 II0 QM . -1.87 -22.52 -69.06
C14 II0 QM . 20.39 -22.34 -72.87
C15 II0 QM . -1.56 -24.02 -66.09
C16 II0 QM . -2.63 -25.94 -67.31
C17 II0 QM . 20.66 -22.98 -69.49
C18 II0 QM . 20.83 -20.47 -69.43
C19 II0 QM . -2.01 -22.30 -70.58
C20 II0 QM . 19.97 -21.49 -74.09
C21 II0 QM . -0.28 -24.60 -68.45
C22 II0 QM . 19.21 -20.33 -71.71
C23 II0 QM . 0.62 -24.12 -69.34
C24 II0 QM . 17.88 -20.30 -71.39
C25 II0 QM . 2.03 -24.07 -69.94
C26 II0 QM . 16.55 -19.53 -71.24
C27 II0 QM . 2.51 -25.50 -70.04
C28 II0 QM . 16.87 -18.21 -70.57
C29 II0 QM . 3.00 -23.20 -69.09
C30 II0 QM . 15.59 -20.31 -70.31
C31 II0 QM . 4.37 -23.91 -68.76
C32 II0 QM . 14.04 -20.21 -70.51
C33 II0 QM . 5.49 -23.37 -69.28
C34 II0 QM . 13.55 -19.38 -69.55
C35 II0 QM . 7.02 -23.44 -69.43
C36 II0 QM . 12.02 -19.46 -69.86
C37 II0 QM . 7.35 -24.53 -70.44
C38 II0 QM . 11.68 -18.77 -71.18
C39 II0 QM . 7.66 -22.11 -69.87
C40 II0 QM . 11.44 -20.88 -69.75
C41 II0 QM . 9.21 -22.09 -69.75
C42 II0 QM . 9.89 -20.95 -69.85
O01 II0 QM . -4.96 -21.68 -67.01
O02 II0 QM . 24.00 -23.09 -72.02
C10 WVN RM . 21.79 -22.68 -65.56
C11 WVN RM . 1.21 -30.43 -70.28
C12 WVN RM . 20.73 -21.60 -65.79
C13 WVN RM . 19.85 -23.96 -64.37
C14 WVN RM . 19.86 -21.34 -64.54
C01 WVN RM . -0.20 -31.73 -72.07
C02 WVN RM . -0.25 -30.70 -70.89
C03 WVN RM . -0.39 -31.14 -73.48
C04 WVN RM . -1.62 -30.22 -73.52
C05 WVN RM . -1.10 -29.42 -71.13
C06 WVN RM . 21.20 -24.04 -65.14
C07 WVN RM . 1.12 -32.54 -72.10
C08 WVN RM . -1.36 -32.75 -71.84
C09 WVN RM . -1.37 -29.03 -72.60
C15 WVN RM . 19.68 -22.60 -63.64
C16 WVN RM . -0.51 -28.17 -70.44
C17 WVN RM . 22.18 -24.68 -64.11
C18 WVN RM . 21.18 -24.98 -66.37
C19 WVN RM . 1.27 -30.84 -68.97
C20 WVN RM . 18.61 -24.51 -65.17
C21 WVN RM . 18.36 -22.52 -62.83
C22 WVN RM . 2.78 -30.46 -68.69
C23 WVN RM . 17.89 -23.80 -66.08
C24 WVN RM . 3.67 -31.38 -69.46
C25 WVN RM . 16.73 -23.76 -67.08
C26 WVN RM . 3.16 -28.98 -68.97
C27 WVN RM . 16.13 -22.36 -67.15
C28 WVN RM . 15.72 -24.80 -66.60
C29 WVN RM . 4.16 -28.40 -67.91
C30 WVN RM . 14.21 -24.53 -66.82
C31 WVN RM . 5.47 -28.66 -68.13
C32 WVN RM . 6.96 -28.60 -67.77
C33 WVN RM . 13.58 -25.71 -66.90
C34 WVN RM . 12.19 -25.06 -67.09
C35 WVN RM . 7.14 -29.23 -66.39
C36 WVN RM . 7.50 -27.16 -67.73
C37 WVN RM . 11.17 -26.14 -66.69
C38 WVN RM . 11.98 -24.65 -68.54
C39 WVN RM . 8.94 -27.11 -67.12
C40 WVN RM . 9.78 -26.09 -67.35
C03 II0 SM . 14.59 -10.69 -74.22
C04 II0 SM . 35.93 -16.75 -76.09
C05 II0 SM . 13.29 -9.86 -74.23
C06 II0 SM . 37.18 -17.26 -75.35
C07 II0 SM . 12.84 -9.42 -75.62
C08 II0 SM . 38.47 -16.88 -76.08
C09 II0 SM . 14.62 -11.86 -75.27
C10 II0 SM . 36.01 -15.24 -76.52
C11 II0 SM . 13.06 -10.47 -76.74
C12 II0 SM . 38.59 -15.35 -76.18
C13 II0 SM . 13.39 -11.87 -76.20
C14 II0 SM . 37.40 -14.71 -76.94
C15 II0 SM . 14.70 -11.35 -72.82
C16 II0 SM . 15.79 -9.71 -74.37
C17 II0 SM . 35.66 -17.68 -77.31
C18 II0 SM . 34.74 -16.87 -75.11
C19 II0 SM . 13.61 -12.83 -77.39
C20 II0 SM . 37.68 -14.84 -78.45
C21 II0 SM . 15.95 -11.89 -76.08
C22 II0 SM . 34.98 -14.96 -77.64
C23 II0 SM . 16.75 -12.91 -75.71
C24 II0 SM . 34.13 -13.94 -77.35
C25 II0 SM . 18.03 -13.76 -75.81
C26 II0 SM . 32.95 -13.00 -77.70
C27 II0 SM . 18.29 -14.42 -74.47
C28 II0 SM . 33.39 -12.01 -78.76
C29 II0 SM . 19.20 -12.87 -76.28
C30 II0 SM . 31.80 -13.86 -78.25
C31 II0 SM . 20.49 -12.98 -75.40
C32 II0 SM . 30.41 -13.16 -78.16
C33 II0 SM . 21.50 -13.61 -76.02
C34 II0 SM . 29.64 -13.45 -79.24
C35 II0 SM . 22.94 -14.16 -76.06
C36 II0 SM . 28.55 -12.55 -78.60
C37 II0 SM . 22.92 -15.62 -76.51
C38 II0 SM . 27.77 -11.85 -79.70
C39 II0 SM . 23.76 -13.33 -77.05
C40 II0 SM . 27.63 -13.44 -77.74
C41 II0 SM . 25.26 -13.73 -77.03
C42 II0 SM . 26.13 -13.05 -77.76
O01 II0 SM . 11.47 -9.12 -75.58
O02 II0 SM . 39.57 -17.39 -75.36
O1 LHG TM . -7.46 -26.96 -85.55
C1 LHG TM . -7.17 -28.27 -86.03
C2 LHG TM . -5.89 -28.76 -85.38
O2 LHG TM . -6.16 -29.32 -84.11
C3 LHG TM . -4.88 -27.67 -85.15
O3 LHG TM . -3.80 -28.45 -84.68
P LHG TM . -2.59 -27.80 -83.82
O4 LHG TM . -3.16 -26.66 -83.03
O5 LHG TM . -1.40 -27.92 -84.69
O6 LHG TM . -2.55 -29.01 -82.69
C4 LHG TM . -3.63 -29.18 -81.83
C5 LHG TM . -3.47 -30.61 -81.32
C6 LHG TM . -3.27 -30.64 -79.82
O7 LHG TM . -4.67 -31.29 -81.62
C7 LHG TM . -4.52 -32.31 -82.49
O9 LHG TM . -4.60 -32.16 -83.70
C8 LHG TM . -4.68 -33.61 -81.79
C9 LHG TM . -3.37 -34.34 -81.76
C10 LHG TM . -3.50 -35.61 -80.93
O8 LHG TM . -1.91 -30.24 -79.65
C23 LHG TM . -1.03 -31.20 -79.29
O10 LHG TM . 0.10 -31.19 -79.76
C24 LHG TM . -1.29 -32.04 -78.04
C11 LHG TM . -3.47 -35.07 -79.53
C12 LHG TM . -3.71 -36.18 -78.55
C13 LHG TM . -5.15 -36.62 -78.67
C14 LHG TM . -5.44 -37.80 -77.78
C25 LHG TM . -0.31 -33.15 -77.76
C26 LHG TM . -0.86 -34.33 -76.97
C27 LHG TM . 0.34 -34.86 -76.21
C28 LHG TM . 0.03 -35.50 -74.87
C29 LHG TM . -0.94 -36.64 -75.16
C30 LHG TM . -2.22 -36.64 -74.35
C31 LHG TM . -2.12 -37.16 -72.93
C32 LHG TM . -3.04 -36.48 -71.92
C33 LHG TM . -2.78 -37.13 -70.58
C34 LHG TM . -3.19 -38.58 -70.45
NB KC2 UM . 14.40 -1.21 -64.14
ND KC2 UM . 17.01 1.35 -65.88
C1A KC2 UM . 18.46 -1.34 -64.97
C1B KC2 UM . 14.67 -2.25 -63.33
C1C KC2 UM . 13.13 1.42 -65.13
C1D KC2 UM . 16.97 2.61 -66.60
C2A KC2 UM . 19.29 -2.51 -64.56
C2B KC2 UM . 13.55 -2.69 -62.46
C2C KC2 UM . 12.35 2.68 -65.26
C2D KC2 UM . 18.21 2.96 -67.33
C3A KC2 UM . 18.30 -3.34 -63.76
C3B KC2 UM . 12.49 -1.72 -62.85
C3C KC2 UM . 13.34 3.62 -65.84
C3D KC2 UM . 19.04 1.76 -67.00
C4A KC2 UM . 17.09 -2.47 -63.91
C4B KC2 UM . 13.14 -0.88 -63.89
C4C KC2 UM . 14.55 2.76 -65.98
C4D KC2 UM . 18.27 0.92 -66.21
CAA KC2 UM . 20.46 -2.09 -63.67
CAB KC2 UM . 11.09 -1.60 -62.35
CAC KC2 UM . 13.17 5.06 -66.21
CAD KC2 UM . 20.35 1.10 -67.19
CBA KC2 UM . 21.76 -2.61 -64.25
CBB KC2 UM . 10.55 -0.41 -62.12
CBC KC2 UM . 12.30 5.10 -67.23
CBD KC2 UM . 20.37 -0.19 -66.47
CED KC2 UM . 22.79 -1.77 -68.20
CGA KC2 UM . 21.63 -4.07 -64.64
CGD KC2 UM . 20.44 -1.26 -67.52
CHA KC2 UM . 19.05 -0.26 -65.81
CHB KC2 UM . 15.97 -2.92 -63.33
CHC KC2 UM . 12.46 0.23 -64.57
CHD KC2 UM . 15.76 3.41 -66.54
CMA KC2 UM . 18.03 -4.69 -64.41
CMB KC2 UM . 13.50 -3.79 -61.44
CMC KC2 UM . 10.92 2.94 -64.88
CMD KC2 UM . 18.68 4.09 -68.19
NA KC2 UM . 17.24 -1.35 -64.62
NC KC2 UM . 14.41 1.48 -65.55
O1A KC2 UM . 21.58 -4.41 -65.81
O1D KC2 UM . 19.54 -1.39 -68.34
O2A KC2 UM . 21.60 -5.10 -63.62
O2D KC2 UM . 21.57 -2.17 -67.57
OBD KC2 UM . 21.32 1.57 -67.88
MG KC2 UM . 15.78 0.11 -64.85
C03 II0 VM . -9.08 -40.41 -63.52
C04 II0 VM . 11.12 -48.00 -69.38
C05 II0 VM . -10.20 -39.39 -63.24
C06 II0 VM . 12.51 -48.64 -69.43
C07 II0 VM . -11.38 -39.41 -64.24
C08 II0 VM . 12.57 -49.92 -70.26
C09 II0 VM . -9.57 -41.85 -63.83
C10 II0 VM . 10.56 -47.82 -70.81
C11 II0 VM . -11.64 -40.76 -64.91
C12 II0 VM . 11.81 -49.87 -71.61
C13 II0 VM . -11.10 -41.94 -64.08
C14 II0 VM . 10.43 -49.18 -71.55
C15 II0 VM . -8.24 -40.50 -62.22
C16 II0 VM . -8.15 -39.82 -64.62
C17 II0 VM . 10.19 -48.87 -68.48
C18 II0 VM . 11.29 -46.61 -68.73
C19 II0 VM . -11.52 -43.26 -64.76
C20 II0 VM . 10.00 -49.02 -73.02
C21 II0 VM . -8.76 -42.51 -64.99
C22 II0 VM . 9.31 -46.85 -70.85
C23 II0 VM . -8.04 -43.58 -64.56
C24 II0 VM . 8.00 -47.26 -70.77
C25 II0 VM . -7.10 -44.78 -64.80
C26 II0 VM . 6.52 -46.83 -70.80
C27 II0 VM . -6.61 -45.32 -63.46
C28 II0 VM . 6.46 -45.32 -70.74
C29 II0 VM . -5.94 -44.41 -65.75
C30 II0 VM . 5.67 -47.41 -69.65
C31 II0 VM . -4.55 -44.97 -65.32
C32 II0 VM . 4.19 -46.89 -69.77
C33 II0 VM . -3.96 -45.75 -66.25
C34 II0 VM . 3.51 -47.47 -70.79
C35 II0 VM . -2.77 -46.62 -66.69
C36 II0 VM . 2.16 -46.73 -70.57
C37 II0 VM . -3.24 -48.07 -66.80
C38 II0 VM . 2.27 -45.23 -70.85
C39 II0 VM . -2.17 -46.18 -68.03
C40 II0 VM . 1.51 -46.99 -69.19
C41 II0 VM . -0.80 -46.86 -68.27
C42 II0 VM . 0.16 -46.28 -68.99
O01 II0 VM . -12.55 -39.04 -63.54
O02 II0 VM . 13.92 -50.23 -70.51
C03 II0 WM . 0.80 -26.91 -79.86
C04 II0 WM . 11.40 -40.36 -63.12
C05 II0 WM . 0.41 -25.43 -79.67
C06 II0 WM . 11.65 -41.48 -62.09
C07 II0 WM . -1.02 -25.30 -79.16
C08 II0 WM . 12.66 -41.07 -61.03
C09 II0 WM . 0.51 -27.83 -78.64
C10 II0 WM . 11.24 -38.91 -62.57
C11 II0 WM . -1.12 -26.00 -77.81
C12 II0 WM . 12.13 -39.83 -60.29
C13 II0 WM . -0.85 -27.50 -77.96
C14 II0 WM . 12.04 -38.64 -61.26
C15 II0 WM . 0.01 -27.47 -81.06
C16 II0 WM . 2.31 -26.90 -80.26
C17 II0 WM . 12.62 -40.36 -64.10
C18 II0 WM . 10.17 -40.83 -63.93
C19 II0 WM . -0.99 -28.15 -76.56
C20 II0 WM . 11.50 -37.43 -60.47
C21 II0 WM . 1.68 -27.85 -77.61
C22 II0 WM . 9.74 -38.49 -62.43
C23 II0 WM . 2.27 -29.07 -77.51
C24 II0 WM . 9.38 -37.48 -63.29
C25 II0 WM . 3.33 -30.05 -76.96
C26 II0 WM . 8.35 -36.48 -63.90
C27 II0 WM . 3.90 -30.85 -78.10
C28 II0 WM . 8.39 -35.18 -63.12
C29 II0 WM . 2.71 -31.01 -75.92
C30 II0 WM . 8.75 -36.23 -65.36
C31 II0 WM . 3.53 -31.05 -74.59
C32 II0 WM . 7.58 -35.88 -66.33
C33 II0 WM . 4.34 -32.11 -74.47
C34 II0 WM . 7.78 -34.64 -66.85
C35 II0 WM . 5.37 -32.96 -73.70
C36 II0 WM . 6.49 -34.78 -67.67
C37 II0 WM . 5.64 -34.26 -74.47
C38 II0 WM . 5.51 -33.70 -67.22
C39 II0 WM . 4.86 -33.32 -72.30
C40 II0 WM . 6.87 -34.56 -69.14
C41 II0 WM . 5.99 -33.67 -71.31
C42 II0 WM . 5.72 -34.20 -70.11
O01 II0 WM . -1.33 -23.93 -79.01
O02 II0 WM . 12.82 -42.13 -60.10
MG CLA XM . -34.84 -55.69 -52.71
CHA CLA XM . -34.13 -55.03 -56.04
CHB CLA XM . -37.87 -56.96 -53.60
CHC CLA XM . -35.39 -56.52 -49.43
CHD CLA XM . -31.70 -54.33 -51.81
NA CLA XM . -35.82 -55.92 -54.54
C1A CLA XM . -35.36 -55.61 -55.83
C2A CLA XM . -36.41 -55.96 -56.88
C3A CLA XM . -37.63 -56.43 -56.05
C4A CLA XM . -37.08 -56.46 -54.62
CMA CLA XM . -38.79 -55.48 -56.18
CAA CLA XM . -35.98 -57.06 -57.84
CBA CLA XM . -36.24 -58.46 -57.35
CGA CLA XM . -34.97 -59.26 -57.34
O1A CLA XM . -34.06 -59.24 -58.16
O2A CLA XM . -34.88 -60.10 -56.27
NB CLA XM . -36.33 -56.59 -51.71
C1B CLA XM . -37.50 -57.04 -52.24
C2B CLA XM . -38.36 -57.62 -51.17
C3B CLA XM . -37.66 -57.50 -50.00
C4B CLA XM . -36.36 -56.84 -50.31
CMB CLA XM . -39.69 -58.18 -51.43
CAB CLA XM . -38.04 -57.88 -48.66
CBB CLA XM . -37.43 -58.80 -47.90
NC CLA XM . -33.75 -55.45 -50.95
C1C CLA XM . -34.16 -55.87 -49.71
C2C CLA XM . -33.15 -55.57 -48.71
C3C CLA XM . -32.11 -54.93 -49.37
C4C CLA XM . -32.49 -54.86 -50.78
CMC CLA XM . -33.29 -55.91 -47.30
CAC CLA XM . -30.86 -54.43 -48.78
CBC CLA XM . -31.02 -53.13 -48.03
ND CLA XM . -33.27 -54.81 -53.64
C1D CLA XM . -32.05 -54.30 -53.15
C2D CLA XM . -31.27 -53.76 -54.28
C3D CLA XM . -32.01 -54.03 -55.42
C4D CLA XM . -33.25 -54.68 -54.97
CMD CLA XM . -29.96 -53.12 -54.15
CAD CLA XM . -32.09 -53.88 -56.86
OBD CLA XM . -31.31 -53.35 -57.64
CBD CLA XM . -33.43 -54.56 -57.30
CGD CLA XM . -34.30 -53.66 -58.13
O1D CLA XM . -34.58 -53.79 -59.32
O2D CLA XM . -34.82 -52.61 -57.44
CED CLA XM . -35.45 -51.55 -58.18
C1 CLA XM . -33.56 -60.52 -55.87
C2 CLA XM . -33.22 -59.78 -54.63
C3 CLA XM . -32.39 -60.27 -53.69
C4 CLA XM . -31.73 -61.60 -53.83
C5 CLA XM . -32.09 -59.48 -52.46
C6 CLA XM . -33.26 -59.43 -51.49
C7 CLA XM . -33.24 -60.60 -50.54
C8 CLA XM . -34.61 -60.93 -50.00
C9 CLA XM . -34.50 -61.64 -48.65
C10 CLA XM . -35.36 -61.81 -50.98
C11 CLA XM . -36.56 -61.10 -51.57
C12 CLA XM . -36.63 -61.30 -53.06
C13 CLA XM . -37.95 -60.83 -53.64
C14 CLA XM . -39.11 -61.56 -53.00
C15 CLA XM . -37.99 -61.01 -55.15
C16 CLA XM . -39.21 -60.37 -55.75
C17 CLA XM . -39.92 -61.30 -56.71
C18 CLA XM . -39.91 -60.81 -58.15
C19 CLA XM . -40.27 -59.34 -58.28
C20 CLA XM . -38.57 -61.09 -58.81
MG CLA YM . -24.44 -46.48 -55.37
CHA CLA YM . -27.65 -45.20 -55.54
CHB CLA YM . -23.24 -43.38 -54.69
CHC CLA YM . -21.30 -47.83 -55.12
CHD CLA YM . -25.76 -49.70 -56.01
NA CLA YM . -25.33 -44.60 -55.15
C1A CLA YM . -26.68 -44.28 -55.25
C2A CLA YM . -26.90 -42.79 -54.99
C3A CLA YM . -25.46 -42.23 -54.93
C4A CLA YM . -24.60 -43.48 -54.90
CMA CLA YM . -25.21 -41.40 -56.15
CAA CLA YM . -27.59 -42.53 -53.66
CBA CLA YM . -27.13 -43.45 -52.53
CGA CLA YM . -25.99 -42.83 -51.76
O1A CLA YM . -25.68 -41.64 -51.69
O2A CLA YM . -25.25 -43.74 -51.06
NB CLA YM . -22.62 -45.74 -54.98
C1B CLA YM . -22.33 -44.45 -54.68
C2B CLA YM . -20.87 -44.30 -54.43
C3B CLA YM . -20.31 -45.56 -54.55
C4B CLA YM . -21.42 -46.49 -54.91
CMB CLA YM . -20.29 -42.99 -54.12
CAB CLA YM . -18.97 -46.07 -54.42
CBB CLA YM . -17.96 -45.57 -53.74
NC CLA YM . -23.67 -48.41 -55.54
C1C CLA YM . -22.35 -48.74 -55.41
C2C CLA YM . -22.18 -50.17 -55.61
C3C CLA YM . -23.44 -50.70 -55.84
C4C CLA YM . -24.38 -49.59 -55.79
CMC CLA YM . -20.89 -50.87 -55.54
CAC CLA YM . -23.80 -52.11 -56.08
CBC CLA YM . -24.29 -52.80 -54.83
ND CLA YM . -26.25 -47.32 -55.70
C1D CLA YM . -26.64 -48.65 -55.98
C2D CLA YM . -28.10 -48.68 -56.21
C3D CLA YM . -28.54 -47.38 -56.07
C4D CLA YM . -27.35 -46.57 -55.75
CMD CLA YM . -28.83 -49.90 -56.52
CAD CLA YM . -29.67 -46.48 -56.08
OBD CLA YM . -30.86 -46.72 -56.26
CBD CLA YM . -29.13 -45.05 -55.80
CGD CLA YM . -29.27 -44.20 -57.02
O1D CLA YM . -29.07 -44.54 -58.19
O2D CLA YM . -29.64 -42.90 -56.79
CED CLA YM . -29.38 -41.95 -57.82
C1 CLA YM . -23.83 -43.53 -51.01
C2 CLA YM . -23.27 -44.63 -50.20
C3 CLA YM . -21.95 -44.82 -49.99
C4 CLA YM . -20.93 -43.90 -50.54
C5 CLA YM . -21.45 -45.94 -49.16
C6 CLA YM . -20.73 -45.43 -47.92
C7 CLA YM . -20.27 -46.57 -47.04
C8 CLA YM . -19.50 -46.04 -45.82
C9 CLA YM . -18.35 -46.96 -45.46
MG CLA ZM . -13.71 -44.15 -52.15
CHA CLA ZM . -14.50 -40.78 -51.80
CHB CLA ZM . -16.63 -44.99 -50.65
CHC CLA ZM . -12.82 -47.46 -52.36
CHD CLA ZM . -10.56 -43.23 -53.47
NA CLA ZM . -15.32 -43.04 -51.42
C1A CLA ZM . -15.48 -41.65 -51.37
C2A CLA ZM . -16.83 -41.28 -50.75
C3A CLA ZM . -17.44 -42.64 -50.37
C4A CLA ZM . -16.42 -43.64 -50.87
CMA CLA ZM . -17.63 -42.78 -48.88
CAA CLA ZM . -17.74 -40.61 -51.77
CBA CLA ZM . -19.16 -40.49 -51.29
CGA CLA ZM . -19.27 -39.39 -50.28
O1A CLA ZM . -19.27 -38.17 -50.48
O2A CLA ZM . -19.38 -39.85 -49.01
NB CLA ZM . -14.64 -45.90 -51.76
C1B CLA ZM . -15.75 -46.02 -51.00
C2B CLA ZM . -15.92 -47.42 -50.54
C3B CLA ZM . -14.84 -48.13 -51.02
C4B CLA ZM . -14.01 -47.16 -51.79
CMB CLA ZM . -17.04 -47.79 -49.68
CAB CLA ZM . -14.38 -49.50 -50.87
CBB CLA ZM . -14.92 -50.49 -50.16
NC CLA ZM . -12.01 -45.15 -52.83
C1C CLA ZM . -11.88 -46.51 -52.84
C2C CLA ZM . -10.58 -46.87 -53.38
C3C CLA ZM . -9.93 -45.69 -53.69
C4C CLA ZM . -10.84 -44.61 -53.34
CMC CLA ZM . -10.12 -48.25 -53.50
CAC CLA ZM . -8.58 -45.53 -54.26
CBC CLA ZM . -7.57 -45.20 -53.19
ND CLA ZM . -12.67 -42.45 -52.48
C1D CLA ZM . -11.40 -42.22 -53.06
C2D CLA ZM . -11.16 -40.76 -53.13
C3D CLA ZM . -12.30 -40.17 -52.64
C4D CLA ZM . -13.23 -41.26 -52.27
CMD CLA ZM . -9.93 -40.13 -53.62
CAD CLA ZM . -12.95 -38.92 -52.30
OBD CLA ZM . -12.50 -37.78 -52.33
CBD CLA ZM . -14.39 -39.26 -51.84
CGD CLA ZM . -14.75 -38.59 -50.55
O1D CLA ZM . -15.31 -37.51 -50.39
O2D CLA ZM . -14.41 -39.31 -49.45
CED CLA ZM . -14.17 -38.58 -48.23
C1 CLA ZM . -19.56 -38.86 -47.98
C2 CLA ZM . -18.28 -38.76 -47.21
C3 CLA ZM . -17.95 -39.60 -46.21
C4 CLA ZM . -18.84 -40.70 -45.79
C5 CLA ZM . -16.65 -39.44 -45.49
C6 CLA ZM . -15.92 -40.75 -45.26
MG CLA AN . -2.63 -52.07 -65.93
CHA CLA AN . 0.62 -53.27 -66.02
CHB CLA AN . -1.92 -50.36 -63.07
CHC CLA AN . -5.80 -50.73 -65.98
CHD CLA AN . -3.31 -53.78 -68.95
NA CLA AN . -0.92 -51.86 -64.75
C1A CLA AN . 0.34 -52.43 -64.97
C2A CLA AN . 1.33 -51.97 -63.89
C3A CLA AN . 0.47 -51.11 -62.95
C4A CLA AN . -0.90 -51.08 -63.63
CMA CLA AN . 0.40 -51.67 -61.56
CAA CLA AN . 2.41 -51.07 -64.50
CBA CLA AN . 1.88 -49.87 -65.28
CGA CLA AN . 1.76 -50.15 -66.75
O1A CLA AN . 2.64 -50.40 -67.58
O2A CLA AN . 0.46 -50.12 -67.18
NB CLA AN . -3.67 -50.82 -64.74
C1B CLA AN . -3.21 -50.26 -63.60
C2B CLA AN . -4.29 -49.47 -62.95
C3B CLA AN . -5.40 -49.57 -63.76
C4B CLA AN . -5.01 -50.42 -64.91
CMB CLA AN . -4.05 -48.74 -61.71
CAB CLA AN . -6.71 -48.97 -63.66
CBB CLA AN . -7.44 -48.79 -62.56
NC CLA AN . -4.25 -52.23 -67.24
C1C CLA AN . -5.44 -51.56 -67.08
C2C CLA AN . -6.31 -51.84 -68.21
C3C CLA AN . -5.64 -52.75 -69.04
C4C CLA AN . -4.33 -52.97 -68.42
CMC CLA AN . -7.64 -51.23 -68.34
CAC CLA AN . -6.06 -53.30 -70.34
CBC CLA AN . -7.26 -54.23 -70.33
ND CLA AN . -1.63 -53.25 -67.23
C1D CLA AN . -2.04 -53.93 -68.41
C2D CLA AN . -0.91 -54.76 -68.89
C3D CLA AN . 0.13 -54.54 -68.02
C4D CLA AN . -0.36 -53.58 -67.01
CMD CLA AN . -0.96 -55.63 -70.07
CAD CLA AN . 1.51 -54.86 -67.68
OBD CLA AN . 2.30 -55.60 -68.25
CBD CLA AN . 1.85 -54.07 -66.39
CGD CLA AN . 2.24 -54.95 -65.24
O1D CLA AN . 2.96 -54.65 -64.27
O2D CLA AN . 1.74 -56.21 -65.29
CED CLA AN . 1.96 -57.08 -64.18
C1 CLA AN . 0.22 -50.43 -68.57
C2 CLA AN . -1.25 -50.36 -68.80
C3 CLA AN . -1.79 -49.92 -69.95
C4 CLA AN . -0.98 -49.45 -71.09
C5 CLA AN . -3.27 -49.87 -70.11
C6 CLA AN . -3.78 -48.49 -70.49
C7 CLA AN . -5.23 -48.54 -70.92
C8 CLA AN . -6.00 -47.29 -70.51
C9 CLA AN . -6.78 -47.56 -69.24
C10 CLA AN . -6.94 -46.83 -71.62
C11 CLA AN . -7.73 -45.60 -71.25
C12 CLA AN . -8.29 -44.90 -72.47
C13 CLA AN . -9.40 -43.93 -72.10
C14 CLA AN . -10.54 -44.01 -73.10
C15 CLA AN . -8.87 -42.50 -72.01
C16 CLA AN . -9.79 -41.63 -71.17
C17 CLA AN . -9.12 -40.32 -70.79
C18 CLA AN . -10.03 -39.43 -69.95
C19 CLA AN . -10.42 -40.09 -68.65
C20 CLA AN . -11.27 -39.02 -70.74
MG CLA BN . 9.03 -52.46 -71.73
CHA CLA BN . 11.95 -53.87 -73.04
CHB CLA BN . 10.33 -52.62 -68.60
CHC CLA BN . 6.04 -51.29 -70.49
CHD CLA BN . 7.72 -52.28 -75.01
NA CLA BN . 10.86 -53.12 -70.97
C1A CLA BN . 11.96 -53.70 -71.66
C2A CLA BN . 13.08 -54.05 -70.65
C3A CLA BN . 12.60 -53.39 -69.34
C4A CLA BN . 11.15 -53.04 -69.64
CMA CLA BN . 12.80 -54.22 -68.11
CAA CLA BN . 14.48 -53.55 -70.96
CBA CLA BN . 15.53 -54.55 -70.49
CGA CLA BN . 15.56 -55.75 -71.38
O1A CLA BN . 14.85 -56.75 -71.34
O2A CLA BN . 16.52 -55.67 -72.34
NB CLA BN . 8.31 -52.08 -69.90
C1B CLA BN . 8.99 -52.20 -68.74
C2B CLA BN . 8.16 -51.76 -67.59
C3B CLA BN . 6.94 -51.38 -68.12
C4B CLA BN . 7.02 -51.57 -69.60
CMB CLA BN . 8.65 -51.76 -66.22
CAB CLA BN . 5.77 -50.86 -67.47
CBB CLA BN . 5.71 -49.80 -66.65
NC CLA BN . 7.22 -51.86 -72.60
C1C CLA BN . 6.13 -51.41 -71.91
C2C CLA BN . 5.05 -51.11 -72.84
C3C CLA BN . 5.53 -51.38 -74.12
C4C CLA BN . 6.90 -51.86 -73.96
CMC CLA BN . 3.73 -50.61 -72.47
CAC CLA BN . 4.80 -51.23 -75.39
CBC CLA BN . 4.16 -52.51 -75.86
ND CLA BN . 9.66 -52.83 -73.62
C1D CLA BN . 9.00 -52.74 -74.87
C2D CLA BN . 9.91 -53.22 -75.94
C3D CLA BN . 11.04 -53.65 -75.29
C4D CLA BN . 10.84 -53.42 -73.84
CMD CLA BN . 9.58 -53.22 -77.36
CAD CLA BN . 12.36 -54.22 -75.46
OBD CLA BN . 12.98 -54.47 -76.49
CBD CLA BN . 12.93 -54.45 -74.03
CGD CLA BN . 13.18 -55.91 -73.81
O1D CLA BN . 14.16 -56.58 -74.18
O2D CLA BN . 12.18 -56.55 -73.14
CED CLA BN . 11.67 -57.75 -73.72
MG CLA CN . 5.62 -41.31 -68.91
CHA CLA CN . 7.88 -43.60 -67.58
CHB CLA CN . 8.19 -39.28 -69.78
CHC CLA CN . 3.37 -39.23 -70.45
CHD CLA CN . 2.97 -43.40 -67.86
NA CLA CN . 7.69 -41.43 -68.67
C1A CLA CN . 8.44 -42.47 -68.12
C2A CLA CN . 9.93 -42.11 -68.14
C3A CLA CN . 9.94 -40.63 -68.60
C4A CLA CN . 8.51 -40.41 -69.07
CMA CLA CN . 10.27 -39.71 -67.46
CAA CLA CN . 10.72 -42.95 -69.13
CBA CLA CN . 12.18 -43.00 -68.72
CGA CLA CN . 12.99 -43.49 -69.88
O1A CLA CN . 14.01 -44.18 -69.86
O2A CLA CN . 12.51 -43.07 -71.08
NB CLA CN . 5.75 -39.55 -69.88
C1B CLA CN . 6.90 -38.95 -70.24
C2B CLA CN . 6.62 -37.85 -71.20
C3B CLA CN . 5.26 -37.83 -71.40
C4B CLA CN . 4.68 -38.91 -70.56
CMB CLA CN . 7.67 -37.01 -71.77
CAB CLA CN . 4.47 -36.95 -72.22
CBB CLA CN . 3.77 -37.31 -73.30
NC CLA CN . 3.54 -41.31 -69.08
C1C CLA CN . 2.83 -40.35 -69.74
C2C CLA CN . 1.40 -40.65 -69.68
C3C CLA CN . 1.28 -41.84 -68.95
C4C CLA CN . 2.63 -42.24 -68.57
CMC CLA CN . 0.38 -39.82 -70.30
CAC CLA CN . 0.04 -42.57 -68.62
CBC CLA CN . -0.81 -41.91 -67.56
ND CLA CN . 5.40 -43.08 -67.93
C1D CLA CN . 4.25 -43.82 -67.56
C2D CLA CN . 4.69 -45.05 -66.86
C3D CLA CN . 6.07 -45.04 -66.89
C4D CLA CN . 6.46 -43.78 -67.55
CMD CLA CN . 3.81 -46.08 -66.32
CAD CLA CN . 7.29 -45.72 -66.51
OBD CLA CN . 7.42 -46.81 -65.95
CBD CLA CN . 8.48 -44.83 -66.94
CGD CLA CN . 9.37 -44.50 -65.77
O1D CLA CN . 9.10 -43.83 -64.78
O2D CLA CN . 10.63 -45.01 -65.88
CED CLA CN . 11.46 -45.02 -64.71
C1 CLA CN . 12.88 -43.84 -72.24
C2 CLA CN . 11.62 -44.26 -72.90
C3 CLA CN . 11.57 -45.15 -73.91
C4 CLA CN . 10.29 -45.54 -74.55
C5 CLA CN . 12.81 -45.78 -74.45
C6 CLA CN . 13.08 -47.14 -73.84
MG CLA DN . -0.51 -46.58 -54.07
CHA CLA DN . 2.14 -45.43 -52.16
CHB CLA DN . -1.83 -48.06 -51.30
CHC CLA DN . -3.35 -47.31 -55.85
CHD CLA DN . 0.72 -44.73 -56.82
NA CLA DN . 0.12 -46.78 -52.09
C1A CLA DN . 1.23 -46.20 -51.48
C2A CLA DN . 1.27 -46.58 -50.00
C3A CLA DN . 0.21 -47.70 -49.88
C4A CLA DN . -0.59 -47.50 -51.17
CMA CLA DN . 0.84 -49.06 -49.78
CAA CLA DN . 0.76 -45.38 -49.22
CBA CLA DN . 0.02 -45.78 -47.96
CGA CLA DN . 0.40 -44.94 -46.78
O1A CLA DN . 0.34 -45.23 -45.58
O2A CLA DN . 0.88 -43.70 -47.14
NB CLA DN . -2.18 -47.65 -53.70
C1B CLA DN . -2.63 -47.96 -52.45
C2B CLA DN . -4.09 -48.24 -52.47
C3B CLA DN . -4.50 -48.02 -53.77
C4B CLA DN . -3.30 -47.65 -54.55
CMB CLA DN . -4.84 -48.59 -51.26
CAB CLA DN . -5.78 -48.06 -54.42
CBB CLA DN . -6.74 -48.94 -54.22
NC CLA DN . -1.14 -46.18 -56.01
C1C CLA DN . -2.32 -46.61 -56.54
C2C CLA DN . -2.44 -46.19 -57.92
C3C CLA DN . -1.34 -45.38 -58.17
C4C CLA DN . -0.52 -45.39 -56.97
CMC CLA DN . -3.58 -46.49 -58.79
CAC CLA DN . -1.00 -44.71 -59.42
CBC CLA DN . -0.25 -45.72 -60.24
ND CLA DN . 1.06 -45.39 -54.48
C1D CLA DN . 1.46 -44.72 -55.67
C2D CLA DN . 2.76 -44.04 -55.41
C3D CLA DN . 3.07 -44.30 -54.09
C4D CLA DN . 1.97 -45.12 -53.54
CMD CLA DN . 3.50 -43.27 -56.41
CAD CLA DN . 4.01 -44.09 -53.02
OBD CLA DN . 5.08 -43.48 -53.03
CBD CLA DN . 3.45 -44.79 -51.75
CGD CLA DN . 4.46 -45.81 -51.28
O1D CLA DN . 5.47 -45.60 -50.62
O2D CLA DN . 4.20 -47.09 -51.66
CED CLA DN . 4.77 -48.15 -50.88
C1 CLA DN . 1.35 -42.88 -46.05
C2 CLA DN . 0.57 -41.62 -46.07
C3 CLA DN . 0.85 -40.59 -46.90
C4 CLA DN . 1.98 -40.63 -47.85
C5 CLA DN . 0.02 -39.36 -46.88
C6 CLA DN . -0.59 -39.06 -48.23
MG CLA EN . -9.37 -37.57 -56.92
CHA CLA EN . -12.70 -37.67 -55.92
CHB CLA EN . -9.35 -34.21 -56.46
CHC CLA EN . -6.00 -37.55 -57.60
CHD CLA EN . -9.45 -41.07 -57.37
NA CLA EN . -10.82 -36.19 -56.33
C1A CLA EN . -12.14 -36.42 -55.93
C2A CLA EN . -12.83 -35.11 -55.55
C3A CLA EN . -11.82 -34.04 -55.97
C4A CLA EN . -10.56 -34.85 -56.26
CMA CLA EN . -12.30 -33.34 -57.21
CAA CLA EN . -13.06 -35.04 -54.06
CBA CLA EN . -13.20 -33.62 -53.54
CGA CLA EN . -12.94 -33.65 -52.07
O1A CLA EN . -12.98 -34.60 -51.28
O2A CLA EN . -12.59 -32.41 -51.57
NB CLA EN . -7.95 -36.15 -57.01
C1B CLA EN . -8.13 -34.84 -56.75
C2B CLA EN . -6.84 -34.11 -56.84
C3B CLA EN . -5.89 -35.04 -57.16
C4B CLA EN . -6.57 -36.37 -57.27
CMB CLA EN . -6.73 -32.67 -56.62
CAB CLA EN . -4.47 -34.89 -57.36
CBB CLA EN . -3.60 -34.38 -56.50
NC CLA EN . -7.99 -39.04 -57.46
C1C CLA EN . -6.67 -38.81 -57.71
C2C CLA EN . -6.01 -40.07 -58.05
C3C CLA EN . -6.98 -41.07 -57.97
C4C CLA EN . -8.23 -40.42 -57.59
CMC CLA EN . -4.60 -40.20 -58.39
CAC CLA EN . -6.80 -42.51 -58.21
CBC CLA EN . -6.96 -42.90 -59.66
ND CLA EN . -10.73 -39.06 -56.82
C1D CLA EN . -10.62 -40.46 -57.00
C2D CLA EN . -11.93 -41.09 -56.72
C3D CLA EN . -12.76 -40.06 -56.29
C4D CLA EN . -11.96 -38.83 -56.36
CMD CLA EN . -12.22 -42.51 -56.83
CAD CLA EN . -14.09 -39.70 -55.83
OBD CLA EN . -15.07 -40.42 -55.67
CBD CLA EN . -14.08 -38.18 -55.55
CGD CLA EN . -15.16 -37.44 -56.27
O1D CLA EN . -16.27 -37.09 -55.84
O2D CLA EN . -14.85 -37.11 -57.56
CED CLA EN . -15.18 -35.79 -57.99
MG CLA FN . -18.14 -44.04 -70.25
CHA CLA FN . -19.17 -40.92 -71.39
CHB CLA FN . -21.02 -45.40 -71.41
CHC CLA FN . -16.97 -47.14 -69.31
CHD CLA FN . -15.10 -42.59 -69.18
NA CLA FN . -19.82 -43.26 -71.21
C1A CLA FN . -20.06 -41.94 -71.62
C2A CLA FN . -21.43 -41.82 -72.29
C3A CLA FN . -22.05 -43.22 -72.09
C4A CLA FN . -20.89 -44.04 -71.53
CMA CLA FN . -23.19 -43.16 -71.12
CAA CLA FN . -21.32 -41.49 -73.78
CBA CLA FN . -21.58 -42.66 -74.72
CGA CLA FN . -20.31 -43.43 -74.93
O1A CLA FN . -19.27 -43.05 -75.45
O2A CLA FN . -20.38 -44.69 -74.45
NB CLA FN . -18.87 -45.92 -70.32
C1B CLA FN . -20.04 -46.28 -70.91
C2B CLA FN . -20.17 -47.76 -70.92
C3B CLA FN . -19.02 -48.25 -70.32
C4B CLA FN . -18.19 -47.08 -69.92
CMB CLA FN . -21.33 -48.44 -71.49
CAB CLA FN . -18.62 -49.61 -70.06
CBB CLA FN . -19.33 -50.52 -69.41
NC CLA FN . -16.39 -44.72 -69.34
C1C CLA FN . -16.14 -46.03 -69.02
C2C CLA FN . -14.82 -46.13 -68.40
C3C CLA FN . -14.27 -44.85 -68.41
C4C CLA FN . -15.26 -43.97 -69.02
CMC CLA FN . -14.20 -47.35 -67.89
CAC CLA FN . -12.96 -44.45 -67.91
CBC CLA FN . -11.92 -44.43 -69.00
ND CLA FN . -17.31 -42.20 -70.17
C1D CLA FN . -16.05 -41.74 -69.72
C2D CLA FN . -15.97 -40.28 -69.92
C3D CLA FN . -17.14 -39.91 -70.53
C4D CLA FN . -17.93 -41.15 -70.70
CMD CLA FN . -14.83 -39.46 -69.51
CAD CLA FN . -17.92 -38.82 -71.07
OBD CLA FN . -17.70 -37.62 -71.06
CBD CLA FN . -19.21 -39.44 -71.69
CGD CLA FN . -20.46 -38.78 -71.18
O1D CLA FN . -21.21 -39.16 -70.27
O2D CLA FN . -20.78 -37.63 -71.82
CED CLA FN . -21.04 -37.68 -73.24
C1 CLA FN . -20.22 -45.80 -75.36
C2 CLA FN . -19.39 -46.80 -74.66
C3 CLA FN . -19.34 -48.09 -75.00
C4 CLA FN . -20.12 -48.66 -76.12
C5 CLA FN . -18.47 -49.03 -74.23
C6 CLA FN . -17.36 -49.63 -75.08
C7 CLA FN . -16.81 -50.88 -74.42
C8 CLA FN . -15.43 -51.26 -74.94
C9 CLA FN . -15.41 -51.30 -76.47
C10 CLA FN . -14.98 -52.61 -74.40
C11 CLA FN . -13.67 -52.49 -73.65
C12 CLA FN . -12.79 -53.71 -73.84
C13 CLA FN . -11.52 -53.62 -73.00
C14 CLA FN . -10.78 -52.33 -73.24
C15 CLA FN . -10.60 -54.80 -73.27
C16 CLA FN . -10.52 -55.74 -72.08
C17 CLA FN . -9.34 -56.68 -72.22
C18 CLA FN . -9.53 -57.98 -71.46
C19 CLA FN . -8.27 -58.82 -71.53
C20 CLA FN . -9.90 -57.72 -70.01
MG CLA GN . -29.15 -57.62 -65.42
CHA CLA GN . -28.32 -55.21 -67.77
CHB CLA GN . -32.26 -57.86 -66.75
CHC CLA GN . -29.85 -60.15 -63.19
CHD CLA GN . -25.92 -57.29 -64.00
NA CLA GN . -30.11 -56.67 -67.01
C1A CLA GN . -29.58 -55.70 -67.89
C2A CLA GN . -30.65 -55.28 -68.92
C3A CLA GN . -31.92 -56.04 -68.47
C4A CLA GN . -31.41 -56.94 -67.33
CMA CLA GN . -32.99 -55.11 -67.98
CAA CLA GN . -30.27 -55.67 -70.35
CBA CLA GN . -31.33 -56.43 -71.10
CGA CLA GN . -30.98 -57.88 -71.20
O1A CLA GN . -31.72 -58.84 -71.44
O2A CLA GN . -29.64 -58.11 -70.99
NB CLA GN . -30.74 -58.80 -65.07
C1B CLA GN . -31.94 -58.73 -65.70
C2B CLA GN . -32.89 -59.70 -65.10
C3B CLA GN . -32.22 -60.35 -64.09
C4B CLA GN . -30.84 -59.78 -64.06
CMB CLA GN . -34.27 -59.85 -65.55
CAB CLA GN . -32.68 -61.37 -63.20
CBB CLA GN . -32.26 -62.64 -63.18
NC CLA GN . -28.08 -58.54 -63.88
C1C CLA GN . -28.55 -59.57 -63.11
C2C CLA GN . -27.53 -59.99 -62.16
C3C CLA GN . -26.43 -59.17 -62.36
C4C CLA GN . -26.77 -58.26 -63.45
CMC CLA GN . -27.70 -61.09 -61.20
CAC CLA GN . -25.14 -59.21 -61.65
CBC CLA GN . -24.21 -60.26 -62.18
ND CLA GN . -27.50 -56.49 -65.71
C1D CLA GN . -26.24 -56.45 -65.04
C2D CLA GN . -25.39 -55.42 -65.68
C3D CLA GN . -26.13 -54.93 -66.75
C4D CLA GN . -27.43 -55.64 -66.72
CMD CLA GN . -24.04 -55.06 -65.24
CAD CLA GN . -26.16 -53.98 -67.84
OBD CLA GN . -25.31 -53.18 -68.20
CBD CLA GN . -27.54 -54.16 -68.55
CGD CLA GN . -28.31 -52.87 -68.66
O1D CLA GN . -29.27 -52.52 -67.98
O2D CLA GN . -27.85 -52.03 -69.62
CED CLA GN . -28.79 -51.17 -70.24
C1 CLA GN . -29.20 -59.49 -70.95
C2 CLA GN . -28.85 -59.87 -72.34
C3 CLA GN . -27.78 -60.63 -72.66
C4 CLA GN . -27.50 -60.96 -74.08
C5 CLA GN . -26.85 -61.13 -71.60
C6 CLA GN . -25.68 -61.96 -72.10
C7 CLA GN . -24.50 -61.90 -71.15
C8 CLA GN . -23.56 -60.71 -71.40
C9 CLA GN . -23.30 -60.49 -72.88
C10 CLA GN . -22.25 -60.92 -70.66
C11 CLA GN . -21.37 -59.69 -70.72
C12 CLA GN . -19.91 -60.06 -70.87
C13 CLA GN . -19.18 -59.06 -71.75
C14 CLA GN . -19.82 -58.95 -73.12
C15 CLA GN . -17.69 -59.43 -71.90
C16 CLA GN . -16.94 -58.36 -72.68
NB KC2 HN . -18.59 -56.00 -69.37
ND KC2 HN . -22.58 -56.60 -69.18
C1A KC2 HN . -21.84 -54.51 -71.45
C1B KC2 HN . -17.88 -55.28 -70.23
C1C KC2 HN . -19.43 -58.10 -67.33
C1D KC2 HN . -23.50 -57.43 -68.46
C2A KC2 HN . -21.67 -53.50 -72.56
C2B KC2 HN . -16.40 -55.50 -70.16
C2C KC2 HN . -19.56 -59.34 -66.53
C2D KC2 HN . -24.90 -57.37 -68.94
C3A KC2 HN . -20.17 -53.32 -72.54
C3B KC2 HN . -16.32 -56.48 -69.06
C3C KC2 HN . -21.03 -59.53 -66.47
C3D KC2 HN . -24.75 -56.40 -70.04
C4A KC2 HN . -19.80 -54.30 -71.47
C4B KC2 HN . -17.72 -56.71 -68.67
C4C KC2 HN . -21.54 -58.37 -67.23
C4D KC2 HN . -23.42 -56.03 -70.09
CAA KC2 HN . -22.36 -52.18 -72.26
CAB KC2 HN . -15.16 -57.16 -68.42
CAC KC2 HN . -21.82 -60.62 -65.80
CAD KC2 HN . -25.45 -55.65 -71.12
CBA KC2 HN . -22.31 -51.28 -73.49
CBB KC2 HN . -14.06 -56.51 -68.08
CBC KC2 HN . -21.46 -60.64 -64.51
CBD KC2 HN . -24.47 -54.80 -71.85
CED KC2 HN . -26.39 -55.30 -74.66
CGA KC2 HN . -23.09 -51.89 -74.63
CGD KC2 HN . -24.37 -55.37 -73.24
CHA KC2 HN . -23.20 -55.04 -71.15
CHB KC2 HN . -18.51 -54.40 -71.20
CHC KC2 HN . -18.08 -57.62 -67.59
CHD KC2 HN . -23.00 -58.24 -67.37
CMA KC2 HN . -19.56 -53.83 -73.84
CMB KC2 HN . -15.30 -54.88 -70.97
CMC KC2 HN . -18.45 -60.17 -65.97
CMD KC2 HN . -26.19 -58.02 -68.56
NA KC2 HN . -20.80 -54.97 -70.90
NC KC2 HN . -20.58 -57.55 -67.73
O1A KC2 HN . -22.52 -52.42 -75.56
O1D KC2 HN . -23.67 -56.34 -73.47
O2A KC2 HN . -24.54 -51.84 -74.65
O2D KC2 HN . -25.11 -54.77 -74.31
OBD KC2 HN . -26.70 -55.73 -71.38
MG KC2 HN . -20.61 -56.07 -69.17
MG CLA IN . -15.69 -63.08 -53.93
CHA CLA IN . -14.24 -65.99 -52.72
CHB CLA IN . -16.71 -64.73 -56.73
CHC CLA IN . -17.34 -60.23 -54.94
CHD CLA IN . -14.60 -61.39 -51.02
NA CLA IN . -15.46 -65.04 -54.61
C1A CLA IN . -14.85 -66.12 -53.94
C2A CLA IN . -14.94 -67.39 -54.80
C3A CLA IN . -15.53 -66.89 -56.14
C4A CLA IN . -15.96 -65.45 -55.81
CMA CLA IN . -14.51 -66.94 -57.26
CAA CLA IN . -15.87 -68.43 -54.19
CBA CLA IN . -17.08 -67.80 -53.51
CGA CLA IN . -18.20 -68.78 -53.34
O1A CLA IN . -18.64 -69.60 -54.16
O2A CLA IN . -18.78 -68.71 -52.10
NB CLA IN . -16.80 -62.57 -55.54
C1B CLA IN . -17.14 -63.40 -56.55
C2B CLA IN . -18.05 -62.70 -57.50
C3B CLA IN . -18.23 -61.43 -57.01
C4B CLA IN . -17.44 -61.33 -55.75
CMB CLA IN . -18.58 -63.32 -58.70
CAB CLA IN . -19.03 -60.36 -57.55
CBB CLA IN . -18.56 -59.21 -58.02
NC CLA IN . -15.90 -61.16 -53.14
C1C CLA IN . -16.62 -60.15 -53.70
C2C CLA IN . -16.54 -58.95 -52.86
C3C CLA IN . -15.77 -59.29 -51.76
C4C CLA IN . -15.37 -60.67 -51.94
CMC CLA IN . -17.18 -57.67 -53.16
CAC CLA IN . -15.39 -58.44 -50.63
CBC CLA IN . -14.07 -57.74 -50.84
ND CLA IN . -14.61 -63.51 -52.28
C1D CLA IN . -14.24 -62.71 -51.16
C2D CLA IN . -13.47 -63.54 -50.22
C3D CLA IN . -13.45 -64.82 -50.75
C4D CLA IN . -14.18 -64.74 -52.04
CMD CLA IN . -12.92 -63.01 -48.97
CAD CLA IN . -13.00 -66.18 -50.59
OBD CLA IN . -12.35 -66.69 -49.68
CBD CLA IN . -13.51 -66.98 -51.83
CGD CLA IN . -12.43 -67.76 -52.53
O1D CLA IN . -12.56 -68.71 -53.31
O2D CLA IN . -11.17 -67.35 -52.25
CED CLA IN . -10.28 -68.35 -51.73
C1 CLA IN . -20.17 -68.31 -52.09
C2 CLA IN . -20.66 -68.44 -50.69
C3 CLA IN . -21.95 -68.52 -50.37
C4 CLA IN . -22.40 -68.65 -48.97
C5 CLA IN . -23.01 -68.49 -51.42
C6 CLA IN . -24.16 -67.55 -51.09
MG CLA JN . -10.34 -55.57 -47.01
CHA CLA JN . -8.53 -58.21 -45.66
CHB CLA JN . -13.22 -57.07 -46.02
CHC CLA JN . -12.06 -52.78 -48.01
CHD CLA JN . -7.30 -54.00 -47.89
NA CLA JN . -10.78 -57.38 -46.06
C1A CLA JN . -9.89 -58.33 -45.55
C2A CLA JN . -10.65 -59.50 -44.92
C3A CLA JN . -12.11 -59.24 -45.39
C4A CLA JN . -12.07 -57.78 -45.84
CMA CLA JN . -12.47 -60.11 -46.54
CAA CLA JN . -10.51 -59.55 -43.40
CBA CLA JN . -10.88 -58.28 -42.65
CGA CLA JN . -9.69 -57.42 -42.37
O1A CLA JN . -8.58 -57.75 -41.96
O2A CLA JN . -9.91 -56.10 -42.64
NB CLA JN . -12.29 -55.09 -47.13
C1B CLA JN . -13.27 -55.73 -46.45
C2B CLA JN . -14.43 -54.84 -46.22
C3B CLA JN . -14.10 -53.62 -46.78
C4B CLA JN . -12.75 -53.76 -47.39
CMB CLA JN . -15.63 -55.28 -45.50
CAB CLA JN . -14.83 -52.38 -46.87
CBB CLA JN . -15.47 -51.76 -45.87
NC CLA JN . -9.78 -53.76 -47.89
C1C CLA JN . -10.66 -52.78 -48.26
C2C CLA JN . -9.94 -51.67 -48.86
C3C CLA JN . -8.58 -51.98 -48.76
C4C CLA JN . -8.49 -53.30 -48.15
CMC CLA JN . -10.56 -50.46 -49.38
CAC CLA JN . -7.46 -51.15 -49.21
CBC CLA JN . -6.99 -50.18 -48.16
ND CLA JN . -8.37 -55.96 -46.86
C1D CLA JN . -7.22 -55.23 -47.28
C2D CLA JN . -6.01 -56.03 -46.95
C3D CLA JN . -6.46 -57.18 -46.34
C4D CLA JN . -7.92 -57.08 -46.30
CMD CLA JN . -4.63 -55.63 -47.21
CAD CLA JN . -6.08 -58.43 -45.72
OBD CLA JN . -4.97 -58.93 -45.56
CBD CLA JN . -7.40 -59.13 -45.27
CGD CLA JN . -7.53 -60.46 -45.94
O1D CLA JN . -7.35 -61.59 -45.47
O2D CLA JN . -7.90 -60.35 -47.25
CED CLA JN . -9.05 -61.09 -47.69
C1 CLA JN . -8.79 -55.31 -43.10
C2 CLA JN . -9.33 -54.04 -43.63
C3 CLA JN . -8.54 -53.09 -44.17
C4 CLA JN . -7.07 -53.25 -44.27
C5 CLA JN . -9.11 -51.82 -44.70
C6 CLA JN . -10.63 -51.81 -44.78
C7 CLA JN . -11.19 -50.46 -44.38
C8 CLA JN . -10.92 -49.37 -45.40
C9 CLA JN . -10.18 -48.22 -44.76
C10 CLA JN . -12.22 -48.88 -46.04
C11 CLA JN . -11.97 -47.75 -47.03
C12 CLA JN . -13.26 -47.15 -47.57
C13 CLA JN . -13.03 -45.88 -48.39
C14 CLA JN . -11.78 -45.94 -49.25
C15 CLA JN . -12.98 -44.63 -47.51
C16 CLA JN . -13.08 -43.38 -48.36
C17 CLA JN . -12.24 -42.25 -47.82
C18 CLA JN . -11.49 -41.52 -48.94
C19 CLA JN . -10.48 -42.44 -49.61
C20 CLA JN . -10.79 -40.29 -48.42
C03 II0 KN . -14.23 -63.25 -61.61
C04 II0 KN . -14.36 -45.40 -76.32
C05 II0 KN . -13.45 -64.44 -61.05
C06 II0 KN . -15.15 -44.59 -77.36
C07 II0 KN . -12.39 -64.00 -60.04
C08 II0 KN . -16.33 -43.79 -76.80
C09 II0 KN . -14.90 -62.38 -60.49
C10 II0 KN . -14.90 -45.34 -74.85
C11 II0 KN . -12.91 -63.06 -58.93
C12 II0 KN . -15.95 -43.05 -75.50
C13 II0 KN . -14.40 -62.66 -59.05
C14 II0 KN . -15.39 -43.96 -74.40
C15 II0 KN . -13.28 -62.43 -62.53
C16 II0 KN . -15.39 -63.82 -62.50
C17 II0 KN . -12.88 -44.92 -76.36
C18 II0 KN . -14.39 -46.88 -76.78
C19 II0 KN . -14.62 -61.45 -58.12
C20 II0 KN . -16.50 -44.16 -73.36
C21 II0 KN . -14.82 -60.87 -60.84
C22 II0 KN . -13.77 -45.79 -73.87
C23 II0 KN . -16.00 -60.39 -61.28
C24 II0 KN . -14.07 -46.88 -73.12
C25 II0 KN . -16.90 -59.25 -61.80
C26 II0 KN . -13.71 -47.93 -72.04
C27 II0 KN . -17.93 -59.81 -62.76
C28 II0 KN . -12.44 -48.66 -72.45
C29 II0 KN . -16.00 -58.17 -62.47
C30 II0 KN . -14.87 -48.93 -71.90
C31 II0 KN . -16.15 -58.03 -64.01
C32 II0 KN . -14.52 -50.20 -71.05
C33 II0 KN . -16.51 -56.80 -64.39
C34 II0 KN . -15.16 -50.15 -69.86
C35 II0 KN . -16.87 -55.77 -65.46
C36 II0 KN . -14.53 -51.51 -69.50
C37 II0 KN . -18.11 -55.01 -65.03
C38 II0 KN . -13.27 -51.30 -68.68
C39 II0 KN . -15.72 -54.78 -65.70
C40 II0 KN . -15.60 -52.27 -68.71
C41 II0 KN . -16.05 -53.84 -66.87
C42 II0 KN . -15.11 -53.17 -67.55
O01 II0 KN . -11.85 -65.15 -59.43
O02 II0 KN . -16.72 -42.83 -77.76
C03 II0 LN . -25.23 -48.96 -48.67
C04 II0 LN . -4.88 -53.10 -60.17
C05 II0 LN . -26.49 -48.30 -48.06
C06 II0 LN . -3.85 -54.21 -59.91
C07 II0 LN . -26.60 -46.82 -48.39
C08 II0 LN . -2.43 -53.70 -60.11
C09 II0 LN . -24.81 -48.39 -50.06
C10 II0 LN . -4.58 -51.72 -59.50
C11 II0 LN . -26.58 -46.52 -49.90
C12 II0 LN . -2.17 -52.63 -59.03
C13 II0 LN . -25.94 -47.62 -50.77
C14 II0 LN . -3.07 -51.41 -59.27
C15 II0 LN . -24.05 -48.70 -47.70
C16 II0 LN . -25.50 -50.49 -48.71
C17 II0 LN . -4.92 -52.86 -61.71
C18 II0 LN . -6.25 -53.69 -59.76
C19 II0 LN . -25.38 -46.98 -52.04
C20 II0 LN . -2.81 -50.43 -58.09
C21 II0 LN . -24.37 -49.52 -51.04
C22 II0 LN . -5.42 -51.51 -58.19
C23 II0 LN . -23.02 -49.61 -51.12
C24 II0 LN . -6.34 -50.50 -58.27
C25 II0 LN . -21.77 -50.30 -51.69
C26 II0 LN . -7.47 -49.61 -57.69
C27 II0 LN . -21.36 -51.34 -50.66
C28 II0 LN . -7.57 -48.37 -58.54
C29 II0 LN . -20.64 -49.29 -51.96
C30 II0 LN . -8.78 -50.45 -57.69
C31 II0 LN . -19.22 -49.88 -51.65
C32 II0 LN . -10.16 -49.72 -57.75
C33 II0 LN . -18.35 -49.96 -52.68
C34 II0 LN . -10.81 -49.89 -56.57
C35 II0 LN . -16.96 -50.36 -53.18
C36 II0 LN . -12.03 -49.11 -57.06
C37 II0 LN . -17.09 -51.70 -53.91
C38 II0 LN . -12.02 -47.66 -56.61
C39 II0 LN . -16.29 -49.29 -54.05
C40 II0 LN . -13.26 -49.86 -56.51
C41 II0 LN . -15.18 -49.88 -54.97
C42 II0 LN . -14.28 -49.11 -55.61
O01 II0 LN . -27.80 -46.32 -47.85
O02 II0 LN . -1.51 -54.75 -59.96
C02 IHT MN . -25.61 -55.69 -52.03
C03 IHT MN . -2.60 -52.41 -50.72
C04 IHT MN . -27.05 -55.83 -51.51
C05 IHT MN . -1.14 -52.04 -50.45
C06 IHT MN . -27.20 -56.68 -50.23
C07 IHT MN . -24.74 -56.82 -51.48
C08 IHT MN . -0.22 -52.34 -51.62
C09 IHT MN . -26.57 -58.06 -50.39
C10 IHT MN . -25.26 -58.01 -51.13
C11 IHT MN . -2.98 -52.03 -52.16
C12 IHT MN . -0.65 -51.42 -52.75
C13 IHT MN . -25.03 -54.33 -51.61
C14 IHT MN . -25.65 -55.77 -53.56
C15 IHT MN . -2.11 -51.58 -53.08
C16 IHT MN . -2.71 -53.93 -50.54
C17 IHT MN . -3.52 -51.71 -49.72
C18 IHT MN . -23.35 -56.51 -51.23
C19 IHT MN . -24.65 -59.34 -51.45
C20 IHT MN . -2.48 -51.23 -54.49
C21 IHT MN . -4.35 -52.18 -52.54
C22 IHT MN . -22.85 -56.70 -50.02
C23 IHT MN . -21.49 -56.45 -49.55
C24 IHT MN . -5.46 -52.30 -52.95
C25 IHT MN . -21.18 -56.78 -48.12
C26 IHT MN . -6.74 -52.43 -53.57
C27 IHT MN . -20.56 -55.95 -50.39
C28 IHT MN . -6.77 -52.45 -55.07
C29 IHT MN . -7.84 -52.54 -52.79
C30 IHT MN . -19.20 -55.67 -50.07
C31 IHT MN . -9.19 -52.52 -53.22
C32 IHT MN . -18.31 -55.09 -50.86
C33 IHT MN . -16.92 -54.83 -50.49
C34 IHT MN . -10.22 -52.70 -52.40
C35 IHT MN . -11.62 -52.70 -52.78
C36 IHT MN . -16.48 -55.25 -49.12
C37 IHT MN . -16.08 -54.25 -51.38
C38 IHT MN . -12.53 -53.21 -51.90
C39 IHT MN . -12.00 -52.23 -54.15
C40 IHT MN . -14.70 -54.00 -51.20
C41 IHT MN . -13.91 -53.42 -52.12
O01 IHT MN . 1.14 -52.08 -51.28
O1 LHG NN . -34.13 -55.24 -64.55
C1 LHG NN . -34.92 -55.86 -63.55
C2 LHG NN . -34.07 -56.86 -62.81
O2 LHG NN . -34.83 -57.61 -61.88
C3 LHG NN . -32.97 -56.22 -62.00
O3 LHG NN . -31.94 -56.22 -62.98
P LHG NN . -30.40 -55.88 -62.60
O4 LHG NN . -30.35 -54.46 -62.15
O5 LHG NN . -29.61 -56.65 -63.60
O6 LHG NN . -30.39 -56.72 -61.16
C4 LHG NN . -29.91 -56.11 -59.98
C5 LHG NN . -30.04 -57.21 -58.92
C6 LHG NN . -29.11 -58.36 -59.22
O7 LHG NN . -29.63 -56.62 -57.71
C7 LHG NN . -30.46 -56.87 -56.67
O9 LHG NN . -31.60 -57.31 -56.82
C8 LHG NN . -29.69 -56.93 -55.41
C9 LHG NN . -30.62 -57.28 -54.29
C10 LHG NN . -29.96 -58.30 -53.38
O8 LHG NN . -29.39 -59.33 -58.20
C23 LHG NN . -28.35 -60.10 -57.76
O10 LHG NN . -27.21 -59.84 -58.11
C24 LHG NN . -28.59 -61.28 -56.84
C11 LHG NN . -31.01 -58.47 -52.32
C12 LHG NN . -30.36 -58.36 -50.98
C13 LHG NN . -29.63 -59.66 -50.71
C14 LHG NN . -29.74 -60.07 -49.26
C25 LHG NN . -27.35 -62.04 -56.43
C26 LHG NN . -27.45 -63.57 -56.46
C27 LHG NN . -27.65 -63.93 -55.01
C1A DGD ON . -19.77 -35.96 -45.89
C2A DGD ON . -20.40 -36.78 -44.83
C3A DGD ON . -19.34 -37.26 -43.86
C4A DGD ON . -19.89 -38.39 -43.01
C5A DGD ON . -19.26 -38.35 -41.63
C6A DGD ON . -17.75 -38.46 -41.73
C7A DGD ON . -17.37 -39.60 -40.80
C8A DGD ON . -15.95 -39.42 -40.35
C9A DGD ON . -15.98 -39.22 -38.84
CAA DGD ON . -14.74 -38.45 -38.46
CBA DGD ON . -14.80 -38.17 -36.97
CCA DGD ON . -13.85 -37.03 -36.70
CDA DGD ON . -14.30 -36.38 -35.39
CEA DGD ON . -13.10 -35.81 -34.71
O1A DGD ON . -18.59 -35.70 -46.04
C1B DGD ON . -17.84 -33.75 -48.61
C2B DGD ON . -16.62 -34.30 -49.29
C3B DGD ON . -15.36 -33.55 -48.88
C4B DGD ON . -15.15 -33.53 -47.38
C5B DGD ON . -14.91 -34.97 -47.00
C6B DGD ON . -14.96 -35.02 -45.49
C7B DGD ON . -14.52 -36.41 -45.09
C8B DGD ON . -13.05 -36.46 -45.37
C9B DGD ON . -12.36 -36.62 -44.05
CAB DGD ON . -11.58 -35.35 -43.93
CBB DGD ON . -10.25 -35.77 -43.40
CCB DGD ON . -9.47 -36.37 -44.54
CDB DGD ON . -8.99 -35.14 -45.25
CEB DGD ON . -8.36 -35.57 -46.53
CFB DGD ON . -7.13 -34.71 -46.59
CGB DGD ON . -5.97 -35.61 -46.92
CHB DGD ON . -5.46 -36.23 -45.62
CIB DGD ON . -4.95 -35.12 -44.73
O1B DGD ON . -18.08 -32.57 -48.44
O1G DGD ON . -20.74 -35.20 -46.46
C1G DGD ON . -20.96 -35.30 -47.84
C2G DGD ON . -20.16 -34.15 -48.48
O2G DGD ON . -18.88 -34.61 -48.77
C3G DGD ON . -20.86 -33.82 -49.80
O3G DGD ON . -21.57 -32.67 -49.41
C1D DGD ON . -21.99 -31.89 -50.46
C2D DGD ON . -23.48 -31.53 -50.11
O2D DGD ON . -24.27 -32.50 -50.84
C3D DGD ON . -23.86 -30.06 -50.59
O3D DGD ON . -24.82 -29.54 -49.73
C4D DGD ON . -22.66 -29.05 -50.60
O4D DGD ON . -22.28 -28.72 -49.31
C5D DGD ON . -21.46 -29.77 -51.23
O5D DGD ON . -19.12 -29.75 -51.00
C6D DGD ON . -20.18 -28.90 -51.37
O6D DGD ON . -21.10 -30.80 -50.36
C1E DGD ON . -18.32 -30.22 -52.04
C2E DGD ON . -17.34 -31.31 -51.48
O2E DGD ON . -17.28 -31.14 -50.11
C3E DGD ON . -15.94 -31.10 -52.09
O3E DGD ON . -16.13 -31.08 -53.47
C4E DGD ON . -15.45 -29.72 -51.61
O4E DGD ON . -14.22 -29.44 -52.20
C5E DGD ON . -16.44 -28.60 -52.06
O6E DGD ON . -17.66 -29.10 -52.60
C6E DGD ON . -15.89 -27.78 -53.24
O5E DGD ON . -15.94 -28.62 -54.35
C03 II0 PN . -14.09 21.05 66.73
C04 II0 PN . 9.99 18.17 63.68
C05 II0 PN . -15.23 20.97 65.69
C06 II0 PN . 11.34 17.57 64.11
C07 II0 PN . -15.55 22.35 65.12
C08 II0 PN . 11.26 16.91 65.48
C09 II0 PN . -12.82 21.78 66.21
C10 II0 PN . 8.72 17.43 64.19
C11 II0 PN . -14.31 22.88 64.38
C12 II0 PN . 10.26 15.74 65.48
C13 II0 PN . -13.09 23.01 65.31
C14 II0 PN . 8.94 15.98 64.69
C15 II0 PN . -14.66 21.77 67.98
C16 II0 PN . -13.70 19.61 67.12
C17 II0 PN . 9.95 19.62 64.26
C18 II0 PN . 10.00 18.28 62.12
C19 II0 PN . -11.86 23.27 64.42
C20 II0 PN . 8.86 14.95 63.53
C21 II0 PN . -11.99 22.26 67.42
C22 II0 PN . 7.59 17.42 63.12
C23 II0 PN . -10.75 21.74 67.45
C24 II0 PN . 6.47 18.08 63.54
C25 II0 PN . -9.36 21.59 68.09
C26 II0 PN . 5.02 18.59 63.35
C27 II0 PN . -9.33 20.44 69.07
C28 II0 PN . 5.05 19.95 62.69
C29 II0 PN . -8.32 21.35 66.99
C30 II0 PN . 4.35 18.67 64.72
C31 II0 PN . -6.99 22.08 67.31
C32 II0 PN . 2.95 19.37 64.67
C33 II0 PN . -5.90 21.30 67.13
C34 II0 PN . 1.99 18.48 65.03
C35 II0 PN . -4.39 21.09 67.17
C36 II0 PN . 0.92 19.56 64.84
C37 II0 PN . -4.03 20.47 68.52
C38 II0 PN . 0.35 19.52 63.42
C39 II0 PN . -3.97 20.17 66.02
C40 II0 PN . -0.19 19.24 65.85
C41 II0 PN . -2.60 19.52 66.26
C42 II0 PN . -1.54 19.92 65.57
O01 II0 PN . -16.61 22.25 64.21
O02 II0 PN . 12.55 16.42 65.82
MG CLA QN . 5.18 54.67 58.22
CHA CLA QN . 2.95 57.11 57.16
CHB CLA QN . 3.76 52.44 56.06
CHC CLA QN . 7.50 52.33 59.18
CHD CLA QN . 6.60 56.99 60.47
NA CLA QN . 3.60 54.78 56.85
C1A CLA QN . 2.80 55.89 56.54
C2A CLA QN . 1.76 55.53 55.48
C3A CLA QN . 1.92 54.00 55.33
C4A CLA QN . 3.20 53.70 56.12
CMA CLA QN . 0.74 53.25 55.90
CAA CLA QN . 1.98 56.24 54.16
CBA CLA QN . 2.59 55.39 53.07
CGA CLA QN . 4.08 55.48 53.18
O1A CLA QN . 4.72 56.37 53.73
O2A CLA QN . 4.75 54.45 52.59
NB CLA QN . 5.50 52.72 57.78
C1B CLA QN . 4.92 52.05 56.76
C2B CLA QN . 5.66 50.79 56.48
C3B CLA QN . 6.72 50.76 57.35
C4B CLA QN . 6.63 51.98 58.19
CMB CLA QN . 5.25 49.87 55.42
CAB CLA QN . 7.80 49.82 57.55
CBB CLA QN . 7.73 48.49 57.48
NC CLA QN . 6.75 54.67 59.60
C1C CLA QN . 7.56 53.59 59.83
C2C CLA QN . 8.53 53.93 60.87
C3C CLA QN . 8.30 55.25 61.22
C4C CLA QN . 7.17 55.71 60.42
CMC CLA QN . 9.56 53.02 61.38
CAC CLA QN . 9.04 56.04 62.23
CBC CLA QN . 10.25 56.73 61.65
ND CLA QN . 4.94 56.61 58.70
C1D CLA QN . 5.57 57.43 59.67
C2D CLA QN . 4.93 58.77 59.65
C3D CLA QN . 3.93 58.70 58.71
C4D CLA QN . 3.96 57.33 58.16
CMD CLA QN . 5.32 59.88 60.50
CAD CLA QN . 2.85 59.42 58.04
OBD CLA QN . 2.51 60.59 58.15
CBD CLA QN . 2.18 58.40 57.06
CGD CLA QN . 0.73 58.19 57.39
O1D CLA QN . -0.26 58.62 56.79
O2D CLA QN . 0.53 57.42 58.49
CED CLA QN . -0.33 56.28 58.34
C1 CLA QN . 5.68 53.74 53.45
C2 CLA QN . 6.62 52.98 52.60
C3 CLA QN . 7.72 52.39 53.11
C4 CLA QN . 8.06 52.46 54.54
C5 CLA QN . 8.67 51.63 52.25
C6 CLA QN . 10.09 52.15 52.39
C7 CLA QN . 11.10 51.02 52.40
C8 CLA QN . 12.52 51.52 52.21
C9 CLA QN . 13.41 50.41 51.70
C10 CLA QN . 13.08 52.07 53.52
C11 CLA QN . 14.01 53.23 53.26
C12 CLA QN . 14.53 53.83 54.55
C13 CLA QN . 15.79 53.13 55.02
C14 CLA QN . 15.71 52.76 56.49
C15 CLA QN . 17.03 53.98 54.75
C16 CLA QN . 17.80 53.47 53.56
C17 CLA QN . 19.28 53.79 53.68
MG CLA RN . 9.42 44.15 55.85
CHA CLA RN . 7.03 43.79 53.35
CHB CLA RN . 9.86 47.39 54.94
CHC CLA RN . 11.95 44.39 58.15
CHD CLA RN . 9.08 40.71 56.61
NA CLA RN . 8.52 45.38 54.41
C1A CLA RN . 7.53 45.06 53.47
C2A CLA RN . 7.18 46.28 52.61
C3A CLA RN . 8.09 47.40 53.17
C4A CLA RN . 8.87 46.70 54.26
CMA CLA RN . 9.03 47.92 52.11
CAA CLA RN . 5.74 46.75 52.75
CBA CLA RN . 5.35 47.78 51.70
CGA CLA RN . 5.21 47.14 50.36
O1A CLA RN . 4.48 46.21 50.03
O2A CLA RN . 6.00 47.72 49.40
NB CLA RN . 10.56 45.65 56.52
C1B CLA RN . 10.68 46.85 55.93
C2B CLA RN . 11.88 47.58 56.43
C3B CLA RN . 12.48 46.73 57.35
C4B CLA RN . 11.65 45.49 57.40
CMB CLA RN . 12.24 48.90 55.91
CAB CLA RN . 13.68 46.79 58.14
CBB CLA RN . 14.63 47.72 58.11
NC CLA RN . 10.30 42.80 57.17
C1C CLA RN . 11.31 43.13 58.04
C2C CLA RN . 11.69 41.95 58.82
C3C CLA RN . 10.89 40.91 58.38
C4C CLA RN . 10.02 41.45 57.35
CMC CLA RN . 12.75 41.94 59.83
CAC CLA RN . 10.90 39.52 58.86
CBC CLA RN . 11.94 38.67 58.16
ND CLA RN . 8.35 42.57 55.17
C1D CLA RN . 8.30 41.21 55.59
C2D CLA RN . 7.33 40.48 54.74
C3D CLA RN . 6.82 41.42 53.86
C4D CLA RN . 7.48 42.70 54.17
CMD CLA RN . 7.03 39.07 54.85
CAD CLA RN . 5.93 41.66 52.75
OBD CLA RN . 5.26 40.86 52.12
CBD CLA RN . 5.99 43.17 52.42
CGD CLA RN . 6.31 43.41 50.96
O1D CLA RN . 5.51 43.44 50.02
O2D CLA RN . 7.62 43.62 50.69
CED CLA RN . 8.42 42.50 50.31
C1 CLA RN . 6.35 46.89 48.28
C2 CLA RN . 7.75 46.43 48.51
C3 CLA RN . 8.83 47.13 48.12
C4 CLA RN . 8.73 48.42 47.40
C5 CLA RN . 10.20 46.61 48.40
C6 CLA RN . 11.14 47.66 48.95
MG CLA SN . 10.91 34.68 73.41
CHA CLA SN . 12.77 32.10 74.76
CHB CLA SN . 11.93 33.82 70.28
CHC CLA SN . 8.98 37.23 72.12
CHD CLA SN . 9.80 35.54 76.67
NA CLA SN . 12.16 33.18 72.67
C1A CLA SN . 12.84 32.19 73.39
C2A CLA SN . 13.63 31.29 72.43
C3A CLA SN . 13.36 31.91 71.04
C4A CLA SN . 12.40 33.05 71.33
CMA CLA SN . 14.62 32.40 70.36
CAA CLA SN . 13.11 29.86 72.45
CBA CLA SN . 11.84 29.65 71.65
CGA CLA SN . 10.62 29.94 72.47
O1A CLA SN . 10.01 31.00 72.61
O2A CLA SN . 10.15 28.84 73.13
NB CLA SN . 10.59 35.44 71.57
C1B CLA SN . 11.04 34.89 70.40
C2B CLA SN . 10.44 35.62 69.24
C3B CLA SN . 9.59 36.57 69.76
C4B CLA SN . 9.68 36.46 71.24
CMB CLA SN . 10.72 35.25 67.85
CAB CLA SN . 8.74 37.53 69.10
CBB CLA SN . 9.11 38.42 68.19
NC CLA SN . 9.63 36.11 74.25
C1C CLA SN . 8.95 37.06 73.53
C2C CLA SN . 8.16 37.90 74.42
C3C CLA SN . 8.37 37.42 75.71
C4C CLA SN . 9.30 36.30 75.59
CMC CLA SN . 7.31 39.01 73.99
CAC CLA SN . 7.79 37.94 76.95
CBC CLA SN . 6.45 37.30 77.26
ND CLA SN . 11.11 33.96 75.30
C1D CLA SN . 10.64 34.46 76.54
C2D CLA SN . 11.23 33.63 77.63
C3D CLA SN . 12.05 32.70 77.01
C4D CLA SN . 11.94 32.97 75.55
CMD CLA SN . 10.96 33.85 79.05
CAD CLA SN . 12.94 31.58 77.18
OBD CLA SN . 13.27 30.99 78.20
CBD CLA SN . 13.48 31.21 75.76
CGD CLA SN . 14.98 31.37 75.69
O1D CLA SN . 15.69 32.12 76.36
O2D CLA SN . 15.57 30.56 74.77
CED CLA SN . 16.57 29.65 75.22
MG CLA TN . 11.37 23.37 79.79
CHA CLA TN . 12.60 20.78 81.77
CHB CLA TN . 9.02 24.06 82.15
CHC CLA TN . 10.13 25.85 77.75
CHD CLA TN . 13.82 22.61 77.35
NA CLA TN . 10.92 22.55 81.67
C1A CLA TN . 11.55 21.48 82.33
C2A CLA TN . 10.90 21.23 83.69
C3A CLA TN . 9.79 22.31 83.77
C4A CLA TN . 9.91 23.05 82.44
CMA CLA TN . 8.42 21.71 83.98
CAA CLA TN . 11.85 21.49 84.84
CBA CLA TN . 11.40 20.84 86.14
CGA CLA TN . 10.87 21.86 87.10
O1A CLA TN . 10.06 21.68 88.00
O2A CLA TN . 11.40 23.11 86.92
NB CLA TN . 9.91 24.75 79.96
C1B CLA TN . 8.99 24.80 80.95
C2B CLA TN . 7.90 25.74 80.59
C3B CLA TN . 8.20 26.26 79.35
C4B CLA TN . 9.49 25.63 78.92
CMB CLA TN . 6.75 25.98 81.48
CAB CLA TN . 7.50 27.19 78.51
CBB CLA TN . 6.97 28.36 78.87
NC CLA TN . 11.90 24.10 77.91
C1C CLA TN . 11.27 25.14 77.27
C2C CLA TN . 11.91 25.39 75.98
C3C CLA TN . 12.94 24.46 75.86
C4C CLA TN . 12.94 23.66 77.07
CMC CLA TN . 11.49 26.43 75.03
CAC CLA TN . 13.88 24.33 74.73
CBC CLA TN . 15.20 25.04 74.96
ND CLA TN . 12.85 22.03 79.53
C1D CLA TN . 13.80 21.83 78.49
C2D CLA TN . 14.67 20.70 78.83
C3D CLA TN . 14.25 20.24 80.06
C4D CLA TN . 13.13 21.11 80.47
CMD CLA TN . 15.75 20.19 77.98
CAD CLA TN . 14.46 19.28 81.12
OBD CLA TN . 15.29 18.37 81.20
CBD CLA TN . 13.42 19.59 82.24
CGD CLA TN . 12.55 18.41 82.51
O1D CLA TN . 11.34 18.27 82.23
O2D CLA TN . 13.19 17.38 83.15
CED CLA TN . 12.53 16.11 83.23
C1 CLA TN . 12.44 23.54 87.84
C2 CLA TN . 11.76 24.17 89.02
C3 CLA TN . 11.90 25.46 89.34
C4 CLA TN . 12.76 26.40 88.57
C5 CLA TN . 11.20 26.02 90.53
C6 CLA TN . 12.11 26.12 91.75
MG CLA UN . 4.65 22.79 69.81
CHA CLA UN . 7.89 21.76 70.52
CHB CLA UN . 3.72 19.57 69.33
CHC CLA UN . 1.43 23.87 69.28
CHD CLA UN . 5.66 26.16 70.26
NA CLA UN . 5.67 20.98 69.89
C1A CLA UN . 7.01 20.75 70.23
C2A CLA UN . 7.34 19.25 70.15
C3A CLA UN . 6.05 18.63 69.55
C4A CLA UN . 5.05 19.78 69.61
CMA CLA UN . 6.27 18.16 68.13
CAA CLA UN . 7.67 18.59 71.48
CBA CLA UN . 6.83 19.05 72.64
CGA CLA UN . 7.03 18.12 73.81
O1A CLA UN . 7.98 17.39 74.06
O2A CLA UN . 5.98 18.15 74.71
NB CLA UN . 2.92 21.89 69.28
C1B CLA UN . 2.72 20.56 69.33
C2B CLA UN . 1.26 20.27 69.38
C3B CLA UN . 0.61 21.48 69.36
C4B CLA UN . 1.65 22.53 69.29
CMB CLA UN . 0.70 18.92 69.45
CAB CLA UN . -0.80 21.77 69.40
CBB CLA UN . -1.46 22.29 70.45
NC CLA UN . 3.72 24.67 69.75
C1C CLA UN . 2.40 24.88 69.49
C2C CLA UN . 2.10 26.30 69.50
C3C CLA UN . 3.28 26.96 69.81
C4C CLA UN . 4.30 25.92 69.95
CMC CLA UN . 0.77 26.88 69.26
CAC CLA UN . 3.48 28.41 69.94
CBC CLA UN . 4.02 29.06 68.68
ND CLA UN . 6.32 23.78 70.33
C1D CLA UN . 6.61 25.17 70.44
C2D CLA UN . 8.03 25.35 70.77
C3D CLA UN . 8.57 24.06 70.85
C4D CLA UN . 7.47 23.13 70.54
CMD CLA UN . 8.67 26.64 70.98
CAD CLA UN . 9.77 23.27 71.09
OBD CLA UN . 10.89 23.64 71.40
CBD CLA UN . 9.37 21.79 70.87
CGD CLA UN . 10.28 21.13 69.86
O1D CLA UN . 11.50 20.94 69.98
O2D CLA UN . 9.71 20.72 68.70
CED CLA UN . 10.29 19.60 68.04
C1 CLA UN . 6.18 18.84 75.95
C2 CLA UN . 4.87 18.83 76.64
C3 CLA UN . 4.46 19.79 77.50
C4 CLA UN . 3.14 19.74 78.17
C5 CLA UN . 5.33 20.96 77.83
C6 CLA UN . 5.51 21.15 79.32
MG CLA VN . 14.61 32.51 60.56
CHA CLA VN . 15.96 29.73 58.94
CHB CLA VN . 16.73 34.51 58.84
CHC CLA VN . 13.16 35.25 62.06
CHD CLA VN . 12.17 30.43 62.02
NA CLA VN . 16.14 32.14 59.19
C1A CLA VN . 16.55 30.93 58.62
C2A CLA VN . 17.70 31.15 57.63
C3A CLA VN . 18.00 32.66 57.73
C4A CLA VN . 16.89 33.16 58.66
CMA CLA VN . 19.36 32.93 58.30
CAA CLA VN . 17.33 30.79 56.18
CBA CLA VN . 16.73 31.94 55.39
CGA CLA VN . 16.69 31.59 53.93
O1A CLA VN . 17.36 30.76 53.32
O2A CLA VN . 15.78 32.32 53.22
NB CLA VN . 14.95 34.50 60.54
C1B CLA VN . 15.79 35.13 59.68
C2B CLA VN . 15.61 36.60 59.79
C3B CLA VN . 14.61 36.82 60.71
C4B CLA VN . 14.17 35.48 61.19
CMB CLA VN . 16.37 37.57 59.00
CAB CLA VN . 14.00 38.05 61.14
CBB CLA VN . 14.18 38.59 62.35
NC CLA VN . 13.00 32.77 61.87
C1C CLA VN . 12.61 33.97 62.39
C2C CLA VN . 11.49 33.79 63.30
C3C CLA VN . 11.15 32.44 63.23
C4C CLA VN . 12.11 31.80 62.33
CMC CLA VN . 10.84 34.88 64.05
CAC CLA VN . 10.07 31.77 63.97
CBC CLA VN . 8.73 31.90 63.28
ND CLA VN . 14.16 30.55 60.59
C1D CLA VN . 13.11 29.82 61.21
C2D CLA VN . 13.24 28.40 60.85
C3D CLA VN . 14.35 28.30 60.03
C4D CLA VN . 14.86 29.67 59.86
CMD CLA VN . 12.38 27.32 61.29
CAD CLA VN . 15.16 27.40 59.24
OBD CLA VN . 15.09 26.19 59.12
CBD CLA VN . 16.21 28.29 58.51
CGD CLA VN . 17.59 27.77 58.82
O1D CLA VN . 18.03 26.64 58.58
O2D CLA VN . 18.43 28.65 59.43
CED CLA VN . 19.82 28.58 59.12
MG CLA WN . 4.18 37.20 56.74
CHA CLA WN . 3.32 40.27 55.39
CHB CLA WN . 2.14 35.65 54.50
CHC CLA WN . 5.35 34.17 57.87
CHD CLA WN . 6.23 38.85 59.09
NA CLA WN . 2.91 37.88 55.24
C1A CLA WN . 2.71 39.21 54.80
C2A CLA WN . 1.68 39.26 53.67
C3A CLA WN . 1.10 37.83 53.70
C4A CLA WN . 2.12 37.05 54.51
CMA CLA WN . -0.21 37.94 54.41
CAA CLA WN . 2.31 39.60 52.31
CBA CLA WN . 2.52 38.43 51.38
CGA CLA WN . 3.71 38.65 50.51
O1A CLA WN . 3.76 39.21 49.41
O2A CLA WN . 4.87 38.18 51.06
NB CLA WN . 3.81 35.27 56.26
C1B CLA WN . 3.02 34.84 55.25
C2B CLA WN . 3.13 33.36 55.11
C3B CLA WN . 4.04 32.94 56.06
C4B CLA WN . 4.47 34.15 56.82
CMB CLA WN . 2.40 32.57 54.14
CAB CLA WN . 4.50 31.62 56.37
CBB CLA WN . 5.75 31.17 56.17
NC CLA WN . 5.50 36.62 58.25
C1C CLA WN . 5.83 35.33 58.55
C2C CLA WN . 6.79 35.29 59.65
C3C CLA WN . 7.04 36.62 59.98
C4C CLA WN . 6.23 37.45 59.11
CMC CLA WN . 7.37 34.07 60.21
CAC CLA WN . 7.95 37.10 61.04
CBC CLA WN . 7.25 37.22 62.38
ND CLA WN . 4.62 39.10 57.26
C1D CLA WN . 5.50 39.63 58.23
C2D CLA WN . 5.48 41.11 58.14
C3D CLA WN . 4.68 41.41 57.04
C4D CLA WN . 4.17 40.12 56.54
CMD CLA WN . 6.24 42.00 59.01
CAD CLA WN . 4.10 42.46 56.23
OBD CLA WN . 4.22 43.67 56.32
CBD CLA WN . 3.24 41.76 55.13
CGD CLA WN . 1.82 42.26 55.12
O1D CLA WN . 0.84 41.75 55.67
O2D CLA WN . 1.63 43.40 54.41
CED CLA WN . 0.37 43.60 53.79
C1 CLA WN . 6.06 38.24 50.24
MG CLA XN . -3.46 45.91 69.26
CHA CLA XN . -6.68 45.49 68.04
CHB CLA XN . -4.32 48.97 70.47
CHC CLA XN . -0.30 46.22 70.55
CHD CLA XN . -2.62 42.70 68.03
NA CLA XN . -5.23 47.03 69.24
C1A CLA XN . -6.47 46.68 68.69
C2A CLA XN . -7.50 47.80 68.91
C3A CLA XN . -6.67 48.92 69.54
C4A CLA XN . -5.30 48.28 69.80
CMA CLA XN . -6.59 50.10 68.62
CAA CLA XN . -8.58 47.38 69.89
NB CLA XN . -2.48 47.35 70.28
C1B CLA XN . -3.03 48.49 70.75
C2B CLA XN . -2.04 49.21 71.59
C3B CLA XN . -0.91 48.43 71.62
C4B CLA XN . -1.17 47.24 70.77
CMB CLA XN . -2.32 50.49 72.25
CAB CLA XN . 0.35 48.62 72.27
CBB CLA XN . 1.14 49.68 72.09
NC CLA XN . -1.77 44.69 69.26
C1C CLA XN . -0.57 45.02 69.83
C2C CLA XN . 0.40 43.96 69.64
C3C CLA XN . -0.26 42.95 68.95
C4C CLA XN . -1.62 43.42 68.72
CMC CLA XN . 1.78 43.98 70.12
CAC CLA XN . 0.30 41.65 68.52
CBC CLA XN . 0.09 40.58 69.56
ND CLA XN . -4.38 44.41 68.28
C1D CLA XN . -3.91 43.15 67.82
C2D CLA XN . -5.01 42.45 67.12
C3D CLA XN . -6.09 43.31 67.16
C4D CLA XN . -5.64 44.51 67.89
CMD CLA XN . -4.90 41.13 66.53
CAD CLA XN . -7.48 43.52 66.80
OBD CLA XN . -8.25 42.78 66.19
CBD CLA XN . -7.89 44.92 67.33
CGD CLA XN . -8.34 45.84 66.23
O1D CLA XN . -7.63 46.43 65.40
O2D CLA XN . -9.68 46.01 66.17
CED CLA XN . -10.19 47.33 66.38
MG CLA YN . 4.55 61.42 71.73
CHA CLA YN . 1.80 59.46 72.49
CHB CLA YN . 2.67 64.22 72.23
CHC CLA YN . 7.36 63.34 71.28
CHD CLA YN . 6.48 58.49 71.28
NA CLA YN . 2.54 61.76 72.24
C1A CLA YN . 1.56 60.81 72.54
C2A CLA YN . 0.24 61.50 72.86
C3A CLA YN . 0.50 62.99 72.52
C4A CLA YN . 2.01 63.02 72.33
CMA CLA YN . -0.24 63.44 71.28
CAA CLA YN . -0.13 61.37 74.33
NB CLA YN . 4.91 63.39 71.64
C1B CLA YN . 4.05 64.37 72.04
C2B CLA YN . 4.77 65.66 72.25
C3B CLA YN . 6.10 65.41 71.98
C4B CLA YN . 6.20 63.98 71.60
CMB CLA YN . 4.11 66.89 72.68
CAB CLA YN . 7.22 66.30 72.05
CBB CLA YN . 8.13 66.29 73.03
NC CLA YN . 6.55 60.99 71.31
C1C CLA YN . 7.51 61.94 71.15
C2C CLA YN . 8.79 61.30 70.84
C3C CLA YN . 8.57 59.93 70.88
C4C CLA YN . 7.15 59.74 71.17
CMC CLA YN . 10.03 62.04 70.59
CAC CLA YN . 9.57 58.88 70.63
CBC CLA YN . 10.40 58.56 71.85
ND CLA YN . 4.28 59.42 71.87
C1D CLA YN . 5.15 58.32 71.61
C2D CLA YN . 4.38 57.07 71.75
C3D CLA YN . 3.10 57.45 72.12
C4D CLA YN . 3.09 58.92 72.17
CMD CLA YN . 4.91 55.73 71.54
CAD CLA YN . 1.75 57.00 72.45
OBD CLA YN . 1.33 55.85 72.57
CBD CLA YN . 0.88 58.28 72.67
CGD CLA YN . -0.29 58.38 71.72
O1D CLA YN . -0.32 58.10 70.52
O2D CLA YN . -1.41 58.88 72.30
CED CLA YN . -2.38 59.50 71.46
NB KC2 ZN . 5.22 51.15 75.97
ND KC2 ZN . 4.34 55.02 75.23
C1A KC2 ZN . 1.71 53.32 75.76
C1B KC2 ZN . 4.42 50.12 76.25
C1C KC2 ZN . 7.69 52.97 75.64
C1D KC2 ZN . 5.03 56.27 75.07
C2A KC2 ZN . 0.37 52.67 75.91
C2B KC2 ZN . 5.10 48.88 76.69
C2C KC2 ZN . 9.00 53.66 75.64
C2D KC2 ZN . 4.20 57.49 75.19
C3A KC2 ZN . 0.77 51.21 76.09
C3B KC2 ZN . 6.52 49.29 76.60
C3C KC2 ZN . 8.63 55.05 75.30
C3D KC2 ZN . 2.87 56.85 75.45
C4A KC2 ZN . 2.26 51.36 76.05
C4B KC2 ZN . 6.45 50.70 76.16
C4C KC2 ZN . 7.16 54.97 75.14
C4D KC2 ZN . 3.07 55.49 75.47
CAA KC2 ZN . -0.44 52.81 74.64
CAB KC2 ZN . 7.75 48.52 76.88
CAC KC2 ZN . 9.51 56.27 75.14
CAD KC2 ZN . 1.43 57.09 75.70
CBA KC2 ZN . -1.84 52.31 74.94
CBB KC2 ZN . 7.90 47.34 76.33
CBC KC2 ZN . 10.44 55.97 74.24
CBD KC2 ZN . 0.73 55.80 75.85
CED KC2 ZN . 2.02 55.90 78.98
CGA KC2 ZN . -2.56 53.32 75.79
CGD KC2 ZN . 0.23 55.70 77.24
CHA KC2 ZN . 1.79 54.79 75.64
CHB KC2 ZN . 2.96 50.24 76.20
CHC KC2 ZN . 7.64 51.53 75.96
CHD KC2 ZN . 6.47 56.22 74.81
CMA KC2 ZN . 0.38 50.71 77.48
CMB KC2 ZN . 4.53 47.55 77.09
CMC KC2 ZN . 10.37 53.11 75.93
CMD KC2 ZN . 4.44 58.97 75.13
NA KC2 ZN . 2.73 52.60 75.87
NC KC2 ZN . 6.64 53.75 75.35
O1A KC2 ZN . -2.86 54.40 75.33
O1D KC2 ZN . -0.88 56.12 77.51
O2A KC2 ZN . -2.89 52.99 77.16
O2D KC2 ZN . 1.07 55.11 78.28
OBD KC2 ZN . 0.85 58.23 75.78
MG KC2 ZN . 4.73 53.11 75.81
NB KC2 AO . 20.40 53.38 68.88
ND KC2 AO . 23.93 52.47 67.11
C1A KC2 AO . 24.51 53.99 69.83
C1B KC2 AO . 20.23 53.46 70.21
C1C KC2 AO . 19.95 52.46 66.00
C1D KC2 AO . 24.18 51.99 65.83
C2A KC2 AO . 24.74 54.48 71.10
C2B KC2 AO . 18.91 53.18 70.51
C2C KC2 AO . 19.76 52.23 64.65
C2D KC2 AO . 25.48 52.37 65.46
C3A KC2 AO . 23.51 54.47 71.75
C3B KC2 AO . 18.24 52.93 69.31
C3C KC2 AO . 20.96 51.75 64.11
C3D KC2 AO . 26.01 53.06 66.56
C4A KC2 AO . 22.59 53.96 70.87
C4B KC2 AO . 19.18 53.08 68.30
C4C KC2 AO . 21.85 51.70 65.16
C4D KC2 AO . 25.01 53.07 67.52
CAA KC2 AO . 25.96 54.96 71.71
CAB KC2 AO . 16.83 52.61 69.16
CAC KC2 AO . 21.18 51.39 62.72
CAD KC2 AO . 27.18 53.77 67.09
CBA KC2 AO . 26.48 56.15 71.58
CBB KC2 AO . 15.81 53.30 69.58
CBC KC2 AO . 21.24 50.18 62.22
CBD KC2 AO . 26.86 54.11 68.55
CED KC2 AO . 27.57 51.28 70.73
CGA KC2 AO . 25.93 57.12 70.63
CGD KC2 AO . 27.76 53.24 69.42
CHA KC2 AO . 25.43 53.76 68.71
CHB KC2 AO . 21.23 53.75 71.13
CHC KC2 AO . 19.02 52.94 66.91
CHD KC2 AO . 23.20 51.31 65.13
CMA KC2 AO . 23.26 54.91 73.16
CMB KC2 AO . 18.31 53.14 71.89
CMC KC2 AO . 18.50 52.46 63.88
CMD KC2 AO . 26.18 52.09 64.17
NA KC2 AO . 23.19 53.67 69.70
NC KC2 AO . 21.23 52.17 66.33
O1A KC2 AO . 24.84 57.66 70.76
O1D KC2 AO . 28.74 53.65 70.00
O2A KC2 AO . 26.71 57.37 69.62
O2D KC2 AO . 27.34 51.99 69.48
OBD KC2 AO . 28.23 54.07 66.56
MG KC2 AO . 22.18 52.89 68.03
MG CLA BO . 22.74 46.93 59.03
CHA CLA BO . 25.81 45.54 59.91
CHB CLA BO . 24.05 50.04 59.38
CHC CLA BO . 19.90 48.23 57.62
CHD CLA BO . 21.48 43.67 58.50
NA CLA BO . 24.59 47.65 59.64
C1A CLA BO . 25.76 46.92 59.92
C2A CLA BO . 26.90 47.89 60.29
C3A CLA BO . 26.15 49.21 60.54
C4A CLA BO . 24.84 48.98 59.78
CMA CLA BO . 25.91 49.47 62.01
CAA CLA BO . 27.82 48.24 59.11
CBA CLA BO . 28.38 47.14 58.24
CGA CLA BO . 29.79 46.83 58.62
O1A CLA BO . 30.36 47.04 59.69
O2A CLA BO . 30.48 46.20 57.62
NB CLA BO . 22.06 48.78 58.68
C1B CLA BO . 22.82 49.91 58.71
C2B CLA BO . 22.16 51.01 57.95
C3B CLA BO . 20.98 50.50 57.46
C4B CLA BO . 20.90 49.09 57.93
CMB CLA BO . 22.75 52.34 57.81
CAB CLA BO . 19.96 51.10 56.65
CBB CLA BO . 19.28 52.20 56.96
NC CLA BO . 20.96 46.09 58.32
C1C CLA BO . 19.92 46.82 57.83
C2C CLA BO . 18.84 45.94 57.41
C3C CLA BO . 19.31 44.63 57.59
C4C CLA BO . 20.64 44.75 58.16
CMC CLA BO . 17.57 46.36 56.83
CAC CLA BO . 18.56 43.40 57.29
CBC CLA BO . 18.97 42.80 55.96
ND CLA BO . 23.38 45.03 59.27
C1D CLA BO . 22.75 43.77 59.01
C2D CLA BO . 23.69 42.68 59.34
C3D CLA BO . 24.88 43.31 59.70
C4D CLA BO . 24.63 44.76 59.62
CMD CLA BO . 23.38 41.26 59.26
CAD CLA BO . 26.24 43.12 60.15
OBD CLA BO . 26.83 42.07 60.43
CBD CLA BO . 26.89 44.52 60.24
CGD CLA BO . 27.53 44.73 61.59
O1D CLA BO . 28.61 44.29 61.98
O2D CLA BO . 26.80 45.51 62.45
CED CLA BO . 27.55 46.34 63.34
C1 CLA BO . 30.80 44.82 57.84
C2 CLA BO . 31.47 44.32 56.61
C3 CLA BO . 32.01 43.10 56.51
C4 CLA BO . 32.67 42.62 55.27
C5 CLA BO . 32.01 42.16 57.67
C6 CLA BO . 30.93 41.10 57.56
C03 II0 CO . 10.56 56.66 54.20
C04 II0 CO . 14.66 36.70 66.84
C05 II0 CO . 9.88 57.66 53.24
C06 II0 CO . 15.09 35.81 68.00
C07 II0 CO . 8.48 57.27 52.85
C08 II0 CO . 15.74 36.56 69.14
C09 II0 CO . 9.52 56.07 55.16
C10 II0 CO . 13.74 37.80 67.41
C11 II0 CO . 7.66 57.34 54.12
C12 II0 CO . 14.93 37.76 69.59
C13 II0 CO . 8.23 56.45 55.20
C14 II0 CO . 13.72 38.03 68.73
C15 II0 CO . 11.17 55.55 53.33
C16 II0 CO . 11.68 57.36 54.97
C17 II0 CO . 13.91 35.84 65.82
C18 II0 CO . 15.88 37.32 66.16
C19 II0 CO . 7.26 56.04 56.26
C20 II0 CO . 12.54 38.59 69.48
C21 II0 CO . 9.99 55.08 56.06
C22 II0 CO . 12.94 38.52 66.49
C23 II0 CO . 10.49 54.28 56.82
C24 II0 CO . 12.33 39.14 65.65
C25 II0 CO . 11.20 53.44 57.72
C26 II0 CO . 11.72 39.92 64.62
C27 II0 CO . 12.39 54.06 58.40
C28 II0 CO . 10.87 39.16 63.63
C29 II0 CO . 10.80 52.17 57.94
C30 II0 CO . 11.99 41.25 64.61
C31 II0 CO . 11.38 51.25 58.87
C32 II0 CO . 11.57 42.31 63.73
C33 II0 CO . 10.89 50.02 59.11
C34 II0 CO . 10.57 42.25 62.85
C35 II0 CO . 11.44 49.04 60.04
C36 II0 CO . 10.11 43.30 61.95
C37 II0 CO . 12.69 49.39 60.78
C38 II0 CO . 8.93 42.99 61.06
C39 II0 CO . 10.79 47.86 60.19
C40 II0 CO . 10.75 44.49 61.92
C41 II0 CO . 11.15 46.76 61.04
C42 II0 CO . 10.44 45.62 61.10
O01 II0 CO . 7.96 58.16 51.87
O02 II0 CO . 15.91 35.67 70.26
C03 II0 DO . 7.64 58.15 66.42
C04 II0 DO . 30.30 53.63 62.97
C05 II0 DO . 6.31 57.91 65.70
C06 II0 DO . 31.72 53.09 63.22
C07 II0 DO . 5.94 59.11 64.81
C08 II0 DO . 31.98 51.75 62.53
C09 II0 DO . 8.80 58.66 65.51
C10 II0 DO . 29.96 53.58 61.44
C11 II0 DO . 7.02 59.29 63.73
C12 II0 DO . 31.76 51.85 61.01
C13 II0 DO . 8.40 59.58 64.33
C14 II0 DO . 30.32 52.25 60.68
C15 II0 DO . 7.36 59.11 67.61
C16 II0 DO . 8.07 56.77 67.01
C17 II0 DO . 29.34 52.92 63.96
C18 II0 DO . 30.32 55.13 63.37
C19 II0 DO . 8.46 61.08 64.72
C20 II0 DO . 29.46 50.99 60.93
C21 II0 DO . 9.88 59.36 66.38
C22 II0 DO . 28.60 54.29 61.02
C23 II0 DO . 11.05 58.68 66.40
C24 II0 DO . 27.37 53.73 61.21
C25 II0 DO . 12.49 58.53 66.89
C26 II0 DO . 25.82 53.73 61.11
C27 II0 DO . 12.50 57.61 68.11
C28 II0 DO . 25.43 54.14 59.69
C29 II0 DO . 13.42 57.94 65.81
C30 II0 DO . 25.21 54.72 62.12
C31 II0 DO . 14.82 57.69 66.45
C32 II0 DO . 23.68 54.91 61.88
C33 II0 DO . 15.77 57.20 65.62
C34 II0 DO . 22.94 54.05 62.64
C35 II0 DO . 17.21 56.71 65.41
C36 II0 DO . 21.54 54.54 62.14
C37 II0 DO . 18.14 57.55 66.30
C38 II0 DO . 21.33 54.33 60.64
C39 II0 DO . 17.65 56.81 63.96
C40 II0 DO . 21.23 56.01 62.52
C41 II0 DO . 19.17 56.57 63.81
C42 II0 DO . 19.70 56.25 62.63
O01 II0 DO . 4.69 58.84 64.19
O02 II0 DO . 33.32 51.36 62.78
C03 II0 EO . 19.82 36.13 62.27
C04 II0 EO . 13.38 59.54 59.38
C05 II0 EO . 20.63 34.87 62.62
C06 II0 EO . 13.51 61.03 59.72
C07 II0 EO . 21.90 34.78 61.78
C08 II0 EO . 13.11 61.38 61.16
C09 II0 EO . 20.61 37.45 62.13
C10 II0 EO . 14.11 58.59 60.38
C11 II0 EO . 22.78 36.01 62.06
C12 II0 EO . 13.60 60.40 62.25
C13 II0 EO . 22.10 37.32 61.66
C14 II0 EO . 14.42 59.17 61.79
C15 II0 EO . 19.14 35.78 60.94
C16 II0 EO . 18.71 36.33 63.34
C17 II0 EO . 11.87 59.16 59.31
C18 II0 EO . 13.91 59.38 57.93
C19 II0 EO . 22.26 37.51 60.14
C20 II0 EO . 15.92 59.52 61.98
C21 II0 EO . 19.85 38.43 61.19
C22 II0 EO . 15.41 58.00 59.75
C23 II0 EO . 19.59 39.62 61.76
C24 II0 EO . 15.51 56.64 59.80
C25 II0 EO . 19.02 41.04 61.71
C26 II0 EO . 16.28 55.33 59.50
C27 II0 EO . 19.35 41.56 60.34
C28 II0 EO . 17.77 55.62 59.54
C29 II0 EO . 17.50 41.10 61.89
C30 II0 EO . 15.94 54.24 60.52
C31 II0 EO . 17.06 42.35 62.72
C32 II0 EO . 16.49 52.84 60.08
C33 II0 EO . 16.76 43.46 62.01
C34 II0 EO . 16.68 52.01 61.14
C35 II0 EO . 16.28 44.93 61.95
C36 II0 EO . 17.18 50.95 60.14
C37 II0 EO . 14.91 44.98 61.28
C38 II0 EO . 18.68 50.78 60.28
C39 II0 EO . 17.25 45.85 61.19
C40 II0 EO . 16.44 49.63 60.44
C41 II0 EO . 16.62 47.24 61.00
C42 II0 EO . 17.27 48.33 60.57
O01 II0 EO . 22.60 33.61 62.13
O02 II0 EO . 13.63 62.66 61.45
C03 II0 FO . 1.30 38.77 65.33
C04 II0 FO . 11.09 19.93 75.07
C05 II0 FO . 0.08 39.02 64.42
C06 II0 FO . 11.22 18.56 75.76
C07 II0 FO . 0.48 39.32 62.97
C08 II0 FO . 11.66 18.69 77.20
C09 II0 FO . 2.33 37.77 64.76
C10 II0 FO . 10.30 21.03 75.86
C11 II0 FO . 1.35 38.18 62.42
C12 II0 FO . 10.57 19.45 77.96
C13 II0 FO . 2.61 38.02 63.27
C14 II0 FO . 10.33 20.87 77.41
C15 II0 FO . 1.99 40.13 65.58
C16 II0 FO . 0.72 38.24 66.69
C17 II0 FO . 12.53 20.46 74.80
C18 II0 FO . 10.46 19.63 73.68
C19 II0 FO . 3.46 36.87 62.69
C20 II0 FO . 9.05 21.37 78.11
C21 II0 FO . 3.68 37.90 65.51
C22 II0 FO . 8.83 21.19 75.33
C23 II0 FO . 3.94 36.82 66.30
C24 II0 FO . 8.54 22.44 74.81
C25 II0 FO . 4.86 36.08 67.29
C26 II0 FO . 7.56 23.45 74.16
C27 II0 FO . 6.03 35.46 66.54
C28 II0 FO . 6.15 23.19 74.68
C29 II0 FO . 4.07 35.01 68.07
C30 II0 FO . 7.98 24.89 74.51
C31 II0 FO . 4.91 33.75 68.47
C32 II0 FO . 6.93 25.96 74.06
C33 II0 FO . 5.22 33.71 69.78
C34 II0 FO . 6.56 26.80 75.09
C35 II0 FO . 5.88 33.06 71.00
C36 II0 FO . 5.57 27.65 74.25
C37 II0 FO . 6.06 34.10 72.12
C38 II0 FO . 4.39 26.85 73.67
C39 II0 FO . 5.05 31.89 71.54
C40 II0 FO . 6.26 28.48 73.15
C41 II0 FO . 5.92 30.69 71.98
C42 II0 FO . 5.40 29.70 72.69
O01 II0 FO . -0.68 39.45 62.19
O02 II0 FO . 11.80 17.41 77.77
MG CLA GO . 8.73 68.56 61.90
CHA CLA GO . 6.31 70.03 63.92
CHB CLA GO . 10.57 71.42 62.00
CHC CLA GO . 11.09 67.07 59.89
CHD CLA GO . 6.83 65.57 61.85
NA CLA GO . 8.46 70.42 62.83
C1A CLA GO . 7.40 70.84 63.65
C2A CLA GO . 7.63 72.29 64.12
C3A CLA GO . 9.02 72.65 63.55
C4A CLA GO . 9.39 71.41 62.73
CMA CLA GO . 8.98 73.90 62.70
CAA CLA GO . 7.68 72.49 65.64
CBA CLA GO . 8.39 71.38 66.38
CGA CLA GO . 7.73 71.17 67.71
O1A CLA GO . 6.61 70.71 67.95
O2A CLA GO . 8.50 71.55 68.77
NB CLA GO . 10.52 69.12 61.15
C1B CLA GO . 11.04 70.37 61.21
C2B CLA GO . 12.20 70.48 60.28
C3B CLA GO . 12.35 69.25 59.68
C4B CLA GO . 11.29 68.37 60.23
CMB CLA GO . 12.98 71.71 60.11
CAB CLA GO . 13.30 68.80 58.70
CBB CLA GO . 13.26 69.12 57.41
NC CLA GO . 8.91 66.67 61.04
C1C CLA GO . 9.97 66.27 60.26
C2C CLA GO . 9.79 64.89 59.83
C3C CLA GO . 8.59 64.46 60.37
C4C CLA GO . 8.05 65.58 61.14
CMC CLA GO . 10.74 64.18 58.97
CAC CLA GO . 7.97 63.14 60.21
CBC CLA GO . 8.54 62.10 61.15
ND CLA GO . 6.96 67.90 62.63
C1D CLA GO . 6.31 66.64 62.54
C2D CLA GO . 5.03 66.72 63.29
C3D CLA GO . 4.96 68.01 63.81
C4D CLA GO . 6.21 68.69 63.39
CMD CLA GO . 4.07 65.64 63.41
CAD CLA GO . 4.19 68.95 64.60
OBD CLA GO . 3.07 68.81 65.10
CBD CLA GO . 5.04 70.24 64.72
CGD CLA GO . 4.30 71.46 64.25
O1D CLA GO . 3.63 72.26 64.93
O2D CLA GO . 4.41 71.69 62.92
CED CLA GO . 3.21 71.94 62.18
C03 II0 HO . -5.69 42.65 74.72
C04 II0 HO . 16.22 50.40 75.47
C05 II0 HO . -7.15 43.07 74.91
C06 II0 HO . 17.38 49.61 76.11
C07 II0 HO . -7.41 44.51 74.54
C08 II0 HO . 16.98 48.36 76.90
C09 II0 HO . -5.15 43.32 73.46
C10 II0 HO . 14.89 49.90 76.03
C11 II0 HO . -7.16 44.71 73.05
C12 II0 HO . 15.90 48.68 77.92
C13 II0 HO . -6.03 43.83 72.57
C14 II0 HO . 14.80 49.51 77.31
C15 II0 HO . -5.62 41.12 74.59
C16 II0 HO . -4.88 43.07 75.95
C17 II0 HO . 16.41 51.89 75.77
C18 II0 HO . 16.29 50.20 73.96
C19 II0 HO . -5.99 43.58 71.11
C20 II0 HO . 13.66 49.82 78.23
C21 II0 HO . -3.73 43.39 73.30
C22 II0 HO . 13.77 49.88 75.15
C23 II0 HO . -2.54 43.41 73.27
C24 II0 HO . 12.89 49.93 74.34
C25 II0 HO . -1.11 43.35 73.35
C26 II0 HO . 12.04 50.17 73.22
C27 II0 HO . -0.47 42.09 72.84
C28 II0 HO . 12.62 51.09 72.18
C29 II0 HO . -0.42 44.37 73.91
C30 II0 HO . 10.81 49.62 73.10
C31 II0 HO . 0.89 44.78 73.55
C32 II0 HO . 9.91 49.89 72.02
C33 II0 HO . 1.53 45.82 74.10
C34 II0 HO . 8.64 49.47 71.86
C35 II0 HO . 2.86 46.29 73.76
C36 II0 HO . 7.86 48.54 72.68
C37 II0 HO . 3.75 45.37 72.98
C38 II0 HO . 8.51 47.27 73.14
C39 II0 HO . 3.16 47.60 74.00
C40 II0 HO . 6.56 48.82 72.88
C41 II0 HO . 4.27 48.37 73.52
C42 II0 HO . 5.56 47.98 73.44
O01 II0 HO . -8.76 44.86 74.86
O02 II0 HO . 16.52 47.34 76.01
O1 LHG IO . 55.53 36.91 -14.73
C1 LHG IO . 54.12 37.01 -14.57
C2 LHG IO . 53.61 38.13 -15.46
O2 LHG IO . 52.30 37.86 -15.90
C3 LHG IO . 54.43 38.31 -16.70
O3 LHG IO . 53.51 39.04 -17.49
P LHG IO . 53.87 40.47 -18.13
O4 LHG IO . 53.04 41.50 -17.45
O5 LHG IO . 55.32 40.36 -18.43
O6 LHG IO . 53.02 40.17 -19.53
C4 LHG IO . 52.65 41.21 -20.38
C5 LHG IO . 51.51 40.61 -21.21
C6 LHG IO . 52.03 39.85 -22.42
O7 LHG IO . 50.85 39.68 -20.35
C7 LHG IO . 49.50 39.66 -20.51
O9 LHG IO . 48.92 40.29 -21.37
C8 LHG IO . 48.89 38.66 -19.61
C9 LHG IO . 47.66 38.09 -20.27
C10 LHG IO . 46.43 38.75 -19.70
O8 LHG IO . 52.78 40.82 -23.14
C23 LHG IO . 52.25 41.25 -24.33
O10 LHG IO . 51.54 42.23 -24.33
C24 LHG IO . 52.86 40.80 -25.63
C11 LHG IO . 45.76 39.26 -20.95
C12 LHG IO . 44.28 39.24 -20.77
C13 LHG IO . 43.80 40.66 -20.67
C14 LHG IO . 42.80 41.00 -21.74
C15 LHG IO . 41.52 40.26 -21.39
C16 LHG IO . 40.50 41.23 -20.87
C17 LHG IO . 40.36 41.07 -19.36
C18 LHG IO . 39.15 41.90 -19.03
C19 LHG IO . 38.91 42.07 -17.56
C20 LHG IO . 37.73 43.02 -17.51
C25 LHG IO . 53.24 41.89 -26.59
C26 LHG IO . 53.10 41.56 -28.07
C27 LHG IO . 53.02 42.91 -28.72
C28 LHG IO . 52.76 42.92 -30.20
C29 LHG IO . 51.42 42.23 -30.38
C30 LHG IO . 50.25 43.10 -30.74
C31 LHG IO . 49.09 43.07 -29.77
C32 LHG IO . 48.36 44.38 -29.60
C33 LHG IO . 47.28 44.17 -28.55
C34 LHG IO . 46.03 43.48 -29.04
C35 LHG IO . 44.82 44.35 -28.82
C36 LHG IO . 43.83 44.06 -29.93
MG CLA JO . 46.61 25.18 -38.27
CHA CLA JO . 49.35 23.06 -38.55
CHB CLA JO . 47.11 26.25 -41.47
CHC CLA JO . 43.95 27.31 -37.91
CHD CLA JO . 45.93 23.81 -35.09
NA CLA JO . 48.01 24.71 -39.76
C1A CLA JO . 49.08 23.80 -39.69
C2A CLA JO . 49.84 23.75 -41.02
C3A CLA JO . 49.07 24.75 -41.91
C4A CLA JO . 47.98 25.28 -41.00
CMA CLA JO . 49.95 25.88 -42.41
CAA CLA JO . 49.76 22.38 -41.68
CBA CLA JO . 50.51 22.26 -42.98
CGA CLA JO . 51.26 20.97 -43.01
O1A CLA JO . 52.30 20.68 -42.41
O2A CLA JO . 50.70 20.03 -43.83
NB CLA JO . 45.69 26.50 -39.48
C1B CLA JO . 46.07 26.84 -40.73
C2B CLA JO . 45.30 28.02 -41.20
C3B CLA JO . 44.40 28.34 -40.21
C4B CLA JO . 44.63 27.37 -39.09
CMB CLA JO . 45.52 28.62 -42.52
CAB CLA JO . 43.39 29.37 -40.12
CBB CLA JO . 43.48 30.65 -40.49
NC CLA JO . 45.21 25.51 -36.77
C1C CLA JO . 44.21 26.43 -36.83
C2C CLA JO . 43.44 26.41 -35.58
C3C CLA JO . 43.98 25.39 -34.81
C4C CLA JO . 45.08 24.82 -35.57
CMC CLA JO . 42.31 27.29 -35.28
CAC CLA JO . 43.58 24.97 -33.46
CBC CLA JO . 44.38 25.63 -32.37
ND CLA JO . 47.43 23.81 -37.03
C1D CLA JO . 47.02 23.31 -35.77
C2D CLA JO . 48.01 22.32 -35.30
C3D CLA JO . 48.98 22.28 -36.27
C4D CLA JO . 48.53 23.16 -37.37
CMD CLA JO . 47.96 21.66 -34.01
CAD CLA JO . 50.23 21.69 -36.69
OBD CLA JO . 51.02 21.01 -36.05
CBD CLA JO . 50.44 22.10 -38.18
CGD CLA JO . 51.77 22.74 -38.38
O1D CLA JO . 52.77 22.28 -38.94
O2D CLA JO . 51.86 24.00 -37.86
CED CLA JO . 52.66 24.94 -38.58
C1 CLA JO . 51.33 18.73 -43.85
C2 CLA JO . 50.59 17.88 -44.82
C3 CLA JO . 50.78 16.56 -44.94
C4 CLA JO . 51.75 15.80 -44.13
C5 CLA JO . 49.99 15.78 -45.93
C6 CLA JO . 48.54 15.63 -45.51
C7 CLA JO . 47.72 15.09 -46.66
C8 CLA JO . 47.05 16.14 -47.55
C9 CLA JO . 46.77 17.44 -46.82
C10 CLA JO . 45.75 15.57 -48.11
C11 CLA JO . 44.71 15.33 -47.02
C12 CLA JO . 43.32 15.74 -47.45
C13 CLA JO . 43.02 17.18 -47.04
C14 CLA JO . 41.66 17.28 -46.39
C15 CLA JO . 43.11 18.14 -48.22
C16 CLA JO . 43.12 19.58 -47.75
C17 CLA JO . 44.47 20.24 -47.98
C18 CLA JO . 44.38 21.47 -48.86
C19 CLA JO . 43.99 21.12 -50.28
C20 CLA JO . 43.38 22.48 -48.30
MG CLA KO . 45.77 44.44 -62.99
CHA CLA KO . 47.10 47.46 -61.89
CHB CLA KO . 45.34 45.75 -66.09
CHC CLA KO . 44.60 41.39 -64.05
CHD CLA KO . 46.20 43.13 -59.72
NA CLA KO . 46.15 46.32 -63.83
C1A CLA KO . 46.72 47.45 -63.21
C2A CLA KO . 46.82 48.61 -64.21
C3A CLA KO . 46.08 48.08 -65.45
C4A CLA KO . 45.84 46.60 -65.12
CMA CLA KO . 44.78 48.81 -65.69
CAA CLA KO . 48.26 48.92 -64.58
CBA CLA KO . 48.41 50.35 -65.04
NB CLA KO . 45.06 43.72 -64.72
C1B CLA KO . 45.07 44.38 -65.91
C2B CLA KO . 44.73 43.45 -67.02
C3B CLA KO . 44.52 42.21 -66.45
C4B CLA KO . 44.72 42.37 -64.98
CMB CLA KO . 44.67 43.86 -68.42
CAB CLA KO . 44.17 40.96 -67.07
CBB CLA KO . 44.98 39.92 -67.18
NC CLA KO . 45.44 42.61 -62.04
C1C CLA KO . 44.93 41.50 -62.67
C2C CLA KO . 44.80 40.40 -61.72
C3C CLA KO . 45.27 40.88 -60.49
C4C CLA KO . 45.67 42.27 -60.71
CMC CLA KO . 44.28 39.07 -62.04
CAC CLA KO . 45.34 40.15 -59.23
CBC CLA KO . 46.62 39.35 -59.07
ND CLA KO . 46.48 45.08 -61.20
C1D CLA KO . 46.58 44.44 -59.93
C2D CLA KO . 47.15 45.39 -58.96
C3D CLA KO . 47.38 46.56 -59.67
C4D CLA KO . 46.93 46.32 -61.05
CMD CLA KO . 47.40 45.09 -57.56
CAD CLA KO . 47.85 47.93 -59.58
OBD CLA KO . 48.30 48.55 -58.63
CBD CLA KO . 47.68 48.55 -61.01
CGD CLA KO . 46.82 49.78 -60.99
O1D CLA KO . 45.65 49.88 -61.32
O2D CLA KO . 47.47 50.89 -60.54
CED CLA KO . 47.02 52.16 -61.02
MG CLA LO . 45.30 46.92 -48.48
CHA CLA LO . 42.90 48.37 -50.55
CHB CLA LO . 43.30 47.44 -45.79
CHC CLA LO . 47.64 45.36 -46.53
CHD CLA LO . 47.37 46.44 -51.31
NA CLA LO . 43.40 47.77 -48.24
C1A CLA LO . 42.56 48.30 -49.22
C2A CLA LO . 41.26 48.82 -48.60
C3A CLA LO . 41.52 48.68 -47.08
C4A CLA LO . 42.82 47.89 -47.01
CMA CLA LO . 41.65 50.04 -46.49
CAA CLA LO . 40.01 48.05 -49.02
CBA CLA LO . 39.64 46.92 -48.08
CGA CLA LO . 40.58 45.79 -48.35
O1A CLA LO . 40.89 45.31 -49.44
O2A CLA LO . 41.16 45.26 -47.22
NB CLA LO . 45.49 46.58 -46.52
C1B CLA LO . 44.48 46.72 -45.61
C2B CLA LO . 44.81 45.98 -44.37
C3B CLA LO . 46.03 45.38 -44.57
C4B CLA LO . 46.48 45.75 -45.94
CMB CLA LO . 43.94 45.93 -43.21
CAB CLA LO . 46.76 44.52 -43.69
CBB CLA LO . 47.80 44.88 -42.94
NC CLA LO . 47.18 46.09 -48.86
C1C CLA LO . 47.99 45.53 -47.90
C2C CLA LO . 49.23 45.08 -48.50
C3C CLA LO . 49.14 45.35 -49.87
C4C CLA LO . 47.85 45.99 -50.08
CMC CLA LO . 50.34 44.45 -47.78
CAC CLA LO . 50.16 45.07 -50.89
CBC CLA LO . 49.87 43.81 -51.69
ND CLA LO . 45.19 47.21 -50.48
C1D CLA LO . 46.14 47.02 -51.52
C2D CLA LO . 45.57 47.51 -52.79
C3D CLA LO . 44.32 48.02 -52.48
C4D CLA LO . 44.14 47.84 -51.03
CMD CLA LO . 46.25 47.43 -54.07
CAD CLA LO . 43.10 48.63 -52.98
OBD CLA LO . 42.76 48.85 -54.14
CBD CLA LO . 42.21 48.98 -51.75
CGD CLA LO . 42.00 50.46 -51.57
O1D CLA LO . 41.99 51.10 -50.52
O2D CLA LO . 41.81 51.14 -52.73
CED CLA LO . 42.01 52.56 -52.72
C1 CLA LO . 41.17 43.83 -47.20
C2 CLA LO . 42.46 43.33 -46.69
C3 CLA LO . 42.68 43.06 -45.39
C4 CLA LO . 41.65 43.27 -44.37
C5 CLA LO . 43.99 42.53 -44.93
C6 CLA LO . 43.80 41.23 -44.19
C7 CLA LO . 43.61 40.06 -45.14
C8 CLA LO . 42.22 39.41 -45.14
C9 CLA LO . 41.47 39.60 -43.84
C10 CLA LO . 42.37 37.92 -45.42
C11 CLA LO . 41.06 37.18 -45.43
C12 CLA LO . 41.14 35.93 -44.57
C13 CLA LO . 41.09 34.60 -45.34
C14 CLA LO . 41.94 33.57 -44.63
C15 CLA LO . 41.43 34.71 -46.83
C16 CLA LO . 42.89 34.46 -47.18
C17 CLA LO . 43.03 33.35 -48.22
C18 CLA LO . 42.34 33.72 -49.52
C19 CLA LO . 43.15 34.74 -50.30
C20 CLA LO . 42.11 32.48 -50.36
MG CLA MO . 47.24 41.87 -38.28
CHA CLA MO . 44.30 43.28 -37.09
CHB CLA MO . 45.70 41.11 -41.19
CHC CLA MO . 50.23 40.66 -39.47
CHD CLA MO . 48.84 42.84 -35.29
NA CLA MO . 45.29 42.15 -39.00
C1A CLA MO . 44.22 42.78 -38.37
C2A CLA MO . 42.99 42.79 -39.27
C3A CLA MO . 43.44 41.96 -40.49
C4A CLA MO . 44.93 41.72 -40.24
CMA CLA MO . 42.71 40.64 -40.53
CAA CLA MO . 42.66 44.20 -39.71
CBA CLA MO . 41.66 44.25 -40.85
CGA CLA MO . 40.33 43.69 -40.44
O1A CLA MO . 39.60 44.04 -39.51
O2A CLA MO . 39.93 42.67 -41.25
NB CLA MO . 47.88 41.15 -40.05
C1B CLA MO . 47.05 40.79 -41.06
C2B CLA MO . 47.78 39.91 -42.03
C3B CLA MO . 49.08 39.78 -41.55
C4B CLA MO . 49.14 40.56 -40.28
CMB CLA MO . 47.11 39.37 -43.20
CAB CLA MO . 50.23 39.03 -41.99
CBB CLA MO . 50.43 38.35 -43.12
NC CLA MO . 49.17 41.74 -37.51
C1C CLA MO . 50.24 41.21 -38.17
C2C CLA MO . 51.43 41.29 -37.32
C3C CLA MO . 51.03 41.93 -36.14
C4C CLA MO . 49.62 42.22 -36.28
CMC CLA MO . 52.76 40.78 -37.67
CAC CLA MO . 51.84 42.25 -34.97
CBC CLA MO . 51.71 41.18 -33.90
ND CLA MO . 46.71 42.65 -36.50
C1D CLA MO . 47.48 43.06 -35.38
C2D CLA MO . 46.59 43.67 -34.37
C3D CLA MO . 45.35 43.72 -34.96
C4D CLA MO . 45.49 43.15 -36.31
CMD CLA MO . 47.01 44.08 -33.04
CAD CLA MO . 43.95 44.06 -34.79
OBD CLA MO . 43.34 44.32 -33.77
CBD CLA MO . 43.29 43.95 -36.19
CGD CLA MO . 42.02 43.15 -36.11
O1D CLA MO . 41.92 41.96 -35.85
O2D CLA MO . 40.88 43.86 -36.37
CED CLA MO . 39.63 43.17 -36.29
C1 CLA MO . 38.54 42.26 -41.15
C2 CLA MO . 38.51 41.13 -40.19
C3 CLA MO . 38.37 39.85 -40.57
C4 CLA MO . 38.22 39.44 -41.99
C5 CLA MO . 38.34 38.77 -39.55
C6 CLA MO . 39.29 37.63 -39.83
C7 CLA MO . 39.05 36.54 -38.80
C8 CLA MO . 39.64 35.17 -39.14
C9 CLA MO . 39.57 34.87 -40.62
C10 CLA MO . 38.92 34.10 -38.34
C11 CLA MO . 39.59 32.76 -38.42
C12 CLA MO . 41.02 32.80 -37.92
C13 CLA MO . 41.53 31.53 -37.24
C14 CLA MO . 40.45 30.56 -36.82
C15 CLA MO . 42.35 31.94 -36.03
C16 CLA MO . 43.48 30.99 -35.71
C17 CLA MO . 44.44 31.66 -34.77
C18 CLA MO . 45.28 30.67 -33.97
C19 CLA MO . 44.40 29.75 -33.16
C20 CLA MO . 46.15 29.87 -34.91
MG CLA NO . 65.42 48.81 -33.20
CHA CLA NO . 67.89 47.64 -31.08
CHB CLA NO . 63.11 46.91 -31.57
CHC CLA NO . 62.97 50.14 -35.18
CHD CLA NO . 67.81 50.86 -34.81
NA CLA NO . 65.52 47.48 -31.59
C1A CLA NO . 66.64 47.15 -30.82
C2A CLA NO . 66.24 46.17 -29.71
C3A CLA NO . 64.74 45.94 -29.92
C4A CLA NO . 64.41 46.84 -31.10
CMA CLA NO . 64.38 44.50 -30.20
CAA CLA NO . 66.42 46.79 -28.32
CBA CLA NO . 65.65 48.09 -28.12
CGA CLA NO . 66.48 49.30 -28.40
O1A CLA NO . 67.47 49.74 -27.80
O2A CLA NO . 66.04 50.00 -29.50
NB CLA NO . 63.43 48.55 -33.37
C1B CLA NO . 62.68 47.70 -32.64
C2B CLA NO . 61.28 47.73 -33.11
C3B CLA NO . 61.22 48.64 -34.14
C4B CLA NO . 62.59 49.18 -34.31
CMB CLA NO . 60.24 46.94 -32.48
CAB CLA NO . 60.11 49.10 -34.95
CBB CLA NO . 59.15 48.36 -35.48
NC CLA NO . 65.41 50.25 -34.72
C1C CLA NO . 64.29 50.65 -35.37
C2C CLA NO . 64.59 51.70 -36.32
C3C CLA NO . 65.98 51.91 -36.26
C4C CLA NO . 66.47 50.99 -35.23
CMC CLA NO . 63.49 52.30 -37.10
CAC CLA NO . 66.90 52.87 -36.91
CBC CLA NO . 66.63 53.48 -38.26
ND CLA NO . 67.40 49.21 -33.04
C1D CLA NO . 68.26 50.03 -33.81
C2D CLA NO . 69.64 49.85 -33.31
C3D CLA NO . 69.56 48.95 -32.26
C4D CLA NO . 68.13 48.59 -32.13
CMD CLA NO . 70.82 50.50 -33.87
CAD CLA NO . 70.29 48.21 -31.25
OBD CLA NO . 71.49 48.21 -31.00
CBD CLA NO . 69.25 47.36 -30.46
CGD CLA NO . 69.54 45.89 -30.48
O1D CLA NO . 69.30 45.07 -29.59
O2D CLA NO . 70.15 45.44 -31.61
CED CLA NO . 70.16 44.04 -31.86
C1 CLA NO . 66.83 51.12 -29.94
C2 CLA NO . 66.20 51.66 -31.17
C3 CLA NO . 66.06 52.97 -31.43
C4 CLA NO . 66.51 54.02 -30.49
C5 CLA NO . 65.41 53.45 -32.69
C6 CLA NO . 64.29 54.44 -32.45
C7 CLA NO . 63.56 54.78 -33.73
C8 CLA NO . 62.16 55.34 -33.46
C9 CLA NO . 61.14 54.23 -33.42
C10 CLA NO . 61.77 56.37 -34.51
C11 CLA NO . 60.67 57.29 -34.03
C12 CLA NO . 60.01 58.02 -35.18
C13 CLA NO . 59.28 59.29 -34.74
C14 CLA NO . 60.26 60.42 -34.51
C15 CLA NO . 58.43 59.06 -33.49
C16 CLA NO . 56.96 59.21 -33.80
C17 CLA NO . 56.14 59.40 -32.54
C18 CLA NO . 54.66 59.14 -32.76
C19 CLA NO . 54.11 59.96 -33.92
C20 CLA NO . 53.88 59.45 -31.49
MG CLA OO . 73.92 51.60 -24.05
CHA CLA OO . 76.99 51.95 -22.45
CHB CLA OO . 73.43 48.62 -22.50
CHC CLA OO . 70.92 51.31 -25.70
CHD CLA OO . 74.43 54.76 -25.56
NA CLA OO . 75.04 50.50 -22.66
C1A CLA OO . 76.30 50.80 -22.10
C2A CLA OO . 76.73 49.71 -21.12
C3A CLA OO . 75.52 48.75 -21.07
C4A CLA OO . 74.59 49.30 -22.15
CMA CLA OO . 75.89 47.30 -21.19
CAA CLA OO . 76.91 50.22 -19.69
CBA CLA OO . 78.32 50.05 -19.18
CGA CLA OO . 78.79 51.32 -18.51
O1A CLA OO . 79.93 51.62 -18.17
O2A CLA OO . 77.78 52.22 -18.27
NB CLA OO . 72.47 50.22 -24.09
C1B CLA OO . 72.48 49.03 -23.43
C2B CLA OO . 71.29 48.23 -23.83
C3B CLA OO . 70.58 48.98 -24.74
C4B CLA OO . 71.31 50.27 -24.90
CMB CLA OO . 71.01 46.90 -23.29
CAB CLA OO . 69.35 48.70 -25.42
CBB CLA OO . 68.17 48.44 -24.84
NC CLA OO . 72.87 52.83 -25.36
C1C CLA OO . 71.64 52.52 -25.90
C2C CLA OO . 71.18 53.61 -26.75
C3C CLA OO . 72.18 54.59 -26.73
C4C CLA OO . 73.23 54.09 -25.85
CMC CLA OO . 69.92 53.64 -27.46
CAC CLA OO . 72.13 55.89 -27.42
CBC CLA OO . 73.10 56.06 -28.58
ND CLA OO . 75.32 53.06 -24.01
C1D CLA OO . 75.41 54.30 -24.72
C2D CLA OO . 76.70 54.95 -24.39
C3D CLA OO . 77.35 54.08 -23.55
C4D CLA OO . 76.45 52.92 -23.33
CMD CLA OO . 77.13 56.23 -24.93
CAD CLA OO . 78.55 53.85 -22.75
OBD CLA OO . 79.54 54.56 -22.61
CBD CLA OO . 78.36 52.47 -22.06
CGD CLA OO . 79.44 51.49 -22.46
O1D CLA OO . 79.54 50.91 -23.53
O2D CLA OO . 80.36 51.26 -21.50
CED CLA OO . 81.64 50.77 -21.90
C1 CLA OO . 78.16 53.61 -18.25
C2 CLA OO . 77.22 54.33 -19.15
C3 CLA OO . 75.99 54.74 -18.79
C4 CLA OO . 75.46 54.52 -17.42
C5 CLA OO . 75.10 55.46 -19.74
C6 CLA OO . 75.86 56.18 -20.85
MG CLA PO . 62.65 53.97 -20.76
CHA CLA PO . 64.98 51.52 -20.04
CHB CLA PO . 62.89 55.13 -17.58
CHC CLA PO . 60.64 56.60 -21.64
CHD CLA PO . 62.33 52.63 -24.02
NA CLA PO . 63.74 53.38 -19.09
C1A CLA PO . 64.68 52.35 -18.99
C2A CLA PO . 65.24 52.27 -17.57
C3A CLA PO . 64.32 53.21 -16.78
C4A CLA PO . 63.60 54.00 -17.87
CMA CLA PO . 63.35 52.43 -15.94
CAA CLA PO . 66.67 52.78 -17.55
CBA CLA PO . 67.36 52.50 -16.23
CGA CLA PO . 68.79 52.95 -16.31
O1A CLA PO . 69.78 52.39 -15.84
O2A CLA PO . 68.96 54.12 -17.00
NB CLA PO . 61.83 55.53 -19.77
C1B CLA PO . 62.18 55.91 -18.51
C2B CLA PO . 61.70 57.29 -18.25
C3B CLA PO . 61.06 57.71 -19.39
C4B CLA PO . 61.14 56.60 -20.37
CMB CLA PO . 61.92 57.99 -16.99
CAB CLA PO . 60.44 58.99 -19.65
CBB CLA PO . 59.17 59.20 -20.01
NC CLA PO . 61.63 54.48 -22.50
C1C CLA PO . 60.85 55.61 -22.64
C2C CLA PO . 60.30 55.68 -23.98
C3C CLA PO . 60.78 54.56 -24.67
C4C CLA PO . 61.62 53.82 -23.73
CMC CLA PO . 59.43 56.76 -24.45
CAC CLA PO . 60.51 54.19 -26.07
CBC CLA PO . 59.15 53.58 -26.29
ND CLA PO . 63.43 52.45 -21.84
C1D CLA PO . 63.19 52.00 -23.16
C2D CLA PO . 64.02 50.79 -23.40
C3D CLA PO . 64.76 50.60 -22.25
C4D CLA PO . 64.34 51.64 -21.31
CMD CLA PO . 64.05 50.03 -24.65
CAD CLA PO . 65.74 49.76 -21.58
OBD CLA PO . 66.38 48.81 -21.99
CBD CLA PO . 65.89 50.32 -20.13
CGD CLA PO . 65.54 49.32 -19.07
O1D CLA PO . 64.51 49.29 -18.41
O2D CLA PO . 66.50 48.38 -18.80
CED CLA PO . 66.59 47.92 -17.45
C1 CLA PO . 70.24 54.30 -17.65
C2 CLA PO . 70.44 55.77 -17.81
C3 CLA PO . 70.40 56.41 -19.00
C4 CLA PO . 70.15 55.70 -20.27
C5 CLA PO . 70.61 57.88 -19.10
C6 CLA PO . 71.03 58.54 -17.80
MG CLA QO . 56.42 40.25 -28.31
CHA CLA QO . 55.75 38.49 -25.39
CHB CLA QO . 55.40 37.57 -30.15
CHC CLA QO . 56.65 42.14 -31.16
CHD CLA QO . 57.18 43.10 -26.36
NA CLA QO . 55.79 38.33 -27.83
C1A CLA QO . 55.54 37.79 -26.56
C2A CLA QO . 55.03 36.35 -26.66
C3A CLA QO . 55.13 36.04 -28.18
C4A CLA QO . 55.46 37.40 -28.79
CMA CLA QO . 56.16 35.01 -28.50
CAA CLA QO . 53.58 36.25 -26.23
CBA CLA QO . 52.67 37.32 -26.80
CGA CLA QO . 51.26 37.08 -26.37
O1A CLA QO . 50.55 36.08 -26.58
O2A CLA QO . 50.73 38.12 -25.66
NB CLA QO . 56.17 39.89 -30.27
C1B CLA QO . 55.65 38.76 -30.82
C2B CLA QO . 55.38 38.96 -32.27
C3B CLA QO . 55.75 40.27 -32.56
C4B CLA QO . 56.25 40.86 -31.29
CMB CLA QO . 54.81 37.88 -33.08
CAB CLA QO . 55.72 41.07 -33.74
CBB CLA QO . 55.08 40.84 -34.89
NC CLA QO . 56.93 42.23 -28.69
C1C CLA QO . 56.98 42.79 -29.94
C2C CLA QO . 57.35 44.18 -29.84
C3C CLA QO . 57.45 44.48 -28.48
C4C CLA QO . 57.19 43.25 -27.77
CMC CLA QO . 57.49 45.06 -31.00
CAC CLA QO . 57.80 45.77 -27.89
CBC CLA QO . 56.59 46.67 -27.79
ND CLA QO . 56.60 40.71 -26.35
C1D CLA QO . 56.89 41.93 -25.69
C2D CLA QO . 56.83 41.71 -24.23
C3D CLA QO . 56.42 40.40 -24.06
C4D CLA QO . 56.25 39.84 -25.41
CMD CLA QO . 57.15 42.71 -23.22
CAD CLA QO . 56.11 39.35 -23.10
OBD CLA QO . 56.24 39.34 -21.88
CBD CLA QO . 55.57 38.14 -23.92
CGD CLA QO . 56.21 36.83 -23.53
O1D CLA QO . 55.75 35.97 -22.78
O2D CLA QO . 57.42 36.60 -24.10
CED CLA QO . 58.35 35.78 -23.38
C1 CLA QO . 49.57 38.76 -26.23
C2 CLA QO . 49.11 39.78 -25.23
C3 CLA QO . 48.22 40.73 -25.51
C4 CLA QO . 47.59 40.85 -26.85
C5 CLA QO . 47.81 41.72 -24.48
C6 CLA QO . 46.36 42.14 -24.50
C7 CLA QO . 46.22 43.58 -24.05
C8 CLA QO . 44.85 43.92 -23.46
C9 CLA QO . 43.75 43.50 -24.41
C10 CLA QO . 44.74 45.41 -23.16
C11 CLA QO . 44.85 45.75 -21.70
C12 CLA QO . 45.46 47.12 -21.48
C13 CLA QO . 44.99 47.79 -20.19
C14 CLA QO . 43.59 48.31 -20.36
C15 CLA QO . 45.97 48.88 -19.76
C16 CLA QO . 45.40 49.89 -18.77
C17 CLA QO . 46.50 50.66 -18.06
C18 CLA QO . 46.11 52.09 -17.68
C19 CLA QO . 44.80 52.14 -16.92
C20 CLA QO . 46.08 53.00 -18.89
MG CLA RO . 47.92 47.62 -31.14
CHA CLA RO . 45.53 47.67 -33.64
CHB CLA RO . 45.52 48.27 -28.83
CHC CLA RO . 50.29 47.34 -28.66
CHD CLA RO . 50.39 46.93 -33.56
NA CLA RO . 45.87 47.96 -31.26
C1A CLA RO . 45.04 47.90 -32.38
C2A CLA RO . 43.59 48.21 -32.01
C3A CLA RO . 43.70 48.64 -30.55
C4A CLA RO . 45.11 48.25 -30.15
CMA CLA RO . 43.57 50.13 -30.49
CAA CLA RO . 42.71 46.98 -32.12
CBA CLA RO . 41.34 47.20 -31.51
CGA CLA RO . 40.52 48.12 -32.36
O1A CLA RO . 40.76 48.57 -33.49
O2A CLA RO . 39.34 48.47 -31.75
NB CLA RO . 47.91 47.80 -29.13
C1B CLA RO . 46.80 47.99 -28.36
C2B CLA RO . 47.16 47.87 -26.92
C3B CLA RO . 48.51 47.61 -26.86
C4B CLA RO . 49.00 47.58 -28.27
CMB CLA RO . 46.18 48.03 -25.85
CAB CLA RO . 49.39 47.40 -25.74
CBB CLA RO . 49.23 46.48 -24.79
NC CLA RO . 49.98 47.25 -31.13
C1C CLA RO . 50.74 47.19 -29.99
C2C CLA RO . 52.12 46.89 -30.35
C3C CLA RO . 52.17 46.77 -31.74
C4C CLA RO . 50.80 46.98 -32.21
CMC CLA RO . 53.19 46.76 -29.37
CAC CLA RO . 53.33 46.44 -32.58
CBC CLA RO . 54.28 47.60 -32.80
ND CLA RO . 48.02 47.41 -33.14
C1D CLA RO . 49.10 47.11 -34.01
C2D CLA RO . 48.59 47.05 -35.39
C3D CLA RO . 47.22 47.26 -35.32
C4D CLA RO . 46.92 47.46 -33.88
CMD CLA RO . 49.42 46.80 -36.57
CAD CLA RO . 45.98 47.38 -36.05
OBD CLA RO . 45.77 47.33 -37.25
CBD CLA RO . 44.84 47.61 -35.00
CGD CLA RO . 44.04 48.84 -35.33
O1D CLA RO . 43.17 48.96 -36.20
O2D CLA RO . 44.31 49.93 -34.57
CED CLA RO . 45.27 50.88 -35.03
C1 CLA RO . 38.60 49.57 -32.32
C2 CLA RO . 37.57 48.98 -33.20
C3 CLA RO . 36.48 49.65 -33.60
C4 CLA RO . 36.22 51.06 -33.19
C5 CLA RO . 35.45 49.02 -34.49
C6 CLA RO . 35.26 47.55 -34.18
C7 CLA RO . 35.18 46.72 -35.45
C8 CLA RO . 36.14 45.55 -35.47
C9 CLA RO . 35.76 44.61 -36.61
C10 CLA RO . 36.15 44.77 -34.16
C11 CLA RO . 37.55 44.72 -33.56
C12 CLA RO . 37.54 44.01 -32.22
C13 CLA RO . 38.85 44.17 -31.45
C14 CLA RO . 40.02 43.72 -32.29
C15 CLA RO . 38.81 43.40 -30.14
C16 CLA RO . 38.56 44.28 -28.95
C17 CLA RO . 39.61 45.36 -28.79
C18 CLA RO . 40.15 45.47 -27.37
C19 CLA RO . 39.07 45.39 -26.32
C20 CLA RO . 41.23 44.45 -27.12
MG CLA SO . 53.71 59.29 -41.97
CHA CLA SO . 51.52 61.86 -41.14
CHB CLA SO . 53.88 60.45 -45.16
CHC CLA SO . 56.13 56.95 -42.64
CHD CLA SO . 53.63 58.23 -38.59
NA CLA SO . 52.82 60.87 -42.97
C1A CLA SO . 51.96 61.85 -42.44
C2A CLA SO . 51.61 62.88 -43.52
C3A CLA SO . 52.15 62.25 -44.82
C4A CLA SO . 53.04 61.12 -44.29
CMA CLA SO . 51.04 61.74 -45.69
CAA CLA SO . 52.38 64.16 -43.17
CBA CLA SO . 53.80 64.34 -43.73
CGA CLA SO . 54.95 63.81 -42.89
O1A CLA SO . 55.01 63.45 -41.70
O2A CLA SO . 56.15 63.81 -43.57
NB CLA SO . 54.77 58.77 -43.60
C1B CLA SO . 54.74 59.41 -44.79
C2B CLA SO . 55.75 58.83 -45.72
C3B CLA SO . 56.39 57.83 -45.02
C4B CLA SO . 55.77 57.78 -43.66
CMB CLA SO . 55.92 59.34 -47.08
CAB CLA SO . 57.47 56.96 -45.41
CBB CLA SO . 57.57 56.28 -46.55
NC CLA SO . 54.64 57.80 -40.83
C1C CLA SO . 55.59 56.95 -41.32
C2C CLA SO . 56.04 56.07 -40.26
C3C CLA SO . 55.36 56.45 -39.10
C4C CLA SO . 54.50 57.56 -39.47
CMC CLA SO . 57.03 55.01 -40.40
CAC CLA SO . 55.49 55.87 -37.75
CBC CLA SO . 56.39 56.69 -36.87
ND CLA SO . 52.73 59.80 -40.26
C1D CLA SO . 52.81 59.28 -38.95
C2D CLA SO . 51.86 60.02 -38.09
C3D CLA SO . 51.30 61.00 -38.89
C4D CLA SO . 51.92 60.84 -40.22
CMD CLA SO . 51.61 59.72 -36.68
CAD CLA SO . 50.38 62.11 -38.97
OBD CLA SO . 49.59 62.55 -38.13
CBD CLA SO . 50.54 62.73 -40.39
CGD CLA SO . 49.21 62.81 -41.10
O1D CLA SO . 48.33 61.95 -41.16
O2D CLA SO . 48.98 63.99 -41.74
CED CLA SO . 48.81 65.17 -40.95
C1 CLA SO . 56.26 62.97 -44.74
C2 CLA SO . 57.60 62.32 -44.77
C3 CLA SO . 58.65 62.83 -45.42
C4 CLA SO . 58.54 64.13 -46.16
C5 CLA SO . 59.98 62.17 -45.46
C6 CLA SO . 60.15 60.93 -44.60
C7 CLA SO . 61.15 61.18 -43.49
C8 CLA SO . 62.51 60.48 -43.66
C9 CLA SO . 63.44 61.26 -44.57
C10 CLA SO . 62.37 59.04 -44.15
C11 CLA SO . 62.91 58.04 -43.14
C12 CLA SO . 64.43 57.94 -43.12
C13 CLA SO . 64.87 56.70 -42.35
C14 CLA SO . 64.59 56.86 -40.86
C15 CLA SO . 66.33 56.33 -42.64
C16 CLA SO . 67.35 56.79 -41.61
C17 CLA SO . 68.12 55.63 -41.03
C18 CLA SO . 69.33 56.09 -40.22
C19 CLA SO . 68.94 56.49 -38.81
C20 CLA SO . 70.38 55.00 -40.17
MG CLA TO . 55.83 52.04 -58.51
CHA CLA TO . 55.54 55.06 -56.81
CHB CLA TO . 55.08 53.60 -61.43
CHC CLA TO . 56.35 49.07 -60.17
CHD CLA TO . 56.58 50.44 -55.46
NA CLA TO . 55.36 54.01 -59.00
C1A CLA TO . 55.32 55.13 -58.16
C2A CLA TO . 54.94 56.40 -58.96
C3A CLA TO . 54.65 55.85 -60.37
C4A CLA TO . 55.07 54.38 -60.29
CMA CLA TO . 53.20 56.00 -60.74
CAA CLA TO . 56.06 57.42 -59.00
CBA CLA TO . 57.30 56.95 -59.74
CGA CLA TO . 58.52 57.65 -59.27
O1A CLA TO . 58.74 58.87 -59.21
O2A CLA TO . 59.50 56.80 -58.85
NB CLA TO . 55.73 51.45 -60.44
C1B CLA TO . 55.43 52.25 -61.49
C2B CLA TO . 55.49 51.46 -62.75
C3B CLA TO . 55.84 50.18 -62.41
C4B CLA TO . 55.99 50.15 -60.93
CMB CLA TO . 55.20 52.04 -64.07
CAB CLA TO . 56.04 49.02 -63.24
CBB CLA TO . 57.23 48.50 -63.55
NC CLA TO . 56.34 50.10 -57.91
C1C CLA TO . 56.50 49.05 -58.76
C2C CLA TO . 56.87 47.85 -58.00
C3C CLA TO . 56.94 48.24 -56.67
C4C CLA TO . 56.62 49.66 -56.62
CMC CLA TO . 57.12 46.54 -58.59
CAC CLA TO . 57.30 47.38 -55.52
CBC CLA TO . 58.78 47.34 -55.26
ND CLA TO . 55.97 52.54 -56.56
C1D CLA TO . 56.27 51.78 -55.40
C2D CLA TO . 56.23 52.66 -54.21
C3D CLA TO . 55.97 53.94 -54.71
C4D CLA TO . 55.83 53.81 -56.16
CMD CLA TO . 56.44 52.23 -52.84
CAD CLA TO . 55.75 55.32 -54.36
OBD CLA TO . 55.76 55.86 -53.27
CBD CLA TO . 55.50 56.08 -55.70
CGD CLA TO . 54.19 56.83 -55.67
O1D CLA TO . 53.05 56.37 -55.70
O2D CLA TO . 54.34 58.19 -55.61
CED CLA TO . 53.21 59.00 -55.89
C1 CLA TO . 60.86 57.21 -59.09
C2 CLA TO . 61.66 55.97 -59.26
C3 CLA TO . 62.55 55.54 -58.34
C4 CLA TO . 63.33 54.30 -58.56
C5 CLA TO . 62.80 56.29 -57.07
C6 CLA TO . 62.91 55.38 -55.86
C7 CLA TO . 63.35 56.18 -54.65
C8 CLA TO . 63.40 55.32 -53.38
C9 CLA TO . 64.36 54.16 -53.55
NB KC2 UO . 61.90 53.81 -49.07
ND KC2 UO . 60.15 54.18 -52.68
C1A KC2 UO . 60.01 56.93 -51.07
C1B KC2 UO . 62.06 54.70 -48.09
C1C KC2 UO . 62.07 51.28 -50.79
C1D KC2 UO . 59.96 53.39 -53.87
C2A KC2 UO . 59.86 58.28 -50.44
C2B KC2 UO . 62.89 54.25 -46.95
C2C KC2 UO . 62.33 49.98 -51.44
C2D KC2 UO . 59.37 54.12 -55.02
C3A KC2 UO . 60.50 58.04 -49.07
C3B KC2 UO . 63.21 52.86 -47.36
C3C KC2 UO . 61.65 50.12 -52.73
C3D KC2 UO . 59.22 55.47 -54.43
C4A KC2 UO . 60.91 56.61 -49.24
C4B KC2 UO . 62.55 52.73 -48.67
C4C KC2 UO . 61.09 51.50 -52.67
C4D KC2 UO . 59.68 55.41 -53.13
CAA KC2 UO . 58.40 58.66 -50.28
CAB KC2 UO . 64.00 51.79 -46.70
CAC KC2 UO . 61.56 49.13 -53.86
CAD KC2 UO . 58.78 56.87 -54.66
CBA KC2 UO . 58.25 59.95 -49.50
CBB KC2 UO . 64.02 51.66 -45.39
CBC KC2 UO . 62.58 49.42 -54.68
CBD KC2 UO . 58.97 57.64 -53.43
CED KC2 UO . 62.08 59.56 -54.43
CGA KC2 UO . 59.06 61.09 -50.07
CGD KC2 UO . 59.83 58.82 -53.70
CHA KC2 UO . 59.55 56.69 -52.46
CHB KC2 UO . 61.52 56.06 -48.20
CHC KC2 UO . 62.62 51.49 -49.45
CHD KC2 UO . 60.33 51.99 -53.83
CMA KC2 UO . 61.78 58.84 -48.92
CMB KC2 UO . 63.27 55.00 -45.72
CMC KC2 UO . 63.10 48.83 -50.88
CMD KC2 UO . 58.99 53.77 -56.42
NA KC2 UO . 60.61 56.03 -50.41
NC KC2 UO . 61.35 52.15 -51.51
O1A KC2 UO . 58.93 61.44 -51.23
O1D KC2 UO . 59.35 59.90 -53.98
O2A KC2 UO . 60.02 61.79 -49.24
O2D KC2 UO . 61.27 58.71 -53.62
OBD KC2 UO . 58.28 57.33 -55.74
MG KC2 UO . 61.17 54.11 -50.93
NB KC2 VO . 61.49 37.31 -50.45
ND KC2 VO . 61.32 33.62 -48.82
C1A KC2 VO . 64.03 33.96 -50.47
C1B KC2 VO . 62.40 37.82 -51.27
C1C KC2 VO . 58.94 36.82 -48.83
C1D KC2 VO . 60.41 32.86 -48.05
C2A KC2 VO . 65.42 34.07 -51.09
C2B KC2 VO . 62.07 39.19 -51.77
C2C KC2 VO . 57.64 36.83 -48.13
C2D KC2 VO . 60.80 31.48 -47.77
C3A KC2 VO . 65.33 35.46 -51.77
C3B KC2 VO . 60.77 39.43 -51.13
C3C KC2 VO . 57.56 35.49 -47.52
C3D KC2 VO . 62.11 31.44 -48.48
C4A KC2 VO . 64.00 35.88 -51.26
C4B KC2 VO . 60.53 38.20 -50.35
C4C KC2 VO . 58.85 34.87 -47.97
C4D KC2 VO . 62.31 32.67 -49.05
CAA KC2 VO . 65.83 33.00 -52.09
CAB KC2 VO . 59.84 40.59 -51.20
CAC KC2 VO . 56.37 35.04 -46.69
CAD KC2 VO . 63.26 30.59 -48.85
CBA KC2 VO . 67.31 33.21 -52.39
CBB KC2 VO . 60.28 41.81 -50.97
CBC KC2 VO . 56.59 33.96 -45.95
CBD KC2 VO . 64.23 31.38 -49.65
CED KC2 VO . 65.83 31.42 -46.34
CGA KC2 VO . 68.12 32.01 -51.98
CGD KC2 VO . 65.44 31.41 -48.78
CHA KC2 VO . 63.60 32.72 -49.75
CHB KC2 VO . 63.63 37.12 -51.60
CHC KC2 VO . 59.32 38.03 -49.55
CHD KC2 VO . 59.17 33.49 -47.57
CMA KC2 VO . 66.41 36.45 -51.32
CMB KC2 VO . 62.86 40.06 -52.69
CMC KC2 VO . 56.62 37.93 -48.04
CMD KC2 VO . 60.20 30.34 -47.02
NA KC2 VO . 63.30 35.01 -50.53
NC KC2 VO . 59.64 35.68 -48.73
O1A KC2 VO . 68.90 32.09 -51.06
O1D KC2 VO . 66.50 30.89 -49.10
O2A KC2 VO . 67.97 30.75 -52.68
O2D KC2 VO . 65.32 32.05 -47.51
OBD KC2 VO . 63.41 29.38 -48.49
MG KC2 VO . 61.38 35.39 -49.80
NB KC2 WO . 67.10 31.90 -55.51
ND KC2 WO . 66.44 28.50 -53.42
C1A KC2 WO . 69.35 28.49 -54.71
C1B KC2 WO . 68.22 32.34 -56.08
C1C KC2 WO . 64.28 31.72 -54.30
C1D KC2 WO . 65.35 27.88 -52.72
C2A KC2 WO . 70.75 28.37 -55.22
C2B KC2 WO . 68.14 33.68 -56.68
C2C KC2 WO . 62.93 31.91 -53.73
C2D KC2 WO . 65.59 26.48 -52.30
C3A KC2 WO . 70.95 29.69 -55.94
C3B KC2 WO . 66.74 34.04 -56.37
C3C KC2 WO . 62.73 30.66 -52.93
C3D KC2 WO . 66.97 26.30 -52.83
C4A KC2 WO . 69.60 30.30 -55.67
C4B KC2 WO . 66.21 32.86 -55.65
C4C KC2 WO . 64.01 29.95 -53.15
C4D KC2 WO . 67.36 27.47 -53.44
CAA KC2 WO . 70.87 27.27 -56.26
CAB KC2 WO . 65.98 35.28 -56.67
CAC KC2 WO . 61.59 30.13 -52.08
CAD KC2 WO . 68.10 25.34 -52.96
CBA KC2 WO . 72.33 27.05 -56.59
CBB KC2 WO . 66.29 36.41 -56.08
CBC KC2 WO . 60.71 31.10 -51.79
CBD KC2 WO . 69.21 25.99 -53.69
CED KC2 WO . 71.97 24.52 -51.46
CGA KC2 WO . 73.04 26.52 -55.37
CGD KC2 WO . 70.39 25.93 -52.77
CHA KC2 WO . 68.72 27.36 -53.97
CHB KC2 WO . 69.43 31.52 -56.15
CHC KC2 WO . 64.83 32.79 -55.15
CHD KC2 WO . 64.14 28.64 -52.49
CMA KC2 WO . 72.01 30.55 -55.28
CMB KC2 WO . 69.21 34.47 -57.40
CMC KC2 WO . 62.03 33.09 -53.95
CMD KC2 WO . 64.81 25.42 -51.57
NA KC2 WO . 68.73 29.57 -54.98
NC KC2 WO . 64.90 30.58 -53.96
O1A KC2 WO . 73.50 27.28 -54.55
O1D KC2 WO . 70.88 26.93 -52.30
O2A KC2 WO . 73.19 25.09 -55.16
O2D KC2 WO . 70.97 24.64 -52.44
OBD KC2 WO . 68.10 24.15 -52.50
MG KC2 WO . 66.90 30.26 -54.31
MG CLA XO . 54.86 32.48 -41.44
CHA CLA XO . 56.88 29.72 -40.83
CHB CLA XO . 54.25 31.33 -44.58
CHC CLA XO . 52.57 35.01 -41.85
CHD CLA XO . 55.38 33.52 -38.10
NA CLA XO . 55.52 30.83 -42.53
C1A CLA XO . 56.35 29.78 -42.09
C2A CLA XO . 56.57 28.76 -43.23
C3A CLA XO . 55.96 29.48 -44.46
C4A CLA XO . 55.17 30.62 -43.83
CMA CLA XO . 57.04 30.00 -45.37
CAA CLA XO . 55.81 27.48 -42.90
CBA CLA XO . 55.27 26.77 -44.12
CGA CLA XO . 54.54 25.53 -43.70
O1A CLA XO . 53.83 25.36 -42.72
O2A CLA XO . 54.72 24.50 -44.58
NB CLA XO . 53.71 33.12 -42.97
C1B CLA XO . 53.48 32.41 -44.11
C2B CLA XO . 52.28 32.96 -44.82
C3B CLA XO . 51.81 34.00 -44.05
C4B CLA XO . 52.72 34.12 -42.86
CMB CLA XO . 51.78 32.42 -46.08
CAB CLA XO . 50.68 34.86 -44.27
CBB CLA XO . 49.50 34.78 -43.63
NC CLA XO . 54.18 34.04 -40.22
C1C CLA XO . 53.28 35.00 -40.61
C2C CLA XO . 53.06 35.94 -39.52
C3C CLA XO . 53.80 35.49 -38.42
C4C CLA XO . 54.51 34.29 -38.88
CMC CLA XO . 52.17 37.10 -39.57
CAC CLA XO . 53.90 36.14 -37.09
CBC CLA XO . 53.24 35.47 -35.91
ND CLA XO . 55.91 31.87 -39.83
C1D CLA XO . 56.02 32.38 -38.52
C2D CLA XO . 56.93 31.52 -37.73
C3D CLA XO . 57.30 30.50 -38.59
C4D CLA XO . 56.62 30.75 -39.87
CMD CLA XO . 57.32 31.74 -36.35
CAD CLA XO . 58.10 29.30 -38.72
OBD CLA XO . 58.87 28.80 -37.92
CBD CLA XO . 57.82 28.74 -40.15
CGD CLA XO . 59.08 28.64 -40.95
O1D CLA XO . 59.62 27.62 -41.38
O2D CLA XO . 59.66 29.83 -41.20
CED CLA XO . 60.02 30.11 -42.56
C1 CLA XO . 53.75 23.43 -44.55
C2 CLA XO . 52.60 23.84 -45.40
C3 CLA XO . 51.95 23.01 -46.22
C4 CLA XO . 52.34 21.59 -46.37
C5 CLA XO . 50.80 23.46 -47.05
C6 CLA XO . 49.58 23.81 -46.21
C7 CLA XO . 48.88 25.03 -46.80
C8 CLA XO . 47.39 25.03 -46.50
C9 CLA XO . 46.72 23.87 -47.19
C10 CLA XO . 46.75 26.34 -46.93
C11 CLA XO . 47.42 27.54 -46.28
C12 CLA XO . 46.90 28.85 -46.85
C03 II0 YO . 58.44 63.91 -39.75
C04 II0 YO . 65.90 43.64 -48.79
C05 II0 YO . 57.83 65.29 -39.50
C06 II0 YO . 66.84 42.44 -48.86
C07 II0 YO . 56.70 65.64 -40.44
C08 II0 YO . 66.42 41.39 -47.84
C09 II0 YO . 57.60 62.86 -40.58
C10 II0 YO . 64.39 43.27 -48.97
C11 II0 YO . 55.63 64.56 -40.31
C12 II0 YO . 65.00 40.86 -48.07
C13 II0 YO . 56.11 63.22 -40.90
C14 II0 YO . 64.07 41.74 -48.94
C15 II0 YO . 59.75 64.16 -40.55
C16 II0 YO . 58.83 63.42 -38.32
C17 II0 YO . 66.18 44.36 -47.43
C18 II0 YO . 66.28 44.61 -49.93
C19 II0 YO . 55.14 62.16 -40.37
C20 II0 YO . 62.62 41.49 -48.48
C21 II0 YO . 57.74 61.43 -39.95
C22 II0 YO . 63.47 44.09 -48.02
C23 II0 YO . 58.73 60.71 -40.50
C24 II0 YO . 62.89 45.16 -48.63
C25 II0 YO . 59.60 59.43 -40.56
C26 II0 YO . 61.99 46.41 -48.64
C27 II0 YO . 59.49 58.75 -39.22
C28 II0 YO . 60.63 46.04 -49.21
C29 II0 YO . 59.22 58.45 -41.70
C30 II0 YO . 61.85 46.94 -47.20
C31 II0 YO . 59.87 57.05 -41.42
C32 II0 YO . 60.94 48.21 -47.05
C33 II0 YO . 59.89 56.13 -42.40
C34 II0 YO . 61.49 49.32 -47.61
C35 II0 YO . 60.31 54.70 -42.81
C36 II0 YO . 60.23 50.06 -47.13
C37 II0 YO . 61.77 54.49 -42.44
C38 II0 YO . 59.76 51.04 -48.20
C39 II0 YO . 60.11 54.40 -44.30
C40 II0 YO . 60.55 50.78 -45.81
C41 II0 YO . 60.47 52.91 -44.57
C42 II0 YO . 60.13 52.26 -45.68
O01 II0 YO . 56.16 66.89 -40.12
O02 II0 YO . 67.32 40.30 -47.90
C03 II0 ZO . 43.67 39.96 -49.98
C04 II0 ZO . 61.87 43.89 -35.59
C05 II0 ZO . 42.21 40.01 -50.48
C06 II0 ZO . 63.25 43.32 -35.23
C07 II0 ZO . 41.45 41.25 -49.99
C08 II0 ZO . 63.59 43.43 -33.76
C09 II0 ZO . 44.30 41.34 -49.61
C10 II0 ZO . 60.74 43.82 -34.50
C11 II0 ZO . 42.14 42.53 -50.48
C12 II0 ZO . 62.52 42.66 -32.98
C13 II0 ZO . 43.69 42.52 -50.40
C14 II0 ZO . 61.21 43.44 -33.07
C15 II0 ZO . 43.68 39.07 -48.72
C16 II0 ZO . 44.48 39.24 -51.10
C17 II0 ZO . 62.09 45.40 -35.92
C18 II0 ZO . 61.47 43.19 -36.91
C19 II0 ZO . 44.15 43.85 -49.78
C20 II0 ZO . 60.13 42.67 -32.27
C21 II0 ZO . 45.81 41.35 -49.93
C22 II0 ZO . 59.50 42.97 -34.96
C23 II0 ZO . 46.57 41.42 -48.82
C24 II0 ZO . 58.38 43.74 -35.21
C25 II0 ZO . 47.99 41.47 -48.21
C26 II0 ZO . 56.91 43.92 -35.64
C27 II0 ZO . 48.66 40.13 -48.49
C28 II0 ZO . 56.33 45.04 -34.82
C29 II0 ZO . 47.91 41.78 -46.70
C30 II0 ZO . 56.94 44.21 -37.14
C31 II0 ZO . 48.94 40.97 -45.84
C32 II0 ZO . 55.68 44.56 -38.00
C33 II0 ZO . 49.84 41.68 -45.15
C34 II0 ZO . 55.13 43.46 -38.57
C35 II0 ZO . 51.04 41.68 -44.17
C36 II0 ZO . 54.08 44.36 -39.24
C37 II0 ZO . 52.34 41.69 -44.97
C38 II0 ZO . 52.77 44.41 -38.47
C39 II0 ZO . 50.94 42.79 -43.12
C40 II0 ZO . 53.88 43.83 -40.68
C41 II0 ZO . 52.30 43.10 -42.43
C42 II0 ZO . 52.43 43.57 -41.19
O01 II0 ZO . 40.15 41.24 -50.52
O02 II0 ZO . 64.84 42.84 -33.51
C03 II0 AP . 52.62 48.01 -53.63
C04 II0 AP . 60.37 25.80 -49.22
C05 II0 AP . 51.43 48.93 -53.30
C06 II0 AP . 61.22 24.61 -48.72
C07 II0 AP . 50.40 49.01 -54.43
C08 II0 AP . 62.13 25.02 -47.57
C09 II0 AP . 52.24 46.63 -54.25
C10 II0 AP . 59.58 26.51 -48.07
C11 II0 AP . 50.00 47.63 -55.02
C12 II0 AP . 61.29 25.54 -46.40
C13 II0 AP . 50.72 46.42 -54.39
C14 II0 AP . 60.42 26.75 -46.81
C15 II0 AP . 53.53 48.76 -54.63
C16 II0 AP . 53.44 47.90 -52.31
C17 II0 AP . 61.32 26.81 -49.92
C18 II0 AP . 59.36 25.25 -50.25
C19 II0 AP . 50.44 45.18 -55.27
C20 II0 AP . 59.51 27.13 -45.64
C21 II0 AP . 52.78 45.44 -53.41
C22 II0 AP . 59.10 27.89 -48.58
C23 II0 AP . 53.82 44.82 -54.00
C24 II0 AP . 57.74 28.08 -48.65
C25 II0 AP . 54.90 43.73 -54.01
C26 II0 AP . 56.54 28.99 -48.99
C27 II0 AP . 55.84 43.94 -55.19
C28 II0 AP . 55.97 28.58 -50.34
C29 II0 AP . 54.27 42.33 -54.08
C30 II0 AP . 57.05 30.44 -49.03
C31 II0 AP . 55.10 41.32 -53.24
C32 II0 AP . 56.19 31.45 -49.85
C33 II0 AP . 55.00 40.05 -53.63
C34 II0 AP . 56.12 32.65 -49.22
C35 II0 AP . 55.36 38.55 -53.53
C36 II0 AP . 55.25 33.14 -50.39
C37 II0 AP . 56.86 38.42 -53.81
C38 II0 AP . 53.88 33.59 -49.87
C39 II0 AP . 55.03 37.96 -52.16
C40 II0 AP . 55.99 34.30 -51.08
C41 II0 AP . 55.57 36.52 -52.06
C42 II0 AP . 55.36 35.71 -51.01
O01 II0 AP . 49.25 49.63 -53.93
O02 II0 AP . 62.87 23.90 -47.15
C02 IHT BP . 50.71 40.26 -56.13
C03 IHT BP . 58.26 35.51 -34.01
C04 IHT BP . 50.36 41.57 -56.87
C05 IHT BP . 58.31 35.06 -32.53
C06 IHT BP . 48.89 41.93 -56.80
C07 IHT BP . 50.00 40.20 -54.77
C08 IHT BP . 59.34 35.81 -31.71
C09 IHT BP . 48.45 42.07 -55.35
C10 IHT BP . 48.92 40.93 -54.48
C11 IHT BP . 58.28 37.04 -34.08
C12 IHT BP . 59.00 37.29 -31.72
C13 IHT BP . 52.22 40.21 -55.94
C14 IHT BP . 50.27 39.08 -56.99
C15 IHT BP . 58.81 37.81 -33.12
C16 IHT BP . 56.96 34.97 -34.62
C17 IHT BP . 59.44 34.91 -34.77
C18 IHT BP . 50.58 39.24 -53.84
C19 IHT BP . 48.04 40.70 -53.29
C20 IHT BP . 59.25 39.24 -33.32
C21 IHT BP . 57.73 37.62 -35.26
C22 IHT BP . 51.13 39.47 -52.65
C23 IHT BP . 51.66 38.46 -51.75
C24 IHT BP . 57.34 38.06 -36.31
C25 IHT BP . 51.76 37.04 -52.25
C26 IHT BP . 57.02 38.56 -37.60
C27 IHT BP . 51.98 38.81 -50.48
C28 IHT BP . 57.17 40.05 -37.79
C29 IHT BP . 56.66 37.67 -38.55
C30 IHT BP . 52.46 37.98 -49.43
C31 IHT BP . 55.96 37.89 -39.80
C32 IHT BP . 52.67 38.44 -48.20
C33 IHT BP . 53.15 37.71 -47.03
C34 IHT BP . 55.18 38.94 -40.03
C35 IHT BP . 54.45 39.27 -41.23
C36 IHT BP . 53.42 36.23 -47.19
C37 IHT BP . 53.37 38.39 -45.89
C38 IHT BP . 54.51 38.46 -42.31
C39 IHT BP . 53.71 40.57 -41.26
C40 IHT BP . 53.93 37.90 -44.67
C41 IHT BP . 53.98 38.73 -43.60
O01 IHT BP . 59.33 35.33 -30.36
C03 II0 CP . 53.67 53.65 -34.37
C04 II0 CP . 70.98 50.41 -19.43
C05 II0 CP . 52.32 54.36 -34.34
C06 II0 CP . 71.96 50.65 -18.28
C07 II0 CP . 51.14 53.41 -34.38
C08 II0 CP . 73.39 50.80 -18.75
C09 II0 CP . 53.64 52.43 -33.46
C10 II0 CP . 71.27 51.41 -20.55
C11 II0 CP . 51.18 52.55 -33.13
C12 II0 CP . 73.51 52.01 -19.66
C13 II0 CP . 52.53 51.93 -32.88
C14 II0 CP . 72.42 52.08 -20.70
C15 II0 CP . 53.97 53.22 -35.82
C16 II0 CP . 54.75 54.65 -33.92
C17 II0 CP . 71.13 48.96 -19.93
C18 II0 CP . 69.56 50.59 -18.90
C19 II0 CP . 52.51 50.74 -31.96
C20 II0 CP . 72.74 52.97 -21.87
C21 II0 CP . 54.90 51.80 -33.21
C22 II0 CP . 70.21 51.67 -21.45
C23 II0 CP . 55.99 51.36 -33.00
C24 II0 CP . 69.28 51.97 -22.15
C25 II0 CP . 57.25 50.80 -32.62
C26 II0 CP . 68.09 52.42 -22.79
C27 II0 CP . 57.37 49.31 -32.70
C28 II0 CP . 67.29 53.43 -22.03
C29 II0 CP . 58.24 51.60 -32.18
C30 II0 CP . 67.79 51.92 -24.02
C31 II0 CP . 59.47 51.19 -31.58
C32 II0 CP . 66.80 52.34 -24.98
C33 II0 CP . 60.34 52.04 -31.04
C34 II0 CP . 66.20 53.53 -25.00
C35 II0 CP . 61.61 51.72 -30.39
C36 II0 CP . 65.18 53.97 -25.92
C37 II0 CP . 62.17 50.35 -30.62
C38 II0 CP . 64.60 55.35 -25.73
C39 II0 CP . 62.16 52.62 -29.54
C40 II0 CP . 64.74 53.13 -26.87
C41 II0 CP . 63.27 52.40 -28.68
C42 II0 CP . 63.66 53.32 -27.78
O01 II0 CP . 49.91 54.13 -34.44
O02 II0 CP . 74.26 50.96 -17.62
O1 LHG DP . 50.62 53.32 -64.17
C1 LHG DP . 50.20 53.00 -62.86
C2 LHG DP . 51.30 52.23 -62.17
O2 LHG DP . 51.28 50.87 -62.54
C3 LHG DP . 51.19 52.24 -60.66
O3 LHG DP . 52.13 51.23 -60.35
P LHG DP . 52.42 50.78 -58.81
O4 LHG DP . 51.14 50.86 -58.07
O5 LHG DP . 53.79 51.30 -58.52
O6 LHG DP . 52.54 49.16 -59.17
C4 LHG DP . 53.07 48.29 -58.22
C5 LHG DP . 52.83 46.89 -58.78
C6 LHG DP . 53.30 45.82 -57.80
O7 LHG DP . 51.44 46.75 -58.94
C7 LHG DP . 51.09 45.58 -59.54
O9 LHG DP . 50.45 44.71 -58.98
C8 LHG DP . 51.27 45.67 -61.01
C9 LHG DP . 50.13 44.96 -61.68
C10 LHG DP . 50.63 44.30 -62.96
O8 LHG DP . 54.16 44.98 -58.57
C23 LHG DP . 54.10 43.64 -58.33
O10 LHG DP . 53.10 43.16 -57.83
C24 LHG DP . 55.28 42.74 -58.66
C11 LHG DP . 49.76 43.06 -63.01
C12 LHG DP . 50.31 42.05 -62.05
C13 LHG DP . 49.84 40.69 -62.51
C14 LHG DP . 48.36 40.50 -62.26
C25 LHG DP . 54.95 41.27 -58.79
C26 LHG DP . 55.86 40.29 -58.06
C27 LHG DP . 55.07 39.00 -58.07
C28 LHG DP . 54.73 38.44 -59.42
C29 LHG DP . 53.30 37.89 -59.31
C30 LHG DP . 52.25 38.58 -60.14
C31 LHG DP . 51.14 37.70 -60.68
C32 LHG DP . 50.72 36.53 -59.81
C33 LHG DP . 49.27 36.23 -60.12
C34 LHG DP . 48.64 35.10 -59.33
MG CLA EP . 52.10 43.07 -16.35
CHA CLA EP . 55.23 44.49 -15.90
CHB CLA EP . 52.48 41.30 -13.49
CHC CLA EP . 49.00 41.69 -16.86
CHD CLA EP . 51.75 44.93 -19.35
NA CLA EP . 53.62 42.95 -14.93
C1A CLA EP . 54.86 43.63 -14.90
C2A CLA EP . 55.67 43.22 -13.66
C3A CLA EP . 54.77 42.19 -12.95
C4A CLA EP . 53.52 42.14 -13.83
CMA CLA EP . 55.44 40.84 -12.84
CAA CLA EP . 56.05 44.29 -12.63
CBA CLA EP . 55.49 45.69 -12.71
CGA CLA EP . 54.05 45.77 -12.34
O1A CLA EP . 53.08 45.24 -12.87
O2A CLA EP . 53.85 46.56 -11.24
NB CLA EP . 50.97 41.72 -15.38
C1B CLA EP . 51.28 41.14 -14.20
C2B CLA EP . 50.14 40.29 -13.74
C3B CLA EP . 49.15 40.40 -14.69
C4B CLA EP . 49.67 41.31 -15.75
CMB CLA EP . 50.16 39.54 -12.49
CAB CLA EP . 47.85 39.79 -14.72
CBB CLA EP . 46.70 40.43 -14.60
NC CLA EP . 50.64 43.28 -17.83
C1C CLA EP . 49.44 42.63 -17.84
C2C CLA EP . 48.67 43.01 -19.01
C3C CLA EP . 49.45 43.93 -19.72
C4C CLA EP . 50.69 44.09 -18.97
CMC CLA EP . 47.33 42.51 -19.32
CAC CLA EP . 49.09 44.62 -20.97
CBC CLA EP . 49.69 43.95 -22.18
ND CLA EP . 53.15 44.45 -17.40
C1D CLA EP . 52.91 45.10 -18.63
C2D CLA EP . 54.08 45.95 -18.96
C3D CLA EP . 54.99 45.76 -17.95
C4D CLA EP . 54.37 44.80 -17.01
CMD CLA EP . 54.17 46.80 -20.15
CAD CLA EP . 56.29 46.12 -17.42
OBD CLA EP . 57.07 46.97 -17.82
CBD CLA EP . 56.51 45.25 -16.15
CGD CLA EP . 57.64 44.27 -16.24
O1D CLA EP . 57.65 43.14 -16.72
O2D CLA EP . 58.79 44.69 -15.65
CED CLA EP . 59.67 45.49 -16.43
C1 CLA EP . 53.07 47.76 -11.44
C2 CLA EP . 52.31 47.99 -10.18
C3 CLA EP . 51.29 48.86 -10.10
C4 CLA EP . 50.55 49.07 -8.83
C5 CLA EP . 50.85 49.66 -11.27
C6 CLA EP . 49.37 49.59 -11.55
C7 CLA EP . 49.02 50.50 -12.71
C8 CLA EP . 47.54 50.56 -12.99
C9 CLA EP . 47.00 49.18 -13.33
C10 CLA EP . 47.25 51.52 -14.14
C02 IHT FP . 55.64 21.04 -51.12
C03 IHT FP . 48.75 37.24 -36.34
C04 IHT FP . 55.83 19.65 -50.49
C05 IHT FP . 47.53 38.17 -36.20
C06 IHT FP . 55.26 19.51 -49.09
C07 IHT FP . 54.31 21.66 -50.65
C08 IHT FP . 47.21 38.96 -37.46
C09 IHT FP . 53.78 19.84 -49.06
C10 IHT FP . 53.40 20.96 -49.97
C11 IHT FP . 48.70 36.51 -37.68
C12 IHT FP . 46.93 38.00 -38.59
C13 IHT FP . 55.63 20.89 -52.64
C14 IHT FP . 56.81 21.95 -50.73
C15 IHT FP . 48.02 36.97 -38.75
C16 IHT FP . 50.04 38.06 -36.23
C17 IHT FP . 48.71 36.25 -35.18
C18 IHT FP . 54.12 23.02 -51.08
C19 IHT FP . 51.91 21.21 -50.06
C20 IHT FP . 48.26 36.51 -40.17
C21 IHT FP . 49.42 35.29 -37.79
C22 IHT FP . 53.73 24.15 -50.48
C23 IHT FP . 53.62 25.41 -51.17
C24 IHT FP . 50.01 34.26 -37.97
C25 IHT FP . 54.17 25.48 -52.56
C26 IHT FP . 50.62 32.99 -38.24
C27 IHT FP . 52.95 26.45 -50.62
C28 IHT FP . 51.52 32.42 -37.19
C29 IHT FP . 50.32 32.36 -39.41
C30 IHT FP . 52.36 26.58 -49.31
C31 IHT FP . 51.20 31.56 -40.22
C32 IHT FP . 51.37 27.47 -49.14
C33 IHT FP . 50.65 27.84 -47.94
C34 IHT FP . 50.77 30.92 -41.32
C35 IHT FP . 51.55 30.09 -42.23
C36 IHT FP . 49.24 28.32 -48.10
C37 IHT FP . 51.32 27.99 -46.76
C38 IHT FP . 50.96 29.65 -43.37
C39 IHT FP . 53.00 29.84 -41.90
C40 IHT FP . 50.85 28.66 -45.58
C41 IHT FP . 51.57 28.94 -44.47
O01 IHT FP . 46.05 39.78 -37.24
C10 WVN GP . -15.16 -9.16 -16.49
C11 WVN GP . -17.89 -30.14 -23.97
C12 WVN GP . -15.12 -7.77 -17.12
C13 WVN GP . -15.17 -10.15 -18.89
C14 WVN GP . -15.94 -7.68 -18.41
C01 WVN GP . -17.33 -32.46 -24.90
C02 WVN GP . -17.89 -31.07 -25.26
C03 WVN GP . -15.79 -32.46 -24.80
C04 WVN GP . -15.18 -32.01 -26.13
C05 WVN GP . -17.10 -30.23 -26.29
C06 WVN GP . -14.56 -10.19 -17.46
C07 WVN GP . -17.76 -33.52 -25.98
C08 WVN GP . -17.89 -32.96 -23.55
C09 WVN GP . -15.62 -30.59 -26.53
C15 WVN GP . -16.22 -9.02 -19.12
C16 WVN GP . -17.87 -30.18 -27.63
C17 WVN GP . -14.69 -11.58 -16.77
C18 WVN GP . -13.04 -9.89 -17.57
C19 WVN GP . -18.78 -29.12 -24.12
C20 WVN GP . -15.86 -11.48 -19.25
C21 WVN GP . -16.34 -8.71 -20.63
C22 WVN GP . -18.32 -28.65 -22.71
C23 WVN GP . -15.35 -12.11 -20.33
C24 WVN GP . -19.50 -28.46 -21.83
C25 WVN GP . -15.33 -13.27 -21.34
C26 WVN GP . -17.55 -27.31 -22.90
C27 WVN GP . -13.90 -13.54 -21.77
C28 WVN GP . -15.94 -14.50 -20.66
C29 WVN GP . -17.60 -26.34 -21.68
C30 WVN GP . -16.36 -15.64 -21.61
C31 WVN GP . -17.84 -25.07 -22.07
C32 WVN GP . -18.08 -23.58 -21.78
C33 WVN GP . -15.67 -16.73 -21.29
C34 WVN GP . -16.37 -17.56 -22.37
C35 WVN GP . -18.45 -23.43 -20.31
C36 WVN GP . -16.84 -22.73 -22.12
C37 WVN GP . -16.86 -18.81 -21.65
C38 WVN GP . -15.40 -17.91 -23.49
C39 WVN GP . -17.02 -21.26 -21.61
C40 WVN GP . -16.61 -20.19 -22.30
C10 WVN HP . 0.38 -33.17 -50.59
C11 WVN HP . -3.53 -41.15 -29.51
C12 WVN HP . 0.36 -34.34 -51.58
C13 WVN HP . 2.16 -34.42 -49.18
C14 WVN HP . 0.66 -35.67 -50.88
C01 WVN HP . -4.06 -40.96 -27.03
C02 WVN HP . -4.68 -41.23 -28.41
C03 WVN HP . -3.15 -42.10 -26.53
C04 WVN HP . -3.76 -43.50 -26.68
C05 WVN HP . -5.40 -42.58 -28.34
C06 WVN HP . 1.71 -33.07 -49.83
C07 WVN HP . -3.19 -39.67 -27.09
C08 WVN HP . -5.21 -40.73 -26.00
C09 WVN HP . -4.39 -43.70 -28.06
C15 WVN HP . 2.03 -35.60 -50.17
C16 WVN HP . -6.25 -42.91 -29.61
C17 WVN HP . 1.62 -31.91 -48.79
C18 WVN HP . 2.80 -32.66 -50.84
C19 WVN HP . -3.94 -40.53 -30.68
C20 WVN HP . 1.61 -34.71 -47.74
C21 WVN HP . 2.32 -36.95 -49.46
C22 WVN HP . -2.57 -40.64 -31.45
C23 WVN HP . 0.31 -34.85 -47.42
C24 WVN HP . -1.89 -41.98 -31.48
C25 WVN HP . -0.76 -35.12 -46.34
C26 WVN HP . -2.87 -40.25 -32.92
C27 WVN HP . -1.98 -35.78 -46.95
C28 WVN HP . -0.15 -36.02 -45.25
C29 WVN HP . -1.59 -40.08 -33.80
C30 WVN HP . -0.66 -35.84 -43.80
C31 WVN HP . -1.84 -39.93 -35.12
C32 WVN HP . -1.37 -39.75 -36.57
C33 WVN HP . -1.04 -37.01 -43.27
C34 WVN HP . -1.40 -36.33 -41.95
C35 WVN HP . 0.14 -39.88 -36.59
C36 WVN HP . -1.80 -38.40 -37.18
C37 WVN HP . -0.77 -37.15 -40.81
C38 WVN HP . -2.91 -36.27 -41.79
C39 WVN HP . -1.06 -38.09 -38.51
C40 WVN HP . -1.62 -37.39 -39.52
MG CLA IP . -26.06 -36.67 -23.38
CHA CLA IP . -29.46 -37.12 -23.96
CHB CLA IP . -26.41 -33.34 -23.95
CHC CLA IP . -22.83 -36.21 -22.32
CHD CLA IP . -25.83 -40.08 -22.44
NA CLA IP . -27.66 -35.47 -23.94
C1A CLA IP . -29.01 -35.83 -24.13
C2A CLA IP . -29.84 -34.59 -24.46
C3A CLA IP . -28.78 -33.53 -24.79
C4A CLA IP . -27.53 -34.13 -24.16
CMA CLA IP . -28.62 -33.25 -26.25
CAA CLA IP . -30.47 -33.98 -23.21
CBA CLA IP . -31.51 -34.71 -22.41
CGA CLA IP . -31.00 -35.67 -21.36
O1A CLA IP . -31.45 -36.78 -21.11
O2A CLA IP . -29.96 -35.24 -20.58
NB CLA IP . -24.79 -35.11 -23.35
C1B CLA IP . -25.21 -33.81 -23.39
C2B CLA IP . -24.22 -32.91 -22.75
C3B CLA IP . -23.20 -33.72 -22.30
C4B CLA IP . -23.56 -35.11 -22.67
CMB CLA IP . -24.42 -31.47 -22.64
CAB CLA IP . -22.01 -33.41 -21.56
CBB CLA IP . -21.10 -32.50 -21.90
NC CLA IP . -24.57 -37.94 -22.65
C1C CLA IP . -23.30 -37.55 -22.31
C2C CLA IP . -22.53 -38.70 -21.85
C3C CLA IP . -23.41 -39.78 -21.82
C4C CLA IP . -24.68 -39.30 -22.33
CMC CLA IP . -21.14 -38.66 -21.40
CAC CLA IP . -23.10 -41.16 -21.40
CBC CLA IP . -22.50 -42.02 -22.49
ND CLA IP . -27.29 -38.27 -23.21
C1D CLA IP . -27.07 -39.61 -22.83
C2D CLA IP . -28.33 -40.36 -22.93
C3D CLA IP . -29.27 -39.47 -23.40
C4D CLA IP . -28.58 -38.18 -23.54
CMD CLA IP . -28.49 -41.78 -22.59
CAD CLA IP . -30.66 -39.26 -23.73
OBD CLA IP . -31.60 -40.04 -23.68
CBD CLA IP . -30.80 -37.78 -24.17
CGD CLA IP . -31.19 -37.70 -25.62
O1D CLA IP . -32.27 -37.33 -26.09
O2D CLA IP . -30.20 -38.09 -26.47
CED CLA IP . -30.55 -38.42 -27.81
C1 CLA IP . -28.67 -35.87 -20.72
C2 CLA IP . -28.53 -37.15 -19.99
C3 CLA IP . -27.32 -37.60 -19.59
C4 CLA IP . -27.17 -38.88 -18.88
C5 CLA IP . -26.07 -36.83 -19.82
C6 CLA IP . -25.26 -36.59 -18.56
C7 CLA IP . -23.77 -36.59 -18.86
C8 CLA IP . -22.99 -35.54 -18.07
C9 CLA IP . -22.94 -35.90 -16.60
C10 CLA IP . -23.59 -34.15 -18.25
C02 IHT JP . -32.90 -43.36 -24.43
C03 IHT JP . -9.77 -39.95 -27.66
C04 IHT JP . -33.81 -42.72 -23.38
C05 IHT JP . -8.47 -40.04 -28.46
C06 IHT JP . -34.98 -41.95 -23.97
C07 IHT JP . -32.60 -42.38 -25.55
C08 IHT JP . -8.61 -39.91 -29.96
C09 IHT JP . -34.53 -40.91 -24.98
C10 IHT JP . -33.47 -41.41 -25.92
C11 IHT JP . -10.52 -38.69 -28.10
C12 IHT JP . -9.54 -38.78 -30.37
C13 IHT JP . -31.59 -43.81 -23.75
C14 IHT JP . -33.60 -44.61 -25.00
C15 IHT JP . -10.14 -38.03 -29.22
C16 IHT JP . -10.64 -41.19 -27.89
C17 IHT JP . -9.42 -39.86 -26.17
C18 IHT JP . -31.32 -42.53 -26.22
C19 IHT JP . -33.48 -40.75 -27.27
C20 IHT JP . -10.25 -36.55 -29.42
C21 IHT JP . -11.60 -38.24 -27.30
C22 IHT JP . -30.25 -41.77 -26.05
C23 IHT JP . -28.96 -41.91 -26.71
C24 IHT JP . -12.55 -37.82 -26.69
C25 IHT JP . -28.89 -42.81 -27.92
C26 IHT JP . -13.75 -37.38 -26.03
C27 IHT JP . -27.88 -41.30 -26.19
C28 IHT JP . -13.69 -36.05 -25.33
C29 IHT JP . -14.84 -38.16 -26.08
C30 IHT JP . -26.53 -41.38 -26.64
C31 IHT JP . -16.14 -37.84 -25.61
C32 IHT JP . -25.51 -40.75 -26.07
C33 IHT JP . -24.12 -40.81 -26.49
C34 IHT JP . -17.20 -38.63 -25.81
C35 IHT JP . -18.57 -38.40 -25.37
C36 IHT JP . -23.78 -41.70 -27.64
C37 IHT JP . -23.20 -40.05 -25.86
C38 IHT JP . -19.54 -39.21 -25.83
C39 IHT JP . -18.83 -37.27 -24.41
C40 IHT JP . -21.81 -40.00 -26.12
C41 IHT JP . -20.93 -39.19 -25.51
O01 IHT JP . -7.31 -39.66 -30.53
MG CLA KP . -38.40 0.23 88.16
CHA CLA KP . -41.55 -0.94 89.03
CHB CLA KP . -39.30 3.37 89.11
CHC CLA KP . -35.22 1.31 87.44
CHD CLA KP . -37.50 -3.05 87.19
NA CLA KP . -40.16 1.05 88.92
C1A CLA KP . -41.36 0.41 89.23
C2A CLA KP . -42.39 1.40 89.77
C3A CLA KP . -41.71 2.77 89.55
C4A CLA KP . -40.28 2.39 89.18
CMA CLA KP . -42.38 3.56 88.46
CAA CLA KP . -42.67 1.19 91.25
CBA CLA KP . -44.13 1.43 91.56
CGA CLA KP . -44.51 0.79 92.86
O1A CLA KP . -45.65 0.53 93.28
O2A CLA KP . -43.45 0.49 93.65
NB CLA KP . -37.46 2.01 88.20
C1B CLA KP . -37.96 3.15 88.76
C2B CLA KP . -36.88 4.16 88.90
C3B CLA KP . -35.72 3.58 88.43
C4B CLA KP . -36.08 2.21 87.97
CMB CLA KP . -37.10 5.50 89.46
CAB CLA KP . -34.39 4.10 88.34
CBB CLA KP . -33.62 4.42 89.39
NC CLA KP . -36.68 -0.70 87.40
C1C CLA KP . -35.51 -0.06 87.15
C2C CLA KP . -34.54 -1.00 86.61
C3C CLA KP . -35.16 -2.24 86.58
C4C CLA KP . -36.52 -2.05 87.07
CMC CLA KP . -33.17 -0.66 86.22
CAC CLA KP . -34.59 -3.51 86.10
CBC CLA KP . -33.90 -4.26 87.21
ND CLA KP . -39.25 -1.59 88.09
C1D CLA KP . -38.78 -2.86 87.66
C2D CLA KP . -39.85 -3.87 87.83
C3D CLA KP . -40.94 -3.18 88.36
C4D CLA KP . -40.52 -1.77 88.49
CMD CLA KP . -39.73 -5.28 87.50
CAD CLA KP . -42.31 -3.29 88.81
OBD CLA KP . -43.04 -4.27 88.88
CBD CLA KP . -42.74 -1.85 89.26
CGD CLA KP . -43.96 -1.36 88.53
O1D CLA KP . -44.05 -0.42 87.75
O2D CLA KP . -45.09 -2.07 88.82
CED CLA KP . -45.96 -1.51 89.81
MG CLA LP . -38.90 -8.54 76.06
CHA CLA LP . -41.13 -5.92 75.64
CHB CLA LP . -39.44 -9.51 72.85
CHC CLA LP . -36.62 -11.07 76.50
CHD CLA LP . -38.34 -7.48 79.39
NA CLA LP . -40.10 -7.81 74.53
C1A CLA LP . -40.94 -6.69 74.54
C2A CLA LP . -41.62 -6.51 73.18
C3A CLA LP . -41.19 -7.76 72.39
C4A CLA LP . -40.15 -8.42 73.29
CMA CLA LP . -42.36 -8.67 72.18
CAA CLA LP . -41.15 -5.27 72.44
CBA CLA LP . -39.66 -5.02 72.56
CGA CLA LP . -38.94 -5.51 71.34
O1A CLA LP . -39.31 -5.50 70.16
O2A CLA LP . -37.70 -6.03 71.62
NB CLA LP . -38.16 -10.00 74.89
C1B CLA LP . -38.51 -10.23 73.60
C2B CLA LP . -37.78 -11.43 73.09
C3B CLA LP . -36.98 -11.87 74.12
C4B CLA LP . -37.22 -10.97 75.29
CMB CLA LP . -37.95 -11.91 71.71
CAB CLA LP . -36.06 -12.97 74.24
CBB CLA LP . -35.19 -13.40 73.34
NC CLA LP . -37.70 -9.16 77.66
C1C CLA LP . -36.85 -10.22 77.62
C2C CLA LP . -36.17 -10.36 78.91
C3C CLA LP . -36.64 -9.34 79.72
C4C CLA LP . -37.61 -8.59 78.93
CMC CLA LP . -35.19 -11.40 79.24
CAC CLA LP . -36.26 -9.04 81.11
CBC CLA LP . -35.03 -8.18 81.17
ND CLA LP . -39.56 -7.09 77.29
C1D CLA LP . -39.27 -6.78 78.64
C2D CLA LP . -40.09 -5.62 79.06
C3D CLA LP . -40.83 -5.26 77.96
C4D CLA LP . -40.46 -6.20 76.88
CMD CLA LP . -40.06 -5.04 80.39
CAD CLA LP . -41.82 -4.35 77.41
OBD CLA LP . -42.40 -3.42 77.96
CBD CLA LP . -42.05 -4.75 75.92
CGD CLA LP . -43.46 -5.16 75.68
O1D CLA LP . -44.09 -6.10 76.19
O2D CLA LP . -44.12 -4.38 74.77
CED CLA LP . -45.20 -4.99 74.04
C1 CLA LP . -37.30 -7.18 70.84
C2 CLA LP . -35.83 -7.12 70.71
C3 CLA LP . -34.98 -7.83 71.48
C4 CLA LP . -33.51 -7.76 71.31
C5 CLA LP . -35.48 -8.75 72.53
MG CLA MP . -33.11 -16.30 70.33
CHA CLA MP . -35.04 -15.74 67.49
CHB CLA MP . -32.94 -12.95 70.87
CHC CLA MP . -31.02 -16.89 72.99
CHD CLA MP . -33.11 -19.76 69.58
NA CLA MP . -33.94 -14.64 69.36
C1A CLA MP . -34.73 -14.60 68.20
C2A CLA MP . -35.10 -13.16 67.85
C3A CLA MP . -34.44 -12.33 68.97
C4A CLA MP . -33.73 -13.37 69.81
CMA CLA MP . -33.47 -11.32 68.42
CAA CLA MP . -36.60 -12.89 67.91
CBA CLA MP . -37.04 -11.87 66.88
CGA CLA MP . -36.77 -10.48 67.37
O1A CLA MP . -37.11 -9.97 68.44
O2A CLA MP . -36.05 -9.73 66.49
NB CLA MP . -32.28 -15.16 71.75
C1B CLA MP . -32.20 -13.81 71.70
C2B CLA MP . -31.18 -13.30 72.66
C3B CLA MP . -30.62 -14.41 73.26
C4B CLA MP . -31.31 -15.60 72.69
CMB CLA MP . -30.84 -11.89 72.82
CAB CLA MP . -29.56 -14.49 74.22
CBB CLA MP . -28.30 -14.85 73.92
NC CLA MP . -32.27 -18.03 71.15
C1C CLA MP . -31.46 -18.04 72.26
C2C CLA MP . -31.07 -19.40 72.57
C3C CLA MP . -31.64 -20.22 71.60
C4C CLA MP . -32.40 -19.34 70.72
CMC CLA MP . -30.18 -19.76 73.67
CAC CLA MP . -31.54 -21.68 71.49
CBC CLA MP . -30.57 -22.14 70.42
ND CLA MP . -33.83 -17.52 68.88
C1D CLA MP . -33.76 -18.92 68.70
C2D CLA MP . -34.47 -19.28 67.46
C3D CLA MP . -34.97 -18.10 66.94
C4D CLA MP . -34.55 -17.03 67.87
CMD CLA MP . -34.58 -20.64 66.93
CAD CLA MP . -35.70 -17.47 65.86
OBD CLA MP . -36.16 -17.97 64.85
CBD CLA MP . -35.80 -15.96 66.20
CGD CLA MP . -35.30 -15.09 65.08
O1D CLA MP . -35.94 -14.31 64.37
O2D CLA MP . -33.96 -15.21 64.85
CED CLA MP . -33.21 -14.00 64.72
C1 CLA MP . -36.37 -8.33 66.44
C2 CLA MP . -35.31 -7.67 65.62
C3 CLA MP . -34.19 -7.14 66.15
C4 CLA MP . -33.92 -7.16 67.61
C5 CLA MP . -33.16 -6.50 65.29
C6 CLA MP . -31.76 -6.97 65.61
MG CLA NP . -34.00 -32.80 81.87
CHA CLA NP . -32.00 -35.57 82.43
CHB CLA NP . -32.33 -32.15 78.99
CHC CLA NP . -36.10 -30.13 81.30
CHD CLA NP . -35.81 -33.58 84.80
NA CLA NP . -32.43 -33.74 80.89
C1A CLA NP . -31.72 -34.89 81.26
C2A CLA NP . -30.67 -35.24 80.20
C3A CLA NP . -30.72 -34.04 79.22
C4A CLA NP . -31.93 -33.25 79.70
CMA CLA NP . -29.46 -33.21 79.23
CAA CLA NP . -31.04 -36.41 79.27
CBA CLA NP . -32.20 -37.37 79.57
CGA CLA NP . -33.57 -36.79 79.41
O1A CLA NP . -34.16 -36.46 78.37
O2A CLA NP . -34.20 -36.61 80.60
NB CLA NP . -34.15 -31.39 80.44
C1B CLA NP . -33.40 -31.31 79.32
C2B CLA NP . -33.85 -30.17 78.48
C3B CLA NP . -34.92 -29.59 79.12
C4B CLA NP . -35.13 -30.36 80.38
CMB CLA NP . -33.21 -29.87 77.19
CAB CLA NP . -35.74 -28.48 78.74
CBB CLA NP . -35.30 -27.27 78.40
NC CLA NP . -35.65 -32.00 82.89
C1C CLA NP . -36.35 -30.90 82.48
C2C CLA NP . -37.42 -30.61 83.41
C3C CLA NP . -37.36 -31.60 84.40
C4C CLA NP . -36.23 -32.47 84.06
CMC CLA NP . -38.36 -29.51 83.28
CAC CLA NP . -38.24 -31.74 85.57
CBC CLA NP . -37.80 -30.89 86.74
ND CLA NP . -33.98 -34.22 83.31
C1D CLA NP . -34.75 -34.40 84.49
C2D CLA NP . -34.23 -35.57 85.22
C3D CLA NP . -33.18 -36.07 84.48
C4D CLA NP . -33.07 -35.19 83.29
CMD CLA NP . -34.77 -36.05 86.50
CAD CLA NP . -32.16 -37.09 84.36
OBD CLA NP . -31.92 -38.05 85.08
CBD CLA NP . -31.35 -36.78 83.06
CGD CLA NP . -29.90 -36.52 83.38
O1D CLA NP . -29.29 -35.46 83.28
O2D CLA NP . -29.23 -37.62 83.84
CED CLA NP . -28.03 -37.41 84.57
C1 CLA NP . -35.63 -36.84 80.71
C2 CLA NP . -36.28 -35.56 81.06
C3 CLA NP . -37.60 -35.40 81.22
C4 CLA NP . -38.55 -36.53 81.06
C5 CLA NP . -38.17 -34.06 81.56
C6 CLA NP . -39.63 -33.86 81.23
C7 CLA NP . -39.85 -32.62 80.37
C8 CLA NP . -41.31 -32.40 80.02
C9 CLA NP . -41.94 -33.66 79.46
C10 CLA NP . -41.46 -31.25 79.03
C11 CLA NP . -42.88 -31.04 78.57
C12 CLA NP . -42.96 -30.04 77.43
C13 CLA NP . -44.28 -30.11 76.68
C14 CLA NP . -44.34 -29.05 75.60
C15 CLA NP . -45.48 -29.98 77.62
MG CLA OP . -34.59 -45.43 83.25
CHA CLA OP . -34.13 -48.64 84.51
CHB CLA OP . -37.63 -45.27 84.76
CHC CLA OP . -35.02 -42.26 81.97
CHD CLA OP . -31.52 -45.70 81.55
NA CLA OP . -35.67 -46.76 84.47
C1A CLA OP . -35.31 -48.04 84.89
C2A CLA OP . -36.41 -48.65 85.77
C3A CLA OP . -37.52 -47.56 85.78
C4A CLA OP . -36.90 -46.43 84.95
CMA CLA OP . -38.79 -48.03 85.12
CAA CLA OP . -35.94 -48.88 87.20
CBA CLA OP . -37.04 -48.84 88.24
CGA CLA OP . -36.58 -49.51 89.50
O1A CLA OP . -36.42 -50.72 89.71
O2A CLA OP . -36.32 -48.62 90.50
NB CLA OP . -36.02 -44.01 83.39
C1B CLA OP . -37.22 -44.17 84.00
C2B CLA OP . -38.09 -42.98 83.72
C3B CLA OP . -37.36 -42.13 82.94
C4B CLA OP . -36.03 -42.78 82.72
CMB CLA OP . -39.45 -42.87 84.24
CAB CLA OP . -37.70 -40.86 82.37
CBB CLA OP . -38.73 -40.63 81.55
NC CLA OP . -33.44 -44.19 82.02
C1C CLA OP . -33.79 -42.92 81.65
C2C CLA OP . -32.76 -42.33 80.82
C3C CLA OP . -31.79 -43.32 80.64
C4C CLA OP . -32.22 -44.49 81.40
CMC CLA OP . -32.79 -40.98 80.27
CAC CLA OP . -30.57 -43.15 79.83
CBC CLA OP . -29.26 -43.23 80.56
ND CLA OP . -33.12 -46.79 83.06
C1D CLA OP . -31.91 -46.78 82.31
C2D CLA OP . -31.20 -48.05 82.52
C3D CLA OP . -31.99 -48.80 83.36
C4D CLA OP . -33.18 -47.98 83.65
CMD CLA OP . -29.90 -48.39 81.93
CAD CLA OP . -32.14 -50.06 84.07
OBD CLA OP . -31.37 -51.01 84.14
CBD CLA OP . -33.52 -50.01 84.79
CGD CLA OP . -34.42 -51.12 84.32
O1D CLA OP . -34.43 -52.29 84.71
O2D CLA OP . -35.31 -50.76 83.36
CED CLA OP . -36.39 -51.65 83.05
C1 CLA OP . -34.93 -48.31 90.73
C2 CLA OP . -34.90 -47.19 91.70
C3 CLA OP . -33.81 -46.89 92.44
C4 CLA OP . -32.55 -47.66 92.34
C5 CLA OP . -33.83 -45.75 93.40
C6 CLA OP . -33.82 -46.21 94.84
MG CLA PP . -37.37 -41.79 72.19
CHA CLA PP . -34.30 -43.00 73.29
CHB CLA PP . -37.76 -44.57 70.25
CHC CLA PP . -40.51 -40.70 71.34
CHD CLA PP . -36.89 -38.89 74.14
NA CLA PP . -36.19 -43.47 71.82
C1A CLA PP . -34.95 -43.81 72.40
C2A CLA PP . -34.44 -45.14 71.84
C3A CLA PP . -35.45 -45.47 70.72
C4A CLA PP . -36.57 -44.45 70.94
CMA CLA PP . -34.83 -45.30 69.36
CAA CLA PP . -34.44 -46.25 72.86
CBA CLA PP . -33.74 -47.48 72.30
CGA CLA PP . -33.89 -48.63 73.23
O1A CLA PP . -34.87 -48.97 73.89
O2A CLA PP . -32.76 -49.40 73.30
NB CLA PP . -38.84 -42.48 70.99
C1B CLA PP . -38.84 -43.68 70.35
C2B CLA PP . -40.18 -43.93 69.75
C3B CLA PP . -40.96 -42.85 70.06
C4B CLA PP . -40.13 -41.90 70.85
CMB CLA PP . -40.50 -45.14 68.99
CAB CLA PP . -42.34 -42.58 69.70
CBB CLA PP . -43.36 -42.60 70.56
NC CLA PP . -38.47 -40.08 72.64
C1C CLA PP . -39.73 -39.83 72.16
C2C CLA PP . -40.21 -38.55 72.67
C3C CLA PP . -39.19 -38.03 73.48
C4C CLA PP . -38.11 -39.01 73.45
CMC CLA PP . -41.51 -37.96 72.36
CAC CLA PP . -39.20 -36.77 74.21
CBC CLA PP . -38.69 -35.60 73.40
ND CLA PP . -35.95 -41.04 73.41
C1D CLA PP . -35.87 -39.82 74.14
C2D CLA PP . -34.58 -39.79 74.88
C3D CLA PP . -33.97 -41.01 74.63
C4D CLA PP . -34.85 -41.73 73.70
CMD CLA PP . -34.13 -38.70 75.74
CAD CLA PP . -32.80 -41.84 74.87
OBD CLA PP . -31.84 -41.65 75.60
CBD CLA PP . -32.98 -43.13 74.01
CGD CLA PP . -31.82 -43.35 73.07
O1D CLA PP . -31.01 -44.28 73.08
O2D CLA PP . -31.68 -42.37 72.13
CED CLA PP . -30.84 -42.67 71.00
C1 CLA PP . -32.36 -50.06 72.09
C2 CLA PP . -31.33 -51.07 72.45
C3 CLA PP . -30.03 -50.78 72.62
C4 CLA PP . -29.49 -49.40 72.45
C5 CLA PP . -29.05 -51.84 72.98
C6 CLA PP . -28.26 -51.51 74.23
MG CLA QP . -26.51 -28.73 72.06
CHA CLA QP . -24.42 -30.30 69.79
CHB CLA QP . -24.15 -26.29 72.48
CHC CLA QP . -28.79 -26.91 73.84
CHD CLA QP . -29.02 -31.11 71.33
NA CLA QP . -24.58 -28.43 71.33
C1A CLA QP . -23.91 -29.17 70.35
C2A CLA QP . -22.53 -28.58 70.08
C3A CLA QP . -22.35 -27.58 71.23
C4A CLA QP . -23.78 -27.38 71.73
CMA CLA QP . -21.48 -28.18 72.30
CAA CLA QP . -22.47 -27.88 68.72
CBA CLA QP . -23.77 -27.18 68.31
CGA CLA QP . -23.90 -27.05 66.82
O1A CLA QP . -24.12 -27.94 66.00
O2A CLA QP . -23.77 -25.77 66.39
NB CLA QP . -26.41 -27.02 73.13
C1B CLA QP . -25.45 -26.08 72.95
C2B CLA QP . -25.96 -24.73 73.31
C3B CLA QP . -27.27 -24.91 73.70
C4B CLA QP . -27.57 -26.36 73.59
CMB CLA QP . -25.15 -23.53 73.21
CAB CLA QP . -28.26 -23.97 74.11
CBB CLA QP . -28.68 -22.94 73.38
NC CLA QP . -28.49 -29.03 72.60
C1C CLA QP . -29.22 -28.18 73.38
C2C CLA QP . -30.56 -28.70 73.60
C3C CLA QP . -30.66 -29.85 72.81
C4C CLA QP . -29.36 -30.05 72.18
CMC CLA QP . -31.57 -28.05 74.42
CAC CLA QP . -31.83 -30.73 72.68
CBC CLA QP . -32.85 -30.20 71.69
ND CLA QP . -26.71 -30.38 70.93
C1D CLA QP . -27.79 -31.26 70.72
C2D CLA QP . -27.35 -32.32 69.78
C3D CLA QP . -26.06 -32.02 69.41
C4D CLA QP . -25.72 -30.78 70.12
CMD CLA QP . -28.18 -33.46 69.36
CAD CLA QP . -24.92 -32.41 68.63
OBD CLA QP . -24.74 -33.42 67.94
CBD CLA QP . -23.85 -31.29 68.80
CGD CLA QP . -22.54 -31.85 69.27
O1D CLA QP . -21.61 -32.28 68.59
O2D CLA QP . -22.40 -31.88 70.63
CED CLA QP . -21.17 -32.34 71.18
C1 CLA QP . -24.81 -25.29 65.51
C2 CLA QP . -24.80 -23.80 65.62
C3 CLA QP . -25.92 -23.06 65.62
C4 CLA QP . -27.26 -23.69 65.53
C5 CLA QP . -25.84 -21.57 65.73
C6 CLA QP . -27.16 -20.86 66.00
C7 CLA QP . -27.32 -20.53 67.47
C8 CLA QP . -28.36 -19.44 67.70
C9 CLA QP . -28.57 -19.21 69.18
C10 CLA QP . -29.68 -19.78 67.02
C11 CLA QP . -30.45 -18.54 66.62
C12 CLA QP . -29.61 -17.55 65.85
C13 CLA QP . -30.30 -16.21 65.68
C14 CLA QP . -29.47 -15.27 64.83
C15 CLA QP . -30.64 -15.56 67.02
C16 CLA QP . -29.41 -15.19 67.82
C17 CLA QP . -29.75 -14.95 69.28
C18 CLA QP . -28.57 -14.46 70.12
C19 CLA QP . -28.24 -13.01 69.82
C20 CLA QP . -27.37 -15.34 69.94
MG CLA RP . -37.66 -23.30 66.65
CHA CLA RP . -38.61 -19.97 66.87
CHB CLA RP . -39.14 -23.52 63.61
CHC CLA RP . -36.34 -26.45 66.31
CHD CLA RP . -36.17 -23.04 69.85
NA CLA RP . -38.76 -21.96 65.49
C1A CLA RP . -39.03 -20.60 65.73
C2A CLA RP . -39.87 -20.02 64.59
C3A CLA RP . -40.29 -21.26 63.80
C4A CLA RP . -39.33 -22.33 64.30
CMA CLA RP . -41.72 -21.62 64.08
CAA CLA RP . -39.07 -19.02 63.75
CBA CLA RP . -38.79 -19.49 62.33
CGA CLA RP . -37.48 -20.21 62.26
O1A CLA RP . -36.57 -20.23 63.09
O2A CLA RP . -37.30 -20.93 61.11
NB CLA RP . -37.75 -24.72 65.24
C1B CLA RP . -38.31 -24.57 64.01
C2B CLA RP . -37.92 -25.71 63.13
C3B CLA RP . -37.12 -26.55 63.89
C4B CLA RP . -37.02 -25.94 65.24
CMB CLA RP . -38.36 -25.86 61.75
CAB CLA RP . -36.51 -27.80 63.53
CBB CLA RP . -35.20 -28.00 63.43
NC CLA RP . -36.54 -24.54 67.89
C1C CLA RP . -36.13 -25.81 67.56
C2C CLA RP . -35.37 -26.38 68.65
C3C CLA RP . -35.29 -25.42 69.64
C4C CLA RP . -36.03 -24.26 69.16
CMC CLA RP . -34.79 -27.73 68.63
CAC CLA RP . -34.62 -25.53 70.95
CBC CLA RP . -35.49 -26.24 71.97
ND CLA RP . -37.51 -21.92 68.12
C1D CLA RP . -36.84 -21.93 69.37
C2D CLA RP . -36.98 -20.59 70.00
C3D CLA RP . -37.62 -19.79 69.07
C4D CLA RP . -37.93 -20.66 67.91
CMD CLA RP . -36.45 -20.24 71.31
CAD CLA RP . -38.18 -18.49 68.79
OBD CLA RP . -38.22 -17.50 69.51
CBD CLA RP . -38.76 -18.53 67.35
CGD CLA RP . -40.16 -18.00 67.26
O1D CLA RP . -40.53 -16.87 66.92
O2D CLA RP . -41.12 -18.91 67.59
CED CLA RP . -42.43 -18.70 67.06
C1 CLA RP . -37.44 -20.21 59.87
C2 CLA RP . -36.10 -20.10 59.24
C3 CLA RP . -35.89 -19.37 58.12
C4 CLA RP . -37.00 -18.64 57.47
C5 CLA RP . -34.56 -19.26 57.48
C6 CLA RP . -33.41 -19.34 58.47
C7 CLA RP . -32.24 -20.10 57.88
C8 CLA RP . -31.85 -21.30 58.74
C9 CLA RP . -30.34 -21.40 58.86
C10 CLA RP . -32.44 -22.58 58.16
C11 CLA RP . -32.07 -23.81 58.96
C12 CLA RP . -33.28 -24.44 59.63
C13 CLA RP . -33.50 -25.87 59.17
C14 CLA RP . -33.98 -25.90 57.73
C15 CLA RP . -34.48 -26.59 60.08
C16 CLA RP . -34.79 -27.99 59.60
C17 CLA RP . -36.28 -28.25 59.53
C18 CLA RP . -36.62 -29.68 59.11
C19 CLA RP . -38.11 -29.85 58.94
C20 CLA RP . -35.92 -30.05 57.82
MG CLA SP . -47.81 -21.86 79.78
CHA CLA SP . -50.70 -21.91 77.88
CHB CLA SP . -49.30 -19.78 82.01
CHC CLA SP . -45.02 -22.10 81.78
CHD CLA SP . -46.32 -24.09 77.47
NA CLA SP . -49.68 -20.97 79.89
C1A CLA SP . -50.76 -21.13 79.02
C2A CLA SP . -51.96 -20.32 79.48
C3A CLA SP . -51.37 -19.44 80.61
C4A CLA SP . -50.03 -20.12 80.89
CMA CLA SP . -51.20 -18.03 80.11
CAA CLA SP . -53.07 -21.21 80.05
CBA CLA SP . -52.59 -22.47 80.77
CGA CLA SP . -52.35 -22.18 82.21
O1A CLA SP . -52.99 -21.44 82.97
O2A CLA SP . -51.27 -22.84 82.72
NB CLA SP . -47.25 -21.05 81.54
C1B CLA SP . -48.04 -20.32 82.35
C2B CLA SP . -47.40 -20.13 83.68
C3B CLA SP . -46.18 -20.78 83.61
C4B CLA SP . -46.07 -21.37 82.25
CMB CLA SP . -48.02 -19.38 84.76
CAB CLA SP . -45.14 -20.93 84.59
CBB CLA SP . -44.52 -19.92 85.20
NC CLA SP . -45.98 -22.85 79.61
C1C CLA SP . -44.97 -22.79 80.53
C2C CLA SP . -43.83 -23.59 80.08
C3C CLA SP . -44.23 -24.20 78.89
C4C CLA SP . -45.58 -23.74 78.61
CMC CLA SP . -42.56 -23.75 80.77
CAC CLA SP . -43.44 -25.11 78.07
CBC CLA SP . -43.81 -26.54 78.37
ND CLA SP . -48.30 -22.75 78.03
C1D CLA SP . -47.60 -23.65 77.19
C2D CLA SP . -48.45 -23.97 76.03
C3D CLA SP . -49.64 -23.31 76.23
C4D CLA SP . -49.50 -22.59 77.51
CMD CLA SP . -48.03 -24.84 74.92
CAD CLA SP . -50.96 -23.02 75.71
OBD CLA SP . -51.46 -23.33 74.64
CBD CLA SP . -51.71 -22.17 76.78
CGD CLA SP . -52.26 -20.90 76.19
O1D CLA SP . -53.43 -20.65 75.89
O2D CLA SP . -51.33 -19.94 75.98
CED CLA SP . -51.73 -18.57 76.10
C1 CLA SP . -50.74 -22.35 83.97
C2 CLA SP . -50.66 -23.51 84.88
C3 CLA SP . -49.52 -23.95 85.43
C4 CLA SP . -48.22 -23.31 85.16
C5 CLA SP . -49.55 -25.12 86.35
C6 CLA SP . -48.48 -25.14 87.42
C7 CLA SP . -47.53 -26.31 87.21
C8 CLA SP . -46.16 -26.10 87.85
C9 CLA SP . -45.61 -24.72 87.53
C10 CLA SP . -45.20 -27.18 87.38
C11 CLA SP . -43.81 -26.99 87.96
C12 CLA SP . -42.97 -28.24 87.91
C13 CLA SP . -41.77 -28.12 88.83
C14 CLA SP . -42.23 -27.97 90.26
C15 CLA SP . -40.87 -26.97 88.40
C16 CLA SP . -39.83 -26.57 89.43
C17 CLA SP . -38.62 -27.48 89.43
C18 CLA SP . -37.33 -26.72 89.62
C19 CLA SP . -36.13 -27.66 89.67
C20 CLA SP . -37.36 -25.87 90.88
MG CLA TP . -42.46 -7.74 90.74
CHA CLA TP . -45.03 -9.97 89.97
CHB CLA TP . -44.69 -5.64 92.16
CHC CLA TP . -39.88 -5.58 91.44
CHD CLA TP . -40.13 -10.05 89.40
NA CLA TP . -44.53 -7.81 91.00
C1A CLA TP . -45.44 -8.83 90.64
C2A CLA TP . -46.87 -8.45 91.06
C3A CLA TP . -46.67 -7.15 91.86
C4A CLA TP . -45.20 -6.81 91.66
CMA CLA TP . -47.60 -6.03 91.45
CAA CLA TP . -47.55 -9.44 91.98
CBA CLA TP . -48.97 -9.73 91.57
CGA CLA TP . -49.93 -8.69 92.08
O1A CLA TP . -50.74 -8.02 91.44
O2A CLA TP . -49.84 -8.51 93.43
NB CLA TP . -42.30 -6.00 91.72
C1B CLA TP . -43.35 -5.21 92.06
C2B CLA TP . -42.90 -3.82 92.34
C3B CLA TP . -41.54 -3.80 92.14
C4B CLA TP . -41.14 -5.18 91.74
CMB CLA TP . -43.81 -2.75 92.73
CAB CLA TP . -40.61 -2.71 92.25
CBB CLA TP . -39.69 -2.57 93.21
NC CLA TP . -40.39 -7.80 90.47
C1C CLA TP . -39.51 -6.82 90.85
C2C CLA TP . -38.15 -7.22 90.53
C3C CLA TP . -38.22 -8.48 89.95
C4C CLA TP . -39.62 -8.84 89.93
CMC CLA TP . -36.95 -6.40 90.79
CAC CLA TP . -37.09 -9.30 89.46
CBC CLA TP . -36.67 -10.35 90.45
ND CLA TP . -42.50 -9.51 89.75
C1D CLA TP . -41.46 -10.36 89.31
C2D CLA TP . -42.05 -11.58 88.72
C3D CLA TP . -43.42 -11.46 88.91
C4D CLA TP . -43.65 -10.17 89.61
CMD CLA TP . -41.30 -12.65 88.06
CAD CLA TP . -44.70 -12.07 88.68
OBD CLA TP . -44.97 -13.03 87.98
CBD CLA TP . -45.74 -11.22 89.47
CGD CLA TP . -46.99 -10.98 88.67
O1D CLA TP . -47.92 -11.76 88.48
O2D CLA TP . -47.08 -9.75 88.09
CED CLA TP . -48.39 -9.21 87.99
C1 CLA TP . -50.47 -9.51 94.25
C2 CLA TP . -50.15 -9.18 95.67
C3 CLA TP . -49.00 -9.53 96.27
C4 CLA TP . -48.75 -9.18 97.70
C5 CLA TP . -47.95 -10.29 95.55
C6 CLA TP . -46.53 -9.96 95.96
C7 CLA TP . -46.00 -8.73 95.24
C8 CLA TP . -44.49 -8.63 95.30
C9 CLA TP . -44.07 -7.17 95.45
C10 CLA TP . -43.87 -9.26 94.06
C11 CLA TP . -42.37 -9.03 93.96
C12 CLA TP . -41.57 -9.98 94.82
C13 CLA TP . -40.22 -10.30 94.19
C14 CLA TP . -39.43 -11.25 95.05
C15 CLA TP . -39.41 -9.02 93.93
NB KC2 UP . -41.55 -19.70 89.85
ND KC2 UP . -43.02 -16.06 90.78
C1A KC2 UP . -45.37 -18.10 90.01
C1B KC2 UP . -42.18 -20.82 89.52
C1C KC2 UP . -39.45 -17.72 90.86
C1D KC2 UP . -42.55 -14.80 91.25
C2A KC2 UP . -46.58 -18.95 89.69
C2B KC2 UP . -41.36 -22.05 89.52
C2C KC2 UP . -38.41 -17.09 91.69
C2D KC2 UP . -43.58 -13.81 91.59
C3A KC2 UP . -45.92 -20.27 89.29
C3B KC2 UP . -40.04 -21.51 89.85
C3C KC2 UP . -38.96 -15.75 91.97
C3D KC2 UP . -44.80 -14.60 91.28
C4A KC2 UP . -44.49 -19.90 89.54
C4B KC2 UP . -40.27 -20.06 90.02
C4C KC2 UP . -40.26 -15.81 91.27
C4D KC2 UP . -44.38 -15.85 90.84
CAA KC2 UP . -47.43 -18.47 88.53
CAB KC2 UP . -38.73 -22.18 89.98
CAC KC2 UP . -38.36 -14.64 92.79
CAD KC2 UP . -46.27 -14.61 91.26
CBA KC2 UP . -48.56 -19.49 88.36
CBB KC2 UP . -38.43 -23.15 89.14
CBC KC2 UP . -38.02 -13.65 91.97
CBD KC2 UP . -46.74 -15.93 90.76
CED KC2 UP . -50.00 -17.19 92.33
CGA KC2 UP . -49.79 -19.06 89.10
CGD KC2 UP . -47.68 -16.58 91.73
CHA KC2 UP . -45.51 -16.70 90.49
CHB KC2 UP . -43.63 -20.88 89.31
CHC KC2 UP . -39.22 -19.10 90.37
CHD KC2 UP . -41.11 -14.60 91.36
CMA KC2 UP . -46.29 -21.40 90.25
CMB KC2 UP . -41.81 -23.45 89.23
CMC KC2 UP . -37.09 -17.66 92.14
CMD KC2 UP . -43.61 -12.40 92.12
NA KC2 UP . -44.23 -18.66 89.96
NC KC2 UP . -40.55 -16.97 90.64
O1A KC2 UP . -50.29 -19.80 89.94
O1D KC2 UP . -47.30 -17.10 92.75
O2A KC2 UP . -50.42 -17.78 88.83
O2D KC2 UP . -49.09 -16.57 91.42
OBD KC2 UP . -47.01 -13.63 91.59
MG KC2 UP . -42.35 -17.95 90.47
NB KC2 VP . -26.08 -12.26 87.09
ND KC2 VP . -22.23 -12.79 85.99
C1A KC2 VP . -22.32 -11.90 89.04
C1B KC2 VP . -26.59 -12.33 88.33
C1C KC2 VP . -25.86 -12.62 84.08
C1D KC2 VP . -21.65 -13.21 84.81
C2A KC2 VP . -22.44 -11.41 90.32
C2B KC2 VP . -27.97 -12.44 88.27
C2C KC2 VP . -25.81 -12.79 82.71
C2D KC2 VP . -20.25 -13.17 84.94
C3A KC2 VP . -23.78 -11.49 90.65
C3B KC2 VP . -28.33 -12.42 86.92
C3C KC2 VP . -24.52 -13.19 82.38
C3D KC2 VP . -20.00 -12.73 86.25
C4A KC2 VP . -24.44 -12.03 89.58
C4B KC2 VP . -27.15 -12.29 86.20
C4C KC2 VP . -23.80 -13.22 83.56
C4D KC2 VP . -21.25 -12.50 86.82
CAA KC2 VP . -21.43 -10.87 91.22
CAB KC2 VP . -29.68 -12.51 86.38
CAC KC2 VP . -24.04 -13.47 81.04
CAD KC2 VP . -18.97 -12.39 87.24
CBA KC2 VP . -20.89 -9.68 91.15
CBB KC2 VP . -30.59 -11.58 86.40
CBC KC2 VP . -23.56 -12.61 80.18
CBD KC2 VP . -19.71 -11.99 88.53
CED KC2 VP . -20.52 -14.76 90.58
CGA KC2 VP . -21.25 -8.74 90.08
CGD KC2 VP . -19.31 -12.99 89.59
CHA KC2 VP . -21.15 -12.07 88.19
CHB KC2 VP . -25.81 -12.30 89.48
CHC KC2 VP . -26.98 -12.23 84.80
CHD KC2 VP . -22.44 -13.57 83.73
CMA KC2 VP . -24.40 -11.06 91.96
CMB KC2 VP . -28.91 -12.57 89.42
CMC KC2 VP . -26.95 -12.60 81.75
CMD KC2 VP . -19.20 -13.54 83.93
NA KC2 VP . -23.57 -12.27 88.59
NC KC2 VP . -24.65 -12.87 84.61
O1A KC2 VP . -22.28 -8.10 90.07
O1D KC2 VP . -18.56 -12.75 90.50
O2A KC2 VP . -20.34 -8.65 89.15
O2D KC2 VP . -19.90 -14.17 89.41
OBD KC2 VP . -17.75 -12.40 87.16
MG KC2 VP . -24.13 -12.58 86.59
MG CLA WP . -21.04 -15.91 76.76
CHA CLA WP . -17.89 -16.03 78.22
CHB CLA WP . -21.31 -12.65 77.68
CHC CLA WP . -23.89 -15.69 74.88
CHD CLA WP . -20.61 -19.25 75.66
NA CLA WP . -19.84 -14.61 77.87
C1A CLA WP . -18.54 -14.83 78.36
C2A CLA WP . -18.04 -13.58 79.08
C3A CLA WP . -19.34 -12.77 79.28
C4A CLA WP . -20.23 -13.35 78.19
CMA CLA WP . -19.92 -12.95 80.65
CAA CLA WP . -17.17 -12.79 78.13
CBA CLA WP . -15.68 -12.99 78.28
CGA CLA WP . -15.04 -13.20 76.95
O1A CLA WP . -13.89 -13.57 76.70
O2A CLA WP . -15.87 -12.91 75.89
NB CLA WP . -22.42 -14.48 76.48
C1B CLA WP . -22.19 -13.17 76.71
C2B CLA WP . -23.01 -12.31 75.80
C3B CLA WP . -23.75 -13.17 75.02
C4B CLA WP . -23.39 -14.55 75.44
CMB CLA WP . -22.97 -10.85 75.82
CAB CLA WP . -24.69 -12.90 73.97
CBB CLA WP . -25.86 -12.27 74.14
NC CLA WP . -22.11 -17.27 75.60
C1C CLA WP . -23.29 -16.98 74.97
C2C CLA WP . -23.81 -18.16 74.29
C3C CLA WP . -22.83 -19.15 74.43
C4C CLA WP . -21.78 -18.59 75.27
CMC CLA WP . -25.06 -18.22 73.54
CAC CLA WP . -22.88 -20.52 73.90
CBC CLA WP . -22.16 -20.67 72.59
ND CLA WP . -19.65 -17.37 76.95
C1D CLA WP . -19.60 -18.69 76.43
C2D CLA WP . -18.31 -19.31 76.85
C3D CLA WP . -17.62 -18.34 77.54
C4D CLA WP . -18.50 -17.15 77.56
CMD CLA WP . -17.89 -20.67 76.54
CAD CLA WP . -16.41 -18.01 78.26
OBD CLA WP . -15.44 -18.71 78.51
CBD CLA WP . -16.54 -16.51 78.70
CGD CLA WP . -16.45 -16.37 80.19
O1D CLA WP . -17.37 -16.43 81.00
O2D CLA WP . -15.17 -16.16 80.65
CED CLA WP . -14.54 -17.21 81.38
C1 CLA WP . -15.56 -13.53 74.63
C2 CLA WP . -16.37 -14.77 74.54
C3 CLA WP . -17.61 -14.82 74.01
C4 CLA WP . -18.30 -13.62 73.47
C5 CLA WP . -18.36 -16.11 73.95
C6 CLA WP . -18.81 -16.46 72.55
C03 II0 XP . -29.61 -17.63 90.67
C04 II0 XP . -49.31 -27.77 82.68
C05 II0 XP . -28.40 -18.09 91.56
C06 II0 XP . -50.81 -27.90 82.29
C07 II0 XP . -28.14 -19.58 91.78
C08 II0 XP . -51.58 -26.59 82.26
C09 II0 XP . -30.76 -18.63 90.76
C10 II0 XP . -48.79 -26.38 82.34
C11 II0 XP . -29.17 -20.49 91.15
C12 II0 XP . -50.90 -25.72 81.22
C13 II0 XP . -30.55 -19.87 91.22
C14 II0 XP . -49.44 -25.50 81.56
C15 II0 XP . -29.17 -17.42 89.20
C16 II0 XP . -30.02 -16.27 91.25
C17 II0 XP . -48.53 -28.85 81.91
C18 II0 XP . -49.19 -28.05 84.18
C19 II0 XP . -31.61 -20.76 91.81
C20 II0 XP . -48.83 -24.27 80.96
C21 II0 XP . -32.06 -18.21 90.37
C22 II0 XP . -47.50 -26.04 82.87
C23 II0 XP . -33.17 -17.95 89.98
C24 II0 XP . -46.39 -25.80 83.25
C25 II0 XP . -34.43 -17.68 89.37
C26 II0 XP . -45.04 -25.47 83.59
C27 II0 XP . -35.16 -16.45 89.84
C28 II0 XP . -43.99 -26.46 83.15
C29 II0 XP . -34.84 -18.53 88.40
C30 II0 XP . -44.82 -24.30 84.25
C31 II0 XP . -36.14 -18.92 87.96
C32 II0 XP . -43.59 -23.71 84.74
C33 II0 XP . -37.21 -18.14 87.85
C34 II0 XP . -42.44 -24.35 85.00
C35 II0 XP . -38.52 -18.55 87.40
C36 II0 XP . -41.21 -23.78 85.49
C37 II0 XP . -39.60 -17.52 87.36
C38 II0 XP . -40.04 -24.72 85.67
C39 II0 XP . -38.72 -19.84 87.04
C40 II0 XP . -41.12 -22.47 85.77
C41 II0 XP . -39.92 -20.46 86.57
C42 II0 XP . -39.96 -21.77 86.25
O01 II0 XP . -26.85 -19.90 91.24
O02 II0 XP . -52.93 -26.83 81.88
C03 II0 YP . -28.29 -27.46 78.84
C04 II0 YP . -33.24 -4.20 74.64
C05 II0 YP . -27.70 -28.76 79.39
C06 II0 YP . -33.96 -2.87 74.35
C07 II0 YP . -28.17 -29.01 80.83
C08 II0 YP . -35.08 -3.07 73.33
C09 II0 YP . -29.85 -27.45 78.85
C10 II0 YP . -34.21 -5.34 75.07
C11 II0 YP . -29.70 -29.02 80.99
C12 II0 YP . -36.14 -4.01 73.94
C13 II0 YP . -30.52 -28.48 79.80
C14 II0 YP . -35.55 -5.38 74.32
C15 II0 YP . -27.68 -26.28 79.64
C16 II0 YP . -27.83 -27.33 77.36
C17 II0 YP . -32.48 -4.60 73.35
C18 II0 YP . -32.22 -3.96 75.77
C19 II0 YP . -31.85 -27.95 80.40
C20 II0 YP . -36.58 -6.09 75.20
C21 II0 YP . -30.40 -26.01 79.06
C22 II0 YP . -33.51 -6.72 74.86
C23 II0 YP . -30.90 -25.47 77.93
C24 II0 YP . -33.32 -7.45 75.99
C25 II0 YP . -31.56 -24.33 77.14
C26 II0 YP . -32.81 -8.72 76.70
C27 II0 YP . -31.43 -24.54 75.65
C28 II0 YP . -31.32 -8.57 76.96
C29 II0 YP . -30.95 -22.98 77.59
C30 II0 YP . -33.06 -9.94 75.80
C31 II0 YP . -31.05 -21.86 76.52
C32 II0 YP . -32.31 -11.25 76.22
C33 II0 YP . -31.90 -20.86 76.80
C34 II0 YP . -33.20 -12.27 76.35
C35 II0 YP . -32.57 -19.52 76.41
C36 II0 YP . -32.07 -13.23 76.73
C37 II0 YP . -34.08 -19.73 76.29
C38 II0 YP . -31.84 -13.24 78.24
C39 II0 YP . -32.25 -18.38 77.38
C40 II0 YP . -32.51 -14.62 76.23
C41 II0 YP . -32.57 -17.03 76.68
C42 II0 YP . -32.06 -15.85 77.05
O01 II0 YP . -27.66 -30.27 81.25
O02 II0 YP . -35.67 -1.85 72.99
C03 II0 ZP . -14.32 -9.43 81.06
C04 II0 ZP . -38.18 -9.16 84.82
C05 II0 ZP . -13.79 -10.80 80.58
C06 II0 ZP . -39.26 -9.05 83.74
C07 II0 ZP . -13.65 -11.84 81.70
C08 II0 ZP . -40.15 -7.85 84.01
C09 II0 ZP . -15.55 -9.55 81.99
C10 II0 ZP . -37.39 -7.83 85.12
C11 II0 ZP . -14.89 -11.91 82.61
C12 II0 ZP . -39.35 -6.56 83.84
C13 II0 ZP . -15.25 -10.52 83.15
C14 II0 ZP . -37.94 -6.52 84.49
C15 II0 ZP . -13.18 -8.71 81.85
C16 II0 ZP . -14.65 -8.58 79.80
C17 II0 ZP . -38.90 -9.57 86.12
C18 II0 ZP . -37.27 -10.35 84.43
C19 II0 ZP . -16.41 -10.63 84.15
C20 II0 ZP . -36.99 -5.92 83.42
C21 II0 ZP . -16.79 -10.05 81.19
C22 II0 ZP . -35.87 -8.00 84.84
C23 II0 ZP . -17.83 -9.18 81.24
C24 II0 ZP . -35.11 -7.97 85.97
C25 II0 ZP . -19.25 -8.73 80.90
C26 II0 ZP . -33.75 -8.03 86.70
C27 II0 ZP . -19.63 -9.21 79.51
C28 II0 ZP . -33.48 -9.47 87.10
C29 II0 ZP . -20.22 -9.31 81.94
C30 II0 ZP . -32.67 -7.48 85.76
C31 II0 ZP . -21.28 -8.28 82.40
C32 II0 ZP . -31.34 -8.30 85.68
C33 II0 ZP . -22.52 -8.63 82.00
C34 II0 ZP . -30.38 -7.58 85.04
C35 II0 ZP . -24.04 -8.43 81.89
C36 II0 ZP . -29.43 -8.77 85.24
C37 II0 ZP . -24.56 -9.38 80.83
C38 II0 ZP . -28.57 -8.53 86.48
C39 II0 ZP . -24.72 -8.73 83.23
C40 II0 ZP . -28.58 -8.93 83.97
C41 II0 ZP . -26.25 -8.81 83.09
C42 II0 ZP . -27.04 -8.84 84.16
O01 II0 ZP . -13.44 -13.10 81.11
O02 II0 ZP . -41.21 -7.84 83.10
C02 IHT AQ . -31.78 -4.86 81.70
C03 IHT AQ . -21.33 -24.87 76.11
C04 IHT AQ . -32.34 -3.49 82.10
C05 IHT AQ . -20.61 -26.13 75.58
C06 IHT AQ . -32.10 -3.13 83.57
C07 IHT AQ . -30.34 -4.99 82.21
C08 IHT AQ . -21.07 -27.41 76.24
C09 IHT AQ . -30.61 -3.20 83.93
C10 IHT AQ . -29.90 -4.39 83.34
C11 IHT AQ . -22.83 -25.17 76.24
C12 IHT AQ . -22.54 -27.62 75.93
C13 IHT AQ . -32.66 -5.93 82.34
C14 IHT AQ . -31.84 -4.99 80.18
C15 IHT AQ . -23.36 -26.40 76.26
C16 IHT AQ . -20.73 -24.47 77.46
C17 IHT AQ . -21.09 -23.74 75.10
C18 IHT AQ . -29.43 -5.79 81.40
C19 IHT AQ . -28.70 -4.83 84.12
C20 IHT AQ . -24.79 -26.70 76.60
C21 IHT AQ . -23.68 -24.04 76.37
C22 IHT AQ . -29.41 -7.10 81.16
C23 IHT AQ . -28.38 -7.80 80.42
C24 IHT AQ . -24.38 -23.08 76.56
C25 IHT AQ . -27.09 -7.07 80.17
C26 IHT AQ . -25.28 -22.02 76.85
C27 IHT AQ . -28.60 -9.07 80.02
C28 IHT AQ . -26.68 -22.42 77.21
C29 IHT AQ . -24.79 -20.75 76.80
C30 IHT AQ . -27.67 -9.94 79.35
C31 IHT AQ . -25.47 -19.48 76.89
C32 IHT AQ . -27.99 -11.14 78.87
C33 IHT AQ . -27.09 -12.08 78.21
C34 IHT AQ . -26.78 -19.29 76.65
C35 IHT AQ . -27.51 -18.04 76.73
C36 IHT AQ . -25.67 -11.68 78.06
C37 IHT AQ . -27.55 -13.32 77.93
C38 IHT AQ . -26.85 -16.88 76.99
C39 IHT AQ . -29.01 -18.10 76.63
C40 IHT AQ . -26.80 -14.47 77.55
C41 IHT AQ . -27.43 -15.64 77.32
O01 IHT AQ . -20.31 -28.51 75.72
C03 II0 BQ . -40.83 -25.32 73.50
C04 II0 BQ . -31.66 -46.81 76.97
C05 II0 BQ . -42.09 -24.79 72.82
C06 II0 BQ . -31.24 -48.29 77.01
C07 II0 BQ . -42.05 -25.02 71.32
C08 II0 BQ . -31.22 -48.84 78.43
C09 II0 BQ . -40.43 -26.78 73.12
C10 II0 BQ . -32.90 -46.43 77.84
C11 II0 BQ . -41.88 -26.51 70.92
C12 II0 BQ . -32.54 -48.64 79.21
C13 II0 BQ . -41.23 -27.44 71.96
C14 II0 BQ . -33.53 -47.56 78.69
C15 II0 BQ . -39.65 -24.40 73.05
C16 II0 BQ . -41.02 -25.11 75.03
C17 II0 BQ . -30.44 -45.99 77.48
C18 II0 BQ . -31.84 -46.45 75.47
C19 II0 BQ . -42.33 -28.41 72.47
C20 II0 BQ . -34.71 -48.29 77.99
C21 II0 BQ . -40.43 -27.72 74.37
C22 II0 BQ . -34.03 -45.74 76.99
C23 II0 BQ . -39.18 -28.14 74.68
C24 II0 BQ . -34.76 -44.79 77.65
C25 II0 BQ . -38.21 -28.94 75.57
C26 II0 BQ . -35.90 -43.74 77.69
C27 II0 BQ . -36.85 -28.99 74.90
C28 II0 BQ . -36.88 -44.13 78.80
C29 II0 BQ . -38.80 -30.34 75.83
C30 II0 BQ . -35.33 -42.34 77.96
C31 II0 BQ . -37.89 -31.54 75.40
C32 II0 BQ . -36.41 -41.23 78.20
C33 II0 BQ . -37.61 -32.39 76.40
C34 II0 BQ . -37.09 -40.93 77.07
C35 II0 BQ . -36.93 -33.65 76.96
C36 II0 BQ . -37.91 -39.89 77.86
C37 II0 BQ . -36.18 -33.29 78.23
C38 II0 BQ . -39.26 -39.72 77.18
C39 II0 BQ . -37.96 -34.75 77.26
C40 II0 BQ . -37.13 -38.55 77.87
C41 II0 BQ . -37.27 -36.10 77.55
C42 II0 BQ . -37.92 -37.26 77.56
O01 II0 BQ . -43.25 -24.54 70.77
O02 II0 BQ . -30.93 -50.21 78.37
O1 LHG CQ . -44.80 -14.43 56.95
C1 LHG CQ . -46.20 -14.18 56.98
C2 LHG CQ . -46.47 -12.89 56.22
O2 LHG CQ . -45.47 -12.64 55.25
C3 LHG CQ . -46.52 -11.67 57.09
O3 LHG CQ . -45.16 -11.29 57.08
P LHG CQ . -44.53 -10.34 58.22
O4 LHG CQ . -45.03 -10.84 59.54
O5 LHG CQ . -44.49 -8.99 57.60
O6 LHG CQ . -43.01 -11.01 58.16
C4 LHG CQ . -42.80 -12.32 58.59
C5 LHG CQ . -41.60 -12.22 59.54
C6 LHG CQ . -41.58 -10.93 60.34
O7 LHG CQ . -41.72 -13.29 60.45
C7 LHG CQ . -41.48 -14.51 59.90
O9 LHG CQ . -42.34 -15.37 59.79
C8 LHG CQ . -40.03 -14.73 59.77
C9 LHG CQ . -39.60 -15.83 60.69
C10 LHG CQ . -38.37 -16.50 60.14
O8 LHG CQ . -40.58 -11.14 61.32
C23 LHG CQ . -39.83 -10.06 61.70
O10 LHG CQ . -40.24 -8.93 61.45
C24 LHG CQ . -38.39 -10.24 62.12
C11 LHG CQ . -37.30 -16.03 61.08
C12 LHG CQ . -36.04 -16.75 60.74
C13 LHG CQ . -34.88 -16.01 61.37
C14 LHG CQ . -33.61 -16.83 61.31
C15 LHG CQ . -33.80 -17.96 62.29
C16 LHG CQ . -32.65 -18.91 62.16
C25 LHG CQ . -37.61 -8.97 62.30
C26 LHG CQ . -36.29 -8.89 61.53
C27 LHG CQ . -35.36 -9.76 62.33
C28 LHG CQ . -33.90 -9.58 62.05
C29 LHG CQ . -33.19 -10.57 62.97
C30 LHG CQ . -32.05 -11.35 62.36
C31 LHG CQ . -30.69 -10.71 62.48
C32 LHG CQ . -29.65 -11.55 63.20
C33 LHG CQ . -30.05 -11.56 64.66
C34 LHG CQ . -29.01 -11.04 65.63
C35 LHG CQ . -29.55 -9.89 66.45
C36 LHG CQ . -28.80 -9.85 67.77
C37 LHG CQ . -29.26 -8.62 68.51
C38 LHG CQ . -30.71 -8.66 68.93
C1 LMG DQ . -24.99 -37.67 67.02
O1 LMG DQ . -25.44 -37.18 65.78
C2 LMG DQ . -25.90 -38.90 67.34
O2 LMG DQ . -26.58 -38.55 68.50
C3 LMG DQ . -24.99 -40.13 67.65
O3 LMG DQ . -24.42 -40.48 66.43
C4 LMG DQ . -23.87 -39.73 68.65
O4 LMG DQ . -23.04 -40.81 68.86
C5 LMG DQ . -23.04 -38.57 67.96
O5 LMG DQ . -20.77 -38.40 68.52
C6 LMG DQ . -21.63 -39.06 67.63
O6 LMG DQ . -23.66 -38.12 66.78
C7 LMG DQ . -25.32 -35.78 65.66
C8 LMG DQ . -26.67 -35.23 65.06
C9 LMG DQ . -27.82 -36.25 65.28
O7 LMG DQ . -27.03 -34.07 65.81
C10 LMG DQ . -26.62 -32.84 65.40
O9 LMG DQ . -25.67 -32.74 64.63
C11 LMG DQ . -27.30 -31.74 66.11
C12 LMG DQ . -26.64 -30.40 65.85
C13 LMG DQ . -26.97 -29.35 66.89
C14 LMG DQ . -28.49 -29.17 66.89
C15 LMG DQ . -28.82 -27.87 67.57
C16 LMG DQ . -28.50 -27.96 69.05
C17 LMG DQ . -29.54 -27.16 69.82
C18 LMG DQ . -29.39 -25.69 69.42
C19 LMG DQ . -28.24 -25.12 70.20
C20 LMG DQ . -27.33 -24.47 69.18
C21 LMG DQ . -26.66 -23.30 69.84
C22 LMG DQ . -25.30 -23.24 69.20
C23 LMG DQ . -24.59 -22.07 69.80
C24 LMG DQ . -23.33 -21.92 68.96
C25 LMG DQ . -22.38 -23.03 69.34
C26 LMG DQ . -21.05 -22.71 68.67
C27 LMG DQ . -20.05 -23.76 69.08
O8 LMG DQ . -29.04 -35.56 65.09
C28 LMG DQ . -30.17 -36.32 65.08
O10 LMG DQ . -30.09 -37.53 65.24
C29 LMG DQ . -31.43 -35.54 65.10
C30 LMG DQ . -31.86 -35.16 63.70
C31 LMG DQ . -33.20 -34.47 63.80
C32 LMG DQ . -33.04 -33.07 63.23
C33 LMG DQ . -34.26 -32.28 63.67
C34 LMG DQ . -34.90 -31.67 62.45
C35 LMG DQ . -36.39 -31.83 62.61
C36 LMG DQ . -36.71 -33.27 62.39
C37 LMG DQ . -38.07 -33.34 61.75
C38 LMG DQ . -38.38 -34.80 61.83
C39 LMG DQ . -38.31 -35.40 60.44
C40 LMG DQ . -37.80 -36.78 60.72
C41 LMG DQ . -38.94 -37.66 61.11
C1 LMG EQ . 26.49 -28.81 -57.19
O1 LMG EQ . 25.51 -27.85 -56.88
C2 LMG EQ . 27.09 -29.28 -55.83
O2 LMG EQ . 27.91 -28.23 -55.39
C3 LMG EQ . 28.02 -30.50 -56.13
O3 LMG EQ . 28.42 -30.98 -54.90
C4 LMG EQ . 27.23 -31.62 -56.89
O4 LMG EQ . 26.26 -32.13 -56.06
C5 LMG EQ . 26.53 -30.96 -58.13
O5 LMG EQ . 24.96 -31.33 -59.82
C6 LMG EQ . 25.64 -32.01 -58.80
O6 LMG EQ . 25.71 -29.88 -57.74
C7 LMG EQ . 25.84 -26.53 -57.28
C8 LMG EQ . 24.70 -26.06 -58.25
C9 LMG EQ . 23.33 -26.53 -57.73
O7 LMG EQ . 24.68 -24.61 -58.35
C10 LMG EQ . 24.96 -23.79 -57.29
O9 LMG EQ . 26.08 -23.32 -57.20
C11 LMG EQ . 23.73 -23.06 -56.85
C12 LMG EQ . 24.06 -21.63 -56.47
C13 LMG EQ . 22.81 -20.78 -56.33
C14 LMG EQ . 23.28 -19.34 -56.19
C15 LMG EQ . 22.15 -18.41 -56.57
C16 LMG EQ . 21.06 -18.48 -55.52
C17 LMG EQ . 19.84 -17.80 -56.07
C18 LMG EQ . 18.80 -18.88 -56.33
C19 LMG EQ . 18.31 -19.36 -54.99
C20 LMG EQ . 16.82 -19.11 -54.98
O8 LMG EQ . 22.55 -26.78 -58.87
C28 LMG EQ . 21.94 -25.73 -59.44
O10 LMG EQ . 22.20 -25.42 -60.60
C29 LMG EQ . 20.76 -25.22 -58.68
C30 LMG EQ . 19.84 -24.42 -59.57
C31 LMG EQ . 19.23 -23.31 -58.75
C32 LMG EQ . 17.95 -23.85 -58.12
C33 LMG EQ . 16.86 -22.87 -58.49
C34 LMG EQ . 16.42 -22.14 -57.24
C35 LMG EQ . 14.91 -22.10 -57.27
MG CLA FQ . 24.07 -20.89 -52.85
CHA CLA FQ . 26.96 -22.53 -53.88
CHB CLA FQ . 25.78 -17.96 -52.70
CHC CLA FQ . 21.13 -19.29 -52.02
CHD CLA FQ . 22.30 -23.93 -53.19
NA CLA FQ . 26.06 -20.37 -53.19
C1A CLA FQ . 27.12 -21.18 -53.64
C2A CLA FQ . 28.41 -20.37 -53.76
C3A CLA FQ . 28.02 -18.98 -53.18
C4A CLA FQ . 26.51 -19.08 -53.01
CMA CLA FQ . 28.72 -18.70 -51.87
CAA CLA FQ . 28.89 -20.23 -55.20
CBA CLA FQ . 28.06 -19.28 -56.05
CGA CLA FQ . 28.06 -19.70 -57.48
O1A CLA FQ . 29.01 -20.05 -58.19
O2A CLA FQ . 26.80 -19.68 -58.04
NB CLA FQ . 23.57 -19.00 -52.39
C1B CLA FQ . 24.38 -17.92 -52.51
C2B CLA FQ . 23.59 -16.66 -52.39
C3B CLA FQ . 22.28 -17.04 -52.20
C4B CLA FQ . 22.24 -18.52 -52.18
CMB CLA FQ . 24.20 -15.33 -52.47
CAB CLA FQ . 21.09 -16.24 -52.02
CBB CLA FQ . 20.63 -15.33 -52.88
NC CLA FQ . 22.09 -21.53 -52.57
C1C CLA FQ . 21.06 -20.70 -52.19
C2C CLA FQ . 19.84 -21.48 -52.06
C3C CLA FQ . 20.15 -22.78 -52.46
C4C CLA FQ . 21.57 -22.80 -52.78
CMC CLA FQ . 18.55 -20.95 -51.63
CAC CLA FQ . 19.24 -23.94 -52.49
CBC CLA FQ . 18.80 -24.32 -53.89
ND CLA FQ . 24.48 -22.82 -53.31
C1D CLA FQ . 23.65 -23.96 -53.45
C2D CLA FQ . 24.47 -25.10 -53.87
C3D CLA FQ . 25.76 -24.63 -54.00
C4D CLA FQ . 25.70 -23.19 -53.69
CMD CLA FQ . 23.95 -26.46 -54.06
CAD CLA FQ . 27.13 -24.95 -54.35
OBD CLA FQ . 27.64 -26.03 -54.56
CBD CLA FQ . 27.92 -23.61 -54.35
CGD CLA FQ . 29.16 -23.69 -53.51
O1D CLA FQ . 29.24 -23.64 -52.28
O2D CLA FQ . 30.30 -23.84 -54.22
CED CLA FQ . 31.53 -23.44 -53.63
C1 CLA FQ . 26.71 -19.27 -59.42
C2 CLA FQ . 25.28 -19.09 -59.76
C3 CLA FQ . 24.46 -20.11 -60.06
C4 CLA FQ . 24.92 -21.52 -60.10
C5 CLA FQ . 23.02 -19.88 -60.40
C6 CLA FQ . 22.73 -18.50 -60.97
C7 CLA FQ . 21.41 -18.51 -61.70
C8 CLA FQ . 20.27 -17.68 -61.09
C9 CLA FQ . 20.57 -17.12 -59.71
C10 CLA FQ . 18.99 -18.50 -61.03
C11 CLA FQ . 17.83 -17.73 -61.61
C12 CLA FQ . 16.48 -18.26 -61.16
C13 CLA FQ . 15.96 -19.42 -62.00
C14 CLA FQ . 16.25 -19.29 -63.48
C15 CLA FQ . 14.45 -19.60 -61.79
C16 CLA FQ . 13.68 -18.40 -62.29
C17 CLA FQ . 12.29 -18.33 -61.70
C18 CLA FQ . 11.22 -18.62 -62.74
C19 CLA FQ . 10.85 -20.08 -62.73
C20 CLA FQ . 9.99 -17.76 -62.49
#